data_9E19
#
_entry.id   9E19
#
_cell.length_a   1.00
_cell.length_b   1.00
_cell.length_c   1.00
_cell.angle_alpha   90.00
_cell.angle_beta   90.00
_cell.angle_gamma   90.00
#
_symmetry.space_group_name_H-M   'P 1'
#
loop_
_entity.id
_entity.type
_entity.pdbx_description
1 polymer 'Ryanodine receptor 1'
2 polymer 'Peptidyl-prolyl cis-trans isomerase FKBP1A'
3 non-polymer "ADENOSINE-5'-TRIPHOSPHATE"
4 non-polymer 'CALCIUM ION'
5 non-polymer 'ZINC ION'
6 non-polymer 3,7-DIMETHYL-1-(5-OXOHEXYL)-3,7-DIHYDRO-1H-PURINE-2,6-DIONE
#
loop_
_entity_poly.entity_id
_entity_poly.type
_entity_poly.pdbx_seq_one_letter_code
_entity_poly.pdbx_strand_id
1 'polypeptide(L)'
;MGDGGEGEDEVQFLRTDDEVVLQCSATVLKEQLKLCLAAEGFGNRLCFLEPTSNAQNVPPDLAICCFTLEQSLSVRALQE
MLANTVEAGVESSQGGGHRTLLYGHAILLRHAHSRMYLSCLTTSRSMTDKLAFDVGLQEDATGEACWWTMHPASKQRSEG
EKVRVGDDLILVSVSSERYLHLSTASGELQVDASFMQTLWNMNPICSCCEEGYVTGGHVLRLFHGHMDECLTISAADSDD
QRRLVYYEGGAVCTHARSLWRLEPLRISWSGSHLRWGQPLRIRHVTTGRYLALTEDQGLVVVDACKAHTKATSFCFRVSK
EKLDTAPKRDVEGMGPPEIKYGESLCFVQHVASGLWLTYAAPDPKALRLGVLKKKAILHQEGHMDDALFLTRCQQEESQA
ARMIHSTAGLYNQFIKGLDSFSGKPRGSGPPAGPALPIEAVILSLQDLIGYFEPPSEELQHEEKQSKLRSLRNRQSLFQE
EGMLSLVLNCIDRLNVYTTAAHFAEYAGEEAAESWKEIVNLLYELLASLIRGNRANCALFSTNLDWVVSKLDRLEASSGI
LEVLYCVLIESPEVLNIIQENHIKSIISLLDKHGRNHKVLDVLCSLCVCNGVAVRSNQDLITENLLPGRELLLQTNLINY
VTSIRPNIFVGRAEGSTQYGKWYFEVMVDEVVPFLTAQATHLRVGWALTEGYSPYPGGGEGWGGNGVGDDLYSYGFDGLH
LWTGHVARPVTSPGQHLLAPEDVVSCCLDLSVPSISFRINGCPVQGVFEAFNLDGLFFPVVSFSAGVKVRFLLGGRHGEF
KFLPPPGYAPCHEAVLPRERLRLEPIKEYRREGPRGPHLVGPSRCLSHTDFVPCPVDTVQIVLPPHLERIREKLAENIHE
LWALTRIEQGWTYGPVRDDNKRLHPCLVNFHSLPEPERNYNLQMSGETLKTLLALGCHVGMADEKAEDNLKKTKLPKTYM
MSNGYKPAPLDLSHVRLTPAQTTLVDRLAENGHNVWARDRVAQGWSYSAVQDIPARRNPRLVPYRLLDEATKRSNRDSLC
QAVRTLLGYGYNIEPPDQEPSQVENQSRWDRVRIFRAEKSYTVQSGRWYFEFEAVTTGEMRVGWARPELRPDVELGADEL
AYVFNGHRGQRWHLGSEPFGRPWQSGDVVGCMIDLTENTIIFTLNGEVLMSDSGSETAFREIEIGDGFLPVCSLGPGQVG
HLNLGQDVSSLRFFAICGLQEGFEPFAINMQRPVTTWFSKSLPQFEPVPPEHPHYEVARMDGTVDTPPCLRLAHRTWGSQ
NSLVEMLFLRLSLPVQFHQHFRCTAGATPLAPPGLQPPAEDEARAAEPDPDYENLRRSAGGWGEAEGGKEGTAKEGTPGG
TPQPGVEAQPVRAENEKDATTEKNKKRGFLFKAKKAAMMTQPPATPALPRLPHDVVPADNRDDPEIILNTTTYYYSVRVF
AGQEPSCVWVGWVTPDYHQHDMNFDLSKVRAVTVTMGDEQGNVHSSLKCSNCYMVWGGDFVSPGQQGRISHTDLVIGCLV
DLATGLMTFTANGKESNTFFQVEPNTKLFPAVFVLPTHQNVIQFELGKQKNIMPLSAAMFLSERKNPAPQCPPRLEVQML
MPVSWSRMPNHFLQVETRRAGERLGWAVQCQDPLTMMALHIPEENRCMDILELSERLDLQRFHSHTLRLYRAVCALGNNR
VAHALCSHVDQAQLLHALEDAHLPGPLRAGYYDLLISIHLESACRSRRSMLSEYIVPLTPETRAITLFPPGRKGGNARRH
GLPGVGVTTSLRPPHHFSPPCFVAALPAAGVAEAPARLSPAIPLEALRDKALRMLGEAVRDGGQHARDPVGGSVEFQFVP
VLKLVSTLLVMGIFGDEDVKQILKMIEPEVFTEEEEEEEEEEEEEEEEEEDEEEKEEDEEEEEKEDAEKEEEEAPEGEKE
DLEEGLLQMKLPESVKLQMCNLLEYFCDQELQHRVESLAAFAERYVDKLQANQRSRYALLMRAFTMSAAETARRTREFRS
PPQEQINMLLHFKDEADEEDCPLPEDIRQDLQDFHQDLLAHCGIQLEGEEEEPEEETSLSSRLRSLLETVRLVKKKEEKP
EEELPAEEKKPQSLQELVSHMVVRWAQEDYVQSPELVRAMFSLLHRQYDGLGELLRALPRAYTISPSSVEDTMSLLECLG
QIRSLLIVQMGPQEENLMIQSIGNIMNNKVFYQHPNLMRALGMHETVMEVMVNVLGGGETKEIRFPKMVTSCCRFLCYFC
RISRQNQRSMFDHLSYLLENSGIGLGMQGSTPLDVAAASVIDNNELALALQEQDLEKVVSYLAGCGLQSCPMLLAKGYPD
IGWNPCGGERYLDFLRFAVFVNGESVEENANVVVRLLIRKPECFGPALRGEGGSGLLAAIEEAIRISEDPARDGPGVRRD
RRREHFGEEPPEENRVHLGHAIMSFYAALIDLLGRCAPEMHLIQAGKGEALRIRAILRSLVPLDDLVGIISLPLQIPTLG
KDGALVQPKMSASFVPDHKASMVLFLDRVYGIENQDFLLHVLDVGFLPDMRAAASLDTATFSTTEMALALNRYLCLAVLP
LITKCAPLFAGTEHRAIMVDSMLHTVYRLSRGRSLTKAQRDVIEDCLMALCRYIRPSMLQHLLRRLVFDVPILNEFAKMP
LKLLTNHYERCWKYYCLPTGWANFGVTSEEELHLTRKLFWGIFDSLAHKKYDQELYRMAMPCLCAIAGALPPDYVDASYS
SKAEKKATVDAEGNFDPRPVETLNVIIPEKLDSFINKFAEYTHEKWAFDKIQNNWSYGENVDEELKTHPMLRPYKTFSEK
DKEIYRWPIKESLKAMIAWEWTIEKAREGEEERTEKKKTRKISQTAQTYDPREGYNPQPPDLSGVTLSRELQAMAEQLAE
NYHNTWGRKKKQELEAKGGGTHPLLVPYDTLTAKEKARDREKAQELLKFLQMNGYAVTRGLKDMELDTSSIEKRFAFGFL
QQLLRWMDISQEFIAHLEAVVSSGRVEKSPHEQEIKFFAKILLPLINQYFTNHCLYFLSTPAKVLGSGGHASNKEKEMIT
SLFCKLAALVRHRVSLFGTDAPAVVNCLHILARSLDARTVMKSGPEIVKAGLRSFFESASEDIEKMVENLRLGKVSQART
QVKGVGQNLTYTTVALLPVLTTLFQHIAQHQFGDDVILDDVQVSCYRTLCSIYSLGTTKNTYVEKLRPALGECLARLAAA
MPVAFLEPQLNEYNACSVYTTKSPRERAILGLPNSVEEMCPDIPVLDRLMADIGGLAESGARYTEMPHVIEITLPMLCSY
LPRWWERGPEAPPPALPAGAPPPCTAVTSDHLNSLLGNILRIIVNNLGIDEATWMKRLAVFAQPIVSRARPELLHSHFIP
TIGRLRKRAGKVVAEEEQLRLEAKAEAEEGELLVRDEFSVLCRDLYALYPLLIRYVDNNRAHWLTEPNANAEELFRMVGE
IFIYWSKSHNFKREEQNFVVQNEINNMSFLTADSKSKMAKAGDAQSGGSDQERTKKKRRGDRYSVQTSLIVATLKKMLPI
GLNMCAPTDQDLIMLAKTRYALKDTDEEVREFLQNNLHLQGKVEGSPSLRWQMALYRGLPGREEDADDPEKIVRRVQEVS
AVLYHLEQTEHPYKSKKAVWHKLLSKQRRRAVVACFRMTPLYNLPTHRACNMFLESYKAAWILTEDHSFEDRMIDDLSKA
GEQEEEEEEVEEKKPDPLHQLVLHFSRTALTEKSKLDEDYLYMAYADIMAKSCHLEEGGENGEAEEEEVEVSFEEKEMEK
QRLLYQQSRLHTRGAAEMVLQMISACKGETGAMVSSTLKLGISILNGGNAEVQQKMLDYLKDKKEVGFFQSIQALMQTCS
VLDLNAFERQNKAEGLGMVNEDGTVINRQNGEKVMADDEFTQDLFRFLQLLCEGHNNDFQNYLRTQTGNTTTINIIICTV
DYLLRLQESISDFYWYYSGKDVIEEQGKRNFSKAMSVAKQVFNSLTEYIQGPCTGNQQSLAHSRLWDAVVGFLHVFAHMM
MKLAQDSSQIELLKELLDLQKDMVVMLLSLLEGNVVNGMIARQMVDMLVESSSNVEMILKFFDMFLKLKDIVGSEAFQDY
VTDPRGLISKKDFQKAMDSQKQFTGPEIQFLLSCSEADENEMINFEEFANRFQEPARDIGFNVAVLLTNLSEHVPHDPRL
RNFLELAESILEYFRPYLGRIEIMGASRRIERIYFEISETNRAQWEMPQVKESKRQFIFDVVNEGGEAEKMELFVSFCED
TIFEMQIAAQISEPEGEPEADEDEGMGEAAAEGAEEGAAGAEGAAGTVAAGATARLAAAAARALRGLSYRSLRRRVRRLR
RLTAREAATALAALLWAVVARAGAAGAGAAAGALRLLWGSLFGGGLVEGAKKVTVTELLAGMPDPTSDEVHGEQPAGPGG
DADGAGEGEGEGDAAEGDGDEEVAGHEAGPGGAEGVVAVADGGPFRPEGAGGLGDMGDTTPAEPPTPEGSPILKRKLGVD
GEEEELVPEPEPEPEPEPEKADEENGEKEEVPEAPPEPPKKAPPSPPAKKEEAGGAGMEFWGELEVQRVKFLNYLSRNFY
TLRFLALFLAFAINFILLFYKVSDSPPGEDDMEGSAAGDLAGAGSGGGSGWGSGAGEEAEGDEDENMVYYFLEESTGYME
PALWCLSLLHTLVAFLCIIGYNCLKVPLVIFKREKELARKLEFDGLYITEQPGDDDVKGQWDRLVLNTPSFPSNYWDKFV
KRKVLDKHGDIFGRERIAELLGMDLASLEITAHNERKPDPPPGLLTWLMSIDVKYQIWKFGVIFTDNSFLYLGWYMVMSL
LGHYNNFFFAAHLLDIAMGVKTLRTILSSVTHNGKQLVMTVGLLAVVVYLYTVVAFNFFRKFYNKSEDEDEPDMKCDDMM
TCYLFHMYVGVRAGGGIGDEIEDPAGDEYELYRVVFDITFFFFVIVILLAIIQGLIIDAFGELRDQQEQVKEDMETKCFI
CGIGSDYFDTTPHGFETHTLEEHNLANYMFFLMYLINKDETEHTGQESYVWKMYQERCWDFFPAGDCFRKQYEDQLS
;
A,B,D,C
2 'polypeptide(L)'
;MGVQVETISPGDGRTFPKRGQTCVVHYTGMLEDGKKFDSSRDRNKPFKFMLGKQEVIRGWEEGVAQMSVGQRAKLTISPD
YAYGATGHPGIIPPHATLVFDVELLKLE
;
E,H,G,F
#
loop_
_chem_comp.id
_chem_comp.type
_chem_comp.name
_chem_comp.formula
ATP non-polymer ADENOSINE-5'-TRIPHOSPHATE 'C10 H16 N5 O13 P3'
CA non-polymer 'CALCIUM ION' 'Ca 2'
PNX non-polymer 3,7-DIMETHYL-1-(5-OXOHEXYL)-3,7-DIHYDRO-1H-PURINE-2,6-DIONE 'C13 H18 N4 O3'
ZN non-polymer 'ZINC ION' 'Zn 2'
#
# COMPACT_ATOMS: atom_id res chain seq x y z
N GLU A 10 -12.87 -22.78 11.96
CA GLU A 10 -13.58 -23.98 11.51
C GLU A 10 -13.09 -25.21 12.27
N VAL A 11 -13.88 -26.28 12.21
CA VAL A 11 -13.52 -27.56 12.80
C VAL A 11 -13.43 -28.59 11.68
N GLN A 12 -12.21 -29.10 11.45
CA GLN A 12 -12.03 -30.10 10.40
C GLN A 12 -12.78 -31.38 10.75
N PHE A 13 -13.45 -31.95 9.75
CA PHE A 13 -14.37 -33.06 9.96
C PHE A 13 -13.94 -34.25 9.12
N LEU A 14 -14.08 -35.45 9.69
CA LEU A 14 -13.82 -36.67 8.95
C LEU A 14 -14.93 -36.91 7.92
N ARG A 15 -14.55 -37.50 6.79
CA ARG A 15 -15.47 -37.67 5.67
C ARG A 15 -15.16 -39.00 4.97
N THR A 16 -16.18 -39.55 4.31
CA THR A 16 -16.02 -40.81 3.60
C THR A 16 -14.99 -40.68 2.48
N ASP A 17 -14.32 -41.78 2.18
CA ASP A 17 -13.30 -41.95 1.14
C ASP A 17 -11.98 -41.31 1.53
N ASP A 18 -11.91 -40.61 2.67
CA ASP A 18 -10.63 -40.10 3.15
C ASP A 18 -9.80 -41.22 3.74
N GLU A 19 -8.49 -41.10 3.59
CA GLU A 19 -7.55 -42.14 4.04
C GLU A 19 -6.91 -41.69 5.35
N VAL A 20 -7.06 -42.51 6.39
CA VAL A 20 -6.79 -42.12 7.76
C VAL A 20 -6.08 -43.26 8.48
N VAL A 21 -5.26 -42.91 9.49
CA VAL A 21 -4.47 -43.87 10.27
C VAL A 21 -4.83 -43.71 11.74
N LEU A 22 -4.95 -44.84 12.44
CA LEU A 22 -5.43 -44.81 13.82
C LEU A 22 -4.27 -44.77 14.80
N GLN A 23 -4.51 -44.12 15.94
CA GLN A 23 -3.46 -43.84 16.93
C GLN A 23 -3.96 -44.16 18.32
N CYS A 24 -3.09 -44.73 19.15
CA CYS A 24 -3.38 -44.98 20.55
C CYS A 24 -2.17 -44.58 21.40
N SER A 25 -2.43 -43.85 22.48
CA SER A 25 -1.38 -43.38 23.37
C SER A 25 -1.50 -44.10 24.71
N ALA A 26 -0.43 -44.79 25.10
CA ALA A 26 -0.39 -45.51 26.37
C ALA A 26 0.89 -45.19 27.10
N THR A 27 0.82 -45.16 28.42
CA THR A 27 1.98 -44.82 29.26
C THR A 27 2.89 -46.04 29.36
N VAL A 28 4.05 -45.95 28.72
CA VAL A 28 5.07 -46.99 28.76
C VAL A 28 6.38 -46.34 29.19
N LEU A 29 7.02 -46.91 30.22
CA LEU A 29 8.23 -46.33 30.81
C LEU A 29 7.95 -44.89 31.25
N LYS A 30 6.76 -44.67 31.82
CA LYS A 30 6.35 -43.38 32.37
C LYS A 30 6.35 -42.28 31.30
N GLU A 31 6.20 -42.65 30.03
CA GLU A 31 6.06 -41.70 28.94
C GLU A 31 4.97 -42.18 28.00
N GLN A 32 4.22 -41.24 27.43
CA GLN A 32 3.12 -41.60 26.54
C GLN A 32 3.64 -42.04 25.18
N LEU A 33 3.73 -43.35 24.98
CA LEU A 33 4.11 -43.95 23.71
C LEU A 33 2.87 -44.03 22.84
N LYS A 34 2.97 -43.50 21.62
CA LYS A 34 1.87 -43.56 20.66
C LYS A 34 2.17 -44.63 19.62
N LEU A 35 1.15 -45.42 19.30
CA LEU A 35 1.30 -46.59 18.45
C LEU A 35 0.13 -46.65 17.47
N CYS A 36 0.37 -47.23 16.30
CA CYS A 36 -0.63 -47.32 15.24
C CYS A 36 -0.84 -48.78 14.85
N LEU A 37 -2.10 -49.17 14.70
CA LEU A 37 -2.42 -50.52 14.24
C LEU A 37 -2.08 -50.64 12.76
N ALA A 38 -1.60 -51.82 12.36
CA ALA A 38 -1.18 -52.06 10.99
C ALA A 38 -1.23 -53.55 10.69
N ALA A 39 -1.64 -53.89 9.48
CA ALA A 39 -1.75 -55.28 9.04
C ALA A 39 -0.89 -55.49 7.82
N GLU A 40 -0.02 -56.51 7.87
CA GLU A 40 0.79 -56.83 6.70
C GLU A 40 -0.08 -57.37 5.57
N GLY A 41 -1.13 -58.10 5.90
CA GLY A 41 -1.97 -58.71 4.89
C GLY A 41 -1.49 -60.10 4.51
N PHE A 42 -0.73 -60.19 3.43
CA PHE A 42 -0.18 -61.47 3.01
C PHE A 42 0.71 -62.04 4.10
N GLY A 43 0.53 -63.33 4.40
CA GLY A 43 1.32 -63.99 5.41
C GLY A 43 0.71 -63.95 6.79
N ASN A 44 0.34 -62.77 7.26
CA ASN A 44 -0.21 -62.58 8.59
C ASN A 44 -1.56 -61.89 8.49
N ARG A 45 -2.64 -62.62 8.82
CA ARG A 45 -3.97 -62.03 8.84
C ARG A 45 -4.16 -61.15 10.06
N LEU A 46 -3.61 -61.57 11.21
CA LEU A 46 -3.74 -60.79 12.43
C LEU A 46 -3.04 -59.45 12.30
N CYS A 47 -3.70 -58.39 12.76
CA CYS A 47 -3.09 -57.07 12.71
C CYS A 47 -2.18 -56.84 13.91
N PHE A 48 -0.99 -56.34 13.64
CA PHE A 48 -0.01 -56.01 14.66
C PHE A 48 -0.10 -54.51 14.96
N LEU A 49 0.78 -54.05 15.84
CA LEU A 49 0.77 -52.67 16.31
C LEU A 49 2.19 -52.13 16.34
N GLU A 50 2.44 -51.06 15.59
CA GLU A 50 3.77 -50.50 15.44
C GLU A 50 3.89 -49.21 16.24
N PRO A 51 4.95 -49.04 17.03
CA PRO A 51 5.12 -47.78 17.78
C PRO A 51 5.65 -46.67 16.88
N THR A 52 4.96 -45.52 16.89
CA THR A 52 5.30 -44.40 16.02
C THR A 52 5.74 -43.17 16.81
N SER A 53 6.12 -43.34 18.07
CA SER A 53 6.34 -42.19 18.94
C SER A 53 7.64 -41.47 18.63
N ASN A 54 8.76 -42.20 18.66
CA ASN A 54 10.07 -41.55 18.57
C ASN A 54 10.23 -40.84 17.23
N ALA A 55 10.23 -41.60 16.14
CA ALA A 55 10.33 -41.07 14.78
C ALA A 55 11.64 -40.32 14.56
N GLN A 56 12.51 -40.33 15.57
CA GLN A 56 13.82 -39.71 15.43
C GLN A 56 14.92 -40.76 15.54
N ASN A 57 14.76 -41.70 16.46
CA ASN A 57 15.68 -42.85 16.53
C ASN A 57 15.37 -43.86 15.43
N VAL A 58 14.10 -44.01 15.07
CA VAL A 58 13.69 -45.00 14.08
C VAL A 58 12.37 -44.56 13.45
N PRO A 59 12.26 -44.60 12.13
CA PRO A 59 11.00 -44.26 11.48
C PRO A 59 10.11 -45.48 11.34
N PRO A 60 8.87 -45.39 11.81
CA PRO A 60 7.92 -46.48 11.60
C PRO A 60 7.45 -46.52 10.15
N ASP A 61 6.96 -47.68 9.74
CA ASP A 61 6.42 -47.83 8.39
C ASP A 61 4.98 -47.31 8.36
N LEU A 62 4.69 -46.46 7.38
CA LEU A 62 3.38 -45.79 7.35
C LEU A 62 2.38 -46.54 6.48
N ALA A 63 2.84 -47.14 5.38
CA ALA A 63 1.93 -47.78 4.44
C ALA A 63 1.14 -48.90 5.10
N ILE A 64 1.77 -49.63 6.02
CA ILE A 64 1.06 -50.67 6.74
C ILE A 64 -0.02 -50.07 7.65
N CYS A 65 0.25 -48.88 8.20
CA CYS A 65 -0.73 -48.24 9.07
C CYS A 65 -1.85 -47.57 8.27
N CYS A 66 -1.62 -47.33 6.98
CA CYS A 66 -2.60 -46.62 6.17
C CYS A 66 -3.90 -47.41 6.06
N PHE A 67 -5.02 -46.73 6.33
CA PHE A 67 -6.35 -47.29 6.18
C PHE A 67 -7.25 -46.26 5.50
N THR A 68 -8.26 -46.76 4.79
CA THR A 68 -9.24 -45.93 4.11
C THR A 68 -10.63 -46.36 4.53
N LEU A 69 -11.44 -45.40 4.97
CA LEU A 69 -12.81 -45.68 5.40
C LEU A 69 -13.76 -45.41 4.24
N GLU A 70 -14.67 -46.35 3.99
CA GLU A 70 -15.46 -46.29 2.77
C GLU A 70 -16.81 -45.61 3.00
N GLN A 71 -17.64 -46.18 3.88
CA GLN A 71 -18.98 -45.63 4.10
C GLN A 71 -19.26 -45.51 5.58
N SER A 72 -20.10 -44.54 5.93
CA SER A 72 -20.66 -44.39 7.26
C SER A 72 -22.15 -44.57 7.18
N LEU A 73 -22.68 -45.50 7.97
CA LEU A 73 -24.10 -45.86 7.92
C LEU A 73 -24.65 -45.98 9.32
N SER A 74 -25.90 -45.56 9.50
CA SER A 74 -26.59 -45.79 10.76
C SER A 74 -26.82 -47.28 10.96
N VAL A 75 -27.23 -47.65 12.18
CA VAL A 75 -27.46 -49.06 12.47
C VAL A 75 -28.59 -49.61 11.63
N ARG A 76 -29.64 -48.81 11.40
CA ARG A 76 -30.78 -49.27 10.63
C ARG A 76 -30.42 -49.47 9.16
N ALA A 77 -29.72 -48.49 8.57
CA ALA A 77 -29.28 -48.64 7.19
C ALA A 77 -28.31 -49.80 7.04
N LEU A 78 -27.44 -49.99 8.03
CA LEU A 78 -26.53 -51.13 8.02
C LEU A 78 -27.30 -52.45 8.04
N GLN A 79 -28.31 -52.55 8.89
CA GLN A 79 -29.13 -53.76 8.94
C GLN A 79 -29.81 -54.00 7.60
N GLU A 80 -30.36 -52.95 6.99
CA GLU A 80 -31.04 -53.09 5.71
C GLU A 80 -30.08 -53.56 4.62
N MET A 81 -28.89 -52.96 4.55
CA MET A 81 -27.97 -53.30 3.47
C MET A 81 -27.33 -54.66 3.69
N LEU A 82 -27.20 -55.09 4.95
CA LEU A 82 -26.72 -56.44 5.22
C LEU A 82 -27.80 -57.48 4.90
N ALA A 83 -29.07 -57.15 5.15
CA ALA A 83 -30.15 -58.08 4.88
C ALA A 83 -30.38 -58.25 3.37
N ASN A 84 -30.42 -57.14 2.64
CA ASN A 84 -30.72 -57.21 1.22
C ASN A 84 -29.50 -57.60 0.38
N HIS A 98 -19.62 -40.15 -1.29
CA HIS A 98 -18.73 -39.20 -0.63
C HIS A 98 -19.52 -38.27 0.30
N ARG A 99 -19.68 -38.68 1.55
CA ARG A 99 -20.42 -37.93 2.56
C ARG A 99 -19.54 -37.72 3.78
N THR A 100 -19.76 -36.60 4.46
CA THR A 100 -19.06 -36.34 5.72
C THR A 100 -19.54 -37.31 6.78
N LEU A 101 -18.61 -37.73 7.65
CA LEU A 101 -18.93 -38.73 8.66
C LEU A 101 -19.81 -38.13 9.76
N LEU A 102 -20.59 -38.99 10.41
CA LEU A 102 -21.42 -38.62 11.54
C LEU A 102 -21.13 -39.56 12.70
N TYR A 103 -21.08 -39.02 13.92
CA TYR A 103 -20.86 -39.85 15.08
C TYR A 103 -22.02 -40.84 15.24
N GLY A 104 -21.69 -42.06 15.66
CA GLY A 104 -22.68 -43.10 15.82
C GLY A 104 -22.93 -43.96 14.60
N HIS A 105 -22.27 -43.66 13.49
CA HIS A 105 -22.49 -44.42 12.27
C HIS A 105 -21.59 -45.65 12.22
N ALA A 106 -22.10 -46.72 11.60
CA ALA A 106 -21.27 -47.89 11.34
C ALA A 106 -20.20 -47.54 10.31
N ILE A 107 -18.99 -48.02 10.55
CA ILE A 107 -17.82 -47.67 9.75
C ILE A 107 -17.21 -48.93 9.18
N LEU A 108 -16.84 -48.86 7.89
CA LEU A 108 -16.15 -49.93 7.20
C LEU A 108 -14.82 -49.39 6.69
N LEU A 109 -13.75 -50.16 6.87
CA LEU A 109 -12.39 -49.69 6.61
C LEU A 109 -11.59 -50.76 5.88
N ARG A 110 -10.64 -50.31 5.05
CA ARG A 110 -9.73 -51.17 4.31
C ARG A 110 -8.30 -50.82 4.69
N HIS A 111 -7.47 -51.83 4.85
CA HIS A 111 -6.03 -51.60 4.92
C HIS A 111 -5.50 -51.34 3.51
N ALA A 112 -4.70 -50.28 3.37
CA ALA A 112 -4.30 -49.81 2.04
C ALA A 112 -3.51 -50.87 1.29
N HIS A 113 -2.53 -51.50 1.95
CA HIS A 113 -1.75 -52.55 1.31
C HIS A 113 -2.62 -53.76 0.99
N SER A 114 -3.52 -54.12 1.90
CA SER A 114 -4.22 -55.40 1.79
C SER A 114 -5.35 -55.34 0.78
N ARG A 115 -5.99 -54.18 0.62
CA ARG A 115 -7.27 -54.08 -0.07
C ARG A 115 -8.32 -54.99 0.58
N MET A 116 -8.31 -55.03 1.91
CA MET A 116 -9.03 -56.05 2.68
C MET A 116 -9.72 -55.35 3.85
N TYR A 117 -10.85 -55.91 4.29
CA TYR A 117 -11.66 -55.30 5.33
C TYR A 117 -11.13 -55.71 6.71
N LEU A 118 -11.05 -54.75 7.62
CA LEU A 118 -10.78 -55.09 9.02
C LEU A 118 -12.07 -55.58 9.68
N SER A 119 -11.96 -56.64 10.46
CA SER A 119 -13.11 -57.26 11.08
C SER A 119 -12.69 -57.96 12.37
N CYS A 120 -13.67 -58.35 13.17
CA CYS A 120 -13.42 -59.04 14.43
C CYS A 120 -13.60 -60.53 14.23
N LEU A 121 -12.49 -61.26 14.23
CA LEU A 121 -12.53 -62.70 14.10
C LEU A 121 -13.13 -63.33 15.36
N THR A 122 -13.86 -64.42 15.15
CA THR A 122 -14.46 -65.13 16.29
C THR A 122 -13.39 -65.73 17.20
N THR A 123 -12.29 -66.19 16.62
CA THR A 123 -11.24 -66.83 17.41
C THR A 123 -10.52 -65.81 18.28
N SER A 124 -9.74 -66.33 19.22
CA SER A 124 -9.00 -65.51 20.17
C SER A 124 -7.57 -66.04 20.29
N ARG A 125 -6.60 -65.13 20.26
CA ARG A 125 -5.21 -65.54 20.45
C ARG A 125 -4.82 -65.44 21.92
N SER A 126 -5.40 -64.50 22.65
CA SER A 126 -5.10 -64.32 24.07
C SER A 126 -5.66 -65.50 24.86
N MET A 127 -4.77 -66.28 25.47
CA MET A 127 -5.20 -67.46 26.21
C MET A 127 -6.05 -67.09 27.42
N THR A 128 -5.61 -66.09 28.19
CA THR A 128 -6.25 -65.77 29.45
C THR A 128 -7.68 -65.24 29.26
N ASP A 129 -7.88 -64.34 28.30
CA ASP A 129 -9.12 -63.59 28.18
C ASP A 129 -10.10 -64.31 27.28
N LYS A 130 -11.24 -64.69 27.84
CA LYS A 130 -12.37 -65.10 27.02
C LYS A 130 -13.00 -63.89 26.34
N LEU A 131 -12.92 -62.72 26.98
CA LEU A 131 -13.47 -61.50 26.42
C LEU A 131 -12.74 -61.09 25.15
N ALA A 132 -11.45 -61.38 25.06
CA ALA A 132 -10.68 -60.98 23.90
C ALA A 132 -11.03 -61.83 22.68
N PHE A 133 -11.28 -61.16 21.56
CA PHE A 133 -11.36 -61.81 20.26
C PHE A 133 -10.27 -61.25 19.36
N ASP A 134 -9.80 -62.10 18.44
CA ASP A 134 -8.84 -61.66 17.45
C ASP A 134 -9.49 -60.72 16.45
N VAL A 135 -8.76 -59.67 16.07
CA VAL A 135 -9.19 -58.75 15.03
C VAL A 135 -8.27 -58.94 13.83
N GLY A 136 -8.84 -59.28 12.69
CA GLY A 136 -8.06 -59.64 11.52
C GLY A 136 -8.72 -59.18 10.24
N LEU A 137 -8.12 -59.57 9.12
CA LEU A 137 -8.57 -59.11 7.83
C LEU A 137 -9.46 -60.14 7.15
N GLN A 138 -10.51 -59.66 6.47
CA GLN A 138 -11.44 -60.50 5.73
C GLN A 138 -11.51 -59.99 4.29
N GLU A 139 -11.89 -60.88 3.37
CA GLU A 139 -11.91 -60.52 1.97
C GLU A 139 -13.16 -59.74 1.60
N ASP A 140 -14.34 -60.34 1.78
CA ASP A 140 -15.59 -59.82 1.25
C ASP A 140 -16.32 -58.97 2.30
N ALA A 141 -17.36 -58.27 1.84
CA ALA A 141 -18.10 -57.37 2.72
C ALA A 141 -19.07 -58.13 3.62
N THR A 142 -19.55 -59.28 3.17
CA THR A 142 -20.60 -59.98 3.90
C THR A 142 -20.13 -60.38 5.30
N GLY A 143 -21.00 -60.18 6.26
CA GLY A 143 -20.71 -60.46 7.65
C GLY A 143 -20.82 -59.22 8.51
N GLU A 144 -21.30 -59.42 9.75
CA GLU A 144 -21.44 -58.29 10.67
C GLU A 144 -20.08 -57.83 11.17
N ALA A 145 -19.11 -58.74 11.26
CA ALA A 145 -17.80 -58.40 11.80
C ALA A 145 -17.07 -57.40 10.90
N CYS A 146 -17.33 -57.45 9.59
CA CYS A 146 -16.67 -56.53 8.67
C CYS A 146 -17.02 -55.09 8.99
N TRP A 147 -18.29 -54.82 9.28
CA TRP A 147 -18.71 -53.47 9.63
C TRP A 147 -18.52 -53.22 11.12
N TRP A 148 -18.13 -51.99 11.45
CA TRP A 148 -17.86 -51.59 12.82
C TRP A 148 -18.58 -50.30 13.13
N THR A 149 -19.21 -50.25 14.31
CA THR A 149 -19.89 -49.05 14.78
C THR A 149 -18.97 -48.27 15.70
N MET A 150 -19.17 -46.95 15.73
CA MET A 150 -18.37 -46.05 16.54
C MET A 150 -19.31 -45.22 17.41
N HIS A 151 -18.93 -45.03 18.66
CA HIS A 151 -19.86 -44.61 19.70
C HIS A 151 -19.33 -43.39 20.46
N PRO A 152 -20.21 -42.63 21.13
CA PRO A 152 -19.75 -41.47 21.88
C PRO A 152 -18.82 -41.85 23.02
N ALA A 153 -17.77 -41.05 23.21
CA ALA A 153 -16.75 -41.39 24.20
C ALA A 153 -16.79 -40.46 25.41
N SER A 154 -16.72 -39.14 25.17
CA SER A 154 -16.51 -38.18 26.25
C SER A 154 -17.70 -37.25 26.38
N LYS A 155 -17.57 -36.29 27.31
CA LYS A 155 -18.60 -35.29 27.53
C LYS A 155 -18.84 -34.42 26.30
N GLN A 156 -17.78 -33.87 25.72
CA GLN A 156 -17.94 -32.98 24.58
C GLN A 156 -18.42 -33.75 23.36
N ARG A 157 -17.93 -34.97 23.20
CA ARG A 157 -18.52 -35.91 22.25
C ARG A 157 -20.00 -36.11 22.54
N SER A 158 -20.81 -36.06 21.49
CA SER A 158 -22.25 -36.24 21.59
C SER A 158 -22.73 -37.21 20.51
N GLU A 159 -23.61 -38.11 20.89
CA GLU A 159 -24.22 -39.02 19.92
C GLU A 159 -25.16 -38.25 18.99
N GLY A 160 -25.16 -38.64 17.72
CA GLY A 160 -25.92 -37.92 16.72
C GLY A 160 -25.23 -36.71 16.14
N GLU A 161 -23.99 -36.45 16.52
CA GLU A 161 -23.20 -35.34 16.02
C GLU A 161 -22.40 -35.83 14.82
N LYS A 162 -21.81 -34.89 14.08
CA LYS A 162 -20.95 -35.28 12.97
C LYS A 162 -19.50 -35.38 13.43
N VAL A 163 -18.75 -36.28 12.80
CA VAL A 163 -17.42 -36.62 13.30
C VAL A 163 -16.47 -35.44 13.15
N ARG A 164 -15.74 -35.16 14.22
CA ARG A 164 -14.74 -34.10 14.26
C ARG A 164 -13.36 -34.73 14.30
N VAL A 165 -12.45 -34.26 13.44
CA VAL A 165 -11.11 -34.80 13.40
C VAL A 165 -10.36 -34.42 14.67
N GLY A 166 -9.65 -35.40 15.23
CA GLY A 166 -8.85 -35.17 16.42
C GLY A 166 -9.49 -35.60 17.73
N ASP A 167 -10.79 -35.85 17.74
CA ASP A 167 -11.44 -36.31 18.97
C ASP A 167 -11.06 -37.76 19.25
N ASP A 168 -11.06 -38.12 20.53
CA ASP A 168 -10.91 -39.51 20.90
C ASP A 168 -12.11 -40.31 20.43
N LEU A 169 -11.86 -41.38 19.70
CA LEU A 169 -12.92 -42.17 19.10
C LEU A 169 -12.84 -43.60 19.60
N ILE A 170 -14.00 -44.23 19.71
CA ILE A 170 -14.12 -45.59 20.20
C ILE A 170 -14.94 -46.40 19.19
N LEU A 171 -14.50 -47.62 18.92
CA LEU A 171 -15.08 -48.45 17.86
C LEU A 171 -15.44 -49.81 18.42
N VAL A 172 -16.65 -50.28 18.11
CA VAL A 172 -17.15 -51.57 18.56
C VAL A 172 -17.66 -52.34 17.36
N SER A 173 -17.27 -53.61 17.26
CA SER A 173 -17.87 -54.50 16.27
C SER A 173 -19.24 -54.96 16.76
N VAL A 174 -20.25 -54.81 15.90
CA VAL A 174 -21.62 -55.10 16.32
C VAL A 174 -21.78 -56.56 16.68
N SER A 175 -21.24 -57.46 15.85
CA SER A 175 -21.33 -58.89 16.15
C SER A 175 -20.58 -59.24 17.44
N SER A 176 -19.39 -58.68 17.62
CA SER A 176 -18.58 -59.01 18.78
C SER A 176 -19.08 -58.31 20.04
N GLU A 177 -19.61 -57.10 19.89
CA GLU A 177 -19.96 -56.22 21.00
C GLU A 177 -18.76 -55.92 21.90
N ARG A 178 -17.55 -55.95 21.35
CA ARG A 178 -16.33 -55.68 22.10
C ARG A 178 -15.64 -54.46 21.54
N TYR A 179 -15.08 -53.65 22.43
CA TYR A 179 -14.37 -52.44 22.03
C TYR A 179 -13.01 -52.77 21.45
N LEU A 180 -12.51 -51.89 20.59
CA LEU A 180 -11.10 -51.93 20.23
C LEU A 180 -10.26 -51.60 21.47
N HIS A 181 -9.27 -52.43 21.75
CA HIS A 181 -8.58 -52.38 23.04
C HIS A 181 -7.10 -52.63 22.85
N LEU A 182 -6.31 -51.98 23.70
CA LEU A 182 -4.88 -52.21 23.81
C LEU A 182 -4.62 -52.97 25.11
N SER A 183 -4.65 -54.29 25.02
CA SER A 183 -4.49 -55.17 26.18
C SER A 183 -3.04 -55.12 26.66
N THR A 184 -2.88 -54.97 27.97
CA THR A 184 -1.57 -54.95 28.62
C THR A 184 -1.21 -56.28 29.27
N ALA A 185 -2.04 -57.32 29.08
CA ALA A 185 -1.77 -58.61 29.72
C ALA A 185 -0.45 -59.19 29.26
N SER A 186 -0.19 -59.14 27.95
CA SER A 186 1.11 -59.54 27.44
C SER A 186 2.16 -58.48 27.77
N GLY A 187 3.43 -58.88 27.69
CA GLY A 187 4.51 -57.93 27.88
C GLY A 187 4.44 -56.77 26.89
N GLU A 188 4.18 -57.08 25.63
CA GLU A 188 3.93 -56.06 24.64
C GLU A 188 2.44 -55.71 24.61
N LEU A 189 2.14 -54.43 24.37
CA LEU A 189 0.75 -54.00 24.30
C LEU A 189 0.11 -54.50 23.01
N GLN A 190 -0.91 -55.34 23.15
CA GLN A 190 -1.47 -56.07 22.01
C GLN A 190 -2.83 -55.50 21.64
N VAL A 191 -3.11 -55.41 20.33
CA VAL A 191 -4.42 -54.96 19.88
C VAL A 191 -5.40 -56.13 19.92
N ASP A 192 -6.61 -55.85 20.41
CA ASP A 192 -7.63 -56.89 20.49
C ASP A 192 -9.01 -56.24 20.62
N ALA A 193 -10.00 -57.09 20.86
CA ALA A 193 -11.38 -56.65 21.09
C ALA A 193 -11.81 -57.08 22.49
N SER A 194 -12.27 -56.13 23.29
CA SER A 194 -12.64 -56.40 24.67
C SER A 194 -13.96 -55.73 25.00
N PHE A 195 -14.66 -56.30 25.98
CA PHE A 195 -15.90 -55.68 26.47
C PHE A 195 -15.60 -54.33 27.11
N MET A 196 -14.37 -54.14 27.60
CA MET A 196 -13.97 -52.84 28.13
C MET A 196 -13.38 -51.99 27.02
N GLN A 197 -13.43 -50.67 27.21
CA GLN A 197 -13.11 -49.71 26.15
C GLN A 197 -11.69 -49.18 26.31
N THR A 198 -11.05 -48.90 25.18
CA THR A 198 -9.76 -48.23 25.13
C THR A 198 -9.79 -47.19 24.03
N LEU A 199 -9.54 -45.94 24.38
CA LEU A 199 -9.74 -44.83 23.46
C LEU A 199 -8.74 -44.88 22.30
N TRP A 200 -9.19 -44.42 21.14
CA TRP A 200 -8.37 -44.32 19.94
C TRP A 200 -8.60 -42.95 19.31
N ASN A 201 -7.60 -42.48 18.57
CA ASN A 201 -7.68 -41.19 17.88
C ASN A 201 -7.52 -41.44 16.39
N MET A 202 -8.18 -40.62 15.58
CA MET A 202 -8.32 -40.92 14.17
C MET A 202 -7.79 -39.71 13.39
N ASN A 203 -6.68 -39.84 12.69
CA ASN A 203 -6.14 -38.68 11.99
C ASN A 203 -5.84 -38.99 10.53
N PRO A 204 -6.12 -38.04 9.61
CA PRO A 204 -5.97 -38.31 8.18
C PRO A 204 -4.57 -38.11 7.64
N ILE A 205 -4.01 -39.14 7.00
CA ILE A 205 -2.81 -38.94 6.19
C ILE A 205 -3.15 -38.17 4.92
N CYS A 206 -4.26 -38.53 4.27
CA CYS A 206 -4.67 -37.88 3.03
C CYS A 206 -6.19 -37.94 2.92
N SER A 207 -6.78 -36.92 2.30
CA SER A 207 -8.22 -36.84 2.11
C SER A 207 -8.63 -36.97 0.66
N CYS A 208 -8.11 -36.11 -0.21
CA CYS A 208 -8.38 -36.18 -1.63
C CYS A 208 -7.29 -35.41 -2.36
N CYS A 209 -6.97 -35.87 -3.57
CA CYS A 209 -5.85 -35.35 -4.34
C CYS A 209 -6.30 -34.99 -5.74
N GLU A 210 -5.93 -33.78 -6.18
CA GLU A 210 -6.18 -33.38 -7.56
C GLU A 210 -5.24 -34.11 -8.49
N GLU A 211 -5.51 -33.99 -9.80
CA GLU A 211 -4.70 -34.69 -10.79
C GLU A 211 -3.23 -34.32 -10.65
N GLY A 212 -2.41 -35.31 -10.31
CA GLY A 212 -1.00 -35.08 -10.09
C GLY A 212 -0.73 -34.41 -8.75
N TYR A 213 0.30 -33.55 -8.76
CA TYR A 213 0.67 -32.76 -7.59
C TYR A 213 1.04 -33.61 -6.37
N VAL A 214 2.28 -34.09 -6.37
CA VAL A 214 2.75 -35.19 -5.52
C VAL A 214 2.16 -35.14 -4.12
N THR A 215 1.73 -36.31 -3.64
CA THR A 215 1.30 -36.52 -2.27
C THR A 215 2.27 -37.46 -1.58
N GLY A 216 2.51 -37.23 -0.29
CA GLY A 216 3.49 -38.01 0.43
C GLY A 216 3.04 -39.45 0.65
N GLY A 217 4.02 -40.32 0.86
CA GLY A 217 3.75 -41.73 1.06
C GLY A 217 3.43 -42.49 -0.21
N HIS A 218 3.68 -41.91 -1.37
CA HIS A 218 3.37 -42.51 -2.66
C HIS A 218 4.65 -42.82 -3.41
N VAL A 219 4.75 -44.05 -3.93
CA VAL A 219 5.96 -44.47 -4.62
C VAL A 219 6.02 -43.83 -6.00
N LEU A 220 7.24 -43.63 -6.50
CA LEU A 220 7.45 -42.99 -7.80
C LEU A 220 8.81 -43.36 -8.36
N ARG A 221 9.09 -42.82 -9.55
CA ARG A 221 10.36 -42.96 -10.24
C ARG A 221 11.00 -41.59 -10.37
N LEU A 222 12.33 -41.54 -10.31
CA LEU A 222 13.08 -40.29 -10.35
C LEU A 222 14.16 -40.37 -11.43
N PHE A 223 13.95 -39.67 -12.54
CA PHE A 223 14.82 -39.73 -13.71
C PHE A 223 15.64 -38.45 -13.80
N HIS A 224 16.98 -38.59 -13.80
CA HIS A 224 17.80 -37.49 -14.27
C HIS A 224 17.69 -37.33 -15.78
N GLY A 225 17.67 -38.45 -16.50
CA GLY A 225 17.49 -38.42 -17.93
C GLY A 225 16.07 -38.05 -18.32
N HIS A 226 15.92 -37.67 -19.60
CA HIS A 226 14.60 -37.38 -20.16
C HIS A 226 13.93 -38.71 -20.50
N MET A 227 13.59 -39.45 -19.43
CA MET A 227 12.91 -40.73 -19.43
C MET A 227 13.77 -41.87 -19.96
N ASP A 228 15.10 -41.69 -20.04
CA ASP A 228 15.95 -42.79 -20.51
C ASP A 228 16.65 -43.49 -19.35
N GLU A 229 16.93 -42.78 -18.26
CA GLU A 229 17.73 -43.31 -17.18
C GLU A 229 17.21 -42.81 -15.84
N CYS A 230 17.15 -43.72 -14.86
CA CYS A 230 16.56 -43.47 -13.55
C CYS A 230 17.54 -43.85 -12.45
N LEU A 231 17.42 -43.18 -11.30
CA LEU A 231 18.18 -43.60 -10.13
C LEU A 231 17.54 -44.85 -9.53
N THR A 232 18.38 -45.80 -9.13
CA THR A 232 17.90 -47.12 -8.75
C THR A 232 18.93 -47.80 -7.86
N ILE A 233 18.43 -48.58 -6.89
CA ILE A 233 19.31 -49.38 -6.05
C ILE A 233 19.96 -50.46 -6.90
N SER A 234 21.07 -51.01 -6.40
CA SER A 234 21.82 -52.00 -7.16
C SER A 234 20.99 -53.26 -7.40
N ALA A 235 21.46 -54.09 -8.33
CA ALA A 235 20.73 -55.28 -8.73
C ALA A 235 20.65 -56.28 -7.57
N ALA A 236 19.57 -57.06 -7.58
CA ALA A 236 19.44 -58.15 -6.61
C ALA A 236 20.53 -59.18 -6.81
N ASP A 237 20.96 -59.78 -5.70
CA ASP A 237 22.01 -60.80 -5.60
C ASP A 237 23.39 -60.23 -5.90
N SER A 238 23.52 -58.92 -6.09
CA SER A 238 24.83 -58.32 -6.30
C SER A 238 25.68 -58.43 -5.04
N ASP A 239 26.99 -58.52 -5.23
CA ASP A 239 27.89 -58.74 -4.09
C ASP A 239 27.88 -57.54 -3.14
N ASP A 240 27.50 -56.35 -3.64
CA ASP A 240 27.54 -55.17 -2.80
C ASP A 240 26.41 -55.17 -1.76
N GLN A 241 25.46 -56.09 -1.88
CA GLN A 241 24.32 -56.19 -0.96
C GLN A 241 23.55 -54.88 -0.86
N ARG A 242 23.37 -54.22 -2.01
CA ARG A 242 22.55 -53.02 -2.13
C ARG A 242 23.04 -51.87 -1.24
N ARG A 243 24.32 -51.84 -0.91
CA ARG A 243 24.82 -50.74 -0.08
C ARG A 243 24.81 -49.42 -0.86
N LEU A 244 25.04 -49.48 -2.16
CA LEU A 244 25.17 -48.29 -2.98
C LEU A 244 24.06 -48.21 -4.01
N VAL A 245 23.55 -47.00 -4.22
CA VAL A 245 22.50 -46.71 -5.18
C VAL A 245 23.13 -46.00 -6.36
N TYR A 246 22.77 -46.40 -7.58
CA TYR A 246 23.43 -45.92 -8.79
C TYR A 246 22.42 -45.40 -9.78
N TYR A 247 22.90 -44.68 -10.79
CA TYR A 247 22.04 -44.20 -11.86
C TYR A 247 22.11 -45.15 -13.05
N GLU A 248 21.00 -45.83 -13.34
CA GLU A 248 21.01 -46.88 -14.35
C GLU A 248 19.84 -46.68 -15.32
N GLY A 249 19.99 -47.20 -16.53
CA GLY A 249 18.94 -47.10 -17.53
C GLY A 249 18.69 -48.39 -18.29
N GLY A 250 17.44 -48.86 -18.27
CA GLY A 250 17.11 -50.08 -18.97
C GLY A 250 15.87 -50.71 -18.35
N ALA A 251 15.80 -52.05 -18.46
CA ALA A 251 14.69 -52.78 -17.87
C ALA A 251 14.71 -52.68 -16.34
N VAL A 252 15.89 -52.37 -15.78
CA VAL A 252 15.97 -52.17 -14.33
C VAL A 252 15.14 -50.97 -13.90
N CYS A 253 14.98 -49.99 -14.80
CA CYS A 253 14.09 -48.87 -14.52
C CYS A 253 12.65 -49.34 -14.39
N THR A 254 12.22 -50.25 -15.27
CA THR A 254 10.87 -50.79 -15.18
C THR A 254 10.72 -51.66 -13.94
N HIS A 255 11.80 -52.33 -13.53
CA HIS A 255 11.73 -53.23 -12.39
C HIS A 255 11.46 -52.46 -11.10
N ALA A 256 11.00 -53.20 -10.08
CA ALA A 256 10.58 -52.57 -8.83
C ALA A 256 11.76 -51.97 -8.07
N ARG A 257 12.99 -52.32 -8.45
CA ARG A 257 14.16 -51.76 -7.78
C ARG A 257 14.26 -50.25 -8.01
N SER A 258 13.61 -49.75 -9.06
CA SER A 258 13.67 -48.32 -9.35
C SER A 258 12.62 -47.55 -8.57
N LEU A 259 11.67 -48.25 -7.96
CA LEU A 259 10.65 -47.61 -7.15
C LEU A 259 11.28 -46.95 -5.92
N TRP A 260 10.82 -45.75 -5.58
CA TRP A 260 11.27 -45.10 -4.35
C TRP A 260 10.08 -44.40 -3.70
N ARG A 261 10.14 -44.22 -2.39
CA ARG A 261 9.03 -43.71 -1.61
C ARG A 261 9.48 -42.56 -0.73
N LEU A 262 8.58 -41.61 -0.48
CA LEU A 262 8.84 -40.42 0.30
C LEU A 262 7.98 -40.42 1.55
N GLU A 263 8.59 -40.11 2.69
CA GLU A 263 7.88 -40.05 3.96
C GLU A 263 8.11 -38.71 4.62
N PRO A 264 7.08 -37.89 4.82
CA PRO A 264 7.26 -36.66 5.59
C PRO A 264 7.58 -36.96 7.05
N LEU A 265 8.36 -36.06 7.65
CA LEU A 265 8.72 -36.23 9.06
C LEU A 265 7.49 -36.18 9.96
N ARG A 266 6.55 -35.27 9.67
CA ARG A 266 5.31 -35.22 10.41
C ARG A 266 4.51 -36.51 10.19
N ILE A 267 4.04 -37.10 11.27
CA ILE A 267 3.37 -38.40 11.17
C ILE A 267 2.00 -38.25 10.51
N SER A 268 1.27 -37.20 10.86
CA SER A 268 -0.08 -37.02 10.32
C SER A 268 -0.05 -36.16 9.07
N TRP A 269 -1.06 -36.34 8.22
CA TRP A 269 -1.21 -35.59 6.97
C TRP A 269 0.04 -35.73 6.09
N SER A 270 0.60 -36.94 6.07
CA SER A 270 1.73 -37.21 5.18
C SER A 270 1.31 -37.12 3.71
N GLY A 271 0.09 -37.55 3.41
CA GLY A 271 -0.42 -37.53 2.06
C GLY A 271 -0.85 -36.16 1.59
N SER A 272 -0.64 -35.13 2.40
CA SER A 272 -0.86 -33.76 1.94
C SER A 272 0.06 -33.43 0.78
N HIS A 273 -0.30 -32.39 0.02
CA HIS A 273 0.51 -31.98 -1.10
C HIS A 273 1.92 -31.63 -0.65
N LEU A 274 2.91 -32.13 -1.41
CA LEU A 274 4.30 -31.79 -1.13
C LEU A 274 4.52 -30.31 -1.31
N ARG A 275 5.39 -29.74 -0.49
CA ARG A 275 5.75 -28.32 -0.55
C ARG A 275 7.24 -28.20 -0.82
N TRP A 276 7.62 -27.18 -1.59
CA TRP A 276 9.01 -27.00 -1.97
C TRP A 276 9.90 -26.84 -0.74
N GLY A 277 10.90 -27.70 -0.63
CA GLY A 277 11.84 -27.67 0.47
C GLY A 277 11.33 -28.28 1.77
N GLN A 278 10.27 -29.07 1.73
CA GLN A 278 9.73 -29.65 2.94
C GLN A 278 10.66 -30.75 3.46
N PRO A 279 10.96 -30.78 4.76
CA PRO A 279 11.79 -31.87 5.29
C PRO A 279 11.10 -33.22 5.13
N LEU A 280 11.87 -34.23 4.74
CA LEU A 280 11.32 -35.52 4.37
C LEU A 280 12.42 -36.58 4.37
N ARG A 281 11.99 -37.84 4.28
CA ARG A 281 12.89 -38.99 4.27
C ARG A 281 12.61 -39.81 3.01
N ILE A 282 13.63 -40.49 2.51
CA ILE A 282 13.53 -41.29 1.29
C ILE A 282 13.79 -42.75 1.67
N ARG A 283 12.90 -43.63 1.22
CA ARG A 283 12.98 -45.06 1.53
C ARG A 283 12.79 -45.86 0.25
N HIS A 284 13.61 -46.90 0.08
CA HIS A 284 13.38 -47.82 -1.03
C HIS A 284 12.38 -48.88 -0.60
N VAL A 285 11.34 -49.06 -1.41
CA VAL A 285 10.19 -49.86 -0.98
C VAL A 285 10.56 -51.33 -0.82
N THR A 286 11.32 -51.89 -1.78
CA THR A 286 11.65 -53.31 -1.70
C THR A 286 12.70 -53.58 -0.64
N THR A 287 13.72 -52.72 -0.55
CA THR A 287 14.75 -52.91 0.47
C THR A 287 14.22 -52.62 1.86
N GLY A 288 13.38 -51.59 1.98
CA GLY A 288 12.94 -51.12 3.28
C GLY A 288 13.91 -50.19 3.97
N ARG A 289 15.05 -49.91 3.36
CA ARG A 289 16.06 -49.06 3.99
C ARG A 289 15.83 -47.61 3.61
N TYR A 290 16.27 -46.72 4.49
CA TYR A 290 16.14 -45.27 4.31
C TYR A 290 17.44 -44.72 3.75
N LEU A 291 17.37 -44.07 2.59
CA LEU A 291 18.55 -43.49 1.99
C LEU A 291 18.96 -42.22 2.73
N ALA A 292 20.24 -42.12 3.05
CA ALA A 292 20.77 -40.97 3.79
C ALA A 292 22.26 -40.87 3.60
N LEU A 293 22.79 -39.67 3.87
CA LEU A 293 24.23 -39.48 3.92
C LEU A 293 24.77 -39.91 5.28
N THR A 294 25.77 -40.78 5.25
CA THR A 294 26.38 -41.30 6.47
C THR A 294 27.80 -40.76 6.57
N GLU A 295 28.17 -40.30 7.77
CA GLU A 295 29.47 -39.64 7.95
C GLU A 295 30.62 -40.60 7.67
N ASP A 296 30.45 -41.89 8.00
CA ASP A 296 31.54 -42.85 7.86
C ASP A 296 31.90 -43.06 6.39
N GLN A 297 30.91 -43.18 5.51
CA GLN A 297 31.15 -43.46 4.11
C GLN A 297 30.57 -42.41 3.17
N GLY A 298 29.34 -41.95 3.43
CA GLY A 298 28.68 -41.09 2.46
C GLY A 298 27.23 -41.50 2.31
N LEU A 299 26.75 -41.55 1.07
CA LEU A 299 25.35 -41.87 0.83
C LEU A 299 25.16 -43.36 0.61
N VAL A 300 24.45 -44.00 1.53
CA VAL A 300 24.03 -45.39 1.40
C VAL A 300 22.60 -45.49 1.94
N VAL A 301 21.95 -46.62 1.67
CA VAL A 301 20.66 -46.92 2.25
C VAL A 301 20.89 -47.72 3.53
N VAL A 302 20.28 -47.28 4.62
CA VAL A 302 20.48 -47.87 5.94
C VAL A 302 19.15 -48.25 6.53
N ASP A 303 19.20 -49.17 7.51
CA ASP A 303 17.99 -49.65 8.16
C ASP A 303 17.35 -48.55 9.00
N ALA A 304 16.07 -48.76 9.32
CA ALA A 304 15.33 -47.80 10.13
C ALA A 304 15.98 -47.61 11.49
N CYS A 305 16.48 -48.70 12.09
CA CYS A 305 17.17 -48.60 13.36
C CYS A 305 18.46 -47.80 13.23
N LYS A 306 19.18 -47.97 12.12
CA LYS A 306 20.44 -47.28 11.94
C LYS A 306 20.24 -45.79 11.66
N ALA A 307 19.11 -45.44 11.03
CA ALA A 307 18.88 -44.05 10.68
C ALA A 307 18.68 -43.19 11.91
N HIS A 308 19.20 -41.96 11.86
CA HIS A 308 19.07 -41.00 12.95
C HIS A 308 18.01 -39.92 12.69
N THR A 309 17.38 -39.93 11.52
CA THR A 309 16.34 -38.99 11.12
C THR A 309 16.94 -37.61 10.86
N LYS A 310 18.21 -37.44 11.22
CA LYS A 310 18.90 -36.19 10.88
C LYS A 310 19.61 -36.33 9.55
N ALA A 311 20.01 -37.55 9.17
CA ALA A 311 20.63 -37.77 7.89
C ALA A 311 19.59 -38.11 6.82
N THR A 312 18.54 -38.82 7.20
CA THR A 312 17.47 -39.14 6.25
C THR A 312 16.66 -37.90 5.91
N SER A 313 16.74 -36.86 6.74
CA SER A 313 15.98 -35.65 6.50
C SER A 313 16.49 -34.94 5.25
N PHE A 314 15.59 -34.82 4.26
CA PHE A 314 15.91 -34.18 3.00
C PHE A 314 14.82 -33.15 2.69
N CYS A 315 15.15 -32.20 1.83
CA CYS A 315 14.19 -31.23 1.35
C CYS A 315 14.09 -31.31 -0.17
N PHE A 316 13.02 -30.76 -0.72
CA PHE A 316 12.58 -31.06 -2.08
C PHE A 316 12.23 -29.75 -2.77
N ARG A 317 13.14 -29.24 -3.59
CA ARG A 317 13.09 -27.87 -4.05
C ARG A 317 13.07 -27.83 -5.57
N VAL A 318 12.83 -26.66 -6.16
CA VAL A 318 12.81 -26.54 -7.61
C VAL A 318 13.97 -25.65 -8.09
N SER A 319 14.48 -24.80 -7.21
CA SER A 319 15.50 -23.82 -7.56
C SER A 319 16.85 -24.27 -7.05
N LYS A 320 17.88 -24.09 -7.88
CA LYS A 320 19.24 -24.41 -7.46
C LYS A 320 19.68 -23.52 -6.30
N GLU A 321 19.26 -22.25 -6.32
CA GLU A 321 19.59 -21.34 -5.23
C GLU A 321 18.81 -21.71 -3.97
N LYS A 322 19.43 -21.49 -2.82
CA LYS A 322 18.83 -21.76 -1.52
C LYS A 322 18.55 -20.43 -0.83
N LEU A 323 17.31 -20.24 -0.39
CA LEU A 323 16.95 -18.99 0.27
C LEU A 323 16.83 -19.15 1.77
N ASP A 324 16.08 -20.15 2.24
CA ASP A 324 15.85 -20.49 3.64
C ASP A 324 15.33 -19.30 4.44
N THR A 325 14.75 -18.28 3.80
CA THR A 325 14.38 -17.06 4.52
C THR A 325 13.21 -17.29 5.45
N ALA A 326 12.14 -17.92 4.95
CA ALA A 326 10.91 -18.05 5.72
C ALA A 326 10.51 -19.52 5.82
N PRO A 327 10.45 -20.07 7.03
CA PRO A 327 9.95 -21.45 7.17
C PRO A 327 8.48 -21.53 6.80
N LYS A 328 8.10 -22.68 6.24
CA LYS A 328 6.70 -22.87 5.85
C LYS A 328 5.86 -23.26 7.06
N ARG A 329 4.67 -22.67 7.16
CA ARG A 329 3.76 -22.99 8.24
C ARG A 329 3.15 -24.38 8.04
N ASP A 330 3.18 -25.19 9.10
CA ASP A 330 2.56 -26.51 9.03
C ASP A 330 1.08 -26.39 9.33
N VAL A 331 0.26 -26.93 8.42
CA VAL A 331 -1.19 -26.87 8.55
C VAL A 331 -1.77 -28.25 8.27
N GLU A 332 -2.74 -28.64 9.09
CA GLU A 332 -3.47 -29.88 8.83
C GLU A 332 -4.33 -29.73 7.59
N GLY A 333 -4.57 -30.85 6.92
CA GLY A 333 -5.32 -30.84 5.69
C GLY A 333 -4.45 -31.11 4.48
N MET A 334 -5.10 -31.01 3.31
CA MET A 334 -4.38 -31.24 2.06
C MET A 334 -3.30 -30.20 1.83
N GLY A 335 -3.61 -28.94 2.13
CA GLY A 335 -2.63 -27.88 2.00
C GLY A 335 -2.47 -27.40 0.57
N PRO A 336 -1.77 -26.28 0.39
CA PRO A 336 -1.53 -25.79 -0.97
C PRO A 336 -0.66 -26.76 -1.74
N PRO A 337 -0.92 -26.93 -3.03
CA PRO A 337 -0.11 -27.86 -3.84
C PRO A 337 1.10 -27.19 -4.49
N GLU A 338 2.29 -27.73 -4.30
CA GLU A 338 3.49 -27.14 -4.91
C GLU A 338 4.02 -27.97 -6.06
N ILE A 339 4.36 -29.23 -5.81
CA ILE A 339 5.12 -30.07 -6.74
C ILE A 339 4.15 -30.94 -7.52
N LYS A 340 4.22 -30.86 -8.85
CA LYS A 340 3.38 -31.63 -9.76
C LYS A 340 3.83 -33.09 -9.78
N TYR A 341 2.86 -34.00 -9.83
CA TYR A 341 3.17 -35.43 -9.82
C TYR A 341 3.10 -36.00 -11.23
N GLY A 342 4.23 -35.97 -11.92
CA GLY A 342 4.30 -36.46 -13.29
C GLY A 342 4.69 -35.43 -14.33
N GLU A 343 4.71 -34.14 -13.97
CA GLU A 343 5.13 -33.10 -14.91
C GLU A 343 6.18 -32.16 -14.34
N SER A 344 6.42 -32.18 -13.03
CA SER A 344 7.35 -31.24 -12.42
C SER A 344 8.79 -31.71 -12.58
N LEU A 345 9.70 -30.74 -12.66
CA LEU A 345 11.13 -30.98 -12.67
C LEU A 345 11.69 -30.51 -11.33
N CYS A 346 12.37 -31.40 -10.61
CA CYS A 346 12.62 -31.20 -9.19
C CYS A 346 14.09 -31.43 -8.84
N PHE A 347 14.64 -30.53 -8.02
CA PHE A 347 15.91 -30.76 -7.36
C PHE A 347 15.68 -31.39 -5.98
N VAL A 348 16.60 -32.26 -5.57
CA VAL A 348 16.58 -32.90 -4.27
C VAL A 348 17.78 -32.41 -3.48
N GLN A 349 17.55 -31.95 -2.25
CA GLN A 349 18.59 -31.35 -1.41
C GLN A 349 18.63 -32.08 -0.07
N HIS A 350 19.82 -32.13 0.54
CA HIS A 350 19.94 -32.80 1.82
C HIS A 350 20.04 -31.78 2.95
N VAL A 351 19.22 -31.97 3.99
CA VAL A 351 19.14 -30.99 5.07
C VAL A 351 20.45 -30.96 5.87
N ALA A 352 20.93 -32.14 6.27
CA ALA A 352 22.07 -32.19 7.18
C ALA A 352 23.35 -31.71 6.51
N SER A 353 23.65 -32.24 5.32
CA SER A 353 24.90 -31.86 4.65
C SER A 353 24.83 -30.47 4.07
N GLY A 354 23.69 -30.10 3.50
CA GLY A 354 23.59 -28.86 2.75
C GLY A 354 24.20 -28.92 1.38
N LEU A 355 24.60 -30.10 0.90
CA LEU A 355 25.21 -30.24 -0.40
C LEU A 355 24.15 -30.62 -1.44
N TRP A 356 24.56 -30.69 -2.70
CA TRP A 356 23.66 -30.95 -3.81
C TRP A 356 23.76 -32.41 -4.24
N LEU A 357 22.61 -33.08 -4.31
CA LEU A 357 22.59 -34.45 -4.80
C LEU A 357 22.83 -34.48 -6.30
N THR A 358 23.99 -34.97 -6.71
CA THR A 358 24.37 -34.93 -8.11
C THR A 358 24.81 -36.32 -8.56
N TYR A 359 25.02 -36.45 -9.87
CA TYR A 359 25.57 -37.69 -10.40
C TYR A 359 27.09 -37.58 -10.50
N ALA A 360 27.77 -38.69 -10.23
CA ALA A 360 29.23 -38.67 -10.11
C ALA A 360 29.89 -38.51 -11.48
N ALA A 361 29.11 -38.63 -12.56
CA ALA A 361 29.57 -38.57 -13.95
C ALA A 361 30.36 -39.82 -14.27
N PRO A 362 30.57 -40.16 -15.55
CA PRO A 362 31.35 -41.36 -15.87
C PRO A 362 32.82 -41.16 -15.51
N ASP A 363 33.27 -41.85 -14.47
CA ASP A 363 34.67 -41.79 -14.07
C ASP A 363 35.53 -42.54 -15.08
N PRO A 364 36.84 -42.27 -15.10
CA PRO A 364 37.71 -42.97 -16.05
C PRO A 364 37.67 -44.48 -15.87
N LYS A 365 37.81 -45.19 -16.98
CA LYS A 365 37.84 -46.66 -17.11
C LYS A 365 36.43 -47.25 -16.97
N ALA A 366 35.44 -46.45 -16.58
CA ALA A 366 34.06 -46.91 -16.63
C ALA A 366 33.61 -47.11 -18.07
N LEU A 367 34.13 -46.29 -18.99
CA LEU A 367 33.87 -46.51 -20.41
C LEU A 367 34.42 -47.85 -20.88
N ARG A 368 35.61 -48.21 -20.40
CA ARG A 368 36.19 -49.50 -20.75
C ARG A 368 35.36 -50.65 -20.17
N LEU A 369 34.88 -50.49 -18.93
CA LEU A 369 34.00 -51.50 -18.35
C LEU A 369 32.71 -51.61 -19.15
N GLY A 370 32.23 -50.51 -19.69
CA GLY A 370 31.00 -50.51 -20.45
C GLY A 370 29.74 -50.49 -19.61
N VAL A 371 29.86 -50.41 -18.29
CA VAL A 371 28.68 -50.40 -17.44
C VAL A 371 28.03 -49.02 -17.47
N LEU A 372 26.74 -49.00 -17.82
CA LEU A 372 25.97 -47.77 -17.83
C LEU A 372 25.39 -47.43 -16.45
N LYS A 373 25.65 -48.27 -15.45
CA LYS A 373 25.22 -48.04 -14.08
C LYS A 373 26.27 -47.20 -13.37
N LYS A 374 25.89 -45.97 -12.98
CA LYS A 374 26.83 -44.97 -12.50
C LYS A 374 26.40 -44.44 -11.14
N LYS A 375 27.38 -44.13 -10.29
CA LYS A 375 27.12 -43.76 -8.91
C LYS A 375 26.62 -42.34 -8.78
N ALA A 376 25.78 -42.11 -7.76
CA ALA A 376 25.40 -40.77 -7.35
C ALA A 376 26.26 -40.31 -6.18
N ILE A 377 26.59 -39.02 -6.15
CA ILE A 377 27.37 -38.43 -5.08
C ILE A 377 26.66 -37.19 -4.56
N LEU A 378 27.22 -36.62 -3.50
CA LEU A 378 26.64 -35.46 -2.82
C LEU A 378 27.72 -34.37 -2.73
N HIS A 379 27.51 -33.28 -3.47
CA HIS A 379 28.47 -32.19 -3.57
C HIS A 379 27.72 -30.89 -3.82
N GLN A 380 28.16 -29.81 -3.17
CA GLN A 380 27.43 -28.56 -3.26
C GLN A 380 27.47 -27.97 -4.67
N GLU A 381 28.57 -28.19 -5.38
CA GLU A 381 28.66 -27.67 -6.76
C GLU A 381 27.64 -28.33 -7.66
N GLY A 382 27.49 -29.65 -7.57
CA GLY A 382 26.51 -30.35 -8.36
C GLY A 382 26.85 -30.36 -9.84
N HIS A 383 25.86 -30.71 -10.65
CA HIS A 383 26.00 -30.78 -12.09
C HIS A 383 24.81 -30.11 -12.76
N MET A 384 24.91 -29.97 -14.08
CA MET A 384 23.90 -29.23 -14.84
C MET A 384 22.55 -29.92 -14.77
N ASP A 385 22.53 -31.25 -14.89
CA ASP A 385 21.30 -32.02 -14.95
C ASP A 385 20.88 -32.56 -13.58
N ASP A 386 21.18 -31.82 -12.51
CA ASP A 386 20.86 -32.30 -11.17
C ASP A 386 19.35 -32.33 -10.93
N ALA A 387 18.58 -31.64 -11.78
CA ALA A 387 17.14 -31.64 -11.63
C ALA A 387 16.56 -32.99 -12.02
N LEU A 388 15.59 -33.46 -11.24
CA LEU A 388 14.99 -34.78 -11.44
C LEU A 388 13.57 -34.62 -11.95
N PHE A 389 13.14 -35.53 -12.80
CA PHE A 389 11.75 -35.60 -13.21
C PHE A 389 11.11 -36.82 -12.57
N LEU A 390 9.99 -36.62 -11.89
CA LEU A 390 9.34 -37.68 -11.13
C LEU A 390 8.15 -38.20 -11.92
N THR A 391 7.99 -39.51 -11.94
CA THR A 391 6.97 -40.17 -12.76
C THR A 391 6.22 -41.21 -11.94
N ARG A 392 5.00 -41.52 -12.39
CA ARG A 392 4.08 -42.35 -11.65
C ARG A 392 4.49 -43.82 -11.67
N CYS A 393 3.94 -44.58 -10.73
CA CYS A 393 4.03 -46.03 -10.72
C CYS A 393 2.64 -46.59 -10.43
N GLN A 394 2.37 -47.79 -10.94
CA GLN A 394 1.05 -48.39 -10.74
C GLN A 394 0.92 -48.94 -9.33
N GLN A 395 -0.30 -48.87 -8.79
CA GLN A 395 -0.58 -49.40 -7.46
C GLN A 395 -0.32 -50.90 -7.41
N GLU A 396 -0.55 -51.60 -8.52
CA GLU A 396 -0.20 -53.01 -8.60
C GLU A 396 1.29 -53.21 -8.37
N GLU A 397 2.12 -52.39 -9.01
CA GLU A 397 3.56 -52.48 -8.83
C GLU A 397 3.96 -52.13 -7.40
N SER A 398 3.31 -51.12 -6.81
CA SER A 398 3.63 -50.75 -5.43
C SER A 398 3.29 -51.88 -4.47
N GLN A 399 2.12 -52.50 -4.62
CA GLN A 399 1.74 -53.62 -3.78
C GLN A 399 2.69 -54.80 -3.97
N ALA A 400 3.09 -55.05 -5.22
CA ALA A 400 4.05 -56.11 -5.49
C ALA A 400 5.37 -55.83 -4.78
N ALA A 401 5.84 -54.59 -4.82
CA ALA A 401 7.10 -54.25 -4.14
C ALA A 401 6.97 -54.45 -2.63
N ARG A 402 5.85 -54.01 -2.05
CA ARG A 402 5.68 -54.16 -0.60
C ARG A 402 5.64 -55.63 -0.20
N MET A 403 4.90 -56.45 -0.95
CA MET A 403 4.85 -57.87 -0.63
C MET A 403 6.20 -58.54 -0.83
N ILE A 404 6.97 -58.09 -1.83
CA ILE A 404 8.34 -58.59 -1.98
C ILE A 404 9.16 -58.26 -0.74
N HIS A 405 9.05 -57.01 -0.26
CA HIS A 405 9.85 -56.57 0.87
C HIS A 405 9.53 -57.38 2.12
N SER A 406 8.26 -57.67 2.35
CA SER A 406 7.90 -58.47 3.52
C SER A 406 8.27 -59.94 3.35
N THR A 407 8.01 -60.49 2.16
CA THR A 407 8.23 -61.92 1.90
C THR A 407 9.70 -62.27 1.99
N ALA A 408 10.58 -61.41 1.45
CA ALA A 408 12.01 -61.67 1.52
C ALA A 408 12.47 -61.83 2.96
N GLY A 409 12.08 -60.90 3.83
CA GLY A 409 12.46 -61.00 5.22
C GLY A 409 11.89 -62.23 5.92
N LEU A 410 10.62 -62.54 5.64
CA LEU A 410 10.01 -63.68 6.29
C LEU A 410 10.72 -64.99 5.92
N TYR A 411 10.90 -65.21 4.62
CA TYR A 411 11.55 -66.46 4.21
C TYR A 411 13.04 -66.46 4.54
N ASN A 412 13.64 -65.28 4.66
CA ASN A 412 15.02 -65.23 5.16
C ASN A 412 15.11 -65.70 6.59
N GLN A 413 14.18 -65.25 7.44
CA GLN A 413 14.12 -65.76 8.80
C GLN A 413 13.91 -67.27 8.81
N PHE A 414 13.06 -67.76 7.90
CA PHE A 414 12.81 -69.20 7.82
C PHE A 414 14.08 -69.96 7.44
N ILE A 415 14.86 -69.42 6.50
CA ILE A 415 16.09 -70.08 6.07
C ILE A 415 17.14 -70.05 7.18
N LYS A 416 17.25 -68.93 7.90
CA LYS A 416 18.19 -68.87 9.00
C LYS A 416 17.81 -69.86 10.11
N GLY A 417 16.51 -70.03 10.36
CA GLY A 417 16.10 -71.07 11.30
C GLY A 417 16.45 -72.47 10.80
N LEU A 418 16.26 -72.71 9.50
CA LEU A 418 16.70 -73.97 8.90
C LEU A 418 18.17 -74.22 9.17
N ASP A 419 19.01 -73.22 8.92
CA ASP A 419 20.44 -73.36 9.19
C ASP A 419 20.71 -73.59 10.67
N SER A 420 19.94 -72.92 11.53
CA SER A 420 20.13 -73.04 12.97
C SER A 420 19.91 -74.47 13.44
N PHE A 421 18.84 -75.11 12.98
CA PHE A 421 18.61 -76.49 13.44
C PHE A 421 19.18 -77.55 12.50
N SER A 422 19.85 -77.15 11.42
CA SER A 422 20.44 -78.15 10.52
C SER A 422 21.63 -78.84 11.16
N GLY A 423 22.45 -78.09 11.91
CA GLY A 423 23.72 -78.62 12.38
C GLY A 423 23.58 -79.81 13.30
N LYS A 424 22.70 -79.71 14.30
CA LYS A 424 22.58 -80.73 15.32
C LYS A 424 21.15 -81.26 15.39
N PRO A 425 20.95 -82.57 15.41
CA PRO A 425 19.60 -83.10 15.68
C PRO A 425 19.16 -82.74 17.10
N ARG A 426 17.92 -82.28 17.22
CA ARG A 426 17.40 -81.95 18.54
C ARG A 426 17.08 -83.21 19.33
N GLY A 427 16.77 -84.31 18.64
CA GLY A 427 16.53 -85.57 19.30
C GLY A 427 15.33 -85.50 20.24
N SER A 428 15.51 -85.99 21.46
CA SER A 428 14.48 -85.90 22.48
C SER A 428 14.69 -84.63 23.33
N GLY A 429 14.79 -83.51 22.63
CA GLY A 429 15.00 -82.23 23.26
C GLY A 429 14.41 -81.09 22.45
N PRO A 430 13.90 -80.07 23.13
CA PRO A 430 13.34 -78.92 22.43
C PRO A 430 14.42 -78.21 21.64
N PRO A 431 14.04 -77.50 20.55
CA PRO A 431 15.06 -76.80 19.76
C PRO A 431 15.80 -75.73 20.55
N ALA A 432 15.23 -75.25 21.65
CA ALA A 432 15.85 -74.25 22.51
C ALA A 432 16.10 -72.95 21.76
N GLY A 433 15.30 -72.69 20.73
CA GLY A 433 15.39 -71.49 19.96
C GLY A 433 14.04 -71.03 19.45
N PRO A 434 13.96 -69.81 18.94
CA PRO A 434 12.68 -69.32 18.40
C PRO A 434 12.22 -70.21 17.25
N ALA A 435 11.07 -70.85 17.45
CA ALA A 435 10.52 -71.73 16.43
C ALA A 435 10.15 -70.95 15.18
N LEU A 436 10.41 -71.55 14.03
CA LEU A 436 10.10 -70.89 12.77
C LEU A 436 8.58 -70.71 12.64
N PRO A 437 8.13 -69.58 12.10
CA PRO A 437 6.67 -69.33 12.01
C PRO A 437 6.03 -70.18 10.91
N ILE A 438 5.77 -71.44 11.25
CA ILE A 438 5.26 -72.38 10.26
C ILE A 438 3.90 -71.94 9.73
N GLU A 439 3.02 -71.48 10.62
CA GLU A 439 1.68 -71.05 10.19
C GLU A 439 1.74 -69.79 9.35
N ALA A 440 2.62 -68.84 9.72
CA ALA A 440 2.79 -67.65 8.90
C ALA A 440 3.32 -68.00 7.52
N VAL A 441 4.26 -68.95 7.47
CA VAL A 441 4.78 -69.42 6.18
C VAL A 441 3.66 -70.03 5.35
N ILE A 442 2.86 -70.91 5.96
CA ILE A 442 1.72 -71.53 5.29
C ILE A 442 0.83 -70.46 4.67
N LEU A 443 0.34 -69.53 5.50
CA LEU A 443 -0.54 -68.47 5.03
C LEU A 443 0.11 -67.67 3.91
N SER A 444 1.40 -67.38 4.04
CA SER A 444 2.10 -66.63 2.99
C SER A 444 2.08 -67.39 1.66
N LEU A 445 2.31 -68.71 1.69
CA LEU A 445 2.22 -69.47 0.45
C LEU A 445 0.83 -69.37 -0.19
N GLN A 446 -0.23 -69.77 0.51
CA GLN A 446 -1.52 -69.71 -0.19
C GLN A 446 -1.90 -68.28 -0.55
N ASP A 447 -1.40 -67.29 0.19
CA ASP A 447 -1.57 -65.91 -0.26
C ASP A 447 -0.87 -65.67 -1.60
N LEU A 448 0.33 -66.25 -1.77
CA LEU A 448 1.04 -66.03 -3.03
C LEU A 448 0.34 -66.72 -4.20
N ILE A 449 -0.12 -67.96 -4.02
CA ILE A 449 -0.87 -68.60 -5.11
C ILE A 449 -2.18 -67.85 -5.37
N GLY A 450 -2.82 -67.35 -4.31
CA GLY A 450 -4.00 -66.51 -4.49
C GLY A 450 -3.67 -65.20 -5.19
N TYR A 451 -2.41 -64.81 -5.15
CA TYR A 451 -1.96 -63.71 -6.00
C TYR A 451 -1.65 -64.20 -7.40
N PHE A 452 -1.42 -65.51 -7.54
CA PHE A 452 -0.96 -66.12 -8.78
C PHE A 452 -1.97 -67.07 -9.44
N GLU A 453 -3.27 -66.81 -9.36
CA GLU A 453 -4.20 -67.56 -10.21
C GLU A 453 -3.70 -67.64 -11.65
N PRO A 454 -3.94 -68.74 -12.35
CA PRO A 454 -4.03 -68.68 -13.80
C PRO A 454 -5.38 -68.13 -14.20
N PRO A 455 -5.46 -67.36 -15.29
CA PRO A 455 -6.75 -66.77 -15.68
C PRO A 455 -7.78 -67.84 -15.99
N SER A 456 -9.02 -67.59 -15.59
CA SER A 456 -10.10 -68.51 -15.90
C SER A 456 -10.41 -68.45 -17.39
N GLU A 457 -10.57 -69.62 -18.00
CA GLU A 457 -10.69 -69.69 -19.46
C GLU A 457 -12.01 -69.11 -19.93
N GLU A 458 -13.01 -69.04 -19.04
CA GLU A 458 -14.31 -68.53 -19.44
C GLU A 458 -14.28 -67.04 -19.73
N LEU A 459 -13.31 -66.33 -19.17
CA LEU A 459 -13.21 -64.89 -19.37
C LEU A 459 -12.97 -64.56 -20.83
N GLN A 460 -13.49 -63.41 -21.26
CA GLN A 460 -13.32 -62.97 -22.63
C GLN A 460 -11.86 -62.65 -22.91
N HIS A 461 -11.54 -62.53 -24.20
CA HIS A 461 -10.15 -62.43 -24.62
C HIS A 461 -9.49 -61.16 -24.09
N GLU A 462 -10.25 -60.06 -24.01
CA GLU A 462 -9.67 -58.79 -23.55
C GLU A 462 -9.16 -58.89 -22.13
N GLU A 463 -10.04 -59.20 -21.17
CA GLU A 463 -9.60 -59.27 -19.77
C GLU A 463 -8.67 -60.46 -19.56
N LYS A 464 -8.83 -61.52 -20.36
CA LYS A 464 -7.87 -62.62 -20.31
C LYS A 464 -6.46 -62.13 -20.60
N GLN A 465 -6.28 -61.42 -21.72
CA GLN A 465 -4.97 -60.87 -22.06
C GLN A 465 -4.49 -59.89 -21.01
N SER A 466 -5.41 -59.07 -20.48
CA SER A 466 -5.02 -58.09 -19.47
C SER A 466 -4.40 -58.77 -18.26
N LYS A 467 -5.11 -59.74 -17.68
CA LYS A 467 -4.59 -60.42 -16.51
C LYS A 467 -3.37 -61.26 -16.89
N LEU A 468 -3.29 -61.70 -18.15
CA LEU A 468 -2.12 -62.45 -18.59
C LEU A 468 -0.86 -61.60 -18.54
N ARG A 469 -0.87 -60.41 -19.16
CA ARG A 469 0.39 -59.66 -19.13
C ARG A 469 0.62 -59.03 -17.77
N SER A 470 -0.45 -58.82 -16.98
CA SER A 470 -0.23 -58.40 -15.60
C SER A 470 0.50 -59.48 -14.82
N LEU A 471 0.08 -60.74 -14.96
CA LEU A 471 0.74 -61.84 -14.28
C LEU A 471 2.17 -62.02 -14.76
N ARG A 472 2.40 -61.87 -16.07
CA ARG A 472 3.75 -61.94 -16.58
C ARG A 472 4.62 -60.82 -15.99
N ASN A 473 4.05 -59.62 -15.85
CA ASN A 473 4.79 -58.51 -15.28
C ASN A 473 5.16 -58.79 -13.82
N ARG A 474 4.20 -59.28 -13.04
CA ARG A 474 4.51 -59.62 -11.64
C ARG A 474 5.58 -60.71 -11.56
N GLN A 475 5.48 -61.73 -12.41
CA GLN A 475 6.48 -62.79 -12.40
C GLN A 475 7.86 -62.23 -12.76
N SER A 476 7.92 -61.32 -13.72
CA SER A 476 9.19 -60.72 -14.12
C SER A 476 9.82 -59.95 -12.96
N LEU A 477 9.04 -59.12 -12.27
CA LEU A 477 9.57 -58.43 -11.10
C LEU A 477 10.01 -59.42 -10.01
N PHE A 478 9.22 -60.46 -9.79
CA PHE A 478 9.52 -61.35 -8.68
C PHE A 478 10.79 -62.15 -8.94
N GLN A 479 11.04 -62.51 -10.20
CA GLN A 479 12.30 -63.16 -10.52
C GLN A 479 13.44 -62.13 -10.57
N GLU A 480 13.10 -60.86 -10.83
CA GLU A 480 14.13 -59.82 -10.86
C GLU A 480 14.73 -59.59 -9.48
N GLU A 481 13.87 -59.37 -8.47
CA GLU A 481 14.38 -59.37 -7.10
C GLU A 481 14.70 -60.77 -6.61
N GLY A 482 14.33 -61.79 -7.38
CA GLY A 482 14.88 -63.12 -7.19
C GLY A 482 14.40 -63.87 -5.97
N MET A 483 13.15 -63.68 -5.55
CA MET A 483 12.59 -64.54 -4.51
C MET A 483 12.45 -65.98 -4.99
N LEU A 484 12.51 -66.19 -6.30
CA LEU A 484 12.57 -67.55 -6.82
C LEU A 484 13.82 -68.26 -6.33
N SER A 485 14.96 -67.56 -6.32
CA SER A 485 16.18 -68.14 -5.76
C SER A 485 16.01 -68.46 -4.28
N LEU A 486 15.30 -67.59 -3.56
CA LEU A 486 15.02 -67.85 -2.15
C LEU A 486 14.16 -69.11 -2.00
N VAL A 487 13.18 -69.29 -2.89
CA VAL A 487 12.38 -70.51 -2.87
C VAL A 487 13.25 -71.73 -3.17
N LEU A 488 14.19 -71.59 -4.10
CA LEU A 488 15.11 -72.71 -4.37
C LEU A 488 15.91 -73.06 -3.13
N ASN A 489 16.41 -72.05 -2.41
CA ASN A 489 17.14 -72.31 -1.17
C ASN A 489 16.26 -73.02 -0.15
N CYS A 490 15.02 -72.55 0.02
CA CYS A 490 14.12 -73.20 0.96
C CYS A 490 13.86 -74.65 0.57
N ILE A 491 13.62 -74.89 -0.73
CA ILE A 491 13.36 -76.25 -1.21
C ILE A 491 14.55 -77.16 -0.94
N ASP A 492 15.76 -76.68 -1.24
CA ASP A 492 16.94 -77.51 -1.01
C ASP A 492 17.12 -77.81 0.48
N ARG A 493 16.97 -76.79 1.33
CA ARG A 493 17.21 -76.98 2.75
C ARG A 493 16.12 -77.85 3.39
N LEU A 494 14.94 -77.91 2.76
CA LEU A 494 13.92 -78.83 3.25
C LEU A 494 14.15 -80.24 2.75
N ASN A 495 14.61 -80.40 1.50
CA ASN A 495 14.70 -81.73 0.92
C ASN A 495 16.03 -82.41 1.26
N VAL A 496 16.96 -81.70 1.91
CA VAL A 496 18.09 -82.40 2.50
C VAL A 496 17.59 -83.41 3.53
N TYR A 497 16.43 -83.15 4.13
CA TYR A 497 15.79 -84.13 5.01
C TYR A 497 14.77 -84.94 4.21
N THR A 498 14.98 -86.25 4.14
CA THR A 498 14.18 -87.09 3.26
C THR A 498 12.73 -87.19 3.73
N THR A 499 12.52 -87.36 5.03
CA THR A 499 11.21 -87.68 5.58
C THR A 499 10.83 -86.61 6.58
N ALA A 500 9.52 -86.48 6.83
CA ALA A 500 9.05 -85.53 7.84
C ALA A 500 9.62 -85.86 9.21
N ALA A 501 9.66 -87.14 9.57
CA ALA A 501 10.28 -87.53 10.84
C ALA A 501 11.77 -87.24 10.86
N HIS A 502 12.44 -87.45 9.72
CA HIS A 502 13.87 -87.17 9.64
C HIS A 502 14.14 -85.68 9.84
N PHE A 503 13.29 -84.83 9.26
CA PHE A 503 13.32 -83.40 9.57
C PHE A 503 13.01 -83.15 11.03
N ALA A 504 12.12 -83.94 11.61
CA ALA A 504 11.67 -83.73 12.99
C ALA A 504 12.81 -83.94 13.99
N GLU A 505 13.63 -84.98 13.79
CA GLU A 505 14.69 -85.22 14.78
C GLU A 505 15.68 -84.06 14.81
N TYR A 506 15.67 -83.20 13.79
CA TYR A 506 16.59 -82.07 13.76
C TYR A 506 15.90 -80.78 14.17
N ALA A 507 14.62 -80.61 13.84
CA ALA A 507 13.96 -79.33 13.97
C ALA A 507 12.83 -79.29 14.99
N GLY A 508 12.15 -80.41 15.24
CA GLY A 508 11.01 -80.43 16.12
C GLY A 508 9.88 -81.28 15.58
N GLU A 509 9.09 -81.83 16.50
CA GLU A 509 8.03 -82.76 16.12
C GLU A 509 6.83 -82.00 15.55
N GLU A 510 6.58 -80.78 16.02
CA GLU A 510 5.40 -80.04 15.59
C GLU A 510 5.50 -79.64 14.12
N ALA A 511 6.72 -79.50 13.61
CA ALA A 511 6.89 -79.13 12.20
C ALA A 511 6.73 -80.35 11.30
N ALA A 512 6.85 -81.56 11.86
CA ALA A 512 6.80 -82.77 11.05
C ALA A 512 5.44 -82.94 10.38
N GLU A 513 4.36 -82.71 11.11
CA GLU A 513 3.03 -82.82 10.51
C GLU A 513 2.82 -81.76 9.43
N SER A 514 3.34 -80.56 9.66
CA SER A 514 3.19 -79.50 8.67
C SER A 514 4.11 -79.71 7.47
N TRP A 515 5.22 -80.44 7.68
CA TRP A 515 6.31 -80.48 6.70
C TRP A 515 5.85 -80.95 5.33
N LYS A 516 4.98 -81.96 5.28
CA LYS A 516 4.54 -82.50 4.00
C LYS A 516 3.81 -81.45 3.17
N GLU A 517 2.80 -80.81 3.75
CA GLU A 517 2.09 -79.79 2.98
C GLU A 517 2.95 -78.55 2.78
N ILE A 518 3.91 -78.31 3.66
CA ILE A 518 4.83 -77.19 3.45
C ILE A 518 5.61 -77.38 2.15
N VAL A 519 6.23 -78.55 1.99
CA VAL A 519 7.02 -78.78 0.78
C VAL A 519 6.12 -78.87 -0.45
N ASN A 520 4.95 -79.51 -0.31
CA ASN A 520 4.03 -79.60 -1.44
C ASN A 520 3.59 -78.23 -1.91
N LEU A 521 3.20 -77.36 -0.97
CA LEU A 521 2.73 -76.03 -1.33
C LEU A 521 3.87 -75.17 -1.84
N LEU A 522 5.10 -75.40 -1.35
CA LEU A 522 6.24 -74.66 -1.89
C LEU A 522 6.51 -75.03 -3.34
N TYR A 523 6.46 -76.32 -3.67
CA TYR A 523 6.59 -76.71 -5.08
C TYR A 523 5.44 -76.16 -5.92
N GLU A 524 4.22 -76.16 -5.38
CA GLU A 524 3.10 -75.58 -6.10
C GLU A 524 3.32 -74.09 -6.35
N LEU A 525 3.85 -73.38 -5.36
CA LEU A 525 4.14 -71.95 -5.51
C LEU A 525 5.20 -71.74 -6.59
N LEU A 526 6.24 -72.56 -6.59
CA LEU A 526 7.27 -72.42 -7.63
C LEU A 526 6.69 -72.68 -9.01
N ALA A 527 5.83 -73.69 -9.14
CA ALA A 527 5.18 -73.95 -10.42
C ALA A 527 4.33 -72.77 -10.85
N SER A 528 3.59 -72.19 -9.91
CA SER A 528 2.75 -71.03 -10.22
C SER A 528 3.59 -69.85 -10.67
N LEU A 529 4.75 -69.66 -10.05
CA LEU A 529 5.62 -68.55 -10.42
C LEU A 529 6.25 -68.76 -11.79
N ILE A 530 6.66 -69.98 -12.09
CA ILE A 530 7.47 -70.20 -13.30
C ILE A 530 6.60 -70.44 -14.52
N ARG A 531 5.35 -70.88 -14.32
CA ARG A 531 4.47 -71.16 -15.45
C ARG A 531 4.28 -69.91 -16.30
N GLY A 532 4.56 -70.05 -17.60
CA GLY A 532 4.49 -68.96 -18.53
C GLY A 532 5.46 -67.82 -18.28
N ASN A 533 6.65 -68.11 -17.76
CA ASN A 533 7.65 -67.07 -17.48
C ASN A 533 8.95 -67.39 -18.21
N ARG A 534 9.27 -66.57 -19.21
CA ARG A 534 10.49 -66.74 -20.00
C ARG A 534 11.73 -66.73 -19.11
N ALA A 535 11.79 -65.78 -18.17
CA ALA A 535 12.98 -65.67 -17.32
C ALA A 535 13.15 -66.89 -16.42
N ASN A 536 12.06 -67.37 -15.80
CA ASN A 536 12.17 -68.53 -14.93
C ASN A 536 12.55 -69.79 -15.72
N CYS A 537 11.95 -69.98 -16.89
CA CYS A 537 12.30 -71.14 -17.70
C CYS A 537 13.75 -71.04 -18.21
N ALA A 538 14.22 -69.82 -18.46
CA ALA A 538 15.63 -69.65 -18.78
C ALA A 538 16.52 -70.01 -17.60
N LEU A 539 16.09 -69.66 -16.38
CA LEU A 539 16.85 -70.05 -15.20
C LEU A 539 16.94 -71.56 -15.06
N PHE A 540 15.83 -72.26 -15.29
CA PHE A 540 15.88 -73.72 -15.27
C PHE A 540 16.70 -74.28 -16.43
N SER A 541 16.74 -73.56 -17.56
CA SER A 541 17.64 -73.94 -18.63
C SER A 541 19.09 -73.84 -18.19
N THR A 542 19.41 -72.83 -17.38
CA THR A 542 20.75 -72.77 -16.79
C THR A 542 21.00 -73.94 -15.84
N ASN A 543 20.05 -74.20 -14.93
CA ASN A 543 20.22 -75.28 -13.94
C ASN A 543 19.00 -76.22 -13.95
N LEU A 544 19.02 -77.19 -14.88
CA LEU A 544 17.99 -78.22 -14.92
C LEU A 544 18.26 -79.33 -13.90
N ASP A 545 19.54 -79.57 -13.58
CA ASP A 545 19.91 -80.74 -12.79
C ASP A 545 19.22 -80.72 -11.42
N TRP A 546 18.80 -79.54 -10.97
CA TRP A 546 18.05 -79.44 -9.72
C TRP A 546 16.76 -80.25 -9.79
N VAL A 547 15.94 -80.00 -10.81
CA VAL A 547 14.69 -80.72 -10.97
C VAL A 547 14.96 -82.18 -11.29
N VAL A 548 16.00 -82.45 -12.07
CA VAL A 548 16.34 -83.83 -12.42
C VAL A 548 16.68 -84.63 -11.17
N SER A 549 17.39 -84.00 -10.22
CA SER A 549 17.75 -84.70 -8.99
C SER A 549 16.53 -84.88 -8.08
N LYS A 550 15.70 -83.85 -7.95
CA LYS A 550 14.61 -83.95 -6.96
C LYS A 550 13.34 -84.55 -7.56
N LEU A 551 13.35 -84.94 -8.83
CA LEU A 551 12.17 -85.58 -9.40
C LEU A 551 11.89 -86.94 -8.75
N ASP A 552 12.95 -87.67 -8.39
CA ASP A 552 12.75 -89.02 -7.87
C ASP A 552 12.12 -89.00 -6.49
N ARG A 553 12.15 -87.85 -5.81
CA ARG A 553 11.61 -87.77 -4.46
C ARG A 553 10.11 -87.99 -4.46
N LEU A 554 9.63 -88.79 -3.50
CA LEU A 554 8.23 -89.21 -3.48
C LEU A 554 7.32 -88.13 -2.89
N GLU A 555 7.84 -87.34 -1.94
CA GLU A 555 6.97 -86.52 -1.11
C GLU A 555 6.16 -85.53 -1.93
N ALA A 556 6.73 -85.02 -3.02
CA ALA A 556 6.06 -84.03 -3.87
C ALA A 556 6.26 -84.39 -5.34
N SER A 557 6.01 -85.67 -5.66
CA SER A 557 6.20 -86.13 -7.03
C SER A 557 5.33 -85.35 -8.00
N SER A 558 4.04 -85.17 -7.66
CA SER A 558 3.14 -84.44 -8.55
C SER A 558 3.59 -83.00 -8.75
N GLY A 559 3.96 -82.32 -7.67
CA GLY A 559 4.39 -80.93 -7.81
C GLY A 559 5.66 -80.78 -8.63
N ILE A 560 6.66 -81.61 -8.36
CA ILE A 560 7.91 -81.54 -9.11
C ILE A 560 7.67 -81.89 -10.58
N LEU A 561 6.82 -82.89 -10.83
CA LEU A 561 6.51 -83.27 -12.21
C LEU A 561 5.81 -82.14 -12.94
N GLU A 562 4.88 -81.46 -12.27
CA GLU A 562 4.20 -80.34 -12.91
C GLU A 562 5.16 -79.18 -13.17
N VAL A 563 6.10 -78.95 -12.23
CA VAL A 563 7.15 -77.96 -12.45
C VAL A 563 7.92 -78.28 -13.72
N LEU A 564 8.39 -79.53 -13.84
CA LEU A 564 9.15 -79.93 -15.02
C LEU A 564 8.30 -79.83 -16.28
N TYR A 565 7.01 -80.16 -16.18
CA TYR A 565 6.11 -80.06 -17.32
C TYR A 565 6.00 -78.62 -17.82
N CYS A 566 5.79 -77.68 -16.90
CA CYS A 566 5.72 -76.28 -17.30
C CYS A 566 7.03 -75.79 -17.89
N VAL A 567 8.15 -76.16 -17.28
CA VAL A 567 9.45 -75.74 -17.80
C VAL A 567 9.67 -76.28 -19.21
N LEU A 568 9.37 -77.57 -19.42
CA LEU A 568 9.57 -78.17 -20.74
C LEU A 568 8.67 -77.52 -21.78
N ILE A 569 7.42 -77.24 -21.43
CA ILE A 569 6.52 -76.61 -22.39
C ILE A 569 7.01 -75.22 -22.77
N GLU A 570 7.32 -74.39 -21.78
CA GLU A 570 7.60 -72.99 -22.07
C GLU A 570 8.99 -72.81 -22.68
N SER A 571 9.96 -73.64 -22.27
CA SER A 571 11.35 -73.44 -22.64
C SER A 571 11.80 -74.47 -23.67
N PRO A 572 12.22 -74.06 -24.86
CA PRO A 572 12.88 -75.01 -25.77
C PRO A 572 14.33 -75.27 -25.42
N GLU A 573 14.97 -74.35 -24.70
CA GLU A 573 16.39 -74.48 -24.40
C GLU A 573 16.66 -75.67 -23.49
N VAL A 574 15.73 -75.95 -22.57
CA VAL A 574 15.88 -77.11 -21.69
C VAL A 574 15.93 -78.39 -22.51
N LEU A 575 15.12 -78.47 -23.57
CA LEU A 575 15.15 -79.67 -24.40
C LEU A 575 16.49 -79.82 -25.09
N ASN A 576 17.10 -78.70 -25.49
CA ASN A 576 18.45 -78.75 -26.07
C ASN A 576 19.46 -79.24 -25.05
N ILE A 577 19.36 -78.77 -23.81
CA ILE A 577 20.39 -79.12 -22.81
C ILE A 577 20.18 -80.53 -22.30
N ILE A 578 18.98 -81.10 -22.46
CA ILE A 578 18.74 -82.46 -21.97
C ILE A 578 19.64 -83.46 -22.67
N GLN A 579 20.24 -84.35 -21.89
CA GLN A 579 21.04 -85.45 -22.40
C GLN A 579 20.30 -86.77 -22.16
N GLU A 580 21.01 -87.87 -22.47
CA GLU A 580 20.42 -89.20 -22.35
C GLU A 580 20.06 -89.52 -20.89
N ASN A 581 20.91 -89.12 -19.96
CA ASN A 581 20.69 -89.46 -18.55
C ASN A 581 19.38 -88.88 -18.04
N HIS A 582 19.05 -87.66 -18.46
CA HIS A 582 17.80 -87.03 -18.02
C HIS A 582 16.58 -87.80 -18.54
N ILE A 583 16.62 -88.21 -19.80
CA ILE A 583 15.50 -88.97 -20.37
C ILE A 583 15.36 -90.31 -19.66
N LYS A 584 16.49 -90.98 -19.40
CA LYS A 584 16.43 -92.24 -18.65
C LYS A 584 15.88 -92.01 -17.24
N SER A 585 16.22 -90.88 -16.63
CA SER A 585 15.68 -90.56 -15.31
C SER A 585 14.17 -90.37 -15.35
N ILE A 586 13.66 -89.70 -16.39
CA ILE A 586 12.21 -89.53 -16.51
C ILE A 586 11.52 -90.87 -16.73
N ILE A 587 12.11 -91.73 -17.54
CA ILE A 587 11.52 -93.04 -17.77
C ILE A 587 11.53 -93.87 -16.49
N SER A 588 12.61 -93.78 -15.72
CA SER A 588 12.67 -94.44 -14.42
C SER A 588 11.63 -93.88 -13.47
N LEU A 589 11.37 -92.57 -13.55
CA LEU A 589 10.32 -91.96 -12.74
C LEU A 589 8.96 -92.55 -13.10
N LEU A 590 8.68 -92.68 -14.40
CA LEU A 590 7.40 -93.28 -14.79
C LEU A 590 7.32 -94.71 -14.29
N ASP A 591 8.42 -95.45 -14.38
CA ASP A 591 8.45 -96.82 -13.86
C ASP A 591 8.13 -96.86 -12.37
N LYS A 592 8.78 -95.99 -11.58
CA LYS A 592 8.67 -96.11 -10.13
C LYS A 592 7.34 -95.57 -9.61
N HIS A 593 6.79 -94.56 -10.28
CA HIS A 593 5.50 -94.00 -9.86
C HIS A 593 4.32 -94.54 -10.65
N GLY A 594 4.54 -95.50 -11.53
CA GLY A 594 3.44 -96.09 -12.27
C GLY A 594 3.03 -95.25 -13.46
N ARG A 595 2.01 -95.73 -14.15
CA ARG A 595 1.48 -95.04 -15.33
C ARG A 595 0.85 -93.72 -14.92
N ASN A 596 1.14 -92.66 -15.67
CA ASN A 596 0.63 -91.33 -15.37
C ASN A 596 0.46 -90.53 -16.65
N HIS A 597 -0.74 -89.98 -16.83
CA HIS A 597 -1.00 -89.11 -17.98
C HIS A 597 -0.10 -87.88 -17.94
N LYS A 598 0.15 -87.34 -16.75
CA LYS A 598 1.03 -86.18 -16.64
C LYS A 598 2.45 -86.51 -17.09
N VAL A 599 2.97 -87.66 -16.66
CA VAL A 599 4.33 -88.05 -17.05
C VAL A 599 4.40 -88.28 -18.55
N LEU A 600 3.40 -88.96 -19.11
CA LEU A 600 3.41 -89.23 -20.54
C LEU A 600 3.32 -87.93 -21.33
N ASP A 601 2.53 -86.96 -20.83
CA ASP A 601 2.46 -85.66 -21.48
C ASP A 601 3.79 -84.92 -21.36
N VAL A 602 4.50 -85.08 -20.25
CA VAL A 602 5.83 -84.51 -20.11
C VAL A 602 6.75 -85.07 -21.19
N LEU A 603 6.70 -86.38 -21.41
CA LEU A 603 7.53 -86.99 -22.45
C LEU A 603 7.12 -86.48 -23.83
N CYS A 604 5.81 -86.34 -24.07
CA CYS A 604 5.34 -85.79 -25.35
C CYS A 604 5.88 -84.39 -25.58
N SER A 605 5.83 -83.54 -24.55
CA SER A 605 6.34 -82.18 -24.67
C SER A 605 7.85 -82.19 -24.89
N LEU A 606 8.55 -83.13 -24.26
CA LEU A 606 9.99 -83.24 -24.46
C LEU A 606 10.30 -83.60 -25.91
N CYS A 607 9.41 -84.37 -26.55
CA CYS A 607 9.69 -84.82 -27.92
C CYS A 607 9.85 -83.65 -28.89
N VAL A 608 8.86 -82.75 -28.94
CA VAL A 608 8.81 -81.68 -29.94
C VAL A 608 8.50 -80.37 -29.23
N CYS A 609 8.99 -79.26 -29.78
CA CYS A 609 8.78 -77.93 -29.20
C CYS A 609 8.90 -76.87 -30.29
N ASN A 610 7.92 -75.95 -30.33
CA ASN A 610 7.89 -74.86 -31.30
C ASN A 610 8.04 -75.33 -32.74
N GLY A 611 7.44 -76.47 -33.06
CA GLY A 611 7.43 -76.96 -34.42
C GLY A 611 8.79 -77.37 -34.96
N VAL A 612 9.81 -77.43 -34.12
CA VAL A 612 11.14 -77.89 -34.50
C VAL A 612 11.50 -79.06 -33.61
N ALA A 613 12.04 -80.12 -34.21
CA ALA A 613 12.26 -81.38 -33.51
C ALA A 613 13.75 -81.60 -33.31
N VAL A 614 14.10 -82.21 -32.19
CA VAL A 614 15.48 -82.63 -31.93
C VAL A 614 15.57 -84.13 -32.21
N ARG A 615 16.19 -84.48 -33.33
CA ARG A 615 16.25 -85.88 -33.74
C ARG A 615 17.03 -86.71 -32.74
N SER A 616 18.08 -86.14 -32.14
CA SER A 616 18.82 -86.87 -31.12
C SER A 616 17.92 -87.19 -29.92
N ASN A 617 17.15 -86.21 -29.46
CA ASN A 617 16.23 -86.46 -28.34
C ASN A 617 15.18 -87.51 -28.70
N GLN A 618 14.63 -87.42 -29.91
CA GLN A 618 13.63 -88.41 -30.33
C GLN A 618 14.24 -89.80 -30.38
N ASP A 619 15.46 -89.92 -30.92
CA ASP A 619 16.13 -91.21 -31.00
C ASP A 619 16.42 -91.78 -29.62
N LEU A 620 16.86 -90.93 -28.69
CA LEU A 620 17.09 -91.40 -27.32
C LEU A 620 15.81 -91.88 -26.68
N ILE A 621 14.72 -91.11 -26.84
CA ILE A 621 13.43 -91.53 -26.29
C ILE A 621 13.03 -92.88 -26.87
N THR A 622 13.13 -93.03 -28.19
CA THR A 622 12.79 -94.29 -28.82
C THR A 622 13.62 -95.45 -28.27
N GLU A 623 14.94 -95.31 -28.31
CA GLU A 623 15.83 -96.41 -27.94
C GLU A 623 15.66 -96.79 -26.48
N ASN A 624 15.37 -95.82 -25.62
CA ASN A 624 15.23 -96.09 -24.20
C ASN A 624 13.87 -96.69 -23.84
N LEU A 625 12.79 -96.20 -24.45
CA LEU A 625 11.45 -96.63 -24.02
C LEU A 625 10.90 -97.74 -24.89
N LEU A 626 10.81 -97.53 -26.21
CA LEU A 626 9.97 -98.38 -27.04
C LEU A 626 10.40 -99.84 -27.14
N PRO A 627 11.68 -100.20 -27.32
CA PRO A 627 11.99 -101.60 -27.66
C PRO A 627 11.60 -102.61 -26.59
N GLY A 628 11.44 -102.17 -25.34
CA GLY A 628 11.07 -103.10 -24.29
C GLY A 628 9.64 -103.61 -24.43
N ARG A 629 8.69 -102.70 -24.66
CA ARG A 629 7.25 -102.91 -24.77
C ARG A 629 6.61 -103.27 -23.42
N GLU A 630 7.38 -103.46 -22.35
CA GLU A 630 6.77 -103.88 -21.09
C GLU A 630 5.96 -102.75 -20.47
N LEU A 631 6.48 -101.53 -20.55
CA LEU A 631 5.89 -100.41 -19.82
C LEU A 631 4.54 -100.01 -20.39
N LEU A 632 4.41 -100.00 -21.71
CA LEU A 632 3.23 -99.47 -22.39
C LEU A 632 2.49 -100.62 -23.07
N LEU A 633 1.16 -100.54 -23.08
CA LEU A 633 0.36 -101.62 -23.64
C LEU A 633 0.62 -101.77 -25.13
N GLN A 634 0.71 -103.03 -25.57
CA GLN A 634 0.95 -103.34 -26.97
C GLN A 634 -0.21 -104.18 -27.49
N THR A 635 -0.50 -104.04 -28.78
CA THR A 635 -1.65 -104.70 -29.41
C THR A 635 -1.16 -105.81 -30.34
N ASN A 636 -2.04 -106.76 -30.62
CA ASN A 636 -1.80 -107.78 -31.64
C ASN A 636 -3.15 -108.30 -32.15
N LEU A 637 -3.31 -108.32 -33.47
CA LEU A 637 -4.50 -108.89 -34.07
C LEU A 637 -4.51 -110.40 -33.85
N ILE A 638 -5.52 -110.88 -33.13
CA ILE A 638 -5.63 -112.28 -32.76
C ILE A 638 -6.96 -112.83 -33.23
N ASN A 639 -6.92 -114.00 -33.86
CA ASN A 639 -8.14 -114.67 -34.28
C ASN A 639 -8.88 -115.24 -33.07
N TYR A 640 -10.20 -115.23 -33.14
CA TYR A 640 -11.01 -115.81 -32.08
C TYR A 640 -10.82 -117.32 -32.02
N VAL A 641 -10.85 -117.86 -30.81
CA VAL A 641 -10.64 -119.29 -30.56
C VAL A 641 -11.89 -119.84 -29.90
N THR A 642 -12.44 -120.92 -30.46
CA THR A 642 -13.68 -121.47 -29.96
C THR A 642 -13.52 -122.96 -29.69
N SER A 643 -14.06 -123.40 -28.55
CA SER A 643 -13.91 -124.78 -28.09
C SER A 643 -15.26 -125.46 -28.10
N ILE A 644 -15.24 -126.78 -28.30
CA ILE A 644 -16.43 -127.62 -28.26
C ILE A 644 -16.07 -128.96 -27.63
N ARG A 645 -17.01 -129.52 -26.87
CA ARG A 645 -16.87 -130.79 -26.19
C ARG A 645 -18.04 -131.70 -26.53
N PRO A 646 -17.89 -133.01 -26.43
CA PRO A 646 -19.07 -133.87 -26.25
C PRO A 646 -19.48 -133.89 -24.78
N ASN A 647 -20.74 -134.25 -24.54
CA ASN A 647 -21.28 -134.26 -23.17
C ASN A 647 -20.96 -135.60 -22.51
N ILE A 648 -19.67 -135.89 -22.41
CA ILE A 648 -19.18 -137.10 -21.78
C ILE A 648 -18.14 -136.73 -20.74
N PHE A 649 -18.33 -137.21 -19.51
CA PHE A 649 -17.54 -136.80 -18.36
C PHE A 649 -16.99 -138.02 -17.65
N VAL A 650 -15.70 -137.99 -17.32
CA VAL A 650 -15.04 -139.07 -16.61
C VAL A 650 -14.34 -138.47 -15.40
N GLY A 651 -14.53 -139.09 -14.25
CA GLY A 651 -13.85 -138.69 -13.04
C GLY A 651 -13.66 -139.87 -12.11
N ARG A 652 -12.44 -140.03 -11.62
CA ARG A 652 -12.06 -141.18 -10.81
C ARG A 652 -11.84 -140.76 -9.37
N ALA A 653 -12.49 -141.47 -8.45
CA ALA A 653 -12.32 -141.28 -7.02
C ALA A 653 -12.95 -142.47 -6.33
N GLU A 654 -12.85 -142.48 -5.01
CA GLU A 654 -13.65 -143.43 -4.23
C GLU A 654 -15.13 -143.22 -4.56
N GLY A 655 -15.81 -144.31 -4.89
CA GLY A 655 -17.20 -144.26 -5.29
C GLY A 655 -17.46 -143.87 -6.73
N SER A 656 -16.42 -143.67 -7.55
CA SER A 656 -16.62 -143.28 -8.93
C SER A 656 -17.16 -144.45 -9.75
N THR A 657 -18.14 -144.17 -10.62
CA THR A 657 -18.76 -145.23 -11.40
C THR A 657 -18.01 -145.47 -12.70
N GLN A 658 -17.22 -144.50 -13.14
CA GLN A 658 -16.57 -144.58 -14.44
C GLN A 658 -15.54 -145.70 -14.48
N TYR A 659 -15.26 -146.20 -15.68
CA TYR A 659 -14.15 -147.14 -15.84
C TYR A 659 -12.83 -146.37 -15.89
N GLY A 660 -11.76 -147.02 -15.43
CA GLY A 660 -10.51 -146.32 -15.20
C GLY A 660 -9.91 -145.71 -16.46
N LYS A 661 -9.90 -146.46 -17.55
CA LYS A 661 -9.20 -146.08 -18.77
C LYS A 661 -10.19 -145.68 -19.85
N TRP A 662 -9.90 -144.58 -20.53
CA TRP A 662 -10.74 -144.10 -21.63
C TRP A 662 -9.85 -143.65 -22.78
N TYR A 663 -10.39 -143.75 -23.99
CA TYR A 663 -9.63 -143.53 -25.22
C TYR A 663 -10.56 -143.04 -26.33
N PHE A 664 -10.16 -141.96 -27.00
CA PHE A 664 -10.95 -141.36 -28.07
C PHE A 664 -10.03 -140.88 -29.18
N GLU A 665 -10.60 -140.63 -30.35
CA GLU A 665 -9.83 -140.37 -31.57
C GLU A 665 -10.37 -139.13 -32.27
N VAL A 666 -9.48 -138.39 -32.93
CA VAL A 666 -9.82 -137.20 -33.67
C VAL A 666 -9.09 -137.26 -35.00
N MET A 667 -9.68 -136.69 -36.06
CA MET A 667 -9.03 -136.63 -37.36
C MET A 667 -9.33 -135.27 -37.97
N VAL A 668 -8.38 -134.77 -38.77
CA VAL A 668 -8.46 -133.40 -39.30
C VAL A 668 -8.75 -133.51 -40.79
N ASP A 669 -9.89 -132.95 -41.22
CA ASP A 669 -10.30 -133.12 -42.61
C ASP A 669 -9.50 -132.21 -43.54
N GLU A 670 -9.45 -130.91 -43.25
CA GLU A 670 -8.65 -129.99 -44.05
C GLU A 670 -8.22 -128.81 -43.18
N VAL A 671 -7.12 -128.19 -43.59
CA VAL A 671 -6.57 -127.05 -42.86
C VAL A 671 -6.17 -125.97 -43.86
N VAL A 672 -6.59 -124.74 -43.57
CA VAL A 672 -6.07 -123.55 -44.23
C VAL A 672 -4.94 -123.02 -43.37
N PRO A 673 -3.70 -122.96 -43.86
CA PRO A 673 -2.59 -122.57 -42.99
C PRO A 673 -2.74 -121.21 -42.35
N PHE A 674 -2.96 -120.16 -43.15
CA PHE A 674 -3.15 -118.81 -42.63
C PHE A 674 -4.38 -118.20 -43.31
N LEU A 675 -5.56 -118.48 -42.73
CA LEU A 675 -6.77 -117.80 -43.18
C LEU A 675 -6.73 -116.33 -42.79
N THR A 676 -6.17 -116.03 -41.64
CA THR A 676 -5.93 -114.66 -41.19
C THR A 676 -4.45 -114.54 -40.87
N ALA A 677 -4.05 -113.36 -40.36
CA ALA A 677 -2.64 -113.15 -40.05
C ALA A 677 -2.15 -114.12 -38.99
N GLN A 678 -2.95 -114.34 -37.94
CA GLN A 678 -2.56 -115.29 -36.90
C GLN A 678 -2.64 -116.71 -37.43
N ALA A 679 -1.74 -117.57 -36.94
CA ALA A 679 -1.68 -118.95 -37.40
C ALA A 679 -2.94 -119.72 -37.00
N THR A 680 -3.49 -120.45 -37.96
CA THR A 680 -4.61 -121.34 -37.68
C THR A 680 -4.16 -122.50 -36.81
N HIS A 681 -4.97 -122.84 -35.81
CA HIS A 681 -4.60 -123.88 -34.85
C HIS A 681 -5.78 -124.81 -34.60
N LEU A 682 -5.47 -126.06 -34.30
CA LEU A 682 -6.43 -127.04 -33.81
C LEU A 682 -5.90 -127.59 -32.49
N ARG A 683 -6.80 -127.76 -31.53
CA ARG A 683 -6.45 -128.19 -30.18
C ARG A 683 -7.28 -129.42 -29.84
N VAL A 684 -6.61 -130.51 -29.48
CA VAL A 684 -7.28 -131.74 -29.07
C VAL A 684 -6.75 -132.10 -27.70
N GLY A 685 -7.63 -132.25 -26.70
CA GLY A 685 -7.13 -132.56 -25.38
C GLY A 685 -8.18 -132.94 -24.39
N TRP A 686 -7.73 -133.15 -23.15
CA TRP A 686 -8.57 -133.47 -22.01
C TRP A 686 -8.61 -132.28 -21.08
N ALA A 687 -9.79 -131.93 -20.58
CA ALA A 687 -9.97 -130.78 -19.71
C ALA A 687 -10.83 -131.14 -18.52
N LEU A 688 -10.52 -130.57 -17.37
CA LEU A 688 -11.30 -130.79 -16.17
C LEU A 688 -12.57 -129.93 -16.20
N THR A 689 -13.69 -130.50 -15.73
CA THR A 689 -14.97 -129.81 -15.84
C THR A 689 -14.98 -128.51 -15.08
N GLU A 690 -14.62 -128.54 -13.79
CA GLU A 690 -14.69 -127.35 -12.95
C GLU A 690 -13.45 -126.50 -13.12
N GLY A 691 -13.65 -125.20 -13.37
CA GLY A 691 -12.55 -124.26 -13.48
C GLY A 691 -12.02 -124.05 -14.88
N TYR A 692 -12.40 -124.87 -15.85
CA TYR A 692 -12.02 -124.67 -17.24
C TYR A 692 -13.14 -123.94 -17.95
N SER A 693 -12.97 -122.63 -18.13
CA SER A 693 -13.98 -121.78 -18.76
C SER A 693 -13.33 -121.01 -19.90
N PRO A 694 -13.14 -121.64 -21.05
CA PRO A 694 -12.59 -120.91 -22.20
C PRO A 694 -13.54 -119.81 -22.64
N TYR A 695 -13.10 -118.57 -22.42
CA TYR A 695 -13.91 -117.39 -22.69
C TYR A 695 -13.48 -116.76 -24.01
N PRO A 696 -14.39 -116.58 -24.95
CA PRO A 696 -14.00 -116.08 -26.28
C PRO A 696 -13.33 -114.72 -26.20
N GLY A 697 -12.32 -114.55 -27.03
CA GLY A 697 -11.60 -113.29 -27.11
C GLY A 697 -10.59 -113.07 -26.01
N GLY A 698 -10.90 -112.18 -25.07
CA GLY A 698 -9.95 -111.88 -24.01
C GLY A 698 -9.63 -113.10 -23.17
N GLY A 699 -8.33 -113.32 -22.95
CA GLY A 699 -7.89 -114.45 -22.18
C GLY A 699 -6.51 -114.19 -21.60
N GLU A 700 -5.97 -115.23 -20.96
CA GLU A 700 -4.66 -115.12 -20.35
C GLU A 700 -3.58 -114.93 -21.42
N GLY A 701 -2.60 -114.08 -21.11
CA GLY A 701 -1.55 -113.80 -22.07
C GLY A 701 -2.10 -113.11 -23.31
N TRP A 702 -1.75 -113.64 -24.48
CA TRP A 702 -2.22 -113.05 -25.72
C TRP A 702 -3.69 -113.39 -25.96
N GLY A 703 -4.28 -114.20 -25.09
CA GLY A 703 -5.68 -114.54 -25.21
C GLY A 703 -5.93 -115.69 -26.17
N GLY A 704 -7.20 -115.87 -26.50
CA GLY A 704 -7.60 -117.01 -27.31
C GLY A 704 -7.27 -118.33 -26.66
N ASN A 705 -7.49 -118.43 -25.35
CA ASN A 705 -7.10 -119.62 -24.61
C ASN A 705 -7.97 -120.80 -24.98
N GLY A 706 -7.35 -121.86 -25.50
CA GLY A 706 -8.02 -123.11 -25.74
C GLY A 706 -7.58 -124.16 -24.73
N VAL A 707 -7.83 -125.43 -25.09
CA VAL A 707 -7.33 -126.51 -24.25
C VAL A 707 -5.82 -126.56 -24.34
N GLY A 708 -5.17 -126.73 -23.20
CA GLY A 708 -3.74 -126.60 -23.11
C GLY A 708 -3.23 -125.19 -22.93
N ASP A 709 -4.11 -124.19 -22.96
CA ASP A 709 -3.73 -122.81 -22.73
C ASP A 709 -4.01 -122.34 -21.30
N ASP A 710 -4.49 -123.22 -20.44
CA ASP A 710 -4.69 -122.91 -19.04
C ASP A 710 -4.27 -124.11 -18.21
N LEU A 711 -4.02 -123.87 -16.91
CA LEU A 711 -3.56 -124.94 -16.04
C LEU A 711 -4.57 -126.08 -15.95
N TYR A 712 -5.86 -125.76 -16.04
CA TYR A 712 -6.88 -126.79 -15.93
C TYR A 712 -6.94 -127.65 -17.19
N SER A 713 -6.45 -127.13 -18.30
CA SER A 713 -6.57 -127.81 -19.59
C SER A 713 -5.22 -128.32 -20.05
N TYR A 714 -5.24 -129.37 -20.89
CA TYR A 714 -4.03 -129.98 -21.42
C TYR A 714 -4.25 -130.28 -22.90
N GLY A 715 -3.28 -129.95 -23.73
CA GLY A 715 -3.44 -130.07 -25.17
C GLY A 715 -2.20 -130.63 -25.84
N PHE A 716 -2.42 -131.25 -26.99
CA PHE A 716 -1.34 -131.78 -27.83
C PHE A 716 -1.35 -131.06 -29.16
N ASP A 717 -0.30 -130.27 -29.42
CA ASP A 717 -0.27 -129.41 -30.58
C ASP A 717 -0.15 -130.20 -31.88
N GLY A 718 0.59 -131.31 -31.83
CA GLY A 718 1.08 -131.97 -33.02
C GLY A 718 2.56 -131.73 -33.25
N LEU A 719 3.09 -130.64 -32.74
CA LEU A 719 4.52 -130.40 -32.62
C LEU A 719 4.99 -130.23 -31.19
N HIS A 720 4.09 -129.90 -30.26
CA HIS A 720 4.47 -129.61 -28.88
C HIS A 720 3.36 -130.09 -27.95
N LEU A 721 3.54 -129.79 -26.67
CA LEU A 721 2.60 -130.13 -25.62
C LEU A 721 2.28 -128.86 -24.84
N TRP A 722 1.00 -128.62 -24.58
CA TRP A 722 0.51 -127.35 -24.07
C TRP A 722 -0.17 -127.55 -22.72
N THR A 723 0.24 -126.75 -21.74
CA THR A 723 -0.47 -126.62 -20.48
C THR A 723 -0.15 -125.27 -19.86
N GLY A 724 -1.16 -124.65 -19.26
CA GLY A 724 -0.97 -123.37 -18.60
C GLY A 724 -0.47 -122.28 -19.52
N HIS A 725 -0.95 -122.26 -20.77
CA HIS A 725 -0.51 -121.35 -21.83
C HIS A 725 0.98 -121.48 -22.10
N VAL A 726 1.58 -122.62 -21.78
CA VAL A 726 3.00 -122.86 -22.00
C VAL A 726 3.15 -124.08 -22.89
N ALA A 727 3.99 -123.96 -23.91
CA ALA A 727 4.22 -125.01 -24.89
C ALA A 727 5.65 -125.51 -24.78
N ARG A 728 5.81 -126.82 -24.66
CA ARG A 728 7.11 -127.47 -24.68
C ARG A 728 7.15 -128.48 -25.82
N PRO A 729 8.12 -128.40 -26.72
CA PRO A 729 8.13 -129.31 -27.87
C PRO A 729 8.20 -130.77 -27.45
N VAL A 730 7.41 -131.60 -28.11
CA VAL A 730 7.35 -133.03 -27.83
C VAL A 730 7.88 -133.79 -29.03
N THR A 731 8.80 -134.72 -28.78
CA THR A 731 9.39 -135.50 -29.88
C THR A 731 8.39 -136.52 -30.40
N SER A 732 8.36 -136.68 -31.71
CA SER A 732 7.51 -137.65 -32.38
C SER A 732 8.20 -138.15 -33.63
N PRO A 733 8.06 -139.44 -33.95
CA PRO A 733 8.68 -139.96 -35.17
C PRO A 733 8.01 -139.38 -36.41
N GLY A 734 8.84 -138.86 -37.31
CA GLY A 734 8.31 -138.18 -38.48
C GLY A 734 7.42 -137.01 -38.13
N GLN A 735 7.88 -136.17 -37.20
CA GLN A 735 7.02 -135.17 -36.59
C GLN A 735 6.58 -134.10 -37.59
N HIS A 736 5.29 -133.77 -37.54
CA HIS A 736 4.73 -132.68 -38.32
C HIS A 736 3.47 -132.19 -37.63
N LEU A 737 3.11 -130.93 -37.91
CA LEU A 737 1.92 -130.35 -37.31
C LEU A 737 0.66 -131.00 -37.87
N LEU A 738 -0.46 -130.76 -37.20
CA LEU A 738 -1.74 -131.27 -37.67
C LEU A 738 -2.02 -130.78 -39.08
N ALA A 739 -2.22 -131.74 -39.98
CA ALA A 739 -2.44 -131.52 -41.39
C ALA A 739 -3.68 -132.28 -41.80
N PRO A 740 -4.27 -131.98 -42.96
CA PRO A 740 -5.45 -132.73 -43.41
C PRO A 740 -5.16 -134.22 -43.48
N GLU A 741 -6.14 -135.01 -43.04
CA GLU A 741 -6.14 -136.47 -42.97
C GLU A 741 -5.31 -137.00 -41.81
N ASP A 742 -4.76 -136.16 -40.95
CA ASP A 742 -4.02 -136.64 -39.80
C ASP A 742 -4.98 -137.10 -38.70
N VAL A 743 -4.56 -138.11 -37.95
CA VAL A 743 -5.37 -138.73 -36.89
C VAL A 743 -4.58 -138.68 -35.59
N VAL A 744 -5.20 -138.16 -34.55
CA VAL A 744 -4.60 -138.06 -33.22
C VAL A 744 -5.50 -138.79 -32.23
N SER A 745 -4.90 -139.68 -31.44
CA SER A 745 -5.63 -140.47 -30.46
C SER A 745 -5.13 -140.11 -29.07
N CYS A 746 -6.06 -139.97 -28.12
CA CYS A 746 -5.73 -139.54 -26.77
C CYS A 746 -5.99 -140.67 -25.79
N CYS A 747 -5.16 -140.78 -24.75
CA CYS A 747 -5.27 -141.81 -23.74
C CYS A 747 -5.10 -141.17 -22.38
N LEU A 748 -5.98 -141.48 -21.44
CA LEU A 748 -5.91 -140.96 -20.09
C LEU A 748 -6.26 -142.05 -19.10
N ASP A 749 -5.31 -142.38 -18.23
CA ASP A 749 -5.52 -143.36 -17.16
C ASP A 749 -5.52 -142.62 -15.83
N LEU A 750 -6.68 -142.55 -15.20
CA LEU A 750 -6.81 -141.75 -13.98
C LEU A 750 -6.11 -142.42 -12.80
N SER A 751 -5.79 -143.70 -12.92
CA SER A 751 -5.19 -144.42 -11.79
C SER A 751 -3.79 -143.92 -11.48
N VAL A 752 -2.98 -143.67 -12.51
CA VAL A 752 -1.57 -143.32 -12.28
C VAL A 752 -1.43 -142.02 -11.50
N PRO A 753 -2.03 -140.89 -11.91
CA PRO A 753 -2.75 -140.53 -13.14
C PRO A 753 -1.77 -140.18 -14.27
N SER A 754 -2.15 -140.47 -15.51
CA SER A 754 -1.26 -140.27 -16.65
C SER A 754 -2.07 -139.97 -17.91
N ILE A 755 -1.43 -139.23 -18.83
CA ILE A 755 -1.99 -138.94 -20.15
C ILE A 755 -0.92 -139.23 -21.20
N SER A 756 -1.35 -139.79 -22.32
CA SER A 756 -0.48 -140.08 -23.45
C SER A 756 -1.23 -139.84 -24.76
N PHE A 757 -0.49 -139.80 -25.85
CA PHE A 757 -1.07 -139.50 -27.15
C PHE A 757 -0.38 -140.34 -28.22
N ARG A 758 -1.09 -140.53 -29.34
CA ARG A 758 -0.53 -141.20 -30.51
C ARG A 758 -0.97 -140.47 -31.77
N ILE A 759 -0.13 -140.49 -32.79
CA ILE A 759 -0.37 -139.77 -34.03
C ILE A 759 -0.42 -140.77 -35.19
N ASN A 760 -1.56 -140.78 -35.90
CA ASN A 760 -1.74 -141.64 -37.09
C ASN A 760 -1.38 -143.08 -36.80
N GLY A 761 -1.64 -143.53 -35.58
CA GLY A 761 -1.27 -144.86 -35.15
C GLY A 761 0.15 -144.99 -34.66
N CYS A 762 0.94 -143.92 -34.72
CA CYS A 762 2.30 -143.91 -34.20
C CYS A 762 2.33 -143.28 -32.82
N PRO A 763 2.95 -143.93 -31.84
CA PRO A 763 2.90 -143.40 -30.47
C PRO A 763 3.64 -142.08 -30.34
N VAL A 764 3.12 -141.21 -29.48
CA VAL A 764 3.78 -139.97 -29.08
C VAL A 764 4.28 -140.14 -27.66
N GLN A 765 5.59 -139.95 -27.48
CA GLN A 765 6.25 -140.16 -26.19
C GLN A 765 6.18 -138.89 -25.34
N GLY A 766 4.95 -138.53 -24.97
CA GLY A 766 4.72 -137.43 -24.05
C GLY A 766 3.73 -137.83 -22.98
N VAL A 767 4.10 -137.57 -21.73
CA VAL A 767 3.36 -138.05 -20.57
C VAL A 767 3.06 -136.89 -19.64
N PHE A 768 1.79 -136.74 -19.24
CA PHE A 768 1.39 -135.97 -18.08
C PHE A 768 1.28 -136.93 -16.91
N GLU A 769 1.65 -136.48 -15.72
CA GLU A 769 1.49 -137.28 -14.51
C GLU A 769 1.20 -136.39 -13.32
N ALA A 770 0.66 -137.00 -12.26
CA ALA A 770 0.43 -136.34 -10.98
C ALA A 770 -0.50 -135.13 -11.11
N PHE A 771 -1.29 -135.07 -12.18
CA PHE A 771 -2.25 -133.99 -12.31
C PHE A 771 -3.44 -134.22 -11.38
N ASN A 772 -3.95 -133.12 -10.83
CA ASN A 772 -4.99 -133.20 -9.81
C ASN A 772 -6.27 -133.79 -10.38
N LEU A 773 -7.01 -134.49 -9.53
CA LEU A 773 -8.28 -135.10 -9.88
C LEU A 773 -9.46 -134.33 -9.31
N ASP A 774 -9.43 -132.99 -9.36
CA ASP A 774 -10.43 -132.19 -8.67
C ASP A 774 -11.84 -132.48 -9.17
N GLY A 775 -12.01 -132.64 -10.48
CA GLY A 775 -13.32 -132.82 -11.06
C GLY A 775 -13.30 -133.76 -12.24
N LEU A 776 -14.45 -133.83 -12.91
CA LEU A 776 -14.62 -134.72 -14.06
C LEU A 776 -13.77 -134.25 -15.23
N PHE A 777 -13.41 -135.18 -16.10
CA PHE A 777 -12.64 -134.90 -17.31
C PHE A 777 -13.52 -135.12 -18.53
N PHE A 778 -13.34 -134.27 -19.55
CA PHE A 778 -14.06 -134.42 -20.80
C PHE A 778 -13.13 -134.17 -21.96
N PRO A 779 -13.28 -134.88 -23.08
CA PRO A 779 -12.53 -134.51 -24.29
C PRO A 779 -13.03 -133.19 -24.83
N VAL A 780 -12.13 -132.42 -25.43
CA VAL A 780 -12.47 -131.09 -25.93
C VAL A 780 -11.50 -130.70 -27.04
N VAL A 781 -12.04 -130.03 -28.05
CA VAL A 781 -11.25 -129.50 -29.15
C VAL A 781 -11.46 -128.00 -29.24
N SER A 782 -10.36 -127.26 -29.27
CA SER A 782 -10.34 -125.81 -29.36
C SER A 782 -9.75 -125.40 -30.70
N PHE A 783 -10.56 -124.85 -31.58
CA PHE A 783 -10.16 -124.58 -32.95
C PHE A 783 -10.16 -123.09 -33.22
N SER A 784 -9.30 -122.65 -34.14
CA SER A 784 -9.49 -121.38 -34.79
C SER A 784 -10.28 -121.59 -36.09
N ALA A 785 -10.59 -120.48 -36.77
CA ALA A 785 -11.45 -120.53 -37.93
C ALA A 785 -10.74 -121.22 -39.11
N GLY A 786 -11.56 -121.70 -40.06
CA GLY A 786 -11.05 -122.28 -41.28
C GLY A 786 -10.70 -123.75 -41.23
N VAL A 787 -11.29 -124.52 -40.31
CA VAL A 787 -10.95 -125.92 -40.12
C VAL A 787 -12.22 -126.77 -40.05
N LYS A 788 -12.08 -128.03 -40.47
CA LYS A 788 -13.11 -129.05 -40.33
C LYS A 788 -12.48 -130.26 -39.65
N VAL A 789 -13.14 -130.79 -38.63
CA VAL A 789 -12.58 -131.84 -37.80
C VAL A 789 -13.64 -132.92 -37.58
N ARG A 790 -13.22 -134.18 -37.66
CA ARG A 790 -14.11 -135.31 -37.44
C ARG A 790 -13.71 -136.02 -36.15
N PHE A 791 -14.67 -136.16 -35.24
CA PHE A 791 -14.46 -136.66 -33.89
C PHE A 791 -15.06 -138.06 -33.79
N LEU A 792 -14.29 -138.99 -33.21
CA LEU A 792 -14.63 -140.40 -33.18
C LEU A 792 -14.51 -140.92 -31.75
N LEU A 793 -15.59 -141.55 -31.27
CA LEU A 793 -15.58 -142.26 -30.00
C LEU A 793 -15.67 -143.77 -30.17
N GLY A 794 -15.81 -144.26 -31.40
CA GLY A 794 -15.89 -145.68 -31.65
C GLY A 794 -17.28 -146.23 -31.41
N GLY A 795 -17.48 -147.47 -31.84
CA GLY A 795 -18.75 -148.13 -31.62
C GLY A 795 -19.89 -147.43 -32.32
N ARG A 796 -20.85 -146.96 -31.53
CA ARG A 796 -22.01 -146.26 -32.09
C ARG A 796 -21.59 -144.99 -32.83
N HIS A 797 -20.61 -144.27 -32.29
CA HIS A 797 -20.19 -142.99 -32.82
C HIS A 797 -18.77 -143.12 -33.37
N GLY A 798 -18.65 -143.32 -34.68
CA GLY A 798 -17.35 -143.43 -35.32
C GLY A 798 -16.68 -144.75 -35.05
N GLU A 799 -15.38 -144.79 -35.37
CA GLU A 799 -14.57 -145.98 -35.17
C GLU A 799 -13.21 -145.57 -34.61
N PHE A 800 -12.33 -146.56 -34.50
CA PHE A 800 -10.94 -146.36 -34.13
C PHE A 800 -10.08 -146.96 -35.23
N LYS A 801 -9.52 -146.10 -36.10
CA LYS A 801 -8.92 -146.59 -37.34
C LYS A 801 -7.64 -147.38 -37.06
N PHE A 802 -7.15 -147.33 -35.82
CA PHE A 802 -6.19 -148.31 -35.32
C PHE A 802 -6.71 -148.85 -34.00
N LEU A 803 -6.24 -150.04 -33.63
CA LEU A 803 -6.78 -150.73 -32.47
C LEU A 803 -6.53 -149.91 -31.20
N PRO A 804 -7.51 -149.83 -30.30
CA PRO A 804 -7.35 -148.99 -29.12
C PRO A 804 -6.27 -149.54 -28.22
N PRO A 805 -5.69 -148.71 -27.36
CA PRO A 805 -4.64 -149.18 -26.44
C PRO A 805 -5.16 -150.29 -25.56
N PRO A 806 -4.34 -151.29 -25.25
CA PRO A 806 -4.79 -152.40 -24.41
C PRO A 806 -5.27 -151.90 -23.05
N GLY A 807 -6.37 -152.48 -22.58
CA GLY A 807 -6.94 -152.09 -21.31
C GLY A 807 -7.73 -150.79 -21.33
N TYR A 808 -7.93 -150.19 -22.49
CA TYR A 808 -8.64 -148.92 -22.63
C TYR A 808 -9.98 -149.18 -23.29
N ALA A 809 -11.06 -148.83 -22.60
CA ALA A 809 -12.40 -149.02 -23.14
C ALA A 809 -12.73 -147.91 -24.13
N PRO A 810 -13.63 -148.17 -25.09
CA PRO A 810 -14.09 -147.09 -25.97
C PRO A 810 -14.76 -145.98 -25.17
N CYS A 811 -14.53 -144.74 -25.62
CA CYS A 811 -14.87 -143.59 -24.80
C CYS A 811 -16.37 -143.34 -24.77
N HIS A 812 -17.08 -143.69 -25.85
CA HIS A 812 -18.52 -143.43 -25.89
C HIS A 812 -19.28 -144.30 -24.91
N GLU A 813 -18.62 -145.34 -24.38
CA GLU A 813 -19.27 -146.20 -23.39
C GLU A 813 -19.50 -145.48 -22.07
N ALA A 814 -18.89 -144.29 -21.92
CA ALA A 814 -19.03 -143.54 -20.68
C ALA A 814 -20.34 -142.76 -20.64
N VAL A 815 -21.09 -142.77 -21.74
CA VAL A 815 -22.31 -141.97 -21.82
C VAL A 815 -23.33 -142.44 -20.77
N LEU A 816 -23.99 -141.47 -20.14
CA LEU A 816 -24.97 -141.78 -19.12
C LEU A 816 -26.30 -142.19 -19.76
N PRO A 817 -27.13 -142.97 -19.06
CA PRO A 817 -28.39 -143.42 -19.66
C PRO A 817 -29.40 -142.31 -19.85
N ARG A 818 -29.45 -141.35 -18.93
CA ARG A 818 -30.47 -140.31 -18.99
C ARG A 818 -30.31 -139.43 -20.23
N GLU A 819 -29.10 -138.95 -20.49
CA GLU A 819 -28.86 -137.91 -21.49
C GLU A 819 -28.41 -138.53 -22.81
N ARG A 820 -29.01 -138.07 -23.90
CA ARG A 820 -28.59 -138.47 -25.23
C ARG A 820 -27.34 -137.69 -25.63
N LEU A 821 -26.52 -138.31 -26.49
CA LEU A 821 -25.22 -137.72 -26.81
C LEU A 821 -25.38 -136.41 -27.57
N ARG A 822 -24.69 -135.39 -27.10
CA ARG A 822 -24.72 -134.05 -27.68
C ARG A 822 -23.31 -133.50 -27.69
N LEU A 823 -23.01 -132.69 -28.70
CA LEU A 823 -21.76 -131.94 -28.77
C LEU A 823 -22.05 -130.46 -28.55
N GLU A 824 -21.50 -129.90 -27.48
CA GLU A 824 -21.91 -128.59 -27.03
C GLU A 824 -20.69 -127.67 -26.86
N PRO A 825 -20.85 -126.37 -27.06
CA PRO A 825 -19.79 -125.44 -26.66
C PRO A 825 -19.67 -125.38 -25.15
N ILE A 826 -18.47 -125.02 -24.68
CA ILE A 826 -18.19 -125.02 -23.25
C ILE A 826 -18.67 -123.72 -22.62
N LYS A 827 -19.65 -123.84 -21.72
CA LYS A 827 -20.08 -122.73 -20.86
C LYS A 827 -20.45 -121.50 -21.68
N GLU A 828 -20.99 -121.71 -22.87
CA GLU A 828 -21.41 -120.61 -23.72
C GLU A 828 -22.64 -119.94 -23.11
N TYR A 829 -22.60 -118.61 -23.04
CA TYR A 829 -23.69 -117.88 -22.38
C TYR A 829 -24.66 -117.29 -23.39
N ARG A 830 -24.19 -117.03 -24.61
CA ARG A 830 -25.01 -116.45 -25.67
C ARG A 830 -25.11 -117.47 -26.80
N ARG A 831 -26.31 -117.99 -27.02
CA ARG A 831 -26.56 -119.03 -28.01
C ARG A 831 -27.46 -118.49 -29.11
N GLU A 832 -27.07 -118.70 -30.36
CA GLU A 832 -27.91 -118.29 -31.47
C GLU A 832 -28.90 -119.38 -31.82
N GLY A 833 -30.08 -118.98 -32.28
CA GLY A 833 -31.05 -119.90 -32.80
C GLY A 833 -32.01 -119.21 -33.74
N PRO A 834 -32.80 -119.98 -34.49
CA PRO A 834 -33.79 -119.36 -35.38
C PRO A 834 -34.79 -118.48 -34.63
N ARG A 835 -35.09 -118.85 -33.38
CA ARG A 835 -36.02 -118.06 -32.59
C ARG A 835 -35.34 -116.85 -31.95
N GLY A 836 -34.02 -116.75 -32.08
CA GLY A 836 -33.32 -115.53 -31.71
C GLY A 836 -31.95 -115.74 -31.10
N PRO A 837 -31.24 -114.65 -30.88
CA PRO A 837 -30.05 -114.71 -30.02
C PRO A 837 -30.45 -114.67 -28.55
N HIS A 838 -30.18 -115.78 -27.85
CA HIS A 838 -30.70 -115.97 -26.51
C HIS A 838 -29.57 -116.02 -25.51
N LEU A 839 -29.73 -115.28 -24.41
CA LEU A 839 -28.79 -115.35 -23.30
C LEU A 839 -29.11 -116.56 -22.43
N VAL A 840 -28.06 -117.23 -21.95
CA VAL A 840 -28.18 -118.44 -21.16
C VAL A 840 -27.45 -118.23 -19.84
N GLY A 841 -28.10 -118.62 -18.74
CA GLY A 841 -27.49 -118.52 -17.43
C GLY A 841 -26.46 -119.60 -17.20
N PRO A 842 -25.85 -119.60 -16.02
CA PRO A 842 -24.82 -120.59 -15.72
C PRO A 842 -25.36 -122.01 -15.79
N SER A 843 -24.64 -122.86 -16.52
CA SER A 843 -25.02 -124.26 -16.61
C SER A 843 -24.64 -125.00 -15.33
N ARG A 844 -25.41 -126.04 -15.01
CA ARG A 844 -25.15 -126.90 -13.87
C ARG A 844 -24.57 -128.21 -14.36
N CYS A 845 -23.45 -128.62 -13.76
CA CYS A 845 -22.73 -129.81 -14.17
C CYS A 845 -22.66 -130.79 -13.00
N LEU A 846 -22.54 -132.07 -13.36
CA LEU A 846 -22.43 -133.11 -12.34
C LEU A 846 -21.06 -133.09 -11.69
N SER A 847 -20.91 -133.91 -10.64
CA SER A 847 -19.68 -133.95 -9.88
C SER A 847 -19.28 -135.40 -9.61
N HIS A 848 -17.99 -135.59 -9.36
CA HIS A 848 -17.51 -136.91 -8.96
C HIS A 848 -18.18 -137.37 -7.68
N THR A 849 -18.35 -136.46 -6.71
CA THR A 849 -19.08 -136.79 -5.50
C THR A 849 -20.52 -137.16 -5.82
N ASP A 850 -21.10 -136.53 -6.85
CA ASP A 850 -22.45 -136.91 -7.28
C ASP A 850 -22.47 -138.34 -7.80
N PHE A 851 -21.47 -138.72 -8.60
CA PHE A 851 -21.40 -140.12 -9.05
C PHE A 851 -21.14 -141.07 -7.90
N VAL A 852 -20.52 -140.58 -6.83
CA VAL A 852 -20.31 -141.44 -5.66
C VAL A 852 -21.65 -141.84 -5.07
N PRO A 853 -21.90 -143.12 -4.82
CA PRO A 853 -23.15 -143.50 -4.13
C PRO A 853 -23.10 -143.14 -2.66
N CYS A 854 -24.28 -143.00 -2.07
CA CYS A 854 -24.41 -142.58 -0.67
C CYS A 854 -25.33 -143.55 0.07
N PRO A 855 -24.82 -144.72 0.46
CA PRO A 855 -25.60 -145.61 1.32
C PRO A 855 -25.72 -145.05 2.73
N VAL A 856 -26.80 -145.43 3.40
CA VAL A 856 -26.99 -144.99 4.78
C VAL A 856 -25.97 -145.66 5.68
N ASP A 857 -25.63 -144.99 6.79
CA ASP A 857 -24.73 -145.59 7.75
C ASP A 857 -25.34 -146.84 8.37
N THR A 858 -24.49 -147.83 8.63
CA THR A 858 -24.90 -149.09 9.24
C THR A 858 -23.96 -149.51 10.37
N VAL A 859 -23.29 -148.56 11.01
CA VAL A 859 -22.39 -148.90 12.11
C VAL A 859 -23.17 -149.48 13.28
N GLN A 860 -24.38 -148.99 13.50
CA GLN A 860 -25.28 -149.55 14.50
C GLN A 860 -26.47 -150.18 13.79
N ILE A 861 -26.77 -151.44 14.15
CA ILE A 861 -27.91 -152.17 13.60
C ILE A 861 -28.66 -152.78 14.77
N VAL A 862 -29.94 -152.40 14.90
CA VAL A 862 -30.78 -152.84 16.00
C VAL A 862 -31.92 -153.68 15.43
N LEU A 863 -32.09 -154.89 15.97
CA LEU A 863 -33.14 -155.79 15.53
C LEU A 863 -34.03 -156.15 16.71
N PRO A 864 -35.07 -155.36 17.00
CA PRO A 864 -36.03 -155.73 18.04
C PRO A 864 -36.74 -157.03 17.70
N PRO A 865 -37.40 -157.67 18.67
CA PRO A 865 -38.02 -158.98 18.38
C PRO A 865 -39.12 -158.92 17.35
N HIS A 866 -40.07 -157.99 17.46
CA HIS A 866 -41.13 -157.88 16.47
C HIS A 866 -40.58 -157.41 15.13
N LEU A 867 -39.50 -156.59 15.15
CA LEU A 867 -38.81 -156.29 13.91
C LEU A 867 -38.26 -157.55 13.26
N GLU A 868 -37.72 -158.47 14.05
CA GLU A 868 -37.17 -159.70 13.47
C GLU A 868 -38.28 -160.60 12.93
N ARG A 869 -39.41 -160.65 13.63
CA ARG A 869 -40.53 -161.46 13.15
C ARG A 869 -41.06 -160.92 11.82
N ILE A 870 -41.34 -159.62 11.77
CA ILE A 870 -41.77 -159.03 10.51
C ILE A 870 -40.66 -159.10 9.48
N ARG A 871 -39.41 -159.13 9.94
CA ARG A 871 -38.28 -159.29 9.03
C ARG A 871 -38.37 -160.59 8.27
N GLU A 872 -38.46 -161.72 8.98
CA GLU A 872 -38.53 -163.00 8.28
C GLU A 872 -39.82 -163.13 7.48
N LYS A 873 -40.95 -162.71 8.05
CA LYS A 873 -42.23 -162.94 7.38
C LYS A 873 -42.38 -162.04 6.15
N LEU A 874 -42.04 -160.75 6.29
CA LEU A 874 -42.10 -159.84 5.16
C LEU A 874 -41.05 -160.18 4.11
N ALA A 875 -39.90 -160.72 4.52
CA ALA A 875 -38.94 -161.18 3.53
C ALA A 875 -39.53 -162.30 2.68
N GLU A 876 -40.16 -163.28 3.33
CA GLU A 876 -40.81 -164.35 2.58
C GLU A 876 -41.91 -163.79 1.68
N ASN A 877 -42.67 -162.82 2.18
CA ASN A 877 -43.79 -162.29 1.41
C ASN A 877 -43.33 -161.46 0.22
N ILE A 878 -42.27 -160.65 0.40
CA ILE A 878 -41.76 -159.90 -0.74
C ILE A 878 -41.07 -160.83 -1.72
N HIS A 879 -40.58 -161.99 -1.24
CA HIS A 879 -40.00 -162.95 -2.17
C HIS A 879 -41.10 -163.63 -2.99
N GLU A 880 -42.26 -163.88 -2.38
CA GLU A 880 -43.36 -164.42 -3.19
C GLU A 880 -43.97 -163.32 -4.08
N LEU A 881 -43.83 -162.06 -3.68
CA LEU A 881 -44.15 -160.97 -4.61
C LEU A 881 -43.18 -160.96 -5.78
N TRP A 882 -41.90 -161.27 -5.54
CA TRP A 882 -40.97 -161.48 -6.64
C TRP A 882 -41.40 -162.65 -7.50
N ALA A 883 -42.00 -163.67 -6.88
CA ALA A 883 -42.59 -164.76 -7.66
C ALA A 883 -43.72 -164.24 -8.56
N LEU A 884 -44.56 -163.35 -8.02
CA LEU A 884 -45.53 -162.66 -8.87
C LEU A 884 -44.86 -161.94 -10.02
N THR A 885 -43.75 -161.25 -9.75
CA THR A 885 -43.06 -160.52 -10.81
C THR A 885 -42.54 -161.46 -11.89
N ARG A 886 -41.96 -162.59 -11.50
CA ARG A 886 -41.39 -163.50 -12.50
C ARG A 886 -42.48 -164.20 -13.30
N ILE A 887 -43.62 -164.48 -12.69
CA ILE A 887 -44.72 -165.04 -13.47
C ILE A 887 -45.33 -163.97 -14.37
N GLU A 888 -45.19 -162.70 -14.00
CA GLU A 888 -45.56 -161.62 -14.90
C GLU A 888 -44.64 -161.58 -16.12
N GLN A 889 -43.32 -161.64 -15.91
CA GLN A 889 -42.43 -161.72 -17.06
C GLN A 889 -42.62 -163.03 -17.82
N GLY A 890 -43.24 -164.01 -17.20
CA GLY A 890 -43.58 -165.25 -17.87
C GLY A 890 -42.48 -166.27 -17.98
N TRP A 891 -41.37 -166.07 -17.28
CA TRP A 891 -40.30 -167.07 -17.27
C TRP A 891 -40.82 -168.38 -16.71
N THR A 892 -40.32 -169.49 -17.22
CA THR A 892 -40.80 -170.81 -16.86
C THR A 892 -39.72 -171.61 -16.16
N TYR A 893 -40.08 -172.80 -15.71
CA TYR A 893 -39.13 -173.70 -15.07
C TYR A 893 -38.24 -174.34 -16.11
N GLY A 894 -36.94 -174.05 -16.05
CA GLY A 894 -36.02 -174.53 -17.04
C GLY A 894 -34.61 -174.74 -16.51
N PRO A 895 -33.77 -175.42 -17.30
CA PRO A 895 -32.40 -175.72 -16.83
C PRO A 895 -31.57 -174.49 -16.55
N VAL A 896 -31.73 -173.42 -17.32
CA VAL A 896 -30.88 -172.24 -17.26
C VAL A 896 -31.76 -171.00 -17.19
N ARG A 897 -31.39 -170.06 -16.31
CA ARG A 897 -32.09 -168.79 -16.19
C ARG A 897 -31.49 -167.79 -17.17
N ASP A 898 -32.34 -167.24 -18.04
CA ASP A 898 -31.91 -166.24 -19.01
C ASP A 898 -33.12 -165.43 -19.45
N ASP A 899 -32.87 -164.18 -19.82
CA ASP A 899 -33.95 -163.29 -20.23
C ASP A 899 -34.61 -163.77 -21.52
N ASN A 900 -33.79 -164.13 -22.52
CA ASN A 900 -34.34 -164.47 -23.83
C ASN A 900 -35.02 -165.84 -23.82
N LYS A 901 -34.39 -166.83 -23.18
CA LYS A 901 -34.94 -168.19 -23.21
C LYS A 901 -36.25 -168.27 -22.43
N ARG A 902 -36.45 -167.36 -21.48
CA ARG A 902 -37.71 -167.29 -20.72
C ARG A 902 -37.90 -168.55 -19.86
N LEU A 903 -36.78 -169.13 -19.44
CA LEU A 903 -36.76 -170.28 -18.54
C LEU A 903 -35.95 -169.90 -17.30
N HIS A 904 -36.29 -170.48 -16.16
CA HIS A 904 -35.72 -170.07 -14.88
C HIS A 904 -35.80 -171.24 -13.92
N PRO A 905 -34.66 -171.77 -13.43
CA PRO A 905 -34.71 -173.02 -12.65
C PRO A 905 -35.35 -172.87 -11.28
N CYS A 906 -34.92 -171.90 -10.48
CA CYS A 906 -35.46 -171.75 -9.13
C CYS A 906 -36.91 -171.28 -9.18
N LEU A 907 -37.35 -170.80 -10.34
CA LEU A 907 -38.72 -170.37 -10.52
C LEU A 907 -39.70 -171.51 -10.31
N VAL A 908 -40.49 -171.42 -9.24
CA VAL A 908 -41.51 -172.40 -8.85
C VAL A 908 -42.09 -172.02 -7.49
N ASN A 909 -41.22 -171.74 -6.52
CA ASN A 909 -41.65 -171.41 -5.17
C ASN A 909 -40.57 -170.58 -4.49
N PHE A 910 -41.02 -169.64 -3.65
CA PHE A 910 -40.06 -168.79 -2.95
C PHE A 910 -39.23 -169.58 -1.96
N HIS A 911 -39.83 -170.57 -1.30
CA HIS A 911 -39.04 -171.49 -0.47
C HIS A 911 -38.14 -172.38 -1.33
N SER A 912 -38.65 -172.86 -2.47
CA SER A 912 -37.87 -173.76 -3.31
C SER A 912 -36.66 -173.06 -3.91
N LEU A 913 -36.72 -171.74 -4.03
CA LEU A 913 -35.57 -170.99 -4.52
C LEU A 913 -34.41 -171.18 -3.55
N PRO A 914 -33.18 -171.34 -4.06
CA PRO A 914 -32.06 -171.70 -3.19
C PRO A 914 -31.82 -170.68 -2.08
N GLU A 915 -31.44 -171.19 -0.91
CA GLU A 915 -31.25 -170.34 0.26
C GLU A 915 -30.19 -169.25 0.10
N PRO A 916 -29.01 -169.48 -0.52
CA PRO A 916 -28.08 -168.35 -0.66
C PRO A 916 -28.68 -167.16 -1.41
N GLU A 917 -29.43 -167.40 -2.48
CA GLU A 917 -30.19 -166.33 -3.10
C GLU A 917 -31.27 -165.81 -2.14
N ARG A 918 -31.94 -166.74 -1.44
CA ARG A 918 -32.81 -166.31 -0.35
C ARG A 918 -32.03 -165.59 0.74
N ASN A 919 -30.76 -165.92 0.92
CA ASN A 919 -29.95 -165.20 1.90
C ASN A 919 -29.74 -163.75 1.48
N TYR A 920 -29.47 -163.51 0.20
CA TYR A 920 -29.38 -162.13 -0.28
C TYR A 920 -30.71 -161.42 -0.16
N ASN A 921 -31.81 -162.12 -0.45
CA ASN A 921 -33.13 -161.50 -0.32
C ASN A 921 -33.43 -161.16 1.14
N LEU A 922 -33.05 -162.05 2.07
CA LEU A 922 -33.25 -161.79 3.49
C LEU A 922 -32.43 -160.59 3.94
N GLN A 923 -31.18 -160.51 3.49
CA GLN A 923 -30.34 -159.41 3.97
C GLN A 923 -30.78 -158.08 3.36
N MET A 924 -31.30 -158.09 2.12
CA MET A 924 -31.91 -156.86 1.59
C MET A 924 -33.17 -156.48 2.34
N SER A 925 -33.99 -157.46 2.73
CA SER A 925 -35.19 -157.14 3.48
C SER A 925 -34.84 -156.53 4.83
N GLY A 926 -33.83 -157.10 5.49
CA GLY A 926 -33.33 -156.52 6.73
C GLY A 926 -32.79 -155.12 6.52
N GLU A 927 -32.11 -154.89 5.38
CA GLU A 927 -31.62 -153.55 5.08
C GLU A 927 -32.76 -152.57 4.85
N THR A 928 -33.84 -153.03 4.20
CA THR A 928 -35.00 -152.17 4.00
C THR A 928 -35.63 -151.79 5.34
N LEU A 929 -35.77 -152.74 6.25
CA LEU A 929 -36.33 -152.40 7.56
C LEU A 929 -35.39 -151.50 8.36
N LYS A 930 -34.09 -151.76 8.29
CA LYS A 930 -33.13 -150.91 8.99
C LYS A 930 -33.13 -149.51 8.41
N THR A 931 -33.36 -149.37 7.11
CA THR A 931 -33.47 -148.05 6.50
C THR A 931 -34.78 -147.38 6.89
N LEU A 932 -35.84 -148.16 7.08
CA LEU A 932 -37.04 -147.61 7.71
C LEU A 932 -36.70 -146.97 9.05
N LEU A 933 -36.00 -147.72 9.90
CA LEU A 933 -35.63 -147.17 11.22
C LEU A 933 -34.71 -145.96 11.09
N ALA A 934 -33.77 -146.00 10.15
CA ALA A 934 -32.84 -144.88 9.98
C ALA A 934 -33.56 -143.63 9.50
N LEU A 935 -34.47 -143.77 8.53
CA LEU A 935 -35.30 -142.65 8.10
C LEU A 935 -36.13 -142.11 9.25
N GLY A 936 -36.60 -143.00 10.12
CA GLY A 936 -37.31 -142.57 11.30
C GLY A 936 -38.78 -142.93 11.35
N CYS A 937 -39.31 -143.55 10.30
CA CYS A 937 -40.67 -144.05 10.38
C CYS A 937 -40.73 -145.22 11.37
N HIS A 938 -41.21 -144.91 12.56
CA HIS A 938 -41.28 -145.86 13.67
C HIS A 938 -42.28 -146.95 13.32
N VAL A 939 -42.06 -148.16 13.82
CA VAL A 939 -42.90 -149.28 13.42
C VAL A 939 -43.53 -149.88 14.68
N GLY A 940 -44.86 -149.94 14.70
CA GLY A 940 -45.54 -150.40 15.89
C GLY A 940 -46.82 -151.15 15.58
N MET A 941 -47.21 -152.01 16.52
CA MET A 941 -48.41 -152.83 16.37
C MET A 941 -49.66 -151.98 16.24
N ALA A 942 -50.51 -152.32 15.27
CA ALA A 942 -51.84 -151.75 15.20
C ALA A 942 -52.89 -152.74 15.69
N ASP A 943 -52.89 -153.94 15.11
CA ASP A 943 -53.81 -155.00 15.52
C ASP A 943 -53.08 -156.33 15.54
N GLU A 944 -53.07 -156.97 16.71
CA GLU A 944 -52.45 -158.28 16.84
C GLU A 944 -53.15 -159.31 15.97
N LYS A 945 -54.48 -159.22 15.88
CA LYS A 945 -55.21 -160.11 14.98
C LYS A 945 -54.81 -159.88 13.53
N ALA A 946 -54.62 -158.61 13.14
CA ALA A 946 -54.18 -158.32 11.78
C ALA A 946 -52.81 -158.90 11.51
N GLU A 947 -51.90 -158.82 12.49
CA GLU A 947 -50.58 -159.43 12.31
C GLU A 947 -50.67 -160.95 12.21
N ASP A 948 -51.51 -161.58 13.02
CA ASP A 948 -51.58 -163.03 13.03
C ASP A 948 -52.24 -163.57 11.76
N ASN A 949 -53.34 -162.97 11.32
CA ASN A 949 -54.11 -163.47 10.20
C ASN A 949 -54.14 -162.44 9.07
N LEU A 950 -53.84 -162.89 7.86
CA LEU A 950 -53.92 -162.06 6.66
C LEU A 950 -54.61 -162.84 5.55
N LYS A 951 -55.53 -162.18 4.85
CA LYS A 951 -56.20 -162.82 3.72
C LYS A 951 -55.21 -163.09 2.60
N LYS A 952 -55.37 -164.22 1.93
CA LYS A 952 -54.41 -164.69 0.93
C LYS A 952 -55.08 -164.81 -0.42
N THR A 953 -54.65 -164.00 -1.37
CA THR A 953 -55.09 -164.15 -2.76
C THR A 953 -54.41 -165.35 -3.39
N LYS A 954 -55.03 -165.90 -4.42
CA LYS A 954 -54.45 -166.98 -5.22
C LYS A 954 -54.07 -166.43 -6.58
N LEU A 955 -52.90 -166.84 -7.09
CA LEU A 955 -52.44 -166.35 -8.37
C LEU A 955 -53.40 -166.80 -9.48
N PRO A 956 -53.77 -165.89 -10.39
CA PRO A 956 -54.75 -166.24 -11.42
C PRO A 956 -54.24 -167.34 -12.34
N LYS A 957 -55.19 -168.15 -12.84
CA LYS A 957 -54.84 -169.18 -13.82
C LYS A 957 -54.39 -168.55 -15.14
N THR A 958 -54.85 -167.33 -15.41
CA THR A 958 -54.42 -166.64 -16.63
C THR A 958 -52.92 -166.38 -16.63
N TYR A 959 -52.38 -165.94 -15.49
CA TYR A 959 -50.94 -165.82 -15.35
C TYR A 959 -50.30 -167.19 -15.43
N MET A 960 -49.27 -167.32 -16.28
CA MET A 960 -48.80 -168.61 -16.76
C MET A 960 -47.40 -168.92 -16.22
N MET A 961 -47.20 -170.18 -15.86
CA MET A 961 -45.89 -170.70 -15.47
C MET A 961 -45.92 -172.20 -15.71
N SER A 962 -44.80 -172.76 -16.17
CA SER A 962 -44.76 -174.16 -16.57
C SER A 962 -45.03 -175.10 -15.40
N ASN A 963 -44.64 -174.70 -14.19
CA ASN A 963 -44.83 -175.58 -13.04
C ASN A 963 -46.31 -175.71 -12.69
N GLY A 964 -47.03 -174.59 -12.59
CA GLY A 964 -48.39 -174.60 -12.12
C GLY A 964 -48.54 -174.48 -10.62
N TYR A 965 -47.45 -174.55 -9.87
CA TYR A 965 -47.47 -174.40 -8.41
C TYR A 965 -47.20 -172.93 -8.09
N LYS A 966 -48.27 -172.15 -7.99
CA LYS A 966 -48.20 -170.71 -7.84
C LYS A 966 -48.35 -170.32 -6.38
N PRO A 967 -47.37 -169.62 -5.80
CA PRO A 967 -47.52 -169.17 -4.40
C PRO A 967 -48.65 -168.16 -4.26
N ALA A 968 -49.28 -168.17 -3.10
CA ALA A 968 -50.44 -167.33 -2.87
C ALA A 968 -50.03 -165.91 -2.53
N PRO A 969 -50.42 -164.91 -3.33
CA PRO A 969 -50.11 -163.51 -2.97
C PRO A 969 -51.03 -162.98 -1.88
N LEU A 970 -50.63 -161.84 -1.32
CA LEU A 970 -51.50 -161.11 -0.39
C LEU A 970 -52.49 -160.27 -1.18
N ASP A 971 -53.58 -159.87 -0.52
CA ASP A 971 -54.62 -159.10 -1.20
C ASP A 971 -54.33 -157.61 -0.99
N LEU A 972 -53.38 -157.10 -1.78
CA LEU A 972 -53.02 -155.69 -1.72
C LEU A 972 -54.22 -154.82 -2.06
N SER A 973 -55.21 -155.40 -2.75
CA SER A 973 -56.47 -154.70 -2.97
C SER A 973 -57.21 -154.44 -1.66
N HIS A 974 -57.25 -155.44 -0.76
CA HIS A 974 -57.89 -155.19 0.53
C HIS A 974 -57.01 -154.31 1.39
N VAL A 975 -55.72 -154.22 1.07
CA VAL A 975 -54.86 -153.30 1.81
C VAL A 975 -54.95 -151.90 1.21
N ARG A 976 -54.59 -150.89 2.02
CA ARG A 976 -54.60 -149.49 1.60
C ARG A 976 -53.22 -148.87 1.77
N LEU A 977 -53.13 -147.57 1.50
CA LEU A 977 -51.86 -146.87 1.33
C LEU A 977 -51.93 -145.47 1.92
N THR A 978 -50.75 -144.91 2.25
CA THR A 978 -50.67 -143.51 2.66
C THR A 978 -49.50 -142.83 1.95
N PRO A 979 -49.64 -141.55 1.56
CA PRO A 979 -48.67 -140.95 0.62
C PRO A 979 -47.31 -140.63 1.22
N ALA A 980 -47.27 -140.11 2.46
CA ALA A 980 -45.99 -139.74 3.05
C ALA A 980 -45.06 -140.94 3.14
N GLN A 981 -45.61 -142.11 3.47
CA GLN A 981 -44.81 -143.32 3.45
C GLN A 981 -44.34 -143.65 2.04
N THR A 982 -45.17 -143.36 1.02
CA THR A 982 -44.72 -143.58 -0.35
C THR A 982 -43.49 -142.74 -0.67
N THR A 983 -43.50 -141.46 -0.29
CA THR A 983 -42.34 -140.61 -0.53
C THR A 983 -41.12 -141.10 0.25
N LEU A 984 -41.32 -141.46 1.52
CA LEU A 984 -40.21 -141.93 2.35
C LEU A 984 -39.60 -143.20 1.77
N VAL A 985 -40.43 -144.12 1.28
CA VAL A 985 -39.90 -145.38 0.76
C VAL A 985 -39.37 -145.19 -0.67
N ASP A 986 -39.79 -144.11 -1.35
CA ASP A 986 -39.10 -143.73 -2.57
C ASP A 986 -37.66 -143.34 -2.28
N ARG A 987 -37.46 -142.48 -1.28
CA ARG A 987 -36.10 -142.16 -0.86
C ARG A 987 -35.38 -143.43 -0.38
N LEU A 988 -36.13 -144.34 0.25
CA LEU A 988 -35.54 -145.58 0.72
C LEU A 988 -35.04 -146.44 -0.45
N ALA A 989 -35.78 -146.48 -1.55
CA ALA A 989 -35.30 -147.20 -2.73
C ALA A 989 -34.08 -146.52 -3.32
N GLU A 990 -34.06 -145.19 -3.33
CA GLU A 990 -32.83 -144.49 -3.71
C GLU A 990 -31.67 -144.97 -2.86
N ASN A 991 -31.88 -145.04 -1.55
CA ASN A 991 -30.84 -145.50 -0.62
C ASN A 991 -30.45 -146.95 -0.89
N GLY A 992 -31.44 -147.82 -1.14
CA GLY A 992 -31.14 -149.22 -1.36
C GLY A 992 -30.40 -149.47 -2.66
N HIS A 993 -30.75 -148.73 -3.71
CA HIS A 993 -30.01 -148.83 -4.96
C HIS A 993 -28.59 -148.30 -4.78
N ASN A 994 -28.44 -147.26 -3.93
CA ASN A 994 -27.09 -146.81 -3.59
C ASN A 994 -26.32 -147.88 -2.85
N VAL A 995 -26.99 -148.62 -1.97
CA VAL A 995 -26.34 -149.73 -1.26
C VAL A 995 -25.92 -150.82 -2.24
N TRP A 996 -26.79 -151.13 -3.21
CA TRP A 996 -26.45 -152.14 -4.21
C TRP A 996 -25.27 -151.68 -5.06
N ALA A 997 -25.22 -150.39 -5.39
CA ALA A 997 -24.06 -149.86 -6.12
C ALA A 997 -22.81 -149.91 -5.26
N ARG A 998 -22.95 -149.64 -3.96
CA ARG A 998 -21.84 -149.79 -3.02
C ARG A 998 -21.29 -151.21 -3.09
N ASP A 999 -22.19 -152.19 -3.05
CA ASP A 999 -21.79 -153.60 -3.15
C ASP A 999 -21.13 -153.91 -4.48
N ARG A 1000 -21.68 -153.39 -5.58
CA ARG A 1000 -21.10 -153.65 -6.90
C ARG A 1000 -19.69 -153.06 -7.01
N VAL A 1001 -19.49 -151.86 -6.47
CA VAL A 1001 -18.16 -151.27 -6.44
C VAL A 1001 -17.23 -152.12 -5.59
N ALA A 1002 -17.75 -152.68 -4.49
CA ALA A 1002 -16.95 -153.61 -3.70
C ALA A 1002 -16.53 -154.82 -4.51
N GLN A 1003 -17.45 -155.36 -5.33
CA GLN A 1003 -17.09 -156.44 -6.24
C GLN A 1003 -16.13 -155.97 -7.32
N GLY A 1004 -16.06 -154.66 -7.54
CA GLY A 1004 -15.26 -154.10 -8.60
C GLY A 1004 -16.01 -153.74 -9.86
N TRP A 1005 -17.33 -153.84 -9.85
CA TRP A 1005 -18.13 -153.51 -11.02
C TRP A 1005 -18.03 -152.02 -11.33
N SER A 1006 -18.21 -151.67 -12.61
CA SER A 1006 -18.11 -150.30 -13.06
C SER A 1006 -19.23 -149.99 -14.05
N TYR A 1007 -19.46 -148.70 -14.26
CA TYR A 1007 -20.49 -148.28 -15.20
C TYR A 1007 -20.03 -148.46 -16.65
N SER A 1008 -21.01 -148.67 -17.53
CA SER A 1008 -20.77 -148.79 -18.97
C SER A 1008 -22.05 -148.48 -19.72
N ALA A 1009 -21.92 -148.32 -21.03
CA ALA A 1009 -23.10 -148.19 -21.88
C ALA A 1009 -23.73 -149.54 -22.17
N VAL A 1010 -22.92 -150.60 -22.19
CA VAL A 1010 -23.39 -151.96 -22.48
C VAL A 1010 -22.96 -152.88 -21.35
N GLN A 1011 -23.85 -153.79 -20.98
CA GLN A 1011 -23.66 -154.68 -19.84
C GLN A 1011 -22.88 -155.92 -20.28
N ASP A 1012 -21.70 -156.10 -19.71
CA ASP A 1012 -20.93 -157.33 -19.84
C ASP A 1012 -20.51 -157.81 -18.47
N ILE A 1013 -20.77 -159.08 -18.19
CA ILE A 1013 -20.51 -159.63 -16.85
C ILE A 1013 -19.02 -159.83 -16.59
N PRO A 1014 -18.26 -160.57 -17.43
CA PRO A 1014 -16.85 -160.79 -17.08
C PRO A 1014 -16.03 -159.52 -17.01
N ALA A 1015 -16.31 -158.54 -17.87
CA ALA A 1015 -15.62 -157.26 -17.77
C ALA A 1015 -16.16 -156.45 -16.59
N ARG A 1016 -17.27 -156.90 -16.00
CA ARG A 1016 -17.90 -156.23 -14.86
C ARG A 1016 -18.25 -154.79 -15.21
N ARG A 1017 -18.96 -154.60 -16.31
CA ARG A 1017 -19.37 -153.27 -16.77
C ARG A 1017 -20.88 -153.31 -16.97
N ASN A 1018 -21.58 -152.28 -16.48
CA ASN A 1018 -23.04 -152.33 -16.44
C ASN A 1018 -23.63 -150.93 -16.60
N PRO A 1019 -24.68 -150.77 -17.41
CA PRO A 1019 -25.47 -149.53 -17.31
C PRO A 1019 -26.21 -149.42 -15.99
N ARG A 1020 -26.48 -150.54 -15.34
CA ARG A 1020 -27.17 -150.52 -14.05
C ARG A 1020 -26.38 -149.75 -12.99
N LEU A 1021 -25.05 -149.84 -13.02
CA LEU A 1021 -24.22 -149.22 -11.99
C LEU A 1021 -24.24 -147.71 -12.21
N VAL A 1022 -25.31 -147.09 -11.73
CA VAL A 1022 -25.51 -145.65 -11.84
C VAL A 1022 -26.35 -145.19 -10.66
N PRO A 1023 -26.09 -143.98 -10.15
CA PRO A 1023 -26.88 -143.47 -9.03
C PRO A 1023 -28.36 -143.39 -9.38
N TYR A 1024 -29.20 -143.55 -8.34
CA TYR A 1024 -30.64 -143.64 -8.55
C TYR A 1024 -31.19 -142.39 -9.21
N ARG A 1025 -30.79 -141.21 -8.73
CA ARG A 1025 -31.23 -139.98 -9.39
C ARG A 1025 -30.60 -139.86 -10.77
N LEU A 1026 -29.43 -140.47 -10.98
CA LEU A 1026 -28.85 -140.52 -12.31
C LEU A 1026 -29.44 -141.67 -13.12
N LEU A 1027 -30.11 -142.61 -12.46
CA LEU A 1027 -30.73 -143.74 -13.15
C LEU A 1027 -31.87 -143.27 -14.03
N ASP A 1028 -32.13 -144.02 -15.10
CA ASP A 1028 -33.15 -143.63 -16.07
C ASP A 1028 -34.54 -143.61 -15.43
N GLU A 1029 -35.37 -142.69 -15.92
CA GLU A 1029 -36.66 -142.44 -15.28
C GLU A 1029 -37.60 -143.62 -15.40
N ALA A 1030 -37.51 -144.38 -16.50
CA ALA A 1030 -38.36 -145.56 -16.64
C ALA A 1030 -38.05 -146.61 -15.58
N THR A 1031 -36.76 -146.89 -15.38
CA THR A 1031 -36.38 -147.83 -14.32
C THR A 1031 -36.74 -147.28 -12.96
N LYS A 1032 -36.57 -145.98 -12.75
CA LYS A 1032 -37.00 -145.38 -11.49
C LYS A 1032 -38.50 -145.59 -11.26
N ARG A 1033 -39.32 -145.40 -12.30
CA ARG A 1033 -40.75 -145.59 -12.16
C ARG A 1033 -41.08 -147.04 -11.83
N SER A 1034 -40.37 -147.98 -12.47
CA SER A 1034 -40.57 -149.40 -12.14
C SER A 1034 -40.23 -149.68 -10.68
N ASN A 1035 -39.12 -149.10 -10.19
CA ASN A 1035 -38.75 -149.30 -8.80
C ASN A 1035 -39.78 -148.69 -7.85
N ARG A 1036 -40.32 -147.51 -8.19
CA ARG A 1036 -41.38 -146.94 -7.34
C ARG A 1036 -42.66 -147.77 -7.39
N ASP A 1037 -42.95 -148.43 -8.51
CA ASP A 1037 -44.07 -149.35 -8.53
C ASP A 1037 -43.83 -150.52 -7.57
N SER A 1038 -42.62 -151.08 -7.61
CA SER A 1038 -42.26 -152.12 -6.64
C SER A 1038 -42.37 -151.59 -5.22
N LEU A 1039 -42.01 -150.32 -5.02
CA LEU A 1039 -42.12 -149.70 -3.70
C LEU A 1039 -43.57 -149.59 -3.24
N CYS A 1040 -44.46 -149.21 -4.15
CA CYS A 1040 -45.87 -149.14 -3.82
C CYS A 1040 -46.38 -150.52 -3.41
N GLN A 1041 -45.98 -151.55 -4.15
CA GLN A 1041 -46.37 -152.90 -3.78
C GLN A 1041 -45.83 -153.28 -2.39
N ALA A 1042 -44.56 -152.94 -2.12
CA ALA A 1042 -43.95 -153.31 -0.85
C ALA A 1042 -44.59 -152.56 0.32
N VAL A 1043 -44.90 -151.28 0.14
CA VAL A 1043 -45.53 -150.52 1.22
C VAL A 1043 -46.95 -151.00 1.45
N ARG A 1044 -47.65 -151.36 0.36
CA ARG A 1044 -48.97 -151.95 0.52
C ARG A 1044 -48.88 -153.26 1.27
N THR A 1045 -47.84 -154.06 1.00
CA THR A 1045 -47.61 -155.27 1.78
C THR A 1045 -47.35 -154.97 3.24
N LEU A 1046 -46.60 -153.90 3.53
CA LEU A 1046 -46.36 -153.49 4.91
C LEU A 1046 -47.67 -153.16 5.61
N LEU A 1047 -48.52 -152.35 4.97
CA LEU A 1047 -49.81 -152.03 5.57
C LEU A 1047 -50.68 -153.27 5.71
N GLY A 1048 -50.49 -154.25 4.81
CA GLY A 1048 -51.22 -155.51 4.96
C GLY A 1048 -50.78 -156.29 6.18
N TYR A 1049 -49.48 -156.32 6.43
CA TYR A 1049 -49.00 -156.87 7.70
C TYR A 1049 -49.45 -156.03 8.88
N GLY A 1050 -49.85 -154.79 8.63
CA GLY A 1050 -50.59 -154.01 9.59
C GLY A 1050 -49.77 -153.24 10.59
N TYR A 1051 -48.44 -153.35 10.56
CA TYR A 1051 -47.62 -152.49 11.40
C TYR A 1051 -47.83 -151.04 11.03
N ASN A 1052 -48.45 -150.30 11.95
CA ASN A 1052 -48.50 -148.87 11.77
C ASN A 1052 -47.09 -148.33 11.60
N ILE A 1053 -46.84 -147.79 10.42
CA ILE A 1053 -45.56 -147.19 10.05
C ILE A 1053 -45.70 -145.68 10.23
N GLU A 1054 -45.01 -145.15 11.27
CA GLU A 1054 -45.13 -143.87 11.94
C GLU A 1054 -44.18 -142.85 11.31
N PRO A 1055 -44.66 -141.94 10.47
CA PRO A 1055 -43.73 -141.12 9.64
C PRO A 1055 -43.06 -140.02 10.45
N PRO A 1056 -41.73 -139.90 10.36
CA PRO A 1056 -41.04 -138.88 11.16
C PRO A 1056 -41.35 -137.48 10.65
N ASP A 1057 -41.19 -136.50 11.55
CA ASP A 1057 -41.38 -135.11 11.16
C ASP A 1057 -40.43 -134.74 10.02
N GLN A 1058 -40.95 -133.95 9.09
CA GLN A 1058 -40.20 -133.60 7.89
C GLN A 1058 -39.04 -132.67 8.22
N GLU A 1059 -37.97 -132.76 7.44
CA GLU A 1059 -36.79 -131.94 7.63
C GLU A 1059 -36.38 -131.33 6.29
N PRO A 1060 -36.18 -130.01 6.23
CA PRO A 1060 -35.81 -129.38 4.96
C PRO A 1060 -34.35 -129.64 4.60
N SER A 1061 -34.02 -129.43 3.34
CA SER A 1061 -32.66 -129.57 2.84
C SER A 1061 -32.47 -128.61 1.68
N GLN A 1062 -31.21 -128.25 1.43
CA GLN A 1062 -30.85 -127.33 0.36
C GLN A 1062 -29.55 -127.82 -0.29
N VAL A 1063 -29.30 -127.37 -1.51
CA VAL A 1063 -28.22 -127.96 -2.31
C VAL A 1063 -26.90 -127.19 -2.12
N GLU A 1064 -26.98 -125.86 -2.03
CA GLU A 1064 -25.81 -124.97 -1.98
C GLU A 1064 -24.69 -125.41 -2.93
N ASN A 1065 -25.08 -125.83 -4.13
CA ASN A 1065 -24.08 -126.34 -5.08
C ASN A 1065 -23.17 -125.23 -5.57
N GLN A 1066 -23.71 -124.03 -5.78
CA GLN A 1066 -22.98 -122.92 -6.38
C GLN A 1066 -23.14 -121.65 -5.56
N SER A 1067 -22.07 -120.86 -5.50
CA SER A 1067 -22.13 -119.52 -4.91
C SER A 1067 -22.70 -118.53 -5.93
N ARG A 1068 -23.13 -117.36 -5.43
CA ARG A 1068 -23.86 -116.41 -6.25
C ARG A 1068 -23.09 -116.05 -7.52
N TRP A 1069 -21.76 -116.04 -7.45
CA TRP A 1069 -20.95 -115.65 -8.60
C TRP A 1069 -21.08 -116.66 -9.73
N ASP A 1070 -20.87 -117.95 -9.43
CA ASP A 1070 -21.02 -118.99 -10.44
C ASP A 1070 -22.49 -119.24 -10.75
N ARG A 1071 -23.37 -118.62 -9.95
CA ARG A 1071 -24.70 -119.16 -9.70
C ARG A 1071 -25.74 -118.28 -10.39
N VAL A 1072 -25.40 -117.00 -10.59
CA VAL A 1072 -26.14 -116.05 -11.43
C VAL A 1072 -25.13 -115.24 -12.23
N ARG A 1073 -25.50 -114.84 -13.45
CA ARG A 1073 -24.69 -113.93 -14.26
C ARG A 1073 -25.52 -112.75 -14.71
N ILE A 1074 -24.96 -111.54 -14.55
CA ILE A 1074 -25.67 -110.29 -14.74
C ILE A 1074 -25.31 -109.70 -16.10
N PHE A 1075 -26.32 -109.22 -16.83
CA PHE A 1075 -26.14 -108.61 -18.14
C PHE A 1075 -26.75 -107.22 -18.12
N ARG A 1076 -25.96 -106.21 -18.46
CA ARG A 1076 -26.39 -104.81 -18.43
C ARG A 1076 -26.06 -104.13 -19.74
N ALA A 1077 -26.51 -102.88 -19.89
CA ALA A 1077 -26.22 -102.12 -21.10
C ALA A 1077 -24.84 -101.46 -21.00
N GLU A 1078 -24.36 -100.98 -22.14
CA GLU A 1078 -23.09 -100.26 -22.15
C GLU A 1078 -23.22 -98.91 -21.44
N LYS A 1079 -22.10 -98.43 -20.91
CA LYS A 1079 -22.06 -97.12 -20.27
C LYS A 1079 -22.38 -96.01 -21.27
N SER A 1080 -21.96 -96.19 -22.53
CA SER A 1080 -22.22 -95.18 -23.55
C SER A 1080 -23.71 -95.04 -23.81
N TYR A 1081 -24.46 -96.14 -23.74
CA TYR A 1081 -25.90 -96.08 -24.00
C TYR A 1081 -26.69 -95.58 -22.79
N THR A 1082 -26.01 -95.03 -21.79
CA THR A 1082 -26.70 -94.54 -20.59
C THR A 1082 -27.64 -93.40 -20.96
N VAL A 1083 -28.84 -93.44 -20.37
CA VAL A 1083 -29.87 -92.44 -20.61
C VAL A 1083 -30.16 -91.72 -19.31
N GLN A 1084 -30.34 -90.41 -19.39
CA GLN A 1084 -30.54 -89.59 -18.19
C GLN A 1084 -31.97 -89.09 -18.03
N SER A 1085 -32.73 -89.01 -19.11
CA SER A 1085 -34.11 -88.54 -19.05
C SER A 1085 -34.87 -89.07 -20.26
N GLY A 1086 -36.20 -89.02 -20.16
CA GLY A 1086 -37.04 -89.36 -21.29
C GLY A 1086 -37.80 -90.66 -21.11
N ARG A 1087 -38.27 -91.17 -22.25
CA ARG A 1087 -39.17 -92.31 -22.33
C ARG A 1087 -38.48 -93.45 -23.05
N TRP A 1088 -38.55 -94.65 -22.47
CA TRP A 1088 -37.76 -95.78 -22.96
C TRP A 1088 -38.50 -97.10 -22.74
N TYR A 1089 -38.32 -97.99 -23.72
CA TYR A 1089 -38.95 -99.30 -23.79
C TYR A 1089 -37.86 -100.36 -23.87
N PHE A 1090 -38.13 -101.55 -23.32
CA PHE A 1090 -37.42 -102.74 -23.80
C PHE A 1090 -38.22 -104.01 -23.51
N GLU A 1091 -38.22 -104.93 -24.48
CA GLU A 1091 -38.99 -106.16 -24.41
C GLU A 1091 -38.06 -107.31 -24.07
N PHE A 1092 -38.61 -108.35 -23.44
CA PHE A 1092 -37.79 -109.49 -23.06
C PHE A 1092 -38.68 -110.71 -22.86
N GLU A 1093 -38.37 -111.79 -23.58
CA GLU A 1093 -39.11 -113.04 -23.51
C GLU A 1093 -38.34 -114.05 -22.67
N ALA A 1094 -39.03 -114.71 -21.76
CA ALA A 1094 -38.40 -115.71 -20.91
C ALA A 1094 -38.72 -117.10 -21.43
N VAL A 1095 -37.69 -117.83 -21.87
CA VAL A 1095 -37.90 -119.17 -22.42
C VAL A 1095 -38.37 -120.13 -21.32
N THR A 1096 -37.83 -119.98 -20.12
CA THR A 1096 -38.18 -120.83 -18.99
C THR A 1096 -38.86 -119.99 -17.91
N THR A 1097 -39.42 -120.69 -16.93
CA THR A 1097 -40.10 -120.01 -15.83
C THR A 1097 -39.14 -119.66 -14.70
N GLY A 1098 -37.86 -119.96 -14.88
CA GLY A 1098 -36.90 -119.79 -13.79
C GLY A 1098 -36.61 -118.34 -13.51
N GLU A 1099 -35.81 -118.11 -12.48
CA GLU A 1099 -35.53 -116.76 -12.00
C GLU A 1099 -34.77 -115.96 -13.06
N MET A 1100 -35.27 -114.78 -13.35
CA MET A 1100 -34.72 -113.99 -14.45
C MET A 1100 -35.24 -112.55 -14.31
N ARG A 1101 -34.30 -111.61 -14.18
CA ARG A 1101 -34.59 -110.25 -13.77
C ARG A 1101 -34.52 -109.31 -14.96
N VAL A 1102 -35.48 -108.39 -15.03
CA VAL A 1102 -35.47 -107.28 -15.98
C VAL A 1102 -35.63 -105.98 -15.21
N GLY A 1103 -34.85 -104.97 -15.57
CA GLY A 1103 -34.99 -103.71 -14.86
C GLY A 1103 -34.19 -102.59 -15.48
N TRP A 1104 -34.23 -101.44 -14.80
CA TRP A 1104 -33.43 -100.27 -15.15
C TRP A 1104 -32.47 -100.01 -14.00
N ALA A 1105 -31.18 -99.91 -14.32
CA ALA A 1105 -30.14 -99.98 -13.30
C ALA A 1105 -29.17 -98.81 -13.40
N ARG A 1106 -28.55 -98.49 -12.27
CA ARG A 1106 -27.53 -97.46 -12.21
C ARG A 1106 -26.24 -97.93 -12.87
N PRO A 1107 -25.51 -97.02 -13.53
CA PRO A 1107 -24.24 -97.40 -14.15
C PRO A 1107 -23.17 -97.87 -13.16
N GLU A 1108 -23.25 -97.42 -11.90
CA GLU A 1108 -22.17 -97.66 -10.96
C GLU A 1108 -22.31 -98.96 -10.20
N LEU A 1109 -23.29 -99.80 -10.54
CA LEU A 1109 -23.55 -101.00 -9.76
C LEU A 1109 -22.33 -101.93 -9.77
N ARG A 1110 -22.06 -102.53 -8.61
CA ARG A 1110 -21.02 -103.54 -8.54
C ARG A 1110 -21.51 -104.85 -9.15
N PRO A 1111 -20.78 -105.42 -10.10
CA PRO A 1111 -21.23 -106.69 -10.69
C PRO A 1111 -21.37 -107.82 -9.68
N ASP A 1112 -20.53 -107.82 -8.64
CA ASP A 1112 -20.57 -108.90 -7.67
C ASP A 1112 -21.87 -108.88 -6.87
N VAL A 1113 -22.40 -107.69 -6.57
CA VAL A 1113 -23.62 -107.59 -5.79
C VAL A 1113 -24.77 -108.23 -6.56
N GLU A 1114 -25.45 -109.16 -5.91
CA GLU A 1114 -26.59 -109.81 -6.54
C GLU A 1114 -27.68 -108.78 -6.81
N LEU A 1115 -28.27 -108.90 -8.01
CA LEU A 1115 -29.09 -107.82 -8.55
C LEU A 1115 -30.34 -107.60 -7.71
N GLY A 1116 -30.60 -106.32 -7.39
CA GLY A 1116 -31.77 -105.94 -6.64
C GLY A 1116 -31.55 -105.68 -5.16
N ALA A 1117 -30.45 -106.17 -4.59
CA ALA A 1117 -30.21 -105.99 -3.16
C ALA A 1117 -29.75 -104.56 -2.85
N ASP A 1118 -29.21 -103.87 -3.84
CA ASP A 1118 -28.62 -102.56 -3.63
C ASP A 1118 -29.52 -101.43 -4.11
N GLU A 1119 -29.20 -100.20 -3.67
CA GLU A 1119 -29.92 -99.02 -4.13
C GLU A 1119 -29.64 -98.70 -5.59
N LEU A 1120 -28.84 -99.54 -6.27
CA LEU A 1120 -28.36 -99.19 -7.59
C LEU A 1120 -29.22 -99.83 -8.69
N ALA A 1121 -30.07 -100.78 -8.32
CA ALA A 1121 -30.84 -101.56 -9.29
C ALA A 1121 -32.33 -101.47 -8.99
N TYR A 1122 -33.13 -101.20 -10.03
CA TYR A 1122 -34.58 -101.34 -9.99
C TYR A 1122 -34.99 -102.46 -10.93
N VAL A 1123 -35.23 -103.65 -10.38
CA VAL A 1123 -35.43 -104.84 -11.19
C VAL A 1123 -36.61 -105.65 -10.67
N PHE A 1124 -37.09 -106.55 -11.53
CA PHE A 1124 -38.19 -107.46 -11.23
C PHE A 1124 -37.84 -108.84 -11.74
N ASN A 1125 -38.17 -109.87 -10.96
CA ASN A 1125 -37.86 -111.26 -11.27
C ASN A 1125 -39.17 -112.04 -11.31
N GLY A 1126 -39.32 -112.90 -12.32
CA GLY A 1126 -40.59 -113.53 -12.56
C GLY A 1126 -40.84 -114.77 -11.73
N HIS A 1127 -39.83 -115.65 -11.63
CA HIS A 1127 -40.05 -116.96 -11.02
C HIS A 1127 -40.68 -116.82 -9.63
N ARG A 1128 -40.29 -115.80 -8.87
CA ARG A 1128 -40.98 -115.50 -7.63
C ARG A 1128 -42.30 -114.78 -7.89
N GLY A 1129 -42.32 -113.92 -8.90
CA GLY A 1129 -43.47 -113.05 -9.13
C GLY A 1129 -43.73 -112.06 -8.02
N GLN A 1130 -42.70 -111.59 -7.34
CA GLN A 1130 -42.82 -110.82 -6.11
C GLN A 1130 -41.64 -109.87 -5.99
N ARG A 1131 -41.81 -108.63 -6.47
CA ARG A 1131 -40.68 -107.78 -6.81
C ARG A 1131 -39.96 -107.40 -5.53
N TRP A 1132 -38.71 -106.98 -5.64
CA TRP A 1132 -37.94 -106.59 -4.47
C TRP A 1132 -36.82 -105.62 -4.85
N HIS A 1133 -36.73 -104.53 -4.09
CA HIS A 1133 -35.57 -103.66 -4.06
C HIS A 1133 -35.13 -103.53 -2.60
N LEU A 1134 -33.98 -104.11 -2.26
CA LEU A 1134 -33.56 -104.15 -0.87
C LEU A 1134 -34.79 -104.30 0.02
N GLY A 1135 -35.51 -105.38 -0.20
CA GLY A 1135 -36.79 -105.63 0.45
C GLY A 1135 -37.87 -105.95 -0.55
N SER A 1136 -38.73 -106.89 -0.16
CA SER A 1136 -39.64 -107.54 -1.09
C SER A 1136 -41.08 -107.11 -0.86
N GLU A 1137 -41.79 -106.92 -1.96
CA GLU A 1137 -43.21 -106.58 -2.00
C GLU A 1137 -43.84 -107.27 -3.21
N PRO A 1138 -44.99 -107.91 -3.01
CA PRO A 1138 -45.60 -108.68 -4.12
C PRO A 1138 -45.95 -107.80 -5.30
N PHE A 1139 -45.78 -108.35 -6.50
CA PHE A 1139 -46.02 -107.62 -7.74
C PHE A 1139 -46.45 -108.58 -8.84
N GLY A 1140 -47.69 -108.42 -9.31
CA GLY A 1140 -48.13 -109.16 -10.49
C GLY A 1140 -48.15 -110.66 -10.27
N ARG A 1141 -47.84 -111.39 -11.33
CA ARG A 1141 -47.85 -112.84 -11.34
C ARG A 1141 -46.52 -113.35 -11.85
N PRO A 1142 -46.04 -114.47 -11.31
CA PRO A 1142 -44.90 -115.16 -11.95
C PRO A 1142 -45.27 -115.61 -13.36
N TRP A 1143 -44.36 -115.39 -14.30
CA TRP A 1143 -44.64 -115.88 -15.64
C TRP A 1143 -44.42 -117.38 -15.75
N GLN A 1144 -44.67 -117.89 -16.94
CA GLN A 1144 -44.43 -119.28 -17.30
C GLN A 1144 -43.60 -119.31 -18.57
N SER A 1145 -43.39 -120.53 -19.09
CA SER A 1145 -42.60 -120.68 -20.31
C SER A 1145 -43.28 -120.00 -21.48
N GLY A 1146 -42.49 -119.31 -22.30
CA GLY A 1146 -43.00 -118.62 -23.46
C GLY A 1146 -43.58 -117.25 -23.21
N ASP A 1147 -43.53 -116.75 -21.98
CA ASP A 1147 -44.08 -115.44 -21.67
C ASP A 1147 -43.12 -114.33 -22.07
N VAL A 1148 -43.67 -113.14 -22.28
CA VAL A 1148 -42.92 -111.96 -22.69
C VAL A 1148 -43.29 -110.80 -21.78
N VAL A 1149 -42.29 -110.03 -21.36
CA VAL A 1149 -42.46 -108.91 -20.45
C VAL A 1149 -41.87 -107.67 -21.09
N GLY A 1150 -42.64 -106.57 -21.09
CA GLY A 1150 -42.17 -105.27 -21.53
C GLY A 1150 -41.91 -104.39 -20.33
N CYS A 1151 -40.85 -103.58 -20.43
CA CYS A 1151 -40.43 -102.71 -19.34
C CYS A 1151 -40.41 -101.27 -19.83
N MET A 1152 -41.03 -100.39 -19.04
CA MET A 1152 -41.27 -98.99 -19.34
C MET A 1152 -40.44 -98.17 -18.36
N ILE A 1153 -39.77 -97.13 -18.83
CA ILE A 1153 -39.25 -96.11 -17.93
C ILE A 1153 -39.55 -94.74 -18.52
N ASP A 1154 -40.04 -93.83 -17.69
CA ASP A 1154 -40.30 -92.45 -18.08
C ASP A 1154 -39.75 -91.54 -16.99
N LEU A 1155 -38.54 -91.03 -17.21
CA LEU A 1155 -37.90 -90.20 -16.20
C LEU A 1155 -38.70 -88.94 -15.91
N THR A 1156 -39.36 -88.39 -16.93
CA THR A 1156 -40.26 -87.27 -16.70
C THR A 1156 -41.43 -87.68 -15.80
N GLU A 1157 -42.06 -88.81 -16.10
CA GLU A 1157 -43.05 -89.37 -15.19
C GLU A 1157 -42.38 -89.90 -13.92
N ASN A 1158 -41.11 -90.29 -14.04
CA ASN A 1158 -40.27 -90.65 -12.90
C ASN A 1158 -40.76 -91.93 -12.23
N THR A 1159 -41.20 -92.90 -13.03
CA THR A 1159 -41.62 -94.20 -12.55
C THR A 1159 -41.12 -95.28 -13.50
N ILE A 1160 -41.30 -96.54 -13.09
CA ILE A 1160 -40.95 -97.69 -13.90
C ILE A 1160 -42.16 -98.62 -13.94
N ILE A 1161 -42.52 -99.07 -15.14
CA ILE A 1161 -43.73 -99.86 -15.36
C ILE A 1161 -43.33 -101.20 -15.95
N PHE A 1162 -44.09 -102.25 -15.61
CA PHE A 1162 -43.82 -103.59 -16.11
C PHE A 1162 -45.12 -104.21 -16.62
N THR A 1163 -45.05 -104.84 -17.80
CA THR A 1163 -46.20 -105.51 -18.41
C THR A 1163 -45.84 -106.94 -18.71
N LEU A 1164 -46.76 -107.86 -18.42
CA LEU A 1164 -46.58 -109.29 -18.67
C LEU A 1164 -47.54 -109.73 -19.77
N ASN A 1165 -47.00 -110.35 -20.81
CA ASN A 1165 -47.79 -110.79 -21.96
C ASN A 1165 -48.61 -109.66 -22.57
N GLY A 1166 -48.05 -108.45 -22.59
CA GLY A 1166 -48.75 -107.29 -23.08
C GLY A 1166 -49.71 -106.65 -22.10
N GLU A 1167 -49.81 -107.18 -20.88
CA GLU A 1167 -50.71 -106.65 -19.86
C GLU A 1167 -49.91 -106.22 -18.64
N VAL A 1168 -50.23 -105.03 -18.13
CA VAL A 1168 -49.47 -104.46 -17.02
C VAL A 1168 -49.68 -105.31 -15.76
N LEU A 1169 -48.58 -105.64 -15.10
CA LEU A 1169 -48.67 -106.32 -13.82
C LEU A 1169 -49.33 -105.41 -12.79
N MET A 1170 -50.30 -105.95 -12.07
CA MET A 1170 -51.06 -105.19 -11.08
C MET A 1170 -50.49 -105.44 -9.69
N SER A 1171 -50.08 -104.35 -9.02
CA SER A 1171 -49.62 -104.47 -7.65
C SER A 1171 -50.80 -104.75 -6.72
N ASP A 1172 -50.49 -105.29 -5.55
CA ASP A 1172 -51.52 -105.59 -4.55
C ASP A 1172 -51.85 -104.31 -3.77
N SER A 1173 -52.17 -103.27 -4.53
CA SER A 1173 -52.50 -101.96 -3.99
C SER A 1173 -53.16 -101.15 -5.09
N GLY A 1174 -53.43 -99.88 -4.79
CA GLY A 1174 -54.05 -99.01 -5.78
C GLY A 1174 -53.10 -98.65 -6.92
N SER A 1175 -51.80 -98.76 -6.67
CA SER A 1175 -50.82 -98.36 -7.66
C SER A 1175 -50.81 -99.31 -8.86
N GLU A 1176 -50.62 -98.74 -10.05
CA GLU A 1176 -50.52 -99.50 -11.29
C GLU A 1176 -49.06 -99.84 -11.64
N THR A 1177 -48.12 -98.97 -11.29
CA THR A 1177 -46.72 -99.15 -11.65
C THR A 1177 -45.96 -99.75 -10.48
N ALA A 1178 -44.88 -100.48 -10.79
CA ALA A 1178 -44.10 -101.14 -9.76
C ALA A 1178 -43.39 -100.15 -8.84
N PHE A 1179 -42.79 -99.12 -9.43
CA PHE A 1179 -41.94 -98.19 -8.69
C PHE A 1179 -42.52 -96.78 -8.79
N ARG A 1180 -42.51 -96.06 -7.67
CA ARG A 1180 -43.13 -94.75 -7.58
C ARG A 1180 -42.22 -93.79 -6.82
N GLU A 1181 -42.28 -92.51 -7.23
CA GLU A 1181 -41.46 -91.44 -6.64
C GLU A 1181 -39.99 -91.83 -6.54
N ILE A 1182 -39.47 -92.48 -7.58
CA ILE A 1182 -38.04 -92.74 -7.62
C ILE A 1182 -37.29 -91.47 -8.01
N GLU A 1183 -35.97 -91.52 -7.88
CA GLU A 1183 -35.11 -90.39 -8.19
C GLU A 1183 -34.52 -90.54 -9.59
N ILE A 1184 -34.29 -89.41 -10.25
CA ILE A 1184 -33.68 -89.45 -11.58
C ILE A 1184 -32.25 -89.97 -11.49
N GLY A 1185 -31.48 -89.45 -10.55
CA GLY A 1185 -30.10 -89.88 -10.40
C GLY A 1185 -29.25 -89.46 -11.60
N ASP A 1186 -28.14 -90.17 -11.80
CA ASP A 1186 -27.30 -89.89 -12.96
C ASP A 1186 -27.87 -90.53 -14.21
N GLY A 1187 -28.81 -91.44 -14.06
CA GLY A 1187 -29.43 -92.10 -15.19
C GLY A 1187 -29.74 -93.55 -14.87
N PHE A 1188 -30.22 -94.25 -15.90
CA PHE A 1188 -30.62 -95.64 -15.78
C PHE A 1188 -30.08 -96.43 -16.97
N LEU A 1189 -29.82 -97.71 -16.73
CA LEU A 1189 -29.38 -98.64 -17.76
C LEU A 1189 -30.28 -99.86 -17.78
N PRO A 1190 -30.79 -100.27 -18.94
CA PRO A 1190 -31.51 -101.55 -19.01
C PRO A 1190 -30.60 -102.71 -18.62
N VAL A 1191 -31.10 -103.56 -17.73
CA VAL A 1191 -30.32 -104.65 -17.17
C VAL A 1191 -31.17 -105.91 -17.16
N CYS A 1192 -30.53 -107.04 -17.46
CA CYS A 1192 -31.16 -108.35 -17.49
C CYS A 1192 -30.25 -109.36 -16.80
N SER A 1193 -30.79 -110.08 -15.83
CA SER A 1193 -30.08 -111.10 -15.09
C SER A 1193 -30.75 -112.45 -15.31
N LEU A 1194 -29.96 -113.52 -15.26
CA LEU A 1194 -30.46 -114.87 -15.52
C LEU A 1194 -29.98 -115.81 -14.43
N GLY A 1195 -30.87 -116.66 -13.94
CA GLY A 1195 -30.50 -117.65 -12.96
C GLY A 1195 -29.73 -118.78 -13.61
N PRO A 1196 -29.36 -119.78 -12.80
CA PRO A 1196 -28.55 -120.88 -13.33
C PRO A 1196 -29.39 -121.80 -14.21
N GLY A 1197 -29.03 -121.85 -15.49
CA GLY A 1197 -29.72 -122.72 -16.42
C GLY A 1197 -31.04 -122.20 -16.96
N GLN A 1198 -31.19 -120.88 -17.08
CA GLN A 1198 -32.40 -120.27 -17.60
C GLN A 1198 -32.07 -119.47 -18.86
N VAL A 1199 -33.02 -119.40 -19.79
CA VAL A 1199 -32.80 -118.82 -21.11
C VAL A 1199 -33.69 -117.60 -21.29
N GLY A 1200 -33.11 -116.51 -21.78
CA GLY A 1200 -33.88 -115.30 -22.06
C GLY A 1200 -33.59 -114.71 -23.43
N HIS A 1201 -34.53 -113.91 -23.93
CA HIS A 1201 -34.39 -113.17 -25.18
C HIS A 1201 -34.62 -111.70 -24.90
N LEU A 1202 -33.66 -110.86 -25.30
CA LEU A 1202 -33.72 -109.44 -25.00
C LEU A 1202 -33.84 -108.66 -26.31
N ASN A 1203 -34.78 -107.72 -26.35
CA ASN A 1203 -34.95 -106.85 -27.50
C ASN A 1203 -35.01 -105.41 -27.03
N LEU A 1204 -34.19 -104.56 -27.65
CA LEU A 1204 -34.13 -103.15 -27.33
C LEU A 1204 -34.76 -102.28 -28.42
N GLY A 1205 -34.93 -102.81 -29.62
CA GLY A 1205 -35.54 -102.05 -30.69
C GLY A 1205 -34.81 -102.07 -32.02
N GLN A 1206 -33.84 -102.97 -32.21
CA GLN A 1206 -33.14 -103.04 -33.49
C GLN A 1206 -34.11 -103.27 -34.65
N ASP A 1207 -35.02 -104.23 -34.49
CA ASP A 1207 -36.02 -104.53 -35.51
C ASP A 1207 -37.39 -104.05 -35.02
N VAL A 1208 -38.08 -103.27 -35.85
CA VAL A 1208 -39.35 -102.67 -35.45
C VAL A 1208 -40.40 -103.76 -35.24
N SER A 1209 -40.35 -104.82 -36.04
CA SER A 1209 -41.37 -105.86 -35.96
C SER A 1209 -41.18 -106.74 -34.73
N SER A 1210 -39.95 -106.80 -34.20
CA SER A 1210 -39.68 -107.66 -33.06
C SER A 1210 -40.46 -107.22 -31.82
N LEU A 1211 -40.70 -105.92 -31.70
CA LEU A 1211 -41.46 -105.36 -30.56
C LEU A 1211 -42.94 -105.66 -30.74
N ARG A 1212 -43.28 -106.94 -30.62
CA ARG A 1212 -44.66 -107.36 -30.85
C ARG A 1212 -45.60 -106.85 -29.76
N PHE A 1213 -45.22 -106.99 -28.49
CA PHE A 1213 -46.09 -106.57 -27.41
C PHE A 1213 -45.97 -105.07 -27.16
N PHE A 1214 -44.98 -104.43 -27.77
CA PHE A 1214 -44.94 -102.97 -27.77
C PHE A 1214 -46.10 -102.39 -28.56
N ALA A 1215 -46.59 -103.14 -29.56
CA ALA A 1215 -47.79 -102.73 -30.26
C ALA A 1215 -48.99 -102.70 -29.33
N ILE A 1216 -49.12 -103.71 -28.46
CA ILE A 1216 -50.23 -103.75 -27.52
C ILE A 1216 -50.07 -102.68 -26.46
N CYS A 1217 -48.89 -102.59 -25.85
CA CYS A 1217 -48.64 -101.65 -24.78
C CYS A 1217 -47.39 -100.83 -25.09
N GLY A 1218 -47.49 -99.52 -24.93
CA GLY A 1218 -46.37 -98.63 -25.19
C GLY A 1218 -46.53 -97.70 -26.37
N LEU A 1219 -47.32 -98.07 -27.37
CA LEU A 1219 -47.62 -97.12 -28.45
C LEU A 1219 -48.54 -96.02 -27.95
N GLN A 1220 -49.57 -96.39 -27.18
CA GLN A 1220 -50.48 -95.39 -26.64
C GLN A 1220 -49.78 -94.51 -25.62
N GLU A 1221 -49.07 -95.13 -24.67
CA GLU A 1221 -48.20 -94.37 -23.78
C GLU A 1221 -47.15 -93.61 -24.59
N GLY A 1222 -46.82 -94.12 -25.78
CA GLY A 1222 -45.87 -93.45 -26.64
C GLY A 1222 -44.47 -93.39 -26.05
N PHE A 1223 -43.94 -94.52 -25.60
CA PHE A 1223 -42.62 -94.52 -24.99
C PHE A 1223 -41.58 -95.01 -25.99
N GLU A 1224 -40.47 -94.29 -26.05
CA GLU A 1224 -39.53 -94.43 -27.15
C GLU A 1224 -38.75 -95.73 -27.04
N PRO A 1225 -38.78 -96.59 -28.07
CA PRO A 1225 -38.02 -97.84 -28.01
C PRO A 1225 -36.53 -97.58 -27.88
N PHE A 1226 -35.90 -98.31 -26.95
CA PHE A 1226 -34.52 -97.98 -26.55
C PHE A 1226 -33.56 -98.03 -27.74
N ALA A 1227 -33.84 -98.86 -28.73
CA ALA A 1227 -32.97 -99.02 -29.87
C ALA A 1227 -33.67 -98.81 -31.20
N ILE A 1228 -34.70 -97.97 -31.25
CA ILE A 1228 -35.47 -97.79 -32.48
C ILE A 1228 -34.59 -97.20 -33.58
N ASN A 1229 -33.67 -96.31 -33.22
CA ASN A 1229 -32.72 -95.75 -34.18
C ASN A 1229 -31.29 -96.04 -33.70
N MET A 1230 -30.85 -97.28 -33.96
CA MET A 1230 -29.47 -97.71 -33.80
C MET A 1230 -28.95 -98.23 -35.12
N GLN A 1231 -27.80 -97.69 -35.55
CA GLN A 1231 -27.16 -98.21 -36.76
CA GLN A 1231 -27.15 -98.20 -36.76
C GLN A 1231 -26.60 -99.60 -36.52
N ARG A 1232 -26.14 -99.88 -35.31
CA ARG A 1232 -25.50 -101.11 -34.90
C ARG A 1232 -26.21 -101.67 -33.68
N PRO A 1233 -26.11 -102.98 -33.45
CA PRO A 1233 -26.71 -103.56 -32.23
C PRO A 1233 -26.13 -102.93 -30.97
N VAL A 1234 -26.99 -102.75 -29.97
CA VAL A 1234 -26.58 -102.11 -28.74
C VAL A 1234 -25.66 -103.03 -27.94
N THR A 1235 -24.54 -102.49 -27.49
CA THR A 1235 -23.58 -103.28 -26.74
C THR A 1235 -24.07 -103.52 -25.31
N THR A 1236 -24.02 -104.78 -24.90
CA THR A 1236 -24.28 -105.16 -23.52
C THR A 1236 -23.01 -105.75 -22.92
N TRP A 1237 -23.00 -105.86 -21.60
CA TRP A 1237 -21.86 -106.35 -20.84
C TRP A 1237 -22.30 -107.43 -19.86
N PHE A 1238 -21.49 -108.48 -19.76
CA PHE A 1238 -21.78 -109.62 -18.91
C PHE A 1238 -20.80 -109.67 -17.75
N SER A 1239 -21.29 -110.18 -16.62
CA SER A 1239 -20.43 -110.43 -15.48
C SER A 1239 -19.49 -111.60 -15.76
N LYS A 1240 -18.27 -111.48 -15.26
CA LYS A 1240 -17.20 -112.45 -15.51
C LYS A 1240 -16.96 -113.21 -14.21
N SER A 1241 -17.32 -114.49 -14.19
CA SER A 1241 -17.16 -115.29 -12.99
C SER A 1241 -15.71 -115.66 -12.74
N LEU A 1242 -14.89 -115.63 -13.79
CA LEU A 1242 -13.48 -115.92 -13.63
C LEU A 1242 -12.85 -114.87 -12.72
N PRO A 1243 -12.24 -115.28 -11.60
CA PRO A 1243 -11.66 -114.29 -10.68
C PRO A 1243 -10.48 -113.57 -11.31
N GLN A 1244 -10.53 -112.25 -11.29
CA GLN A 1244 -9.50 -111.41 -11.89
C GLN A 1244 -8.79 -110.62 -10.80
N PHE A 1245 -7.52 -110.30 -11.05
CA PHE A 1245 -6.72 -109.63 -10.04
C PHE A 1245 -6.96 -108.13 -10.08
N GLU A 1246 -7.40 -107.57 -8.96
CA GLU A 1246 -7.76 -106.16 -8.89
C GLU A 1246 -7.09 -105.49 -7.69
N PRO A 1247 -6.78 -104.20 -7.80
CA PRO A 1247 -6.23 -103.49 -6.65
C PRO A 1247 -7.23 -103.37 -5.51
N VAL A 1248 -6.71 -103.30 -4.28
CA VAL A 1248 -7.57 -103.19 -3.11
C VAL A 1248 -8.21 -101.81 -3.08
N PRO A 1249 -9.53 -101.69 -2.96
CA PRO A 1249 -10.16 -100.37 -2.82
C PRO A 1249 -9.76 -99.71 -1.51
N PRO A 1250 -9.31 -98.45 -1.57
CA PRO A 1250 -8.84 -97.80 -0.33
C PRO A 1250 -9.89 -97.70 0.77
N GLU A 1251 -11.15 -97.46 0.41
CA GLU A 1251 -12.22 -97.35 1.39
C GLU A 1251 -13.08 -98.60 1.48
N HIS A 1252 -12.52 -99.78 1.25
CA HIS A 1252 -13.29 -101.00 1.39
C HIS A 1252 -13.62 -101.21 2.86
N PRO A 1253 -14.90 -101.34 3.23
CA PRO A 1253 -15.27 -101.24 4.65
C PRO A 1253 -14.71 -102.34 5.54
N HIS A 1254 -14.45 -103.53 5.00
CA HIS A 1254 -14.10 -104.65 5.87
C HIS A 1254 -12.60 -104.73 6.12
N TYR A 1255 -11.79 -104.48 5.09
CA TYR A 1255 -10.33 -104.57 5.20
C TYR A 1255 -9.72 -103.20 5.01
N GLU A 1256 -8.68 -102.92 5.79
CA GLU A 1256 -7.96 -101.64 5.74
C GLU A 1256 -6.51 -101.90 5.36
N VAL A 1257 -6.00 -101.13 4.40
CA VAL A 1257 -4.63 -101.27 3.93
C VAL A 1257 -3.94 -99.93 4.11
N ALA A 1258 -2.77 -99.95 4.76
CA ALA A 1258 -2.00 -98.74 5.03
C ALA A 1258 -0.52 -99.00 4.75
N ARG A 1259 0.15 -98.00 4.17
CA ARG A 1259 1.60 -98.07 3.97
C ARG A 1259 2.32 -97.47 5.17
N MET A 1260 3.42 -98.10 5.54
CA MET A 1260 4.32 -97.55 6.53
C MET A 1260 5.72 -97.55 5.94
N ASP A 1261 6.42 -96.44 6.11
CA ASP A 1261 7.71 -96.25 5.50
C ASP A 1261 8.81 -96.91 6.32
N GLY A 1262 9.84 -97.37 5.61
CA GLY A 1262 10.95 -98.01 6.29
C GLY A 1262 11.74 -97.01 7.12
N THR A 1263 12.35 -97.52 8.18
CA THR A 1263 13.13 -96.72 9.10
C THR A 1263 14.50 -97.33 9.31
N VAL A 1264 15.23 -96.81 10.29
CA VAL A 1264 16.56 -97.31 10.60
C VAL A 1264 16.48 -98.75 11.10
N ASP A 1265 15.41 -99.10 11.81
CA ASP A 1265 15.32 -100.43 12.41
C ASP A 1265 14.57 -101.40 11.50
N THR A 1266 13.60 -100.90 10.75
CA THR A 1266 12.70 -101.77 9.99
C THR A 1266 12.72 -101.39 8.52
N PRO A 1267 12.52 -102.37 7.63
CA PRO A 1267 12.43 -102.04 6.21
C PRO A 1267 11.05 -101.50 5.87
N PRO A 1268 10.85 -100.99 4.66
CA PRO A 1268 9.51 -100.56 4.25
C PRO A 1268 8.53 -101.73 4.27
N CYS A 1269 7.28 -101.42 4.62
CA CYS A 1269 6.25 -102.45 4.79
C CYS A 1269 4.90 -101.91 4.35
N LEU A 1270 4.02 -102.84 4.00
CA LEU A 1270 2.62 -102.55 3.73
C LEU A 1270 1.77 -103.20 4.81
N ARG A 1271 0.97 -102.40 5.51
CA ARG A 1271 0.27 -102.80 6.72
C ARG A 1271 -1.20 -103.01 6.41
N LEU A 1272 -1.75 -104.16 6.79
CA LEU A 1272 -3.17 -104.42 6.58
C LEU A 1272 -3.85 -104.70 7.92
N ALA A 1273 -5.04 -104.14 8.09
CA ALA A 1273 -5.87 -104.38 9.27
C ALA A 1273 -7.30 -104.66 8.82
N HIS A 1274 -8.06 -105.26 9.71
CA HIS A 1274 -9.46 -105.60 9.45
C HIS A 1274 -10.34 -104.74 10.35
N ARG A 1275 -11.02 -103.75 9.75
CA ARG A 1275 -11.72 -102.76 10.55
C ARG A 1275 -12.89 -103.36 11.32
N THR A 1276 -13.72 -104.16 10.67
CA THR A 1276 -14.93 -104.64 11.32
C THR A 1276 -14.63 -105.73 12.34
N TRP A 1277 -13.39 -106.23 12.36
CA TRP A 1277 -13.02 -107.24 13.35
C TRP A 1277 -13.12 -106.66 14.76
N GLY A 1278 -13.62 -107.48 15.67
CA GLY A 1278 -13.89 -107.03 17.02
C GLY A 1278 -15.28 -106.47 17.23
N SER A 1279 -16.09 -106.37 16.17
CA SER A 1279 -17.44 -105.85 16.25
C SER A 1279 -18.38 -106.85 15.58
N GLN A 1280 -19.67 -106.75 15.91
CA GLN A 1280 -20.66 -107.63 15.31
C GLN A 1280 -20.80 -107.36 13.82
N ASN A 1281 -21.48 -108.28 13.12
CA ASN A 1281 -21.72 -108.34 11.67
C ASN A 1281 -20.42 -108.29 10.87
N SER A 1282 -19.28 -108.55 11.50
CA SER A 1282 -18.00 -108.54 10.81
C SER A 1282 -17.94 -109.65 9.77
N LEU A 1283 -17.25 -109.36 8.66
CA LEU A 1283 -17.09 -110.32 7.57
C LEU A 1283 -15.65 -110.81 7.55
N VAL A 1284 -15.48 -112.12 7.69
CA VAL A 1284 -14.18 -112.77 7.60
C VAL A 1284 -14.27 -113.87 6.55
N GLU A 1285 -13.27 -113.92 5.66
CA GLU A 1285 -13.25 -114.90 4.59
C GLU A 1285 -11.81 -115.18 4.20
N MET A 1286 -11.61 -116.29 3.51
CA MET A 1286 -10.28 -116.64 3.02
C MET A 1286 -9.85 -115.64 1.96
N LEU A 1287 -8.91 -114.77 2.32
CA LEU A 1287 -8.53 -113.64 1.47
C LEU A 1287 -7.17 -113.90 0.86
N PHE A 1288 -7.05 -113.58 -0.43
CA PHE A 1288 -5.83 -113.77 -1.20
C PHE A 1288 -5.24 -112.40 -1.53
N LEU A 1289 -3.97 -112.19 -1.17
CA LEU A 1289 -3.31 -110.91 -1.31
C LEU A 1289 -2.05 -111.11 -2.13
N ARG A 1290 -1.61 -110.05 -2.82
CA ARG A 1290 -0.39 -110.10 -3.59
C ARG A 1290 0.22 -108.71 -3.68
N LEU A 1291 1.49 -108.67 -4.07
CA LEU A 1291 2.13 -107.42 -4.45
C LEU A 1291 1.73 -107.04 -5.86
N SER A 1292 1.69 -105.74 -6.13
CA SER A 1292 1.20 -105.26 -7.41
C SER A 1292 2.17 -105.58 -8.55
N LEU A 1293 3.47 -105.59 -8.25
CA LEU A 1293 4.49 -105.65 -9.28
C LEU A 1293 4.98 -107.07 -9.49
N PRO A 1294 5.32 -107.45 -10.72
CA PRO A 1294 5.80 -108.80 -10.99
C PRO A 1294 7.32 -108.91 -10.86
N VAL A 1295 7.77 -110.17 -10.80
CA VAL A 1295 9.19 -110.49 -10.88
C VAL A 1295 9.35 -111.58 -11.93
N GLN A 1296 10.20 -111.32 -12.93
CA GLN A 1296 10.40 -112.25 -14.03
C GLN A 1296 11.82 -112.81 -13.97
N PHE A 1297 11.93 -114.14 -14.03
CA PHE A 1297 13.22 -114.79 -14.01
C PHE A 1297 13.96 -114.59 -15.33
N HIS A 1298 15.27 -114.78 -15.28
CA HIS A 1298 16.09 -114.58 -16.48
C HIS A 1298 15.71 -115.58 -17.56
N GLN A 1299 15.80 -115.12 -18.81
CA GLN A 1299 15.46 -115.98 -19.94
C GLN A 1299 16.37 -117.20 -20.01
N HIS A 1300 17.67 -117.00 -19.79
CA HIS A 1300 18.64 -118.08 -19.78
C HIS A 1300 19.21 -118.23 -18.37
N PHE A 1301 18.83 -119.32 -17.70
CA PHE A 1301 19.42 -119.63 -16.40
C PHE A 1301 20.91 -119.90 -16.56
N ARG A 1302 21.69 -119.46 -15.58
CA ARG A 1302 23.12 -119.73 -15.62
C ARG A 1302 23.36 -121.23 -15.46
N CYS A 1303 24.44 -121.71 -16.09
CA CYS A 1303 24.71 -123.14 -16.10
C CYS A 1303 25.11 -123.62 -14.71
N THR A 1304 24.42 -124.67 -14.25
CA THR A 1304 24.66 -125.27 -12.93
C THR A 1304 24.60 -124.24 -11.81
N ASP A 1419 30.37 -106.09 12.94
CA ASP A 1419 30.42 -106.26 11.50
C ASP A 1419 29.03 -106.59 10.94
N ASN A 1420 28.89 -107.79 10.39
CA ASN A 1420 27.63 -108.28 9.82
C ASN A 1420 27.16 -107.35 8.70
N ARG A 1421 28.11 -106.70 8.03
CA ARG A 1421 27.82 -105.79 6.94
C ARG A 1421 28.13 -106.48 5.62
N ASP A 1422 27.18 -106.49 4.70
CA ASP A 1422 27.37 -107.12 3.41
C ASP A 1422 28.48 -106.41 2.62
N ASP A 1423 29.39 -107.21 2.06
CA ASP A 1423 30.47 -106.65 1.27
C ASP A 1423 29.92 -106.13 -0.06
N PRO A 1424 30.38 -104.96 -0.52
CA PRO A 1424 29.89 -104.44 -1.81
C PRO A 1424 30.10 -105.41 -2.96
N GLU A 1425 31.26 -106.07 -3.01
CA GLU A 1425 31.53 -106.97 -4.14
C GLU A 1425 30.56 -108.14 -4.15
N ILE A 1426 30.36 -108.78 -3.00
CA ILE A 1426 29.49 -109.95 -2.95
C ILE A 1426 28.03 -109.54 -3.17
N ILE A 1427 27.63 -108.36 -2.66
CA ILE A 1427 26.24 -107.95 -2.81
C ILE A 1427 25.96 -107.54 -4.25
N LEU A 1428 26.97 -107.01 -4.96
CA LEU A 1428 26.75 -106.70 -6.37
C LEU A 1428 26.79 -107.96 -7.22
N ASN A 1429 27.64 -108.93 -6.87
CA ASN A 1429 27.77 -110.13 -7.68
C ASN A 1429 26.59 -111.08 -7.51
N THR A 1430 26.02 -111.15 -6.31
CA THR A 1430 24.91 -112.06 -6.06
C THR A 1430 23.64 -111.56 -6.74
N THR A 1431 22.67 -112.46 -6.89
CA THR A 1431 21.40 -112.17 -7.54
C THR A 1431 20.21 -112.84 -6.86
N THR A 1432 20.25 -113.00 -5.54
CA THR A 1432 19.15 -113.62 -4.80
C THR A 1432 18.44 -112.54 -3.99
N TYR A 1433 17.10 -112.57 -4.02
CA TYR A 1433 16.26 -111.51 -3.50
C TYR A 1433 15.43 -112.05 -2.34
N TYR A 1434 15.15 -111.20 -1.36
CA TYR A 1434 14.50 -111.59 -0.13
C TYR A 1434 13.19 -110.83 0.02
N TYR A 1435 12.18 -111.52 0.56
CA TYR A 1435 10.83 -110.99 0.70
C TYR A 1435 10.24 -111.43 2.04
N SER A 1436 9.98 -110.47 2.93
CA SER A 1436 9.55 -110.80 4.28
C SER A 1436 8.05 -110.57 4.42
N VAL A 1437 7.41 -111.36 5.28
CA VAL A 1437 6.03 -111.15 5.67
C VAL A 1437 5.93 -111.35 7.17
N ARG A 1438 5.30 -110.39 7.85
CA ARG A 1438 5.10 -110.44 9.29
C ARG A 1438 3.66 -110.82 9.60
N VAL A 1439 3.48 -111.92 10.32
CA VAL A 1439 2.18 -112.36 10.81
C VAL A 1439 2.12 -112.04 12.29
N PHE A 1440 1.18 -111.16 12.65
CA PHE A 1440 1.06 -110.71 14.04
C PHE A 1440 0.56 -111.83 14.94
N ALA A 1441 0.57 -111.56 16.23
CA ALA A 1441 -0.11 -112.45 17.17
C ALA A 1441 -1.62 -112.37 16.97
N GLY A 1442 -2.27 -113.52 17.01
CA GLY A 1442 -3.69 -113.60 16.75
C GLY A 1442 -4.06 -114.16 15.39
N GLN A 1443 -3.11 -114.28 14.47
CA GLN A 1443 -3.31 -114.98 13.21
C GLN A 1443 -2.59 -116.31 13.27
N GLU A 1444 -3.34 -117.39 13.11
CA GLU A 1444 -2.76 -118.71 13.24
C GLU A 1444 -1.90 -119.03 12.02
N PRO A 1445 -0.76 -119.70 12.22
CA PRO A 1445 -0.02 -120.23 11.06
C PRO A 1445 -0.86 -121.17 10.24
N SER A 1446 -1.83 -121.85 10.87
CA SER A 1446 -2.81 -122.61 10.11
C SER A 1446 -3.64 -121.70 9.22
N CYS A 1447 -3.90 -120.48 9.67
CA CYS A 1447 -4.70 -119.55 8.87
C CYS A 1447 -3.85 -118.86 7.80
N VAL A 1448 -2.54 -118.85 7.98
CA VAL A 1448 -1.64 -118.08 7.12
C VAL A 1448 -0.99 -119.01 6.09
N TRP A 1449 -1.05 -118.61 4.82
CA TRP A 1449 -0.29 -119.23 3.74
C TRP A 1449 0.49 -118.14 3.03
N VAL A 1450 1.79 -118.37 2.83
CA VAL A 1450 2.67 -117.38 2.23
C VAL A 1450 3.46 -118.03 1.11
N GLY A 1451 3.55 -117.34 -0.04
CA GLY A 1451 4.33 -117.83 -1.15
C GLY A 1451 4.09 -116.99 -2.40
N TRP A 1452 4.75 -117.40 -3.48
CA TRP A 1452 4.61 -116.69 -4.74
C TRP A 1452 3.54 -117.33 -5.61
N VAL A 1453 2.86 -116.51 -6.41
CA VAL A 1453 1.76 -116.94 -7.26
C VAL A 1453 2.07 -116.55 -8.70
N THR A 1454 1.73 -117.44 -9.63
CA THR A 1454 1.87 -117.11 -11.05
C THR A 1454 0.64 -116.32 -11.51
N PRO A 1455 0.78 -115.51 -12.57
CA PRO A 1455 -0.39 -114.77 -13.07
C PRO A 1455 -1.53 -115.65 -13.53
N ASP A 1456 -1.24 -116.87 -13.97
CA ASP A 1456 -2.29 -117.76 -14.46
C ASP A 1456 -3.21 -118.22 -13.33
N TYR A 1457 -2.75 -118.09 -12.09
CA TYR A 1457 -3.55 -118.52 -10.94
C TYR A 1457 -4.87 -117.75 -10.88
N HIS A 1458 -5.97 -118.49 -10.69
CA HIS A 1458 -7.28 -117.89 -10.55
C HIS A 1458 -8.15 -118.60 -9.52
N GLN A 1459 -7.59 -119.52 -8.73
CA GLN A 1459 -8.40 -120.29 -7.80
C GLN A 1459 -8.87 -119.40 -6.64
N HIS A 1460 -10.14 -119.53 -6.28
CA HIS A 1460 -10.73 -118.78 -5.18
C HIS A 1460 -11.59 -119.73 -4.36
N ASP A 1461 -11.25 -119.90 -3.08
CA ASP A 1461 -11.97 -120.81 -2.20
C ASP A 1461 -11.84 -120.34 -0.76
N MET A 1462 -12.95 -120.36 -0.02
CA MET A 1462 -12.89 -120.19 1.42
C MET A 1462 -12.21 -121.39 2.08
N ASN A 1463 -12.42 -122.59 1.53
CA ASN A 1463 -11.76 -123.81 1.97
C ASN A 1463 -10.52 -124.04 1.11
N PHE A 1464 -9.58 -123.10 1.21
CA PHE A 1464 -8.30 -123.22 0.53
C PHE A 1464 -7.49 -124.36 1.12
N ASP A 1465 -6.69 -125.02 0.27
CA ASP A 1465 -5.81 -126.08 0.73
C ASP A 1465 -4.57 -126.16 -0.14
N LEU A 1466 -3.43 -126.37 0.51
CA LEU A 1466 -2.17 -126.53 -0.19
C LEU A 1466 -2.22 -127.74 -1.13
N SER A 1467 -2.97 -128.77 -0.74
CA SER A 1467 -3.21 -129.89 -1.66
C SER A 1467 -4.21 -129.49 -2.73
N LYS A 1468 -5.13 -128.58 -2.40
CA LYS A 1468 -6.16 -128.17 -3.36
C LYS A 1468 -5.56 -127.33 -4.48
N VAL A 1469 -4.39 -126.74 -4.26
CA VAL A 1469 -3.81 -125.86 -5.27
C VAL A 1469 -3.61 -126.62 -6.58
N ARG A 1470 -3.66 -125.88 -7.68
CA ARG A 1470 -3.51 -126.47 -9.01
C ARG A 1470 -2.03 -126.75 -9.31
N ALA A 1471 -1.76 -127.98 -9.75
CA ALA A 1471 -0.40 -128.41 -10.03
C ALA A 1471 -0.42 -129.61 -10.96
N VAL A 1472 0.57 -129.68 -11.85
CA VAL A 1472 0.72 -130.77 -12.81
C VAL A 1472 2.21 -131.04 -13.00
N THR A 1473 2.52 -132.28 -13.38
CA THR A 1473 3.89 -132.71 -13.60
C THR A 1473 3.98 -133.38 -14.97
N VAL A 1474 4.98 -133.00 -15.76
CA VAL A 1474 5.17 -133.50 -17.11
C VAL A 1474 6.51 -134.23 -17.17
N THR A 1475 6.56 -135.30 -17.95
CA THR A 1475 7.81 -136.01 -18.21
C THR A 1475 7.97 -136.20 -19.71
N MET A 1476 9.09 -135.73 -20.24
CA MET A 1476 9.44 -135.92 -21.63
C MET A 1476 10.42 -137.11 -21.67
N GLY A 1477 10.04 -138.16 -22.38
CA GLY A 1477 10.78 -139.40 -22.35
C GLY A 1477 10.88 -140.01 -23.73
N ASP A 1478 11.84 -140.93 -23.87
CA ASP A 1478 12.03 -141.67 -25.10
C ASP A 1478 11.16 -142.93 -25.09
N GLU A 1479 11.29 -143.74 -26.15
CA GLU A 1479 10.59 -145.02 -26.19
C GLU A 1479 11.03 -145.94 -25.06
N GLN A 1480 12.34 -146.11 -24.89
CA GLN A 1480 12.87 -146.68 -23.67
C GLN A 1480 12.74 -145.67 -22.55
N GLY A 1481 12.97 -146.11 -21.30
CA GLY A 1481 12.76 -145.26 -20.14
C GLY A 1481 13.30 -143.86 -20.31
N ASN A 1482 14.64 -143.74 -20.37
CA ASN A 1482 15.35 -142.62 -21.01
C ASN A 1482 14.61 -141.29 -20.84
N VAL A 1483 14.41 -140.88 -19.59
CA VAL A 1483 13.70 -139.64 -19.33
C VAL A 1483 14.49 -138.47 -19.93
N HIS A 1484 13.93 -137.86 -20.97
CA HIS A 1484 14.60 -136.75 -21.63
C HIS A 1484 14.61 -135.52 -20.74
N SER A 1485 13.52 -135.29 -20.01
CA SER A 1485 13.40 -134.14 -19.12
C SER A 1485 12.22 -134.37 -18.17
N SER A 1486 12.29 -133.72 -17.01
CA SER A 1486 11.21 -133.73 -16.04
C SER A 1486 10.83 -132.28 -15.71
N LEU A 1487 9.54 -131.98 -15.74
CA LEU A 1487 9.05 -130.61 -15.60
C LEU A 1487 7.92 -130.57 -14.60
N LYS A 1488 7.83 -129.48 -13.84
CA LYS A 1488 6.81 -129.29 -12.83
C LYS A 1488 6.17 -127.93 -13.03
N CYS A 1489 4.83 -127.89 -13.07
CA CYS A 1489 4.10 -126.65 -13.26
C CYS A 1489 3.10 -126.48 -12.12
N SER A 1490 3.05 -125.29 -11.55
CA SER A 1490 2.11 -124.97 -10.49
C SER A 1490 1.45 -123.62 -10.78
N ASN A 1491 0.14 -123.55 -10.53
CA ASN A 1491 -0.55 -122.27 -10.66
C ASN A 1491 0.01 -121.25 -9.67
N CYS A 1492 0.36 -121.72 -8.47
CA CYS A 1492 0.92 -120.87 -7.42
C CYS A 1492 1.77 -121.74 -6.51
N TYR A 1493 2.75 -121.12 -5.88
CA TYR A 1493 3.65 -121.82 -4.97
C TYR A 1493 3.32 -121.40 -3.55
N MET A 1494 2.40 -122.13 -2.92
CA MET A 1494 2.05 -121.95 -1.52
C MET A 1494 2.72 -123.04 -0.71
N VAL A 1495 3.33 -122.65 0.41
CA VAL A 1495 3.79 -123.61 1.41
C VAL A 1495 3.31 -123.12 2.77
N TRP A 1496 2.86 -124.05 3.60
CA TRP A 1496 1.98 -123.71 4.71
C TRP A 1496 2.75 -123.22 5.92
N GLY A 1497 2.34 -122.06 6.44
CA GLY A 1497 2.95 -121.55 7.66
C GLY A 1497 2.73 -122.45 8.85
N GLY A 1498 1.65 -123.23 8.82
CA GLY A 1498 1.41 -124.19 9.89
C GLY A 1498 2.52 -125.23 10.00
N ASP A 1499 2.99 -125.73 8.85
CA ASP A 1499 4.10 -126.68 8.90
C ASP A 1499 5.44 -125.96 9.03
N PHE A 1500 5.49 -124.67 8.63
CA PHE A 1500 6.67 -123.87 8.91
C PHE A 1500 6.93 -123.74 10.41
N VAL A 1501 5.94 -123.31 11.18
CA VAL A 1501 6.20 -122.85 12.54
C VAL A 1501 6.58 -124.02 13.44
N SER A 1502 7.16 -123.69 14.59
CA SER A 1502 7.52 -124.69 15.57
C SER A 1502 6.26 -125.39 16.10
N PRO A 1503 6.39 -126.61 16.62
CA PRO A 1503 5.18 -127.38 16.97
C PRO A 1503 4.28 -126.62 17.94
N GLY A 1504 3.07 -126.32 17.46
CA GLY A 1504 2.08 -125.59 18.23
C GLY A 1504 0.91 -126.48 18.57
N GLN A 1505 1.22 -127.72 18.97
CA GLN A 1505 0.19 -128.67 19.38
C GLN A 1505 -0.88 -128.02 20.25
N GLN A 1506 -0.47 -127.14 21.15
CA GLN A 1506 -1.41 -126.42 21.99
C GLN A 1506 -0.70 -125.22 22.61
N GLY A 1507 -1.46 -124.15 22.82
CA GLY A 1507 -0.93 -122.96 23.46
C GLY A 1507 -0.04 -122.12 22.59
N ARG A 1508 -0.32 -122.07 21.28
CA ARG A 1508 0.48 -121.25 20.39
C ARG A 1508 0.20 -119.76 20.60
N ILE A 1509 -0.90 -119.45 21.29
CA ILE A 1509 -1.19 -118.05 21.59
C ILE A 1509 -0.11 -117.49 22.50
N SER A 1510 0.67 -116.55 21.96
CA SER A 1510 1.81 -116.01 22.69
C SER A 1510 2.20 -114.68 22.08
N HIS A 1511 3.17 -114.02 22.73
CA HIS A 1511 3.65 -112.72 22.25
C HIS A 1511 4.41 -112.86 20.95
N THR A 1512 4.83 -114.07 20.60
CA THR A 1512 5.66 -114.26 19.42
C THR A 1512 4.87 -113.98 18.15
N ASP A 1513 5.50 -113.24 17.24
CA ASP A 1513 4.96 -112.95 15.92
C ASP A 1513 5.80 -113.64 14.87
N LEU A 1514 5.15 -114.24 13.88
CA LEU A 1514 5.89 -114.97 12.86
C LEU A 1514 6.49 -114.01 11.85
N VAL A 1515 7.73 -114.29 11.44
CA VAL A 1515 8.39 -113.55 10.37
C VAL A 1515 8.89 -114.56 9.35
N ILE A 1516 8.31 -114.54 8.16
CA ILE A 1516 8.60 -115.51 7.12
C ILE A 1516 9.39 -114.83 6.00
N GLY A 1517 10.41 -115.51 5.49
CA GLY A 1517 11.20 -114.97 4.40
C GLY A 1517 11.22 -115.87 3.19
N CYS A 1518 11.10 -115.29 2.01
CA CYS A 1518 11.20 -116.01 0.75
C CYS A 1518 12.42 -115.52 0.01
N LEU A 1519 13.31 -116.44 -0.36
CA LEU A 1519 14.52 -116.12 -1.10
C LEU A 1519 14.43 -116.72 -2.49
N VAL A 1520 14.38 -115.85 -3.50
CA VAL A 1520 14.27 -116.28 -4.89
C VAL A 1520 15.45 -115.71 -5.68
N ASP A 1521 16.13 -116.56 -6.42
CA ASP A 1521 17.27 -116.13 -7.24
C ASP A 1521 16.88 -116.34 -8.70
N LEU A 1522 16.84 -115.24 -9.45
CA LEU A 1522 16.36 -115.30 -10.83
C LEU A 1522 17.31 -116.10 -11.71
N ALA A 1523 18.62 -116.02 -11.44
CA ALA A 1523 19.58 -116.78 -12.23
C ALA A 1523 19.45 -118.27 -11.99
N THR A 1524 19.27 -118.69 -10.73
CA THR A 1524 19.17 -120.11 -10.45
C THR A 1524 17.83 -120.68 -10.90
N GLY A 1525 16.75 -119.94 -10.66
CA GLY A 1525 15.44 -120.53 -10.75
C GLY A 1525 15.03 -121.32 -9.53
N LEU A 1526 15.87 -121.36 -8.49
CA LEU A 1526 15.60 -122.09 -7.26
C LEU A 1526 15.11 -121.13 -6.19
N MET A 1527 14.01 -121.50 -5.52
CA MET A 1527 13.42 -120.67 -4.48
C MET A 1527 13.44 -121.43 -3.17
N THR A 1528 13.92 -120.77 -2.12
CA THR A 1528 13.98 -121.34 -0.79
C THR A 1528 13.21 -120.46 0.18
N PHE A 1529 12.97 -120.98 1.38
CA PHE A 1529 12.18 -120.26 2.36
C PHE A 1529 12.79 -120.39 3.75
N THR A 1530 12.58 -119.37 4.57
CA THR A 1530 12.95 -119.37 5.98
C THR A 1530 11.69 -119.14 6.80
N ALA A 1531 11.32 -120.13 7.61
CA ALA A 1531 10.05 -120.09 8.33
C ALA A 1531 10.02 -118.93 9.32
N ASN A 1532 11.01 -118.86 10.20
CA ASN A 1532 11.14 -117.77 11.16
C ASN A 1532 12.62 -117.40 11.27
N GLY A 1533 13.28 -117.30 10.12
CA GLY A 1533 14.72 -117.22 10.07
C GLY A 1533 15.42 -118.56 10.01
N LYS A 1534 14.66 -119.66 10.14
CA LYS A 1534 15.19 -121.01 9.99
C LYS A 1534 14.84 -121.52 8.61
N GLU A 1535 15.85 -121.99 7.88
CA GLU A 1535 15.65 -122.38 6.49
C GLU A 1535 14.66 -123.54 6.38
N SER A 1536 13.67 -123.38 5.51
CA SER A 1536 12.66 -124.42 5.33
C SER A 1536 13.23 -125.60 4.56
N ASN A 1537 12.77 -126.80 4.92
CA ASN A 1537 13.15 -127.98 4.15
C ASN A 1537 12.56 -127.94 2.75
N THR A 1538 11.44 -127.26 2.58
CA THR A 1538 10.81 -127.15 1.28
C THR A 1538 11.54 -126.14 0.40
N PHE A 1539 11.70 -126.49 -0.86
CA PHE A 1539 12.28 -125.60 -1.87
C PHE A 1539 11.72 -126.00 -3.22
N PHE A 1540 11.72 -125.05 -4.16
CA PHE A 1540 11.11 -125.27 -5.46
C PHE A 1540 12.03 -124.81 -6.58
N GLN A 1541 11.74 -125.28 -7.78
CA GLN A 1541 12.46 -124.89 -8.98
C GLN A 1541 11.44 -124.45 -10.03
N VAL A 1542 11.76 -123.36 -10.75
CA VAL A 1542 10.84 -122.76 -11.71
C VAL A 1542 11.49 -122.73 -13.08
N GLU A 1543 10.67 -122.56 -14.12
CA GLU A 1543 11.17 -122.51 -15.48
C GLU A 1543 11.79 -121.16 -15.77
N PRO A 1544 12.68 -121.07 -16.75
CA PRO A 1544 13.22 -119.77 -17.15
C PRO A 1544 12.13 -118.88 -17.74
N ASN A 1545 12.31 -117.57 -17.57
CA ASN A 1545 11.43 -116.50 -18.03
C ASN A 1545 10.07 -116.55 -17.33
N THR A 1546 9.93 -117.35 -16.28
CA THR A 1546 8.67 -117.41 -15.54
C THR A 1546 8.46 -116.13 -14.73
N LYS A 1547 7.21 -115.68 -14.66
CA LYS A 1547 6.84 -114.46 -13.94
C LYS A 1547 6.03 -114.85 -12.72
N LEU A 1548 6.29 -114.17 -11.60
CA LEU A 1548 5.65 -114.48 -10.33
C LEU A 1548 5.28 -113.20 -9.58
N PHE A 1549 4.27 -113.33 -8.73
CA PHE A 1549 3.86 -112.27 -7.81
C PHE A 1549 4.14 -112.72 -6.38
N PRO A 1550 4.71 -111.87 -5.53
CA PRO A 1550 4.67 -112.16 -4.09
C PRO A 1550 3.23 -112.19 -3.61
N ALA A 1551 2.92 -113.10 -2.70
CA ALA A 1551 1.53 -113.26 -2.30
C ALA A 1551 1.43 -113.87 -0.91
N VAL A 1552 0.25 -113.70 -0.31
CA VAL A 1552 -0.10 -114.30 0.98
C VAL A 1552 -1.57 -114.68 0.94
N PHE A 1553 -1.88 -115.92 1.30
CA PHE A 1553 -3.26 -116.38 1.45
C PHE A 1553 -3.53 -116.52 2.94
N VAL A 1554 -4.54 -115.80 3.44
CA VAL A 1554 -4.72 -115.65 4.88
C VAL A 1554 -6.20 -115.74 5.23
N LEU A 1555 -6.48 -115.91 6.52
CA LEU A 1555 -7.81 -115.81 7.09
C LEU A 1555 -7.76 -114.88 8.29
N PRO A 1556 -8.54 -113.80 8.31
CA PRO A 1556 -8.44 -112.83 9.40
C PRO A 1556 -8.96 -113.36 10.72
N THR A 1557 -8.12 -113.32 11.76
CA THR A 1557 -8.49 -113.79 13.09
C THR A 1557 -8.04 -112.83 14.19
N HIS A 1558 -7.56 -111.63 13.82
CA HIS A 1558 -7.15 -110.64 14.81
C HIS A 1558 -7.17 -109.26 14.15
N GLN A 1559 -7.22 -108.23 14.99
CA GLN A 1559 -7.28 -106.86 14.49
C GLN A 1559 -6.05 -106.51 13.66
N ASN A 1560 -4.86 -106.87 14.15
CA ASN A 1560 -3.60 -106.59 13.49
C ASN A 1560 -3.31 -107.74 12.54
N VAL A 1561 -3.51 -107.53 11.25
CA VAL A 1561 -3.59 -108.68 10.33
C VAL A 1561 -2.19 -109.11 9.88
N ILE A 1562 -1.50 -108.27 9.10
CA ILE A 1562 -0.30 -108.72 8.42
C ILE A 1562 0.51 -107.53 7.90
N GLN A 1563 1.81 -107.73 7.73
CA GLN A 1563 2.71 -106.77 7.11
C GLN A 1563 3.46 -107.43 5.96
N PHE A 1564 3.51 -106.72 4.83
CA PHE A 1564 4.28 -107.12 3.66
C PHE A 1564 5.59 -106.34 3.68
N GLU A 1565 6.68 -106.98 4.09
CA GLU A 1565 7.94 -106.31 4.32
C GLU A 1565 8.87 -106.51 3.12
N LEU A 1566 9.36 -105.40 2.57
CA LEU A 1566 10.36 -105.42 1.52
C LEU A 1566 11.69 -104.99 2.13
N GLY A 1567 12.58 -105.94 2.36
CA GLY A 1567 13.85 -105.64 2.98
C GLY A 1567 14.93 -106.57 2.47
N LYS A 1568 16.15 -106.33 2.95
CA LYS A 1568 17.31 -107.11 2.56
C LYS A 1568 17.90 -107.84 3.76
N GLN A 1569 18.11 -109.14 3.60
CA GLN A 1569 18.96 -109.87 4.53
C GLN A 1569 20.42 -109.64 4.18
N LYS A 1570 21.30 -109.78 5.16
CA LYS A 1570 22.72 -109.56 4.91
C LYS A 1570 23.23 -110.54 3.85
N ASN A 1571 23.76 -109.98 2.75
CA ASN A 1571 24.21 -110.65 1.52
C ASN A 1571 23.05 -111.07 0.62
N ILE A 1572 21.81 -110.71 0.93
CA ILE A 1572 20.66 -111.03 0.09
C ILE A 1572 19.99 -109.72 -0.29
N MET A 1573 19.47 -109.64 -1.52
CA MET A 1573 19.19 -108.37 -2.19
C MET A 1573 17.81 -107.80 -1.79
N PRO A 1574 17.57 -106.51 -1.99
CA PRO A 1574 16.20 -105.99 -1.90
C PRO A 1574 15.35 -106.38 -3.10
N LEU A 1575 14.08 -106.64 -2.83
CA LEU A 1575 13.17 -107.15 -3.84
C LEU A 1575 12.75 -106.06 -4.82
N SER A 1576 12.84 -104.79 -4.40
CA SER A 1576 12.60 -103.69 -5.32
C SER A 1576 13.59 -103.73 -6.48
N ALA A 1577 14.82 -104.18 -6.22
CA ALA A 1577 15.77 -104.40 -7.29
C ALA A 1577 15.27 -105.45 -8.27
N ALA A 1578 14.62 -106.50 -7.74
CA ALA A 1578 14.05 -107.52 -8.62
C ALA A 1578 12.92 -106.96 -9.47
N MET A 1579 12.02 -106.18 -8.88
CA MET A 1579 10.92 -105.63 -9.67
C MET A 1579 11.43 -104.63 -10.73
N PHE A 1580 12.25 -103.67 -10.33
CA PHE A 1580 12.60 -102.56 -11.21
C PHE A 1580 14.07 -102.62 -11.61
N LEU A 1581 14.32 -102.42 -12.91
CA LEU A 1581 15.68 -102.47 -13.44
C LEU A 1581 16.46 -101.20 -13.12
N SER A 1582 15.78 -100.06 -13.09
CA SER A 1582 16.47 -98.77 -13.01
C SER A 1582 17.28 -98.65 -11.73
N GLU A 1583 16.72 -99.07 -10.60
CA GLU A 1583 17.41 -99.00 -9.32
C GLU A 1583 17.86 -100.36 -8.82
N ARG A 1584 17.97 -101.35 -9.70
CA ARG A 1584 18.31 -102.70 -9.24
C ARG A 1584 19.75 -102.77 -8.72
N LYS A 1585 20.58 -101.80 -9.09
CA LYS A 1585 21.95 -101.78 -8.58
C LYS A 1585 21.99 -101.38 -7.11
N ASN A 1586 21.08 -100.52 -6.69
CA ASN A 1586 21.10 -100.03 -5.32
C ASN A 1586 20.70 -101.14 -4.34
N PRO A 1587 21.56 -101.49 -3.39
CA PRO A 1587 21.18 -102.53 -2.43
C PRO A 1587 20.25 -102.03 -1.33
N ALA A 1588 20.00 -100.73 -1.28
CA ALA A 1588 19.17 -100.19 -0.21
C ALA A 1588 17.70 -100.57 -0.45
N PRO A 1589 17.02 -101.12 0.55
CA PRO A 1589 15.59 -101.44 0.38
C PRO A 1589 14.76 -100.19 0.14
N GLN A 1590 13.73 -100.33 -0.69
CA GLN A 1590 12.83 -99.23 -1.01
C GLN A 1590 11.51 -99.80 -1.50
N CYS A 1591 10.42 -99.12 -1.12
CA CYS A 1591 9.09 -99.55 -1.54
C CYS A 1591 8.51 -98.51 -2.50
N PRO A 1592 8.48 -98.80 -3.80
CA PRO A 1592 7.97 -97.79 -4.74
C PRO A 1592 6.50 -97.54 -4.51
N PRO A 1593 6.03 -96.31 -4.76
CA PRO A 1593 4.58 -96.04 -4.62
C PRO A 1593 3.74 -96.85 -5.58
N ARG A 1594 4.31 -97.25 -6.73
CA ARG A 1594 3.56 -98.05 -7.69
C ARG A 1594 3.19 -99.41 -7.12
N LEU A 1595 3.97 -99.89 -6.16
CA LEU A 1595 3.65 -101.16 -5.50
C LEU A 1595 2.55 -100.96 -4.47
N GLU A 1596 1.46 -101.72 -4.60
CA GLU A 1596 0.41 -101.69 -3.61
C GLU A 1596 -0.10 -103.11 -3.38
N VAL A 1597 -0.79 -103.30 -2.25
CA VAL A 1597 -1.47 -104.56 -1.99
C VAL A 1597 -2.65 -104.70 -2.93
N GLN A 1598 -2.82 -105.88 -3.50
CA GLN A 1598 -3.91 -106.16 -4.43
C GLN A 1598 -4.49 -107.53 -4.13
N MET A 1599 -5.77 -107.71 -4.45
CA MET A 1599 -6.54 -108.89 -4.06
C MET A 1599 -7.29 -109.45 -5.26
N LEU A 1600 -7.81 -110.67 -5.11
CA LEU A 1600 -8.51 -111.33 -6.22
C LEU A 1600 -10.02 -111.09 -6.13
N MET A 1601 -10.58 -110.48 -7.17
CA MET A 1601 -11.97 -110.07 -7.22
C MET A 1601 -12.70 -111.03 -8.15
N PRO A 1602 -13.70 -111.78 -7.67
CA PRO A 1602 -14.28 -112.85 -8.50
C PRO A 1602 -14.98 -112.39 -9.78
N VAL A 1603 -15.83 -111.36 -9.71
CA VAL A 1603 -16.66 -110.95 -10.83
C VAL A 1603 -16.06 -109.71 -11.47
N SER A 1604 -15.96 -109.73 -12.80
CA SER A 1604 -15.42 -108.61 -13.57
C SER A 1604 -16.28 -108.34 -14.80
N TRP A 1605 -16.65 -107.09 -15.01
CA TRP A 1605 -17.45 -106.75 -16.18
C TRP A 1605 -16.67 -106.98 -17.46
N SER A 1606 -17.36 -107.46 -18.50
CA SER A 1606 -16.73 -107.66 -19.79
C SER A 1606 -17.75 -107.47 -20.91
N ARG A 1607 -17.25 -107.22 -22.12
CA ARG A 1607 -18.12 -107.00 -23.27
C ARG A 1607 -18.32 -108.30 -24.04
N MET A 1608 -19.37 -108.35 -24.86
CA MET A 1608 -19.51 -109.41 -25.84
C MET A 1608 -18.39 -109.32 -26.87
N PRO A 1609 -18.08 -110.43 -27.55
CA PRO A 1609 -17.59 -110.31 -28.91
C PRO A 1609 -18.74 -109.86 -29.80
N ASN A 1610 -18.65 -108.62 -30.29
CA ASN A 1610 -19.79 -108.03 -31.00
C ASN A 1610 -20.25 -108.91 -32.16
N HIS A 1611 -19.32 -109.61 -32.79
CA HIS A 1611 -19.62 -110.67 -33.73
C HIS A 1611 -19.01 -111.96 -33.20
N PHE A 1612 -19.75 -113.06 -33.33
CA PHE A 1612 -19.36 -114.34 -32.74
C PHE A 1612 -18.91 -115.31 -33.81
N LEU A 1613 -18.00 -116.21 -33.44
CA LEU A 1613 -17.62 -117.29 -34.33
C LEU A 1613 -18.80 -118.24 -34.54
N GLN A 1614 -19.04 -118.63 -35.78
CA GLN A 1614 -20.16 -119.50 -36.13
C GLN A 1614 -19.62 -120.87 -36.51
N VAL A 1615 -20.12 -121.90 -35.84
CA VAL A 1615 -19.61 -123.26 -35.98
C VAL A 1615 -20.79 -124.20 -36.23
N GLU A 1616 -20.60 -125.15 -37.15
CA GLU A 1616 -21.61 -126.14 -37.45
C GLU A 1616 -21.13 -127.51 -36.99
N THR A 1617 -21.91 -128.13 -36.11
CA THR A 1617 -21.61 -129.47 -35.60
C THR A 1617 -22.75 -130.40 -35.97
N ARG A 1618 -22.41 -131.51 -36.63
CA ARG A 1618 -23.42 -132.44 -37.12
C ARG A 1618 -22.79 -133.83 -37.23
N ARG A 1619 -23.55 -134.84 -36.82
CA ARG A 1619 -23.07 -136.22 -36.89
C ARG A 1619 -23.24 -136.70 -38.33
N ALA A 1620 -22.12 -136.82 -39.05
CA ALA A 1620 -22.19 -137.17 -40.46
C ALA A 1620 -22.80 -138.56 -40.66
N GLY A 1621 -22.46 -139.50 -39.79
CA GLY A 1621 -23.03 -140.83 -39.87
C GLY A 1621 -22.57 -141.71 -38.73
N GLU A 1622 -23.16 -142.91 -38.67
CA GLU A 1622 -22.73 -143.91 -37.70
C GLU A 1622 -21.25 -144.23 -37.87
N ARG A 1623 -20.84 -144.54 -39.11
CA ARG A 1623 -19.44 -144.83 -39.38
C ARG A 1623 -18.61 -143.55 -39.42
N LEU A 1624 -19.23 -142.43 -39.81
CA LEU A 1624 -18.45 -141.23 -40.08
C LEU A 1624 -18.01 -140.51 -38.82
N GLY A 1625 -18.86 -140.48 -37.79
CA GLY A 1625 -18.57 -139.72 -36.60
C GLY A 1625 -19.09 -138.30 -36.69
N TRP A 1626 -18.64 -137.46 -35.76
CA TRP A 1626 -19.19 -136.12 -35.67
C TRP A 1626 -18.29 -135.08 -36.35
N ALA A 1627 -18.84 -134.33 -37.29
CA ALA A 1627 -18.11 -133.31 -38.01
C ALA A 1627 -18.39 -131.94 -37.40
N VAL A 1628 -17.32 -131.24 -37.02
CA VAL A 1628 -17.39 -129.88 -36.49
C VAL A 1628 -16.60 -129.00 -37.44
N GLN A 1629 -17.24 -127.97 -37.98
CA GLN A 1629 -16.67 -127.18 -39.06
C GLN A 1629 -16.87 -125.70 -38.79
N CYS A 1630 -15.83 -124.91 -39.06
CA CYS A 1630 -15.86 -123.46 -38.85
C CYS A 1630 -14.89 -122.81 -39.82
N GLN A 1631 -15.41 -121.99 -40.74
CA GLN A 1631 -14.61 -121.45 -41.83
C GLN A 1631 -14.63 -119.93 -41.87
N ASP A 1632 -15.34 -119.26 -40.96
CA ASP A 1632 -15.46 -117.82 -40.99
C ASP A 1632 -14.41 -117.17 -40.10
N PRO A 1633 -13.45 -116.42 -40.67
CA PRO A 1633 -12.39 -115.83 -39.84
C PRO A 1633 -12.84 -114.55 -39.17
N LEU A 1634 -12.47 -114.37 -37.90
CA LEU A 1634 -12.77 -113.16 -37.15
C LEU A 1634 -11.62 -112.86 -36.21
N THR A 1635 -11.18 -111.61 -36.20
CA THR A 1635 -10.04 -111.19 -35.39
C THR A 1635 -10.38 -109.92 -34.63
N MET A 1636 -9.64 -109.69 -33.56
CA MET A 1636 -9.83 -108.54 -32.68
C MET A 1636 -8.48 -107.92 -32.35
N MET A 1637 -8.49 -106.64 -32.02
CA MET A 1637 -7.32 -106.05 -31.37
C MET A 1637 -7.38 -106.27 -29.88
N ALA A 1638 -6.24 -106.62 -29.29
CA ALA A 1638 -6.15 -106.87 -27.87
C ALA A 1638 -5.00 -106.09 -27.27
N LEU A 1639 -5.32 -105.22 -26.32
CA LEU A 1639 -4.33 -104.46 -25.57
C LEU A 1639 -3.75 -105.36 -24.50
N HIS A 1640 -2.49 -105.74 -24.66
CA HIS A 1640 -1.84 -106.69 -23.77
C HIS A 1640 -1.13 -105.95 -22.64
N ILE A 1641 -1.46 -106.30 -21.42
CA ILE A 1641 -0.76 -105.83 -20.23
C ILE A 1641 0.23 -106.91 -19.82
N PRO A 1642 1.54 -106.63 -19.86
CA PRO A 1642 2.52 -107.64 -19.43
C PRO A 1642 2.52 -107.87 -17.93
N GLU A 1643 2.37 -106.79 -17.13
CA GLU A 1643 2.29 -106.96 -15.68
C GLU A 1643 1.11 -107.84 -15.30
N GLU A 1644 -0.07 -107.54 -15.84
CA GLU A 1644 -1.21 -108.42 -15.64
C GLU A 1644 -1.07 -109.66 -16.51
N ASN A 1645 -0.21 -109.58 -17.54
CA ASN A 1645 0.10 -110.71 -18.42
C ASN A 1645 -1.15 -111.27 -19.09
N ARG A 1646 -2.00 -110.38 -19.60
CA ARG A 1646 -3.15 -110.81 -20.37
C ARG A 1646 -3.70 -109.63 -21.17
N CYS A 1647 -4.63 -109.94 -22.08
CA CYS A 1647 -5.07 -108.99 -23.09
C CYS A 1647 -6.52 -108.58 -22.85
N MET A 1648 -6.79 -107.29 -22.98
CA MET A 1648 -8.12 -106.72 -22.89
C MET A 1648 -8.62 -106.38 -24.28
N ASP A 1649 -9.94 -106.36 -24.45
CA ASP A 1649 -10.51 -105.85 -25.69
C ASP A 1649 -10.50 -104.33 -25.66
N ILE A 1650 -10.16 -103.72 -26.81
CA ILE A 1650 -10.20 -102.26 -26.90
C ILE A 1650 -11.63 -101.77 -26.77
N LEU A 1651 -12.60 -102.62 -27.12
CA LEU A 1651 -14.00 -102.24 -26.95
C LEU A 1651 -14.37 -102.21 -25.47
N GLU A 1652 -13.71 -103.02 -24.64
CA GLU A 1652 -13.86 -102.88 -23.20
C GLU A 1652 -13.07 -101.68 -22.68
N LEU A 1653 -11.92 -101.41 -23.32
CA LEU A 1653 -11.17 -100.20 -23.02
C LEU A 1653 -12.01 -98.95 -23.25
N SER A 1654 -12.97 -99.04 -24.18
CA SER A 1654 -13.88 -97.93 -24.41
C SER A 1654 -14.65 -97.58 -23.14
N GLU A 1655 -15.17 -98.58 -22.43
CA GLU A 1655 -15.82 -98.31 -21.16
C GLU A 1655 -14.82 -97.91 -20.08
N ARG A 1656 -13.65 -98.54 -20.07
CA ARG A 1656 -12.62 -98.22 -19.08
C ARG A 1656 -11.81 -97.03 -19.59
N LEU A 1657 -12.29 -95.82 -19.26
CA LEU A 1657 -11.72 -94.61 -19.85
C LEU A 1657 -10.29 -94.35 -19.37
N ASP A 1658 -10.00 -94.64 -18.10
CA ASP A 1658 -8.69 -94.31 -17.55
C ASP A 1658 -7.57 -95.00 -18.32
N LEU A 1659 -7.68 -96.33 -18.48
CA LEU A 1659 -6.71 -97.03 -19.32
C LEU A 1659 -6.83 -96.60 -20.78
N GLN A 1660 -8.05 -96.28 -21.21
CA GLN A 1660 -8.24 -95.72 -22.54
C GLN A 1660 -7.55 -94.36 -22.67
N ARG A 1661 -7.62 -93.55 -21.61
CA ARG A 1661 -6.91 -92.28 -21.62
C ARG A 1661 -5.40 -92.49 -21.71
N PHE A 1662 -4.88 -93.49 -20.99
CA PHE A 1662 -3.46 -93.80 -21.10
C PHE A 1662 -3.09 -94.27 -22.49
N HIS A 1663 -3.98 -95.06 -23.13
CA HIS A 1663 -3.72 -95.48 -24.50
C HIS A 1663 -3.71 -94.30 -25.46
N SER A 1664 -4.62 -93.34 -25.24
CA SER A 1664 -4.64 -92.14 -26.07
C SER A 1664 -3.36 -91.32 -25.90
N HIS A 1665 -2.88 -91.21 -24.66
CA HIS A 1665 -1.63 -90.51 -24.42
C HIS A 1665 -0.45 -91.25 -25.03
N THR A 1666 -0.51 -92.59 -25.02
CA THR A 1666 0.48 -93.40 -25.72
C THR A 1666 0.47 -93.09 -27.22
N LEU A 1667 -0.72 -92.97 -27.79
CA LEU A 1667 -0.84 -92.64 -29.21
C LEU A 1667 -0.25 -91.27 -29.49
N ARG A 1668 -0.51 -90.30 -28.61
CA ARG A 1668 0.07 -88.97 -28.76
C ARG A 1668 1.59 -89.01 -28.68
N LEU A 1669 2.13 -89.79 -27.75
CA LEU A 1669 3.59 -89.93 -27.64
C LEU A 1669 4.17 -90.56 -28.89
N TYR A 1670 3.50 -91.58 -29.43
CA TYR A 1670 3.96 -92.21 -30.66
C TYR A 1670 3.97 -91.21 -31.81
N ARG A 1671 2.92 -90.39 -31.91
CA ARG A 1671 2.89 -89.32 -32.90
C ARG A 1671 4.06 -88.37 -32.71
N ALA A 1672 4.34 -87.99 -31.47
CA ALA A 1672 5.40 -87.03 -31.20
C ALA A 1672 6.76 -87.60 -31.59
N VAL A 1673 7.01 -88.88 -31.28
CA VAL A 1673 8.32 -89.45 -31.57
C VAL A 1673 8.49 -89.65 -33.07
N CYS A 1674 7.41 -90.01 -33.78
CA CYS A 1674 7.53 -90.19 -35.22
C CYS A 1674 7.31 -88.91 -36.01
N ALA A 1675 7.07 -87.79 -35.33
CA ALA A 1675 6.65 -86.57 -36.01
C ALA A 1675 7.84 -85.88 -36.69
N LEU A 1676 7.50 -84.99 -37.62
CA LEU A 1676 8.45 -84.12 -38.30
C LEU A 1676 9.53 -84.91 -39.05
N GLY A 1677 9.10 -85.97 -39.73
CA GLY A 1677 9.97 -86.66 -40.69
C GLY A 1677 11.18 -87.34 -40.08
N ASN A 1678 11.03 -87.86 -38.86
CA ASN A 1678 12.07 -88.71 -38.27
C ASN A 1678 11.82 -90.13 -38.78
N ASN A 1679 12.37 -90.42 -39.96
CA ASN A 1679 12.01 -91.63 -40.68
C ASN A 1679 12.45 -92.89 -39.95
N ARG A 1680 13.62 -92.84 -39.28
CA ARG A 1680 14.07 -94.01 -38.55
C ARG A 1680 13.10 -94.37 -37.43
N VAL A 1681 12.67 -93.38 -36.64
CA VAL A 1681 11.69 -93.63 -35.60
C VAL A 1681 10.35 -94.02 -36.22
N ALA A 1682 10.05 -93.49 -37.40
CA ALA A 1682 8.81 -93.85 -38.08
C ALA A 1682 8.79 -95.33 -38.45
N HIS A 1683 9.89 -95.84 -38.98
CA HIS A 1683 9.97 -97.27 -39.28
C HIS A 1683 9.98 -98.10 -38.02
N ALA A 1684 10.66 -97.62 -36.97
CA ALA A 1684 10.61 -98.33 -35.70
C ALA A 1684 9.18 -98.46 -35.18
N LEU A 1685 8.43 -97.35 -35.22
CA LEU A 1685 7.04 -97.37 -34.77
C LEU A 1685 6.17 -98.21 -35.69
N CYS A 1686 6.49 -98.22 -36.98
CA CYS A 1686 5.78 -99.08 -37.92
C CYS A 1686 5.97 -100.55 -37.55
N SER A 1687 7.16 -100.90 -37.08
CA SER A 1687 7.38 -102.25 -36.56
C SER A 1687 6.62 -102.47 -35.26
N HIS A 1688 6.66 -101.51 -34.33
CA HIS A 1688 6.02 -101.69 -33.04
C HIS A 1688 4.51 -101.89 -33.18
N VAL A 1689 3.86 -101.07 -33.99
CA VAL A 1689 2.41 -101.12 -34.19
C VAL A 1689 2.15 -101.70 -35.57
N ASP A 1690 1.44 -102.82 -35.62
CA ASP A 1690 1.16 -103.51 -36.87
C ASP A 1690 0.32 -102.63 -37.80
N GLN A 1691 0.59 -102.75 -39.10
CA GLN A 1691 -0.12 -101.95 -40.10
C GLN A 1691 -1.55 -102.45 -40.28
N ALA A 1692 -1.74 -103.76 -40.33
CA ALA A 1692 -3.08 -104.31 -40.43
C ALA A 1692 -3.89 -103.93 -39.20
N GLN A 1693 -3.22 -103.73 -38.06
CA GLN A 1693 -3.90 -103.16 -36.90
C GLN A 1693 -4.49 -101.80 -37.22
N LEU A 1694 -3.70 -100.92 -37.84
CA LEU A 1694 -4.19 -99.60 -38.21
C LEU A 1694 -5.35 -99.71 -39.19
N LEU A 1695 -5.23 -100.59 -40.17
CA LEU A 1695 -6.30 -100.75 -41.15
C LEU A 1695 -7.59 -101.22 -40.50
N HIS A 1696 -7.52 -102.29 -39.69
CA HIS A 1696 -8.72 -102.81 -39.05
C HIS A 1696 -9.27 -101.82 -38.03
N ALA A 1697 -8.40 -101.01 -37.43
CA ALA A 1697 -8.86 -99.92 -36.57
C ALA A 1697 -9.66 -98.91 -37.37
N LEU A 1698 -9.18 -98.57 -38.56
CA LEU A 1698 -9.94 -97.67 -39.43
C LEU A 1698 -11.30 -98.27 -39.76
N GLU A 1699 -11.34 -99.59 -39.99
CA GLU A 1699 -12.60 -100.26 -40.28
C GLU A 1699 -13.56 -100.22 -39.09
N ASP A 1700 -13.05 -100.49 -37.89
CA ASP A 1700 -13.89 -100.74 -36.73
C ASP A 1700 -14.59 -99.47 -36.28
N ALA A 1701 -15.89 -99.59 -35.98
CA ALA A 1701 -16.64 -98.45 -35.49
C ALA A 1701 -16.95 -98.59 -34.01
N HIS A 1702 -16.89 -99.81 -33.47
CA HIS A 1702 -17.10 -100.02 -32.05
C HIS A 1702 -16.00 -99.36 -31.21
N LEU A 1703 -14.87 -99.06 -31.82
CA LEU A 1703 -13.74 -98.52 -31.08
C LEU A 1703 -14.07 -97.11 -30.59
N PRO A 1704 -13.66 -96.75 -29.38
CA PRO A 1704 -14.03 -95.43 -28.83
C PRO A 1704 -13.45 -94.30 -29.66
N GLY A 1705 -14.16 -93.16 -29.68
CA GLY A 1705 -13.82 -92.04 -30.51
C GLY A 1705 -12.45 -91.43 -30.30
N PRO A 1706 -12.04 -91.16 -29.06
CA PRO A 1706 -10.68 -90.62 -28.85
C PRO A 1706 -9.60 -91.55 -29.37
N LEU A 1707 -9.69 -92.84 -29.10
CA LEU A 1707 -8.70 -93.79 -29.61
C LEU A 1707 -8.80 -93.91 -31.13
N ARG A 1708 -9.99 -93.72 -31.68
CA ARG A 1708 -10.16 -93.72 -33.13
C ARG A 1708 -9.40 -92.57 -33.77
N ALA A 1709 -9.62 -91.36 -33.24
CA ALA A 1709 -8.86 -90.21 -33.72
C ALA A 1709 -7.36 -90.41 -33.52
N GLY A 1710 -6.99 -91.03 -32.40
CA GLY A 1710 -5.58 -91.30 -32.17
C GLY A 1710 -4.98 -92.23 -33.20
N TYR A 1711 -5.68 -93.31 -33.53
CA TYR A 1711 -5.19 -94.24 -34.56
C TYR A 1711 -5.11 -93.56 -35.91
N TYR A 1712 -6.11 -92.76 -36.27
CA TYR A 1712 -6.08 -92.05 -37.55
C TYR A 1712 -4.87 -91.11 -37.62
N ASP A 1713 -4.68 -90.30 -36.57
CA ASP A 1713 -3.56 -89.36 -36.57
C ASP A 1713 -2.23 -90.08 -36.52
N LEU A 1714 -2.16 -91.23 -35.84
CA LEU A 1714 -0.92 -92.00 -35.83
C LEU A 1714 -0.60 -92.54 -37.21
N LEU A 1715 -1.61 -93.02 -37.94
CA LEU A 1715 -1.36 -93.44 -39.31
C LEU A 1715 -0.85 -92.29 -40.16
N ILE A 1716 -1.45 -91.10 -39.98
CA ILE A 1716 -0.98 -89.92 -40.70
C ILE A 1716 0.48 -89.62 -40.36
N SER A 1717 0.83 -89.69 -39.07
CA SER A 1717 2.16 -89.28 -38.64
C SER A 1717 3.19 -90.39 -38.87
N ILE A 1718 2.73 -91.58 -39.26
CA ILE A 1718 3.67 -92.64 -39.62
C ILE A 1718 3.95 -92.63 -41.12
N HIS A 1719 2.90 -92.50 -41.93
CA HIS A 1719 3.06 -92.64 -43.37
C HIS A 1719 2.85 -91.34 -44.14
N LEU A 1720 1.88 -90.52 -43.73
CA LEU A 1720 1.41 -89.45 -44.61
C LEU A 1720 2.17 -88.14 -44.39
N GLU A 1721 2.80 -87.98 -43.23
CA GLU A 1721 3.22 -86.65 -42.80
C GLU A 1721 4.33 -86.08 -43.69
N SER A 1722 5.36 -86.88 -43.99
CA SER A 1722 6.51 -86.34 -44.69
C SER A 1722 6.19 -86.06 -46.15
N ALA A 1723 5.52 -87.01 -46.82
CA ALA A 1723 5.13 -86.81 -48.20
C ALA A 1723 4.13 -85.66 -48.32
N CYS A 1724 3.21 -85.54 -47.36
CA CYS A 1724 2.28 -84.42 -47.38
C CYS A 1724 3.02 -83.09 -47.25
N ARG A 1725 3.99 -83.00 -46.34
CA ARG A 1725 4.73 -81.76 -46.17
C ARG A 1725 5.50 -81.40 -47.43
N SER A 1726 6.23 -82.37 -47.99
CA SER A 1726 7.01 -82.09 -49.20
C SER A 1726 6.11 -81.72 -50.36
N ARG A 1727 4.98 -82.42 -50.51
CA ARG A 1727 4.05 -82.13 -51.59
C ARG A 1727 3.46 -80.75 -51.44
N ARG A 1728 3.09 -80.35 -50.23
CA ARG A 1728 2.57 -79.00 -50.01
C ARG A 1728 3.63 -77.95 -50.35
N SER A 1729 4.86 -78.17 -49.90
CA SER A 1729 5.93 -77.21 -50.15
C SER A 1729 6.18 -77.05 -51.64
N MET A 1730 6.14 -78.14 -52.39
CA MET A 1730 6.33 -78.05 -53.84
C MET A 1730 5.08 -77.53 -54.55
N LEU A 1731 3.90 -77.76 -53.95
CA LEU A 1731 2.65 -77.37 -54.57
C LEU A 1731 2.43 -75.86 -54.46
N SER A 1732 2.99 -75.24 -53.42
CA SER A 1732 2.89 -73.79 -53.29
C SER A 1732 3.47 -73.09 -54.50
N GLU A 1733 4.53 -73.65 -55.08
CA GLU A 1733 5.15 -73.04 -56.25
C GLU A 1733 4.66 -73.69 -57.53
N TYR A 1734 4.56 -72.88 -58.60
CA TYR A 1734 4.02 -73.32 -59.90
C TYR A 1734 5.13 -73.27 -60.94
N ILE A 1735 5.49 -74.43 -61.48
CA ILE A 1735 6.42 -74.56 -62.60
C ILE A 1735 5.73 -75.35 -63.70
N VAL A 1736 5.84 -74.87 -64.93
CA VAL A 1736 5.12 -75.45 -66.07
C VAL A 1736 6.14 -75.84 -67.13
N PRO A 1737 6.22 -77.11 -67.52
CA PRO A 1737 7.11 -77.49 -68.63
C PRO A 1737 6.40 -77.36 -69.97
N LEU A 1738 7.19 -77.48 -71.04
CA LEU A 1738 6.62 -77.44 -72.38
C LEU A 1738 6.38 -78.86 -72.88
N THR A 1739 5.14 -79.14 -73.26
CA THR A 1739 4.72 -80.50 -73.62
C THR A 1739 3.65 -80.41 -74.70
N PRO A 1740 3.59 -81.39 -75.60
CA PRO A 1740 2.40 -81.49 -76.48
C PRO A 1740 1.11 -81.60 -75.70
N GLU A 1741 1.12 -82.33 -74.58
CA GLU A 1741 -0.05 -82.36 -73.71
C GLU A 1741 -0.35 -80.97 -73.16
N THR A 1742 0.70 -80.23 -72.76
CA THR A 1742 0.52 -78.86 -72.34
C THR A 1742 -0.19 -78.05 -73.43
N ARG A 1743 0.30 -78.16 -74.67
CA ARG A 1743 -0.37 -77.48 -75.78
CA ARG A 1743 -0.37 -77.49 -75.79
C ARG A 1743 -1.84 -77.89 -75.87
N ALA A 1744 -2.13 -79.17 -75.63
CA ALA A 1744 -3.49 -79.65 -75.73
C ALA A 1744 -4.41 -79.03 -74.68
N ILE A 1745 -3.94 -78.92 -73.44
CA ILE A 1745 -4.83 -78.51 -72.34
C ILE A 1745 -5.29 -77.07 -72.53
N THR A 1746 -6.53 -76.81 -72.14
CA THR A 1746 -7.14 -75.48 -72.20
C THR A 1746 -7.89 -75.19 -70.90
N LEU A 1747 -8.38 -73.96 -70.77
CA LEU A 1747 -9.20 -73.61 -69.62
C LEU A 1747 -10.49 -74.43 -69.57
N PHE A 1748 -11.23 -74.45 -70.68
CA PHE A 1748 -12.57 -75.02 -70.70
C PHE A 1748 -12.62 -76.20 -71.65
N PRO A 1749 -13.25 -77.30 -71.26
CA PRO A 1749 -13.45 -78.41 -72.19
C PRO A 1749 -14.45 -78.04 -73.26
N PRO A 1750 -14.15 -78.33 -74.54
CA PRO A 1750 -15.12 -78.06 -75.60
C PRO A 1750 -16.35 -78.94 -75.44
N GLY A 1751 -17.50 -78.41 -75.88
CA GLY A 1751 -18.75 -79.13 -75.78
C GLY A 1751 -19.84 -78.46 -76.60
N ARG A 1752 -21.00 -79.11 -76.60
CA ARG A 1752 -22.16 -78.57 -77.31
C ARG A 1752 -22.58 -77.22 -76.72
N LYS A 1753 -22.35 -77.02 -75.43
CA LYS A 1753 -22.66 -75.75 -74.79
C LYS A 1753 -21.76 -74.65 -75.37
N GLY A 1754 -22.29 -73.43 -75.41
CA GLY A 1754 -21.55 -72.34 -76.02
C GLY A 1754 -20.23 -72.10 -75.32
N GLY A 1755 -19.22 -71.74 -76.12
CA GLY A 1755 -17.86 -71.64 -75.59
C GLY A 1755 -17.73 -70.62 -74.49
N ASN A 1756 -18.34 -69.44 -74.66
CA ASN A 1756 -18.28 -68.42 -73.62
C ASN A 1756 -19.10 -68.83 -72.39
N ALA A 1757 -20.16 -69.60 -72.60
CA ALA A 1757 -21.08 -69.98 -71.53
C ALA A 1757 -20.81 -71.39 -70.99
N ARG A 1758 -19.65 -71.98 -71.30
CA ARG A 1758 -19.38 -73.35 -70.89
C ARG A 1758 -19.47 -73.53 -69.38
N ARG A 1759 -20.08 -74.63 -68.96
CA ARG A 1759 -20.05 -75.06 -67.58
C ARG A 1759 -18.61 -75.19 -67.10
N HIS A 1760 -18.32 -74.58 -65.95
CA HIS A 1760 -17.00 -74.74 -65.35
C HIS A 1760 -16.72 -76.20 -65.06
N GLY A 1761 -15.54 -76.66 -65.48
CA GLY A 1761 -15.18 -78.04 -65.26
C GLY A 1761 -15.02 -78.34 -63.78
N LEU A 1762 -15.28 -79.59 -63.42
CA LEU A 1762 -15.11 -80.02 -62.05
C LEU A 1762 -13.65 -79.84 -61.63
N PRO A 1763 -13.38 -79.25 -60.47
CA PRO A 1763 -11.99 -79.00 -60.08
C PRO A 1763 -11.20 -80.30 -59.95
N GLY A 1764 -9.93 -80.25 -60.38
CA GLY A 1764 -9.03 -81.36 -60.21
C GLY A 1764 -9.04 -82.41 -61.30
N VAL A 1765 -9.82 -82.23 -62.36
CA VAL A 1765 -9.86 -83.18 -63.47
C VAL A 1765 -9.05 -82.59 -64.62
N GLY A 1766 -8.40 -83.45 -65.38
CA GLY A 1766 -7.56 -83.04 -66.48
C GLY A 1766 -6.12 -83.45 -66.22
N VAL A 1767 -5.21 -82.76 -66.88
CA VAL A 1767 -3.78 -83.02 -66.74
C VAL A 1767 -3.11 -81.77 -66.17
N THR A 1768 -2.39 -81.95 -65.08
CA THR A 1768 -1.58 -80.89 -64.49
C THR A 1768 -0.11 -81.19 -64.77
N THR A 1769 0.46 -80.48 -65.72
CA THR A 1769 1.82 -80.73 -66.17
C THR A 1769 2.88 -80.25 -65.19
N SER A 1770 2.47 -79.52 -64.14
CA SER A 1770 3.43 -79.00 -63.18
C SER A 1770 4.25 -80.13 -62.56
N LEU A 1771 5.57 -79.96 -62.58
CA LEU A 1771 6.47 -81.01 -62.12
C LEU A 1771 6.38 -81.16 -60.61
N ARG A 1772 5.88 -82.30 -60.16
CA ARG A 1772 5.67 -82.54 -58.74
C ARG A 1772 6.53 -83.73 -58.34
N PRO A 1773 7.19 -83.69 -57.19
CA PRO A 1773 8.13 -84.74 -56.82
C PRO A 1773 7.42 -86.06 -56.60
N PRO A 1774 7.82 -87.11 -57.32
CA PRO A 1774 7.24 -88.44 -57.04
C PRO A 1774 7.53 -88.86 -55.61
N HIS A 1775 6.46 -89.19 -54.89
CA HIS A 1775 6.60 -89.56 -53.49
C HIS A 1775 7.48 -90.79 -53.35
N HIS A 1776 8.54 -90.65 -52.56
CA HIS A 1776 9.52 -91.72 -52.35
C HIS A 1776 9.18 -92.48 -51.08
N PHE A 1777 8.86 -93.76 -51.24
CA PHE A 1777 8.46 -94.61 -50.14
C PHE A 1777 9.42 -95.79 -50.03
N SER A 1778 9.68 -96.21 -48.79
CA SER A 1778 10.54 -97.34 -48.52
C SER A 1778 9.71 -98.55 -48.13
N PRO A 1779 9.85 -99.68 -48.81
CA PRO A 1779 9.19 -100.91 -48.36
C PRO A 1779 9.69 -101.29 -46.98
N PRO A 1780 8.82 -101.28 -45.98
CA PRO A 1780 9.29 -101.51 -44.60
C PRO A 1780 9.62 -102.97 -44.35
N CYS A 1781 10.91 -103.27 -44.24
CA CYS A 1781 11.39 -104.61 -43.95
C CYS A 1781 12.55 -104.51 -42.98
N PHE A 1782 12.30 -104.89 -41.73
CA PHE A 1782 13.26 -104.70 -40.64
C PHE A 1782 14.08 -105.95 -40.34
N VAL A 1783 13.99 -106.99 -41.18
CA VAL A 1783 14.78 -108.19 -40.99
C VAL A 1783 16.01 -108.23 -41.89
N ALA A 1784 16.22 -107.21 -42.71
CA ALA A 1784 17.36 -107.18 -43.61
C ALA A 1784 18.66 -106.95 -42.82
N ALA A 1785 19.78 -107.18 -43.49
CA ALA A 1785 21.08 -107.02 -42.85
C ALA A 1785 21.32 -105.57 -42.46
N LEU A 1786 22.00 -105.38 -41.33
CA LEU A 1786 22.29 -104.04 -40.87
C LEU A 1786 23.25 -103.33 -41.83
N PRO A 1787 23.00 -102.06 -42.14
CA PRO A 1787 23.90 -101.34 -43.05
C PRO A 1787 25.32 -101.26 -42.48
N ALA A 1788 26.30 -101.42 -43.38
CA ALA A 1788 27.70 -101.33 -42.95
C ALA A 1788 28.12 -99.88 -42.73
N ALA A 1789 27.46 -98.94 -43.40
CA ALA A 1789 27.81 -97.53 -43.26
C ALA A 1789 27.52 -97.04 -41.84
N GLY A 1790 28.30 -96.05 -41.42
CA GLY A 1790 28.14 -95.53 -40.07
C GLY A 1790 26.81 -94.80 -39.91
N VAL A 1791 26.35 -94.73 -38.66
CA VAL A 1791 25.10 -94.04 -38.38
C VAL A 1791 25.31 -92.53 -38.45
N ALA A 1792 24.26 -91.82 -38.87
CA ALA A 1792 24.21 -90.36 -38.96
C ALA A 1792 25.12 -89.82 -40.05
N GLU A 1793 25.84 -90.71 -40.74
CA GLU A 1793 26.59 -90.29 -41.92
C GLU A 1793 26.00 -90.92 -43.19
N ALA A 1794 25.41 -92.10 -43.05
CA ALA A 1794 24.69 -92.70 -44.16
C ALA A 1794 23.43 -91.88 -44.44
N PRO A 1795 22.95 -91.86 -45.69
CA PRO A 1795 21.76 -91.07 -46.00
C PRO A 1795 20.54 -91.57 -45.22
N ALA A 1796 19.69 -90.63 -44.82
CA ALA A 1796 18.46 -90.99 -44.14
C ALA A 1796 17.56 -91.76 -45.09
N ARG A 1797 16.90 -92.79 -44.56
CA ARG A 1797 16.14 -93.69 -45.41
C ARG A 1797 14.67 -93.26 -45.45
N LEU A 1798 13.95 -93.78 -46.45
CA LEU A 1798 12.67 -93.22 -46.82
C LEU A 1798 11.59 -93.59 -45.81
N SER A 1799 10.38 -93.08 -46.06
CA SER A 1799 9.25 -93.36 -45.19
C SER A 1799 8.67 -94.75 -45.51
N PRO A 1800 7.96 -95.36 -44.56
CA PRO A 1800 7.43 -96.72 -44.81
C PRO A 1800 6.39 -96.73 -45.92
N ALA A 1801 6.35 -97.85 -46.64
CA ALA A 1801 5.42 -97.99 -47.75
C ALA A 1801 4.04 -98.39 -47.27
N ILE A 1802 3.03 -98.04 -48.07
CA ILE A 1802 1.64 -98.29 -47.72
C ILE A 1802 0.92 -98.71 -49.01
N PRO A 1803 -0.10 -99.58 -48.90
CA PRO A 1803 -0.89 -99.90 -50.10
C PRO A 1803 -1.81 -98.74 -50.49
N LEU A 1804 -1.25 -97.81 -51.27
CA LEU A 1804 -1.91 -96.54 -51.53
C LEU A 1804 -3.26 -96.71 -52.22
N GLU A 1805 -3.33 -97.59 -53.22
CA GLU A 1805 -4.57 -97.72 -53.98
C GLU A 1805 -5.68 -98.34 -53.14
N ALA A 1806 -5.36 -99.40 -52.40
CA ALA A 1806 -6.34 -100.01 -51.52
C ALA A 1806 -6.79 -99.03 -50.44
N LEU A 1807 -5.85 -98.26 -49.89
CA LEU A 1807 -6.20 -97.24 -48.91
C LEU A 1807 -7.10 -96.17 -49.52
N ARG A 1808 -6.83 -95.81 -50.78
CA ARG A 1808 -7.66 -94.83 -51.48
C ARG A 1808 -9.10 -95.32 -51.60
N ASP A 1809 -9.28 -96.54 -52.10
CA ASP A 1809 -10.63 -97.08 -52.25
C ASP A 1809 -11.31 -97.23 -50.90
N LYS A 1810 -10.56 -97.67 -49.89
CA LYS A 1810 -11.12 -97.83 -48.55
C LYS A 1810 -11.56 -96.49 -47.98
N ALA A 1811 -10.77 -95.44 -48.16
CA ALA A 1811 -11.16 -94.12 -47.69
C ALA A 1811 -12.38 -93.60 -48.44
N LEU A 1812 -12.44 -93.85 -49.75
CA LEU A 1812 -13.60 -93.42 -50.51
C LEU A 1812 -14.88 -94.10 -50.03
N ARG A 1813 -14.82 -95.41 -49.76
CA ARG A 1813 -16.01 -96.10 -49.29
C ARG A 1813 -16.32 -95.74 -47.84
N MET A 1814 -15.30 -95.38 -47.06
CA MET A 1814 -15.56 -94.83 -45.73
C MET A 1814 -16.30 -93.51 -45.80
N LEU A 1815 -15.92 -92.65 -46.75
CA LEU A 1815 -16.64 -91.40 -46.95
C LEU A 1815 -18.07 -91.67 -47.41
N GLY A 1816 -18.25 -92.69 -48.25
CA GLY A 1816 -19.60 -93.11 -48.60
C GLY A 1816 -20.41 -93.55 -47.40
N GLU A 1817 -19.78 -94.30 -46.49
CA GLU A 1817 -20.45 -94.68 -45.25
C GLU A 1817 -20.81 -93.45 -44.43
N ALA A 1818 -19.92 -92.45 -44.41
CA ALA A 1818 -20.22 -91.21 -43.69
C ALA A 1818 -21.42 -90.50 -44.29
N VAL A 1819 -21.51 -90.47 -45.63
CA VAL A 1819 -22.68 -89.89 -46.28
C VAL A 1819 -23.94 -90.67 -45.92
N ARG A 1820 -23.85 -92.01 -45.91
CA ARG A 1820 -25.00 -92.82 -45.53
C ARG A 1820 -25.46 -92.51 -44.11
N ASP A 1821 -24.51 -92.40 -43.18
CA ASP A 1821 -24.87 -92.11 -41.79
C ASP A 1821 -25.44 -90.70 -41.65
N GLY A 1822 -24.89 -89.74 -42.39
CA GLY A 1822 -25.45 -88.40 -42.36
C GLY A 1822 -26.87 -88.36 -42.88
N GLY A 1823 -27.16 -89.14 -43.92
CA GLY A 1823 -28.53 -89.25 -44.38
C GLY A 1823 -29.43 -89.93 -43.36
N GLN A 1824 -28.89 -90.95 -42.67
CA GLN A 1824 -29.69 -91.67 -41.69
C GLN A 1824 -30.04 -90.80 -40.49
N HIS A 1825 -29.10 -89.95 -40.05
CA HIS A 1825 -29.26 -89.17 -38.82
C HIS A 1825 -29.53 -90.07 -37.62
N ALA A 1826 -28.75 -91.14 -37.51
CA ALA A 1826 -28.92 -92.09 -36.42
C ALA A 1826 -28.60 -91.45 -35.07
N ARG A 1827 -29.27 -91.95 -34.03
CA ARG A 1827 -29.07 -91.39 -32.70
C ARG A 1827 -27.66 -91.62 -32.19
N ASP A 1828 -27.10 -92.80 -32.44
CA ASP A 1828 -25.78 -93.15 -31.94
C ASP A 1828 -24.73 -92.80 -32.97
N PRO A 1829 -23.87 -91.81 -32.72
CA PRO A 1829 -22.80 -91.49 -33.69
C PRO A 1829 -21.65 -92.47 -33.58
N VAL A 1830 -20.91 -92.58 -34.68
CA VAL A 1830 -19.72 -93.43 -34.69
C VAL A 1830 -18.63 -92.76 -33.85
N GLY A 1831 -18.07 -93.52 -32.91
CA GLY A 1831 -17.09 -92.98 -31.98
C GLY A 1831 -17.67 -92.14 -30.86
N GLY A 1832 -18.99 -92.10 -30.71
CA GLY A 1832 -19.62 -91.33 -29.67
C GLY A 1832 -19.96 -89.91 -30.03
N SER A 1833 -19.51 -89.42 -31.19
CA SER A 1833 -19.80 -88.06 -31.61
C SER A 1833 -19.67 -87.94 -33.12
N VAL A 1834 -20.44 -87.01 -33.68
CA VAL A 1834 -20.37 -86.72 -35.11
C VAL A 1834 -18.98 -86.20 -35.46
N GLU A 1835 -18.38 -85.41 -34.56
CA GLU A 1835 -17.01 -84.94 -34.77
C GLU A 1835 -16.03 -86.10 -34.86
N PHE A 1836 -16.11 -87.04 -33.91
CA PHE A 1836 -15.21 -88.20 -33.94
C PHE A 1836 -15.47 -89.06 -35.17
N GLN A 1837 -16.70 -89.04 -35.68
CA GLN A 1837 -17.01 -89.80 -36.89
C GLN A 1837 -16.38 -89.16 -38.13
N PHE A 1838 -16.46 -87.84 -38.22
CA PHE A 1838 -16.14 -87.18 -39.50
C PHE A 1838 -14.71 -86.68 -39.55
N VAL A 1839 -14.22 -86.03 -38.49
CA VAL A 1839 -12.92 -85.36 -38.56
C VAL A 1839 -11.79 -86.29 -38.97
N PRO A 1840 -11.62 -87.49 -38.39
CA PRO A 1840 -10.51 -88.35 -38.84
C PRO A 1840 -10.61 -88.77 -40.29
N VAL A 1841 -11.80 -89.14 -40.75
CA VAL A 1841 -11.97 -89.56 -42.14
C VAL A 1841 -11.68 -88.40 -43.07
N LEU A 1842 -12.15 -87.20 -42.73
CA LEU A 1842 -11.88 -86.02 -43.55
C LEU A 1842 -10.40 -85.68 -43.57
N LYS A 1843 -9.70 -85.88 -42.44
CA LYS A 1843 -8.26 -85.63 -42.42
C LYS A 1843 -7.52 -86.61 -43.33
N LEU A 1844 -7.92 -87.89 -43.29
CA LEU A 1844 -7.31 -88.86 -44.20
C LEU A 1844 -7.61 -88.53 -45.66
N VAL A 1845 -8.83 -88.08 -45.95
CA VAL A 1845 -9.17 -87.68 -47.31
C VAL A 1845 -8.31 -86.49 -47.74
N SER A 1846 -8.12 -85.53 -46.83
CA SER A 1846 -7.26 -84.38 -47.12
C SER A 1846 -5.83 -84.82 -47.41
N THR A 1847 -5.29 -85.73 -46.60
CA THR A 1847 -3.94 -86.20 -46.82
C THR A 1847 -3.81 -86.94 -48.14
N LEU A 1848 -4.77 -87.78 -48.48
CA LEU A 1848 -4.72 -88.51 -49.75
C LEU A 1848 -4.82 -87.55 -50.93
N LEU A 1849 -5.70 -86.56 -50.84
CA LEU A 1849 -5.80 -85.56 -51.90
C LEU A 1849 -4.50 -84.79 -52.05
N VAL A 1850 -3.87 -84.42 -50.92
CA VAL A 1850 -2.57 -83.77 -50.97
C VAL A 1850 -1.55 -84.66 -51.67
N MET A 1851 -1.57 -85.96 -51.35
CA MET A 1851 -0.75 -86.92 -52.08
C MET A 1851 -1.02 -86.84 -53.58
N GLY A 1852 -2.28 -86.65 -53.96
CA GLY A 1852 -2.67 -86.75 -55.35
C GLY A 1852 -2.94 -88.16 -55.82
N ILE A 1853 -2.93 -89.13 -54.90
CA ILE A 1853 -3.21 -90.51 -55.27
C ILE A 1853 -4.63 -90.65 -55.78
N PHE A 1854 -5.55 -89.83 -55.26
CA PHE A 1854 -6.92 -89.83 -55.72
C PHE A 1854 -6.99 -89.56 -57.22
N GLY A 1855 -7.59 -90.49 -57.95
CA GLY A 1855 -7.69 -90.34 -59.40
C GLY A 1855 -8.74 -89.32 -59.79
N ASP A 1856 -8.91 -89.15 -61.10
CA ASP A 1856 -9.89 -88.17 -61.59
C ASP A 1856 -11.32 -88.60 -61.27
N GLU A 1857 -11.66 -89.87 -61.55
CA GLU A 1857 -12.99 -90.36 -61.20
C GLU A 1857 -13.17 -90.39 -59.69
N ASP A 1858 -12.10 -90.65 -58.95
CA ASP A 1858 -12.16 -90.54 -57.49
C ASP A 1858 -12.49 -89.11 -57.06
N VAL A 1859 -11.91 -88.11 -57.73
CA VAL A 1859 -12.24 -86.73 -57.45
C VAL A 1859 -13.70 -86.45 -57.76
N LYS A 1860 -14.21 -87.05 -58.85
CA LYS A 1860 -15.63 -86.90 -59.16
C LYS A 1860 -16.51 -87.46 -58.05
N GLN A 1861 -16.17 -88.64 -57.52
CA GLN A 1861 -16.98 -89.19 -56.43
C GLN A 1861 -16.83 -88.34 -55.16
N ILE A 1862 -15.64 -87.80 -54.92
CA ILE A 1862 -15.44 -86.94 -53.75
C ILE A 1862 -16.32 -85.70 -53.85
N LEU A 1863 -16.34 -85.07 -55.03
CA LEU A 1863 -17.21 -83.91 -55.23
C LEU A 1863 -18.67 -84.29 -55.11
N LYS A 1864 -19.04 -85.48 -55.59
CA LYS A 1864 -20.42 -85.94 -55.48
C LYS A 1864 -20.84 -86.09 -54.03
N MET A 1865 -19.98 -86.67 -53.20
CA MET A 1865 -20.30 -86.81 -51.78
C MET A 1865 -20.32 -85.46 -51.08
N ILE A 1866 -19.36 -84.58 -51.40
CA ILE A 1866 -19.30 -83.26 -50.77
C ILE A 1866 -20.57 -82.48 -51.08
N GLU A 1867 -20.94 -82.42 -52.35
CA GLU A 1867 -22.17 -81.75 -52.75
C GLU A 1867 -22.67 -82.32 -54.08
N PRO A 1868 -23.66 -83.21 -54.05
CA PRO A 1868 -24.08 -83.85 -55.31
C PRO A 1868 -24.65 -82.87 -56.34
N GLU A 1869 -25.68 -82.11 -55.97
CA GLU A 1869 -26.40 -81.32 -56.96
C GLU A 1869 -25.54 -80.22 -57.56
N VAL A 1870 -24.64 -79.63 -56.76
CA VAL A 1870 -23.76 -78.59 -57.28
C VAL A 1870 -22.82 -79.16 -58.34
N PHE A 1871 -22.33 -80.38 -58.11
CA PHE A 1871 -21.39 -81.01 -59.03
C PHE A 1871 -22.02 -82.11 -59.88
N THR A 1872 -23.33 -82.08 -60.10
CA THR A 1872 -23.95 -83.04 -61.00
C THR A 1872 -23.44 -82.87 -62.43
N GLU A 1873 -23.33 -83.99 -63.14
CA GLU A 1873 -22.89 -83.99 -64.53
C GLU A 1873 -24.06 -84.43 -65.40
N GLU A 1874 -24.38 -83.61 -66.41
CA GLU A 1874 -25.49 -83.91 -67.30
C GLU A 1874 -25.30 -83.22 -68.65
N LEU A 1922 -34.52 -87.01 -51.79
CA LEU A 1922 -33.57 -87.47 -52.79
C LEU A 1922 -32.19 -87.57 -52.15
N GLU A 1923 -31.17 -87.00 -52.79
CA GLU A 1923 -29.83 -87.01 -52.22
C GLU A 1923 -29.60 -85.75 -51.40
N GLU A 1924 -28.69 -85.84 -50.43
CA GLU A 1924 -28.40 -84.74 -49.51
C GLU A 1924 -26.93 -84.38 -49.60
N GLY A 1925 -26.61 -83.15 -49.20
CA GLY A 1925 -25.24 -82.69 -49.29
C GLY A 1925 -24.57 -82.56 -47.94
N LEU A 1926 -23.27 -82.84 -47.92
CA LEU A 1926 -22.48 -82.66 -46.71
C LEU A 1926 -22.52 -81.22 -46.24
N LEU A 1927 -22.69 -80.27 -47.18
CA LEU A 1927 -22.78 -78.87 -46.81
C LEU A 1927 -24.08 -78.57 -46.09
N GLN A 1928 -25.20 -79.10 -46.61
CA GLN A 1928 -26.50 -78.75 -46.05
C GLN A 1928 -26.79 -79.50 -44.76
N MET A 1929 -26.24 -80.72 -44.62
CA MET A 1929 -26.62 -81.53 -43.45
C MET A 1929 -25.97 -80.99 -42.18
N LYS A 1930 -25.08 -79.99 -42.32
CA LYS A 1930 -24.54 -79.09 -41.29
C LYS A 1930 -23.59 -79.84 -40.35
N LEU A 1931 -22.56 -79.15 -39.86
CA LEU A 1931 -21.54 -79.81 -39.07
C LEU A 1931 -21.16 -78.92 -37.90
N PRO A 1932 -20.53 -79.46 -36.87
CA PRO A 1932 -19.91 -78.61 -35.85
C PRO A 1932 -18.71 -77.85 -36.42
N GLU A 1933 -18.13 -77.00 -35.57
CA GLU A 1933 -17.12 -76.05 -36.05
C GLU A 1933 -15.88 -76.76 -36.61
N SER A 1934 -15.31 -77.71 -35.85
CA SER A 1934 -14.07 -78.34 -36.28
C SER A 1934 -14.24 -79.11 -37.59
N VAL A 1935 -15.36 -79.82 -37.72
CA VAL A 1935 -15.59 -80.56 -38.95
C VAL A 1935 -15.76 -79.58 -40.12
N LYS A 1936 -16.40 -78.45 -39.87
CA LYS A 1936 -16.47 -77.38 -40.87
C LYS A 1936 -15.06 -76.91 -41.24
N LEU A 1937 -14.15 -76.88 -40.26
CA LEU A 1937 -12.77 -76.50 -40.55
C LEU A 1937 -12.10 -77.50 -41.48
N GLN A 1938 -12.26 -78.80 -41.22
CA GLN A 1938 -11.70 -79.80 -42.11
C GLN A 1938 -12.32 -79.68 -43.51
N MET A 1939 -13.61 -79.35 -43.55
CA MET A 1939 -14.32 -79.18 -44.81
C MET A 1939 -13.75 -78.01 -45.61
N CYS A 1940 -13.47 -76.89 -44.92
CA CYS A 1940 -12.84 -75.74 -45.54
C CYS A 1940 -11.43 -76.06 -46.02
N ASN A 1941 -10.69 -76.88 -45.27
CA ASN A 1941 -9.36 -77.30 -45.75
C ASN A 1941 -9.48 -78.10 -47.03
N LEU A 1942 -10.43 -79.05 -47.09
CA LEU A 1942 -10.62 -79.82 -48.31
C LEU A 1942 -10.95 -78.91 -49.50
N LEU A 1943 -11.91 -78.00 -49.31
CA LEU A 1943 -12.30 -77.16 -50.43
C LEU A 1943 -11.20 -76.16 -50.79
N GLU A 1944 -10.41 -75.72 -49.82
CA GLU A 1944 -9.26 -74.87 -50.11
C GLU A 1944 -8.25 -75.60 -50.98
N TYR A 1945 -8.04 -76.89 -50.69
CA TYR A 1945 -7.17 -77.69 -51.55
C TYR A 1945 -7.72 -77.78 -52.97
N PHE A 1946 -9.03 -78.03 -53.09
CA PHE A 1946 -9.65 -78.10 -54.42
C PHE A 1946 -9.50 -76.78 -55.17
N CYS A 1947 -9.65 -75.66 -54.47
CA CYS A 1947 -9.48 -74.36 -55.13
C CYS A 1947 -8.02 -74.11 -55.48
N ASP A 1948 -7.10 -74.70 -54.72
CA ASP A 1948 -5.70 -74.65 -55.11
C ASP A 1948 -5.48 -75.34 -56.45
N GLN A 1949 -6.09 -76.52 -56.65
CA GLN A 1949 -6.02 -77.13 -57.98
C GLN A 1949 -6.77 -76.32 -59.03
N GLU A 1950 -7.81 -75.60 -58.63
CA GLU A 1950 -8.49 -74.72 -59.58
C GLU A 1950 -7.53 -73.63 -60.09
N LEU A 1951 -6.81 -73.00 -59.16
CA LEU A 1951 -5.83 -71.98 -59.54
C LEU A 1951 -4.70 -72.60 -60.36
N GLN A 1952 -4.28 -73.83 -60.01
CA GLN A 1952 -3.28 -74.52 -60.80
C GLN A 1952 -3.75 -74.75 -62.23
N HIS A 1953 -5.02 -75.14 -62.40
CA HIS A 1953 -5.59 -75.32 -63.73
C HIS A 1953 -5.57 -74.00 -64.50
N ARG A 1954 -5.96 -72.91 -63.84
CA ARG A 1954 -5.89 -71.60 -64.51
C ARG A 1954 -4.48 -71.30 -64.97
N VAL A 1955 -3.49 -71.50 -64.10
CA VAL A 1955 -2.11 -71.16 -64.42
C VAL A 1955 -1.61 -72.00 -65.59
N GLU A 1956 -1.87 -73.32 -65.55
CA GLU A 1956 -1.34 -74.19 -66.60
C GLU A 1956 -2.03 -73.95 -67.93
N SER A 1957 -3.33 -73.66 -67.92
CA SER A 1957 -4.00 -73.34 -69.17
C SER A 1957 -3.50 -72.02 -69.74
N LEU A 1958 -3.23 -71.04 -68.87
CA LEU A 1958 -2.64 -69.78 -69.33
C LEU A 1958 -1.26 -70.02 -69.93
N ALA A 1959 -0.46 -70.90 -69.32
CA ALA A 1959 0.86 -71.22 -69.88
C ALA A 1959 0.74 -71.89 -71.24
N ALA A 1960 -0.24 -72.79 -71.39
CA ALA A 1960 -0.47 -73.42 -72.68
C ALA A 1960 -0.84 -72.39 -73.75
N PHE A 1961 -1.78 -71.51 -73.42
CA PHE A 1961 -2.15 -70.45 -74.35
C PHE A 1961 -0.95 -69.57 -74.67
N ALA A 1962 -0.09 -69.33 -73.67
CA ALA A 1962 1.13 -68.56 -73.90
C ALA A 1962 2.03 -69.25 -74.89
N GLU A 1963 2.18 -70.57 -74.78
CA GLU A 1963 2.98 -71.32 -75.74
C GLU A 1963 2.43 -71.15 -77.16
N ARG A 1964 1.13 -71.36 -77.33
CA ARG A 1964 0.54 -71.24 -78.67
C ARG A 1964 0.70 -69.82 -79.22
N TYR A 1965 0.45 -68.82 -78.37
CA TYR A 1965 0.48 -67.44 -78.85
C TYR A 1965 1.89 -66.98 -79.15
N VAL A 1966 2.87 -67.48 -78.37
CA VAL A 1966 4.27 -67.17 -78.66
C VAL A 1966 4.68 -67.79 -80.00
N ASP A 1967 4.24 -69.03 -80.27
CA ASP A 1967 4.53 -69.60 -81.58
C ASP A 1967 3.90 -68.79 -82.71
N LYS A 1968 2.65 -68.35 -82.51
CA LYS A 1968 2.00 -67.53 -83.53
C LYS A 1968 2.75 -66.22 -83.73
N LEU A 1969 3.18 -65.57 -82.64
CA LEU A 1969 3.95 -64.33 -82.74
C LEU A 1969 5.26 -64.55 -83.48
N GLN A 1970 5.94 -65.66 -83.18
CA GLN A 1970 7.21 -65.95 -83.84
C GLN A 1970 7.02 -66.18 -85.33
N ALA A 1971 5.98 -66.93 -85.71
CA ALA A 1971 5.70 -67.13 -87.12
C ALA A 1971 5.36 -65.80 -87.80
N ASN A 1972 4.56 -64.96 -87.13
CA ASN A 1972 4.21 -63.67 -87.71
C ASN A 1972 5.44 -62.79 -87.90
N GLN A 1973 6.37 -62.81 -86.94
CA GLN A 1973 7.56 -61.98 -87.07
C GLN A 1973 8.52 -62.54 -88.12
N ARG A 1974 8.56 -63.87 -88.26
CA ARG A 1974 9.34 -64.44 -89.35
C ARG A 1974 8.80 -64.01 -90.70
N SER A 1975 7.46 -64.00 -90.84
CA SER A 1975 6.86 -63.49 -92.07
C SER A 1975 7.12 -62.00 -92.25
N ARG A 1976 7.01 -61.23 -91.16
CA ARG A 1976 7.15 -59.78 -91.24
C ARG A 1976 8.57 -59.38 -91.63
N TYR A 1977 9.57 -59.96 -90.97
CA TYR A 1977 10.95 -59.63 -91.30
C TYR A 1977 11.29 -60.09 -92.71
N ALA A 1978 10.65 -61.17 -93.18
CA ALA A 1978 10.77 -61.55 -94.58
C ALA A 1978 10.21 -60.47 -95.48
N LEU A 1979 9.12 -59.82 -95.05
CA LEU A 1979 8.63 -58.66 -95.77
C LEU A 1979 9.43 -57.41 -95.41
N LEU A 1980 10.33 -57.50 -94.43
CA LEU A 1980 11.06 -56.31 -94.01
C LEU A 1980 12.37 -56.17 -94.77
N MET A 1981 13.12 -57.25 -94.96
CA MET A 1981 14.30 -57.19 -95.81
C MET A 1981 13.89 -56.87 -97.24
N ARG A 1982 12.60 -57.08 -97.58
CA ARG A 1982 12.11 -56.62 -98.86
C ARG A 1982 11.59 -55.20 -98.76
N ALA A 1983 11.06 -54.82 -97.59
CA ALA A 1983 10.48 -53.49 -97.44
C ALA A 1983 11.55 -52.43 -97.28
N PHE A 1984 12.81 -52.85 -97.13
CA PHE A 1984 13.91 -51.89 -97.15
C PHE A 1984 13.96 -51.14 -98.46
N THR A 1985 13.43 -51.74 -99.54
CA THR A 1985 13.57 -51.14 -100.85
C THR A 1985 12.38 -50.25 -101.20
N MET A 1986 11.16 -50.71 -100.93
CA MET A 1986 9.98 -49.94 -101.35
C MET A 1986 9.85 -48.64 -100.57
N SER A 1987 9.97 -48.69 -99.25
CA SER A 1987 9.69 -47.54 -98.40
C SER A 1987 10.86 -47.28 -97.47
N ALA A 1988 11.14 -46.00 -97.23
CA ALA A 1988 12.24 -45.65 -96.32
C ALA A 1988 11.72 -45.35 -94.91
N ALA A 1989 10.63 -44.60 -94.80
CA ALA A 1989 10.09 -44.27 -93.47
C ALA A 1989 9.53 -45.51 -92.79
N GLU A 1990 8.79 -46.34 -93.54
CA GLU A 1990 8.31 -47.60 -92.98
C GLU A 1990 9.46 -48.47 -92.49
N THR A 1991 10.51 -48.59 -93.31
CA THR A 1991 11.66 -49.39 -92.92
C THR A 1991 12.35 -48.81 -91.69
N ALA A 1992 12.47 -47.49 -91.62
CA ALA A 1992 13.13 -46.86 -90.48
C ALA A 1992 12.35 -47.08 -89.19
N ARG A 1993 11.02 -46.94 -89.24
CA ARG A 1993 10.24 -47.11 -88.02
C ARG A 1993 10.16 -48.58 -87.63
N ARG A 1994 10.19 -49.49 -88.61
CA ARG A 1994 10.28 -50.90 -88.29
C ARG A 1994 11.62 -51.21 -87.63
N THR A 1995 12.70 -50.64 -88.16
CA THR A 1995 14.02 -50.85 -87.57
C THR A 1995 14.05 -50.38 -86.13
N ARG A 1996 13.79 -49.09 -85.89
CA ARG A 1996 13.93 -48.59 -84.52
C ARG A 1996 13.02 -49.34 -83.56
N GLU A 1997 11.95 -49.94 -84.07
CA GLU A 1997 11.14 -50.80 -83.22
C GLU A 1997 11.89 -52.09 -82.88
N PHE A 1998 12.50 -52.72 -83.87
CA PHE A 1998 13.23 -53.96 -83.60
C PHE A 1998 14.49 -53.71 -82.77
N ARG A 1999 15.08 -52.52 -82.89
CA ARG A 1999 16.31 -52.22 -82.17
C ARG A 1999 16.09 -52.19 -80.66
N SER A 2000 14.84 -52.08 -80.23
CA SER A 2000 14.52 -52.23 -78.83
C SER A 2000 14.79 -53.67 -78.40
N PRO A 2001 15.12 -53.91 -77.13
CA PRO A 2001 15.43 -55.25 -76.68
C PRO A 2001 14.22 -56.15 -76.82
N PRO A 2002 14.43 -57.48 -76.88
CA PRO A 2002 13.29 -58.39 -77.14
C PRO A 2002 12.16 -58.27 -76.12
N GLN A 2003 12.49 -58.00 -74.86
CA GLN A 2003 11.44 -57.77 -73.87
C GLN A 2003 10.56 -56.59 -74.26
N GLU A 2004 11.19 -55.48 -74.69
CA GLU A 2004 10.42 -54.30 -75.09
C GLU A 2004 9.65 -54.57 -76.40
N GLN A 2005 10.23 -55.37 -77.29
CA GLN A 2005 9.52 -55.71 -78.52
C GLN A 2005 8.25 -56.47 -78.22
N ILE A 2006 8.33 -57.47 -77.35
CA ILE A 2006 7.12 -58.21 -76.97
C ILE A 2006 6.17 -57.31 -76.19
N ASN A 2007 6.70 -56.39 -75.38
CA ASN A 2007 5.85 -55.42 -74.70
C ASN A 2007 5.01 -54.63 -75.68
N MET A 2008 5.64 -54.03 -76.69
CA MET A 2008 4.89 -53.21 -77.63
C MET A 2008 3.98 -54.05 -78.50
N LEU A 2009 4.41 -55.28 -78.84
CA LEU A 2009 3.55 -56.16 -79.61
C LEU A 2009 2.29 -56.51 -78.84
N LEU A 2010 2.42 -56.77 -77.54
CA LEU A 2010 1.25 -57.11 -76.73
C LEU A 2010 0.40 -55.89 -76.44
N HIS A 2011 1.00 -54.70 -76.42
CA HIS A 2011 0.31 -53.48 -76.01
C HIS A 2011 -0.66 -53.03 -77.11
N PHE A 2012 -1.81 -53.70 -77.16
CA PHE A 2012 -2.95 -53.22 -77.91
C PHE A 2012 -4.28 -53.48 -77.21
N LYS A 2013 -4.26 -53.77 -75.91
CA LYS A 2013 -5.51 -53.96 -75.16
C LYS A 2013 -6.24 -52.62 -74.99
N ASP A 2014 -5.50 -51.55 -74.74
CA ASP A 2014 -6.11 -50.29 -74.35
C ASP A 2014 -6.88 -49.63 -75.50
N GLU A 2015 -6.66 -50.10 -76.72
CA GLU A 2015 -7.29 -49.64 -77.97
C GLU A 2015 -6.72 -48.29 -78.39
N ALA A 2016 -5.94 -47.62 -77.54
CA ALA A 2016 -5.32 -46.36 -77.95
C ALA A 2016 -4.32 -46.58 -79.08
N ASP A 2017 -3.57 -47.68 -79.02
CA ASP A 2017 -2.65 -48.06 -80.09
C ASP A 2017 -2.92 -49.45 -80.63
N GLU A 2018 -4.15 -49.96 -80.46
CA GLU A 2018 -4.51 -51.23 -81.10
C GLU A 2018 -4.53 -51.09 -82.61
N GLU A 2019 -4.90 -49.92 -83.11
CA GLU A 2019 -4.77 -49.65 -84.54
C GLU A 2019 -3.30 -49.45 -84.92
N ASP A 2020 -2.48 -49.02 -83.96
CA ASP A 2020 -1.07 -48.74 -84.26
C ASP A 2020 -0.25 -50.02 -84.34
N CYS A 2021 -0.59 -51.03 -83.54
CA CYS A 2021 0.24 -52.22 -83.46
C CYS A 2021 0.27 -52.93 -84.81
N PRO A 2022 1.44 -53.42 -85.23
CA PRO A 2022 1.53 -54.06 -86.56
C PRO A 2022 0.99 -55.48 -86.60
N LEU A 2023 0.65 -56.04 -85.45
CA LEU A 2023 0.23 -57.44 -85.40
C LEU A 2023 -1.08 -57.64 -86.15
N PRO A 2024 -1.28 -58.78 -86.79
CA PRO A 2024 -2.52 -59.00 -87.55
C PRO A 2024 -3.76 -59.01 -86.68
N GLU A 2025 -4.88 -58.59 -87.27
CA GLU A 2025 -6.12 -58.43 -86.51
C GLU A 2025 -6.60 -59.76 -85.96
N ASP A 2026 -6.31 -60.88 -86.63
CA ASP A 2026 -6.73 -62.17 -86.10
C ASP A 2026 -5.92 -62.57 -84.87
N ILE A 2027 -4.61 -62.30 -84.88
CA ILE A 2027 -3.79 -62.61 -83.73
C ILE A 2027 -4.11 -61.65 -82.59
N ARG A 2028 -4.70 -60.50 -82.91
CA ARG A 2028 -5.28 -59.68 -81.85
C ARG A 2028 -6.58 -60.28 -81.33
N GLN A 2029 -7.45 -60.72 -82.25
CA GLN A 2029 -8.80 -61.13 -81.90
C GLN A 2029 -8.80 -62.37 -81.02
N ASP A 2030 -7.97 -63.36 -81.36
CA ASP A 2030 -7.92 -64.56 -80.53
C ASP A 2030 -7.40 -64.22 -79.13
N LEU A 2031 -6.49 -63.25 -79.04
CA LEU A 2031 -6.01 -62.80 -77.73
C LEU A 2031 -7.12 -62.15 -76.92
N GLN A 2032 -7.91 -61.27 -77.53
CA GLN A 2032 -9.02 -60.69 -76.78
C GLN A 2032 -10.04 -61.76 -76.40
N ASP A 2033 -10.30 -62.72 -77.29
CA ASP A 2033 -11.25 -63.79 -76.96
C ASP A 2033 -10.78 -64.59 -75.76
N PHE A 2034 -9.49 -64.94 -75.72
CA PHE A 2034 -8.97 -65.66 -74.57
C PHE A 2034 -9.01 -64.78 -73.33
N HIS A 2035 -8.82 -63.47 -73.49
CA HIS A 2035 -8.87 -62.58 -72.33
C HIS A 2035 -10.28 -62.55 -71.73
N GLN A 2036 -11.31 -62.47 -72.57
CA GLN A 2036 -12.67 -62.52 -72.05
C GLN A 2036 -12.98 -63.90 -71.46
N ASP A 2037 -12.42 -64.96 -72.05
CA ASP A 2037 -12.59 -66.29 -71.47
C ASP A 2037 -11.99 -66.34 -70.07
N LEU A 2038 -10.81 -65.76 -69.89
CA LEU A 2038 -10.18 -65.72 -68.57
C LEU A 2038 -10.99 -64.88 -67.60
N LEU A 2039 -11.55 -63.76 -68.07
CA LEU A 2039 -12.41 -62.94 -67.22
C LEU A 2039 -13.60 -63.74 -66.74
N ALA A 2040 -14.27 -64.45 -67.66
CA ALA A 2040 -15.43 -65.25 -67.27
C ALA A 2040 -15.03 -66.38 -66.31
N HIS A 2041 -13.89 -67.02 -66.57
CA HIS A 2041 -13.45 -68.11 -65.71
C HIS A 2041 -13.12 -67.63 -64.31
N CYS A 2042 -12.46 -66.47 -64.21
CA CYS A 2042 -12.18 -65.90 -62.88
C CYS A 2042 -13.45 -65.35 -62.25
N GLY A 2043 -14.50 -65.15 -63.05
CA GLY A 2043 -15.75 -64.63 -62.54
C GLY A 2043 -15.88 -63.14 -62.52
N ILE A 2044 -14.95 -62.41 -63.16
CA ILE A 2044 -15.05 -60.95 -63.21
C ILE A 2044 -16.31 -60.55 -63.96
N GLN A 2045 -16.61 -61.23 -65.06
CA GLN A 2045 -17.89 -61.03 -65.74
C GLN A 2045 -19.03 -61.44 -64.82
N LEU A 2046 -20.05 -60.58 -64.75
CA LEU A 2046 -21.18 -60.83 -63.86
C LEU A 2046 -22.43 -61.25 -64.63
N GLU A 2088 -29.67 -72.48 -62.63
CA GLU A 2088 -30.81 -71.94 -61.90
C GLU A 2088 -30.40 -71.41 -60.53
N LYS A 2089 -31.31 -71.47 -59.55
CA LYS A 2089 -31.05 -70.86 -58.25
C LYS A 2089 -29.83 -71.48 -57.57
N LYS A 2090 -29.65 -72.78 -57.71
CA LYS A 2090 -28.44 -73.41 -57.21
C LYS A 2090 -27.24 -72.84 -57.97
N PRO A 2091 -26.13 -72.54 -57.27
CA PRO A 2091 -25.06 -71.75 -57.92
C PRO A 2091 -24.51 -72.35 -59.19
N GLN A 2092 -24.36 -73.67 -59.26
CA GLN A 2092 -23.73 -74.38 -60.38
C GLN A 2092 -22.32 -73.88 -60.62
N SER A 2093 -21.67 -73.28 -59.63
CA SER A 2093 -20.31 -72.77 -59.75
C SER A 2093 -19.62 -72.87 -58.40
N LEU A 2094 -18.33 -73.21 -58.42
CA LEU A 2094 -17.57 -73.29 -57.18
C LEU A 2094 -17.51 -71.94 -56.48
N GLN A 2095 -17.32 -70.87 -57.26
CA GLN A 2095 -17.31 -69.51 -56.72
C GLN A 2095 -18.52 -69.25 -55.84
N GLU A 2096 -19.72 -69.28 -56.43
CA GLU A 2096 -20.92 -68.95 -55.69
C GLU A 2096 -21.22 -70.02 -54.64
N LEU A 2097 -20.82 -71.26 -54.89
CA LEU A 2097 -21.03 -72.31 -53.90
C LEU A 2097 -20.30 -72.01 -52.60
N VAL A 2098 -19.00 -71.68 -52.70
CA VAL A 2098 -18.23 -71.36 -51.50
C VAL A 2098 -18.74 -70.10 -50.84
N SER A 2099 -19.02 -69.06 -51.64
CA SER A 2099 -19.53 -67.82 -51.06
C SER A 2099 -20.83 -68.07 -50.30
N HIS A 2100 -21.75 -68.81 -50.92
CA HIS A 2100 -23.03 -69.07 -50.29
CA HIS A 2100 -23.03 -69.07 -50.29
C HIS A 2100 -22.89 -69.91 -49.03
N MET A 2101 -22.02 -70.92 -49.05
CA MET A 2101 -21.90 -71.77 -47.87
C MET A 2101 -21.30 -70.99 -46.72
N VAL A 2102 -20.30 -70.15 -47.00
CA VAL A 2102 -19.71 -69.33 -45.94
C VAL A 2102 -20.74 -68.36 -45.36
N VAL A 2103 -21.50 -67.70 -46.24
CA VAL A 2103 -22.50 -66.74 -45.79
C VAL A 2103 -23.58 -67.44 -44.97
N ARG A 2104 -24.04 -68.61 -45.44
CA ARG A 2104 -25.08 -69.35 -44.72
C ARG A 2104 -24.59 -69.81 -43.36
N TRP A 2105 -23.34 -70.30 -43.28
CA TRP A 2105 -22.79 -70.67 -41.98
C TRP A 2105 -22.73 -69.47 -41.05
N ALA A 2106 -22.35 -68.31 -41.61
CA ALA A 2106 -22.29 -67.10 -40.80
C ALA A 2106 -23.65 -66.74 -40.22
N GLN A 2107 -24.71 -66.83 -41.03
CA GLN A 2107 -26.05 -66.60 -40.47
C GLN A 2107 -26.44 -67.66 -39.46
N GLU A 2108 -26.06 -68.93 -39.72
CA GLU A 2108 -26.45 -70.00 -38.80
C GLU A 2108 -25.84 -69.82 -37.42
N ASP A 2109 -24.55 -69.47 -37.35
CA ASP A 2109 -23.92 -69.37 -36.05
C ASP A 2109 -22.80 -68.34 -36.08
N TYR A 2110 -22.47 -67.84 -34.90
CA TYR A 2110 -21.29 -67.01 -34.71
C TYR A 2110 -20.12 -67.88 -34.29
N VAL A 2111 -19.10 -67.97 -35.15
CA VAL A 2111 -18.03 -68.93 -34.94
C VAL A 2111 -17.19 -68.52 -33.73
N GLN A 2112 -17.01 -69.46 -32.81
CA GLN A 2112 -16.23 -69.25 -31.59
C GLN A 2112 -14.75 -69.55 -31.75
N SER A 2113 -14.35 -70.14 -32.89
CA SER A 2113 -12.97 -70.60 -33.06
C SER A 2113 -12.24 -69.70 -34.03
N PRO A 2114 -11.22 -68.97 -33.55
CA PRO A 2114 -10.52 -68.02 -34.44
C PRO A 2114 -9.84 -68.67 -35.62
N GLU A 2115 -9.32 -69.89 -35.47
CA GLU A 2115 -8.68 -70.56 -36.59
C GLU A 2115 -9.69 -70.85 -37.70
N LEU A 2116 -10.88 -71.34 -37.34
CA LEU A 2116 -11.91 -71.55 -38.34
C LEU A 2116 -12.37 -70.24 -38.94
N VAL A 2117 -12.45 -69.17 -38.14
CA VAL A 2117 -12.84 -67.87 -38.67
C VAL A 2117 -11.83 -67.41 -39.73
N ARG A 2118 -10.54 -67.54 -39.42
CA ARG A 2118 -9.51 -67.12 -40.37
C ARG A 2118 -9.54 -67.97 -41.64
N ALA A 2119 -9.68 -69.29 -41.49
CA ALA A 2119 -9.80 -70.13 -42.68
C ALA A 2119 -11.01 -69.75 -43.51
N MET A 2120 -12.15 -69.51 -42.85
CA MET A 2120 -13.37 -69.08 -43.50
C MET A 2120 -13.15 -67.82 -44.34
N PHE A 2121 -12.57 -66.80 -43.72
CA PHE A 2121 -12.49 -65.51 -44.39
C PHE A 2121 -11.39 -65.51 -45.46
N SER A 2122 -10.31 -66.25 -45.22
CA SER A 2122 -9.29 -66.40 -46.27
C SER A 2122 -9.87 -67.09 -47.49
N LEU A 2123 -10.64 -68.17 -47.28
CA LEU A 2123 -11.27 -68.85 -48.41
C LEU A 2123 -12.26 -67.93 -49.11
N LEU A 2124 -13.02 -67.15 -48.34
CA LEU A 2124 -13.98 -66.23 -48.92
C LEU A 2124 -13.28 -65.20 -49.81
N HIS A 2125 -12.18 -64.63 -49.33
CA HIS A 2125 -11.44 -63.67 -50.13
C HIS A 2125 -10.85 -64.33 -51.38
N ARG A 2126 -10.33 -65.55 -51.24
CA ARG A 2126 -9.82 -66.28 -52.39
C ARG A 2126 -10.88 -66.41 -53.47
N GLN A 2127 -12.09 -66.84 -53.07
CA GLN A 2127 -13.16 -67.01 -54.04
C GLN A 2127 -13.54 -65.69 -54.68
N TYR A 2128 -13.82 -64.66 -53.85
CA TYR A 2128 -14.34 -63.42 -54.41
C TYR A 2128 -13.33 -62.74 -55.32
N ASP A 2129 -12.04 -62.78 -54.97
CA ASP A 2129 -10.98 -62.28 -55.83
C ASP A 2129 -9.89 -63.34 -55.96
N GLY A 2130 -10.11 -64.30 -56.85
CA GLY A 2130 -9.03 -65.19 -57.25
C GLY A 2130 -8.16 -64.60 -58.36
N LEU A 2131 -8.71 -63.64 -59.12
CA LEU A 2131 -7.96 -63.03 -60.19
C LEU A 2131 -6.75 -62.27 -59.65
N GLY A 2132 -6.93 -61.53 -58.55
CA GLY A 2132 -5.80 -60.88 -57.93
C GLY A 2132 -4.78 -61.87 -57.40
N GLU A 2133 -5.26 -62.99 -56.86
CA GLU A 2133 -4.34 -64.04 -56.42
C GLU A 2133 -3.62 -64.68 -57.60
N LEU A 2134 -4.31 -64.79 -58.74
CA LEU A 2134 -3.64 -65.21 -59.97
C LEU A 2134 -2.54 -64.21 -60.35
N LEU A 2135 -2.83 -62.92 -60.21
CA LEU A 2135 -1.83 -61.89 -60.48
C LEU A 2135 -0.62 -62.06 -59.57
N ARG A 2136 -0.86 -62.35 -58.29
CA ARG A 2136 0.25 -62.59 -57.37
C ARG A 2136 1.04 -63.84 -57.75
N ALA A 2137 0.33 -64.89 -58.20
CA ALA A 2137 0.99 -66.17 -58.44
C ALA A 2137 1.79 -66.15 -59.74
N LEU A 2138 1.39 -65.30 -60.70
CA LEU A 2138 2.08 -65.28 -61.98
C LEU A 2138 3.58 -65.00 -61.88
N PRO A 2139 4.06 -64.05 -61.07
CA PRO A 2139 5.52 -63.90 -60.93
C PRO A 2139 6.20 -65.18 -60.46
N ARG A 2140 5.51 -65.98 -59.63
CA ARG A 2140 6.08 -67.24 -59.21
C ARG A 2140 6.07 -68.25 -60.35
N ALA A 2141 5.12 -68.14 -61.27
CA ALA A 2141 5.04 -69.07 -62.38
C ALA A 2141 6.23 -68.90 -63.32
N TYR A 2142 6.67 -70.01 -63.91
CA TYR A 2142 7.81 -70.02 -64.81
C TYR A 2142 7.67 -71.22 -65.76
N THR A 2143 8.32 -71.12 -66.91
CA THR A 2143 8.23 -72.14 -67.95
C THR A 2143 9.60 -72.76 -68.18
N ILE A 2144 9.62 -74.09 -68.35
CA ILE A 2144 10.86 -74.83 -68.55
C ILE A 2144 10.73 -75.70 -69.79
N SER A 2145 11.87 -76.01 -70.39
CA SER A 2145 11.88 -76.81 -71.62
C SER A 2145 11.80 -78.30 -71.29
N PRO A 2146 11.22 -79.10 -72.18
CA PRO A 2146 11.20 -80.55 -71.95
C PRO A 2146 12.57 -81.20 -71.99
N SER A 2147 13.56 -80.53 -72.60
CA SER A 2147 14.90 -81.10 -72.67
C SER A 2147 15.59 -81.06 -71.31
N SER A 2148 15.29 -80.05 -70.49
CA SER A 2148 15.94 -79.93 -69.19
C SER A 2148 15.02 -80.38 -68.06
N VAL A 2149 13.92 -81.06 -68.40
CA VAL A 2149 12.93 -81.42 -67.39
C VAL A 2149 13.50 -82.45 -66.42
N GLU A 2150 14.34 -83.37 -66.93
CA GLU A 2150 14.91 -84.39 -66.05
C GLU A 2150 15.90 -83.78 -65.06
N ASP A 2151 16.64 -82.75 -65.50
CA ASP A 2151 17.56 -82.07 -64.59
C ASP A 2151 16.80 -81.21 -63.59
N THR A 2152 15.73 -80.55 -64.04
CA THR A 2152 14.86 -79.82 -63.13
C THR A 2152 14.22 -80.76 -62.11
N MET A 2153 13.99 -82.02 -62.49
CA MET A 2153 13.47 -83.00 -61.55
C MET A 2153 14.41 -83.17 -60.37
N SER A 2154 15.70 -83.42 -60.63
CA SER A 2154 16.67 -83.58 -59.56
C SER A 2154 16.83 -82.30 -58.76
N LEU A 2155 16.84 -81.14 -59.44
CA LEU A 2155 16.92 -79.88 -58.73
C LEU A 2155 15.76 -79.74 -57.75
N LEU A 2156 14.55 -80.06 -58.20
CA LEU A 2156 13.37 -79.93 -57.35
C LEU A 2156 13.41 -80.94 -56.20
N GLU A 2157 13.94 -82.15 -56.46
CA GLU A 2157 14.07 -83.11 -55.37
C GLU A 2157 15.00 -82.60 -54.29
N CYS A 2158 16.15 -82.06 -54.68
CA CYS A 2158 17.08 -81.51 -53.69
C CYS A 2158 16.46 -80.32 -52.96
N LEU A 2159 15.69 -79.50 -53.68
CA LEU A 2159 14.95 -78.43 -53.03
C LEU A 2159 13.99 -78.98 -51.98
N GLY A 2160 13.27 -80.06 -52.31
CA GLY A 2160 12.37 -80.66 -51.34
C GLY A 2160 13.09 -81.13 -50.10
N GLN A 2161 14.26 -81.76 -50.29
CA GLN A 2161 15.06 -82.16 -49.14
C GLN A 2161 15.43 -80.96 -48.29
N ILE A 2162 15.85 -79.85 -48.92
CA ILE A 2162 16.24 -78.67 -48.16
C ILE A 2162 15.05 -78.11 -47.38
N ARG A 2163 13.89 -77.97 -48.04
CA ARG A 2163 12.73 -77.39 -47.37
C ARG A 2163 12.26 -78.27 -46.22
N SER A 2164 12.33 -79.59 -46.39
CA SER A 2164 12.00 -80.48 -45.29
C SER A 2164 13.02 -80.35 -44.16
N LEU A 2165 14.28 -80.10 -44.50
CA LEU A 2165 15.32 -80.00 -43.48
C LEU A 2165 15.17 -78.72 -42.66
N LEU A 2166 14.68 -77.65 -43.27
CA LEU A 2166 14.48 -76.39 -42.54
C LEU A 2166 13.65 -76.59 -41.28
N ILE A 2167 12.64 -77.47 -41.33
CA ILE A 2167 11.74 -77.62 -40.19
C ILE A 2167 12.49 -78.20 -38.98
N VAL A 2168 13.29 -79.24 -39.21
CA VAL A 2168 13.96 -79.92 -38.10
C VAL A 2168 15.17 -79.12 -37.65
N GLN A 2169 15.51 -79.26 -36.37
CA GLN A 2169 16.68 -78.58 -35.83
C GLN A 2169 17.98 -79.19 -36.37
N MET A 2170 19.09 -78.66 -35.89
CA MET A 2170 20.41 -79.08 -36.36
C MET A 2170 20.70 -80.52 -35.95
N GLY A 2171 21.36 -81.25 -36.84
CA GLY A 2171 21.86 -82.57 -36.57
C GLY A 2171 23.02 -82.90 -37.51
N PRO A 2172 23.85 -83.87 -37.13
CA PRO A 2172 24.94 -84.26 -38.04
C PRO A 2172 24.44 -84.88 -39.34
N GLN A 2173 23.44 -85.77 -39.25
CA GLN A 2173 22.84 -86.33 -40.46
C GLN A 2173 22.24 -85.23 -41.32
N GLU A 2174 21.56 -84.27 -40.68
CA GLU A 2174 20.98 -83.16 -41.43
C GLU A 2174 22.04 -82.31 -42.12
N GLU A 2175 23.16 -82.05 -41.42
CA GLU A 2175 24.21 -81.24 -42.04
C GLU A 2175 24.82 -81.97 -43.23
N ASN A 2176 25.07 -83.28 -43.10
CA ASN A 2176 25.59 -84.03 -44.23
C ASN A 2176 24.60 -84.05 -45.39
N LEU A 2177 23.31 -84.22 -45.08
CA LEU A 2177 22.30 -84.28 -46.12
C LEU A 2177 22.20 -82.96 -46.88
N MET A 2178 22.16 -81.84 -46.16
CA MET A 2178 22.03 -80.57 -46.86
C MET A 2178 23.31 -80.25 -47.62
N ILE A 2179 24.47 -80.63 -47.08
CA ILE A 2179 25.73 -80.38 -47.79
C ILE A 2179 25.74 -81.12 -49.12
N GLN A 2180 25.39 -82.42 -49.10
CA GLN A 2180 25.36 -83.18 -50.35
C GLN A 2180 24.27 -82.66 -51.28
N SER A 2181 23.13 -82.24 -50.72
CA SER A 2181 22.04 -81.73 -51.56
C SER A 2181 22.44 -80.44 -52.28
N ILE A 2182 23.03 -79.49 -51.55
CA ILE A 2182 23.43 -78.23 -52.18
C ILE A 2182 24.61 -78.47 -53.12
N GLY A 2183 25.44 -79.47 -52.84
CA GLY A 2183 26.46 -79.86 -53.79
C GLY A 2183 25.86 -80.36 -55.10
N ASN A 2184 24.83 -81.20 -55.02
CA ASN A 2184 24.14 -81.65 -56.21
C ASN A 2184 23.50 -80.47 -56.95
N ILE A 2185 22.92 -79.52 -56.20
CA ILE A 2185 22.32 -78.35 -56.85
C ILE A 2185 23.38 -77.53 -57.57
N MET A 2186 24.54 -77.33 -56.94
CA MET A 2186 25.61 -76.57 -57.58
C MET A 2186 26.11 -77.29 -58.82
N ASN A 2187 26.21 -78.62 -58.78
CA ASN A 2187 26.62 -79.37 -59.95
C ASN A 2187 25.52 -79.36 -61.02
N ASN A 2188 24.28 -79.13 -60.61
CA ASN A 2188 23.13 -79.25 -61.50
C ASN A 2188 23.22 -78.24 -62.65
N LYS A 2189 22.93 -78.71 -63.86
CA LYS A 2189 23.16 -77.90 -65.05
C LYS A 2189 22.14 -76.77 -65.18
N VAL A 2190 20.88 -77.06 -64.85
CA VAL A 2190 19.82 -76.05 -64.95
C VAL A 2190 20.15 -74.86 -64.06
N PHE A 2191 20.85 -75.11 -62.95
CA PHE A 2191 21.25 -74.02 -62.06
C PHE A 2191 22.09 -72.98 -62.79
N TYR A 2192 22.91 -73.42 -63.75
CA TYR A 2192 23.63 -72.46 -64.59
C TYR A 2192 22.73 -71.94 -65.71
N GLN A 2193 21.85 -72.80 -66.23
CA GLN A 2193 21.16 -72.49 -67.48
C GLN A 2193 20.08 -71.43 -67.30
N HIS A 2194 19.34 -71.47 -66.20
CA HIS A 2194 18.16 -70.62 -66.01
C HIS A 2194 18.34 -69.75 -64.77
N PRO A 2195 18.98 -68.59 -64.94
CA PRO A 2195 19.20 -67.71 -63.77
C PRO A 2195 17.93 -67.20 -63.12
N ASN A 2196 16.82 -67.09 -63.87
CA ASN A 2196 15.59 -66.57 -63.28
C ASN A 2196 14.86 -67.66 -62.49
N LEU A 2197 15.17 -68.93 -62.78
CA LEU A 2197 14.41 -70.03 -62.20
C LEU A 2197 14.63 -70.12 -60.69
N MET A 2198 15.87 -70.07 -60.23
CA MET A 2198 16.10 -70.09 -58.79
C MET A 2198 15.81 -68.74 -58.15
N ARG A 2199 15.68 -67.68 -58.95
CA ARG A 2199 15.12 -66.44 -58.43
C ARG A 2199 13.67 -66.64 -58.03
N ALA A 2200 12.88 -67.25 -58.92
CA ALA A 2200 11.50 -67.56 -58.60
C ALA A 2200 11.42 -68.55 -57.45
N LEU A 2201 12.32 -69.53 -57.42
CA LEU A 2201 12.35 -70.49 -56.32
C LEU A 2201 12.63 -69.81 -55.00
N GLY A 2202 13.57 -68.87 -54.97
CA GLY A 2202 13.94 -68.21 -53.74
C GLY A 2202 14.62 -69.12 -52.75
N MET A 2203 15.51 -70.00 -53.23
CA MET A 2203 16.19 -70.92 -52.32
C MET A 2203 17.20 -70.20 -51.43
N HIS A 2204 17.72 -69.06 -51.90
CA HIS A 2204 18.72 -68.34 -51.11
C HIS A 2204 18.13 -67.84 -49.79
N GLU A 2205 16.86 -67.44 -49.81
CA GLU A 2205 16.21 -67.04 -48.57
C GLU A 2205 16.17 -68.18 -47.57
N THR A 2206 15.78 -69.37 -48.01
CA THR A 2206 15.70 -70.53 -47.11
C THR A 2206 17.09 -70.94 -46.64
N VAL A 2207 18.10 -70.80 -47.50
CA VAL A 2207 19.46 -71.12 -47.08
C VAL A 2207 19.91 -70.14 -46.00
N MET A 2208 19.60 -68.85 -46.16
CA MET A 2208 19.91 -67.90 -45.10
C MET A 2208 19.14 -68.19 -43.82
N GLU A 2209 17.91 -68.70 -43.96
CA GLU A 2209 17.14 -69.10 -42.78
C GLU A 2209 17.83 -70.23 -42.03
N VAL A 2210 18.29 -71.26 -42.74
CA VAL A 2210 18.97 -72.35 -42.03
C VAL A 2210 20.29 -71.85 -41.46
N MET A 2211 20.95 -70.93 -42.17
CA MET A 2211 22.14 -70.27 -41.62
C MET A 2211 21.85 -69.66 -40.26
N VAL A 2212 20.79 -68.84 -40.18
CA VAL A 2212 20.54 -68.11 -38.94
C VAL A 2212 20.04 -69.04 -37.84
N ASN A 2213 19.30 -70.09 -38.20
CA ASN A 2213 18.90 -71.06 -37.18
C ASN A 2213 20.11 -71.78 -36.61
N VAL A 2214 21.09 -72.12 -37.44
CA VAL A 2214 22.32 -72.71 -36.92
C VAL A 2214 23.10 -71.69 -36.09
N LEU A 2215 23.08 -70.42 -36.51
CA LEU A 2215 23.87 -69.41 -35.84
C LEU A 2215 23.29 -69.03 -34.48
N GLY A 2216 21.98 -69.20 -34.31
CA GLY A 2216 21.32 -68.65 -33.13
C GLY A 2216 21.87 -69.17 -31.82
N GLY A 2217 22.13 -70.48 -31.73
CA GLY A 2217 22.49 -71.12 -30.49
C GLY A 2217 23.96 -71.00 -30.17
N GLY A 2218 24.27 -70.31 -29.07
CA GLY A 2218 25.62 -70.23 -28.56
C GLY A 2218 26.63 -69.65 -29.53
N GLU A 2219 26.29 -68.55 -30.20
CA GLU A 2219 27.11 -68.04 -31.28
C GLU A 2219 28.39 -67.38 -30.77
N THR A 2220 28.32 -66.70 -29.63
CA THR A 2220 29.46 -65.89 -29.18
C THR A 2220 30.65 -66.76 -28.83
N LYS A 2221 30.44 -67.84 -28.07
CA LYS A 2221 31.56 -68.65 -27.62
C LYS A 2221 32.20 -69.42 -28.76
N GLU A 2222 31.38 -70.04 -29.61
CA GLU A 2222 31.90 -70.91 -30.66
C GLU A 2222 30.83 -71.08 -31.72
N ILE A 2223 31.26 -71.28 -32.96
CA ILE A 2223 30.36 -71.48 -34.10
C ILE A 2223 30.36 -72.95 -34.46
N ARG A 2224 29.19 -73.56 -34.42
CA ARG A 2224 29.08 -74.96 -34.79
C ARG A 2224 29.20 -75.12 -36.31
N PHE A 2225 30.10 -76.00 -36.71
CA PHE A 2225 30.28 -76.37 -38.11
C PHE A 2225 30.68 -75.21 -39.03
N PRO A 2226 31.90 -74.71 -38.91
CA PRO A 2226 32.44 -73.84 -39.97
C PRO A 2226 32.49 -74.56 -41.30
N LYS A 2227 32.51 -75.90 -41.30
CA LYS A 2227 32.23 -76.66 -42.52
C LYS A 2227 30.86 -76.30 -43.09
N MET A 2228 29.85 -76.24 -42.22
CA MET A 2228 28.52 -75.82 -42.63
C MET A 2228 28.54 -74.42 -43.23
N VAL A 2229 29.20 -73.47 -42.57
CA VAL A 2229 29.17 -72.10 -43.07
C VAL A 2229 29.99 -71.96 -44.36
N THR A 2230 31.08 -72.73 -44.48
CA THR A 2230 31.83 -72.76 -45.73
C THR A 2230 30.97 -73.29 -46.87
N SER A 2231 30.16 -74.33 -46.59
CA SER A 2231 29.18 -74.76 -47.58
C SER A 2231 28.17 -73.65 -47.87
N CYS A 2232 27.78 -72.91 -46.82
CA CYS A 2232 26.81 -71.83 -46.96
C CYS A 2232 27.26 -70.82 -48.00
N CYS A 2233 28.49 -70.32 -47.90
CA CYS A 2233 29.02 -69.69 -49.12
C CYS A 2233 29.02 -70.60 -50.31
N ARG A 2234 29.87 -71.62 -50.37
CA ARG A 2234 30.19 -72.15 -51.68
C ARG A 2234 28.92 -72.20 -52.54
N PHE A 2235 27.80 -72.62 -51.93
CA PHE A 2235 26.49 -72.50 -52.59
C PHE A 2235 26.08 -71.04 -52.86
N LEU A 2236 25.83 -70.24 -51.81
CA LEU A 2236 25.24 -68.92 -52.03
C LEU A 2236 26.26 -67.87 -52.46
N CYS A 2237 27.47 -67.94 -51.91
CA CYS A 2237 28.59 -67.15 -52.40
C CYS A 2237 28.85 -67.46 -53.88
N TYR A 2238 28.62 -68.70 -54.34
CA TYR A 2238 28.70 -68.98 -55.77
C TYR A 2238 27.49 -68.43 -56.51
N PHE A 2239 26.33 -68.38 -55.85
CA PHE A 2239 25.13 -67.78 -56.44
C PHE A 2239 25.37 -66.29 -56.70
N CYS A 2240 26.07 -65.63 -55.76
CA CYS A 2240 26.68 -64.31 -56.00
C CYS A 2240 27.54 -64.32 -57.25
N ARG A 2241 28.54 -65.19 -57.30
CA ARG A 2241 29.43 -65.21 -58.45
C ARG A 2241 28.67 -65.38 -59.75
N ILE A 2242 27.58 -66.14 -59.71
CA ILE A 2242 26.79 -66.39 -60.90
C ILE A 2242 26.10 -65.11 -61.37
N SER A 2243 25.39 -64.41 -60.48
CA SER A 2243 24.57 -63.31 -60.98
C SER A 2243 24.70 -62.05 -60.13
N ARG A 2244 24.46 -60.90 -60.78
CA ARG A 2244 24.51 -59.62 -60.09
C ARG A 2244 23.14 -59.23 -59.55
N GLN A 2245 22.07 -59.64 -60.23
CA GLN A 2245 20.74 -59.55 -59.65
C GLN A 2245 20.68 -60.39 -58.39
N ASN A 2246 21.43 -61.49 -58.36
CA ASN A 2246 21.66 -62.23 -57.13
C ASN A 2246 22.37 -61.37 -56.10
N GLN A 2247 23.40 -60.64 -56.54
CA GLN A 2247 24.07 -59.67 -55.69
C GLN A 2247 23.08 -58.61 -55.22
N ARG A 2248 22.14 -58.22 -56.08
CA ARG A 2248 21.11 -57.26 -55.69
C ARG A 2248 20.24 -57.81 -54.56
N SER A 2249 19.84 -59.09 -54.67
CA SER A 2249 19.02 -59.69 -53.62
C SER A 2249 19.78 -59.76 -52.30
N MET A 2250 21.04 -60.18 -52.34
CA MET A 2250 21.79 -60.25 -51.09
C MET A 2250 22.13 -58.87 -50.56
N PHE A 2251 22.19 -57.85 -51.43
CA PHE A 2251 22.30 -56.48 -50.93
C PHE A 2251 21.01 -56.05 -50.23
N ASP A 2252 19.87 -56.51 -50.75
CA ASP A 2252 18.61 -56.26 -50.06
C ASP A 2252 18.61 -56.91 -48.68
N HIS A 2253 19.17 -58.11 -48.58
CA HIS A 2253 19.33 -58.80 -47.30
C HIS A 2253 20.71 -58.56 -46.67
N LEU A 2254 21.38 -57.46 -46.99
CA LEU A 2254 22.76 -57.26 -46.58
C LEU A 2254 22.88 -57.05 -45.07
N SER A 2255 22.08 -56.13 -44.51
CA SER A 2255 22.20 -55.84 -43.08
C SER A 2255 21.84 -57.06 -42.25
N TYR A 2256 20.87 -57.85 -42.73
CA TYR A 2256 20.49 -59.08 -42.04
C TYR A 2256 21.68 -60.03 -41.94
N LEU A 2257 22.49 -60.11 -43.00
CA LEU A 2257 23.74 -60.85 -42.90
C LEU A 2257 24.74 -60.12 -42.02
N LEU A 2258 24.62 -58.79 -41.93
CA LEU A 2258 25.63 -58.02 -41.20
C LEU A 2258 25.54 -58.25 -39.70
N GLU A 2259 24.33 -58.29 -39.14
CA GLU A 2259 24.25 -58.51 -37.70
C GLU A 2259 24.75 -59.90 -37.32
N ASN A 2260 24.64 -60.85 -38.25
CA ASN A 2260 25.16 -62.20 -38.04
C ASN A 2260 26.62 -62.34 -38.47
N SER A 2261 27.21 -61.28 -39.03
CA SER A 2261 28.62 -61.34 -39.41
C SER A 2261 29.53 -61.33 -38.18
N GLY A 2262 28.95 -61.12 -36.99
CA GLY A 2262 29.75 -61.07 -35.78
C GLY A 2262 30.31 -62.43 -35.38
N ILE A 2263 29.95 -63.47 -36.12
CA ILE A 2263 30.49 -64.80 -35.85
C ILE A 2263 31.25 -65.31 -37.08
N GLY A 2264 30.95 -64.74 -38.23
CA GLY A 2264 31.64 -65.15 -39.45
C GLY A 2264 33.11 -64.80 -39.44
N LEU A 2265 33.48 -63.66 -38.84
CA LEU A 2265 34.90 -63.33 -38.70
C LEU A 2265 35.57 -64.33 -37.77
N GLY A 2266 34.88 -64.73 -36.70
CA GLY A 2266 35.46 -65.70 -35.79
C GLY A 2266 35.71 -67.04 -36.44
N MET A 2267 34.78 -67.49 -37.28
CA MET A 2267 35.00 -68.75 -37.99
C MET A 2267 35.97 -68.53 -39.14
N GLN A 2268 36.79 -69.55 -39.40
CA GLN A 2268 37.75 -69.46 -40.49
CA GLN A 2268 37.75 -69.46 -40.49
C GLN A 2268 37.09 -69.77 -41.84
N GLY A 2269 37.62 -69.16 -42.89
CA GLY A 2269 37.14 -69.42 -44.22
C GLY A 2269 36.02 -68.48 -44.67
N SER A 2270 35.16 -69.02 -45.54
CA SER A 2270 34.09 -68.23 -46.12
C SER A 2270 33.09 -67.79 -45.05
N THR A 2271 32.67 -66.53 -45.14
CA THR A 2271 31.92 -65.88 -44.08
C THR A 2271 30.75 -65.07 -44.63
N PRO A 2272 29.71 -64.82 -43.83
CA PRO A 2272 28.68 -63.87 -44.26
C PRO A 2272 29.26 -62.50 -44.59
N LEU A 2273 30.36 -62.12 -43.94
CA LEU A 2273 31.05 -60.90 -44.31
C LEU A 2273 31.47 -60.96 -45.78
N ASP A 2274 32.04 -62.09 -46.22
CA ASP A 2274 32.54 -62.14 -47.59
C ASP A 2274 31.40 -62.39 -48.58
N VAL A 2275 30.27 -62.94 -48.13
CA VAL A 2275 29.12 -63.01 -49.04
C VAL A 2275 28.57 -61.61 -49.29
N ALA A 2276 28.52 -60.78 -48.25
CA ALA A 2276 28.15 -59.38 -48.44
C ALA A 2276 29.16 -58.66 -49.34
N ALA A 2277 30.45 -58.95 -49.14
CA ALA A 2277 31.47 -58.34 -49.99
C ALA A 2277 31.31 -58.76 -51.45
N ALA A 2278 31.05 -60.04 -51.70
CA ALA A 2278 30.85 -60.51 -53.07
C ALA A 2278 29.59 -59.93 -53.67
N SER A 2279 28.58 -59.67 -52.84
CA SER A 2279 27.37 -59.02 -53.34
C SER A 2279 27.65 -57.58 -53.74
N VAL A 2280 28.33 -56.81 -52.88
CA VAL A 2280 28.54 -55.40 -53.16
C VAL A 2280 29.55 -55.20 -54.28
N ILE A 2281 30.49 -56.14 -54.44
CA ILE A 2281 31.58 -55.93 -55.39
C ILE A 2281 31.04 -55.95 -56.81
N ASP A 2282 31.69 -55.17 -57.67
CA ASP A 2282 31.49 -55.10 -59.12
C ASP A 2282 30.16 -54.47 -59.53
N ASN A 2283 29.38 -53.92 -58.60
CA ASN A 2283 28.14 -53.23 -58.96
C ASN A 2283 28.13 -51.86 -58.30
N ASN A 2284 28.32 -50.83 -59.14
CA ASN A 2284 28.42 -49.46 -58.61
C ASN A 2284 27.07 -48.97 -58.10
N GLU A 2285 25.97 -49.50 -58.64
CA GLU A 2285 24.66 -49.16 -58.08
C GLU A 2285 24.54 -49.66 -56.64
N LEU A 2286 24.99 -50.89 -56.38
CA LEU A 2286 24.99 -51.40 -55.01
C LEU A 2286 25.94 -50.61 -54.13
N ALA A 2287 27.11 -50.23 -54.67
CA ALA A 2287 28.05 -49.43 -53.90
C ALA A 2287 27.44 -48.10 -53.51
N LEU A 2288 26.72 -47.45 -54.43
CA LEU A 2288 26.03 -46.20 -54.13
C LEU A 2288 24.92 -46.43 -53.09
N ALA A 2289 24.19 -47.54 -53.21
CA ALA A 2289 23.06 -47.77 -52.33
C ALA A 2289 23.50 -48.30 -50.97
N LEU A 2290 24.80 -48.55 -50.81
CA LEU A 2290 25.33 -48.97 -49.51
C LEU A 2290 24.96 -47.96 -48.43
N GLN A 2291 24.67 -48.46 -47.23
CA GLN A 2291 24.07 -47.66 -46.17
C GLN A 2291 25.09 -47.24 -45.12
N GLU A 2292 25.01 -45.98 -44.70
CA GLU A 2292 25.97 -45.43 -43.76
C GLU A 2292 25.85 -46.10 -42.40
N GLN A 2293 24.64 -46.43 -41.97
CA GLN A 2293 24.47 -47.08 -40.66
C GLN A 2293 25.00 -48.52 -40.70
N ASP A 2294 24.83 -49.21 -41.83
CA ASP A 2294 25.42 -50.54 -41.96
C ASP A 2294 26.94 -50.46 -41.92
N LEU A 2295 27.53 -49.51 -42.65
CA LEU A 2295 28.98 -49.31 -42.56
C LEU A 2295 29.39 -48.92 -41.15
N GLU A 2296 28.51 -48.20 -40.43
CA GLU A 2296 28.81 -47.79 -39.06
C GLU A 2296 28.89 -48.99 -38.14
N LYS A 2297 27.96 -49.94 -38.26
CA LYS A 2297 28.02 -51.11 -37.39
C LYS A 2297 29.16 -52.05 -37.81
N VAL A 2298 29.49 -52.06 -39.11
CA VAL A 2298 30.68 -52.81 -39.54
C VAL A 2298 31.94 -52.23 -38.92
N VAL A 2299 32.08 -50.90 -38.94
CA VAL A 2299 33.27 -50.29 -38.37
C VAL A 2299 33.22 -50.35 -36.85
N SER A 2300 32.03 -50.54 -36.28
CA SER A 2300 31.94 -50.82 -34.85
C SER A 2300 32.51 -52.19 -34.52
N TYR A 2301 32.21 -53.19 -35.36
CA TYR A 2301 32.86 -54.49 -35.24
C TYR A 2301 34.37 -54.34 -35.37
N LEU A 2302 34.80 -53.54 -36.34
CA LEU A 2302 36.23 -53.27 -36.53
C LEU A 2302 36.83 -52.62 -35.29
N ALA A 2303 36.11 -51.67 -34.70
CA ALA A 2303 36.58 -51.02 -33.48
C ALA A 2303 36.70 -52.02 -32.34
N GLY A 2304 35.75 -52.94 -32.22
CA GLY A 2304 35.84 -53.95 -31.18
C GLY A 2304 37.05 -54.86 -31.34
N CYS A 2305 37.27 -55.34 -32.56
CA CYS A 2305 38.42 -56.23 -32.77
C CYS A 2305 39.74 -55.48 -32.65
N GLY A 2306 39.72 -54.16 -32.91
CA GLY A 2306 40.90 -53.35 -32.63
C GLY A 2306 41.05 -53.04 -31.16
N LEU A 2307 39.95 -53.12 -30.40
CA LEU A 2307 40.03 -52.95 -28.96
C LEU A 2307 40.65 -54.15 -28.29
N GLN A 2308 40.26 -55.36 -28.70
CA GLN A 2308 40.76 -56.54 -28.00
C GLN A 2308 40.98 -57.68 -28.98
N SER A 2309 41.94 -58.54 -28.63
CA SER A 2309 42.17 -59.77 -29.39
C SER A 2309 41.01 -60.74 -29.20
N CYS A 2310 41.05 -61.83 -29.96
CA CYS A 2310 39.88 -62.70 -30.03
C CYS A 2310 39.90 -63.76 -28.92
N PRO A 2311 38.74 -64.05 -28.31
CA PRO A 2311 38.72 -65.04 -27.22
C PRO A 2311 39.12 -66.43 -27.66
N MET A 2312 38.99 -66.76 -28.94
CA MET A 2312 39.51 -68.06 -29.40
C MET A 2312 41.02 -68.08 -29.32
N LEU A 2313 41.68 -66.98 -29.67
CA LEU A 2313 43.11 -66.85 -29.43
C LEU A 2313 43.43 -67.02 -27.96
N LEU A 2314 42.69 -66.32 -27.09
CA LEU A 2314 42.97 -66.40 -25.66
C LEU A 2314 42.80 -67.83 -25.14
N ALA A 2315 41.76 -68.52 -25.58
CA ALA A 2315 41.50 -69.88 -25.10
C ALA A 2315 42.53 -70.86 -25.64
N LYS A 2316 42.92 -70.71 -26.91
CA LYS A 2316 43.90 -71.63 -27.48
C LYS A 2316 45.28 -71.37 -26.93
N GLY A 2317 45.48 -70.20 -26.32
CA GLY A 2317 46.70 -69.95 -25.57
C GLY A 2317 47.84 -69.34 -26.35
N TYR A 2318 47.57 -68.79 -27.53
CA TYR A 2318 48.63 -68.14 -28.29
C TYR A 2318 49.06 -66.88 -27.54
N PRO A 2319 50.28 -66.38 -27.78
CA PRO A 2319 50.74 -65.20 -27.04
C PRO A 2319 49.76 -64.03 -27.19
N ASP A 2320 49.51 -63.35 -26.08
CA ASP A 2320 48.44 -62.36 -26.02
C ASP A 2320 48.81 -61.08 -26.77
N ILE A 2321 47.80 -60.49 -27.40
CA ILE A 2321 47.92 -59.18 -28.03
C ILE A 2321 46.79 -58.30 -27.50
N GLY A 2322 47.06 -57.01 -27.39
CA GLY A 2322 46.04 -56.09 -26.90
C GLY A 2322 44.87 -55.95 -27.85
N TRP A 2323 45.05 -56.35 -29.10
CA TRP A 2323 44.03 -56.20 -30.13
C TRP A 2323 44.03 -57.43 -31.05
N ASN A 2324 43.00 -57.50 -31.90
CA ASN A 2324 42.87 -58.61 -32.84
C ASN A 2324 43.27 -58.16 -34.23
N PRO A 2325 44.37 -58.66 -34.79
CA PRO A 2325 44.77 -58.23 -36.14
C PRO A 2325 43.95 -58.86 -37.27
N CYS A 2326 43.58 -60.13 -37.14
CA CYS A 2326 42.99 -60.85 -38.26
C CYS A 2326 41.57 -60.38 -38.55
N GLY A 2327 40.75 -60.22 -37.51
CA GLY A 2327 39.41 -59.69 -37.72
C GLY A 2327 39.43 -58.30 -38.30
N GLY A 2328 40.34 -57.46 -37.80
CA GLY A 2328 40.51 -56.14 -38.38
C GLY A 2328 40.88 -56.21 -39.84
N GLU A 2329 41.82 -57.09 -40.20
CA GLU A 2329 42.25 -57.21 -41.59
C GLU A 2329 41.11 -57.65 -42.49
N ARG A 2330 40.30 -58.61 -42.05
CA ARG A 2330 39.21 -59.06 -42.89
C ARG A 2330 38.11 -58.00 -43.02
N TYR A 2331 37.84 -57.26 -41.94
CA TYR A 2331 36.93 -56.12 -42.08
C TYR A 2331 37.50 -55.07 -43.04
N LEU A 2332 38.82 -54.88 -43.01
CA LEU A 2332 39.44 -53.88 -43.89
C LEU A 2332 39.33 -54.30 -45.35
N ASP A 2333 39.51 -55.59 -45.65
CA ASP A 2333 39.37 -56.01 -47.04
C ASP A 2333 37.91 -55.96 -47.49
N PHE A 2334 36.97 -56.23 -46.56
CA PHE A 2334 35.57 -56.00 -46.88
C PHE A 2334 35.31 -54.53 -47.22
N LEU A 2335 35.86 -53.62 -46.42
CA LEU A 2335 35.69 -52.20 -46.70
C LEU A 2335 36.36 -51.81 -48.02
N ARG A 2336 37.45 -52.50 -48.37
CA ARG A 2336 38.09 -52.25 -49.66
C ARG A 2336 37.17 -52.64 -50.80
N PHE A 2337 36.57 -53.84 -50.73
CA PHE A 2337 35.62 -54.25 -51.77
C PHE A 2337 34.44 -53.30 -51.81
N ALA A 2338 34.06 -52.74 -50.66
CA ALA A 2338 32.95 -51.79 -50.63
C ALA A 2338 33.31 -50.47 -51.32
N VAL A 2339 34.51 -49.96 -51.05
CA VAL A 2339 34.84 -48.60 -51.51
C VAL A 2339 35.32 -48.61 -52.95
N PHE A 2340 35.98 -49.68 -53.39
CA PHE A 2340 36.57 -49.74 -54.71
C PHE A 2340 35.80 -50.73 -55.57
N VAL A 2341 35.13 -50.23 -56.61
CA VAL A 2341 34.27 -51.04 -57.46
C VAL A 2341 34.61 -50.72 -58.92
N ASN A 2342 34.82 -51.77 -59.72
CA ASN A 2342 35.05 -51.64 -61.16
C ASN A 2342 36.32 -50.85 -61.47
N GLY A 2343 37.21 -50.76 -60.48
CA GLY A 2343 38.46 -50.04 -60.68
C GLY A 2343 38.41 -48.55 -60.38
N GLU A 2344 37.32 -48.06 -59.81
CA GLU A 2344 37.22 -46.67 -59.39
C GLU A 2344 36.67 -46.61 -57.97
N SER A 2345 37.07 -45.59 -57.22
CA SER A 2345 36.55 -45.40 -55.87
C SER A 2345 35.22 -44.67 -55.91
N VAL A 2346 34.39 -44.93 -54.91
CA VAL A 2346 33.10 -44.26 -54.77
C VAL A 2346 33.23 -43.17 -53.71
N GLU A 2347 32.86 -41.94 -54.09
CA GLU A 2347 33.23 -40.76 -53.31
C GLU A 2347 32.50 -40.69 -51.98
N GLU A 2348 31.18 -40.89 -51.99
CA GLU A 2348 30.41 -40.77 -50.75
C GLU A 2348 30.84 -41.83 -49.74
N ASN A 2349 30.96 -43.08 -50.19
CA ASN A 2349 31.38 -44.15 -49.28
C ASN A 2349 32.81 -43.92 -48.79
N ALA A 2350 33.69 -43.45 -49.67
CA ALA A 2350 35.05 -43.15 -49.24
C ALA A 2350 35.07 -42.08 -48.16
N ASN A 2351 34.33 -41.00 -48.36
CA ASN A 2351 34.31 -39.93 -47.37
C ASN A 2351 33.70 -40.39 -46.05
N VAL A 2352 32.61 -41.16 -46.11
CA VAL A 2352 31.98 -41.60 -44.87
C VAL A 2352 32.86 -42.61 -44.15
N VAL A 2353 33.63 -43.41 -44.91
CA VAL A 2353 34.57 -44.33 -44.29
C VAL A 2353 35.69 -43.55 -43.59
N VAL A 2354 36.15 -42.46 -44.21
CA VAL A 2354 37.13 -41.60 -43.54
C VAL A 2354 36.53 -41.02 -42.27
N ARG A 2355 35.26 -40.59 -42.32
CA ARG A 2355 34.59 -40.09 -41.13
C ARG A 2355 34.55 -41.14 -40.03
N LEU A 2356 34.18 -42.38 -40.38
CA LEU A 2356 34.12 -43.45 -39.40
C LEU A 2356 35.50 -43.75 -38.83
N LEU A 2357 36.53 -43.72 -39.68
CA LEU A 2357 37.89 -43.94 -39.24
C LEU A 2357 38.33 -42.89 -38.23
N ILE A 2358 38.01 -41.62 -38.48
CA ILE A 2358 38.42 -40.57 -37.54
C ILE A 2358 37.55 -40.62 -36.29
N ARG A 2359 36.32 -41.12 -36.41
CA ARG A 2359 35.48 -41.34 -35.23
C ARG A 2359 36.08 -42.41 -34.32
N LYS A 2360 36.68 -43.44 -34.92
CA LYS A 2360 37.16 -44.56 -34.14
C LYS A 2360 38.69 -44.63 -34.20
N PRO A 2361 39.39 -44.00 -33.26
CA PRO A 2361 40.87 -44.11 -33.27
C PRO A 2361 41.36 -45.47 -32.82
N GLU A 2362 40.50 -46.28 -32.18
CA GLU A 2362 40.91 -47.60 -31.73
C GLU A 2362 41.19 -48.52 -32.91
N CYS A 2363 40.72 -48.16 -34.10
CA CYS A 2363 40.91 -49.01 -35.27
C CYS A 2363 42.35 -49.00 -35.75
N PHE A 2364 43.12 -47.98 -35.35
CA PHE A 2364 44.51 -47.91 -35.79
C PHE A 2364 45.39 -48.91 -35.07
N GLY A 2365 44.86 -49.52 -34.00
CA GLY A 2365 45.63 -50.46 -33.23
C GLY A 2365 46.80 -49.78 -32.53
N PRO A 2366 47.81 -50.57 -32.16
CA PRO A 2366 49.00 -49.95 -31.53
C PRO A 2366 49.76 -49.02 -32.47
N ALA A 2367 49.91 -49.39 -33.73
CA ALA A 2367 50.65 -48.55 -34.67
C ALA A 2367 49.93 -47.22 -34.86
N LEU A 2368 50.72 -46.15 -34.95
CA LEU A 2368 50.18 -44.78 -34.93
C LEU A 2368 49.27 -44.59 -33.72
N ARG A 2369 49.77 -44.88 -32.52
CA ARG A 2369 48.96 -44.69 -31.32
CA ARG A 2369 48.94 -44.70 -31.34
C ARG A 2369 48.49 -43.25 -31.19
N GLY A 2370 49.39 -42.31 -31.47
CA GLY A 2370 49.09 -40.91 -31.23
C GLY A 2370 49.99 -40.38 -30.14
N GLU A 2371 49.43 -40.01 -29.00
CA GLU A 2371 50.25 -39.70 -27.84
C GLU A 2371 50.96 -40.96 -27.37
N GLY A 2372 52.25 -40.85 -27.09
CA GLY A 2372 53.06 -42.05 -26.90
C GLY A 2372 53.04 -42.96 -28.11
N GLY A 2373 53.17 -42.37 -29.30
CA GLY A 2373 52.89 -43.08 -30.53
C GLY A 2373 54.14 -43.62 -31.19
N SER A 2374 54.31 -44.93 -31.11
CA SER A 2374 55.29 -45.61 -31.93
C SER A 2374 54.76 -45.72 -33.36
N GLY A 2375 55.56 -45.23 -34.32
CA GLY A 2375 55.03 -45.03 -35.66
C GLY A 2375 54.74 -46.36 -36.35
N LEU A 2376 54.14 -46.28 -37.53
CA LEU A 2376 53.81 -47.48 -38.29
C LEU A 2376 55.07 -48.21 -38.73
N LEU A 2377 56.13 -47.45 -39.07
CA LEU A 2377 57.41 -48.07 -39.40
C LEU A 2377 57.98 -48.82 -38.21
N ALA A 2378 57.91 -48.23 -37.02
CA ALA A 2378 58.42 -48.91 -35.83
C ALA A 2378 57.57 -50.14 -35.50
N ALA A 2379 56.26 -50.05 -35.72
CA ALA A 2379 55.40 -51.20 -35.49
C ALA A 2379 55.72 -52.33 -36.47
N ILE A 2380 56.01 -51.99 -37.73
CA ILE A 2380 56.43 -53.00 -38.70
C ILE A 2380 57.76 -53.60 -38.29
N GLU A 2381 58.66 -52.77 -37.77
CA GLU A 2381 59.94 -53.29 -37.28
C GLU A 2381 59.72 -54.29 -36.15
N GLU A 2382 58.85 -53.95 -35.21
CA GLU A 2382 58.57 -54.86 -34.09
C GLU A 2382 57.85 -56.11 -34.58
N ALA A 2383 57.03 -55.98 -35.63
CA ALA A 2383 56.35 -57.14 -36.19
C ALA A 2383 57.35 -58.10 -36.84
N ILE A 2384 58.34 -57.56 -37.56
CA ILE A 2384 59.39 -58.41 -38.12
C ILE A 2384 60.21 -59.04 -37.00
N ARG A 2385 60.46 -58.28 -35.93
CA ARG A 2385 61.13 -58.83 -34.75
C ARG A 2385 60.35 -59.99 -34.17
N ILE A 2386 59.04 -59.85 -34.05
CA ILE A 2386 58.19 -60.92 -33.52
C ILE A 2386 58.21 -62.12 -34.44
N SER A 2387 58.17 -61.87 -35.75
CA SER A 2387 58.21 -62.97 -36.72
C SER A 2387 59.51 -63.75 -36.62
N GLU A 2388 60.63 -63.05 -36.44
CA GLU A 2388 61.89 -63.75 -36.19
C GLU A 2388 61.85 -64.50 -34.86
N ASP A 2389 61.18 -63.92 -33.86
CA ASP A 2389 61.09 -64.56 -32.56
C ASP A 2389 60.26 -65.84 -32.67
N PRO A 2390 60.79 -66.98 -32.25
CA PRO A 2390 60.00 -68.22 -32.30
C PRO A 2390 58.95 -68.30 -31.21
N ALA A 2391 57.83 -68.95 -31.50
CA ALA A 2391 56.70 -69.21 -30.60
C ALA A 2391 55.93 -67.94 -30.24
N ARG A 2392 56.38 -66.76 -30.66
CA ARG A 2392 55.57 -65.56 -30.42
C ARG A 2392 54.39 -65.50 -31.37
N ASP A 2393 54.52 -66.10 -32.55
CA ASP A 2393 53.40 -66.15 -33.49
C ASP A 2393 52.60 -67.42 -33.32
N GLY A 2394 53.24 -68.50 -32.87
CA GLY A 2394 52.61 -69.80 -32.82
C GLY A 2394 52.18 -70.21 -31.43
N PRO A 2395 51.58 -71.40 -31.32
CA PRO A 2395 51.12 -71.87 -30.00
C PRO A 2395 52.24 -72.02 -28.99
N GLY A 2396 53.34 -72.68 -29.37
CA GLY A 2396 54.42 -72.93 -28.43
C GLY A 2396 54.14 -74.08 -27.49
N VAL A 2397 53.20 -74.95 -27.84
CA VAL A 2397 52.86 -76.09 -27.02
C VAL A 2397 53.83 -77.24 -27.28
N PRO A 2410 51.71 -74.18 -36.88
CA PRO A 2410 50.28 -74.28 -37.24
C PRO A 2410 49.89 -75.67 -37.71
N PRO A 2411 49.61 -76.57 -36.76
CA PRO A 2411 49.22 -77.93 -37.17
C PRO A 2411 47.98 -77.97 -38.06
N GLU A 2412 47.00 -77.12 -37.80
CA GLU A 2412 45.83 -77.05 -38.66
C GLU A 2412 46.09 -76.14 -39.85
N GLU A 2413 47.05 -75.21 -39.73
CA GLU A 2413 47.48 -74.21 -40.70
C GLU A 2413 46.42 -73.12 -40.82
N ASN A 2414 45.23 -73.30 -40.23
CA ASN A 2414 44.22 -72.25 -40.27
C ASN A 2414 44.59 -71.11 -39.33
N ARG A 2415 45.27 -71.42 -38.23
CA ARG A 2415 45.69 -70.37 -37.31
C ARG A 2415 46.75 -69.49 -37.95
N VAL A 2416 46.64 -68.19 -37.75
CA VAL A 2416 47.55 -67.25 -38.39
C VAL A 2416 48.71 -66.91 -37.45
N HIS A 2417 49.89 -66.76 -38.02
CA HIS A 2417 51.02 -66.25 -37.27
C HIS A 2417 50.75 -64.79 -36.90
N LEU A 2418 50.99 -64.46 -35.63
CA LEU A 2418 50.53 -63.18 -35.10
C LEU A 2418 51.22 -61.99 -35.76
N GLY A 2419 52.53 -62.10 -35.99
CA GLY A 2419 53.25 -61.01 -36.64
C GLY A 2419 52.74 -60.74 -38.05
N HIS A 2420 52.52 -61.80 -38.83
CA HIS A 2420 52.02 -61.60 -40.18
C HIS A 2420 50.56 -61.18 -40.17
N ALA A 2421 49.83 -61.54 -39.11
CA ALA A 2421 48.46 -61.04 -38.97
C ALA A 2421 48.47 -59.53 -38.76
N ILE A 2422 49.39 -59.04 -37.92
CA ILE A 2422 49.53 -57.59 -37.73
C ILE A 2422 49.93 -56.92 -39.04
N MET A 2423 50.92 -57.50 -39.74
CA MET A 2423 51.37 -56.90 -40.99
C MET A 2423 50.27 -56.90 -42.04
N SER A 2424 49.48 -57.97 -42.11
CA SER A 2424 48.36 -58.01 -43.04
C SER A 2424 47.30 -56.98 -42.67
N PHE A 2425 47.01 -56.83 -41.38
CA PHE A 2425 46.07 -55.80 -40.95
C PHE A 2425 46.51 -54.42 -41.44
N TYR A 2426 47.76 -54.06 -41.17
CA TYR A 2426 48.18 -52.70 -41.52
C TYR A 2426 48.38 -52.53 -43.02
N ALA A 2427 48.75 -53.59 -43.73
CA ALA A 2427 48.78 -53.50 -45.18
C ALA A 2427 47.39 -53.27 -45.75
N ALA A 2428 46.39 -53.98 -45.23
CA ALA A 2428 45.02 -53.76 -45.67
C ALA A 2428 44.53 -52.38 -45.28
N LEU A 2429 44.98 -51.86 -44.14
CA LEU A 2429 44.60 -50.51 -43.73
C LEU A 2429 45.19 -49.47 -44.67
N ILE A 2430 46.47 -49.61 -45.00
CA ILE A 2430 47.13 -48.67 -45.92
C ILE A 2430 46.48 -48.75 -47.30
N ASP A 2431 46.14 -49.97 -47.74
CA ASP A 2431 45.43 -50.13 -49.01
C ASP A 2431 44.05 -49.49 -48.95
N LEU A 2432 43.37 -49.60 -47.80
CA LEU A 2432 42.07 -48.95 -47.63
C LEU A 2432 42.19 -47.44 -47.79
N LEU A 2433 43.13 -46.82 -47.07
CA LEU A 2433 43.31 -45.38 -47.20
C LEU A 2433 43.68 -44.99 -48.62
N GLY A 2434 44.55 -45.77 -49.26
CA GLY A 2434 44.89 -45.50 -50.64
C GLY A 2434 43.68 -45.51 -51.56
N ARG A 2435 43.02 -46.66 -51.67
CA ARG A 2435 41.88 -46.76 -52.59
C ARG A 2435 40.71 -45.89 -52.15
N CYS A 2436 40.74 -45.40 -50.91
CA CYS A 2436 39.70 -44.50 -50.44
C CYS A 2436 39.99 -43.05 -50.80
N ALA A 2437 41.27 -42.73 -50.99
CA ALA A 2437 41.63 -41.37 -51.38
C ALA A 2437 40.99 -41.03 -52.73
N PRO A 2438 40.57 -39.78 -52.92
CA PRO A 2438 39.92 -39.41 -54.19
C PRO A 2438 40.88 -39.45 -55.35
N GLU A 2439 40.32 -39.30 -56.56
CA GLU A 2439 41.11 -39.48 -57.77
C GLU A 2439 41.77 -38.18 -58.21
N MET A 2440 42.72 -38.32 -59.14
CA MET A 2440 43.49 -37.16 -59.61
C MET A 2440 42.60 -36.17 -60.33
N HIS A 2441 41.61 -36.65 -61.08
CA HIS A 2441 40.71 -35.72 -61.78
C HIS A 2441 39.94 -34.88 -60.78
N LEU A 2442 39.50 -35.49 -59.68
CA LEU A 2442 38.88 -34.70 -58.61
C LEU A 2442 39.87 -33.74 -57.98
N ILE A 2443 41.14 -34.15 -57.89
CA ILE A 2443 42.16 -33.26 -57.34
C ILE A 2443 42.29 -32.00 -58.20
N GLN A 2444 42.37 -32.16 -59.53
CA GLN A 2444 42.41 -30.97 -60.39
C GLN A 2444 41.07 -30.22 -60.38
N ALA A 2445 39.97 -30.93 -60.15
CA ALA A 2445 38.70 -30.26 -59.93
C ALA A 2445 38.76 -29.37 -58.70
N GLY A 2446 39.62 -29.73 -57.75
CA GLY A 2446 39.86 -28.88 -56.60
C GLY A 2446 38.78 -28.87 -55.55
N LYS A 2447 38.02 -29.94 -55.42
CA LYS A 2447 36.97 -29.98 -54.42
C LYS A 2447 37.60 -30.03 -53.03
N GLY A 2448 37.16 -29.11 -52.16
CA GLY A 2448 37.84 -28.90 -50.90
C GLY A 2448 37.83 -30.12 -50.01
N GLU A 2449 36.70 -30.82 -49.94
CA GLU A 2449 36.62 -32.00 -49.10
C GLU A 2449 37.58 -33.08 -49.58
N ALA A 2450 37.65 -33.30 -50.90
CA ALA A 2450 38.59 -34.29 -51.42
C ALA A 2450 40.03 -33.91 -51.13
N LEU A 2451 40.37 -32.63 -51.33
CA LEU A 2451 41.73 -32.19 -51.07
C LEU A 2451 42.11 -32.34 -49.60
N ARG A 2452 41.18 -31.99 -48.69
CA ARG A 2452 41.49 -32.09 -47.27
C ARG A 2452 41.54 -33.55 -46.82
N ILE A 2453 40.75 -34.42 -47.44
CA ILE A 2453 40.84 -35.84 -47.13
C ILE A 2453 42.20 -36.39 -47.55
N ARG A 2454 42.66 -36.02 -48.75
CA ARG A 2454 43.98 -36.47 -49.19
C ARG A 2454 45.08 -35.94 -48.27
N ALA A 2455 44.99 -34.67 -47.88
CA ALA A 2455 45.99 -34.10 -46.98
C ALA A 2455 45.95 -34.79 -45.61
N ILE A 2456 44.75 -35.10 -45.12
CA ILE A 2456 44.62 -35.77 -43.84
C ILE A 2456 45.22 -37.16 -43.89
N LEU A 2457 45.01 -37.89 -45.00
CA LEU A 2457 45.63 -39.20 -45.15
C LEU A 2457 47.15 -39.09 -45.17
N ARG A 2458 47.67 -38.10 -45.89
CA ARG A 2458 49.13 -37.92 -45.93
C ARG A 2458 49.68 -37.59 -44.54
N SER A 2459 48.97 -36.75 -43.79
CA SER A 2459 49.44 -36.37 -42.45
C SER A 2459 49.36 -37.55 -41.49
N LEU A 2460 48.31 -38.37 -41.61
CA LEU A 2460 48.13 -39.49 -40.70
C LEU A 2460 49.14 -40.60 -40.98
N VAL A 2461 49.46 -40.83 -42.25
CA VAL A 2461 50.43 -41.85 -42.65
C VAL A 2461 51.60 -41.13 -43.30
N PRO A 2462 52.69 -40.88 -42.59
CA PRO A 2462 53.81 -40.14 -43.20
C PRO A 2462 54.49 -40.96 -44.29
N LEU A 2463 54.99 -40.24 -45.31
CA LEU A 2463 55.58 -40.90 -46.47
C LEU A 2463 56.88 -41.60 -46.10
N ASP A 2464 57.55 -41.13 -45.05
CA ASP A 2464 58.82 -41.75 -44.65
C ASP A 2464 58.62 -43.19 -44.20
N ASP A 2465 57.49 -43.48 -43.56
CA ASP A 2465 57.18 -44.87 -43.19
C ASP A 2465 57.04 -45.73 -44.42
N LEU A 2466 56.35 -45.22 -45.45
CA LEU A 2466 56.24 -45.94 -46.70
C LEU A 2466 57.60 -46.20 -47.32
N VAL A 2467 58.45 -45.17 -47.35
CA VAL A 2467 59.78 -45.32 -47.92
C VAL A 2467 60.59 -46.35 -47.16
N GLY A 2468 60.50 -46.34 -45.83
CA GLY A 2468 61.20 -47.32 -45.03
C GLY A 2468 60.72 -48.74 -45.27
N ILE A 2469 59.41 -48.93 -45.36
CA ILE A 2469 58.87 -50.27 -45.61
C ILE A 2469 59.31 -50.77 -46.97
N ILE A 2470 59.27 -49.89 -47.99
CA ILE A 2470 59.79 -50.26 -49.30
C ILE A 2470 61.27 -50.61 -49.22
N SER A 2471 62.02 -49.87 -48.40
CA SER A 2471 63.46 -50.08 -48.30
C SER A 2471 63.79 -51.38 -47.56
N LEU A 2472 62.85 -51.87 -46.75
CA LEU A 2472 63.15 -52.99 -45.87
C LEU A 2472 63.54 -54.22 -46.68
N PRO A 2473 64.67 -54.85 -46.35
CA PRO A 2473 65.01 -56.13 -46.98
C PRO A 2473 64.01 -57.20 -46.57
N LEU A 2474 63.75 -58.12 -47.48
CA LEU A 2474 62.76 -59.17 -47.29
C LEU A 2474 63.38 -60.53 -47.59
N GLN A 2475 63.08 -61.51 -46.74
CA GLN A 2475 63.60 -62.85 -46.97
C GLN A 2475 63.02 -63.44 -48.24
N ILE A 2476 63.91 -63.94 -49.09
CA ILE A 2476 63.56 -64.50 -50.39
C ILE A 2476 63.84 -66.00 -50.33
N PRO A 2477 62.96 -66.84 -50.85
CA PRO A 2477 63.22 -68.29 -50.82
C PRO A 2477 64.52 -68.62 -51.53
N THR A 2478 65.50 -69.08 -50.76
CA THR A 2478 66.85 -69.25 -51.25
C THR A 2478 67.26 -70.71 -51.10
N LEU A 2479 68.31 -71.08 -51.83
CA LEU A 2479 68.80 -72.46 -51.81
C LEU A 2479 69.70 -72.67 -50.61
N GLY A 2480 69.29 -73.60 -49.74
CA GLY A 2480 70.04 -73.88 -48.52
C GLY A 2480 70.00 -75.35 -48.18
N LYS A 2481 70.70 -75.71 -47.11
CA LYS A 2481 70.80 -77.09 -46.66
C LYS A 2481 71.25 -78.01 -47.80
N ASP A 2482 72.49 -77.78 -48.26
CA ASP A 2482 73.10 -78.54 -49.34
C ASP A 2482 72.41 -78.28 -50.68
N GLY A 2483 71.74 -77.14 -50.80
CA GLY A 2483 71.15 -76.75 -52.06
C GLY A 2483 69.67 -77.00 -52.21
N ALA A 2484 68.93 -77.08 -51.10
CA ALA A 2484 67.47 -77.17 -51.19
C ALA A 2484 66.86 -75.79 -51.04
N LEU A 2485 65.84 -75.51 -51.85
CA LEU A 2485 65.22 -74.19 -51.81
C LEU A 2485 64.46 -74.03 -50.50
N VAL A 2486 65.05 -73.25 -49.59
CA VAL A 2486 64.46 -72.96 -48.28
C VAL A 2486 63.39 -71.91 -48.49
N GLN A 2487 62.15 -72.29 -48.24
CA GLN A 2487 61.01 -71.43 -48.54
C GLN A 2487 60.39 -70.89 -47.26
N PRO A 2488 60.62 -69.63 -46.91
CA PRO A 2488 59.85 -69.01 -45.83
C PRO A 2488 58.42 -68.75 -46.27
N LYS A 2489 57.48 -69.45 -45.65
CA LYS A 2489 56.08 -69.36 -46.02
C LYS A 2489 55.54 -67.95 -45.77
N MET A 2490 54.53 -67.57 -46.57
CA MET A 2490 53.96 -66.22 -46.46
C MET A 2490 53.41 -65.96 -45.07
N SER A 2491 52.82 -66.97 -44.42
CA SER A 2491 52.22 -66.75 -43.11
C SER A 2491 53.28 -66.42 -42.07
N ALA A 2492 54.54 -66.74 -42.34
CA ALA A 2492 55.59 -66.50 -41.35
C ALA A 2492 56.45 -65.30 -41.73
N SER A 2493 56.33 -64.80 -42.96
CA SER A 2493 57.23 -63.78 -43.48
C SER A 2493 56.46 -62.57 -43.99
N PHE A 2494 57.12 -61.42 -43.94
CA PHE A 2494 56.58 -60.20 -44.52
C PHE A 2494 56.49 -60.38 -46.03
N VAL A 2495 55.55 -59.68 -46.67
CA VAL A 2495 55.25 -60.02 -48.05
C VAL A 2495 55.22 -58.85 -49.03
N PRO A 2496 55.65 -59.09 -50.27
CA PRO A 2496 55.64 -58.02 -51.27
C PRO A 2496 54.26 -57.58 -51.70
N ASP A 2497 53.21 -58.36 -51.40
CA ASP A 2497 51.87 -57.83 -51.63
C ASP A 2497 51.52 -56.76 -50.61
N HIS A 2498 52.02 -56.90 -49.38
CA HIS A 2498 51.96 -55.79 -48.45
C HIS A 2498 52.76 -54.61 -48.98
N LYS A 2499 53.94 -54.88 -49.55
CA LYS A 2499 54.71 -53.81 -50.19
C LYS A 2499 53.92 -53.16 -51.33
N ALA A 2500 53.11 -53.97 -52.03
CA ALA A 2500 52.30 -53.47 -53.14
C ALA A 2500 51.19 -52.55 -52.63
N SER A 2501 50.55 -52.92 -51.51
CA SER A 2501 49.62 -52.00 -50.86
C SER A 2501 50.33 -50.70 -50.48
N MET A 2502 51.57 -50.82 -50.01
CA MET A 2502 52.35 -49.65 -49.61
C MET A 2502 52.54 -48.69 -50.78
N VAL A 2503 53.00 -49.21 -51.92
CA VAL A 2503 53.26 -48.35 -53.07
C VAL A 2503 51.95 -47.88 -53.70
N LEU A 2504 50.87 -48.66 -53.54
CA LEU A 2504 49.57 -48.22 -54.04
C LEU A 2504 49.08 -47.01 -53.26
N PHE A 2505 49.18 -47.05 -51.94
CA PHE A 2505 48.88 -45.85 -51.16
C PHE A 2505 49.81 -44.71 -51.54
N LEU A 2506 51.08 -45.02 -51.82
CA LEU A 2506 52.03 -43.97 -52.19
C LEU A 2506 51.60 -43.25 -53.46
N ASP A 2507 51.33 -44.00 -54.54
CA ASP A 2507 51.06 -43.35 -55.82
C ASP A 2507 49.61 -42.86 -55.90
N ARG A 2508 48.75 -43.33 -54.98
CA ARG A 2508 47.37 -42.84 -54.97
C ARG A 2508 47.25 -41.56 -54.15
N VAL A 2509 47.98 -41.46 -53.03
CA VAL A 2509 47.78 -40.37 -52.09
C VAL A 2509 48.96 -39.42 -52.14
N TYR A 2510 50.16 -39.92 -51.80
CA TYR A 2510 51.34 -39.07 -51.83
C TYR A 2510 51.77 -38.79 -53.27
N GLY A 2511 51.58 -39.76 -54.16
CA GLY A 2511 52.01 -39.60 -55.53
C GLY A 2511 53.52 -39.63 -55.66
N ILE A 2512 53.97 -39.51 -56.90
CA ILE A 2512 55.39 -39.44 -57.22
C ILE A 2512 55.60 -38.25 -58.16
N GLU A 2513 56.42 -37.30 -57.71
CA GLU A 2513 56.49 -36.00 -58.38
C GLU A 2513 57.89 -35.57 -58.78
N ASN A 2514 58.93 -36.01 -58.07
CA ASN A 2514 60.28 -35.53 -58.30
C ASN A 2514 61.13 -36.64 -58.90
N GLN A 2515 61.99 -36.28 -59.84
CA GLN A 2515 62.88 -37.26 -60.45
C GLN A 2515 63.85 -37.85 -59.43
N ASP A 2516 64.43 -37.00 -58.58
CA ASP A 2516 65.34 -37.49 -57.55
C ASP A 2516 64.59 -38.30 -56.50
N PHE A 2517 63.35 -37.90 -56.19
CA PHE A 2517 62.54 -38.69 -55.27
C PHE A 2517 62.30 -40.08 -55.83
N LEU A 2518 61.93 -40.17 -57.11
CA LEU A 2518 61.76 -41.46 -57.76
C LEU A 2518 63.05 -42.25 -57.71
N LEU A 2519 64.18 -41.60 -58.01
CA LEU A 2519 65.45 -42.30 -58.08
C LEU A 2519 65.84 -42.89 -56.73
N HIS A 2520 65.66 -42.13 -55.64
CA HIS A 2520 66.06 -42.65 -54.35
C HIS A 2520 65.09 -43.72 -53.87
N VAL A 2521 63.79 -43.55 -54.16
CA VAL A 2521 62.84 -44.61 -53.84
C VAL A 2521 63.23 -45.89 -54.54
N LEU A 2522 63.62 -45.79 -55.81
CA LEU A 2522 64.10 -46.95 -56.54
C LEU A 2522 65.31 -47.58 -55.87
N ASP A 2523 66.36 -46.79 -55.65
CA ASP A 2523 67.64 -47.40 -55.29
C ASP A 2523 67.70 -47.79 -53.83
N VAL A 2524 66.71 -47.38 -53.02
CA VAL A 2524 66.69 -47.86 -51.64
C VAL A 2524 65.65 -48.97 -51.46
N GLY A 2525 64.49 -48.85 -52.11
CA GLY A 2525 63.45 -49.84 -51.91
C GLY A 2525 63.09 -50.70 -53.10
N PHE A 2526 63.09 -50.10 -54.30
CA PHE A 2526 62.72 -50.86 -55.48
C PHE A 2526 63.89 -51.69 -56.00
N LEU A 2527 65.11 -51.23 -55.73
CA LEU A 2527 66.29 -52.02 -56.09
C LEU A 2527 66.46 -53.27 -55.23
N PRO A 2528 66.10 -53.29 -53.94
CA PRO A 2528 66.00 -54.60 -53.26
C PRO A 2528 65.01 -55.53 -53.93
N ASP A 2529 63.85 -55.02 -54.35
CA ASP A 2529 62.92 -55.83 -55.15
C ASP A 2529 63.61 -56.33 -56.42
N MET A 2530 64.47 -55.51 -57.00
CA MET A 2530 64.94 -55.83 -58.33
C MET A 2530 66.10 -56.83 -58.25
N ARG A 2531 66.93 -56.71 -57.21
CA ARG A 2531 67.84 -57.80 -56.85
C ARG A 2531 67.08 -59.07 -56.53
N ALA A 2532 65.90 -58.94 -55.90
CA ALA A 2532 65.08 -60.13 -55.69
C ALA A 2532 64.68 -60.76 -57.01
N ALA A 2533 64.31 -59.95 -58.00
CA ALA A 2533 64.02 -60.48 -59.33
C ALA A 2533 65.26 -61.11 -59.95
N ALA A 2534 66.43 -60.52 -59.71
CA ALA A 2534 67.68 -61.10 -60.18
C ALA A 2534 67.86 -62.51 -59.61
N SER A 2535 67.56 -62.68 -58.32
CA SER A 2535 67.54 -64.02 -57.74
C SER A 2535 66.46 -64.87 -58.39
N LEU A 2536 65.33 -64.25 -58.74
CA LEU A 2536 64.21 -64.99 -59.32
C LEU A 2536 64.58 -65.60 -60.67
N ASP A 2537 65.51 -64.97 -61.38
CA ASP A 2537 65.90 -65.46 -62.71
C ASP A 2537 66.76 -66.72 -62.54
N THR A 2538 66.15 -67.73 -61.94
CA THR A 2538 66.76 -69.02 -61.66
C THR A 2538 65.72 -70.10 -61.91
N ALA A 2539 66.17 -71.30 -62.27
CA ALA A 2539 65.22 -72.39 -62.52
C ALA A 2539 64.43 -72.74 -61.26
N THR A 2540 65.13 -72.92 -60.14
CA THR A 2540 64.46 -73.25 -58.89
C THR A 2540 63.53 -72.13 -58.45
N PHE A 2541 63.96 -70.88 -58.61
CA PHE A 2541 63.11 -69.76 -58.25
C PHE A 2541 61.85 -69.72 -59.13
N SER A 2542 62.01 -69.95 -60.43
CA SER A 2542 60.85 -69.97 -61.32
C SER A 2542 59.91 -71.10 -60.95
N THR A 2543 60.44 -72.23 -60.45
CA THR A 2543 59.57 -73.31 -60.01
C THR A 2543 58.73 -72.90 -58.80
N THR A 2544 59.34 -72.21 -57.83
CA THR A 2544 58.60 -71.86 -56.62
C THR A 2544 57.60 -70.74 -56.91
N GLU A 2545 56.57 -70.65 -56.07
CA GLU A 2545 55.43 -69.79 -56.40
C GLU A 2545 55.63 -68.37 -55.90
N MET A 2546 56.62 -68.14 -55.02
CA MET A 2546 56.85 -66.77 -54.56
C MET A 2546 57.47 -65.93 -55.66
N ALA A 2547 58.19 -66.54 -56.59
CA ALA A 2547 58.62 -65.81 -57.79
C ALA A 2547 57.42 -65.34 -58.58
N LEU A 2548 56.41 -66.20 -58.73
CA LEU A 2548 55.19 -65.81 -59.41
C LEU A 2548 54.44 -64.74 -58.62
N ALA A 2549 54.47 -64.83 -57.29
CA ALA A 2549 53.87 -63.79 -56.45
C ALA A 2549 54.56 -62.45 -56.68
N LEU A 2550 55.89 -62.47 -56.79
CA LEU A 2550 56.63 -61.25 -57.11
C LEU A 2550 56.30 -60.75 -58.51
N ASN A 2551 56.05 -61.68 -59.44
CA ASN A 2551 55.66 -61.25 -60.79
C ASN A 2551 54.34 -60.49 -60.77
N ARG A 2552 53.32 -61.05 -60.10
CA ARG A 2552 52.07 -60.30 -59.93
C ARG A 2552 52.31 -58.99 -59.18
N TYR A 2553 53.11 -59.02 -58.10
CA TYR A 2553 53.40 -57.81 -57.35
C TYR A 2553 53.94 -56.71 -58.26
N LEU A 2554 54.97 -57.03 -59.04
CA LEU A 2554 55.55 -56.04 -59.95
C LEU A 2554 54.50 -55.56 -60.95
N CYS A 2555 53.84 -56.49 -61.64
CA CYS A 2555 52.95 -56.11 -62.73
C CYS A 2555 51.73 -55.33 -62.25
N LEU A 2556 51.39 -55.44 -60.95
CA LEU A 2556 50.21 -54.72 -60.48
C LEU A 2556 50.60 -53.41 -59.80
N ALA A 2557 51.79 -53.33 -59.21
CA ALA A 2557 52.16 -52.19 -58.39
C ALA A 2557 53.30 -51.37 -58.99
N VAL A 2558 54.41 -52.02 -59.34
CA VAL A 2558 55.60 -51.27 -59.72
C VAL A 2558 55.55 -50.92 -61.20
N LEU A 2559 55.13 -51.87 -62.04
CA LEU A 2559 55.14 -51.65 -63.47
C LEU A 2559 54.26 -50.49 -63.92
N PRO A 2560 52.99 -50.36 -63.49
CA PRO A 2560 52.24 -49.14 -63.85
C PRO A 2560 52.88 -47.88 -63.30
N LEU A 2561 53.40 -47.95 -62.06
CA LEU A 2561 54.11 -46.81 -61.49
C LEU A 2561 55.30 -46.43 -62.35
N ILE A 2562 56.08 -47.42 -62.78
CA ILE A 2562 57.26 -47.14 -63.61
C ILE A 2562 56.83 -46.55 -64.95
N THR A 2563 55.76 -47.09 -65.55
CA THR A 2563 55.30 -46.58 -66.83
C THR A 2563 54.90 -45.11 -66.73
N LYS A 2564 54.18 -44.74 -65.67
CA LYS A 2564 53.80 -43.34 -65.54
C LYS A 2564 54.97 -42.50 -65.03
N CYS A 2565 56.02 -43.15 -64.52
CA CYS A 2565 57.23 -42.43 -64.14
C CYS A 2565 58.23 -42.33 -65.28
N ALA A 2566 57.91 -42.91 -66.44
CA ALA A 2566 58.82 -42.86 -67.58
C ALA A 2566 59.30 -41.45 -67.93
N PRO A 2567 58.44 -40.41 -67.96
CA PRO A 2567 58.97 -39.06 -68.27
C PRO A 2567 60.02 -38.58 -67.28
N LEU A 2568 59.98 -39.07 -66.04
CA LEU A 2568 60.94 -38.61 -65.04
C LEU A 2568 62.34 -39.14 -65.32
N PHE A 2569 62.43 -40.33 -65.91
CA PHE A 2569 63.74 -40.97 -66.07
C PHE A 2569 64.64 -40.18 -67.03
N ALA A 2570 64.05 -39.38 -67.91
CA ALA A 2570 64.85 -38.61 -68.86
C ALA A 2570 65.63 -37.51 -68.16
N GLY A 2571 65.22 -37.11 -66.96
CA GLY A 2571 65.81 -35.96 -66.31
C GLY A 2571 67.26 -36.17 -65.92
N THR A 2572 67.58 -37.32 -65.35
CA THR A 2572 68.86 -37.55 -64.68
C THR A 2572 69.91 -38.01 -65.69
N GLU A 2573 71.17 -37.64 -65.42
CA GLU A 2573 72.28 -38.10 -66.25
C GLU A 2573 73.31 -38.86 -65.41
N HIS A 2574 73.55 -38.42 -64.17
CA HIS A 2574 74.52 -39.11 -63.33
C HIS A 2574 74.03 -40.50 -62.93
N ARG A 2575 72.74 -40.62 -62.61
CA ARG A 2575 72.16 -41.89 -62.17
C ARG A 2575 71.97 -42.88 -63.33
N ALA A 2576 72.61 -42.64 -64.48
CA ALA A 2576 72.32 -43.41 -65.68
C ALA A 2576 72.89 -44.82 -65.63
N ILE A 2577 74.00 -44.99 -64.93
CA ILE A 2577 74.63 -46.30 -64.81
C ILE A 2577 73.75 -47.25 -63.99
N MET A 2578 73.30 -46.79 -62.82
CA MET A 2578 72.26 -47.47 -62.04
C MET A 2578 70.97 -47.67 -62.84
N VAL A 2579 70.62 -46.72 -63.71
CA VAL A 2579 69.44 -46.95 -64.54
C VAL A 2579 69.73 -48.02 -65.59
N ASP A 2580 70.98 -48.12 -66.02
CA ASP A 2580 71.30 -49.19 -66.97
C ASP A 2580 71.24 -50.56 -66.29
N SER A 2581 71.66 -50.62 -65.03
CA SER A 2581 71.45 -51.83 -64.25
C SER A 2581 69.96 -52.14 -64.11
N MET A 2582 69.15 -51.09 -63.91
CA MET A 2582 67.70 -51.22 -64.03
C MET A 2582 67.34 -51.95 -65.32
N LEU A 2583 67.84 -51.44 -66.45
CA LEU A 2583 67.45 -51.98 -67.74
C LEU A 2583 67.86 -53.42 -67.90
N HIS A 2584 69.06 -53.77 -67.42
CA HIS A 2584 69.50 -55.16 -67.51
CA HIS A 2584 69.48 -55.16 -67.52
C HIS A 2584 68.57 -56.08 -66.73
N THR A 2585 68.20 -55.67 -65.53
CA THR A 2585 67.32 -56.50 -64.73
C THR A 2585 65.96 -56.68 -65.39
N VAL A 2586 65.38 -55.60 -65.93
CA VAL A 2586 64.07 -55.72 -66.56
C VAL A 2586 64.15 -56.52 -67.86
N TYR A 2587 65.30 -56.46 -68.53
CA TYR A 2587 65.50 -57.28 -69.72
C TYR A 2587 65.61 -58.75 -69.35
N ARG A 2588 66.23 -59.05 -68.20
CA ARG A 2588 66.27 -60.43 -67.74
C ARG A 2588 64.88 -60.91 -67.36
N LEU A 2589 64.05 -60.02 -66.82
CA LEU A 2589 62.65 -60.37 -66.60
C LEU A 2589 61.97 -60.69 -67.92
N SER A 2590 62.21 -59.90 -68.95
CA SER A 2590 61.71 -60.22 -70.29
C SER A 2590 62.20 -61.61 -70.71
N ARG A 2591 63.44 -61.94 -70.39
CA ARG A 2591 63.97 -63.30 -70.57
C ARG A 2591 63.41 -64.17 -69.44
N GLY A 2592 62.08 -64.27 -69.41
CA GLY A 2592 61.40 -64.83 -68.27
C GLY A 2592 60.99 -66.28 -68.41
N ARG A 2593 61.49 -67.12 -67.50
CA ARG A 2593 61.01 -68.49 -67.39
C ARG A 2593 59.97 -68.60 -66.29
N SER A 2594 58.93 -69.39 -66.56
CA SER A 2594 57.75 -69.46 -65.70
C SER A 2594 57.10 -68.08 -65.56
N LEU A 2595 56.86 -67.43 -66.71
CA LEU A 2595 56.24 -66.12 -66.76
C LEU A 2595 55.04 -66.18 -67.69
N THR A 2596 53.90 -65.67 -67.23
CA THR A 2596 52.68 -65.71 -68.02
C THR A 2596 52.75 -64.71 -69.17
N LYS A 2597 51.97 -64.97 -70.21
CA LYS A 2597 52.00 -64.14 -71.42
C LYS A 2597 51.56 -62.71 -71.12
N ALA A 2598 50.47 -62.55 -70.37
CA ALA A 2598 49.96 -61.21 -70.10
C ALA A 2598 50.93 -60.41 -69.24
N GLN A 2599 51.46 -61.01 -68.18
CA GLN A 2599 52.41 -60.32 -67.32
C GLN A 2599 53.68 -59.98 -68.09
N ARG A 2600 54.16 -60.89 -68.93
CA ARG A 2600 55.36 -60.62 -69.72
C ARG A 2600 55.11 -59.50 -70.72
N ASP A 2601 53.91 -59.44 -71.29
CA ASP A 2601 53.57 -58.33 -72.18
C ASP A 2601 53.53 -57.02 -71.42
N VAL A 2602 53.02 -57.03 -70.19
CA VAL A 2602 53.06 -55.83 -69.35
C VAL A 2602 54.50 -55.40 -69.11
N ILE A 2603 55.39 -56.35 -68.84
CA ILE A 2603 56.80 -56.01 -68.65
C ILE A 2603 57.39 -55.43 -69.93
N GLU A 2604 57.01 -55.98 -71.09
CA GLU A 2604 57.52 -55.46 -72.36
C GLU A 2604 57.07 -54.01 -72.56
N ASP A 2605 55.79 -53.74 -72.32
CA ASP A 2605 55.27 -52.37 -72.48
C ASP A 2605 55.94 -51.42 -71.50
N CYS A 2606 56.15 -51.87 -70.26
CA CYS A 2606 56.83 -51.03 -69.27
C CYS A 2606 58.27 -50.73 -69.69
N LEU A 2607 58.97 -51.75 -70.21
CA LEU A 2607 60.34 -51.54 -70.64
C LEU A 2607 60.39 -50.54 -71.78
N MET A 2608 59.46 -50.66 -72.73
CA MET A 2608 59.40 -49.71 -73.84
C MET A 2608 59.13 -48.30 -73.37
N ALA A 2609 58.15 -48.13 -72.48
CA ALA A 2609 57.79 -46.79 -72.02
C ALA A 2609 58.94 -46.14 -71.26
N LEU A 2610 59.64 -46.91 -70.43
CA LEU A 2610 60.79 -46.35 -69.73
C LEU A 2610 61.94 -46.09 -70.70
N CYS A 2611 62.08 -46.93 -71.73
CA CYS A 2611 63.23 -46.83 -72.62
C CYS A 2611 63.11 -45.62 -73.55
N ARG A 2612 61.90 -45.22 -73.90
CA ARG A 2612 61.75 -44.09 -74.81
CA ARG A 2612 61.74 -44.08 -74.81
C ARG A 2612 62.41 -42.83 -74.25
N TYR A 2613 62.20 -42.55 -72.96
CA TYR A 2613 62.70 -41.30 -72.40
C TYR A 2613 64.21 -41.33 -72.18
N ILE A 2614 64.81 -42.52 -72.15
CA ILE A 2614 66.24 -42.60 -71.90
C ILE A 2614 67.01 -42.03 -73.10
N ARG A 2615 68.09 -41.33 -72.81
CA ARG A 2615 69.01 -40.92 -73.85
C ARG A 2615 69.62 -42.14 -74.53
N PRO A 2616 69.80 -42.09 -75.85
CA PRO A 2616 70.35 -43.27 -76.55
C PRO A 2616 71.80 -43.59 -76.18
N SER A 2617 72.54 -42.64 -75.62
CA SER A 2617 73.96 -42.84 -75.41
C SER A 2617 74.24 -43.92 -74.36
N MET A 2618 73.52 -43.88 -73.23
CA MET A 2618 73.71 -44.89 -72.20
C MET A 2618 72.95 -46.17 -72.52
N LEU A 2619 72.04 -46.13 -73.49
CA LEU A 2619 71.24 -47.30 -73.80
C LEU A 2619 72.08 -48.39 -74.48
N GLN A 2620 73.24 -48.01 -75.03
CA GLN A 2620 74.09 -48.98 -75.70
C GLN A 2620 74.59 -50.05 -74.74
N HIS A 2621 74.62 -49.73 -73.44
CA HIS A 2621 75.08 -50.70 -72.45
C HIS A 2621 74.17 -51.92 -72.42
N LEU A 2622 72.85 -51.71 -72.46
CA LEU A 2622 71.93 -52.84 -72.59
C LEU A 2622 71.86 -53.32 -74.03
N LEU A 2623 72.05 -52.41 -74.99
CA LEU A 2623 71.94 -52.78 -76.40
C LEU A 2623 72.98 -53.81 -76.78
N ARG A 2624 74.17 -53.77 -76.17
CA ARG A 2624 75.18 -54.78 -76.48
C ARG A 2624 74.75 -56.15 -75.98
N ARG A 2625 74.13 -56.20 -74.79
CA ARG A 2625 73.62 -57.46 -74.28
C ARG A 2625 72.53 -58.01 -75.19
N LEU A 2626 71.69 -57.13 -75.74
CA LEU A 2626 70.77 -57.56 -76.80
C LEU A 2626 71.53 -58.08 -78.02
N VAL A 2627 72.59 -57.37 -78.42
CA VAL A 2627 73.39 -57.80 -79.58
C VAL A 2627 73.89 -59.23 -79.37
N PHE A 2628 74.17 -59.60 -78.12
CA PHE A 2628 74.43 -61.00 -77.82
C PHE A 2628 73.19 -61.86 -78.07
N ASP A 2629 72.01 -61.36 -77.69
CA ASP A 2629 70.81 -62.19 -77.75
C ASP A 2629 70.10 -62.07 -79.09
N VAL A 2630 70.37 -61.02 -79.86
CA VAL A 2630 69.65 -60.80 -81.12
C VAL A 2630 69.83 -61.94 -82.11
N PRO A 2631 71.04 -62.46 -82.38
CA PRO A 2631 71.17 -63.46 -83.45
C PRO A 2631 70.35 -64.73 -83.23
N ILE A 2632 69.93 -65.00 -82.00
CA ILE A 2632 69.18 -66.22 -81.71
C ILE A 2632 67.84 -66.23 -82.44
N LEU A 2633 67.13 -65.09 -82.39
CA LEU A 2633 65.79 -64.97 -83.00
C LEU A 2633 64.83 -66.03 -82.49
N ASN A 2634 64.94 -66.38 -81.21
CA ASN A 2634 63.92 -67.24 -80.63
C ASN A 2634 62.68 -66.42 -80.30
N GLU A 2635 61.60 -67.11 -79.93
CA GLU A 2635 60.36 -66.41 -79.60
C GLU A 2635 60.55 -65.50 -78.39
N PHE A 2636 61.60 -65.74 -77.60
CA PHE A 2636 61.97 -64.77 -76.57
C PHE A 2636 62.56 -63.51 -77.21
N ALA A 2637 63.46 -63.67 -78.18
CA ALA A 2637 64.13 -62.52 -78.77
C ALA A 2637 63.26 -61.83 -79.80
N LYS A 2638 62.08 -62.39 -80.09
CA LYS A 2638 61.18 -61.77 -81.04
C LYS A 2638 60.69 -60.41 -80.55
N MET A 2639 60.38 -60.30 -79.26
CA MET A 2639 59.87 -59.03 -78.74
C MET A 2639 60.97 -57.98 -78.54
N PRO A 2640 62.22 -58.31 -78.19
CA PRO A 2640 63.27 -57.30 -78.30
C PRO A 2640 63.51 -56.85 -79.72
N LEU A 2641 63.10 -57.63 -80.72
CA LEU A 2641 63.20 -57.18 -82.10
C LEU A 2641 62.23 -56.02 -82.36
N LYS A 2642 60.98 -56.18 -81.92
CA LYS A 2642 60.04 -55.07 -81.94
C LYS A 2642 60.57 -53.88 -81.15
N LEU A 2643 61.14 -54.15 -79.98
CA LEU A 2643 61.68 -53.09 -79.14
C LEU A 2643 62.80 -52.34 -79.86
N LEU A 2644 63.69 -53.06 -80.53
CA LEU A 2644 64.78 -52.43 -81.28
C LEU A 2644 64.24 -51.64 -82.46
N THR A 2645 63.22 -52.16 -83.14
CA THR A 2645 62.64 -51.41 -84.25
C THR A 2645 62.06 -50.08 -83.77
N ASN A 2646 61.32 -50.10 -82.66
CA ASN A 2646 60.79 -48.85 -82.12
C ASN A 2646 61.91 -47.92 -81.66
N HIS A 2647 62.96 -48.47 -81.02
CA HIS A 2647 64.08 -47.65 -80.58
C HIS A 2647 64.77 -46.97 -81.76
N TYR A 2648 64.99 -47.72 -82.85
CA TYR A 2648 65.64 -47.13 -84.01
C TYR A 2648 64.75 -46.08 -84.66
N GLU A 2649 63.45 -46.35 -84.74
CA GLU A 2649 62.53 -45.33 -85.28
C GLU A 2649 62.56 -44.07 -84.43
N ARG A 2650 62.69 -44.22 -83.11
CA ARG A 2650 62.67 -43.07 -82.23
C ARG A 2650 63.97 -42.28 -82.30
N CYS A 2651 65.10 -42.97 -82.42
CA CYS A 2651 66.41 -42.33 -82.33
C CYS A 2651 67.13 -42.20 -83.67
N TRP A 2652 66.44 -42.43 -84.80
CA TRP A 2652 67.09 -42.33 -86.10
C TRP A 2652 67.64 -40.94 -86.36
N LYS A 2653 66.89 -39.89 -86.00
CA LYS A 2653 67.35 -38.53 -86.27
C LYS A 2653 68.57 -38.21 -85.41
N TYR A 2654 68.56 -38.60 -84.14
CA TYR A 2654 69.71 -38.38 -83.28
C TYR A 2654 70.93 -39.11 -83.80
N TYR A 2655 70.76 -40.35 -84.26
CA TYR A 2655 71.90 -41.11 -84.78
C TYR A 2655 72.41 -40.50 -86.08
N CYS A 2656 71.51 -40.01 -86.95
CA CYS A 2656 71.93 -39.54 -88.26
C CYS A 2656 72.59 -38.16 -88.17
N LEU A 2657 72.11 -37.30 -87.28
CA LEU A 2657 72.68 -35.96 -87.18
C LEU A 2657 74.11 -36.03 -86.66
N PRO A 2658 75.09 -35.50 -87.41
CA PRO A 2658 76.47 -35.48 -86.89
C PRO A 2658 76.62 -34.62 -85.66
N THR A 2659 75.98 -33.45 -85.64
CA THR A 2659 75.98 -32.63 -84.43
C THR A 2659 75.04 -33.21 -83.38
N GLY A 2660 74.04 -33.98 -83.83
CA GLY A 2660 73.11 -34.61 -82.90
C GLY A 2660 72.03 -33.66 -82.44
N TRP A 2661 71.07 -34.24 -81.71
CA TRP A 2661 70.00 -33.44 -81.12
C TRP A 2661 70.57 -32.48 -80.09
N ALA A 2662 69.93 -31.32 -79.99
CA ALA A 2662 70.41 -30.30 -79.05
C ALA A 2662 70.44 -30.84 -77.63
N ASN A 2663 71.50 -30.48 -76.90
CA ASN A 2663 71.71 -30.82 -75.49
C ASN A 2663 71.88 -32.31 -75.27
N PHE A 2664 71.96 -33.07 -76.37
CA PHE A 2664 72.11 -34.51 -76.24
C PHE A 2664 73.53 -34.95 -76.56
N GLY A 2665 74.09 -34.47 -77.66
CA GLY A 2665 75.45 -34.82 -78.01
C GLY A 2665 75.55 -35.52 -79.35
N VAL A 2666 76.59 -36.35 -79.47
CA VAL A 2666 76.89 -37.05 -80.72
C VAL A 2666 76.98 -38.54 -80.42
N THR A 2667 76.59 -39.34 -81.41
CA THR A 2667 76.72 -40.78 -81.29
C THR A 2667 78.18 -41.17 -81.10
N SER A 2668 78.42 -42.13 -80.21
CA SER A 2668 79.78 -42.47 -79.81
C SER A 2668 80.45 -43.39 -80.82
N GLU A 2669 79.67 -43.93 -81.77
CA GLU A 2669 80.12 -44.74 -82.90
C GLU A 2669 80.49 -46.17 -82.51
N GLU A 2670 80.66 -46.46 -81.21
CA GLU A 2670 80.69 -47.86 -80.84
C GLU A 2670 79.27 -48.43 -80.83
N GLU A 2671 78.29 -47.60 -80.46
CA GLU A 2671 76.90 -47.99 -80.67
C GLU A 2671 76.57 -48.08 -82.15
N LEU A 2672 77.27 -47.31 -82.98
CA LEU A 2672 77.09 -47.44 -84.43
C LEU A 2672 77.64 -48.77 -84.93
N HIS A 2673 78.78 -49.19 -84.38
CA HIS A 2673 79.29 -50.53 -84.70
C HIS A 2673 78.36 -51.61 -84.16
N LEU A 2674 77.71 -51.36 -83.02
CA LEU A 2674 76.66 -52.24 -82.53
C LEU A 2674 75.52 -52.34 -83.54
N THR A 2675 75.11 -51.21 -84.10
CA THR A 2675 74.07 -51.19 -85.12
C THR A 2675 74.50 -51.98 -86.35
N ARG A 2676 75.78 -51.85 -86.73
CA ARG A 2676 76.29 -52.63 -87.86
C ARG A 2676 76.23 -54.12 -87.57
N LYS A 2677 76.63 -54.53 -86.36
CA LYS A 2677 76.58 -55.95 -86.04
C LYS A 2677 75.14 -56.44 -85.95
N LEU A 2678 74.22 -55.59 -85.49
CA LEU A 2678 72.81 -55.96 -85.50
C LEU A 2678 72.32 -56.16 -86.93
N PHE A 2679 72.71 -55.26 -87.84
CA PHE A 2679 72.38 -55.45 -89.26
C PHE A 2679 72.89 -56.79 -89.76
N TRP A 2680 74.18 -57.08 -89.54
CA TRP A 2680 74.75 -58.32 -90.03
C TRP A 2680 74.06 -59.53 -89.41
N GLY A 2681 73.80 -59.50 -88.10
CA GLY A 2681 73.21 -60.65 -87.44
C GLY A 2681 71.79 -60.92 -87.91
N ILE A 2682 70.93 -59.89 -87.90
CA ILE A 2682 69.54 -60.08 -88.32
C ILE A 2682 69.49 -60.43 -89.81
N PHE A 2683 70.40 -59.85 -90.59
CA PHE A 2683 70.40 -60.08 -92.04
C PHE A 2683 70.80 -61.51 -92.37
N ASP A 2684 71.90 -62.01 -91.78
CA ASP A 2684 72.28 -63.40 -91.98
C ASP A 2684 71.24 -64.34 -91.39
N SER A 2685 70.58 -63.93 -90.30
CA SER A 2685 69.54 -64.76 -89.71
C SER A 2685 68.37 -64.94 -90.67
N LEU A 2686 67.85 -63.83 -91.21
CA LEU A 2686 66.76 -63.92 -92.16
C LEU A 2686 67.22 -64.61 -93.45
N ALA A 2687 68.52 -64.54 -93.75
CA ALA A 2687 69.04 -65.24 -94.92
C ALA A 2687 68.99 -66.75 -94.74
N HIS A 2688 69.46 -67.24 -93.59
CA HIS A 2688 69.61 -68.69 -93.47
C HIS A 2688 68.41 -69.35 -92.79
N LYS A 2689 67.44 -68.55 -92.34
CA LYS A 2689 66.25 -69.13 -91.74
C LYS A 2689 65.15 -69.35 -92.77
N LYS A 2690 64.29 -70.32 -92.48
CA LYS A 2690 63.22 -70.71 -93.39
C LYS A 2690 62.09 -69.70 -93.34
N TYR A 2691 61.20 -69.78 -94.34
CA TYR A 2691 60.03 -68.91 -94.42
C TYR A 2691 59.21 -68.97 -93.13
N ASP A 2692 58.83 -67.80 -92.63
CA ASP A 2692 57.99 -67.70 -91.43
C ASP A 2692 57.10 -66.48 -91.57
N GLN A 2693 55.79 -66.71 -91.52
CA GLN A 2693 54.84 -65.59 -91.63
C GLN A 2693 54.92 -64.67 -90.43
N GLU A 2694 55.14 -65.22 -89.24
CA GLU A 2694 55.34 -64.38 -88.07
C GLU A 2694 56.61 -63.54 -88.21
N LEU A 2695 57.68 -64.14 -88.70
CA LEU A 2695 58.91 -63.39 -88.89
C LEU A 2695 58.71 -62.29 -89.94
N TYR A 2696 57.89 -62.55 -90.95
CA TYR A 2696 57.67 -61.53 -91.98
C TYR A 2696 56.74 -60.43 -91.49
N ARG A 2697 55.77 -60.75 -90.61
CA ARG A 2697 54.96 -59.69 -90.06
C ARG A 2697 55.74 -58.88 -89.03
N MET A 2698 56.84 -59.45 -88.52
CA MET A 2698 57.80 -58.63 -87.77
C MET A 2698 58.76 -57.91 -88.70
N ALA A 2699 58.91 -58.41 -89.93
CA ALA A 2699 59.88 -57.84 -90.85
C ALA A 2699 59.28 -56.73 -91.69
N MET A 2700 57.96 -56.61 -91.68
CA MET A 2700 57.34 -55.39 -92.17
C MET A 2700 57.72 -54.17 -91.36
N PRO A 2701 57.71 -54.19 -90.01
CA PRO A 2701 58.34 -53.09 -89.28
C PRO A 2701 59.81 -52.90 -89.63
N CYS A 2702 60.51 -54.00 -89.93
CA CYS A 2702 61.79 -54.01 -90.67
C CYS A 2702 62.98 -53.35 -89.99
N LEU A 2703 64.16 -53.91 -90.26
CA LEU A 2703 65.45 -53.32 -89.95
C LEU A 2703 65.76 -52.14 -90.86
N CYS A 2704 64.77 -51.74 -91.66
CA CYS A 2704 64.79 -50.45 -92.33
C CYS A 2704 65.08 -49.32 -91.36
N ALA A 2705 64.47 -49.35 -90.17
CA ALA A 2705 64.76 -48.33 -89.16
C ALA A 2705 66.21 -48.39 -88.72
N ILE A 2706 66.74 -49.61 -88.55
CA ILE A 2706 68.15 -49.78 -88.19
C ILE A 2706 69.05 -49.17 -89.25
N ALA A 2707 68.75 -49.47 -90.52
CA ALA A 2707 69.58 -48.95 -91.62
C ALA A 2707 69.46 -47.45 -91.75
N GLY A 2708 68.27 -46.90 -91.53
CA GLY A 2708 68.10 -45.45 -91.59
C GLY A 2708 68.84 -44.74 -90.47
N ALA A 2709 68.79 -45.30 -89.26
CA ALA A 2709 69.54 -44.72 -88.15
C ALA A 2709 71.04 -44.80 -88.40
N LEU A 2710 71.51 -45.93 -88.92
CA LEU A 2710 72.93 -46.06 -89.23
C LEU A 2710 73.28 -45.20 -90.45
N PRO A 2711 74.26 -44.31 -90.30
CA PRO A 2711 74.70 -43.51 -91.44
C PRO A 2711 75.62 -44.31 -92.34
N PRO A 2712 75.72 -43.95 -93.62
CA PRO A 2712 76.65 -44.67 -94.49
C PRO A 2712 78.11 -44.34 -94.23
N ASP A 2713 78.41 -43.08 -93.93
CA ASP A 2713 79.78 -42.57 -94.08
C ASP A 2713 80.76 -43.21 -93.11
N TYR A 2714 80.29 -43.67 -91.95
CA TYR A 2714 81.19 -44.03 -90.86
C TYR A 2714 82.09 -45.20 -91.26
N VAL A 2715 83.28 -45.25 -90.65
CA VAL A 2715 84.29 -46.27 -90.93
C VAL A 2715 84.35 -47.22 -89.75
N ASP A 2716 84.21 -48.51 -90.02
CA ASP A 2716 84.29 -49.50 -88.95
C ASP A 2716 85.74 -49.69 -88.53
N ALA A 2717 85.92 -50.37 -87.39
CA ALA A 2717 87.26 -50.59 -86.87
C ALA A 2717 88.09 -51.48 -87.79
N SER A 2718 87.52 -52.60 -88.22
CA SER A 2718 88.23 -53.56 -89.05
C SER A 2718 87.25 -54.51 -89.72
N TYR A 2719 87.77 -55.30 -90.67
CA TYR A 2719 87.03 -56.38 -91.32
C TYR A 2719 87.76 -57.70 -91.03
N SER A 2720 87.44 -58.29 -89.88
CA SER A 2720 88.07 -59.54 -89.46
C SER A 2720 87.04 -60.40 -88.74
N SER A 2721 87.26 -61.71 -88.82
CA SER A 2721 86.35 -62.64 -88.16
C SER A 2721 86.54 -62.61 -86.65
N LYS A 2722 85.42 -62.63 -85.92
CA LYS A 2722 85.50 -62.64 -84.47
C LYS A 2722 86.09 -63.94 -83.94
N ALA A 2723 85.75 -65.06 -84.57
CA ALA A 2723 86.22 -66.38 -84.17
C ALA A 2723 85.89 -66.67 -82.70
N GLU A 2724 84.69 -66.27 -82.28
CA GLU A 2724 84.24 -66.47 -80.92
C GLU A 2724 82.73 -66.54 -80.89
N LYS A 2725 82.20 -67.52 -80.16
CA LYS A 2725 80.76 -67.70 -80.03
C LYS A 2725 80.14 -66.56 -79.25
N ASN A 2734 74.78 -69.77 -71.51
CA ASN A 2734 74.54 -68.47 -72.13
C ASN A 2734 75.70 -68.10 -73.06
N PHE A 2735 76.83 -67.73 -72.46
CA PHE A 2735 78.04 -67.38 -73.20
C PHE A 2735 79.18 -68.26 -72.72
N ASP A 2736 79.73 -69.07 -73.62
CA ASP A 2736 80.87 -69.91 -73.30
C ASP A 2736 81.98 -69.65 -74.33
N PRO A 2737 83.13 -69.14 -73.88
CA PRO A 2737 84.25 -68.94 -74.81
C PRO A 2737 85.18 -70.15 -74.86
N ARG A 2738 85.76 -70.42 -76.02
CA ARG A 2738 86.65 -71.56 -76.21
C ARG A 2738 88.01 -71.06 -76.67
N PRO A 2739 89.07 -71.26 -75.88
CA PRO A 2739 90.38 -70.71 -76.25
C PRO A 2739 91.20 -71.69 -77.07
N VAL A 2740 92.37 -71.21 -77.49
CA VAL A 2740 93.36 -72.02 -78.17
C VAL A 2740 94.70 -71.82 -77.46
N GLU A 2741 95.19 -72.87 -76.81
CA GLU A 2741 96.43 -72.81 -76.04
C GLU A 2741 97.32 -73.99 -76.41
N THR A 2742 98.63 -73.77 -76.34
CA THR A 2742 99.62 -74.78 -76.70
C THR A 2742 100.53 -75.16 -75.54
N LEU A 2743 100.10 -74.95 -74.29
CA LEU A 2743 100.93 -75.33 -73.14
C LEU A 2743 101.25 -76.81 -73.14
N ASN A 2744 100.31 -77.65 -73.60
CA ASN A 2744 100.54 -79.09 -73.58
C ASN A 2744 101.72 -79.45 -74.48
N VAL A 2745 101.97 -78.67 -75.52
CA VAL A 2745 103.17 -78.84 -76.33
C VAL A 2745 104.39 -78.40 -75.53
N ILE A 2746 105.53 -79.05 -75.78
CA ILE A 2746 106.74 -78.75 -75.03
C ILE A 2746 107.12 -77.29 -75.18
N ILE A 2747 107.88 -76.78 -74.22
CA ILE A 2747 108.20 -75.35 -74.13
C ILE A 2747 109.71 -75.21 -74.23
N PRO A 2748 110.22 -74.12 -74.83
CA PRO A 2748 111.67 -73.91 -74.84
C PRO A 2748 112.16 -73.32 -73.54
N GLU A 2749 113.30 -73.82 -73.06
CA GLU A 2749 113.88 -73.29 -71.82
C GLU A 2749 114.29 -71.84 -71.97
N LYS A 2750 114.90 -71.48 -73.10
CA LYS A 2750 115.35 -70.10 -73.28
C LYS A 2750 114.16 -69.17 -73.51
N LEU A 2751 113.10 -69.67 -74.17
CA LEU A 2751 111.88 -68.88 -74.28
C LEU A 2751 111.23 -68.67 -72.93
N ASP A 2752 111.28 -69.68 -72.07
CA ASP A 2752 110.77 -69.53 -70.70
C ASP A 2752 111.60 -68.52 -69.91
N SER A 2753 112.92 -68.54 -70.12
CA SER A 2753 113.79 -67.54 -69.49
C SER A 2753 113.43 -66.13 -69.98
N PHE A 2754 113.15 -66.00 -71.27
CA PHE A 2754 112.69 -64.72 -71.80
C PHE A 2754 111.36 -64.31 -71.17
N ILE A 2755 110.46 -65.27 -70.96
CA ILE A 2755 109.18 -64.96 -70.32
C ILE A 2755 109.41 -64.46 -68.90
N ASN A 2756 110.31 -65.11 -68.16
CA ASN A 2756 110.64 -64.68 -66.81
C ASN A 2756 111.26 -63.29 -66.80
N LYS A 2757 112.14 -63.01 -67.76
CA LYS A 2757 112.75 -61.68 -67.85
C LYS A 2757 111.72 -60.63 -68.23
N PHE A 2758 110.74 -60.99 -69.07
CA PHE A 2758 109.65 -60.08 -69.37
C PHE A 2758 108.81 -59.80 -68.12
N ALA A 2759 108.61 -60.82 -67.28
CA ALA A 2759 107.95 -60.58 -66.01
C ALA A 2759 108.76 -59.64 -65.13
N GLU A 2760 110.09 -59.82 -65.13
CA GLU A 2760 110.96 -58.92 -64.37
C GLU A 2760 110.80 -57.48 -64.83
N TYR A 2761 110.81 -57.25 -66.14
CA TYR A 2761 110.71 -55.88 -66.64
C TYR A 2761 109.27 -55.38 -66.62
N THR A 2762 108.29 -56.28 -66.49
CA THR A 2762 106.93 -55.84 -66.23
C THR A 2762 106.81 -55.27 -64.82
N HIS A 2763 107.40 -55.97 -63.84
CA HIS A 2763 107.45 -55.40 -62.50
C HIS A 2763 108.34 -54.16 -62.47
N GLU A 2764 109.29 -54.05 -63.40
CA GLU A 2764 110.11 -52.85 -63.44
C GLU A 2764 109.39 -51.69 -64.13
N LYS A 2765 108.43 -51.99 -65.01
CA LYS A 2765 107.52 -50.93 -65.46
C LYS A 2765 106.56 -50.53 -64.35
N TRP A 2766 106.17 -51.50 -63.52
CA TRP A 2766 105.50 -51.15 -62.27
C TRP A 2766 106.40 -50.27 -61.41
N ALA A 2767 107.71 -50.48 -61.49
CA ALA A 2767 108.67 -49.62 -60.78
C ALA A 2767 108.71 -48.22 -61.38
N PHE A 2768 108.60 -48.12 -62.71
CA PHE A 2768 108.30 -46.83 -63.33
C PHE A 2768 107.08 -46.20 -62.69
N ASP A 2769 106.01 -46.98 -62.52
CA ASP A 2769 104.77 -46.44 -61.97
C ASP A 2769 104.92 -46.04 -60.50
N LYS A 2770 105.82 -46.71 -59.77
CA LYS A 2770 105.98 -46.37 -58.36
C LYS A 2770 106.98 -45.23 -58.17
N ILE A 2771 107.88 -45.02 -59.12
CA ILE A 2771 108.61 -43.76 -59.16
C ILE A 2771 107.65 -42.64 -59.55
N GLN A 2772 106.65 -42.96 -60.37
CA GLN A 2772 105.61 -42.01 -60.72
C GLN A 2772 104.78 -41.61 -59.49
N ASN A 2773 104.39 -42.59 -58.67
CA ASN A 2773 103.64 -42.24 -57.46
C ASN A 2773 104.59 -41.75 -56.36
N ASN A 2774 105.90 -41.88 -56.58
CA ASN A 2774 106.95 -41.34 -55.74
C ASN A 2774 106.97 -41.93 -54.33
N TRP A 2775 106.78 -43.24 -54.19
CA TRP A 2775 106.83 -43.90 -52.90
C TRP A 2775 107.75 -45.12 -52.98
N SER A 2776 108.38 -45.45 -51.86
CA SER A 2776 109.39 -46.48 -51.84
C SER A 2776 108.77 -47.86 -52.06
N TYR A 2777 109.60 -48.82 -52.47
CA TYR A 2777 109.11 -50.16 -52.79
C TYR A 2777 108.99 -51.00 -51.53
N GLY A 2778 107.85 -51.69 -51.40
CA GLY A 2778 107.59 -52.48 -50.21
C GLY A 2778 107.59 -53.98 -50.45
N GLU A 2779 108.27 -54.72 -49.58
CA GLU A 2779 108.29 -56.17 -49.68
C GLU A 2779 106.90 -56.77 -49.46
N ASN A 2780 106.17 -56.24 -48.48
CA ASN A 2780 104.84 -56.76 -48.17
C ASN A 2780 103.77 -55.85 -48.76
N VAL A 2781 102.54 -56.35 -48.78
CA VAL A 2781 101.38 -55.59 -49.27
C VAL A 2781 100.89 -54.69 -48.15
N ASP A 2782 101.08 -53.39 -48.32
CA ASP A 2782 100.65 -52.38 -47.35
C ASP A 2782 99.86 -51.31 -48.07
N GLU A 2783 98.68 -50.99 -47.53
CA GLU A 2783 97.85 -49.94 -48.12
C GLU A 2783 98.53 -48.58 -48.01
N GLU A 2784 99.19 -48.32 -46.88
CA GLU A 2784 99.83 -47.03 -46.67
C GLU A 2784 100.96 -46.81 -47.67
N LEU A 2785 101.76 -47.85 -47.95
CA LEU A 2785 102.89 -47.68 -48.86
C LEU A 2785 102.44 -47.68 -50.31
N LYS A 2786 101.20 -48.13 -50.57
CA LYS A 2786 100.57 -48.15 -51.89
C LYS A 2786 101.51 -48.64 -53.00
N THR A 2787 102.34 -49.63 -52.68
CA THR A 2787 103.19 -50.29 -53.67
C THR A 2787 102.96 -51.79 -53.59
N HIS A 2788 103.03 -52.46 -54.74
CA HIS A 2788 102.68 -53.87 -54.80
C HIS A 2788 103.74 -54.70 -54.05
N PRO A 2789 103.33 -55.75 -53.33
CA PRO A 2789 104.32 -56.53 -52.58
C PRO A 2789 105.36 -57.24 -53.44
N MET A 2790 105.06 -57.55 -54.71
CA MET A 2790 106.04 -58.28 -55.51
C MET A 2790 107.14 -57.36 -56.02
N LEU A 2791 107.03 -56.06 -55.77
CA LEU A 2791 108.10 -55.14 -56.08
C LEU A 2791 108.96 -54.87 -54.85
N ARG A 2792 110.25 -55.17 -54.95
CA ARG A 2792 111.18 -55.04 -53.84
C ARG A 2792 112.41 -54.31 -54.34
N PRO A 2793 113.18 -53.70 -53.43
CA PRO A 2793 114.50 -53.18 -53.82
C PRO A 2793 115.37 -54.31 -54.37
N TYR A 2794 116.20 -53.97 -55.35
CA TYR A 2794 116.81 -55.00 -56.19
C TYR A 2794 117.69 -55.95 -55.39
N LYS A 2795 118.22 -55.48 -54.25
CA LYS A 2795 119.04 -56.37 -53.41
C LYS A 2795 118.21 -57.49 -52.81
N THR A 2796 117.07 -57.16 -52.19
CA THR A 2796 116.22 -58.20 -51.60
C THR A 2796 115.23 -58.73 -52.62
N PHE A 2797 115.38 -58.33 -53.88
CA PHE A 2797 114.37 -58.56 -54.89
C PHE A 2797 114.37 -60.03 -55.32
N SER A 2798 113.20 -60.66 -55.28
CA SER A 2798 113.14 -62.12 -55.34
C SER A 2798 112.83 -62.61 -56.74
N GLU A 2799 113.07 -63.91 -56.96
CA GLU A 2799 112.82 -64.51 -58.27
C GLU A 2799 111.67 -65.50 -58.23
N LYS A 2800 111.21 -65.87 -57.03
CA LYS A 2800 110.07 -66.79 -56.94
C LYS A 2800 108.78 -66.09 -57.34
N ASP A 2801 108.58 -64.84 -56.91
CA ASP A 2801 107.47 -64.06 -57.42
C ASP A 2801 107.60 -63.84 -58.93
N LYS A 2802 108.84 -63.87 -59.43
CA LYS A 2802 109.05 -63.84 -60.87
C LYS A 2802 108.49 -65.08 -61.53
N GLU A 2803 108.61 -66.24 -60.91
CA GLU A 2803 108.01 -67.44 -61.46
C GLU A 2803 106.48 -67.38 -61.37
N ILE A 2804 105.98 -66.82 -60.26
CA ILE A 2804 104.53 -66.71 -60.07
C ILE A 2804 103.91 -65.79 -61.12
N TYR A 2805 104.61 -64.71 -61.48
CA TYR A 2805 104.11 -63.83 -62.53
C TYR A 2805 104.46 -64.40 -63.91
N ARG A 2806 105.49 -65.25 -63.97
CA ARG A 2806 105.85 -65.93 -65.21
C ARG A 2806 104.72 -66.80 -65.70
N TRP A 2807 104.07 -67.53 -64.77
CA TRP A 2807 103.03 -68.47 -65.18
C TRP A 2807 101.95 -67.81 -66.03
N PRO A 2808 101.32 -66.69 -65.62
CA PRO A 2808 100.40 -66.03 -66.56
C PRO A 2808 101.06 -65.59 -67.84
N ILE A 2809 102.31 -65.12 -67.78
CA ILE A 2809 102.98 -64.65 -68.99
C ILE A 2809 103.30 -65.82 -69.92
N LYS A 2810 103.69 -66.96 -69.36
CA LYS A 2810 103.96 -68.10 -70.23
C LYS A 2810 102.66 -68.61 -70.87
N GLU A 2811 101.56 -68.64 -70.10
CA GLU A 2811 100.27 -68.97 -70.70
C GLU A 2811 99.93 -68.00 -71.83
N SER A 2812 100.14 -66.70 -71.60
CA SER A 2812 99.82 -65.69 -72.60
C SER A 2812 100.67 -65.87 -73.85
N LEU A 2813 101.96 -66.12 -73.68
CA LEU A 2813 102.84 -66.22 -74.84
C LEU A 2813 102.53 -67.48 -75.65
N LYS A 2814 102.19 -68.57 -74.96
CA LYS A 2814 101.82 -69.78 -75.68
C LYS A 2814 100.49 -69.63 -76.42
N ALA A 2815 99.52 -68.93 -75.81
CA ALA A 2815 98.29 -68.63 -76.52
C ALA A 2815 98.57 -67.73 -77.72
N MET A 2816 99.51 -66.79 -77.57
CA MET A 2816 99.93 -65.94 -78.68
C MET A 2816 100.48 -66.77 -79.83
N ILE A 2817 101.37 -67.72 -79.53
CA ILE A 2817 101.92 -68.57 -80.58
C ILE A 2817 100.82 -69.43 -81.20
N ALA A 2818 99.87 -69.89 -80.39
CA ALA A 2818 98.79 -70.72 -80.92
C ALA A 2818 97.92 -69.94 -81.89
N TRP A 2819 97.62 -68.69 -81.58
CA TRP A 2819 96.70 -67.88 -82.40
C TRP A 2819 97.41 -67.34 -83.64
N GLU A 2820 97.87 -68.29 -84.48
CA GLU A 2820 98.43 -68.04 -85.81
C GLU A 2820 99.38 -66.84 -85.86
N TRP A 2821 100.13 -66.63 -84.78
CA TRP A 2821 101.17 -65.62 -84.74
C TRP A 2821 102.52 -66.29 -84.49
N THR A 2822 103.32 -66.39 -85.54
CA THR A 2822 104.66 -66.95 -85.40
C THR A 2822 105.57 -65.95 -84.70
N ILE A 2823 106.32 -66.44 -83.71
CA ILE A 2823 107.26 -65.63 -82.96
C ILE A 2823 108.66 -66.01 -83.40
N GLU A 2824 109.50 -65.00 -83.64
CA GLU A 2824 110.87 -65.22 -84.07
C GLU A 2824 111.79 -64.30 -83.28
N LYS A 2825 113.06 -64.69 -83.16
CA LYS A 2825 114.02 -63.97 -82.35
C LYS A 2825 114.96 -63.18 -83.25
N ALA A 2826 114.83 -61.86 -83.23
CA ALA A 2826 115.77 -61.00 -83.95
C ALA A 2826 116.75 -60.35 -82.99
N ARG A 2827 116.31 -60.03 -81.78
CA ARG A 2827 117.16 -59.44 -80.75
C ARG A 2827 117.17 -60.38 -79.54
N GLU A 2828 118.31 -60.46 -78.88
CA GLU A 2828 118.45 -61.38 -77.75
C GLU A 2828 117.67 -60.86 -76.53
N GLY A 2829 116.82 -61.71 -75.99
CA GLY A 2829 116.08 -61.42 -74.78
C GLY A 2829 116.46 -62.40 -73.67
N GLU A 2830 117.14 -61.89 -72.66
CA GLU A 2830 117.60 -62.71 -71.54
C GLU A 2830 116.43 -63.16 -70.67
N TYR A 2855 116.43 -49.11 -59.51
CA TYR A 2855 116.72 -49.98 -60.64
C TYR A 2855 115.74 -49.71 -61.78
N ASN A 2856 115.99 -48.66 -62.53
CA ASN A 2856 115.12 -48.32 -63.63
C ASN A 2856 115.66 -48.95 -64.92
N PRO A 2857 114.90 -49.84 -65.56
CA PRO A 2857 115.40 -50.48 -66.78
C PRO A 2857 115.45 -49.48 -67.93
N GLN A 2858 116.26 -49.81 -68.93
CA GLN A 2858 116.38 -48.93 -70.10
C GLN A 2858 115.09 -48.73 -70.89
N PRO A 2859 114.24 -49.73 -71.14
CA PRO A 2859 113.26 -49.61 -72.21
C PRO A 2859 111.98 -48.91 -71.77
N PRO A 2860 111.53 -47.91 -72.53
CA PRO A 2860 110.20 -47.35 -72.32
C PRO A 2860 109.15 -47.98 -73.24
N ASP A 2861 107.87 -47.73 -72.94
CA ASP A 2861 106.81 -48.12 -73.85
C ASP A 2861 106.09 -46.88 -74.39
N LEU A 2862 105.69 -46.93 -75.65
CA LEU A 2862 105.05 -45.78 -76.29
C LEU A 2862 104.21 -46.28 -77.46
N SER A 2863 103.75 -45.33 -78.29
CA SER A 2863 102.97 -45.70 -79.46
C SER A 2863 103.72 -45.33 -80.74
N GLY A 2864 104.88 -44.69 -80.61
CA GLY A 2864 105.60 -44.23 -81.80
C GLY A 2864 106.12 -45.36 -82.67
N VAL A 2865 106.45 -46.50 -82.05
CA VAL A 2865 107.02 -47.61 -82.81
C VAL A 2865 106.04 -48.08 -83.87
N THR A 2866 106.56 -48.49 -85.02
CA THR A 2866 105.72 -48.88 -86.15
C THR A 2866 104.83 -50.06 -85.78
N LEU A 2867 103.56 -49.93 -86.14
CA LEU A 2867 102.57 -50.99 -85.94
C LEU A 2867 101.78 -51.19 -87.21
N SER A 2868 101.81 -52.41 -87.73
CA SER A 2868 101.10 -52.72 -88.96
C SER A 2868 99.59 -52.65 -88.74
N ARG A 2869 98.86 -52.34 -89.82
CA ARG A 2869 97.42 -52.17 -89.73
C ARG A 2869 96.73 -53.41 -89.15
N GLU A 2870 97.23 -54.61 -89.45
CA GLU A 2870 96.52 -55.76 -88.90
CA GLU A 2870 96.55 -55.79 -88.92
C GLU A 2870 97.00 -56.11 -87.50
N LEU A 2871 98.18 -55.61 -87.08
CA LEU A 2871 98.63 -55.99 -85.75
C LEU A 2871 97.91 -55.21 -84.66
N GLN A 2872 97.25 -54.10 -85.02
CA GLN A 2872 96.37 -53.46 -84.05
C GLN A 2872 95.23 -54.39 -83.64
N ALA A 2873 94.51 -54.93 -84.62
CA ALA A 2873 93.41 -55.83 -84.31
C ALA A 2873 93.92 -57.17 -83.78
N MET A 2874 95.10 -57.61 -84.22
CA MET A 2874 95.65 -58.85 -83.68
C MET A 2874 96.03 -58.67 -82.22
N ALA A 2875 96.53 -57.49 -81.87
CA ALA A 2875 96.85 -57.21 -80.47
C ALA A 2875 95.57 -57.04 -79.67
N GLU A 2876 94.50 -56.55 -80.31
CA GLU A 2876 93.19 -56.61 -79.67
C GLU A 2876 92.81 -58.05 -79.35
N GLN A 2877 93.13 -58.99 -80.25
CA GLN A 2877 92.80 -60.40 -80.00
C GLN A 2877 93.73 -60.99 -78.93
N LEU A 2878 94.96 -60.48 -78.84
CA LEU A 2878 95.86 -60.92 -77.76
C LEU A 2878 95.37 -60.42 -76.41
N ALA A 2879 94.89 -59.17 -76.35
CA ALA A 2879 94.25 -58.69 -75.13
C ALA A 2879 93.01 -59.50 -74.83
N GLU A 2880 92.28 -59.91 -75.87
CA GLU A 2880 91.17 -60.83 -75.72
C GLU A 2880 91.64 -62.15 -75.14
N ASN A 2881 92.87 -62.56 -75.46
CA ASN A 2881 93.41 -63.81 -74.90
C ASN A 2881 93.77 -63.65 -73.42
N TYR A 2882 94.32 -62.50 -73.04
CA TYR A 2882 94.53 -62.24 -71.61
C TYR A 2882 93.20 -62.25 -70.86
N HIS A 2883 92.21 -61.55 -71.40
CA HIS A 2883 90.88 -61.54 -70.80
C HIS A 2883 90.26 -62.93 -70.84
N ASN A 2884 90.66 -63.74 -71.81
CA ASN A 2884 90.25 -65.15 -71.84
C ASN A 2884 90.83 -65.91 -70.68
N THR A 2885 92.11 -65.72 -70.39
CA THR A 2885 92.70 -66.37 -69.22
C THR A 2885 91.95 -65.97 -67.96
N TRP A 2886 91.63 -64.68 -67.84
CA TRP A 2886 90.82 -64.21 -66.71
C TRP A 2886 89.47 -64.91 -66.68
N GLY A 2887 88.83 -65.04 -67.84
CA GLY A 2887 87.49 -65.61 -67.89
C GLY A 2887 87.48 -67.10 -67.66
N ARG A 2888 88.59 -67.77 -67.99
CA ARG A 2888 88.69 -69.20 -67.70
C ARG A 2888 88.96 -69.45 -66.22
N LYS A 2889 89.70 -68.56 -65.58
CA LYS A 2889 89.76 -68.61 -64.11
C LYS A 2889 88.38 -68.37 -63.51
N LYS A 2890 87.66 -67.40 -64.06
CA LYS A 2890 86.28 -67.15 -63.64
C LYS A 2890 85.42 -68.39 -63.83
N LYS A 2891 85.58 -69.09 -64.94
CA LYS A 2891 84.77 -70.27 -65.24
C LYS A 2891 85.14 -71.43 -64.33
N GLN A 2892 86.43 -71.57 -64.00
CA GLN A 2892 86.84 -72.60 -63.05
C GLN A 2892 86.25 -72.36 -61.68
N GLU A 2893 86.19 -71.10 -61.24
CA GLU A 2893 85.64 -70.84 -59.91
C GLU A 2893 84.11 -70.86 -59.91
N LEU A 2894 83.48 -70.53 -61.04
CA LEU A 2894 82.03 -70.45 -61.09
C LEU A 2894 81.42 -71.75 -61.62
N GLU A 2895 82.25 -72.73 -61.97
CA GLU A 2895 81.76 -73.92 -62.65
C GLU A 2895 80.87 -74.76 -61.75
N ALA A 2896 80.96 -74.57 -60.43
CA ALA A 2896 80.10 -75.31 -59.51
C ALA A 2896 78.63 -75.01 -59.75
N LYS A 2897 78.29 -73.73 -59.92
CA LYS A 2897 76.91 -73.36 -60.21
C LYS A 2897 76.51 -73.75 -61.62
N GLY A 2898 77.41 -73.55 -62.59
CA GLY A 2898 77.08 -73.81 -63.97
C GLY A 2898 76.16 -72.78 -64.58
N GLY A 2899 75.98 -71.64 -63.92
CA GLY A 2899 75.10 -70.59 -64.39
C GLY A 2899 75.54 -69.26 -63.84
N GLY A 2900 74.76 -68.23 -64.16
CA GLY A 2900 75.11 -66.89 -63.72
C GLY A 2900 76.39 -66.38 -64.35
N THR A 2901 76.55 -66.54 -65.66
CA THR A 2901 77.76 -66.11 -66.34
C THR A 2901 78.00 -64.62 -66.13
N HIS A 2902 79.26 -64.26 -65.97
CA HIS A 2902 79.61 -62.88 -65.64
C HIS A 2902 79.25 -61.96 -66.81
N PRO A 2903 78.44 -60.92 -66.58
CA PRO A 2903 78.03 -60.06 -67.71
C PRO A 2903 79.18 -59.33 -68.38
N LEU A 2904 80.35 -59.28 -67.74
CA LEU A 2904 81.51 -58.63 -68.38
C LEU A 2904 81.94 -59.39 -69.63
N LEU A 2905 81.64 -60.68 -69.71
CA LEU A 2905 82.04 -61.47 -70.86
C LEU A 2905 81.16 -61.14 -72.06
N VAL A 2906 81.52 -60.08 -72.77
CA VAL A 2906 80.80 -59.62 -73.96
C VAL A 2906 81.85 -59.18 -74.97
N PRO A 2907 81.50 -59.06 -76.26
CA PRO A 2907 82.48 -58.54 -77.23
C PRO A 2907 82.95 -57.16 -76.84
N TYR A 2908 84.24 -56.90 -77.09
CA TYR A 2908 84.87 -55.70 -76.54
C TYR A 2908 84.45 -54.46 -77.31
N ASP A 2909 84.28 -54.59 -78.63
CA ASP A 2909 83.72 -53.51 -79.42
C ASP A 2909 82.30 -53.19 -78.99
N THR A 2910 81.63 -54.14 -78.34
CA THR A 2910 80.27 -53.90 -77.86
C THR A 2910 80.26 -53.27 -76.47
N LEU A 2911 81.17 -53.71 -75.59
CA LEU A 2911 81.14 -53.23 -74.22
C LEU A 2911 81.55 -51.76 -74.15
N THR A 2912 81.67 -51.26 -72.92
CA THR A 2912 81.92 -49.85 -72.69
C THR A 2912 83.17 -49.39 -73.44
N ALA A 2913 83.05 -48.26 -74.14
CA ALA A 2913 84.14 -47.79 -74.99
C ALA A 2913 85.39 -47.44 -74.17
N LYS A 2914 85.19 -47.19 -72.88
CA LYS A 2914 86.30 -46.73 -72.04
C LYS A 2914 87.15 -47.93 -71.60
N GLU A 2915 86.47 -49.00 -71.19
CA GLU A 2915 87.13 -50.27 -70.88
C GLU A 2915 87.84 -50.82 -72.12
N LYS A 2916 87.34 -50.49 -73.31
CA LYS A 2916 88.09 -50.76 -74.52
C LYS A 2916 89.48 -50.13 -74.46
N ALA A 2917 89.53 -48.85 -74.11
CA ALA A 2917 90.79 -48.11 -74.17
C ALA A 2917 91.77 -48.61 -73.13
N ARG A 2918 91.27 -49.02 -71.96
CA ARG A 2918 92.20 -49.53 -70.94
C ARG A 2918 92.95 -50.78 -71.42
N ASP A 2919 92.22 -51.79 -71.88
CA ASP A 2919 92.86 -53.00 -72.36
C ASP A 2919 93.66 -52.72 -73.63
N ARG A 2920 93.17 -51.81 -74.47
CA ARG A 2920 93.89 -51.42 -75.68
C ARG A 2920 95.27 -50.87 -75.35
N GLU A 2921 95.35 -49.94 -74.40
CA GLU A 2921 96.64 -49.35 -74.09
C GLU A 2921 97.56 -50.35 -73.39
N LYS A 2922 97.00 -51.25 -72.57
CA LYS A 2922 97.88 -52.21 -71.92
C LYS A 2922 98.44 -53.22 -72.92
N ALA A 2923 97.62 -53.65 -73.89
CA ALA A 2923 98.12 -54.52 -74.95
C ALA A 2923 99.13 -53.80 -75.85
N GLN A 2924 98.90 -52.50 -76.11
CA GLN A 2924 99.90 -51.68 -76.79
C GLN A 2924 101.23 -51.72 -76.07
N GLU A 2925 101.21 -51.51 -74.75
CA GLU A 2925 102.45 -51.57 -73.97
C GLU A 2925 103.11 -52.94 -74.10
N LEU A 2926 102.32 -54.00 -73.99
CA LEU A 2926 102.83 -55.36 -74.15
C LEU A 2926 103.59 -55.53 -75.46
N LEU A 2927 102.95 -55.18 -76.57
CA LEU A 2927 103.56 -55.47 -77.87
C LEU A 2927 104.74 -54.54 -78.15
N LYS A 2928 104.69 -53.30 -77.67
CA LYS A 2928 105.82 -52.40 -77.90
C LYS A 2928 107.03 -52.83 -77.07
N PHE A 2929 106.81 -53.35 -75.87
CA PHE A 2929 107.92 -53.84 -75.07
C PHE A 2929 108.52 -55.08 -75.74
N LEU A 2930 107.64 -55.90 -76.34
CA LEU A 2930 108.11 -57.03 -77.13
C LEU A 2930 108.94 -56.56 -78.33
N GLN A 2931 108.50 -55.47 -78.98
CA GLN A 2931 109.21 -54.91 -80.12
C GLN A 2931 110.60 -54.43 -79.73
N MET A 2932 110.74 -53.87 -78.52
CA MET A 2932 112.08 -53.82 -77.95
C MET A 2932 112.74 -55.17 -78.02
N ASN A 2933 112.17 -56.15 -77.31
CA ASN A 2933 112.90 -57.37 -77.01
C ASN A 2933 113.25 -58.12 -78.28
N GLY A 2934 112.79 -57.63 -79.42
CA GLY A 2934 113.17 -58.15 -80.72
C GLY A 2934 112.41 -59.38 -81.12
N TYR A 2935 111.48 -59.83 -80.29
CA TYR A 2935 110.67 -61.00 -80.60
C TYR A 2935 109.60 -60.58 -81.58
N ALA A 2936 109.86 -60.82 -82.87
CA ALA A 2936 108.96 -60.37 -83.91
C ALA A 2936 107.78 -61.32 -84.05
N VAL A 2937 106.60 -60.74 -84.23
CA VAL A 2937 105.36 -61.46 -84.40
C VAL A 2937 104.90 -61.28 -85.83
N THR A 2938 104.65 -62.39 -86.52
CA THR A 2938 104.11 -62.36 -87.88
C THR A 2938 102.84 -63.18 -87.92
N ARG A 2939 101.77 -62.57 -88.41
CA ARG A 2939 100.47 -63.23 -88.52
C ARG A 2939 100.34 -63.96 -89.86
N LEU A 2946 90.10 -52.83 -94.66
CA LEU A 2946 91.48 -52.79 -94.19
C LEU A 2946 92.43 -52.44 -95.34
N ASP A 2947 93.16 -51.34 -95.17
CA ASP A 2947 94.11 -50.84 -96.17
C ASP A 2947 93.41 -50.42 -97.46
N THR A 2948 92.09 -50.47 -97.45
CA THR A 2948 91.32 -50.06 -98.63
C THR A 2948 90.43 -48.89 -98.22
N SER A 2949 89.73 -48.30 -99.18
CA SER A 2949 89.12 -46.98 -99.01
C SER A 2949 88.14 -46.95 -97.83
N SER A 2950 88.08 -45.78 -97.18
CA SER A 2950 87.05 -45.55 -96.17
C SER A 2950 85.66 -45.72 -96.77
N ILE A 2951 85.53 -45.48 -98.08
CA ILE A 2951 84.24 -45.69 -98.74
C ILE A 2951 83.83 -47.14 -98.67
N GLU A 2952 84.76 -48.07 -98.91
CA GLU A 2952 84.39 -49.47 -98.82
C GLU A 2952 84.27 -49.91 -97.36
N LYS A 2953 85.01 -49.26 -96.47
CA LYS A 2953 84.81 -49.51 -95.03
C LYS A 2953 83.41 -49.09 -94.60
N ARG A 2954 82.81 -48.15 -95.32
CA ARG A 2954 81.44 -47.73 -95.03
C ARG A 2954 80.48 -48.91 -95.05
N PHE A 2955 79.53 -48.89 -94.11
CA PHE A 2955 78.49 -49.93 -94.07
C PHE A 2955 77.72 -49.97 -95.38
N ALA A 2956 77.49 -48.81 -96.00
CA ALA A 2956 76.75 -48.77 -97.26
C ALA A 2956 77.43 -49.62 -98.33
N PHE A 2957 78.75 -49.68 -98.31
CA PHE A 2957 79.47 -50.53 -99.26
C PHE A 2957 79.28 -52.00 -98.92
N GLY A 2958 79.21 -52.34 -97.63
CA GLY A 2958 78.92 -53.71 -97.26
C GLY A 2958 77.55 -54.14 -97.74
N PHE A 2959 76.54 -53.29 -97.52
CA PHE A 2959 75.20 -53.57 -98.05
C PHE A 2959 75.21 -53.58 -99.58
N LEU A 2960 76.14 -52.83 -100.19
CA LEU A 2960 76.25 -52.82 -101.64
C LEU A 2960 76.77 -54.16 -102.17
N GLN A 2961 77.80 -54.71 -101.53
CA GLN A 2961 78.27 -56.05 -101.88
C GLN A 2961 77.18 -57.09 -101.62
N GLN A 2962 76.44 -56.93 -100.52
CA GLN A 2962 75.37 -57.88 -100.26
C GLN A 2962 74.26 -57.77 -101.28
N LEU A 2963 74.03 -56.57 -101.83
CA LEU A 2963 73.07 -56.43 -102.92
C LEU A 2963 73.59 -57.11 -104.18
N LEU A 2964 74.88 -56.96 -104.46
CA LEU A 2964 75.49 -57.68 -105.58
C LEU A 2964 75.24 -59.17 -105.44
N ARG A 2965 75.36 -59.70 -104.21
CA ARG A 2965 75.14 -61.12 -104.00
C ARG A 2965 73.66 -61.48 -104.08
N TRP A 2966 72.78 -60.61 -103.56
CA TRP A 2966 71.35 -60.84 -103.69
C TRP A 2966 70.92 -60.90 -105.15
N MET A 2967 71.60 -60.18 -106.04
CA MET A 2967 71.16 -60.32 -107.42
C MET A 2967 71.98 -61.34 -108.18
N ASP A 2968 73.12 -61.76 -107.64
CA ASP A 2968 73.61 -63.08 -108.05
C ASP A 2968 72.52 -64.13 -107.83
N ILE A 2969 71.92 -64.10 -106.65
CA ILE A 2969 70.78 -64.95 -106.34
C ILE A 2969 69.60 -64.66 -107.27
N SER A 2970 69.37 -63.38 -107.56
CA SER A 2970 68.21 -63.03 -108.37
C SER A 2970 68.34 -63.58 -109.78
N GLN A 2971 69.49 -63.40 -110.42
CA GLN A 2971 69.68 -63.98 -111.74
C GLN A 2971 69.56 -65.50 -111.70
N GLU A 2972 70.14 -66.15 -110.69
CA GLU A 2972 70.00 -67.62 -110.67
C GLU A 2972 68.55 -68.05 -110.49
N PHE A 2973 67.79 -67.39 -109.60
CA PHE A 2973 66.43 -67.90 -109.37
C PHE A 2973 65.48 -67.46 -110.47
N ILE A 2974 65.73 -66.34 -111.14
CA ILE A 2974 64.90 -66.01 -112.29
C ILE A 2974 65.19 -66.97 -113.43
N ALA A 2975 66.46 -67.32 -113.64
CA ALA A 2975 66.79 -68.34 -114.62
C ALA A 2975 65.99 -69.60 -114.32
N HIS A 2976 66.05 -70.10 -113.08
CA HIS A 2976 65.33 -71.31 -112.73
C HIS A 2976 63.81 -71.15 -112.91
N LEU A 2977 63.24 -70.05 -112.38
CA LEU A 2977 61.80 -69.90 -112.34
C LEU A 2977 61.21 -69.72 -113.73
N GLU A 2978 61.75 -68.81 -114.54
CA GLU A 2978 61.18 -68.63 -115.87
C GLU A 2978 61.67 -69.70 -116.84
N ALA A 2979 62.69 -70.48 -116.46
CA ALA A 2979 63.02 -71.66 -117.24
C ALA A 2979 61.97 -72.74 -117.05
N VAL A 2980 61.55 -72.99 -115.80
CA VAL A 2980 60.50 -73.97 -115.58
C VAL A 2980 59.14 -73.44 -116.06
N VAL A 2981 58.94 -72.12 -115.98
CA VAL A 2981 57.70 -71.53 -116.47
C VAL A 2981 57.60 -71.66 -117.98
N SER A 2982 58.71 -71.39 -118.69
CA SER A 2982 58.71 -71.55 -120.15
C SER A 2982 58.42 -72.98 -120.55
N SER A 2983 59.00 -73.95 -119.84
CA SER A 2983 58.74 -75.35 -120.11
C SER A 2983 59.09 -76.16 -118.87
N GLY A 2984 58.24 -77.15 -118.58
CA GLY A 2984 58.46 -78.01 -117.44
C GLY A 2984 58.25 -77.31 -116.11
N ARG A 2985 57.02 -76.87 -115.83
CA ARG A 2985 56.73 -76.20 -114.57
C ARG A 2985 56.99 -77.13 -113.39
N VAL A 2986 57.63 -76.58 -112.35
CA VAL A 2986 57.90 -77.31 -111.13
C VAL A 2986 57.14 -76.62 -109.99
N GLU A 2987 56.43 -77.42 -109.19
CA GLU A 2987 55.65 -76.86 -108.09
C GLU A 2987 56.51 -76.63 -106.86
N LYS A 2988 57.75 -77.14 -106.87
CA LYS A 2988 58.62 -76.99 -105.71
C LYS A 2988 58.95 -75.53 -105.43
N SER A 2989 59.45 -74.82 -106.44
CA SER A 2989 59.91 -73.44 -106.30
C SER A 2989 60.78 -73.28 -105.04
N PRO A 2990 61.96 -73.90 -105.01
CA PRO A 2990 62.74 -73.91 -103.76
C PRO A 2990 63.20 -72.52 -103.33
N HIS A 2991 63.20 -71.55 -104.23
CA HIS A 2991 63.63 -70.21 -103.88
C HIS A 2991 62.45 -69.34 -103.44
N GLU A 2992 61.32 -69.97 -103.14
CA GLU A 2992 60.09 -69.26 -102.78
C GLU A 2992 60.29 -68.36 -101.56
N GLN A 2993 60.90 -68.90 -100.50
CA GLN A 2993 61.15 -68.07 -99.32
C GLN A 2993 62.11 -66.94 -99.64
N GLU A 2994 63.06 -67.15 -100.55
CA GLU A 2994 64.02 -66.10 -100.87
C GLU A 2994 63.36 -64.98 -101.70
N ILE A 2995 62.49 -65.35 -102.64
CA ILE A 2995 61.84 -64.33 -103.45
C ILE A 2995 60.84 -63.54 -102.61
N LYS A 2996 60.17 -64.23 -101.67
CA LYS A 2996 59.29 -63.50 -100.76
C LYS A 2996 60.08 -62.60 -99.82
N PHE A 2997 61.25 -63.06 -99.38
CA PHE A 2997 62.16 -62.19 -98.64
C PHE A 2997 62.51 -60.95 -99.45
N PHE A 2998 62.87 -61.14 -100.72
CA PHE A 2998 63.19 -60.00 -101.58
C PHE A 2998 62.02 -59.02 -101.65
N ALA A 2999 60.83 -59.52 -102.00
CA ALA A 2999 59.69 -58.64 -102.22
C ALA A 2999 59.26 -57.95 -100.93
N LYS A 3000 59.42 -58.63 -99.79
CA LYS A 3000 58.88 -58.10 -98.54
C LYS A 3000 59.90 -57.23 -97.80
N ILE A 3001 61.19 -57.38 -98.09
CA ILE A 3001 62.24 -56.70 -97.37
C ILE A 3001 62.98 -55.70 -98.25
N LEU A 3002 63.54 -56.17 -99.37
CA LEU A 3002 64.47 -55.33 -100.11
C LEU A 3002 63.80 -54.07 -100.62
N LEU A 3003 62.60 -54.20 -101.20
CA LEU A 3003 61.91 -53.03 -101.74
C LEU A 3003 61.64 -51.98 -100.66
N PRO A 3004 60.99 -52.29 -99.54
CA PRO A 3004 60.86 -51.26 -98.50
C PRO A 3004 62.21 -50.78 -97.97
N LEU A 3005 63.15 -51.70 -97.77
CA LEU A 3005 64.44 -51.32 -97.20
C LEU A 3005 65.20 -50.36 -98.11
N ILE A 3006 65.37 -50.73 -99.38
CA ILE A 3006 66.11 -49.86 -100.29
C ILE A 3006 65.35 -48.57 -100.52
N ASN A 3007 64.02 -48.66 -100.61
CA ASN A 3007 63.22 -47.47 -100.86
C ASN A 3007 63.40 -46.44 -99.75
N GLN A 3008 63.19 -46.85 -98.49
CA GLN A 3008 63.26 -45.89 -97.40
C GLN A 3008 64.70 -45.47 -97.13
N TYR A 3009 65.67 -46.37 -97.29
CA TYR A 3009 67.06 -46.03 -97.02
C TYR A 3009 67.55 -45.01 -98.03
N PHE A 3010 67.29 -45.24 -99.31
CA PHE A 3010 67.71 -44.27 -100.34
C PHE A 3010 66.89 -42.99 -100.24
N THR A 3011 65.64 -43.08 -99.79
CA THR A 3011 64.85 -41.87 -99.60
C THR A 3011 65.45 -40.99 -98.50
N ASN A 3012 65.85 -41.60 -97.38
CA ASN A 3012 66.49 -40.84 -96.32
C ASN A 3012 67.83 -40.30 -96.76
N HIS A 3013 68.58 -41.06 -97.55
CA HIS A 3013 69.92 -40.66 -97.96
C HIS A 3013 70.00 -40.21 -99.42
N CYS A 3014 68.95 -39.57 -99.93
CA CYS A 3014 69.02 -39.03 -101.30
C CYS A 3014 70.15 -38.02 -101.43
N LEU A 3015 70.19 -37.03 -100.53
CA LEU A 3015 71.20 -35.98 -100.64
C LEU A 3015 72.61 -36.54 -100.48
N TYR A 3016 72.79 -37.47 -99.54
CA TYR A 3016 74.11 -38.07 -99.34
C TYR A 3016 74.56 -38.82 -100.58
N PHE A 3017 73.66 -39.63 -101.17
CA PHE A 3017 74.03 -40.38 -102.37
C PHE A 3017 74.22 -39.46 -103.56
N LEU A 3018 73.36 -38.45 -103.70
CA LEU A 3018 73.45 -37.54 -104.84
C LEU A 3018 74.69 -36.65 -104.74
N SER A 3019 75.20 -36.43 -103.53
CA SER A 3019 76.32 -35.52 -103.35
C SER A 3019 77.61 -36.11 -103.88
N THR A 3020 78.50 -35.24 -104.33
CA THR A 3020 79.83 -35.59 -104.82
C THR A 3020 80.86 -34.72 -104.10
N PRO A 3021 82.09 -35.21 -103.95
CA PRO A 3021 83.09 -34.42 -103.22
C PRO A 3021 83.45 -33.11 -103.91
N ALA A 3022 83.61 -33.12 -105.23
CA ALA A 3022 83.95 -31.89 -105.94
C ALA A 3022 82.81 -30.87 -105.85
N LYS A 3023 81.57 -31.32 -106.02
CA LYS A 3023 80.40 -30.47 -105.95
C LYS A 3023 79.32 -31.20 -105.18
N VAL A 3024 78.96 -30.65 -104.01
CA VAL A 3024 78.05 -31.32 -103.07
C VAL A 3024 76.63 -30.85 -103.37
N LEU A 3025 75.72 -31.82 -103.51
CA LEU A 3025 74.30 -31.48 -103.58
C LEU A 3025 73.70 -31.38 -102.18
N GLY A 3026 73.90 -32.40 -101.37
CA GLY A 3026 73.48 -32.33 -99.98
C GLY A 3026 74.45 -31.51 -99.15
N SER A 3027 73.98 -31.08 -97.97
CA SER A 3027 74.81 -30.27 -97.10
C SER A 3027 76.01 -31.05 -96.57
N GLY A 3028 75.77 -32.28 -96.10
CA GLY A 3028 76.84 -33.06 -95.50
C GLY A 3028 77.05 -34.41 -96.15
N GLY A 3029 78.32 -34.80 -96.29
CA GLY A 3029 78.66 -36.10 -96.83
C GLY A 3029 78.49 -36.16 -98.35
N HIS A 3030 78.89 -37.30 -98.90
CA HIS A 3030 78.79 -37.56 -100.33
C HIS A 3030 79.01 -39.04 -100.60
N ALA A 3031 78.33 -39.54 -101.62
CA ALA A 3031 78.61 -40.88 -102.10
C ALA A 3031 79.76 -40.85 -103.09
N SER A 3032 80.66 -41.81 -102.96
CA SER A 3032 81.83 -41.85 -103.84
C SER A 3032 81.41 -42.17 -105.27
N ASN A 3033 82.30 -41.86 -106.21
CA ASN A 3033 82.03 -42.22 -107.59
C ASN A 3033 81.81 -43.73 -107.72
N LYS A 3034 82.76 -44.52 -107.24
CA LYS A 3034 82.69 -45.97 -107.45
C LYS A 3034 81.40 -46.55 -106.89
N GLU A 3035 80.99 -46.10 -105.70
CA GLU A 3035 79.71 -46.52 -105.16
C GLU A 3035 78.56 -46.05 -106.06
N LYS A 3036 78.73 -44.89 -106.70
CA LYS A 3036 77.68 -44.42 -107.59
C LYS A 3036 77.53 -45.32 -108.81
N GLU A 3037 78.63 -45.74 -109.44
CA GLU A 3037 78.46 -46.64 -110.58
C GLU A 3037 78.06 -48.04 -110.14
N MET A 3038 78.37 -48.42 -108.90
CA MET A 3038 77.89 -49.73 -108.43
C MET A 3038 76.39 -49.72 -108.17
N ILE A 3039 75.86 -48.62 -107.61
CA ILE A 3039 74.41 -48.53 -107.46
C ILE A 3039 73.74 -48.36 -108.82
N THR A 3040 74.44 -47.72 -109.77
CA THR A 3040 73.94 -47.65 -111.14
C THR A 3040 73.86 -49.04 -111.75
N SER A 3041 74.86 -49.88 -111.49
CA SER A 3041 74.81 -51.27 -111.96
C SER A 3041 73.65 -52.02 -111.32
N LEU A 3042 73.41 -51.79 -110.03
CA LEU A 3042 72.22 -52.35 -109.38
C LEU A 3042 70.95 -51.94 -110.12
N PHE A 3043 70.83 -50.65 -110.43
CA PHE A 3043 69.64 -50.15 -111.12
C PHE A 3043 69.50 -50.78 -112.50
N CYS A 3044 70.61 -50.90 -113.23
CA CYS A 3044 70.55 -51.50 -114.57
C CYS A 3044 70.14 -52.97 -114.50
N LYS A 3045 70.69 -53.71 -113.54
CA LYS A 3045 70.32 -55.11 -113.38
C LYS A 3045 68.85 -55.24 -113.00
N LEU A 3046 68.36 -54.39 -112.10
CA LEU A 3046 66.96 -54.42 -111.72
C LEU A 3046 66.06 -54.11 -112.91
N ALA A 3047 66.45 -53.14 -113.73
CA ALA A 3047 65.67 -52.84 -114.93
C ALA A 3047 65.64 -54.03 -115.88
N ALA A 3048 66.79 -54.67 -116.10
CA ALA A 3048 66.85 -55.82 -116.99
C ALA A 3048 66.00 -56.98 -116.46
N LEU A 3049 65.96 -57.13 -115.14
CA LEU A 3049 65.15 -58.21 -114.55
C LEU A 3049 63.67 -57.88 -114.61
N VAL A 3050 63.31 -56.61 -114.42
CA VAL A 3050 61.91 -56.20 -114.49
C VAL A 3050 61.40 -56.34 -115.92
N ARG A 3051 62.30 -56.18 -116.89
CA ARG A 3051 61.94 -56.33 -118.29
C ARG A 3051 61.34 -57.71 -118.57
N HIS A 3052 60.04 -57.73 -118.86
CA HIS A 3052 59.29 -58.90 -119.30
C HIS A 3052 59.26 -60.03 -118.28
N ARG A 3053 59.68 -59.79 -117.04
CA ARG A 3053 59.62 -60.78 -115.98
C ARG A 3053 59.13 -60.19 -114.66
N VAL A 3054 58.48 -59.02 -114.72
CA VAL A 3054 57.92 -58.42 -113.51
C VAL A 3054 56.50 -58.95 -113.28
N SER A 3055 55.94 -59.64 -114.28
CA SER A 3055 54.56 -60.10 -114.18
C SER A 3055 54.38 -61.11 -113.05
N LEU A 3056 55.39 -61.94 -112.80
CA LEU A 3056 55.28 -62.94 -111.74
C LEU A 3056 55.14 -62.27 -110.37
N PHE A 3057 55.78 -61.11 -110.19
CA PHE A 3057 55.64 -60.38 -108.93
C PHE A 3057 54.20 -59.91 -108.73
N GLY A 3058 53.51 -59.57 -109.82
CA GLY A 3058 52.10 -59.23 -109.71
C GLY A 3058 51.88 -57.94 -108.96
N THR A 3059 51.21 -58.04 -107.80
CA THR A 3059 50.94 -56.86 -106.99
C THR A 3059 52.23 -56.27 -106.42
N ASP A 3060 53.32 -57.05 -106.44
CA ASP A 3060 54.59 -56.53 -105.98
C ASP A 3060 55.19 -55.54 -106.98
N ALA A 3061 54.71 -55.58 -108.22
CA ALA A 3061 55.29 -54.73 -109.26
C ALA A 3061 55.22 -53.23 -108.96
N PRO A 3062 54.12 -52.67 -108.43
CA PRO A 3062 54.16 -51.24 -108.08
C PRO A 3062 55.26 -50.89 -107.09
N ALA A 3063 55.49 -51.73 -106.09
CA ALA A 3063 56.58 -51.46 -105.17
C ALA A 3063 57.92 -51.47 -105.91
N VAL A 3064 58.08 -52.41 -106.84
CA VAL A 3064 59.32 -52.50 -107.60
C VAL A 3064 59.53 -51.25 -108.45
N VAL A 3065 58.48 -50.76 -109.09
CA VAL A 3065 58.64 -49.61 -109.98
C VAL A 3065 58.90 -48.34 -109.16
N ASN A 3066 58.28 -48.21 -107.98
CA ASN A 3066 58.61 -47.08 -107.12
C ASN A 3066 60.06 -47.16 -106.62
N CYS A 3067 60.55 -48.37 -106.34
CA CYS A 3067 61.96 -48.51 -106.03
C CYS A 3067 62.83 -48.10 -107.21
N LEU A 3068 62.40 -48.42 -108.44
CA LEU A 3068 63.10 -47.94 -109.62
C LEU A 3068 63.10 -46.42 -109.68
N HIS A 3069 61.98 -45.80 -109.31
CA HIS A 3069 61.91 -44.34 -109.27
C HIS A 3069 62.92 -43.77 -108.29
N ILE A 3070 63.01 -44.36 -107.09
CA ILE A 3070 63.92 -43.83 -106.09
C ILE A 3070 65.38 -44.06 -106.50
N LEU A 3071 65.64 -45.16 -107.21
CA LEU A 3071 66.98 -45.36 -107.77
C LEU A 3071 67.30 -44.28 -108.80
N ALA A 3072 66.32 -43.94 -109.65
CA ALA A 3072 66.53 -42.87 -110.63
C ALA A 3072 66.82 -41.55 -109.92
N ARG A 3073 66.12 -41.27 -108.82
CA ARG A 3073 66.44 -40.10 -108.03
C ARG A 3073 67.87 -40.17 -107.47
N SER A 3074 68.29 -41.34 -107.02
CA SER A 3074 69.55 -41.45 -106.28
C SER A 3074 70.75 -41.37 -107.21
N LEU A 3075 70.64 -41.91 -108.42
CA LEU A 3075 71.83 -42.10 -109.25
C LEU A 3075 72.39 -40.77 -109.74
N ASP A 3076 73.67 -40.80 -110.17
CA ASP A 3076 74.40 -39.62 -110.63
C ASP A 3076 74.98 -39.93 -112.01
N ALA A 3077 74.18 -39.70 -113.05
CA ALA A 3077 74.51 -40.21 -114.37
C ALA A 3077 75.66 -39.43 -115.02
N ARG A 3078 75.78 -38.13 -114.73
CA ARG A 3078 76.90 -37.38 -115.31
C ARG A 3078 78.23 -37.88 -114.78
N THR A 3079 78.32 -38.13 -113.47
CA THR A 3079 79.55 -38.72 -112.93
C THR A 3079 79.76 -40.13 -113.46
N VAL A 3080 78.67 -40.89 -113.63
CA VAL A 3080 78.80 -42.23 -114.22
C VAL A 3080 79.43 -42.15 -115.60
N MET A 3081 78.96 -41.22 -116.44
CA MET A 3081 79.51 -41.14 -117.78
C MET A 3081 80.93 -40.57 -117.78
N LYS A 3082 81.24 -39.65 -116.85
CA LYS A 3082 82.60 -39.14 -116.78
C LYS A 3082 83.59 -40.24 -116.42
N SER A 3083 83.33 -40.97 -115.34
CA SER A 3083 84.21 -42.08 -114.94
C SER A 3083 83.36 -43.31 -114.64
N GLY A 3084 83.00 -44.05 -115.69
CA GLY A 3084 82.23 -45.26 -115.53
C GLY A 3084 82.94 -46.49 -116.06
N PRO A 3085 82.85 -47.60 -115.32
CA PRO A 3085 83.37 -48.86 -115.83
C PRO A 3085 82.60 -49.32 -117.07
N GLU A 3086 83.27 -50.10 -117.91
CA GLU A 3086 82.65 -50.53 -119.16
C GLU A 3086 81.43 -51.40 -118.91
N ILE A 3087 81.43 -52.17 -117.81
CA ILE A 3087 80.28 -53.01 -117.49
C ILE A 3087 79.06 -52.15 -117.17
N VAL A 3088 79.24 -51.11 -116.36
CA VAL A 3088 78.14 -50.21 -116.03
C VAL A 3088 77.70 -49.44 -117.27
N LYS A 3089 78.66 -49.03 -118.10
CA LYS A 3089 78.33 -48.38 -119.36
C LYS A 3089 77.44 -49.27 -120.22
N ALA A 3090 77.85 -50.54 -120.41
CA ALA A 3090 77.08 -51.46 -121.22
C ALA A 3090 75.70 -51.69 -120.63
N GLY A 3091 75.61 -51.84 -119.30
CA GLY A 3091 74.31 -52.04 -118.69
C GLY A 3091 73.37 -50.87 -118.90
N LEU A 3092 73.85 -49.65 -118.66
CA LEU A 3092 73.01 -48.47 -118.80
C LEU A 3092 72.60 -48.25 -120.26
N ARG A 3093 73.56 -48.40 -121.18
CA ARG A 3093 73.24 -48.25 -122.59
C ARG A 3093 72.22 -49.30 -123.04
N SER A 3094 72.49 -50.57 -122.75
CA SER A 3094 71.56 -51.64 -123.10
C SER A 3094 70.18 -51.40 -122.48
N PHE A 3095 70.13 -50.75 -121.31
CA PHE A 3095 68.85 -50.33 -120.77
C PHE A 3095 68.17 -49.30 -121.69
N PHE A 3096 68.95 -48.35 -122.20
CA PHE A 3096 68.37 -47.38 -123.15
C PHE A 3096 67.83 -48.06 -124.40
N GLU A 3097 68.64 -48.92 -125.04
CA GLU A 3097 68.14 -49.60 -126.23
C GLU A 3097 67.02 -50.59 -125.90
N SER A 3098 66.97 -51.09 -124.66
CA SER A 3098 65.85 -51.93 -124.26
C SER A 3098 64.56 -51.11 -124.20
N ALA A 3099 64.63 -49.93 -123.57
CA ALA A 3099 63.46 -49.05 -123.55
C ALA A 3099 63.01 -48.70 -124.96
N SER A 3100 63.97 -48.40 -125.84
CA SER A 3100 63.60 -48.12 -127.22
C SER A 3100 62.91 -49.32 -127.86
N GLU A 3101 63.59 -50.47 -127.93
CA GLU A 3101 62.99 -51.62 -128.60
C GLU A 3101 61.63 -51.96 -128.01
N ASP A 3102 61.43 -51.70 -126.72
CA ASP A 3102 60.08 -51.76 -126.16
C ASP A 3102 59.15 -50.76 -126.83
N ILE A 3103 59.62 -49.53 -127.08
CA ILE A 3103 58.71 -48.54 -127.66
C ILE A 3103 58.37 -48.91 -129.11
N GLU A 3104 59.32 -49.49 -129.85
CA GLU A 3104 58.99 -49.94 -131.20
C GLU A 3104 58.05 -51.15 -131.18
N LYS A 3105 58.27 -52.09 -130.27
CA LYS A 3105 57.30 -53.18 -130.12
C LYS A 3105 55.92 -52.63 -129.74
N MET A 3106 55.89 -51.56 -128.96
CA MET A 3106 54.64 -50.97 -128.51
C MET A 3106 53.92 -50.30 -129.67
N VAL A 3107 54.66 -49.55 -130.50
CA VAL A 3107 54.04 -48.89 -131.65
C VAL A 3107 53.61 -49.95 -132.67
N GLU A 3108 54.31 -51.07 -132.72
CA GLU A 3108 53.84 -52.19 -133.54
C GLU A 3108 52.52 -52.74 -132.98
N ASN A 3109 52.43 -52.89 -131.66
CA ASN A 3109 51.19 -53.35 -131.05
C ASN A 3109 50.05 -52.40 -131.35
N LEU A 3110 50.36 -51.11 -131.50
CA LEU A 3110 49.33 -50.15 -131.91
C LEU A 3110 49.07 -50.22 -133.41
N ARG A 3111 50.06 -50.68 -134.18
CA ARG A 3111 49.81 -51.01 -135.59
C ARG A 3111 48.85 -52.19 -135.69
N LEU A 3112 48.76 -53.00 -134.63
CA LEU A 3112 47.89 -54.16 -134.50
C LEU A 3112 48.32 -55.34 -135.36
N GLY A 3113 49.60 -55.42 -135.73
CA GLY A 3113 50.08 -56.65 -136.33
C GLY A 3113 49.96 -57.84 -135.39
N LYS A 3114 50.26 -57.61 -134.12
CA LYS A 3114 50.00 -58.62 -133.09
C LYS A 3114 48.50 -58.70 -132.84
N VAL A 3115 48.05 -59.87 -132.36
CA VAL A 3115 46.62 -60.12 -132.22
C VAL A 3115 45.98 -59.16 -131.23
N SER A 3116 46.69 -58.86 -130.13
CA SER A 3116 46.21 -57.94 -129.10
C SER A 3116 44.84 -58.33 -128.56
N LYS A 3123 50.62 -64.76 -122.74
CA LYS A 3123 51.60 -64.80 -123.82
C LYS A 3123 52.76 -63.83 -123.55
N GLY A 3124 53.94 -64.22 -124.02
CA GLY A 3124 55.14 -63.42 -123.75
C GLY A 3124 55.01 -62.00 -124.22
N VAL A 3125 54.42 -61.80 -125.40
CA VAL A 3125 54.15 -60.44 -125.86
C VAL A 3125 53.16 -59.75 -124.92
N GLY A 3126 52.27 -60.53 -124.29
CA GLY A 3126 51.36 -59.96 -123.32
C GLY A 3126 52.06 -59.46 -122.07
N GLN A 3127 53.00 -60.25 -121.54
CA GLN A 3127 53.77 -59.77 -120.39
C GLN A 3127 54.64 -58.58 -120.77
N ASN A 3128 55.19 -58.59 -121.99
CA ASN A 3128 55.93 -57.41 -122.45
C ASN A 3128 55.02 -56.19 -122.53
N LEU A 3129 53.79 -56.38 -123.01
CA LEU A 3129 52.83 -55.29 -123.11
C LEU A 3129 52.54 -54.69 -121.74
N THR A 3130 52.17 -55.53 -120.77
CA THR A 3130 51.85 -55.02 -119.45
C THR A 3130 53.06 -54.42 -118.76
N TYR A 3131 54.23 -55.06 -118.91
CA TYR A 3131 55.46 -54.48 -118.36
C TYR A 3131 55.72 -53.08 -118.92
N THR A 3132 55.64 -52.92 -120.24
CA THR A 3132 55.86 -51.60 -120.82
C THR A 3132 54.86 -50.61 -120.27
N THR A 3133 53.56 -50.92 -120.37
CA THR A 3133 52.52 -49.97 -120.00
C THR A 3133 52.58 -49.60 -118.53
N VAL A 3134 53.06 -50.50 -117.67
CA VAL A 3134 53.04 -50.23 -116.25
C VAL A 3134 54.32 -49.54 -115.79
N ALA A 3135 55.47 -49.94 -116.34
CA ALA A 3135 56.75 -49.50 -115.80
C ALA A 3135 57.51 -48.55 -116.73
N LEU A 3136 57.55 -48.84 -118.03
CA LEU A 3136 58.50 -48.13 -118.91
C LEU A 3136 58.23 -46.64 -118.93
N LEU A 3137 56.98 -46.24 -119.16
CA LEU A 3137 56.67 -44.82 -119.18
C LEU A 3137 56.88 -44.15 -117.82
N PRO A 3138 56.45 -44.72 -116.68
CA PRO A 3138 56.79 -44.08 -115.39
C PRO A 3138 58.28 -44.05 -115.11
N VAL A 3139 59.00 -45.15 -115.38
CA VAL A 3139 60.42 -45.18 -115.09
C VAL A 3139 61.18 -44.20 -115.98
N LEU A 3140 60.90 -44.22 -117.29
CA LEU A 3140 61.51 -43.25 -118.18
C LEU A 3140 61.14 -41.84 -117.80
N THR A 3141 59.90 -41.64 -117.34
CA THR A 3141 59.46 -40.33 -116.88
C THR A 3141 60.30 -39.81 -115.71
N THR A 3142 60.48 -40.65 -114.68
CA THR A 3142 61.31 -40.26 -113.54
C THR A 3142 62.76 -40.04 -113.96
N LEU A 3143 63.27 -40.90 -114.84
CA LEU A 3143 64.57 -40.62 -115.45
C LEU A 3143 64.60 -39.22 -116.01
N PHE A 3144 63.59 -38.84 -116.79
CA PHE A 3144 63.59 -37.52 -117.43
C PHE A 3144 63.63 -36.41 -116.39
N GLN A 3145 62.73 -36.44 -115.40
CA GLN A 3145 62.71 -35.35 -114.42
C GLN A 3145 64.03 -35.24 -113.69
N HIS A 3146 64.52 -36.35 -113.11
CA HIS A 3146 65.74 -36.23 -112.30
C HIS A 3146 66.92 -35.84 -113.17
N ILE A 3147 67.03 -36.41 -114.37
CA ILE A 3147 68.21 -36.25 -115.20
C ILE A 3147 68.26 -34.82 -115.72
N ALA A 3148 67.09 -34.24 -116.03
CA ALA A 3148 67.04 -32.86 -116.52
C ALA A 3148 67.23 -31.86 -115.38
N GLN A 3149 66.64 -32.13 -114.22
CA GLN A 3149 66.84 -31.24 -113.08
C GLN A 3149 68.30 -31.21 -112.66
N HIS A 3150 68.99 -32.35 -112.77
CA HIS A 3150 70.40 -32.38 -112.42
C HIS A 3150 71.27 -31.97 -113.61
N GLN A 3151 70.67 -31.84 -114.79
CA GLN A 3151 71.33 -31.56 -116.07
C GLN A 3151 72.35 -32.65 -116.40
N PHE A 3152 72.27 -33.83 -115.78
CA PHE A 3152 73.23 -34.90 -116.07
C PHE A 3152 73.07 -35.38 -117.50
N GLY A 3153 71.85 -35.31 -118.03
CA GLY A 3153 71.58 -35.83 -119.37
C GLY A 3153 72.34 -35.09 -120.45
N ASP A 3154 72.56 -33.78 -120.25
CA ASP A 3154 73.28 -32.99 -121.24
C ASP A 3154 74.62 -33.60 -121.60
N ASP A 3155 75.26 -34.26 -120.62
CA ASP A 3155 76.51 -34.95 -120.90
C ASP A 3155 76.28 -36.43 -121.19
N VAL A 3156 75.31 -37.04 -120.51
CA VAL A 3156 75.11 -38.48 -120.64
C VAL A 3156 74.69 -38.85 -122.07
N ILE A 3157 73.73 -38.13 -122.62
CA ILE A 3157 73.13 -38.45 -123.90
C ILE A 3157 74.06 -37.98 -125.01
N LEU A 3158 74.85 -38.90 -125.58
CA LEU A 3158 75.87 -38.52 -126.56
C LEU A 3158 75.60 -39.08 -127.95
N ASP A 3159 75.58 -40.40 -128.14
CA ASP A 3159 75.29 -40.94 -129.47
C ASP A 3159 74.15 -41.96 -129.51
N ASP A 3160 74.28 -43.03 -128.72
CA ASP A 3160 73.34 -44.13 -128.82
C ASP A 3160 72.01 -43.76 -128.17
N VAL A 3161 72.05 -42.98 -127.10
CA VAL A 3161 70.81 -42.49 -126.51
C VAL A 3161 70.14 -41.54 -127.49
N GLN A 3162 70.93 -40.77 -128.25
CA GLN A 3162 70.36 -39.98 -129.34
C GLN A 3162 69.62 -40.86 -130.33
N VAL A 3163 70.25 -41.95 -130.77
CA VAL A 3163 69.62 -42.81 -131.76
C VAL A 3163 68.33 -43.40 -131.23
N SER A 3164 68.37 -43.94 -130.00
CA SER A 3164 67.19 -44.56 -129.42
C SER A 3164 66.07 -43.55 -129.21
N CYS A 3165 66.41 -42.37 -128.67
CA CYS A 3165 65.39 -41.36 -128.39
C CYS A 3165 64.83 -40.78 -129.68
N TYR A 3166 65.64 -40.72 -130.73
CA TYR A 3166 65.13 -40.24 -132.02
C TYR A 3166 64.16 -41.24 -132.63
N ARG A 3167 64.52 -42.52 -132.60
CA ARG A 3167 63.57 -43.55 -133.04
C ARG A 3167 62.29 -43.48 -132.24
N THR A 3168 62.41 -43.32 -130.91
CA THR A 3168 61.23 -43.21 -130.05
C THR A 3168 60.38 -42.00 -130.42
N LEU A 3169 61.01 -40.84 -130.58
CA LEU A 3169 60.28 -39.62 -130.89
C LEU A 3169 59.56 -39.74 -132.22
N CYS A 3170 60.22 -40.33 -133.23
CA CYS A 3170 59.57 -40.55 -134.51
C CYS A 3170 58.36 -41.46 -134.35
N SER A 3171 58.50 -42.49 -133.52
CA SER A 3171 57.41 -43.45 -133.32
C SER A 3171 56.19 -42.80 -132.70
N ILE A 3172 56.39 -42.04 -131.61
CA ILE A 3172 55.23 -41.37 -130.99
C ILE A 3172 54.70 -40.25 -131.88
N TYR A 3173 55.54 -39.64 -132.73
CA TYR A 3173 54.99 -38.68 -133.68
C TYR A 3173 54.09 -39.37 -134.71
N SER A 3174 54.51 -40.54 -135.19
CA SER A 3174 53.67 -41.30 -136.11
C SER A 3174 52.38 -41.74 -135.43
N LEU A 3175 52.47 -42.14 -134.16
CA LEU A 3175 51.26 -42.51 -133.41
C LEU A 3175 50.35 -41.31 -133.18
N GLY A 3176 50.92 -40.12 -133.03
CA GLY A 3176 50.11 -38.93 -132.96
C GLY A 3176 49.38 -38.66 -134.25
N THR A 3177 50.07 -38.81 -135.39
CA THR A 3177 49.40 -38.70 -136.68
C THR A 3177 48.32 -39.76 -136.83
N THR A 3178 48.56 -40.94 -136.29
CA THR A 3178 47.58 -42.01 -136.33
C THR A 3178 46.51 -41.79 -135.25
N LYS A 3179 45.32 -42.35 -135.48
CA LYS A 3179 44.23 -42.32 -134.52
C LYS A 3179 43.76 -43.74 -134.26
N ASN A 3180 43.41 -44.05 -133.01
CA ASN A 3180 43.03 -45.40 -132.62
C ASN A 3180 42.26 -45.33 -131.31
N THR A 3181 41.67 -46.47 -130.94
CA THR A 3181 40.95 -46.54 -129.67
C THR A 3181 41.91 -46.83 -128.52
N TYR A 3182 42.86 -47.75 -128.73
CA TYR A 3182 43.83 -48.05 -127.69
C TYR A 3182 44.69 -46.85 -127.35
N VAL A 3183 45.09 -46.06 -128.37
CA VAL A 3183 45.97 -44.93 -128.14
C VAL A 3183 45.30 -43.89 -127.26
N GLU A 3184 43.97 -43.91 -127.20
CA GLU A 3184 43.25 -42.92 -126.41
C GLU A 3184 43.69 -42.95 -124.94
N LYS A 3185 44.03 -44.13 -124.44
CA LYS A 3185 44.60 -44.22 -123.10
C LYS A 3185 46.11 -44.01 -123.12
N LEU A 3186 46.74 -44.28 -124.26
CA LEU A 3186 48.18 -44.07 -124.38
C LEU A 3186 48.52 -42.60 -124.52
N ARG A 3187 47.68 -41.84 -125.23
CA ARG A 3187 48.00 -40.44 -125.51
C ARG A 3187 48.30 -39.61 -124.27
N PRO A 3188 47.55 -39.70 -123.16
CA PRO A 3188 47.98 -38.95 -121.96
C PRO A 3188 49.37 -39.32 -121.48
N ALA A 3189 49.58 -40.61 -121.20
CA ALA A 3189 50.86 -41.06 -120.66
C ALA A 3189 51.99 -40.87 -121.67
N LEU A 3190 51.75 -41.23 -122.94
CA LEU A 3190 52.79 -41.05 -123.95
C LEU A 3190 53.13 -39.58 -124.13
N GLY A 3191 52.12 -38.71 -124.15
CA GLY A 3191 52.37 -37.29 -124.30
C GLY A 3191 53.16 -36.70 -123.17
N GLU A 3192 52.78 -37.03 -121.92
CA GLU A 3192 53.52 -36.51 -120.77
C GLU A 3192 54.95 -37.07 -120.76
N CYS A 3193 55.10 -38.35 -121.12
CA CYS A 3193 56.44 -38.95 -121.15
C CYS A 3193 57.33 -38.27 -122.18
N LEU A 3194 56.80 -38.02 -123.38
CA LEU A 3194 57.59 -37.33 -124.41
C LEU A 3194 57.90 -35.89 -124.00
N ALA A 3195 56.92 -35.20 -123.41
CA ALA A 3195 57.16 -33.83 -122.96
C ALA A 3195 58.28 -33.79 -121.93
N ARG A 3196 58.25 -34.69 -120.96
CA ARG A 3196 59.30 -34.70 -119.94
C ARG A 3196 60.62 -35.17 -120.54
N LEU A 3197 60.56 -35.99 -121.60
CA LEU A 3197 61.77 -36.33 -122.35
C LEU A 3197 62.41 -35.08 -122.96
N ALA A 3198 61.58 -34.15 -123.42
CA ALA A 3198 62.10 -32.96 -124.07
C ALA A 3198 63.00 -32.14 -123.14
N ALA A 3199 62.75 -32.20 -121.83
CA ALA A 3199 63.53 -31.38 -120.90
C ALA A 3199 64.91 -31.98 -120.64
N ALA A 3200 65.05 -33.29 -120.84
CA ALA A 3200 66.34 -33.93 -120.60
C ALA A 3200 67.14 -34.04 -121.89
N MET A 3201 66.52 -34.58 -122.93
CA MET A 3201 67.11 -34.74 -124.25
C MET A 3201 67.89 -33.49 -124.64
N PRO A 3202 69.21 -33.57 -124.83
CA PRO A 3202 70.00 -32.33 -124.96
C PRO A 3202 70.24 -31.86 -126.39
N VAL A 3203 69.93 -32.65 -127.42
CA VAL A 3203 70.28 -32.25 -128.79
C VAL A 3203 69.04 -31.89 -129.59
N ALA A 3204 68.96 -30.64 -130.03
CA ALA A 3204 67.77 -30.07 -130.65
C ALA A 3204 67.54 -30.72 -132.01
N PHE A 3205 66.44 -31.46 -132.13
CA PHE A 3205 66.07 -32.05 -133.41
C PHE A 3205 65.28 -31.08 -134.26
N LEU A 3206 64.96 -29.91 -133.70
CA LEU A 3206 64.02 -29.01 -134.35
C LEU A 3206 64.74 -28.01 -135.26
N GLU A 3207 65.88 -27.48 -134.80
CA GLU A 3207 66.64 -26.52 -135.59
C GLU A 3207 67.79 -27.23 -136.29
N PRO A 3208 67.69 -27.51 -137.59
CA PRO A 3208 68.76 -28.26 -138.26
C PRO A 3208 70.08 -27.50 -138.37
N GLN A 3209 70.05 -26.28 -138.91
CA GLN A 3209 71.29 -25.54 -139.13
C GLN A 3209 72.00 -25.25 -137.81
N LEU A 3210 71.25 -24.81 -136.80
CA LEU A 3210 71.82 -24.62 -135.48
C LEU A 3210 72.24 -25.95 -134.88
N ASN A 3211 71.64 -27.05 -135.34
CA ASN A 3211 72.07 -28.37 -134.87
C ASN A 3211 73.48 -28.70 -135.33
N GLU A 3212 73.77 -28.51 -136.63
CA GLU A 3212 75.16 -28.80 -137.03
C GLU A 3212 76.12 -27.74 -136.51
N TYR A 3213 75.63 -26.51 -136.31
CA TYR A 3213 76.48 -25.50 -135.68
C TYR A 3213 76.81 -25.87 -134.23
N ASN A 3214 75.89 -26.55 -133.55
CA ASN A 3214 76.14 -26.98 -132.18
C ASN A 3214 77.22 -28.07 -132.15
N ALA A 3215 78.14 -27.95 -131.19
CA ALA A 3215 79.21 -28.92 -131.06
C ALA A 3215 78.73 -30.17 -130.31
N CYS A 3216 77.58 -30.08 -129.65
CA CYS A 3216 77.04 -31.21 -128.88
C CYS A 3216 76.02 -31.95 -129.74
N SER A 3217 76.52 -32.52 -130.84
CA SER A 3217 75.73 -33.33 -131.74
C SER A 3217 76.52 -34.58 -132.10
N VAL A 3218 75.79 -35.63 -132.53
CA VAL A 3218 76.44 -36.88 -132.87
C VAL A 3218 77.41 -36.69 -134.02
N TYR A 3219 77.11 -35.75 -134.92
CA TYR A 3219 77.96 -35.56 -136.09
C TYR A 3219 79.28 -34.88 -135.71
N THR A 3220 79.23 -33.95 -134.77
CA THR A 3220 80.46 -33.32 -134.30
C THR A 3220 81.26 -34.25 -133.40
N THR A 3221 80.58 -35.02 -132.55
CA THR A 3221 81.29 -35.97 -131.70
C THR A 3221 81.99 -37.04 -132.53
N LYS A 3222 81.30 -37.57 -133.53
CA LYS A 3222 81.90 -38.52 -134.46
C LYS A 3222 81.49 -38.17 -135.88
N SER A 3223 82.48 -38.05 -136.76
CA SER A 3223 82.21 -37.82 -138.16
C SER A 3223 81.58 -39.08 -138.77
N PRO A 3224 80.92 -38.95 -139.93
CA PRO A 3224 80.18 -40.11 -140.47
C PRO A 3224 81.05 -41.35 -140.68
N ARG A 3225 82.36 -41.20 -140.90
CA ARG A 3225 83.20 -42.38 -141.05
C ARG A 3225 83.32 -43.14 -139.73
N GLU A 3226 83.40 -42.43 -138.61
CA GLU A 3226 83.20 -43.07 -137.33
C GLU A 3226 81.75 -43.51 -137.21
N ARG A 3227 81.52 -44.61 -136.49
CA ARG A 3227 80.21 -45.22 -136.23
C ARG A 3227 79.46 -45.49 -137.55
N ALA A 3228 80.16 -45.51 -138.69
CA ALA A 3228 79.51 -45.86 -139.95
C ALA A 3228 79.00 -47.30 -139.92
N ILE A 3229 79.52 -48.12 -139.00
CA ILE A 3229 78.95 -49.44 -138.77
C ILE A 3229 77.50 -49.34 -138.35
N LEU A 3230 77.13 -48.22 -137.75
CA LEU A 3230 75.74 -47.89 -137.45
C LEU A 3230 75.24 -46.92 -138.51
N GLY A 3231 73.93 -46.88 -138.71
CA GLY A 3231 73.35 -46.04 -139.74
C GLY A 3231 73.62 -44.55 -139.57
N LEU A 3232 74.15 -43.92 -140.61
CA LEU A 3232 74.42 -42.49 -140.60
C LEU A 3232 73.34 -41.75 -141.40
N PRO A 3233 72.53 -40.91 -140.76
CA PRO A 3233 71.51 -40.18 -141.52
C PRO A 3233 72.06 -39.06 -142.36
N ASN A 3234 73.12 -38.39 -141.91
CA ASN A 3234 73.76 -37.20 -142.50
C ASN A 3234 72.84 -35.98 -142.43
N SER A 3235 71.65 -36.10 -141.85
CA SER A 3235 70.71 -34.98 -141.71
C SER A 3235 69.66 -35.33 -140.66
N VAL A 3236 69.26 -34.33 -139.87
CA VAL A 3236 68.18 -34.54 -138.92
C VAL A 3236 66.87 -34.81 -139.64
N GLU A 3237 66.67 -34.14 -140.78
CA GLU A 3237 65.52 -34.44 -141.63
C GLU A 3237 65.55 -35.89 -142.08
N GLU A 3238 66.74 -36.39 -142.45
CA GLU A 3238 66.82 -37.78 -142.89
C GLU A 3238 66.56 -38.73 -141.74
N MET A 3239 67.11 -38.46 -140.55
CA MET A 3239 66.94 -39.39 -139.45
C MET A 3239 65.48 -39.46 -139.01
N CYS A 3240 64.77 -38.33 -138.99
CA CYS A 3240 63.39 -38.35 -138.52
C CYS A 3240 62.61 -37.30 -139.30
N PRO A 3241 62.11 -37.66 -140.49
CA PRO A 3241 61.52 -36.64 -141.38
C PRO A 3241 60.14 -36.17 -140.96
N ASP A 3242 59.39 -36.98 -140.21
CA ASP A 3242 57.99 -36.65 -139.93
C ASP A 3242 57.88 -35.37 -139.09
N ILE A 3243 58.81 -35.16 -138.17
CA ILE A 3243 58.72 -33.97 -137.31
C ILE A 3243 59.06 -32.73 -138.13
N PRO A 3244 58.26 -31.66 -138.05
CA PRO A 3244 58.64 -30.42 -138.74
C PRO A 3244 59.58 -29.59 -137.89
N VAL A 3245 60.21 -28.60 -138.55
CA VAL A 3245 61.08 -27.66 -137.85
C VAL A 3245 60.25 -26.89 -136.81
N LEU A 3246 60.93 -26.42 -135.76
CA LEU A 3246 60.23 -25.75 -134.67
C LEU A 3246 59.44 -24.55 -135.15
N ASP A 3247 59.98 -23.79 -136.10
CA ASP A 3247 59.25 -22.65 -136.64
C ASP A 3247 57.95 -23.09 -137.29
N ARG A 3248 57.99 -24.19 -138.04
CA ARG A 3248 56.78 -24.68 -138.69
C ARG A 3248 55.80 -25.27 -137.68
N LEU A 3249 56.32 -25.89 -136.61
CA LEU A 3249 55.45 -26.35 -135.54
C LEU A 3249 54.74 -25.17 -134.87
N MET A 3250 55.47 -24.09 -134.63
CA MET A 3250 54.85 -22.89 -134.07
C MET A 3250 53.79 -22.34 -135.02
N ALA A 3251 54.09 -22.31 -136.32
CA ALA A 3251 53.12 -21.83 -137.29
C ALA A 3251 51.86 -22.70 -137.31
N ASP A 3252 52.04 -24.03 -137.29
CA ASP A 3252 50.90 -24.93 -137.30
C ASP A 3252 50.07 -24.80 -136.03
N ILE A 3253 50.72 -24.67 -134.88
CA ILE A 3253 49.99 -24.52 -133.62
C ILE A 3253 49.23 -23.20 -133.61
N GLY A 3254 49.85 -22.13 -134.08
CA GLY A 3254 49.13 -20.87 -134.20
C GLY A 3254 47.94 -20.95 -135.13
N GLY A 3255 48.11 -21.65 -136.26
CA GLY A 3255 47.00 -21.82 -137.19
C GLY A 3255 45.86 -22.62 -136.58
N LEU A 3256 46.18 -23.71 -135.89
CA LEU A 3256 45.14 -24.49 -135.21
C LEU A 3256 44.46 -23.67 -134.14
N ALA A 3257 45.22 -22.86 -133.41
CA ALA A 3257 44.63 -22.00 -132.39
C ALA A 3257 43.65 -21.01 -133.00
N GLU A 3258 44.08 -20.27 -134.02
CA GLU A 3258 43.19 -19.28 -134.62
C GLU A 3258 42.01 -19.94 -135.32
N SER A 3259 42.18 -21.20 -135.75
CA SER A 3259 41.06 -21.95 -136.30
C SER A 3259 40.09 -22.35 -135.20
N GLY A 3260 40.59 -22.56 -133.99
CA GLY A 3260 39.74 -23.01 -132.90
C GLY A 3260 39.21 -24.42 -133.09
N ALA A 3261 40.03 -25.33 -133.59
CA ALA A 3261 39.59 -26.70 -133.82
C ALA A 3261 39.24 -27.38 -132.50
N ARG A 3262 38.23 -28.24 -132.56
CA ARG A 3262 37.78 -28.95 -131.37
C ARG A 3262 38.82 -29.95 -130.88
N TYR A 3263 38.68 -30.35 -129.63
CA TYR A 3263 39.48 -31.48 -129.12
C TYR A 3263 39.20 -32.75 -129.91
N THR A 3264 37.96 -32.95 -130.34
CA THR A 3264 37.67 -34.10 -131.20
C THR A 3264 38.42 -33.98 -132.52
N GLU A 3265 38.64 -32.75 -132.99
CA GLU A 3265 39.40 -32.55 -134.22
C GLU A 3265 40.88 -32.79 -134.01
N MET A 3266 41.43 -32.31 -132.91
CA MET A 3266 42.88 -32.32 -132.66
C MET A 3266 43.19 -32.88 -131.26
N PRO A 3267 42.73 -34.09 -130.96
CA PRO A 3267 42.99 -34.64 -129.62
C PRO A 3267 44.45 -35.00 -129.39
N HIS A 3268 45.03 -35.77 -130.32
CA HIS A 3268 46.41 -36.21 -130.19
C HIS A 3268 47.37 -35.04 -130.08
N VAL A 3269 47.07 -33.94 -130.77
CA VAL A 3269 47.97 -32.79 -130.73
C VAL A 3269 48.05 -32.24 -129.32
N ILE A 3270 46.90 -31.96 -128.70
CA ILE A 3270 46.89 -31.45 -127.32
C ILE A 3270 47.38 -32.51 -126.35
N GLU A 3271 47.27 -33.79 -126.73
CA GLU A 3271 47.72 -34.86 -125.84
C GLU A 3271 49.24 -34.94 -125.78
N ILE A 3272 49.92 -34.79 -126.92
CA ILE A 3272 51.34 -35.05 -127.04
C ILE A 3272 52.10 -33.82 -127.51
N THR A 3273 51.74 -33.28 -128.67
CA THR A 3273 52.55 -32.24 -129.30
C THR A 3273 52.54 -30.95 -128.49
N LEU A 3274 51.38 -30.55 -127.99
CA LEU A 3274 51.33 -29.34 -127.15
C LEU A 3274 52.15 -29.49 -125.87
N PRO A 3275 52.03 -30.57 -125.08
CA PRO A 3275 53.00 -30.74 -123.99
C PRO A 3275 54.43 -30.83 -124.46
N MET A 3276 54.66 -31.49 -125.60
CA MET A 3276 55.99 -31.55 -126.17
C MET A 3276 56.56 -30.16 -126.40
N LEU A 3277 55.82 -29.30 -127.09
CA LEU A 3277 56.30 -27.94 -127.35
C LEU A 3277 56.44 -27.13 -126.08
N CYS A 3278 55.48 -27.29 -125.15
CA CYS A 3278 55.52 -26.52 -123.91
C CYS A 3278 56.74 -26.88 -123.07
N SER A 3279 57.07 -28.16 -123.00
CA SER A 3279 58.26 -28.56 -122.25
C SER A 3279 59.54 -28.25 -123.03
N TYR A 3280 59.45 -28.22 -124.37
CA TYR A 3280 60.62 -27.94 -125.18
C TYR A 3280 61.06 -26.49 -125.03
N LEU A 3281 60.20 -25.55 -125.41
CA LEU A 3281 60.65 -24.18 -125.67
C LEU A 3281 61.42 -23.55 -124.51
N PRO A 3282 60.93 -23.53 -123.26
CA PRO A 3282 61.74 -22.92 -122.19
C PRO A 3282 63.04 -23.66 -121.91
N ARG A 3283 63.04 -24.99 -122.03
CA ARG A 3283 64.24 -25.77 -121.76
C ARG A 3283 65.31 -25.50 -122.80
N TRP A 3284 64.93 -24.98 -123.96
CA TRP A 3284 65.88 -24.76 -125.04
C TRP A 3284 66.16 -23.28 -125.25
N TRP A 3285 65.36 -22.42 -124.61
CA TRP A 3285 65.48 -20.99 -124.83
C TRP A 3285 66.81 -20.45 -124.32
N GLU A 3286 67.28 -20.94 -123.18
CA GLU A 3286 68.36 -20.26 -122.45
C GLU A 3286 69.66 -20.26 -123.24
N ARG A 3287 69.89 -21.25 -124.09
CA ARG A 3287 71.01 -21.15 -125.02
C ARG A 3287 70.56 -20.66 -126.39
N GLY A 3288 69.26 -20.46 -126.57
CA GLY A 3288 68.73 -19.98 -127.83
C GLY A 3288 68.80 -18.46 -127.92
N PRO A 3289 68.25 -17.90 -128.99
CA PRO A 3289 68.26 -16.44 -129.15
C PRO A 3289 67.30 -15.79 -128.17
N GLU A 3290 67.53 -14.50 -127.93
CA GLU A 3290 66.80 -13.62 -127.02
C GLU A 3290 67.00 -13.98 -125.56
N ALA A 3291 67.77 -15.03 -125.27
CA ALA A 3291 68.13 -15.35 -123.89
C ALA A 3291 69.41 -14.63 -123.50
N PRO A 3292 69.59 -14.35 -122.22
CA PRO A 3292 70.83 -13.70 -121.76
C PRO A 3292 72.01 -14.64 -121.87
N PRO A 3293 72.92 -14.41 -122.80
CA PRO A 3293 74.03 -15.34 -123.00
C PRO A 3293 75.27 -14.91 -122.23
N PRO A 3294 76.00 -15.86 -121.65
CA PRO A 3294 77.32 -15.53 -121.13
C PRO A 3294 78.27 -15.16 -122.26
N ALA A 3295 79.21 -14.26 -121.98
CA ALA A 3295 80.02 -13.68 -123.04
C ALA A 3295 80.89 -14.72 -123.73
N LEU A 3296 81.66 -15.49 -122.97
CA LEU A 3296 82.54 -16.48 -123.58
C LEU A 3296 81.80 -17.59 -124.31
N PRO A 3297 80.80 -18.25 -123.72
CA PRO A 3297 80.03 -19.24 -124.51
C PRO A 3297 79.31 -18.63 -125.69
N ALA A 3298 78.89 -17.36 -125.58
CA ALA A 3298 78.14 -16.73 -126.66
C ALA A 3298 79.03 -16.41 -127.85
N GLY A 3299 80.26 -15.97 -127.60
CA GLY A 3299 81.11 -15.54 -128.69
C GLY A 3299 81.92 -16.65 -129.33
N ALA A 3300 81.36 -17.23 -130.41
CA ALA A 3300 81.92 -18.20 -131.35
C ALA A 3300 80.79 -19.03 -131.97
N PRO A 3301 80.02 -19.78 -131.18
CA PRO A 3301 79.00 -20.65 -131.79
C PRO A 3301 77.64 -19.95 -131.85
N PRO A 3302 76.88 -20.18 -132.91
CA PRO A 3302 75.50 -19.69 -132.95
C PRO A 3302 74.63 -20.47 -131.97
N PRO A 3303 73.50 -19.90 -131.54
CA PRO A 3303 72.65 -20.59 -130.57
C PRO A 3303 72.16 -21.94 -131.09
N CYS A 3304 72.04 -22.90 -130.17
CA CYS A 3304 71.69 -24.26 -130.56
C CYS A 3304 70.25 -24.35 -131.03
N THR A 3305 69.38 -23.49 -130.52
CA THR A 3305 67.98 -23.49 -130.94
C THR A 3305 67.58 -22.12 -131.48
N ALA A 3306 66.33 -22.03 -131.93
CA ALA A 3306 65.74 -20.78 -132.37
C ALA A 3306 64.64 -20.30 -131.42
N VAL A 3307 64.58 -20.85 -130.21
CA VAL A 3307 63.54 -20.48 -129.26
C VAL A 3307 63.77 -19.06 -128.77
N THR A 3308 62.71 -18.24 -128.82
CA THR A 3308 62.80 -16.84 -128.43
C THR A 3308 61.72 -16.51 -127.40
N SER A 3309 61.89 -15.34 -126.77
CA SER A 3309 60.90 -14.87 -125.81
C SER A 3309 59.55 -14.63 -126.47
N ASP A 3310 59.54 -14.03 -127.65
CA ASP A 3310 58.28 -13.84 -128.36
C ASP A 3310 57.78 -15.17 -128.93
N HIS A 3311 58.67 -16.15 -129.10
CA HIS A 3311 58.21 -17.49 -129.43
C HIS A 3311 57.42 -18.09 -128.28
N LEU A 3312 57.93 -17.95 -127.05
CA LEU A 3312 57.16 -18.37 -125.88
C LEU A 3312 55.86 -17.58 -125.78
N ASN A 3313 55.90 -16.29 -126.09
CA ASN A 3313 54.69 -15.48 -126.05
C ASN A 3313 53.65 -15.97 -127.05
N SER A 3314 54.08 -16.32 -128.25
CA SER A 3314 53.16 -16.83 -129.27
C SER A 3314 52.60 -18.18 -128.87
N LEU A 3315 53.44 -19.06 -128.32
CA LEU A 3315 52.94 -20.35 -127.85
C LEU A 3315 51.94 -20.17 -126.73
N LEU A 3316 52.21 -19.22 -125.82
CA LEU A 3316 51.27 -18.93 -124.74
C LEU A 3316 49.95 -18.41 -125.28
N GLY A 3317 50.01 -17.53 -126.27
CA GLY A 3317 48.77 -17.02 -126.88
C GLY A 3317 47.97 -18.13 -127.53
N ASN A 3318 48.65 -19.04 -128.24
CA ASN A 3318 47.95 -20.17 -128.84
C ASN A 3318 47.32 -21.05 -127.77
N ILE A 3319 48.05 -21.29 -126.67
CA ILE A 3319 47.50 -22.10 -125.58
C ILE A 3319 46.28 -21.44 -124.98
N LEU A 3320 46.34 -20.13 -124.76
CA LEU A 3320 45.21 -19.40 -124.19
C LEU A 3320 44.01 -19.44 -125.11
N ARG A 3321 44.22 -19.29 -126.42
CA ARG A 3321 43.07 -19.28 -127.32
C ARG A 3321 42.52 -20.69 -127.49
N ILE A 3322 43.37 -21.71 -127.41
CA ILE A 3322 42.89 -23.08 -127.32
C ILE A 3322 42.00 -23.25 -126.11
N ILE A 3323 42.41 -22.66 -124.98
CA ILE A 3323 41.61 -22.72 -123.76
C ILE A 3323 40.24 -22.07 -123.98
N VAL A 3324 40.20 -20.91 -124.61
CA VAL A 3324 38.91 -20.24 -124.78
C VAL A 3324 38.03 -20.99 -125.77
N ASN A 3325 38.65 -21.62 -126.78
CA ASN A 3325 37.87 -22.45 -127.71
C ASN A 3325 37.28 -23.66 -127.00
N ASN A 3326 38.04 -24.29 -126.11
CA ASN A 3326 37.56 -25.48 -125.41
C ASN A 3326 36.80 -25.16 -124.13
N LEU A 3327 36.60 -23.87 -123.81
CA LEU A 3327 35.71 -23.53 -122.70
C LEU A 3327 34.33 -24.14 -122.88
N GLY A 3328 33.90 -24.32 -124.13
CA GLY A 3328 32.57 -24.86 -124.37
C GLY A 3328 32.42 -26.30 -123.90
N ILE A 3329 33.48 -27.10 -124.07
CA ILE A 3329 33.44 -28.48 -123.60
C ILE A 3329 33.31 -28.50 -122.08
N ASP A 3330 32.50 -29.42 -121.56
CA ASP A 3330 32.19 -29.41 -120.14
C ASP A 3330 33.34 -29.94 -119.29
N GLU A 3331 33.73 -31.21 -119.49
CA GLU A 3331 34.73 -31.87 -118.66
C GLU A 3331 35.91 -32.25 -119.53
N ALA A 3332 37.12 -31.93 -119.05
CA ALA A 3332 38.36 -32.21 -119.77
C ALA A 3332 39.46 -32.55 -118.76
N THR A 3333 39.71 -33.83 -118.56
CA THR A 3333 40.88 -34.26 -117.80
C THR A 3333 42.16 -33.91 -118.55
N TRP A 3334 42.09 -33.82 -119.87
CA TRP A 3334 43.25 -33.41 -120.64
C TRP A 3334 43.61 -31.95 -120.38
N MET A 3335 42.62 -31.10 -120.13
CA MET A 3335 42.91 -29.77 -119.60
C MET A 3335 43.67 -29.86 -118.29
N LYS A 3336 43.25 -30.78 -117.42
CA LYS A 3336 43.89 -30.91 -116.11
C LYS A 3336 45.35 -31.34 -116.26
N ARG A 3337 45.62 -32.26 -117.19
CA ARG A 3337 47.00 -32.69 -117.42
C ARG A 3337 47.81 -31.63 -118.13
N LEU A 3338 47.18 -30.84 -119.02
CA LEU A 3338 47.92 -29.81 -119.75
C LEU A 3338 48.26 -28.64 -118.84
N ALA A 3339 47.48 -28.43 -117.78
CA ALA A 3339 47.73 -27.31 -116.88
C ALA A 3339 49.10 -27.43 -116.21
N VAL A 3340 49.45 -28.62 -115.74
CA VAL A 3340 50.72 -28.79 -115.03
C VAL A 3340 51.90 -28.60 -115.99
N PHE A 3341 51.74 -29.03 -117.24
CA PHE A 3341 52.79 -28.79 -118.23
C PHE A 3341 52.91 -27.30 -118.55
N ALA A 3342 51.78 -26.59 -118.58
CA ALA A 3342 51.83 -25.16 -118.85
C ALA A 3342 52.35 -24.38 -117.65
N GLN A 3343 52.37 -25.01 -116.47
CA GLN A 3343 52.79 -24.30 -115.27
C GLN A 3343 54.16 -23.63 -115.37
N PRO A 3344 55.23 -24.28 -115.86
CA PRO A 3344 56.53 -23.59 -115.86
C PRO A 3344 56.70 -22.53 -116.93
N ILE A 3345 55.85 -22.53 -117.96
CA ILE A 3345 56.20 -21.81 -119.19
C ILE A 3345 55.56 -20.43 -119.23
N VAL A 3346 54.45 -20.25 -118.50
CA VAL A 3346 53.61 -19.07 -118.69
C VAL A 3346 54.33 -17.80 -118.25
N SER A 3347 55.13 -17.88 -117.20
CA SER A 3347 55.64 -16.67 -116.55
C SER A 3347 56.57 -15.88 -117.45
N ARG A 3348 57.01 -16.46 -118.57
CA ARG A 3348 58.07 -15.84 -119.36
C ARG A 3348 57.53 -14.67 -120.21
N ALA A 3349 56.23 -14.64 -120.46
CA ALA A 3349 55.69 -13.66 -121.40
C ALA A 3349 55.42 -12.31 -120.73
N ARG A 3350 54.72 -11.44 -121.46
CA ARG A 3350 54.64 -10.03 -121.08
C ARG A 3350 53.21 -9.61 -120.75
N PRO A 3351 53.04 -8.59 -119.91
CA PRO A 3351 51.67 -8.19 -119.51
C PRO A 3351 50.85 -7.60 -120.64
N GLU A 3352 51.47 -7.19 -121.74
CA GLU A 3352 50.70 -6.79 -122.91
C GLU A 3352 49.86 -7.96 -123.42
N LEU A 3353 50.45 -9.16 -123.46
CA LEU A 3353 49.67 -10.35 -123.77
C LEU A 3353 48.60 -10.61 -122.72
N LEU A 3354 48.95 -10.40 -121.43
CA LEU A 3354 47.96 -10.54 -120.36
C LEU A 3354 46.71 -9.74 -120.69
N HIS A 3355 46.85 -8.43 -120.85
CA HIS A 3355 45.69 -7.62 -121.24
C HIS A 3355 45.06 -8.18 -122.49
N SER A 3356 45.80 -8.14 -123.61
CA SER A 3356 45.21 -8.33 -124.94
C SER A 3356 44.44 -9.63 -125.05
N HIS A 3357 44.83 -10.67 -124.30
CA HIS A 3357 44.11 -11.92 -124.44
C HIS A 3357 43.32 -12.28 -123.18
N PHE A 3358 43.95 -12.28 -122.00
CA PHE A 3358 43.22 -12.63 -120.78
C PHE A 3358 41.98 -11.76 -120.57
N ILE A 3359 42.07 -10.44 -120.86
CA ILE A 3359 40.92 -9.57 -120.62
C ILE A 3359 39.69 -10.09 -121.34
N PRO A 3360 39.75 -10.47 -122.62
CA PRO A 3360 38.62 -11.22 -123.21
C PRO A 3360 38.34 -12.54 -122.51
N THR A 3361 39.37 -13.34 -122.17
CA THR A 3361 39.12 -14.64 -121.56
C THR A 3361 38.53 -14.48 -120.17
N ILE A 3362 39.15 -13.64 -119.35
CA ILE A 3362 38.63 -13.38 -118.02
C ILE A 3362 37.24 -12.76 -118.12
N GLY A 3363 36.99 -11.99 -119.18
CA GLY A 3363 35.67 -11.37 -119.34
C GLY A 3363 34.57 -12.36 -119.64
N ARG A 3364 34.83 -13.29 -120.57
CA ARG A 3364 33.82 -14.31 -120.86
C ARG A 3364 33.65 -15.24 -119.66
N LEU A 3365 34.74 -15.48 -118.92
CA LEU A 3365 34.62 -16.19 -117.65
C LEU A 3365 33.70 -15.45 -116.68
N ARG A 3366 33.85 -14.13 -116.58
CA ARG A 3366 33.04 -13.35 -115.64
C ARG A 3366 31.58 -13.33 -116.06
N LYS A 3367 31.31 -13.26 -117.37
CA LYS A 3367 29.91 -13.24 -117.81
C LYS A 3367 29.27 -14.60 -117.65
N ARG A 3368 30.02 -15.68 -117.87
CA ARG A 3368 29.49 -17.02 -117.62
C ARG A 3368 29.24 -17.22 -116.13
N ALA A 3369 30.13 -16.72 -115.28
CA ALA A 3369 29.89 -16.74 -113.84
C ALA A 3369 28.65 -15.91 -113.49
N GLY A 3370 28.46 -14.78 -114.16
CA GLY A 3370 27.27 -14.00 -113.93
C GLY A 3370 26.00 -14.75 -114.27
N LYS A 3371 26.02 -15.50 -115.38
CA LYS A 3371 24.82 -16.24 -115.75
C LYS A 3371 24.55 -17.38 -114.78
N VAL A 3372 25.60 -18.07 -114.31
CA VAL A 3372 25.37 -19.17 -113.39
C VAL A 3372 24.92 -18.65 -112.02
N VAL A 3373 25.43 -17.49 -111.60
CA VAL A 3373 24.95 -16.94 -110.34
C VAL A 3373 23.57 -16.31 -110.51
N ALA A 3374 23.21 -15.95 -111.74
CA ALA A 3374 21.83 -15.60 -112.02
C ALA A 3374 20.91 -16.80 -111.84
N GLU A 3375 21.36 -17.97 -112.29
CA GLU A 3375 20.62 -19.20 -112.03
C GLU A 3375 20.54 -19.48 -110.53
N GLU A 3376 21.63 -19.21 -109.81
CA GLU A 3376 21.62 -19.36 -108.36
C GLU A 3376 20.64 -18.41 -107.69
N GLU A 3377 20.54 -17.18 -108.20
CA GLU A 3377 19.57 -16.22 -107.69
C GLU A 3377 18.15 -16.65 -108.05
N GLN A 3378 17.99 -17.34 -109.18
CA GLN A 3378 16.73 -18.01 -109.49
C GLN A 3378 16.38 -19.03 -108.41
N LEU A 3379 17.38 -19.81 -107.99
CA LEU A 3379 17.17 -20.77 -106.90
C LEU A 3379 16.77 -20.08 -105.60
N ARG A 3380 17.42 -18.97 -105.26
CA ARG A 3380 16.99 -18.22 -104.09
C ARG A 3380 15.57 -17.67 -104.23
N LEU A 3381 15.23 -17.09 -105.39
CA LEU A 3381 13.93 -16.45 -105.50
C LEU A 3381 12.81 -17.48 -105.45
N GLU A 3382 13.03 -18.67 -106.00
CA GLU A 3382 12.11 -19.78 -105.78
C GLU A 3382 12.91 -21.04 -105.47
N ALA A 3383 12.66 -21.62 -104.31
CA ALA A 3383 13.33 -22.84 -103.87
C ALA A 3383 12.28 -23.91 -103.60
N LYS A 3384 12.00 -24.72 -104.62
CA LYS A 3384 10.95 -25.71 -104.51
C LYS A 3384 11.49 -27.06 -104.96
N ALA A 3385 10.59 -28.05 -105.05
CA ALA A 3385 11.01 -29.40 -105.41
C ALA A 3385 11.56 -29.46 -106.83
N GLU A 3386 10.89 -28.78 -107.77
CA GLU A 3386 11.35 -28.84 -109.16
C GLU A 3386 12.61 -28.00 -109.35
N ALA A 3387 12.83 -27.01 -108.48
CA ALA A 3387 14.09 -26.28 -108.52
C ALA A 3387 15.24 -27.11 -107.96
N GLU A 3388 14.96 -27.86 -106.89
CA GLU A 3388 15.98 -28.75 -106.34
C GLU A 3388 16.33 -29.86 -107.32
N GLU A 3389 15.33 -30.44 -107.97
CA GLU A 3389 15.58 -31.43 -109.01
C GLU A 3389 16.16 -30.75 -110.25
N GLY A 3390 17.13 -31.41 -110.87
CA GLY A 3390 17.83 -30.80 -111.99
C GLY A 3390 18.87 -29.79 -111.60
N GLU A 3391 19.14 -29.62 -110.30
CA GLU A 3391 20.18 -28.69 -109.87
C GLU A 3391 21.54 -29.12 -110.39
N LEU A 3392 21.77 -30.43 -110.52
CA LEU A 3392 23.04 -30.91 -111.05
C LEU A 3392 23.30 -30.36 -112.45
N LEU A 3393 22.24 -30.07 -113.19
CA LEU A 3393 22.40 -29.50 -114.54
C LEU A 3393 23.05 -28.13 -114.48
N VAL A 3394 22.63 -27.28 -113.53
CA VAL A 3394 23.28 -25.98 -113.40
C VAL A 3394 24.59 -26.14 -112.62
N ARG A 3395 24.69 -27.17 -111.79
CA ARG A 3395 26.00 -27.56 -111.26
C ARG A 3395 26.94 -27.96 -112.39
N ASP A 3396 26.41 -28.63 -113.42
CA ASP A 3396 27.24 -28.93 -114.58
C ASP A 3396 27.78 -27.65 -115.22
N GLU A 3397 26.97 -26.59 -115.22
CA GLU A 3397 27.48 -25.28 -115.63
C GLU A 3397 28.54 -24.78 -114.66
N PHE A 3398 28.35 -25.01 -113.36
CA PHE A 3398 29.42 -24.77 -112.40
C PHE A 3398 30.58 -25.72 -112.60
N SER A 3399 30.28 -26.98 -112.94
CA SER A 3399 31.34 -27.98 -113.08
C SER A 3399 32.31 -27.62 -114.20
N VAL A 3400 31.80 -27.18 -115.35
CA VAL A 3400 32.68 -26.67 -116.40
C VAL A 3400 33.32 -25.37 -115.95
N LEU A 3401 32.57 -24.55 -115.19
CA LEU A 3401 33.18 -23.36 -114.60
C LEU A 3401 34.24 -23.75 -113.59
N CYS A 3402 34.00 -24.81 -112.82
CA CYS A 3402 35.02 -25.31 -111.90
C CYS A 3402 36.28 -25.70 -112.65
N ARG A 3403 36.14 -26.55 -113.67
CA ARG A 3403 37.23 -26.85 -114.60
C ARG A 3403 37.99 -25.60 -114.99
N ASP A 3404 37.31 -24.66 -115.65
CA ASP A 3404 38.00 -23.53 -116.26
C ASP A 3404 38.67 -22.66 -115.21
N LEU A 3405 37.98 -22.42 -114.10
CA LEU A 3405 38.46 -21.50 -113.09
C LEU A 3405 39.66 -22.09 -112.36
N TYR A 3406 39.58 -23.37 -111.96
CA TYR A 3406 40.69 -24.03 -111.29
C TYR A 3406 41.90 -24.12 -112.21
N ALA A 3407 41.68 -24.42 -113.50
CA ALA A 3407 42.80 -24.53 -114.42
C ALA A 3407 43.38 -23.16 -114.75
N LEU A 3408 42.60 -22.11 -114.56
CA LEU A 3408 43.02 -20.79 -115.04
C LEU A 3408 43.70 -19.97 -113.94
N TYR A 3409 43.35 -20.20 -112.68
CA TYR A 3409 44.04 -19.47 -111.60
C TYR A 3409 45.55 -19.65 -111.55
N PRO A 3410 46.14 -20.84 -111.62
CA PRO A 3410 47.61 -20.89 -111.56
C PRO A 3410 48.28 -20.08 -112.66
N LEU A 3411 47.69 -20.12 -113.86
CA LEU A 3411 48.15 -19.29 -114.97
C LEU A 3411 48.22 -17.83 -114.57
N LEU A 3412 47.07 -17.26 -114.20
CA LEU A 3412 46.99 -15.82 -113.92
C LEU A 3412 47.83 -15.45 -112.70
N ILE A 3413 47.83 -16.29 -111.67
CA ILE A 3413 48.64 -16.03 -110.48
C ILE A 3413 50.11 -15.88 -110.86
N ARG A 3414 50.70 -16.94 -111.43
CA ARG A 3414 52.11 -16.88 -111.79
C ARG A 3414 52.40 -15.72 -112.74
N TYR A 3415 51.51 -15.49 -113.71
CA TYR A 3415 51.82 -14.54 -114.76
C TYR A 3415 51.70 -13.11 -114.25
N VAL A 3416 50.83 -12.89 -113.26
CA VAL A 3416 50.71 -11.59 -112.62
C VAL A 3416 51.88 -11.33 -111.69
N ASP A 3417 52.39 -12.38 -111.02
CA ASP A 3417 53.53 -12.20 -110.12
C ASP A 3417 54.68 -11.46 -110.80
N ASN A 3418 54.97 -11.81 -112.07
CA ASN A 3418 55.94 -11.03 -112.83
C ASN A 3418 55.44 -9.63 -113.10
N ASN A 3419 54.15 -9.50 -113.41
CA ASN A 3419 53.59 -8.18 -113.75
C ASN A 3419 53.26 -7.38 -112.49
N ARG A 3420 53.39 -8.00 -111.31
CA ARG A 3420 52.99 -7.34 -110.07
C ARG A 3420 53.80 -6.07 -109.82
N ALA A 3421 55.11 -6.11 -110.09
CA ALA A 3421 55.97 -4.98 -109.76
C ALA A 3421 55.56 -3.72 -110.50
N HIS A 3422 55.27 -3.84 -111.80
CA HIS A 3422 54.93 -2.66 -112.57
CA HIS A 3422 54.91 -2.67 -112.60
C HIS A 3422 53.52 -2.16 -112.24
N TRP A 3423 52.59 -3.09 -111.97
CA TRP A 3423 51.25 -2.68 -111.58
C TRP A 3423 51.26 -1.97 -110.23
N LEU A 3424 52.09 -2.45 -109.30
CA LEU A 3424 52.32 -1.70 -108.07
C LEU A 3424 53.03 -0.37 -108.37
N THR A 3425 53.93 -0.37 -109.35
CA THR A 3425 54.62 0.86 -109.72
C THR A 3425 53.67 1.86 -110.35
N GLU A 3426 52.85 1.42 -111.31
CA GLU A 3426 51.95 2.31 -112.02
C GLU A 3426 50.60 1.64 -112.21
N PRO A 3427 49.51 2.26 -111.78
CA PRO A 3427 48.17 1.70 -112.02
C PRO A 3427 47.86 1.61 -113.51
N ASN A 3428 47.47 0.41 -113.94
CA ASN A 3428 47.17 0.15 -115.35
C ASN A 3428 45.68 -0.17 -115.48
N ALA A 3429 44.97 0.67 -116.26
CA ALA A 3429 43.52 0.61 -116.31
C ALA A 3429 43.01 -0.79 -116.61
N ASN A 3430 43.72 -1.52 -117.49
CA ASN A 3430 43.38 -2.91 -117.72
C ASN A 3430 43.53 -3.73 -116.44
N ALA A 3431 44.58 -3.44 -115.66
CA ALA A 3431 44.78 -4.16 -114.41
C ALA A 3431 43.64 -3.91 -113.43
N GLU A 3432 43.17 -2.66 -113.31
CA GLU A 3432 42.05 -2.44 -112.39
C GLU A 3432 40.75 -3.03 -112.93
N GLU A 3433 40.55 -3.03 -114.25
CA GLU A 3433 39.34 -3.69 -114.76
C GLU A 3433 39.34 -5.16 -114.41
N LEU A 3434 40.48 -5.83 -114.66
CA LEU A 3434 40.67 -7.20 -114.21
C LEU A 3434 40.39 -7.33 -112.72
N PHE A 3435 40.89 -6.39 -111.91
CA PHE A 3435 40.65 -6.40 -110.48
C PHE A 3435 39.16 -6.41 -110.14
N ARG A 3436 38.42 -5.42 -110.63
CA ARG A 3436 37.01 -5.32 -110.27
C ARG A 3436 36.26 -6.58 -110.64
N MET A 3437 36.52 -7.10 -111.83
CA MET A 3437 35.72 -8.22 -112.34
C MET A 3437 36.12 -9.56 -111.72
N VAL A 3438 37.41 -9.78 -111.44
CA VAL A 3438 37.79 -11.00 -110.72
C VAL A 3438 37.36 -10.92 -109.26
N GLY A 3439 37.28 -9.70 -108.72
CA GLY A 3439 36.70 -9.52 -107.40
C GLY A 3439 35.21 -9.84 -107.41
N GLU A 3440 34.51 -9.47 -108.47
CA GLU A 3440 33.12 -9.88 -108.62
C GLU A 3440 33.00 -11.40 -108.66
N ILE A 3441 33.93 -12.07 -109.37
CA ILE A 3441 33.92 -13.52 -109.42
C ILE A 3441 34.12 -14.11 -108.02
N PHE A 3442 35.06 -13.54 -107.25
CA PHE A 3442 35.28 -14.02 -105.89
C PHE A 3442 34.06 -13.77 -105.01
N ILE A 3443 33.38 -12.64 -105.22
CA ILE A 3443 32.15 -12.36 -104.47
C ILE A 3443 31.09 -13.39 -104.79
N TYR A 3444 30.98 -13.77 -106.06
CA TYR A 3444 30.05 -14.83 -106.45
C TYR A 3444 30.43 -16.15 -105.79
N TRP A 3445 31.73 -16.45 -105.74
CA TRP A 3445 32.20 -17.63 -105.02
C TRP A 3445 31.75 -17.62 -103.56
N SER A 3446 31.96 -16.50 -102.88
CA SER A 3446 31.57 -16.41 -101.47
C SER A 3446 30.07 -16.53 -101.30
N LYS A 3447 29.30 -15.93 -102.21
CA LYS A 3447 27.84 -16.05 -102.14
C LYS A 3447 27.38 -17.49 -102.31
N SER A 3448 27.83 -18.14 -103.38
CA SER A 3448 27.35 -19.47 -103.74
C SER A 3448 28.08 -20.52 -102.92
N HIS A 3449 27.48 -20.93 -101.81
CA HIS A 3449 28.01 -22.07 -101.05
C HIS A 3449 27.99 -23.33 -101.90
N ASN A 3450 27.01 -23.42 -102.81
CA ASN A 3450 26.97 -24.52 -103.78
C ASN A 3450 28.30 -24.68 -104.50
N PHE A 3451 28.86 -23.56 -104.98
CA PHE A 3451 30.08 -23.63 -105.77
C PHE A 3451 31.25 -24.11 -104.93
N LYS A 3452 31.30 -23.72 -103.66
CA LYS A 3452 32.44 -24.09 -102.81
C LYS A 3452 32.51 -25.59 -102.59
N ARG A 3453 31.42 -26.21 -102.15
CA ARG A 3453 31.50 -27.64 -101.87
C ARG A 3453 31.40 -28.46 -103.16
N GLU A 3454 30.91 -27.86 -104.24
CA GLU A 3454 31.04 -28.52 -105.54
C GLU A 3454 32.50 -28.50 -106.01
N GLU A 3455 33.21 -27.42 -105.71
CA GLU A 3455 34.66 -27.39 -105.92
C GLU A 3455 35.33 -28.51 -105.14
N GLN A 3456 34.96 -28.65 -103.87
CA GLN A 3456 35.46 -29.76 -103.07
C GLN A 3456 35.14 -31.09 -103.74
N ASN A 3457 33.93 -31.21 -104.28
CA ASN A 3457 33.52 -32.46 -104.92
C ASN A 3457 34.40 -32.81 -106.11
N PHE A 3458 34.63 -31.86 -107.02
CA PHE A 3458 35.37 -32.27 -108.21
C PHE A 3458 36.83 -32.47 -107.87
N VAL A 3459 37.36 -31.70 -106.91
CA VAL A 3459 38.74 -31.89 -106.49
C VAL A 3459 38.92 -33.29 -105.89
N VAL A 3460 38.01 -33.71 -105.01
CA VAL A 3460 38.18 -35.01 -104.38
C VAL A 3460 37.96 -36.14 -105.37
N GLN A 3461 37.01 -35.97 -106.31
CA GLN A 3461 36.76 -37.04 -107.27
C GLN A 3461 37.90 -37.15 -108.27
N ASN A 3462 38.58 -36.04 -108.56
CA ASN A 3462 39.76 -36.10 -109.41
C ASN A 3462 40.99 -36.54 -108.61
N GLU A 3463 40.88 -36.50 -107.29
CA GLU A 3463 41.96 -36.82 -106.35
C GLU A 3463 43.18 -35.93 -106.58
N ILE A 3464 43.00 -34.76 -107.21
CA ILE A 3464 44.11 -33.85 -107.43
C ILE A 3464 44.60 -33.30 -106.10
N ASN A 3465 45.88 -33.49 -105.81
CA ASN A 3465 46.42 -33.06 -104.53
C ASN A 3465 46.52 -31.55 -104.43
N ASN A 3466 46.79 -30.88 -105.55
CA ASN A 3466 46.79 -29.42 -105.68
C ASN A 3466 47.98 -28.82 -104.94
N MET A 3467 48.69 -29.65 -104.18
CA MET A 3467 49.92 -29.19 -103.53
C MET A 3467 50.99 -28.87 -104.55
N SER A 3468 51.00 -29.59 -105.68
CA SER A 3468 51.94 -29.26 -106.75
C SER A 3468 51.69 -27.87 -107.30
N PHE A 3469 50.42 -27.54 -107.57
CA PHE A 3469 50.10 -26.21 -108.08
C PHE A 3469 50.38 -25.14 -107.03
N LEU A 3470 50.11 -25.44 -105.76
CA LEU A 3470 50.40 -24.47 -104.71
C LEU A 3470 51.90 -24.21 -104.57
N THR A 3471 52.71 -25.27 -104.61
CA THR A 3471 54.15 -25.11 -104.48
C THR A 3471 54.80 -24.64 -105.77
N ALA A 3472 54.04 -24.62 -106.87
CA ALA A 3472 54.54 -24.01 -108.09
C ALA A 3472 54.92 -22.55 -107.85
N ASP A 3473 54.32 -21.92 -106.84
CA ASP A 3473 54.80 -20.62 -106.40
C ASP A 3473 56.22 -20.71 -105.85
N SER A 3474 56.61 -21.88 -105.34
CA SER A 3474 57.95 -22.02 -104.77
C SER A 3474 58.94 -22.53 -105.80
N LYS A 3475 58.46 -23.20 -106.85
CA LYS A 3475 59.35 -23.60 -107.94
C LYS A 3475 59.80 -22.41 -108.77
N SER A 3476 58.89 -21.47 -109.04
CA SER A 3476 59.25 -20.31 -109.85
C SER A 3476 60.30 -19.45 -109.15
N LYS A 3477 60.11 -19.21 -107.85
CA LYS A 3477 61.05 -18.37 -107.10
C LYS A 3477 62.32 -19.16 -106.76
N MET A 3478 62.25 -20.48 -106.77
CA MET A 3478 63.29 -21.34 -106.21
C MET A 3478 63.57 -20.94 -104.76
N ALA A 3479 62.62 -21.23 -103.89
CA ALA A 3479 62.69 -20.79 -102.51
C ALA A 3479 62.22 -21.89 -101.57
N ARG A 3498 45.00 -37.62 -97.48
CA ARG A 3498 44.76 -36.58 -96.48
C ARG A 3498 43.98 -35.42 -97.09
N ARG A 3499 42.73 -35.27 -96.67
CA ARG A 3499 41.88 -34.20 -97.20
C ARG A 3499 42.42 -32.82 -96.83
N GLY A 3500 42.95 -32.68 -95.61
CA GLY A 3500 43.54 -31.40 -95.22
C GLY A 3500 44.72 -31.02 -96.06
N ASP A 3501 45.60 -31.99 -96.36
CA ASP A 3501 46.74 -31.71 -97.23
C ASP A 3501 46.28 -31.41 -98.66
N ARG A 3502 45.29 -32.15 -99.15
CA ARG A 3502 44.79 -31.92 -100.51
C ARG A 3502 44.20 -30.52 -100.64
N TYR A 3503 43.22 -30.18 -99.82
CA TYR A 3503 42.63 -28.85 -99.85
C TYR A 3503 42.42 -28.35 -98.43
N SER A 3504 42.69 -27.06 -98.22
CA SER A 3504 42.21 -26.34 -97.06
C SER A 3504 41.72 -24.98 -97.54
N VAL A 3505 41.06 -24.24 -96.65
CA VAL A 3505 40.55 -22.93 -97.02
C VAL A 3505 41.70 -21.98 -97.38
N GLN A 3506 42.86 -22.16 -96.73
CA GLN A 3506 44.03 -21.37 -97.10
C GLN A 3506 44.68 -21.89 -98.37
N THR A 3507 44.53 -23.20 -98.64
CA THR A 3507 45.19 -23.78 -99.81
C THR A 3507 44.39 -23.58 -101.09
N SER A 3508 43.23 -22.93 -101.00
CA SER A 3508 42.40 -22.72 -102.18
C SER A 3508 43.11 -21.86 -103.21
N LEU A 3509 43.05 -22.29 -104.47
CA LEU A 3509 43.54 -21.45 -105.56
C LEU A 3509 42.76 -20.15 -105.62
N ILE A 3510 41.49 -20.19 -105.20
CA ILE A 3510 40.67 -18.98 -105.17
C ILE A 3510 41.17 -18.00 -104.12
N VAL A 3511 41.57 -18.50 -102.95
CA VAL A 3511 42.07 -17.59 -101.93
C VAL A 3511 43.48 -17.13 -102.27
N ALA A 3512 44.22 -17.93 -103.05
CA ALA A 3512 45.48 -17.42 -103.61
C ALA A 3512 45.22 -16.27 -104.58
N THR A 3513 44.21 -16.41 -105.43
CA THR A 3513 43.77 -15.32 -106.27
C THR A 3513 43.39 -14.10 -105.43
N LEU A 3514 42.72 -14.34 -104.30
CA LEU A 3514 42.40 -13.26 -103.37
C LEU A 3514 43.67 -12.59 -102.83
N LYS A 3515 44.66 -13.39 -102.46
CA LYS A 3515 45.89 -12.86 -101.87
C LYS A 3515 46.69 -12.07 -102.89
N LYS A 3516 46.52 -12.37 -104.18
CA LYS A 3516 47.23 -11.57 -105.18
C LYS A 3516 46.40 -10.37 -105.62
N MET A 3517 45.06 -10.45 -105.55
CA MET A 3517 44.24 -9.32 -105.98
C MET A 3517 44.22 -8.24 -104.92
N LEU A 3518 44.38 -8.60 -103.65
CA LEU A 3518 44.35 -7.61 -102.59
C LEU A 3518 45.40 -6.50 -102.77
N PRO A 3519 46.66 -6.77 -103.16
CA PRO A 3519 47.54 -5.64 -103.47
C PRO A 3519 47.03 -4.71 -104.57
N ILE A 3520 46.31 -5.24 -105.57
CA ILE A 3520 45.77 -4.39 -106.62
C ILE A 3520 44.80 -3.38 -106.03
N GLY A 3521 43.84 -3.85 -105.22
CA GLY A 3521 42.91 -2.93 -104.59
C GLY A 3521 43.60 -1.99 -103.61
N LEU A 3522 44.63 -2.48 -102.93
CA LEU A 3522 45.25 -1.68 -101.89
C LEU A 3522 46.09 -0.55 -102.47
N ASN A 3523 46.74 -0.78 -103.61
CA ASN A 3523 47.41 0.33 -104.28
C ASN A 3523 46.42 1.15 -105.08
N MET A 3524 45.26 0.57 -105.39
CA MET A 3524 44.18 1.32 -106.01
C MET A 3524 43.68 2.43 -105.09
N CYS A 3525 43.39 2.08 -103.83
CA CYS A 3525 42.77 3.00 -102.90
C CYS A 3525 43.74 4.09 -102.47
N ALA A 3526 43.18 5.24 -102.07
CA ALA A 3526 43.94 6.31 -101.46
C ALA A 3526 43.90 6.20 -99.94
N PRO A 3527 44.97 6.60 -99.25
CA PRO A 3527 44.97 6.49 -97.79
C PRO A 3527 43.88 7.30 -97.09
N THR A 3528 43.52 8.46 -97.64
CA THR A 3528 42.46 9.26 -97.03
C THR A 3528 41.11 8.57 -97.17
N ASP A 3529 40.95 7.75 -98.21
CA ASP A 3529 39.69 7.06 -98.43
C ASP A 3529 39.53 5.87 -97.49
N GLN A 3530 40.58 5.56 -96.71
CA GLN A 3530 40.57 4.35 -95.90
C GLN A 3530 39.49 4.38 -94.82
N ASP A 3531 39.28 5.54 -94.20
CA ASP A 3531 38.24 5.64 -93.19
C ASP A 3531 36.85 5.37 -93.77
N LEU A 3532 36.58 5.93 -94.95
CA LEU A 3532 35.32 5.63 -95.61
C LEU A 3532 35.28 4.17 -96.06
N ILE A 3533 36.46 3.56 -96.27
CA ILE A 3533 36.51 2.14 -96.60
C ILE A 3533 36.05 1.29 -95.42
N MET A 3534 36.54 1.58 -94.21
CA MET A 3534 36.02 0.83 -93.06
C MET A 3534 34.56 1.17 -92.78
N LEU A 3535 34.14 2.39 -93.11
CA LEU A 3535 32.72 2.72 -92.99
C LEU A 3535 31.90 1.85 -93.94
N ALA A 3536 32.39 1.65 -95.16
CA ALA A 3536 31.68 0.76 -96.10
C ALA A 3536 31.81 -0.70 -95.68
N LYS A 3537 32.86 -1.03 -94.91
CA LYS A 3537 32.92 -2.35 -94.30
C LYS A 3537 31.77 -2.57 -93.33
N THR A 3538 31.57 -1.62 -92.40
CA THR A 3538 30.42 -1.69 -91.51
C THR A 3538 29.11 -1.66 -92.31
N ARG A 3539 29.13 -0.98 -93.46
CA ARG A 3539 27.96 -0.93 -94.33
C ARG A 3539 27.61 -2.31 -94.88
N TYR A 3540 28.59 -2.99 -95.48
CA TYR A 3540 28.36 -4.33 -96.00
C TYR A 3540 28.05 -5.30 -94.87
N ALA A 3541 28.50 -5.00 -93.65
CA ALA A 3541 28.02 -5.75 -92.49
C ALA A 3541 26.55 -5.47 -92.23
N LEU A 3542 26.11 -4.24 -92.48
CA LEU A 3542 24.68 -3.92 -92.40
C LEU A 3542 23.92 -4.55 -93.56
N LYS A 3543 24.65 -5.06 -94.55
CA LYS A 3543 24.10 -5.75 -95.73
C LYS A 3543 23.35 -4.82 -96.67
N ASP A 3544 23.81 -3.58 -96.82
CA ASP A 3544 23.18 -2.64 -97.74
C ASP A 3544 23.34 -3.13 -99.17
N THR A 3545 22.27 -2.95 -99.97
CA THR A 3545 22.30 -3.37 -101.36
C THR A 3545 23.30 -2.51 -102.14
N ASP A 3546 23.61 -2.97 -103.36
CA ASP A 3546 24.59 -2.26 -104.18
C ASP A 3546 24.12 -0.85 -104.53
N GLU A 3547 22.85 -0.69 -104.90
CA GLU A 3547 22.38 0.64 -105.26
C GLU A 3547 22.27 1.54 -104.02
N GLU A 3548 21.91 0.94 -102.89
CA GLU A 3548 21.89 1.70 -101.64
C GLU A 3548 23.28 2.19 -101.27
N VAL A 3549 24.29 1.35 -101.44
CA VAL A 3549 25.64 1.81 -101.14
C VAL A 3549 26.08 2.88 -102.15
N ARG A 3550 25.65 2.72 -103.40
CA ARG A 3550 25.86 3.81 -104.38
C ARG A 3550 25.35 5.13 -103.83
N GLU A 3551 24.07 5.21 -103.47
CA GLU A 3551 23.51 6.51 -103.11
C GLU A 3551 24.08 7.03 -101.80
N PHE A 3552 24.30 6.16 -100.81
CA PHE A 3552 24.78 6.67 -99.54
C PHE A 3552 26.26 7.06 -99.64
N LEU A 3553 27.00 6.46 -100.57
CA LEU A 3553 28.34 6.98 -100.85
C LEU A 3553 28.26 8.31 -101.58
N GLN A 3554 27.26 8.47 -102.47
CA GLN A 3554 27.04 9.77 -103.10
C GLN A 3554 26.85 10.86 -102.05
N ASN A 3555 26.14 10.55 -100.96
CA ASN A 3555 26.05 11.54 -99.88
C ASN A 3555 27.27 11.49 -98.97
N ASN A 3556 28.08 10.42 -99.10
CA ASN A 3556 29.30 10.33 -98.31
C ASN A 3556 30.46 11.11 -98.94
N LEU A 3557 30.24 11.65 -100.14
CA LEU A 3557 31.25 12.55 -100.73
C LEU A 3557 31.64 13.65 -99.75
N HIS A 3558 30.68 14.21 -99.01
CA HIS A 3558 31.02 15.27 -98.06
C HIS A 3558 31.61 14.69 -96.79
N LEU A 3559 31.54 13.36 -96.62
CA LEU A 3559 32.07 12.74 -95.40
C LEU A 3559 33.46 12.17 -95.62
N GLN A 3560 34.06 12.44 -96.77
CA GLN A 3560 35.38 11.88 -97.08
C GLN A 3560 36.42 12.42 -96.12
N GLY A 3561 37.45 11.61 -95.87
CA GLY A 3561 38.45 11.97 -94.89
C GLY A 3561 39.40 13.05 -95.37
N LYS A 3562 40.29 13.46 -94.49
CA LYS A 3562 41.23 14.54 -94.74
C LYS A 3562 42.66 14.07 -94.55
N VAL A 3563 43.60 15.00 -94.68
CA VAL A 3563 45.01 14.64 -94.72
C VAL A 3563 45.70 14.94 -93.39
N GLU A 3564 45.22 15.96 -92.68
CA GLU A 3564 45.95 16.43 -91.51
C GLU A 3564 45.56 15.67 -90.25
N GLY A 3565 44.65 14.71 -90.38
CA GLY A 3565 44.21 13.94 -89.23
C GLY A 3565 45.34 13.18 -88.56
N SER A 3566 46.19 12.54 -89.36
CA SER A 3566 47.33 11.80 -88.84
C SER A 3566 48.59 12.16 -89.60
N PRO A 3567 49.70 12.40 -88.91
CA PRO A 3567 50.98 12.60 -89.62
C PRO A 3567 51.37 11.41 -90.48
N SER A 3568 50.99 10.20 -90.06
CA SER A 3568 51.19 9.03 -90.92
C SER A 3568 50.42 9.19 -92.22
N LEU A 3569 49.15 9.60 -92.14
CA LEU A 3569 48.39 9.90 -93.34
C LEU A 3569 49.06 11.01 -94.14
N ARG A 3570 49.83 11.87 -93.47
CA ARG A 3570 50.45 12.98 -94.19
C ARG A 3570 51.60 12.50 -95.09
N TRP A 3571 52.44 11.58 -94.59
CA TRP A 3571 53.47 11.04 -95.47
C TRP A 3571 52.85 10.10 -96.50
N GLN A 3572 51.74 9.44 -96.15
CA GLN A 3572 51.01 8.69 -97.16
C GLN A 3572 50.55 9.58 -98.30
N MET A 3573 50.01 10.76 -97.97
CA MET A 3573 49.58 11.66 -99.05
C MET A 3573 50.77 12.29 -99.76
N ALA A 3574 51.90 12.48 -99.07
CA ALA A 3574 53.10 12.93 -99.76
C ALA A 3574 53.52 11.93 -100.83
N LEU A 3575 53.52 10.64 -100.48
CA LEU A 3575 53.79 9.60 -101.47
C LEU A 3575 52.72 9.59 -102.56
N TYR A 3576 51.46 9.81 -102.18
CA TYR A 3576 50.36 9.82 -103.15
C TYR A 3576 50.53 10.95 -104.16
N ARG A 3577 50.93 12.14 -103.69
CA ARG A 3577 51.22 13.24 -104.59
C ARG A 3577 52.39 12.91 -105.49
N GLY A 3578 53.46 12.33 -104.91
CA GLY A 3578 54.67 12.08 -105.68
C GLY A 3578 54.50 11.01 -106.75
N LEU A 3579 53.66 10.03 -106.48
CA LEU A 3579 53.51 8.92 -107.43
C LEU A 3579 52.76 9.38 -108.67
N PRO A 3580 53.27 9.13 -109.87
CA PRO A 3580 52.58 9.61 -111.08
C PRO A 3580 51.28 8.90 -111.37
N GLY A 3581 51.01 7.77 -110.70
CA GLY A 3581 49.84 6.97 -111.03
C GLY A 3581 48.53 7.71 -110.81
N ARG A 3582 48.44 8.47 -109.73
CA ARG A 3582 47.21 9.16 -109.35
C ARG A 3582 47.39 10.65 -109.52
N GLU A 3583 46.44 11.29 -110.21
CA GLU A 3583 46.40 12.73 -110.38
C GLU A 3583 45.15 13.26 -109.69
N GLU A 3584 45.31 14.36 -108.94
CA GLU A 3584 44.18 14.93 -108.21
C GLU A 3584 43.08 15.40 -109.15
N ASP A 3585 43.46 16.05 -110.26
CA ASP A 3585 42.46 16.48 -111.23
C ASP A 3585 41.80 15.30 -111.92
N ALA A 3586 42.58 14.24 -112.17
CA ALA A 3586 42.02 13.04 -112.80
C ALA A 3586 41.05 12.34 -111.86
N ASP A 3587 41.27 12.45 -110.56
CA ASP A 3587 40.39 11.80 -109.59
C ASP A 3587 38.97 12.33 -109.70
N ASP A 3588 38.01 11.40 -109.79
CA ASP A 3588 36.60 11.73 -109.90
C ASP A 3588 35.82 11.09 -108.78
N PRO A 3589 34.83 11.78 -108.21
CA PRO A 3589 34.10 11.20 -107.06
C PRO A 3589 33.42 9.87 -107.37
N GLU A 3590 32.88 9.71 -108.57
CA GLU A 3590 32.19 8.46 -108.91
C GLU A 3590 33.16 7.28 -108.95
N LYS A 3591 34.34 7.47 -109.54
CA LYS A 3591 35.29 6.38 -109.56
C LYS A 3591 35.81 6.10 -108.15
N ILE A 3592 35.97 7.16 -107.35
CA ILE A 3592 36.32 6.99 -105.95
C ILE A 3592 35.31 6.10 -105.24
N VAL A 3593 34.01 6.39 -105.44
CA VAL A 3593 33.00 5.69 -104.64
C VAL A 3593 32.87 4.23 -105.07
N ARG A 3594 32.88 3.94 -106.38
CA ARG A 3594 32.71 2.52 -106.69
C ARG A 3594 34.00 1.76 -106.39
N ARG A 3595 35.16 2.42 -106.50
CA ARG A 3595 36.40 1.80 -106.03
C ARG A 3595 36.30 1.42 -104.56
N VAL A 3596 35.88 2.35 -103.71
CA VAL A 3596 35.86 2.07 -102.28
C VAL A 3596 34.83 1.03 -101.93
N GLN A 3597 33.67 1.05 -102.61
CA GLN A 3597 32.66 0.04 -102.29
C GLN A 3597 33.11 -1.35 -102.75
N GLU A 3598 33.77 -1.43 -103.91
CA GLU A 3598 34.27 -2.73 -104.37
C GLU A 3598 35.37 -3.27 -103.45
N VAL A 3599 36.29 -2.40 -103.02
CA VAL A 3599 37.36 -2.89 -102.16
C VAL A 3599 36.82 -3.25 -100.78
N SER A 3600 35.80 -2.53 -100.32
CA SER A 3600 35.15 -2.88 -99.05
C SER A 3600 34.45 -4.23 -99.17
N ALA A 3601 33.81 -4.50 -100.30
CA ALA A 3601 33.23 -5.82 -100.54
C ALA A 3601 34.30 -6.90 -100.47
N VAL A 3602 35.40 -6.71 -101.21
CA VAL A 3602 36.49 -7.69 -101.20
C VAL A 3602 37.03 -7.86 -99.78
N LEU A 3603 37.13 -6.76 -99.03
CA LEU A 3603 37.71 -6.81 -97.70
C LEU A 3603 36.81 -7.55 -96.71
N TYR A 3604 35.49 -7.35 -96.80
CA TYR A 3604 34.66 -8.06 -95.83
C TYR A 3604 34.56 -9.54 -96.20
N HIS A 3605 34.60 -9.86 -97.49
CA HIS A 3605 34.70 -11.27 -97.86
C HIS A 3605 36.00 -11.86 -97.34
N LEU A 3606 37.10 -11.12 -97.43
CA LEU A 3606 38.34 -11.51 -96.77
C LEU A 3606 38.11 -11.71 -95.28
N GLU A 3607 37.26 -10.88 -94.67
CA GLU A 3607 36.98 -11.03 -93.24
C GLU A 3607 36.33 -12.36 -92.94
N GLN A 3608 35.30 -12.74 -93.71
CA GLN A 3608 34.67 -14.04 -93.46
C GLN A 3608 35.65 -15.19 -93.74
N THR A 3609 36.53 -15.03 -94.73
CA THR A 3609 37.54 -16.06 -94.96
C THR A 3609 38.49 -16.16 -93.76
N GLU A 3610 38.89 -15.02 -93.20
CA GLU A 3610 39.78 -15.04 -92.05
C GLU A 3610 39.13 -15.66 -90.83
N HIS A 3611 37.85 -15.35 -90.60
CA HIS A 3611 37.12 -15.86 -89.43
C HIS A 3611 35.85 -16.57 -89.90
N PRO A 3612 35.98 -17.82 -90.35
CA PRO A 3612 34.77 -18.56 -90.77
C PRO A 3612 33.93 -19.06 -89.60
N TYR A 3613 34.51 -19.12 -88.39
CA TYR A 3613 33.85 -19.70 -87.21
C TYR A 3613 33.33 -21.10 -87.49
N LYS A 3614 34.17 -21.97 -88.08
CA LYS A 3614 33.74 -23.35 -88.30
C LYS A 3614 33.87 -24.19 -87.04
N SER A 3615 34.84 -23.85 -86.19
CA SER A 3615 35.14 -24.70 -85.04
C SER A 3615 34.34 -24.28 -83.82
N LYS A 3616 34.05 -25.25 -82.95
CA LYS A 3616 33.40 -25.14 -81.65
C LYS A 3616 31.91 -24.82 -81.73
N LYS A 3617 31.34 -24.59 -82.92
CA LYS A 3617 29.89 -24.50 -83.02
C LYS A 3617 29.26 -25.89 -83.13
N ALA A 3618 30.04 -26.88 -83.57
CA ALA A 3618 29.59 -28.26 -83.68
C ALA A 3618 30.64 -29.18 -83.04
N VAL A 3619 30.43 -29.50 -81.77
CA VAL A 3619 31.36 -30.38 -81.07
C VAL A 3619 30.68 -31.72 -80.79
N TRP A 3620 31.48 -32.77 -80.65
CA TRP A 3620 31.00 -34.12 -80.42
C TRP A 3620 31.87 -34.80 -79.36
N HIS A 3621 31.23 -35.30 -78.30
CA HIS A 3621 31.97 -35.99 -77.25
C HIS A 3621 31.64 -37.48 -77.24
N LYS A 3622 30.43 -37.83 -77.67
CA LYS A 3622 29.98 -39.22 -77.83
C LYS A 3622 30.30 -40.08 -76.61
N LEU A 3623 30.27 -39.46 -75.42
CA LEU A 3623 30.60 -40.18 -74.19
C LEU A 3623 29.57 -41.26 -73.87
N LEU A 3624 28.28 -40.98 -74.10
CA LEU A 3624 27.26 -41.99 -73.88
C LEU A 3624 27.34 -43.10 -74.92
N SER A 3625 27.70 -42.74 -76.16
CA SER A 3625 27.88 -43.77 -77.18
C SER A 3625 29.09 -44.64 -76.84
N LYS A 3626 30.06 -44.11 -76.11
CA LYS A 3626 31.17 -44.94 -75.65
C LYS A 3626 30.67 -46.09 -74.78
N GLN A 3627 29.68 -45.82 -73.93
CA GLN A 3627 29.08 -46.90 -73.14
C GLN A 3627 28.19 -47.79 -74.00
N ARG A 3628 27.42 -47.19 -74.91
CA ARG A 3628 26.39 -47.93 -75.64
C ARG A 3628 26.84 -48.40 -77.02
N ARG A 3629 28.16 -48.47 -77.28
CA ARG A 3629 28.62 -49.13 -78.50
C ARG A 3629 28.15 -50.57 -78.56
N ARG A 3630 28.24 -51.29 -77.43
CA ARG A 3630 27.77 -52.67 -77.40
C ARG A 3630 26.26 -52.73 -77.66
N ALA A 3631 25.52 -51.70 -77.26
CA ALA A 3631 24.08 -51.69 -77.54
C ALA A 3631 23.81 -51.43 -79.02
N VAL A 3632 24.55 -50.52 -79.63
CA VAL A 3632 24.32 -50.21 -81.05
C VAL A 3632 24.84 -51.33 -81.93
N VAL A 3633 25.65 -52.23 -81.36
CA VAL A 3633 25.94 -53.48 -82.08
C VAL A 3633 24.87 -54.53 -81.77
N ALA A 3634 24.36 -54.53 -80.55
CA ALA A 3634 23.33 -55.50 -80.18
C ALA A 3634 22.06 -55.28 -81.00
N CYS A 3635 21.86 -54.06 -81.48
CA CYS A 3635 20.69 -53.77 -82.30
C CYS A 3635 20.59 -54.72 -83.49
N PHE A 3636 21.73 -55.02 -84.12
CA PHE A 3636 21.75 -56.08 -85.14
C PHE A 3636 21.99 -57.45 -84.51
N ARG A 3637 22.71 -57.49 -83.39
CA ARG A 3637 23.13 -58.77 -82.81
C ARG A 3637 21.94 -59.63 -82.36
N MET A 3638 20.87 -59.01 -81.86
CA MET A 3638 19.81 -59.74 -81.19
C MET A 3638 19.29 -60.90 -82.03
N THR A 3639 19.04 -62.02 -81.36
CA THR A 3639 18.35 -63.12 -82.00
C THR A 3639 16.89 -62.73 -82.23
N PRO A 3640 16.42 -62.70 -83.48
CA PRO A 3640 15.02 -62.34 -83.73
C PRO A 3640 14.09 -63.30 -83.01
N LEU A 3641 12.93 -62.78 -82.58
CA LEU A 3641 12.09 -63.52 -81.65
C LEU A 3641 11.71 -64.90 -82.18
N TYR A 3642 11.61 -65.04 -83.51
CA TYR A 3642 11.30 -66.35 -84.08
C TYR A 3642 12.47 -67.32 -83.95
N ASN A 3643 13.70 -66.81 -84.06
CA ASN A 3643 14.86 -67.66 -83.84
C ASN A 3643 15.17 -67.80 -82.35
N LEU A 3644 14.54 -66.98 -81.53
CA LEU A 3644 14.83 -66.96 -80.10
C LEU A 3644 14.28 -68.22 -79.45
N PRO A 3645 14.94 -68.76 -78.43
CA PRO A 3645 14.42 -69.98 -77.78
C PRO A 3645 13.01 -69.77 -77.25
N THR A 3646 12.20 -70.83 -77.36
CA THR A 3646 10.77 -70.68 -77.15
C THR A 3646 10.43 -70.53 -75.67
N HIS A 3647 11.14 -71.22 -74.78
CA HIS A 3647 10.80 -71.16 -73.36
C HIS A 3647 11.08 -69.79 -72.76
N ARG A 3648 12.25 -69.23 -73.07
CA ARG A 3648 12.58 -67.89 -72.57
C ARG A 3648 11.67 -66.85 -73.20
N ALA A 3649 11.31 -67.03 -74.47
CA ALA A 3649 10.35 -66.14 -75.11
C ALA A 3649 8.98 -66.21 -74.44
N CYS A 3650 8.56 -67.42 -74.04
CA CYS A 3650 7.28 -67.56 -73.36
C CYS A 3650 7.32 -66.94 -71.97
N ASN A 3651 8.45 -67.02 -71.28
CA ASN A 3651 8.58 -66.30 -70.02
C ASN A 3651 8.47 -64.79 -70.25
N MET A 3652 9.19 -64.29 -71.25
CA MET A 3652 9.10 -62.90 -71.65
C MET A 3652 7.66 -62.48 -71.89
N PHE A 3653 6.94 -63.27 -72.69
CA PHE A 3653 5.56 -62.92 -73.05
C PHE A 3653 4.62 -63.04 -71.86
N LEU A 3654 4.86 -63.99 -70.97
CA LEU A 3654 4.03 -64.10 -69.77
C LEU A 3654 4.17 -62.86 -68.91
N GLU A 3655 5.41 -62.41 -68.69
CA GLU A 3655 5.60 -61.17 -67.93
C GLU A 3655 4.96 -59.98 -68.64
N SER A 3656 5.11 -59.90 -69.97
CA SER A 3656 4.55 -58.79 -70.72
C SER A 3656 3.02 -58.78 -70.63
N TYR A 3657 2.38 -59.94 -70.82
CA TYR A 3657 0.93 -60.00 -70.75
C TYR A 3657 0.44 -59.69 -69.34
N LYS A 3658 1.12 -60.22 -68.32
CA LYS A 3658 0.82 -59.82 -66.95
C LYS A 3658 0.76 -58.31 -66.83
N ALA A 3659 1.88 -57.64 -67.12
CA ALA A 3659 1.97 -56.20 -66.89
C ALA A 3659 0.95 -55.44 -67.73
N ALA A 3660 0.70 -55.88 -68.97
CA ALA A 3660 -0.08 -55.06 -69.89
C ALA A 3660 -1.58 -55.33 -69.76
N TRP A 3661 -1.98 -56.47 -69.20
CA TRP A 3661 -3.38 -56.84 -69.14
C TRP A 3661 -3.93 -57.02 -67.73
N ILE A 3662 -3.24 -57.77 -66.87
CA ILE A 3662 -3.82 -58.08 -65.57
C ILE A 3662 -3.88 -56.83 -64.69
N LEU A 3663 -2.82 -56.01 -64.74
CA LEU A 3663 -2.85 -54.74 -64.01
C LEU A 3663 -3.89 -53.79 -64.59
N THR A 3664 -3.98 -53.72 -65.92
CA THR A 3664 -4.88 -52.74 -66.54
C THR A 3664 -6.34 -53.15 -66.40
N GLU A 3665 -6.60 -54.43 -66.14
CA GLU A 3665 -7.96 -54.87 -65.92
C GLU A 3665 -8.45 -54.42 -64.54
N ASP A 3666 -9.55 -53.67 -64.53
CA ASP A 3666 -10.09 -53.09 -63.32
C ASP A 3666 -11.20 -53.99 -62.79
N HIS A 3667 -11.08 -54.40 -61.53
CA HIS A 3667 -12.01 -55.31 -60.89
C HIS A 3667 -12.54 -54.69 -59.62
N SER A 3668 -13.84 -54.37 -59.61
CA SER A 3668 -14.48 -53.69 -58.48
C SER A 3668 -15.35 -54.72 -57.75
N PHE A 3669 -14.92 -55.09 -56.54
CA PHE A 3669 -15.58 -56.13 -55.76
C PHE A 3669 -15.78 -55.78 -54.30
N GLU A 3670 -15.13 -54.74 -53.79
CA GLU A 3670 -15.13 -54.47 -52.36
C GLU A 3670 -16.51 -54.05 -51.87
N ASP A 3671 -17.20 -53.18 -52.62
CA ASP A 3671 -18.53 -52.74 -52.22
C ASP A 3671 -19.48 -53.92 -52.11
N ARG A 3672 -19.50 -54.80 -53.12
CA ARG A 3672 -20.43 -55.92 -53.11
C ARG A 3672 -20.04 -56.94 -52.03
N MET A 3673 -18.74 -57.18 -51.86
CA MET A 3673 -18.31 -58.02 -50.74
C MET A 3673 -18.85 -57.50 -49.41
N ILE A 3674 -18.67 -56.19 -49.17
CA ILE A 3674 -19.00 -55.63 -47.87
C ILE A 3674 -20.51 -55.61 -47.66
N ASP A 3675 -21.28 -55.29 -48.70
CA ASP A 3675 -22.73 -55.25 -48.50
C ASP A 3675 -23.30 -56.65 -48.32
N ASP A 3676 -22.77 -57.64 -49.05
CA ASP A 3676 -23.21 -59.02 -48.81
C ASP A 3676 -22.85 -59.47 -47.40
N LEU A 3677 -21.65 -59.13 -46.92
CA LEU A 3677 -21.28 -59.50 -45.56
C LEU A 3677 -22.17 -58.80 -44.54
N SER A 3678 -22.49 -57.52 -44.76
CA SER A 3678 -23.30 -56.77 -43.80
C SER A 3678 -24.73 -57.30 -43.74
N LYS A 3679 -25.30 -57.65 -44.90
CA LYS A 3679 -26.65 -58.18 -44.90
C LYS A 3679 -26.73 -59.47 -44.09
N ALA A 3680 -27.69 -59.51 -43.17
CA ALA A 3680 -27.89 -60.66 -42.29
C ALA A 3680 -29.19 -61.36 -42.67
N GLY A 3681 -29.07 -62.49 -43.36
CA GLY A 3681 -30.24 -63.25 -43.76
C GLY A 3681 -30.88 -64.00 -42.62
N GLU A 3682 -32.22 -64.01 -42.61
CA GLU A 3682 -33.10 -64.76 -41.70
C GLU A 3682 -32.80 -64.48 -40.23
N GLN A 3683 -31.94 -63.50 -39.91
CA GLN A 3683 -31.71 -63.13 -38.52
C GLN A 3683 -33.00 -62.62 -37.89
N GLU A 3684 -33.67 -61.66 -38.55
CA GLU A 3684 -34.95 -61.17 -38.07
C GLU A 3684 -36.02 -62.25 -38.17
N GLU A 3685 -35.85 -63.20 -39.10
CA GLU A 3685 -36.80 -64.29 -39.21
C GLU A 3685 -36.79 -65.17 -37.97
N GLU A 3686 -35.60 -65.53 -37.47
CA GLU A 3686 -35.52 -66.22 -36.19
C GLU A 3686 -35.99 -65.31 -35.06
N GLU A 3687 -35.42 -64.10 -34.99
CA GLU A 3687 -35.83 -63.04 -34.07
C GLU A 3687 -35.42 -63.33 -32.63
N GLU A 3688 -34.91 -64.54 -32.35
CA GLU A 3688 -34.31 -64.77 -31.04
C GLU A 3688 -32.81 -64.47 -31.08
N GLU A 3689 -32.19 -64.65 -32.24
CA GLU A 3689 -30.75 -64.45 -32.35
C GLU A 3689 -30.42 -62.96 -32.40
N VAL A 3690 -31.32 -62.15 -32.96
CA VAL A 3690 -31.16 -60.70 -32.90
C VAL A 3690 -31.30 -60.22 -31.45
N GLU A 3691 -32.22 -60.82 -30.71
CA GLU A 3691 -32.33 -60.51 -29.28
C GLU A 3691 -31.07 -60.91 -28.53
N GLU A 3692 -30.42 -62.00 -28.95
CA GLU A 3692 -29.14 -62.36 -28.37
C GLU A 3692 -28.03 -61.44 -28.87
N LYS A 3693 -28.31 -60.69 -29.96
CA LYS A 3693 -27.34 -59.80 -30.60
C LYS A 3693 -26.15 -60.57 -31.14
N LYS A 3694 -26.42 -61.54 -32.00
CA LYS A 3694 -25.34 -62.25 -32.68
C LYS A 3694 -24.74 -61.36 -33.75
N PRO A 3695 -23.41 -61.26 -33.83
CA PRO A 3695 -22.80 -60.45 -34.88
C PRO A 3695 -23.10 -60.96 -36.27
N ASP A 3696 -23.35 -60.03 -37.19
CA ASP A 3696 -23.40 -60.37 -38.61
C ASP A 3696 -21.98 -60.61 -39.12
N PRO A 3697 -21.84 -61.23 -40.31
CA PRO A 3697 -20.49 -61.67 -40.73
C PRO A 3697 -19.43 -60.58 -40.69
N LEU A 3698 -19.79 -59.35 -41.07
CA LEU A 3698 -18.82 -58.26 -41.00
C LEU A 3698 -18.40 -57.98 -39.57
N HIS A 3699 -19.36 -57.97 -38.64
CA HIS A 3699 -19.02 -57.77 -37.23
C HIS A 3699 -18.16 -58.91 -36.71
N GLN A 3700 -18.45 -60.14 -37.14
CA GLN A 3700 -17.64 -61.29 -36.72
C GLN A 3700 -16.21 -61.14 -37.20
N LEU A 3701 -16.02 -60.72 -38.46
CA LEU A 3701 -14.68 -60.53 -38.98
C LEU A 3701 -13.95 -59.43 -38.23
N VAL A 3702 -14.65 -58.33 -37.94
CA VAL A 3702 -14.03 -57.23 -37.20
C VAL A 3702 -13.63 -57.68 -35.80
N LEU A 3703 -14.49 -58.48 -35.14
CA LEU A 3703 -14.15 -58.99 -33.82
C LEU A 3703 -12.98 -59.96 -33.88
N HIS A 3704 -12.86 -60.73 -34.96
CA HIS A 3704 -11.70 -61.60 -35.13
C HIS A 3704 -10.42 -60.78 -35.25
N PHE A 3705 -10.45 -59.70 -36.04
CA PHE A 3705 -9.29 -58.83 -36.12
C PHE A 3705 -8.99 -58.18 -34.78
N SER A 3706 -10.04 -57.81 -34.03
CA SER A 3706 -9.84 -57.24 -32.70
C SER A 3706 -9.19 -58.25 -31.76
N ARG A 3707 -9.62 -59.51 -31.83
CA ARG A 3707 -9.00 -60.56 -31.02
C ARG A 3707 -7.53 -60.73 -31.37
N THR A 3708 -7.21 -60.73 -32.67
CA THR A 3708 -5.82 -60.84 -33.09
C THR A 3708 -5.00 -59.66 -32.58
N ALA A 3709 -5.56 -58.46 -32.65
CA ALA A 3709 -4.85 -57.28 -32.15
C ALA A 3709 -4.63 -57.36 -30.65
N LEU A 3710 -5.65 -57.76 -29.90
CA LEU A 3710 -5.53 -57.81 -28.44
C LEU A 3710 -4.60 -58.92 -28.00
N THR A 3711 -4.44 -59.96 -28.83
CA THR A 3711 -3.44 -60.99 -28.55
C THR A 3711 -2.05 -60.35 -28.52
N GLU A 3712 -1.27 -60.69 -27.50
CA GLU A 3712 0.00 -60.03 -27.23
C GLU A 3712 1.15 -60.85 -27.80
N LYS A 3713 1.96 -60.21 -28.64
CA LYS A 3713 3.22 -60.77 -29.11
C LYS A 3713 4.29 -59.71 -28.96
N SER A 3714 5.51 -60.15 -28.64
CA SER A 3714 6.63 -59.21 -28.56
C SER A 3714 6.91 -58.59 -29.92
N LYS A 3715 6.61 -59.30 -30.99
CA LYS A 3715 6.81 -58.84 -32.36
C LYS A 3715 5.49 -58.90 -33.11
N LEU A 3716 5.13 -57.81 -33.79
CA LEU A 3716 3.88 -57.75 -34.51
C LEU A 3716 3.89 -58.74 -35.69
N ASP A 3717 2.75 -59.39 -35.92
CA ASP A 3717 2.64 -60.45 -36.91
C ASP A 3717 2.00 -59.93 -38.18
N GLU A 3718 2.64 -60.22 -39.31
CA GLU A 3718 2.12 -59.83 -40.62
C GLU A 3718 0.85 -60.60 -40.94
N ASP A 3719 -0.17 -59.91 -41.44
CA ASP A 3719 -1.45 -60.53 -41.73
C ASP A 3719 -1.93 -60.10 -43.12
N TYR A 3720 -1.66 -60.94 -44.11
CA TYR A 3720 -2.15 -60.70 -45.47
C TYR A 3720 -3.67 -60.58 -45.49
N LEU A 3721 -4.36 -61.40 -44.68
CA LEU A 3721 -5.80 -61.32 -44.63
C LEU A 3721 -6.26 -59.95 -44.14
N TYR A 3722 -5.56 -59.40 -43.14
CA TYR A 3722 -5.95 -58.08 -42.64
C TYR A 3722 -5.67 -56.99 -43.67
N MET A 3723 -4.55 -57.08 -44.39
CA MET A 3723 -4.35 -56.13 -45.50
C MET A 3723 -5.47 -56.22 -46.52
N ALA A 3724 -5.81 -57.43 -46.97
CA ALA A 3724 -6.87 -57.56 -47.96
C ALA A 3724 -8.17 -56.98 -47.45
N TYR A 3725 -8.56 -57.31 -46.23
CA TYR A 3725 -9.85 -56.88 -45.72
C TYR A 3725 -9.86 -55.38 -45.42
N ALA A 3726 -8.75 -54.84 -44.92
CA ALA A 3726 -8.68 -53.40 -44.68
C ALA A 3726 -8.80 -52.63 -45.99
N ASP A 3727 -8.16 -53.12 -47.05
CA ASP A 3727 -8.33 -52.51 -48.36
C ASP A 3727 -9.79 -52.57 -48.81
N ILE A 3728 -10.43 -53.72 -48.59
CA ILE A 3728 -11.83 -53.88 -48.98
C ILE A 3728 -12.72 -52.90 -48.23
N MET A 3729 -12.52 -52.76 -46.92
CA MET A 3729 -13.34 -51.82 -46.14
C MET A 3729 -13.06 -50.38 -46.55
N ALA A 3730 -11.80 -50.04 -46.85
CA ALA A 3730 -11.49 -48.68 -47.28
C ALA A 3730 -12.21 -48.34 -48.58
N LYS A 3731 -12.18 -49.26 -49.56
CA LYS A 3731 -12.93 -49.04 -50.79
C LYS A 3731 -14.43 -48.93 -50.50
N SER A 3732 -14.95 -49.84 -49.66
CA SER A 3732 -16.38 -49.83 -49.37
C SER A 3732 -16.84 -48.51 -48.79
N CYS A 3733 -16.02 -47.90 -47.92
CA CYS A 3733 -16.38 -46.59 -47.42
C CYS A 3733 -16.24 -45.51 -48.48
N HIS A 3734 -15.03 -45.27 -48.98
CA HIS A 3734 -14.85 -44.03 -49.74
C HIS A 3734 -15.56 -44.11 -51.09
N LEU A 3735 -15.43 -45.22 -51.82
CA LEU A 3735 -16.10 -45.40 -53.11
C LEU A 3735 -15.81 -44.23 -54.05
N GLU A 3736 -14.60 -43.70 -53.96
CA GLU A 3736 -14.23 -42.51 -54.73
C GLU A 3736 -12.71 -42.36 -54.81
N VAL A 3749 -18.96 -30.58 -64.21
CA VAL A 3749 -18.45 -30.84 -62.87
C VAL A 3749 -19.14 -29.94 -61.86
N GLU A 3750 -20.35 -29.49 -62.20
CA GLU A 3750 -21.15 -28.65 -61.33
C GLU A 3750 -22.14 -29.52 -60.55
N VAL A 3751 -22.07 -29.44 -59.23
CA VAL A 3751 -22.86 -30.29 -58.34
C VAL A 3751 -23.74 -29.40 -57.49
N SER A 3752 -25.03 -29.73 -57.41
CA SER A 3752 -25.97 -28.90 -56.67
C SER A 3752 -26.01 -29.29 -55.19
N PHE A 3753 -26.76 -28.50 -54.42
CA PHE A 3753 -26.80 -28.68 -52.98
C PHE A 3753 -27.36 -30.04 -52.60
N GLU A 3754 -28.45 -30.46 -53.26
CA GLU A 3754 -29.06 -31.74 -52.94
C GLU A 3754 -28.11 -32.89 -53.26
N GLU A 3755 -27.41 -32.81 -54.40
CA GLU A 3755 -26.47 -33.88 -54.75
C GLU A 3755 -25.31 -33.94 -53.77
N LYS A 3756 -24.76 -32.79 -53.36
CA LYS A 3756 -23.68 -32.80 -52.38
C LYS A 3756 -24.15 -33.40 -51.06
N GLU A 3757 -25.35 -33.02 -50.61
CA GLU A 3757 -25.87 -33.54 -49.35
C GLU A 3757 -26.11 -35.05 -49.45
N MET A 3758 -26.61 -35.52 -50.59
CA MET A 3758 -26.84 -36.95 -50.78
C MET A 3758 -25.52 -37.72 -50.78
N GLU A 3759 -24.49 -37.17 -51.43
CA GLU A 3759 -23.18 -37.82 -51.39
C GLU A 3759 -22.65 -37.88 -49.97
N LYS A 3760 -22.81 -36.80 -49.21
CA LYS A 3760 -22.38 -36.80 -47.81
C LYS A 3760 -23.11 -37.86 -47.01
N GLN A 3761 -24.43 -37.97 -47.20
CA GLN A 3761 -25.20 -38.98 -46.46
C GLN A 3761 -24.78 -40.39 -46.84
N ARG A 3762 -24.55 -40.63 -48.14
CA ARG A 3762 -24.09 -41.96 -48.55
C ARG A 3762 -22.74 -42.30 -47.95
N LEU A 3763 -21.81 -41.32 -47.93
CA LEU A 3763 -20.52 -41.55 -47.29
C LEU A 3763 -20.70 -41.85 -45.81
N LEU A 3764 -21.59 -41.12 -45.14
CA LEU A 3764 -21.83 -41.36 -43.73
C LEU A 3764 -22.39 -42.76 -43.48
N TYR A 3765 -23.30 -43.22 -44.34
CA TYR A 3765 -23.86 -44.56 -44.17
C TYR A 3765 -22.81 -45.64 -44.42
N GLN A 3766 -21.97 -45.44 -45.45
CA GLN A 3766 -20.91 -46.40 -45.73
C GLN A 3766 -19.93 -46.48 -44.56
N GLN A 3767 -19.62 -45.33 -43.95
CA GLN A 3767 -18.80 -45.33 -42.74
C GLN A 3767 -19.52 -46.01 -41.58
N SER A 3768 -20.85 -45.83 -41.52
CA SER A 3768 -21.64 -46.40 -40.44
C SER A 3768 -21.60 -47.92 -40.46
N ARG A 3769 -21.69 -48.51 -41.66
CA ARG A 3769 -21.72 -49.97 -41.76
C ARG A 3769 -20.51 -50.59 -41.06
N LEU A 3770 -19.37 -49.88 -41.04
CA LEU A 3770 -18.19 -50.44 -40.40
C LEU A 3770 -18.04 -49.97 -38.96
N HIS A 3771 -18.18 -48.67 -38.71
CA HIS A 3771 -17.88 -48.17 -37.36
C HIS A 3771 -18.92 -48.65 -36.36
N THR A 3772 -20.15 -48.92 -36.82
CA THR A 3772 -21.12 -49.56 -35.93
C THR A 3772 -20.72 -50.99 -35.60
N ARG A 3773 -19.75 -51.54 -36.34
CA ARG A 3773 -19.29 -52.90 -36.13
C ARG A 3773 -17.97 -52.97 -35.38
N GLY A 3774 -17.49 -51.88 -34.78
CA GLY A 3774 -16.25 -51.88 -34.04
C GLY A 3774 -15.01 -51.51 -34.83
N ALA A 3775 -15.18 -50.94 -36.03
CA ALA A 3775 -14.04 -50.68 -36.90
C ALA A 3775 -13.06 -49.69 -36.28
N ALA A 3776 -13.56 -48.62 -35.68
CA ALA A 3776 -12.67 -47.59 -35.12
C ALA A 3776 -11.86 -48.14 -33.95
N GLU A 3777 -12.52 -48.88 -33.05
CA GLU A 3777 -11.80 -49.48 -31.93
C GLU A 3777 -10.78 -50.48 -32.42
N MET A 3778 -11.13 -51.27 -33.45
CA MET A 3778 -10.19 -52.23 -34.01
C MET A 3778 -8.99 -51.53 -34.64
N VAL A 3779 -9.20 -50.40 -35.31
CA VAL A 3779 -8.10 -49.62 -35.87
C VAL A 3779 -7.17 -49.12 -34.77
N LEU A 3780 -7.75 -48.59 -33.69
CA LEU A 3780 -6.93 -48.14 -32.58
C LEU A 3780 -6.14 -49.29 -31.96
N GLN A 3781 -6.79 -50.45 -31.79
CA GLN A 3781 -6.09 -51.63 -31.28
C GLN A 3781 -4.94 -52.02 -32.20
N MET A 3782 -5.15 -51.95 -33.52
CA MET A 3782 -4.13 -52.43 -34.44
C MET A 3782 -2.95 -51.47 -34.49
N ILE A 3783 -3.19 -50.16 -34.35
CA ILE A 3783 -2.08 -49.23 -34.18
C ILE A 3783 -1.31 -49.55 -32.91
N SER A 3784 -2.04 -49.80 -31.81
CA SER A 3784 -1.39 -50.14 -30.55
C SER A 3784 -0.55 -51.40 -30.68
N ALA A 3785 -1.03 -52.37 -31.46
CA ALA A 3785 -0.26 -53.58 -31.72
C ALA A 3785 0.92 -53.31 -32.64
N CYS A 3786 0.78 -52.33 -33.55
CA CYS A 3786 1.89 -51.91 -34.39
C CYS A 3786 3.04 -51.40 -33.54
N LYS A 3787 2.73 -50.65 -32.48
CA LYS A 3787 3.73 -50.29 -31.47
C LYS A 3787 4.81 -49.36 -32.04
N GLY A 3788 4.56 -48.82 -33.23
CA GLY A 3788 5.49 -47.89 -33.83
C GLY A 3788 6.53 -48.50 -34.77
N GLU A 3789 6.22 -49.60 -35.42
CA GLU A 3789 7.10 -50.18 -36.44
C GLU A 3789 6.46 -49.94 -37.82
N THR A 3790 7.20 -49.27 -38.70
CA THR A 3790 6.67 -48.94 -40.01
C THR A 3790 6.49 -50.20 -40.84
N GLY A 3791 5.29 -50.37 -41.39
CA GLY A 3791 5.00 -51.56 -42.18
C GLY A 3791 3.63 -51.49 -42.82
N ALA A 3792 3.36 -52.49 -43.66
CA ALA A 3792 2.05 -52.58 -44.30
C ALA A 3792 0.93 -52.69 -43.28
N MET A 3793 1.22 -53.30 -42.12
CA MET A 3793 0.25 -53.34 -41.04
C MET A 3793 -0.34 -51.96 -40.77
N VAL A 3794 0.51 -51.03 -40.35
CA VAL A 3794 0.06 -49.70 -39.96
C VAL A 3794 -0.33 -48.89 -41.18
N SER A 3795 0.25 -49.19 -42.35
CA SER A 3795 -0.17 -48.49 -43.55
C SER A 3795 -1.64 -48.77 -43.85
N SER A 3796 -2.03 -50.04 -43.90
CA SER A 3796 -3.43 -50.38 -44.13
C SER A 3796 -4.33 -49.91 -42.99
N THR A 3797 -3.83 -50.00 -41.74
CA THR A 3797 -4.62 -49.54 -40.61
C THR A 3797 -4.93 -48.05 -40.72
N LEU A 3798 -3.92 -47.24 -41.05
CA LEU A 3798 -4.13 -45.80 -41.17
C LEU A 3798 -4.99 -45.47 -42.38
N LYS A 3799 -4.84 -46.23 -43.47
CA LYS A 3799 -5.72 -45.99 -44.63
C LYS A 3799 -7.17 -46.27 -44.29
N LEU A 3800 -7.43 -47.34 -43.53
CA LEU A 3800 -8.79 -47.62 -43.08
C LEU A 3800 -9.29 -46.51 -42.15
N GLY A 3801 -8.43 -46.03 -41.26
CA GLY A 3801 -8.82 -44.92 -40.40
C GLY A 3801 -9.20 -43.68 -41.20
N ILE A 3802 -8.40 -43.37 -42.24
CA ILE A 3802 -8.74 -42.26 -43.12
C ILE A 3802 -10.09 -42.49 -43.78
N SER A 3803 -10.29 -43.71 -44.30
CA SER A 3803 -11.50 -43.99 -45.06
C SER A 3803 -12.75 -43.93 -44.19
N ILE A 3804 -12.61 -44.20 -42.89
CA ILE A 3804 -13.77 -44.14 -42.01
C ILE A 3804 -13.94 -42.74 -41.41
N LEU A 3805 -12.86 -41.97 -41.34
CA LEU A 3805 -12.92 -40.64 -40.73
C LEU A 3805 -13.04 -39.50 -41.73
N ASN A 3806 -13.10 -39.80 -43.03
CA ASN A 3806 -13.22 -38.74 -44.02
C ASN A 3806 -14.46 -37.89 -43.77
N GLY A 3807 -14.29 -36.57 -43.89
CA GLY A 3807 -15.39 -35.66 -43.64
C GLY A 3807 -15.62 -35.33 -42.18
N GLY A 3808 -14.75 -35.80 -41.29
CA GLY A 3808 -14.90 -35.53 -39.88
C GLY A 3808 -16.11 -36.22 -39.27
N ASN A 3809 -16.10 -37.55 -39.26
CA ASN A 3809 -17.21 -38.29 -38.70
C ASN A 3809 -17.26 -38.10 -37.18
N ALA A 3810 -18.25 -37.33 -36.73
CA ALA A 3810 -18.34 -36.98 -35.31
C ALA A 3810 -18.55 -38.22 -34.45
N GLU A 3811 -19.42 -39.13 -34.89
CA GLU A 3811 -19.69 -40.33 -34.09
C GLU A 3811 -18.47 -41.24 -34.04
N VAL A 3812 -17.72 -41.36 -35.14
CA VAL A 3812 -16.49 -42.14 -35.11
C VAL A 3812 -15.46 -41.50 -34.18
N GLN A 3813 -15.36 -40.17 -34.23
CA GLN A 3813 -14.45 -39.47 -33.31
C GLN A 3813 -14.84 -39.70 -31.87
N GLN A 3814 -16.14 -39.64 -31.57
CA GLN A 3814 -16.60 -39.87 -30.21
C GLN A 3814 -16.29 -41.29 -29.75
N LYS A 3815 -16.53 -42.28 -30.62
CA LYS A 3815 -16.22 -43.66 -30.26
C LYS A 3815 -14.74 -43.85 -30.02
N MET A 3816 -13.89 -43.26 -30.87
CA MET A 3816 -12.45 -43.38 -30.67
C MET A 3816 -12.01 -42.74 -29.37
N LEU A 3817 -12.53 -41.55 -29.07
CA LEU A 3817 -12.16 -40.86 -27.83
C LEU A 3817 -12.62 -41.65 -26.61
N ASP A 3818 -13.85 -42.19 -26.65
CA ASP A 3818 -14.34 -42.99 -25.53
C ASP A 3818 -13.52 -44.26 -25.36
N TYR A 3819 -13.16 -44.92 -26.46
CA TYR A 3819 -12.35 -46.12 -26.36
C TYR A 3819 -10.99 -45.81 -25.76
N LEU A 3820 -10.37 -44.71 -26.19
CA LEU A 3820 -9.09 -44.32 -25.61
C LEU A 3820 -9.24 -44.00 -24.12
N LYS A 3821 -10.35 -43.35 -23.75
CA LYS A 3821 -10.52 -42.97 -22.35
C LYS A 3821 -10.82 -44.18 -21.47
N ASP A 3822 -11.41 -45.24 -22.03
CA ASP A 3822 -11.74 -46.39 -21.19
C ASP A 3822 -10.59 -47.38 -21.12
N LYS A 3823 -10.03 -47.79 -22.26
CA LYS A 3823 -8.84 -48.64 -22.22
C LYS A 3823 -7.69 -47.91 -21.55
N LYS A 3824 -7.44 -46.68 -21.96
CA LYS A 3824 -6.58 -45.75 -21.21
C LYS A 3824 -5.14 -46.25 -21.21
N GLU A 3825 -4.66 -46.64 -22.40
CA GLU A 3825 -3.39 -47.31 -22.58
C GLU A 3825 -2.46 -46.41 -23.39
N VAL A 3826 -1.27 -46.14 -22.84
CA VAL A 3826 -0.38 -45.14 -23.43
C VAL A 3826 0.30 -45.67 -24.69
N GLY A 3827 0.22 -46.99 -24.91
CA GLY A 3827 0.94 -47.61 -26.00
C GLY A 3827 0.53 -47.09 -27.36
N PHE A 3828 -0.75 -46.73 -27.52
CA PHE A 3828 -1.21 -46.18 -28.79
C PHE A 3828 -0.48 -44.88 -29.12
N PHE A 3829 -0.41 -43.96 -28.15
CA PHE A 3829 0.27 -42.69 -28.40
C PHE A 3829 1.78 -42.89 -28.52
N GLN A 3830 2.33 -43.86 -27.78
CA GLN A 3830 3.75 -44.17 -27.94
C GLN A 3830 4.05 -44.66 -29.36
N SER A 3831 3.17 -45.51 -29.90
CA SER A 3831 3.32 -45.97 -31.28
C SER A 3831 3.21 -44.81 -32.26
N ILE A 3832 2.25 -43.90 -32.03
CA ILE A 3832 2.11 -42.74 -32.90
C ILE A 3832 3.39 -41.92 -32.89
N GLN A 3833 3.94 -41.66 -31.71
CA GLN A 3833 5.17 -40.88 -31.59
C GLN A 3833 6.32 -41.58 -32.28
N ALA A 3834 6.44 -42.89 -32.11
CA ALA A 3834 7.53 -43.63 -32.74
C ALA A 3834 7.43 -43.59 -34.27
N LEU A 3835 6.22 -43.79 -34.80
CA LEU A 3835 6.03 -43.74 -36.24
C LEU A 3835 6.36 -42.35 -36.79
N MET A 3836 5.92 -41.32 -36.07
CA MET A 3836 6.12 -39.96 -36.58
C MET A 3836 7.58 -39.53 -36.43
N GLN A 3837 8.30 -40.09 -35.46
CA GLN A 3837 9.74 -39.90 -35.40
C GLN A 3837 10.45 -40.61 -36.55
N THR A 3838 10.03 -41.84 -36.87
CA THR A 3838 10.72 -42.59 -37.90
C THR A 3838 10.29 -42.15 -39.30
N CYS A 3839 9.32 -41.24 -39.38
CA CYS A 3839 9.03 -40.58 -40.65
C CYS A 3839 10.29 -39.89 -41.17
N SER A 3840 10.59 -40.10 -42.44
CA SER A 3840 11.86 -39.67 -42.99
C SER A 3840 11.84 -38.19 -43.38
N VAL A 3841 13.04 -37.65 -43.59
CA VAL A 3841 13.23 -36.27 -44.03
C VAL A 3841 14.16 -36.26 -45.24
N LEU A 3842 14.13 -35.14 -45.96
CA LEU A 3842 14.85 -35.02 -47.22
C LEU A 3842 16.36 -35.15 -46.96
N ASP A 3843 17.05 -35.88 -47.83
CA ASP A 3843 18.47 -36.15 -47.64
C ASP A 3843 19.25 -35.78 -48.89
N LEU A 3844 20.14 -34.80 -48.76
CA LEU A 3844 21.05 -34.44 -49.85
C LEU A 3844 21.95 -35.61 -50.22
N ASN A 3845 22.44 -36.35 -49.23
CA ASN A 3845 23.35 -37.46 -49.50
C ASN A 3845 22.65 -38.52 -50.34
N ALA A 3846 21.44 -38.93 -49.95
CA ALA A 3846 20.70 -39.92 -50.72
C ALA A 3846 20.35 -39.38 -52.10
N PHE A 3847 19.99 -38.09 -52.17
CA PHE A 3847 19.66 -37.51 -53.48
C PHE A 3847 20.85 -37.55 -54.42
N GLU A 3848 22.04 -37.20 -53.91
CA GLU A 3848 23.24 -37.21 -54.76
C GLU A 3848 23.64 -38.64 -55.14
N ARG A 3849 23.48 -39.58 -54.21
CA ARG A 3849 23.75 -40.97 -54.55
C ARG A 3849 22.83 -41.44 -55.66
N GLN A 3850 21.54 -41.08 -55.58
CA GLN A 3850 20.61 -41.39 -56.67
C GLN A 3850 21.03 -40.70 -57.97
N ASN A 3851 21.47 -39.45 -57.89
CA ASN A 3851 21.90 -38.72 -59.09
C ASN A 3851 23.03 -39.44 -59.79
N LYS A 3852 24.07 -39.82 -59.05
CA LYS A 3852 25.13 -40.62 -59.64
C LYS A 3852 24.61 -41.97 -60.12
N ALA A 3853 23.53 -42.46 -59.49
CA ALA A 3853 22.94 -43.71 -59.96
C ALA A 3853 22.39 -43.59 -61.38
N GLU A 3854 21.59 -42.55 -61.68
CA GLU A 3854 21.12 -42.46 -63.06
C GLU A 3854 22.25 -42.02 -63.98
N GLY A 3855 23.21 -41.25 -63.46
CA GLY A 3855 24.34 -40.86 -64.29
C GLY A 3855 25.14 -42.06 -64.78
N LEU A 3856 25.33 -43.05 -63.91
CA LEU A 3856 26.06 -44.25 -64.32
C LEU A 3856 25.16 -45.20 -65.08
N GLY A 3857 24.13 -45.74 -64.42
CA GLY A 3857 23.06 -46.45 -65.10
C GLY A 3857 23.47 -47.60 -65.99
N MET A 3858 24.35 -48.48 -65.50
CA MET A 3858 24.79 -49.59 -66.33
C MET A 3858 23.71 -50.67 -66.41
N VAL A 3859 23.84 -51.54 -67.41
CA VAL A 3859 22.75 -52.42 -67.81
C VAL A 3859 22.53 -53.52 -66.76
N ASN A 3860 21.27 -53.92 -66.61
CA ASN A 3860 20.92 -55.04 -65.75
C ASN A 3860 21.18 -56.36 -66.48
N GLU A 3861 21.49 -57.40 -65.70
CA GLU A 3861 21.89 -58.67 -66.30
C GLU A 3861 20.76 -59.34 -67.06
N ASP A 3862 19.53 -59.26 -66.55
CA ASP A 3862 18.39 -59.89 -67.20
C ASP A 3862 18.08 -59.17 -68.51
N GLY A 3863 18.27 -59.87 -69.63
CA GLY A 3863 18.06 -59.27 -70.93
C GLY A 3863 18.97 -58.08 -71.14
N THR A 3864 18.38 -56.97 -71.55
CA THR A 3864 19.09 -55.69 -71.69
C THR A 3864 18.23 -54.61 -71.07
N VAL A 3865 18.54 -54.24 -69.83
CA VAL A 3865 17.80 -53.21 -69.11
C VAL A 3865 18.79 -52.17 -68.61
N ILE A 3866 18.95 -51.08 -69.37
CA ILE A 3866 19.92 -50.06 -69.01
C ILE A 3866 19.28 -49.03 -68.09
N ASN A 3867 19.91 -48.81 -66.93
CA ASN A 3867 19.48 -47.80 -65.97
C ASN A 3867 18.03 -48.00 -65.53
N ARG A 3868 17.73 -49.18 -64.98
CA ARG A 3868 16.40 -49.43 -64.49
C ARG A 3868 16.11 -48.57 -63.26
N GLN A 3869 15.01 -47.85 -63.30
CA GLN A 3869 14.70 -46.82 -62.32
C GLN A 3869 13.79 -47.38 -61.23
N ASN A 3870 14.24 -47.29 -59.99
CA ASN A 3870 13.45 -47.72 -58.85
C ASN A 3870 12.71 -46.54 -58.24
N GLY A 3871 11.87 -46.85 -57.25
CA GLY A 3871 11.27 -45.79 -56.45
C GLY A 3871 12.35 -44.96 -55.78
N GLU A 3872 12.17 -43.65 -55.80
CA GLU A 3872 13.19 -42.74 -55.29
C GLU A 3872 13.47 -43.01 -53.82
N LYS A 3873 14.75 -43.13 -53.48
CA LYS A 3873 15.14 -43.32 -52.09
C LYS A 3873 14.74 -42.12 -51.24
N VAL A 3874 14.79 -40.92 -51.83
CA VAL A 3874 14.34 -39.72 -51.14
C VAL A 3874 12.82 -39.75 -51.03
N MET A 3875 12.31 -39.50 -49.82
CA MET A 3875 10.87 -39.57 -49.55
C MET A 3875 10.30 -40.93 -49.90
N ALA A 3876 10.90 -41.98 -49.34
CA ALA A 3876 10.35 -43.33 -49.51
C ALA A 3876 9.00 -43.46 -48.82
N ASP A 3877 8.87 -42.89 -47.62
CA ASP A 3877 7.65 -42.98 -46.82
C ASP A 3877 6.83 -41.70 -46.85
N ASP A 3878 6.86 -40.96 -47.96
CA ASP A 3878 6.10 -39.71 -48.03
C ASP A 3878 4.60 -39.99 -47.91
N GLU A 3879 4.11 -41.06 -48.54
CA GLU A 3879 2.69 -41.39 -48.46
C GLU A 3879 2.32 -41.76 -47.02
N PHE A 3880 3.21 -42.46 -46.31
CA PHE A 3880 2.93 -42.81 -44.93
C PHE A 3880 2.90 -41.59 -44.04
N THR A 3881 3.84 -40.66 -44.21
CA THR A 3881 3.79 -39.42 -43.45
C THR A 3881 2.52 -38.65 -43.75
N GLN A 3882 2.15 -38.59 -45.03
CA GLN A 3882 0.97 -37.85 -45.44
C GLN A 3882 -0.30 -38.44 -44.83
N ASP A 3883 -0.47 -39.76 -44.89
CA ASP A 3883 -1.74 -40.32 -44.40
C ASP A 3883 -1.75 -40.41 -42.89
N LEU A 3884 -0.58 -40.46 -42.24
CA LEU A 3884 -0.54 -40.34 -40.78
C LEU A 3884 -0.99 -38.95 -40.34
N PHE A 3885 -0.43 -37.91 -40.95
CA PHE A 3885 -0.85 -36.56 -40.58
C PHE A 3885 -2.29 -36.29 -41.00
N ARG A 3886 -2.74 -36.92 -42.08
CA ARG A 3886 -4.15 -36.80 -42.46
C ARG A 3886 -5.04 -37.52 -41.47
N PHE A 3887 -4.55 -38.61 -40.87
CA PHE A 3887 -5.29 -39.28 -39.80
C PHE A 3887 -5.42 -38.38 -38.58
N LEU A 3888 -4.33 -37.72 -38.20
CA LEU A 3888 -4.40 -36.77 -37.09
C LEU A 3888 -5.35 -35.61 -37.42
N GLN A 3889 -5.27 -35.11 -38.66
CA GLN A 3889 -6.16 -34.05 -39.11
C GLN A 3889 -7.62 -34.47 -39.04
N LEU A 3890 -7.92 -35.70 -39.48
CA LEU A 3890 -9.29 -36.18 -39.47
C LEU A 3890 -9.78 -36.42 -38.05
N LEU A 3891 -8.87 -36.85 -37.17
CA LEU A 3891 -9.21 -37.00 -35.76
C LEU A 3891 -9.58 -35.67 -35.14
N CYS A 3892 -8.84 -34.61 -35.48
CA CYS A 3892 -9.14 -33.28 -34.97
C CYS A 3892 -10.17 -32.53 -35.80
N GLU A 3893 -10.69 -33.15 -36.88
CA GLU A 3893 -11.57 -32.46 -37.79
C GLU A 3893 -12.90 -32.14 -37.12
N GLY A 3894 -13.51 -31.04 -37.55
CA GLY A 3894 -14.76 -30.59 -36.96
C GLY A 3894 -14.60 -29.79 -35.69
N HIS A 3895 -13.37 -29.38 -35.36
CA HIS A 3895 -13.10 -28.61 -34.15
C HIS A 3895 -13.55 -29.36 -32.89
N ASN A 3896 -13.16 -30.63 -32.80
CA ASN A 3896 -13.53 -31.45 -31.66
C ASN A 3896 -12.59 -31.12 -30.50
N ASN A 3897 -13.04 -30.19 -29.64
CA ASN A 3897 -12.18 -29.63 -28.61
C ASN A 3897 -11.72 -30.68 -27.62
N ASP A 3898 -12.60 -31.62 -27.26
CA ASP A 3898 -12.23 -32.65 -26.30
C ASP A 3898 -11.07 -33.49 -26.83
N PHE A 3899 -11.15 -33.92 -28.08
CA PHE A 3899 -10.09 -34.76 -28.62
C PHE A 3899 -8.82 -33.95 -28.88
N GLN A 3900 -8.97 -32.68 -29.25
CA GLN A 3900 -7.79 -31.83 -29.39
C GLN A 3900 -7.06 -31.68 -28.06
N ASN A 3901 -7.79 -31.44 -26.98
CA ASN A 3901 -7.18 -31.36 -25.67
C ASN A 3901 -6.57 -32.70 -25.27
N TYR A 3902 -7.23 -33.80 -25.62
CA TYR A 3902 -6.69 -35.12 -25.31
C TYR A 3902 -5.38 -35.37 -26.04
N LEU A 3903 -5.30 -34.97 -27.31
CA LEU A 3903 -4.06 -35.09 -28.05
C LEU A 3903 -2.96 -34.23 -27.44
N ARG A 3904 -3.31 -33.01 -27.02
CA ARG A 3904 -2.34 -32.17 -26.32
C ARG A 3904 -1.82 -32.87 -25.08
N THR A 3905 -2.69 -33.06 -24.09
CA THR A 3905 -2.34 -33.78 -22.87
C THR A 3905 -3.46 -34.75 -22.54
N GLN A 3906 -3.09 -35.93 -22.04
CA GLN A 3906 -4.04 -36.91 -21.53
C GLN A 3906 -3.94 -36.88 -20.01
N THR A 3907 -5.03 -36.48 -19.36
CA THR A 3907 -4.99 -36.17 -17.94
C THR A 3907 -4.66 -37.39 -17.10
N GLY A 3908 -5.39 -38.50 -17.30
CA GLY A 3908 -5.30 -39.60 -16.36
C GLY A 3908 -4.21 -40.60 -16.69
N ASN A 3909 -3.74 -40.61 -17.93
CA ASN A 3909 -2.70 -41.56 -18.32
C ASN A 3909 -1.45 -41.36 -17.47
N THR A 3910 -0.84 -42.48 -17.07
CA THR A 3910 0.30 -42.43 -16.15
C THR A 3910 1.45 -41.63 -16.76
N THR A 3911 1.59 -41.64 -18.08
CA THR A 3911 2.58 -40.84 -18.77
C THR A 3911 1.90 -40.16 -19.96
N THR A 3912 2.19 -38.87 -20.15
CA THR A 3912 1.57 -38.07 -21.19
C THR A 3912 2.63 -37.55 -22.13
N ILE A 3913 2.39 -37.67 -23.43
CA ILE A 3913 3.28 -37.15 -24.46
C ILE A 3913 2.51 -36.16 -25.30
N ASN A 3914 3.21 -35.19 -25.89
CA ASN A 3914 2.56 -34.08 -26.58
C ASN A 3914 2.70 -34.26 -28.10
N ILE A 3915 1.62 -34.75 -28.72
CA ILE A 3915 1.61 -34.93 -30.16
C ILE A 3915 1.82 -33.60 -30.87
N ILE A 3916 1.31 -32.51 -30.29
CA ILE A 3916 1.48 -31.20 -30.88
C ILE A 3916 2.96 -30.85 -30.98
N ILE A 3917 3.69 -30.99 -29.87
CA ILE A 3917 5.11 -30.62 -29.84
C ILE A 3917 5.91 -31.53 -30.77
N CYS A 3918 5.60 -32.83 -30.77
CA CYS A 3918 6.36 -33.74 -31.63
C CYS A 3918 6.07 -33.47 -33.11
N THR A 3919 4.83 -33.11 -33.45
CA THR A 3919 4.53 -32.70 -34.82
C THR A 3919 5.29 -31.44 -35.20
N VAL A 3920 5.40 -30.49 -34.27
CA VAL A 3920 6.23 -29.32 -34.51
C VAL A 3920 7.68 -29.71 -34.77
N ASP A 3921 8.18 -30.69 -34.02
CA ASP A 3921 9.55 -31.16 -34.22
C ASP A 3921 9.73 -31.74 -35.62
N TYR A 3922 8.77 -32.56 -36.07
CA TYR A 3922 8.86 -33.11 -37.42
C TYR A 3922 8.81 -31.99 -38.46
N LEU A 3923 7.95 -31.01 -38.26
CA LEU A 3923 7.88 -29.89 -39.21
C LEU A 3923 9.19 -29.13 -39.26
N LEU A 3924 9.83 -28.93 -38.11
CA LEU A 3924 11.12 -28.24 -38.08
C LEU A 3924 12.19 -29.04 -38.80
N ARG A 3925 12.20 -30.37 -38.62
CA ARG A 3925 13.15 -31.21 -39.35
C ARG A 3925 12.91 -31.13 -40.86
N LEU A 3926 11.64 -31.16 -41.27
CA LEU A 3926 11.33 -31.02 -42.69
C LEU A 3926 11.75 -29.66 -43.22
N GLN A 3927 11.61 -28.62 -42.40
CA GLN A 3927 12.07 -27.29 -42.82
C GLN A 3927 13.58 -27.27 -43.03
N GLU A 3928 14.34 -27.87 -42.12
CA GLU A 3928 15.78 -27.93 -42.33
C GLU A 3928 16.14 -28.70 -43.60
N SER A 3929 15.42 -29.78 -43.87
CA SER A 3929 15.66 -30.54 -45.08
C SER A 3929 15.37 -29.71 -46.34
N ILE A 3930 14.27 -28.95 -46.31
CA ILE A 3930 13.93 -28.08 -47.43
C ILE A 3930 14.96 -26.99 -47.60
N SER A 3931 15.52 -26.49 -46.49
CA SER A 3931 16.59 -25.50 -46.56
C SER A 3931 17.84 -26.11 -47.20
N ASP A 3932 18.14 -27.37 -46.88
CA ASP A 3932 19.27 -28.04 -47.53
C ASP A 3932 19.06 -28.15 -49.04
N PHE A 3933 17.85 -28.52 -49.46
CA PHE A 3933 17.58 -28.51 -50.90
C PHE A 3933 17.68 -27.11 -51.50
N TYR A 3934 17.25 -26.08 -50.76
CA TYR A 3934 17.46 -24.73 -51.22
C TYR A 3934 18.93 -24.43 -51.48
N TRP A 3935 19.80 -24.75 -50.53
CA TRP A 3935 21.21 -24.46 -50.70
C TRP A 3935 21.79 -25.23 -51.89
N TYR A 3936 21.44 -26.51 -52.01
CA TYR A 3936 21.96 -27.30 -53.12
C TYR A 3936 21.45 -26.77 -54.46
N TYR A 3937 20.19 -26.34 -54.50
CA TYR A 3937 19.60 -25.86 -55.75
C TYR A 3937 20.15 -24.50 -56.14
N SER A 3938 20.43 -23.64 -55.14
CA SER A 3938 21.07 -22.37 -55.42
C SER A 3938 22.53 -22.57 -55.78
N GLY A 3939 23.09 -23.72 -55.46
CA GLY A 3939 24.43 -24.04 -55.91
C GLY A 3939 24.56 -23.97 -57.42
N LYS A 3940 23.59 -24.52 -58.15
CA LYS A 3940 23.61 -24.43 -59.60
C LYS A 3940 22.56 -23.44 -60.09
N ASP A 3941 22.59 -23.18 -61.40
CA ASP A 3941 21.73 -22.13 -61.97
C ASP A 3941 20.27 -22.54 -62.03
N VAL A 3942 19.99 -23.77 -62.49
CA VAL A 3942 18.63 -24.18 -62.81
C VAL A 3942 18.32 -25.48 -62.08
N ILE A 3943 17.02 -25.74 -61.88
CA ILE A 3943 16.59 -26.93 -61.17
C ILE A 3943 16.40 -28.07 -62.15
N GLU A 3944 16.94 -29.24 -61.82
CA GLU A 3944 16.75 -30.42 -62.65
C GLU A 3944 15.48 -31.18 -62.24
N GLU A 3945 14.97 -31.98 -63.17
CA GLU A 3945 13.61 -32.51 -63.05
C GLU A 3945 13.45 -33.47 -61.88
N GLN A 3946 14.45 -34.33 -61.65
CA GLN A 3946 14.34 -35.30 -60.57
C GLN A 3946 14.25 -34.58 -59.22
N GLY A 3947 15.09 -33.56 -59.04
CA GLY A 3947 14.99 -32.74 -57.84
C GLY A 3947 13.70 -31.95 -57.78
N LYS A 3948 13.18 -31.53 -58.94
CA LYS A 3948 11.87 -30.90 -58.96
C LYS A 3948 10.81 -31.81 -58.35
N ARG A 3949 10.78 -33.07 -58.77
CA ARG A 3949 9.77 -33.99 -58.27
C ARG A 3949 9.98 -34.29 -56.79
N ASN A 3950 11.24 -34.46 -56.36
CA ASN A 3950 11.53 -34.64 -54.95
C ASN A 3950 11.01 -33.46 -54.13
N PHE A 3951 11.31 -32.25 -54.58
CA PHE A 3951 10.88 -31.06 -53.85
C PHE A 3951 9.37 -30.96 -53.82
N SER A 3952 8.70 -31.29 -54.92
CA SER A 3952 7.24 -31.23 -54.96
C SER A 3952 6.61 -32.21 -53.98
N LYS A 3953 7.13 -33.44 -53.91
CA LYS A 3953 6.57 -34.41 -52.97
C LYS A 3953 6.82 -33.99 -51.52
N ALA A 3954 8.00 -33.43 -51.24
CA ALA A 3954 8.25 -32.90 -49.91
C ALA A 3954 7.31 -31.76 -49.57
N MET A 3955 7.00 -30.92 -50.56
CA MET A 3955 6.05 -29.82 -50.37
C MET A 3955 4.66 -30.34 -50.07
N SER A 3956 4.25 -31.43 -50.74
CA SER A 3956 2.96 -32.04 -50.43
C SER A 3956 2.94 -32.52 -48.98
N VAL A 3957 4.03 -33.15 -48.53
CA VAL A 3957 4.11 -33.57 -47.14
C VAL A 3957 3.99 -32.38 -46.20
N ALA A 3958 4.71 -31.29 -46.51
CA ALA A 3958 4.65 -30.10 -45.66
C ALA A 3958 3.25 -29.51 -45.63
N LYS A 3959 2.56 -29.51 -46.78
CA LYS A 3959 1.18 -29.05 -46.83
C LYS A 3959 0.30 -29.87 -45.90
N GLN A 3960 0.47 -31.20 -45.91
CA GLN A 3960 -0.31 -32.04 -45.01
C GLN A 3960 -0.01 -31.69 -43.55
N VAL A 3961 1.26 -31.44 -43.23
CA VAL A 3961 1.63 -31.07 -41.86
C VAL A 3961 0.95 -29.76 -41.46
N PHE A 3962 0.98 -28.76 -42.33
CA PHE A 3962 0.37 -27.48 -41.99
C PHE A 3962 -1.13 -27.59 -41.82
N ASN A 3963 -1.79 -28.38 -42.67
CA ASN A 3963 -3.23 -28.59 -42.49
C ASN A 3963 -3.52 -29.28 -41.17
N SER A 3964 -2.69 -30.26 -40.79
CA SER A 3964 -2.87 -30.91 -39.50
C SER A 3964 -2.73 -29.91 -38.36
N LEU A 3965 -1.72 -29.05 -38.42
CA LEU A 3965 -1.53 -28.05 -37.37
C LEU A 3965 -2.71 -27.08 -37.30
N THR A 3966 -3.22 -26.66 -38.46
CA THR A 3966 -4.38 -25.78 -38.47
C THR A 3966 -5.58 -26.45 -37.81
N GLU A 3967 -5.81 -27.73 -38.11
CA GLU A 3967 -6.90 -28.45 -37.47
C GLU A 3967 -6.67 -28.58 -35.96
N TYR A 3968 -5.42 -28.71 -35.54
CA TYR A 3968 -5.15 -28.71 -34.11
C TYR A 3968 -5.55 -27.40 -33.46
N ILE A 3969 -5.18 -26.28 -34.08
CA ILE A 3969 -5.25 -25.01 -33.37
C ILE A 3969 -6.62 -24.35 -33.54
N GLN A 3970 -7.41 -24.80 -34.51
CA GLN A 3970 -8.73 -24.20 -34.71
C GLN A 3970 -9.66 -24.53 -33.55
N GLY A 3971 -10.79 -23.82 -33.50
CA GLY A 3971 -11.82 -24.06 -32.53
C GLY A 3971 -12.33 -22.81 -31.81
N PRO A 3972 -11.42 -21.91 -31.39
CA PRO A 3972 -9.97 -22.02 -31.20
C PRO A 3972 -9.63 -22.66 -29.86
N CYS A 3973 -8.83 -23.73 -29.89
CA CYS A 3973 -8.43 -24.42 -28.66
C CYS A 3973 -7.33 -23.60 -28.00
N THR A 3974 -7.66 -22.98 -26.87
CA THR A 3974 -6.72 -22.06 -26.21
C THR A 3974 -5.47 -22.79 -25.73
N GLY A 3975 -5.64 -23.97 -25.15
CA GLY A 3975 -4.48 -24.73 -24.69
C GLY A 3975 -3.55 -25.12 -25.82
N ASN A 3976 -4.11 -25.60 -26.93
CA ASN A 3976 -3.29 -25.91 -28.09
C ASN A 3976 -2.61 -24.68 -28.64
N GLN A 3977 -3.32 -23.55 -28.67
CA GLN A 3977 -2.73 -22.30 -29.14
C GLN A 3977 -1.53 -21.91 -28.29
N GLN A 3978 -1.68 -21.95 -26.96
CA GLN A 3978 -0.60 -21.55 -26.07
C GLN A 3978 0.58 -22.53 -26.16
N SER A 3979 0.28 -23.84 -26.24
CA SER A 3979 1.36 -24.81 -26.36
C SER A 3979 2.13 -24.62 -27.66
N LEU A 3980 1.41 -24.39 -28.76
CA LEU A 3980 2.08 -24.14 -30.04
C LEU A 3980 2.89 -22.85 -29.99
N ALA A 3981 2.37 -21.83 -29.31
CA ALA A 3981 3.09 -20.57 -29.19
C ALA A 3981 4.38 -20.75 -28.43
N HIS A 3982 4.37 -21.52 -27.35
CA HIS A 3982 5.59 -21.74 -26.58
C HIS A 3982 6.49 -22.78 -27.23
N SER A 3983 5.97 -23.53 -28.20
CA SER A 3983 6.76 -24.55 -28.87
C SER A 3983 7.78 -23.93 -29.82
N ARG A 3984 8.51 -24.81 -30.52
CA ARG A 3984 9.52 -24.40 -31.49
C ARG A 3984 8.94 -24.07 -32.86
N LEU A 3985 7.64 -23.78 -32.95
CA LEU A 3985 7.04 -23.51 -34.26
C LEU A 3985 7.68 -22.28 -34.91
N TRP A 3986 7.99 -21.26 -34.12
CA TRP A 3986 8.38 -19.98 -34.67
C TRP A 3986 9.65 -20.08 -35.50
N ASP A 3987 10.63 -20.83 -35.03
CA ASP A 3987 11.87 -20.99 -35.78
C ASP A 3987 11.64 -21.67 -37.12
N ALA A 3988 10.84 -22.75 -37.12
CA ALA A 3988 10.53 -23.44 -38.36
C ALA A 3988 9.77 -22.53 -39.32
N VAL A 3989 8.88 -21.70 -38.78
CA VAL A 3989 8.11 -20.79 -39.62
C VAL A 3989 9.01 -19.74 -40.26
N VAL A 3990 9.95 -19.18 -39.49
CA VAL A 3990 10.93 -18.26 -40.07
C VAL A 3990 11.75 -18.95 -41.15
N GLY A 3991 12.12 -20.22 -40.90
CA GLY A 3991 12.85 -20.96 -41.91
C GLY A 3991 12.07 -21.13 -43.19
N PHE A 3992 10.81 -21.55 -43.09
CA PHE A 3992 9.96 -21.64 -44.27
C PHE A 3992 9.83 -20.29 -44.95
N LEU A 3993 9.81 -19.20 -44.16
CA LEU A 3993 9.68 -17.88 -44.76
C LEU A 3993 10.86 -17.55 -45.66
N HIS A 3994 12.08 -17.69 -45.15
CA HIS A 3994 13.23 -17.34 -45.99
C HIS A 3994 13.35 -18.31 -47.15
N VAL A 3995 13.08 -19.60 -46.90
CA VAL A 3995 13.14 -20.58 -47.97
C VAL A 3995 12.16 -20.22 -49.07
N PHE A 3996 10.92 -19.87 -48.70
CA PHE A 3996 9.89 -19.54 -49.68
C PHE A 3996 10.29 -18.30 -50.47
N ALA A 3997 10.84 -17.29 -49.79
CA ALA A 3997 11.26 -16.08 -50.49
C ALA A 3997 12.26 -16.40 -51.58
N HIS A 3998 13.32 -17.11 -51.21
CA HIS A 3998 14.33 -17.44 -52.21
C HIS A 3998 13.78 -18.41 -53.26
N MET A 3999 12.84 -19.29 -52.87
CA MET A 3999 12.11 -20.08 -53.85
C MET A 3999 11.50 -19.20 -54.92
N MET A 4000 10.52 -18.36 -54.59
CA MET A 4000 9.80 -17.72 -55.69
C MET A 4000 10.72 -16.78 -56.46
N MET A 4001 11.77 -16.26 -55.80
CA MET A 4001 12.83 -15.59 -56.57
C MET A 4001 13.35 -16.49 -57.69
N LYS A 4002 13.97 -17.62 -57.33
CA LYS A 4002 14.63 -18.46 -58.32
C LYS A 4002 13.63 -19.11 -59.27
N LEU A 4003 12.39 -19.31 -58.80
CA LEU A 4003 11.38 -19.97 -59.62
C LEU A 4003 10.81 -19.02 -60.66
N ALA A 4004 10.66 -17.73 -60.31
CA ALA A 4004 10.21 -16.75 -61.28
C ALA A 4004 11.35 -16.35 -62.20
N GLN A 4005 12.60 -16.66 -61.81
CA GLN A 4005 13.72 -16.44 -62.72
C GLN A 4005 13.48 -17.08 -64.08
N ASP A 4006 12.92 -18.28 -64.11
CA ASP A 4006 12.73 -19.03 -65.34
C ASP A 4006 11.27 -19.45 -65.51
N SER A 4007 10.86 -19.70 -66.75
CA SER A 4007 9.46 -20.01 -67.03
C SER A 4007 9.11 -21.46 -66.70
N SER A 4008 10.06 -22.37 -66.87
CA SER A 4008 9.76 -23.79 -66.75
C SER A 4008 9.32 -24.17 -65.34
N GLN A 4009 9.70 -23.38 -64.35
CA GLN A 4009 9.40 -23.69 -62.95
C GLN A 4009 8.03 -23.19 -62.51
N ILE A 4010 7.12 -22.92 -63.45
CA ILE A 4010 5.87 -22.24 -63.11
C ILE A 4010 4.97 -23.14 -62.27
N GLU A 4011 4.94 -24.45 -62.55
CA GLU A 4011 4.09 -25.34 -61.79
C GLU A 4011 4.60 -25.52 -60.36
N LEU A 4012 5.91 -25.67 -60.21
CA LEU A 4012 6.49 -25.72 -58.87
C LEU A 4012 6.26 -24.41 -58.13
N LEU A 4013 6.23 -23.29 -58.86
CA LEU A 4013 5.89 -22.01 -58.25
C LEU A 4013 4.44 -21.99 -57.77
N LYS A 4014 3.54 -22.57 -58.56
CA LYS A 4014 2.14 -22.68 -58.13
C LYS A 4014 2.03 -23.48 -56.84
N GLU A 4015 2.73 -24.63 -56.78
CA GLU A 4015 2.72 -25.43 -55.56
C GLU A 4015 3.34 -24.66 -54.41
N LEU A 4016 4.36 -23.85 -54.70
CA LEU A 4016 4.97 -23.00 -53.68
C LEU A 4016 3.95 -22.04 -53.09
N LEU A 4017 3.19 -21.37 -53.96
CA LEU A 4017 2.19 -20.43 -53.48
C LEU A 4017 1.11 -21.14 -52.67
N ASP A 4018 0.74 -22.35 -53.08
CA ASP A 4018 -0.23 -23.13 -52.32
C ASP A 4018 0.30 -23.43 -50.91
N LEU A 4019 1.56 -23.87 -50.82
CA LEU A 4019 2.14 -24.16 -49.51
C LEU A 4019 2.21 -22.90 -48.64
N GLN A 4020 2.58 -21.78 -49.24
CA GLN A 4020 2.67 -20.53 -48.49
C GLN A 4020 1.30 -20.09 -47.97
N LYS A 4021 0.24 -20.30 -48.77
CA LYS A 4021 -1.07 -19.87 -48.31
C LYS A 4021 -1.60 -20.79 -47.23
N ASP A 4022 -1.26 -22.08 -47.28
CA ASP A 4022 -1.55 -22.96 -46.15
C ASP A 4022 -0.83 -22.49 -44.90
N MET A 4023 0.43 -22.09 -45.05
CA MET A 4023 1.19 -21.48 -43.96
C MET A 4023 0.46 -20.27 -43.37
N VAL A 4024 0.01 -19.36 -44.23
CA VAL A 4024 -0.61 -18.13 -43.76
C VAL A 4024 -1.95 -18.41 -43.09
N VAL A 4025 -2.72 -19.38 -43.61
CA VAL A 4025 -4.00 -19.69 -42.98
C VAL A 4025 -3.77 -20.33 -41.61
N MET A 4026 -2.70 -21.12 -41.47
CA MET A 4026 -2.35 -21.63 -40.14
C MET A 4026 -2.00 -20.47 -39.20
N LEU A 4027 -1.25 -19.49 -39.69
CA LEU A 4027 -0.92 -18.34 -38.86
C LEU A 4027 -2.17 -17.56 -38.45
N LEU A 4028 -3.13 -17.43 -39.37
CA LEU A 4028 -4.40 -16.77 -39.04
C LEU A 4028 -5.19 -17.56 -38.01
N SER A 4029 -5.17 -18.89 -38.12
CA SER A 4029 -5.81 -19.72 -37.10
C SER A 4029 -5.16 -19.50 -35.75
N LEU A 4030 -3.84 -19.28 -35.74
CA LEU A 4030 -3.19 -18.88 -34.49
C LEU A 4030 -3.68 -17.53 -34.00
N LEU A 4031 -3.85 -16.57 -34.93
CA LEU A 4031 -4.40 -15.27 -34.57
C LEU A 4031 -5.80 -15.35 -33.99
N GLU A 4032 -6.53 -16.41 -34.33
CA GLU A 4032 -7.91 -16.55 -33.88
C GLU A 4032 -8.02 -16.38 -32.37
N GLY A 4033 -8.97 -15.55 -31.95
CA GLY A 4033 -9.21 -15.31 -30.54
C GLY A 4033 -8.25 -14.37 -29.86
N ASN A 4034 -7.32 -13.75 -30.60
CA ASN A 4034 -6.34 -12.89 -29.96
C ASN A 4034 -6.95 -11.54 -29.58
N VAL A 4035 -6.59 -11.07 -28.39
CA VAL A 4035 -7.04 -9.76 -27.92
C VAL A 4035 -6.14 -8.68 -28.50
N VAL A 4036 -6.59 -7.43 -28.37
CA VAL A 4036 -5.74 -6.30 -28.73
C VAL A 4036 -4.50 -6.32 -27.85
N ASN A 4037 -3.33 -6.17 -28.48
CA ASN A 4037 -2.04 -6.36 -27.82
C ASN A 4037 -1.93 -7.72 -27.16
N GLY A 4038 -2.30 -8.77 -27.90
CA GLY A 4038 -2.21 -10.11 -27.37
C GLY A 4038 -0.81 -10.68 -27.48
N MET A 4039 -0.55 -11.68 -26.65
CA MET A 4039 0.79 -12.28 -26.61
C MET A 4039 1.14 -12.97 -27.92
N ILE A 4040 0.19 -13.72 -28.49
CA ILE A 4040 0.45 -14.44 -29.75
C ILE A 4040 0.68 -13.45 -30.89
N ALA A 4041 -0.13 -12.40 -30.95
CA ALA A 4041 0.07 -11.38 -31.99
C ALA A 4041 1.42 -10.70 -31.82
N ARG A 4042 1.80 -10.39 -30.58
CA ARG A 4042 3.11 -9.79 -30.35
C ARG A 4042 4.23 -10.72 -30.78
N GLN A 4043 4.09 -12.02 -30.50
CA GLN A 4043 5.12 -12.98 -30.90
C GLN A 4043 5.25 -13.08 -32.41
N MET A 4044 4.12 -13.05 -33.12
CA MET A 4044 4.20 -13.07 -34.59
C MET A 4044 4.75 -11.77 -35.16
N VAL A 4045 4.45 -10.63 -34.51
CA VAL A 4045 5.09 -9.38 -34.91
C VAL A 4045 6.61 -9.48 -34.73
N ASP A 4046 7.04 -10.05 -33.59
CA ASP A 4046 8.46 -10.29 -33.38
C ASP A 4046 9.03 -11.19 -34.46
N MET A 4047 8.29 -12.24 -34.83
CA MET A 4047 8.69 -13.10 -35.94
C MET A 4047 8.94 -12.31 -37.22
N LEU A 4048 7.99 -11.45 -37.60
CA LEU A 4048 8.19 -10.63 -38.78
C LEU A 4048 9.40 -9.74 -38.61
N VAL A 4049 9.69 -9.30 -37.39
CA VAL A 4049 10.87 -8.49 -37.15
C VAL A 4049 12.14 -9.29 -37.43
N GLU A 4050 12.25 -10.50 -36.87
CA GLU A 4050 13.48 -11.28 -37.09
C GLU A 4050 13.62 -11.69 -38.55
N SER A 4051 12.50 -12.09 -39.18
CA SER A 4051 12.51 -12.47 -40.59
C SER A 4051 12.17 -11.30 -41.50
N SER A 4052 12.50 -10.08 -41.08
CA SER A 4052 12.12 -8.89 -41.83
C SER A 4052 12.55 -8.96 -43.29
N SER A 4053 13.87 -9.02 -43.54
CA SER A 4053 14.36 -8.91 -44.91
C SER A 4053 13.67 -9.91 -45.83
N ASN A 4054 13.42 -11.11 -45.32
CA ASN A 4054 12.64 -12.09 -46.08
C ASN A 4054 11.22 -11.61 -46.30
N VAL A 4055 10.62 -10.99 -45.28
CA VAL A 4055 9.23 -10.55 -45.37
C VAL A 4055 9.08 -9.43 -46.41
N GLU A 4056 9.92 -8.39 -46.31
CA GLU A 4056 9.86 -7.35 -47.34
C GLU A 4056 10.28 -7.88 -48.70
N MET A 4057 11.08 -8.95 -48.73
CA MET A 4057 11.44 -9.54 -50.03
C MET A 4057 10.22 -10.17 -50.69
N ILE A 4058 9.45 -10.95 -49.93
CA ILE A 4058 8.22 -11.54 -50.48
C ILE A 4058 7.22 -10.44 -50.85
N LEU A 4059 7.07 -9.44 -49.98
CA LEU A 4059 6.18 -8.33 -50.28
C LEU A 4059 6.61 -7.59 -51.53
N LYS A 4060 7.92 -7.45 -51.74
CA LYS A 4060 8.42 -6.81 -52.94
C LYS A 4060 8.09 -7.63 -54.17
N PHE A 4061 8.28 -8.95 -54.10
CA PHE A 4061 7.79 -9.84 -55.15
C PHE A 4061 6.36 -9.48 -55.54
N PHE A 4062 5.44 -9.55 -54.57
CA PHE A 4062 4.03 -9.36 -54.89
C PHE A 4062 3.75 -7.96 -55.41
N ASP A 4063 4.34 -6.94 -54.78
CA ASP A 4063 4.01 -5.57 -55.15
C ASP A 4063 4.57 -5.22 -56.52
N MET A 4064 5.77 -5.70 -56.84
CA MET A 4064 6.34 -5.39 -58.14
C MET A 4064 5.55 -6.09 -59.24
N PHE A 4065 5.06 -7.31 -58.98
CA PHE A 4065 4.26 -7.97 -60.01
C PHE A 4065 2.91 -7.29 -60.19
N LEU A 4066 2.29 -6.82 -59.09
CA LEU A 4066 1.06 -6.06 -59.23
C LEU A 4066 1.29 -4.77 -60.01
N LYS A 4067 2.39 -4.08 -59.71
CA LYS A 4067 2.71 -2.84 -60.42
C LYS A 4067 2.98 -3.11 -61.89
N LEU A 4068 3.66 -4.21 -62.21
CA LEU A 4068 3.89 -4.58 -63.60
C LEU A 4068 2.57 -4.84 -64.32
N LYS A 4069 1.66 -5.57 -63.68
CA LYS A 4069 0.34 -5.80 -64.26
C LYS A 4069 -0.37 -4.47 -64.52
N ASP A 4070 -0.19 -3.51 -63.61
CA ASP A 4070 -0.76 -2.18 -63.82
C ASP A 4070 -0.14 -1.51 -65.05
N ILE A 4071 1.18 -1.61 -65.20
CA ILE A 4071 1.89 -0.77 -66.16
C ILE A 4071 1.84 -1.35 -67.57
N VAL A 4072 1.65 -2.67 -67.69
CA VAL A 4072 1.52 -3.25 -69.04
C VAL A 4072 0.30 -2.65 -69.77
N GLY A 4073 -0.65 -2.11 -69.01
CA GLY A 4073 -1.76 -1.41 -69.63
C GLY A 4073 -1.58 0.11 -69.63
N SER A 4074 -0.44 0.58 -69.13
CA SER A 4074 -0.24 2.02 -68.98
C SER A 4074 -0.05 2.70 -70.34
N GLU A 4075 -0.45 3.98 -70.40
CA GLU A 4075 -0.36 4.71 -71.65
C GLU A 4075 1.09 4.96 -72.05
N ALA A 4076 1.98 5.14 -71.08
CA ALA A 4076 3.41 5.28 -71.40
C ALA A 4076 3.94 3.99 -72.02
N PHE A 4077 3.53 2.85 -71.47
CA PHE A 4077 3.94 1.56 -72.04
C PHE A 4077 3.40 1.41 -73.45
N GLN A 4078 2.15 1.82 -73.68
CA GLN A 4078 1.58 1.75 -75.02
C GLN A 4078 2.33 2.64 -75.99
N ASP A 4079 2.70 3.85 -75.56
CA ASP A 4079 3.48 4.74 -76.42
C ASP A 4079 4.83 4.15 -76.74
N TYR A 4080 5.48 3.51 -75.76
CA TYR A 4080 6.76 2.86 -76.01
C TYR A 4080 6.62 1.71 -77.00
N VAL A 4081 5.52 0.95 -76.91
CA VAL A 4081 5.25 -0.09 -77.89
C VAL A 4081 5.18 0.52 -79.29
N THR A 4082 5.89 -0.09 -80.24
CA THR A 4082 6.06 0.50 -81.56
C THR A 4082 5.83 -0.49 -82.70
N ASP A 4083 5.22 -1.65 -82.44
CA ASP A 4083 4.98 -2.61 -83.51
C ASP A 4083 3.53 -3.04 -83.56
N PRO A 4084 3.05 -3.47 -84.73
CA PRO A 4084 1.70 -4.03 -84.80
C PRO A 4084 1.53 -5.32 -84.02
N ARG A 4085 2.60 -6.10 -83.85
CA ARG A 4085 2.47 -7.42 -83.23
C ARG A 4085 2.07 -7.31 -81.77
N GLY A 4086 2.29 -6.15 -81.15
CA GLY A 4086 2.02 -5.98 -79.74
C GLY A 4086 3.14 -6.45 -78.83
N LEU A 4087 4.22 -6.98 -79.38
CA LEU A 4087 5.37 -7.35 -78.56
C LEU A 4087 6.17 -6.10 -78.20
N ILE A 4088 7.01 -6.22 -77.18
CA ILE A 4088 7.90 -5.14 -76.76
C ILE A 4088 9.32 -5.68 -76.69
N SER A 4089 10.28 -4.88 -77.18
CA SER A 4089 11.67 -5.29 -77.14
C SER A 4089 12.26 -5.04 -75.76
N LYS A 4090 13.42 -5.64 -75.51
CA LYS A 4090 14.04 -5.56 -74.19
C LYS A 4090 14.43 -4.12 -73.86
N LYS A 4091 15.06 -3.42 -74.80
CA LYS A 4091 15.45 -2.04 -74.55
C LYS A 4091 14.25 -1.12 -74.51
N ASP A 4092 13.21 -1.43 -75.29
CA ASP A 4092 11.96 -0.66 -75.19
C ASP A 4092 11.36 -0.78 -73.80
N PHE A 4093 11.32 -1.99 -73.25
CA PHE A 4093 10.82 -2.19 -71.90
C PHE A 4093 11.69 -1.47 -70.88
N GLN A 4094 13.02 -1.53 -71.06
CA GLN A 4094 13.92 -0.83 -70.15
C GLN A 4094 13.67 0.67 -70.16
N LYS A 4095 13.54 1.26 -71.35
CA LYS A 4095 13.30 2.70 -71.45
C LYS A 4095 11.94 3.07 -70.85
N ALA A 4096 10.93 2.25 -71.09
CA ALA A 4096 9.62 2.51 -70.51
C ALA A 4096 9.68 2.50 -68.98
N MET A 4097 10.37 1.51 -68.41
CA MET A 4097 10.46 1.43 -66.95
C MET A 4097 11.23 2.62 -66.37
N ASP A 4098 12.36 2.99 -67.00
CA ASP A 4098 13.16 4.07 -66.43
C ASP A 4098 12.48 5.42 -66.62
N SER A 4099 11.64 5.55 -67.66
CA SER A 4099 10.83 6.75 -67.80
C SER A 4099 9.70 6.76 -66.78
N GLN A 4100 9.21 5.58 -66.39
CA GLN A 4100 8.18 5.52 -65.36
C GLN A 4100 8.75 5.86 -63.99
N LYS A 4101 10.03 5.52 -63.75
CA LYS A 4101 10.76 5.73 -62.49
C LYS A 4101 10.18 4.91 -61.35
N GLN A 4102 9.20 4.04 -61.60
CA GLN A 4102 8.54 3.34 -60.51
C GLN A 4102 9.45 2.28 -59.90
N PHE A 4103 10.28 1.65 -60.72
CA PHE A 4103 11.18 0.59 -60.28
C PHE A 4103 12.61 1.10 -60.31
N THR A 4104 13.37 0.79 -59.25
CA THR A 4104 14.78 1.12 -59.22
C THR A 4104 15.55 0.25 -60.21
N GLY A 4105 16.86 0.51 -60.32
CA GLY A 4105 17.70 -0.22 -61.23
C GLY A 4105 17.80 -1.71 -60.98
N PRO A 4106 18.14 -2.15 -59.77
CA PRO A 4106 18.11 -3.61 -59.50
C PRO A 4106 16.73 -4.22 -59.67
N GLU A 4107 15.68 -3.47 -59.35
CA GLU A 4107 14.32 -3.97 -59.53
C GLU A 4107 14.03 -4.21 -61.02
N ILE A 4108 14.45 -3.27 -61.87
CA ILE A 4108 14.26 -3.43 -63.31
C ILE A 4108 15.12 -4.59 -63.82
N GLN A 4109 16.32 -4.77 -63.26
CA GLN A 4109 17.14 -5.90 -63.65
C GLN A 4109 16.47 -7.22 -63.31
N PHE A 4110 15.87 -7.31 -62.11
CA PHE A 4110 15.18 -8.55 -61.73
C PHE A 4110 13.94 -8.77 -62.58
N LEU A 4111 13.24 -7.70 -62.94
CA LEU A 4111 12.11 -7.83 -63.85
C LEU A 4111 12.56 -8.33 -65.22
N LEU A 4112 13.70 -7.82 -65.71
CA LEU A 4112 14.25 -8.29 -66.98
C LEU A 4112 14.60 -9.77 -66.90
N SER A 4113 15.22 -10.18 -65.78
CA SER A 4113 15.58 -11.59 -65.63
C SER A 4113 14.34 -12.48 -65.58
N CYS A 4114 13.29 -12.03 -64.88
CA CYS A 4114 12.05 -12.79 -64.84
C CYS A 4114 11.40 -12.86 -66.22
N SER A 4115 11.46 -11.77 -66.99
CA SER A 4115 10.86 -11.75 -68.31
C SER A 4115 11.53 -12.77 -69.22
N GLU A 4116 10.72 -13.50 -69.97
CA GLU A 4116 11.25 -14.48 -70.91
C GLU A 4116 11.96 -13.76 -72.05
N ALA A 4117 13.29 -13.71 -71.98
CA ALA A 4117 14.11 -12.98 -72.93
C ALA A 4117 14.30 -13.83 -74.17
N ASP A 4118 13.61 -13.46 -75.25
CA ASP A 4118 13.76 -14.16 -76.51
C ASP A 4118 15.13 -13.88 -77.11
N GLU A 4119 15.52 -14.69 -78.09
CA GLU A 4119 16.81 -14.48 -78.76
C GLU A 4119 16.85 -13.14 -79.47
N ASN A 4120 15.72 -12.72 -80.05
CA ASN A 4120 15.63 -11.39 -80.61
C ASN A 4120 15.34 -10.34 -79.54
N GLU A 4121 15.26 -10.78 -78.28
CA GLU A 4121 14.98 -9.91 -77.14
C GLU A 4121 13.63 -9.22 -77.28
N MET A 4122 12.64 -9.95 -77.79
CA MET A 4122 11.34 -9.35 -78.03
C MET A 4122 10.29 -10.06 -77.17
N ILE A 4123 9.50 -9.29 -76.43
CA ILE A 4123 8.75 -9.81 -75.30
C ILE A 4123 7.26 -9.50 -75.44
N ASN A 4124 6.42 -10.48 -75.10
CA ASN A 4124 4.98 -10.28 -74.99
C ASN A 4124 4.63 -9.91 -73.55
N PHE A 4125 4.54 -8.60 -73.28
CA PHE A 4125 4.29 -8.15 -71.92
C PHE A 4125 2.92 -8.60 -71.43
N GLU A 4126 1.95 -8.76 -72.34
CA GLU A 4126 0.64 -9.23 -71.94
C GLU A 4126 0.71 -10.55 -71.19
N GLU A 4127 1.20 -11.60 -71.86
CA GLU A 4127 1.29 -12.92 -71.22
C GLU A 4127 2.30 -12.90 -70.07
N PHE A 4128 3.39 -12.14 -70.23
CA PHE A 4128 4.38 -12.09 -69.16
C PHE A 4128 3.78 -11.57 -67.86
N ALA A 4129 2.98 -10.51 -67.93
CA ALA A 4129 2.34 -10.00 -66.73
C ALA A 4129 1.20 -10.91 -66.26
N ASN A 4130 0.46 -11.48 -67.20
CA ASN A 4130 -0.76 -12.22 -66.83
C ASN A 4130 -0.43 -13.58 -66.22
N ARG A 4131 0.73 -14.14 -66.52
CA ARG A 4131 1.02 -15.49 -66.06
C ARG A 4131 1.15 -15.57 -64.54
N PHE A 4132 1.72 -14.52 -63.92
CA PHE A 4132 1.99 -14.60 -62.49
C PHE A 4132 0.78 -14.21 -61.66
N GLN A 4133 -0.12 -13.40 -62.22
CA GLN A 4133 -1.15 -12.76 -61.40
C GLN A 4133 -2.15 -13.77 -60.83
N GLU A 4134 -2.62 -14.70 -61.66
CA GLU A 4134 -3.63 -15.65 -61.18
C GLU A 4134 -3.13 -16.53 -60.05
N PRO A 4135 -1.97 -17.18 -60.13
CA PRO A 4135 -1.50 -17.96 -58.96
C PRO A 4135 -1.25 -17.11 -57.73
N ALA A 4136 -0.85 -15.85 -57.91
CA ALA A 4136 -0.40 -15.05 -56.77
C ALA A 4136 -1.56 -14.34 -56.08
N ARG A 4137 -2.78 -14.59 -56.55
CA ARG A 4137 -3.93 -13.85 -56.00
C ARG A 4137 -4.17 -14.18 -54.53
N ASP A 4138 -4.55 -15.42 -54.22
CA ASP A 4138 -5.07 -15.70 -52.89
C ASP A 4138 -3.97 -15.83 -51.85
N ILE A 4139 -2.74 -16.09 -52.29
CA ILE A 4139 -1.59 -15.88 -51.41
C ILE A 4139 -1.43 -14.39 -51.07
N GLY A 4140 -1.57 -13.52 -52.07
CA GLY A 4140 -1.56 -12.10 -51.78
C GLY A 4140 -2.70 -11.70 -50.86
N PHE A 4141 -3.88 -12.29 -51.07
CA PHE A 4141 -5.01 -12.00 -50.21
C PHE A 4141 -4.76 -12.44 -48.78
N ASN A 4142 -4.19 -13.64 -48.60
CA ASN A 4142 -3.93 -14.13 -47.25
C ASN A 4142 -2.87 -13.28 -46.55
N VAL A 4143 -1.84 -12.88 -47.29
CA VAL A 4143 -0.82 -11.99 -46.71
C VAL A 4143 -1.45 -10.66 -46.30
N ALA A 4144 -2.31 -10.12 -47.16
CA ALA A 4144 -2.97 -8.86 -46.83
C ALA A 4144 -3.87 -9.01 -45.61
N VAL A 4145 -4.59 -10.12 -45.50
CA VAL A 4145 -5.45 -10.36 -44.34
C VAL A 4145 -4.62 -10.46 -43.07
N LEU A 4146 -3.51 -11.20 -43.11
CA LEU A 4146 -2.66 -11.31 -41.94
C LEU A 4146 -2.11 -9.95 -41.52
N LEU A 4147 -1.61 -9.17 -42.48
CA LEU A 4147 -1.06 -7.87 -42.17
C LEU A 4147 -2.11 -6.92 -41.62
N THR A 4148 -3.32 -6.96 -42.20
CA THR A 4148 -4.39 -6.07 -41.73
C THR A 4148 -4.86 -6.45 -40.34
N ASN A 4149 -4.99 -7.75 -40.08
CA ASN A 4149 -5.36 -8.21 -38.75
C ASN A 4149 -4.33 -7.80 -37.71
N LEU A 4150 -3.04 -7.96 -38.04
CA LEU A 4150 -2.00 -7.52 -37.12
C LEU A 4150 -2.03 -6.01 -36.93
N SER A 4151 -2.29 -5.26 -38.02
CA SER A 4151 -2.32 -3.81 -37.93
C SER A 4151 -3.42 -3.34 -36.99
N GLU A 4152 -4.60 -3.95 -37.05
CA GLU A 4152 -5.66 -3.53 -36.15
C GLU A 4152 -5.42 -4.04 -34.73
N HIS A 4153 -4.93 -5.27 -34.57
CA HIS A 4153 -4.85 -5.85 -33.23
C HIS A 4153 -3.67 -5.29 -32.43
N VAL A 4154 -2.58 -4.93 -33.10
CA VAL A 4154 -1.45 -4.29 -32.43
C VAL A 4154 -1.35 -2.88 -32.98
N PRO A 4155 -1.89 -1.87 -32.29
CA PRO A 4155 -2.02 -0.55 -32.90
C PRO A 4155 -0.70 0.21 -33.01
N HIS A 4156 0.25 -0.04 -32.09
CA HIS A 4156 1.48 0.75 -32.00
C HIS A 4156 2.70 -0.15 -32.21
N ASP A 4157 3.19 -0.18 -33.46
CA ASP A 4157 4.40 -0.91 -33.81
C ASP A 4157 4.99 -0.33 -35.09
N PRO A 4158 6.04 0.51 -35.01
CA PRO A 4158 6.61 1.08 -36.25
C PRO A 4158 7.17 0.04 -37.21
N ARG A 4159 7.61 -1.11 -36.69
CA ARG A 4159 8.00 -2.19 -37.59
C ARG A 4159 6.81 -2.67 -38.42
N LEU A 4160 5.65 -2.83 -37.76
CA LEU A 4160 4.44 -3.15 -38.50
C LEU A 4160 4.07 -2.04 -39.47
N ARG A 4161 4.34 -0.79 -39.07
CA ARG A 4161 4.18 0.33 -40.01
C ARG A 4161 4.99 0.12 -41.27
N ASN A 4162 6.27 -0.23 -41.14
CA ASN A 4162 7.11 -0.36 -42.33
C ASN A 4162 6.66 -1.55 -43.18
N PHE A 4163 6.26 -2.64 -42.53
CA PHE A 4163 5.69 -3.76 -43.28
C PHE A 4163 4.49 -3.32 -44.10
N LEU A 4164 3.55 -2.61 -43.47
CA LEU A 4164 2.37 -2.15 -44.18
C LEU A 4164 2.72 -1.19 -45.30
N GLU A 4165 3.67 -0.29 -45.05
CA GLU A 4165 4.05 0.69 -46.07
C GLU A 4165 4.65 0.01 -47.30
N LEU A 4166 5.48 -1.02 -47.09
CA LEU A 4166 6.05 -1.71 -48.24
C LEU A 4166 5.03 -2.65 -48.87
N ALA A 4167 3.97 -3.01 -48.13
CA ALA A 4167 2.92 -3.87 -48.67
C ALA A 4167 1.65 -3.11 -49.03
N GLU A 4168 1.72 -1.78 -49.19
CA GLU A 4168 0.52 -1.00 -49.45
C GLU A 4168 -0.18 -1.44 -50.74
N SER A 4169 0.58 -1.67 -51.81
CA SER A 4169 -0.03 -1.94 -53.11
C SER A 4169 -0.83 -3.24 -53.08
N ILE A 4170 -0.35 -4.25 -52.36
CA ILE A 4170 -1.13 -5.47 -52.18
C ILE A 4170 -2.41 -5.16 -51.41
N LEU A 4171 -2.28 -4.42 -50.30
CA LEU A 4171 -3.44 -4.04 -49.52
C LEU A 4171 -4.37 -3.13 -50.32
N GLU A 4172 -3.80 -2.26 -51.15
CA GLU A 4172 -4.64 -1.37 -51.96
C GLU A 4172 -5.37 -2.13 -53.04
N TYR A 4173 -4.74 -3.17 -53.62
CA TYR A 4173 -5.39 -3.93 -54.67
C TYR A 4173 -6.47 -4.84 -54.10
N PHE A 4174 -6.21 -5.47 -52.96
CA PHE A 4174 -7.21 -6.30 -52.31
C PHE A 4174 -8.13 -5.51 -51.41
N ARG A 4175 -8.00 -4.18 -51.42
CA ARG A 4175 -8.91 -3.33 -50.66
C ARG A 4175 -10.38 -3.62 -50.95
N PRO A 4176 -10.83 -3.74 -52.21
CA PRO A 4176 -12.26 -4.03 -52.43
C PRO A 4176 -12.67 -5.42 -52.00
N TYR A 4177 -11.83 -6.43 -52.23
CA TYR A 4177 -12.25 -7.81 -52.03
C TYR A 4177 -12.15 -8.23 -50.57
N LEU A 4178 -11.42 -7.48 -49.76
CA LEU A 4178 -11.37 -7.78 -48.34
C LEU A 4178 -12.69 -7.41 -47.68
N GLY A 4179 -13.25 -8.34 -46.91
CA GLY A 4179 -14.47 -8.07 -46.18
C GLY A 4179 -14.28 -8.30 -44.70
N ARG A 4180 -14.66 -7.32 -43.90
CA ARG A 4180 -14.45 -7.37 -42.45
C ARG A 4180 -15.78 -7.15 -41.74
N ILE A 4181 -16.09 -8.06 -40.82
CA ILE A 4181 -17.29 -7.95 -40.00
C ILE A 4181 -16.90 -8.09 -38.54
N GLU A 4182 -17.85 -7.80 -37.66
CA GLU A 4182 -17.65 -7.93 -36.22
C GLU A 4182 -18.75 -8.81 -35.65
N ILE A 4183 -18.37 -9.79 -34.83
CA ILE A 4183 -19.30 -10.79 -34.33
C ILE A 4183 -19.16 -10.92 -32.82
N MET A 4184 -20.19 -11.53 -32.23
CA MET A 4184 -20.31 -11.76 -30.80
C MET A 4184 -19.68 -13.10 -30.44
N GLY A 4185 -18.47 -13.07 -29.89
CA GLY A 4185 -17.70 -14.28 -29.76
C GLY A 4185 -18.17 -15.22 -28.66
N ALA A 4186 -17.56 -16.42 -28.66
CA ALA A 4186 -17.81 -17.38 -27.59
C ALA A 4186 -17.32 -16.84 -26.25
N SER A 4187 -16.27 -16.00 -26.28
CA SER A 4187 -15.81 -15.35 -25.06
C SER A 4187 -16.70 -14.15 -24.73
N ARG A 4188 -17.79 -13.99 -25.48
CA ARG A 4188 -18.76 -12.91 -25.30
C ARG A 4188 -18.12 -11.54 -25.51
N ARG A 4189 -17.10 -11.45 -26.34
CA ARG A 4189 -16.46 -10.20 -26.69
C ARG A 4189 -16.34 -10.07 -28.20
N ILE A 4190 -16.31 -8.83 -28.68
CA ILE A 4190 -16.36 -8.54 -30.11
C ILE A 4190 -15.12 -9.08 -30.80
N GLU A 4191 -15.33 -9.78 -31.91
CA GLU A 4191 -14.22 -10.29 -32.72
C GLU A 4191 -14.42 -9.90 -34.17
N ARG A 4192 -13.34 -9.50 -34.83
CA ARG A 4192 -13.36 -9.13 -36.23
C ARG A 4192 -13.00 -10.33 -37.11
N ILE A 4193 -13.81 -10.56 -38.12
CA ILE A 4193 -13.64 -11.66 -39.08
C ILE A 4193 -13.33 -11.06 -40.44
N TYR A 4194 -12.31 -11.60 -41.10
CA TYR A 4194 -11.92 -11.19 -42.44
C TYR A 4194 -12.17 -12.34 -43.41
N PHE A 4195 -12.65 -11.99 -44.61
CA PHE A 4195 -12.97 -13.00 -45.61
C PHE A 4195 -12.86 -12.39 -47.01
N GLU A 4196 -12.98 -13.25 -48.01
CA GLU A 4196 -12.85 -12.81 -49.39
C GLU A 4196 -14.22 -12.60 -50.04
N ILE A 4197 -14.32 -11.55 -50.84
CA ILE A 4197 -15.54 -11.20 -51.57
C ILE A 4197 -15.24 -11.28 -53.05
N SER A 4198 -16.00 -12.09 -53.78
CA SER A 4198 -15.73 -12.29 -55.20
C SER A 4198 -16.28 -11.13 -56.03
N GLU A 4199 -15.62 -10.89 -57.16
CA GLU A 4199 -16.04 -9.83 -58.07
C GLU A 4199 -17.44 -10.08 -58.58
N THR A 4200 -17.77 -11.34 -58.88
CA THR A 4200 -19.12 -11.68 -59.32
C THR A 4200 -20.14 -11.37 -58.24
N ASN A 4201 -19.85 -11.70 -56.99
CA ASN A 4201 -20.76 -11.41 -55.90
C ASN A 4201 -20.98 -9.91 -55.74
N ARG A 4202 -19.91 -9.13 -55.84
CA ARG A 4202 -20.06 -7.68 -55.72
C ARG A 4202 -20.85 -7.11 -56.89
N ALA A 4203 -20.61 -7.62 -58.10
CA ALA A 4203 -21.39 -7.16 -59.25
C ALA A 4203 -22.87 -7.47 -59.06
N GLN A 4204 -23.19 -8.67 -58.57
CA GLN A 4204 -24.59 -9.00 -58.31
C GLN A 4204 -25.18 -8.12 -57.23
N TRP A 4205 -24.41 -7.78 -56.20
CA TRP A 4205 -24.93 -6.96 -55.12
C TRP A 4205 -25.22 -5.53 -55.58
N GLU A 4206 -24.30 -4.93 -56.34
CA GLU A 4206 -24.58 -3.60 -56.88
C GLU A 4206 -25.29 -3.65 -58.22
N MET A 4207 -25.87 -4.78 -58.58
CA MET A 4207 -26.88 -4.80 -59.62
C MET A 4207 -28.07 -3.95 -59.16
N PRO A 4208 -28.55 -3.01 -59.97
CA PRO A 4208 -29.41 -1.94 -59.44
C PRO A 4208 -30.70 -2.39 -58.77
N GLN A 4209 -31.39 -3.42 -59.28
CA GLN A 4209 -32.66 -3.78 -58.66
C GLN A 4209 -32.44 -4.46 -57.32
N VAL A 4210 -31.26 -5.08 -57.13
CA VAL A 4210 -30.89 -5.56 -55.81
C VAL A 4210 -30.79 -4.38 -54.84
N LYS A 4211 -30.21 -3.27 -55.30
CA LYS A 4211 -30.16 -2.07 -54.48
C LYS A 4211 -31.55 -1.52 -54.21
N GLU A 4212 -32.45 -1.61 -55.19
CA GLU A 4212 -33.84 -1.20 -54.99
C GLU A 4212 -34.50 -2.02 -53.89
N SER A 4213 -34.34 -3.34 -53.94
CA SER A 4213 -34.90 -4.21 -52.91
C SER A 4213 -34.27 -3.91 -51.55
N LYS A 4214 -32.98 -3.60 -51.53
CA LYS A 4214 -32.31 -3.24 -50.29
C LYS A 4214 -32.92 -1.98 -49.69
N ARG A 4215 -33.16 -0.96 -50.53
CA ARG A 4215 -33.75 0.27 -50.02
C ARG A 4215 -35.17 0.04 -49.52
N GLN A 4216 -35.96 -0.77 -50.24
CA GLN A 4216 -37.31 -1.08 -49.78
C GLN A 4216 -37.28 -1.79 -48.44
N PHE A 4217 -36.39 -2.78 -48.29
CA PHE A 4217 -36.27 -3.49 -47.02
C PHE A 4217 -35.84 -2.55 -45.90
N ILE A 4218 -34.89 -1.67 -46.17
CA ILE A 4218 -34.45 -0.72 -45.14
C ILE A 4218 -35.60 0.16 -44.72
N PHE A 4219 -36.36 0.69 -45.68
CA PHE A 4219 -37.52 1.50 -45.36
C PHE A 4219 -38.48 0.75 -44.44
N ASP A 4220 -38.86 -0.47 -44.83
CA ASP A 4220 -39.84 -1.22 -44.05
C ASP A 4220 -39.31 -1.55 -42.65
N VAL A 4221 -38.05 -1.97 -42.56
CA VAL A 4221 -37.53 -2.43 -41.27
C VAL A 4221 -37.32 -1.26 -40.32
N VAL A 4222 -36.92 -0.09 -40.84
CA VAL A 4222 -36.83 1.08 -39.98
C VAL A 4222 -38.22 1.56 -39.59
N ASN A 4223 -39.20 1.38 -40.47
CA ASN A 4223 -40.54 1.88 -40.18
C ASN A 4223 -41.24 1.05 -39.11
N GLU A 4224 -41.18 -0.28 -39.20
CA GLU A 4224 -41.93 -1.12 -38.26
C GLU A 4224 -41.09 -2.30 -37.76
N GLY A 4225 -39.84 -2.06 -37.39
CA GLY A 4225 -38.92 -3.12 -37.00
C GLY A 4225 -38.50 -3.01 -35.54
N GLY A 4226 -38.74 -4.09 -34.79
CA GLY A 4226 -38.09 -4.25 -33.50
C GLY A 4226 -36.74 -4.92 -33.67
N GLU A 4227 -35.83 -4.65 -32.71
CA GLU A 4227 -34.41 -4.94 -32.93
C GLU A 4227 -34.15 -6.42 -33.22
N ALA A 4228 -34.70 -7.32 -32.40
CA ALA A 4228 -34.54 -8.74 -32.70
C ALA A 4228 -35.28 -9.11 -33.98
N GLU A 4229 -36.52 -8.63 -34.13
CA GLU A 4229 -37.24 -8.77 -35.39
C GLU A 4229 -36.48 -8.10 -36.52
N LYS A 4230 -35.75 -7.02 -36.22
CA LYS A 4230 -34.93 -6.35 -37.21
C LYS A 4230 -33.84 -7.27 -37.75
N MET A 4231 -33.11 -7.96 -36.84
CA MET A 4231 -32.10 -8.92 -37.28
C MET A 4231 -32.72 -10.09 -38.04
N GLU A 4232 -33.86 -10.57 -37.56
CA GLU A 4232 -34.53 -11.68 -38.22
C GLU A 4232 -34.96 -11.31 -39.65
N LEU A 4233 -35.55 -10.13 -39.81
CA LEU A 4233 -35.93 -9.66 -41.14
C LEU A 4233 -34.71 -9.39 -41.99
N PHE A 4234 -33.60 -8.98 -41.38
CA PHE A 4234 -32.38 -8.80 -42.14
C PHE A 4234 -31.89 -10.13 -42.71
N VAL A 4235 -31.91 -11.19 -41.90
CA VAL A 4235 -31.47 -12.49 -42.40
C VAL A 4235 -32.41 -12.99 -43.50
N SER A 4236 -33.72 -12.82 -43.29
CA SER A 4236 -34.67 -13.20 -44.32
C SER A 4236 -34.44 -12.43 -45.62
N PHE A 4237 -34.19 -11.12 -45.50
CA PHE A 4237 -33.91 -10.29 -46.66
C PHE A 4237 -32.64 -10.74 -47.36
N CYS A 4238 -31.63 -11.13 -46.59
CA CYS A 4238 -30.41 -11.68 -47.17
C CYS A 4238 -30.71 -12.92 -48.00
N GLU A 4239 -31.52 -13.84 -47.45
CA GLU A 4239 -31.86 -15.05 -48.19
C GLU A 4239 -32.63 -14.72 -49.47
N ASP A 4240 -33.58 -13.78 -49.38
CA ASP A 4240 -34.34 -13.37 -50.56
C ASP A 4240 -33.42 -12.78 -51.62
N THR A 4241 -32.45 -11.96 -51.20
CA THR A 4241 -31.51 -11.38 -52.16
C THR A 4241 -30.66 -12.45 -52.82
N ILE A 4242 -30.23 -13.47 -52.06
CA ILE A 4242 -29.46 -14.55 -52.66
C ILE A 4242 -30.30 -15.28 -53.71
N PHE A 4243 -31.57 -15.52 -53.41
CA PHE A 4243 -32.44 -16.16 -54.41
C PHE A 4243 -32.58 -15.27 -55.64
N GLU A 4244 -32.70 -13.96 -55.43
CA GLU A 4244 -32.77 -13.02 -56.56
C GLU A 4244 -31.49 -13.04 -57.38
N MET A 4245 -30.33 -13.20 -56.73
CA MET A 4245 -29.09 -13.32 -57.48
C MET A 4245 -29.09 -14.59 -58.32
N GLN A 4246 -29.59 -15.70 -57.78
CA GLN A 4246 -29.73 -16.89 -58.62
C GLN A 4246 -30.64 -16.62 -59.82
N ILE A 4247 -31.78 -15.98 -59.58
CA ILE A 4247 -32.72 -15.70 -60.68
C ILE A 4247 -32.07 -14.82 -61.73
N ALA A 4248 -31.35 -13.79 -61.31
CA ALA A 4248 -30.65 -12.92 -62.25
C ALA A 4248 -29.58 -13.70 -63.01
N ALA A 4249 -28.94 -14.67 -62.34
CA ALA A 4249 -27.95 -15.49 -63.01
C ALA A 4249 -28.59 -16.31 -64.13
N GLN A 4250 -29.76 -16.90 -63.88
CA GLN A 4250 -30.42 -17.64 -64.96
C GLN A 4250 -30.89 -16.71 -66.07
N ILE A 4251 -31.42 -15.54 -65.74
CA ILE A 4251 -31.99 -14.68 -66.76
C ILE A 4251 -30.90 -13.94 -67.53
N SER A 4252 -29.67 -13.95 -67.02
CA SER A 4252 -28.59 -13.21 -67.65
C SER A 4252 -28.28 -13.78 -69.04
N GLU A 4253 -28.01 -12.88 -69.98
CA GLU A 4253 -27.70 -13.31 -71.34
C GLU A 4253 -26.32 -13.97 -71.39
N PRO A 4254 -26.19 -15.07 -72.14
CA PRO A 4254 -24.90 -15.75 -72.33
C PRO A 4254 -24.07 -15.10 -73.43
N PHE A 4540 -35.75 -31.57 -82.38
CA PHE A 4540 -36.38 -30.40 -82.99
C PHE A 4540 -37.17 -29.62 -81.94
N TRP A 4541 -37.90 -30.36 -81.10
CA TRP A 4541 -38.57 -29.72 -79.98
C TRP A 4541 -37.57 -29.11 -79.01
N GLY A 4542 -36.36 -29.69 -78.93
CA GLY A 4542 -35.32 -29.08 -78.13
C GLY A 4542 -34.84 -27.74 -78.69
N GLU A 4543 -34.69 -27.66 -80.01
CA GLU A 4543 -34.24 -26.41 -80.61
C GLU A 4543 -35.36 -25.39 -80.66
N LEU A 4544 -36.61 -25.83 -80.50
CA LEU A 4544 -37.70 -24.89 -80.24
C LEU A 4544 -37.69 -24.44 -78.78
N GLU A 4545 -37.34 -25.35 -77.87
CA GLU A 4545 -37.32 -25.04 -76.45
C GLU A 4545 -36.24 -24.01 -76.13
N VAL A 4546 -35.07 -24.13 -76.78
CA VAL A 4546 -34.02 -23.14 -76.53
C VAL A 4546 -34.48 -21.76 -76.98
N GLN A 4547 -35.20 -21.69 -78.11
CA GLN A 4547 -35.76 -20.41 -78.54
C GLN A 4547 -36.79 -19.89 -77.54
N ARG A 4548 -37.62 -20.78 -76.99
CA ARG A 4548 -38.65 -20.33 -76.06
C ARG A 4548 -38.03 -19.79 -74.78
N VAL A 4549 -36.99 -20.47 -74.26
CA VAL A 4549 -36.35 -19.99 -73.04
C VAL A 4549 -35.58 -18.70 -73.31
N LYS A 4550 -35.01 -18.57 -74.52
CA LYS A 4550 -34.38 -17.30 -74.88
C LYS A 4550 -35.41 -16.16 -74.90
N PHE A 4551 -36.59 -16.43 -75.44
CA PHE A 4551 -37.65 -15.42 -75.48
C PHE A 4551 -38.09 -15.05 -74.06
N LEU A 4552 -38.24 -16.06 -73.19
CA LEU A 4552 -38.61 -15.80 -71.80
C LEU A 4552 -37.54 -14.98 -71.09
N ASN A 4553 -36.27 -15.29 -71.33
CA ASN A 4553 -35.19 -14.50 -70.74
C ASN A 4553 -35.21 -13.08 -71.25
N TYR A 4554 -35.49 -12.89 -72.55
CA TYR A 4554 -35.65 -11.56 -73.11
C TYR A 4554 -36.71 -10.77 -72.37
N LEU A 4555 -37.89 -11.37 -72.19
CA LEU A 4555 -38.96 -10.69 -71.45
C LEU A 4555 -38.57 -10.39 -70.02
N SER A 4556 -37.92 -11.35 -69.35
CA SER A 4556 -37.53 -11.16 -67.96
C SER A 4556 -36.55 -10.00 -67.82
N ARG A 4557 -35.59 -9.90 -68.75
CA ARG A 4557 -34.61 -8.82 -68.66
C ARG A 4557 -35.24 -7.47 -69.01
N ASN A 4558 -36.07 -7.43 -70.05
CA ASN A 4558 -36.63 -6.18 -70.54
C ASN A 4558 -38.05 -5.92 -70.02
N PHE A 4559 -38.39 -6.48 -68.86
CA PHE A 4559 -39.74 -6.28 -68.32
C PHE A 4559 -40.01 -4.81 -68.01
N TYR A 4560 -39.07 -4.12 -67.39
CA TYR A 4560 -39.32 -2.74 -66.95
C TYR A 4560 -39.50 -1.80 -68.13
N THR A 4561 -38.59 -1.87 -69.11
CA THR A 4561 -38.74 -1.05 -70.31
C THR A 4561 -40.02 -1.38 -71.04
N LEU A 4562 -40.44 -2.65 -71.00
CA LEU A 4562 -41.70 -3.05 -71.60
C LEU A 4562 -42.88 -2.36 -70.92
N ARG A 4563 -42.85 -2.26 -69.59
CA ARG A 4563 -43.88 -1.55 -68.86
C ARG A 4563 -43.89 -0.07 -69.21
N PHE A 4564 -42.69 0.54 -69.33
CA PHE A 4564 -42.61 1.94 -69.72
C PHE A 4564 -43.20 2.15 -71.11
N LEU A 4565 -42.90 1.25 -72.05
CA LEU A 4565 -43.46 1.35 -73.39
C LEU A 4565 -44.97 1.19 -73.37
N ALA A 4566 -45.49 0.29 -72.52
CA ALA A 4566 -46.92 0.14 -72.39
C ALA A 4566 -47.57 1.43 -71.91
N LEU A 4567 -46.97 2.08 -70.90
CA LEU A 4567 -47.53 3.33 -70.39
C LEU A 4567 -47.48 4.42 -71.45
N PHE A 4568 -46.38 4.53 -72.18
CA PHE A 4568 -46.28 5.51 -73.26
C PHE A 4568 -47.33 5.26 -74.33
N LEU A 4569 -47.52 4.00 -74.71
CA LEU A 4569 -48.51 3.68 -75.74
C LEU A 4569 -49.91 3.99 -75.26
N ALA A 4570 -50.18 3.76 -73.97
CA ALA A 4570 -51.47 4.13 -73.40
C ALA A 4570 -51.68 5.64 -73.48
N PHE A 4571 -50.64 6.43 -73.18
CA PHE A 4571 -50.75 7.88 -73.30
C PHE A 4571 -51.05 8.29 -74.74
N ALA A 4572 -50.35 7.70 -75.71
CA ALA A 4572 -50.57 8.04 -77.11
C ALA A 4572 -51.98 7.67 -77.56
N ILE A 4573 -52.46 6.49 -77.16
CA ILE A 4573 -53.81 6.07 -77.49
C ILE A 4573 -54.82 7.04 -76.88
N ASN A 4574 -54.56 7.49 -75.65
CA ASN A 4574 -55.48 8.42 -75.00
C ASN A 4574 -55.49 9.77 -75.70
N PHE A 4575 -54.36 10.18 -76.24
CA PHE A 4575 -54.28 11.44 -77.00
C PHE A 4575 -55.09 11.34 -78.28
N ILE A 4576 -54.93 10.24 -79.01
CA ILE A 4576 -55.74 10.01 -80.21
C ILE A 4576 -57.22 9.97 -79.86
N LEU A 4577 -57.56 9.35 -78.73
CA LEU A 4577 -58.94 9.34 -78.26
C LEU A 4577 -59.41 10.76 -77.94
N LEU A 4578 -58.53 11.58 -77.36
CA LEU A 4578 -58.84 12.95 -77.01
C LEU A 4578 -59.23 13.79 -78.23
N PHE A 4579 -58.70 13.44 -79.40
CA PHE A 4579 -59.12 14.14 -80.62
C PHE A 4579 -60.43 13.64 -81.24
N TYR A 4580 -61.37 13.11 -80.46
CA TYR A 4580 -62.66 12.72 -81.02
C TYR A 4580 -63.61 13.91 -81.21
N LYS A 4581 -64.78 13.60 -81.78
CA LYS A 4581 -65.85 14.55 -82.05
C LYS A 4581 -67.14 13.76 -82.25
N VAL A 4582 -68.30 14.39 -82.00
CA VAL A 4582 -69.59 13.75 -82.18
C VAL A 4582 -70.51 14.67 -82.96
N SER A 4583 -71.34 14.09 -83.82
CA SER A 4583 -72.39 14.81 -84.51
C SER A 4583 -73.55 13.84 -84.75
N ASP A 4584 -74.75 14.41 -84.93
CA ASP A 4584 -75.93 13.58 -85.17
C ASP A 4584 -75.88 12.96 -86.57
N SER A 4585 -75.21 13.61 -87.50
CA SER A 4585 -75.13 13.10 -88.87
C SER A 4585 -74.13 11.95 -88.96
N PRO A 4586 -74.34 11.02 -89.89
CA PRO A 4586 -73.36 9.96 -90.10
C PRO A 4586 -72.05 10.54 -90.62
N PRO A 4587 -70.91 9.90 -90.35
CA PRO A 4587 -69.60 10.39 -90.79
C PRO A 4587 -69.48 10.50 -92.31
N ASN A 4626 -82.92 10.95 -82.60
CA ASN A 4626 -81.94 10.52 -83.59
C ASN A 4626 -80.76 9.84 -82.91
N MET A 4627 -79.91 9.22 -83.70
CA MET A 4627 -78.80 8.40 -83.21
C MET A 4627 -77.49 9.10 -83.56
N VAL A 4628 -76.65 9.34 -82.55
CA VAL A 4628 -75.45 10.13 -82.73
C VAL A 4628 -74.24 9.24 -83.00
N TYR A 4629 -73.30 9.76 -83.78
CA TYR A 4629 -72.15 9.00 -84.26
C TYR A 4629 -70.88 9.53 -83.64
N TYR A 4630 -70.09 8.62 -83.05
CA TYR A 4630 -68.79 8.95 -82.48
C TYR A 4630 -67.72 8.68 -83.54
N PHE A 4631 -67.12 9.74 -84.08
CA PHE A 4631 -66.12 9.61 -85.12
C PHE A 4631 -65.05 10.67 -84.94
N LEU A 4632 -63.79 10.26 -85.06
CA LEU A 4632 -62.68 11.19 -84.98
C LEU A 4632 -62.65 12.07 -86.22
N GLU A 4633 -62.26 13.34 -86.03
CA GLU A 4633 -62.11 14.28 -87.14
C GLU A 4633 -60.66 14.75 -87.18
N GLU A 4634 -60.01 14.58 -88.33
CA GLU A 4634 -58.66 15.06 -88.54
C GLU A 4634 -58.51 15.51 -89.98
N SER A 4635 -57.40 16.18 -90.27
CA SER A 4635 -57.07 16.54 -91.64
C SER A 4635 -56.24 15.44 -92.31
N THR A 4636 -55.40 14.75 -91.53
CA THR A 4636 -54.50 13.76 -92.10
C THR A 4636 -55.25 12.49 -92.52
N GLY A 4637 -56.16 12.02 -91.67
CA GLY A 4637 -56.82 10.75 -91.91
C GLY A 4637 -56.05 9.53 -91.44
N TYR A 4638 -55.02 9.70 -90.60
CA TYR A 4638 -54.18 8.57 -90.23
C TYR A 4638 -54.59 7.98 -88.89
N MET A 4639 -55.23 8.76 -88.03
CA MET A 4639 -55.43 8.33 -86.64
C MET A 4639 -56.36 7.13 -86.54
N GLU A 4640 -57.41 7.07 -87.37
CA GLU A 4640 -58.30 5.91 -87.31
C GLU A 4640 -57.57 4.59 -87.56
N PRO A 4641 -56.70 4.45 -88.56
CA PRO A 4641 -55.82 3.27 -88.58
C PRO A 4641 -54.79 3.28 -87.45
N ALA A 4642 -54.26 4.47 -87.12
CA ALA A 4642 -53.21 4.56 -86.12
C ALA A 4642 -53.72 4.13 -84.75
N LEU A 4643 -54.94 4.54 -84.39
CA LEU A 4643 -55.50 4.11 -83.11
C LEU A 4643 -55.64 2.60 -83.04
N TRP A 4644 -56.11 1.98 -84.13
CA TRP A 4644 -56.22 0.53 -84.19
C TRP A 4644 -54.86 -0.14 -83.98
N CYS A 4645 -53.85 0.30 -84.73
CA CYS A 4645 -52.53 -0.31 -84.60
C CYS A 4645 -51.97 -0.12 -83.19
N LEU A 4646 -52.13 1.08 -82.63
CA LEU A 4646 -51.60 1.34 -81.29
C LEU A 4646 -52.32 0.52 -80.23
N SER A 4647 -53.64 0.34 -80.39
CA SER A 4647 -54.38 -0.49 -79.43
C SER A 4647 -53.93 -1.95 -79.51
N LEU A 4648 -53.75 -2.47 -80.72
CA LEU A 4648 -53.25 -3.84 -80.85
C LEU A 4648 -51.87 -3.99 -80.23
N LEU A 4649 -50.98 -3.03 -80.50
CA LEU A 4649 -49.64 -3.09 -79.91
C LEU A 4649 -49.70 -2.99 -78.40
N HIS A 4650 -50.59 -2.15 -77.87
CA HIS A 4650 -50.73 -2.00 -76.43
C HIS A 4650 -51.18 -3.32 -75.79
N THR A 4651 -52.15 -4.00 -76.41
CA THR A 4651 -52.61 -5.28 -75.86
C THR A 4651 -51.50 -6.32 -75.91
N LEU A 4652 -50.76 -6.37 -77.02
CA LEU A 4652 -49.66 -7.34 -77.13
C LEU A 4652 -48.58 -7.04 -76.09
N VAL A 4653 -48.24 -5.77 -75.91
CA VAL A 4653 -47.23 -5.39 -74.93
C VAL A 4653 -47.69 -5.73 -73.52
N ALA A 4654 -48.98 -5.54 -73.24
CA ALA A 4654 -49.51 -5.89 -71.92
C ALA A 4654 -49.43 -7.39 -71.68
N PHE A 4655 -49.73 -8.20 -72.70
CA PHE A 4655 -49.61 -9.65 -72.53
C PHE A 4655 -48.16 -10.06 -72.30
N LEU A 4656 -47.23 -9.44 -73.05
CA LEU A 4656 -45.82 -9.68 -72.79
C LEU A 4656 -45.45 -9.26 -71.37
N CYS A 4657 -46.06 -8.19 -70.87
CA CYS A 4657 -45.83 -7.75 -69.50
C CYS A 4657 -46.31 -8.81 -68.51
N ILE A 4658 -47.47 -9.41 -68.78
CA ILE A 4658 -47.97 -10.50 -67.92
C ILE A 4658 -46.94 -11.62 -67.85
N ILE A 4659 -46.48 -12.09 -69.01
CA ILE A 4659 -45.55 -13.22 -69.03
C ILE A 4659 -44.23 -12.84 -68.36
N GLY A 4660 -43.73 -11.64 -68.63
CA GLY A 4660 -42.48 -11.21 -68.04
C GLY A 4660 -42.56 -11.08 -66.53
N TYR A 4661 -43.62 -10.45 -66.03
CA TYR A 4661 -43.80 -10.35 -64.58
C TYR A 4661 -43.86 -11.73 -63.94
N ASN A 4662 -44.63 -12.64 -64.55
CA ASN A 4662 -44.67 -14.00 -64.02
C ASN A 4662 -43.27 -14.58 -63.93
N CYS A 4663 -42.60 -14.73 -65.08
CA CYS A 4663 -41.31 -15.42 -65.12
C CYS A 4663 -40.26 -14.73 -64.27
N LEU A 4664 -40.44 -13.43 -64.00
CA LEU A 4664 -39.40 -12.70 -63.27
C LEU A 4664 -39.64 -12.76 -61.76
N LYS A 4665 -40.87 -12.51 -61.31
CA LYS A 4665 -41.10 -12.29 -59.89
C LYS A 4665 -41.97 -13.33 -59.20
N VAL A 4666 -42.78 -14.11 -59.93
CA VAL A 4666 -43.55 -15.18 -59.28
C VAL A 4666 -42.66 -16.16 -58.55
N PRO A 4667 -41.50 -16.58 -59.09
CA PRO A 4667 -40.61 -17.44 -58.29
C PRO A 4667 -40.22 -16.85 -56.95
N LEU A 4668 -40.06 -15.54 -56.85
CA LEU A 4668 -39.73 -14.92 -55.57
C LEU A 4668 -40.87 -15.10 -54.56
N VAL A 4669 -42.11 -14.91 -55.00
CA VAL A 4669 -43.25 -15.07 -54.10
C VAL A 4669 -43.37 -16.52 -53.66
N ILE A 4670 -43.22 -17.45 -54.60
CA ILE A 4670 -43.27 -18.87 -54.24
C ILE A 4670 -42.15 -19.21 -53.27
N PHE A 4671 -40.96 -18.63 -53.48
CA PHE A 4671 -39.84 -18.86 -52.58
C PHE A 4671 -40.14 -18.36 -51.18
N LYS A 4672 -40.71 -17.16 -51.06
CA LYS A 4672 -41.06 -16.64 -49.74
C LYS A 4672 -42.08 -17.52 -49.04
N ARG A 4673 -43.12 -17.94 -49.77
CA ARG A 4673 -44.15 -18.76 -49.15
C ARG A 4673 -43.59 -20.12 -48.71
N GLU A 4674 -42.79 -20.75 -49.56
CA GLU A 4674 -42.18 -22.02 -49.21
C GLU A 4674 -41.24 -21.87 -48.02
N LYS A 4675 -40.46 -20.79 -48.00
CA LYS A 4675 -39.56 -20.54 -46.88
C LYS A 4675 -40.33 -20.40 -45.57
N GLU A 4676 -41.35 -19.55 -45.56
CA GLU A 4676 -42.08 -19.32 -44.30
C GLU A 4676 -42.80 -20.59 -43.86
N LEU A 4677 -43.37 -21.35 -44.81
CA LEU A 4677 -44.02 -22.60 -44.44
C LEU A 4677 -43.03 -23.61 -43.87
N ALA A 4678 -41.86 -23.73 -44.50
CA ALA A 4678 -40.85 -24.66 -44.00
C ALA A 4678 -40.38 -24.26 -42.61
N ARG A 4679 -40.16 -22.96 -42.38
CA ARG A 4679 -39.75 -22.51 -41.05
C ARG A 4679 -40.84 -22.78 -40.02
N LYS A 4680 -42.10 -22.55 -40.38
CA LYS A 4680 -43.21 -22.82 -39.45
C LYS A 4680 -43.27 -24.30 -39.10
N LEU A 4681 -43.09 -25.18 -40.09
CA LEU A 4681 -43.10 -26.61 -39.81
C LEU A 4681 -41.91 -27.02 -38.96
N GLU A 4682 -40.73 -26.49 -39.27
CA GLU A 4682 -39.51 -26.95 -38.60
C GLU A 4682 -39.45 -26.47 -37.16
N PHE A 4683 -39.73 -25.20 -36.92
CA PHE A 4683 -39.60 -24.63 -35.58
C PHE A 4683 -40.93 -24.44 -34.87
N ASP A 4684 -41.87 -23.74 -35.50
CA ASP A 4684 -43.18 -23.57 -34.88
C ASP A 4684 -43.94 -24.89 -34.83
N GLY A 4685 -43.81 -25.71 -35.88
CA GLY A 4685 -44.51 -26.98 -35.91
C GLY A 4685 -46.02 -26.84 -35.91
N LEU A 4686 -46.55 -25.89 -36.71
CA LEU A 4686 -47.97 -25.58 -36.65
C LEU A 4686 -48.82 -26.76 -37.08
N TYR A 4687 -48.69 -27.17 -38.35
CA TYR A 4687 -49.61 -28.17 -38.91
C TYR A 4687 -49.55 -29.49 -38.14
N ILE A 4688 -48.39 -29.82 -37.59
CA ILE A 4688 -48.28 -31.04 -36.79
C ILE A 4688 -49.11 -30.93 -35.52
N THR A 4689 -49.03 -29.79 -34.83
CA THR A 4689 -49.66 -29.62 -33.52
C THR A 4689 -50.74 -28.55 -33.50
N GLU A 4690 -50.40 -27.32 -33.88
CA GLU A 4690 -51.29 -26.19 -33.59
C GLU A 4690 -52.48 -26.14 -34.53
N GLN A 4691 -52.29 -26.53 -35.80
CA GLN A 4691 -53.28 -26.50 -36.87
C GLN A 4691 -53.48 -25.02 -37.22
N PRO A 4692 -54.02 -24.68 -38.40
CA PRO A 4692 -54.36 -23.27 -38.65
C PRO A 4692 -55.41 -22.76 -37.68
N GLY A 4693 -55.30 -21.47 -37.37
CA GLY A 4693 -56.20 -20.88 -36.38
C GLY A 4693 -57.59 -20.63 -36.92
N ASP A 4694 -57.83 -20.97 -38.18
CA ASP A 4694 -59.08 -20.85 -38.93
C ASP A 4694 -59.37 -19.38 -39.28
N ASP A 4695 -58.51 -18.45 -38.86
CA ASP A 4695 -58.66 -17.05 -39.23
C ASP A 4695 -57.77 -16.67 -40.40
N ASP A 4696 -56.74 -17.46 -40.70
CA ASP A 4696 -55.81 -17.20 -41.78
C ASP A 4696 -56.06 -18.17 -42.93
N VAL A 4697 -56.66 -17.65 -44.00
CA VAL A 4697 -57.02 -18.50 -45.14
C VAL A 4697 -55.76 -19.07 -45.80
N LYS A 4698 -54.65 -18.34 -45.71
CA LYS A 4698 -53.40 -18.82 -46.31
C LYS A 4698 -52.97 -20.14 -45.68
N GLY A 4699 -53.29 -20.36 -44.41
CA GLY A 4699 -52.95 -21.62 -43.79
C GLY A 4699 -53.69 -22.81 -44.40
N GLN A 4700 -55.01 -22.69 -44.54
CA GLN A 4700 -55.77 -23.76 -45.17
C GLN A 4700 -55.36 -23.94 -46.62
N TRP A 4701 -54.97 -22.86 -47.30
CA TRP A 4701 -54.49 -23.00 -48.67
C TRP A 4701 -53.15 -23.74 -48.70
N ASP A 4702 -52.26 -23.44 -47.76
CA ASP A 4702 -50.96 -24.10 -47.71
C ASP A 4702 -51.07 -25.55 -47.28
N ARG A 4703 -52.19 -25.92 -46.65
CA ARG A 4703 -52.39 -27.32 -46.29
C ARG A 4703 -52.27 -28.25 -47.50
N LEU A 4704 -52.63 -27.76 -48.69
CA LEU A 4704 -52.64 -28.62 -49.88
C LEU A 4704 -51.23 -29.02 -50.30
N VAL A 4705 -50.26 -28.10 -50.20
CA VAL A 4705 -48.96 -28.34 -50.80
C VAL A 4705 -48.15 -29.33 -49.98
N LEU A 4706 -48.58 -29.61 -48.74
CA LEU A 4706 -47.81 -30.47 -47.85
C LEU A 4706 -47.66 -31.87 -48.43
N ASN A 4707 -48.73 -32.42 -49.00
CA ASN A 4707 -48.68 -33.79 -49.52
C ASN A 4707 -47.91 -33.85 -50.83
N THR A 4708 -47.81 -32.73 -51.53
CA THR A 4708 -47.27 -32.74 -52.89
C THR A 4708 -45.82 -33.23 -52.89
N PRO A 4709 -45.45 -34.11 -53.84
CA PRO A 4709 -44.06 -34.57 -53.91
C PRO A 4709 -43.07 -33.46 -54.17
N SER A 4710 -43.47 -32.41 -54.90
CA SER A 4710 -42.54 -31.35 -55.24
C SER A 4710 -42.16 -30.53 -54.01
N PHE A 4711 -43.14 -29.90 -53.36
CA PHE A 4711 -43.04 -29.03 -52.19
C PHE A 4711 -41.91 -28.02 -52.35
N PRO A 4712 -40.72 -28.13 -51.68
CA PRO A 4712 -39.90 -26.90 -51.73
C PRO A 4712 -39.10 -26.78 -53.02
N SER A 4713 -39.82 -26.60 -54.13
CA SER A 4713 -39.17 -26.51 -55.43
C SER A 4713 -38.33 -25.23 -55.52
N ASN A 4714 -38.92 -24.09 -55.19
CA ASN A 4714 -38.17 -22.84 -55.22
C ASN A 4714 -37.23 -22.73 -54.03
N TYR A 4715 -37.66 -23.21 -52.87
CA TYR A 4715 -36.84 -23.13 -51.67
C TYR A 4715 -35.59 -23.99 -51.82
N TRP A 4716 -34.46 -23.44 -51.36
CA TRP A 4716 -33.18 -24.11 -51.56
C TRP A 4716 -33.14 -25.46 -50.83
N ASP A 4717 -33.68 -25.51 -49.62
CA ASP A 4717 -33.71 -26.77 -48.87
C ASP A 4717 -34.60 -27.77 -49.57
N LYS A 4718 -34.11 -29.01 -49.70
CA LYS A 4718 -34.88 -30.11 -50.25
C LYS A 4718 -35.11 -31.23 -49.24
N PHE A 4719 -34.55 -31.13 -48.03
CA PHE A 4719 -34.65 -32.17 -47.03
C PHE A 4719 -35.45 -31.75 -45.81
N VAL A 4720 -36.25 -30.69 -45.94
CA VAL A 4720 -36.99 -30.17 -44.78
C VAL A 4720 -37.98 -31.20 -44.26
N LYS A 4721 -38.56 -32.00 -45.16
CA LYS A 4721 -39.52 -33.01 -44.74
C LYS A 4721 -38.88 -34.03 -43.81
N ARG A 4722 -37.68 -34.50 -44.16
CA ARG A 4722 -36.99 -35.49 -43.33
C ARG A 4722 -36.67 -34.93 -41.95
N LYS A 4723 -36.19 -33.69 -41.89
CA LYS A 4723 -35.86 -33.09 -40.60
C LYS A 4723 -37.10 -32.86 -39.75
N VAL A 4724 -38.20 -32.43 -40.37
CA VAL A 4724 -39.45 -32.25 -39.63
C VAL A 4724 -39.92 -33.59 -39.07
N LEU A 4725 -39.84 -34.64 -39.89
CA LEU A 4725 -40.20 -35.98 -39.41
C LEU A 4725 -39.32 -36.40 -38.24
N ASP A 4726 -38.01 -36.21 -38.36
CA ASP A 4726 -37.11 -36.62 -37.28
C ASP A 4726 -37.37 -35.82 -36.01
N LYS A 4727 -37.79 -34.55 -36.16
CA LYS A 4727 -38.05 -33.73 -34.99
C LYS A 4727 -39.35 -34.16 -34.30
N HIS A 4728 -40.43 -34.38 -35.05
CA HIS A 4728 -41.74 -34.58 -34.46
C HIS A 4728 -42.25 -36.01 -34.51
N GLY A 4729 -41.39 -36.98 -34.82
CA GLY A 4729 -41.84 -38.37 -34.85
C GLY A 4729 -42.31 -38.88 -33.50
N ASP A 4730 -41.55 -38.57 -32.45
CA ASP A 4730 -41.88 -39.08 -31.12
C ASP A 4730 -43.25 -38.59 -30.66
N ILE A 4731 -43.69 -37.44 -31.19
CA ILE A 4731 -44.94 -36.85 -30.70
C ILE A 4731 -46.10 -37.15 -31.64
N PHE A 4732 -45.82 -37.31 -32.94
CA PHE A 4732 -46.92 -37.37 -33.90
C PHE A 4732 -47.07 -38.76 -34.51
N GLY A 4733 -45.99 -39.54 -34.56
CA GLY A 4733 -46.00 -40.81 -35.24
C GLY A 4733 -45.31 -40.75 -36.58
N ARG A 4734 -44.40 -41.69 -36.83
CA ARG A 4734 -43.66 -41.69 -38.10
C ARG A 4734 -44.61 -41.84 -39.28
N GLU A 4735 -45.52 -42.82 -39.21
CA GLU A 4735 -46.45 -43.03 -40.30
C GLU A 4735 -47.42 -41.86 -40.45
N ARG A 4736 -47.75 -41.20 -39.33
CA ARG A 4736 -48.68 -40.08 -39.39
C ARG A 4736 -48.05 -38.88 -40.10
N ILE A 4737 -46.80 -38.55 -39.75
CA ILE A 4737 -46.09 -37.50 -40.47
C ILE A 4737 -45.89 -37.90 -41.93
N ALA A 4738 -45.64 -39.19 -42.17
CA ALA A 4738 -45.45 -39.67 -43.53
C ALA A 4738 -46.70 -39.44 -44.38
N GLU A 4739 -47.88 -39.77 -43.84
CA GLU A 4739 -49.10 -39.59 -44.60
C GLU A 4739 -49.49 -38.12 -44.69
N LEU A 4740 -49.07 -37.31 -43.70
CA LEU A 4740 -49.33 -35.88 -43.77
C LEU A 4740 -48.51 -35.23 -44.88
N LEU A 4741 -47.23 -35.58 -44.98
CA LEU A 4741 -46.33 -34.93 -45.93
C LEU A 4741 -46.21 -35.66 -47.26
N GLY A 4742 -46.89 -36.79 -47.43
CA GLY A 4742 -46.75 -37.53 -48.67
C GLY A 4742 -45.35 -38.08 -48.89
N MET A 4743 -44.72 -38.58 -47.84
CA MET A 4743 -43.35 -39.05 -47.85
C MET A 4743 -43.33 -40.50 -47.41
N ASP A 4744 -42.58 -41.35 -48.15
CA ASP A 4744 -42.58 -42.79 -47.90
C ASP A 4744 -41.34 -43.17 -47.12
N LEU A 4745 -41.53 -43.69 -45.91
CA LEU A 4745 -40.41 -43.98 -45.03
C LEU A 4745 -39.47 -45.02 -45.65
N ALA A 4746 -40.03 -46.09 -46.21
CA ALA A 4746 -39.20 -47.17 -46.75
C ALA A 4746 -38.37 -46.69 -47.94
N SER A 4747 -38.99 -46.00 -48.88
CA SER A 4747 -38.24 -45.50 -50.03
C SER A 4747 -37.18 -44.50 -49.59
N LEU A 4748 -37.52 -43.62 -48.66
CA LEU A 4748 -36.56 -42.60 -48.23
C LEU A 4748 -35.38 -43.21 -47.49
N GLU A 4749 -35.61 -44.30 -46.73
CA GLU A 4749 -34.50 -44.92 -46.04
C GLU A 4749 -33.64 -45.76 -46.98
N ILE A 4750 -34.25 -46.47 -47.94
CA ILE A 4750 -33.45 -47.24 -48.88
C ILE A 4750 -32.64 -46.32 -49.80
N THR A 4751 -33.19 -45.16 -50.15
CA THR A 4751 -32.44 -44.21 -50.97
C THR A 4751 -31.22 -43.68 -50.22
N ALA A 4752 -31.38 -43.41 -48.93
CA ALA A 4752 -30.24 -43.00 -48.11
C ALA A 4752 -29.22 -44.12 -47.98
N HIS A 4753 -29.70 -45.37 -47.86
CA HIS A 4753 -28.76 -46.49 -47.74
C HIS A 4753 -27.93 -46.65 -49.00
N ASN A 4754 -28.58 -46.73 -50.16
CA ASN A 4754 -27.87 -46.99 -51.40
C ASN A 4754 -28.45 -46.18 -52.54
N GLU A 4755 -27.61 -45.93 -53.54
CA GLU A 4755 -28.01 -45.13 -54.69
C GLU A 4755 -28.84 -45.95 -55.67
N ARG A 4756 -29.85 -45.31 -56.25
CA ARG A 4756 -30.65 -45.87 -57.32
C ARG A 4756 -30.71 -44.86 -58.46
N LYS A 4757 -30.80 -45.36 -59.69
CA LYS A 4757 -30.74 -44.50 -60.86
C LYS A 4757 -31.96 -44.71 -61.75
N PRO A 4758 -33.11 -44.13 -61.40
CA PRO A 4758 -34.28 -44.23 -62.29
C PRO A 4758 -34.35 -43.07 -63.28
N ASP A 4759 -33.47 -43.07 -64.28
CA ASP A 4759 -33.46 -42.00 -65.25
C ASP A 4759 -34.70 -42.05 -66.14
N PRO A 4760 -35.37 -40.92 -66.36
CA PRO A 4760 -36.61 -40.91 -67.14
C PRO A 4760 -36.35 -40.60 -68.60
N PRO A 4761 -37.02 -41.29 -69.51
CA PRO A 4761 -36.99 -40.91 -70.93
C PRO A 4761 -38.10 -39.92 -71.23
N PRO A 4762 -37.88 -38.98 -72.15
CA PRO A 4762 -38.92 -38.00 -72.47
C PRO A 4762 -40.09 -38.63 -73.20
N GLY A 4763 -41.28 -38.07 -72.98
CA GLY A 4763 -42.48 -38.52 -73.66
C GLY A 4763 -43.68 -37.72 -73.22
N LEU A 4764 -44.76 -37.83 -73.99
CA LEU A 4764 -45.97 -37.07 -73.68
C LEU A 4764 -46.60 -37.54 -72.38
N LEU A 4765 -46.80 -38.85 -72.23
CA LEU A 4765 -47.40 -39.36 -71.00
C LEU A 4765 -46.46 -39.19 -69.81
N THR A 4766 -45.15 -39.29 -70.05
CA THR A 4766 -44.18 -39.05 -68.98
C THR A 4766 -44.26 -37.61 -68.48
N TRP A 4767 -44.37 -36.66 -69.42
CA TRP A 4767 -44.52 -35.26 -69.02
C TRP A 4767 -45.84 -35.03 -68.29
N LEU A 4768 -46.92 -35.66 -68.77
CA LEU A 4768 -48.21 -35.54 -68.10
C LEU A 4768 -48.14 -36.05 -66.67
N MET A 4769 -47.49 -37.20 -66.46
CA MET A 4769 -47.35 -37.74 -65.11
C MET A 4769 -46.41 -36.88 -64.27
N SER A 4770 -45.40 -36.28 -64.91
CA SER A 4770 -44.50 -35.39 -64.18
C SER A 4770 -45.23 -34.16 -63.66
N ILE A 4771 -46.20 -33.65 -64.43
CA ILE A 4771 -47.02 -32.55 -63.94
C ILE A 4771 -47.77 -33.00 -62.69
N ASP A 4772 -47.59 -32.25 -61.61
CA ASP A 4772 -48.25 -32.51 -60.34
C ASP A 4772 -49.41 -31.53 -60.21
N VAL A 4773 -50.64 -32.07 -60.12
CA VAL A 4773 -51.82 -31.22 -60.16
C VAL A 4773 -51.94 -30.38 -58.89
N LYS A 4774 -51.68 -30.99 -57.72
CA LYS A 4774 -51.89 -30.28 -56.46
C LYS A 4774 -50.92 -29.12 -56.30
N TYR A 4775 -49.64 -29.35 -56.59
CA TYR A 4775 -48.66 -28.28 -56.45
C TYR A 4775 -48.95 -27.14 -57.41
N GLN A 4776 -49.33 -27.46 -58.65
CA GLN A 4776 -49.66 -26.41 -59.62
C GLN A 4776 -50.89 -25.63 -59.18
N ILE A 4777 -51.90 -26.33 -58.62
CA ILE A 4777 -53.09 -25.63 -58.14
C ILE A 4777 -52.73 -24.68 -57.01
N TRP A 4778 -51.91 -25.14 -56.07
CA TRP A 4778 -51.50 -24.27 -54.97
C TRP A 4778 -50.68 -23.09 -55.48
N LYS A 4779 -49.79 -23.33 -56.44
CA LYS A 4779 -48.97 -22.27 -57.01
C LYS A 4779 -49.85 -21.22 -57.69
N PHE A 4780 -50.85 -21.66 -58.46
CA PHE A 4780 -51.75 -20.72 -59.12
C PHE A 4780 -52.57 -19.94 -58.09
N GLY A 4781 -52.96 -20.60 -57.00
CA GLY A 4781 -53.65 -19.89 -55.93
C GLY A 4781 -52.80 -18.78 -55.33
N VAL A 4782 -51.53 -19.08 -55.06
CA VAL A 4782 -50.62 -18.04 -54.55
C VAL A 4782 -50.46 -16.93 -55.57
N ILE A 4783 -50.36 -17.29 -56.86
CA ILE A 4783 -50.22 -16.30 -57.91
C ILE A 4783 -51.40 -15.35 -57.91
N PHE A 4784 -52.62 -15.89 -57.81
CA PHE A 4784 -53.81 -15.05 -57.80
C PHE A 4784 -53.88 -14.20 -56.52
N THR A 4785 -53.47 -14.76 -55.38
CA THR A 4785 -53.48 -13.99 -54.15
C THR A 4785 -52.48 -12.84 -54.19
N ASP A 4786 -51.42 -12.98 -54.99
CA ASP A 4786 -50.45 -11.91 -55.13
C ASP A 4786 -51.11 -10.63 -55.65
N ASN A 4787 -50.78 -9.50 -55.02
CA ASN A 4787 -51.47 -8.25 -55.33
C ASN A 4787 -51.04 -7.69 -56.69
N SER A 4788 -49.74 -7.67 -56.97
CA SER A 4788 -49.26 -7.07 -58.22
C SER A 4788 -49.77 -7.83 -59.43
N PHE A 4789 -49.76 -9.16 -59.37
CA PHE A 4789 -50.30 -9.96 -60.46
C PHE A 4789 -51.77 -9.60 -60.71
N LEU A 4790 -52.50 -9.29 -59.64
CA LEU A 4790 -53.88 -8.83 -59.81
C LEU A 4790 -53.93 -7.52 -60.58
N TYR A 4791 -53.01 -6.60 -60.30
CA TYR A 4791 -52.97 -5.34 -61.05
C TYR A 4791 -52.69 -5.58 -62.53
N LEU A 4792 -51.73 -6.45 -62.84
CA LEU A 4792 -51.42 -6.68 -64.25
C LEU A 4792 -52.53 -7.45 -64.95
N GLY A 4793 -53.21 -8.34 -64.24
CA GLY A 4793 -54.40 -8.97 -64.82
C GLY A 4793 -55.52 -7.97 -65.05
N TRP A 4794 -55.65 -6.98 -64.17
CA TRP A 4794 -56.57 -5.87 -64.42
C TRP A 4794 -56.17 -5.12 -65.68
N TYR A 4795 -54.87 -4.93 -65.89
CA TYR A 4795 -54.41 -4.24 -67.10
C TYR A 4795 -54.77 -5.07 -68.34
N MET A 4796 -54.57 -6.38 -68.27
CA MET A 4796 -55.13 -7.31 -69.26
C MET A 4796 -56.59 -7.02 -69.55
N VAL A 4797 -57.43 -7.09 -68.52
CA VAL A 4797 -58.88 -6.98 -68.73
C VAL A 4797 -59.22 -5.63 -69.33
N MET A 4798 -58.56 -4.56 -68.86
CA MET A 4798 -58.89 -3.23 -69.35
C MET A 4798 -58.45 -3.04 -70.79
N SER A 4799 -57.31 -3.60 -71.19
CA SER A 4799 -56.92 -3.53 -72.60
C SER A 4799 -57.89 -4.31 -73.49
N LEU A 4800 -58.28 -5.50 -73.05
CA LEU A 4800 -59.22 -6.30 -73.85
C LEU A 4800 -60.56 -5.60 -73.96
N LEU A 4801 -61.02 -4.95 -72.89
CA LEU A 4801 -62.28 -4.23 -72.94
C LEU A 4801 -62.14 -2.93 -73.73
N GLY A 4802 -60.93 -2.36 -73.77
CA GLY A 4802 -60.69 -1.21 -74.61
C GLY A 4802 -60.76 -1.56 -76.08
N HIS A 4803 -60.39 -2.79 -76.43
CA HIS A 4803 -60.66 -3.25 -77.79
C HIS A 4803 -62.16 -3.29 -78.08
N TYR A 4804 -62.97 -3.67 -77.08
CA TYR A 4804 -64.42 -3.63 -77.26
C TYR A 4804 -64.92 -2.21 -77.45
N ASN A 4805 -64.50 -1.29 -76.58
CA ASN A 4805 -64.85 0.12 -76.68
C ASN A 4805 -63.59 0.92 -76.44
N ASN A 4806 -63.23 1.76 -77.42
CA ASN A 4806 -61.93 2.42 -77.42
C ASN A 4806 -61.76 3.35 -76.21
N PHE A 4807 -62.86 3.88 -75.68
CA PHE A 4807 -62.76 4.77 -74.53
C PHE A 4807 -62.25 4.08 -73.29
N PHE A 4808 -62.34 2.75 -73.22
CA PHE A 4808 -61.89 2.04 -72.02
C PHE A 4808 -60.38 2.10 -71.84
N PHE A 4809 -59.65 2.53 -72.85
CA PHE A 4809 -58.20 2.72 -72.71
C PHE A 4809 -57.88 3.87 -71.77
N ALA A 4810 -58.88 4.68 -71.40
CA ALA A 4810 -58.63 5.79 -70.49
C ALA A 4810 -58.21 5.31 -69.11
N ALA A 4811 -58.68 4.12 -68.71
CA ALA A 4811 -58.32 3.59 -67.39
C ALA A 4811 -56.84 3.29 -67.29
N HIS A 4812 -56.15 3.10 -68.41
CA HIS A 4812 -54.73 2.78 -68.37
C HIS A 4812 -53.87 3.98 -67.96
N LEU A 4813 -54.45 5.19 -67.95
CA LEU A 4813 -53.65 6.36 -67.61
C LEU A 4813 -53.35 6.46 -66.13
N LEU A 4814 -54.13 5.78 -65.28
CA LEU A 4814 -53.89 5.86 -63.84
C LEU A 4814 -52.65 5.09 -63.42
N ASP A 4815 -52.02 4.37 -64.35
CA ASP A 4815 -50.83 3.59 -64.03
C ASP A 4815 -49.70 4.46 -63.52
N ILE A 4816 -49.66 5.74 -63.92
CA ILE A 4816 -48.61 6.65 -63.47
C ILE A 4816 -48.69 6.80 -61.95
N ALA A 4817 -49.89 6.67 -61.37
CA ALA A 4817 -50.06 6.87 -59.95
C ALA A 4817 -49.27 5.85 -59.14
N MET A 4818 -49.28 4.58 -59.56
CA MET A 4818 -48.49 3.58 -58.86
C MET A 4818 -47.06 3.57 -59.38
N GLY A 4819 -46.87 4.00 -60.63
CA GLY A 4819 -45.52 4.06 -61.17
C GLY A 4819 -44.65 5.06 -60.44
N VAL A 4820 -45.24 6.16 -59.97
CA VAL A 4820 -44.51 7.24 -59.32
C VAL A 4820 -44.69 7.15 -57.81
N LYS A 4821 -43.60 7.33 -57.08
CA LYS A 4821 -43.66 7.26 -55.62
C LYS A 4821 -44.53 8.36 -55.03
N THR A 4822 -44.37 9.60 -55.50
CA THR A 4822 -45.16 10.71 -54.96
C THR A 4822 -46.65 10.50 -55.20
N LEU A 4823 -47.02 10.10 -56.41
CA LEU A 4823 -48.41 9.77 -56.69
C LEU A 4823 -48.85 8.56 -55.88
N ARG A 4824 -47.93 7.64 -55.60
CA ARG A 4824 -48.26 6.51 -54.73
C ARG A 4824 -48.57 6.99 -53.31
N THR A 4825 -47.79 7.96 -52.81
CA THR A 4825 -48.09 8.52 -51.49
C THR A 4825 -49.43 9.24 -51.48
N ILE A 4826 -49.74 9.97 -52.55
CA ILE A 4826 -51.04 10.64 -52.65
C ILE A 4826 -52.17 9.61 -52.63
N LEU A 4827 -52.00 8.53 -53.42
CA LEU A 4827 -52.99 7.45 -53.47
C LEU A 4827 -53.19 6.79 -52.11
N SER A 4828 -52.10 6.51 -51.40
CA SER A 4828 -52.23 5.78 -50.14
C SER A 4828 -52.68 6.71 -49.01
N SER A 4829 -52.60 8.03 -49.21
CA SER A 4829 -53.00 8.96 -48.17
C SER A 4829 -54.46 8.80 -47.79
N VAL A 4830 -55.35 8.63 -48.79
CA VAL A 4830 -56.77 8.53 -48.51
C VAL A 4830 -57.08 7.23 -47.76
N THR A 4831 -56.34 6.15 -48.07
CA THR A 4831 -56.60 4.89 -47.39
C THR A 4831 -55.94 4.84 -46.02
N HIS A 4832 -54.96 5.72 -45.79
CA HIS A 4832 -54.21 5.68 -44.53
C HIS A 4832 -55.11 5.96 -43.33
N ASN A 4833 -55.97 6.96 -43.43
CA ASN A 4833 -56.95 7.28 -42.39
C ASN A 4833 -58.36 6.87 -42.78
N GLY A 4834 -58.51 5.72 -43.46
CA GLY A 4834 -59.78 5.38 -44.06
C GLY A 4834 -60.91 5.22 -43.07
N LYS A 4835 -60.63 4.58 -41.92
CA LYS A 4835 -61.68 4.36 -40.94
C LYS A 4835 -62.22 5.67 -40.39
N GLN A 4836 -61.32 6.57 -39.99
CA GLN A 4836 -61.72 7.86 -39.47
C GLN A 4836 -62.46 8.67 -40.54
N LEU A 4837 -61.96 8.62 -41.78
CA LEU A 4837 -62.62 9.36 -42.85
C LEU A 4837 -64.04 8.85 -43.09
N VAL A 4838 -64.21 7.53 -43.13
CA VAL A 4838 -65.53 6.94 -43.36
C VAL A 4838 -66.48 7.34 -42.23
N MET A 4839 -66.02 7.26 -40.98
CA MET A 4839 -66.92 7.53 -39.87
C MET A 4839 -67.23 9.02 -39.76
N THR A 4840 -66.29 9.88 -40.13
CA THR A 4840 -66.56 11.31 -40.16
C THR A 4840 -67.57 11.65 -41.26
N VAL A 4841 -67.44 10.99 -42.42
CA VAL A 4841 -68.44 11.17 -43.47
C VAL A 4841 -69.81 10.69 -43.00
N GLY A 4842 -69.83 9.61 -42.21
CA GLY A 4842 -71.10 9.14 -41.65
C GLY A 4842 -71.71 10.16 -40.70
N LEU A 4843 -70.90 10.77 -39.84
CA LEU A 4843 -71.42 11.82 -38.96
C LEU A 4843 -71.92 13.01 -39.76
N LEU A 4844 -71.22 13.36 -40.85
CA LEU A 4844 -71.70 14.43 -41.72
C LEU A 4844 -73.05 14.08 -42.32
N ALA A 4845 -73.22 12.84 -42.77
CA ALA A 4845 -74.51 12.40 -43.28
C ALA A 4845 -75.59 12.50 -42.21
N VAL A 4846 -75.24 12.15 -40.98
CA VAL A 4846 -76.21 12.20 -39.88
C VAL A 4846 -76.65 13.64 -39.61
N VAL A 4847 -75.70 14.58 -39.57
CA VAL A 4847 -76.08 15.97 -39.29
C VAL A 4847 -76.88 16.55 -40.44
N VAL A 4848 -76.53 16.19 -41.68
CA VAL A 4848 -77.32 16.62 -42.82
C VAL A 4848 -78.73 16.06 -42.74
N TYR A 4849 -78.86 14.81 -42.28
CA TYR A 4849 -80.18 14.22 -42.07
C TYR A 4849 -80.98 14.99 -41.02
N LEU A 4850 -80.33 15.37 -39.93
CA LEU A 4850 -81.03 16.12 -38.89
C LEU A 4850 -81.52 17.47 -39.42
N TYR A 4851 -80.66 18.17 -40.17
CA TYR A 4851 -81.10 19.43 -40.77
C TYR A 4851 -82.24 19.21 -41.75
N THR A 4852 -82.20 18.10 -42.49
CA THR A 4852 -83.30 17.75 -43.39
C THR A 4852 -84.59 17.52 -42.62
N VAL A 4853 -84.51 16.83 -41.47
CA VAL A 4853 -85.70 16.61 -40.66
C VAL A 4853 -86.29 17.94 -40.21
N VAL A 4854 -85.43 18.85 -39.74
CA VAL A 4854 -85.92 20.15 -39.29
C VAL A 4854 -86.58 20.91 -40.43
N ALA A 4855 -85.94 20.92 -41.60
CA ALA A 4855 -86.49 21.66 -42.74
C ALA A 4855 -87.81 21.06 -43.19
N PHE A 4856 -87.90 19.73 -43.25
CA PHE A 4856 -89.14 19.07 -43.65
C PHE A 4856 -90.25 19.32 -42.65
N ASN A 4857 -89.89 19.45 -41.36
CA ASN A 4857 -90.92 19.67 -40.35
C ASN A 4857 -91.44 21.11 -40.38
N PHE A 4858 -90.55 22.08 -40.61
CA PHE A 4858 -90.94 23.48 -40.41
C PHE A 4858 -90.68 24.40 -41.59
N PHE A 4859 -89.72 24.12 -42.46
CA PHE A 4859 -89.27 25.10 -43.44
C PHE A 4859 -89.51 24.65 -44.89
N ARG A 4860 -90.63 23.96 -45.15
CA ARG A 4860 -90.87 23.48 -46.51
C ARG A 4860 -91.19 24.62 -47.47
N LYS A 4861 -91.61 25.77 -46.94
CA LYS A 4861 -92.13 26.83 -47.80
C LYS A 4861 -91.04 27.42 -48.70
N PHE A 4862 -89.82 27.56 -48.19
CA PHE A 4862 -88.78 28.25 -48.94
C PHE A 4862 -88.22 27.39 -50.06
N TYR A 4863 -88.46 26.08 -50.01
CA TYR A 4863 -87.72 25.16 -50.89
C TYR A 4863 -88.26 25.13 -52.31
N ASN A 4864 -89.04 26.12 -52.72
CA ASN A 4864 -89.43 26.23 -54.11
C ASN A 4864 -88.20 26.52 -54.96
N LYS A 4865 -88.09 25.84 -56.09
CA LYS A 4865 -86.91 25.93 -56.95
C LYS A 4865 -87.20 26.62 -58.27
N SER A 4866 -88.47 26.81 -58.61
CA SER A 4866 -88.89 27.28 -59.92
C SER A 4866 -89.50 28.68 -59.80
N GLU A 4867 -89.14 29.56 -60.73
CA GLU A 4867 -89.65 30.93 -60.68
C GLU A 4867 -91.09 31.02 -61.17
N ASP A 4868 -91.47 30.17 -62.13
CA ASP A 4868 -92.81 30.26 -62.71
C ASP A 4868 -93.83 29.64 -61.76
N GLU A 4869 -94.93 30.36 -61.53
CA GLU A 4869 -95.94 29.91 -60.59
C GLU A 4869 -96.76 28.76 -61.16
N ASP A 4870 -96.95 28.74 -62.48
CA ASP A 4870 -97.79 27.72 -63.10
C ASP A 4870 -97.22 26.32 -62.89
N GLU A 4871 -95.90 26.16 -63.01
CA GLU A 4871 -95.23 24.90 -62.74
C GLU A 4871 -94.14 25.11 -61.71
N PRO A 4872 -94.45 25.08 -60.41
CA PRO A 4872 -93.42 25.26 -59.40
C PRO A 4872 -92.78 23.93 -58.99
N ASP A 4873 -91.50 23.96 -58.64
CA ASP A 4873 -90.77 22.75 -58.27
C ASP A 4873 -90.48 22.80 -56.77
N MET A 4874 -90.97 21.81 -56.05
CA MET A 4874 -90.90 21.76 -54.59
C MET A 4874 -89.88 20.68 -54.21
N LYS A 4875 -88.72 21.12 -53.72
CA LYS A 4875 -87.66 20.16 -53.40
C LYS A 4875 -87.97 19.35 -52.16
N CYS A 4876 -88.39 20.01 -51.08
CA CYS A 4876 -88.44 19.35 -49.79
C CYS A 4876 -89.83 18.80 -49.46
N ASP A 4877 -90.75 18.78 -50.42
CA ASP A 4877 -92.03 18.11 -50.19
C ASP A 4877 -91.82 16.63 -49.90
N ASP A 4878 -90.99 15.97 -50.70
CA ASP A 4878 -90.59 14.60 -50.45
C ASP A 4878 -89.36 14.63 -49.56
N MET A 4879 -89.43 13.93 -48.42
CA MET A 4879 -88.27 13.81 -47.54
C MET A 4879 -87.04 13.27 -48.28
N MET A 4880 -87.26 12.29 -49.17
CA MET A 4880 -86.16 11.72 -49.92
C MET A 4880 -85.42 12.79 -50.74
N THR A 4881 -86.17 13.57 -51.51
CA THR A 4881 -85.55 14.60 -52.32
C THR A 4881 -85.00 15.72 -51.46
N CYS A 4882 -85.62 15.97 -50.30
CA CYS A 4882 -85.10 16.98 -49.38
C CYS A 4882 -83.72 16.59 -48.87
N TYR A 4883 -83.55 15.32 -48.50
CA TYR A 4883 -82.25 14.84 -48.05
C TYR A 4883 -81.22 14.89 -49.17
N LEU A 4884 -81.61 14.43 -50.37
CA LEU A 4884 -80.67 14.45 -51.49
C LEU A 4884 -80.27 15.88 -51.83
N PHE A 4885 -81.22 16.80 -51.82
CA PHE A 4885 -80.93 18.21 -52.04
C PHE A 4885 -79.97 18.74 -51.00
N HIS A 4886 -80.27 18.53 -49.71
CA HIS A 4886 -79.40 19.00 -48.64
C HIS A 4886 -77.98 18.52 -48.85
N MET A 4887 -77.81 17.21 -49.04
CA MET A 4887 -76.48 16.70 -49.34
C MET A 4887 -75.86 17.45 -50.52
N TYR A 4888 -76.44 17.29 -51.72
CA TYR A 4888 -75.76 17.67 -52.95
C TYR A 4888 -75.47 19.16 -53.01
N VAL A 4889 -76.40 20.01 -52.58
CA VAL A 4889 -76.15 21.44 -52.70
C VAL A 4889 -75.52 22.01 -51.43
N GLY A 4890 -76.01 21.64 -50.25
CA GLY A 4890 -75.50 22.24 -49.03
C GLY A 4890 -74.05 21.89 -48.77
N VAL A 4891 -73.68 20.60 -48.91
CA VAL A 4891 -72.31 20.21 -48.63
C VAL A 4891 -71.36 20.88 -49.61
N ARG A 4892 -71.75 20.98 -50.89
CA ARG A 4892 -70.87 21.51 -51.91
C ARG A 4892 -70.75 23.03 -51.81
N ALA A 4893 -71.84 23.71 -51.47
CA ALA A 4893 -71.82 25.18 -51.44
C ALA A 4893 -70.91 25.69 -50.33
N GLY A 4894 -70.09 26.68 -50.67
CA GLY A 4894 -69.17 27.22 -49.68
C GLY A 4894 -69.85 28.09 -48.64
N GLY A 4895 -70.89 28.83 -49.05
CA GLY A 4895 -71.55 29.72 -48.11
C GLY A 4895 -72.60 29.01 -47.27
N GLY A 4896 -72.94 27.78 -47.64
CA GLY A 4896 -73.91 26.99 -46.91
C GLY A 4896 -75.18 26.78 -47.71
N ILE A 4897 -76.20 26.26 -47.01
CA ILE A 4897 -77.48 25.98 -47.66
C ILE A 4897 -78.17 27.28 -48.08
N GLY A 4898 -78.00 28.34 -47.30
CA GLY A 4898 -78.78 29.55 -47.51
C GLY A 4898 -78.52 30.21 -48.85
N ASP A 4899 -77.41 29.87 -49.50
CA ASP A 4899 -77.15 30.40 -50.83
C ASP A 4899 -78.19 29.90 -51.83
N GLU A 4900 -78.52 28.61 -51.77
CA GLU A 4900 -79.48 28.06 -52.72
C GLU A 4900 -80.90 28.14 -52.20
N ILE A 4901 -81.09 27.99 -50.88
CA ILE A 4901 -82.45 28.03 -50.35
C ILE A 4901 -82.89 29.48 -50.14
N GLU A 4902 -84.19 29.71 -50.30
CA GLU A 4902 -84.74 31.04 -50.56
C GLU A 4902 -84.52 32.00 -49.39
N ASP A 4903 -84.51 33.29 -49.71
CA ASP A 4903 -84.34 34.36 -48.73
C ASP A 4903 -85.50 34.36 -47.75
N PRO A 4904 -85.22 34.36 -46.43
CA PRO A 4904 -86.31 34.35 -45.44
C PRO A 4904 -86.77 35.72 -45.00
N ALA A 4905 -86.40 36.76 -45.73
CA ALA A 4905 -86.73 38.12 -45.31
C ALA A 4905 -88.24 38.29 -45.16
N GLY A 4906 -88.67 38.70 -43.97
CA GLY A 4906 -90.08 38.91 -43.69
C GLY A 4906 -90.84 37.69 -43.21
N ASP A 4907 -90.20 36.53 -43.13
CA ASP A 4907 -90.89 35.32 -42.71
C ASP A 4907 -91.14 35.33 -41.21
N GLU A 4908 -92.19 34.62 -40.78
CA GLU A 4908 -92.50 34.53 -39.36
C GLU A 4908 -91.46 33.69 -38.62
N TYR A 4909 -90.84 32.74 -39.31
CA TYR A 4909 -89.76 31.94 -38.76
C TYR A 4909 -88.39 32.41 -39.24
N GLU A 4910 -88.24 33.70 -39.51
CA GLU A 4910 -87.00 34.21 -40.09
C GLU A 4910 -85.82 34.00 -39.14
N LEU A 4911 -86.01 34.26 -37.85
CA LEU A 4911 -84.92 34.08 -36.89
C LEU A 4911 -84.53 32.61 -36.77
N TYR A 4912 -85.52 31.73 -36.71
CA TYR A 4912 -85.23 30.30 -36.63
C TYR A 4912 -84.47 29.83 -37.87
N ARG A 4913 -84.88 30.29 -39.06
CA ARG A 4913 -84.19 29.86 -40.27
C ARG A 4913 -82.79 30.47 -40.35
N VAL A 4914 -82.62 31.68 -39.84
CA VAL A 4914 -81.29 32.28 -39.79
C VAL A 4914 -80.37 31.45 -38.91
N VAL A 4915 -80.85 31.04 -37.74
CA VAL A 4915 -80.07 30.16 -36.87
C VAL A 4915 -79.78 28.85 -37.58
N PHE A 4916 -80.78 28.31 -38.28
CA PHE A 4916 -80.62 27.07 -39.05
C PHE A 4916 -79.47 27.19 -40.04
N ASP A 4917 -79.48 28.25 -40.86
CA ASP A 4917 -78.47 28.41 -41.90
C ASP A 4917 -77.09 28.67 -41.30
N ILE A 4918 -77.01 29.51 -40.25
CA ILE A 4918 -75.72 29.80 -39.64
C ILE A 4918 -75.13 28.53 -39.02
N THR A 4919 -75.95 27.74 -38.34
CA THR A 4919 -75.45 26.50 -37.75
C THR A 4919 -75.02 25.51 -38.82
N PHE A 4920 -75.80 25.40 -39.92
CA PHE A 4920 -75.39 24.53 -41.02
C PHE A 4920 -74.04 24.96 -41.58
N PHE A 4921 -73.85 26.25 -41.80
CA PHE A 4921 -72.58 26.74 -42.30
C PHE A 4921 -71.44 26.46 -41.31
N PHE A 4922 -71.71 26.62 -40.02
CA PHE A 4922 -70.63 26.53 -39.04
C PHE A 4922 -70.21 25.08 -38.82
N PHE A 4923 -71.15 24.15 -38.79
CA PHE A 4923 -70.81 22.74 -38.59
C PHE A 4923 -70.49 22.01 -39.89
N VAL A 4924 -71.42 21.98 -40.85
CA VAL A 4924 -71.25 21.15 -42.03
C VAL A 4924 -70.10 21.67 -42.89
N ILE A 4925 -70.06 22.98 -43.12
CA ILE A 4925 -69.10 23.53 -44.07
C ILE A 4925 -67.77 23.84 -43.38
N VAL A 4926 -67.81 24.54 -42.25
CA VAL A 4926 -66.62 25.03 -41.59
C VAL A 4926 -65.89 23.91 -40.83
N ILE A 4927 -66.63 23.10 -40.06
CA ILE A 4927 -65.98 22.11 -39.21
C ILE A 4927 -65.70 20.83 -39.99
N LEU A 4928 -66.74 20.19 -40.51
CA LEU A 4928 -66.61 18.80 -40.96
C LEU A 4928 -65.73 18.68 -42.20
N LEU A 4929 -66.13 19.32 -43.30
CA LEU A 4929 -65.36 19.21 -44.54
C LEU A 4929 -63.89 19.56 -44.32
N ALA A 4930 -63.64 20.56 -43.46
CA ALA A 4930 -62.28 20.87 -43.08
C ALA A 4930 -61.63 19.69 -42.36
N ILE A 4931 -62.41 18.96 -41.56
CA ILE A 4931 -61.85 17.80 -40.86
C ILE A 4931 -61.45 16.71 -41.85
N ILE A 4932 -62.30 16.42 -42.83
CA ILE A 4932 -61.95 15.42 -43.84
C ILE A 4932 -60.70 15.86 -44.62
N GLN A 4933 -60.68 17.13 -45.03
CA GLN A 4933 -59.55 17.64 -45.77
C GLN A 4933 -58.26 17.55 -44.94
N GLY A 4934 -58.35 17.89 -43.67
CA GLY A 4934 -57.19 17.80 -42.80
C GLY A 4934 -56.72 16.38 -42.59
N LEU A 4935 -57.66 15.44 -42.44
CA LEU A 4935 -57.28 14.03 -42.32
C LEU A 4935 -56.49 13.58 -43.54
N ILE A 4936 -57.00 13.85 -44.74
CA ILE A 4936 -56.29 13.41 -45.94
C ILE A 4936 -54.93 14.10 -46.05
N ILE A 4937 -54.90 15.43 -45.82
CA ILE A 4937 -53.67 16.18 -46.02
C ILE A 4937 -52.60 15.77 -45.00
N ASP A 4938 -52.98 15.62 -43.73
CA ASP A 4938 -51.98 15.30 -42.72
C ASP A 4938 -51.60 13.82 -42.78
N ALA A 4939 -52.46 12.97 -43.35
CA ALA A 4939 -52.03 11.61 -43.65
C ALA A 4939 -50.94 11.62 -44.72
N PHE A 4940 -51.13 12.44 -45.77
CA PHE A 4940 -50.09 12.60 -46.79
C PHE A 4940 -48.80 13.12 -46.17
N GLY A 4941 -48.90 14.17 -45.35
CA GLY A 4941 -47.72 14.71 -44.70
C GLY A 4941 -47.07 13.71 -43.75
N GLU A 4942 -47.88 12.89 -43.09
CA GLU A 4942 -47.36 11.89 -42.18
C GLU A 4942 -46.57 10.83 -42.94
N LEU A 4943 -47.08 10.39 -44.09
CA LEU A 4943 -46.30 9.49 -44.93
C LEU A 4943 -44.99 10.13 -45.34
N ARG A 4944 -45.04 11.41 -45.72
CA ARG A 4944 -43.82 12.08 -46.17
C ARG A 4944 -42.77 12.15 -45.07
N ASP A 4945 -43.14 12.59 -43.87
CA ASP A 4945 -42.10 12.76 -42.86
C ASP A 4945 -41.72 11.43 -42.23
N GLN A 4946 -42.58 10.40 -42.36
CA GLN A 4946 -42.11 9.04 -42.09
C GLN A 4946 -40.99 8.65 -43.02
N GLN A 4947 -41.15 8.95 -44.31
CA GLN A 4947 -40.06 8.69 -45.26
C GLN A 4947 -38.80 9.48 -44.88
N GLU A 4948 -38.98 10.76 -44.56
CA GLU A 4948 -37.84 11.60 -44.17
C GLU A 4948 -37.14 11.03 -42.95
N GLN A 4949 -37.91 10.60 -41.94
CA GLN A 4949 -37.32 10.02 -40.74
C GLN A 4949 -36.62 8.70 -41.06
N VAL A 4950 -37.16 7.93 -42.02
CA VAL A 4950 -36.50 6.68 -42.39
C VAL A 4950 -35.12 6.96 -42.98
N LYS A 4951 -35.03 7.92 -43.90
CA LYS A 4951 -33.69 8.28 -44.41
C LYS A 4951 -32.81 8.89 -43.33
N GLU A 4952 -33.36 9.76 -42.48
CA GLU A 4952 -32.52 10.51 -41.56
C GLU A 4952 -31.99 9.62 -40.43
N ASP A 4953 -32.85 8.78 -39.85
CA ASP A 4953 -32.41 7.92 -38.75
C ASP A 4953 -31.31 6.97 -39.21
N MET A 4954 -31.32 6.60 -40.49
CA MET A 4954 -30.29 5.70 -41.01
C MET A 4954 -28.90 6.32 -40.85
N GLU A 4955 -28.81 7.64 -40.98
CA GLU A 4955 -27.53 8.33 -40.83
C GLU A 4955 -27.15 8.48 -39.36
N THR A 4956 -28.15 8.60 -38.48
CA THR A 4956 -27.87 9.00 -37.10
C THR A 4956 -27.49 7.80 -36.24
N LYS A 4957 -27.88 6.60 -36.63
CA LYS A 4957 -27.66 5.43 -35.79
C LYS A 4957 -27.05 4.29 -36.60
N CYS A 4958 -26.27 3.47 -35.91
CA CYS A 4958 -25.69 2.26 -36.47
C CYS A 4958 -26.78 1.21 -36.63
N PHE A 4959 -26.88 0.62 -37.82
CA PHE A 4959 -27.98 -0.30 -38.10
C PHE A 4959 -27.85 -1.60 -37.33
N ILE A 4960 -26.64 -2.18 -37.32
CA ILE A 4960 -26.43 -3.44 -36.61
C ILE A 4960 -26.11 -3.18 -35.15
N CYS A 4961 -25.23 -2.21 -34.89
CA CYS A 4961 -24.80 -1.95 -33.51
C CYS A 4961 -25.97 -1.49 -32.64
N GLY A 4962 -26.80 -0.59 -33.16
CA GLY A 4962 -27.70 0.15 -32.31
C GLY A 4962 -27.06 1.30 -31.58
N ILE A 4963 -25.87 1.73 -32.01
CA ILE A 4963 -25.09 2.76 -31.36
C ILE A 4963 -25.20 4.05 -32.17
N GLY A 4964 -25.41 5.16 -31.47
CA GLY A 4964 -25.62 6.43 -32.16
C GLY A 4964 -24.39 6.90 -32.89
N SER A 4965 -24.61 7.87 -33.80
CA SER A 4965 -23.53 8.36 -34.64
C SER A 4965 -22.49 9.13 -33.84
N ASP A 4966 -22.92 9.83 -32.79
CA ASP A 4966 -22.05 10.78 -32.09
C ASP A 4966 -20.84 10.09 -31.47
N TYR A 4967 -21.04 8.91 -30.89
CA TYR A 4967 -19.92 8.20 -30.26
C TYR A 4967 -18.81 7.92 -31.26
N PHE A 4968 -19.16 7.42 -32.44
CA PHE A 4968 -18.15 7.24 -33.49
C PHE A 4968 -17.62 8.57 -33.99
N ASP A 4969 -18.49 9.58 -34.10
CA ASP A 4969 -18.08 10.85 -34.67
C ASP A 4969 -17.19 11.63 -33.73
N THR A 4970 -17.01 11.16 -32.49
CA THR A 4970 -15.99 11.73 -31.62
C THR A 4970 -14.64 11.79 -32.32
N THR A 4971 -14.24 10.70 -32.96
CA THR A 4971 -13.14 10.78 -33.92
C THR A 4971 -13.70 11.20 -35.28
N PRO A 4972 -12.94 11.96 -36.07
CA PRO A 4972 -13.47 12.43 -37.35
C PRO A 4972 -13.81 11.28 -38.29
N HIS A 4973 -14.91 11.44 -39.03
CA HIS A 4973 -15.41 10.43 -39.97
C HIS A 4973 -15.68 9.09 -39.27
N GLY A 4974 -15.99 9.14 -37.97
CA GLY A 4974 -16.14 7.90 -37.22
C GLY A 4974 -17.30 7.06 -37.70
N PHE A 4975 -18.45 7.68 -37.94
CA PHE A 4975 -19.60 6.92 -38.41
C PHE A 4975 -19.35 6.35 -39.81
N GLU A 4976 -18.66 7.12 -40.66
CA GLU A 4976 -18.30 6.60 -41.98
C GLU A 4976 -17.40 5.39 -41.87
N THR A 4977 -16.39 5.45 -40.99
CA THR A 4977 -15.50 4.31 -40.80
C THR A 4977 -16.26 3.11 -40.24
N HIS A 4978 -17.20 3.35 -39.33
CA HIS A 4978 -18.05 2.26 -38.84
C HIS A 4978 -18.81 1.61 -39.99
N THR A 4979 -19.52 2.40 -40.78
CA THR A 4979 -20.46 1.84 -41.73
C THR A 4979 -19.76 1.19 -42.92
N LEU A 4980 -18.73 1.85 -43.45
CA LEU A 4980 -18.09 1.34 -44.66
C LEU A 4980 -17.27 0.09 -44.40
N GLU A 4981 -16.61 0.01 -43.24
CA GLU A 4981 -15.66 -1.08 -42.98
C GLU A 4981 -16.12 -2.00 -41.87
N GLU A 4982 -16.41 -1.49 -40.67
CA GLU A 4982 -16.55 -2.36 -39.52
C GLU A 4982 -17.86 -3.16 -39.57
N HIS A 4983 -18.98 -2.52 -39.89
CA HIS A 4983 -20.29 -3.13 -39.72
C HIS A 4983 -21.17 -2.99 -40.96
N ASN A 4984 -20.65 -3.32 -42.15
CA ASN A 4984 -21.38 -3.07 -43.37
C ASN A 4984 -22.42 -4.15 -43.66
N LEU A 4985 -23.61 -3.71 -44.08
CA LEU A 4985 -24.64 -4.65 -44.51
C LEU A 4985 -24.16 -5.50 -45.67
N ALA A 4986 -23.45 -4.88 -46.62
CA ALA A 4986 -22.85 -5.65 -47.70
C ALA A 4986 -21.86 -6.66 -47.17
N ASN A 4987 -21.12 -6.29 -46.11
CA ASN A 4987 -20.17 -7.23 -45.52
C ASN A 4987 -20.88 -8.44 -44.93
N TYR A 4988 -22.01 -8.25 -44.23
CA TYR A 4988 -22.74 -9.40 -43.73
C TYR A 4988 -23.35 -10.23 -44.86
N MET A 4989 -23.88 -9.57 -45.89
CA MET A 4989 -24.30 -10.25 -47.12
C MET A 4989 -23.21 -11.18 -47.65
N PHE A 4990 -22.01 -10.63 -47.88
CA PHE A 4990 -20.94 -11.39 -48.49
C PHE A 4990 -20.39 -12.44 -47.53
N PHE A 4991 -20.46 -12.19 -46.22
CA PHE A 4991 -20.08 -13.24 -45.27
C PHE A 4991 -21.02 -14.43 -45.34
N LEU A 4992 -22.33 -14.18 -45.37
CA LEU A 4992 -23.27 -15.29 -45.46
C LEU A 4992 -23.10 -16.04 -46.78
N MET A 4993 -22.95 -15.31 -47.88
CA MET A 4993 -22.76 -15.96 -49.17
C MET A 4993 -21.45 -16.76 -49.21
N TYR A 4994 -20.39 -16.19 -48.63
CA TYR A 4994 -19.10 -16.88 -48.58
C TYR A 4994 -19.18 -18.14 -47.74
N LEU A 4995 -19.90 -18.08 -46.62
CA LEU A 4995 -20.11 -19.26 -45.80
C LEU A 4995 -20.88 -20.33 -46.55
N ILE A 4996 -21.91 -19.93 -47.31
CA ILE A 4996 -22.66 -20.90 -48.12
C ILE A 4996 -21.75 -21.53 -49.16
N ASN A 4997 -20.94 -20.73 -49.84
CA ASN A 4997 -20.10 -21.25 -50.92
C ASN A 4997 -18.98 -22.13 -50.38
N LYS A 4998 -18.40 -21.77 -49.25
CA LYS A 4998 -17.25 -22.49 -48.72
C LYS A 4998 -17.63 -23.88 -48.23
N ASP A 4999 -16.70 -24.81 -48.33
CA ASP A 4999 -16.91 -26.14 -47.79
C ASP A 4999 -16.92 -26.10 -46.27
N GLU A 5000 -17.73 -26.97 -45.68
CA GLU A 5000 -17.86 -27.00 -44.22
C GLU A 5000 -16.55 -27.44 -43.56
N THR A 5001 -15.80 -28.33 -44.22
CA THR A 5001 -14.53 -28.78 -43.66
C THR A 5001 -13.50 -27.66 -43.64
N GLU A 5002 -13.58 -26.73 -44.61
CA GLU A 5002 -12.61 -25.65 -44.66
C GLU A 5002 -12.98 -24.51 -43.73
N HIS A 5003 -14.15 -24.58 -43.10
CA HIS A 5003 -14.58 -23.53 -42.19
C HIS A 5003 -13.63 -23.39 -41.01
N THR A 5004 -13.26 -22.15 -40.70
CA THR A 5004 -12.48 -21.89 -39.50
C THR A 5004 -13.37 -22.02 -38.27
N GLY A 5005 -12.79 -21.77 -37.10
CA GLY A 5005 -13.58 -21.82 -35.88
C GLY A 5005 -14.66 -20.77 -35.86
N GLN A 5006 -14.31 -19.53 -36.20
CA GLN A 5006 -15.29 -18.44 -36.25
C GLN A 5006 -16.36 -18.73 -37.29
N GLU A 5007 -15.96 -19.19 -38.47
CA GLU A 5007 -16.92 -19.49 -39.53
C GLU A 5007 -17.86 -20.62 -39.11
N SER A 5008 -17.32 -21.65 -38.46
CA SER A 5008 -18.15 -22.76 -38.02
C SER A 5008 -19.13 -22.32 -36.94
N TYR A 5009 -18.67 -21.46 -36.02
CA TYR A 5009 -19.56 -20.93 -34.99
C TYR A 5009 -20.72 -20.13 -35.60
N VAL A 5010 -20.39 -19.24 -36.54
CA VAL A 5010 -21.42 -18.44 -37.19
C VAL A 5010 -22.37 -19.33 -38.00
N TRP A 5011 -21.83 -20.33 -38.69
CA TRP A 5011 -22.64 -21.23 -39.49
C TRP A 5011 -23.57 -22.05 -38.60
N LYS A 5012 -23.10 -22.50 -37.45
CA LYS A 5012 -23.94 -23.26 -36.54
C LYS A 5012 -25.07 -22.38 -36.01
N MET A 5013 -24.78 -21.12 -35.69
CA MET A 5013 -25.86 -20.23 -35.26
C MET A 5013 -26.86 -19.97 -36.38
N TYR A 5014 -26.36 -19.90 -37.62
CA TYR A 5014 -27.26 -19.78 -38.76
C TYR A 5014 -28.15 -20.99 -38.90
N GLN A 5015 -27.59 -22.20 -38.75
CA GLN A 5015 -28.40 -23.41 -38.87
C GLN A 5015 -29.44 -23.49 -37.76
N GLU A 5016 -29.07 -23.09 -36.54
CA GLU A 5016 -30.02 -23.11 -35.43
C GLU A 5016 -30.86 -21.85 -35.33
N ARG A 5017 -30.73 -20.92 -36.27
CA ARG A 5017 -31.55 -19.70 -36.32
C ARG A 5017 -31.40 -18.88 -35.05
N CYS A 5018 -30.18 -18.82 -34.51
CA CYS A 5018 -29.85 -17.97 -33.38
C CYS A 5018 -29.03 -16.79 -33.88
N TRP A 5019 -29.52 -15.58 -33.61
CA TRP A 5019 -28.88 -14.37 -34.12
C TRP A 5019 -28.07 -13.64 -33.07
N ASP A 5020 -27.64 -14.33 -32.01
CA ASP A 5020 -26.89 -13.68 -30.95
C ASP A 5020 -25.51 -13.25 -31.41
N PHE A 5021 -24.99 -13.85 -32.49
CA PHE A 5021 -23.64 -13.50 -32.94
C PHE A 5021 -23.60 -12.10 -33.52
N PHE A 5022 -24.75 -11.55 -33.91
CA PHE A 5022 -24.80 -10.17 -34.37
C PHE A 5022 -24.46 -9.23 -33.21
N PRO A 5023 -23.54 -8.29 -33.40
CA PRO A 5023 -23.21 -7.36 -32.32
C PRO A 5023 -24.37 -6.42 -32.02
N ALA A 5024 -24.80 -6.41 -30.76
CA ALA A 5024 -25.91 -5.58 -30.31
C ALA A 5024 -25.43 -4.71 -29.16
N GLY A 5025 -25.44 -3.40 -29.37
CA GLY A 5025 -25.02 -2.47 -28.34
C GLY A 5025 -23.55 -2.52 -27.99
N ASP A 5026 -22.72 -3.10 -28.85
CA ASP A 5026 -21.29 -3.19 -28.60
C ASP A 5026 -20.53 -3.15 -29.92
N CYS A 5027 -19.30 -2.67 -29.86
CA CYS A 5027 -18.44 -2.60 -31.04
C CYS A 5027 -16.99 -2.76 -30.60
N PHE A 5028 -16.11 -2.93 -31.60
CA PHE A 5028 -14.70 -3.16 -31.32
C PHE A 5028 -14.09 -1.98 -30.58
N ARG A 5029 -14.42 -0.76 -31.02
CA ARG A 5029 -13.91 0.43 -30.35
C ARG A 5029 -14.39 0.50 -28.90
N LYS A 5030 -15.69 0.27 -28.68
CA LYS A 5030 -16.24 0.37 -27.33
C LYS A 5030 -15.64 -0.68 -26.41
N GLN A 5031 -15.39 -1.88 -26.94
CA GLN A 5031 -14.73 -2.90 -26.13
C GLN A 5031 -13.30 -2.51 -25.80
N TYR A 5032 -12.52 -2.12 -26.80
CA TYR A 5032 -11.10 -1.87 -26.62
C TYR A 5032 -10.76 -0.38 -26.55
N GLU A 5033 -11.63 0.40 -25.89
CA GLU A 5033 -11.38 1.83 -25.72
C GLU A 5033 -9.97 2.11 -25.20
N ASP A 5034 -9.62 1.53 -24.04
CA ASP A 5034 -8.34 1.84 -23.42
C ASP A 5034 -7.17 1.36 -24.27
N GLN A 5035 -7.29 0.16 -24.87
CA GLN A 5035 -6.21 -0.36 -25.68
C GLN A 5035 -6.06 0.43 -26.98
N LEU A 5036 -7.17 0.69 -27.67
CA LEU A 5036 -7.09 1.44 -28.93
C LEU A 5036 -6.70 2.89 -28.70
N SER A 5037 -7.27 3.51 -27.67
CA SER A 5037 -6.96 4.91 -27.37
C SER A 5037 -5.97 5.01 -26.22
N GLY B 2 24.67 -122.52 -35.89
CA GLY B 2 24.15 -121.62 -34.88
C GLY B 2 22.66 -121.40 -35.00
N VAL B 3 22.08 -121.88 -36.10
CA VAL B 3 20.65 -121.75 -36.36
C VAL B 3 19.97 -123.08 -36.08
N GLN B 4 18.93 -123.05 -35.27
CA GLN B 4 18.15 -124.24 -34.92
C GLN B 4 16.92 -124.30 -35.81
N VAL B 5 16.70 -125.47 -36.42
CA VAL B 5 15.69 -125.65 -37.45
C VAL B 5 14.64 -126.63 -36.95
N GLU B 6 13.36 -126.23 -37.04
CA GLU B 6 12.25 -127.13 -36.76
C GLU B 6 11.25 -127.08 -37.90
N THR B 7 11.04 -128.21 -38.56
CA THR B 7 10.21 -128.28 -39.76
C THR B 7 8.76 -128.53 -39.36
N ILE B 8 7.93 -127.49 -39.41
CA ILE B 8 6.52 -127.67 -39.07
C ILE B 8 5.81 -128.45 -40.17
N SER B 9 6.09 -128.12 -41.43
CA SER B 9 5.58 -128.86 -42.56
C SER B 9 6.76 -129.37 -43.39
N PRO B 10 6.76 -130.63 -43.81
CA PRO B 10 7.93 -131.18 -44.51
C PRO B 10 8.10 -130.57 -45.90
N GLY B 11 9.35 -130.30 -46.25
CA GLY B 11 9.66 -129.93 -47.62
C GLY B 11 9.75 -131.14 -48.52
N ASP B 12 9.71 -130.89 -49.83
CA ASP B 12 9.78 -131.99 -50.78
C ASP B 12 11.13 -132.72 -50.70
N GLY B 13 12.22 -131.97 -50.53
CA GLY B 13 13.53 -132.55 -50.36
C GLY B 13 14.34 -132.73 -51.63
N ARG B 14 13.72 -132.58 -52.80
CA ARG B 14 14.44 -132.68 -54.06
C ARG B 14 14.70 -131.34 -54.71
N THR B 15 13.97 -130.30 -54.33
CA THR B 15 14.17 -128.95 -54.83
C THR B 15 14.71 -128.10 -53.70
N PHE B 16 15.85 -127.45 -53.94
CA PHE B 16 16.54 -126.69 -52.91
C PHE B 16 16.95 -125.33 -53.44
N PRO B 17 16.95 -124.31 -52.60
CA PRO B 17 17.45 -123.00 -53.03
C PRO B 17 18.97 -123.03 -53.18
N LYS B 18 19.42 -122.75 -54.40
CA LYS B 18 20.85 -122.72 -54.72
C LYS B 18 21.34 -121.27 -54.66
N ARG B 19 22.56 -121.09 -54.19
CA ARG B 19 23.14 -119.75 -54.12
C ARG B 19 23.18 -119.12 -55.49
N GLY B 20 22.73 -117.87 -55.57
CA GLY B 20 22.56 -117.20 -56.84
C GLY B 20 21.19 -117.32 -57.46
N GLN B 21 20.17 -117.64 -56.66
CA GLN B 21 18.79 -117.70 -57.12
C GLN B 21 17.91 -116.92 -56.15
N THR B 22 17.03 -116.09 -56.69
CA THR B 22 16.15 -115.28 -55.85
C THR B 22 15.11 -116.16 -55.16
N CYS B 23 14.79 -115.83 -53.92
CA CYS B 23 13.84 -116.57 -53.11
C CYS B 23 12.67 -115.67 -52.76
N VAL B 24 11.45 -116.20 -52.93
CA VAL B 24 10.22 -115.53 -52.52
C VAL B 24 9.67 -116.26 -51.32
N VAL B 25 9.92 -115.72 -50.13
CA VAL B 25 9.52 -116.36 -48.88
C VAL B 25 8.38 -115.56 -48.27
N HIS B 26 7.81 -116.09 -47.19
CA HIS B 26 6.71 -115.46 -46.49
C HIS B 26 6.90 -115.73 -45.00
N TYR B 27 7.40 -114.74 -44.27
CA TYR B 27 7.99 -114.97 -42.97
C TYR B 27 7.19 -114.29 -41.87
N THR B 28 7.40 -114.76 -40.64
CA THR B 28 6.86 -114.15 -39.43
C THR B 28 7.96 -114.15 -38.38
N GLY B 29 8.24 -112.98 -37.82
CA GLY B 29 9.34 -112.79 -36.89
C GLY B 29 8.85 -112.50 -35.49
N MET B 30 9.31 -113.31 -34.53
CA MET B 30 8.99 -113.15 -33.13
C MET B 30 10.25 -112.95 -32.30
N LEU B 31 10.05 -112.43 -31.09
CA LEU B 31 11.15 -112.15 -30.17
C LEU B 31 11.38 -113.37 -29.27
N GLU B 32 12.35 -113.25 -28.37
CA GLU B 32 12.65 -114.34 -27.43
C GLU B 32 11.41 -114.78 -26.68
N ASP B 33 10.67 -113.83 -26.10
CA ASP B 33 9.46 -114.17 -25.37
C ASP B 33 8.27 -114.41 -26.29
N GLY B 34 8.42 -114.15 -27.58
CA GLY B 34 7.40 -114.48 -28.56
C GLY B 34 6.61 -113.31 -29.12
N LYS B 35 7.03 -112.08 -28.88
CA LYS B 35 6.33 -110.94 -29.43
C LYS B 35 6.74 -110.70 -30.87
N LYS B 36 5.74 -110.46 -31.74
CA LYS B 36 5.95 -110.30 -33.17
C LYS B 36 6.29 -108.85 -33.47
N PHE B 37 7.47 -108.63 -34.06
CA PHE B 37 7.87 -107.28 -34.43
C PHE B 37 7.67 -107.04 -35.92
N ASP B 38 7.99 -108.03 -36.75
CA ASP B 38 7.85 -107.92 -38.19
C ASP B 38 7.39 -109.25 -38.76
N SER B 39 6.65 -109.20 -39.86
CA SER B 39 6.14 -110.38 -40.53
C SER B 39 5.73 -110.04 -41.95
N SER B 40 5.87 -111.00 -42.86
CA SER B 40 5.35 -110.81 -44.21
C SER B 40 3.83 -110.81 -44.22
N ARG B 41 3.23 -111.49 -43.23
CA ARG B 41 1.77 -111.42 -43.07
C ARG B 41 1.32 -109.98 -42.89
N ASP B 42 2.16 -109.18 -42.24
CA ASP B 42 1.83 -107.78 -41.98
C ASP B 42 1.72 -107.01 -43.29
N ARG B 43 2.64 -107.27 -44.23
CA ARG B 43 2.63 -106.55 -45.49
C ARG B 43 1.61 -107.14 -46.45
N ASN B 44 1.23 -108.39 -46.24
CA ASN B 44 0.33 -109.19 -47.10
C ASN B 44 1.00 -109.50 -48.44
N LYS B 45 2.26 -109.12 -48.62
CA LYS B 45 3.02 -109.43 -49.82
C LYS B 45 4.27 -110.21 -49.44
N PRO B 46 4.62 -111.25 -50.18
CA PRO B 46 5.80 -112.05 -49.80
C PRO B 46 7.09 -111.25 -49.90
N PHE B 47 8.05 -111.62 -49.05
CA PHE B 47 9.34 -110.96 -49.06
C PHE B 47 10.28 -111.64 -50.03
N LYS B 48 10.88 -110.85 -50.91
CA LYS B 48 11.76 -111.35 -51.96
C LYS B 48 13.19 -110.96 -51.63
N PHE B 49 14.10 -111.92 -51.67
CA PHE B 49 15.50 -111.64 -51.38
C PHE B 49 16.41 -112.48 -52.27
N MET B 50 17.59 -111.96 -52.53
CA MET B 50 18.54 -112.58 -53.46
C MET B 50 19.61 -113.32 -52.67
N LEU B 51 19.75 -114.62 -52.95
CA LEU B 51 20.77 -115.40 -52.27
C LEU B 51 22.16 -114.96 -52.72
N GLY B 52 23.07 -114.83 -51.76
CA GLY B 52 24.46 -114.54 -52.03
C GLY B 52 24.85 -113.08 -51.97
N LYS B 53 23.89 -112.15 -52.06
CA LYS B 53 24.23 -110.73 -51.93
C LYS B 53 24.33 -110.35 -50.45
N GLN B 54 23.89 -111.23 -49.56
CA GLN B 54 23.88 -111.06 -48.11
C GLN B 54 23.12 -109.80 -47.69
N GLU B 55 22.11 -109.38 -48.47
CA GLU B 55 21.36 -108.18 -48.11
C GLU B 55 20.57 -108.37 -46.82
N VAL B 56 20.36 -109.62 -46.42
CA VAL B 56 19.70 -109.92 -45.16
C VAL B 56 20.67 -110.70 -44.27
N ILE B 57 20.27 -110.93 -43.01
CA ILE B 57 21.17 -111.52 -42.03
C ILE B 57 21.74 -112.87 -42.50
N ARG B 58 23.06 -112.97 -42.41
CA ARG B 58 23.80 -114.11 -42.94
C ARG B 58 23.36 -115.41 -42.30
N GLY B 59 23.07 -115.40 -41.01
CA GLY B 59 22.47 -116.57 -40.38
C GLY B 59 21.16 -116.94 -41.02
N TRP B 60 20.38 -115.94 -41.45
CA TRP B 60 19.09 -116.22 -42.05
C TRP B 60 19.26 -116.82 -43.44
N GLU B 61 20.24 -116.33 -44.21
CA GLU B 61 20.54 -117.00 -45.48
C GLU B 61 21.00 -118.43 -45.26
N GLU B 62 21.79 -118.67 -44.21
CA GLU B 62 22.18 -120.05 -43.90
C GLU B 62 20.96 -120.92 -43.61
N GLY B 63 20.02 -120.40 -42.82
CA GLY B 63 18.81 -121.15 -42.54
C GLY B 63 17.99 -121.42 -43.79
N VAL B 64 17.84 -120.41 -44.65
CA VAL B 64 17.08 -120.58 -45.89
C VAL B 64 17.76 -121.60 -46.80
N ALA B 65 19.09 -121.56 -46.86
CA ALA B 65 19.82 -122.53 -47.67
C ALA B 65 19.62 -123.94 -47.14
N GLN B 66 19.64 -124.11 -45.81
CA GLN B 66 19.32 -125.41 -45.22
C GLN B 66 17.89 -125.81 -45.57
N MET B 67 17.01 -124.83 -45.74
CA MET B 67 15.61 -125.12 -46.04
C MET B 67 15.41 -125.68 -47.43
N SER B 68 14.37 -126.49 -47.59
CA SER B 68 13.94 -126.94 -48.90
C SER B 68 12.84 -126.03 -49.44
N VAL B 69 12.44 -126.29 -50.69
CA VAL B 69 11.41 -125.48 -51.32
C VAL B 69 10.04 -126.03 -50.94
N GLY B 70 9.06 -125.14 -50.77
CA GLY B 70 7.74 -125.54 -50.35
C GLY B 70 7.62 -125.90 -48.90
N GLN B 71 8.39 -125.27 -48.02
CA GLN B 71 8.57 -125.73 -46.65
C GLN B 71 8.17 -124.65 -45.64
N ARG B 72 7.65 -125.11 -44.50
CA ARG B 72 7.31 -124.27 -43.35
C ARG B 72 8.24 -124.62 -42.19
N ALA B 73 8.93 -123.62 -41.66
CA ALA B 73 9.89 -123.94 -40.61
C ALA B 73 10.01 -122.81 -39.59
N LYS B 74 10.61 -123.19 -38.46
CA LYS B 74 10.86 -122.32 -37.33
C LYS B 74 12.37 -122.28 -37.12
N LEU B 75 12.97 -121.09 -37.26
CA LEU B 75 14.41 -120.92 -37.22
C LEU B 75 14.80 -120.04 -36.05
N THR B 76 15.65 -120.56 -35.17
CA THR B 76 16.22 -119.80 -34.07
C THR B 76 17.64 -119.41 -34.44
N ILE B 77 17.92 -118.10 -34.47
CA ILE B 77 19.21 -117.59 -34.88
C ILE B 77 19.96 -117.08 -33.66
N SER B 78 21.19 -117.58 -33.47
CA SER B 78 22.01 -117.11 -32.38
C SER B 78 22.44 -115.67 -32.66
N PRO B 79 22.75 -114.90 -31.60
CA PRO B 79 23.11 -113.48 -31.82
C PRO B 79 24.31 -113.28 -32.72
N ASP B 80 25.31 -114.16 -32.64
CA ASP B 80 26.54 -113.93 -33.39
C ASP B 80 26.28 -113.98 -34.88
N TYR B 81 25.44 -114.92 -35.34
CA TYR B 81 24.99 -114.87 -36.72
C TYR B 81 23.96 -113.76 -36.94
N ALA B 82 23.23 -113.40 -35.90
CA ALA B 82 22.13 -112.45 -36.00
C ALA B 82 22.66 -111.03 -35.83
N TYR B 83 21.77 -110.08 -35.53
CA TYR B 83 22.19 -108.69 -35.32
C TYR B 83 23.35 -108.59 -34.34
N GLY B 84 23.33 -109.40 -33.29
CA GLY B 84 24.42 -109.43 -32.34
C GLY B 84 24.07 -108.72 -31.04
N ALA B 85 25.14 -108.25 -30.37
CA ALA B 85 24.95 -107.52 -29.12
C ALA B 85 24.24 -106.19 -29.35
N THR B 86 24.40 -105.62 -30.55
CA THR B 86 23.78 -104.32 -30.83
C THR B 86 22.29 -104.46 -31.09
N GLY B 87 21.86 -105.61 -31.61
CA GLY B 87 20.47 -105.75 -31.99
C GLY B 87 20.13 -104.83 -33.16
N HIS B 88 18.85 -104.50 -33.26
CA HIS B 88 18.39 -103.52 -34.23
C HIS B 88 17.92 -102.27 -33.50
N PRO B 89 18.59 -101.13 -33.70
CA PRO B 89 18.25 -99.94 -32.92
C PRO B 89 16.77 -99.60 -32.98
N GLY B 90 16.10 -99.72 -31.84
CA GLY B 90 14.69 -99.44 -31.75
C GLY B 90 13.78 -100.65 -31.96
N ILE B 91 14.02 -101.40 -33.03
CA ILE B 91 13.09 -102.46 -33.40
C ILE B 91 13.36 -103.72 -32.58
N ILE B 92 14.59 -104.21 -32.57
CA ILE B 92 14.96 -105.38 -31.77
C ILE B 92 15.90 -104.94 -30.65
N PRO B 93 15.61 -105.29 -29.39
CA PRO B 93 16.49 -104.87 -28.28
C PRO B 93 17.89 -105.42 -28.43
N PRO B 94 18.89 -104.69 -27.98
CA PRO B 94 20.28 -105.12 -28.16
C PRO B 94 20.55 -106.44 -27.44
N HIS B 95 21.44 -107.24 -28.03
CA HIS B 95 21.86 -108.51 -27.44
C HIS B 95 20.66 -109.43 -27.21
N ALA B 96 19.84 -109.60 -28.23
CA ALA B 96 18.68 -110.47 -28.16
C ALA B 96 18.67 -111.40 -29.36
N THR B 97 18.45 -112.68 -29.11
CA THR B 97 18.33 -113.65 -30.20
C THR B 97 16.93 -113.57 -30.78
N LEU B 98 16.77 -114.09 -32.01
CA LEU B 98 15.52 -113.99 -32.73
C LEU B 98 15.07 -115.38 -33.20
N VAL B 99 13.76 -115.55 -33.31
CA VAL B 99 13.15 -116.79 -33.80
C VAL B 99 12.10 -116.42 -34.84
N PHE B 100 12.26 -116.93 -36.05
CA PHE B 100 11.43 -116.59 -37.19
C PHE B 100 10.63 -117.80 -37.64
N ASP B 101 9.44 -117.55 -38.20
CA ASP B 101 8.64 -118.60 -38.85
C ASP B 101 8.57 -118.29 -40.34
N VAL B 102 8.97 -119.24 -41.18
CA VAL B 102 9.20 -119.00 -42.59
C VAL B 102 8.33 -119.93 -43.42
N GLU B 103 7.59 -119.35 -44.37
CA GLU B 103 6.93 -120.03 -45.46
C GLU B 103 7.80 -119.88 -46.70
N LEU B 104 7.92 -120.96 -47.49
CA LEU B 104 8.54 -120.84 -48.81
C LEU B 104 7.58 -121.39 -49.86
N LEU B 105 6.70 -120.53 -50.36
CA LEU B 105 5.69 -121.00 -51.31
C LEU B 105 6.29 -121.26 -52.69
N LYS B 106 7.15 -120.37 -53.17
CA LYS B 106 7.57 -120.45 -54.56
C LYS B 106 8.95 -119.82 -54.69
N LEU B 107 9.75 -120.38 -55.59
CA LEU B 107 11.18 -120.09 -55.68
C LEU B 107 11.57 -119.70 -57.09
N GLU B 108 11.78 -118.41 -57.31
CA GLU B 108 12.37 -117.89 -58.56
C GLU B 108 13.21 -116.63 -58.29
N GLY C 2 -55.80 -53.75 104.58
CA GLY C 2 -54.99 -52.67 104.03
C GLY C 2 -55.82 -51.46 103.63
N VAL C 3 -57.14 -51.62 103.65
CA VAL C 3 -58.08 -50.56 103.30
C VAL C 3 -58.68 -50.00 104.57
N GLN C 4 -58.61 -48.68 104.72
CA GLN C 4 -59.16 -47.97 105.87
C GLN C 4 -60.54 -47.44 105.51
N VAL C 5 -61.52 -47.69 106.36
CA VAL C 5 -62.93 -47.44 106.07
C VAL C 5 -63.44 -46.39 107.06
N GLU C 6 -64.07 -45.34 106.54
CA GLU C 6 -64.75 -44.36 107.37
C GLU C 6 -66.16 -44.14 106.82
N THR C 7 -67.17 -44.44 107.63
CA THR C 7 -68.56 -44.40 107.20
C THR C 7 -69.12 -43.00 107.43
N ILE C 8 -69.25 -42.21 106.36
CA ILE C 8 -69.82 -40.88 106.50
C ILE C 8 -71.31 -40.97 106.78
N SER C 9 -72.02 -41.84 106.07
CA SER C 9 -73.42 -42.11 106.34
C SER C 9 -73.60 -43.59 106.63
N PRO C 10 -74.34 -43.96 107.67
CA PRO C 10 -74.43 -45.38 108.05
C PRO C 10 -75.20 -46.20 107.02
N GLY C 11 -74.71 -47.40 106.77
CA GLY C 11 -75.46 -48.36 105.99
C GLY C 11 -76.51 -49.05 106.82
N ASP C 12 -77.46 -49.70 106.14
CA ASP C 12 -78.53 -50.41 106.84
C ASP C 12 -77.98 -51.55 107.67
N GLY C 13 -77.00 -52.29 107.15
CA GLY C 13 -76.36 -53.36 107.88
C GLY C 13 -76.96 -54.73 107.68
N ARG C 14 -78.15 -54.84 107.08
CA ARG C 14 -78.76 -56.13 106.82
C ARG C 14 -78.67 -56.54 105.36
N THR C 15 -78.41 -55.61 104.45
CA THR C 15 -78.23 -55.91 103.04
C THR C 15 -76.77 -55.65 102.68
N PHE C 16 -76.12 -56.67 102.11
CA PHE C 16 -74.70 -56.61 101.83
C PHE C 16 -74.43 -57.08 100.40
N PRO C 17 -73.42 -56.51 99.74
CA PRO C 17 -73.04 -57.01 98.43
C PRO C 17 -72.34 -58.36 98.55
N LYS C 18 -72.94 -59.37 97.91
CA LYS C 18 -72.41 -60.72 97.91
C LYS C 18 -71.61 -60.95 96.63
N ARG C 19 -70.52 -61.70 96.74
CA ARG C 19 -69.69 -62.00 95.58
C ARG C 19 -70.51 -62.70 94.51
N GLY C 20 -70.39 -62.23 93.28
CA GLY C 20 -71.23 -62.71 92.20
C GLY C 20 -72.49 -61.90 91.96
N GLN C 21 -72.54 -60.65 92.44
CA GLN C 21 -73.66 -59.76 92.20
C GLN C 21 -73.13 -58.41 91.72
N THR C 22 -73.74 -57.88 90.67
CA THR C 22 -73.29 -56.60 90.11
C THR C 22 -73.62 -55.46 91.07
N CYS C 23 -72.73 -54.48 91.15
CA CYS C 23 -72.88 -53.33 92.03
C CYS C 23 -72.94 -52.07 91.19
N VAL C 24 -73.90 -51.21 91.52
CA VAL C 24 -74.03 -49.88 90.90
C VAL C 24 -73.65 -48.85 91.95
N VAL C 25 -72.41 -48.36 91.88
CA VAL C 25 -71.89 -47.43 92.87
C VAL C 25 -71.77 -46.06 92.22
N HIS C 26 -71.43 -45.07 93.03
CA HIS C 26 -71.27 -43.69 92.57
C HIS C 26 -70.12 -43.07 93.36
N TYR C 27 -68.94 -43.00 92.72
CA TYR C 27 -67.70 -42.81 93.45
C TYR C 27 -67.06 -41.47 93.11
N THR C 28 -66.16 -41.04 93.99
CA THR C 28 -65.32 -39.86 93.79
C THR C 28 -63.91 -40.21 94.26
N GLY C 29 -62.93 -40.03 93.38
CA GLY C 29 -61.56 -40.42 93.64
C GLY C 29 -60.65 -39.22 93.80
N MET C 30 -59.93 -39.19 94.93
CA MET C 30 -58.98 -38.13 95.23
C MET C 30 -57.60 -38.72 95.45
N LEU C 31 -56.59 -37.85 95.37
CA LEU C 31 -55.19 -38.23 95.52
C LEU C 31 -54.80 -38.07 97.00
N GLU C 32 -53.53 -38.39 97.29
CA GLU C 32 -53.02 -38.26 98.66
C GLU C 32 -53.27 -36.86 99.21
N ASP C 33 -52.90 -35.83 98.45
CA ASP C 33 -53.10 -34.46 98.90
C ASP C 33 -54.53 -33.99 98.68
N GLY C 34 -55.36 -34.78 98.02
CA GLY C 34 -56.78 -34.49 97.89
C GLY C 34 -57.24 -34.00 96.53
N LYS C 35 -56.40 -34.09 95.50
CA LYS C 35 -56.83 -33.66 94.17
C LYS C 35 -57.63 -34.77 93.49
N LYS C 36 -58.74 -34.37 92.88
CA LYS C 36 -59.69 -35.30 92.26
C LYS C 36 -59.23 -35.60 90.84
N PHE C 37 -58.97 -36.87 90.54
CA PHE C 37 -58.59 -37.25 89.20
C PHE C 37 -59.76 -37.87 88.44
N ASP C 38 -60.56 -38.69 89.11
CA ASP C 38 -61.71 -39.34 88.49
C ASP C 38 -62.84 -39.41 89.50
N SER C 39 -64.08 -39.37 88.99
CA SER C 39 -65.27 -39.44 89.83
C SER C 39 -66.46 -39.82 88.97
N SER C 40 -67.42 -40.54 89.57
CA SER C 40 -68.68 -40.81 88.88
C SER C 40 -69.50 -39.54 88.73
N ARG C 41 -69.31 -38.58 89.64
CA ARG C 41 -69.94 -37.28 89.49
C ARG C 41 -69.56 -36.64 88.17
N ASP C 42 -68.32 -36.91 87.72
CA ASP C 42 -67.84 -36.34 86.46
C ASP C 42 -68.64 -36.87 85.29
N ARG C 43 -68.95 -38.17 85.30
CA ARG C 43 -69.67 -38.77 84.19
C ARG C 43 -71.17 -38.49 84.31
N ASN C 44 -71.64 -38.20 85.53
CA ASN C 44 -73.06 -38.01 85.88
C ASN C 44 -73.83 -39.31 85.78
N LYS C 45 -73.16 -40.43 85.48
CA LYS C 45 -73.77 -41.73 85.43
C LYS C 45 -73.06 -42.66 86.41
N PRO C 46 -73.80 -43.47 87.16
CA PRO C 46 -73.15 -44.34 88.16
C PRO C 46 -72.26 -45.38 87.52
N PHE C 47 -71.21 -45.77 88.24
CA PHE C 47 -70.28 -46.78 87.74
C PHE C 47 -70.76 -48.16 88.14
N LYS C 48 -70.85 -49.05 87.16
CA LYS C 48 -71.35 -50.40 87.35
C LYS C 48 -70.18 -51.38 87.23
N PHE C 49 -70.04 -52.27 88.22
CA PHE C 49 -68.96 -53.25 88.19
C PHE C 49 -69.44 -54.57 88.76
N MET C 50 -68.83 -55.66 88.29
CA MET C 50 -69.24 -57.00 88.65
C MET C 50 -68.31 -57.56 89.72
N LEU C 51 -68.88 -57.96 90.86
CA LEU C 51 -68.08 -58.54 91.91
C LEU C 51 -67.52 -59.89 91.49
N GLY C 52 -66.25 -60.12 91.78
CA GLY C 52 -65.61 -61.40 91.54
C GLY C 52 -64.85 -61.52 90.24
N LYS C 53 -65.13 -60.67 89.25
CA LYS C 53 -64.35 -60.73 88.02
C LYS C 53 -63.04 -59.97 88.17
N GLN C 54 -62.89 -59.22 89.25
CA GLN C 54 -61.72 -58.41 89.59
C GLN C 54 -61.38 -57.42 88.49
N GLU C 55 -62.38 -56.94 87.73
CA GLU C 55 -62.11 -55.99 86.65
C GLU C 55 -61.61 -54.66 87.20
N VAL C 56 -61.84 -54.41 88.49
CA VAL C 56 -61.33 -53.20 89.12
C VAL C 56 -60.39 -53.61 90.27
N ILE C 57 -59.71 -52.64 90.86
CA ILE C 57 -58.67 -52.92 91.85
C ILE C 57 -59.18 -53.80 92.99
N ARG C 58 -58.42 -54.87 93.26
CA ARG C 58 -58.83 -55.90 94.21
C ARG C 58 -59.02 -55.33 95.61
N GLY C 59 -58.17 -54.38 96.00
CA GLY C 59 -58.41 -53.68 97.26
C GLY C 59 -59.75 -52.96 97.26
N TRP C 60 -60.15 -52.44 96.10
CA TRP C 60 -61.41 -51.71 96.04
C TRP C 60 -62.59 -52.67 96.12
N GLU C 61 -62.48 -53.85 95.50
CA GLU C 61 -63.52 -54.86 95.71
C GLU C 61 -63.59 -55.29 97.17
N GLU C 62 -62.44 -55.40 97.84
CA GLU C 62 -62.46 -55.72 99.26
C GLU C 62 -63.20 -54.64 100.05
N GLY C 63 -62.91 -53.37 99.76
CA GLY C 63 -63.62 -52.29 100.43
C GLY C 63 -65.11 -52.31 100.17
N VAL C 64 -65.50 -52.54 98.92
CA VAL C 64 -66.92 -52.58 98.58
C VAL C 64 -67.60 -53.75 99.28
N ALA C 65 -66.93 -54.91 99.36
CA ALA C 65 -67.48 -56.05 100.06
C ALA C 65 -67.65 -55.75 101.54
N GLN C 66 -66.68 -55.08 102.15
CA GLN C 66 -66.85 -54.63 103.53
C GLN C 66 -68.03 -53.67 103.65
N MET C 67 -68.31 -52.92 102.59
CA MET C 67 -69.38 -51.94 102.63
C MET C 67 -70.75 -52.60 102.65
N SER C 68 -71.72 -51.90 103.25
CA SER C 68 -73.11 -52.30 103.17
C SER C 68 -73.81 -51.56 102.04
N VAL C 69 -75.07 -51.95 101.80
CA VAL C 69 -75.85 -51.32 100.73
C VAL C 69 -76.48 -50.04 101.24
N GLY C 70 -76.57 -49.04 100.37
CA GLY C 70 -77.11 -47.75 100.76
C GLY C 70 -76.18 -46.90 101.59
N GLN C 71 -74.87 -47.00 101.37
CA GLN C 71 -73.88 -46.46 102.29
C GLN C 71 -72.95 -45.47 101.59
N ARG C 72 -72.51 -44.47 102.36
CA ARG C 72 -71.53 -43.47 101.93
C ARG C 72 -70.26 -43.66 102.75
N ALA C 73 -69.12 -43.84 102.08
CA ALA C 73 -67.90 -44.12 102.82
C ALA C 73 -66.68 -43.54 102.14
N LYS C 74 -65.61 -43.47 102.93
CA LYS C 74 -64.31 -42.98 102.53
C LYS C 74 -63.32 -44.12 102.72
N LEU C 75 -62.70 -44.56 101.62
CA LEU C 75 -61.83 -45.74 101.63
C LEU C 75 -60.42 -45.33 101.23
N THR C 76 -59.46 -45.62 102.11
CA THR C 76 -58.05 -45.41 101.83
C THR C 76 -57.43 -46.75 101.47
N ILE C 77 -56.85 -46.86 100.28
CA ILE C 77 -56.30 -48.11 99.77
C ILE C 77 -54.78 -48.02 99.81
N SER C 78 -54.15 -48.99 100.45
CA SER C 78 -52.70 -49.05 100.47
C SER C 78 -52.18 -49.39 99.07
N PRO C 79 -50.95 -48.99 98.74
CA PRO C 79 -50.43 -49.25 97.38
C PRO C 79 -50.42 -50.71 97.00
N ASP C 80 -50.11 -51.60 97.95
CA ASP C 80 -49.94 -53.01 97.60
C ASP C 80 -51.25 -53.61 97.11
N TYR C 81 -52.37 -53.26 97.75
CA TYR C 81 -53.67 -53.62 97.18
C TYR C 81 -54.01 -52.76 95.97
N ALA C 82 -53.49 -51.55 95.92
CA ALA C 82 -53.84 -50.58 94.88
C ALA C 82 -52.93 -50.78 93.67
N TYR C 83 -52.85 -49.76 92.80
CA TYR C 83 -52.00 -49.84 91.61
C TYR C 83 -50.58 -50.27 91.97
N GLY C 84 -50.06 -49.77 93.08
CA GLY C 84 -48.75 -50.17 93.54
C GLY C 84 -47.69 -49.12 93.29
N ALA C 85 -46.45 -49.59 93.19
CA ALA C 85 -45.34 -48.68 92.92
C ALA C 85 -45.45 -48.07 91.53
N THR C 86 -46.08 -48.77 90.60
CA THR C 86 -46.19 -48.27 89.23
C THR C 86 -47.26 -47.18 89.13
N GLY C 87 -48.28 -47.23 89.98
CA GLY C 87 -49.36 -46.28 89.84
C GLY C 87 -50.13 -46.53 88.55
N HIS C 88 -50.79 -45.47 88.08
CA HIS C 88 -51.47 -45.51 86.78
C HIS C 88 -50.73 -44.59 85.82
N PRO C 89 -50.13 -45.12 84.75
CA PRO C 89 -49.30 -44.29 83.87
C PRO C 89 -50.04 -43.06 83.39
N GLY C 90 -49.57 -41.90 83.84
CA GLY C 90 -50.17 -40.63 83.46
C GLY C 90 -51.23 -40.12 84.42
N ILE C 91 -52.18 -40.98 84.78
CA ILE C 91 -53.33 -40.53 85.56
C ILE C 91 -52.98 -40.44 87.04
N ILE C 92 -52.47 -41.52 87.63
CA ILE C 92 -52.05 -41.52 89.03
C ILE C 92 -50.54 -41.66 89.10
N PRO C 93 -49.84 -40.78 89.82
CA PRO C 93 -48.38 -40.86 89.90
C PRO C 93 -47.92 -42.17 90.50
N PRO C 94 -46.77 -42.69 90.07
CA PRO C 94 -46.31 -43.99 90.55
C PRO C 94 -46.06 -43.98 92.05
N HIS C 95 -46.30 -45.12 92.68
CA HIS C 95 -46.06 -45.30 94.12
C HIS C 95 -46.83 -44.28 94.94
N ALA C 96 -48.13 -44.17 94.66
CA ALA C 96 -49.00 -43.25 95.39
C ALA C 96 -50.24 -43.99 95.84
N THR C 97 -50.60 -43.82 97.11
CA THR C 97 -51.83 -44.40 97.63
C THR C 97 -53.03 -43.54 97.22
N LEU C 98 -54.21 -44.13 97.26
CA LEU C 98 -55.43 -43.47 96.80
C LEU C 98 -56.50 -43.50 97.88
N VAL C 99 -57.35 -42.48 97.88
CA VAL C 99 -58.48 -42.37 98.80
C VAL C 99 -59.71 -42.01 98.00
N PHE C 100 -60.73 -42.86 98.08
CA PHE C 100 -61.95 -42.74 97.28
C PHE C 100 -63.14 -42.45 98.19
N ASP C 101 -64.13 -41.73 97.65
CA ASP C 101 -65.41 -41.53 98.31
C ASP C 101 -66.49 -42.23 97.51
N VAL C 102 -67.24 -43.12 98.15
CA VAL C 102 -68.13 -44.05 97.46
C VAL C 102 -69.55 -43.89 97.97
N GLU C 103 -70.48 -43.71 97.02
CA GLU C 103 -71.93 -43.82 97.22
C GLU C 103 -72.34 -45.20 96.75
N LEU C 104 -73.25 -45.85 97.48
CA LEU C 104 -73.89 -47.06 96.98
C LEU C 104 -75.41 -46.89 97.04
N LEU C 105 -75.98 -46.33 95.98
CA LEU C 105 -77.41 -46.05 95.98
C LEU C 105 -78.23 -47.32 95.81
N LYS C 106 -77.84 -48.20 94.90
CA LYS C 106 -78.70 -49.32 94.54
C LYS C 106 -77.84 -50.46 94.04
N LEU C 107 -78.29 -51.68 94.33
CA LEU C 107 -77.49 -52.89 94.18
C LEU C 107 -78.23 -53.93 93.37
N GLU C 108 -77.84 -54.08 92.10
CA GLU C 108 -78.31 -55.19 91.24
C GLU C 108 -77.22 -55.60 90.24
N GLY D 2 31.74 96.79 80.79
CA GLY D 2 32.13 95.95 79.66
C GLY D 2 31.80 96.56 78.32
N VAL D 3 31.04 97.66 78.34
CA VAL D 3 30.63 98.37 77.14
C VAL D 3 31.47 99.63 77.00
N GLN D 4 32.09 99.80 75.83
CA GLN D 4 32.91 100.96 75.52
C GLN D 4 32.07 101.97 74.76
N VAL D 5 32.11 103.22 75.20
CA VAL D 5 31.22 104.27 74.72
C VAL D 5 32.05 105.35 74.05
N GLU D 6 31.68 105.72 72.82
CA GLU D 6 32.28 106.85 72.13
C GLU D 6 31.18 107.75 71.59
N THR D 7 31.16 109.00 72.06
CA THR D 7 30.09 109.93 71.75
C THR D 7 30.44 110.69 70.47
N ILE D 8 29.82 110.32 69.35
CA ILE D 8 30.08 111.02 68.10
C ILE D 8 29.45 112.41 68.13
N SER D 9 28.23 112.51 68.63
CA SER D 9 27.58 113.79 68.83
C SER D 9 27.20 113.93 70.31
N PRO D 10 27.46 115.08 70.94
CA PRO D 10 27.23 115.19 72.38
C PRO D 10 25.74 115.19 72.72
N GLY D 11 25.41 114.49 73.80
CA GLY D 11 24.06 114.60 74.34
C GLY D 11 23.89 115.85 75.18
N ASP D 12 22.63 116.20 75.45
CA ASP D 12 22.35 117.39 76.24
C ASP D 12 22.89 117.25 77.66
N GLY D 13 22.77 116.06 78.25
CA GLY D 13 23.31 115.80 79.57
C GLY D 13 22.35 116.03 80.72
N ARG D 14 21.22 116.69 80.49
CA ARG D 14 20.24 116.92 81.54
C ARG D 14 19.02 116.01 81.43
N THR D 15 18.79 115.41 80.28
CA THR D 15 17.71 114.47 80.07
C THR D 15 18.29 113.08 79.85
N PHE D 16 17.87 112.12 80.66
CA PHE D 16 18.44 110.78 80.64
C PHE D 16 17.33 109.74 80.61
N PRO D 17 17.56 108.61 79.95
CA PRO D 17 16.58 107.52 79.99
C PRO D 17 16.58 106.86 81.37
N LYS D 18 15.42 106.90 82.02
CA LYS D 18 15.25 106.30 83.34
C LYS D 18 14.61 104.92 83.17
N ARG D 19 15.03 103.98 84.02
CA ARG D 19 14.49 102.63 83.96
C ARG D 19 12.99 102.66 84.17
N GLY D 20 12.26 101.95 83.31
CA GLY D 20 10.82 102.03 83.29
C GLY D 20 10.23 103.04 82.34
N GLN D 21 11.00 103.48 81.34
CA GLN D 21 10.51 104.39 80.31
C GLN D 21 10.90 103.84 78.95
N THR D 22 9.96 103.85 78.01
CA THR D 22 10.21 103.33 76.68
C THR D 22 11.15 104.25 75.92
N CYS D 23 12.03 103.66 75.12
CA CYS D 23 13.03 104.38 74.35
C CYS D 23 12.79 104.13 72.87
N VAL D 24 12.80 105.20 72.08
CA VAL D 24 12.73 105.13 70.62
C VAL D 24 14.09 105.50 70.06
N VAL D 25 14.88 104.48 69.71
CA VAL D 25 16.24 104.69 69.23
C VAL D 25 16.28 104.39 67.74
N HIS D 26 17.42 104.65 67.13
CA HIS D 26 17.63 104.43 65.71
C HIS D 26 19.06 103.96 65.51
N TYR D 27 19.24 102.65 65.34
CA TYR D 27 20.54 102.03 65.54
C TYR D 27 21.09 101.46 64.23
N THR D 28 22.39 101.23 64.23
CA THR D 28 23.11 100.55 63.15
C THR D 28 24.10 99.58 63.76
N GLY D 29 24.02 98.32 63.38
CA GLY D 29 24.83 97.26 63.97
C GLY D 29 25.86 96.72 63.00
N MET D 30 27.13 96.74 63.43
CA MET D 30 28.23 96.22 62.65
C MET D 30 28.95 95.11 63.40
N LEU D 31 29.73 94.33 62.65
CA LEU D 31 30.47 93.20 63.21
C LEU D 31 31.87 93.67 63.61
N GLU D 32 32.67 92.74 64.13
CA GLU D 32 34.04 93.07 64.54
C GLU D 32 34.81 93.73 63.40
N ASP D 33 34.77 93.12 62.21
CA ASP D 33 35.49 93.70 61.07
C ASP D 33 34.71 94.83 60.42
N GLY D 34 33.47 95.08 60.86
CA GLY D 34 32.71 96.23 60.39
C GLY D 34 31.59 95.94 59.42
N LYS D 35 31.22 94.67 59.23
CA LYS D 35 30.11 94.36 58.33
C LYS D 35 28.78 94.55 59.04
N LYS D 36 27.85 95.19 58.34
CA LYS D 36 26.54 95.54 58.91
C LYS D 36 25.59 94.37 58.72
N PHE D 37 25.07 93.85 59.83
CA PHE D 37 24.11 92.75 59.75
C PHE D 37 22.68 93.25 59.95
N ASP D 38 22.48 94.19 60.87
CA ASP D 38 21.17 94.75 61.14
C ASP D 38 21.30 96.23 61.45
N SER D 39 20.26 96.99 61.13
CA SER D 39 20.23 98.43 61.36
C SER D 39 18.80 98.93 61.30
N SER D 40 18.50 99.96 62.09
CA SER D 40 17.19 100.61 61.99
C SER D 40 17.07 101.37 60.66
N ARG D 41 18.20 101.80 60.11
CA ARG D 41 18.19 102.40 58.78
C ARG D 41 17.61 101.44 57.76
N ASP D 42 17.83 100.15 57.97
CA ASP D 42 17.34 99.13 57.05
C ASP D 42 15.81 99.10 57.05
N ARG D 43 15.20 99.22 58.24
CA ARG D 43 13.75 99.16 58.34
C ARG D 43 13.13 100.51 57.98
N ASN D 44 13.91 101.59 58.08
CA ASN D 44 13.48 102.98 57.89
C ASN D 44 12.54 103.43 59.00
N LYS D 45 12.29 102.58 59.99
CA LYS D 45 11.47 102.91 61.14
C LYS D 45 12.29 102.74 62.42
N PRO D 46 12.19 103.67 63.36
CA PRO D 46 13.01 103.56 64.57
C PRO D 46 12.63 102.35 65.41
N PHE D 47 13.63 101.82 66.12
CA PHE D 47 13.40 100.66 66.98
C PHE D 47 12.97 101.11 68.37
N LYS D 48 11.85 100.56 68.85
CA LYS D 48 11.27 100.92 70.12
C LYS D 48 11.46 99.78 71.10
N PHE D 49 12.00 100.09 72.29
CA PHE D 49 12.23 99.06 73.30
C PHE D 49 11.94 99.62 74.68
N MET D 50 11.54 98.73 75.59
CA MET D 50 11.13 99.11 76.93
C MET D 50 12.26 98.84 77.91
N LEU D 51 12.68 99.88 78.62
CA LEU D 51 13.74 99.71 79.62
C LEU D 51 13.24 98.87 80.79
N GLY D 52 14.08 97.93 81.22
CA GLY D 52 13.80 97.12 82.39
C GLY D 52 13.16 95.77 82.13
N LYS D 53 12.55 95.57 80.96
CA LYS D 53 12.00 94.25 80.66
C LYS D 53 13.08 93.32 80.12
N GLN D 54 14.26 93.86 79.83
CA GLN D 54 15.43 93.15 79.30
C GLN D 54 15.10 92.40 78.02
N GLU D 55 14.15 92.88 77.22
CA GLU D 55 13.80 92.18 75.99
C GLU D 55 14.95 92.21 74.98
N VAL D 56 15.90 93.12 75.18
CA VAL D 56 17.08 93.18 74.33
C VAL D 56 18.32 92.96 75.20
N ILE D 57 19.48 92.83 74.56
CA ILE D 57 20.70 92.46 75.27
C ILE D 57 21.00 93.40 76.44
N ARG D 58 21.24 92.78 77.61
CA ARG D 58 21.40 93.52 78.86
C ARG D 58 22.56 94.49 78.80
N GLY D 59 23.66 94.10 78.13
CA GLY D 59 24.73 95.05 77.90
C GLY D 59 24.26 96.25 77.09
N TRP D 60 23.34 96.03 76.16
CA TRP D 60 22.85 97.12 75.34
C TRP D 60 21.95 98.05 76.15
N GLU D 61 21.12 97.49 77.04
CA GLU D 61 20.38 98.37 77.96
C GLU D 61 21.33 99.15 78.86
N GLU D 62 22.42 98.53 79.32
CA GLU D 62 23.39 99.28 80.11
C GLU D 62 23.97 100.45 79.31
N GLY D 63 24.33 100.19 78.05
CA GLY D 63 24.84 101.27 77.20
C GLY D 63 23.82 102.38 76.99
N VAL D 64 22.57 102.01 76.73
CA VAL D 64 21.53 103.01 76.52
C VAL D 64 21.30 103.82 77.78
N ALA D 65 21.32 103.16 78.94
CA ALA D 65 21.17 103.87 80.21
C ALA D 65 22.31 104.85 80.43
N GLN D 66 23.54 104.44 80.11
CA GLN D 66 24.67 105.37 80.16
C GLN D 66 24.46 106.52 79.20
N MET D 67 23.74 106.28 78.10
CA MET D 67 23.53 107.30 77.09
C MET D 67 22.58 108.39 77.58
N SER D 68 22.75 109.60 77.04
CA SER D 68 21.81 110.67 77.25
C SER D 68 20.81 110.74 76.09
N VAL D 69 19.81 111.62 76.25
CA VAL D 69 18.80 111.76 75.23
C VAL D 69 19.29 112.72 74.14
N GLY D 70 18.91 112.43 72.90
CA GLY D 70 19.37 113.25 71.78
C GLY D 70 20.80 113.01 71.37
N GLN D 71 21.30 111.78 71.52
CA GLN D 71 22.74 111.51 71.44
C GLN D 71 23.03 110.48 70.36
N ARG D 72 24.21 110.63 69.73
CA ARG D 72 24.76 109.70 68.76
C ARG D 72 26.00 109.05 69.33
N ALA D 73 26.04 107.73 69.38
CA ALA D 73 27.17 107.07 70.02
C ALA D 73 27.52 105.75 69.36
N LYS D 74 28.72 105.29 69.68
CA LYS D 74 29.29 104.04 69.20
C LYS D 74 29.57 103.18 70.43
N LEU D 75 28.91 102.03 70.51
CA LEU D 75 28.98 101.17 71.69
C LEU D 75 29.58 99.82 71.31
N THR D 76 30.67 99.46 71.98
CA THR D 76 31.29 98.15 71.83
C THR D 76 30.89 97.28 73.01
N ILE D 77 30.25 96.15 72.74
CA ILE D 77 29.73 95.27 73.79
C ILE D 77 30.60 94.03 73.86
N SER D 78 31.11 93.74 75.06
CA SER D 78 31.88 92.53 75.26
C SER D 78 30.97 91.31 75.14
N PRO D 79 31.52 90.15 74.77
CA PRO D 79 30.67 88.96 74.59
C PRO D 79 29.89 88.57 75.82
N ASP D 80 30.46 88.72 77.01
CA ASP D 80 29.81 88.24 78.22
C ASP D 80 28.51 89.00 78.48
N TYR D 81 28.51 90.31 78.26
CA TYR D 81 27.26 91.05 78.27
C TYR D 81 26.44 90.78 77.02
N ALA D 82 27.10 90.46 75.92
CA ALA D 82 26.45 90.31 74.62
C ALA D 82 25.94 88.88 74.47
N TYR D 83 25.66 88.46 73.23
CA TYR D 83 25.18 87.10 72.97
C TYR D 83 26.08 86.06 73.63
N GLY D 84 27.38 86.28 73.61
CA GLY D 84 28.31 85.38 74.27
C GLY D 84 29.05 84.48 73.29
N ALA D 85 29.49 83.34 73.82
CA ALA D 85 30.19 82.36 72.99
C ALA D 85 29.28 81.79 71.92
N THR D 86 27.97 81.73 72.20
CA THR D 86 27.04 81.15 71.24
C THR D 86 26.76 82.12 70.08
N GLY D 87 26.84 83.42 70.32
CA GLY D 87 26.47 84.36 69.28
C GLY D 87 24.98 84.28 69.00
N HIS D 88 24.62 84.70 67.78
CA HIS D 88 23.26 84.56 67.29
C HIS D 88 23.24 83.54 66.17
N PRO D 89 22.56 82.41 66.35
CA PRO D 89 22.61 81.33 65.35
C PRO D 89 22.27 81.83 63.96
N GLY D 90 23.27 81.81 63.08
CA GLY D 90 23.08 82.26 61.71
C GLY D 90 23.43 83.71 61.48
N ILE D 91 22.90 84.60 62.31
CA ILE D 91 23.03 86.04 62.04
C ILE D 91 24.39 86.55 62.51
N ILE D 92 24.73 86.32 63.77
CA ILE D 92 26.04 86.71 64.31
C ILE D 92 26.86 85.47 64.61
N PRO D 93 28.10 85.38 64.12
CA PRO D 93 28.92 84.18 64.36
C PRO D 93 29.17 83.98 65.83
N PRO D 94 29.29 82.73 66.27
CA PRO D 94 29.46 82.45 67.70
C PRO D 94 30.75 83.04 68.24
N HIS D 95 30.72 83.45 69.51
CA HIS D 95 31.89 84.00 70.20
C HIS D 95 32.45 85.21 69.45
N ALA D 96 31.58 86.15 69.12
CA ALA D 96 31.97 87.37 68.43
C ALA D 96 31.40 88.58 69.17
N THR D 97 32.24 89.57 69.41
CA THR D 97 31.76 90.81 70.02
C THR D 97 31.11 91.69 68.95
N LEU D 98 30.29 92.65 69.40
CA LEU D 98 29.51 93.49 68.51
C LEU D 98 29.76 94.95 68.81
N VAL D 99 29.65 95.79 67.79
CA VAL D 99 29.78 97.23 67.89
C VAL D 99 28.61 97.88 67.15
N PHE D 100 27.84 98.68 67.88
CA PHE D 100 26.61 99.27 67.37
C PHE D 100 26.76 100.79 67.29
N ASP D 101 26.06 101.41 66.35
CA ASP D 101 25.96 102.86 66.27
C ASP D 101 24.50 103.25 66.53
N VAL D 102 24.28 104.12 67.51
CA VAL D 102 22.96 104.38 68.05
C VAL D 102 22.63 105.88 67.94
N GLU D 103 21.46 106.16 67.35
CA GLU D 103 20.80 107.45 67.39
C GLU D 103 19.73 107.39 68.47
N LEU D 104 19.59 108.47 69.24
CA LEU D 104 18.43 108.61 70.14
C LEU D 104 17.73 109.92 69.85
N LEU D 105 16.80 109.89 68.89
CA LEU D 105 16.12 111.13 68.50
C LEU D 105 15.11 111.58 69.55
N LYS D 106 14.32 110.65 70.08
CA LYS D 106 13.20 111.06 70.91
C LYS D 106 12.87 109.93 71.89
N LEU D 107 12.44 110.33 73.09
CA LEU D 107 12.34 109.44 74.23
C LEU D 107 10.96 109.50 74.85
N GLU D 108 10.13 108.48 74.59
CA GLU D 108 8.85 108.28 75.27
C GLU D 108 8.53 106.80 75.41
N GLY E 2 112.31 28.14 -59.63
CA GLY E 2 111.38 27.11 -59.21
C GLY E 2 110.37 26.73 -60.28
N VAL E 3 110.35 27.51 -61.36
CA VAL E 3 109.44 27.28 -62.47
C VAL E 3 110.23 26.64 -63.61
N GLN E 4 109.72 25.53 -64.12
CA GLN E 4 110.33 24.81 -65.23
C GLN E 4 109.63 25.22 -66.52
N VAL E 5 110.42 25.58 -67.53
CA VAL E 5 109.92 26.18 -68.76
C VAL E 5 110.23 25.24 -69.92
N GLU E 6 109.21 24.94 -70.73
CA GLU E 6 109.40 24.19 -71.97
C GLU E 6 108.69 24.92 -73.10
N THR E 7 109.45 25.35 -74.10
CA THR E 7 108.94 26.17 -75.19
C THR E 7 108.41 25.27 -76.30
N ILE E 8 107.09 25.14 -76.40
CA ILE E 8 106.52 24.33 -77.46
C ILE E 8 106.66 25.03 -78.81
N SER E 9 106.41 26.33 -78.85
CA SER E 9 106.65 27.14 -80.03
C SER E 9 107.62 28.26 -79.68
N PRO E 10 108.63 28.52 -80.50
CA PRO E 10 109.64 29.51 -80.13
C PRO E 10 109.09 30.93 -80.16
N GLY E 11 109.49 31.72 -79.17
CA GLY E 11 109.21 33.14 -79.21
C GLY E 11 110.19 33.88 -80.10
N ASP E 12 109.82 35.11 -80.45
CA ASP E 12 110.69 35.92 -81.31
C ASP E 12 112.02 36.22 -80.63
N GLY E 13 112.00 36.51 -79.33
CA GLY E 13 113.21 36.75 -78.58
C GLY E 13 113.66 38.19 -78.49
N ARG E 14 113.08 39.08 -79.29
CA ARG E 14 113.44 40.50 -79.23
C ARG E 14 112.37 41.35 -78.53
N THR E 15 111.16 40.84 -78.40
CA THR E 15 110.08 41.52 -77.69
C THR E 15 109.78 40.75 -76.42
N PHE E 16 109.82 41.43 -75.28
CA PHE E 16 109.67 40.79 -73.99
C PHE E 16 108.69 41.57 -73.12
N PRO E 17 107.92 40.88 -72.28
CA PRO E 17 107.06 41.60 -71.34
C PRO E 17 107.87 42.26 -70.25
N LYS E 18 107.77 43.58 -70.17
CA LYS E 18 108.47 44.38 -69.16
C LYS E 18 107.54 44.64 -67.99
N ARG E 19 108.09 44.64 -66.78
CA ARG E 19 107.29 44.91 -65.60
C ARG E 19 106.64 46.28 -65.70
N GLY E 20 105.34 46.33 -65.40
CA GLY E 20 104.58 47.53 -65.61
C GLY E 20 103.87 47.62 -66.94
N GLN E 21 103.67 46.49 -67.62
CA GLN E 21 102.92 46.44 -68.87
C GLN E 21 101.90 45.32 -68.80
N THR E 22 100.67 45.60 -69.21
CA THR E 22 99.61 44.61 -69.17
C THR E 22 99.86 43.52 -70.21
N CYS E 23 99.53 42.28 -69.84
CA CYS E 23 99.72 41.12 -70.70
C CYS E 23 98.37 40.48 -71.00
N VAL E 24 98.15 40.18 -72.27
CA VAL E 24 96.97 39.45 -72.72
C VAL E 24 97.41 38.05 -73.12
N VAL E 25 97.22 37.09 -72.22
CA VAL E 25 97.67 35.71 -72.45
C VAL E 25 96.44 34.84 -72.69
N HIS E 26 96.70 33.58 -73.05
CA HIS E 26 95.64 32.62 -73.30
C HIS E 26 96.12 31.26 -72.80
N TYR E 27 95.63 30.86 -71.63
CA TYR E 27 96.29 29.82 -70.85
C TYR E 27 95.40 28.59 -70.72
N THR E 28 96.03 27.47 -70.39
CA THR E 28 95.36 26.22 -70.06
C THR E 28 96.05 25.61 -68.85
N GLY E 29 95.28 25.31 -67.81
CA GLY E 29 95.82 24.85 -66.54
C GLY E 29 95.45 23.39 -66.28
N MET E 30 96.48 22.57 -66.02
CA MET E 30 96.31 21.17 -65.71
C MET E 30 96.91 20.86 -64.35
N LEU E 31 96.49 19.71 -63.81
CA LEU E 31 96.93 19.25 -62.49
C LEU E 31 98.17 18.37 -62.66
N GLU E 32 98.70 17.88 -61.53
CA GLU E 32 99.87 16.99 -61.58
C GLU E 32 99.64 15.81 -62.51
N ASP E 33 98.51 15.12 -62.36
CA ASP E 33 98.22 13.98 -63.22
C ASP E 33 97.68 14.41 -64.58
N GLY E 34 97.42 15.70 -64.77
CA GLY E 34 97.03 16.22 -66.08
C GLY E 34 95.58 16.59 -66.25
N LYS E 35 94.80 16.65 -65.17
CA LYS E 35 93.40 17.04 -65.30
C LYS E 35 93.28 18.56 -65.35
N LYS E 36 92.46 19.04 -66.28
CA LYS E 36 92.29 20.46 -66.53
C LYS E 36 91.23 21.02 -65.58
N PHE E 37 91.62 22.00 -64.77
CA PHE E 37 90.66 22.63 -63.87
C PHE E 37 90.21 23.98 -64.39
N ASP E 38 91.12 24.75 -64.98
CA ASP E 38 90.80 26.07 -65.52
C ASP E 38 91.61 26.29 -66.78
N SER E 39 91.05 27.08 -67.71
CA SER E 39 91.71 27.39 -68.97
C SER E 39 91.04 28.61 -69.58
N SER E 40 91.83 29.41 -70.30
CA SER E 40 91.26 30.51 -71.07
C SER E 40 90.44 29.99 -72.24
N ARG E 41 90.78 28.80 -72.74
CA ARG E 41 89.96 28.16 -73.76
C ARG E 41 88.53 27.98 -73.27
N ASP E 42 88.38 27.75 -71.96
CA ASP E 42 87.06 27.55 -71.39
C ASP E 42 86.22 28.82 -71.50
N ARG E 43 86.83 29.97 -71.25
CA ARG E 43 86.10 31.23 -71.31
C ARG E 43 85.94 31.71 -72.74
N ASN E 44 86.81 31.25 -73.64
CA ASN E 44 86.90 31.66 -75.04
C ASN E 44 87.38 33.10 -75.17
N LYS E 45 87.72 33.75 -74.06
CA LYS E 45 88.26 35.09 -74.05
C LYS E 45 89.62 35.08 -73.37
N PRO E 46 90.61 35.78 -73.91
CA PRO E 46 91.96 35.75 -73.32
C PRO E 46 91.98 36.37 -71.93
N PHE E 47 92.89 35.87 -71.10
CA PHE E 47 93.03 36.39 -69.74
C PHE E 47 94.01 37.54 -69.72
N LYS E 48 93.58 38.67 -69.15
CA LYS E 48 94.36 39.89 -69.09
C LYS E 48 94.84 40.12 -67.67
N PHE E 49 96.13 40.36 -67.50
CA PHE E 49 96.68 40.59 -66.17
C PHE E 49 97.77 41.65 -66.24
N MET E 50 97.95 42.36 -65.13
CA MET E 50 98.88 43.49 -65.05
C MET E 50 100.16 43.04 -64.36
N LEU E 51 101.29 43.20 -65.05
CA LEU E 51 102.57 42.84 -64.44
C LEU E 51 102.91 43.79 -63.30
N GLY E 52 103.38 43.21 -62.19
CA GLY E 52 103.85 43.98 -61.06
C GLY E 52 102.85 44.21 -59.95
N LYS E 53 101.55 44.06 -60.22
CA LYS E 53 100.56 44.21 -59.15
C LYS E 53 100.44 42.91 -58.36
N GLN E 54 101.03 41.83 -58.87
CA GLN E 54 101.02 40.49 -58.28
C GLN E 54 99.61 39.98 -58.04
N GLU E 55 98.63 40.38 -58.87
CA GLU E 55 97.27 39.93 -58.67
C GLU E 55 97.14 38.44 -58.95
N VAL E 56 98.11 37.86 -59.64
CA VAL E 56 98.13 36.42 -59.87
C VAL E 56 99.41 35.84 -59.25
N ILE E 57 99.51 34.50 -59.24
CA ILE E 57 100.59 33.83 -58.53
C ILE E 57 101.97 34.33 -58.97
N ARG E 58 102.78 34.68 -57.97
CA ARG E 58 104.08 35.32 -58.21
C ARG E 58 105.00 34.43 -59.03
N GLY E 59 104.96 33.12 -58.80
CA GLY E 59 105.68 32.21 -59.67
C GLY E 59 105.21 32.30 -61.10
N TRP E 60 103.92 32.54 -61.30
CA TRP E 60 103.40 32.63 -62.66
C TRP E 60 103.85 33.93 -63.33
N GLU E 61 103.88 35.04 -62.57
CA GLU E 61 104.47 36.25 -63.15
C GLU E 61 105.94 36.05 -63.48
N GLU E 62 106.68 35.32 -62.64
CA GLU E 62 108.08 35.03 -62.98
C GLU E 62 108.17 34.24 -64.28
N GLY E 63 107.32 33.23 -64.45
CA GLY E 63 107.32 32.48 -65.70
C GLY E 63 106.98 33.33 -66.90
N VAL E 64 105.96 34.20 -66.77
CA VAL E 64 105.57 35.06 -67.87
C VAL E 64 106.69 36.03 -68.21
N ALA E 65 107.36 36.56 -67.19
CA ALA E 65 108.49 37.46 -67.42
C ALA E 65 109.61 36.75 -68.16
N GLN E 66 109.91 35.51 -67.77
CA GLN E 66 110.87 34.71 -68.52
C GLN E 66 110.41 34.49 -69.96
N MET E 67 109.10 34.46 -70.17
CA MET E 67 108.55 34.21 -71.50
C MET E 67 108.78 35.40 -72.42
N SER E 68 108.88 35.10 -73.72
CA SER E 68 108.88 36.13 -74.74
C SER E 68 107.47 36.35 -75.30
N VAL E 69 107.35 37.35 -76.16
CA VAL E 69 106.06 37.67 -76.75
C VAL E 69 105.82 36.79 -77.96
N GLY E 70 104.56 36.38 -78.16
CA GLY E 70 104.23 35.50 -79.26
C GLY E 70 104.61 34.06 -79.05
N GLN E 71 104.59 33.57 -77.81
CA GLN E 71 105.22 32.31 -77.45
C GLN E 71 104.20 31.35 -76.84
N ARG E 72 104.41 30.06 -77.08
CA ARG E 72 103.66 28.96 -76.50
C ARG E 72 104.57 28.16 -75.58
N ALA E 73 104.16 27.99 -74.32
CA ALA E 73 105.04 27.32 -73.38
C ALA E 73 104.29 26.52 -72.35
N LYS E 74 105.04 25.64 -71.70
CA LYS E 74 104.56 24.76 -70.64
C LYS E 74 105.36 25.09 -69.39
N LEU E 75 104.67 25.55 -68.35
CA LEU E 75 105.31 26.03 -67.12
C LEU E 75 104.90 25.17 -65.95
N THR E 76 105.88 24.58 -65.27
CA THR E 76 105.66 23.83 -64.04
C THR E 76 106.06 24.70 -62.86
N ILE E 77 105.12 24.96 -61.96
CA ILE E 77 105.34 25.85 -60.84
C ILE E 77 105.46 25.01 -59.56
N SER E 78 106.55 25.21 -58.83
CA SER E 78 106.71 24.54 -57.56
C SER E 78 105.71 25.08 -56.54
N PRO E 79 105.33 24.29 -55.54
CA PRO E 79 104.32 24.76 -54.57
C PRO E 79 104.70 26.03 -53.85
N ASP E 80 105.99 26.21 -53.53
CA ASP E 80 106.38 27.35 -52.71
C ASP E 80 106.13 28.66 -53.46
N TYR E 81 106.42 28.70 -54.76
CA TYR E 81 105.99 29.84 -55.56
C TYR E 81 104.49 29.81 -55.82
N ALA E 82 103.90 28.62 -55.85
CA ALA E 82 102.51 28.44 -56.21
C ALA E 82 101.62 28.62 -54.97
N TYR E 83 100.38 28.13 -55.04
CA TYR E 83 99.45 28.22 -53.91
C TYR E 83 100.10 27.72 -52.63
N GLY E 84 100.88 26.65 -52.71
CA GLY E 84 101.58 26.13 -51.56
C GLY E 84 100.94 24.87 -50.99
N ALA E 85 101.19 24.67 -49.70
CA ALA E 85 100.61 23.51 -49.02
C ALA E 85 99.09 23.63 -48.94
N THR E 86 98.57 24.86 -48.90
CA THR E 86 97.12 25.05 -48.79
C THR E 86 96.42 24.76 -50.11
N GLY E 87 97.09 24.97 -51.23
CA GLY E 87 96.42 24.84 -52.50
C GLY E 87 95.34 25.91 -52.67
N HIS E 88 94.37 25.60 -53.52
CA HIS E 88 93.20 26.45 -53.68
C HIS E 88 91.99 25.74 -53.12
N PRO E 89 91.36 26.27 -52.06
CA PRO E 89 90.27 25.55 -51.40
C PRO E 89 89.18 25.15 -52.38
N GLY E 90 89.04 23.84 -52.58
CA GLY E 90 88.04 23.30 -53.48
C GLY E 90 88.54 23.05 -54.89
N ILE E 91 89.19 24.05 -55.48
CA ILE E 91 89.55 23.98 -56.90
C ILE E 91 90.83 23.16 -57.10
N ILE E 92 91.91 23.53 -56.40
CA ILE E 92 93.16 22.78 -56.47
C ILE E 92 93.42 22.10 -55.12
N PRO E 93 93.69 20.80 -55.10
CA PRO E 93 93.91 20.11 -53.82
C PRO E 93 95.12 20.67 -53.09
N PRO E 94 95.09 20.66 -51.76
CA PRO E 94 96.19 21.26 -50.99
C PRO E 94 97.50 20.54 -51.25
N HIS E 95 98.59 21.31 -51.19
CA HIS E 95 99.95 20.78 -51.35
C HIS E 95 100.09 20.05 -52.69
N ALA E 96 99.69 20.71 -53.76
CA ALA E 96 99.79 20.15 -55.10
C ALA E 96 100.44 21.17 -56.02
N THR E 97 101.42 20.72 -56.80
CA THR E 97 102.05 21.59 -57.78
C THR E 97 101.17 21.67 -59.02
N LEU E 98 101.41 22.69 -59.84
CA LEU E 98 100.57 22.96 -61.01
C LEU E 98 101.44 23.09 -62.25
N VAL E 99 100.87 22.72 -63.39
CA VAL E 99 101.52 22.84 -64.69
C VAL E 99 100.54 23.49 -65.66
N PHE E 100 100.94 24.63 -66.23
CA PHE E 100 100.07 25.44 -67.08
C PHE E 100 100.61 25.45 -68.50
N ASP E 101 99.72 25.59 -69.48
CA ASP E 101 100.10 25.81 -70.87
C ASP E 101 99.63 27.21 -71.28
N VAL E 102 100.57 28.03 -71.77
CA VAL E 102 100.34 29.45 -71.96
C VAL E 102 100.57 29.83 -73.41
N GLU E 103 99.59 30.51 -73.99
CA GLU E 103 99.69 31.25 -75.25
C GLU E 103 99.91 32.71 -74.92
N LEU E 104 100.79 33.38 -75.67
CA LEU E 104 100.88 34.84 -75.59
C LEU E 104 100.73 35.42 -76.99
N LEU E 105 99.48 35.68 -77.38
CA LEU E 105 99.23 36.18 -78.73
C LEU E 105 99.63 37.64 -78.88
N LYS E 106 99.30 38.48 -77.91
CA LYS E 106 99.45 39.91 -78.10
C LYS E 106 99.64 40.58 -76.74
N LEU E 107 100.45 41.63 -76.74
CA LEU E 107 100.98 42.23 -75.52
C LEU E 107 100.71 43.73 -75.50
N GLU E 108 99.72 44.14 -74.71
CA GLU E 108 99.47 45.56 -74.41
C GLU E 108 98.91 45.73 -73.00
N GLU F 10 12.81 -17.92 -17.95
CA GLU F 10 13.38 -17.89 -19.29
C GLU F 10 14.74 -18.58 -19.32
N VAL F 11 15.21 -18.92 -20.53
CA VAL F 11 16.52 -19.50 -20.74
C VAL F 11 17.32 -18.54 -21.61
N GLN F 12 18.39 -17.98 -21.04
CA GLN F 12 19.23 -17.05 -21.79
C GLN F 12 19.93 -17.79 -22.93
N PHE F 13 19.94 -17.15 -24.10
CA PHE F 13 20.39 -17.78 -25.34
C PHE F 13 21.53 -17.00 -25.95
N LEU F 14 22.51 -17.72 -26.50
CA LEU F 14 23.60 -17.09 -27.22
C LEU F 14 23.10 -16.52 -28.55
N ARG F 15 23.69 -15.41 -28.97
CA ARG F 15 23.24 -14.70 -30.16
C ARG F 15 24.44 -14.10 -30.89
N THR F 16 24.28 -13.89 -32.19
CA THR F 16 25.36 -13.32 -33.00
C THR F 16 25.70 -11.92 -32.52
N ASP F 17 26.96 -11.54 -32.72
CA ASP F 17 27.57 -10.25 -32.38
C ASP F 17 27.79 -10.09 -30.88
N ASP F 18 27.34 -11.04 -30.06
CA ASP F 18 27.65 -11.00 -28.63
C ASP F 18 29.11 -11.40 -28.40
N GLU F 19 29.72 -10.80 -27.38
CA GLU F 19 31.12 -11.02 -27.06
C GLU F 19 31.21 -11.98 -25.87
N VAL F 20 31.91 -13.09 -26.08
CA VAL F 20 31.86 -14.24 -25.17
C VAL F 20 33.27 -14.81 -25.00
N VAL F 21 33.51 -15.42 -23.84
CA VAL F 21 34.80 -16.00 -23.48
C VAL F 21 34.62 -17.48 -23.16
N LEU F 22 35.56 -18.30 -23.60
CA LEU F 22 35.40 -19.75 -23.49
C LEU F 22 36.08 -20.27 -22.23
N GLN F 23 35.53 -21.34 -21.67
CA GLN F 23 35.94 -21.86 -20.37
C GLN F 23 36.08 -23.38 -20.45
N CYS F 24 37.11 -23.92 -19.79
CA CYS F 24 37.27 -25.36 -19.66
C CYS F 24 37.68 -25.70 -18.23
N SER F 25 37.03 -26.71 -17.65
CA SER F 25 37.30 -27.12 -16.29
C SER F 25 37.95 -28.50 -16.30
N ALA F 26 39.14 -28.59 -15.73
CA ALA F 26 39.89 -29.84 -15.66
C ALA F 26 40.40 -30.05 -14.24
N THR F 27 40.44 -31.30 -13.81
CA THR F 27 40.87 -31.65 -12.46
C THR F 27 42.39 -31.58 -12.38
N VAL F 28 42.89 -30.57 -11.66
CA VAL F 28 44.31 -30.40 -11.41
C VAL F 28 44.53 -30.28 -9.92
N LEU F 29 45.44 -31.09 -9.38
CA LEU F 29 45.68 -31.17 -7.94
C LEU F 29 44.36 -31.50 -7.21
N LYS F 30 43.59 -32.41 -7.81
CA LYS F 30 42.33 -32.90 -7.24
C LYS F 30 41.32 -31.78 -7.02
N GLU F 31 41.43 -30.69 -7.78
CA GLU F 31 40.46 -29.61 -7.75
C GLU F 31 40.18 -29.15 -9.17
N GLN F 32 38.94 -28.76 -9.43
CA GLN F 32 38.56 -28.35 -10.78
C GLN F 32 39.07 -26.96 -11.09
N LEU F 33 40.20 -26.89 -11.79
CA LEU F 33 40.79 -25.65 -12.26
C LEU F 33 40.10 -25.27 -13.57
N LYS F 34 39.60 -24.03 -13.63
CA LYS F 34 38.96 -23.52 -14.83
C LYS F 34 39.92 -22.58 -15.54
N LEU F 35 40.00 -22.71 -16.86
CA LEU F 35 40.98 -22.00 -17.68
C LEU F 35 40.30 -21.49 -18.94
N CYS F 36 40.81 -20.39 -19.47
CA CYS F 36 40.24 -19.74 -20.66
C CYS F 36 41.31 -19.63 -21.75
N LEU F 37 40.93 -19.96 -22.97
CA LEU F 37 41.84 -19.80 -24.10
C LEU F 37 42.00 -18.32 -24.43
N ALA F 38 43.20 -17.93 -24.83
CA ALA F 38 43.50 -16.52 -25.11
C ALA F 38 44.69 -16.45 -26.06
N ALA F 39 44.63 -15.49 -26.98
CA ALA F 39 45.70 -15.29 -27.96
C ALA F 39 46.22 -13.87 -27.84
N GLU F 40 47.54 -13.74 -27.71
CA GLU F 40 48.16 -12.41 -27.67
C GLU F 40 48.04 -11.72 -29.01
N GLY F 41 48.09 -12.47 -30.10
CA GLY F 41 48.05 -11.88 -31.43
C GLY F 41 49.43 -11.54 -31.94
N PHE F 42 49.83 -10.28 -31.79
CA PHE F 42 51.15 -9.85 -32.19
C PHE F 42 52.22 -10.64 -31.44
N GLY F 43 53.21 -11.13 -32.17
CA GLY F 43 54.30 -11.88 -31.57
C GLY F 43 54.05 -13.38 -31.54
N ASN F 44 52.91 -13.79 -31.02
CA ASN F 44 52.57 -15.21 -30.88
C ASN F 44 51.25 -15.48 -31.58
N ARG F 45 51.31 -16.24 -32.68
CA ARG F 45 50.09 -16.64 -33.38
C ARG F 45 49.37 -17.75 -32.63
N LEU F 46 50.12 -18.67 -32.03
CA LEU F 46 49.51 -19.77 -31.29
C LEU F 46 48.77 -19.24 -30.08
N CYS F 47 47.57 -19.79 -29.84
CA CYS F 47 46.79 -19.37 -28.69
C CYS F 47 47.21 -20.16 -27.45
N PHE F 48 47.41 -19.44 -26.35
CA PHE F 48 47.76 -20.03 -25.08
C PHE F 48 46.50 -20.15 -24.23
N LEU F 49 46.68 -20.63 -23.00
CA LEU F 49 45.56 -20.91 -22.11
C LEU F 49 45.89 -20.38 -20.71
N GLU F 50 45.07 -19.47 -20.21
CA GLU F 50 45.30 -18.82 -18.94
C GLU F 50 44.37 -19.37 -17.87
N PRO F 51 44.88 -19.73 -16.69
CA PRO F 51 43.98 -20.22 -15.62
C PRO F 51 43.26 -19.07 -14.93
N THR F 52 41.93 -19.17 -14.83
CA THR F 52 41.11 -18.12 -14.27
C THR F 52 40.39 -18.56 -12.99
N SER F 53 40.86 -19.63 -12.35
CA SER F 53 40.09 -20.24 -11.26
C SER F 53 40.18 -19.42 -9.99
N ASN F 54 41.39 -19.16 -9.51
CA ASN F 54 41.56 -18.55 -8.19
C ASN F 54 40.93 -17.16 -8.15
N ALA F 55 41.46 -16.22 -8.94
CA ALA F 55 40.95 -14.86 -9.04
C ALA F 55 41.03 -14.13 -7.71
N GLN F 56 41.60 -14.77 -6.69
CA GLN F 56 41.78 -14.12 -5.39
C GLN F 56 43.27 -13.98 -5.09
N ASN F 57 44.05 -15.01 -5.40
CA ASN F 57 45.51 -14.90 -5.29
C ASN F 57 46.08 -14.09 -6.45
N VAL F 58 45.49 -14.21 -7.63
CA VAL F 58 45.99 -13.54 -8.82
C VAL F 58 44.85 -13.35 -9.82
N PRO F 59 44.70 -12.15 -10.38
CA PRO F 59 43.67 -11.93 -11.39
C PRO F 59 44.19 -12.24 -12.78
N PRO F 60 43.49 -13.10 -13.52
CA PRO F 60 43.87 -13.35 -14.91
C PRO F 60 43.51 -12.17 -15.80
N ASP F 61 44.17 -12.09 -16.95
CA ASP F 61 43.87 -11.03 -17.90
C ASP F 61 42.65 -11.42 -18.73
N LEU F 62 41.69 -10.51 -18.85
CA LEU F 62 40.43 -10.84 -19.50
C LEU F 62 40.43 -10.45 -20.97
N ALA F 63 41.08 -9.35 -21.32
CA ALA F 63 41.03 -8.85 -22.68
C ALA F 63 41.58 -9.87 -23.67
N ILE F 64 42.62 -10.60 -23.27
CA ILE F 64 43.17 -11.64 -24.12
C ILE F 64 42.16 -12.77 -24.31
N CYS F 65 41.37 -13.06 -23.27
CA CYS F 65 40.39 -14.13 -23.38
C CYS F 65 39.15 -13.69 -24.15
N CYS F 66 38.95 -12.37 -24.29
CA CYS F 66 37.75 -11.87 -24.95
C CYS F 66 37.69 -12.30 -26.41
N PHE F 67 36.54 -12.85 -26.79
CA PHE F 67 36.26 -13.22 -28.18
C PHE F 67 34.86 -12.78 -28.55
N THR F 68 34.66 -12.51 -29.83
CA THR F 68 33.36 -12.10 -30.38
C THR F 68 33.00 -13.03 -31.53
N LEU F 69 31.81 -13.60 -31.49
CA LEU F 69 31.33 -14.50 -32.54
C LEU F 69 30.49 -13.70 -33.52
N GLU F 70 30.75 -13.88 -34.81
CA GLU F 70 30.15 -13.01 -35.82
C GLU F 70 28.87 -13.61 -36.40
N GLN F 71 28.97 -14.77 -37.04
CA GLN F 71 27.81 -15.36 -37.70
C GLN F 71 27.69 -16.83 -37.33
N SER F 72 26.45 -17.31 -37.33
CA SER F 72 26.16 -18.74 -37.21
C SER F 72 25.49 -19.19 -38.49
N LEU F 73 26.05 -20.22 -39.12
CA LEU F 73 25.56 -20.69 -40.42
C LEU F 73 25.50 -22.21 -40.42
N SER F 74 24.48 -22.74 -41.09
CA SER F 74 24.41 -24.18 -41.31
C SER F 74 25.55 -24.61 -42.22
N VAL F 75 25.74 -25.93 -42.30
CA VAL F 75 26.83 -26.46 -43.13
C VAL F 75 26.59 -26.12 -44.60
N ARG F 76 25.33 -26.17 -45.05
CA ARG F 76 25.02 -25.89 -46.44
C ARG F 76 25.25 -24.42 -46.78
N ALA F 77 24.76 -23.51 -45.93
CA ALA F 77 25.00 -22.09 -46.14
C ALA F 77 26.48 -21.77 -46.08
N LEU F 78 27.21 -22.42 -45.17
CA LEU F 78 28.65 -22.24 -45.10
C LEU F 78 29.33 -22.66 -46.39
N GLN F 79 28.93 -23.82 -46.93
CA GLN F 79 29.51 -24.28 -48.19
C GLN F 79 29.21 -23.28 -49.31
N GLU F 80 27.97 -22.78 -49.36
CA GLU F 80 27.61 -21.83 -50.41
C GLU F 80 28.42 -20.55 -50.31
N MET F 81 28.56 -20.01 -49.09
CA MET F 81 29.24 -18.73 -48.94
C MET F 81 30.75 -18.87 -49.12
N LEU F 82 31.30 -20.06 -48.81
CA LEU F 82 32.71 -20.30 -49.08
C LEU F 82 32.96 -20.50 -50.57
N ALA F 83 32.01 -21.13 -51.28
CA ALA F 83 32.18 -21.34 -52.71
C ALA F 83 32.05 -20.05 -53.49
N ASN F 84 31.04 -19.24 -53.18
CA ASN F 84 30.80 -18.02 -53.95
C ASN F 84 31.72 -16.88 -53.51
N HIS F 98 22.40 -9.91 -37.09
CA HIS F 98 22.15 -10.11 -35.68
C HIS F 98 21.03 -11.13 -35.46
N ARG F 99 21.41 -12.40 -35.36
CA ARG F 99 20.47 -13.49 -35.18
C ARG F 99 20.87 -14.32 -33.96
N THR F 100 19.88 -14.90 -33.29
CA THR F 100 20.17 -15.80 -32.18
C THR F 100 20.82 -17.08 -32.70
N LEU F 101 21.76 -17.62 -31.92
CA LEU F 101 22.50 -18.79 -32.36
C LEU F 101 21.63 -20.05 -32.31
N LEU F 102 21.97 -21.02 -33.16
CA LEU F 102 21.32 -22.31 -33.21
C LEU F 102 22.38 -23.40 -33.08
N TYR F 103 22.06 -24.45 -32.33
CA TYR F 103 22.98 -25.58 -32.21
C TYR F 103 23.19 -26.23 -33.58
N GLY F 104 24.42 -26.66 -33.84
CA GLY F 104 24.76 -27.27 -35.10
C GLY F 104 25.23 -26.31 -36.17
N HIS F 105 25.24 -25.01 -35.90
CA HIS F 105 25.64 -24.03 -36.90
C HIS F 105 27.15 -23.83 -36.90
N ALA F 106 27.71 -23.56 -38.08
CA ALA F 106 29.10 -23.17 -38.16
C ALA F 106 29.32 -21.80 -37.51
N ILE F 107 30.40 -21.68 -36.75
CA ILE F 107 30.66 -20.49 -35.94
C ILE F 107 31.99 -19.89 -36.35
N LEU F 108 32.02 -18.57 -36.48
CA LEU F 108 33.23 -17.81 -36.77
C LEU F 108 33.45 -16.82 -35.63
N LEU F 109 34.69 -16.71 -35.16
CA LEU F 109 35.02 -15.96 -33.96
C LEU F 109 36.27 -15.13 -34.18
N ARG F 110 36.34 -13.99 -33.49
CA ARG F 110 37.48 -13.09 -33.51
C ARG F 110 38.00 -12.91 -32.09
N HIS F 111 39.32 -12.90 -31.95
CA HIS F 111 39.92 -12.44 -30.70
C HIS F 111 39.86 -10.92 -30.63
N ALA F 112 39.39 -10.40 -29.49
CA ALA F 112 39.10 -8.97 -29.40
C ALA F 112 40.36 -8.12 -29.63
N HIS F 113 41.47 -8.48 -28.97
CA HIS F 113 42.71 -7.74 -29.18
C HIS F 113 43.21 -7.88 -30.61
N SER F 114 43.10 -9.08 -31.17
CA SER F 114 43.78 -9.37 -32.43
C SER F 114 43.03 -8.80 -33.63
N ARG F 115 41.69 -8.73 -33.54
CA ARG F 115 40.85 -8.50 -34.72
C ARG F 115 41.10 -9.57 -35.78
N MET F 116 41.26 -10.82 -35.34
CA MET F 116 41.78 -11.89 -36.17
C MET F 116 40.93 -13.14 -35.92
N TYR F 117 40.83 -14.00 -36.94
CA TYR F 117 39.98 -15.18 -36.86
C TYR F 117 40.73 -16.34 -36.20
N LEU F 118 40.05 -17.04 -35.31
CA LEU F 118 40.61 -18.30 -34.80
C LEU F 118 40.38 -19.40 -35.82
N SER F 119 41.40 -20.23 -36.04
CA SER F 119 41.34 -21.27 -37.05
C SER F 119 42.27 -22.40 -36.64
N CYS F 120 42.15 -23.53 -37.34
CA CYS F 120 42.95 -24.71 -37.08
C CYS F 120 44.10 -24.75 -38.09
N LEU F 121 45.31 -24.47 -37.62
CA LEU F 121 46.48 -24.53 -38.48
C LEU F 121 46.79 -25.99 -38.85
N THR F 122 47.29 -26.18 -40.06
CA THR F 122 47.65 -27.51 -40.52
C THR F 122 48.81 -28.08 -39.71
N THR F 123 49.75 -27.22 -39.32
CA THR F 123 50.92 -27.67 -38.58
C THR F 123 50.55 -28.12 -37.18
N SER F 124 51.49 -28.79 -36.53
CA SER F 124 51.30 -29.34 -35.19
C SER F 124 52.52 -29.03 -34.34
N ARG F 125 52.29 -28.56 -33.11
CA ARG F 125 53.41 -28.32 -32.21
C ARG F 125 53.68 -29.54 -31.33
N SER F 126 52.64 -30.31 -31.02
CA SER F 126 52.79 -31.51 -30.20
C SER F 126 53.53 -32.58 -30.99
N MET F 127 54.73 -32.94 -30.52
CA MET F 127 55.54 -33.91 -31.24
C MET F 127 54.89 -35.29 -31.26
N THR F 128 54.36 -35.73 -30.12
CA THR F 128 53.86 -37.10 -30.00
C THR F 128 52.63 -37.34 -30.87
N ASP F 129 51.69 -36.41 -30.88
CA ASP F 129 50.36 -36.62 -31.46
C ASP F 129 50.35 -36.20 -32.92
N LYS F 130 50.10 -37.16 -33.81
CA LYS F 130 49.75 -36.82 -35.18
C LYS F 130 48.34 -36.25 -35.25
N LEU F 131 47.48 -36.69 -34.33
CA LEU F 131 46.10 -36.21 -34.29
C LEU F 131 46.03 -34.73 -33.95
N ALA F 132 46.97 -34.25 -33.14
CA ALA F 132 46.95 -32.85 -32.73
C ALA F 132 47.36 -31.94 -33.88
N PHE F 133 46.56 -30.89 -34.11
CA PHE F 133 46.93 -29.77 -34.97
C PHE F 133 46.99 -28.50 -34.14
N ASP F 134 47.85 -27.60 -34.56
CA ASP F 134 47.93 -26.28 -33.94
C ASP F 134 46.68 -25.47 -34.27
N VAL F 135 46.18 -24.73 -33.28
CA VAL F 135 45.09 -23.80 -33.46
C VAL F 135 45.63 -22.39 -33.27
N GLY F 136 45.49 -21.56 -34.30
CA GLY F 136 46.11 -20.25 -34.29
C GLY F 136 45.26 -19.23 -35.01
N LEU F 137 45.80 -18.02 -35.13
CA LEU F 137 45.05 -16.91 -35.68
C LEU F 137 45.38 -16.70 -37.17
N GLN F 138 44.35 -16.37 -37.94
CA GLN F 138 44.47 -16.10 -39.36
C GLN F 138 43.86 -14.72 -39.64
N GLU F 139 44.32 -14.09 -40.73
CA GLU F 139 43.88 -12.73 -41.05
C GLU F 139 42.51 -12.73 -41.71
N ASP F 140 42.39 -13.37 -42.87
CA ASP F 140 41.22 -13.24 -43.73
C ASP F 140 40.22 -14.36 -43.47
N ALA F 141 39.02 -14.21 -44.06
CA ALA F 141 37.94 -15.17 -43.83
C ALA F 141 38.14 -16.43 -44.66
N THR F 142 38.79 -16.31 -45.82
CA THR F 142 38.87 -17.42 -46.75
C THR F 142 39.58 -18.61 -46.12
N GLY F 143 39.04 -19.79 -46.35
CA GLY F 143 39.56 -21.02 -45.79
C GLY F 143 38.55 -21.72 -44.91
N GLU F 144 38.56 -23.06 -44.95
CA GLU F 144 37.64 -23.83 -44.13
C GLU F 144 38.04 -23.78 -42.67
N ALA F 145 39.32 -23.65 -42.38
CA ALA F 145 39.80 -23.66 -41.00
C ALA F 145 39.28 -22.46 -40.22
N CYS F 146 39.08 -21.33 -40.90
CA CYS F 146 38.58 -20.13 -40.22
C CYS F 146 37.21 -20.38 -39.59
N TRP F 147 36.32 -21.06 -40.33
CA TRP F 147 35.00 -21.36 -39.79
C TRP F 147 35.04 -22.66 -39.00
N TRP F 148 34.25 -22.69 -37.93
CA TRP F 148 34.20 -23.83 -37.03
C TRP F 148 32.74 -24.21 -36.78
N THR F 149 32.47 -25.51 -36.82
CA THR F 149 31.15 -26.04 -36.54
C THR F 149 31.09 -26.50 -35.08
N MET F 150 29.88 -26.45 -34.52
CA MET F 150 29.64 -26.82 -33.14
C MET F 150 28.52 -27.85 -33.10
N HIS F 151 28.67 -28.87 -32.27
CA HIS F 151 27.91 -30.11 -32.41
C HIS F 151 27.26 -30.49 -31.09
N PRO F 152 26.21 -31.32 -31.12
CA PRO F 152 25.56 -31.72 -29.86
C PRO F 152 26.49 -32.52 -28.97
N ALA F 153 26.42 -32.26 -27.66
CA ALA F 153 27.34 -32.87 -26.72
C ALA F 153 26.65 -33.89 -25.83
N SER F 154 25.57 -33.50 -25.15
CA SER F 154 24.98 -34.32 -24.10
C SER F 154 23.57 -34.74 -24.47
N LYS F 155 22.94 -35.44 -23.52
CA LYS F 155 21.56 -35.89 -23.70
C LYS F 155 20.59 -34.71 -23.85
N GLN F 156 20.65 -33.75 -22.93
CA GLN F 156 19.71 -32.63 -22.97
C GLN F 156 19.98 -31.75 -24.18
N ARG F 157 21.25 -31.58 -24.52
CA ARG F 157 21.63 -31.00 -25.79
C ARG F 157 21.02 -31.79 -26.94
N SER F 158 20.45 -31.08 -27.91
CA SER F 158 19.81 -31.68 -29.07
C SER F 158 20.26 -30.96 -30.33
N GLU F 159 20.57 -31.72 -31.38
CA GLU F 159 20.91 -31.12 -32.66
C GLU F 159 19.67 -30.48 -33.27
N GLY F 160 19.86 -29.35 -33.94
CA GLY F 160 18.77 -28.59 -34.48
C GLY F 160 18.08 -27.67 -33.50
N GLU F 161 18.58 -27.57 -32.27
CA GLU F 161 18.03 -26.70 -31.24
C GLU F 161 18.76 -25.36 -31.31
N LYS F 162 18.23 -24.36 -30.61
CA LYS F 162 18.92 -23.08 -30.54
C LYS F 162 19.84 -23.04 -29.33
N VAL F 163 20.94 -22.30 -29.45
CA VAL F 163 22.00 -22.35 -28.44
C VAL F 163 21.51 -21.76 -27.14
N ARG F 164 21.77 -22.48 -26.05
CA ARG F 164 21.44 -22.05 -24.70
C ARG F 164 22.73 -21.70 -23.96
N VAL F 165 22.74 -20.53 -23.32
CA VAL F 165 23.93 -20.10 -22.59
C VAL F 165 24.13 -20.98 -21.37
N GLY F 166 25.39 -21.39 -21.15
CA GLY F 166 25.75 -22.20 -20.00
C GLY F 166 25.87 -23.68 -20.28
N ASP F 167 25.37 -24.18 -21.40
CA ASP F 167 25.52 -25.59 -21.73
C ASP F 167 26.95 -25.89 -22.12
N ASP F 168 27.37 -27.13 -21.87
CA ASP F 168 28.65 -27.59 -22.37
C ASP F 168 28.61 -27.65 -23.88
N LEU F 169 29.58 -27.01 -24.53
CA LEU F 169 29.61 -26.90 -25.97
C LEU F 169 30.89 -27.51 -26.51
N ILE F 170 30.79 -28.08 -27.70
CA ILE F 170 31.91 -28.74 -28.37
C ILE F 170 32.04 -28.17 -29.77
N LEU F 171 33.27 -27.92 -30.19
CA LEU F 171 33.55 -27.23 -31.44
C LEU F 171 34.55 -28.03 -32.27
N VAL F 172 34.25 -28.20 -33.55
CA VAL F 172 35.09 -28.94 -34.48
C VAL F 172 35.35 -28.09 -35.71
N SER F 173 36.61 -28.01 -36.13
CA SER F 173 36.93 -27.40 -37.41
C SER F 173 36.61 -28.38 -38.53
N VAL F 174 35.86 -27.90 -39.52
CA VAL F 174 35.39 -28.79 -40.59
C VAL F 174 36.56 -29.35 -41.38
N SER F 175 37.52 -28.50 -41.74
CA SER F 175 38.69 -28.98 -42.47
C SER F 175 39.51 -29.96 -41.64
N SER F 176 39.71 -29.67 -40.36
CA SER F 176 40.54 -30.52 -39.52
C SER F 176 39.79 -31.77 -39.09
N GLU F 177 38.48 -31.67 -38.89
CA GLU F 177 37.66 -32.73 -38.29
C GLU F 177 38.15 -33.13 -36.90
N ARG F 178 38.78 -32.20 -36.18
CA ARG F 178 39.29 -32.46 -34.85
C ARG F 178 38.61 -31.55 -33.84
N TYR F 179 38.31 -32.09 -32.67
CA TYR F 179 37.65 -31.35 -31.62
C TYR F 179 38.62 -30.38 -30.95
N LEU F 180 38.06 -29.30 -30.39
CA LEU F 180 38.84 -28.50 -29.45
C LEU F 180 39.13 -29.33 -28.21
N HIS F 181 40.39 -29.35 -27.79
CA HIS F 181 40.83 -30.31 -26.79
C HIS F 181 41.84 -29.67 -25.85
N LEU F 182 41.80 -30.12 -24.60
CA LEU F 182 42.79 -29.77 -23.59
C LEU F 182 43.69 -30.98 -23.35
N SER F 183 44.77 -31.06 -24.12
CA SER F 183 45.69 -32.19 -24.06
C SER F 183 46.48 -32.14 -22.76
N THR F 184 46.57 -33.30 -22.10
CA THR F 184 47.31 -33.46 -20.86
C THR F 184 48.68 -34.10 -21.08
N ALA F 185 49.08 -34.32 -22.33
CA ALA F 185 50.35 -34.98 -22.61
C ALA F 185 51.52 -34.17 -22.07
N SER F 186 51.50 -32.86 -22.29
CA SER F 186 52.51 -31.99 -21.69
C SER F 186 52.22 -31.81 -20.20
N GLY F 187 53.23 -31.36 -19.47
CA GLY F 187 53.04 -31.07 -18.06
C GLY F 187 51.96 -30.03 -17.83
N GLU F 188 51.96 -28.97 -18.64
CA GLU F 188 50.87 -28.02 -18.62
C GLU F 188 49.77 -28.45 -19.58
N LEU F 189 48.52 -28.17 -19.22
CA LEU F 189 47.40 -28.52 -20.06
C LEU F 189 47.35 -27.60 -21.27
N GLN F 190 47.50 -28.16 -22.46
CA GLN F 190 47.69 -27.38 -23.68
C GLN F 190 46.44 -27.43 -24.55
N VAL F 191 46.10 -26.30 -25.17
CA VAL F 191 44.97 -26.27 -26.09
C VAL F 191 45.41 -26.77 -27.45
N ASP F 192 44.57 -27.60 -28.07
CA ASP F 192 44.89 -28.16 -29.38
C ASP F 192 43.61 -28.66 -30.04
N ALA F 193 43.79 -29.33 -31.18
CA ALA F 193 42.70 -29.95 -31.90
C ALA F 193 42.95 -31.45 -31.99
N SER F 194 41.98 -32.25 -31.56
CA SER F 194 42.13 -33.69 -31.50
C SER F 194 40.88 -34.37 -32.04
N PHE F 195 41.07 -35.59 -32.55
CA PHE F 195 39.93 -36.39 -32.98
C PHE F 195 39.02 -36.72 -31.81
N MET F 196 39.58 -36.75 -30.60
CA MET F 196 38.76 -36.95 -29.40
C MET F 196 38.27 -35.60 -28.87
N GLN F 197 37.17 -35.64 -28.14
CA GLN F 197 36.44 -34.44 -27.75
C GLN F 197 36.78 -34.04 -26.32
N THR F 198 36.79 -32.74 -26.06
CA THR F 198 36.94 -32.18 -24.73
C THR F 198 35.95 -31.04 -24.57
N LEU F 199 35.07 -31.14 -23.58
CA LEU F 199 33.96 -30.21 -23.46
C LEU F 199 34.44 -28.80 -23.12
N TRP F 200 33.70 -27.81 -23.62
CA TRP F 200 33.95 -26.40 -23.35
C TRP F 200 32.63 -25.73 -23.01
N ASN F 201 32.70 -24.64 -22.25
CA ASN F 201 31.54 -23.88 -21.85
C ASN F 201 31.70 -22.45 -22.38
N MET F 202 30.58 -21.83 -22.73
CA MET F 202 30.62 -20.59 -23.49
C MET F 202 29.82 -19.55 -22.69
N ASN F 203 30.48 -18.53 -22.15
CA ASN F 203 29.74 -17.56 -21.36
C ASN F 203 30.02 -16.13 -21.80
N PRO F 204 29.00 -15.26 -21.81
CA PRO F 204 29.17 -13.90 -22.35
C PRO F 204 29.71 -12.89 -21.35
N ILE F 205 30.82 -12.23 -21.71
CA ILE F 205 31.23 -11.05 -20.96
C ILE F 205 30.29 -9.88 -21.24
N CYS F 206 29.92 -9.70 -22.52
CA CYS F 206 29.05 -8.61 -22.91
C CYS F 206 28.26 -9.03 -24.13
N SER F 207 27.02 -8.52 -24.25
CA SER F 207 26.16 -8.83 -25.38
C SER F 207 25.91 -7.62 -26.28
N CYS F 208 25.39 -6.54 -25.71
CA CYS F 208 25.17 -5.30 -26.45
C CYS F 208 25.06 -4.16 -25.45
N CYS F 209 25.51 -2.99 -25.88
CA CYS F 209 25.61 -1.83 -24.99
C CYS F 209 24.93 -0.62 -25.63
N GLU F 210 24.09 0.05 -24.86
CA GLU F 210 23.49 1.29 -25.30
C GLU F 210 24.53 2.41 -25.30
N GLU F 211 24.16 3.55 -25.89
CA GLU F 211 25.10 4.66 -26.00
C GLU F 211 25.60 5.08 -24.62
N GLY F 212 26.90 4.92 -24.41
CA GLY F 212 27.51 5.21 -23.12
C GLY F 212 27.22 4.15 -22.09
N TYR F 213 27.05 4.59 -20.84
CA TYR F 213 26.71 3.72 -19.73
C TYR F 213 27.73 2.62 -19.48
N VAL F 214 28.81 2.98 -18.78
CA VAL F 214 30.05 2.21 -18.73
C VAL F 214 29.82 0.70 -18.66
N THR F 215 30.61 -0.02 -19.45
CA THR F 215 30.67 -1.47 -19.43
C THR F 215 32.05 -1.90 -18.95
N GLY F 216 32.10 -3.00 -18.20
CA GLY F 216 33.36 -3.42 -17.62
C GLY F 216 34.33 -3.95 -18.65
N GLY F 217 35.61 -3.92 -18.30
CA GLY F 217 36.66 -4.37 -19.21
C GLY F 217 37.01 -3.38 -20.30
N HIS F 218 36.54 -2.13 -20.20
CA HIS F 218 36.76 -1.12 -21.21
C HIS F 218 37.66 -0.02 -20.65
N VAL F 219 38.67 0.36 -21.42
CA VAL F 219 39.63 1.36 -20.96
C VAL F 219 38.99 2.75 -21.04
N LEU F 220 39.45 3.65 -20.18
CA LEU F 220 38.90 5.00 -20.11
C LEU F 220 39.92 5.94 -19.47
N ARG F 221 39.50 7.21 -19.38
CA ARG F 221 40.26 8.27 -18.71
C ARG F 221 39.45 8.78 -17.53
N LEU F 222 40.13 9.17 -16.45
CA LEU F 222 39.49 9.62 -15.22
C LEU F 222 40.05 10.98 -14.81
N PHE F 223 39.24 12.02 -14.99
CA PHE F 223 39.66 13.41 -14.76
C PHE F 223 39.03 13.92 -13.47
N HIS F 224 39.87 14.35 -12.52
CA HIS F 224 39.36 15.21 -11.45
C HIS F 224 39.04 16.59 -11.97
N GLY F 225 39.89 17.12 -12.85
CA GLY F 225 39.62 18.41 -13.46
C GLY F 225 38.52 18.34 -14.49
N HIS F 226 38.00 19.51 -14.83
CA HIS F 226 37.00 19.64 -15.89
C HIS F 226 37.70 19.57 -17.24
N MET F 227 38.22 18.37 -17.53
CA MET F 227 38.93 17.98 -18.74
C MET F 227 40.31 18.63 -18.87
N ASP F 228 40.88 19.17 -17.79
CA ASP F 228 42.19 19.78 -17.89
C ASP F 228 43.27 18.85 -17.34
N GLU F 229 42.93 18.01 -16.37
CA GLU F 229 43.91 17.22 -15.65
C GLU F 229 43.33 15.84 -15.32
N CYS F 230 44.16 14.80 -15.52
CA CYS F 230 43.74 13.41 -15.38
C CYS F 230 44.69 12.66 -14.45
N LEU F 231 44.17 11.64 -13.78
CA LEU F 231 45.04 10.74 -13.01
C LEU F 231 45.79 9.82 -13.97
N THR F 232 47.08 9.62 -13.70
CA THR F 232 47.96 8.95 -14.66
C THR F 232 49.16 8.38 -13.93
N ILE F 233 49.63 7.21 -14.39
CA ILE F 233 50.85 6.64 -13.86
C ILE F 233 52.04 7.52 -14.25
N SER F 234 53.15 7.37 -13.51
CA SER F 234 54.31 8.22 -13.74
C SER F 234 54.88 8.01 -15.14
N ALA F 235 55.74 8.94 -15.55
CA ALA F 235 56.30 8.92 -16.88
C ALA F 235 57.19 7.69 -17.08
N ALA F 236 57.26 7.24 -18.34
CA ALA F 236 58.18 6.16 -18.69
C ALA F 236 59.62 6.60 -18.47
N ASP F 237 60.45 5.64 -18.08
CA ASP F 237 61.88 5.77 -17.79
C ASP F 237 62.13 6.60 -16.53
N SER F 238 61.10 6.97 -15.79
CA SER F 238 61.30 7.69 -14.54
C SER F 238 61.96 6.78 -13.51
N ASP F 239 62.74 7.39 -12.61
CA ASP F 239 63.50 6.61 -11.64
C ASP F 239 62.60 5.86 -10.67
N ASP F 240 61.36 6.33 -10.50
CA ASP F 240 60.46 5.70 -9.54
C ASP F 240 59.95 4.35 -10.04
N GLN F 241 60.18 4.03 -11.32
CA GLN F 241 59.74 2.78 -11.92
C GLN F 241 58.23 2.58 -11.78
N ARG F 242 57.47 3.66 -11.95
CA ARG F 242 56.01 3.65 -11.98
C ARG F 242 55.41 3.11 -10.68
N ARG F 243 56.11 3.24 -9.55
CA ARG F 243 55.53 2.77 -8.29
C ARG F 243 54.37 3.64 -7.85
N LEU F 244 54.42 4.93 -8.18
CA LEU F 244 53.42 5.88 -7.71
C LEU F 244 52.66 6.48 -8.88
N VAL F 245 51.35 6.64 -8.68
CA VAL F 245 50.45 7.22 -9.67
C VAL F 245 50.08 8.62 -9.21
N TYR F 246 50.12 9.59 -10.13
CA TYR F 246 49.97 10.99 -9.78
C TYR F 246 48.88 11.65 -10.62
N TYR F 247 48.46 12.83 -10.22
CA TYR F 247 47.49 13.59 -10.98
C TYR F 247 48.21 14.61 -11.85
N GLU F 248 48.15 14.44 -13.18
CA GLU F 248 48.93 15.26 -14.08
C GLU F 248 48.04 15.79 -15.20
N GLY F 249 48.44 16.90 -15.80
CA GLY F 249 47.69 17.49 -16.89
C GLY F 249 48.56 17.96 -18.04
N GLY F 250 48.28 17.48 -19.24
CA GLY F 250 49.06 17.86 -20.41
C GLY F 250 48.96 16.80 -21.49
N ALA F 251 50.02 16.72 -22.29
CA ALA F 251 50.09 15.70 -23.33
C ALA F 251 50.15 14.30 -22.73
N VAL F 252 50.58 14.19 -21.47
CA VAL F 252 50.60 12.91 -20.80
C VAL F 252 49.19 12.37 -20.65
N CYS F 253 48.20 13.27 -20.54
CA CYS F 253 46.81 12.83 -20.53
C CYS F 253 46.43 12.17 -21.85
N THR F 254 46.86 12.74 -22.97
CA THR F 254 46.60 12.13 -24.26
C THR F 254 47.35 10.82 -24.41
N HIS F 255 48.53 10.73 -23.81
CA HIS F 255 49.36 9.54 -23.95
C HIS F 255 48.68 8.33 -23.29
N ALA F 256 49.14 7.13 -23.69
CA ALA F 256 48.50 5.90 -23.24
C ALA F 256 48.72 5.65 -21.75
N ARG F 257 49.64 6.39 -21.12
CA ARG F 257 49.88 6.22 -19.69
C ARG F 257 48.66 6.66 -18.88
N SER F 258 47.78 7.47 -19.48
CA SER F 258 46.60 7.93 -18.77
C SER F 258 45.45 6.94 -18.88
N LEU F 259 45.58 5.96 -19.78
CA LEU F 259 44.56 4.93 -19.92
C LEU F 259 44.48 4.08 -18.66
N TRP F 260 43.25 3.75 -18.26
CA TRP F 260 43.06 2.83 -17.13
C TRP F 260 41.89 1.91 -17.44
N ARG F 261 41.90 0.72 -16.84
CA ARG F 261 40.93 -0.32 -17.15
C ARG F 261 40.31 -0.85 -15.87
N LEU F 262 39.06 -1.28 -15.97
CA LEU F 262 38.27 -1.77 -14.85
C LEU F 262 37.93 -3.24 -15.09
N GLU F 263 38.10 -4.06 -14.05
CA GLU F 263 37.77 -5.47 -14.13
C GLU F 263 36.84 -5.86 -12.99
N PRO F 264 35.62 -6.30 -13.28
CA PRO F 264 34.76 -6.81 -12.21
C PRO F 264 35.32 -8.10 -11.62
N LEU F 265 35.04 -8.29 -10.33
CA LEU F 265 35.52 -9.50 -9.66
C LEU F 265 34.89 -10.75 -10.26
N ARG F 266 33.59 -10.68 -10.58
CA ARG F 266 32.95 -11.80 -11.26
C ARG F 266 33.56 -12.00 -12.64
N ILE F 267 33.91 -13.26 -12.94
CA ILE F 267 34.61 -13.54 -14.19
C ILE F 267 33.67 -13.37 -15.39
N SER F 268 32.43 -13.82 -15.27
CA SER F 268 31.50 -13.75 -16.39
C SER F 268 30.68 -12.46 -16.34
N TRP F 269 30.20 -12.05 -17.51
CA TRP F 269 29.39 -10.84 -17.64
C TRP F 269 30.10 -9.61 -17.07
N SER F 270 31.41 -9.54 -17.30
CA SER F 270 32.17 -8.36 -16.88
C SER F 270 31.73 -7.14 -17.66
N GLY F 271 31.40 -7.31 -18.94
CA GLY F 271 30.97 -6.22 -19.79
C GLY F 271 29.56 -5.76 -19.55
N SER F 272 28.89 -6.32 -18.55
CA SER F 272 27.58 -5.81 -18.14
C SER F 272 27.71 -4.37 -17.65
N HIS F 273 26.57 -3.68 -17.64
CA HIS F 273 26.56 -2.30 -17.18
C HIS F 273 27.09 -2.20 -15.75
N LEU F 274 27.97 -1.21 -15.52
CA LEU F 274 28.47 -0.97 -14.18
C LEU F 274 27.33 -0.54 -13.27
N ARG F 275 27.41 -0.95 -12.00
CA ARG F 275 26.42 -0.60 -11.00
C ARG F 275 27.11 0.17 -9.88
N TRP F 276 26.39 1.13 -9.30
CA TRP F 276 26.96 1.99 -8.27
C TRP F 276 27.43 1.16 -7.07
N GLY F 277 28.71 1.30 -6.73
CA GLY F 277 29.28 0.58 -5.61
C GLY F 277 29.64 -0.87 -5.88
N GLN F 278 29.72 -1.28 -7.14
CA GLN F 278 30.02 -2.67 -7.44
C GLN F 278 31.49 -2.96 -7.15
N PRO F 279 31.80 -4.08 -6.49
CA PRO F 279 33.20 -4.43 -6.25
C PRO F 279 33.94 -4.66 -7.56
N LEU F 280 35.16 -4.15 -7.65
CA LEU F 280 35.91 -4.16 -8.90
C LEU F 280 37.39 -3.91 -8.64
N ARG F 281 38.20 -4.12 -9.66
CA ARG F 281 39.65 -3.93 -9.60
C ARG F 281 40.06 -2.96 -10.69
N ILE F 282 41.14 -2.23 -10.45
CA ILE F 282 41.64 -1.22 -11.38
C ILE F 282 43.03 -1.65 -11.85
N ARG F 283 43.25 -1.65 -13.16
CA ARG F 283 44.51 -2.07 -13.76
C ARG F 283 44.96 -1.04 -14.78
N HIS F 284 46.25 -0.72 -14.77
CA HIS F 284 46.78 0.14 -15.82
C HIS F 284 47.17 -0.73 -17.01
N VAL F 285 46.68 -0.36 -18.19
CA VAL F 285 46.75 -1.25 -19.35
C VAL F 285 48.20 -1.43 -19.82
N THR F 286 48.98 -0.35 -19.86
CA THR F 286 50.36 -0.48 -20.35
C THR F 286 51.25 -1.16 -19.32
N THR F 287 51.10 -0.78 -18.04
CA THR F 287 51.92 -1.41 -17.01
C THR F 287 51.51 -2.85 -16.78
N GLY F 288 50.21 -3.14 -16.81
CA GLY F 288 49.69 -4.43 -16.45
C GLY F 288 49.51 -4.65 -14.97
N ARG F 289 49.84 -3.65 -14.15
CA ARG F 289 49.74 -3.80 -12.70
C ARG F 289 48.36 -3.35 -12.21
N TYR F 290 47.95 -3.92 -11.08
CA TYR F 290 46.66 -3.63 -10.48
C TYR F 290 46.86 -2.59 -9.37
N LEU F 291 46.17 -1.47 -9.48
CA LEU F 291 46.27 -0.42 -8.47
C LEU F 291 45.50 -0.83 -7.22
N ALA F 292 46.15 -0.69 -6.06
CA ALA F 292 45.55 -1.06 -4.79
C ALA F 292 46.25 -0.35 -3.65
N LEU F 293 45.57 -0.29 -2.51
CA LEU F 293 46.20 0.17 -1.29
C LEU F 293 46.98 -0.97 -0.63
N THR F 294 48.25 -0.71 -0.34
CA THR F 294 49.13 -1.70 0.27
C THR F 294 49.46 -1.25 1.68
N GLU F 295 49.38 -2.18 2.63
CA GLU F 295 49.56 -1.84 4.04
C GLU F 295 50.97 -1.29 4.30
N ASP F 296 51.97 -1.82 3.60
CA ASP F 296 53.34 -1.42 3.86
C ASP F 296 53.58 0.04 3.53
N GLN F 297 53.06 0.51 2.39
CA GLN F 297 53.30 1.87 1.93
C GLN F 297 52.02 2.67 1.73
N GLY F 298 51.00 2.07 1.14
CA GLY F 298 49.83 2.84 0.75
C GLY F 298 49.37 2.45 -0.64
N LEU F 299 49.03 3.44 -1.45
CA LEU F 299 48.52 3.15 -2.78
C LEU F 299 49.63 3.11 -3.82
N VAL F 300 49.86 1.93 -4.38
CA VAL F 300 50.78 1.76 -5.50
C VAL F 300 50.15 0.76 -6.46
N VAL F 301 50.70 0.66 -7.66
CA VAL F 301 50.31 -0.37 -8.62
C VAL F 301 51.21 -1.57 -8.43
N VAL F 302 50.61 -2.75 -8.28
CA VAL F 302 51.35 -3.98 -7.98
C VAL F 302 50.99 -5.04 -9.02
N ASP F 303 51.86 -6.03 -9.12
CA ASP F 303 51.66 -7.10 -10.08
C ASP F 303 50.48 -7.98 -9.70
N ALA F 304 49.99 -8.73 -10.68
CA ALA F 304 48.85 -9.62 -10.45
C ALA F 304 49.19 -10.66 -9.38
N CYS F 305 50.42 -11.17 -9.38
CA CYS F 305 50.82 -12.12 -8.34
C CYS F 305 50.85 -11.46 -6.97
N LYS F 306 51.27 -10.20 -6.90
CA LYS F 306 51.38 -9.52 -5.62
C LYS F 306 50.00 -9.14 -5.07
N ALA F 307 49.03 -8.90 -5.95
CA ALA F 307 47.71 -8.49 -5.52
C ALA F 307 47.00 -9.61 -4.77
N HIS F 308 46.25 -9.24 -3.73
CA HIS F 308 45.48 -10.20 -2.94
C HIS F 308 43.99 -10.18 -3.25
N THR F 309 43.55 -9.29 -4.15
CA THR F 309 42.16 -9.18 -4.59
C THR F 309 41.31 -8.57 -3.46
N LYS F 310 41.88 -8.44 -2.27
CA LYS F 310 41.20 -7.75 -1.18
C LYS F 310 41.57 -6.27 -1.18
N ALA F 311 42.77 -5.94 -1.66
CA ALA F 311 43.17 -4.55 -1.75
C ALA F 311 42.79 -3.95 -3.09
N THR F 312 42.86 -4.75 -4.16
CA THR F 312 42.45 -4.25 -5.47
C THR F 312 40.94 -4.07 -5.55
N SER F 313 40.20 -4.69 -4.64
CA SER F 313 38.75 -4.58 -4.65
C SER F 313 38.32 -3.16 -4.32
N PHE F 314 37.65 -2.53 -5.28
CA PHE F 314 37.16 -1.16 -5.13
C PHE F 314 35.69 -1.13 -5.52
N CYS F 315 34.99 -0.10 -5.05
CA CYS F 315 33.61 0.14 -5.43
C CYS F 315 33.49 1.52 -6.07
N PHE F 316 32.40 1.74 -6.79
CA PHE F 316 32.28 2.81 -7.76
C PHE F 316 30.93 3.49 -7.56
N ARG F 317 30.93 4.63 -6.87
CA ARG F 317 29.71 5.20 -6.33
C ARG F 317 29.54 6.63 -6.86
N VAL F 318 28.38 7.23 -6.60
CA VAL F 318 28.13 8.60 -7.06
C VAL F 318 27.98 9.53 -5.86
N SER F 319 27.63 8.99 -4.70
CA SER F 319 27.33 9.78 -3.51
C SER F 319 28.50 9.70 -2.54
N LYS F 320 28.84 10.86 -1.95
CA LYS F 320 29.88 10.88 -0.93
C LYS F 320 29.47 10.04 0.29
N GLU F 321 28.19 10.07 0.65
CA GLU F 321 27.71 9.28 1.76
C GLU F 321 27.71 7.80 1.41
N LYS F 322 27.97 6.96 2.40
CA LYS F 322 27.99 5.51 2.25
C LYS F 322 26.79 4.93 2.98
N LEU F 323 26.00 4.12 2.29
CA LEU F 323 24.81 3.53 2.92
C LEU F 323 25.03 2.06 3.27
N ASP F 324 25.50 1.26 2.30
CA ASP F 324 25.78 -0.16 2.43
C ASP F 324 24.58 -0.95 2.95
N THR F 325 23.36 -0.42 2.84
CA THR F 325 22.21 -1.07 3.47
C THR F 325 21.84 -2.37 2.77
N ALA F 326 21.73 -2.34 1.43
CA ALA F 326 21.25 -3.48 0.68
C ALA F 326 22.26 -3.89 -0.38
N PRO F 327 22.81 -5.10 -0.31
CA PRO F 327 23.69 -5.57 -1.38
C PRO F 327 22.93 -5.74 -2.69
N LYS F 328 23.62 -5.48 -3.80
CA LYS F 328 22.99 -5.61 -5.11
C LYS F 328 22.97 -7.07 -5.54
N ARG F 329 21.84 -7.49 -6.10
CA ARG F 329 21.70 -8.85 -6.59
C ARG F 329 22.52 -9.03 -7.87
N ASP F 330 23.29 -10.11 -7.93
CA ASP F 330 24.05 -10.41 -9.13
C ASP F 330 23.18 -11.18 -10.12
N VAL F 331 23.09 -10.67 -11.34
CA VAL F 331 22.27 -11.27 -12.38
C VAL F 331 23.07 -11.37 -13.67
N GLU F 332 22.95 -12.51 -14.34
CA GLU F 332 23.57 -12.67 -15.65
C GLU F 332 22.86 -11.79 -16.67
N GLY F 333 23.59 -11.37 -17.68
CA GLY F 333 23.06 -10.48 -18.69
C GLY F 333 23.65 -9.08 -18.59
N MET F 334 23.10 -8.19 -19.43
CA MET F 334 23.58 -6.82 -19.44
C MET F 334 23.28 -6.11 -18.13
N GLY F 335 22.09 -6.34 -17.57
CA GLY F 335 21.72 -5.77 -16.30
C GLY F 335 21.29 -4.32 -16.41
N PRO F 336 20.71 -3.78 -15.34
CA PRO F 336 20.30 -2.38 -15.36
C PRO F 336 21.52 -1.48 -15.48
N PRO F 337 21.40 -0.38 -16.23
CA PRO F 337 22.54 0.54 -16.38
C PRO F 337 22.58 1.64 -15.32
N GLU F 338 23.71 1.80 -14.63
CA GLU F 338 23.79 2.84 -13.60
C GLU F 338 24.69 4.00 -14.04
N ILE F 339 25.94 3.73 -14.38
CA ILE F 339 26.96 4.75 -14.57
C ILE F 339 27.08 5.06 -16.06
N LYS F 340 26.94 6.33 -16.41
CA LYS F 340 27.04 6.80 -17.79
C LYS F 340 28.51 6.80 -18.24
N TYR F 341 28.73 6.42 -19.49
CA TYR F 341 30.09 6.34 -20.02
C TYR F 341 30.39 7.56 -20.87
N GLY F 342 30.92 8.60 -20.23
CA GLY F 342 31.25 9.83 -20.91
C GLY F 342 30.50 11.06 -20.43
N GLU F 343 29.47 10.89 -19.60
CA GLU F 343 28.74 12.02 -19.02
C GLU F 343 28.59 11.96 -17.52
N SER F 344 28.85 10.82 -16.89
CA SER F 344 28.64 10.68 -15.46
C SER F 344 29.80 11.25 -14.67
N LEU F 345 29.48 11.75 -13.47
CA LEU F 345 30.46 12.22 -12.50
C LEU F 345 30.48 11.22 -11.35
N CYS F 346 31.66 10.66 -11.06
CA CYS F 346 31.77 9.45 -10.27
C CYS F 346 32.79 9.60 -9.14
N PHE F 347 32.42 9.12 -7.96
CA PHE F 347 33.36 8.91 -6.88
C PHE F 347 33.88 7.46 -6.91
N VAL F 348 35.15 7.30 -6.53
CA VAL F 348 35.78 5.99 -6.44
C VAL F 348 36.11 5.73 -4.98
N GLN F 349 35.73 4.54 -4.49
CA GLN F 349 35.86 4.19 -3.08
C GLN F 349 36.61 2.87 -2.97
N HIS F 350 37.35 2.70 -1.88
CA HIS F 350 38.10 1.46 -1.70
C HIS F 350 37.41 0.57 -0.68
N VAL F 351 37.22 -0.70 -1.04
CA VAL F 351 36.46 -1.63 -0.21
C VAL F 351 37.22 -1.93 1.08
N ALA F 352 38.50 -2.28 0.96
CA ALA F 352 39.26 -2.75 2.13
C ALA F 352 39.48 -1.63 3.13
N SER F 353 39.98 -0.48 2.67
CA SER F 353 40.29 0.61 3.59
C SER F 353 39.02 1.29 4.09
N GLY F 354 38.05 1.49 3.21
CA GLY F 354 36.89 2.30 3.54
C GLY F 354 37.14 3.79 3.52
N LEU F 355 38.30 4.22 3.02
CA LEU F 355 38.63 5.63 2.95
C LEU F 355 38.28 6.18 1.57
N TRP F 356 38.44 7.50 1.42
CA TRP F 356 38.07 8.19 0.20
C TRP F 356 39.29 8.46 -0.66
N LEU F 357 39.23 8.06 -1.93
CA LEU F 357 40.32 8.34 -2.85
C LEU F 357 40.32 9.82 -3.21
N THR F 358 41.33 10.55 -2.73
CA THR F 358 41.38 11.99 -2.89
C THR F 358 42.74 12.39 -3.46
N TYR F 359 42.85 13.66 -3.82
CA TYR F 359 44.12 14.20 -4.25
C TYR F 359 44.85 14.82 -3.07
N ALA F 360 46.17 14.66 -3.05
CA ALA F 360 46.95 15.05 -1.87
C ALA F 360 47.07 16.57 -1.75
N ALA F 361 46.64 17.30 -2.79
CA ALA F 361 46.70 18.77 -2.90
C ALA F 361 48.15 19.18 -3.07
N PRO F 362 48.43 20.41 -3.53
CA PRO F 362 49.82 20.83 -3.69
C PRO F 362 50.49 21.02 -2.34
N ASP F 363 51.41 20.12 -2.01
CA ASP F 363 52.15 20.22 -0.76
C ASP F 363 53.16 21.37 -0.85
N PRO F 364 53.64 21.86 0.29
CA PRO F 364 54.62 22.97 0.26
C PRO F 364 55.86 22.60 -0.53
N LYS F 365 56.43 23.61 -1.20
CA LYS F 365 57.66 23.56 -2.01
C LYS F 365 57.40 22.89 -3.36
N ALA F 366 56.22 22.28 -3.55
CA ALA F 366 55.86 21.81 -4.89
C ALA F 366 55.65 22.98 -5.83
N LEU F 367 55.16 24.10 -5.31
CA LEU F 367 55.07 25.31 -6.11
C LEU F 367 56.45 25.77 -6.58
N ARG F 368 57.44 25.70 -5.69
CA ARG F 368 58.80 26.06 -6.07
C ARG F 368 59.35 25.10 -7.12
N LEU F 369 59.08 23.80 -6.97
CA LEU F 369 59.49 22.84 -7.99
C LEU F 369 58.81 23.13 -9.32
N GLY F 370 57.57 23.61 -9.28
CA GLY F 370 56.84 23.90 -10.50
C GLY F 370 56.21 22.70 -11.16
N VAL F 371 56.33 21.51 -10.57
CA VAL F 371 55.75 20.32 -11.17
C VAL F 371 54.26 20.30 -10.93
N LEU F 372 53.50 20.19 -12.03
CA LEU F 372 52.05 20.08 -11.97
C LEU F 372 51.58 18.64 -11.74
N LYS F 373 52.52 17.69 -11.65
CA LYS F 373 52.22 16.29 -11.38
C LYS F 373 52.15 16.09 -9.88
N LYS F 374 50.97 15.74 -9.37
CA LYS F 374 50.68 15.72 -7.95
C LYS F 374 50.13 14.37 -7.52
N LYS F 375 50.48 13.95 -6.31
CA LYS F 375 50.16 12.61 -5.83
C LYS F 375 48.71 12.49 -5.40
N ALA F 376 48.17 11.28 -5.57
CA ALA F 376 46.87 10.93 -5.00
C ALA F 376 47.07 10.18 -3.67
N ILE F 377 46.17 10.42 -2.73
CA ILE F 377 46.20 9.75 -1.43
C ILE F 377 44.83 9.17 -1.13
N LEU F 378 44.75 8.45 -0.02
CA LEU F 378 43.54 7.75 0.40
C LEU F 378 43.22 8.17 1.84
N HIS F 379 42.14 8.92 2.01
CA HIS F 379 41.75 9.45 3.31
C HIS F 379 40.23 9.59 3.34
N GLN F 380 39.63 9.26 4.49
CA GLN F 380 38.18 9.24 4.57
C GLN F 380 37.58 10.64 4.43
N GLU F 381 38.29 11.66 4.91
CA GLU F 381 37.79 13.03 4.79
C GLU F 381 37.69 13.45 3.33
N GLY F 382 38.72 13.16 2.54
CA GLY F 382 38.70 13.49 1.14
C GLY F 382 38.75 14.98 0.88
N HIS F 383 38.44 15.36 -0.36
CA HIS F 383 38.44 16.74 -0.78
C HIS F 383 37.18 17.03 -1.57
N MET F 384 36.99 18.32 -1.87
CA MET F 384 35.75 18.78 -2.51
C MET F 384 35.59 18.17 -3.90
N ASP F 385 36.68 18.13 -4.67
CA ASP F 385 36.65 17.67 -6.06
C ASP F 385 37.00 16.19 -6.19
N ASP F 386 36.64 15.38 -5.20
CA ASP F 386 36.99 13.96 -5.24
C ASP F 386 36.21 13.22 -6.32
N ALA F 387 35.15 13.83 -6.84
CA ALA F 387 34.36 13.20 -7.89
C ALA F 387 35.15 13.22 -9.20
N LEU F 388 35.08 12.11 -9.93
CA LEU F 388 35.84 11.94 -11.16
C LEU F 388 34.88 11.93 -12.35
N PHE F 389 35.33 12.49 -13.46
CA PHE F 389 34.59 12.38 -14.71
C PHE F 389 35.33 11.42 -15.64
N LEU F 390 34.61 10.43 -16.14
CA LEU F 390 35.21 9.38 -16.95
C LEU F 390 34.92 9.65 -18.42
N THR F 391 35.93 9.47 -19.27
CA THR F 391 35.85 9.81 -20.68
C THR F 391 36.38 8.67 -21.54
N ARG F 392 35.93 8.64 -22.79
CA ARG F 392 36.18 7.53 -23.70
C ARG F 392 37.63 7.53 -24.18
N CYS F 393 38.05 6.36 -24.68
CA CYS F 393 39.31 6.23 -25.40
C CYS F 393 39.04 5.41 -26.66
N GLN F 394 39.84 5.65 -27.70
CA GLN F 394 39.65 4.95 -28.95
C GLN F 394 40.17 3.52 -28.87
N GLN F 395 39.49 2.62 -29.59
CA GLN F 395 39.91 1.21 -29.61
C GLN F 395 41.30 1.07 -30.21
N GLU F 396 41.65 1.96 -31.15
CA GLU F 396 43.02 1.97 -31.66
C GLU F 396 44.02 2.25 -30.56
N GLU F 397 43.72 3.23 -29.70
CA GLU F 397 44.60 3.52 -28.57
C GLU F 397 44.67 2.37 -27.59
N SER F 398 43.52 1.72 -27.33
CA SER F 398 43.52 0.58 -26.42
C SER F 398 44.36 -0.56 -26.95
N GLN F 399 44.22 -0.88 -28.24
CA GLN F 399 45.03 -1.94 -28.84
C GLN F 399 46.51 -1.57 -28.82
N ALA F 400 46.83 -0.30 -29.07
CA ALA F 400 48.21 0.15 -29.00
C ALA F 400 48.76 -0.04 -27.59
N ALA F 401 47.97 0.30 -26.57
CA ALA F 401 48.44 0.14 -25.20
C ALA F 401 48.67 -1.33 -24.87
N ARG F 402 47.76 -2.20 -25.30
CA ARG F 402 47.92 -3.63 -25.00
C ARG F 402 49.16 -4.20 -25.69
N MET F 403 49.38 -3.84 -26.96
CA MET F 403 50.56 -4.33 -27.65
C MET F 403 51.84 -3.76 -27.05
N ILE F 404 51.80 -2.51 -26.56
CA ILE F 404 52.94 -1.97 -25.83
C ILE F 404 53.22 -2.81 -24.60
N HIS F 405 52.17 -3.15 -23.84
CA HIS F 405 52.34 -3.88 -22.59
C HIS F 405 52.96 -5.25 -22.83
N SER F 406 52.53 -5.93 -23.91
CA SER F 406 53.10 -7.24 -24.20
C SER F 406 54.51 -7.12 -24.76
N THR F 407 54.72 -6.17 -25.68
CA THR F 407 56.00 -6.02 -26.36
C THR F 407 57.11 -5.64 -25.40
N ALA F 408 56.81 -4.75 -24.45
CA ALA F 408 57.82 -4.36 -23.48
C ALA F 408 58.33 -5.56 -22.70
N GLY F 409 57.42 -6.40 -22.20
CA GLY F 409 57.85 -7.58 -21.46
C GLY F 409 58.62 -8.56 -22.34
N LEU F 410 58.16 -8.78 -23.57
CA LEU F 410 58.85 -9.73 -24.44
C LEU F 410 60.29 -9.29 -24.73
N TYR F 411 60.46 -8.03 -25.15
CA TYR F 411 61.82 -7.58 -25.47
C TYR F 411 62.65 -7.38 -24.21
N ASN F 412 62.01 -7.15 -23.06
CA ASN F 412 62.76 -7.14 -21.81
C ASN F 412 63.34 -8.52 -21.50
N GLN F 413 62.53 -9.57 -21.68
CA GLN F 413 63.05 -10.92 -21.53
C GLN F 413 64.20 -11.17 -22.50
N PHE F 414 64.05 -10.68 -23.73
CA PHE F 414 65.11 -10.86 -24.74
C PHE F 414 66.41 -10.16 -24.30
N ILE F 415 66.29 -8.96 -23.74
CA ILE F 415 67.48 -8.21 -23.30
C ILE F 415 68.13 -8.89 -22.09
N LYS F 416 67.31 -9.38 -21.15
CA LYS F 416 67.88 -10.11 -20.01
C LYS F 416 68.59 -11.38 -20.46
N GLY F 417 68.06 -12.07 -21.46
CA GLY F 417 68.79 -13.21 -22.02
C GLY F 417 70.09 -12.79 -22.67
N LEU F 418 70.08 -11.66 -23.39
CA LEU F 418 71.31 -11.11 -23.94
C LEU F 418 72.35 -10.90 -22.86
N ASP F 419 71.94 -10.26 -21.76
CA ASP F 419 72.87 -10.04 -20.65
C ASP F 419 73.33 -11.37 -20.05
N SER F 420 72.43 -12.34 -19.98
CA SER F 420 72.78 -13.64 -19.39
C SER F 420 73.89 -14.32 -20.17
N PHE F 421 73.80 -14.33 -21.50
CA PHE F 421 74.86 -15.00 -22.26
C PHE F 421 75.98 -14.06 -22.72
N SER F 422 75.91 -12.77 -22.37
CA SER F 422 76.98 -11.85 -22.77
C SER F 422 78.26 -12.12 -21.99
N GLY F 423 78.14 -12.47 -20.71
CA GLY F 423 79.32 -12.53 -19.86
C GLY F 423 80.34 -13.58 -20.28
N LYS F 424 79.86 -14.79 -20.57
CA LYS F 424 80.74 -15.91 -20.86
C LYS F 424 80.40 -16.52 -22.21
N PRO F 425 81.39 -16.76 -23.07
CA PRO F 425 81.12 -17.54 -24.29
C PRO F 425 80.72 -18.96 -23.95
N ARG F 426 79.67 -19.44 -24.61
CA ARG F 426 79.22 -20.81 -24.37
C ARG F 426 80.18 -21.81 -25.02
N GLY F 427 80.85 -21.40 -26.09
CA GLY F 427 81.84 -22.25 -26.73
C GLY F 427 81.21 -23.52 -27.28
N SER F 428 81.83 -24.65 -26.98
CA SER F 428 81.29 -25.96 -27.36
C SER F 428 80.43 -26.52 -26.24
N GLY F 429 79.49 -25.70 -25.80
CA GLY F 429 78.59 -26.07 -24.73
C GLY F 429 77.24 -25.38 -24.85
N PRO F 430 76.18 -26.07 -24.44
CA PRO F 430 74.85 -25.46 -24.50
C PRO F 430 74.77 -24.28 -23.56
N PRO F 431 73.88 -23.31 -23.85
CA PRO F 431 73.78 -22.13 -22.97
C PRO F 431 73.35 -22.49 -21.55
N ALA F 432 72.74 -23.66 -21.35
CA ALA F 432 72.33 -24.13 -20.03
C ALA F 432 71.31 -23.19 -19.39
N GLY F 433 70.57 -22.48 -20.23
CA GLY F 433 69.54 -21.57 -19.77
C GLY F 433 68.39 -21.52 -20.75
N PRO F 434 67.27 -20.92 -20.32
CA PRO F 434 66.13 -20.79 -21.23
C PRO F 434 66.50 -19.97 -22.46
N ALA F 435 66.43 -20.63 -23.61
CA ALA F 435 66.78 -19.97 -24.87
C ALA F 435 65.80 -18.84 -25.16
N LEU F 436 66.33 -17.74 -25.69
CA LEU F 436 65.49 -16.59 -26.00
C LEU F 436 64.51 -16.97 -27.12
N PRO F 437 63.27 -16.49 -27.04
CA PRO F 437 62.27 -16.86 -28.06
C PRO F 437 62.52 -16.15 -29.38
N ILE F 438 63.46 -16.70 -30.15
CA ILE F 438 63.88 -16.06 -31.40
C ILE F 438 62.72 -15.99 -32.39
N GLU F 439 61.94 -17.07 -32.50
CA GLU F 439 60.82 -17.06 -33.45
C GLU F 439 59.72 -16.11 -33.01
N ALA F 440 59.44 -16.04 -31.70
CA ALA F 440 58.46 -15.08 -31.20
C ALA F 440 58.93 -13.65 -31.47
N VAL F 441 60.23 -13.39 -31.28
CA VAL F 441 60.78 -12.07 -31.58
C VAL F 441 60.59 -11.74 -33.06
N ILE F 442 60.95 -12.69 -33.93
CA ILE F 442 60.78 -12.52 -35.37
C ILE F 442 59.34 -12.12 -35.70
N LEU F 443 58.39 -12.95 -35.27
CA LEU F 443 56.98 -12.69 -35.55
C LEU F 443 56.55 -11.34 -35.01
N SER F 444 57.03 -10.97 -33.81
CA SER F 444 56.69 -9.68 -33.24
C SER F 444 57.19 -8.53 -34.12
N LEU F 445 58.42 -8.64 -34.64
CA LEU F 445 58.89 -7.59 -35.56
C LEU F 445 58.00 -7.45 -36.78
N GLN F 446 57.82 -8.52 -37.58
CA GLN F 446 57.00 -8.30 -38.77
C GLN F 446 55.56 -7.92 -38.42
N ASP F 447 55.08 -8.32 -37.24
CA ASP F 447 53.80 -7.79 -36.78
C ASP F 447 53.85 -6.28 -36.58
N LEU F 448 54.96 -5.78 -36.04
CA LEU F 448 55.06 -4.34 -35.81
C LEU F 448 55.14 -3.56 -37.12
N ILE F 449 55.95 -4.04 -38.08
CA ILE F 449 55.97 -3.36 -39.38
C ILE F 449 54.61 -3.46 -40.08
N GLY F 450 53.95 -4.60 -39.93
CA GLY F 450 52.59 -4.73 -40.45
C GLY F 450 51.61 -3.83 -39.74
N TYR F 451 51.97 -3.39 -38.54
CA TYR F 451 51.22 -2.31 -37.88
C TYR F 451 51.67 -0.95 -38.40
N PHE F 452 52.87 -0.90 -38.98
CA PHE F 452 53.52 0.34 -39.39
C PHE F 452 53.70 0.50 -40.90
N GLU F 453 52.78 0.02 -41.74
CA GLU F 453 52.83 0.40 -43.15
C GLU F 453 53.03 1.91 -43.30
N PRO F 454 53.76 2.35 -44.33
CA PRO F 454 53.52 3.68 -44.87
C PRO F 454 52.29 3.67 -45.75
N PRO F 455 51.50 4.75 -45.77
CA PRO F 455 50.28 4.73 -46.57
C PRO F 455 50.58 4.55 -48.05
N SER F 456 49.73 3.79 -48.73
CA SER F 456 49.88 3.61 -50.16
C SER F 456 49.52 4.91 -50.88
N GLU F 457 50.36 5.29 -51.85
CA GLU F 457 50.21 6.58 -52.48
C GLU F 457 48.96 6.65 -53.35
N GLU F 458 48.45 5.49 -53.77
CA GLU F 458 47.27 5.47 -54.64
C GLU F 458 46.02 5.94 -53.90
N LEU F 459 46.01 5.83 -52.57
CA LEU F 459 44.84 6.21 -51.80
C LEU F 459 44.57 7.71 -51.93
N GLN F 460 43.28 8.06 -51.87
CA GLN F 460 42.89 9.45 -51.98
C GLN F 460 43.39 10.25 -50.78
N HIS F 461 43.34 11.57 -50.92
CA HIS F 461 43.98 12.46 -49.94
C HIS F 461 43.32 12.33 -48.57
N GLU F 462 42.00 12.12 -48.53
CA GLU F 462 41.30 12.04 -47.25
C GLU F 462 41.80 10.87 -46.40
N GLU F 463 41.67 9.64 -46.92
CA GLU F 463 42.09 8.48 -46.14
C GLU F 463 43.61 8.46 -45.99
N LYS F 464 44.33 9.02 -46.96
CA LYS F 464 45.77 9.16 -46.79
C LYS F 464 46.10 9.98 -45.55
N GLN F 465 45.51 11.17 -45.42
CA GLN F 465 45.74 12.00 -44.25
C GLN F 465 45.27 11.30 -42.98
N SER F 466 44.15 10.59 -43.05
CA SER F 466 43.63 9.89 -41.87
C SER F 466 44.64 8.88 -41.35
N LYS F 467 45.12 8.00 -42.22
CA LYS F 467 46.08 7.00 -41.79
C LYS F 467 47.40 7.67 -41.43
N LEU F 468 47.71 8.81 -42.04
CA LEU F 468 48.93 9.54 -41.69
C LEU F 468 48.91 10.03 -40.25
N ARG F 469 47.86 10.74 -39.83
CA ARG F 469 47.91 11.22 -38.46
C ARG F 469 47.64 10.09 -37.47
N SER F 470 46.95 9.04 -37.91
CA SER F 470 46.85 7.87 -37.04
C SER F 470 48.23 7.25 -36.79
N LEU F 471 49.02 7.10 -37.84
CA LEU F 471 50.37 6.55 -37.68
C LEU F 471 51.25 7.46 -36.85
N ARG F 472 51.13 8.78 -37.06
CA ARG F 472 51.88 9.72 -36.22
C ARG F 472 51.47 9.58 -34.76
N ASN F 473 50.18 9.40 -34.49
CA ASN F 473 49.70 9.25 -33.13
C ASN F 473 50.27 7.99 -32.48
N ARG F 474 50.24 6.86 -33.21
CA ARG F 474 50.82 5.63 -32.68
C ARG F 474 52.31 5.79 -32.42
N GLN F 475 53.03 6.42 -33.34
CA GLN F 475 54.46 6.64 -33.14
C GLN F 475 54.71 7.50 -31.90
N SER F 476 53.89 8.53 -31.70
CA SER F 476 54.06 9.40 -30.54
C SER F 476 53.86 8.61 -29.24
N LEU F 477 52.80 7.81 -29.15
CA LEU F 477 52.64 6.98 -27.96
C LEU F 477 53.78 6.00 -27.78
N PHE F 478 54.25 5.39 -28.88
CA PHE F 478 55.26 4.36 -28.74
C PHE F 478 56.59 4.94 -28.28
N GLN F 479 56.92 6.15 -28.74
CA GLN F 479 58.11 6.80 -28.21
C GLN F 479 57.87 7.35 -26.81
N GLU F 480 56.60 7.64 -26.48
CA GLU F 480 56.30 8.14 -25.14
C GLU F 480 56.55 7.08 -24.07
N GLU F 481 56.00 5.87 -24.27
CA GLU F 481 56.40 4.76 -23.39
C GLU F 481 57.79 4.25 -23.73
N GLY F 482 58.37 4.73 -24.83
CA GLY F 482 59.78 4.57 -25.07
C GLY F 482 60.26 3.19 -25.42
N MET F 483 59.46 2.39 -26.13
CA MET F 483 59.97 1.13 -26.65
C MET F 483 61.05 1.36 -27.71
N LEU F 484 61.14 2.58 -28.23
CA LEU F 484 62.26 2.93 -29.10
C LEU F 484 63.58 2.79 -28.35
N SER F 485 63.62 3.26 -27.09
CA SER F 485 64.82 3.09 -26.28
C SER F 485 65.12 1.61 -26.07
N LEU F 486 64.08 0.80 -25.89
CA LEU F 486 64.27 -0.64 -25.77
C LEU F 486 64.87 -1.22 -27.05
N VAL F 487 64.41 -0.75 -28.21
CA VAL F 487 64.99 -1.18 -29.48
C VAL F 487 66.45 -0.75 -29.57
N LEU F 488 66.77 0.45 -29.09
CA LEU F 488 68.17 0.88 -29.08
C LEU F 488 69.02 -0.04 -28.22
N ASN F 489 68.51 -0.42 -27.06
CA ASN F 489 69.23 -1.36 -26.20
C ASN F 489 69.44 -2.69 -26.91
N CYS F 490 68.39 -3.23 -27.55
CA CYS F 490 68.54 -4.49 -28.26
C CYS F 490 69.56 -4.38 -29.38
N ILE F 491 69.52 -3.28 -30.14
CA ILE F 491 70.46 -3.08 -31.24
C ILE F 491 71.89 -3.03 -30.72
N ASP F 492 72.13 -2.28 -29.64
CA ASP F 492 73.48 -2.20 -29.11
C ASP F 492 73.96 -3.56 -28.61
N ARG F 493 73.11 -4.29 -27.88
CA ARG F 493 73.53 -5.56 -27.31
C ARG F 493 73.72 -6.62 -28.39
N LEU F 494 73.07 -6.44 -29.54
CA LEU F 494 73.33 -7.35 -30.66
C LEU F 494 74.59 -6.97 -31.41
N ASN F 495 74.84 -5.68 -31.59
CA ASN F 495 75.96 -5.25 -32.43
C ASN F 495 77.27 -5.20 -31.66
N VAL F 496 77.24 -5.41 -30.34
CA VAL F 496 78.51 -5.67 -29.65
C VAL F 496 79.17 -6.92 -30.22
N TYR F 497 78.38 -7.83 -30.77
CA TYR F 497 78.92 -8.98 -31.48
C TYR F 497 78.96 -8.69 -32.97
N THR F 498 80.18 -8.70 -33.55
CA THR F 498 80.36 -8.25 -34.92
C THR F 498 79.69 -9.19 -35.91
N THR F 499 79.84 -10.50 -35.71
CA THR F 499 79.44 -11.49 -36.71
C THR F 499 78.43 -12.44 -36.07
N ALA F 500 77.63 -13.09 -36.92
CA ALA F 500 76.68 -14.08 -36.42
C ALA F 500 77.39 -15.21 -35.68
N ALA F 501 78.52 -15.68 -36.21
CA ALA F 501 79.29 -16.71 -35.52
C ALA F 501 79.86 -16.18 -34.20
N HIS F 502 80.31 -14.91 -34.20
CA HIS F 502 80.84 -14.32 -32.97
C HIS F 502 79.76 -14.24 -31.90
N PHE F 503 78.54 -13.90 -32.29
CA PHE F 503 77.40 -13.99 -31.39
C PHE F 503 77.15 -15.44 -30.98
N ALA F 504 77.38 -16.38 -31.90
CA ALA F 504 77.09 -17.78 -31.65
C ALA F 504 77.96 -18.35 -30.54
N GLU F 505 79.26 -18.02 -30.54
CA GLU F 505 80.13 -18.61 -29.52
C GLU F 505 79.71 -18.16 -28.13
N TYR F 506 78.89 -17.11 -28.03
CA TYR F 506 78.45 -16.65 -26.72
C TYR F 506 77.03 -17.11 -26.40
N ALA F 507 76.16 -17.21 -27.42
CA ALA F 507 74.74 -17.40 -27.18
C ALA F 507 74.20 -18.74 -27.66
N GLY F 508 74.79 -19.32 -28.70
CA GLY F 508 74.26 -20.54 -29.29
C GLY F 508 74.30 -20.52 -30.81
N GLU F 509 74.42 -21.71 -31.38
CA GLU F 509 74.57 -21.82 -32.84
C GLU F 509 73.24 -21.61 -33.54
N GLU F 510 72.13 -22.00 -32.91
CA GLU F 510 70.83 -21.90 -33.58
C GLU F 510 70.42 -20.45 -33.78
N ALA F 511 70.92 -19.54 -32.95
CA ALA F 511 70.58 -18.13 -33.11
C ALA F 511 71.42 -17.48 -34.20
N ALA F 512 72.54 -18.11 -34.57
CA ALA F 512 73.45 -17.51 -35.54
C ALA F 512 72.79 -17.36 -36.91
N GLU F 513 72.08 -18.39 -37.36
CA GLU F 513 71.40 -18.29 -38.65
C GLU F 513 70.30 -17.23 -38.62
N SER F 514 69.59 -17.12 -37.49
CA SER F 514 68.54 -16.12 -37.38
C SER F 514 69.11 -14.72 -37.20
N TRP F 515 70.34 -14.62 -36.67
CA TRP F 515 70.87 -13.36 -36.19
C TRP F 515 70.89 -12.28 -37.27
N LYS F 516 71.26 -12.65 -38.51
CA LYS F 516 71.35 -11.66 -39.58
C LYS F 516 70.00 -11.00 -39.85
N GLU F 517 68.97 -11.81 -40.08
CA GLU F 517 67.66 -11.23 -40.35
C GLU F 517 67.07 -10.60 -39.09
N ILE F 518 67.48 -11.06 -37.91
CA ILE F 518 67.03 -10.42 -36.68
C ILE F 518 67.49 -8.97 -36.63
N VAL F 519 68.79 -8.74 -36.85
CA VAL F 519 69.30 -7.38 -36.78
C VAL F 519 68.77 -6.55 -37.95
N ASN F 520 68.68 -7.15 -39.14
CA ASN F 520 68.16 -6.41 -40.29
C ASN F 520 66.72 -5.96 -40.05
N LEU F 521 65.87 -6.87 -39.57
CA LEU F 521 64.47 -6.54 -39.32
C LEU F 521 64.33 -5.57 -38.15
N LEU F 522 65.24 -5.63 -37.17
CA LEU F 522 65.20 -4.67 -36.08
C LEU F 522 65.52 -3.26 -36.57
N TYR F 523 66.53 -3.12 -37.43
CA TYR F 523 66.80 -1.82 -38.03
C TYR F 523 65.64 -1.35 -38.90
N GLU F 524 65.02 -2.27 -39.65
CA GLU F 524 63.86 -1.91 -40.45
C GLU F 524 62.71 -1.42 -39.57
N LEU F 525 62.49 -2.09 -38.43
CA LEU F 525 61.46 -1.67 -37.49
C LEU F 525 61.75 -0.29 -36.93
N LEU F 526 63.02 -0.02 -36.57
CA LEU F 526 63.36 1.30 -36.08
C LEU F 526 63.13 2.37 -37.14
N ALA F 527 63.50 2.08 -38.39
CA ALA F 527 63.25 3.02 -39.47
C ALA F 527 61.75 3.28 -39.63
N SER F 528 60.94 2.21 -39.57
CA SER F 528 59.50 2.37 -39.70
C SER F 528 58.93 3.20 -38.56
N LEU F 529 59.47 3.04 -37.35
CA LEU F 529 58.97 3.80 -36.22
C LEU F 529 59.36 5.28 -36.33
N ILE F 530 60.59 5.56 -36.77
CA ILE F 530 61.10 6.93 -36.70
C ILE F 530 60.70 7.75 -37.92
N ARG F 531 60.41 7.08 -39.04
CA ARG F 531 60.07 7.81 -40.25
C ARG F 531 58.83 8.69 -40.02
N GLY F 532 58.99 9.98 -40.34
CA GLY F 532 57.95 10.96 -40.12
C GLY F 532 57.57 11.18 -38.67
N ASN F 533 58.50 11.07 -37.73
CA ASN F 533 58.20 11.27 -36.32
C ASN F 533 59.11 12.35 -35.75
N ARG F 534 58.50 13.49 -35.40
CA ARG F 534 59.24 14.61 -34.83
C ARG F 534 59.98 14.20 -33.56
N ALA F 535 59.32 13.46 -32.68
CA ALA F 535 59.94 13.08 -31.41
C ALA F 535 61.14 12.16 -31.63
N ASN F 536 61.01 11.16 -32.50
CA ASN F 536 62.12 10.24 -32.76
C ASN F 536 63.29 10.96 -33.41
N CYS F 537 63.02 11.83 -34.38
CA CYS F 537 64.11 12.57 -35.00
C CYS F 537 64.76 13.54 -34.04
N ALA F 538 63.98 14.08 -33.09
CA ALA F 538 64.57 14.89 -32.03
C ALA F 538 65.47 14.03 -31.14
N LEU F 539 65.06 12.80 -30.85
CA LEU F 539 65.90 11.90 -30.06
C LEU F 539 67.22 11.63 -30.77
N PHE F 540 67.18 11.38 -32.08
CA PHE F 540 68.43 11.20 -32.82
C PHE F 540 69.23 12.50 -32.89
N SER F 541 68.56 13.64 -32.87
CA SER F 541 69.26 14.91 -32.76
C SER F 541 70.02 15.00 -31.43
N THR F 542 69.42 14.47 -30.36
CA THR F 542 70.15 14.38 -29.10
C THR F 542 71.34 13.44 -29.21
N ASN F 543 71.14 12.24 -29.76
CA ASN F 543 72.22 11.25 -29.88
C ASN F 543 72.33 10.73 -31.32
N LEU F 544 73.06 11.49 -32.14
CA LEU F 544 73.36 11.06 -33.50
C LEU F 544 74.53 10.07 -33.54
N ASP F 545 75.46 10.17 -32.59
CA ASP F 545 76.70 9.42 -32.66
C ASP F 545 76.44 7.92 -32.69
N TRP F 546 75.26 7.49 -32.22
CA TRP F 546 74.89 6.08 -32.32
C TRP F 546 74.85 5.61 -33.77
N VAL F 547 74.10 6.32 -34.61
CA VAL F 547 74.01 5.96 -36.02
C VAL F 547 75.35 6.17 -36.72
N VAL F 548 76.06 7.23 -36.33
CA VAL F 548 77.37 7.50 -36.93
C VAL F 548 78.33 6.35 -36.67
N SER F 549 78.29 5.79 -35.47
CA SER F 549 79.17 4.68 -35.13
C SER F 549 78.75 3.40 -35.85
N LYS F 550 77.45 3.11 -35.88
CA LYS F 550 77.03 1.82 -36.43
C LYS F 550 76.79 1.86 -37.94
N LEU F 551 77.00 3.01 -38.58
CA LEU F 551 76.83 3.07 -40.04
C LEU F 551 77.88 2.21 -40.75
N ASP F 552 79.09 2.14 -40.22
CA ASP F 552 80.16 1.43 -40.91
C ASP F 552 79.93 -0.08 -40.91
N ARG F 553 79.06 -0.57 -40.02
CA ARG F 553 78.81 -2.01 -39.92
C ARG F 553 78.17 -2.54 -41.20
N LEU F 554 78.68 -3.68 -41.67
CA LEU F 554 78.26 -4.22 -42.96
C LEU F 554 76.92 -4.95 -42.86
N GLU F 555 76.63 -5.57 -41.72
CA GLU F 555 75.55 -6.55 -41.66
C GLU F 555 74.20 -5.94 -42.02
N ALA F 556 73.99 -4.66 -41.69
CA ALA F 556 72.72 -3.98 -41.96
C ALA F 556 72.99 -2.59 -42.52
N SER F 557 73.89 -2.53 -43.50
CA SER F 557 74.27 -1.24 -44.09
C SER F 557 73.05 -0.54 -44.67
N SER F 558 72.22 -1.26 -45.44
CA SER F 558 71.05 -0.66 -46.05
C SER F 558 70.07 -0.14 -45.00
N GLY F 559 69.81 -0.94 -43.97
CA GLY F 559 68.87 -0.51 -42.94
C GLY F 559 69.36 0.70 -42.17
N ILE F 560 70.62 0.70 -41.76
CA ILE F 560 71.18 1.83 -41.02
C ILE F 560 71.21 3.08 -41.90
N LEU F 561 71.56 2.91 -43.17
CA LEU F 561 71.57 4.04 -44.09
C LEU F 561 70.17 4.62 -44.29
N GLU F 562 69.16 3.76 -44.39
CA GLU F 562 67.79 4.25 -44.53
C GLU F 562 67.34 4.96 -43.26
N VAL F 563 67.74 4.44 -42.09
CA VAL F 563 67.47 5.12 -40.83
C VAL F 563 68.04 6.52 -40.84
N LEU F 564 69.33 6.64 -41.21
CA LEU F 564 69.96 7.95 -41.25
C LEU F 564 69.30 8.85 -42.28
N TYR F 565 68.88 8.28 -43.41
CA TYR F 565 68.20 9.05 -44.45
C TYR F 565 66.90 9.66 -43.94
N CYS F 566 66.08 8.85 -43.27
CA CYS F 566 64.83 9.36 -42.70
C CYS F 566 65.09 10.42 -41.64
N VAL F 567 66.08 10.17 -40.76
CA VAL F 567 66.38 11.16 -39.71
C VAL F 567 66.82 12.47 -40.33
N LEU F 568 67.71 12.42 -41.33
CA LEU F 568 68.20 13.64 -41.96
C LEU F 568 67.07 14.39 -42.66
N ILE F 569 66.18 13.67 -43.34
CA ILE F 569 65.08 14.33 -44.04
C ILE F 569 64.15 15.02 -43.04
N GLU F 570 63.73 14.30 -42.00
CA GLU F 570 62.69 14.84 -41.14
C GLU F 570 63.24 15.89 -40.18
N SER F 571 64.49 15.74 -39.74
CA SER F 571 65.05 16.58 -38.70
C SER F 571 66.05 17.57 -39.27
N PRO F 572 65.83 18.87 -39.13
CA PRO F 572 66.90 19.83 -39.46
C PRO F 572 67.95 19.97 -38.36
N GLU F 573 67.60 19.63 -37.12
CA GLU F 573 68.51 19.81 -36.00
C GLU F 573 69.73 18.90 -36.13
N VAL F 574 69.54 17.70 -36.66
CA VAL F 574 70.67 16.79 -36.88
C VAL F 574 71.68 17.42 -37.81
N LEU F 575 71.22 18.13 -38.84
CA LEU F 575 72.14 18.78 -39.76
C LEU F 575 72.94 19.86 -39.05
N ASN F 576 72.30 20.57 -38.10
CA ASN F 576 73.03 21.55 -37.31
C ASN F 576 74.08 20.89 -36.43
N ILE F 577 73.75 19.75 -35.84
CA ILE F 577 74.69 19.13 -34.90
C ILE F 577 75.81 18.41 -35.63
N ILE F 578 75.61 18.10 -36.91
CA ILE F 578 76.65 17.39 -37.66
C ILE F 578 77.91 18.23 -37.76
N GLN F 579 79.06 17.60 -37.51
CA GLN F 579 80.36 18.22 -37.67
C GLN F 579 81.09 17.59 -38.85
N GLU F 580 82.35 17.99 -39.02
CA GLU F 580 83.15 17.51 -40.14
C GLU F 580 83.36 16.00 -40.09
N ASN F 581 83.58 15.46 -38.88
CA ASN F 581 83.87 14.04 -38.75
C ASN F 581 82.71 13.18 -39.28
N HIS F 582 81.48 13.60 -39.02
CA HIS F 582 80.33 12.85 -39.48
C HIS F 582 80.26 12.82 -41.01
N ILE F 583 80.49 13.97 -41.65
CA ILE F 583 80.48 14.04 -43.11
C ILE F 583 81.58 13.16 -43.69
N LYS F 584 82.77 13.21 -43.10
CA LYS F 584 83.86 12.35 -43.56
C LYS F 584 83.50 10.89 -43.37
N SER F 585 82.79 10.55 -42.29
CA SER F 585 82.35 9.18 -42.07
C SER F 585 81.37 8.73 -43.14
N ILE F 586 80.44 9.61 -43.53
CA ILE F 586 79.49 9.24 -44.59
C ILE F 586 80.21 9.06 -45.92
N ILE F 587 81.18 9.93 -46.22
CA ILE F 587 81.93 9.78 -47.46
C ILE F 587 82.74 8.48 -47.45
N SER F 588 83.33 8.14 -46.30
CA SER F 588 84.04 6.87 -46.17
C SER F 588 83.08 5.69 -46.33
N LEU F 589 81.85 5.85 -45.85
CA LEU F 589 80.83 4.81 -46.05
C LEU F 589 80.55 4.60 -47.54
N LEU F 590 80.39 5.71 -48.28
CA LEU F 590 80.16 5.57 -49.71
C LEU F 590 81.35 4.91 -50.38
N ASP F 591 82.57 5.28 -49.96
CA ASP F 591 83.77 4.63 -50.50
C ASP F 591 83.76 3.13 -50.24
N LYS F 592 83.47 2.72 -49.00
CA LYS F 592 83.64 1.31 -48.64
C LYS F 592 82.51 0.45 -49.20
N HIS F 593 81.31 0.99 -49.31
CA HIS F 593 80.18 0.24 -49.85
C HIS F 593 79.91 0.51 -51.31
N GLY F 594 80.76 1.30 -51.98
CA GLY F 594 80.58 1.55 -53.39
C GLY F 594 79.54 2.62 -53.66
N ARG F 595 79.32 2.86 -54.96
CA ARG F 595 78.35 3.86 -55.39
C ARG F 595 76.94 3.42 -55.02
N ASN F 596 76.15 4.35 -54.49
CA ASN F 596 74.80 4.05 -54.06
C ASN F 596 73.92 5.29 -54.20
N HIS F 597 72.79 5.11 -54.89
CA HIS F 597 71.82 6.19 -55.01
C HIS F 597 71.29 6.61 -53.64
N LYS F 598 71.08 5.65 -52.75
CA LYS F 598 70.60 5.98 -51.41
C LYS F 598 71.61 6.84 -50.66
N VAL F 599 72.89 6.49 -50.73
CA VAL F 599 73.91 7.25 -50.02
C VAL F 599 74.02 8.65 -50.62
N LEU F 600 73.98 8.75 -51.95
CA LEU F 600 74.08 10.06 -52.58
C LEU F 600 72.87 10.92 -52.23
N ASP F 601 71.69 10.31 -52.13
CA ASP F 601 70.51 11.05 -51.70
C ASP F 601 70.61 11.47 -50.25
N VAL F 602 71.24 10.65 -49.41
CA VAL F 602 71.50 11.05 -48.03
C VAL F 602 72.37 12.30 -48.00
N LEU F 603 73.42 12.32 -48.82
CA LEU F 603 74.28 13.51 -48.88
C LEU F 603 73.50 14.72 -49.39
N CYS F 604 72.65 14.52 -50.40
CA CYS F 604 71.83 15.61 -50.91
C CYS F 604 70.93 16.18 -49.82
N SER F 605 70.28 15.30 -49.05
CA SER F 605 69.42 15.74 -47.97
C SER F 605 70.23 16.46 -46.89
N LEU F 606 71.45 15.99 -46.63
CA LEU F 606 72.32 16.66 -45.67
C LEU F 606 72.65 18.08 -46.13
N CYS F 607 72.76 18.29 -47.44
CA CYS F 607 73.15 19.60 -47.94
C CYS F 607 72.17 20.69 -47.54
N VAL F 608 70.87 20.52 -47.82
CA VAL F 608 69.86 21.55 -47.63
C VAL F 608 68.67 20.94 -46.90
N CYS F 609 67.96 21.76 -46.13
CA CYS F 609 66.79 21.31 -45.37
C CYS F 609 65.87 22.49 -45.09
N ASN F 610 64.57 22.30 -45.35
CA ASN F 610 63.54 23.32 -45.12
C ASN F 610 63.90 24.66 -45.76
N GLY F 611 64.48 24.62 -46.95
CA GLY F 611 64.77 25.84 -47.69
C GLY F 611 65.80 26.75 -47.06
N VAL F 612 66.47 26.30 -46.00
CA VAL F 612 67.55 27.05 -45.37
C VAL F 612 68.80 26.20 -45.42
N ALA F 613 69.92 26.81 -45.78
CA ALA F 613 71.16 26.09 -46.06
C ALA F 613 72.18 26.39 -44.96
N VAL F 614 72.98 25.39 -44.63
CA VAL F 614 74.11 25.55 -43.72
C VAL F 614 75.38 25.67 -44.54
N ARG F 615 75.91 26.90 -44.65
CA ARG F 615 77.06 27.13 -45.50
C ARG F 615 78.28 26.36 -45.00
N SER F 616 78.42 26.22 -43.68
CA SER F 616 79.53 25.42 -43.15
C SER F 616 79.43 23.97 -43.60
N ASN F 617 78.23 23.40 -43.51
CA ASN F 617 78.04 22.01 -43.96
C ASN F 617 78.30 21.88 -45.45
N GLN F 618 77.81 22.82 -46.26
CA GLN F 618 78.06 22.76 -47.70
C GLN F 618 79.55 22.86 -47.99
N ASP F 619 80.26 23.75 -47.30
CA ASP F 619 81.70 23.90 -47.52
C ASP F 619 82.45 22.64 -47.12
N LEU F 620 82.07 22.02 -46.00
CA LEU F 620 82.72 20.77 -45.61
C LEU F 620 82.48 19.69 -46.63
N ILE F 621 81.24 19.55 -47.11
CA ILE F 621 80.92 18.55 -48.13
C ILE F 621 81.78 18.79 -49.37
N THR F 622 81.84 20.04 -49.83
CA THR F 622 82.65 20.37 -50.99
C THR F 622 84.11 20.00 -50.79
N GLU F 623 84.71 20.51 -49.71
CA GLU F 623 86.15 20.33 -49.50
C GLU F 623 86.51 18.86 -49.33
N ASN F 624 85.62 18.07 -48.72
CA ASN F 624 85.90 16.66 -48.49
C ASN F 624 85.69 15.80 -49.73
N LEU F 625 84.63 16.07 -50.51
CA LEU F 625 84.30 15.17 -51.60
C LEU F 625 84.86 15.65 -52.93
N LEU F 626 84.51 16.87 -53.34
CA LEU F 626 84.69 17.27 -54.74
C LEU F 626 86.13 17.34 -55.23
N PRO F 627 87.11 17.90 -54.51
CA PRO F 627 88.41 18.16 -55.14
C PRO F 627 89.14 16.90 -55.62
N GLY F 628 88.80 15.73 -55.07
CA GLY F 628 89.47 14.52 -55.50
C GLY F 628 89.11 14.11 -56.91
N ARG F 629 87.81 14.12 -57.23
CA ARG F 629 87.19 13.69 -58.49
C ARG F 629 87.26 12.19 -58.71
N GLU F 630 87.94 11.42 -57.85
CA GLU F 630 88.07 9.99 -58.10
C GLU F 630 86.75 9.26 -57.89
N LEU F 631 86.00 9.66 -56.87
CA LEU F 631 84.82 8.91 -56.47
C LEU F 631 83.70 9.03 -57.48
N LEU F 632 83.49 10.22 -58.04
CA LEU F 632 82.35 10.52 -58.89
C LEU F 632 82.85 10.77 -60.31
N LEU F 633 82.06 10.33 -61.29
CA LEU F 633 82.46 10.46 -62.68
C LEU F 633 82.60 11.92 -63.07
N GLN F 634 83.64 12.22 -63.84
CA GLN F 634 83.92 13.57 -64.32
C GLN F 634 83.94 13.55 -65.84
N THR F 635 83.54 14.67 -66.44
CA THR F 635 83.40 14.80 -67.88
C THR F 635 84.51 15.70 -68.43
N ASN F 636 84.79 15.56 -69.72
CA ASN F 636 85.68 16.46 -70.44
C ASN F 636 85.34 16.43 -71.93
N LEU F 637 85.14 17.60 -72.52
CA LEU F 637 84.91 17.68 -73.95
C LEU F 637 86.19 17.30 -74.70
N ILE F 638 86.11 16.23 -75.48
CA ILE F 638 87.26 15.68 -76.18
C ILE F 638 86.94 15.61 -77.68
N ASN F 639 87.88 16.07 -78.50
CA ASN F 639 87.72 15.97 -79.94
C ASN F 639 87.92 14.53 -80.39
N TYR F 640 87.18 14.15 -81.43
CA TYR F 640 87.33 12.81 -81.99
C TYR F 640 88.69 12.64 -82.64
N VAL F 641 89.24 11.44 -82.54
CA VAL F 641 90.57 11.10 -83.05
C VAL F 641 90.40 10.00 -84.09
N THR F 642 90.96 10.21 -85.28
CA THR F 642 90.79 9.25 -86.37
C THR F 642 92.13 8.88 -86.95
N SER F 643 92.32 7.58 -87.19
CA SER F 643 93.58 7.04 -87.67
C SER F 643 93.43 6.51 -89.08
N ILE F 644 94.52 6.56 -89.84
CA ILE F 644 94.57 6.01 -91.19
C ILE F 644 95.94 5.38 -91.43
N ARG F 645 95.96 4.29 -92.18
CA ARG F 645 97.16 3.55 -92.52
C ARG F 645 97.25 3.36 -94.03
N PRO F 646 98.43 3.17 -94.59
CA PRO F 646 98.53 2.51 -95.89
C PRO F 646 98.44 0.99 -95.71
N ASN F 647 98.09 0.29 -96.79
CA ASN F 647 97.93 -1.17 -96.73
C ASN F 647 99.28 -1.84 -96.98
N ILE F 648 100.23 -1.53 -96.11
CA ILE F 648 101.59 -2.09 -96.17
C ILE F 648 101.92 -2.67 -94.81
N PHE F 649 102.33 -3.93 -94.79
CA PHE F 649 102.52 -4.69 -93.56
C PHE F 649 103.91 -5.31 -93.56
N VAL F 650 104.62 -5.18 -92.44
CA VAL F 650 105.94 -5.75 -92.27
C VAL F 650 105.95 -6.57 -90.99
N GLY F 651 106.46 -7.79 -91.07
CA GLY F 651 106.61 -8.64 -89.90
C GLY F 651 107.77 -9.58 -90.08
N ARG F 652 108.63 -9.64 -89.06
CA ARG F 652 109.87 -10.40 -89.11
C ARG F 652 109.76 -11.62 -88.22
N ALA F 653 110.08 -12.78 -88.77
CA ALA F 653 110.15 -14.03 -88.04
C ALA F 653 110.86 -15.04 -88.93
N GLU F 654 111.05 -16.24 -88.41
CA GLU F 654 111.47 -17.35 -89.26
C GLU F 654 110.46 -17.52 -90.39
N GLY F 655 110.97 -17.56 -91.62
CA GLY F 655 110.13 -17.66 -92.79
C GLY F 655 109.54 -16.35 -93.29
N SER F 656 109.86 -15.22 -92.67
CA SER F 656 109.30 -13.94 -93.09
C SER F 656 109.90 -13.51 -94.42
N THR F 657 109.05 -13.00 -95.32
CA THR F 657 109.53 -12.60 -96.64
C THR F 657 110.03 -11.16 -96.65
N GLN F 658 109.61 -10.36 -95.67
CA GLN F 658 109.90 -8.94 -95.67
C GLN F 658 111.39 -8.69 -95.49
N TYR F 659 111.86 -7.53 -95.95
CA TYR F 659 113.23 -7.12 -95.67
C TYR F 659 113.29 -6.54 -94.26
N GLY F 660 114.46 -6.69 -93.63
CA GLY F 660 114.57 -6.38 -92.21
C GLY F 660 114.28 -4.94 -91.87
N LYS F 661 114.82 -4.00 -92.64
CA LYS F 661 114.77 -2.58 -92.32
C LYS F 661 113.80 -1.86 -93.23
N TRP F 662 112.97 -0.99 -92.65
CA TRP F 662 112.02 -0.19 -93.42
C TRP F 662 112.02 1.23 -92.90
N TYR F 663 111.69 2.17 -93.79
CA TYR F 663 111.81 3.59 -93.51
C TYR F 663 110.79 4.37 -94.34
N PHE F 664 110.04 5.26 -93.68
CA PHE F 664 109.02 6.06 -94.34
C PHE F 664 109.02 7.47 -93.76
N GLU F 665 108.39 8.41 -94.47
CA GLU F 665 108.49 9.82 -94.16
C GLU F 665 107.09 10.45 -94.15
N VAL F 666 106.91 11.45 -93.29
CA VAL F 666 105.64 12.17 -93.17
C VAL F 666 105.98 13.66 -93.10
N MET F 667 105.09 14.50 -93.61
CA MET F 667 105.27 15.95 -93.54
C MET F 667 103.92 16.58 -93.24
N VAL F 668 103.94 17.69 -92.52
CA VAL F 668 102.71 18.33 -92.03
C VAL F 668 102.50 19.61 -92.83
N ASP F 669 101.37 19.69 -93.55
CA ASP F 669 101.17 20.83 -94.44
C ASP F 669 100.77 22.08 -93.66
N GLU F 670 99.74 21.98 -92.82
CA GLU F 670 99.32 23.10 -91.99
C GLU F 670 98.66 22.58 -90.72
N VAL F 671 98.70 23.40 -89.67
CA VAL F 671 98.12 23.05 -88.37
C VAL F 671 97.34 24.25 -87.85
N VAL F 672 96.12 23.98 -87.40
CA VAL F 672 95.35 24.91 -86.58
C VAL F 672 95.60 24.55 -85.13
N PRO F 673 96.18 25.44 -84.32
CA PRO F 673 96.55 25.05 -82.95
C PRO F 673 95.38 24.55 -82.12
N PHE F 674 94.32 25.34 -81.99
CA PHE F 674 93.14 24.98 -81.24
C PHE F 674 91.89 25.25 -82.09
N LEU F 675 91.54 24.29 -82.93
CA LEU F 675 90.27 24.37 -83.67
C LEU F 675 89.11 24.20 -82.71
N THR F 676 89.26 23.33 -81.70
CA THR F 676 88.29 23.16 -80.64
C THR F 676 89.03 23.38 -79.32
N ALA F 677 88.32 23.19 -78.20
CA ALA F 677 88.93 23.39 -76.89
C ALA F 677 90.11 22.46 -76.68
N GLN F 678 89.95 21.18 -77.04
CA GLN F 678 91.05 20.23 -76.89
C GLN F 678 92.14 20.52 -77.91
N ALA F 679 93.39 20.27 -77.51
CA ALA F 679 94.53 20.57 -78.37
C ALA F 679 94.52 19.67 -79.61
N THR F 680 94.74 20.30 -80.76
CA THR F 680 94.90 19.56 -82.01
C THR F 680 96.19 18.75 -81.98
N HIS F 681 96.13 17.50 -82.44
CA HIS F 681 97.28 16.61 -82.39
C HIS F 681 97.44 15.86 -83.71
N LEU F 682 98.68 15.55 -84.04
CA LEU F 682 99.03 14.65 -85.14
C LEU F 682 99.88 13.52 -84.57
N ARG F 683 99.63 12.31 -85.02
CA ARG F 683 100.30 11.12 -84.51
C ARG F 683 100.91 10.38 -85.69
N VAL F 684 102.21 10.13 -85.65
CA VAL F 684 102.90 9.37 -86.69
C VAL F 684 103.63 8.23 -85.99
N GLY F 685 103.37 6.99 -86.40
CA GLY F 685 104.03 5.89 -85.72
C GLY F 685 103.85 4.55 -86.40
N TRP F 686 104.39 3.54 -85.73
CA TRP F 686 104.30 2.15 -86.16
C TRP F 686 103.37 1.40 -85.21
N ALA F 687 102.49 0.58 -85.76
CA ALA F 687 101.50 -0.15 -84.98
C ALA F 687 101.45 -1.60 -85.43
N LEU F 688 101.24 -2.51 -84.47
CA LEU F 688 101.11 -3.92 -84.79
C LEU F 688 99.71 -4.21 -85.30
N THR F 689 99.62 -5.09 -86.29
CA THR F 689 98.34 -5.34 -86.95
C THR F 689 97.31 -5.92 -85.99
N GLU F 690 97.65 -6.99 -85.29
CA GLU F 690 96.71 -7.66 -84.41
C GLU F 690 96.65 -6.97 -83.06
N GLY F 691 95.44 -6.66 -82.60
CA GLY F 691 95.24 -6.08 -81.30
C GLY F 691 95.22 -4.56 -81.24
N TYR F 692 95.62 -3.88 -82.31
CA TYR F 692 95.54 -2.44 -82.40
C TYR F 692 94.24 -2.07 -83.12
N SER F 693 93.23 -1.69 -82.34
CA SER F 693 91.91 -1.34 -82.88
C SER F 693 91.52 0.04 -82.35
N PRO F 694 92.04 1.10 -82.95
CA PRO F 694 91.63 2.45 -82.53
C PRO F 694 90.15 2.67 -82.81
N TYR F 695 89.37 2.76 -81.73
CA TYR F 695 87.93 2.87 -81.82
C TYR F 695 87.52 4.33 -81.60
N PRO F 696 86.78 4.92 -82.53
CA PRO F 696 86.46 6.34 -82.41
C PRO F 696 85.68 6.65 -81.14
N GLY F 697 86.03 7.80 -80.56
CA GLY F 697 85.35 8.26 -79.36
C GLY F 697 85.83 7.61 -78.09
N GLY F 698 85.01 6.74 -77.52
CA GLY F 698 85.36 6.10 -76.26
C GLY F 698 86.63 5.28 -76.39
N GLY F 699 87.54 5.48 -75.43
CA GLY F 699 88.80 4.78 -75.42
C GLY F 699 89.40 4.74 -74.03
N GLU F 700 90.61 4.20 -73.95
CA GLU F 700 91.29 4.10 -72.67
C GLU F 700 91.62 5.48 -72.12
N GLY F 701 91.47 5.62 -70.81
CA GLY F 701 91.73 6.91 -70.18
C GLY F 701 90.74 7.96 -70.65
N TRP F 702 91.27 9.11 -71.07
CA TRP F 702 90.40 10.18 -71.56
C TRP F 702 89.85 9.86 -72.95
N GLY F 703 90.29 8.75 -73.54
CA GLY F 703 89.79 8.35 -74.83
C GLY F 703 90.52 9.03 -75.98
N GLY F 704 89.95 8.88 -77.17
CA GLY F 704 90.61 9.37 -78.36
C GLY F 704 91.96 8.72 -78.59
N ASN F 705 92.04 7.40 -78.37
CA ASN F 705 93.32 6.71 -78.45
C ASN F 705 93.80 6.61 -79.89
N GLY F 706 94.97 7.19 -80.15
CA GLY F 706 95.61 7.04 -81.44
C GLY F 706 96.83 6.14 -81.31
N VAL F 707 97.71 6.22 -82.32
CA VAL F 707 98.96 5.47 -82.23
C VAL F 707 99.82 6.07 -81.12
N GLY F 708 100.42 5.20 -80.32
CA GLY F 708 101.12 5.63 -79.12
C GLY F 708 100.23 5.79 -77.91
N ASP F 709 98.92 5.64 -78.05
CA ASP F 709 97.98 5.72 -76.93
C ASP F 709 97.57 4.35 -76.40
N ASP F 710 98.13 3.27 -76.95
CA ASP F 710 97.89 1.93 -76.44
C ASP F 710 99.20 1.15 -76.49
N LEU F 711 99.24 0.06 -75.72
CA LEU F 711 100.47 -0.72 -75.63
C LEU F 711 100.87 -1.27 -77.00
N TYR F 712 99.90 -1.60 -77.84
CA TYR F 712 100.22 -2.17 -79.15
C TYR F 712 100.78 -1.11 -80.10
N SER F 713 100.51 0.16 -79.82
CA SER F 713 100.89 1.24 -80.73
C SER F 713 102.02 2.06 -80.13
N TYR F 714 102.80 2.72 -80.99
CA TYR F 714 103.92 3.55 -80.58
C TYR F 714 103.91 4.81 -81.42
N GLY F 715 104.09 5.96 -80.79
CA GLY F 715 103.98 7.23 -81.48
C GLY F 715 105.05 8.21 -81.06
N PHE F 716 105.34 9.15 -81.96
CA PHE F 716 106.30 10.22 -81.71
C PHE F 716 105.55 11.55 -81.79
N ASP F 717 105.46 12.23 -80.65
CA ASP F 717 104.64 13.44 -80.57
C ASP F 717 105.25 14.60 -81.34
N GLY F 718 106.58 14.67 -81.37
CA GLY F 718 107.30 15.86 -81.75
C GLY F 718 107.88 16.61 -80.58
N LEU F 719 107.30 16.44 -79.40
CA LEU F 719 107.89 16.85 -78.13
C LEU F 719 108.14 15.68 -77.19
N HIS F 720 107.46 14.56 -77.37
CA HIS F 720 107.55 13.44 -76.45
C HIS F 720 107.44 12.14 -77.23
N LEU F 721 107.40 11.04 -76.49
CA LEU F 721 107.27 9.69 -77.04
C LEU F 721 106.11 9.00 -76.33
N TRP F 722 105.24 8.36 -77.10
CA TRP F 722 103.96 7.86 -76.60
C TRP F 722 103.87 6.36 -76.76
N THR F 723 103.51 5.68 -75.68
CA THR F 723 103.15 4.27 -75.71
C THR F 723 102.25 3.96 -74.53
N GLY F 724 101.24 3.13 -74.76
CA GLY F 724 100.33 2.74 -73.69
C GLY F 724 99.60 3.89 -73.04
N HIS F 725 99.22 4.89 -73.83
CA HIS F 725 98.60 6.13 -73.36
C HIS F 725 99.50 6.89 -72.39
N VAL F 726 100.81 6.65 -72.43
CA VAL F 726 101.76 7.30 -71.55
C VAL F 726 102.77 8.05 -72.41
N ALA F 727 103.04 9.30 -72.04
CA ALA F 727 103.95 10.17 -72.77
C ALA F 727 105.16 10.50 -71.91
N ARG F 728 106.35 10.28 -72.45
CA ARG F 728 107.60 10.65 -71.81
C ARG F 728 108.35 11.61 -72.72
N PRO F 729 108.73 12.80 -72.24
CA PRO F 729 109.39 13.77 -73.13
C PRO F 729 110.69 13.22 -73.71
N VAL F 730 110.89 13.47 -75.00
CA VAL F 730 112.07 13.03 -75.72
C VAL F 730 112.88 14.24 -76.13
N THR F 731 114.18 14.21 -75.85
CA THR F 731 115.04 15.33 -76.19
C THR F 731 115.31 15.36 -77.70
N SER F 732 115.30 16.57 -78.26
CA SER F 732 115.58 16.77 -79.67
C SER F 732 116.26 18.12 -79.84
N PRO F 733 117.24 18.22 -80.75
CA PRO F 733 117.89 19.50 -80.99
C PRO F 733 116.93 20.50 -81.61
N GLY F 734 116.87 21.69 -81.01
CA GLY F 734 115.90 22.68 -81.46
C GLY F 734 114.47 22.19 -81.38
N GLN F 735 114.11 21.58 -80.25
CA GLN F 735 112.86 20.83 -80.16
C GLN F 735 111.65 21.75 -80.28
N HIS F 736 110.67 21.30 -81.06
CA HIS F 736 109.39 21.97 -81.17
C HIS F 736 108.34 20.96 -81.64
N LEU F 737 107.08 21.25 -81.33
CA LEU F 737 106.01 20.35 -81.72
C LEU F 737 105.81 20.37 -83.24
N LEU F 738 105.06 19.38 -83.73
CA LEU F 738 104.74 19.33 -85.16
C LEU F 738 104.06 20.61 -85.59
N ALA F 739 104.67 21.27 -86.57
CA ALA F 739 104.23 22.54 -87.12
C ALA F 739 104.15 22.41 -88.64
N PRO F 740 103.46 23.33 -89.31
CA PRO F 740 103.41 23.27 -90.77
C PRO F 740 104.81 23.25 -91.39
N GLU F 741 104.97 22.42 -92.41
CA GLU F 741 106.19 22.17 -93.18
C GLU F 741 107.20 21.32 -92.43
N ASP F 742 106.87 20.80 -91.24
CA ASP F 742 107.78 19.91 -90.54
C ASP F 742 107.75 18.52 -91.15
N VAL F 743 108.89 17.83 -91.11
CA VAL F 743 109.06 16.50 -91.69
C VAL F 743 109.58 15.56 -90.61
N VAL F 744 108.89 14.43 -90.44
CA VAL F 744 109.26 13.42 -89.46
C VAL F 744 109.46 12.09 -90.20
N SER F 745 110.60 11.45 -89.95
CA SER F 745 110.96 10.20 -90.61
C SER F 745 111.07 9.11 -89.55
N CYS F 746 110.52 7.93 -89.86
CA CYS F 746 110.48 6.83 -88.90
C CYS F 746 111.36 5.70 -89.37
N CYS F 747 111.99 5.00 -88.43
CA CYS F 747 112.89 3.90 -88.72
C CYS F 747 112.58 2.76 -87.76
N LEU F 748 112.44 1.54 -88.30
CA LEU F 748 112.17 0.37 -87.49
C LEU F 748 112.99 -0.80 -88.01
N ASP F 749 113.85 -1.34 -87.16
CA ASP F 749 114.65 -2.51 -87.47
C ASP F 749 114.16 -3.66 -86.61
N LEU F 750 113.52 -4.65 -87.24
CA LEU F 750 112.90 -5.73 -86.49
C LEU F 750 113.94 -6.67 -85.90
N SER F 751 115.18 -6.60 -86.38
CA SER F 751 116.20 -7.54 -85.93
C SER F 751 116.59 -7.30 -84.48
N VAL F 752 116.72 -6.02 -84.08
CA VAL F 752 117.22 -5.73 -82.73
C VAL F 752 116.28 -6.25 -81.64
N PRO F 753 114.97 -5.96 -81.64
CA PRO F 753 114.18 -4.99 -82.42
C PRO F 753 114.31 -3.57 -81.87
N SER F 754 114.23 -2.56 -82.75
CA SER F 754 114.45 -1.18 -82.35
C SER F 754 113.65 -0.24 -83.25
N ILE F 755 113.29 0.92 -82.68
CA ILE F 755 112.62 1.99 -83.41
C ILE F 755 113.34 3.29 -83.12
N SER F 756 113.47 4.15 -84.13
CA SER F 756 114.09 5.46 -84.00
C SER F 756 113.36 6.44 -84.92
N PHE F 757 113.63 7.73 -84.70
CA PHE F 757 112.94 8.78 -85.44
C PHE F 757 113.91 9.91 -85.74
N ARG F 758 113.59 10.69 -86.77
CA ARG F 758 114.35 11.89 -87.10
C ARG F 758 113.38 13.00 -87.49
N ILE F 759 113.76 14.24 -87.21
CA ILE F 759 112.91 15.40 -87.44
C ILE F 759 113.60 16.35 -88.41
N ASN F 760 112.94 16.63 -89.54
CA ASN F 760 113.44 17.57 -90.55
C ASN F 760 114.87 17.25 -90.95
N GLY F 761 115.20 15.96 -90.98
CA GLY F 761 116.56 15.54 -91.26
C GLY F 761 117.49 15.55 -90.06
N CYS F 762 117.02 15.99 -88.90
CA CYS F 762 117.81 15.98 -87.68
C CYS F 762 117.42 14.77 -86.85
N PRO F 763 118.38 13.98 -86.37
CA PRO F 763 118.04 12.75 -85.64
C PRO F 763 117.36 13.04 -84.31
N VAL F 764 116.43 12.16 -83.96
CA VAL F 764 115.80 12.16 -82.64
C VAL F 764 116.34 10.99 -81.85
N GLN F 765 116.91 11.28 -80.69
CA GLN F 765 117.56 10.28 -79.85
C GLN F 765 116.54 9.61 -78.91
N GLY F 766 115.61 8.89 -79.54
CA GLY F 766 114.65 8.09 -78.80
C GLY F 766 114.54 6.70 -79.41
N VAL F 767 114.64 5.69 -78.54
CA VAL F 767 114.74 4.30 -78.98
C VAL F 767 113.70 3.46 -78.25
N PHE F 768 112.93 2.70 -79.01
CA PHE F 768 112.17 1.56 -78.50
C PHE F 768 113.02 0.31 -78.70
N GLU F 769 112.94 -0.63 -77.76
CA GLU F 769 113.65 -1.89 -77.89
C GLU F 769 112.86 -3.01 -77.22
N ALA F 770 113.17 -4.24 -77.60
CA ALA F 770 112.61 -5.44 -76.97
C ALA F 770 111.09 -5.49 -77.07
N PHE F 771 110.51 -4.75 -78.01
CA PHE F 771 109.07 -4.83 -78.22
C PHE F 771 108.70 -6.12 -78.93
N ASN F 772 107.56 -6.68 -78.54
CA ASN F 772 107.15 -7.99 -79.02
C ASN F 772 106.88 -7.97 -80.53
N LEU F 773 107.15 -9.10 -81.17
CA LEU F 773 106.93 -9.28 -82.60
C LEU F 773 105.69 -10.11 -82.90
N ASP F 774 104.60 -9.89 -82.17
CA ASP F 774 103.44 -10.78 -82.26
C ASP F 774 102.87 -10.83 -83.67
N GLY F 775 102.80 -9.68 -84.35
CA GLY F 775 102.18 -9.61 -85.65
C GLY F 775 102.87 -8.61 -86.56
N LEU F 776 102.24 -8.38 -87.71
CA LEU F 776 102.79 -7.47 -88.71
C LEU F 776 102.74 -6.03 -88.20
N PHE F 777 103.64 -5.22 -88.74
CA PHE F 777 103.70 -3.79 -88.42
C PHE F 777 103.30 -2.97 -89.63
N PHE F 778 102.59 -1.87 -89.40
CA PHE F 778 102.21 -0.96 -90.47
C PHE F 778 102.41 0.48 -90.01
N PRO F 779 102.81 1.38 -90.90
CA PRO F 779 102.81 2.81 -90.55
C PRO F 779 101.38 3.30 -90.41
N VAL F 780 101.17 4.25 -89.50
CA VAL F 780 99.84 4.76 -89.22
C VAL F 780 99.94 6.18 -88.65
N VAL F 781 98.98 7.02 -89.05
CA VAL F 781 98.88 8.37 -88.54
C VAL F 781 97.50 8.56 -87.92
N SER F 782 97.49 9.05 -86.69
CA SER F 782 96.27 9.31 -85.93
C SER F 782 96.14 10.81 -85.72
N PHE F 783 95.15 11.43 -86.34
CA PHE F 783 95.02 12.87 -86.36
C PHE F 783 93.75 13.30 -85.65
N SER F 784 93.77 14.50 -85.08
CA SER F 784 92.54 15.21 -84.77
C SER F 784 92.17 16.11 -85.93
N ALA F 785 91.01 16.77 -85.81
CA ALA F 785 90.49 17.56 -86.91
C ALA F 785 91.33 18.82 -87.15
N GLY F 786 91.20 19.37 -88.34
CA GLY F 786 91.85 20.62 -88.70
C GLY F 786 93.27 20.51 -89.20
N VAL F 787 93.67 19.37 -89.76
CA VAL F 787 95.04 19.14 -90.19
C VAL F 787 95.06 18.55 -91.59
N LYS F 788 96.15 18.83 -92.32
CA LYS F 788 96.46 18.24 -93.61
C LYS F 788 97.88 17.67 -93.53
N VAL F 789 98.04 16.43 -93.98
CA VAL F 789 99.31 15.71 -93.83
C VAL F 789 99.65 15.03 -95.15
N ARG F 790 100.93 15.09 -95.53
CA ARG F 790 101.40 14.45 -96.74
C ARG F 790 102.33 13.30 -96.38
N PHE F 791 102.00 12.11 -96.88
CA PHE F 791 102.66 10.86 -96.51
C PHE F 791 103.51 10.40 -97.68
N LEU F 792 104.75 10.01 -97.39
CA LEU F 792 105.76 9.70 -98.41
C LEU F 792 106.38 8.34 -98.11
N LEU F 793 106.36 7.46 -99.11
CA LEU F 793 107.07 6.19 -99.05
C LEU F 793 108.27 6.14 -99.99
N GLY F 794 108.49 7.19 -100.78
CA GLY F 794 109.60 7.23 -101.69
C GLY F 794 109.32 6.45 -102.98
N GLY F 795 110.21 6.65 -103.95
CA GLY F 795 110.10 5.93 -105.21
C GLY F 795 108.83 6.29 -105.95
N ARG F 796 107.98 5.27 -106.16
CA ARG F 796 106.72 5.49 -106.86
C ARG F 796 105.82 6.47 -106.10
N HIS F 797 105.81 6.38 -104.79
CA HIS F 797 104.92 7.18 -103.95
C HIS F 797 105.75 8.15 -103.12
N GLY F 798 105.85 9.40 -103.60
CA GLY F 798 106.59 10.42 -102.88
C GLY F 798 108.10 10.25 -102.98
N GLU F 799 108.80 10.98 -102.12
CA GLU F 799 110.25 10.91 -102.06
C GLU F 799 110.70 10.91 -100.61
N PHE F 800 112.02 10.98 -100.43
CA PHE F 800 112.64 11.13 -99.13
C PHE F 800 113.50 12.38 -99.17
N LYS F 801 113.01 13.48 -98.58
CA LYS F 801 113.64 14.78 -98.81
C LYS F 801 115.02 14.86 -98.17
N PHE F 802 115.35 13.88 -97.34
CA PHE F 802 116.74 13.62 -96.95
C PHE F 802 117.03 12.15 -97.18
N LEU F 803 118.31 11.83 -97.34
CA LEU F 803 118.70 10.47 -97.72
C LEU F 803 118.28 9.47 -96.65
N PRO F 804 117.75 8.31 -97.04
CA PRO F 804 117.25 7.36 -96.06
C PRO F 804 118.38 6.82 -95.21
N PRO F 805 118.07 6.32 -94.02
CA PRO F 805 119.13 5.77 -93.15
C PRO F 805 119.85 4.63 -93.85
N PRO F 806 121.16 4.50 -93.64
CA PRO F 806 121.91 3.43 -94.30
C PRO F 806 121.37 2.06 -93.92
N GLY F 807 121.29 1.17 -94.92
CA GLY F 807 120.77 -0.16 -94.71
C GLY F 807 119.26 -0.25 -94.62
N TYR F 808 118.55 0.84 -94.85
CA TYR F 808 117.09 0.87 -94.76
C TYR F 808 116.50 1.01 -96.16
N ALA F 809 115.70 0.04 -96.56
CA ALA F 809 115.08 0.07 -97.87
C ALA F 809 113.88 1.02 -97.88
N PRO F 810 113.52 1.57 -99.04
CA PRO F 810 112.28 2.36 -99.12
C PRO F 810 111.07 1.53 -98.75
N CYS F 811 110.12 2.17 -98.06
CA CYS F 811 109.05 1.43 -97.41
C CYS F 811 108.02 0.91 -98.43
N HIS F 812 107.83 1.63 -99.53
CA HIS F 812 106.82 1.22 -100.51
C HIS F 812 107.24 -0.06 -101.22
N GLU F 813 108.50 -0.46 -101.09
CA GLU F 813 108.96 -1.70 -101.71
C GLU F 813 108.36 -2.92 -101.04
N ALA F 814 107.70 -2.72 -99.88
CA ALA F 814 107.12 -3.83 -99.15
C ALA F 814 105.76 -4.22 -99.72
N VAL F 815 105.25 -3.44 -100.69
CA VAL F 815 103.92 -3.69 -101.22
C VAL F 815 103.85 -5.06 -101.88
N LEU F 816 102.74 -5.77 -101.65
CA LEU F 816 102.56 -7.09 -102.23
C LEU F 816 102.12 -6.99 -103.67
N PRO F 817 102.38 -8.02 -104.49
CA PRO F 817 102.01 -7.93 -105.91
C PRO F 817 100.53 -7.98 -106.16
N ARG F 818 99.77 -8.73 -105.36
CA ARG F 818 98.35 -8.89 -105.60
C ARG F 818 97.59 -7.58 -105.43
N GLU F 819 97.83 -6.87 -104.34
CA GLU F 819 97.00 -5.73 -103.94
C GLU F 819 97.64 -4.42 -104.39
N ARG F 820 96.83 -3.56 -104.99
CA ARG F 820 97.26 -2.22 -105.33
C ARG F 820 97.26 -1.33 -104.08
N LEU F 821 98.14 -0.33 -104.08
CA LEU F 821 98.33 0.48 -102.89
C LEU F 821 97.09 1.29 -102.57
N ARG F 822 96.65 1.21 -101.31
CA ARG F 822 95.47 1.90 -100.82
C ARG F 822 95.78 2.46 -99.44
N LEU F 823 95.17 3.60 -99.12
CA LEU F 823 95.23 4.17 -97.79
C LEU F 823 93.85 4.04 -97.15
N GLU F 824 93.78 3.29 -96.05
CA GLU F 824 92.50 2.89 -95.49
C GLU F 824 92.42 3.25 -94.01
N PRO F 825 91.22 3.54 -93.50
CA PRO F 825 91.06 3.64 -92.04
C PRO F 825 91.23 2.27 -91.39
N ILE F 826 91.63 2.28 -90.12
CA ILE F 826 91.91 1.04 -89.41
C ILE F 826 90.61 0.45 -88.86
N LYS F 827 90.27 -0.74 -89.35
CA LYS F 827 89.19 -1.56 -88.78
C LYS F 827 87.88 -0.78 -88.69
N GLU F 828 87.65 0.13 -89.64
CA GLU F 828 86.43 0.91 -89.65
C GLU F 828 85.26 0.00 -90.03
N TYR F 829 84.17 0.10 -89.26
CA TYR F 829 83.04 -0.79 -89.47
C TYR F 829 81.92 -0.11 -90.25
N ARG F 830 81.84 1.22 -90.17
CA ARG F 830 80.83 2.00 -90.85
C ARG F 830 81.51 2.90 -91.87
N ARG F 831 81.27 2.64 -93.15
CA ARG F 831 81.91 3.35 -94.25
C ARG F 831 80.87 4.14 -95.03
N GLU F 832 81.15 5.42 -95.27
CA GLU F 832 80.25 6.23 -96.08
C GLU F 832 80.58 6.09 -97.55
N GLY F 833 79.56 6.16 -98.39
CA GLY F 833 79.76 6.20 -99.83
C GLY F 833 78.56 6.85 -100.51
N PRO F 834 78.71 7.18 -101.79
CA PRO F 834 77.56 7.76 -102.52
C PRO F 834 76.38 6.82 -102.56
N ARG F 835 76.62 5.51 -102.56
CA ARG F 835 75.53 4.54 -102.57
C ARG F 835 74.94 4.33 -101.17
N GLY F 836 75.57 4.90 -100.15
CA GLY F 836 74.97 4.93 -98.83
C GLY F 836 75.95 4.80 -97.68
N PRO F 837 75.45 4.97 -96.46
CA PRO F 837 76.23 4.57 -95.28
C PRO F 837 76.12 3.07 -95.06
N HIS F 838 77.23 2.37 -95.21
CA HIS F 838 77.25 0.92 -95.26
C HIS F 838 77.99 0.36 -94.06
N LEU F 839 77.39 -0.63 -93.41
CA LEU F 839 78.06 -1.36 -92.34
C LEU F 839 78.98 -2.42 -92.94
N VAL F 840 80.15 -2.58 -92.33
CA VAL F 840 81.17 -3.51 -92.80
C VAL F 840 81.50 -4.47 -91.67
N GLY F 841 81.60 -5.76 -91.99
CA GLY F 841 81.95 -6.77 -91.03
C GLY F 841 83.44 -6.76 -90.72
N PRO F 842 83.87 -7.66 -89.85
CA PRO F 842 85.30 -7.70 -89.49
C PRO F 842 86.17 -7.99 -90.69
N SER F 843 87.20 -7.16 -90.86
CA SER F 843 88.16 -7.38 -91.93
C SER F 843 89.10 -8.53 -91.59
N ARG F 844 89.58 -9.21 -92.64
CA ARG F 844 90.54 -10.30 -92.50
C ARG F 844 91.91 -9.80 -92.94
N CYS F 845 92.91 -10.03 -92.09
CA CYS F 845 94.26 -9.54 -92.33
C CYS F 845 95.22 -10.71 -92.39
N LEU F 846 96.33 -10.50 -93.11
CA LEU F 846 97.34 -11.53 -93.25
C LEU F 846 98.13 -11.68 -91.96
N SER F 847 98.99 -12.70 -91.91
CA SER F 847 99.77 -13.00 -90.72
C SER F 847 101.21 -13.29 -91.12
N HIS F 848 102.10 -13.11 -90.14
CA HIS F 848 103.51 -13.46 -90.35
C HIS F 848 103.64 -14.95 -90.67
N THR F 849 102.88 -15.79 -89.96
CA THR F 849 102.87 -17.21 -90.29
C THR F 849 102.36 -17.45 -91.71
N ASP F 850 101.42 -16.61 -92.17
CA ASP F 850 100.96 -16.71 -93.54
C ASP F 850 102.10 -16.40 -94.51
N PHE F 851 102.89 -15.36 -94.24
CA PHE F 851 104.04 -15.07 -95.09
C PHE F 851 105.09 -16.18 -95.00
N VAL F 852 105.12 -16.91 -93.89
CA VAL F 852 106.07 -18.03 -93.79
C VAL F 852 105.71 -19.08 -94.84
N PRO F 853 106.66 -19.56 -95.63
CA PRO F 853 106.36 -20.67 -96.56
C PRO F 853 106.23 -21.98 -95.81
N CYS F 854 105.52 -22.92 -96.44
CA CYS F 854 105.23 -24.22 -95.83
C CYS F 854 105.61 -25.33 -96.80
N PRO F 855 106.89 -25.66 -96.90
CA PRO F 855 107.30 -26.83 -97.68
C PRO F 855 106.88 -28.12 -96.98
N VAL F 856 106.69 -29.17 -97.78
CA VAL F 856 106.33 -30.46 -97.22
C VAL F 856 107.54 -31.03 -96.48
N ASP F 857 107.26 -31.87 -95.47
CA ASP F 857 108.34 -32.54 -94.76
C ASP F 857 109.11 -33.48 -95.70
N THR F 858 110.42 -33.54 -95.49
CA THR F 858 111.30 -34.40 -96.27
C THR F 858 112.27 -35.19 -95.40
N VAL F 859 111.91 -35.45 -94.14
CA VAL F 859 112.78 -36.21 -93.24
C VAL F 859 112.94 -37.63 -93.76
N GLN F 860 111.89 -38.19 -94.34
CA GLN F 860 111.96 -39.50 -94.99
C GLN F 860 111.78 -39.30 -96.49
N ILE F 861 112.69 -39.89 -97.27
CA ILE F 861 112.64 -39.86 -98.72
C ILE F 861 112.83 -41.27 -99.23
N VAL F 862 111.85 -41.78 -99.97
CA VAL F 862 111.85 -43.15 -100.47
C VAL F 862 111.87 -43.10 -101.99
N LEU F 863 112.84 -43.80 -102.59
CA LEU F 863 112.98 -43.86 -104.03
C LEU F 863 112.91 -45.30 -104.50
N PRO F 864 111.71 -45.83 -104.77
CA PRO F 864 111.59 -47.17 -105.33
C PRO F 864 112.25 -47.25 -106.70
N PRO F 865 112.52 -48.45 -107.23
CA PRO F 865 113.24 -48.55 -108.50
C PRO F 865 112.50 -47.95 -109.68
N HIS F 866 111.22 -48.27 -109.86
CA HIS F 866 110.46 -47.68 -110.95
C HIS F 866 110.25 -46.19 -110.74
N LEU F 867 110.15 -45.75 -109.48
CA LEU F 867 110.15 -44.32 -109.21
C LEU F 867 111.45 -43.68 -109.69
N GLU F 868 112.58 -44.34 -109.50
CA GLU F 868 113.86 -43.77 -109.95
C GLU F 868 113.95 -43.74 -111.47
N ARG F 869 113.45 -44.78 -112.12
CA ARG F 869 113.47 -44.80 -113.58
C ARG F 869 112.60 -43.68 -114.16
N ILE F 870 111.35 -43.57 -113.69
CA ILE F 870 110.51 -42.48 -114.14
C ILE F 870 111.09 -41.15 -113.69
N ARG F 871 111.83 -41.15 -112.58
CA ARG F 871 112.50 -39.95 -112.11
C ARG F 871 113.47 -39.41 -113.15
N GLU F 872 114.43 -40.25 -113.58
CA GLU F 872 115.39 -39.77 -114.57
C GLU F 872 114.72 -39.47 -115.91
N LYS F 873 113.81 -40.34 -116.35
CA LYS F 873 113.23 -40.17 -117.69
C LYS F 873 112.29 -38.97 -117.74
N LEU F 874 111.43 -38.83 -116.74
CA LEU F 874 110.52 -37.69 -116.68
C LEU F 874 111.28 -36.40 -116.43
N ALA F 875 112.40 -36.45 -115.70
CA ALA F 875 113.21 -35.26 -115.55
C ALA F 875 113.75 -34.80 -116.89
N GLU F 876 114.28 -35.73 -117.69
CA GLU F 876 114.75 -35.37 -119.03
C GLU F 876 113.60 -34.85 -119.88
N ASN F 877 112.42 -35.45 -119.76
CA ASN F 877 111.30 -35.05 -120.61
C ASN F 877 110.74 -33.69 -120.21
N ILE F 878 110.67 -33.40 -118.90
CA ILE F 878 110.21 -32.07 -118.50
C ILE F 878 111.28 -31.03 -118.80
N HIS F 879 112.55 -31.45 -118.89
CA HIS F 879 113.58 -30.51 -119.30
C HIS F 879 113.47 -30.19 -120.79
N GLU F 880 113.11 -31.17 -121.61
CA GLU F 880 112.88 -30.87 -123.01
C GLU F 880 111.55 -30.11 -123.20
N LEU F 881 110.61 -30.28 -122.28
CA LEU F 881 109.45 -29.40 -122.26
C LEU F 881 109.86 -27.97 -121.91
N TRP F 882 110.83 -27.81 -121.01
CA TRP F 882 111.42 -26.49 -120.79
C TRP F 882 112.08 -25.97 -122.06
N ALA F 883 112.67 -26.87 -122.85
CA ALA F 883 113.17 -26.47 -124.16
C ALA F 883 112.05 -25.95 -125.05
N LEU F 884 110.90 -26.64 -125.03
CA LEU F 884 109.72 -26.10 -125.71
C LEU F 884 109.37 -24.71 -125.20
N THR F 885 109.43 -24.50 -123.88
CA THR F 885 109.10 -23.19 -123.33
C THR F 885 110.06 -22.12 -123.82
N ARG F 886 111.37 -22.42 -123.84
CA ARG F 886 112.34 -21.40 -124.23
C ARG F 886 112.25 -21.10 -125.73
N ILE F 887 111.92 -22.10 -126.55
CA ILE F 887 111.72 -21.79 -127.96
C ILE F 887 110.41 -21.04 -128.17
N GLU F 888 109.46 -21.20 -127.24
CA GLU F 888 108.27 -20.34 -127.25
C GLU F 888 108.63 -18.89 -126.95
N GLN F 889 109.42 -18.65 -125.90
CA GLN F 889 109.87 -17.28 -125.66
C GLN F 889 110.78 -16.79 -126.77
N GLY F 890 111.32 -17.71 -127.56
CA GLY F 890 112.10 -17.34 -128.73
C GLY F 890 113.54 -16.99 -128.46
N TRP F 891 114.05 -17.24 -127.27
CA TRP F 891 115.46 -16.99 -126.98
C TRP F 891 116.33 -17.86 -127.90
N THR F 892 117.48 -17.34 -128.29
CA THR F 892 118.34 -18.00 -129.25
C THR F 892 119.66 -18.37 -128.59
N TYR F 893 120.50 -19.06 -129.36
CA TYR F 893 121.83 -19.44 -128.90
C TYR F 893 122.76 -18.24 -128.93
N GLY F 894 123.22 -17.82 -127.75
CA GLY F 894 124.04 -16.64 -127.64
C GLY F 894 125.03 -16.68 -126.50
N PRO F 895 125.98 -15.75 -126.50
CA PRO F 895 127.02 -15.76 -125.44
C PRO F 895 126.47 -15.59 -124.03
N VAL F 896 125.41 -14.80 -123.85
CA VAL F 896 124.91 -14.43 -122.53
C VAL F 896 123.40 -14.65 -122.51
N ARG F 897 122.90 -15.23 -121.44
CA ARG F 897 121.47 -15.44 -121.24
C ARG F 897 120.87 -14.19 -120.57
N ASP F 898 119.87 -13.61 -121.23
CA ASP F 898 119.18 -12.44 -120.70
C ASP F 898 117.80 -12.34 -121.35
N ASP F 899 116.86 -11.76 -120.60
CA ASP F 899 115.49 -11.64 -121.10
C ASP F 899 115.42 -10.71 -122.31
N ASN F 900 116.07 -9.54 -122.23
CA ASN F 900 115.95 -8.55 -123.29
C ASN F 900 116.72 -8.96 -124.54
N LYS F 901 117.95 -9.45 -124.37
CA LYS F 901 118.77 -9.76 -125.54
C LYS F 901 118.21 -10.95 -126.32
N ARG F 902 117.42 -11.80 -125.65
CA ARG F 902 116.74 -12.93 -126.31
C ARG F 902 117.76 -13.94 -126.83
N LEU F 903 118.89 -14.03 -126.15
CA LEU F 903 119.94 -14.99 -126.43
C LEU F 903 120.20 -15.83 -125.18
N HIS F 904 120.59 -17.08 -125.36
CA HIS F 904 120.68 -18.03 -124.26
C HIS F 904 121.71 -19.11 -124.61
N PRO F 905 122.81 -19.22 -123.86
CA PRO F 905 123.89 -20.13 -124.31
C PRO F 905 123.55 -21.60 -124.24
N CYS F 906 123.04 -22.08 -123.10
CA CYS F 906 122.75 -23.50 -122.98
C CYS F 906 121.57 -23.90 -123.85
N LEU F 907 120.82 -22.91 -124.33
CA LEU F 907 119.69 -23.16 -125.21
C LEU F 907 120.14 -23.82 -126.51
N VAL F 908 119.72 -25.08 -126.69
CA VAL F 908 120.02 -25.90 -127.87
C VAL F 908 119.52 -27.32 -127.64
N ASN F 909 119.85 -27.90 -126.49
CA ASN F 909 119.47 -29.27 -126.16
C ASN F 909 119.42 -29.43 -124.65
N PHE F 910 118.47 -30.26 -124.19
CA PHE F 910 118.34 -30.49 -122.76
C PHE F 910 119.56 -31.22 -122.21
N HIS F 911 120.11 -32.16 -122.98
CA HIS F 911 121.38 -32.77 -122.58
C HIS F 911 122.53 -31.77 -122.66
N SER F 912 122.55 -30.94 -123.71
CA SER F 912 123.66 -30.00 -123.88
C SER F 912 123.68 -28.95 -122.79
N LEU F 913 122.52 -28.69 -122.17
CA LEU F 913 122.48 -27.76 -121.05
C LEU F 913 123.36 -28.29 -119.91
N PRO F 914 124.11 -27.42 -119.24
CA PRO F 914 125.12 -27.90 -118.27
C PRO F 914 124.50 -28.73 -117.15
N GLU F 915 125.23 -29.75 -116.73
CA GLU F 915 124.74 -30.68 -115.72
C GLU F 915 124.39 -30.05 -114.38
N PRO F 916 125.15 -29.10 -113.82
CA PRO F 916 124.71 -28.50 -112.53
C PRO F 916 123.33 -27.88 -112.62
N GLU F 917 123.03 -27.16 -113.70
CA GLU F 917 121.65 -26.72 -113.91
C GLU F 917 120.74 -27.91 -114.13
N ARG F 918 121.20 -28.90 -114.89
CA ARG F 918 120.47 -30.17 -114.96
C ARG F 918 120.39 -30.83 -113.59
N ASN F 919 121.38 -30.61 -112.72
CA ASN F 919 121.31 -31.17 -111.38
C ASN F 919 120.17 -30.54 -110.59
N TYR F 920 120.01 -29.21 -110.69
CA TYR F 920 118.87 -28.57 -110.05
C TYR F 920 117.55 -29.06 -110.64
N ASN F 921 117.51 -29.23 -111.97
CA ASN F 921 116.30 -29.74 -112.60
C ASN F 921 115.97 -31.15 -112.13
N LEU F 922 117.01 -32.00 -112.01
CA LEU F 922 116.82 -33.36 -111.53
C LEU F 922 116.31 -33.37 -110.10
N GLN F 923 116.88 -32.52 -109.24
CA GLN F 923 116.46 -32.54 -107.84
C GLN F 923 115.05 -31.97 -107.67
N MET F 924 114.66 -30.99 -108.51
CA MET F 924 113.27 -30.55 -108.50
C MET F 924 112.33 -31.63 -109.00
N SER F 925 112.74 -32.39 -110.02
CA SER F 925 111.87 -33.46 -110.51
C SER F 925 111.69 -34.54 -109.45
N GLY F 926 112.78 -34.87 -108.74
CA GLY F 926 112.68 -35.79 -107.62
C GLY F 926 111.78 -35.25 -106.52
N GLU F 927 111.86 -33.93 -106.27
CA GLU F 927 110.98 -33.33 -105.28
C GLU F 927 109.52 -33.38 -105.72
N THR F 928 109.26 -33.19 -107.01
CA THR F 928 107.89 -33.30 -107.50
C THR F 928 107.34 -34.71 -107.32
N LEU F 929 108.15 -35.72 -107.62
CA LEU F 929 107.69 -37.10 -107.41
C LEU F 929 107.52 -37.42 -105.94
N LYS F 930 108.44 -36.94 -105.10
CA LYS F 930 108.32 -37.17 -103.66
C LYS F 930 107.09 -36.46 -103.09
N THR F 931 106.74 -35.31 -103.66
CA THR F 931 105.52 -34.62 -103.24
C THR F 931 104.28 -35.35 -103.74
N LEU F 932 104.36 -35.98 -104.91
CA LEU F 932 103.31 -36.92 -105.32
C LEU F 932 103.09 -37.97 -104.25
N LEU F 933 104.18 -38.62 -103.82
CA LEU F 933 104.05 -39.65 -102.79
C LEU F 933 103.52 -39.08 -101.48
N ALA F 934 103.99 -37.89 -101.09
CA ALA F 934 103.54 -37.28 -99.84
C ALA F 934 102.06 -36.93 -99.88
N LEU F 935 101.60 -36.36 -101.00
CA LEU F 935 100.17 -36.10 -101.17
C LEU F 935 99.38 -37.39 -101.12
N GLY F 936 99.94 -38.48 -101.66
CA GLY F 936 99.29 -39.77 -101.57
C GLY F 936 98.80 -40.34 -102.86
N CYS F 937 98.93 -39.62 -103.97
CA CYS F 937 98.62 -40.21 -105.26
C CYS F 937 99.65 -41.28 -105.59
N HIS F 938 99.24 -42.54 -105.39
CA HIS F 938 100.11 -43.69 -105.56
C HIS F 938 100.43 -43.84 -107.04
N VAL F 939 101.60 -44.38 -107.35
CA VAL F 939 102.04 -44.43 -108.74
C VAL F 939 102.33 -45.87 -109.11
N GLY F 940 101.66 -46.35 -110.16
CA GLY F 940 101.78 -47.76 -110.52
C GLY F 940 101.67 -48.00 -112.01
N MET F 941 102.26 -49.11 -112.44
CA MET F 941 102.28 -49.46 -113.86
C MET F 941 100.87 -49.66 -114.40
N ALA F 942 100.61 -49.09 -115.57
CA ALA F 942 99.39 -49.41 -116.31
C ALA F 942 99.70 -50.33 -117.48
N ASP F 943 100.64 -49.94 -118.33
CA ASP F 943 101.06 -50.76 -119.47
C ASP F 943 102.58 -50.68 -119.61
N GLU F 944 103.22 -51.85 -119.54
CA GLU F 944 104.67 -51.91 -119.72
C GLU F 944 105.06 -51.45 -121.13
N LYS F 945 104.26 -51.81 -122.14
CA LYS F 945 104.51 -51.33 -123.49
C LYS F 945 104.40 -49.81 -123.56
N ALA F 946 103.42 -49.23 -122.86
CA ALA F 946 103.29 -47.78 -122.84
C ALA F 946 104.50 -47.13 -122.19
N GLU F 947 105.01 -47.73 -121.10
CA GLU F 947 106.22 -47.20 -120.49
C GLU F 947 107.42 -47.30 -121.42
N ASP F 948 107.56 -48.43 -122.12
CA ASP F 948 108.75 -48.62 -122.96
C ASP F 948 108.72 -47.73 -124.19
N ASN F 949 107.57 -47.61 -124.86
CA ASN F 949 107.47 -46.89 -126.12
C ASN F 949 106.49 -45.73 -125.96
N LEU F 950 106.92 -44.55 -126.40
CA LEU F 950 106.07 -43.36 -126.42
C LEU F 950 106.25 -42.65 -127.76
N LYS F 951 105.14 -42.23 -128.36
CA LYS F 951 105.20 -41.48 -129.60
C LYS F 951 105.85 -40.12 -129.37
N LYS F 952 106.65 -39.68 -130.35
CA LYS F 952 107.47 -38.49 -130.21
C LYS F 952 107.08 -37.47 -131.27
N THR F 953 106.55 -36.33 -130.82
CA THR F 953 106.31 -35.21 -131.72
C THR F 953 107.64 -34.53 -132.07
N LYS F 954 107.65 -33.84 -133.20
CA LYS F 954 108.80 -33.03 -133.61
C LYS F 954 108.41 -31.56 -133.49
N LEU F 955 109.35 -30.75 -132.99
CA LEU F 955 109.07 -29.33 -132.82
C LEU F 955 108.82 -28.68 -134.18
N PRO F 956 107.78 -27.84 -134.29
CA PRO F 956 107.45 -27.26 -135.60
C PRO F 956 108.55 -26.36 -136.12
N LYS F 957 108.66 -26.30 -137.45
CA LYS F 957 109.62 -25.39 -138.07
C LYS F 957 109.22 -23.94 -137.85
N THR F 958 107.92 -23.68 -137.63
CA THR F 958 107.47 -22.32 -137.36
C THR F 958 108.07 -21.79 -136.07
N TYR F 959 108.11 -22.62 -135.03
CA TYR F 959 108.80 -22.25 -133.80
C TYR F 959 110.30 -22.12 -134.07
N MET F 960 110.88 -20.99 -133.66
CA MET F 960 112.17 -20.54 -134.16
C MET F 960 113.23 -20.60 -133.06
N MET F 961 114.43 -21.02 -133.46
CA MET F 961 115.61 -21.00 -132.61
C MET F 961 116.83 -20.97 -133.52
N SER F 962 117.86 -20.22 -133.12
CA SER F 962 119.01 -20.00 -133.99
C SER F 962 119.75 -21.30 -134.31
N ASN F 963 119.75 -22.24 -133.36
CA ASN F 963 120.47 -23.49 -133.58
C ASN F 963 119.82 -24.34 -134.67
N GLY F 964 118.51 -24.53 -134.58
CA GLY F 964 117.82 -25.44 -135.47
C GLY F 964 117.77 -26.87 -135.00
N TYR F 965 118.49 -27.22 -133.94
CA TYR F 965 118.48 -28.55 -133.37
C TYR F 965 117.43 -28.59 -132.26
N LYS F 966 116.21 -28.97 -132.62
CA LYS F 966 115.07 -28.91 -131.74
C LYS F 966 114.79 -30.27 -131.14
N PRO F 967 114.80 -30.40 -129.81
CA PRO F 967 114.48 -31.70 -129.20
C PRO F 967 113.03 -32.10 -129.46
N ALA F 968 112.80 -33.40 -129.54
CA ALA F 968 111.49 -33.91 -129.92
C ALA F 968 110.55 -33.92 -128.70
N PRO F 969 109.43 -33.19 -128.75
CA PRO F 969 108.48 -33.25 -127.63
C PRO F 969 107.63 -34.51 -127.67
N LEU F 970 106.95 -34.77 -126.57
CA LEU F 970 105.96 -35.84 -126.50
C LEU F 970 104.64 -35.34 -127.09
N ASP F 971 103.77 -36.27 -127.48
CA ASP F 971 102.50 -35.91 -128.09
C ASP F 971 101.44 -35.82 -127.00
N LEU F 972 101.46 -34.70 -126.27
CA LEU F 972 100.49 -34.47 -125.21
C LEU F 972 99.08 -34.46 -125.78
N SER F 973 98.96 -34.23 -127.09
CA SER F 973 97.66 -34.36 -127.76
C SER F 973 97.17 -35.80 -127.73
N HIS F 974 98.06 -36.77 -127.99
CA HIS F 974 97.63 -38.16 -127.90
C HIS F 974 97.44 -38.57 -126.44
N VAL F 975 98.05 -37.82 -125.52
CA VAL F 975 97.81 -38.11 -124.11
C VAL F 975 96.54 -37.41 -123.63
N ARG F 976 95.97 -37.93 -122.53
CA ARG F 976 94.76 -37.38 -121.93
C ARG F 976 95.00 -37.01 -120.47
N LEU F 977 93.94 -36.56 -119.80
CA LEU F 977 94.04 -35.89 -118.50
C LEU F 977 92.89 -36.30 -117.59
N THR F 978 93.10 -36.13 -116.28
CA THR F 978 92.02 -36.33 -115.32
C THR F 978 92.02 -35.19 -114.30
N PRO F 979 90.83 -34.73 -113.86
CA PRO F 979 90.78 -33.45 -113.11
C PRO F 979 91.30 -33.51 -111.68
N ALA F 980 91.01 -34.59 -110.94
CA ALA F 980 91.45 -34.66 -109.55
C ALA F 980 92.97 -34.57 -109.45
N GLN F 981 93.68 -35.20 -110.40
CA GLN F 981 95.12 -35.05 -110.44
C GLN F 981 95.52 -33.62 -110.75
N THR F 982 94.74 -32.92 -111.59
CA THR F 982 95.03 -31.51 -111.84
C THR F 982 94.97 -30.71 -110.54
N THR F 983 93.93 -30.91 -109.73
CA THR F 983 93.84 -30.18 -108.46
C THR F 983 94.98 -30.56 -107.53
N LEU F 984 95.29 -31.86 -107.43
CA LEU F 984 96.36 -32.31 -106.55
C LEU F 984 97.70 -31.71 -106.96
N VAL F 985 97.97 -31.64 -108.26
CA VAL F 985 99.27 -31.12 -108.72
C VAL F 985 99.26 -29.60 -108.71
N ASP F 986 98.07 -28.98 -108.68
CA ASP F 986 98.01 -27.55 -108.37
C ASP F 986 98.50 -27.29 -106.96
N ARG F 987 97.98 -28.05 -105.99
CA ARG F 987 98.50 -27.94 -104.64
C ARG F 987 99.98 -28.30 -104.59
N LEU F 988 100.40 -29.25 -105.44
CA LEU F 988 101.81 -29.63 -105.50
C LEU F 988 102.69 -28.48 -105.98
N ALA F 989 102.20 -27.70 -106.95
CA ALA F 989 102.96 -26.53 -107.39
C ALA F 989 103.01 -25.48 -106.29
N GLU F 990 101.91 -25.31 -105.56
CA GLU F 990 101.95 -24.46 -104.37
C GLU F 990 103.08 -24.91 -103.44
N ASN F 991 103.13 -26.21 -103.18
CA ASN F 991 104.17 -26.78 -102.31
C ASN F 991 105.56 -26.58 -102.89
N GLY F 992 105.72 -26.78 -104.20
CA GLY F 992 107.03 -26.64 -104.82
C GLY F 992 107.53 -25.20 -104.83
N HIS F 993 106.62 -24.25 -105.07
CA HIS F 993 107.01 -22.85 -104.98
C HIS F 993 107.34 -22.48 -103.54
N ASN F 994 106.65 -23.09 -102.57
CA ASN F 994 107.02 -22.90 -101.17
C ASN F 994 108.41 -23.46 -100.89
N VAL F 995 108.75 -24.60 -101.51
CA VAL F 995 110.09 -25.17 -101.37
C VAL F 995 111.13 -24.23 -101.97
N TRP F 996 110.82 -23.67 -103.14
CA TRP F 996 111.76 -22.73 -103.77
C TRP F 996 111.95 -21.49 -102.92
N ALA F 997 110.87 -21.01 -102.29
CA ALA F 997 110.98 -19.87 -101.37
C ALA F 997 111.79 -20.25 -100.13
N ARG F 998 111.61 -21.48 -99.65
CA ARG F 998 112.43 -22.00 -98.56
C ARG F 998 113.90 -21.93 -98.92
N ASP F 999 114.23 -22.37 -100.14
CA ASP F 999 115.61 -22.32 -100.62
C ASP F 999 116.11 -20.88 -100.74
N ARG F 1000 115.27 -19.99 -101.25
CA ARG F 1000 115.69 -18.60 -101.41
C ARG F 1000 115.95 -17.94 -100.05
N VAL F 1001 115.11 -18.23 -99.07
CA VAL F 1001 115.35 -17.74 -97.71
C VAL F 1001 116.64 -18.31 -97.16
N ALA F 1002 116.93 -19.58 -97.49
CA ALA F 1002 118.21 -20.17 -97.09
C ALA F 1002 119.37 -19.41 -97.72
N GLN F 1003 119.25 -19.01 -98.99
CA GLN F 1003 120.26 -18.18 -99.62
C GLN F 1003 120.29 -16.78 -99.00
N GLY F 1004 119.22 -16.40 -98.31
CA GLY F 1004 119.09 -15.07 -97.76
C GLY F 1004 118.28 -14.11 -98.58
N TRP F 1005 117.63 -14.59 -99.65
CA TRP F 1005 116.81 -13.72 -100.49
C TRP F 1005 115.59 -13.22 -99.71
N SER F 1006 115.09 -12.05 -100.11
CA SER F 1006 113.95 -11.43 -99.44
C SER F 1006 113.00 -10.85 -100.48
N TYR F 1007 111.78 -10.57 -100.03
CA TYR F 1007 110.77 -10.00 -100.93
C TYR F 1007 111.05 -8.52 -101.18
N SER F 1008 110.61 -8.04 -102.34
CA SER F 1008 110.71 -6.64 -102.71
C SER F 1008 109.69 -6.34 -103.80
N ALA F 1009 109.50 -5.04 -104.07
CA ALA F 1009 108.67 -4.64 -105.19
C ALA F 1009 109.43 -4.75 -106.51
N VAL F 1010 110.75 -4.58 -106.47
CA VAL F 1010 111.60 -4.61 -107.66
C VAL F 1010 112.70 -5.63 -107.43
N GLN F 1011 113.00 -6.39 -108.48
CA GLN F 1011 113.96 -7.49 -108.42
C GLN F 1011 115.38 -6.96 -108.64
N ASP F 1012 116.23 -7.13 -107.64
CA ASP F 1012 117.66 -6.88 -107.76
C ASP F 1012 118.41 -8.09 -107.22
N ILE F 1013 119.36 -8.58 -108.01
CA ILE F 1013 120.08 -9.81 -107.64
C ILE F 1013 121.08 -9.56 -106.52
N PRO F 1014 122.04 -8.62 -106.63
CA PRO F 1014 123.03 -8.48 -105.54
C PRO F 1014 122.42 -8.13 -104.19
N ALA F 1015 121.36 -7.30 -104.18
CA ALA F 1015 120.68 -7.02 -102.92
C ALA F 1015 119.83 -8.20 -102.49
N ARG F 1016 119.66 -9.18 -103.38
CA ARG F 1016 118.85 -10.38 -103.11
C ARG F 1016 117.43 -10.00 -102.72
N ARG F 1017 116.78 -9.19 -103.55
CA ARG F 1017 115.41 -8.75 -103.30
C ARG F 1017 114.59 -9.07 -104.55
N ASN F 1018 113.41 -9.64 -104.37
CA ASN F 1018 112.66 -10.19 -105.51
C ASN F 1018 111.15 -10.06 -105.25
N PRO F 1019 110.37 -9.65 -106.25
CA PRO F 1019 108.92 -9.86 -106.16
C PRO F 1019 108.54 -11.33 -106.20
N ARG F 1020 109.40 -12.17 -106.79
CA ARG F 1020 109.12 -13.60 -106.86
C ARG F 1020 108.99 -14.22 -105.48
N LEU F 1021 109.80 -13.76 -104.52
CA LEU F 1021 109.83 -14.38 -103.19
C LEU F 1021 108.54 -13.99 -102.46
N VAL F 1022 107.48 -14.73 -102.78
CA VAL F 1022 106.16 -14.52 -102.20
C VAL F 1022 105.42 -15.86 -102.18
N PRO F 1023 104.62 -16.10 -101.15
CA PRO F 1023 103.86 -17.35 -101.10
C PRO F 1023 102.96 -17.52 -102.31
N TYR F 1024 102.74 -18.79 -102.68
CA TYR F 1024 102.00 -19.09 -103.90
C TYR F 1024 100.59 -18.52 -103.88
N ARG F 1025 99.87 -18.69 -102.77
CA ARG F 1025 98.55 -18.07 -102.67
C ARG F 1025 98.66 -16.55 -102.62
N LEU F 1026 99.78 -16.04 -102.12
CA LEU F 1026 100.02 -14.61 -102.16
C LEU F 1026 100.59 -14.18 -103.51
N LEU F 1027 101.07 -15.14 -104.31
CA LEU F 1027 101.61 -14.85 -105.63
C LEU F 1027 100.51 -14.35 -106.55
N ASP F 1028 100.90 -13.53 -107.53
CA ASP F 1028 99.93 -12.93 -108.44
C ASP F 1028 99.22 -13.99 -109.26
N GLU F 1029 97.95 -13.71 -109.58
CA GLU F 1029 97.10 -14.71 -110.20
C GLU F 1029 97.56 -15.06 -111.61
N ALA F 1030 98.14 -14.10 -112.33
CA ALA F 1030 98.64 -14.39 -113.67
C ALA F 1030 99.79 -15.40 -113.63
N THR F 1031 100.75 -15.18 -112.73
CA THR F 1031 101.84 -16.14 -112.57
C THR F 1031 101.31 -17.48 -112.08
N LYS F 1032 100.32 -17.46 -111.18
CA LYS F 1032 99.70 -18.71 -110.74
C LYS F 1032 99.09 -19.46 -111.93
N ARG F 1033 98.38 -18.74 -112.80
CA ARG F 1033 97.79 -19.39 -113.97
C ARG F 1033 98.85 -19.97 -114.90
N SER F 1034 99.96 -19.25 -115.08
CA SER F 1034 101.06 -19.78 -115.88
C SER F 1034 101.61 -21.07 -115.26
N ASN F 1035 101.78 -21.08 -113.93
CA ASN F 1035 102.27 -22.28 -113.27
C ASN F 1035 101.29 -23.44 -113.40
N ARG F 1036 99.99 -23.18 -113.30
CA ARG F 1036 99.01 -24.24 -113.50
C ARG F 1036 98.99 -24.74 -114.95
N ASP F 1037 99.29 -23.86 -115.92
CA ASP F 1037 99.45 -24.34 -117.28
C ASP F 1037 100.64 -25.29 -117.40
N SER F 1038 101.77 -24.92 -116.79
CA SER F 1038 102.92 -25.82 -116.74
C SER F 1038 102.54 -27.13 -116.05
N LEU F 1039 101.69 -27.04 -115.01
CA LEU F 1039 101.25 -28.23 -114.30
C LEU F 1039 100.41 -29.13 -115.19
N CYS F 1040 99.52 -28.54 -115.98
CA CYS F 1040 98.72 -29.32 -116.92
C CYS F 1040 99.62 -30.04 -117.91
N GLN F 1041 100.64 -29.33 -118.41
CA GLN F 1041 101.60 -29.98 -119.32
C GLN F 1041 102.33 -31.12 -118.63
N ALA F 1042 102.76 -30.91 -117.38
CA ALA F 1042 103.52 -31.93 -116.66
C ALA F 1042 102.66 -33.16 -116.35
N VAL F 1043 101.41 -32.95 -115.95
CA VAL F 1043 100.52 -34.07 -115.65
C VAL F 1043 100.17 -34.82 -116.92
N ARG F 1044 100.00 -34.09 -118.03
CA ARG F 1044 99.77 -34.74 -119.31
C ARG F 1044 100.99 -35.59 -119.68
N THR F 1045 102.19 -35.08 -119.41
CA THR F 1045 103.40 -35.86 -119.62
C THR F 1045 103.43 -37.11 -118.75
N LEU F 1046 102.97 -36.99 -117.50
CA LEU F 1046 102.89 -38.15 -116.62
C LEU F 1046 101.96 -39.21 -117.19
N LEU F 1047 100.77 -38.80 -117.63
CA LEU F 1047 99.85 -39.76 -118.25
C LEU F 1047 100.43 -40.32 -119.54
N GLY F 1048 101.26 -39.55 -120.24
CA GLY F 1048 101.92 -40.07 -121.42
C GLY F 1048 102.93 -41.16 -121.09
N TYR F 1049 103.69 -40.97 -120.00
CA TYR F 1049 104.53 -42.04 -119.49
C TYR F 1049 103.69 -43.20 -118.98
N GLY F 1050 102.41 -42.95 -118.70
CA GLY F 1050 101.44 -44.01 -118.51
C GLY F 1050 101.34 -44.57 -117.11
N TYR F 1051 102.16 -44.11 -116.18
CA TYR F 1051 101.97 -44.52 -114.79
C TYR F 1051 100.60 -44.07 -114.30
N ASN F 1052 99.73 -45.05 -114.06
CA ASN F 1052 98.49 -44.74 -113.38
C ASN F 1052 98.81 -44.03 -112.07
N ILE F 1053 98.38 -42.77 -112.00
CA ILE F 1053 98.54 -41.94 -110.82
C ILE F 1053 97.23 -41.97 -110.04
N GLU F 1054 97.26 -42.64 -108.88
CA GLU F 1054 96.18 -43.16 -108.04
C GLU F 1054 95.80 -42.13 -106.99
N PRO F 1055 94.70 -41.40 -107.14
CA PRO F 1055 94.44 -40.21 -106.28
C PRO F 1055 93.96 -40.60 -104.90
N PRO F 1056 94.59 -40.06 -103.84
CA PRO F 1056 94.17 -40.45 -102.48
C PRO F 1056 92.79 -39.92 -102.15
N ASP F 1057 92.15 -40.59 -101.19
CA ASP F 1057 90.86 -40.12 -100.71
C ASP F 1057 90.95 -38.70 -100.17
N GLN F 1058 89.92 -37.90 -100.47
CA GLN F 1058 89.95 -36.49 -100.12
C GLN F 1058 89.82 -36.30 -98.62
N GLU F 1059 90.41 -35.22 -98.12
CA GLU F 1059 90.39 -34.89 -96.70
C GLU F 1059 89.97 -33.44 -96.52
N PRO F 1060 88.98 -33.16 -95.68
CA PRO F 1060 88.54 -31.77 -95.50
C PRO F 1060 89.52 -30.98 -94.63
N SER F 1061 89.41 -29.66 -94.71
CA SER F 1061 90.22 -28.74 -93.92
C SER F 1061 89.41 -27.49 -93.64
N GLN F 1062 89.78 -26.78 -92.57
CA GLN F 1062 89.11 -25.54 -92.18
C GLN F 1062 90.16 -24.57 -91.67
N VAL F 1063 89.82 -23.28 -91.66
CA VAL F 1063 90.83 -22.25 -91.42
C VAL F 1063 90.92 -21.89 -89.94
N GLU F 1064 89.76 -21.84 -89.24
CA GLU F 1064 89.66 -21.39 -87.85
C GLU F 1064 90.55 -20.17 -87.56
N ASN F 1065 90.59 -19.23 -88.50
CA ASN F 1065 91.47 -18.07 -88.34
C ASN F 1065 90.99 -17.17 -87.21
N GLN F 1066 89.68 -17.02 -87.05
CA GLN F 1066 89.10 -16.08 -86.10
C GLN F 1066 88.03 -16.75 -85.25
N SER F 1067 87.95 -16.35 -83.98
CA SER F 1067 86.86 -16.75 -83.11
C SER F 1067 85.63 -15.88 -83.35
N ARG F 1068 84.48 -16.37 -82.88
CA ARG F 1068 83.20 -15.73 -83.21
C ARG F 1068 83.21 -14.23 -82.88
N TRP F 1069 83.92 -13.85 -81.81
CA TRP F 1069 83.94 -12.45 -81.39
C TRP F 1069 84.61 -11.56 -82.42
N ASP F 1070 85.82 -11.93 -82.85
CA ASP F 1070 86.52 -11.16 -83.89
C ASP F 1070 85.90 -11.40 -85.25
N ARG F 1071 84.98 -12.37 -85.32
CA ARG F 1071 84.72 -13.11 -86.54
C ARG F 1071 83.35 -12.71 -87.10
N VAL F 1072 82.45 -12.26 -86.22
CA VAL F 1072 81.19 -11.62 -86.57
C VAL F 1072 80.98 -10.44 -85.63
N ARG F 1073 80.34 -9.38 -86.12
CA ARG F 1073 79.95 -8.23 -85.29
C ARG F 1073 78.46 -7.95 -85.45
N ILE F 1074 77.79 -7.77 -84.31
CA ILE F 1074 76.33 -7.69 -84.25
C ILE F 1074 75.91 -6.23 -84.13
N PHE F 1075 74.91 -5.83 -84.90
CA PHE F 1075 74.36 -4.48 -84.87
C PHE F 1075 72.87 -4.54 -84.59
N ARG F 1076 72.43 -3.83 -83.54
CA ARG F 1076 71.04 -3.85 -83.11
C ARG F 1076 70.52 -2.43 -82.95
N ALA F 1077 69.23 -2.30 -82.68
CA ALA F 1077 68.64 -0.98 -82.47
C ALA F 1077 68.86 -0.52 -81.02
N GLU F 1078 68.61 0.76 -80.78
CA GLU F 1078 68.69 1.28 -79.42
C GLU F 1078 67.57 0.75 -78.55
N LYS F 1079 67.84 0.68 -77.24
CA LYS F 1079 66.81 0.25 -76.29
C LYS F 1079 65.63 1.21 -76.28
N SER F 1080 65.89 2.50 -76.50
CA SER F 1080 64.81 3.48 -76.50
C SER F 1080 63.84 3.25 -77.66
N TYR F 1081 64.37 2.79 -78.80
CA TYR F 1081 63.51 2.56 -79.96
C TYR F 1081 62.79 1.22 -79.88
N THR F 1082 62.79 0.57 -78.72
CA THR F 1082 62.11 -0.71 -78.58
C THR F 1082 60.61 -0.56 -78.81
N VAL F 1083 60.04 -1.52 -79.54
CA VAL F 1083 58.62 -1.52 -79.87
C VAL F 1083 57.98 -2.75 -79.25
N GLN F 1084 56.78 -2.60 -78.71
CA GLN F 1084 56.10 -3.67 -78.00
C GLN F 1084 54.93 -4.24 -78.79
N SER F 1085 54.35 -3.49 -79.70
CA SER F 1085 53.21 -3.95 -80.49
C SER F 1085 53.12 -3.15 -81.77
N GLY F 1086 52.37 -3.67 -82.73
CA GLY F 1086 52.09 -2.96 -83.95
C GLY F 1086 52.78 -3.53 -85.17
N ARG F 1087 52.83 -2.70 -86.20
CA ARG F 1087 53.29 -3.05 -87.53
C ARG F 1087 54.56 -2.28 -87.87
N TRP F 1088 55.57 -2.99 -88.37
CA TRP F 1088 56.90 -2.40 -88.55
C TRP F 1088 57.61 -3.00 -89.74
N TYR F 1089 58.36 -2.14 -90.43
CA TYR F 1089 59.11 -2.44 -91.64
C TYR F 1089 60.58 -2.12 -91.40
N PHE F 1090 61.47 -2.87 -92.06
CA PHE F 1090 62.80 -2.32 -92.33
C PHE F 1090 63.46 -3.01 -93.52
N GLU F 1091 64.13 -2.22 -94.36
CA GLU F 1091 64.74 -2.69 -95.59
C GLU F 1091 66.24 -2.83 -95.38
N PHE F 1092 66.87 -3.71 -96.15
CA PHE F 1092 68.30 -3.94 -96.00
C PHE F 1092 68.85 -4.56 -97.27
N GLU F 1093 69.86 -3.92 -97.86
CA GLU F 1093 70.50 -4.38 -99.08
C GLU F 1093 71.83 -5.03 -98.74
N ALA F 1094 72.10 -6.19 -99.32
CA ALA F 1094 73.35 -6.88 -99.07
C ALA F 1094 74.29 -6.67 -100.25
N VAL F 1095 75.42 -6.00 -100.01
CA VAL F 1095 76.37 -5.71 -101.08
C VAL F 1095 77.01 -7.01 -101.58
N THR F 1096 77.29 -7.94 -100.67
CA THR F 1096 77.91 -9.20 -101.00
C THR F 1096 76.94 -10.34 -100.70
N THR F 1097 77.31 -11.54 -101.16
CA THR F 1097 76.47 -12.71 -100.94
C THR F 1097 76.82 -13.40 -99.62
N GLY F 1098 77.75 -12.83 -98.86
CA GLY F 1098 78.22 -13.50 -97.66
C GLY F 1098 77.19 -13.50 -96.55
N GLU F 1099 77.55 -14.16 -95.45
CA GLU F 1099 76.60 -14.35 -94.35
C GLU F 1099 76.26 -13.01 -93.70
N MET F 1100 74.96 -12.76 -93.55
CA MET F 1100 74.51 -11.47 -93.09
C MET F 1100 73.06 -11.61 -92.66
N ARG F 1101 72.79 -11.30 -91.39
CA ARG F 1101 71.53 -11.62 -90.73
C ARG F 1101 70.68 -10.38 -90.58
N VAL F 1102 69.38 -10.51 -90.85
CA VAL F 1102 68.38 -9.49 -90.57
C VAL F 1102 67.27 -10.12 -89.73
N GLY F 1103 66.83 -9.40 -88.70
CA GLY F 1103 65.76 -9.95 -87.88
C GLY F 1103 65.20 -8.98 -86.88
N TRP F 1104 64.29 -9.49 -86.06
CA TRP F 1104 63.72 -8.76 -84.94
C TRP F 1104 64.13 -9.47 -83.65
N ALA F 1105 64.71 -8.73 -82.72
CA ALA F 1105 65.44 -9.34 -81.61
C ALA F 1105 64.98 -8.77 -80.27
N ARG F 1106 65.16 -9.58 -79.23
CA ARG F 1106 64.86 -9.16 -77.87
C ARG F 1106 65.90 -8.16 -77.36
N PRO F 1107 65.47 -7.20 -76.54
CA PRO F 1107 66.43 -6.23 -75.99
C PRO F 1107 67.48 -6.86 -75.09
N GLU F 1108 67.18 -8.00 -74.46
CA GLU F 1108 68.05 -8.54 -73.43
C GLU F 1108 69.14 -9.46 -73.97
N LEU F 1109 69.27 -9.57 -75.29
CA LEU F 1109 70.21 -10.52 -75.87
C LEU F 1109 71.64 -10.21 -75.45
N ARG F 1110 72.40 -11.28 -75.17
CA ARG F 1110 73.81 -11.11 -74.88
C ARG F 1110 74.58 -10.86 -76.19
N PRO F 1111 75.37 -9.79 -76.26
CA PRO F 1111 76.13 -9.55 -77.50
C PRO F 1111 77.08 -10.67 -77.85
N ASP F 1112 77.63 -11.35 -76.86
CA ASP F 1112 78.61 -12.41 -77.13
C ASP F 1112 77.95 -13.58 -77.84
N VAL F 1113 76.70 -13.89 -77.49
CA VAL F 1113 76.03 -15.02 -78.11
C VAL F 1113 75.87 -14.77 -79.61
N GLU F 1114 76.33 -15.73 -80.41
CA GLU F 1114 76.19 -15.61 -81.86
C GLU F 1114 74.71 -15.59 -82.22
N LEU F 1115 74.37 -14.70 -83.16
CA LEU F 1115 72.99 -14.33 -83.39
C LEU F 1115 72.19 -15.51 -83.94
N GLY F 1116 71.02 -15.76 -83.34
CA GLY F 1116 70.13 -16.81 -83.77
C GLY F 1116 70.17 -18.07 -82.95
N ALA F 1117 71.24 -18.29 -82.17
CA ALA F 1117 71.34 -19.52 -81.39
C ALA F 1117 70.43 -19.49 -80.16
N ASP F 1118 70.05 -18.30 -79.71
CA ASP F 1118 69.31 -18.15 -78.48
C ASP F 1118 67.82 -17.88 -78.74
N GLU F 1119 67.02 -18.03 -77.68
CA GLU F 1119 65.60 -17.71 -77.75
C GLU F 1119 65.36 -16.20 -77.86
N LEU F 1120 66.42 -15.41 -77.93
CA LEU F 1120 66.27 -13.96 -77.85
C LEU F 1120 66.24 -13.31 -79.23
N ALA F 1121 66.60 -14.05 -80.27
CA ALA F 1121 66.73 -13.50 -81.61
C ALA F 1121 65.89 -14.27 -82.61
N TYR F 1122 65.13 -13.54 -83.43
CA TYR F 1122 64.45 -14.09 -84.61
C TYR F 1122 65.08 -13.48 -85.84
N VAL F 1123 65.99 -14.21 -86.49
CA VAL F 1123 66.81 -13.67 -87.56
C VAL F 1123 66.89 -14.64 -88.73
N PHE F 1124 67.28 -14.11 -89.87
CA PHE F 1124 67.47 -14.88 -91.10
C PHE F 1124 68.77 -14.44 -91.76
N ASN F 1125 69.53 -15.40 -92.29
CA ASN F 1125 70.82 -15.17 -92.92
C ASN F 1125 70.76 -15.67 -94.36
N GLY F 1126 71.30 -14.87 -95.28
CA GLY F 1126 71.10 -15.16 -96.69
C GLY F 1126 72.08 -16.17 -97.26
N HIS F 1127 73.37 -16.02 -96.92
CA HIS F 1127 74.40 -16.83 -97.58
C HIS F 1127 74.08 -18.31 -97.52
N ARG F 1128 73.51 -18.76 -96.40
CA ARG F 1128 73.00 -20.13 -96.34
C ARG F 1128 71.66 -20.25 -97.05
N GLY F 1129 70.82 -19.21 -96.95
CA GLY F 1129 69.45 -19.28 -97.44
C GLY F 1129 68.59 -20.29 -96.74
N GLN F 1130 68.83 -20.52 -95.44
CA GLN F 1130 68.23 -21.62 -94.70
C GLN F 1130 68.09 -21.21 -93.24
N ARG F 1131 66.92 -20.68 -92.88
CA ARG F 1131 66.80 -19.87 -91.66
C ARG F 1131 66.99 -20.79 -90.46
N TRP F 1132 67.31 -20.21 -89.30
CA TRP F 1132 67.50 -21.00 -88.09
C TRP F 1132 67.28 -20.16 -86.85
N HIS F 1133 66.49 -20.70 -85.93
CA HIS F 1133 66.40 -20.23 -84.56
C HIS F 1133 66.66 -21.42 -83.66
N LEU F 1134 67.81 -21.42 -82.96
CA LEU F 1134 68.20 -22.58 -82.17
C LEU F 1134 67.73 -23.85 -82.90
N GLY F 1135 68.22 -24.01 -84.11
CA GLY F 1135 67.79 -25.09 -84.99
C GLY F 1135 67.38 -24.55 -86.35
N SER F 1136 67.73 -25.33 -87.37
CA SER F 1136 67.70 -24.84 -88.75
C SER F 1136 66.56 -25.49 -89.53
N GLU F 1137 65.92 -24.68 -90.37
CA GLU F 1137 64.86 -25.08 -91.28
C GLU F 1137 64.99 -24.25 -92.55
N PRO F 1138 64.91 -24.89 -93.73
CA PRO F 1138 65.11 -24.17 -94.99
C PRO F 1138 64.08 -23.07 -95.19
N PHE F 1139 64.52 -21.97 -95.78
CA PHE F 1139 63.67 -20.81 -96.00
C PHE F 1139 64.13 -20.04 -97.22
N GLY F 1140 63.28 -20.00 -98.24
CA GLY F 1140 63.55 -19.14 -99.39
C GLY F 1140 64.81 -19.52 -100.14
N ARG F 1141 65.49 -18.52 -100.67
CA ARG F 1141 66.69 -18.67 -101.47
C ARG F 1141 67.80 -17.82 -100.89
N PRO F 1142 69.05 -18.28 -100.95
CA PRO F 1142 70.18 -17.39 -100.67
C PRO F 1142 70.23 -16.25 -101.68
N TRP F 1143 70.44 -15.03 -101.19
CA TRP F 1143 70.58 -13.93 -102.13
C TRP F 1143 71.94 -13.94 -102.80
N GLN F 1144 72.11 -12.97 -103.69
CA GLN F 1144 73.37 -12.72 -104.38
C GLN F 1144 73.74 -11.25 -104.21
N SER F 1145 74.82 -10.84 -104.87
CA SER F 1145 75.26 -9.45 -104.76
C SER F 1145 74.22 -8.51 -105.34
N GLY F 1146 74.00 -7.39 -104.64
CA GLY F 1146 73.03 -6.40 -105.06
C GLY F 1146 71.60 -6.68 -104.68
N ASP F 1147 71.32 -7.75 -103.94
CA ASP F 1147 69.96 -8.06 -103.56
C ASP F 1147 69.52 -7.23 -102.35
N VAL F 1148 68.21 -7.09 -102.21
CA VAL F 1148 67.59 -6.31 -101.14
C VAL F 1148 66.51 -7.16 -100.48
N VAL F 1149 66.45 -7.11 -99.16
CA VAL F 1149 65.51 -7.89 -98.36
C VAL F 1149 64.74 -6.94 -97.46
N GLY F 1150 63.42 -7.08 -97.47
CA GLY F 1150 62.54 -6.34 -96.56
C GLY F 1150 62.05 -7.27 -95.45
N CYS F 1151 61.95 -6.72 -94.24
CA CYS F 1151 61.55 -7.50 -93.08
C CYS F 1151 60.32 -6.88 -92.45
N MET F 1152 59.32 -7.71 -92.18
CA MET F 1152 58.00 -7.35 -91.71
C MET F 1152 57.85 -7.89 -90.29
N ILE F 1153 57.31 -7.09 -89.38
CA ILE F 1153 56.82 -7.63 -88.12
C ILE F 1153 55.46 -7.02 -87.81
N ASP F 1154 54.51 -7.87 -87.42
CA ASP F 1154 53.19 -7.43 -87.00
C ASP F 1154 52.83 -8.15 -85.72
N LEU F 1155 53.04 -7.48 -84.59
CA LEU F 1155 52.79 -8.09 -83.28
C LEU F 1155 51.33 -8.50 -83.14
N THR F 1156 50.42 -7.70 -83.69
CA THR F 1156 49.02 -8.08 -83.70
C THR F 1156 48.80 -9.36 -84.50
N GLU F 1157 49.37 -9.43 -85.70
CA GLU F 1157 49.38 -10.69 -86.44
C GLU F 1157 50.30 -11.70 -85.78
N ASN F 1158 51.32 -11.21 -85.06
CA ASN F 1158 52.18 -12.03 -84.21
C ASN F 1158 53.04 -12.98 -85.05
N THR F 1159 53.53 -12.49 -86.19
CA THR F 1159 54.43 -13.24 -87.05
C THR F 1159 55.52 -12.31 -87.57
N ILE F 1160 56.51 -12.90 -88.24
CA ILE F 1160 57.60 -12.17 -88.88
C ILE F 1160 57.70 -12.65 -90.32
N ILE F 1161 57.76 -11.70 -91.26
CA ILE F 1161 57.74 -12.00 -92.69
C ILE F 1161 59.03 -11.48 -93.31
N PHE F 1162 59.52 -12.16 -94.34
CA PHE F 1162 60.74 -11.77 -95.04
C PHE F 1162 60.50 -11.80 -96.54
N THR F 1163 60.95 -10.76 -97.23
CA THR F 1163 60.82 -10.66 -98.69
C THR F 1163 62.20 -10.42 -99.29
N LEU F 1164 62.49 -11.12 -100.39
CA LEU F 1164 63.75 -10.98 -101.11
C LEU F 1164 63.49 -10.34 -102.46
N ASN F 1165 64.20 -9.25 -102.75
CA ASN F 1165 64.04 -8.50 -104.00
C ASN F 1165 62.60 -8.08 -104.22
N GLY F 1166 61.90 -7.73 -103.14
CA GLY F 1166 60.50 -7.37 -103.23
C GLY F 1166 59.54 -8.53 -103.28
N GLU F 1167 60.02 -9.76 -103.21
CA GLU F 1167 59.19 -10.96 -103.27
C GLU F 1167 59.38 -11.77 -102.00
N VAL F 1168 58.26 -12.22 -101.42
CA VAL F 1168 58.31 -12.94 -100.16
C VAL F 1168 59.01 -14.28 -100.33
N LEU F 1169 59.95 -14.56 -99.44
CA LEU F 1169 60.60 -15.87 -99.43
C LEU F 1169 59.56 -16.95 -99.09
N MET F 1170 59.55 -18.02 -99.88
CA MET F 1170 58.59 -19.10 -99.69
C MET F 1170 59.23 -20.23 -98.91
N SER F 1171 58.62 -20.59 -97.79
CA SER F 1171 59.09 -21.73 -97.02
C SER F 1171 58.76 -23.03 -97.76
N ASP F 1172 59.49 -24.10 -97.41
CA ASP F 1172 59.27 -25.41 -98.00
C ASP F 1172 58.11 -26.10 -97.30
N SER F 1173 56.99 -25.37 -97.25
CA SER F 1173 55.76 -25.83 -96.61
C SER F 1173 54.63 -24.93 -97.06
N GLY F 1174 53.45 -25.16 -96.47
CA GLY F 1174 52.30 -24.33 -96.82
C GLY F 1174 52.41 -22.91 -96.30
N SER F 1175 53.23 -22.71 -95.27
CA SER F 1175 53.35 -21.40 -94.65
C SER F 1175 54.02 -20.39 -95.58
N GLU F 1176 53.54 -19.16 -95.53
CA GLU F 1176 54.12 -18.06 -96.29
C GLU F 1176 55.17 -17.27 -95.48
N THR F 1177 54.99 -17.18 -94.17
CA THR F 1177 55.86 -16.39 -93.31
C THR F 1177 56.89 -17.29 -92.64
N ALA F 1178 58.05 -16.72 -92.31
CA ALA F 1178 59.13 -17.51 -91.72
C ALA F 1178 58.78 -18.00 -90.32
N PHE F 1179 58.18 -17.13 -89.51
CA PHE F 1179 57.94 -17.42 -88.10
C PHE F 1179 56.44 -17.35 -87.82
N ARG F 1180 55.95 -18.32 -87.04
CA ARG F 1180 54.53 -18.45 -86.77
C ARG F 1180 54.29 -18.73 -85.29
N GLU F 1181 53.16 -18.22 -84.78
CA GLU F 1181 52.76 -18.37 -83.38
C GLU F 1181 53.90 -18.01 -82.42
N ILE F 1182 54.63 -16.94 -82.74
CA ILE F 1182 55.63 -16.45 -81.80
C ILE F 1182 54.93 -15.69 -80.67
N GLU F 1183 55.71 -15.36 -79.65
CA GLU F 1183 55.21 -14.65 -78.47
C GLU F 1183 55.52 -13.17 -78.60
N ILE F 1184 54.64 -12.33 -78.04
CA ILE F 1184 54.89 -10.89 -78.05
C ILE F 1184 56.11 -10.55 -77.20
N GLY F 1185 56.18 -11.11 -76.00
CA GLY F 1185 57.31 -10.82 -75.12
C GLY F 1185 57.31 -9.38 -74.67
N ASP F 1186 58.48 -8.90 -74.27
CA ASP F 1186 58.61 -7.50 -73.87
C ASP F 1186 58.72 -6.59 -75.09
N GLY F 1187 58.97 -7.16 -76.25
CA GLY F 1187 59.08 -6.39 -77.47
C GLY F 1187 60.14 -6.97 -78.39
N PHE F 1188 60.37 -6.26 -79.48
CA PHE F 1188 61.33 -6.66 -80.49
C PHE F 1188 62.17 -5.46 -80.92
N LEU F 1189 63.40 -5.75 -81.34
CA LEU F 1189 64.32 -4.75 -81.86
C LEU F 1189 64.85 -5.19 -83.21
N PRO F 1190 64.81 -4.32 -84.23
CA PRO F 1190 65.47 -4.65 -85.50
C PRO F 1190 66.96 -4.84 -85.28
N VAL F 1191 67.49 -5.94 -85.82
CA VAL F 1191 68.88 -6.34 -85.61
C VAL F 1191 69.47 -6.79 -86.94
N CYS F 1192 70.73 -6.41 -87.15
CA CYS F 1192 71.47 -6.76 -88.36
C CYS F 1192 72.87 -7.21 -87.97
N SER F 1193 73.27 -8.38 -88.45
CA SER F 1193 74.58 -8.96 -88.19
C SER F 1193 75.32 -9.13 -89.50
N LEU F 1194 76.64 -9.04 -89.46
CA LEU F 1194 77.47 -9.13 -90.66
C LEU F 1194 78.61 -10.09 -90.42
N GLY F 1195 78.89 -10.96 -91.39
CA GLY F 1195 80.01 -11.86 -91.31
C GLY F 1195 81.31 -11.13 -91.55
N PRO F 1196 82.41 -11.87 -91.52
CA PRO F 1196 83.72 -11.24 -91.68
C PRO F 1196 83.94 -10.80 -93.13
N GLY F 1197 84.07 -9.49 -93.32
CA GLY F 1197 84.33 -8.97 -94.65
C GLY F 1197 83.13 -8.84 -95.55
N GLN F 1198 81.94 -8.63 -95.01
CA GLN F 1198 80.72 -8.48 -95.79
C GLN F 1198 80.13 -7.09 -95.53
N VAL F 1199 79.47 -6.54 -96.55
CA VAL F 1199 78.98 -5.17 -96.52
C VAL F 1199 77.46 -5.17 -96.62
N GLY F 1200 76.81 -4.37 -95.76
CA GLY F 1200 75.36 -4.23 -95.79
C GLY F 1200 74.90 -2.79 -95.72
N HIS F 1201 73.68 -2.54 -96.19
CA HIS F 1201 73.03 -1.24 -96.10
C HIS F 1201 71.70 -1.40 -95.39
N LEU F 1202 71.48 -0.62 -94.34
CA LEU F 1202 70.29 -0.74 -93.53
C LEU F 1202 69.47 0.53 -93.64
N ASN F 1203 68.16 0.36 -93.87
CA ASN F 1203 67.23 1.48 -93.94
C ASN F 1203 66.04 1.20 -93.04
N LEU F 1204 65.74 2.15 -92.17
CA LEU F 1204 64.61 2.04 -91.25
C LEU F 1204 63.45 2.94 -91.64
N GLY F 1205 63.68 3.95 -92.47
CA GLY F 1205 62.63 4.84 -92.91
C GLY F 1205 62.92 6.31 -92.82
N GLN F 1206 64.17 6.71 -92.62
CA GLN F 1206 64.50 8.14 -92.57
C GLN F 1206 64.06 8.86 -93.84
N ASP F 1207 64.37 8.30 -95.00
CA ASP F 1207 63.98 8.86 -96.28
C ASP F 1207 62.87 8.01 -96.90
N VAL F 1208 61.78 8.65 -97.29
CA VAL F 1208 60.63 7.90 -97.82
C VAL F 1208 60.98 7.23 -99.13
N SER F 1209 61.82 7.87 -99.94
CA SER F 1209 62.14 7.32 -101.26
C SER F 1209 63.08 6.12 -101.16
N SER F 1210 63.85 6.05 -100.07
CA SER F 1210 64.83 4.96 -99.93
C SER F 1210 64.15 3.60 -99.86
N LEU F 1211 62.94 3.56 -99.30
CA LEU F 1211 62.17 2.32 -99.18
C LEU F 1211 61.59 1.94 -100.55
N ARG F 1212 62.49 1.56 -101.46
CA ARG F 1212 62.06 1.26 -102.83
C ARG F 1212 61.23 -0.02 -102.89
N PHE F 1213 61.68 -1.09 -102.23
CA PHE F 1213 60.94 -2.34 -102.30
C PHE F 1213 59.79 -2.35 -101.32
N PHE F 1214 59.74 -1.37 -100.42
CA PHE F 1214 58.54 -1.19 -99.60
C PHE F 1214 57.35 -0.78 -100.46
N ALA F 1215 57.62 -0.10 -101.58
CA ALA F 1215 56.55 0.20 -102.52
C ALA F 1215 55.96 -1.08 -103.10
N ILE F 1216 56.82 -2.05 -103.45
CA ILE F 1216 56.33 -3.30 -104.00
C ILE F 1216 55.62 -4.12 -102.93
N CYS F 1217 56.24 -4.28 -101.76
CA CYS F 1217 55.69 -5.08 -100.68
C CYS F 1217 55.67 -4.27 -99.40
N GLY F 1218 54.53 -4.30 -98.71
CA GLY F 1218 54.38 -3.58 -97.46
C GLY F 1218 53.41 -2.42 -97.48
N LEU F 1219 53.19 -1.79 -98.65
CA LEU F 1219 52.14 -0.78 -98.73
C LEU F 1219 50.76 -1.43 -98.68
N GLN F 1220 50.58 -2.53 -99.39
CA GLN F 1220 49.30 -3.22 -99.37
C GLN F 1220 49.05 -3.85 -98.00
N GLU F 1221 50.04 -4.56 -97.47
CA GLU F 1221 49.96 -5.00 -96.08
C GLU F 1221 49.83 -3.80 -95.14
N GLY F 1222 50.32 -2.64 -95.57
CA GLY F 1222 50.21 -1.43 -94.78
C GLY F 1222 50.96 -1.50 -93.48
N PHE F 1223 52.23 -1.88 -93.52
CA PHE F 1223 53.01 -1.99 -92.29
C PHE F 1223 53.90 -0.77 -92.11
N GLU F 1224 53.90 -0.24 -90.89
CA GLU F 1224 54.42 1.08 -90.63
C GLU F 1224 55.95 1.08 -90.68
N PRO F 1225 56.54 1.92 -91.53
CA PRO F 1225 58.01 1.98 -91.61
C PRO F 1225 58.62 2.40 -90.28
N PHE F 1226 59.65 1.66 -89.86
CA PHE F 1226 60.17 1.78 -88.49
C PHE F 1226 60.62 3.21 -88.19
N ALA F 1227 61.07 3.95 -89.20
CA ALA F 1227 61.58 5.29 -89.01
C ALA F 1227 60.90 6.32 -89.90
N ILE F 1228 59.62 6.11 -90.25
CA ILE F 1228 58.95 7.03 -91.18
C ILE F 1228 58.82 8.42 -90.56
N ASN F 1229 58.63 8.50 -89.24
CA ASN F 1229 58.59 9.78 -88.54
C ASN F 1229 59.66 9.78 -87.45
N MET F 1230 60.89 10.04 -87.86
CA MET F 1230 62.02 10.29 -86.98
C MET F 1230 62.61 11.65 -87.32
N GLN F 1231 62.76 12.50 -86.30
CA GLN F 1231 63.42 13.79 -86.52
CA GLN F 1231 63.43 13.78 -86.50
C GLN F 1231 64.91 13.59 -86.75
N ARG F 1232 65.50 12.58 -86.12
CA ARG F 1232 66.92 12.28 -86.15
C ARG F 1232 67.11 10.83 -86.58
N PRO F 1233 68.28 10.49 -87.12
CA PRO F 1233 68.54 9.09 -87.48
C PRO F 1233 68.46 8.18 -86.26
N VAL F 1234 67.93 6.97 -86.47
CA VAL F 1234 67.73 6.04 -85.37
C VAL F 1234 69.07 5.50 -84.90
N THR F 1235 69.28 5.52 -83.59
CA THR F 1235 70.52 5.04 -83.01
C THR F 1235 70.59 3.52 -83.03
N THR F 1236 71.70 3.00 -83.54
CA THR F 1236 72.01 1.59 -83.46
C THR F 1236 73.24 1.38 -82.59
N TRP F 1237 73.47 0.14 -82.19
CA TRP F 1237 74.56 -0.24 -81.32
C TRP F 1237 75.30 -1.43 -81.89
N PHE F 1238 76.63 -1.38 -81.80
CA PHE F 1238 77.51 -2.39 -82.35
C PHE F 1238 78.19 -3.16 -81.22
N SER F 1239 78.46 -4.43 -81.48
CA SER F 1239 79.23 -5.25 -80.55
C SER F 1239 80.69 -4.81 -80.57
N LYS F 1240 81.32 -4.84 -79.39
CA LYS F 1240 82.67 -4.37 -79.18
C LYS F 1240 83.55 -5.58 -78.95
N SER F 1241 84.43 -5.86 -79.91
CA SER F 1241 85.30 -7.04 -79.81
C SER F 1241 86.42 -6.82 -78.81
N LEU F 1242 86.73 -5.56 -78.52
CA LEU F 1242 87.77 -5.26 -77.54
C LEU F 1242 87.33 -5.78 -76.18
N PRO F 1243 88.10 -6.65 -75.54
CA PRO F 1243 87.67 -7.21 -74.25
C PRO F 1243 87.67 -6.14 -73.17
N GLN F 1244 86.53 -6.02 -72.48
CA GLN F 1244 86.34 -5.01 -71.46
C GLN F 1244 86.17 -5.69 -70.11
N PHE F 1245 86.57 -4.99 -69.05
CA PHE F 1245 86.53 -5.58 -67.72
C PHE F 1245 85.14 -5.45 -67.11
N GLU F 1246 84.54 -6.58 -66.76
CA GLU F 1246 83.18 -6.60 -66.25
C GLU F 1246 83.10 -7.41 -64.96
N PRO F 1247 82.18 -7.05 -64.06
CA PRO F 1247 81.99 -7.85 -62.85
C PRO F 1247 81.46 -9.25 -63.17
N VAL F 1248 81.79 -10.20 -62.30
CA VAL F 1248 81.34 -11.57 -62.50
C VAL F 1248 79.84 -11.66 -62.23
N PRO F 1249 79.03 -12.20 -63.13
CA PRO F 1249 77.61 -12.39 -62.86
C PRO F 1249 77.40 -13.39 -61.74
N PRO F 1250 76.58 -13.05 -60.74
CA PRO F 1250 76.41 -13.96 -59.60
C PRO F 1250 75.86 -15.33 -59.97
N GLU F 1251 74.94 -15.40 -60.94
CA GLU F 1251 74.35 -16.66 -61.35
C GLU F 1251 74.94 -17.20 -62.65
N HIS F 1252 76.21 -16.92 -62.94
CA HIS F 1252 76.82 -17.46 -64.14
C HIS F 1252 76.95 -18.97 -64.00
N PRO F 1253 76.40 -19.75 -64.92
CA PRO F 1253 76.24 -21.19 -64.66
C PRO F 1253 77.53 -21.97 -64.52
N HIS F 1254 78.63 -21.52 -65.14
CA HIS F 1254 79.83 -22.34 -65.18
C HIS F 1254 80.74 -22.07 -63.99
N TYR F 1255 80.87 -20.81 -63.59
CA TYR F 1255 81.75 -20.44 -62.48
C TYR F 1255 80.93 -19.89 -61.33
N GLU F 1256 81.34 -20.22 -60.11
CA GLU F 1256 80.65 -19.78 -58.89
C GLU F 1256 81.63 -18.98 -58.04
N VAL F 1257 81.18 -17.82 -57.58
CA VAL F 1257 81.99 -16.92 -56.76
C VAL F 1257 81.27 -16.70 -55.43
N ALA F 1258 81.98 -16.91 -54.33
CA ALA F 1258 81.42 -16.76 -53.00
C ALA F 1258 82.41 -16.03 -52.10
N ARG F 1259 81.89 -15.14 -51.25
CA ARG F 1259 82.72 -14.47 -50.25
C ARG F 1259 82.72 -15.27 -48.95
N MET F 1260 83.88 -15.33 -48.32
CA MET F 1260 84.01 -15.88 -46.98
C MET F 1260 84.71 -14.86 -46.11
N ASP F 1261 84.18 -14.64 -44.92
CA ASP F 1261 84.68 -13.62 -44.04
C ASP F 1261 85.90 -14.09 -43.27
N GLY F 1262 86.78 -13.14 -42.98
CA GLY F 1262 87.97 -13.47 -42.23
C GLY F 1262 87.65 -13.85 -40.80
N THR F 1263 88.51 -14.70 -40.23
CA THR F 1263 88.35 -15.20 -38.88
C THR F 1263 89.62 -14.99 -38.10
N VAL F 1264 89.67 -15.61 -36.91
CA VAL F 1264 90.85 -15.50 -36.06
C VAL F 1264 92.05 -16.17 -36.72
N ASP F 1265 91.82 -17.24 -37.48
CA ASP F 1265 92.94 -17.98 -38.06
C ASP F 1265 93.25 -17.50 -39.47
N THR F 1266 92.24 -17.07 -40.21
CA THR F 1266 92.41 -16.78 -41.63
C THR F 1266 91.96 -15.35 -41.93
N PRO F 1267 92.59 -14.69 -42.91
CA PRO F 1267 92.14 -13.37 -43.30
C PRO F 1267 90.90 -13.46 -44.18
N PRO F 1268 90.25 -12.32 -44.48
CA PRO F 1268 89.13 -12.36 -45.42
C PRO F 1268 89.57 -12.84 -46.80
N CYS F 1269 88.67 -13.56 -47.47
CA CYS F 1269 88.97 -14.18 -48.74
C CYS F 1269 87.75 -14.16 -49.65
N LEU F 1270 88.01 -14.24 -50.95
CA LEU F 1270 86.99 -14.43 -51.97
C LEU F 1270 87.18 -15.80 -52.59
N ARG F 1271 86.13 -16.63 -52.53
CA ARG F 1271 86.20 -18.05 -52.85
C ARG F 1271 85.54 -18.28 -54.20
N LEU F 1272 86.23 -18.96 -55.13
CA LEU F 1272 85.66 -19.27 -56.43
C LEU F 1272 85.65 -20.79 -56.63
N ALA F 1273 84.54 -21.29 -57.18
CA ALA F 1273 84.41 -22.69 -57.54
C ALA F 1273 83.82 -22.79 -58.94
N HIS F 1274 83.97 -23.96 -59.55
CA HIS F 1274 83.48 -24.23 -60.89
C HIS F 1274 82.37 -25.27 -60.79
N ARG F 1275 81.12 -24.82 -60.99
CA ARG F 1275 79.97 -25.68 -60.72
C ARG F 1275 79.92 -26.87 -61.66
N THR F 1276 80.07 -26.63 -62.96
CA THR F 1276 79.87 -27.72 -63.92
C THR F 1276 81.04 -28.70 -63.93
N TRP F 1277 82.12 -28.36 -63.23
CA TRP F 1277 83.27 -29.26 -63.14
C TRP F 1277 82.86 -30.55 -62.43
N GLY F 1278 83.36 -31.67 -62.94
CA GLY F 1278 82.96 -32.97 -62.44
C GLY F 1278 81.74 -33.55 -63.12
N SER F 1279 81.14 -32.83 -64.06
CA SER F 1279 79.96 -33.30 -64.80
C SER F 1279 80.22 -33.11 -66.29
N GLN F 1280 79.48 -33.84 -67.10
CA GLN F 1280 79.62 -33.73 -68.55
C GLN F 1280 79.17 -32.35 -69.03
N ASN F 1281 79.50 -32.05 -70.29
CA ASN F 1281 79.29 -30.78 -71.00
C ASN F 1281 79.88 -29.59 -70.26
N SER F 1282 80.78 -29.82 -69.30
CA SER F 1282 81.40 -28.73 -68.55
C SER F 1282 82.26 -27.86 -69.47
N LEU F 1283 82.30 -26.58 -69.18
CA LEU F 1283 83.09 -25.61 -69.94
C LEU F 1283 84.28 -25.16 -69.11
N VAL F 1284 85.48 -25.38 -69.64
CA VAL F 1284 86.72 -24.94 -69.02
C VAL F 1284 87.49 -24.12 -70.04
N GLU F 1285 87.99 -22.96 -69.62
CA GLU F 1285 88.71 -22.07 -70.50
C GLU F 1285 89.69 -21.24 -69.68
N MET F 1286 90.68 -20.67 -70.37
CA MET F 1286 91.65 -19.81 -69.71
C MET F 1286 90.94 -18.55 -69.21
N LEU F 1287 90.76 -18.46 -67.89
CA LEU F 1287 89.96 -17.41 -67.29
C LEU F 1287 90.85 -16.41 -66.59
N PHE F 1288 90.53 -15.13 -66.77
CA PHE F 1288 91.29 -14.02 -66.20
C PHE F 1288 90.44 -13.36 -65.13
N LEU F 1289 90.99 -13.23 -63.92
CA LEU F 1289 90.27 -12.73 -62.77
C LEU F 1289 91.04 -11.56 -62.18
N ARG F 1290 90.33 -10.64 -61.53
CA ARG F 1290 90.97 -9.51 -60.88
C ARG F 1290 90.13 -9.06 -59.70
N LEU F 1291 90.75 -8.26 -58.83
CA LEU F 1291 90.02 -7.55 -57.80
C LEU F 1291 89.37 -6.31 -58.39
N SER F 1292 88.23 -5.93 -57.80
CA SER F 1292 87.44 -4.83 -58.37
C SER F 1292 88.14 -3.49 -58.19
N LEU F 1293 88.89 -3.32 -57.10
CA LEU F 1293 89.39 -2.02 -56.71
C LEU F 1293 90.83 -1.82 -57.17
N PRO F 1294 91.21 -0.60 -57.53
CA PRO F 1294 92.58 -0.36 -57.99
C PRO F 1294 93.51 0.02 -56.86
N VAL F 1295 94.80 -0.03 -57.15
CA VAL F 1295 95.85 0.49 -56.27
C VAL F 1295 96.74 1.39 -57.09
N GLN F 1296 96.90 2.64 -56.65
CA GLN F 1296 97.68 3.64 -57.38
C GLN F 1296 98.92 4.00 -56.58
N PHE F 1297 100.07 3.94 -57.23
CA PHE F 1297 101.33 4.27 -56.58
C PHE F 1297 101.44 5.77 -56.36
N HIS F 1298 102.32 6.16 -55.44
CA HIS F 1298 102.50 7.56 -55.12
C HIS F 1298 103.01 8.34 -56.32
N GLN F 1299 102.57 9.59 -56.44
CA GLN F 1299 103.00 10.43 -57.57
C GLN F 1299 104.49 10.66 -57.54
N HIS F 1300 105.06 10.92 -56.37
CA HIS F 1300 106.50 11.10 -56.20
C HIS F 1300 107.05 9.96 -55.36
N PHE F 1301 107.82 9.08 -56.00
CA PHE F 1301 108.53 8.03 -55.27
C PHE F 1301 109.54 8.65 -54.33
N ARG F 1302 109.69 8.05 -53.14
CA ARG F 1302 110.69 8.54 -52.21
C ARG F 1302 112.09 8.29 -52.77
N CYS F 1303 113.02 9.19 -52.43
CA CYS F 1303 114.36 9.13 -52.99
C CYS F 1303 115.10 7.90 -52.47
N THR F 1304 115.64 7.12 -53.40
CA THR F 1304 116.39 5.90 -53.09
C THR F 1304 115.61 4.95 -52.19
N ASP F 1419 105.90 -14.05 -29.38
CA ASP F 1419 105.93 -12.71 -29.95
C ASP F 1419 105.40 -12.70 -31.37
N ASN F 1420 106.29 -12.38 -32.32
CA ASN F 1420 105.94 -12.32 -33.75
C ASN F 1420 104.81 -11.32 -34.00
N ARG F 1421 104.72 -10.31 -33.16
CA ARG F 1421 103.71 -9.27 -33.27
C ARG F 1421 104.34 -8.02 -33.85
N ASP F 1422 103.73 -7.49 -34.91
CA ASP F 1422 104.25 -6.28 -35.54
C ASP F 1422 104.20 -5.09 -34.59
N ASP F 1423 105.30 -4.36 -34.51
CA ASP F 1423 105.35 -3.18 -33.66
C ASP F 1423 104.49 -2.07 -34.26
N PRO F 1424 103.73 -1.35 -33.43
CA PRO F 1424 102.91 -0.25 -33.98
C PRO F 1424 103.73 0.78 -34.73
N GLU F 1425 104.90 1.15 -34.22
CA GLU F 1425 105.69 2.18 -34.89
C GLU F 1425 106.14 1.72 -36.27
N ILE F 1426 106.67 0.51 -36.37
CA ILE F 1426 107.17 0.03 -37.65
C ILE F 1426 106.02 -0.21 -38.63
N ILE F 1427 104.87 -0.68 -38.12
CA ILE F 1427 103.75 -0.97 -39.02
C ILE F 1427 103.12 0.33 -39.52
N LEU F 1428 103.17 1.40 -38.71
CA LEU F 1428 102.66 2.68 -39.18
C LEU F 1428 103.65 3.34 -40.13
N ASN F 1429 104.95 3.17 -39.88
CA ASN F 1429 105.96 3.85 -40.71
C ASN F 1429 106.12 3.16 -42.07
N THR F 1430 105.97 1.84 -42.12
CA THR F 1430 106.16 1.14 -43.39
C THR F 1430 104.98 1.39 -44.32
N THR F 1431 105.19 1.09 -45.61
CA THR F 1431 104.20 1.30 -46.65
C THR F 1431 104.16 0.19 -47.68
N THR F 1432 104.44 -1.04 -47.29
CA THR F 1432 104.43 -2.18 -48.20
C THR F 1432 103.22 -3.05 -47.90
N TYR F 1433 102.52 -3.47 -48.94
CA TYR F 1433 101.22 -4.12 -48.84
C TYR F 1433 101.33 -5.55 -49.37
N TYR F 1434 100.56 -6.46 -48.78
CA TYR F 1434 100.64 -7.88 -49.06
C TYR F 1434 99.31 -8.37 -49.61
N TYR F 1435 99.37 -9.29 -50.57
CA TYR F 1435 98.21 -9.82 -51.26
C TYR F 1435 98.39 -11.32 -51.49
N SER F 1436 97.53 -12.13 -50.86
CA SER F 1436 97.69 -13.58 -50.90
C SER F 1436 96.70 -14.18 -51.89
N VAL F 1437 97.09 -15.29 -52.49
CA VAL F 1437 96.19 -16.11 -53.32
C VAL F 1437 96.44 -17.57 -52.98
N ARG F 1438 95.37 -18.30 -52.70
CA ARG F 1438 95.43 -19.72 -52.38
C ARG F 1438 94.98 -20.54 -53.58
N VAL F 1439 95.88 -21.40 -54.07
CA VAL F 1439 95.59 -22.35 -55.14
C VAL F 1439 95.41 -23.71 -54.50
N PHE F 1440 94.20 -24.27 -54.61
CA PHE F 1440 93.89 -25.54 -53.98
C PHE F 1440 94.63 -26.69 -54.67
N ALA F 1441 94.53 -27.87 -54.07
CA ALA F 1441 94.99 -29.07 -54.74
C ALA F 1441 94.08 -29.38 -55.92
N GLY F 1442 94.69 -29.79 -57.03
CA GLY F 1442 93.96 -30.03 -58.26
C GLY F 1442 94.10 -28.95 -59.30
N GLN F 1443 94.64 -27.78 -58.96
CA GLN F 1443 94.99 -26.76 -59.93
C GLN F 1443 96.50 -26.73 -60.07
N GLU F 1444 96.98 -26.97 -61.28
CA GLU F 1444 98.40 -27.05 -61.52
C GLU F 1444 99.03 -25.66 -61.45
N PRO F 1445 100.23 -25.53 -60.87
CA PRO F 1445 100.96 -24.25 -60.98
C PRO F 1445 101.22 -23.89 -62.43
N SER F 1446 101.30 -24.88 -63.30
CA SER F 1446 101.34 -24.60 -64.74
C SER F 1446 100.05 -23.94 -65.20
N CYS F 1447 98.92 -24.30 -64.58
CA CYS F 1447 97.65 -23.72 -64.96
C CYS F 1447 97.44 -22.35 -64.32
N VAL F 1448 98.16 -22.06 -63.24
CA VAL F 1448 97.93 -20.87 -62.44
C VAL F 1448 98.96 -19.80 -62.79
N TRP F 1449 98.49 -18.60 -63.07
CA TRP F 1449 99.32 -17.40 -63.19
C TRP F 1449 98.76 -16.34 -62.26
N VAL F 1450 99.64 -15.74 -61.45
CA VAL F 1450 99.25 -14.77 -60.43
C VAL F 1450 100.12 -13.53 -60.58
N GLY F 1451 99.48 -12.35 -60.54
CA GLY F 1451 100.21 -11.10 -60.59
C GLY F 1451 99.28 -9.92 -60.75
N TRP F 1452 99.86 -8.74 -60.84
CA TRP F 1452 99.07 -7.52 -60.99
C TRP F 1452 98.95 -7.15 -62.47
N VAL F 1453 97.81 -6.54 -62.82
CA VAL F 1453 97.51 -6.16 -64.20
C VAL F 1453 97.22 -4.67 -64.24
N THR F 1454 97.68 -4.01 -65.31
CA THR F 1454 97.35 -2.62 -65.52
C THR F 1454 95.98 -2.50 -66.19
N PRO F 1455 95.29 -1.36 -66.02
CA PRO F 1455 93.98 -1.21 -66.68
C PRO F 1455 94.06 -1.28 -68.19
N ASP F 1456 95.20 -0.91 -68.78
CA ASP F 1456 95.31 -0.91 -70.24
C ASP F 1456 95.31 -2.33 -70.81
N TYR F 1457 95.56 -3.33 -69.95
CA TYR F 1457 95.59 -4.71 -70.39
C TYR F 1457 94.24 -5.13 -70.97
N HIS F 1458 94.27 -5.77 -72.14
CA HIS F 1458 93.07 -6.27 -72.79
C HIS F 1458 93.28 -7.61 -73.48
N GLN F 1459 94.42 -8.26 -73.27
CA GLN F 1459 94.71 -9.50 -73.98
C GLN F 1459 93.84 -10.64 -73.46
N HIS F 1460 93.28 -11.41 -74.39
CA HIS F 1460 92.43 -12.56 -74.05
C HIS F 1460 92.82 -13.72 -74.94
N ASP F 1461 93.27 -14.82 -74.33
CA ASP F 1461 93.72 -16.00 -75.06
C ASP F 1461 93.53 -17.24 -74.20
N MET F 1462 93.01 -18.31 -74.82
CA MET F 1462 93.04 -19.62 -74.18
C MET F 1462 94.47 -20.13 -74.07
N ASN F 1463 95.29 -19.84 -75.08
CA ASN F 1463 96.72 -20.17 -75.06
C ASN F 1463 97.51 -18.98 -74.55
N PHE F 1464 97.24 -18.64 -73.28
CA PHE F 1464 97.98 -17.59 -72.60
C PHE F 1464 99.43 -18.00 -72.39
N ASP F 1465 100.34 -17.02 -72.43
CA ASP F 1465 101.74 -17.27 -72.16
C ASP F 1465 102.40 -16.05 -71.56
N LEU F 1466 103.25 -16.30 -70.56
CA LEU F 1466 104.01 -15.22 -69.93
C LEU F 1466 104.90 -14.52 -70.95
N SER F 1467 105.40 -15.26 -71.95
CA SER F 1467 106.11 -14.61 -73.05
C SER F 1467 105.13 -13.90 -73.98
N LYS F 1468 103.90 -14.41 -74.08
CA LYS F 1468 102.92 -13.81 -74.98
C LYS F 1468 102.44 -12.47 -74.46
N VAL F 1469 102.60 -12.22 -73.15
CA VAL F 1469 102.10 -10.96 -72.59
C VAL F 1469 102.71 -9.76 -73.30
N ARG F 1470 101.97 -8.67 -73.33
CA ARG F 1470 102.42 -7.45 -73.98
C ARG F 1470 103.43 -6.70 -73.11
N ALA F 1471 104.57 -6.35 -73.72
CA ALA F 1471 105.63 -5.67 -73.00
C ALA F 1471 106.54 -4.94 -73.98
N VAL F 1472 107.05 -3.79 -73.57
CA VAL F 1472 107.94 -2.97 -74.38
C VAL F 1472 108.97 -2.33 -73.46
N THR F 1473 110.14 -2.01 -74.02
CA THR F 1473 111.23 -1.38 -73.27
C THR F 1473 111.71 -0.16 -74.04
N VAL F 1474 111.87 0.96 -73.33
CA VAL F 1474 112.26 2.23 -73.94
C VAL F 1474 113.59 2.65 -73.31
N THR F 1475 114.43 3.27 -74.13
CA THR F 1475 115.68 3.85 -73.64
C THR F 1475 115.80 5.28 -74.14
N MET F 1476 115.97 6.20 -73.22
CA MET F 1476 116.20 7.60 -73.53
C MET F 1476 117.70 7.83 -73.44
N GLY F 1477 118.31 8.24 -74.54
CA GLY F 1477 119.75 8.32 -74.63
C GLY F 1477 120.19 9.58 -75.36
N ASP F 1478 121.47 9.91 -75.16
CA ASP F 1478 122.07 11.04 -75.86
C ASP F 1478 122.65 10.59 -77.19
N GLU F 1479 123.30 11.52 -77.90
CA GLU F 1479 123.99 11.18 -79.14
C GLU F 1479 125.09 10.15 -78.90
N GLN F 1480 125.96 10.43 -77.93
CA GLN F 1480 126.84 9.40 -77.41
C GLN F 1480 126.02 8.42 -76.58
N GLY F 1481 126.63 7.30 -76.20
CA GLY F 1481 125.93 6.24 -75.50
C GLY F 1481 125.04 6.75 -74.39
N ASN F 1482 125.65 7.27 -73.32
CA ASN F 1482 125.04 8.23 -72.40
C ASN F 1482 123.55 7.98 -72.19
N VAL F 1483 123.22 6.80 -71.67
CA VAL F 1483 121.82 6.46 -71.45
C VAL F 1483 121.22 7.42 -70.44
N HIS F 1484 120.31 8.28 -70.90
CA HIS F 1484 119.69 9.25 -70.01
C HIS F 1484 118.74 8.57 -69.04
N SER F 1485 118.03 7.54 -69.50
CA SER F 1485 117.09 6.80 -68.66
C SER F 1485 116.73 5.51 -69.35
N SER F 1486 116.32 4.52 -68.55
CA SER F 1486 115.83 3.24 -69.04
C SER F 1486 114.46 2.98 -68.44
N LEU F 1487 113.50 2.59 -69.28
CA LEU F 1487 112.11 2.48 -68.87
C LEU F 1487 111.55 1.15 -69.37
N LYS F 1488 110.66 0.55 -68.59
CA LYS F 1488 110.04 -0.73 -68.92
C LYS F 1488 108.54 -0.59 -68.74
N CYS F 1489 107.77 -1.00 -69.76
CA CYS F 1489 106.32 -0.92 -69.72
C CYS F 1489 105.74 -2.31 -70.00
N SER F 1490 104.76 -2.71 -69.21
CA SER F 1490 104.09 -3.99 -69.38
C SER F 1490 102.59 -3.78 -69.26
N ASN F 1491 101.83 -4.45 -70.14
CA ASN F 1491 100.37 -4.41 -70.01
C ASN F 1491 99.92 -5.03 -68.70
N CYS F 1492 100.61 -6.08 -68.26
CA CYS F 1492 100.31 -6.76 -67.02
C CYS F 1492 101.58 -7.44 -66.53
N TYR F 1493 101.67 -7.61 -65.21
CA TYR F 1493 102.82 -8.25 -64.58
C TYR F 1493 102.42 -9.63 -64.11
N MET F 1494 102.58 -10.62 -65.00
CA MET F 1494 102.36 -12.02 -64.69
C MET F 1494 103.72 -12.68 -64.47
N VAL F 1495 103.82 -13.47 -63.41
CA VAL F 1495 104.97 -14.35 -63.23
C VAL F 1495 104.43 -15.73 -62.86
N TRP F 1496 105.04 -16.77 -63.42
CA TRP F 1496 104.36 -18.06 -63.53
C TRP F 1496 104.49 -18.88 -62.25
N GLY F 1497 103.35 -19.37 -61.77
CA GLY F 1497 103.36 -20.23 -60.60
C GLY F 1497 104.11 -21.53 -60.85
N GLY F 1498 104.16 -21.96 -62.10
CA GLY F 1498 104.94 -23.15 -62.43
C GLY F 1498 106.41 -23.00 -62.10
N ASP F 1499 107.00 -21.83 -62.40
CA ASP F 1499 108.39 -21.60 -62.05
C ASP F 1499 108.51 -21.19 -60.59
N PHE F 1500 107.45 -20.65 -60.01
CA PHE F 1500 107.44 -20.42 -58.55
C PHE F 1500 107.62 -21.71 -57.76
N VAL F 1501 106.78 -22.72 -58.04
CA VAL F 1501 106.68 -23.84 -57.11
C VAL F 1501 107.94 -24.69 -57.14
N SER F 1502 108.08 -25.53 -56.11
CA SER F 1502 109.21 -26.45 -56.04
C SER F 1502 109.15 -27.44 -57.20
N PRO F 1503 110.28 -28.03 -57.58
CA PRO F 1503 110.29 -28.85 -58.80
C PRO F 1503 109.27 -29.98 -58.75
N GLY F 1504 108.32 -29.91 -59.68
CA GLY F 1504 107.24 -30.87 -59.78
C GLY F 1504 107.36 -31.70 -61.04
N GLN F 1505 108.61 -32.12 -61.33
CA GLN F 1505 108.88 -32.95 -62.50
C GLN F 1505 107.84 -34.05 -62.66
N GLN F 1506 107.42 -34.65 -61.56
CA GLN F 1506 106.38 -35.67 -61.60
C GLN F 1506 105.82 -35.86 -60.19
N GLY F 1507 104.53 -36.18 -60.13
CA GLY F 1507 103.89 -36.47 -58.85
C GLY F 1507 103.59 -35.25 -58.02
N ARG F 1508 103.27 -34.12 -58.66
CA ARG F 1508 102.94 -32.92 -57.92
C ARG F 1508 101.57 -33.04 -57.25
N ILE F 1509 100.77 -34.01 -57.68
CA ILE F 1509 99.48 -34.23 -57.06
C ILE F 1509 99.67 -34.64 -55.61
N SER F 1510 99.28 -33.77 -54.69
CA SER F 1510 99.51 -33.99 -53.27
C SER F 1510 98.55 -33.14 -52.46
N HIS F 1511 98.60 -33.34 -51.14
CA HIS F 1511 97.74 -32.58 -50.24
C HIS F 1511 98.14 -31.12 -50.18
N THR F 1512 99.35 -30.80 -50.62
CA THR F 1512 99.86 -29.43 -50.50
C THR F 1512 99.07 -28.48 -51.39
N ASP F 1513 98.71 -27.33 -50.83
CA ASP F 1513 98.06 -26.25 -51.56
C ASP F 1513 99.00 -25.07 -51.63
N LEU F 1514 99.05 -24.44 -52.81
CA LEU F 1514 99.97 -23.31 -52.99
C LEU F 1514 99.40 -22.05 -52.35
N VAL F 1515 100.26 -21.29 -51.69
CA VAL F 1515 99.92 -19.99 -51.16
C VAL F 1515 100.94 -18.98 -51.68
N ILE F 1516 100.48 -18.06 -52.52
CA ILE F 1516 101.36 -17.10 -53.19
C ILE F 1516 101.12 -15.72 -52.60
N GLY F 1517 102.19 -14.97 -52.37
CA GLY F 1517 102.08 -13.63 -51.85
C GLY F 1517 102.73 -12.59 -52.73
N CYS F 1518 102.07 -11.46 -52.92
CA CYS F 1518 102.60 -10.34 -53.68
C CYS F 1518 102.80 -9.18 -52.72
N LEU F 1519 104.02 -8.63 -52.67
CA LEU F 1519 104.34 -7.49 -51.82
C LEU F 1519 104.66 -6.30 -52.69
N VAL F 1520 103.82 -5.28 -52.62
CA VAL F 1520 103.99 -4.06 -53.42
C VAL F 1520 104.07 -2.87 -52.48
N ASP F 1521 105.09 -2.04 -52.67
CA ASP F 1521 105.28 -0.84 -51.86
C ASP F 1521 105.11 0.36 -52.77
N LEU F 1522 104.09 1.19 -52.47
CA LEU F 1522 103.77 2.31 -53.36
C LEU F 1522 104.87 3.36 -53.35
N ALA F 1523 105.54 3.54 -52.22
CA ALA F 1523 106.62 4.53 -52.16
C ALA F 1523 107.82 4.08 -52.99
N THR F 1524 108.18 2.80 -52.90
CA THR F 1524 109.34 2.33 -53.65
C THR F 1524 109.04 2.23 -55.14
N GLY F 1525 107.86 1.73 -55.49
CA GLY F 1525 107.62 1.29 -56.86
C GLY F 1525 108.18 -0.07 -57.17
N LEU F 1526 108.75 -0.75 -56.18
CA LEU F 1526 109.34 -2.08 -56.35
C LEU F 1526 108.37 -3.14 -55.85
N MET F 1527 108.14 -4.18 -56.65
CA MET F 1527 107.21 -5.24 -56.30
C MET F 1527 107.98 -6.56 -56.23
N THR F 1528 107.79 -7.30 -55.15
CA THR F 1528 108.42 -8.59 -54.95
C THR F 1528 107.36 -9.65 -54.72
N PHE F 1529 107.77 -10.91 -54.77
CA PHE F 1529 106.83 -12.01 -54.66
C PHE F 1529 107.40 -13.11 -53.78
N THR F 1530 106.51 -13.84 -53.10
CA THR F 1530 106.84 -15.02 -52.32
C THR F 1530 106.04 -16.19 -52.88
N ALA F 1531 106.75 -17.19 -53.43
CA ALA F 1531 106.07 -18.28 -54.12
C ALA F 1531 105.19 -19.08 -53.19
N ASN F 1532 105.75 -19.56 -52.08
CA ASN F 1532 105.00 -20.29 -51.06
C ASN F 1532 105.51 -19.83 -49.68
N GLY F 1533 105.68 -18.53 -49.53
CA GLY F 1533 106.39 -17.99 -48.40
C GLY F 1533 107.89 -17.85 -48.60
N LYS F 1534 108.40 -18.36 -49.72
CA LYS F 1534 109.80 -18.20 -50.10
C LYS F 1534 109.91 -17.08 -51.13
N GLU F 1535 110.79 -16.12 -50.87
CA GLU F 1535 110.87 -14.94 -51.71
C GLU F 1535 111.29 -15.32 -53.13
N SER F 1536 110.54 -14.82 -54.11
CA SER F 1536 110.83 -15.11 -55.50
C SER F 1536 112.06 -14.35 -55.96
N ASN F 1537 112.84 -14.97 -56.85
CA ASN F 1537 113.97 -14.27 -57.46
C ASN F 1537 113.47 -13.15 -58.37
N THR F 1538 112.27 -13.30 -58.92
CA THR F 1538 111.73 -12.28 -59.80
C THR F 1538 111.21 -11.10 -58.99
N PHE F 1539 111.47 -9.90 -59.49
CA PHE F 1539 110.95 -8.66 -58.92
C PHE F 1539 110.85 -7.63 -60.04
N PHE F 1540 109.97 -6.65 -59.85
CA PHE F 1540 109.72 -5.67 -60.89
C PHE F 1540 109.72 -4.26 -60.32
N GLN F 1541 109.84 -3.28 -61.21
CA GLN F 1541 109.79 -1.87 -60.87
C GLN F 1541 108.78 -1.19 -61.78
N VAL F 1542 107.98 -0.28 -61.20
CA VAL F 1542 106.89 0.37 -61.91
C VAL F 1542 107.10 1.87 -61.87
N GLU F 1543 106.42 2.59 -62.78
CA GLU F 1543 106.53 4.03 -62.84
C GLU F 1543 105.69 4.67 -61.72
N PRO F 1544 106.02 5.90 -61.33
CA PRO F 1544 105.19 6.61 -60.36
C PRO F 1544 103.81 6.90 -60.92
N ASN F 1545 102.83 6.94 -60.01
CA ASN F 1545 101.41 7.21 -60.28
C ASN F 1545 100.77 6.09 -61.09
N THR F 1546 101.46 4.97 -61.27
CA THR F 1546 100.89 3.84 -62.01
C THR F 1546 99.79 3.17 -61.20
N LYS F 1547 98.74 2.74 -61.90
CA LYS F 1547 97.60 2.09 -61.29
C LYS F 1547 97.58 0.61 -61.68
N LEU F 1548 97.26 -0.26 -60.73
CA LEU F 1548 97.29 -1.69 -60.95
C LEU F 1548 96.09 -2.36 -60.28
N PHE F 1549 95.72 -3.52 -60.83
CA PHE F 1549 94.71 -4.39 -60.25
C PHE F 1549 95.37 -5.69 -59.79
N PRO F 1550 95.05 -6.19 -58.60
CA PRO F 1550 95.40 -7.58 -58.28
C PRO F 1550 94.67 -8.51 -59.23
N ALA F 1551 95.35 -9.58 -59.66
CA ALA F 1551 94.77 -10.44 -60.67
C ALA F 1551 95.35 -11.84 -60.59
N VAL F 1552 94.62 -12.79 -61.19
CA VAL F 1552 95.05 -14.18 -61.33
C VAL F 1552 94.55 -14.69 -62.69
N PHE F 1553 95.46 -15.27 -63.47
CA PHE F 1553 95.10 -15.93 -64.72
C PHE F 1553 95.21 -17.44 -64.50
N VAL F 1554 94.11 -18.16 -64.70
CA VAL F 1554 94.02 -19.54 -64.25
C VAL F 1554 93.31 -20.37 -65.32
N LEU F 1555 93.43 -21.70 -65.18
CA LEU F 1555 92.67 -22.67 -65.95
C LEU F 1555 92.03 -23.66 -64.99
N PRO F 1556 90.71 -23.81 -65.00
CA PRO F 1556 90.06 -24.69 -64.02
C PRO F 1556 90.35 -26.16 -64.25
N THR F 1557 90.86 -26.84 -63.23
CA THR F 1557 91.17 -28.26 -63.30
C THR F 1557 90.70 -29.02 -62.06
N HIS F 1558 89.95 -28.38 -61.17
CA HIS F 1558 89.44 -29.03 -59.98
C HIS F 1558 88.21 -28.27 -59.48
N GLN F 1559 87.40 -28.95 -58.66
CA GLN F 1559 86.18 -28.34 -58.15
C GLN F 1559 86.48 -27.11 -57.31
N ASN F 1560 87.47 -27.21 -56.43
CA ASN F 1560 87.86 -26.13 -55.53
C ASN F 1560 88.90 -25.28 -56.25
N VAL F 1561 88.50 -24.11 -56.74
CA VAL F 1561 89.33 -23.41 -57.73
C VAL F 1561 90.40 -22.58 -57.05
N ILE F 1562 90.01 -21.52 -56.34
CA ILE F 1562 90.98 -20.52 -55.90
C ILE F 1562 90.36 -19.64 -54.83
N GLN F 1563 91.24 -19.05 -53.99
CA GLN F 1563 90.87 -18.06 -52.99
C GLN F 1563 91.71 -16.81 -53.18
N PHE F 1564 91.05 -15.65 -53.15
CA PHE F 1564 91.70 -14.35 -53.18
C PHE F 1564 91.76 -13.83 -51.75
N GLU F 1565 92.92 -13.92 -51.12
CA GLU F 1565 93.07 -13.62 -49.70
C GLU F 1565 93.63 -12.22 -49.51
N LEU F 1566 92.94 -11.41 -48.73
CA LEU F 1566 93.40 -10.09 -48.34
C LEU F 1566 93.81 -10.16 -46.87
N GLY F 1567 95.12 -10.18 -46.62
CA GLY F 1567 95.61 -10.30 -45.27
C GLY F 1567 96.92 -9.57 -45.12
N LYS F 1568 97.44 -9.57 -43.89
CA LYS F 1568 98.68 -8.90 -43.55
C LYS F 1568 99.72 -9.91 -43.09
N GLN F 1569 100.91 -9.85 -43.67
CA GLN F 1569 102.06 -10.52 -43.10
C GLN F 1569 102.63 -9.65 -41.97
N LYS F 1570 103.32 -10.30 -41.04
CA LYS F 1570 103.89 -9.55 -39.92
C LYS F 1570 104.89 -8.51 -40.42
N ASN F 1571 104.61 -7.24 -40.10
CA ASN F 1571 105.29 -6.02 -40.53
C ASN F 1571 104.93 -5.61 -41.95
N ILE F 1572 103.98 -6.28 -42.61
CA ILE F 1572 103.54 -5.93 -43.96
C ILE F 1572 102.05 -5.64 -43.90
N MET F 1573 101.60 -4.67 -44.68
CA MET F 1573 100.31 -3.98 -44.44
C MET F 1573 99.14 -4.75 -45.06
N PRO F 1574 97.91 -4.49 -44.60
CA PRO F 1574 96.74 -4.99 -45.35
C PRO F 1574 96.48 -4.20 -46.62
N LEU F 1575 96.04 -4.92 -47.65
CA LEU F 1575 95.87 -4.34 -48.97
C LEU F 1575 94.64 -3.44 -49.04
N SER F 1576 93.68 -3.65 -48.14
CA SER F 1576 92.54 -2.73 -48.06
C SER F 1576 93.00 -1.33 -47.73
N ALA F 1577 94.07 -1.21 -46.93
CA ALA F 1577 94.68 0.09 -46.69
C ALA F 1577 95.19 0.70 -47.99
N ALA F 1578 95.75 -0.12 -48.87
CA ALA F 1578 96.23 0.37 -50.15
C ALA F 1578 95.07 0.87 -51.02
N MET F 1579 93.97 0.09 -51.08
CA MET F 1579 92.84 0.53 -51.89
C MET F 1579 92.20 1.79 -51.35
N PHE F 1580 91.87 1.82 -50.05
CA PHE F 1580 91.05 2.90 -49.48
C PHE F 1580 91.88 3.76 -48.54
N LEU F 1581 91.73 5.08 -48.68
CA LEU F 1581 92.46 6.03 -47.86
C LEU F 1581 91.85 6.14 -46.46
N SER F 1582 90.53 6.02 -46.35
CA SER F 1582 89.84 6.33 -45.10
C SER F 1582 90.30 5.42 -43.96
N GLU F 1583 90.44 4.13 -44.23
CA GLU F 1583 90.89 3.18 -43.22
C GLU F 1583 92.31 2.70 -43.43
N ARG F 1584 93.12 3.45 -44.19
CA ARG F 1584 94.47 2.98 -44.50
C ARG F 1584 95.36 2.97 -43.26
N LYS F 1585 94.96 3.70 -42.22
CA LYS F 1585 95.74 3.70 -40.98
C LYS F 1585 95.57 2.39 -40.23
N ASN F 1586 94.39 1.78 -40.31
CA ASN F 1586 94.12 0.57 -39.55
C ASN F 1586 94.91 -0.60 -40.13
N PRO F 1587 95.76 -1.25 -39.32
CA PRO F 1587 96.52 -2.40 -39.85
C PRO F 1587 95.69 -3.68 -39.92
N ALA F 1588 94.47 -3.66 -39.39
CA ALA F 1588 93.67 -4.87 -39.37
C ALA F 1588 93.17 -5.19 -40.77
N PRO F 1589 93.35 -6.42 -41.25
CA PRO F 1589 92.82 -6.78 -42.57
C PRO F 1589 91.31 -6.70 -42.61
N GLN F 1590 90.79 -6.27 -43.77
CA GLN F 1590 89.35 -6.16 -43.98
C GLN F 1590 89.05 -6.23 -45.47
N CYS F 1591 87.93 -6.85 -45.81
CA CYS F 1591 87.52 -6.97 -47.20
C CYS F 1591 86.26 -6.15 -47.42
N PRO F 1592 86.36 -4.98 -48.05
CA PRO F 1592 85.17 -4.15 -48.22
C PRO F 1592 84.17 -4.83 -49.14
N PRO F 1593 82.86 -4.62 -48.92
CA PRO F 1593 81.87 -5.20 -49.83
C PRO F 1593 81.99 -4.69 -51.25
N ARG F 1594 82.53 -3.48 -51.43
CA ARG F 1594 82.69 -2.92 -52.76
C ARG F 1594 83.69 -3.74 -53.58
N LEU F 1595 84.61 -4.43 -52.92
CA LEU F 1595 85.54 -5.30 -53.61
C LEU F 1595 84.86 -6.62 -53.99
N GLU F 1596 84.91 -6.95 -55.28
CA GLU F 1596 84.39 -8.24 -55.75
C GLU F 1596 85.31 -8.79 -56.81
N VAL F 1597 85.21 -10.10 -57.06
CA VAL F 1597 85.91 -10.72 -58.16
C VAL F 1597 85.28 -10.25 -59.47
N GLN F 1598 86.14 -9.92 -60.44
CA GLN F 1598 85.69 -9.45 -61.74
C GLN F 1598 86.54 -10.10 -62.83
N MET F 1599 85.96 -10.26 -64.02
CA MET F 1599 86.58 -11.01 -65.10
C MET F 1599 86.52 -10.21 -66.40
N LEU F 1600 87.26 -10.67 -67.42
CA LEU F 1600 87.33 -9.96 -68.68
C LEU F 1600 86.32 -10.52 -69.68
N MET F 1601 85.40 -9.67 -70.14
CA MET F 1601 84.31 -10.04 -71.01
C MET F 1601 84.63 -9.54 -72.41
N PRO F 1602 84.74 -10.41 -73.42
CA PRO F 1602 85.24 -9.96 -74.72
C PRO F 1602 84.36 -8.95 -75.45
N VAL F 1603 83.05 -9.19 -75.52
CA VAL F 1603 82.16 -8.37 -76.34
C VAL F 1603 81.39 -7.42 -75.44
N SER F 1604 81.34 -6.15 -75.82
CA SER F 1604 80.63 -5.12 -75.07
C SER F 1604 79.82 -4.22 -76.00
N TRP F 1605 78.55 -4.01 -75.70
CA TRP F 1605 77.72 -3.15 -76.53
C TRP F 1605 78.22 -1.71 -76.49
N SER F 1606 78.16 -1.04 -77.65
CA SER F 1606 78.55 0.37 -77.72
C SER F 1606 77.73 1.08 -78.79
N ARG F 1607 77.67 2.41 -78.69
CA ARG F 1607 76.92 3.22 -79.64
C ARG F 1607 77.82 3.72 -80.76
N MET F 1608 77.21 4.12 -81.88
CA MET F 1608 77.94 4.86 -82.90
C MET F 1608 78.37 6.21 -82.35
N PRO F 1609 79.41 6.81 -82.93
CA PRO F 1609 79.45 8.28 -82.97
C PRO F 1609 78.37 8.77 -83.92
N ASN F 1610 77.33 9.41 -83.36
CA ASN F 1610 76.16 9.75 -84.16
C ASN F 1610 76.53 10.57 -85.38
N HIS F 1611 77.57 11.38 -85.26
CA HIS F 1611 78.20 12.04 -86.40
C HIS F 1611 79.66 11.60 -86.44
N PHE F 1612 80.17 11.34 -87.64
CA PHE F 1612 81.49 10.76 -87.82
C PHE F 1612 82.45 11.81 -88.38
N LEU F 1613 83.72 11.66 -88.05
CA LEU F 1613 84.75 12.49 -88.66
C LEU F 1613 84.88 12.17 -90.13
N GLN F 1614 84.95 13.20 -90.96
CA GLN F 1614 85.04 13.06 -92.40
C GLN F 1614 86.45 13.43 -92.86
N VAL F 1615 87.09 12.51 -93.57
CA VAL F 1615 88.49 12.66 -93.96
C VAL F 1615 88.61 12.38 -95.46
N GLU F 1616 89.42 13.18 -96.14
CA GLU F 1616 89.67 13.01 -97.57
C GLU F 1616 91.12 12.58 -97.77
N THR F 1617 91.29 11.41 -98.39
CA THR F 1617 92.61 10.89 -98.71
C THR F 1617 92.73 10.74 -100.23
N ARG F 1618 93.78 11.34 -100.79
CA ARG F 1618 93.97 11.35 -102.23
C ARG F 1618 95.45 11.49 -102.53
N ARG F 1619 95.92 10.74 -103.52
CA ARG F 1619 97.33 10.80 -103.92
C ARG F 1619 97.50 12.03 -104.81
N ALA F 1620 98.14 13.07 -104.27
CA ALA F 1620 98.27 14.32 -105.01
C ALA F 1620 99.07 14.14 -106.28
N GLY F 1621 100.12 13.32 -106.22
CA GLY F 1621 100.92 13.05 -107.41
C GLY F 1621 102.01 12.04 -107.14
N GLU F 1622 102.69 11.64 -108.22
CA GLU F 1622 103.84 10.76 -108.09
C GLU F 1622 104.90 11.38 -107.19
N ARG F 1623 105.27 12.63 -107.47
CA ARG F 1623 106.25 13.33 -106.64
C ARG F 1623 105.63 13.81 -105.33
N LEU F 1624 104.33 14.09 -105.34
CA LEU F 1624 103.72 14.76 -104.19
C LEU F 1624 103.49 13.80 -103.02
N GLY F 1625 103.09 12.56 -103.31
CA GLY F 1625 102.72 11.63 -102.25
C GLY F 1625 101.25 11.71 -101.92
N TRP F 1626 100.87 11.11 -100.79
CA TRP F 1626 99.46 10.98 -100.46
C TRP F 1626 99.04 12.05 -99.44
N ALA F 1627 98.02 12.83 -99.79
CA ALA F 1627 97.50 13.88 -98.93
C ALA F 1627 96.27 13.37 -98.21
N VAL F 1628 96.29 13.45 -96.87
CA VAL F 1628 95.18 13.10 -96.01
C VAL F 1628 94.78 14.36 -95.25
N GLN F 1629 93.52 14.77 -95.38
CA GLN F 1629 93.08 16.07 -94.89
C GLN F 1629 91.76 15.91 -94.14
N CYS F 1630 91.64 16.61 -93.01
CA CYS F 1630 90.43 16.58 -92.20
C CYS F 1630 90.34 17.89 -91.43
N GLN F 1631 89.29 18.67 -91.71
CA GLN F 1631 89.16 20.02 -91.17
C GLN F 1631 87.88 20.24 -90.39
N ASP F 1632 87.03 19.22 -90.26
CA ASP F 1632 85.76 19.39 -89.58
C ASP F 1632 85.87 18.98 -88.11
N PRO F 1633 85.72 19.92 -87.17
CA PRO F 1633 85.87 19.58 -85.75
C PRO F 1633 84.62 18.96 -85.16
N LEU F 1634 84.79 17.92 -84.35
CA LEU F 1634 83.69 17.25 -83.68
C LEU F 1634 84.15 16.80 -82.30
N THR F 1635 83.35 17.09 -81.29
CA THR F 1635 83.69 16.78 -79.91
C THR F 1635 82.52 16.10 -79.21
N MET F 1636 82.83 15.37 -78.15
CA MET F 1636 81.85 14.62 -77.37
C MET F 1636 82.10 14.84 -75.89
N MET F 1637 81.06 14.68 -75.08
CA MET F 1637 81.26 14.56 -73.64
C MET F 1637 81.55 13.10 -73.29
N ALA F 1638 82.52 12.90 -72.41
CA ALA F 1638 82.90 11.58 -71.98
C ALA F 1638 82.93 11.51 -70.46
N LEU F 1639 82.12 10.61 -69.91
CA LEU F 1639 82.10 10.33 -68.49
C LEU F 1639 83.26 9.42 -68.15
N HIS F 1640 84.25 9.95 -67.45
CA HIS F 1640 85.48 9.24 -67.16
C HIS F 1640 85.35 8.51 -65.83
N ILE F 1641 85.58 7.21 -65.83
CA ILE F 1641 85.68 6.40 -64.63
C ILE F 1641 87.16 6.22 -64.31
N PRO F 1642 87.63 6.74 -63.17
CA PRO F 1642 89.05 6.54 -62.82
C PRO F 1642 89.38 5.12 -62.41
N GLU F 1643 88.47 4.45 -61.68
CA GLU F 1643 88.70 3.05 -61.32
C GLU F 1643 88.82 2.19 -62.57
N GLU F 1644 87.87 2.32 -63.50
CA GLU F 1644 88.02 1.66 -64.79
C GLU F 1644 89.05 2.37 -65.65
N ASN F 1645 89.36 3.62 -65.31
CA ASN F 1645 90.38 4.43 -65.98
C ASN F 1645 90.11 4.56 -67.47
N ARG F 1646 88.86 4.85 -67.82
CA ARG F 1646 88.51 5.13 -69.21
C ARG F 1646 87.17 5.84 -69.26
N CYS F 1647 86.83 6.33 -70.45
CA CYS F 1647 85.70 7.23 -70.64
C CYS F 1647 84.60 6.55 -71.44
N MET F 1648 83.36 6.76 -70.99
CA MET F 1648 82.17 6.28 -71.68
C MET F 1648 81.49 7.45 -72.37
N ASP F 1649 80.73 7.16 -73.42
CA ASP F 1649 79.88 8.19 -74.02
C ASP F 1649 78.61 8.34 -73.19
N ILE F 1650 78.20 9.60 -72.99
CA ILE F 1650 76.95 9.84 -72.26
C ILE F 1650 75.77 9.31 -73.05
N LEU F 1651 75.92 9.20 -74.37
CA LEU F 1651 74.87 8.61 -75.18
C LEU F 1651 74.76 7.11 -74.94
N GLU F 1652 75.88 6.46 -74.58
CA GLU F 1652 75.81 5.07 -74.12
C GLU F 1652 75.29 5.02 -72.68
N LEU F 1653 75.62 6.02 -71.88
CA LEU F 1653 75.06 6.14 -70.54
C LEU F 1653 73.54 6.23 -70.60
N SER F 1654 73.00 6.76 -71.69
CA SER F 1654 71.56 6.79 -71.89
C SER F 1654 70.97 5.38 -71.83
N GLU F 1655 71.59 4.43 -72.53
CA GLU F 1655 71.12 3.05 -72.45
C GLU F 1655 71.43 2.43 -71.09
N ARG F 1656 72.60 2.75 -70.53
CA ARG F 1656 72.98 2.21 -69.23
C ARG F 1656 72.38 3.09 -68.14
N LEU F 1657 71.14 2.78 -67.74
CA LEU F 1657 70.39 3.66 -66.85
C LEU F 1657 71.00 3.72 -65.45
N ASP F 1658 71.51 2.60 -64.95
CA ASP F 1658 72.00 2.58 -63.57
C ASP F 1658 73.12 3.59 -63.35
N LEU F 1659 74.14 3.55 -64.20
CA LEU F 1659 75.19 4.57 -64.13
C LEU F 1659 74.63 5.94 -64.50
N GLN F 1660 73.66 5.97 -65.41
CA GLN F 1660 72.96 7.21 -65.72
C GLN F 1660 72.20 7.72 -64.50
N ARG F 1661 71.57 6.82 -63.75
CA ARG F 1661 70.90 7.22 -62.51
C ARG F 1661 71.89 7.78 -61.51
N PHE F 1662 73.08 7.17 -61.40
CA PHE F 1662 74.09 7.72 -60.51
C PHE F 1662 74.56 9.09 -60.98
N HIS F 1663 74.68 9.30 -62.28
CA HIS F 1663 75.05 10.60 -62.79
C HIS F 1663 73.97 11.64 -62.49
N SER F 1664 72.70 11.25 -62.59
CA SER F 1664 71.62 12.16 -62.25
C SER F 1664 71.65 12.52 -60.76
N HIS F 1665 71.93 11.54 -59.91
CA HIS F 1665 72.04 11.83 -58.48
C HIS F 1665 73.26 12.70 -58.19
N THR F 1666 74.33 12.52 -58.95
CA THR F 1666 75.48 13.42 -58.88
C THR F 1666 75.09 14.84 -59.23
N LEU F 1667 74.28 14.99 -60.29
CA LEU F 1667 73.82 16.31 -60.69
C LEU F 1667 72.96 16.94 -59.59
N ARG F 1668 72.10 16.14 -58.97
CA ARG F 1668 71.30 16.63 -57.86
C ARG F 1668 72.17 17.08 -56.69
N LEU F 1669 73.20 16.30 -56.37
CA LEU F 1669 74.10 16.67 -55.28
C LEU F 1669 74.83 17.96 -55.61
N TYR F 1670 75.26 18.12 -56.86
CA TYR F 1670 75.93 19.35 -57.27
C TYR F 1670 74.99 20.54 -57.14
N ARG F 1671 73.73 20.37 -57.53
CA ARG F 1671 72.73 21.41 -57.32
C ARG F 1671 72.60 21.74 -55.84
N ALA F 1672 72.55 20.72 -54.99
CA ALA F 1672 72.36 20.94 -53.57
C ALA F 1672 73.53 21.70 -52.96
N VAL F 1673 74.76 21.35 -53.35
CA VAL F 1673 75.93 21.99 -52.77
C VAL F 1673 76.05 23.43 -53.26
N CYS F 1674 75.69 23.68 -54.52
CA CYS F 1674 75.78 25.05 -55.03
C CYS F 1674 74.51 25.87 -54.79
N ALA F 1675 73.51 25.28 -54.13
CA ALA F 1675 72.21 25.92 -54.02
C ALA F 1675 72.22 27.04 -52.98
N LEU F 1676 71.20 27.89 -53.08
CA LEU F 1676 70.93 28.96 -52.11
C LEU F 1676 72.11 29.92 -51.98
N GLY F 1677 72.69 30.30 -53.11
CA GLY F 1677 73.65 31.39 -53.15
C GLY F 1677 74.94 31.16 -52.39
N ASN F 1678 75.41 29.91 -52.35
CA ASN F 1678 76.73 29.61 -51.81
C ASN F 1678 77.73 29.83 -52.94
N ASN F 1679 78.16 31.08 -53.09
CA ASN F 1679 78.91 31.49 -54.27
C ASN F 1679 80.27 30.81 -54.35
N ARG F 1680 80.92 30.59 -53.20
CA ARG F 1680 82.22 29.92 -53.23
C ARG F 1680 82.10 28.50 -53.78
N VAL F 1681 81.11 27.75 -53.30
CA VAL F 1681 80.87 26.41 -53.83
C VAL F 1681 80.41 26.48 -55.27
N ALA F 1682 79.69 27.55 -55.64
CA ALA F 1682 79.25 27.72 -57.02
C ALA F 1682 80.45 27.88 -57.95
N HIS F 1683 81.43 28.69 -57.57
CA HIS F 1683 82.64 28.84 -58.38
C HIS F 1683 83.45 27.55 -58.39
N ALA F 1684 83.51 26.86 -57.25
CA ALA F 1684 84.20 25.57 -57.23
C ALA F 1684 83.57 24.60 -58.21
N LEU F 1685 82.23 24.50 -58.21
CA LEU F 1685 81.53 23.61 -59.12
C LEU F 1685 81.67 24.08 -60.56
N CYS F 1686 81.74 25.39 -60.77
CA CYS F 1686 81.98 25.92 -62.11
C CYS F 1686 83.35 25.47 -62.62
N SER F 1687 84.34 25.39 -61.72
CA SER F 1687 85.62 24.82 -62.11
C SER F 1687 85.52 23.32 -62.37
N HIS F 1688 84.82 22.59 -61.50
CA HIS F 1688 84.74 21.14 -61.63
C HIS F 1688 84.07 20.74 -62.95
N VAL F 1689 82.96 21.38 -63.29
CA VAL F 1689 82.19 21.07 -64.49
C VAL F 1689 82.40 22.20 -65.49
N ASP F 1690 82.95 21.86 -66.66
CA ASP F 1690 83.26 22.86 -67.67
C ASP F 1690 81.99 23.55 -68.17
N GLN F 1691 82.12 24.84 -68.48
CA GLN F 1691 80.96 25.62 -68.93
C GLN F 1691 80.59 25.25 -70.36
N ALA F 1692 81.58 25.07 -71.23
CA ALA F 1692 81.28 24.64 -72.59
C ALA F 1692 80.64 23.26 -72.59
N GLN F 1693 80.94 22.46 -71.57
CA GLN F 1693 80.21 21.21 -71.38
C GLN F 1693 78.72 21.47 -71.20
N LEU F 1694 78.37 22.42 -70.34
CA LEU F 1694 76.97 22.76 -70.13
C LEU F 1694 76.33 23.26 -71.42
N LEU F 1695 77.04 24.12 -72.15
CA LEU F 1695 76.49 24.65 -73.40
C LEU F 1695 76.25 23.55 -74.42
N HIS F 1696 77.25 22.70 -74.66
CA HIS F 1696 77.10 21.63 -75.64
C HIS F 1696 76.07 20.61 -75.18
N ALA F 1697 75.91 20.44 -73.86
CA ALA F 1697 74.83 19.61 -73.33
C ALA F 1697 73.48 20.19 -73.67
N LEU F 1698 73.34 21.52 -73.54
CA LEU F 1698 72.11 22.18 -73.93
C LEU F 1698 71.84 21.96 -75.42
N GLU F 1699 72.90 22.00 -76.23
CA GLU F 1699 72.74 21.76 -77.66
C GLU F 1699 72.30 20.33 -77.96
N ASP F 1700 72.91 19.36 -77.30
CA ASP F 1700 72.77 17.96 -77.68
C ASP F 1700 71.37 17.44 -77.38
N ALA F 1701 70.78 16.72 -78.33
CA ALA F 1701 69.46 16.13 -78.13
C ALA F 1701 69.55 14.62 -77.91
N HIS F 1702 70.66 14.02 -78.35
CA HIS F 1702 70.85 12.58 -78.13
C HIS F 1702 70.98 12.24 -76.65
N LEU F 1703 71.29 13.24 -75.82
CA LEU F 1703 71.52 13.00 -74.41
C LEU F 1703 70.21 12.59 -73.73
N PRO F 1704 70.25 11.64 -72.80
CA PRO F 1704 68.99 11.16 -72.18
C PRO F 1704 68.28 12.26 -71.41
N GLY F 1705 66.95 12.17 -71.36
CA GLY F 1705 66.12 13.21 -70.77
C GLY F 1705 66.37 13.54 -69.32
N PRO F 1706 66.49 12.54 -68.44
CA PRO F 1706 66.80 12.88 -67.03
C PRO F 1706 68.12 13.63 -66.87
N LEU F 1707 69.17 13.19 -67.56
CA LEU F 1707 70.45 13.90 -67.48
C LEU F 1707 70.36 15.26 -68.14
N ARG F 1708 69.50 15.39 -69.15
CA ARG F 1708 69.29 16.69 -69.78
C ARG F 1708 68.67 17.68 -68.80
N ALA F 1709 67.59 17.26 -68.13
CA ALA F 1709 66.99 18.10 -67.10
C ALA F 1709 67.99 18.39 -65.99
N GLY F 1710 68.83 17.40 -65.64
CA GLY F 1710 69.84 17.62 -64.63
C GLY F 1710 70.85 18.68 -65.03
N TYR F 1711 71.34 18.63 -66.27
CA TYR F 1711 72.28 19.63 -66.75
C TYR F 1711 71.64 21.02 -66.78
N TYR F 1712 70.39 21.10 -67.25
CA TYR F 1712 69.70 22.39 -67.28
C TYR F 1712 69.57 22.97 -65.88
N ASP F 1713 69.10 22.16 -64.93
CA ASP F 1713 68.92 22.65 -63.56
C ASP F 1713 70.26 22.97 -62.90
N LEU F 1714 71.30 22.23 -63.24
CA LEU F 1714 72.63 22.54 -62.70
C LEU F 1714 73.12 23.88 -63.22
N LEU F 1715 72.90 24.16 -64.51
CA LEU F 1715 73.26 25.47 -65.03
C LEU F 1715 72.49 26.57 -64.31
N ILE F 1716 71.21 26.34 -64.07
CA ILE F 1716 70.41 27.32 -63.31
C ILE F 1716 70.99 27.52 -61.92
N SER F 1717 71.35 26.43 -61.24
CA SER F 1717 71.78 26.53 -59.85
C SER F 1717 73.24 26.96 -59.74
N ILE F 1718 73.95 27.03 -60.86
CA ILE F 1718 75.31 27.56 -60.83
C ILE F 1718 75.31 29.05 -61.14
N HIS F 1719 74.56 29.46 -62.16
CA HIS F 1719 74.63 30.86 -62.61
C HIS F 1719 73.36 31.65 -62.34
N LEU F 1720 72.19 31.04 -62.49
CA LEU F 1720 70.97 31.83 -62.58
C LEU F 1720 70.31 32.03 -61.22
N GLU F 1721 70.62 31.18 -60.24
CA GLU F 1721 69.78 31.08 -59.06
C GLU F 1721 69.82 32.36 -58.21
N SER F 1722 71.02 32.89 -57.95
CA SER F 1722 71.14 34.00 -57.02
C SER F 1722 70.60 35.29 -57.63
N ALA F 1723 70.96 35.57 -58.88
CA ALA F 1723 70.45 36.76 -59.54
C ALA F 1723 68.94 36.66 -59.74
N CYS F 1724 68.42 35.46 -60.05
CA CYS F 1724 66.99 35.30 -60.16
C CYS F 1724 66.28 35.59 -58.83
N ARG F 1725 66.83 35.07 -57.72
CA ARG F 1725 66.21 35.31 -56.43
C ARG F 1725 66.22 36.80 -56.07
N SER F 1726 67.37 37.45 -56.23
CA SER F 1726 67.46 38.87 -55.91
C SER F 1726 66.55 39.71 -56.81
N ARG F 1727 66.51 39.37 -58.10
CA ARG F 1727 65.66 40.11 -59.03
C ARG F 1727 64.20 39.93 -58.68
N ARG F 1728 63.77 38.72 -58.33
CA ARG F 1728 62.38 38.50 -57.92
C ARG F 1728 62.05 39.29 -56.67
N SER F 1729 62.95 39.26 -55.68
CA SER F 1729 62.71 39.98 -54.43
C SER F 1729 62.57 41.48 -54.67
N MET F 1730 63.40 42.04 -55.55
CA MET F 1730 63.29 43.46 -55.86
C MET F 1730 62.11 43.75 -56.78
N LEU F 1731 61.72 42.78 -57.61
CA LEU F 1731 60.65 42.98 -58.57
C LEU F 1731 59.29 42.98 -57.88
N SER F 1732 59.17 42.26 -56.76
CA SER F 1732 57.91 42.28 -56.01
C SER F 1732 57.53 43.70 -55.60
N GLU F 1733 58.52 44.53 -55.29
CA GLU F 1733 58.25 45.90 -54.89
C GLU F 1733 58.40 46.85 -56.08
N TYR F 1734 57.58 47.91 -56.08
CA TYR F 1734 57.54 48.88 -57.18
C TYR F 1734 58.00 50.25 -56.66
N ILE F 1735 59.11 50.73 -57.20
CA ILE F 1735 59.62 52.07 -56.95
C ILE F 1735 59.80 52.77 -58.28
N VAL F 1736 59.34 54.02 -58.37
CA VAL F 1736 59.34 54.77 -59.62
C VAL F 1736 60.12 56.07 -59.41
N PRO F 1737 61.19 56.30 -60.17
CA PRO F 1737 61.88 57.59 -60.09
C PRO F 1737 61.27 58.62 -61.02
N LEU F 1738 61.69 59.87 -60.85
CA LEU F 1738 61.23 60.93 -61.73
C LEU F 1738 62.24 61.16 -62.86
N THR F 1739 61.77 61.05 -64.10
CA THR F 1739 62.62 61.08 -65.27
C THR F 1739 61.87 61.74 -66.42
N PRO F 1740 62.57 62.45 -67.31
CA PRO F 1740 61.93 62.85 -68.58
C PRO F 1740 61.39 61.67 -69.36
N GLU F 1741 62.11 60.54 -69.36
CA GLU F 1741 61.57 59.34 -69.97
C GLU F 1741 60.31 58.88 -69.25
N THR F 1742 60.30 58.96 -67.92
CA THR F 1742 59.09 58.67 -67.17
C THR F 1742 57.94 59.54 -67.65
N ARG F 1743 58.18 60.84 -67.77
CA ARG F 1743 57.15 61.74 -68.30
CA ARG F 1743 57.15 61.74 -68.30
C ARG F 1743 56.67 61.27 -69.68
N ALA F 1744 57.60 60.80 -70.50
CA ALA F 1744 57.26 60.38 -71.86
C ALA F 1744 56.34 59.15 -71.86
N ILE F 1745 56.61 58.17 -71.00
CA ILE F 1745 55.89 56.90 -71.08
C ILE F 1745 54.42 57.09 -70.73
N THR F 1746 53.56 56.33 -71.40
CA THR F 1746 52.11 56.33 -71.17
C THR F 1746 51.60 54.91 -71.13
N LEU F 1747 50.31 54.76 -70.81
CA LEU F 1747 49.67 53.45 -70.85
C LEU F 1747 49.66 52.88 -72.26
N PHE F 1748 49.17 53.66 -73.22
CA PHE F 1748 48.91 53.16 -74.57
C PHE F 1748 49.77 53.89 -75.58
N PRO F 1749 50.39 53.17 -76.51
CA PRO F 1749 51.12 53.85 -77.59
C PRO F 1749 50.17 54.55 -78.53
N PRO F 1750 50.46 55.80 -78.90
CA PRO F 1750 49.62 56.50 -79.87
C PRO F 1750 49.68 55.83 -81.24
N GLY F 1751 48.58 55.92 -81.97
CA GLY F 1751 48.51 55.31 -83.29
C GLY F 1751 47.28 55.78 -84.05
N ARG F 1752 47.19 55.32 -85.30
CA ARG F 1752 46.04 55.65 -86.13
C ARG F 1752 44.75 55.12 -85.52
N LYS F 1753 44.82 54.02 -84.80
CA LYS F 1753 43.65 53.47 -84.12
C LYS F 1753 43.17 54.43 -83.03
N GLY F 1754 41.86 54.44 -82.81
CA GLY F 1754 41.29 55.38 -81.86
C GLY F 1754 41.89 55.22 -80.48
N GLY F 1755 42.06 56.35 -79.79
CA GLY F 1755 42.77 56.32 -78.50
C GLY F 1755 42.09 55.45 -77.47
N ASN F 1756 40.76 55.55 -77.36
CA ASN F 1756 40.03 54.72 -76.41
C ASN F 1756 40.04 53.26 -76.83
N ALA F 1757 40.08 53.00 -78.14
CA ALA F 1757 40.01 51.64 -78.67
C ALA F 1757 41.37 51.06 -79.03
N ARG F 1758 42.46 51.67 -78.57
CA ARG F 1758 43.79 51.22 -78.96
C ARG F 1758 44.03 49.76 -78.60
N ARG F 1759 44.66 49.03 -79.53
CA ARG F 1759 45.16 47.70 -79.25
C ARG F 1759 46.09 47.73 -78.04
N HIS F 1760 45.86 46.82 -77.11
CA HIS F 1760 46.75 46.69 -75.97
C HIS F 1760 48.16 46.35 -76.44
N GLY F 1761 49.14 47.08 -75.93
CA GLY F 1761 50.51 46.82 -76.32
C GLY F 1761 50.99 45.46 -75.84
N LEU F 1762 51.93 44.90 -76.59
CA LEU F 1762 52.49 43.61 -76.21
C LEU F 1762 53.18 43.75 -74.86
N PRO F 1763 52.94 42.82 -73.93
CA PRO F 1763 53.53 42.97 -72.59
C PRO F 1763 55.05 42.96 -72.64
N GLY F 1764 55.65 43.79 -71.79
CA GLY F 1764 57.09 43.81 -71.64
C GLY F 1764 57.87 44.70 -72.58
N VAL F 1765 57.19 45.44 -73.46
CA VAL F 1765 57.86 46.36 -74.38
C VAL F 1765 57.70 47.77 -73.84
N GLY F 1766 58.71 48.60 -74.08
CA GLY F 1766 58.72 49.96 -73.59
C GLY F 1766 59.86 50.15 -72.63
N VAL F 1767 59.73 51.17 -71.77
CA VAL F 1767 60.74 51.49 -70.77
C VAL F 1767 60.11 51.33 -69.39
N THR F 1768 60.75 50.53 -68.55
CA THR F 1768 60.36 50.39 -67.15
C THR F 1768 61.39 51.10 -66.28
N THR F 1769 61.02 52.28 -65.79
CA THR F 1769 61.93 53.13 -65.04
C THR F 1769 62.19 52.61 -63.63
N SER F 1770 61.47 51.59 -63.18
CA SER F 1770 61.64 51.08 -61.83
C SER F 1770 63.08 50.65 -61.61
N LEU F 1771 63.66 51.13 -60.50
CA LEU F 1771 65.06 50.88 -60.23
C LEU F 1771 65.28 49.43 -59.85
N ARG F 1772 66.01 48.70 -60.69
CA ARG F 1772 66.22 47.28 -60.49
C ARG F 1772 67.72 47.06 -60.34
N PRO F 1773 68.14 46.21 -59.40
CA PRO F 1773 69.57 46.05 -59.11
C PRO F 1773 70.30 45.46 -60.30
N PRO F 1774 71.34 46.13 -60.81
CA PRO F 1774 72.14 45.53 -61.88
C PRO F 1774 72.78 44.24 -61.39
N HIS F 1775 72.54 43.16 -62.14
CA HIS F 1775 73.06 41.86 -61.74
C HIS F 1775 74.58 41.89 -61.67
N HIS F 1776 75.12 41.52 -60.52
CA HIS F 1776 76.55 41.54 -60.27
C HIS F 1776 77.12 40.15 -60.50
N PHE F 1777 78.00 40.03 -61.49
CA PHE F 1777 78.60 38.77 -61.88
C PHE F 1777 80.11 38.85 -61.73
N SER F 1778 80.72 37.73 -61.33
CA SER F 1778 82.16 37.64 -61.18
C SER F 1778 82.75 36.85 -62.35
N PRO F 1779 83.69 37.40 -63.08
CA PRO F 1779 84.40 36.61 -64.09
C PRO F 1779 85.12 35.44 -63.44
N PRO F 1780 84.73 34.21 -63.75
CA PRO F 1780 85.31 33.06 -63.04
C PRO F 1780 86.73 32.75 -63.49
N CYS F 1781 87.69 33.06 -62.63
CA CYS F 1781 89.10 32.80 -62.88
C CYS F 1781 89.73 32.29 -61.60
N PHE F 1782 90.03 31.00 -61.56
CA PHE F 1782 90.49 30.34 -60.34
C PHE F 1782 92.00 30.19 -60.28
N VAL F 1783 92.74 30.81 -61.21
CA VAL F 1783 94.19 30.75 -61.18
C VAL F 1783 94.81 32.01 -60.58
N ALA F 1784 94.00 32.97 -60.14
CA ALA F 1784 94.53 34.20 -59.56
C ALA F 1784 95.11 33.93 -58.18
N ALA F 1785 95.84 34.91 -57.66
CA ALA F 1785 96.48 34.77 -56.36
C ALA F 1785 95.44 34.66 -55.26
N LEU F 1786 95.75 33.86 -54.24
CA LEU F 1786 94.84 33.68 -53.13
C LEU F 1786 94.68 34.99 -52.36
N PRO F 1787 93.46 35.34 -51.96
CA PRO F 1787 93.27 36.59 -51.20
C PRO F 1787 94.02 36.54 -49.87
N ALA F 1788 94.60 37.69 -49.51
CA ALA F 1788 95.33 37.78 -48.25
C ALA F 1788 94.37 37.88 -47.07
N ALA F 1789 93.17 38.40 -47.30
CA ALA F 1789 92.20 38.56 -46.22
C ALA F 1789 91.77 37.19 -45.69
N GLY F 1790 91.41 37.17 -44.41
CA GLY F 1790 91.01 35.93 -43.78
C GLY F 1790 89.69 35.41 -44.35
N VAL F 1791 89.49 34.10 -44.23
CA VAL F 1791 88.26 33.50 -44.72
C VAL F 1791 87.11 33.81 -43.76
N ALA F 1792 85.91 33.93 -44.35
CA ALA F 1792 84.66 34.16 -43.62
C ALA F 1792 84.60 35.56 -43.01
N GLU F 1793 85.67 36.34 -43.18
CA GLU F 1793 85.61 37.75 -42.80
C GLU F 1793 85.71 38.65 -44.01
N ALA F 1794 86.38 38.18 -45.06
CA ALA F 1794 86.39 38.91 -46.31
C ALA F 1794 85.00 38.85 -46.94
N PRO F 1795 84.60 39.85 -47.72
CA PRO F 1795 83.27 39.82 -48.33
C PRO F 1795 83.10 38.64 -49.26
N ALA F 1796 81.88 38.08 -49.26
CA ALA F 1796 81.56 36.99 -50.16
C ALA F 1796 81.63 37.47 -51.61
N ARG F 1797 82.19 36.64 -52.48
CA ARG F 1797 82.44 37.06 -53.85
C ARG F 1797 81.28 36.66 -54.76
N LEU F 1798 81.23 37.28 -55.93
CA LEU F 1798 80.04 37.26 -56.75
C LEU F 1798 79.84 35.90 -57.43
N SER F 1799 78.74 35.79 -58.16
CA SER F 1799 78.43 34.57 -58.89
C SER F 1799 79.24 34.50 -60.19
N PRO F 1800 79.47 33.31 -60.73
CA PRO F 1800 80.28 33.19 -61.95
C PRO F 1800 79.63 33.88 -63.14
N ALA F 1801 80.46 34.40 -64.03
CA ALA F 1801 79.97 35.12 -65.20
C ALA F 1801 79.60 34.14 -66.31
N ILE F 1802 78.69 34.59 -67.17
CA ILE F 1802 78.16 33.76 -68.26
C ILE F 1802 78.00 34.67 -69.48
N PRO F 1803 78.19 34.13 -70.69
CA PRO F 1803 77.91 34.94 -71.89
C PRO F 1803 76.41 35.12 -72.10
N LEU F 1804 75.87 36.15 -71.45
CA LEU F 1804 74.42 36.31 -71.35
C LEU F 1804 73.77 36.50 -72.72
N GLU F 1805 74.37 37.30 -73.59
CA GLU F 1805 73.74 37.58 -74.89
C GLU F 1805 73.73 36.35 -75.78
N ALA F 1806 74.86 35.63 -75.84
CA ALA F 1806 74.90 34.39 -76.63
C ALA F 1806 73.95 33.36 -76.06
N LEU F 1807 73.87 33.25 -74.73
CA LEU F 1807 72.91 32.34 -74.12
C LEU F 1807 71.48 32.74 -74.44
N ARG F 1808 71.20 34.05 -74.47
CA ARG F 1808 69.88 34.52 -74.83
C ARG F 1808 69.48 34.10 -76.23
N ASP F 1809 70.37 34.37 -77.21
CA ASP F 1809 70.07 33.98 -78.59
C ASP F 1809 69.94 32.47 -78.73
N LYS F 1810 70.81 31.73 -78.03
CA LYS F 1810 70.75 30.27 -78.08
C LYS F 1810 69.45 29.74 -77.52
N ALA F 1811 68.99 30.30 -76.39
CA ALA F 1811 67.72 29.89 -75.81
C ALA F 1811 66.56 30.24 -76.72
N LEU F 1812 66.62 31.41 -77.38
CA LEU F 1812 65.55 31.78 -78.29
C LEU F 1812 65.47 30.81 -79.46
N ARG F 1813 66.62 30.44 -80.03
CA ARG F 1813 66.58 29.51 -81.16
C ARG F 1813 66.26 28.09 -80.70
N MET F 1814 66.57 27.75 -79.45
CA MET F 1814 66.11 26.49 -78.89
C MET F 1814 64.58 26.47 -78.77
N LEU F 1815 63.99 27.58 -78.33
CA LEU F 1815 62.53 27.66 -78.29
C LEU F 1815 61.95 27.58 -79.70
N GLY F 1816 62.62 28.18 -80.68
CA GLY F 1816 62.20 28.01 -82.06
C GLY F 1816 62.24 26.56 -82.51
N GLU F 1817 63.29 25.83 -82.11
CA GLU F 1817 63.36 24.40 -82.40
C GLU F 1817 62.21 23.66 -81.73
N ALA F 1818 61.86 24.06 -80.50
CA ALA F 1818 60.73 23.44 -79.81
C ALA F 1818 59.43 23.67 -80.56
N VAL F 1819 59.24 24.89 -81.07
CA VAL F 1819 58.05 25.18 -81.88
C VAL F 1819 58.05 24.32 -83.15
N ARG F 1820 59.22 24.19 -83.78
CA ARG F 1820 59.30 23.35 -84.98
C ARG F 1820 58.92 21.90 -84.67
N ASP F 1821 59.44 21.37 -83.56
CA ASP F 1821 59.13 19.98 -83.20
C ASP F 1821 57.66 19.82 -82.84
N GLY F 1822 57.09 20.81 -82.15
CA GLY F 1822 55.66 20.75 -81.84
C GLY F 1822 54.80 20.76 -83.09
N GLY F 1823 55.20 21.55 -84.09
CA GLY F 1823 54.51 21.50 -85.37
C GLY F 1823 54.68 20.16 -86.06
N GLN F 1824 55.89 19.57 -85.98
CA GLN F 1824 56.14 18.30 -86.63
C GLN F 1824 55.34 17.17 -86.01
N HIS F 1825 55.18 17.18 -84.68
CA HIS F 1825 54.56 16.07 -83.95
C HIS F 1825 55.27 14.75 -84.24
N ALA F 1826 56.60 14.78 -84.17
CA ALA F 1826 57.40 13.60 -84.44
C ALA F 1826 57.16 12.53 -83.39
N ARG F 1827 57.30 11.26 -83.80
CA ARG F 1827 57.07 10.15 -82.89
C ARG F 1827 58.08 10.13 -81.75
N ASP F 1828 59.35 10.42 -82.05
CA ASP F 1828 60.40 10.36 -81.05
C ASP F 1828 60.58 11.72 -80.41
N PRO F 1829 60.26 11.89 -79.13
CA PRO F 1829 60.47 13.19 -78.48
C PRO F 1829 61.93 13.36 -78.08
N VAL F 1830 62.33 14.64 -77.96
CA VAL F 1830 63.69 14.93 -77.49
C VAL F 1830 63.80 14.61 -76.02
N GLY F 1831 64.82 13.82 -75.67
CA GLY F 1831 64.98 13.36 -74.31
C GLY F 1831 64.07 12.22 -73.91
N GLY F 1832 63.35 11.63 -74.85
CA GLY F 1832 62.46 10.54 -74.56
C GLY F 1832 61.05 10.93 -74.17
N SER F 1833 60.78 12.22 -73.96
CA SER F 1833 59.45 12.67 -73.61
C SER F 1833 59.27 14.14 -73.95
N VAL F 1834 58.03 14.51 -74.25
CA VAL F 1834 57.70 15.91 -74.52
C VAL F 1834 57.99 16.76 -73.29
N GLU F 1835 57.74 16.22 -72.10
CA GLU F 1835 58.07 16.93 -70.87
C GLU F 1835 59.57 17.21 -70.77
N PHE F 1836 60.40 16.19 -71.02
CA PHE F 1836 61.84 16.39 -70.96
C PHE F 1836 62.30 17.35 -72.05
N GLN F 1837 61.57 17.41 -73.16
CA GLN F 1837 61.94 18.34 -74.23
C GLN F 1837 61.62 19.78 -73.83
N PHE F 1838 60.46 20.01 -73.21
CA PHE F 1838 59.98 21.38 -73.05
C PHE F 1838 60.34 21.97 -71.70
N VAL F 1839 60.16 21.22 -70.60
CA VAL F 1839 60.30 21.81 -69.26
C VAL F 1839 61.66 22.47 -69.05
N PRO F 1840 62.80 21.84 -69.36
CA PRO F 1840 64.08 22.53 -69.14
C PRO F 1840 64.25 23.81 -69.94
N VAL F 1841 63.87 23.79 -71.22
CA VAL F 1841 63.99 24.97 -72.06
C VAL F 1841 63.09 26.08 -71.52
N LEU F 1842 61.86 25.74 -71.11
CA LEU F 1842 60.96 26.74 -70.56
C LEU F 1842 61.49 27.30 -69.25
N LYS F 1843 62.13 26.45 -68.43
CA LYS F 1843 62.71 26.96 -67.18
C LYS F 1843 63.85 27.94 -67.47
N LEU F 1844 64.70 27.63 -68.44
CA LEU F 1844 65.76 28.56 -68.81
C LEU F 1844 65.18 29.86 -69.37
N VAL F 1845 64.11 29.77 -70.17
CA VAL F 1845 63.47 30.97 -70.68
C VAL F 1845 62.90 31.80 -69.53
N SER F 1846 62.29 31.13 -68.55
CA SER F 1846 61.77 31.83 -67.37
C SER F 1846 62.90 32.54 -66.62
N THR F 1847 64.02 31.86 -66.42
CA THR F 1847 65.14 32.46 -65.70
C THR F 1847 65.70 33.66 -66.45
N LEU F 1848 65.85 33.54 -67.78
CA LEU F 1848 66.36 34.66 -68.56
C LEU F 1848 65.40 35.84 -68.54
N LEU F 1849 64.09 35.57 -68.64
CA LEU F 1849 63.12 36.65 -68.54
C LEU F 1849 63.18 37.32 -67.18
N VAL F 1850 63.32 36.52 -66.12
CA VAL F 1850 63.47 37.08 -64.77
C VAL F 1850 64.71 37.97 -64.72
N MET F 1851 65.80 37.52 -65.33
CA MET F 1851 66.99 38.37 -65.47
C MET F 1851 66.64 39.68 -66.15
N GLY F 1852 65.76 39.64 -67.15
CA GLY F 1852 65.50 40.79 -67.97
C GLY F 1852 66.48 40.96 -69.11
N ILE F 1853 67.38 40.00 -69.31
CA ILE F 1853 68.35 40.08 -70.39
C ILE F 1853 67.63 40.06 -71.74
N PHE F 1854 66.51 39.37 -71.82
CA PHE F 1854 65.72 39.33 -73.04
C PHE F 1854 65.32 40.73 -73.45
N GLY F 1855 65.69 41.12 -74.68
CA GLY F 1855 65.38 42.45 -75.16
C GLY F 1855 63.92 42.58 -75.56
N ASP F 1856 63.57 43.76 -76.06
CA ASP F 1856 62.18 44.00 -76.46
C ASP F 1856 61.80 43.16 -77.67
N GLU F 1857 62.62 43.16 -78.71
CA GLU F 1857 62.36 42.33 -79.88
C GLU F 1857 62.41 40.85 -79.51
N ASP F 1858 63.29 40.49 -78.56
CA ASP F 1858 63.29 39.13 -78.05
C ASP F 1858 61.96 38.78 -77.38
N VAL F 1859 61.39 39.73 -76.63
CA VAL F 1859 60.07 39.51 -76.03
C VAL F 1859 59.02 39.35 -77.12
N LYS F 1860 59.14 40.11 -78.21
CA LYS F 1860 58.22 39.94 -79.32
C LYS F 1860 58.30 38.53 -79.91
N GLN F 1861 59.52 38.01 -80.12
CA GLN F 1861 59.63 36.65 -80.65
C GLN F 1861 59.13 35.63 -79.64
N ILE F 1862 59.36 35.87 -78.35
CA ILE F 1862 58.85 34.95 -77.33
C ILE F 1862 57.33 34.89 -77.37
N LEU F 1863 56.68 36.05 -77.45
CA LEU F 1863 55.22 36.09 -77.56
C LEU F 1863 54.76 35.44 -78.85
N LYS F 1864 55.51 35.62 -79.94
CA LYS F 1864 55.15 35.00 -81.21
C LYS F 1864 55.18 33.48 -81.11
N MET F 1865 56.20 32.93 -80.47
CA MET F 1865 56.28 31.48 -80.30
C MET F 1865 55.20 30.98 -79.34
N ILE F 1866 54.96 31.71 -78.24
CA ILE F 1866 53.95 31.29 -77.27
C ILE F 1866 52.58 31.24 -77.93
N GLU F 1867 52.21 32.31 -78.63
CA GLU F 1867 50.95 32.34 -79.34
C GLU F 1867 51.03 33.35 -80.49
N PRO F 1868 51.23 32.89 -81.72
CA PRO F 1868 51.42 33.85 -82.82
C PRO F 1868 50.20 34.72 -83.09
N GLU F 1869 49.04 34.12 -83.35
CA GLU F 1869 47.90 34.89 -83.82
C GLU F 1869 47.40 35.87 -82.76
N VAL F 1870 47.47 35.50 -81.48
CA VAL F 1870 47.04 36.41 -80.42
C VAL F 1870 47.93 37.65 -80.39
N PHE F 1871 49.23 37.46 -80.58
CA PHE F 1871 50.18 38.56 -80.52
C PHE F 1871 50.68 39.01 -81.89
N THR F 1872 49.92 38.78 -82.96
CA THR F 1872 50.30 39.30 -84.27
C THR F 1872 50.30 40.81 -84.27
N GLU F 1873 51.22 41.39 -85.04
CA GLU F 1873 51.34 42.84 -85.19
C GLU F 1873 50.98 43.20 -86.63
N GLU F 1874 50.05 44.13 -86.78
CA GLU F 1874 49.60 44.56 -88.10
C GLU F 1874 49.01 45.97 -88.06
N LEU F 1922 48.70 26.65 -91.33
CA LEU F 1922 49.51 27.85 -91.19
C LEU F 1922 50.40 27.70 -89.95
N GLU F 1923 50.42 28.72 -89.09
CA GLU F 1923 51.21 28.64 -87.87
C GLU F 1923 50.36 28.10 -86.73
N GLU F 1924 51.02 27.49 -85.74
CA GLU F 1924 50.34 26.86 -84.62
C GLU F 1924 50.84 27.47 -83.32
N GLY F 1925 50.02 27.37 -82.27
CA GLY F 1925 50.37 27.98 -81.00
C GLY F 1925 50.76 26.95 -79.96
N LEU F 1926 51.70 27.35 -79.10
CA LEU F 1926 52.09 26.49 -77.98
C LEU F 1926 50.91 26.22 -77.06
N LEU F 1927 49.95 27.15 -77.01
CA LEU F 1927 48.76 26.94 -76.19
C LEU F 1927 47.87 25.86 -76.79
N GLN F 1928 47.65 25.90 -78.11
CA GLN F 1928 46.70 24.99 -78.72
C GLN F 1928 47.29 23.59 -78.90
N MET F 1929 48.62 23.50 -79.10
CA MET F 1929 49.20 22.19 -79.40
C MET F 1929 49.21 21.29 -78.18
N LYS F 1930 48.86 21.84 -77.01
CA LYS F 1930 48.50 21.17 -75.75
C LYS F 1930 49.71 20.52 -75.11
N LEU F 1931 49.77 20.50 -73.77
CA LEU F 1931 50.94 20.02 -73.07
C LEU F 1931 50.50 19.17 -71.89
N PRO F 1932 51.40 18.35 -71.34
CA PRO F 1932 51.11 17.71 -70.05
C PRO F 1932 51.08 18.74 -68.92
N GLU F 1933 50.77 18.25 -67.72
CA GLU F 1933 50.49 19.15 -66.60
C GLU F 1933 51.70 20.01 -66.23
N SER F 1934 52.87 19.38 -66.04
CA SER F 1934 54.04 20.12 -65.57
C SER F 1934 54.46 21.19 -66.58
N VAL F 1935 54.43 20.85 -67.87
CA VAL F 1935 54.80 21.84 -68.88
C VAL F 1935 53.80 22.98 -68.87
N LYS F 1936 52.52 22.67 -68.67
CA LYS F 1936 51.52 23.71 -68.49
C LYS F 1936 51.84 24.58 -67.28
N LEU F 1937 52.41 23.98 -66.23
CA LEU F 1937 52.82 24.77 -65.07
C LEU F 1937 53.93 25.74 -65.41
N GLN F 1938 54.95 25.29 -66.15
CA GLN F 1938 56.01 26.20 -66.57
C GLN F 1938 55.44 27.30 -67.46
N MET F 1939 54.45 26.95 -68.29
CA MET F 1939 53.80 27.91 -69.18
C MET F 1939 53.07 28.98 -68.38
N CYS F 1940 52.37 28.56 -67.34
CA CYS F 1940 51.69 29.48 -66.43
C CYS F 1940 52.67 30.38 -65.70
N ASN F 1941 53.84 29.83 -65.31
CA ASN F 1941 54.86 30.67 -64.69
C ASN F 1941 55.34 31.74 -65.66
N LEU F 1942 55.62 31.36 -66.91
CA LEU F 1942 56.03 32.35 -67.91
C LEU F 1942 55.00 33.44 -68.08
N LEU F 1943 53.72 33.06 -68.25
CA LEU F 1943 52.70 34.07 -68.49
C LEU F 1943 52.44 34.89 -67.24
N GLU F 1944 52.59 34.30 -66.05
CA GLU F 1944 52.49 35.07 -64.81
C GLU F 1944 53.57 36.13 -64.74
N TYR F 1945 54.78 35.79 -65.16
CA TYR F 1945 55.84 36.80 -65.23
C TYR F 1945 55.48 37.92 -66.19
N PHE F 1946 54.97 37.56 -67.38
CA PHE F 1946 54.58 38.58 -68.34
C PHE F 1946 53.49 39.49 -67.79
N CYS F 1947 52.53 38.92 -67.05
CA CYS F 1947 51.48 39.74 -66.45
C CYS F 1947 52.04 40.59 -65.31
N ASP F 1948 53.11 40.12 -64.66
CA ASP F 1948 53.79 40.97 -63.69
C ASP F 1948 54.35 42.22 -64.36
N GLN F 1949 54.98 42.05 -65.53
CA GLN F 1949 55.42 43.24 -66.27
C GLN F 1949 54.24 44.07 -66.77
N GLU F 1950 53.10 43.43 -67.05
CA GLU F 1950 51.91 44.20 -67.42
C GLU F 1950 51.47 45.12 -66.27
N LEU F 1951 51.43 44.58 -65.06
CA LEU F 1951 51.08 45.38 -63.89
C LEU F 1951 52.15 46.46 -63.64
N GLN F 1952 53.41 46.12 -63.86
CA GLN F 1952 54.48 47.12 -63.74
C GLN F 1952 54.28 48.26 -64.73
N HIS F 1953 53.90 47.94 -65.96
CA HIS F 1953 53.60 48.97 -66.95
C HIS F 1953 52.45 49.86 -66.50
N ARG F 1954 51.38 49.24 -65.98
CA ARG F 1954 50.28 50.04 -65.47
C ARG F 1954 50.74 50.99 -64.36
N VAL F 1955 51.53 50.48 -63.41
CA VAL F 1955 51.97 51.30 -62.29
C VAL F 1955 52.85 52.45 -62.77
N GLU F 1956 53.80 52.17 -63.66
CA GLU F 1956 54.72 53.22 -64.08
C GLU F 1956 54.02 54.27 -64.94
N SER F 1957 53.07 53.86 -65.79
CA SER F 1957 52.32 54.83 -66.57
C SER F 1957 51.44 55.69 -65.65
N LEU F 1958 50.85 55.08 -64.62
CA LEU F 1958 50.08 55.86 -63.65
C LEU F 1958 50.98 56.85 -62.93
N ALA F 1959 52.20 56.45 -62.58
CA ALA F 1959 53.12 57.38 -61.93
C ALA F 1959 53.51 58.53 -62.86
N ALA F 1960 53.70 58.24 -64.15
CA ALA F 1960 53.99 59.29 -65.11
C ALA F 1960 52.84 60.28 -65.21
N PHE F 1961 51.62 59.76 -65.33
CA PHE F 1961 50.44 60.63 -65.38
C PHE F 1961 50.34 61.44 -64.09
N ALA F 1962 50.69 60.83 -62.95
CA ALA F 1962 50.70 61.53 -61.69
C ALA F 1962 51.67 62.70 -61.71
N GLU F 1963 52.88 62.48 -62.26
CA GLU F 1963 53.84 63.57 -62.39
C GLU F 1963 53.26 64.72 -63.20
N ARG F 1964 52.72 64.41 -64.38
CA ARG F 1964 52.17 65.48 -65.23
C ARG F 1964 51.03 66.21 -64.54
N TYR F 1965 50.13 65.46 -63.89
CA TYR F 1965 48.95 66.07 -63.30
C TYR F 1965 49.31 66.88 -62.06
N VAL F 1966 50.33 66.44 -61.32
CA VAL F 1966 50.82 67.22 -60.18
C VAL F 1966 51.43 68.53 -60.66
N ASP F 1967 52.19 68.48 -61.75
CA ASP F 1967 52.71 69.74 -62.30
C ASP F 1967 51.59 70.66 -62.74
N LYS F 1968 50.56 70.12 -63.39
CA LYS F 1968 49.43 70.94 -63.79
C LYS F 1968 48.72 71.55 -62.58
N LEU F 1969 48.53 70.75 -61.53
CA LEU F 1969 47.90 71.25 -60.31
C LEU F 1969 48.73 72.36 -59.67
N GLN F 1970 50.05 72.18 -59.64
CA GLN F 1970 50.93 73.18 -59.05
C GLN F 1970 50.87 74.49 -59.85
N ALA F 1971 50.90 74.39 -61.17
CA ALA F 1971 50.78 75.60 -61.99
C ALA F 1971 49.43 76.28 -61.77
N ASN F 1972 48.35 75.49 -61.69
CA ASN F 1972 47.03 76.05 -61.47
C ASN F 1972 46.95 76.75 -60.12
N GLN F 1973 47.56 76.17 -59.08
CA GLN F 1973 47.50 76.79 -57.76
C GLN F 1973 48.39 78.02 -57.70
N ARG F 1974 49.51 78.02 -58.43
CA ARG F 1974 50.32 79.24 -58.51
C ARG F 1974 49.53 80.36 -59.18
N SER F 1975 48.79 80.03 -60.24
CA SER F 1975 47.92 81.05 -60.86
C SER F 1975 46.80 81.47 -59.92
N ARG F 1976 46.20 80.52 -59.20
CA ARG F 1976 45.06 80.81 -58.34
C ARG F 1976 45.46 81.70 -57.17
N TYR F 1977 46.54 81.36 -56.49
CA TYR F 1977 47.00 82.17 -55.36
C TYR F 1977 47.43 83.55 -55.84
N ALA F 1978 47.94 83.63 -57.07
CA ALA F 1978 48.21 84.94 -57.67
C ALA F 1978 46.90 85.72 -57.84
N LEU F 1979 45.82 85.02 -58.17
CA LEU F 1979 44.52 85.68 -58.18
C LEU F 1979 43.94 85.75 -56.77
N LEU F 1980 44.60 85.13 -55.79
CA LEU F 1980 44.04 85.12 -54.43
C LEU F 1980 44.56 86.30 -53.61
N MET F 1981 45.87 86.59 -53.68
CA MET F 1981 46.37 87.80 -53.04
C MET F 1981 45.76 89.03 -53.68
N ARG F 1982 45.19 88.89 -54.90
CA ARG F 1982 44.42 89.98 -55.47
C ARG F 1982 42.96 89.87 -55.07
N ALA F 1983 42.47 88.65 -54.86
CA ALA F 1983 41.06 88.46 -54.54
C ALA F 1983 40.77 88.80 -53.09
N PHE F 1984 41.82 89.03 -52.30
CA PHE F 1984 41.62 89.55 -50.94
C PHE F 1984 40.90 90.88 -50.96
N THR F 1985 41.01 91.63 -52.06
CA THR F 1985 40.47 92.98 -52.09
C THR F 1985 39.05 93.01 -52.64
N MET F 1986 38.79 92.28 -53.74
CA MET F 1986 37.47 92.37 -54.37
C MET F 1986 36.38 91.74 -53.50
N SER F 1987 36.62 90.54 -52.97
CA SER F 1987 35.58 89.80 -52.28
C SER F 1987 36.08 89.36 -50.91
N ALA F 1988 35.19 89.37 -49.92
CA ALA F 1988 35.57 88.95 -48.58
C ALA F 1988 35.18 87.50 -48.32
N ALA F 1989 33.97 87.10 -48.71
CA ALA F 1989 33.53 85.72 -48.48
C ALA F 1989 34.31 84.74 -49.35
N GLU F 1990 34.55 85.09 -50.62
CA GLU F 1990 35.39 84.26 -51.49
C GLU F 1990 36.77 84.10 -50.90
N THR F 1991 37.37 85.20 -50.44
CA THR F 1991 38.71 85.13 -49.86
C THR F 1991 38.71 84.28 -48.59
N ALA F 1992 37.68 84.41 -47.76
CA ALA F 1992 37.62 83.65 -46.52
C ALA F 1992 37.49 82.16 -46.79
N ARG F 1993 36.65 81.77 -47.75
CA ARG F 1993 36.48 80.34 -48.02
C ARG F 1993 37.69 79.78 -48.74
N ARG F 1994 38.37 80.59 -49.55
CA ARG F 1994 39.64 80.18 -50.13
C ARG F 1994 40.69 79.97 -49.04
N THR F 1995 40.75 80.90 -48.08
CA THR F 1995 41.70 80.76 -46.98
C THR F 1995 41.45 79.49 -46.20
N ARG F 1996 40.26 79.32 -45.62
CA ARG F 1996 40.04 78.16 -44.76
C ARG F 1996 40.25 76.86 -45.54
N GLU F 1997 40.13 76.90 -46.87
CA GLU F 1997 40.49 75.73 -47.66
C GLU F 1997 42.00 75.52 -47.64
N PHE F 1998 42.77 76.58 -47.87
CA PHE F 1998 44.23 76.42 -47.89
C PHE F 1998 44.77 76.10 -46.50
N ARG F 1999 44.09 76.55 -45.44
CA ARG F 1999 44.58 76.34 -44.08
C ARG F 1999 44.58 74.85 -43.72
N SER F 2000 43.84 74.05 -44.48
CA SER F 2000 43.92 72.61 -44.31
C SER F 2000 45.31 72.12 -44.73
N PRO F 2001 45.79 71.02 -44.16
CA PRO F 2001 47.14 70.56 -44.50
C PRO F 2001 47.21 70.17 -45.96
N PRO F 2002 48.43 70.14 -46.53
CA PRO F 2002 48.55 69.89 -47.99
C PRO F 2002 47.92 68.58 -48.44
N GLN F 2003 47.99 67.54 -47.61
CA GLN F 2003 47.32 66.28 -47.94
C GLN F 2003 45.82 66.50 -48.11
N GLU F 2004 45.19 67.22 -47.18
CA GLU F 2004 43.77 67.49 -47.29
C GLU F 2004 43.44 68.41 -48.45
N GLN F 2005 44.35 69.35 -48.76
CA GLN F 2005 44.12 70.23 -49.91
C GLN F 2005 44.10 69.42 -51.20
N ILE F 2006 45.06 68.50 -51.37
CA ILE F 2006 45.05 67.66 -52.56
C ILE F 2006 43.86 66.72 -52.55
N ASN F 2007 43.46 66.26 -51.35
CA ASN F 2007 42.25 65.44 -51.25
C ASN F 2007 41.03 66.16 -51.81
N MET F 2008 40.78 67.40 -51.35
CA MET F 2008 39.60 68.12 -51.81
C MET F 2008 39.74 68.51 -53.27
N LEU F 2009 40.95 68.83 -53.71
CA LEU F 2009 41.16 69.16 -55.12
C LEU F 2009 40.83 67.97 -56.01
N LEU F 2010 41.23 66.77 -55.60
CA LEU F 2010 40.95 65.58 -56.40
C LEU F 2010 39.49 65.16 -56.29
N HIS F 2011 38.85 65.50 -55.17
CA HIS F 2011 37.49 65.02 -54.91
C HIS F 2011 36.49 65.77 -55.80
N PHE F 2012 36.41 65.34 -57.05
CA PHE F 2012 35.31 65.71 -57.94
C PHE F 2012 34.87 64.58 -58.85
N LYS F 2013 35.25 63.33 -58.54
CA LYS F 2013 34.78 62.20 -59.33
C LYS F 2013 33.30 61.94 -59.12
N ASP F 2014 32.83 62.10 -57.88
CA ASP F 2014 31.47 61.67 -57.53
C ASP F 2014 30.41 62.55 -58.17
N GLU F 2015 30.81 63.72 -58.69
CA GLU F 2015 29.97 64.72 -59.35
C GLU F 2015 29.11 65.48 -58.33
N ALA F 2016 29.05 65.03 -57.07
CA ALA F 2016 28.31 65.76 -56.06
C ALA F 2016 28.93 67.13 -55.80
N ASP F 2017 30.26 67.20 -55.80
CA ASP F 2017 30.98 68.47 -55.66
C ASP F 2017 31.95 68.71 -56.82
N GLU F 2018 31.71 68.09 -57.98
CA GLU F 2018 32.51 68.40 -59.16
C GLU F 2018 32.25 69.82 -59.63
N GLU F 2019 31.02 70.30 -59.44
CA GLU F 2019 30.75 71.71 -59.69
C GLU F 2019 31.34 72.59 -58.60
N ASP F 2020 31.52 72.03 -57.40
CA ASP F 2020 32.03 72.81 -56.27
C ASP F 2020 33.53 73.02 -56.37
N CYS F 2021 34.25 72.03 -56.89
CA CYS F 2021 35.72 72.10 -56.87
C CYS F 2021 36.20 73.28 -57.69
N PRO F 2022 37.21 74.02 -57.21
CA PRO F 2022 37.65 75.21 -57.95
C PRO F 2022 38.55 74.89 -59.14
N LEU F 2023 38.94 73.63 -59.31
CA LEU F 2023 39.89 73.29 -60.36
C LEU F 2023 39.26 73.52 -61.73
N PRO F 2024 40.05 73.91 -62.73
CA PRO F 2024 39.48 74.18 -64.06
C PRO F 2024 38.90 72.94 -64.72
N GLU F 2025 37.89 73.16 -65.56
CA GLU F 2025 37.15 72.06 -66.15
C GLU F 2025 38.04 71.22 -67.05
N ASP F 2026 39.06 71.82 -67.66
CA ASP F 2026 39.97 71.03 -68.51
C ASP F 2026 40.85 70.11 -67.67
N ILE F 2027 41.34 70.59 -66.53
CA ILE F 2027 42.16 69.75 -65.65
C ILE F 2027 41.29 68.69 -64.99
N ARG F 2028 39.98 68.93 -64.93
CA ARG F 2028 39.07 67.84 -64.56
C ARG F 2028 38.92 66.85 -65.71
N GLN F 2029 38.72 67.35 -66.93
CA GLN F 2029 38.36 66.52 -68.06
C GLN F 2029 39.48 65.56 -68.43
N ASP F 2030 40.72 66.04 -68.44
CA ASP F 2030 41.83 65.13 -68.77
C ASP F 2030 41.95 64.05 -67.70
N LEU F 2031 41.65 64.39 -66.44
CA LEU F 2031 41.66 63.39 -65.39
C LEU F 2031 40.59 62.32 -65.61
N GLN F 2032 39.36 62.73 -65.95
CA GLN F 2032 38.34 61.72 -66.23
C GLN F 2032 38.71 60.88 -67.45
N ASP F 2033 39.29 61.52 -68.47
CA ASP F 2033 39.69 60.78 -69.66
C ASP F 2033 40.73 59.72 -69.32
N PHE F 2034 41.73 60.09 -68.51
CA PHE F 2034 42.72 59.10 -68.10
C PHE F 2034 42.08 58.01 -67.23
N HIS F 2035 41.08 58.38 -66.43
CA HIS F 2035 40.40 57.39 -65.59
C HIS F 2035 39.67 56.36 -66.44
N GLN F 2036 38.96 56.81 -67.48
CA GLN F 2036 38.32 55.86 -68.38
C GLN F 2036 39.35 55.04 -69.15
N ASP F 2037 40.48 55.65 -69.50
CA ASP F 2037 41.56 54.89 -70.14
C ASP F 2037 42.05 53.79 -69.23
N LEU F 2038 42.23 54.08 -67.94
CA LEU F 2038 42.66 53.07 -66.98
C LEU F 2038 41.60 51.99 -66.81
N LEU F 2039 40.33 52.38 -66.79
CA LEU F 2039 39.26 51.39 -66.72
C LEU F 2039 39.31 50.43 -67.90
N ALA F 2040 39.45 50.99 -69.12
CA ALA F 2040 39.54 50.14 -70.30
C ALA F 2040 40.77 49.25 -70.27
N HIS F 2041 41.90 49.79 -69.83
CA HIS F 2041 43.14 49.02 -69.79
C HIS F 2041 43.05 47.87 -68.79
N CYS F 2042 42.45 48.13 -67.63
CA CYS F 2042 42.24 47.07 -66.65
C CYS F 2042 41.15 46.12 -67.09
N GLY F 2043 40.33 46.53 -68.07
CA GLY F 2043 39.28 45.68 -68.58
C GLY F 2043 37.95 45.80 -67.86
N ILE F 2044 37.80 46.79 -66.98
CA ILE F 2044 36.53 46.99 -66.30
C ILE F 2044 35.44 47.30 -67.30
N GLN F 2045 35.73 48.15 -68.28
CA GLN F 2045 34.81 48.37 -69.38
C GLN F 2045 34.61 47.07 -70.16
N LEU F 2046 33.35 46.77 -70.46
CA LEU F 2046 33.02 45.52 -71.15
C LEU F 2046 32.62 45.78 -72.60
N GLU F 2088 38.22 40.12 -83.53
CA GLU F 2088 37.22 39.12 -83.85
C GLU F 2088 37.14 38.04 -82.77
N LYS F 2089 36.77 36.81 -83.16
CA LYS F 2089 36.52 35.76 -82.18
C LYS F 2089 37.77 35.46 -81.35
N LYS F 2090 38.94 35.50 -81.97
CA LYS F 2090 40.17 35.37 -81.20
C LYS F 2090 40.28 36.56 -80.23
N PRO F 2091 40.70 36.32 -78.98
CA PRO F 2091 40.57 37.37 -77.96
C PRO F 2091 41.25 38.68 -78.30
N GLN F 2092 42.42 38.64 -78.93
CA GLN F 2092 43.26 39.81 -79.21
C GLN F 2092 43.58 40.58 -77.94
N SER F 2093 43.53 39.94 -76.77
CA SER F 2093 43.83 40.58 -75.50
C SER F 2093 44.42 39.54 -74.56
N LEU F 2094 45.41 39.95 -73.76
CA LEU F 2094 46.00 39.04 -72.79
C LEU F 2094 44.96 38.58 -71.77
N GLN F 2095 44.11 39.49 -71.32
CA GLN F 2095 43.03 39.16 -70.39
C GLN F 2095 42.23 37.95 -70.87
N GLU F 2096 41.55 38.09 -72.01
CA GLU F 2096 40.70 37.03 -72.50
C GLU F 2096 41.51 35.82 -72.94
N LEU F 2097 42.75 36.05 -73.39
CA LEU F 2097 43.59 34.92 -73.78
C LEU F 2097 43.86 34.00 -72.59
N VAL F 2098 44.28 34.56 -71.47
CA VAL F 2098 44.55 33.75 -70.29
C VAL F 2098 43.28 33.11 -69.77
N SER F 2099 42.19 33.88 -69.69
CA SER F 2099 40.93 33.32 -69.22
C SER F 2099 40.51 32.14 -70.08
N HIS F 2100 40.57 32.31 -71.40
CA HIS F 2100 40.14 31.26 -72.31
CA HIS F 2100 40.12 31.27 -72.31
C HIS F 2100 41.02 30.04 -72.21
N MET F 2101 42.34 30.23 -72.11
CA MET F 2101 43.22 29.07 -72.06
C MET F 2101 43.01 28.28 -70.77
N VAL F 2102 42.82 28.99 -69.65
CA VAL F 2102 42.57 28.30 -68.39
C VAL F 2102 41.25 27.53 -68.47
N VAL F 2103 40.20 28.16 -68.99
CA VAL F 2103 38.91 27.52 -69.08
C VAL F 2103 38.96 26.30 -70.01
N ARG F 2104 39.65 26.44 -71.15
CA ARG F 2104 39.77 25.34 -72.10
C ARG F 2104 40.54 24.17 -71.49
N TRP F 2105 41.64 24.46 -70.78
CA TRP F 2105 42.37 23.39 -70.11
C TRP F 2105 41.49 22.70 -69.09
N ALA F 2106 40.67 23.47 -68.37
CA ALA F 2106 39.77 22.89 -67.38
C ALA F 2106 38.78 21.93 -68.03
N GLN F 2107 38.21 22.31 -69.18
CA GLN F 2107 37.33 21.37 -69.88
C GLN F 2107 38.11 20.16 -70.41
N GLU F 2108 39.34 20.38 -70.89
CA GLU F 2108 40.10 19.28 -71.46
C GLU F 2108 40.41 18.21 -70.41
N ASP F 2109 40.83 18.62 -69.21
CA ASP F 2109 41.22 17.63 -68.22
C ASP F 2109 40.97 18.16 -66.81
N TYR F 2110 40.83 17.23 -65.87
CA TYR F 2110 40.80 17.55 -64.45
C TYR F 2110 42.20 17.45 -63.88
N VAL F 2111 42.76 18.59 -63.45
CA VAL F 2111 44.15 18.64 -63.06
C VAL F 2111 44.39 17.84 -61.78
N GLN F 2112 45.36 16.93 -61.84
CA GLN F 2112 45.70 16.08 -60.71
C GLN F 2112 46.75 16.70 -59.79
N SER F 2113 47.35 17.82 -60.19
CA SER F 2113 48.48 18.40 -59.45
C SER F 2113 48.05 19.66 -58.73
N PRO F 2114 48.02 19.65 -57.38
CA PRO F 2114 47.53 20.83 -56.64
C PRO F 2114 48.34 22.09 -56.88
N GLU F 2115 49.65 21.97 -57.09
CA GLU F 2115 50.46 23.16 -57.36
C GLU F 2115 50.05 23.82 -58.66
N LEU F 2116 49.84 23.03 -59.71
CA LEU F 2116 49.36 23.58 -60.97
C LEU F 2116 47.96 24.14 -60.82
N VAL F 2117 47.11 23.49 -60.03
CA VAL F 2117 45.76 24.02 -59.80
C VAL F 2117 45.82 25.39 -59.15
N ARG F 2118 46.66 25.53 -58.13
CA ARG F 2118 46.79 26.81 -57.44
C ARG F 2118 47.36 27.88 -58.36
N ALA F 2119 48.40 27.55 -59.14
CA ALA F 2119 48.93 28.51 -60.09
C ALA F 2119 47.87 28.92 -61.10
N MET F 2120 47.11 27.94 -61.61
CA MET F 2120 46.02 28.19 -62.55
C MET F 2120 45.03 29.20 -62.00
N PHE F 2121 44.54 28.94 -60.78
CA PHE F 2121 43.45 29.75 -60.26
C PHE F 2121 43.95 31.11 -59.77
N SER F 2122 45.18 31.17 -59.26
CA SER F 2122 45.77 32.47 -58.93
C SER F 2122 45.92 33.34 -60.18
N LEU F 2123 46.42 32.76 -61.26
CA LEU F 2123 46.54 33.51 -62.51
C LEU F 2123 45.16 33.93 -63.01
N LEU F 2124 44.17 33.05 -62.91
CA LEU F 2124 42.82 33.39 -63.36
C LEU F 2124 42.27 34.57 -62.58
N HIS F 2125 42.44 34.56 -61.25
CA HIS F 2125 41.97 35.68 -60.44
C HIS F 2125 42.72 36.96 -60.79
N ARG F 2126 44.04 36.86 -60.99
CA ARG F 2126 44.82 38.04 -61.39
C ARG F 2126 44.25 38.65 -62.66
N GLN F 2127 43.98 37.82 -63.67
CA GLN F 2127 43.45 38.34 -64.92
C GLN F 2127 42.08 38.97 -64.72
N TYR F 2128 41.15 38.23 -64.11
CA TYR F 2128 39.78 38.71 -64.03
C TYR F 2128 39.68 39.99 -63.19
N ASP F 2129 40.45 40.09 -62.11
CA ASP F 2129 40.52 41.32 -61.33
C ASP F 2129 41.99 41.68 -61.10
N GLY F 2130 42.60 42.33 -62.10
CA GLY F 2130 43.90 42.96 -61.88
C GLY F 2130 43.77 44.35 -61.29
N LEU F 2131 42.61 44.99 -61.46
CA LEU F 2131 42.40 46.32 -60.92
C LEU F 2131 42.47 46.32 -59.40
N GLY F 2132 41.86 45.33 -58.75
CA GLY F 2132 41.99 45.20 -57.30
C GLY F 2132 43.42 44.93 -56.88
N GLU F 2133 44.15 44.14 -57.67
CA GLU F 2133 45.56 43.91 -57.37
C GLU F 2133 46.37 45.18 -57.58
N LEU F 2134 45.99 45.99 -58.56
CA LEU F 2134 46.59 47.32 -58.70
C LEU F 2134 46.33 48.17 -57.46
N LEU F 2135 45.10 48.09 -56.93
CA LEU F 2135 44.76 48.79 -55.70
C LEU F 2135 45.64 48.34 -54.54
N ARG F 2136 45.88 47.03 -54.45
CA ARG F 2136 46.76 46.52 -53.40
C ARG F 2136 48.20 46.99 -53.61
N ALA F 2137 48.65 47.04 -54.86
CA ALA F 2137 50.05 47.35 -55.14
C ALA F 2137 50.35 48.83 -54.97
N LEU F 2138 49.34 49.69 -55.15
CA LEU F 2138 49.58 51.13 -55.05
C LEU F 2138 50.17 51.58 -53.72
N PRO F 2139 49.71 51.10 -52.55
CA PRO F 2139 50.40 51.48 -51.31
C PRO F 2139 51.87 51.11 -51.30
N ARG F 2140 52.24 50.02 -51.98
CA ARG F 2140 53.65 49.66 -52.08
C ARG F 2140 54.38 50.61 -53.03
N ALA F 2141 53.68 51.16 -54.01
CA ALA F 2141 54.31 52.06 -54.96
C ALA F 2141 54.73 53.36 -54.28
N TYR F 2142 55.84 53.92 -54.76
CA TYR F 2142 56.39 55.15 -54.20
C TYR F 2142 57.22 55.84 -55.27
N THR F 2143 57.39 57.15 -55.13
CA THR F 2143 58.09 57.97 -56.11
C THR F 2143 59.34 58.58 -55.47
N ILE F 2144 60.44 58.59 -56.22
CA ILE F 2144 61.72 59.10 -55.74
C ILE F 2144 62.26 60.11 -56.74
N SER F 2145 63.09 61.03 -56.25
CA SER F 2145 63.64 62.07 -57.09
C SER F 2145 64.87 61.56 -57.85
N PRO F 2146 65.14 62.12 -59.03
CA PRO F 2146 66.36 61.71 -59.76
C PRO F 2146 67.64 62.15 -59.07
N SER F 2147 67.57 63.12 -58.15
CA SER F 2147 68.76 63.57 -57.46
C SER F 2147 69.24 62.55 -56.43
N SER F 2148 68.31 61.80 -55.84
CA SER F 2148 68.67 60.82 -54.82
C SER F 2148 68.65 59.40 -55.38
N VAL F 2149 68.59 59.27 -56.71
CA VAL F 2149 68.45 57.94 -57.31
C VAL F 2149 69.70 57.12 -57.09
N GLU F 2150 70.88 57.76 -57.12
CA GLU F 2150 72.12 57.02 -56.92
C GLU F 2150 72.23 56.49 -55.49
N ASP F 2151 71.75 57.27 -54.53
CA ASP F 2151 71.76 56.83 -53.14
C ASP F 2151 70.73 55.73 -52.91
N THR F 2152 69.55 55.87 -53.54
CA THR F 2152 68.56 54.80 -53.49
C THR F 2152 69.08 53.53 -54.13
N MET F 2153 69.97 53.66 -55.13
CA MET F 2153 70.59 52.48 -55.73
C MET F 2153 71.36 51.68 -54.69
N SER F 2154 72.23 52.34 -53.92
CA SER F 2154 73.00 51.65 -52.89
C SER F 2154 72.09 51.10 -51.80
N LEU F 2155 71.08 51.88 -51.41
CA LEU F 2155 70.12 51.39 -50.42
C LEU F 2155 69.47 50.10 -50.88
N LEU F 2156 69.03 50.07 -52.14
CA LEU F 2156 68.37 48.89 -52.69
C LEU F 2156 69.34 47.72 -52.81
N GLU F 2157 70.60 47.99 -53.14
CA GLU F 2157 71.58 46.91 -53.19
C GLU F 2157 71.76 46.28 -51.81
N CYS F 2158 71.90 47.10 -50.77
CA CYS F 2158 72.04 46.55 -49.42
C CYS F 2158 70.78 45.80 -49.01
N LEU F 2159 69.61 46.31 -49.41
CA LEU F 2159 68.37 45.57 -49.17
C LEU F 2159 68.40 44.20 -49.83
N GLY F 2160 68.88 44.15 -51.08
CA GLY F 2160 68.97 42.86 -51.77
C GLY F 2160 69.89 41.90 -51.04
N GLN F 2161 71.03 42.39 -50.55
CA GLN F 2161 71.90 41.54 -49.75
C GLN F 2161 71.17 41.02 -48.52
N ILE F 2162 70.43 41.87 -47.82
CA ILE F 2162 69.72 41.44 -46.62
C ILE F 2162 68.68 40.37 -46.96
N ARG F 2163 67.87 40.61 -48.00
CA ARG F 2163 66.82 39.67 -48.34
C ARG F 2163 67.40 38.33 -48.79
N SER F 2164 68.52 38.36 -49.51
CA SER F 2164 69.19 37.11 -49.85
C SER F 2164 69.73 36.42 -48.61
N LEU F 2165 70.19 37.18 -47.62
CA LEU F 2165 70.76 36.60 -46.42
C LEU F 2165 69.69 35.93 -45.56
N LEU F 2166 68.47 36.47 -45.57
CA LEU F 2166 67.39 35.87 -44.78
C LEU F 2166 67.21 34.38 -45.10
N ILE F 2167 67.39 33.99 -46.37
CA ILE F 2167 67.14 32.60 -46.74
C ILE F 2167 68.14 31.66 -46.07
N VAL F 2168 69.41 32.02 -46.08
CA VAL F 2168 70.45 31.12 -45.56
C VAL F 2168 70.49 31.22 -44.04
N GLN F 2169 70.91 30.12 -43.40
CA GLN F 2169 71.03 30.09 -41.95
C GLN F 2169 72.18 30.96 -41.47
N MET F 2170 72.40 30.96 -40.16
CA MET F 2170 73.42 31.79 -39.55
C MET F 2170 74.81 31.34 -39.96
N GLY F 2171 75.70 32.32 -40.16
CA GLY F 2171 77.11 32.06 -40.38
C GLY F 2171 77.92 33.29 -40.01
N PRO F 2172 79.23 33.11 -39.76
CA PRO F 2172 80.07 34.29 -39.46
C PRO F 2172 80.18 35.25 -40.62
N GLN F 2173 80.38 34.72 -41.83
CA GLN F 2173 80.42 35.58 -43.01
C GLN F 2173 79.08 36.30 -43.19
N GLU F 2174 77.98 35.61 -42.96
CA GLU F 2174 76.66 36.23 -43.09
C GLU F 2174 76.48 37.33 -42.04
N GLU F 2175 76.93 37.10 -40.80
CA GLU F 2175 76.77 38.12 -39.77
C GLU F 2175 77.60 39.36 -40.11
N ASN F 2176 78.83 39.16 -40.58
CA ASN F 2176 79.66 40.31 -40.97
C ASN F 2176 79.02 41.05 -42.15
N LEU F 2177 78.49 40.30 -43.12
CA LEU F 2177 77.89 40.93 -44.29
C LEU F 2177 76.67 41.75 -43.92
N MET F 2178 75.77 41.20 -43.10
CA MET F 2178 74.58 41.97 -42.75
C MET F 2178 74.95 43.15 -41.86
N ILE F 2179 75.94 42.99 -40.99
CA ILE F 2179 76.34 44.10 -40.14
C ILE F 2179 76.85 45.26 -40.99
N GLN F 2180 77.75 44.97 -41.94
CA GLN F 2180 78.25 46.04 -42.81
C GLN F 2180 77.13 46.60 -43.69
N SER F 2181 76.21 45.75 -44.15
CA SER F 2181 75.12 46.21 -44.99
C SER F 2181 74.21 47.17 -44.24
N ILE F 2182 73.80 46.81 -43.03
CA ILE F 2182 72.91 47.68 -42.27
C ILE F 2182 73.66 48.93 -41.81
N GLY F 2183 74.97 48.82 -41.62
CA GLY F 2183 75.77 50.03 -41.38
C GLY F 2183 75.74 50.98 -42.55
N ASN F 2184 75.87 50.45 -43.76
CA ASN F 2184 75.76 51.28 -44.96
C ASN F 2184 74.37 51.89 -45.07
N ILE F 2185 73.33 51.12 -44.75
CA ILE F 2185 71.97 51.65 -44.80
C ILE F 2185 71.79 52.77 -43.80
N MET F 2186 72.32 52.60 -42.59
CA MET F 2186 72.21 53.64 -41.57
C MET F 2186 72.96 54.90 -42.00
N ASN F 2187 74.13 54.73 -42.62
CA ASN F 2187 74.87 55.88 -43.13
C ASN F 2187 74.16 56.50 -44.34
N ASN F 2188 73.33 55.72 -45.02
CA ASN F 2188 72.73 56.16 -46.28
C ASN F 2188 71.84 57.38 -46.05
N LYS F 2189 71.95 58.35 -46.95
CA LYS F 2189 71.29 59.64 -46.74
C LYS F 2189 69.79 59.55 -46.97
N VAL F 2190 69.37 58.78 -47.99
CA VAL F 2190 67.95 58.64 -48.28
C VAL F 2190 67.21 58.05 -47.07
N PHE F 2191 67.89 57.23 -46.29
CA PHE F 2191 67.29 56.65 -45.10
C PHE F 2191 66.81 57.75 -44.14
N TYR F 2192 67.54 58.87 -44.07
CA TYR F 2192 67.06 60.01 -43.30
C TYR F 2192 66.04 60.82 -44.10
N GLN F 2193 66.21 60.90 -45.41
CA GLN F 2193 65.47 61.88 -46.21
C GLN F 2193 64.01 61.47 -46.40
N HIS F 2194 63.76 60.18 -46.61
CA HIS F 2194 62.42 59.70 -47.00
C HIS F 2194 61.91 58.71 -45.96
N PRO F 2195 61.27 59.21 -44.89
CA PRO F 2195 60.77 58.31 -43.85
C PRO F 2195 59.70 57.34 -44.33
N ASN F 2196 58.94 57.67 -45.36
CA ASN F 2196 57.90 56.76 -45.84
C ASN F 2196 58.47 55.65 -46.72
N LEU F 2197 59.68 55.87 -47.25
CA LEU F 2197 60.23 54.94 -48.23
C LEU F 2197 60.56 53.59 -47.59
N MET F 2198 61.24 53.60 -46.44
CA MET F 2198 61.52 52.33 -45.79
C MET F 2198 60.29 51.79 -45.06
N ARG F 2199 59.27 52.63 -44.86
CA ARG F 2199 57.98 52.09 -44.44
C ARG F 2199 57.39 51.21 -45.52
N ALA F 2200 57.38 51.70 -46.77
CA ALA F 2200 56.91 50.89 -47.88
C ALA F 2200 57.81 49.67 -48.07
N LEU F 2201 59.12 49.84 -47.91
CA LEU F 2201 60.04 48.70 -48.02
C LEU F 2201 59.74 47.64 -46.98
N GLY F 2202 59.46 48.06 -45.74
CA GLY F 2202 59.24 47.10 -44.67
C GLY F 2202 60.46 46.30 -44.29
N MET F 2203 61.62 46.94 -44.26
CA MET F 2203 62.85 46.23 -43.92
C MET F 2203 62.88 45.82 -42.45
N HIS F 2204 62.17 46.57 -41.59
CA HIS F 2204 62.20 46.25 -40.17
C HIS F 2204 61.58 44.89 -39.90
N GLU F 2205 60.55 44.52 -40.66
CA GLU F 2205 59.97 43.18 -40.50
C GLU F 2205 61.00 42.10 -40.81
N THR F 2206 61.73 42.24 -41.91
CA THR F 2206 62.73 41.24 -42.28
C THR F 2206 63.89 41.21 -41.27
N VAL F 2207 64.24 42.38 -40.73
CA VAL F 2207 65.28 42.42 -39.70
C VAL F 2207 64.81 41.67 -38.45
N MET F 2208 63.55 41.86 -38.06
CA MET F 2208 63.03 41.10 -36.93
C MET F 2208 62.97 39.61 -37.25
N GLU F 2209 62.71 39.27 -38.51
CA GLU F 2209 62.73 37.86 -38.90
C GLU F 2209 64.11 37.26 -38.72
N VAL F 2210 65.15 37.95 -39.18
CA VAL F 2210 66.50 37.39 -38.99
C VAL F 2210 66.86 37.37 -37.51
N MET F 2211 66.39 38.36 -36.75
CA MET F 2211 66.54 38.32 -35.29
C MET F 2211 65.99 37.03 -34.71
N VAL F 2212 64.74 36.69 -35.05
CA VAL F 2212 64.11 35.54 -34.43
C VAL F 2212 64.71 34.23 -34.93
N ASN F 2213 65.15 34.20 -36.19
CA ASN F 2213 65.84 32.99 -36.66
C ASN F 2213 67.15 32.78 -35.92
N VAL F 2214 67.89 33.86 -35.64
CA VAL F 2214 69.10 33.72 -34.84
C VAL F 2214 68.76 33.32 -33.41
N LEU F 2215 67.65 33.86 -32.89
CA LEU F 2215 67.30 33.62 -31.49
C LEU F 2215 66.79 32.20 -31.26
N GLY F 2216 66.23 31.58 -32.30
CA GLY F 2216 65.51 30.31 -32.11
C GLY F 2216 66.37 29.21 -31.52
N GLY F 2217 67.62 29.07 -31.99
CA GLY F 2217 68.46 27.96 -31.62
C GLY F 2217 69.19 28.18 -30.31
N GLY F 2218 68.89 27.32 -29.33
CA GLY F 2218 69.61 27.32 -28.07
C GLY F 2218 69.58 28.64 -27.33
N GLU F 2219 68.41 29.27 -27.21
CA GLU F 2219 68.35 30.62 -26.69
C GLU F 2219 68.53 30.67 -25.17
N THR F 2220 68.03 29.65 -24.47
CA THR F 2220 68.02 29.71 -23.01
C THR F 2220 69.43 29.68 -22.43
N LYS F 2221 70.27 28.78 -22.91
CA LYS F 2221 71.61 28.64 -22.34
C LYS F 2221 72.49 29.83 -22.67
N GLU F 2222 72.49 30.27 -23.91
CA GLU F 2222 73.40 31.33 -24.34
C GLU F 2222 72.86 31.94 -25.62
N ILE F 2223 73.15 33.22 -25.83
CA ILE F 2223 72.71 33.94 -27.02
C ILE F 2223 73.90 34.11 -27.95
N ARG F 2224 73.78 33.61 -29.17
CA ARG F 2224 74.85 33.75 -30.13
C ARG F 2224 74.91 35.18 -30.65
N PHE F 2225 76.10 35.77 -30.58
CA PHE F 2225 76.38 37.09 -31.12
C PHE F 2225 75.55 38.22 -30.51
N PRO F 2226 75.79 38.58 -29.25
CA PRO F 2226 75.27 39.86 -28.75
C PRO F 2226 75.79 41.04 -29.56
N LYS F 2227 76.90 40.87 -30.27
CA LYS F 2227 77.28 41.83 -31.30
C LYS F 2227 76.18 41.93 -32.35
N MET F 2228 75.65 40.79 -32.80
CA MET F 2228 74.54 40.78 -33.74
C MET F 2228 73.33 41.51 -33.18
N VAL F 2229 72.97 41.23 -31.92
CA VAL F 2229 71.75 41.86 -31.39
C VAL F 2229 71.97 43.34 -31.13
N THR F 2230 73.19 43.73 -30.76
CA THR F 2230 73.51 45.15 -30.63
C THR F 2230 73.39 45.85 -31.97
N SER F 2231 73.83 45.21 -33.05
CA SER F 2231 73.56 45.74 -34.39
C SER F 2231 72.06 45.80 -34.65
N CYS F 2232 71.33 44.79 -34.20
CA CYS F 2232 69.89 44.71 -34.40
C CYS F 2232 69.19 45.96 -33.87
N CYS F 2233 69.46 46.33 -32.62
CA CYS F 2233 69.10 47.72 -32.31
C CYS F 2233 69.75 48.73 -33.21
N ARG F 2234 71.07 48.95 -33.11
CA ARG F 2234 71.56 50.22 -33.63
C ARG F 2234 70.83 50.58 -34.92
N PHE F 2235 70.63 49.59 -35.79
CA PHE F 2235 69.76 49.79 -36.96
C PHE F 2235 68.29 50.06 -36.58
N LEU F 2236 67.59 49.09 -35.98
CA LEU F 2236 66.13 49.25 -35.80
C LEU F 2236 65.78 50.13 -34.59
N CYS F 2237 66.54 50.00 -33.51
CA CYS F 2237 66.45 50.95 -32.40
C CYS F 2237 66.72 52.38 -32.87
N TYR F 2238 67.59 52.58 -33.88
CA TYR F 2238 67.73 53.90 -34.47
C TYR F 2238 66.55 54.25 -35.36
N PHE F 2239 65.93 53.25 -35.98
CA PHE F 2239 64.73 53.46 -36.78
C PHE F 2239 63.59 53.97 -35.90
N CYS F 2240 63.50 53.40 -34.68
CA CYS F 2240 62.72 53.99 -33.58
C CYS F 2240 63.06 55.45 -33.36
N ARG F 2241 64.35 55.73 -33.08
CA ARG F 2241 64.75 57.10 -32.79
C ARG F 2241 64.36 58.04 -33.94
N ILE F 2242 64.39 57.54 -35.16
CA ILE F 2242 64.06 58.36 -36.32
C ILE F 2242 62.57 58.73 -36.33
N SER F 2243 61.69 57.73 -36.18
CA SER F 2243 60.28 58.04 -36.39
C SER F 2243 59.38 57.45 -35.31
N ARG F 2244 58.23 58.11 -35.10
CA ARG F 2244 57.25 57.63 -34.13
C ARG F 2244 56.21 56.71 -34.79
N GLN F 2245 55.92 56.94 -36.07
CA GLN F 2245 55.18 55.95 -36.84
C GLN F 2245 55.96 54.64 -36.90
N ASN F 2246 57.29 54.75 -36.91
CA ASN F 2246 58.15 53.59 -36.71
C ASN F 2246 57.90 52.97 -35.34
N GLN F 2247 57.82 53.82 -34.31
CA GLN F 2247 57.45 53.36 -32.97
C GLN F 2247 56.07 52.72 -32.99
N ARG F 2248 55.16 53.25 -33.81
CA ARG F 2248 53.84 52.65 -33.95
C ARG F 2248 53.93 51.23 -34.52
N SER F 2249 54.76 51.05 -35.55
CA SER F 2249 54.90 49.72 -36.14
C SER F 2249 55.50 48.74 -35.15
N MET F 2250 56.55 49.15 -34.42
CA MET F 2250 57.11 48.23 -33.44
C MET F 2250 56.20 48.02 -32.24
N PHE F 2251 55.30 48.96 -31.96
CA PHE F 2251 54.28 48.69 -30.96
C PHE F 2251 53.28 47.67 -31.48
N ASP F 2252 52.98 47.71 -32.78
CA ASP F 2252 52.16 46.67 -33.38
C ASP F 2252 52.83 45.30 -33.23
N HIS F 2253 54.14 45.26 -33.42
CA HIS F 2253 54.92 44.03 -33.22
C HIS F 2253 55.53 43.94 -31.83
N LEU F 2254 54.94 44.60 -30.82
CA LEU F 2254 55.57 44.70 -29.52
C LEU F 2254 55.60 43.36 -28.79
N SER F 2255 54.46 42.68 -28.71
CA SER F 2255 54.41 41.41 -27.97
C SER F 2255 55.32 40.38 -28.61
N TYR F 2256 55.39 40.39 -29.94
CA TYR F 2256 56.28 39.49 -30.67
C TYR F 2256 57.72 39.68 -30.23
N LEU F 2257 58.14 40.93 -30.02
CA LEU F 2257 59.44 41.19 -29.43
C LEU F 2257 59.46 40.77 -27.96
N LEU F 2258 58.29 40.81 -27.30
CA LEU F 2258 58.26 40.56 -25.86
C LEU F 2258 58.54 39.11 -25.53
N GLU F 2259 57.97 38.17 -26.29
CA GLU F 2259 58.25 36.76 -25.97
C GLU F 2259 59.70 36.42 -26.21
N ASN F 2260 60.36 37.14 -27.12
CA ASN F 2260 61.79 36.97 -27.38
C ASN F 2260 62.66 37.84 -26.49
N SER F 2261 62.04 38.69 -25.65
CA SER F 2261 62.83 39.51 -24.74
C SER F 2261 63.42 38.68 -23.61
N GLY F 2262 63.05 37.39 -23.53
CA GLY F 2262 63.56 36.54 -22.46
C GLY F 2262 65.02 36.20 -22.63
N ILE F 2263 65.63 36.64 -23.73
CA ILE F 2263 67.06 36.41 -23.94
C ILE F 2263 67.78 37.76 -24.04
N GLY F 2264 67.03 38.81 -24.37
CA GLY F 2264 67.64 40.13 -24.48
C GLY F 2264 68.15 40.65 -23.16
N LEU F 2265 67.45 40.36 -22.07
CA LEU F 2265 67.97 40.75 -20.76
C LEU F 2265 69.25 39.99 -20.45
N GLY F 2266 69.32 38.71 -20.82
CA GLY F 2266 70.52 37.94 -20.58
C GLY F 2266 71.71 38.48 -21.34
N MET F 2267 71.50 38.88 -22.60
CA MET F 2267 72.60 39.47 -23.34
C MET F 2267 72.85 40.91 -22.89
N GLN F 2268 74.11 41.31 -22.89
CA GLN F 2268 74.47 42.66 -22.49
CA GLN F 2268 74.47 42.66 -22.49
C GLN F 2268 74.24 43.65 -23.63
N GLY F 2269 73.92 44.88 -23.26
CA GLY F 2269 73.75 45.95 -24.23
C GLY F 2269 72.32 46.08 -24.74
N SER F 2270 72.22 46.55 -25.98
CA SER F 2270 70.93 46.82 -26.59
C SER F 2270 70.11 45.53 -26.74
N THR F 2271 68.83 45.62 -26.41
CA THR F 2271 67.98 44.46 -26.27
C THR F 2271 66.61 44.67 -26.92
N PRO F 2272 65.92 43.59 -27.31
CA PRO F 2272 64.51 43.77 -27.74
C PRO F 2272 63.66 44.43 -26.67
N LEU F 2273 64.01 44.24 -25.39
CA LEU F 2273 63.33 44.97 -24.34
C LEU F 2273 63.47 46.48 -24.55
N ASP F 2274 64.68 46.94 -24.87
CA ASP F 2274 64.86 48.38 -25.01
C ASP F 2274 64.37 48.89 -26.36
N VAL F 2275 64.25 48.02 -27.36
CA VAL F 2275 63.60 48.48 -28.60
C VAL F 2275 62.11 48.69 -28.35
N ALA F 2276 61.49 47.80 -27.56
CA ALA F 2276 60.10 48.02 -27.17
C ALA F 2276 59.98 49.28 -26.33
N ALA F 2277 60.93 49.50 -25.43
CA ALA F 2277 60.91 50.71 -24.60
C ALA F 2277 61.03 51.97 -25.45
N ALA F 2278 61.93 51.97 -26.43
CA ALA F 2278 62.10 53.11 -27.31
C ALA F 2278 60.87 53.32 -28.19
N SER F 2279 60.17 52.23 -28.53
CA SER F 2279 58.92 52.37 -29.27
C SER F 2279 57.85 53.01 -28.42
N VAL F 2280 57.66 52.53 -27.19
CA VAL F 2280 56.57 53.02 -26.36
C VAL F 2280 56.84 54.44 -25.86
N ILE F 2281 58.13 54.79 -25.71
CA ILE F 2281 58.46 56.07 -25.08
C ILE F 2281 58.05 57.21 -26.00
N ASP F 2282 57.68 58.34 -25.38
CA ASP F 2282 57.37 59.62 -26.00
C ASP F 2282 56.08 59.63 -26.81
N ASN F 2283 55.29 58.56 -26.80
CA ASN F 2283 54.02 58.55 -27.51
C ASN F 2283 52.91 58.11 -26.56
N ASN F 2284 52.09 59.07 -26.13
CA ASN F 2284 51.05 58.77 -25.14
C ASN F 2284 49.95 57.90 -25.73
N GLU F 2285 49.74 57.97 -27.06
CA GLU F 2285 48.80 57.04 -27.68
C GLU F 2285 49.29 55.60 -27.53
N LEU F 2286 50.59 55.37 -27.76
CA LEU F 2286 51.12 54.02 -27.57
C LEU F 2286 51.07 53.62 -26.11
N ALA F 2287 51.34 54.56 -25.20
CA ALA F 2287 51.25 54.26 -23.78
C ALA F 2287 49.84 53.84 -23.38
N LEU F 2288 48.83 54.53 -23.91
CA LEU F 2288 47.44 54.16 -23.66
C LEU F 2288 47.12 52.80 -24.28
N ALA F 2289 47.64 52.54 -25.48
CA ALA F 2289 47.29 51.30 -26.16
C ALA F 2289 48.09 50.11 -25.64
N LEU F 2290 49.04 50.37 -24.72
CA LEU F 2290 49.79 49.29 -24.10
C LEU F 2290 48.84 48.27 -23.46
N GLN F 2291 49.22 47.00 -23.53
CA GLN F 2291 48.33 45.90 -23.19
C GLN F 2291 48.63 45.31 -21.82
N GLU F 2292 47.57 45.05 -21.06
CA GLU F 2292 47.72 44.56 -19.70
C GLU F 2292 48.34 43.17 -19.67
N GLN F 2293 47.99 42.31 -20.64
CA GLN F 2293 48.56 40.97 -20.66
C GLN F 2293 50.04 41.01 -21.04
N ASP F 2294 50.43 41.93 -21.94
CA ASP F 2294 51.84 42.09 -22.24
C ASP F 2294 52.61 42.57 -21.02
N LEU F 2295 52.07 43.57 -20.31
CA LEU F 2295 52.70 43.99 -19.07
C LEU F 2295 52.73 42.86 -18.05
N GLU F 2296 51.72 41.98 -18.09
CA GLU F 2296 51.67 40.86 -17.16
C GLU F 2296 52.80 39.87 -17.42
N LYS F 2297 53.07 39.57 -18.70
CA LYS F 2297 54.16 38.64 -18.97
C LYS F 2297 55.53 39.31 -18.76
N VAL F 2298 55.60 40.62 -18.96
CA VAL F 2298 56.83 41.34 -18.61
C VAL F 2298 57.08 41.26 -17.11
N VAL F 2299 56.05 41.48 -16.29
CA VAL F 2299 56.24 41.43 -14.85
C VAL F 2299 56.40 39.99 -14.38
N SER F 2300 55.97 39.02 -15.21
CA SER F 2300 56.28 37.63 -14.93
C SER F 2300 57.77 37.35 -15.13
N TYR F 2301 58.35 37.92 -16.18
CA TYR F 2301 59.80 37.86 -16.35
C TYR F 2301 60.50 38.53 -15.16
N LEU F 2302 59.97 39.67 -14.72
CA LEU F 2302 60.50 40.36 -13.55
C LEU F 2302 60.40 39.49 -12.30
N ALA F 2303 59.28 38.80 -12.14
CA ALA F 2303 59.10 37.89 -11.00
C ALA F 2303 60.12 36.75 -11.06
N GLY F 2304 60.36 36.21 -12.24
CA GLY F 2304 61.36 35.15 -12.35
C GLY F 2304 62.75 35.60 -11.97
N CYS F 2305 63.17 36.76 -12.49
CA CYS F 2305 64.52 37.24 -12.16
C CYS F 2305 64.61 37.67 -10.70
N GLY F 2306 63.49 38.05 -10.10
CA GLY F 2306 63.48 38.29 -8.66
C GLY F 2306 63.44 37.01 -7.86
N LEU F 2307 62.97 35.92 -8.48
CA LEU F 2307 63.00 34.61 -7.82
C LEU F 2307 64.42 34.06 -7.77
N GLN F 2308 65.16 34.16 -8.87
CA GLN F 2308 66.49 33.55 -8.87
C GLN F 2308 67.47 34.40 -9.66
N SER F 2309 68.74 34.30 -9.28
CA SER F 2309 69.82 34.93 -10.02
C SER F 2309 70.01 34.25 -11.37
N CYS F 2310 70.88 34.84 -12.19
CA CYS F 2310 70.96 34.40 -13.58
C CYS F 2310 71.95 33.25 -13.75
N PRO F 2311 71.62 32.26 -14.58
CA PRO F 2311 72.53 31.12 -14.76
C PRO F 2311 73.87 31.50 -15.35
N MET F 2312 73.96 32.62 -16.08
CA MET F 2312 75.27 33.06 -16.54
C MET F 2312 76.14 33.50 -15.36
N LEU F 2313 75.53 34.17 -14.38
CA LEU F 2313 76.23 34.45 -13.13
C LEU F 2313 76.68 33.17 -12.47
N LEU F 2314 75.77 32.19 -12.36
CA LEU F 2314 76.12 30.95 -11.69
C LEU F 2314 77.27 30.23 -12.40
N ALA F 2315 77.23 30.20 -13.73
CA ALA F 2315 78.27 29.51 -14.49
C ALA F 2315 79.60 30.25 -14.44
N LYS F 2316 79.58 31.58 -14.49
CA LYS F 2316 80.83 32.33 -14.44
C LYS F 2316 81.41 32.32 -13.03
N GLY F 2317 80.61 31.96 -12.04
CA GLY F 2317 81.12 31.71 -10.71
C GLY F 2317 81.16 32.89 -9.79
N TYR F 2318 80.46 33.96 -10.10
CA TYR F 2318 80.42 35.10 -9.20
C TYR F 2318 79.67 34.71 -7.93
N PRO F 2319 79.88 35.40 -6.80
CA PRO F 2319 79.21 35.01 -5.56
C PRO F 2319 77.70 34.95 -5.74
N ASP F 2320 77.10 33.91 -5.16
CA ASP F 2320 75.71 33.62 -5.44
C ASP F 2320 74.77 34.58 -4.73
N ILE F 2321 73.66 34.90 -5.39
CA ILE F 2321 72.59 35.69 -4.82
C ILE F 2321 71.29 34.91 -5.03
N GLY F 2322 70.36 35.05 -4.08
CA GLY F 2322 69.09 34.35 -4.20
C GLY F 2322 68.24 34.86 -5.35
N TRP F 2323 68.55 36.05 -5.86
CA TRP F 2323 67.79 36.68 -6.93
C TRP F 2323 68.72 37.40 -7.90
N ASN F 2324 68.15 37.83 -9.03
CA ASN F 2324 68.91 38.53 -10.05
C ASN F 2324 68.62 40.02 -9.99
N PRO F 2325 69.60 40.85 -9.62
CA PRO F 2325 69.33 42.30 -9.53
C PRO F 2325 69.31 43.00 -10.89
N CYS F 2326 70.18 42.60 -11.82
CA CYS F 2326 70.35 43.37 -13.05
C CYS F 2326 69.16 43.22 -13.99
N GLY F 2327 68.68 41.99 -14.17
CA GLY F 2327 67.49 41.79 -14.98
C GLY F 2327 66.28 42.50 -14.42
N GLY F 2328 66.11 42.43 -13.09
CA GLY F 2328 65.06 43.20 -12.45
C GLY F 2328 65.19 44.68 -12.71
N GLU F 2329 66.40 45.22 -12.59
CA GLU F 2329 66.61 46.65 -12.81
C GLU F 2329 66.26 47.06 -14.23
N ARG F 2330 66.67 46.26 -15.22
CA ARG F 2330 66.37 46.62 -16.60
C ARG F 2330 64.88 46.50 -16.91
N TYR F 2331 64.21 45.49 -16.34
CA TYR F 2331 62.76 45.44 -16.47
C TYR F 2331 62.10 46.65 -15.80
N LEU F 2332 62.66 47.09 -14.68
CA LEU F 2332 62.09 48.24 -13.97
C LEU F 2332 62.24 49.52 -14.78
N ASP F 2333 63.38 49.71 -15.44
CA ASP F 2333 63.53 50.91 -16.26
C ASP F 2333 62.65 50.84 -17.50
N PHE F 2334 62.45 49.63 -18.05
CA PHE F 2334 61.46 49.47 -19.11
C PHE F 2334 60.08 49.89 -18.64
N LEU F 2335 59.68 49.42 -17.44
CA LEU F 2335 58.38 49.80 -16.91
C LEU F 2335 58.30 51.29 -16.65
N ARG F 2336 59.44 51.91 -16.30
CA ARG F 2336 59.46 53.36 -16.13
C ARG F 2336 59.18 54.07 -17.43
N PHE F 2337 59.87 53.66 -18.51
CA PHE F 2337 59.59 54.25 -19.82
C PHE F 2337 58.14 54.01 -20.24
N ALA F 2338 57.58 52.87 -19.82
CA ALA F 2338 56.19 52.59 -20.16
C ALA F 2338 55.23 53.51 -19.41
N VAL F 2339 55.47 53.73 -18.11
CA VAL F 2339 54.49 54.42 -17.28
C VAL F 2339 54.62 55.93 -17.43
N PHE F 2340 55.83 56.44 -17.65
CA PHE F 2340 56.08 57.86 -17.68
C PHE F 2340 56.41 58.29 -19.10
N VAL F 2341 55.53 59.08 -19.71
CA VAL F 2341 55.65 59.51 -21.10
C VAL F 2341 55.43 61.01 -21.18
N ASN F 2342 56.35 61.70 -21.87
CA ASN F 2342 56.24 63.15 -22.11
C ASN F 2342 56.24 63.95 -20.82
N GLY F 2343 56.75 63.35 -19.73
CA GLY F 2343 56.80 64.04 -18.47
C GLY F 2343 55.57 63.91 -17.59
N GLU F 2344 54.60 63.07 -17.97
CA GLU F 2344 53.44 62.81 -17.14
C GLU F 2344 53.23 61.31 -17.05
N SER F 2345 52.66 60.86 -15.93
CA SER F 2345 52.35 59.46 -15.76
C SER F 2345 51.00 59.13 -16.40
N VAL F 2346 50.86 57.87 -16.83
CA VAL F 2346 49.61 57.39 -17.41
C VAL F 2346 48.87 56.58 -16.35
N GLU F 2347 47.61 56.94 -16.10
CA GLU F 2347 46.91 56.48 -14.91
C GLU F 2347 46.57 55.00 -14.98
N GLU F 2348 46.01 54.54 -16.10
CA GLU F 2348 45.61 53.14 -16.20
C GLU F 2348 46.82 52.21 -16.10
N ASN F 2349 47.89 52.53 -16.83
CA ASN F 2349 49.09 51.71 -16.76
C ASN F 2349 49.72 51.75 -15.38
N ALA F 2350 49.73 52.93 -14.74
CA ALA F 2350 50.27 53.02 -13.39
C ALA F 2350 49.48 52.15 -12.42
N ASN F 2351 48.15 52.21 -12.49
CA ASN F 2351 47.34 51.40 -11.58
C ASN F 2351 47.51 49.92 -11.84
N VAL F 2352 47.55 49.50 -13.11
CA VAL F 2352 47.69 48.08 -13.40
C VAL F 2352 49.09 47.59 -13.03
N VAL F 2353 50.10 48.46 -13.13
CA VAL F 2353 51.44 48.10 -12.68
C VAL F 2353 51.46 47.92 -11.17
N VAL F 2354 50.74 48.78 -10.44
CA VAL F 2354 50.62 48.58 -9.00
C VAL F 2354 49.94 47.25 -8.69
N ARG F 2355 48.88 46.94 -9.46
CA ARG F 2355 48.20 45.65 -9.29
C ARG F 2355 49.16 44.49 -9.51
N LEU F 2356 49.96 44.56 -10.58
CA LEU F 2356 50.92 43.49 -10.86
C LEU F 2356 51.97 43.39 -9.76
N LEU F 2357 52.41 44.53 -9.25
CA LEU F 2357 53.39 44.56 -8.17
C LEU F 2357 52.84 43.88 -6.92
N ILE F 2358 51.58 44.17 -6.56
CA ILE F 2358 51.01 43.54 -5.37
C ILE F 2358 50.70 42.08 -5.63
N ARG F 2359 50.43 41.71 -6.88
CA ARG F 2359 50.27 40.30 -7.23
C ARG F 2359 51.57 39.53 -7.04
N LYS F 2360 52.71 40.17 -7.33
CA LYS F 2360 53.98 39.48 -7.30
C LYS F 2360 54.86 40.04 -6.20
N PRO F 2361 54.80 39.47 -4.98
CA PRO F 2361 55.70 39.96 -3.92
C PRO F 2361 57.15 39.55 -4.11
N GLU F 2362 57.40 38.58 -4.99
CA GLU F 2362 58.78 38.14 -5.23
C GLU F 2362 59.59 39.23 -5.92
N CYS F 2363 58.92 40.21 -6.50
CA CYS F 2363 59.62 41.27 -7.23
C CYS F 2363 60.35 42.21 -6.27
N PHE F 2364 59.96 42.21 -5.00
CA PHE F 2364 60.61 43.10 -4.04
C PHE F 2364 62.00 42.61 -3.66
N GLY F 2365 62.33 41.37 -4.03
CA GLY F 2365 63.60 40.78 -3.67
C GLY F 2365 63.73 40.62 -2.17
N PRO F 2366 64.96 40.52 -1.68
CA PRO F 2366 65.15 40.41 -0.23
C PRO F 2366 64.70 41.65 0.54
N ALA F 2367 64.99 42.84 0.02
CA ALA F 2367 64.60 44.07 0.70
C ALA F 2367 63.08 44.15 0.80
N LEU F 2368 62.60 44.63 1.96
CA LEU F 2368 61.19 44.59 2.29
C LEU F 2368 60.63 43.18 2.11
N ARG F 2369 61.26 42.20 2.76
CA ARG F 2369 60.76 40.83 2.65
CA ARG F 2369 60.77 40.83 2.63
C ARG F 2369 59.33 40.72 3.13
N GLY F 2370 59.00 41.39 4.22
CA GLY F 2370 57.70 41.23 4.83
C GLY F 2370 57.84 40.59 6.18
N GLU F 2371 57.33 39.37 6.35
CA GLU F 2371 57.63 38.61 7.55
C GLU F 2371 59.11 38.26 7.57
N GLY F 2372 59.75 38.45 8.72
CA GLY F 2372 61.21 38.39 8.76
C GLY F 2372 61.84 39.42 7.84
N GLY F 2373 61.31 40.63 7.84
CA GLY F 2373 61.63 41.61 6.82
C GLY F 2373 62.70 42.59 7.26
N SER F 2374 63.90 42.41 6.70
CA SER F 2374 64.92 43.43 6.80
C SER F 2374 64.59 44.57 5.85
N GLY F 2375 64.53 45.79 6.39
CA GLY F 2375 63.96 46.90 5.63
C GLY F 2375 64.84 47.27 4.45
N LEU F 2376 64.33 48.19 3.62
CA LEU F 2376 65.09 48.64 2.46
C LEU F 2376 66.35 49.40 2.88
N LEU F 2377 66.26 50.17 3.98
CA LEU F 2377 67.44 50.83 4.51
C LEU F 2377 68.50 49.82 4.95
N ALA F 2378 68.07 48.76 5.63
CA ALA F 2378 69.02 47.73 6.07
C ALA F 2378 69.61 46.99 4.88
N ALA F 2379 68.81 46.76 3.84
CA ALA F 2379 69.32 46.13 2.63
C ALA F 2379 70.33 47.02 1.93
N ILE F 2380 70.09 48.32 1.90
CA ILE F 2380 71.07 49.25 1.34
C ILE F 2380 72.35 49.25 2.18
N GLU F 2381 72.21 49.17 3.51
CA GLU F 2381 73.37 49.09 4.38
C GLU F 2381 74.19 47.85 4.07
N GLU F 2382 73.52 46.71 3.90
CA GLU F 2382 74.23 45.47 3.58
C GLU F 2382 74.83 45.52 2.18
N ALA F 2383 74.18 46.25 1.26
CA ALA F 2383 74.73 46.41 -0.07
C ALA F 2383 76.01 47.23 -0.06
N ILE F 2384 76.03 48.30 0.75
CA ILE F 2384 77.26 49.08 0.90
C ILE F 2384 78.34 48.23 1.58
N ARG F 2385 77.93 47.42 2.55
CA ARG F 2385 78.87 46.48 3.17
C ARG F 2385 79.48 45.53 2.15
N ILE F 2386 78.64 44.99 1.26
CA ILE F 2386 79.13 44.08 0.22
C ILE F 2386 80.05 44.81 -0.73
N SER F 2387 79.70 46.05 -1.09
CA SER F 2387 80.54 46.84 -1.98
C SER F 2387 81.92 47.09 -1.37
N GLU F 2388 81.96 47.38 -0.07
CA GLU F 2388 83.25 47.49 0.61
C GLU F 2388 83.96 46.14 0.63
N ASP F 2389 83.22 45.06 0.78
CA ASP F 2389 83.83 43.74 0.82
C ASP F 2389 84.43 43.40 -0.55
N PRO F 2390 85.71 43.05 -0.61
CA PRO F 2390 86.31 42.69 -1.91
C PRO F 2390 85.91 41.31 -2.37
N ALA F 2391 85.80 41.13 -3.68
CA ALA F 2391 85.49 39.88 -4.39
C ALA F 2391 84.05 39.42 -4.17
N ARG F 2392 83.27 40.10 -3.34
CA ARG F 2392 81.85 39.76 -3.21
C ARG F 2392 81.07 40.24 -4.43
N ASP F 2393 81.53 41.32 -5.05
CA ASP F 2393 80.88 41.81 -6.26
C ASP F 2393 81.51 41.23 -7.51
N GLY F 2394 82.80 40.91 -7.44
CA GLY F 2394 83.55 40.49 -8.62
C GLY F 2394 83.79 39.00 -8.67
N PRO F 2395 84.45 38.56 -9.74
CA PRO F 2395 84.72 37.12 -9.88
C PRO F 2395 85.56 36.52 -8.76
N GLY F 2396 86.66 37.18 -8.41
CA GLY F 2396 87.55 36.64 -7.38
C GLY F 2396 88.44 35.52 -7.90
N VAL F 2397 88.62 35.44 -9.22
CA VAL F 2397 89.48 34.41 -9.80
C VAL F 2397 90.93 34.84 -9.76
N PRO F 2410 86.34 43.46 -13.08
CA PRO F 2410 85.61 43.30 -14.33
C PRO F 2410 86.51 43.44 -15.56
N PRO F 2411 87.20 42.36 -15.94
CA PRO F 2411 88.09 42.45 -17.12
C PRO F 2411 87.36 42.85 -18.38
N GLU F 2412 86.14 42.36 -18.58
CA GLU F 2412 85.36 42.79 -19.75
C GLU F 2412 84.64 44.10 -19.47
N GLU F 2413 84.41 44.40 -18.19
CA GLU F 2413 83.71 45.58 -17.66
C GLU F 2413 82.21 45.47 -17.94
N ASN F 2414 81.77 44.49 -18.73
CA ASN F 2414 80.34 44.30 -18.95
C ASN F 2414 79.67 43.69 -17.73
N ARG F 2415 80.40 42.86 -16.99
CA ARG F 2415 79.85 42.26 -15.78
C ARG F 2415 79.64 43.33 -14.72
N VAL F 2416 78.50 43.25 -14.03
CA VAL F 2416 78.16 44.28 -13.05
C VAL F 2416 78.58 43.83 -11.66
N HIS F 2417 79.07 44.79 -10.86
CA HIS F 2417 79.31 44.52 -9.45
C HIS F 2417 77.99 44.26 -8.75
N LEU F 2418 77.96 43.20 -7.93
CA LEU F 2418 76.69 42.69 -7.43
C LEU F 2418 76.01 43.69 -6.48
N GLY F 2419 76.79 44.33 -5.62
CA GLY F 2419 76.22 45.31 -4.71
C GLY F 2419 75.58 46.48 -5.44
N HIS F 2420 76.28 47.02 -6.44
CA HIS F 2420 75.72 48.13 -7.19
C HIS F 2420 74.57 47.67 -8.07
N ALA F 2421 74.57 46.40 -8.48
CA ALA F 2421 73.42 45.86 -9.20
C ALA F 2421 72.19 45.85 -8.30
N ILE F 2422 72.35 45.43 -7.04
CA ILE F 2422 71.24 45.48 -6.09
C ILE F 2422 70.77 46.91 -5.87
N MET F 2423 71.73 47.82 -5.68
CA MET F 2423 71.37 49.22 -5.43
C MET F 2423 70.67 49.83 -6.64
N SER F 2424 71.13 49.50 -7.85
CA SER F 2424 70.46 49.98 -9.05
C SER F 2424 69.06 49.40 -9.18
N PHE F 2425 68.90 48.12 -8.87
CA PHE F 2425 67.57 47.53 -8.90
C PHE F 2425 66.62 48.28 -7.99
N TYR F 2426 67.02 48.50 -6.73
CA TYR F 2426 66.08 49.13 -5.80
C TYR F 2426 65.91 50.62 -6.07
N ALA F 2427 66.92 51.27 -6.61
CA ALA F 2427 66.74 52.66 -7.04
C ALA F 2427 65.73 52.74 -8.18
N ALA F 2428 65.84 51.84 -9.15
CA ALA F 2428 64.87 51.80 -10.24
C ALA F 2428 63.47 51.45 -9.73
N LEU F 2429 63.40 50.59 -8.71
CA LEU F 2429 62.11 50.24 -8.13
C LEU F 2429 61.47 51.44 -7.44
N ILE F 2430 62.25 52.16 -6.64
CA ILE F 2430 61.74 53.35 -5.96
C ILE F 2430 61.33 54.41 -6.98
N ASP F 2431 62.12 54.58 -8.04
CA ASP F 2431 61.75 55.50 -9.12
C ASP F 2431 60.47 55.04 -9.81
N LEU F 2432 60.29 53.74 -10.00
CA LEU F 2432 59.07 53.21 -10.58
C LEU F 2432 57.86 53.57 -9.73
N LEU F 2433 57.92 53.29 -8.43
CA LEU F 2433 56.81 53.64 -7.56
C LEU F 2433 56.55 55.15 -7.55
N GLY F 2434 57.62 55.95 -7.52
CA GLY F 2434 57.45 57.39 -7.60
C GLY F 2434 56.71 57.83 -8.85
N ARG F 2435 57.29 57.58 -10.02
CA ARG F 2435 56.69 58.03 -11.27
C ARG F 2435 55.36 57.34 -11.54
N CYS F 2436 55.08 56.24 -10.82
CA CYS F 2436 53.81 55.55 -10.98
C CYS F 2436 52.73 56.16 -10.09
N ALA F 2437 53.13 56.81 -9.01
CA ALA F 2437 52.16 57.46 -8.14
C ALA F 2437 51.40 58.53 -8.91
N PRO F 2438 50.11 58.72 -8.63
CA PRO F 2438 49.33 59.72 -9.36
C PRO F 2438 49.79 61.15 -9.05
N GLU F 2439 49.25 62.09 -9.82
CA GLU F 2439 49.71 63.46 -9.73
C GLU F 2439 48.95 64.26 -8.67
N MET F 2440 49.50 65.42 -8.34
CA MET F 2440 48.91 66.26 -7.29
C MET F 2440 47.52 66.75 -7.69
N HIS F 2441 47.32 67.07 -8.97
CA HIS F 2441 46.00 67.52 -9.39
C HIS F 2441 44.96 66.42 -9.19
N LEU F 2442 45.33 65.17 -9.47
CA LEU F 2442 44.44 64.06 -9.15
C LEU F 2442 44.24 63.93 -7.66
N ILE F 2443 45.27 64.21 -6.87
CA ILE F 2443 45.14 64.16 -5.41
C ILE F 2443 44.08 65.15 -4.93
N GLN F 2444 44.13 66.39 -5.42
CA GLN F 2444 43.09 67.36 -5.05
C GLN F 2444 41.75 66.99 -5.66
N ALA F 2445 41.75 66.31 -6.82
CA ALA F 2445 40.51 65.77 -7.36
C ALA F 2445 39.92 64.74 -6.40
N GLY F 2446 40.77 64.09 -5.61
CA GLY F 2446 40.30 63.21 -4.55
C GLY F 2446 39.80 61.87 -5.01
N LYS F 2447 40.30 61.36 -6.14
CA LYS F 2447 39.84 60.06 -6.61
C LYS F 2447 40.36 58.96 -5.68
N GLY F 2448 39.44 58.12 -5.22
CA GLY F 2448 39.75 57.20 -4.14
C GLY F 2448 40.84 56.21 -4.49
N GLU F 2449 40.81 55.69 -5.73
CA GLU F 2449 41.83 54.74 -6.14
C GLU F 2449 43.22 55.39 -6.14
N ALA F 2450 43.32 56.62 -6.67
CA ALA F 2450 44.61 57.30 -6.66
C ALA F 2450 45.09 57.56 -5.25
N LEU F 2451 44.19 58.01 -4.37
CA LEU F 2451 44.59 58.29 -2.99
C LEU F 2451 45.06 57.02 -2.29
N ARG F 2452 44.35 55.91 -2.48
CA ARG F 2452 44.73 54.68 -1.81
C ARG F 2452 46.01 54.10 -2.40
N ILE F 2453 46.26 54.31 -3.70
CA ILE F 2453 47.52 53.88 -4.28
C ILE F 2453 48.67 54.66 -3.67
N ARG F 2454 48.51 55.98 -3.54
CA ARG F 2454 49.55 56.79 -2.93
C ARG F 2454 49.81 56.36 -1.48
N ALA F 2455 48.73 56.12 -0.72
CA ALA F 2455 48.87 55.68 0.65
C ALA F 2455 49.56 54.31 0.73
N ILE F 2456 49.22 53.41 -0.19
CA ILE F 2456 49.82 52.09 -0.21
C ILE F 2456 51.31 52.19 -0.50
N LEU F 2457 51.68 53.06 -1.45
CA LEU F 2457 53.10 53.25 -1.74
C LEU F 2457 53.84 53.79 -0.51
N ARG F 2458 53.23 54.77 0.17
CA ARG F 2458 53.87 55.31 1.38
C ARG F 2458 54.02 54.24 2.45
N SER F 2459 53.00 53.40 2.63
CA SER F 2459 53.08 52.36 3.65
C SER F 2459 54.10 51.29 3.29
N LEU F 2460 54.20 50.96 2.00
CA LEU F 2460 55.12 49.91 1.57
C LEU F 2460 56.57 50.38 1.65
N VAL F 2461 56.82 51.64 1.33
CA VAL F 2461 58.15 52.23 1.39
C VAL F 2461 58.13 53.32 2.44
N PRO F 2462 58.59 53.06 3.67
CA PRO F 2462 58.52 54.09 4.72
C PRO F 2462 59.47 55.25 4.41
N LEU F 2463 59.05 56.45 4.83
CA LEU F 2463 59.82 57.66 4.53
C LEU F 2463 61.15 57.66 5.28
N ASP F 2464 61.22 56.97 6.41
CA ASP F 2464 62.46 56.96 7.19
C ASP F 2464 63.60 56.29 6.41
N ASP F 2465 63.28 55.27 5.60
CA ASP F 2465 64.30 54.67 4.76
C ASP F 2465 64.83 55.67 3.74
N LEU F 2466 63.94 56.45 3.14
CA LEU F 2466 64.36 57.50 2.23
C LEU F 2466 65.25 58.50 2.92
N VAL F 2467 64.86 58.94 4.13
CA VAL F 2467 65.65 59.91 4.86
C VAL F 2467 67.03 59.34 5.18
N GLY F 2468 67.09 58.07 5.59
CA GLY F 2468 68.37 57.45 5.88
C GLY F 2468 69.27 57.34 4.66
N ILE F 2469 68.70 56.96 3.52
CA ILE F 2469 69.51 56.86 2.29
C ILE F 2469 70.03 58.23 1.89
N ILE F 2470 69.19 59.26 1.98
CA ILE F 2470 69.65 60.62 1.72
C ILE F 2470 70.76 61.01 2.70
N SER F 2471 70.63 60.58 3.96
CA SER F 2471 71.60 60.94 4.99
C SER F 2471 72.92 60.21 4.80
N LEU F 2472 72.89 59.09 4.10
CA LEU F 2472 74.07 58.23 4.02
C LEU F 2472 75.24 58.97 3.38
N PRO F 2473 76.41 58.98 4.02
CA PRO F 2473 77.61 59.51 3.36
C PRO F 2473 77.99 58.67 2.16
N LEU F 2474 78.53 59.34 1.14
CA LEU F 2474 78.89 58.69 -0.10
C LEU F 2474 80.32 59.02 -0.45
N GLN F 2475 81.06 58.01 -0.94
CA GLN F 2475 82.44 58.23 -1.34
C GLN F 2475 82.50 59.16 -2.54
N ILE F 2476 83.33 60.20 -2.42
CA ILE F 2476 83.48 61.22 -3.44
C ILE F 2476 84.88 61.08 -4.02
N PRO F 2477 85.06 61.17 -5.34
CA PRO F 2477 86.41 61.06 -5.90
C PRO F 2477 87.32 62.13 -5.31
N THR F 2478 88.32 61.69 -4.55
CA THR F 2478 89.16 62.58 -3.77
C THR F 2478 90.61 62.41 -4.19
N LEU F 2479 91.42 63.40 -3.85
CA LEU F 2479 92.83 63.38 -4.21
C LEU F 2479 93.62 62.54 -3.23
N GLY F 2480 94.25 61.48 -3.73
CA GLY F 2480 95.00 60.57 -2.88
C GLY F 2480 96.23 60.06 -3.60
N LYS F 2481 97.01 59.26 -2.87
CA LYS F 2481 98.27 58.70 -3.39
C LYS F 2481 99.16 59.82 -3.93
N ASP F 2482 99.60 60.69 -3.03
CA ASP F 2482 100.48 61.82 -3.33
C ASP F 2482 99.76 62.86 -4.19
N GLY F 2483 98.43 62.89 -4.13
CA GLY F 2483 97.67 63.91 -4.80
C GLY F 2483 97.06 63.51 -6.12
N ALA F 2484 96.82 62.22 -6.36
CA ALA F 2484 96.10 61.80 -7.56
C ALA F 2484 94.63 61.60 -7.24
N LEU F 2485 93.77 62.06 -8.14
CA LEU F 2485 92.33 61.96 -7.89
C LEU F 2485 91.90 60.50 -7.92
N VAL F 2486 91.65 59.94 -6.74
CA VAL F 2486 91.23 58.57 -6.58
C VAL F 2486 89.74 58.51 -6.91
N GLN F 2487 89.39 57.81 -7.99
CA GLN F 2487 88.04 57.81 -8.50
C GLN F 2487 87.37 56.47 -8.24
N PRO F 2488 86.47 56.38 -7.26
CA PRO F 2488 85.64 55.18 -7.14
C PRO F 2488 84.60 55.14 -8.25
N LYS F 2489 84.73 54.15 -9.13
CA LYS F 2489 83.86 54.03 -10.29
C LYS F 2489 82.41 53.79 -9.86
N MET F 2490 81.47 54.24 -10.70
CA MET F 2490 80.06 54.10 -10.37
C MET F 2490 79.65 52.64 -10.17
N SER F 2491 80.23 51.73 -10.95
CA SER F 2491 79.85 50.33 -10.84
C SER F 2491 80.25 49.75 -9.49
N ALA F 2492 81.17 50.40 -8.78
CA ALA F 2492 81.63 49.85 -7.51
C ALA F 2492 81.06 50.63 -6.32
N SER F 2493 80.47 51.81 -6.58
CA SER F 2493 80.08 52.71 -5.51
C SER F 2493 78.60 53.07 -5.63
N PHE F 2494 77.99 53.38 -4.49
CA PHE F 2494 76.63 53.89 -4.44
C PHE F 2494 76.59 55.25 -5.13
N VAL F 2495 75.44 55.62 -5.69
CA VAL F 2495 75.44 56.76 -6.59
C VAL F 2495 74.35 57.80 -6.32
N PRO F 2496 74.67 59.07 -6.55
CA PRO F 2496 73.68 60.14 -6.32
C PRO F 2496 72.53 60.12 -7.30
N ASP F 2497 72.63 59.40 -8.42
CA ASP F 2497 71.44 59.22 -9.24
C ASP F 2497 70.45 58.27 -8.58
N HIS F 2498 70.95 57.27 -7.85
CA HIS F 2498 70.08 56.51 -6.97
C HIS F 2498 69.47 57.42 -5.90
N LYS F 2499 70.30 58.32 -5.34
CA LYS F 2499 69.77 59.31 -4.40
C LYS F 2499 68.69 60.18 -5.05
N ALA F 2500 68.86 60.47 -6.35
CA ALA F 2500 67.89 61.27 -7.08
C ALA F 2500 66.57 60.53 -7.26
N SER F 2501 66.63 59.24 -7.57
CA SER F 2501 65.42 58.42 -7.56
C SER F 2501 64.77 58.45 -6.18
N MET F 2502 65.58 58.42 -5.13
CA MET F 2502 65.07 58.46 -3.77
C MET F 2502 64.27 59.72 -3.50
N VAL F 2503 64.84 60.89 -3.83
CA VAL F 2503 64.15 62.15 -3.56
C VAL F 2503 62.99 62.34 -4.54
N LEU F 2504 63.07 61.73 -5.72
CA LEU F 2504 61.95 61.82 -6.66
C LEU F 2504 60.75 61.07 -6.11
N PHE F 2505 60.95 59.86 -5.60
CA PHE F 2505 59.87 59.17 -4.90
C PHE F 2505 59.39 59.98 -3.71
N LEU F 2506 60.31 60.64 -3.00
CA LEU F 2506 59.92 61.42 -1.84
C LEU F 2506 58.96 62.56 -2.22
N ASP F 2507 59.35 63.39 -3.20
CA ASP F 2507 58.53 64.56 -3.51
C ASP F 2507 57.34 64.20 -4.38
N ARG F 2508 57.34 63.00 -4.97
CA ARG F 2508 56.19 62.58 -5.76
C ARG F 2508 55.12 61.92 -4.88
N VAL F 2509 55.54 61.15 -3.88
CA VAL F 2509 54.61 60.32 -3.12
C VAL F 2509 54.46 60.88 -1.72
N TYR F 2510 55.55 60.90 -0.95
CA TYR F 2510 55.50 61.44 0.40
C TYR F 2510 55.36 62.95 0.38
N GLY F 2511 55.99 63.61 -0.58
CA GLY F 2511 55.96 65.05 -0.65
C GLY F 2511 56.78 65.68 0.44
N ILE F 2512 56.82 67.01 0.42
CA ILE F 2512 57.51 67.80 1.43
C ILE F 2512 56.56 68.88 1.91
N GLU F 2513 56.23 68.86 3.21
CA GLU F 2513 55.14 69.65 3.74
C GLU F 2513 55.50 70.55 4.91
N ASN F 2514 56.49 70.18 5.72
CA ASN F 2514 56.81 70.93 6.93
C ASN F 2514 58.14 71.63 6.77
N GLN F 2515 58.23 72.85 7.31
CA GLN F 2515 59.47 73.61 7.24
C GLN F 2515 60.58 72.91 8.03
N ASP F 2516 60.27 72.42 9.23
CA ASP F 2516 61.27 71.71 10.01
C ASP F 2516 61.63 70.38 9.37
N PHE F 2517 60.66 69.72 8.74
CA PHE F 2517 60.95 68.49 8.01
C PHE F 2517 61.94 68.76 6.88
N LEU F 2518 61.69 69.82 6.11
CA LEU F 2518 62.61 70.21 5.05
C LEU F 2518 63.98 70.52 5.64
N LEU F 2519 64.02 71.25 6.75
CA LEU F 2519 65.30 71.67 7.32
C LEU F 2519 66.12 70.46 7.77
N HIS F 2520 65.48 69.49 8.41
CA HIS F 2520 66.26 68.34 8.90
C HIS F 2520 66.67 67.46 7.74
N VAL F 2521 65.79 67.29 6.73
CA VAL F 2521 66.19 66.55 5.54
C VAL F 2521 67.40 67.19 4.90
N LEU F 2522 67.42 68.51 4.82
CA LEU F 2522 68.58 69.23 4.30
C LEU F 2522 69.82 68.94 5.12
N ASP F 2523 69.75 69.17 6.44
CA ASP F 2523 70.99 69.21 7.22
C ASP F 2523 71.49 67.81 7.55
N VAL F 2524 70.68 66.77 7.31
CA VAL F 2524 71.19 65.42 7.50
C VAL F 2524 71.57 64.77 6.17
N GLY F 2525 70.77 65.00 5.12
CA GLY F 2525 71.06 64.34 3.86
C GLY F 2525 71.47 65.23 2.71
N PHE F 2526 70.85 66.42 2.61
CA PHE F 2526 71.19 67.31 1.50
C PHE F 2526 72.46 68.09 1.78
N LEU F 2527 72.77 68.31 3.05
CA LEU F 2527 74.03 68.95 3.40
C LEU F 2527 75.25 68.06 3.16
N PRO F 2528 75.19 66.73 3.32
CA PRO F 2528 76.28 65.90 2.77
C PRO F 2528 76.46 66.08 1.28
N ASP F 2529 75.37 66.14 0.52
CA ASP F 2529 75.46 66.49 -0.90
C ASP F 2529 76.14 67.83 -1.09
N MET F 2530 75.87 68.76 -0.18
CA MET F 2530 76.27 70.13 -0.46
C MET F 2530 77.75 70.32 -0.09
N ARG F 2531 78.19 69.66 0.98
CA ARG F 2531 79.62 69.50 1.22
C ARG F 2531 80.31 68.79 0.06
N ALA F 2532 79.62 67.83 -0.56
CA ALA F 2532 80.17 67.20 -1.76
C ALA F 2532 80.36 68.22 -2.86
N ALA F 2533 79.39 69.12 -3.05
CA ALA F 2533 79.55 70.20 -4.02
C ALA F 2533 80.70 71.14 -3.63
N ALA F 2534 80.86 71.37 -2.32
CA ALA F 2534 81.99 72.16 -1.84
C ALA F 2534 83.31 71.52 -2.26
N SER F 2535 83.42 70.20 -2.14
CA SER F 2535 84.56 69.49 -2.68
C SER F 2535 84.63 69.63 -4.20
N LEU F 2536 83.47 69.65 -4.85
CA LEU F 2536 83.42 69.72 -6.31
C LEU F 2536 84.00 71.03 -6.82
N ASP F 2537 83.92 72.09 -6.01
CA ASP F 2537 84.42 73.40 -6.43
C ASP F 2537 85.95 73.40 -6.40
N THR F 2538 86.51 72.51 -7.21
CA THR F 2538 87.95 72.30 -7.33
C THR F 2538 88.26 72.05 -8.80
N ALA F 2539 89.47 72.40 -9.24
CA ALA F 2539 89.84 72.18 -10.63
C ALA F 2539 89.82 70.70 -10.99
N THR F 2540 90.46 69.86 -10.16
CA THR F 2540 90.48 68.43 -10.42
C THR F 2540 89.08 67.84 -10.38
N PHE F 2541 88.25 68.29 -9.43
CA PHE F 2541 86.88 67.79 -9.36
C PHE F 2541 86.10 68.18 -10.60
N SER F 2542 86.25 69.42 -11.05
CA SER F 2542 85.56 69.86 -12.26
C SER F 2542 86.01 69.06 -13.47
N THR F 2543 87.29 68.65 -13.49
CA THR F 2543 87.75 67.81 -14.60
C THR F 2543 87.07 66.45 -14.59
N THR F 2544 86.92 65.82 -13.42
CA THR F 2544 86.34 64.48 -13.38
C THR F 2544 84.83 64.56 -13.64
N GLU F 2545 84.27 63.44 -14.09
CA GLU F 2545 82.91 63.45 -14.61
C GLU F 2545 81.88 63.23 -13.52
N MET F 2546 82.31 62.76 -12.34
CA MET F 2546 81.34 62.58 -11.26
C MET F 2546 80.86 63.92 -10.71
N ALA F 2547 81.69 64.95 -10.82
CA ALA F 2547 81.19 66.30 -10.50
C ALA F 2547 80.07 66.69 -11.45
N LEU F 2548 80.24 66.38 -12.73
CA LEU F 2548 79.18 66.65 -13.70
C LEU F 2548 77.95 65.79 -13.43
N ALA F 2549 78.16 64.54 -12.99
CA ALA F 2549 77.05 63.69 -12.60
C ALA F 2549 76.29 64.29 -11.42
N LEU F 2550 77.01 64.84 -10.44
CA LEU F 2550 76.38 65.54 -9.33
C LEU F 2550 75.66 66.80 -9.81
N ASN F 2551 76.20 67.46 -10.82
CA ASN F 2551 75.52 68.64 -11.35
C ASN F 2551 74.17 68.26 -11.95
N ARG F 2552 74.13 67.23 -12.81
CA ARG F 2552 72.84 66.74 -13.29
C ARG F 2552 71.95 66.27 -12.15
N TYR F 2553 72.51 65.54 -11.18
CA TYR F 2553 71.72 65.08 -10.04
C TYR F 2553 71.02 66.24 -9.34
N LEU F 2554 71.77 67.28 -8.99
CA LEU F 2554 71.18 68.43 -8.34
C LEU F 2554 70.12 69.07 -9.23
N CYS F 2555 70.47 69.38 -10.48
CA CYS F 2555 69.57 70.15 -11.33
C CYS F 2555 68.30 69.37 -11.68
N LEU F 2556 68.32 68.03 -11.55
CA LEU F 2556 67.13 67.28 -11.90
C LEU F 2556 66.30 66.93 -10.67
N ALA F 2557 66.94 66.79 -9.51
CA ALA F 2557 66.27 66.29 -8.32
C ALA F 2557 66.16 67.33 -7.22
N VAL F 2558 67.27 67.95 -6.82
CA VAL F 2558 67.26 68.80 -5.64
C VAL F 2558 66.80 70.21 -6.01
N LEU F 2559 67.29 70.73 -7.13
CA LEU F 2559 66.98 72.11 -7.50
C LEU F 2559 65.48 72.36 -7.71
N PRO F 2560 64.73 71.55 -8.46
CA PRO F 2560 63.27 71.77 -8.50
C PRO F 2560 62.61 71.62 -7.15
N LEU F 2561 63.07 70.64 -6.35
CA LEU F 2561 62.56 70.47 -4.99
C LEU F 2561 62.82 71.72 -4.17
N ILE F 2562 64.03 72.27 -4.25
CA ILE F 2562 64.36 73.48 -3.50
C ILE F 2562 63.52 74.66 -3.97
N THR F 2563 63.32 74.79 -5.29
CA THR F 2563 62.52 75.89 -5.82
C THR F 2563 61.10 75.84 -5.30
N LYS F 2564 60.49 74.65 -5.28
CA LYS F 2564 59.13 74.55 -4.77
C LYS F 2564 59.11 74.59 -3.24
N CYS F 2565 60.26 74.38 -2.61
CA CYS F 2565 60.37 74.52 -1.16
C CYS F 2565 60.72 75.94 -0.73
N ALA F 2566 60.93 76.84 -1.69
CA ALA F 2566 61.28 78.22 -1.35
C ALA F 2566 60.32 78.88 -0.36
N PRO F 2567 58.99 78.75 -0.47
CA PRO F 2567 58.13 79.36 0.56
C PRO F 2567 58.39 78.85 1.97
N LEU F 2568 58.88 77.62 2.11
CA LEU F 2568 59.12 77.07 3.44
C LEU F 2568 60.29 77.75 4.13
N PHE F 2569 61.29 78.18 3.35
CA PHE F 2569 62.52 78.71 3.94
C PHE F 2569 62.26 79.99 4.74
N ALA F 2570 61.19 80.71 4.41
CA ALA F 2570 60.90 81.96 5.11
C ALA F 2570 60.47 81.71 6.56
N GLY F 2571 60.02 80.49 6.85
CA GLY F 2571 59.44 80.23 8.16
C GLY F 2571 60.44 80.33 9.31
N THR F 2572 61.63 79.76 9.12
CA THR F 2572 62.58 79.55 10.21
C THR F 2572 63.45 80.78 10.42
N GLU F 2573 63.85 81.01 11.68
CA GLU F 2573 64.76 82.10 12.00
C GLU F 2573 66.04 81.58 12.66
N HIS F 2574 65.92 80.56 13.52
CA HIS F 2574 67.09 80.00 14.18
C HIS F 2574 68.01 79.32 13.19
N ARG F 2575 67.45 78.57 12.24
CA ARG F 2575 68.23 77.80 11.27
C ARG F 2575 68.85 78.70 10.19
N ALA F 2576 68.89 80.02 10.41
CA ALA F 2576 69.26 80.95 9.35
C ALA F 2576 70.74 80.94 9.05
N ILE F 2577 71.57 80.64 10.06
CA ILE F 2577 73.01 80.59 9.86
C ILE F 2577 73.40 79.42 8.96
N MET F 2578 72.87 78.23 9.27
CA MET F 2578 72.95 77.06 8.38
C MET F 2578 72.34 77.35 7.00
N VAL F 2579 71.28 78.15 6.95
CA VAL F 2579 70.75 78.50 5.63
C VAL F 2579 71.70 79.45 4.91
N ASP F 2580 72.44 80.26 5.66
CA ASP F 2580 73.41 81.13 5.01
C ASP F 2580 74.57 80.32 4.46
N SER F 2581 74.96 79.28 5.18
CA SER F 2581 75.94 78.33 4.63
C SER F 2581 75.39 77.66 3.39
N MET F 2582 74.10 77.32 3.40
CA MET F 2582 73.41 76.93 2.17
C MET F 2582 73.70 77.92 1.05
N LEU F 2583 73.45 79.20 1.32
CA LEU F 2583 73.55 80.22 0.28
C LEU F 2583 74.97 80.34 -0.23
N HIS F 2584 75.96 80.26 0.66
CA HIS F 2584 77.35 80.32 0.22
CA HIS F 2584 77.34 80.33 0.20
C HIS F 2584 77.68 79.18 -0.71
N THR F 2585 77.25 77.97 -0.36
CA THR F 2585 77.53 76.83 -1.21
C THR F 2585 76.88 76.97 -2.59
N VAL F 2586 75.62 77.39 -2.63
CA VAL F 2586 74.94 77.53 -3.92
C VAL F 2586 75.54 78.67 -4.74
N TYR F 2587 76.05 79.70 -4.05
CA TYR F 2587 76.74 80.78 -4.76
C TYR F 2587 78.06 80.30 -5.34
N ARG F 2588 78.75 79.41 -4.62
CA ARG F 2588 79.97 78.83 -5.18
C ARG F 2588 79.65 77.94 -6.38
N LEU F 2589 78.50 77.26 -6.34
CA LEU F 2589 78.04 76.54 -7.53
C LEU F 2589 77.82 77.50 -8.70
N SER F 2590 77.20 78.65 -8.42
CA SER F 2590 77.08 79.68 -9.45
C SER F 2590 78.45 80.07 -9.98
N ARG F 2591 79.44 80.17 -9.09
CA ARG F 2591 80.84 80.33 -9.47
C ARG F 2591 81.37 78.99 -9.99
N GLY F 2592 80.73 78.51 -11.05
CA GLY F 2592 80.93 77.14 -11.48
C GLY F 2592 81.90 76.96 -12.62
N ARG F 2593 82.96 76.18 -12.38
CA ARG F 2593 83.85 75.77 -13.44
C ARG F 2593 83.47 74.36 -13.92
N SER F 2594 83.54 74.16 -15.24
CA SER F 2594 83.03 72.95 -15.89
C SER F 2594 81.55 72.77 -15.60
N LEU F 2595 80.77 73.83 -15.82
CA LEU F 2595 79.33 73.84 -15.61
C LEU F 2595 78.64 74.29 -16.89
N THR F 2596 77.64 73.53 -17.31
CA THR F 2596 76.95 73.86 -18.55
C THR F 2596 76.04 75.07 -18.36
N LYS F 2597 75.73 75.74 -19.47
CA LYS F 2597 74.95 76.98 -19.41
C LYS F 2597 73.54 76.71 -18.87
N ALA F 2598 72.88 75.67 -19.36
CA ALA F 2598 71.51 75.40 -18.94
C ALA F 2598 71.45 75.03 -17.46
N GLN F 2599 72.34 74.14 -17.02
CA GLN F 2599 72.37 73.74 -15.61
C GLN F 2599 72.70 74.93 -14.72
N ARG F 2600 73.65 75.77 -15.14
CA ARG F 2600 74.00 76.95 -14.35
C ARG F 2600 72.83 77.93 -14.28
N ASP F 2601 72.08 78.06 -15.37
CA ASP F 2601 70.88 78.91 -15.34
C ASP F 2601 69.84 78.35 -14.40
N VAL F 2602 69.69 77.02 -14.36
CA VAL F 2602 68.78 76.40 -13.40
C VAL F 2602 69.23 76.71 -11.97
N ILE F 2603 70.53 76.64 -11.71
CA ILE F 2603 71.04 76.98 -10.38
C ILE F 2603 70.76 78.45 -10.06
N GLU F 2604 70.91 79.34 -11.05
CA GLU F 2604 70.62 80.75 -10.82
C GLU F 2604 69.16 80.96 -10.46
N ASP F 2605 68.25 80.33 -11.20
CA ASP F 2605 66.83 80.46 -10.92
C ASP F 2605 66.48 79.89 -9.55
N CYS F 2606 67.09 78.76 -9.20
CA CYS F 2606 66.86 78.17 -7.89
C CYS F 2606 67.34 79.08 -6.78
N LEU F 2607 68.53 79.67 -6.96
CA LEU F 2607 69.06 80.57 -5.94
C LEU F 2607 68.15 81.77 -5.76
N MET F 2608 67.66 82.32 -6.87
CA MET F 2608 66.73 83.46 -6.79
C MET F 2608 65.44 83.09 -6.07
N ALA F 2609 64.85 81.95 -6.42
CA ALA F 2609 63.58 81.55 -5.82
C ALA F 2609 63.74 81.32 -4.33
N LEU F 2610 64.84 80.67 -3.91
CA LEU F 2610 65.07 80.48 -2.48
C LEU F 2610 65.38 81.81 -1.79
N CYS F 2611 66.06 82.72 -2.49
CA CYS F 2611 66.52 83.96 -1.87
C CYS F 2611 65.37 84.92 -1.63
N ARG F 2612 64.34 84.89 -2.47
CA ARG F 2612 63.23 85.83 -2.28
CA ARG F 2612 63.22 85.82 -2.29
C ARG F 2612 62.59 85.66 -0.91
N TYR F 2613 62.36 84.43 -0.47
CA TYR F 2613 61.64 84.22 0.78
C TYR F 2613 62.51 84.52 2.00
N ILE F 2614 63.83 84.56 1.83
CA ILE F 2614 64.70 84.81 2.98
C ILE F 2614 64.54 86.24 3.44
N ARG F 2615 64.57 86.43 4.76
CA ARG F 2615 64.62 87.76 5.33
C ARG F 2615 65.93 88.45 4.91
N PRO F 2616 65.86 89.75 4.61
CA PRO F 2616 67.07 90.46 4.16
C PRO F 2616 68.16 90.55 5.21
N SER F 2617 67.82 90.40 6.49
CA SER F 2617 68.79 90.66 7.55
C SER F 2617 69.93 89.64 7.54
N MET F 2618 69.61 88.36 7.40
CA MET F 2618 70.65 87.33 7.37
C MET F 2618 71.28 87.22 5.98
N LEU F 2619 70.65 87.83 4.97
CA LEU F 2619 71.17 87.72 3.61
C LEU F 2619 72.47 88.50 3.44
N GLN F 2620 72.74 89.46 4.34
CA GLN F 2620 73.95 90.26 4.23
C GLN F 2620 75.20 89.40 4.36
N HIS F 2621 75.07 88.24 5.02
CA HIS F 2621 76.21 87.36 5.19
C HIS F 2621 76.74 86.87 3.84
N LEU F 2622 75.85 86.49 2.94
CA LEU F 2622 76.27 86.17 1.57
C LEU F 2622 76.51 87.43 0.76
N LEU F 2623 75.75 88.50 1.07
CA LEU F 2623 75.87 89.73 0.29
C LEU F 2623 77.27 90.32 0.40
N ARG F 2624 77.93 90.15 1.54
CA ARG F 2624 79.30 90.66 1.67
C ARG F 2624 80.25 89.88 0.77
N ARG F 2625 80.07 88.57 0.68
CA ARG F 2625 80.89 87.76 -0.22
C ARG F 2625 80.67 88.18 -1.66
N LEU F 2626 79.42 88.52 -2.02
CA LEU F 2626 79.19 89.13 -3.32
C LEU F 2626 79.92 90.47 -3.44
N VAL F 2627 79.87 91.30 -2.39
CA VAL F 2627 80.56 92.58 -2.40
C VAL F 2627 82.04 92.40 -2.72
N PHE F 2628 82.61 91.28 -2.28
CA PHE F 2628 83.95 90.93 -2.73
C PHE F 2628 83.97 90.64 -4.23
N ASP F 2629 82.95 89.95 -4.73
CA ASP F 2629 82.98 89.49 -6.12
C ASP F 2629 82.37 90.52 -7.08
N VAL F 2630 81.57 91.45 -6.55
CA VAL F 2630 80.88 92.41 -7.43
C VAL F 2630 81.84 93.26 -8.25
N PRO F 2631 82.91 93.86 -7.70
CA PRO F 2631 83.71 94.78 -8.52
C PRO F 2631 84.34 94.15 -9.76
N ILE F 2632 84.46 92.82 -9.78
CA ILE F 2632 85.09 92.16 -10.93
C ILE F 2632 84.29 92.39 -12.21
N LEU F 2633 82.97 92.24 -12.13
CA LEU F 2633 82.08 92.37 -13.30
C LEU F 2633 82.49 91.43 -14.43
N ASN F 2634 82.96 90.23 -14.09
CA ASN F 2634 83.18 89.24 -15.13
C ASN F 2634 81.84 88.62 -15.52
N GLU F 2635 81.87 87.83 -16.60
CA GLU F 2635 80.64 87.19 -17.05
C GLU F 2635 80.10 86.22 -16.00
N PHE F 2636 80.94 85.80 -15.05
CA PHE F 2636 80.42 85.10 -13.88
C PHE F 2636 79.64 86.04 -12.97
N ALA F 2637 80.18 87.24 -12.71
CA ALA F 2637 79.52 88.15 -11.77
C ALA F 2637 78.38 88.90 -12.43
N LYS F 2638 78.18 88.69 -13.74
CA LYS F 2638 77.08 89.36 -14.43
C LYS F 2638 75.73 88.89 -13.90
N MET F 2639 75.59 87.59 -13.63
CA MET F 2639 74.30 87.09 -13.15
C MET F 2639 74.04 87.39 -11.68
N PRO F 2640 75.03 87.45 -10.78
CA PRO F 2640 74.75 88.02 -9.46
C PRO F 2640 74.37 89.49 -9.53
N LEU F 2641 74.71 90.19 -10.61
CA LEU F 2641 74.25 91.57 -10.76
C LEU F 2641 72.75 91.62 -10.97
N LYS F 2642 72.23 90.77 -11.87
CA LYS F 2642 70.79 90.60 -12.01
C LYS F 2642 70.16 90.18 -10.68
N LEU F 2643 70.82 89.25 -9.97
CA LEU F 2643 70.30 88.78 -8.70
C LEU F 2643 70.21 89.91 -7.69
N LEU F 2644 71.24 90.75 -7.62
CA LEU F 2644 71.23 91.89 -6.71
C LEU F 2644 70.18 92.92 -7.10
N THR F 2645 70.00 93.13 -8.40
CA THR F 2645 68.95 94.06 -8.84
C THR F 2645 67.57 93.58 -8.38
N ASN F 2646 67.29 92.29 -8.58
CA ASN F 2646 66.01 91.76 -8.13
C ASN F 2646 65.88 91.81 -6.61
N HIS F 2647 66.97 91.51 -5.88
CA HIS F 2647 66.93 91.57 -4.43
C HIS F 2647 66.64 92.98 -3.94
N TYR F 2648 67.28 93.99 -4.54
CA TYR F 2648 67.04 95.37 -4.13
C TYR F 2648 65.62 95.80 -4.47
N GLU F 2649 65.12 95.39 -5.64
CA GLU F 2649 63.73 95.72 -5.98
C GLU F 2649 62.77 95.08 -4.99
N ARG F 2650 63.08 93.88 -4.51
CA ARG F 2650 62.19 93.17 -3.59
C ARG F 2650 62.23 93.79 -2.20
N CYS F 2651 63.42 94.19 -1.74
CA CYS F 2651 63.61 94.63 -0.37
C CYS F 2651 63.78 96.14 -0.22
N TRP F 2652 63.48 96.92 -1.26
CA TRP F 2652 63.64 98.38 -1.16
C TRP F 2652 62.75 98.97 -0.07
N LYS F 2653 61.50 98.50 0.04
CA LYS F 2653 60.60 99.07 1.03
C LYS F 2653 61.06 98.73 2.45
N TYR F 2654 61.50 97.48 2.66
CA TYR F 2654 62.03 97.10 3.96
C TYR F 2654 63.25 97.92 4.33
N TYR F 2655 64.15 98.13 3.37
CA TYR F 2655 65.35 98.92 3.64
C TYR F 2655 65.01 100.38 3.92
N CYS F 2656 64.04 100.94 3.19
CA CYS F 2656 63.74 102.36 3.32
C CYS F 2656 62.96 102.66 4.59
N LEU F 2657 62.06 101.77 5.00
CA LEU F 2657 61.26 102.04 6.20
C LEU F 2657 62.14 102.03 7.44
N PRO F 2658 62.17 103.11 8.21
CA PRO F 2658 62.96 103.10 9.46
C PRO F 2658 62.43 102.10 10.48
N THR F 2659 61.11 102.00 10.62
CA THR F 2659 60.54 100.98 11.48
C THR F 2659 60.62 99.61 10.80
N GLY F 2660 60.67 99.60 9.47
CA GLY F 2660 60.77 98.35 8.74
C GLY F 2660 59.43 97.65 8.57
N TRP F 2661 59.45 96.59 7.78
CA TRP F 2661 58.27 95.76 7.59
C TRP F 2661 57.86 95.11 8.91
N ALA F 2662 56.56 94.94 9.09
CA ALA F 2662 56.06 94.34 10.32
C ALA F 2662 56.66 92.96 10.55
N ASN F 2663 57.00 92.68 11.82
CA ASN F 2663 57.53 91.40 12.28
C ASN F 2663 58.89 91.08 11.68
N PHE F 2664 59.46 92.04 10.96
CA PHE F 2664 60.75 91.80 10.33
C PHE F 2664 61.87 92.52 11.08
N GLY F 2665 61.67 93.80 11.39
CA GLY F 2665 62.68 94.54 12.12
C GLY F 2665 63.18 95.76 11.35
N VAL F 2666 64.43 96.11 11.65
CA VAL F 2666 65.06 97.30 11.07
C VAL F 2666 66.38 96.87 10.44
N THR F 2667 66.75 97.56 9.36
CA THR F 2667 68.03 97.34 8.72
C THR F 2667 69.17 97.61 9.72
N SER F 2668 70.18 96.74 9.68
CA SER F 2668 71.24 96.79 10.68
C SER F 2668 72.28 97.85 10.35
N GLU F 2669 72.21 98.40 9.14
CA GLU F 2669 73.04 99.52 8.65
C GLU F 2669 74.46 99.11 8.30
N GLU F 2670 74.91 97.93 8.72
CA GLU F 2670 76.14 97.41 8.11
C GLU F 2670 75.83 96.86 6.73
N GLU F 2671 74.64 96.29 6.55
CA GLU F 2671 74.20 95.96 5.20
C GLU F 2671 73.95 97.22 4.39
N LEU F 2672 73.62 98.33 5.05
CA LEU F 2672 73.49 99.60 4.33
C LEU F 2672 74.86 100.09 3.87
N HIS F 2673 75.88 99.92 4.70
CA HIS F 2673 77.23 100.24 4.27
C HIS F 2673 77.68 99.29 3.14
N LEU F 2674 77.23 98.03 3.20
CA LEU F 2674 77.43 97.12 2.08
C LEU F 2674 76.81 97.66 0.80
N THR F 2675 75.59 98.18 0.91
CA THR F 2675 74.92 98.77 -0.25
C THR F 2675 75.69 99.98 -0.76
N ARG F 2676 76.24 100.78 0.15
CA ARG F 2676 77.06 101.91 -0.25
C ARG F 2676 78.30 101.45 -1.01
N LYS F 2677 78.98 100.42 -0.51
CA LYS F 2677 80.16 99.91 -1.20
C LYS F 2677 79.80 99.29 -2.54
N LEU F 2678 78.63 98.66 -2.63
CA LEU F 2678 78.17 98.15 -3.92
C LEU F 2678 77.93 99.29 -4.90
N PHE F 2679 77.31 100.37 -4.43
CA PHE F 2679 77.16 101.55 -5.28
C PHE F 2679 78.51 102.04 -5.78
N TRP F 2680 79.46 102.24 -4.86
CA TRP F 2680 80.78 102.74 -5.27
C TRP F 2680 81.46 101.80 -6.25
N GLY F 2681 81.42 100.49 -5.96
CA GLY F 2681 82.10 99.53 -6.82
C GLY F 2681 81.51 99.46 -8.21
N ILE F 2682 80.20 99.28 -8.31
CA ILE F 2682 79.57 99.19 -9.62
C ILE F 2682 79.69 100.51 -10.36
N PHE F 2683 79.64 101.62 -9.63
CA PHE F 2683 79.69 102.93 -10.25
C PHE F 2683 81.06 103.22 -10.83
N ASP F 2684 82.13 102.98 -10.06
CA ASP F 2684 83.48 103.13 -10.58
C ASP F 2684 83.75 102.11 -11.68
N SER F 2685 83.15 100.93 -11.59
CA SER F 2685 83.34 99.92 -12.63
C SER F 2685 82.75 100.40 -13.96
N LEU F 2686 81.50 100.86 -13.94
CA LEU F 2686 80.90 101.37 -15.17
C LEU F 2686 81.59 102.65 -15.63
N ALA F 2687 82.21 103.38 -14.70
CA ALA F 2687 82.98 104.57 -15.08
C ALA F 2687 84.22 104.20 -15.87
N HIS F 2688 85.00 103.23 -15.38
CA HIS F 2688 86.31 103.00 -16.00
C HIS F 2688 86.25 101.87 -17.03
N LYS F 2689 85.10 101.22 -17.20
CA LYS F 2689 85.00 100.18 -18.21
C LYS F 2689 84.50 100.75 -19.53
N LYS F 2690 84.85 100.07 -20.62
CA LYS F 2690 84.51 100.51 -21.96
C LYS F 2690 83.05 100.20 -22.28
N TYR F 2691 82.55 100.81 -23.34
CA TYR F 2691 81.18 100.61 -23.80
C TYR F 2691 80.91 99.12 -24.01
N ASP F 2692 79.77 98.65 -23.50
CA ASP F 2692 79.34 97.27 -23.67
C ASP F 2692 77.81 97.24 -23.75
N GLN F 2693 77.29 96.72 -24.86
CA GLN F 2693 75.85 96.64 -25.03
C GLN F 2693 75.23 95.66 -24.05
N GLU F 2694 75.92 94.55 -23.76
CA GLU F 2694 75.43 93.62 -22.75
C GLU F 2694 75.41 94.28 -21.37
N LEU F 2695 76.45 95.04 -21.04
CA LEU F 2695 76.47 95.72 -19.76
C LEU F 2695 75.36 96.76 -19.69
N TYR F 2696 75.03 97.41 -20.80
CA TYR F 2696 73.96 98.40 -20.78
C TYR F 2696 72.59 97.75 -20.74
N ARG F 2697 72.41 96.58 -21.34
CA ARG F 2697 71.12 95.91 -21.20
C ARG F 2697 70.98 95.31 -19.80
N MET F 2698 72.10 95.13 -19.09
CA MET F 2698 72.01 94.85 -17.66
C MET F 2698 71.84 96.13 -16.85
N ALA F 2699 72.23 97.27 -17.44
CA ALA F 2699 72.20 98.53 -16.70
C ALA F 2699 70.88 99.25 -16.86
N MET F 2700 70.06 98.80 -17.81
CA MET F 2700 68.64 99.20 -17.80
C MET F 2700 67.91 98.70 -16.55
N PRO F 2701 68.05 97.45 -16.11
CA PRO F 2701 67.54 97.10 -14.76
C PRO F 2701 68.16 97.95 -13.67
N CYS F 2702 69.42 98.35 -13.82
CA CYS F 2702 70.06 99.46 -13.11
C CYS F 2702 70.23 99.31 -11.60
N LEU F 2703 71.31 99.90 -11.10
CA LEU F 2703 71.54 100.11 -9.67
C LEU F 2703 70.64 101.20 -9.13
N CYS F 2704 69.70 101.66 -9.94
CA CYS F 2704 68.57 102.45 -9.46
C CYS F 2704 67.88 101.79 -8.29
N ALA F 2705 67.69 100.46 -8.36
CA ALA F 2705 67.08 99.74 -7.25
C ALA F 2705 67.97 99.81 -6.01
N ILE F 2706 69.29 99.69 -6.20
CA ILE F 2706 70.22 99.80 -5.09
C ILE F 2706 70.11 101.17 -4.44
N ALA F 2707 70.07 102.22 -5.26
CA ALA F 2707 70.00 103.59 -4.74
C ALA F 2707 68.67 103.85 -4.06
N GLY F 2708 67.58 103.30 -4.60
CA GLY F 2708 66.28 103.48 -3.97
C GLY F 2708 66.19 102.76 -2.62
N ALA F 2709 66.74 101.55 -2.54
CA ALA F 2709 66.76 100.84 -1.27
C ALA F 2709 67.63 101.57 -0.26
N LEU F 2710 68.78 102.07 -0.68
CA LEU F 2710 69.63 102.84 0.22
C LEU F 2710 68.99 104.19 0.54
N PRO F 2711 68.81 104.49 1.82
CA PRO F 2711 68.27 105.79 2.20
C PRO F 2711 69.35 106.85 2.16
N PRO F 2712 68.99 108.12 1.98
CA PRO F 2712 70.02 109.17 2.00
C PRO F 2712 70.56 109.46 3.39
N ASP F 2713 69.71 109.43 4.42
CA ASP F 2713 70.01 110.10 5.68
C ASP F 2713 71.17 109.44 6.44
N TYR F 2714 71.39 108.14 6.21
CA TYR F 2714 72.29 107.40 7.10
C TYR F 2714 73.71 107.94 7.02
N VAL F 2715 74.46 107.77 8.11
CA VAL F 2715 75.83 108.24 8.23
C VAL F 2715 76.77 107.05 8.19
N ASP F 2716 77.75 107.11 7.29
CA ASP F 2716 78.72 106.02 7.18
C ASP F 2716 79.70 106.08 8.33
N ALA F 2717 80.47 105.01 8.50
CA ALA F 2717 81.43 104.94 9.60
C ALA F 2717 82.54 105.98 9.43
N SER F 2718 83.13 106.07 8.24
CA SER F 2718 84.24 106.97 7.98
C SER F 2718 84.43 107.15 6.48
N TYR F 2719 85.29 108.11 6.13
CA TYR F 2719 85.73 108.34 4.76
C TYR F 2719 87.24 108.16 4.71
N SER F 2720 87.68 106.91 4.54
CA SER F 2720 89.10 106.58 4.49
C SER F 2720 89.32 105.47 3.49
N SER F 2721 90.52 105.45 2.91
CA SER F 2721 90.86 104.42 1.94
C SER F 2721 91.08 103.08 2.64
N LYS F 2722 90.56 102.02 2.02
CA LYS F 2722 90.74 100.69 2.59
C LYS F 2722 92.19 100.24 2.51
N ALA F 2723 92.87 100.58 1.42
CA ALA F 2723 94.28 100.21 1.21
C ALA F 2723 94.47 98.69 1.31
N GLU F 2724 93.53 97.94 0.76
CA GLU F 2724 93.57 96.49 0.78
C GLU F 2724 92.81 95.94 -0.41
N LYS F 2725 93.41 94.97 -1.09
CA LYS F 2725 92.78 94.35 -2.25
C LYS F 2725 91.56 93.53 -1.85
N ASN F 2734 92.03 84.11 -5.00
CA ASN F 2734 90.77 84.77 -4.70
C ASN F 2734 91.01 86.07 -3.94
N PHE F 2735 91.37 85.94 -2.66
CA PHE F 2735 91.67 87.08 -1.80
C PHE F 2735 93.06 86.92 -1.22
N ASP F 2736 93.95 87.84 -1.56
CA ASP F 2736 95.31 87.85 -1.03
C ASP F 2736 95.60 89.20 -0.38
N PRO F 2737 95.85 89.24 0.93
CA PRO F 2737 96.21 90.50 1.56
C PRO F 2737 97.71 90.72 1.62
N ARG F 2738 98.15 91.98 1.50
CA ARG F 2738 99.56 92.31 1.51
C ARG F 2738 99.86 93.26 2.66
N PRO F 2739 100.66 92.86 3.64
CA PRO F 2739 100.87 93.71 4.81
C PRO F 2739 102.07 94.63 4.64
N VAL F 2740 102.27 95.49 5.64
CA VAL F 2740 103.44 96.36 5.73
C VAL F 2740 104.05 96.18 7.11
N GLU F 2741 105.25 95.62 7.16
CA GLU F 2741 105.95 95.32 8.39
C GLU F 2741 107.37 95.83 8.32
N THR F 2742 107.92 96.23 9.46
CA THR F 2742 109.26 96.78 9.55
C THR F 2742 110.19 95.96 10.45
N LEU F 2743 109.90 94.67 10.66
CA LEU F 2743 110.76 93.85 11.49
C LEU F 2743 112.18 93.77 10.95
N ASN F 2744 112.32 93.78 9.61
CA ASN F 2744 113.65 93.68 9.01
C ASN F 2744 114.51 94.87 9.42
N VAL F 2745 113.89 96.02 9.67
CA VAL F 2745 114.61 97.16 10.21
C VAL F 2745 114.98 96.87 11.66
N ILE F 2746 116.12 97.42 12.10
CA ILE F 2746 116.61 97.16 13.45
C ILE F 2746 115.58 97.61 14.48
N ILE F 2747 115.65 97.03 15.68
CA ILE F 2747 114.65 97.22 16.72
C ILE F 2747 115.33 97.84 17.92
N PRO F 2748 114.66 98.70 18.69
CA PRO F 2748 115.28 99.23 19.91
C PRO F 2748 115.16 98.25 21.06
N GLU F 2749 116.25 98.13 21.83
CA GLU F 2749 116.24 97.24 22.98
C GLU F 2749 115.24 97.69 24.04
N LYS F 2750 115.18 99.00 24.31
CA LYS F 2750 114.25 99.48 25.32
C LYS F 2750 112.80 99.39 24.84
N LEU F 2751 112.58 99.59 23.54
CA LEU F 2751 111.25 99.38 22.98
C LEU F 2751 110.84 97.92 23.07
N ASP F 2752 111.79 97.01 22.86
CA ASP F 2752 111.51 95.59 23.03
C ASP F 2752 111.20 95.24 24.48
N SER F 2753 111.91 95.88 25.41
CA SER F 2753 111.61 95.70 26.82
C SER F 2753 110.20 96.21 27.15
N PHE F 2754 109.81 97.34 26.55
CA PHE F 2754 108.44 97.83 26.70
C PHE F 2754 107.44 96.83 26.13
N ILE F 2755 107.76 96.22 24.99
CA ILE F 2755 106.87 95.22 24.41
C ILE F 2755 106.71 94.04 25.34
N ASN F 2756 107.81 93.58 25.93
CA ASN F 2756 107.76 92.48 26.88
C ASN F 2756 106.94 92.85 28.11
N LYS F 2757 107.10 94.07 28.61
CA LYS F 2757 106.31 94.53 29.76
C LYS F 2757 104.84 94.63 29.41
N PHE F 2758 104.53 95.05 28.17
CA PHE F 2758 103.15 95.07 27.72
C PHE F 2758 102.58 93.67 27.67
N ALA F 2759 103.39 92.69 27.25
CA ALA F 2759 102.95 91.30 27.31
C ALA F 2759 102.68 90.87 28.75
N GLU F 2760 103.56 91.30 29.67
CA GLU F 2760 103.35 90.99 31.08
C GLU F 2760 102.01 91.54 31.58
N TYR F 2761 101.72 92.79 31.26
CA TYR F 2761 100.49 93.38 31.74
C TYR F 2761 99.28 92.94 30.92
N THR F 2762 99.50 92.38 29.72
CA THR F 2762 98.41 91.72 29.02
C THR F 2762 98.01 90.43 29.72
N HIS F 2763 99.00 89.64 30.12
CA HIS F 2763 98.68 88.47 30.95
C HIS F 2763 98.13 88.90 32.30
N GLU F 2764 98.48 90.10 32.77
CA GLU F 2764 97.92 90.55 34.04
C GLU F 2764 96.50 91.09 33.86
N LYS F 2765 96.14 91.54 32.66
CA LYS F 2765 94.72 91.80 32.38
C LYS F 2765 93.97 90.48 32.24
N TRP F 2766 94.64 89.45 31.71
CA TRP F 2766 94.10 88.10 31.83
C TRP F 2766 93.93 87.71 33.29
N ALA F 2767 94.82 88.21 34.15
CA ALA F 2767 94.68 87.96 35.59
C ALA F 2767 93.48 88.70 36.17
N PHE F 2768 93.22 89.93 35.68
CA PHE F 2768 91.93 90.55 35.93
C PHE F 2768 90.78 89.61 35.56
N ASP F 2769 90.87 89.00 34.37
CA ASP F 2769 89.79 88.13 33.91
C ASP F 2769 89.68 86.86 34.74
N LYS F 2770 90.80 86.41 35.33
CA LYS F 2770 90.74 85.18 36.13
C LYS F 2770 90.34 85.47 37.57
N ILE F 2771 90.58 86.69 38.05
CA ILE F 2771 89.92 87.12 39.27
C ILE F 2771 88.42 87.29 39.01
N GLN F 2772 88.08 87.68 37.77
CA GLN F 2772 86.68 87.77 37.37
C GLN F 2772 86.01 86.39 37.38
N ASN F 2773 86.68 85.38 36.84
CA ASN F 2773 86.10 84.04 36.87
C ASN F 2773 86.30 83.39 38.23
N ASN F 2774 87.11 84.02 39.09
CA ASN F 2774 87.31 83.65 40.50
C ASN F 2774 87.95 82.27 40.67
N TRP F 2775 88.94 81.93 39.87
CA TRP F 2775 89.64 80.66 39.99
C TRP F 2775 91.14 80.90 40.02
N SER F 2776 91.87 80.03 40.73
CA SER F 2776 93.30 80.24 40.94
C SER F 2776 94.07 80.07 39.64
N TYR F 2777 95.29 80.61 39.62
CA TYR F 2777 96.10 80.59 38.42
C TYR F 2777 96.85 79.27 38.30
N GLY F 2778 96.83 78.69 37.10
CA GLY F 2778 97.46 77.39 36.89
C GLY F 2778 98.68 77.43 35.99
N GLU F 2779 99.74 76.76 36.42
CA GLU F 2779 100.96 76.71 35.61
C GLU F 2779 100.72 75.95 34.30
N ASN F 2780 99.98 74.85 34.37
CA ASN F 2780 99.71 74.06 33.17
C ASN F 2780 98.32 74.35 32.63
N VAL F 2781 98.06 73.90 31.42
CA VAL F 2781 96.75 74.04 30.77
C VAL F 2781 95.84 72.94 31.27
N ASP F 2782 94.83 73.32 32.06
CA ASP F 2782 93.86 72.39 32.60
C ASP F 2782 92.46 72.92 32.32
N GLU F 2783 91.60 72.04 31.78
CA GLU F 2783 90.22 72.45 31.51
C GLU F 2783 89.47 72.73 32.80
N GLU F 2784 89.72 71.93 33.84
CA GLU F 2784 89.01 72.11 35.11
C GLU F 2784 89.35 73.45 35.76
N LEU F 2785 90.62 73.86 35.69
CA LEU F 2785 91.01 75.10 36.33
C LEU F 2785 90.64 76.32 35.49
N LYS F 2786 90.32 76.08 34.20
CA LYS F 2786 89.87 77.09 33.25
C LYS F 2786 90.68 78.39 33.32
N THR F 2787 91.99 78.26 33.54
CA THR F 2787 92.91 79.39 33.49
C THR F 2787 94.04 79.06 32.52
N HIS F 2788 94.54 80.08 31.83
CA HIS F 2788 95.52 79.85 30.79
C HIS F 2788 96.85 79.41 31.41
N PRO F 2789 97.57 78.49 30.77
CA PRO F 2789 98.84 78.02 31.37
C PRO F 2789 99.92 79.09 31.49
N MET F 2790 99.89 80.14 30.65
CA MET F 2790 100.96 81.13 30.73
C MET F 2790 100.74 82.08 31.89
N LEU F 2791 99.62 81.96 32.59
CA LEU F 2791 99.42 82.73 33.81
C LEU F 2791 99.77 81.91 35.04
N ARG F 2792 100.71 82.41 35.83
CA ARG F 2792 101.21 81.69 37.00
C ARG F 2792 101.22 82.66 38.17
N PRO F 2793 101.23 82.15 39.40
CA PRO F 2793 101.48 83.02 40.56
C PRO F 2793 102.83 83.69 40.43
N TYR F 2794 102.91 84.93 40.91
CA TYR F 2794 104.02 85.81 40.52
C TYR F 2794 105.38 85.23 40.97
N LYS F 2795 105.38 84.40 42.01
CA LYS F 2795 106.63 83.80 42.46
C LYS F 2795 107.18 82.82 41.43
N THR F 2796 106.34 81.90 40.94
CA THR F 2796 106.79 80.94 39.94
C THR F 2796 106.61 81.49 38.54
N PHE F 2797 106.24 82.76 38.43
CA PHE F 2797 105.78 83.34 37.18
C PHE F 2797 106.97 83.56 36.25
N SER F 2798 106.86 83.06 35.03
CA SER F 2798 108.03 82.92 34.17
C SER F 2798 108.16 84.07 33.17
N GLU F 2799 109.35 84.19 32.58
CA GLU F 2799 109.58 85.27 31.62
C GLU F 2799 109.79 84.72 30.20
N LYS F 2800 109.96 83.40 30.07
CA LYS F 2800 110.11 82.83 28.74
C LYS F 2800 108.79 82.85 27.98
N ASP F 2801 107.68 82.53 28.65
CA ASP F 2801 106.37 82.72 28.04
C ASP F 2801 106.13 84.19 27.74
N LYS F 2802 106.78 85.07 28.50
CA LYS F 2802 106.73 86.49 28.18
C LYS F 2802 107.39 86.78 26.84
N GLU F 2803 108.50 86.10 26.54
CA GLU F 2803 109.12 86.28 25.23
C GLU F 2803 108.25 85.67 24.13
N ILE F 2804 107.61 84.54 24.42
CA ILE F 2804 106.75 83.88 23.44
C ILE F 2804 105.54 84.76 23.10
N TYR F 2805 104.98 85.45 24.10
CA TYR F 2805 103.89 86.38 23.82
C TYR F 2805 104.42 87.71 23.30
N ARG F 2806 105.68 88.02 23.61
CA ARG F 2806 106.34 89.21 23.10
C ARG F 2806 106.41 89.18 21.58
N TRP F 2807 106.74 88.02 21.02
CA TRP F 2807 106.93 87.93 19.58
C TRP F 2807 105.71 88.43 18.80
N PRO F 2808 104.47 87.98 19.07
CA PRO F 2808 103.33 88.61 18.39
C PRO F 2808 103.20 90.10 18.68
N ILE F 2809 103.50 90.51 19.92
CA ILE F 2809 103.36 91.92 20.28
C ILE F 2809 104.41 92.76 19.57
N LYS F 2810 105.63 92.24 19.44
CA LYS F 2810 106.66 93.00 18.72
C LYS F 2810 106.31 93.10 17.23
N GLU F 2811 105.81 92.01 16.65
CA GLU F 2811 105.32 92.10 15.27
C GLU F 2811 104.23 93.15 15.14
N SER F 2812 103.29 93.15 16.08
CA SER F 2812 102.18 94.09 16.03
C SER F 2812 102.67 95.53 16.15
N LEU F 2813 103.60 95.79 17.07
CA LEU F 2813 104.06 97.15 17.29
C LEU F 2813 104.85 97.65 16.09
N LYS F 2814 105.64 96.77 15.47
CA LYS F 2814 106.39 97.17 14.28
C LYS F 2814 105.46 97.43 13.10
N ALA F 2815 104.43 96.60 12.94
CA ALA F 2815 103.43 96.89 11.92
C ALA F 2815 102.72 98.21 12.20
N MET F 2816 102.47 98.50 13.47
CA MET F 2816 101.89 99.79 13.87
C MET F 2816 102.78 100.95 13.45
N ILE F 2817 104.08 100.85 13.72
CA ILE F 2817 104.99 101.92 13.32
C ILE F 2817 105.05 102.03 11.81
N ALA F 2818 104.98 100.90 11.11
CA ALA F 2818 105.04 100.92 9.65
C ALA F 2818 103.82 101.62 9.06
N TRP F 2819 102.65 101.38 9.61
CA TRP F 2819 101.40 101.93 9.06
C TRP F 2819 101.22 103.40 9.46
N GLU F 2820 102.18 104.21 9.02
CA GLU F 2820 102.16 105.69 9.11
C GLU F 2820 101.67 106.19 10.47
N TRP F 2821 102.00 105.45 11.53
CA TRP F 2821 101.73 105.89 12.90
C TRP F 2821 103.05 106.04 13.65
N THR F 2822 103.48 107.28 13.85
CA THR F 2822 104.68 107.54 14.62
C THR F 2822 104.40 107.31 16.11
N ILE F 2823 105.32 106.59 16.76
CA ILE F 2823 105.22 106.30 18.19
C ILE F 2823 106.27 107.13 18.91
N GLU F 2824 105.86 107.77 20.01
CA GLU F 2824 106.75 108.61 20.79
C GLU F 2824 106.56 108.29 22.27
N LYS F 2825 107.57 108.56 23.07
CA LYS F 2825 107.58 108.22 24.48
C LYS F 2825 107.36 109.47 25.31
N ALA F 2826 106.18 109.56 25.93
CA ALA F 2826 105.90 110.65 26.87
C ALA F 2826 105.99 110.17 28.30
N ARG F 2827 105.59 108.92 28.56
CA ARG F 2827 105.65 108.31 29.88
C ARG F 2827 106.56 107.09 29.80
N GLU F 2828 107.30 106.83 30.87
CA GLU F 2828 108.25 105.72 30.86
C GLU F 2828 107.52 104.39 30.97
N GLY F 2829 107.80 103.49 30.05
CA GLY F 2829 107.27 102.14 30.06
C GLY F 2829 108.39 101.13 30.20
N GLU F 2830 108.43 100.48 31.36
CA GLU F 2830 109.47 99.49 31.65
C GLU F 2830 109.29 98.23 30.81
N TYR F 2855 98.60 89.46 42.27
CA TYR F 2855 99.38 90.51 41.62
C TYR F 2855 98.53 91.28 40.61
N ASN F 2856 97.71 92.19 41.12
CA ASN F 2856 96.86 92.97 40.25
C ASN F 2856 97.55 94.27 39.88
N PRO F 2857 97.82 94.50 38.60
CA PRO F 2857 98.50 95.74 38.21
C PRO F 2857 97.60 96.95 38.38
N GLN F 2858 98.22 98.12 38.48
CA GLN F 2858 97.45 99.35 38.65
C GLN F 2858 96.51 99.69 37.49
N PRO F 2859 96.86 99.51 36.21
CA PRO F 2859 96.12 100.18 35.16
C PRO F 2859 94.89 99.43 34.70
N PRO F 2860 93.74 100.10 34.64
CA PRO F 2860 92.56 99.52 33.98
C PRO F 2860 92.43 99.95 32.53
N ASP F 2861 91.57 99.27 31.78
CA ASP F 2861 91.21 99.72 30.44
C ASP F 2861 89.74 100.11 30.38
N LEU F 2862 89.45 101.16 29.60
CA LEU F 2862 88.09 101.67 29.50
C LEU F 2862 87.94 102.42 28.19
N SER F 2863 86.82 103.15 28.06
CA SER F 2863 86.59 103.94 26.86
C SER F 2863 86.58 105.43 27.19
N GLY F 2864 86.69 105.78 28.47
CA GLY F 2864 86.59 107.18 28.85
C GLY F 2864 87.72 108.03 28.34
N VAL F 2865 88.93 107.44 28.20
CA VAL F 2865 90.09 108.20 27.77
C VAL F 2865 89.84 108.81 26.40
N THR F 2866 90.37 110.01 26.18
CA THR F 2866 90.13 110.74 24.94
C THR F 2866 90.66 109.95 23.74
N LEU F 2867 89.83 109.87 22.70
CA LEU F 2867 90.20 109.21 21.45
C LEU F 2867 89.81 110.11 20.29
N SER F 2868 90.80 110.46 19.48
CA SER F 2868 90.55 111.34 18.34
C SER F 2868 89.69 110.62 17.30
N ARG F 2869 88.94 111.42 16.53
CA ARG F 2869 88.02 110.87 15.54
C ARG F 2869 88.73 109.95 14.56
N GLU F 2870 89.97 110.26 14.18
CA GLU F 2870 90.60 109.37 13.21
CA GLU F 2870 90.63 109.39 13.21
C GLU F 2870 91.28 108.18 13.87
N LEU F 2871 91.54 108.25 15.18
CA LEU F 2871 92.23 107.11 15.80
C LEU F 2871 91.28 105.95 16.04
N GLN F 2872 89.97 106.20 16.01
CA GLN F 2872 89.04 105.06 16.02
C GLN F 2872 89.23 104.19 14.78
N ALA F 2873 89.22 104.80 13.59
CA ALA F 2873 89.38 104.03 12.38
C ALA F 2873 90.83 103.54 12.22
N MET F 2874 91.80 104.30 12.74
CA MET F 2874 93.18 103.84 12.68
C MET F 2874 93.38 102.63 13.58
N ALA F 2875 92.70 102.61 14.72
CA ALA F 2875 92.77 101.45 15.60
C ALA F 2875 92.00 100.28 14.99
N GLU F 2876 90.95 100.58 14.21
CA GLU F 2876 90.35 99.53 13.39
C GLU F 2876 91.37 98.94 12.44
N GLN F 2877 92.24 99.77 11.86
CA GLN F 2877 93.26 99.25 10.94
C GLN F 2877 94.36 98.50 11.69
N LEU F 2878 94.61 98.89 12.94
CA LEU F 2878 95.56 98.14 13.77
C LEU F 2878 95.01 96.77 14.15
N ALA F 2879 93.72 96.70 14.47
CA ALA F 2879 93.07 95.41 14.66
C ALA F 2879 93.10 94.60 13.38
N GLU F 2880 92.94 95.28 12.24
CA GLU F 2880 93.13 94.66 10.94
C GLU F 2880 94.54 94.11 10.79
N ASN F 2881 95.51 94.78 11.40
CA ASN F 2881 96.89 94.30 11.33
C ASN F 2881 97.10 93.06 12.20
N TYR F 2882 96.48 93.02 13.37
CA TYR F 2882 96.51 91.79 14.17
C TYR F 2882 95.86 90.64 13.42
N HIS F 2883 94.69 90.90 12.84
CA HIS F 2883 94.00 89.88 12.05
C HIS F 2883 94.82 89.55 10.80
N ASN F 2884 95.63 90.49 10.33
CA ASN F 2884 96.57 90.22 9.25
C ASN F 2884 97.65 89.23 9.69
N THR F 2885 98.20 89.43 10.87
CA THR F 2885 99.18 88.45 11.37
C THR F 2885 98.55 87.06 11.45
N TRP F 2886 97.31 87.00 11.94
CA TRP F 2886 96.59 85.74 11.97
C TRP F 2886 96.42 85.16 10.56
N GLY F 2887 96.07 86.01 9.60
CA GLY F 2887 95.83 85.53 8.25
C GLY F 2887 97.09 85.14 7.52
N ARG F 2888 98.22 85.74 7.89
CA ARG F 2888 99.49 85.34 7.29
C ARG F 2888 99.98 84.02 7.88
N LYS F 2889 99.70 83.77 9.16
CA LYS F 2889 99.92 82.43 9.69
C LYS F 2889 99.02 81.42 8.96
N LYS F 2890 97.76 81.81 8.74
CA LYS F 2890 96.84 80.98 7.96
C LYS F 2890 97.38 80.71 6.57
N LYS F 2891 97.96 81.74 5.94
CA LYS F 2891 98.47 81.59 4.58
C LYS F 2891 99.73 80.73 4.55
N GLN F 2892 100.57 80.84 5.57
CA GLN F 2892 101.74 79.98 5.66
C GLN F 2892 101.35 78.51 5.82
N GLU F 2893 100.29 78.24 6.60
CA GLU F 2893 99.92 76.84 6.78
C GLU F 2893 99.08 76.32 5.60
N LEU F 2894 98.37 77.21 4.91
CA LEU F 2894 97.51 76.77 3.81
C LEU F 2894 98.22 76.90 2.45
N GLU F 2895 99.45 77.39 2.45
CA GLU F 2895 100.12 77.72 1.18
C GLU F 2895 100.41 76.47 0.36
N ALA F 2896 100.41 75.30 0.99
CA ALA F 2896 100.66 74.07 0.25
C ALA F 2896 99.58 73.83 -0.80
N LYS F 2897 98.32 74.02 -0.43
CA LYS F 2897 97.23 73.86 -1.39
C LYS F 2897 97.21 75.00 -2.39
N GLY F 2898 97.45 76.23 -1.93
CA GLY F 2898 97.35 77.38 -2.80
C GLY F 2898 95.93 77.76 -3.17
N GLY F 2899 94.95 77.22 -2.45
CA GLY F 2899 93.56 77.49 -2.73
C GLY F 2899 92.73 77.28 -1.48
N GLY F 2900 91.42 77.44 -1.64
CA GLY F 2900 90.54 77.31 -0.50
C GLY F 2900 90.75 78.37 0.55
N THR F 2901 90.85 79.64 0.12
CA THR F 2901 91.09 80.73 1.05
C THR F 2901 89.99 80.80 2.10
N HIS F 2902 90.39 81.12 3.34
CA HIS F 2902 89.47 81.08 4.46
C HIS F 2902 88.40 82.16 4.27
N PRO F 2903 87.11 81.80 4.29
CA PRO F 2903 86.06 82.81 4.05
C PRO F 2903 86.03 83.92 5.09
N LEU F 2904 86.68 83.73 6.24
CA LEU F 2904 86.71 84.79 7.26
C LEU F 2904 87.46 86.02 6.74
N LEU F 2905 88.36 85.83 5.78
CA LEU F 2905 89.13 86.95 5.27
C LEU F 2905 88.27 87.81 4.35
N VAL F 2906 87.51 88.72 4.96
CA VAL F 2906 86.62 89.64 4.25
C VAL F 2906 86.74 91.00 4.93
N PRO F 2907 86.33 92.09 4.28
CA PRO F 2907 86.34 93.39 4.98
C PRO F 2907 85.48 93.35 6.23
N TYR F 2908 85.94 94.05 7.27
CA TYR F 2908 85.33 93.90 8.58
C TYR F 2908 84.00 94.62 8.66
N ASP F 2909 83.91 95.78 8.01
CA ASP F 2909 82.62 96.45 7.90
C ASP F 2909 81.62 95.61 7.12
N THR F 2910 82.11 94.66 6.32
CA THR F 2910 81.22 93.78 5.57
C THR F 2910 80.82 92.55 6.39
N LEU F 2911 81.75 92.00 7.15
CA LEU F 2911 81.46 90.76 7.86
C LEU F 2911 80.47 91.00 9.00
N THR F 2912 80.24 89.96 9.79
CA THR F 2912 79.21 90.00 10.81
C THR F 2912 79.44 91.17 11.76
N ALA F 2913 78.37 91.92 12.04
CA ALA F 2913 78.49 93.14 12.84
C ALA F 2913 78.96 92.83 14.26
N LYS F 2914 78.76 91.60 14.70
CA LYS F 2914 79.06 91.24 16.08
C LYS F 2914 80.56 90.98 16.24
N GLU F 2915 81.13 90.24 15.28
CA GLU F 2915 82.56 90.02 15.21
C GLU F 2915 83.30 91.34 15.04
N LYS F 2916 82.64 92.32 14.42
CA LYS F 2916 83.17 93.69 14.42
C LYS F 2916 83.39 94.17 15.84
N ALA F 2917 82.39 94.01 16.71
CA ALA F 2917 82.45 94.59 18.04
C ALA F 2917 83.51 93.89 18.89
N ARG F 2918 83.69 92.57 18.70
CA ARG F 2918 84.70 91.88 19.49
C ARG F 2918 86.10 92.44 19.22
N ASP F 2919 86.51 92.50 17.95
CA ASP F 2919 87.83 93.02 17.61
C ASP F 2919 87.92 94.51 17.95
N ARG F 2920 86.81 95.24 17.76
CA ARG F 2920 86.75 96.65 18.11
C ARG F 2920 87.08 96.88 19.59
N GLU F 2921 86.44 96.13 20.48
CA GLU F 2921 86.68 96.34 21.90
C GLU F 2921 88.09 95.89 22.30
N LYS F 2922 88.61 94.83 21.67
CA LYS F 2922 89.95 94.40 22.05
C LYS F 2922 91.00 95.41 21.59
N ALA F 2923 90.82 95.99 20.40
CA ALA F 2923 91.72 97.04 19.94
C ALA F 2923 91.59 98.29 20.80
N GLN F 2924 90.36 98.62 21.22
CA GLN F 2924 90.15 99.68 22.18
C GLN F 2924 90.98 99.46 23.45
N GLU F 2925 90.91 98.25 24.01
CA GLU F 2925 91.71 97.94 25.19
C GLU F 2925 93.19 98.12 24.91
N LEU F 2926 93.66 97.63 23.77
CA LEU F 2926 95.06 97.79 23.38
C LEU F 2926 95.49 99.25 23.42
N LEU F 2927 94.75 100.11 22.72
CA LEU F 2927 95.21 101.49 22.60
C LEU F 2927 95.05 102.26 23.90
N LYS F 2928 94.02 101.94 24.69
CA LYS F 2928 93.88 102.64 25.97
C LYS F 2928 94.98 102.24 26.95
N PHE F 2929 95.39 100.97 26.92
CA PHE F 2929 96.48 100.56 27.79
C PHE F 2929 97.78 101.23 27.34
N LEU F 2930 97.93 101.40 26.02
CA LEU F 2930 99.05 102.16 25.50
C LEU F 2930 99.00 103.62 25.98
N GLN F 2931 97.79 104.20 25.99
CA GLN F 2931 97.62 105.57 26.45
C GLN F 2931 98.01 105.73 27.91
N MET F 2932 97.73 104.72 28.74
CA MET F 2932 98.45 104.64 29.99
C MET F 2932 99.94 104.78 29.74
N ASN F 2933 100.51 103.81 29.03
CA ASN F 2933 101.96 103.63 29.03
C ASN F 2933 102.67 104.85 28.45
N GLY F 2934 101.89 105.82 27.97
CA GLY F 2934 102.41 107.09 27.52
C GLY F 2934 102.99 107.06 26.14
N TYR F 2935 102.92 105.93 25.47
CA TYR F 2935 103.45 105.79 24.12
C TYR F 2935 102.41 106.40 23.18
N ALA F 2936 102.64 107.66 22.81
CA ALA F 2936 101.68 108.38 21.99
C ALA F 2936 101.81 108.00 20.53
N VAL F 2937 100.67 107.84 19.88
CA VAL F 2937 100.58 107.49 18.47
C VAL F 2937 100.05 108.70 17.72
N THR F 2938 100.78 109.12 16.69
CA THR F 2938 100.33 110.21 15.83
C THR F 2938 100.32 109.73 14.39
N ARG F 2939 99.17 109.88 13.72
CA ARG F 2939 99.01 109.47 12.34
C ARG F 2939 99.43 110.59 11.39
N LEU F 2946 84.12 112.92 7.87
CA LEU F 2946 84.89 112.96 9.10
C LEU F 2946 85.02 114.39 9.62
N ASP F 2947 84.50 114.61 10.84
CA ASP F 2947 84.52 115.92 11.49
C ASP F 2947 83.67 116.94 10.74
N THR F 2948 82.99 116.48 9.69
CA THR F 2948 82.12 117.36 8.92
C THR F 2948 80.69 116.82 9.02
N SER F 2949 79.74 117.55 8.46
CA SER F 2949 78.32 117.33 8.75
C SER F 2949 77.87 115.91 8.44
N SER F 2950 76.92 115.42 9.25
CA SER F 2950 76.26 114.16 8.93
C SER F 2950 75.60 114.23 7.56
N ILE F 2951 75.20 115.43 7.14
CA ILE F 2951 74.61 115.58 5.82
C ILE F 2951 75.61 115.21 4.72
N GLU F 2952 76.86 115.63 4.87
CA GLU F 2952 77.84 115.26 3.85
C GLU F 2952 78.27 113.81 4.03
N LYS F 2953 78.22 113.30 5.27
CA LYS F 2953 78.45 111.87 5.46
C LYS F 2953 77.37 111.04 4.77
N ARG F 2954 76.20 111.62 4.56
CA ARG F 2954 75.13 110.93 3.84
C ARG F 2954 75.59 110.48 2.46
N PHE F 2955 75.14 109.28 2.07
CA PHE F 2955 75.44 108.79 0.72
C PHE F 2955 74.94 109.74 -0.35
N ALA F 2956 73.79 110.37 -0.11
CA ALA F 2956 73.24 111.30 -1.09
C ALA F 2956 74.22 112.43 -1.40
N PHE F 2957 74.99 112.86 -0.40
CA PHE F 2957 76.00 113.89 -0.65
C PHE F 2957 77.16 113.33 -1.46
N GLY F 2958 77.51 112.07 -1.25
CA GLY F 2958 78.53 111.45 -2.10
C GLY F 2958 78.09 111.38 -3.55
N PHE F 2959 76.86 110.94 -3.79
CA PHE F 2959 76.32 110.96 -5.15
C PHE F 2959 76.19 112.38 -5.67
N LEU F 2960 76.02 113.34 -4.77
CA LEU F 2960 75.95 114.75 -5.17
C LEU F 2960 77.29 115.25 -5.68
N GLN F 2961 78.37 114.95 -4.96
CA GLN F 2961 79.70 115.27 -5.45
C GLN F 2961 80.00 114.53 -6.75
N GLN F 2962 79.57 113.29 -6.86
CA GLN F 2962 79.81 112.54 -8.09
C GLN F 2962 79.01 113.15 -9.25
N LEU F 2963 77.84 113.72 -8.97
CA LEU F 2963 77.09 114.44 -10.01
C LEU F 2963 77.82 115.71 -10.42
N LEU F 2964 78.38 116.43 -9.44
CA LEU F 2964 79.21 117.58 -9.75
C LEU F 2964 80.34 117.20 -10.69
N ARG F 2965 80.94 116.03 -10.46
CA ARG F 2965 82.04 115.59 -11.33
C ARG F 2965 81.52 115.12 -12.69
N TRP F 2966 80.37 114.44 -12.71
CA TRP F 2966 79.76 114.05 -13.98
C TRP F 2966 79.45 115.25 -14.84
N MET F 2967 79.13 116.40 -14.25
CA MET F 2967 78.88 117.52 -15.13
C MET F 2967 80.11 118.39 -15.31
N ASP F 2968 81.13 118.24 -14.49
CA ASP F 2968 82.46 118.63 -14.96
C ASP F 2968 82.76 117.93 -16.28
N ILE F 2969 82.52 116.62 -16.32
CA ILE F 2969 82.64 115.84 -17.55
C ILE F 2969 81.66 116.34 -18.61
N SER F 2970 80.45 116.69 -18.21
CA SER F 2970 79.44 117.10 -19.19
C SER F 2970 79.85 118.39 -19.88
N GLN F 2971 80.28 119.40 -19.11
CA GLN F 2971 80.74 120.62 -19.74
C GLN F 2971 81.94 120.37 -20.64
N GLU F 2972 82.89 119.54 -20.21
CA GLU F 2972 84.04 119.32 -21.09
C GLU F 2972 83.62 118.59 -22.38
N PHE F 2973 82.74 117.58 -22.29
CA PHE F 2973 82.45 116.85 -23.53
C PHE F 2973 81.47 117.60 -24.41
N ILE F 2974 80.60 118.45 -23.83
CA ILE F 2974 79.77 119.28 -24.69
C ILE F 2974 80.62 120.33 -25.39
N ALA F 2975 81.58 120.91 -24.67
CA ALA F 2975 82.52 121.81 -25.32
C ALA F 2975 83.17 121.12 -26.51
N HIS F 2976 83.73 119.93 -26.29
CA HIS F 2976 84.37 119.21 -27.38
C HIS F 2976 83.40 118.89 -28.52
N LEU F 2977 82.23 118.33 -28.18
CA LEU F 2977 81.32 117.82 -29.19
C LEU F 2977 80.72 118.94 -30.03
N GLU F 2978 80.18 119.98 -29.40
CA GLU F 2978 79.60 121.06 -30.20
C GLU F 2978 80.67 121.99 -30.74
N ALA F 2979 81.91 121.89 -30.25
CA ALA F 2979 83.01 122.60 -30.90
C ALA F 2979 83.34 121.93 -32.23
N VAL F 2980 83.43 120.61 -32.25
CA VAL F 2980 83.70 119.92 -33.51
C VAL F 2980 82.48 119.96 -34.42
N VAL F 2981 81.27 119.98 -33.85
CA VAL F 2981 80.07 120.08 -34.66
C VAL F 2981 79.98 121.46 -35.31
N SER F 2982 80.30 122.52 -34.57
CA SER F 2982 80.29 123.85 -35.15
C SER F 2982 81.29 123.97 -36.29
N SER F 2983 82.48 123.40 -36.12
CA SER F 2983 83.49 123.39 -37.17
C SER F 2983 84.46 122.25 -36.91
N GLY F 2984 84.85 121.58 -37.99
CA GLY F 2984 85.78 120.47 -37.89
C GLY F 2984 85.22 119.26 -37.21
N ARG F 2985 84.21 118.64 -37.82
CA ARG F 2985 83.60 117.44 -37.25
C ARG F 2985 84.62 116.31 -37.15
N VAL F 2986 84.62 115.63 -36.01
CA VAL F 2986 85.48 114.48 -35.75
C VAL F 2986 84.60 113.25 -35.58
N GLU F 2987 84.96 112.17 -36.27
CA GLU F 2987 84.16 110.95 -36.19
C GLU F 2987 84.55 110.12 -34.97
N LYS F 2988 85.65 110.48 -34.30
CA LYS F 2988 86.11 109.71 -33.15
C LYS F 2988 85.10 109.74 -32.02
N SER F 2989 84.68 110.93 -31.60
CA SER F 2989 83.80 111.11 -30.45
C SER F 2989 84.26 110.26 -29.26
N PRO F 2990 85.42 110.55 -28.68
CA PRO F 2990 85.96 109.64 -27.65
C PRO F 2990 85.10 109.56 -26.41
N HIS F 2991 84.20 110.52 -26.20
CA HIS F 2991 83.34 110.51 -25.02
C HIS F 2991 82.03 109.79 -25.30
N GLU F 2992 81.96 109.05 -26.41
CA GLU F 2992 80.73 108.38 -26.84
C GLU F 2992 80.21 107.43 -25.77
N GLN F 2993 81.08 106.59 -25.22
CA GLN F 2993 80.64 105.66 -24.19
C GLN F 2993 80.18 106.41 -22.94
N GLU F 2994 80.81 107.56 -22.65
CA GLU F 2994 80.41 108.31 -21.46
C GLU F 2994 79.05 108.99 -21.65
N ILE F 2995 78.79 109.54 -22.84
CA ILE F 2995 77.52 110.19 -23.07
C ILE F 2995 76.40 109.16 -23.13
N LYS F 2996 76.68 107.97 -23.67
CA LYS F 2996 75.68 106.91 -23.64
C LYS F 2996 75.45 106.42 -22.23
N PHE F 2997 76.52 106.34 -21.43
CA PHE F 2997 76.35 106.07 -20.00
C PHE F 2997 75.43 107.08 -19.35
N PHE F 2998 75.67 108.37 -19.61
CA PHE F 2998 74.81 109.41 -19.05
C PHE F 2998 73.36 109.19 -19.44
N ALA F 2999 73.09 109.07 -20.74
CA ALA F 2999 71.71 108.98 -21.23
C ALA F 2999 71.03 107.71 -20.73
N LYS F 3000 71.78 106.62 -20.58
CA LYS F 3000 71.17 105.34 -20.27
C LYS F 3000 71.06 105.10 -18.77
N ILE F 3001 71.86 105.79 -17.96
CA ILE F 3001 71.93 105.55 -16.53
C ILE F 3001 71.41 106.74 -15.73
N LEU F 3002 72.02 107.92 -15.94
CA LEU F 3002 71.75 109.03 -15.04
C LEU F 3002 70.28 109.43 -15.06
N LEU F 3003 69.69 109.54 -16.25
CA LEU F 3003 68.30 109.95 -16.32
C LEU F 3003 67.36 108.98 -15.60
N PRO F 3004 67.38 107.67 -15.87
CA PRO F 3004 66.55 106.78 -15.05
C PRO F 3004 66.92 106.81 -13.58
N LEU F 3005 68.22 106.83 -13.28
CA LEU F 3005 68.66 106.77 -11.88
C LEU F 3005 68.19 108.00 -11.11
N ILE F 3006 68.48 109.20 -11.61
CA ILE F 3006 68.08 110.40 -10.89
C ILE F 3006 66.55 110.50 -10.86
N ASN F 3007 65.89 110.13 -11.96
CA ASN F 3007 64.45 110.23 -12.01
C ASN F 3007 63.79 109.38 -10.94
N GLN F 3008 64.14 108.09 -10.88
CA GLN F 3008 63.49 107.21 -9.93
C GLN F 3008 63.93 107.49 -8.51
N TYR F 3009 65.21 107.85 -8.31
CA TYR F 3009 65.70 108.13 -6.97
C TYR F 3009 65.02 109.36 -6.38
N PHE F 3010 64.95 110.44 -7.15
CA PHE F 3010 64.28 111.64 -6.67
C PHE F 3010 62.78 111.44 -6.56
N THR F 3011 62.20 110.59 -7.42
CA THR F 3011 60.78 110.26 -7.30
C THR F 3011 60.48 109.55 -5.99
N ASN F 3012 61.32 108.57 -5.63
CA ASN F 3012 61.13 107.88 -4.36
C ASN F 3012 61.36 108.81 -3.18
N HIS F 3013 62.34 109.72 -3.29
CA HIS F 3013 62.69 110.60 -2.19
C HIS F 3013 62.23 112.04 -2.39
N CYS F 3014 61.08 112.25 -3.04
CA CYS F 3014 60.53 113.60 -3.17
C CYS F 3014 60.29 114.23 -1.80
N LEU F 3015 59.58 113.52 -0.93
CA LEU F 3015 59.24 114.09 0.38
C LEU F 3015 60.49 114.34 1.22
N TYR F 3016 61.45 113.42 1.19
CA TYR F 3016 62.67 113.61 1.94
C TYR F 3016 63.45 114.83 1.45
N PHE F 3017 63.57 114.99 0.13
CA PHE F 3017 64.29 116.14 -0.41
C PHE F 3017 63.51 117.43 -0.19
N LEU F 3018 62.19 117.38 -0.35
CA LEU F 3018 61.38 118.59 -0.19
C LEU F 3018 61.33 119.02 1.28
N SER F 3019 61.52 118.09 2.20
CA SER F 3019 61.39 118.40 3.62
C SER F 3019 62.54 119.27 4.10
N THR F 3020 62.27 120.09 5.10
CA THR F 3020 63.22 120.95 5.76
C THR F 3020 63.14 120.74 7.27
N PRO F 3021 64.23 120.97 8.00
CA PRO F 3021 64.18 120.71 9.45
C PRO F 3021 63.22 121.62 10.19
N ALA F 3022 63.19 122.92 9.86
CA ALA F 3022 62.28 123.83 10.54
C ALA F 3022 60.83 123.49 10.24
N LYS F 3023 60.52 123.18 8.99
CA LYS F 3023 59.16 122.81 8.57
C LYS F 3023 59.25 121.63 7.62
N VAL F 3024 58.72 120.49 8.04
CA VAL F 3024 58.86 119.23 7.31
C VAL F 3024 57.68 119.09 6.36
N LEU F 3025 57.97 118.80 5.10
CA LEU F 3025 56.91 118.42 4.17
C LEU F 3025 56.63 116.92 4.25
N GLY F 3026 57.66 116.10 4.13
CA GLY F 3026 57.49 114.68 4.33
C GLY F 3026 57.42 114.33 5.81
N SER F 3027 56.92 113.12 6.08
CA SER F 3027 56.77 112.68 7.47
C SER F 3027 58.12 112.50 8.14
N GLY F 3028 59.06 111.84 7.47
CA GLY F 3028 60.34 111.55 8.06
C GLY F 3028 61.53 112.07 7.28
N GLY F 3029 62.53 112.57 7.99
CA GLY F 3029 63.75 113.05 7.37
C GLY F 3029 63.57 114.40 6.67
N HIS F 3030 64.69 114.92 6.17
CA HIS F 3030 64.72 116.19 5.47
C HIS F 3030 66.04 116.34 4.74
N ALA F 3031 66.00 116.99 3.58
CA ALA F 3031 67.23 117.38 2.91
C ALA F 3031 67.73 118.70 3.47
N SER F 3032 69.04 118.78 3.69
CA SER F 3032 69.63 119.99 4.26
C SER F 3032 69.53 121.14 3.27
N ASN F 3033 69.67 122.35 3.79
CA ASN F 3033 69.69 123.51 2.90
C ASN F 3033 70.82 123.38 1.89
N LYS F 3034 72.05 123.15 2.35
CA LYS F 3034 73.20 123.16 1.45
C LYS F 3034 73.04 122.12 0.34
N GLU F 3035 72.54 120.94 0.68
CA GLU F 3035 72.24 119.95 -0.35
C GLU F 3035 71.15 120.46 -1.28
N LYS F 3036 70.21 121.24 -0.75
CA LYS F 3036 69.16 121.77 -1.62
C LYS F 3036 69.72 122.75 -2.65
N GLU F 3037 70.60 123.66 -2.23
CA GLU F 3037 71.16 124.57 -3.25
C GLU F 3037 72.15 123.85 -4.15
N MET F 3038 72.76 122.76 -3.70
CA MET F 3038 73.62 122.01 -4.60
C MET F 3038 72.82 121.25 -5.66
N ILE F 3039 71.67 120.68 -5.29
CA ILE F 3039 70.83 120.06 -6.30
C ILE F 3039 70.19 121.12 -7.18
N THR F 3040 69.95 122.32 -6.63
CA THR F 3040 69.50 123.43 -7.46
C THR F 3040 70.55 123.83 -8.48
N SER F 3041 71.82 123.81 -8.08
CA SER F 3041 72.91 124.07 -9.02
C SER F 3041 72.96 122.99 -10.10
N LEU F 3042 72.76 121.73 -9.71
CA LEU F 3042 72.64 120.66 -10.70
C LEU F 3042 71.54 120.97 -11.70
N PHE F 3043 70.36 121.37 -11.20
CA PHE F 3043 69.24 121.67 -12.09
C PHE F 3043 69.56 122.84 -13.02
N CYS F 3044 70.19 123.88 -12.49
CA CYS F 3044 70.53 125.03 -13.32
C CYS F 3044 71.54 124.66 -14.41
N LYS F 3045 72.56 123.86 -14.04
CA LYS F 3045 73.53 123.41 -15.03
C LYS F 3045 72.88 122.55 -16.10
N LEU F 3046 71.98 121.65 -15.69
CA LEU F 3046 71.28 120.82 -16.67
C LEU F 3046 70.42 121.66 -17.60
N ALA F 3047 69.76 122.68 -17.06
CA ALA F 3047 68.97 123.56 -17.92
C ALA F 3047 69.86 124.30 -18.91
N ALA F 3048 70.99 124.81 -18.44
CA ALA F 3048 71.91 125.54 -19.33
C ALA F 3048 72.45 124.62 -20.42
N LEU F 3049 72.68 123.35 -20.08
CA LEU F 3049 73.20 122.40 -21.08
C LEU F 3049 72.11 121.99 -22.06
N VAL F 3050 70.88 121.85 -21.58
CA VAL F 3050 69.77 121.48 -22.45
C VAL F 3050 69.46 122.63 -23.41
N ARG F 3051 69.74 123.86 -22.97
CA ARG F 3051 69.52 125.02 -23.83
C ARG F 3051 70.33 124.92 -25.12
N HIS F 3052 69.62 124.74 -26.23
CA HIS F 3052 70.14 124.77 -27.60
C HIS F 3052 71.16 123.66 -27.88
N ARG F 3053 71.30 122.69 -26.99
CA ARG F 3053 72.19 121.55 -27.21
C ARG F 3053 71.55 120.23 -26.80
N VAL F 3054 70.23 120.20 -26.69
CA VAL F 3054 69.53 118.95 -26.38
C VAL F 3054 69.22 118.19 -27.68
N SER F 3055 69.40 118.85 -28.82
CA SER F 3055 69.04 118.24 -30.09
C SER F 3055 69.88 117.00 -30.38
N LEU F 3056 71.15 117.02 -29.98
CA LEU F 3056 72.01 115.87 -30.22
C LEU F 3056 71.51 114.63 -29.49
N PHE F 3057 70.90 114.81 -28.32
CA PHE F 3057 70.34 113.68 -27.60
C PHE F 3057 69.19 113.05 -28.38
N GLY F 3058 68.43 113.87 -29.10
CA GLY F 3058 67.38 113.33 -29.98
C GLY F 3058 66.25 112.71 -29.17
N THR F 3059 66.08 111.40 -29.34
CA THR F 3059 65.02 110.69 -28.63
C THR F 3059 65.30 110.65 -27.13
N ASP F 3060 66.53 110.96 -26.72
CA ASP F 3060 66.84 111.02 -25.30
C ASP F 3060 66.24 112.27 -24.66
N ALA F 3061 65.90 113.27 -25.47
CA ALA F 3061 65.41 114.53 -24.94
C ALA F 3061 64.15 114.40 -24.08
N PRO F 3062 63.12 113.61 -24.44
CA PRO F 3062 61.99 113.45 -23.51
C PRO F 3062 62.39 112.95 -22.13
N ALA F 3063 63.30 111.99 -22.06
CA ALA F 3063 63.77 111.54 -20.75
C ALA F 3063 64.43 112.68 -19.99
N VAL F 3064 65.22 113.49 -20.70
CA VAL F 3064 65.90 114.61 -20.06
C VAL F 3064 64.90 115.62 -19.51
N VAL F 3065 63.85 115.92 -20.29
CA VAL F 3065 62.90 116.94 -19.85
C VAL F 3065 62.06 116.42 -18.68
N ASN F 3066 61.72 115.12 -18.68
CA ASN F 3066 61.04 114.57 -17.51
C ASN F 3066 61.94 114.57 -16.27
N CYS F 3067 63.24 114.34 -16.46
CA CYS F 3067 64.16 114.51 -15.33
C CYS F 3067 64.17 115.96 -14.86
N LEU F 3068 64.10 116.91 -15.79
CA LEU F 3068 63.97 118.31 -15.39
C LEU F 3068 62.70 118.54 -14.60
N HIS F 3069 61.60 117.90 -15.00
CA HIS F 3069 60.35 118.00 -14.26
C HIS F 3069 60.52 117.50 -12.83
N ILE F 3070 61.17 116.36 -12.66
CA ILE F 3070 61.32 115.78 -11.33
C ILE F 3070 62.26 116.64 -10.48
N LEU F 3071 63.27 117.26 -11.12
CA LEU F 3071 64.10 118.22 -10.39
C LEU F 3071 63.28 119.41 -9.92
N ALA F 3072 62.39 119.90 -10.78
CA ALA F 3072 61.52 121.01 -10.38
C ALA F 3072 60.64 120.62 -9.20
N ARG F 3073 60.14 119.39 -9.21
CA ARG F 3073 59.40 118.88 -8.05
C ARG F 3073 60.28 118.84 -6.81
N SER F 3074 61.53 118.42 -6.96
CA SER F 3074 62.37 118.15 -5.79
C SER F 3074 62.89 119.44 -5.14
N LEU F 3075 63.17 120.46 -5.94
CA LEU F 3075 63.90 121.62 -5.42
C LEU F 3075 63.04 122.43 -4.44
N ASP F 3076 63.72 123.25 -3.63
CA ASP F 3076 63.10 124.07 -2.60
C ASP F 3076 63.55 125.52 -2.79
N ALA F 3077 62.82 126.24 -3.63
CA ALA F 3077 63.30 127.53 -4.11
C ALA F 3077 63.22 128.60 -3.04
N ARG F 3078 62.23 128.54 -2.15
CA ARG F 3078 62.15 129.55 -1.09
C ARG F 3078 63.35 129.45 -0.15
N THR F 3079 63.74 128.22 0.23
CA THR F 3079 64.94 128.07 1.05
C THR F 3079 66.18 128.47 0.27
N VAL F 3080 66.20 128.17 -1.04
CA VAL F 3080 67.34 128.59 -1.87
C VAL F 3080 67.49 130.11 -1.83
N MET F 3081 66.38 130.85 -1.97
CA MET F 3081 66.48 132.30 -1.97
C MET F 3081 66.79 132.84 -0.57
N LYS F 3082 66.27 132.19 0.48
CA LYS F 3082 66.59 132.65 1.82
C LYS F 3082 68.07 132.52 2.12
N SER F 3083 68.66 131.33 1.90
CA SER F 3083 70.09 131.12 2.12
C SER F 3083 70.68 130.41 0.90
N GLY F 3084 71.02 131.18 -0.13
CA GLY F 3084 71.61 130.63 -1.32
C GLY F 3084 72.98 131.23 -1.64
N PRO F 3085 73.92 130.37 -2.04
CA PRO F 3085 75.21 130.87 -2.50
C PRO F 3085 75.05 131.71 -3.76
N GLU F 3086 76.00 132.64 -3.96
CA GLU F 3086 75.90 133.54 -5.11
C GLU F 3086 75.99 132.79 -6.42
N ILE F 3087 76.73 131.68 -6.45
CA ILE F 3087 76.83 130.88 -7.68
C ILE F 3087 75.48 130.27 -8.04
N VAL F 3088 74.78 129.70 -7.06
CA VAL F 3088 73.47 129.13 -7.31
C VAL F 3088 72.47 130.22 -7.66
N LYS F 3089 72.57 131.37 -6.99
CA LYS F 3089 71.74 132.52 -7.34
C LYS F 3089 71.92 132.92 -8.79
N ALA F 3090 73.17 133.07 -9.22
CA ALA F 3090 73.44 133.46 -10.60
C ALA F 3090 72.94 132.41 -11.58
N GLY F 3091 73.15 131.13 -11.27
CA GLY F 3091 72.66 130.09 -12.16
C GLY F 3091 71.15 130.11 -12.32
N LEU F 3092 70.43 130.18 -11.21
CA LEU F 3092 68.96 130.18 -11.28
C LEU F 3092 68.43 131.43 -11.97
N ARG F 3093 68.99 132.60 -11.63
CA ARG F 3093 68.55 133.82 -12.29
C ARG F 3093 68.84 133.77 -13.79
N SER F 3094 70.07 133.44 -14.17
CA SER F 3094 70.42 133.32 -15.58
C SER F 3094 69.53 132.31 -16.28
N PHE F 3095 69.06 131.28 -15.57
CA PHE F 3095 68.07 130.39 -16.15
C PHE F 3095 66.77 131.14 -16.43
N PHE F 3096 66.34 131.99 -15.50
CA PHE F 3096 65.13 132.78 -15.75
C PHE F 3096 65.29 133.70 -16.96
N GLU F 3097 66.38 134.46 -17.02
CA GLU F 3097 66.58 135.33 -18.19
C GLU F 3097 66.81 134.53 -19.46
N SER F 3098 67.31 133.30 -19.34
CA SER F 3098 67.44 132.44 -20.52
C SER F 3098 66.07 132.05 -21.04
N ALA F 3099 65.17 131.62 -20.14
CA ALA F 3099 63.81 131.31 -20.55
C ALA F 3099 63.14 132.51 -21.19
N SER F 3100 63.33 133.70 -20.60
CA SER F 3100 62.77 134.90 -21.22
C SER F 3100 63.33 135.12 -22.62
N GLU F 3101 64.65 135.27 -22.74
CA GLU F 3101 65.23 135.56 -24.05
C GLU F 3101 64.83 134.51 -25.08
N ASP F 3102 64.62 133.26 -24.64
CA ASP F 3102 63.99 132.28 -25.52
C ASP F 3102 62.59 132.70 -25.92
N ILE F 3103 61.80 133.24 -24.99
CA ILE F 3103 60.42 133.59 -25.35
C ILE F 3103 60.41 134.79 -26.31
N GLU F 3104 61.35 135.74 -26.15
CA GLU F 3104 61.40 136.83 -27.12
C GLU F 3104 61.91 136.35 -28.48
N LYS F 3105 62.90 135.46 -28.50
CA LYS F 3105 63.29 134.86 -29.78
C LYS F 3105 62.12 134.11 -30.41
N MET F 3106 61.29 133.49 -29.58
CA MET F 3106 60.15 132.73 -30.07
C MET F 3106 59.09 133.64 -30.67
N VAL F 3107 58.79 134.75 -29.98
CA VAL F 3107 57.81 135.70 -30.51
C VAL F 3107 58.35 136.38 -31.75
N GLU F 3108 59.67 136.53 -31.85
CA GLU F 3108 60.27 137.00 -33.10
C GLU F 3108 60.06 135.97 -34.21
N ASN F 3109 60.26 134.69 -33.90
CA ASN F 3109 60.02 133.64 -34.88
C ASN F 3109 58.57 133.65 -35.35
N LEU F 3110 57.65 134.05 -34.46
CA LEU F 3110 56.26 134.19 -34.88
C LEU F 3110 56.04 135.50 -35.65
N ARG F 3111 56.90 136.50 -35.40
CA ARG F 3111 56.90 137.68 -36.26
C ARG F 3111 57.35 137.32 -37.67
N LEU F 3112 58.08 136.21 -37.80
CA LEU F 3112 58.58 135.65 -39.06
C LEU F 3112 59.72 136.46 -39.66
N GLY F 3113 60.45 137.23 -38.86
CA GLY F 3113 61.68 137.81 -39.34
C GLY F 3113 62.68 136.75 -39.76
N LYS F 3114 62.79 135.68 -38.96
CA LYS F 3114 63.57 134.52 -39.35
C LYS F 3114 62.85 133.77 -40.46
N VAL F 3115 63.63 133.04 -41.26
CA VAL F 3115 63.06 132.39 -42.46
C VAL F 3115 62.01 131.35 -42.07
N SER F 3116 62.24 130.61 -41.00
CA SER F 3116 61.32 129.59 -40.51
C SER F 3116 60.94 128.59 -41.59
N LYS F 3123 69.98 124.34 -38.61
CA LYS F 3123 70.46 125.68 -38.24
C LYS F 3123 70.31 125.93 -36.74
N GLY F 3124 71.23 126.73 -36.20
CA GLY F 3124 71.24 126.97 -34.76
C GLY F 3124 69.93 127.54 -34.25
N VAL F 3125 69.34 128.46 -35.00
CA VAL F 3125 68.01 128.96 -34.65
C VAL F 3125 66.99 127.83 -34.71
N GLY F 3126 67.22 126.85 -35.59
CA GLY F 3126 66.33 125.70 -35.65
C GLY F 3126 66.41 124.83 -34.39
N GLN F 3127 67.63 124.56 -33.93
CA GLN F 3127 67.76 123.81 -32.68
C GLN F 3127 67.20 124.60 -31.50
N ASN F 3128 67.39 125.92 -31.51
CA ASN F 3128 66.78 126.74 -30.47
C ASN F 3128 65.26 126.65 -30.52
N LEU F 3129 64.69 126.66 -31.73
CA LEU F 3129 63.26 126.56 -31.92
C LEU F 3129 62.72 125.25 -31.34
N THR F 3130 63.33 124.13 -31.75
CA THR F 3130 62.84 122.83 -31.27
C THR F 3130 63.07 122.68 -29.77
N TYR F 3131 64.21 123.14 -29.26
CA TYR F 3131 64.46 123.12 -27.82
C TYR F 3131 63.38 123.87 -27.06
N THR F 3132 63.08 125.11 -27.49
CA THR F 3132 62.06 125.88 -26.82
C THR F 3132 60.72 125.15 -26.85
N THR F 3133 60.28 124.77 -28.05
CA THR F 3133 58.95 124.19 -28.21
C THR F 3133 58.80 122.87 -27.45
N VAL F 3134 59.90 122.13 -27.28
CA VAL F 3134 59.79 120.81 -26.65
C VAL F 3134 59.95 120.91 -25.14
N ALA F 3135 60.86 121.76 -24.66
CA ALA F 3135 61.25 121.76 -23.26
C ALA F 3135 60.78 122.98 -22.49
N LEU F 3136 60.93 124.18 -23.06
CA LEU F 3136 60.78 125.40 -22.26
C LEU F 3136 59.38 125.50 -21.66
N LEU F 3137 58.34 125.36 -22.48
CA LEU F 3137 56.99 125.42 -21.97
C LEU F 3137 56.67 124.31 -20.97
N PRO F 3138 57.01 123.03 -21.21
CA PRO F 3138 56.79 122.02 -20.16
C PRO F 3138 57.60 122.26 -18.90
N VAL F 3139 58.88 122.62 -19.04
CA VAL F 3139 59.71 122.84 -17.86
C VAL F 3139 59.22 124.04 -17.07
N LEU F 3140 58.97 125.16 -17.75
CA LEU F 3140 58.41 126.33 -17.06
C LEU F 3140 57.05 126.00 -16.44
N THR F 3141 56.26 125.19 -17.13
CA THR F 3141 54.97 124.75 -16.60
C THR F 3141 55.11 124.02 -15.28
N THR F 3142 56.00 123.01 -15.23
CA THR F 3142 56.23 122.28 -14.00
C THR F 3142 56.80 123.18 -12.91
N LEU F 3143 57.72 124.08 -13.28
CA LEU F 3143 58.14 125.11 -12.35
C LEU F 3143 56.93 125.82 -11.75
N PHE F 3144 56.00 126.25 -12.60
CA PHE F 3144 54.84 126.99 -12.12
C PHE F 3144 54.02 126.17 -11.12
N GLN F 3145 53.65 124.94 -11.49
CA GLN F 3145 52.83 124.15 -10.58
C GLN F 3145 53.53 123.93 -9.24
N HIS F 3146 54.76 123.42 -9.27
CA HIS F 3146 55.40 123.10 -7.99
C HIS F 3146 55.64 124.36 -7.17
N ILE F 3147 56.07 125.44 -7.82
CA ILE F 3147 56.49 126.63 -7.10
C ILE F 3147 55.27 127.31 -6.48
N ALA F 3148 54.13 127.27 -7.18
CA ALA F 3148 52.91 127.87 -6.63
C ALA F 3148 52.29 127.00 -5.55
N GLN F 3149 52.29 125.67 -5.75
CA GLN F 3149 51.77 124.78 -4.73
C GLN F 3149 52.57 124.89 -3.44
N HIS F 3150 53.88 125.09 -3.56
CA HIS F 3150 54.72 125.25 -2.38
C HIS F 3150 54.74 126.69 -1.90
N GLN F 3151 54.21 127.61 -2.70
CA GLN F 3151 54.21 129.06 -2.49
C GLN F 3151 55.63 129.58 -2.41
N PHE F 3152 56.64 128.84 -2.89
CA PHE F 3152 58.02 129.31 -2.82
C PHE F 3152 58.21 130.54 -3.71
N GLY F 3153 57.43 130.62 -4.79
CA GLY F 3153 57.59 131.72 -5.73
C GLY F 3153 57.29 133.07 -5.12
N ASP F 3154 56.34 133.11 -4.18
CA ASP F 3154 55.98 134.39 -3.55
C ASP F 3154 57.20 135.09 -2.98
N ASP F 3155 58.17 134.31 -2.50
CA ASP F 3155 59.41 134.93 -2.01
C ASP F 3155 60.48 134.94 -3.09
N VAL F 3156 60.53 133.91 -3.93
CA VAL F 3156 61.62 133.79 -4.91
C VAL F 3156 61.57 134.94 -5.92
N ILE F 3157 60.38 135.21 -6.46
CA ILE F 3157 60.21 136.16 -7.54
C ILE F 3157 60.21 137.57 -6.96
N LEU F 3158 61.37 138.26 -7.04
CA LEU F 3158 61.52 139.56 -6.40
C LEU F 3158 61.71 140.70 -7.38
N ASP F 3159 62.78 140.71 -8.18
CA ASP F 3159 62.95 141.80 -9.15
C ASP F 3159 63.17 141.32 -10.58
N ASP F 3160 64.21 140.51 -10.79
CA ASP F 3160 64.59 140.15 -12.15
C ASP F 3160 63.64 139.15 -12.75
N VAL F 3161 63.10 138.24 -11.91
CA VAL F 3161 62.07 137.34 -12.39
C VAL F 3161 60.82 138.13 -12.74
N GLN F 3162 60.54 139.20 -11.98
CA GLN F 3162 59.48 140.12 -12.37
C GLN F 3162 59.71 140.69 -13.75
N VAL F 3163 60.93 141.18 -14.01
CA VAL F 3163 61.20 141.80 -15.31
C VAL F 3163 61.04 140.78 -16.43
N SER F 3164 61.63 139.59 -16.26
CA SER F 3164 61.56 138.58 -17.31
C SER F 3164 60.13 138.11 -17.54
N CYS F 3165 59.38 137.87 -16.46
CA CYS F 3165 58.01 137.39 -16.61
C CYS F 3165 57.09 138.47 -17.16
N TYR F 3166 57.39 139.74 -16.87
CA TYR F 3166 56.59 140.82 -17.45
C TYR F 3166 56.85 140.94 -18.94
N ARG F 3167 58.11 140.88 -19.36
CA ARG F 3167 58.41 140.86 -20.78
C ARG F 3167 57.72 139.67 -21.46
N THR F 3168 57.78 138.50 -20.83
CA THR F 3168 57.12 137.31 -21.37
C THR F 3168 55.62 137.50 -21.50
N LEU F 3169 54.98 138.01 -20.44
CA LEU F 3169 53.53 138.20 -20.46
C LEU F 3169 53.12 139.18 -21.54
N CYS F 3170 53.88 140.27 -21.69
CA CYS F 3170 53.59 141.22 -22.75
C CYS F 3170 53.71 140.55 -24.11
N SER F 3171 54.73 139.71 -24.27
CA SER F 3171 54.95 139.05 -25.56
C SER F 3171 53.79 138.13 -25.93
N ILE F 3172 53.38 137.26 -24.99
CA ILE F 3172 52.25 136.38 -25.30
C ILE F 3172 50.93 137.16 -25.42
N TYR F 3173 50.81 138.30 -24.73
CA TYR F 3173 49.62 139.12 -24.97
C TYR F 3173 49.61 139.69 -26.39
N SER F 3174 50.77 140.15 -26.87
CA SER F 3174 50.87 140.63 -28.24
C SER F 3174 50.59 139.51 -29.23
N LEU F 3175 51.08 138.31 -28.93
CA LEU F 3175 50.81 137.16 -29.80
C LEU F 3175 49.33 136.77 -29.78
N GLY F 3176 48.67 136.96 -28.64
CA GLY F 3176 47.23 136.77 -28.60
C GLY F 3176 46.49 137.76 -29.47
N THR F 3177 46.89 139.04 -29.40
CA THR F 3177 46.31 140.03 -30.30
C THR F 3177 46.59 139.67 -31.75
N THR F 3178 47.77 139.11 -32.03
CA THR F 3178 48.12 138.68 -33.38
C THR F 3178 47.45 137.35 -33.71
N LYS F 3179 47.25 137.10 -35.00
CA LYS F 3179 46.72 135.83 -35.48
C LYS F 3179 47.68 135.27 -36.52
N ASN F 3180 47.86 133.95 -36.51
CA ASN F 3180 48.80 133.29 -37.40
C ASN F 3180 48.45 131.81 -37.50
N THR F 3181 49.11 131.13 -38.44
CA THR F 3181 48.90 129.69 -38.60
C THR F 3181 49.77 128.91 -37.62
N TYR F 3182 51.03 129.33 -37.45
CA TYR F 3182 51.91 128.64 -36.51
C TYR F 3182 51.40 128.76 -35.08
N VAL F 3183 50.87 129.93 -34.72
CA VAL F 3183 50.43 130.16 -33.34
C VAL F 3183 49.28 129.23 -32.98
N GLU F 3184 48.56 128.73 -33.99
CA GLU F 3184 47.42 127.85 -33.74
C GLU F 3184 47.82 126.63 -32.92
N LYS F 3185 49.05 126.14 -33.12
CA LYS F 3185 49.54 125.06 -32.26
C LYS F 3185 50.20 125.62 -31.00
N LEU F 3186 50.66 126.87 -31.05
CA LEU F 3186 51.27 127.49 -29.88
C LEU F 3186 50.20 127.91 -28.87
N ARG F 3187 49.04 128.38 -29.35
CA ARG F 3187 48.04 128.92 -28.44
C ARG F 3187 47.61 127.96 -27.34
N PRO F 3188 47.39 126.66 -27.58
CA PRO F 3188 47.10 125.77 -26.43
C PRO F 3188 48.22 125.75 -25.40
N ALA F 3189 49.43 125.41 -25.84
CA ALA F 3189 50.55 125.29 -24.92
C ALA F 3189 50.91 126.64 -24.29
N LEU F 3190 50.96 127.69 -25.10
CA LEU F 3190 51.28 129.01 -24.56
C LEU F 3190 50.23 129.47 -23.57
N GLY F 3191 48.96 129.24 -23.89
CA GLY F 3191 47.89 129.65 -22.98
C GLY F 3191 47.94 128.91 -21.66
N GLU F 3192 48.12 127.59 -21.70
CA GLU F 3192 48.21 126.84 -20.45
C GLU F 3192 49.45 127.23 -19.65
N CYS F 3193 50.57 127.47 -20.34
CA CYS F 3193 51.78 127.89 -19.66
C CYS F 3193 51.60 129.23 -18.96
N LEU F 3194 51.00 130.20 -19.65
CA LEU F 3194 50.76 131.50 -19.03
C LEU F 3194 49.77 131.40 -17.88
N ALA F 3195 48.72 130.60 -18.05
CA ALA F 3195 47.75 130.42 -16.98
C ALA F 3195 48.41 129.85 -15.74
N ARG F 3196 49.24 128.82 -15.90
CA ARG F 3196 49.91 128.23 -14.75
C ARG F 3196 50.97 129.18 -14.19
N LEU F 3197 51.52 130.05 -15.05
CA LEU F 3197 52.40 131.11 -14.57
C LEU F 3197 51.66 132.05 -13.62
N ALA F 3198 50.38 132.31 -13.91
CA ALA F 3198 49.61 133.24 -13.08
C ALA F 3198 49.49 132.77 -11.64
N ALA F 3199 49.53 131.46 -11.40
CA ALA F 3199 49.36 130.94 -10.05
C ALA F 3199 50.63 131.11 -9.22
N ALA F 3200 51.79 131.17 -9.89
CA ALA F 3200 53.05 131.32 -9.16
C ALA F 3200 53.46 132.77 -9.06
N MET F 3201 53.47 133.47 -10.18
CA MET F 3201 53.81 134.88 -10.27
C MET F 3201 53.15 135.66 -9.14
N PRO F 3202 53.92 136.28 -8.24
CA PRO F 3202 53.31 136.82 -7.01
C PRO F 3202 52.90 138.28 -7.06
N VAL F 3203 53.31 139.05 -8.08
CA VAL F 3203 53.03 140.49 -8.08
C VAL F 3203 51.98 140.86 -9.12
N ALA F 3204 50.86 141.39 -8.64
CA ALA F 3204 49.68 141.64 -9.47
C ALA F 3204 49.97 142.76 -10.46
N PHE F 3205 49.98 142.40 -11.76
CA PHE F 3205 50.16 143.41 -12.81
C PHE F 3205 48.83 144.05 -13.18
N LEU F 3206 47.74 143.55 -12.59
CA LEU F 3206 46.42 143.95 -13.06
C LEU F 3206 45.89 145.15 -12.27
N GLU F 3207 46.12 145.18 -10.97
CA GLU F 3207 45.65 146.28 -10.13
C GLU F 3207 46.81 147.24 -9.88
N PRO F 3208 46.86 148.40 -10.55
CA PRO F 3208 48.02 149.28 -10.36
C PRO F 3208 48.09 149.93 -8.99
N GLN F 3209 47.00 150.57 -8.54
CA GLN F 3209 47.03 151.28 -7.26
C GLN F 3209 47.31 150.32 -6.11
N LEU F 3210 46.63 149.18 -6.10
CA LEU F 3210 46.90 148.17 -5.10
C LEU F 3210 48.29 147.58 -5.28
N ASN F 3211 48.84 147.68 -6.50
CA ASN F 3211 50.22 147.23 -6.71
C ASN F 3211 51.22 148.11 -5.98
N GLU F 3212 51.10 149.44 -6.09
CA GLU F 3212 52.07 150.25 -5.33
C GLU F 3212 51.75 150.22 -3.84
N TYR F 3213 50.48 150.00 -3.48
CA TYR F 3213 50.15 149.82 -2.06
C TYR F 3213 50.78 148.54 -1.52
N ASN F 3214 50.90 147.51 -2.35
CA ASN F 3214 51.52 146.26 -1.92
C ASN F 3214 53.02 146.48 -1.66
N ALA F 3215 53.50 145.90 -0.55
CA ALA F 3215 54.91 146.04 -0.22
C ALA F 3215 55.76 145.03 -1.00
N CYS F 3216 55.13 144.03 -1.59
CA CYS F 3216 55.84 143.00 -2.35
C CYS F 3216 55.83 143.37 -3.84
N SER F 3217 56.47 144.49 -4.13
CA SER F 3217 56.63 144.96 -5.50
C SER F 3217 58.08 145.42 -5.69
N VAL F 3218 58.51 145.44 -6.96
CA VAL F 3218 59.88 145.84 -7.26
C VAL F 3218 60.14 147.27 -6.80
N TYR F 3219 59.11 148.12 -6.85
CA TYR F 3219 59.30 149.53 -6.49
C TYR F 3219 59.49 149.69 -4.99
N THR F 3220 58.77 148.91 -4.20
CA THR F 3220 58.96 148.97 -2.74
C THR F 3220 60.25 148.29 -2.32
N THR F 3221 60.60 147.17 -2.96
CA THR F 3221 61.86 146.50 -2.64
C THR F 3221 63.05 147.39 -2.97
N LYS F 3222 63.04 148.03 -4.13
CA LYS F 3222 64.07 148.98 -4.51
C LYS F 3222 63.42 150.21 -5.13
N SER F 3223 63.78 151.38 -4.62
CA SER F 3223 63.32 152.62 -5.18
C SER F 3223 63.96 152.83 -6.56
N PRO F 3224 63.40 153.70 -7.39
CA PRO F 3224 63.91 153.83 -8.77
C PRO F 3224 65.40 154.16 -8.84
N ARG F 3225 65.96 154.83 -7.83
CA ARG F 3225 67.39 155.12 -7.88
C ARG F 3225 68.21 153.84 -7.75
N GLU F 3226 67.76 152.91 -6.91
CA GLU F 3226 68.31 151.55 -6.95
C GLU F 3226 67.90 150.90 -8.27
N ARG F 3227 68.75 150.02 -8.78
CA ARG F 3227 68.57 149.28 -10.03
C ARG F 3227 68.28 150.21 -11.21
N ALA F 3228 68.57 151.51 -11.09
CA ALA F 3228 68.39 152.43 -12.20
C ALA F 3228 69.31 152.06 -13.37
N ILE F 3229 70.35 151.28 -13.09
CA ILE F 3229 71.18 150.73 -14.16
C ILE F 3229 70.34 149.84 -15.07
N LEU F 3230 69.26 149.28 -14.55
CA LEU F 3230 68.25 148.58 -15.33
C LEU F 3230 67.07 149.52 -15.55
N GLY F 3231 66.31 149.26 -16.61
CA GLY F 3231 65.19 150.13 -16.95
C GLY F 3231 64.12 150.22 -15.89
N LEU F 3232 63.78 151.45 -15.49
CA LEU F 3232 62.73 151.71 -14.52
C LEU F 3232 61.47 152.18 -15.22
N PRO F 3233 60.39 151.41 -15.17
CA PRO F 3233 59.14 151.85 -15.83
C PRO F 3233 58.42 152.96 -15.09
N ASN F 3234 58.49 152.97 -13.75
CA ASN F 3234 57.80 153.87 -12.84
C ASN F 3234 56.29 153.66 -12.85
N SER F 3235 55.78 152.70 -13.63
CA SER F 3235 54.36 152.38 -13.68
C SER F 3235 54.17 151.00 -14.32
N VAL F 3236 53.20 150.24 -13.82
CA VAL F 3236 52.87 148.96 -14.43
C VAL F 3236 52.31 149.17 -15.83
N GLU F 3237 51.54 150.24 -16.02
CA GLU F 3237 51.09 150.60 -17.36
C GLU F 3237 52.27 150.87 -18.27
N GLU F 3238 53.30 151.55 -17.76
CA GLU F 3238 54.46 151.84 -18.59
C GLU F 3238 55.23 150.56 -18.92
N MET F 3239 55.40 149.67 -17.93
CA MET F 3239 56.20 148.47 -18.20
C MET F 3239 55.50 147.55 -19.19
N CYS F 3240 54.16 147.43 -19.12
CA CYS F 3240 53.48 146.52 -20.02
C CYS F 3240 52.11 147.11 -20.33
N PRO F 3241 52.02 148.00 -21.32
CA PRO F 3241 50.77 148.76 -21.53
C PRO F 3241 49.66 147.95 -22.20
N ASP F 3242 50.00 146.91 -22.95
CA ASP F 3242 48.99 146.21 -23.74
C ASP F 3242 47.94 145.54 -22.84
N ILE F 3243 48.35 145.03 -21.70
CA ILE F 3243 47.39 144.33 -20.83
C ILE F 3243 46.47 145.35 -20.18
N PRO F 3244 45.16 145.14 -20.19
CA PRO F 3244 44.26 146.05 -19.47
C PRO F 3244 44.15 145.69 -18.00
N VAL F 3245 43.62 146.63 -17.21
CA VAL F 3245 43.36 146.38 -15.80
C VAL F 3245 42.38 145.21 -15.66
N LEU F 3246 42.45 144.52 -14.53
CA LEU F 3246 41.60 143.34 -14.31
C LEU F 3246 40.12 143.67 -14.44
N ASP F 3247 39.70 144.83 -13.95
CA ASP F 3247 38.30 145.22 -14.08
C ASP F 3247 37.91 145.34 -15.54
N ARG F 3248 38.78 145.91 -16.36
CA ARG F 3248 38.47 146.07 -17.78
C ARG F 3248 38.52 144.71 -18.50
N LEU F 3249 39.41 143.82 -18.06
CA LEU F 3249 39.41 142.47 -18.62
C LEU F 3249 38.11 141.75 -18.29
N MET F 3250 37.62 141.90 -17.05
CA MET F 3250 36.34 141.31 -16.70
C MET F 3250 35.21 141.90 -17.54
N ALA F 3251 35.24 143.22 -17.74
CA ALA F 3251 34.22 143.86 -18.57
C ALA F 3251 34.26 143.34 -20.00
N ASP F 3252 35.47 143.22 -20.58
CA ASP F 3252 35.60 142.74 -21.94
C ASP F 3252 35.15 141.30 -22.07
N ILE F 3253 35.50 140.45 -21.10
CA ILE F 3253 35.09 139.06 -21.15
C ILE F 3253 33.59 138.93 -21.02
N GLY F 3254 32.98 139.71 -20.12
CA GLY F 3254 31.53 139.73 -20.03
C GLY F 3254 30.87 140.19 -21.31
N GLY F 3255 31.44 141.21 -21.96
CA GLY F 3255 30.90 141.68 -23.22
C GLY F 3255 30.99 140.63 -24.32
N LEU F 3256 32.14 139.97 -24.42
CA LEU F 3256 32.29 138.90 -25.41
C LEU F 3256 31.33 137.76 -25.12
N ALA F 3257 31.13 137.43 -23.84
CA ALA F 3257 30.19 136.38 -23.48
C ALA F 3257 28.78 136.73 -23.91
N GLU F 3258 28.30 137.91 -23.52
CA GLU F 3258 26.93 138.30 -23.88
C GLU F 3258 26.78 138.46 -25.39
N SER F 3259 27.88 138.78 -26.08
CA SER F 3259 27.84 138.83 -27.54
C SER F 3259 27.75 137.42 -28.13
N GLY F 3260 28.31 136.44 -27.43
CA GLY F 3260 28.32 135.08 -27.95
C GLY F 3260 29.18 134.91 -29.18
N ALA F 3261 30.35 135.55 -29.22
CA ALA F 3261 31.24 135.45 -30.37
C ALA F 3261 31.73 134.02 -30.54
N ARG F 3262 31.90 133.63 -31.80
CA ARG F 3262 32.35 132.28 -32.13
C ARG F 3262 33.79 132.08 -31.70
N TYR F 3263 34.18 130.80 -31.58
CA TYR F 3263 35.58 130.47 -31.40
C TYR F 3263 36.42 130.96 -32.57
N THR F 3264 35.88 130.90 -33.79
CA THR F 3264 36.59 131.48 -34.92
C THR F 3264 36.78 132.98 -34.75
N GLU F 3265 35.84 133.64 -34.07
CA GLU F 3265 35.96 135.07 -33.82
C GLU F 3265 37.00 135.35 -32.73
N MET F 3266 36.99 134.56 -31.67
CA MET F 3266 37.81 134.82 -30.48
C MET F 3266 38.57 133.55 -30.05
N PRO F 3267 39.37 132.97 -30.96
CA PRO F 3267 40.10 131.74 -30.59
C PRO F 3267 41.21 131.98 -29.59
N HIS F 3268 42.08 132.95 -29.88
CA HIS F 3268 43.21 133.25 -29.02
C HIS F 3268 42.77 133.61 -27.61
N VAL F 3269 41.63 134.28 -27.48
CA VAL F 3269 41.17 134.68 -26.16
C VAL F 3269 40.87 133.45 -25.31
N ILE F 3270 40.07 132.52 -25.83
CA ILE F 3270 39.76 131.30 -25.08
C ILE F 3270 41.01 130.43 -24.94
N GLU F 3271 41.97 130.59 -25.84
CA GLU F 3271 43.19 129.79 -25.77
C GLU F 3271 44.09 130.24 -24.62
N ILE F 3272 44.24 131.56 -24.42
CA ILE F 3272 45.22 132.11 -23.50
C ILE F 3272 44.57 132.95 -22.42
N THR F 3273 43.81 133.98 -22.81
CA THR F 3273 43.33 134.97 -21.85
C THR F 3273 42.33 134.36 -20.87
N LEU F 3274 41.40 133.55 -21.38
CA LEU F 3274 40.45 132.89 -20.48
C LEU F 3274 41.13 131.96 -19.48
N PRO F 3275 42.04 131.06 -19.88
CA PRO F 3275 42.81 130.33 -18.85
C PRO F 3275 43.62 131.25 -17.97
N MET F 3276 44.19 132.32 -18.55
CA MET F 3276 44.92 133.30 -17.75
C MET F 3276 44.04 133.86 -16.65
N LEU F 3277 42.86 134.36 -16.98
CA LEU F 3277 41.96 134.94 -15.99
C LEU F 3277 41.47 133.88 -14.99
N CYS F 3278 41.17 132.68 -15.49
CA CYS F 3278 40.66 131.61 -14.62
C CYS F 3278 41.70 131.20 -13.59
N SER F 3279 42.97 131.10 -14.00
CA SER F 3279 44.02 130.76 -13.03
C SER F 3279 44.39 131.95 -12.17
N TYR F 3280 44.18 133.17 -12.68
CA TYR F 3280 44.51 134.36 -11.90
C TYR F 3280 43.57 134.55 -10.74
N LEU F 3281 42.27 134.72 -11.02
CA LEU F 3281 41.36 135.28 -10.02
C LEU F 3281 41.35 134.53 -8.69
N PRO F 3282 41.19 133.20 -8.63
CA PRO F 3282 41.21 132.54 -7.31
C PRO F 3282 42.56 132.64 -6.61
N ARG F 3283 43.66 132.59 -7.37
CA ARG F 3283 44.99 132.65 -6.77
C ARG F 3283 45.26 134.03 -6.16
N TRP F 3284 44.50 135.03 -6.59
CA TRP F 3284 44.75 136.39 -6.11
C TRP F 3284 43.64 136.86 -5.17
N TRP F 3285 42.55 136.09 -5.10
CA TRP F 3285 41.40 136.52 -4.31
C TRP F 3285 41.72 136.54 -2.82
N GLU F 3286 42.50 135.57 -2.33
CA GLU F 3286 42.58 135.34 -0.89
C GLU F 3286 43.20 136.52 -0.15
N ARG F 3287 44.09 137.28 -0.81
CA ARG F 3287 44.53 138.54 -0.21
C ARG F 3287 43.75 139.72 -0.78
N GLY F 3288 42.86 139.47 -1.73
CA GLY F 3288 42.05 140.52 -2.31
C GLY F 3288 40.82 140.81 -1.46
N PRO F 3289 39.96 141.70 -1.95
CA PRO F 3289 38.73 142.01 -1.22
C PRO F 3289 37.75 140.85 -1.26
N GLU F 3290 36.82 140.86 -0.30
CA GLU F 3290 35.77 139.87 -0.08
C GLU F 3290 36.32 138.53 0.39
N ALA F 3291 37.63 138.39 0.52
CA ALA F 3291 38.23 137.20 1.09
C ALA F 3291 38.36 137.35 2.60
N PRO F 3292 38.34 136.24 3.34
CA PRO F 3292 38.52 136.32 4.79
C PRO F 3292 39.94 136.70 5.15
N PRO F 3293 40.16 137.91 5.66
CA PRO F 3293 41.51 138.36 5.94
C PRO F 3293 41.90 138.11 7.38
N PRO F 3294 43.15 137.71 7.63
CA PRO F 3294 43.64 137.70 9.01
C PRO F 3294 43.74 139.13 9.54
N ALA F 3295 43.53 139.28 10.85
CA ALA F 3295 43.39 140.62 11.42
C ALA F 3295 44.67 141.44 11.27
N LEU F 3296 45.80 140.90 11.71
CA LEU F 3296 47.05 141.66 11.65
C LEU F 3296 47.50 141.95 10.23
N PRO F 3297 47.57 140.98 9.30
CA PRO F 3297 47.90 141.34 7.91
C PRO F 3297 46.88 142.28 7.28
N ALA F 3298 45.61 142.17 7.67
CA ALA F 3298 44.57 143.00 7.06
C ALA F 3298 44.69 144.46 7.51
N GLY F 3299 45.01 144.69 8.78
CA GLY F 3299 45.01 146.04 9.28
C GLY F 3299 46.32 146.78 9.09
N ALA F 3300 46.41 147.53 7.97
CA ALA F 3300 47.43 148.50 7.55
C ALA F 3300 47.45 148.58 6.02
N PRO F 3301 47.73 147.50 5.28
CA PRO F 3301 47.83 147.62 3.83
C PRO F 3301 46.52 147.30 3.15
N PRO F 3302 46.19 148.00 2.07
CA PRO F 3302 45.03 147.63 1.26
C PRO F 3302 45.29 146.33 0.52
N PRO F 3303 44.24 145.62 0.10
CA PRO F 3303 44.44 144.34 -0.57
C PRO F 3303 45.26 144.50 -1.85
N CYS F 3304 46.07 143.49 -2.16
CA CYS F 3304 46.99 143.57 -3.29
C CYS F 3304 46.22 143.51 -4.62
N THR F 3305 45.08 142.83 -4.64
CA THR F 3305 44.28 142.75 -5.85
C THR F 3305 42.88 143.29 -5.62
N ALA F 3306 42.08 143.31 -6.67
CA ALA F 3306 40.67 143.65 -6.61
C ALA F 3306 39.76 142.45 -6.87
N VAL F 3307 40.30 141.24 -6.78
CA VAL F 3307 39.50 140.04 -7.06
C VAL F 3307 38.49 139.83 -5.95
N THR F 3308 37.23 139.61 -6.33
CA THR F 3308 36.15 139.44 -5.37
C THR F 3308 35.39 138.16 -5.67
N SER F 3309 34.55 137.77 -4.69
CA SER F 3309 33.71 136.59 -4.86
C SER F 3309 32.73 136.78 -6.00
N ASP F 3310 32.10 137.96 -6.08
CA ASP F 3310 31.20 138.21 -7.20
C ASP F 3310 31.97 138.41 -8.50
N HIS F 3311 33.26 138.76 -8.40
CA HIS F 3311 34.11 138.76 -9.59
C HIS F 3311 34.28 137.33 -10.13
N LEU F 3312 34.55 136.38 -9.23
CA LEU F 3312 34.58 134.98 -9.64
C LEU F 3312 33.23 134.54 -10.18
N ASN F 3313 32.14 134.99 -9.56
CA ASN F 3313 30.81 134.63 -10.03
C ASN F 3313 30.57 135.15 -11.44
N SER F 3314 30.99 136.40 -11.72
CA SER F 3314 30.81 136.96 -13.05
C SER F 3314 31.67 136.24 -14.08
N LEU F 3315 32.91 135.92 -13.72
CA LEU F 3315 33.77 135.15 -14.63
C LEU F 3315 33.17 133.78 -14.91
N LEU F 3316 32.61 133.14 -13.88
CA LEU F 3316 31.95 131.85 -14.07
C LEU F 3316 30.75 131.97 -14.99
N GLY F 3317 29.95 133.02 -14.82
CA GLY F 3317 28.81 133.22 -15.70
C GLY F 3317 29.23 133.44 -17.13
N ASN F 3318 30.28 134.22 -17.35
CA ASN F 3318 30.81 134.41 -18.70
C ASN F 3318 31.30 133.09 -19.29
N ILE F 3319 31.98 132.28 -18.49
CA ILE F 3319 32.47 130.99 -18.97
C ILE F 3319 31.30 130.09 -19.34
N LEU F 3320 30.27 130.05 -18.50
CA LEU F 3320 29.09 129.23 -18.78
C LEU F 3320 28.39 129.68 -20.05
N ARG F 3321 28.25 130.99 -20.25
CA ARG F 3321 27.54 131.44 -21.43
C ARG F 3321 28.39 131.24 -22.68
N ILE F 3322 29.72 131.34 -22.54
CA ILE F 3322 30.61 130.93 -23.63
C ILE F 3322 30.38 129.47 -23.98
N ILE F 3323 30.20 128.63 -22.96
CA ILE F 3323 29.94 127.21 -23.18
C ILE F 3323 28.65 127.03 -23.97
N VAL F 3324 27.58 127.75 -23.58
CA VAL F 3324 26.31 127.55 -24.27
C VAL F 3324 26.37 128.08 -25.69
N ASN F 3325 27.14 129.16 -25.91
CA ASN F 3325 27.31 129.66 -27.26
C ASN F 3325 28.06 128.66 -28.14
N ASN F 3326 29.08 128.02 -27.58
CA ASN F 3326 29.88 127.06 -28.35
C ASN F 3326 29.32 125.64 -28.31
N LEU F 3327 28.16 125.43 -27.67
CA LEU F 3327 27.51 124.13 -27.77
C LEU F 3327 27.24 123.76 -29.23
N GLY F 3328 27.04 124.76 -30.09
CA GLY F 3328 26.75 124.48 -31.49
C GLY F 3328 27.91 123.82 -32.21
N ILE F 3329 29.14 124.23 -31.90
CA ILE F 3329 30.31 123.61 -32.50
C ILE F 3329 30.39 122.15 -32.08
N ASP F 3330 30.77 121.29 -33.02
CA ASP F 3330 30.72 119.85 -32.76
C ASP F 3330 31.88 119.39 -31.87
N GLU F 3331 33.11 119.56 -32.32
CA GLU F 3331 34.29 119.04 -31.64
C GLU F 3331 35.17 120.21 -31.23
N ALA F 3332 35.61 120.21 -29.97
CA ALA F 3332 36.45 121.27 -29.42
C ALA F 3332 37.42 120.66 -28.39
N THR F 3333 38.65 120.41 -28.84
CA THR F 3333 39.71 120.04 -27.90
C THR F 3333 40.05 121.21 -26.99
N TRP F 3334 39.82 122.43 -27.47
CA TRP F 3334 40.04 123.60 -26.61
C TRP F 3334 39.04 123.65 -25.46
N MET F 3335 37.81 123.17 -25.67
CA MET F 3335 36.91 122.93 -24.54
C MET F 3335 37.52 121.96 -23.55
N LYS F 3336 38.14 120.90 -24.07
CA LYS F 3336 38.72 119.89 -23.20
C LYS F 3336 39.85 120.47 -22.36
N ARG F 3337 40.68 121.31 -22.97
CA ARG F 3337 41.77 121.94 -22.23
C ARG F 3337 41.26 123.01 -21.27
N LEU F 3338 40.18 123.71 -21.65
CA LEU F 3338 39.66 124.77 -20.78
C LEU F 3338 38.96 124.18 -19.56
N ALA F 3339 38.45 122.95 -19.69
CA ALA F 3339 37.73 122.33 -18.58
C ALA F 3339 38.64 122.15 -17.37
N VAL F 3340 39.87 121.68 -17.57
CA VAL F 3340 40.76 121.43 -16.44
C VAL F 3340 41.15 122.75 -15.77
N PHE F 3341 41.31 123.82 -16.55
CA PHE F 3341 41.60 125.12 -15.96
C PHE F 3341 40.40 125.63 -15.18
N ALA F 3342 39.18 125.37 -15.67
CA ALA F 3342 37.99 125.81 -14.96
C ALA F 3342 37.74 124.96 -13.72
N GLN F 3343 38.38 123.79 -13.64
CA GLN F 3343 38.14 122.89 -12.52
C GLN F 3343 38.30 123.54 -11.14
N PRO F 3344 39.38 124.28 -10.84
CA PRO F 3344 39.52 124.79 -9.46
C PRO F 3344 38.62 125.97 -9.14
N ILE F 3345 38.07 126.65 -10.14
CA ILE F 3345 37.55 128.00 -9.92
C ILE F 3345 36.04 127.98 -9.67
N VAL F 3346 35.36 126.94 -10.16
CA VAL F 3346 33.90 126.98 -10.25
C VAL F 3346 33.27 126.96 -8.87
N SER F 3347 33.87 126.24 -7.92
CA SER F 3347 33.20 125.95 -6.66
C SER F 3347 32.97 127.21 -5.82
N ARG F 3348 33.59 128.33 -6.20
CA ARG F 3348 33.57 129.50 -5.32
C ARG F 3348 32.23 130.25 -5.39
N ALA F 3349 31.47 130.04 -6.46
CA ALA F 3349 30.28 130.86 -6.68
C ALA F 3349 29.07 130.30 -5.92
N ARG F 3350 27.89 130.84 -6.24
CA ARG F 3350 26.71 130.63 -5.41
C ARG F 3350 25.60 129.88 -6.17
N PRO F 3351 24.73 129.16 -5.46
CA PRO F 3351 23.70 128.38 -6.15
C PRO F 3351 22.65 129.22 -6.86
N GLU F 3352 22.56 130.50 -6.53
CA GLU F 3352 21.70 131.38 -7.32
C GLU F 3352 22.16 131.43 -8.77
N LEU F 3353 23.48 131.53 -8.99
CA LEU F 3353 24.02 131.42 -10.33
C LEU F 3353 23.75 130.04 -10.92
N LEU F 3354 23.88 128.99 -10.10
CA LEU F 3354 23.55 127.65 -10.57
C LEU F 3354 22.18 127.61 -11.20
N HIS F 3355 21.15 127.97 -10.44
CA HIS F 3355 19.82 128.03 -11.04
C HIS F 3355 19.81 128.93 -12.26
N SER F 3356 20.08 130.22 -12.06
CA SER F 3356 19.80 131.23 -13.07
C SER F 3356 20.46 130.93 -14.40
N HIS F 3357 21.60 130.24 -14.39
CA HIS F 3357 22.23 129.97 -15.68
C HIS F 3357 22.22 128.49 -16.04
N PHE F 3358 22.67 127.60 -15.15
CA PHE F 3358 22.68 126.18 -15.48
C PHE F 3358 21.30 125.66 -15.88
N ILE F 3359 20.23 126.11 -15.20
CA ILE F 3359 18.90 125.60 -15.52
C ILE F 3359 18.59 125.80 -17.00
N PRO F 3360 18.82 126.98 -17.60
CA PRO F 3360 18.79 127.04 -19.08
C PRO F 3360 19.80 126.14 -19.77
N THR F 3361 21.04 126.08 -19.29
CA THR F 3361 22.06 125.27 -19.97
C THR F 3361 21.72 123.79 -19.86
N ILE F 3362 21.44 123.34 -18.64
CA ILE F 3362 21.06 121.95 -18.44
C ILE F 3362 19.78 121.64 -19.21
N GLY F 3363 18.90 122.63 -19.36
CA GLY F 3363 17.66 122.43 -20.08
C GLY F 3363 17.85 122.21 -21.57
N ARG F 3364 18.68 123.05 -22.20
CA ARG F 3364 18.96 122.86 -23.61
C ARG F 3364 19.76 121.58 -23.84
N LEU F 3365 20.60 121.23 -22.87
CA LEU F 3365 21.25 119.91 -22.90
C LEU F 3365 20.22 118.79 -22.88
N ARG F 3366 19.21 118.90 -22.01
CA ARG F 3366 18.21 117.85 -21.89
C ARG F 3366 17.36 117.74 -23.15
N LYS F 3367 17.04 118.88 -23.77
CA LYS F 3367 16.21 118.83 -24.98
C LYS F 3367 17.02 118.29 -26.16
N ARG F 3368 18.31 118.62 -26.23
CA ARG F 3368 19.15 118.05 -27.28
C ARG F 3368 19.32 116.55 -27.07
N ALA F 3369 19.47 116.12 -25.81
CA ALA F 3369 19.49 114.70 -25.51
C ALA F 3369 18.17 114.05 -25.89
N GLY F 3370 17.05 114.74 -25.66
CA GLY F 3370 15.76 114.22 -26.07
C GLY F 3370 15.67 114.02 -27.57
N LYS F 3371 16.20 114.97 -28.34
CA LYS F 3371 16.13 114.82 -29.79
C LYS F 3371 17.03 113.68 -30.28
N VAL F 3372 18.21 113.52 -29.68
CA VAL F 3372 19.10 112.45 -30.13
C VAL F 3372 18.54 111.09 -29.73
N VAL F 3373 17.89 110.99 -28.57
CA VAL F 3373 17.29 109.72 -28.19
C VAL F 3373 16.00 109.49 -28.97
N ALA F 3374 15.39 110.56 -29.48
CA ALA F 3374 14.31 110.40 -30.45
C ALA F 3374 14.83 109.78 -31.74
N GLU F 3375 16.01 110.22 -32.19
CA GLU F 3375 16.65 109.57 -33.32
C GLU F 3375 16.98 108.11 -33.01
N GLU F 3376 17.41 107.85 -31.78
CA GLU F 3376 17.68 106.46 -31.37
C GLU F 3376 16.40 105.62 -31.38
N GLU F 3377 15.28 106.21 -30.96
CA GLU F 3377 14.00 105.51 -31.02
C GLU F 3377 13.55 105.32 -32.46
N GLN F 3378 13.94 106.24 -33.35
CA GLN F 3378 13.77 106.03 -34.78
C GLN F 3378 14.54 104.78 -35.23
N LEU F 3379 15.77 104.62 -34.73
CA LEU F 3379 16.56 103.44 -35.04
C LEU F 3379 15.89 102.17 -34.52
N ARG F 3380 15.35 102.20 -33.30
CA ARG F 3380 14.59 101.05 -32.82
C ARG F 3380 13.35 100.76 -33.67
N LEU F 3381 12.58 101.80 -34.02
CA LEU F 3381 11.32 101.54 -34.71
C LEU F 3381 11.57 100.98 -36.11
N GLU F 3382 12.63 101.43 -36.77
CA GLU F 3382 13.08 100.79 -38.00
C GLU F 3382 14.59 100.63 -37.95
N ALA F 3383 15.05 99.38 -38.06
CA ALA F 3383 16.47 99.06 -38.05
C ALA F 3383 16.82 98.33 -39.33
N LYS F 3384 17.24 99.08 -40.34
CA LYS F 3384 17.51 98.51 -41.66
C LYS F 3384 18.89 98.96 -42.12
N ALA F 3385 19.22 98.61 -43.36
CA ALA F 3385 20.54 98.93 -43.91
C ALA F 3385 20.75 100.44 -44.01
N GLU F 3386 19.73 101.17 -44.48
CA GLU F 3386 19.90 102.61 -44.63
C GLU F 3386 19.87 103.32 -43.28
N ALA F 3387 19.25 102.70 -42.28
CA ALA F 3387 19.32 103.25 -40.92
C ALA F 3387 20.69 103.01 -40.31
N GLU F 3388 21.27 101.84 -40.54
CA GLU F 3388 22.62 101.55 -40.06
C GLU F 3388 23.64 102.46 -40.73
N GLU F 3389 23.52 102.66 -42.04
CA GLU F 3389 24.39 103.60 -42.73
C GLU F 3389 24.02 105.03 -42.36
N GLY F 3390 25.03 105.87 -42.18
CA GLY F 3390 24.81 107.21 -41.71
C GLY F 3390 24.57 107.32 -40.23
N GLU F 3391 24.69 106.22 -39.48
CA GLU F 3391 24.53 106.28 -38.03
C GLU F 3391 25.58 107.18 -37.40
N LEU F 3392 26.78 107.23 -37.98
CA LEU F 3392 27.82 108.09 -37.44
C LEU F 3392 27.38 109.55 -37.43
N LEU F 3393 26.49 109.92 -38.34
CA LEU F 3393 25.99 111.29 -38.38
C LEU F 3393 25.19 111.63 -37.13
N VAL F 3394 24.35 110.70 -36.66
CA VAL F 3394 23.63 110.94 -35.41
C VAL F 3394 24.54 110.65 -34.22
N ARG F 3395 25.54 109.78 -34.42
CA ARG F 3395 26.62 109.68 -33.44
C ARG F 3395 27.37 111.00 -33.33
N ASP F 3396 27.54 111.71 -34.45
CA ASP F 3396 28.13 113.05 -34.37
C ASP F 3396 27.30 113.97 -33.49
N GLU F 3397 25.98 113.83 -33.54
CA GLU F 3397 25.12 114.54 -32.59
C GLU F 3397 25.38 114.05 -31.17
N PHE F 3398 25.59 112.75 -30.99
CA PHE F 3398 26.04 112.24 -29.70
C PHE F 3398 27.46 112.71 -29.39
N SER F 3399 28.32 112.78 -30.42
CA SER F 3399 29.71 113.14 -30.20
C SER F 3399 29.84 114.56 -29.65
N VAL F 3400 29.09 115.52 -30.21
CA VAL F 3400 29.05 116.84 -29.62
C VAL F 3400 28.35 116.79 -28.26
N LEU F 3401 27.33 115.94 -28.13
CA LEU F 3401 26.72 115.74 -26.83
C LEU F 3401 27.72 115.11 -25.87
N CYS F 3402 28.55 114.17 -26.35
CA CYS F 3402 29.61 113.61 -25.52
C CYS F 3402 30.56 114.68 -25.02
N ARG F 3403 31.08 115.49 -25.95
CA ARG F 3403 31.84 116.69 -25.59
C ARG F 3403 31.18 117.47 -24.47
N ASP F 3404 29.96 117.96 -24.72
CA ASP F 3404 29.34 118.90 -23.79
C ASP F 3404 29.08 118.24 -22.44
N LEU F 3405 28.60 117.01 -22.46
CA LEU F 3405 28.19 116.33 -21.24
C LEU F 3405 29.40 115.98 -20.37
N TYR F 3406 30.45 115.43 -21.00
CA TYR F 3406 31.68 115.11 -20.27
C TYR F 3406 32.34 116.36 -19.72
N ALA F 3407 32.34 117.46 -20.49
CA ALA F 3407 32.96 118.68 -20.00
C ALA F 3407 32.11 119.35 -18.93
N LEU F 3408 30.81 119.05 -18.90
CA LEU F 3408 29.90 119.78 -18.04
C LEU F 3408 29.70 119.08 -16.70
N TYR F 3409 29.81 117.75 -16.65
CA TYR F 3409 29.68 117.08 -15.36
C TYR F 3409 30.64 117.52 -14.27
N PRO F 3410 31.96 117.64 -14.48
CA PRO F 3410 32.81 118.09 -13.36
C PRO F 3410 32.39 119.42 -12.79
N LEU F 3411 32.00 120.34 -13.69
CA LEU F 3411 31.46 121.63 -13.27
C LEU F 3411 30.31 121.46 -12.28
N LEU F 3412 29.24 120.79 -12.73
CA LEU F 3412 28.03 120.66 -11.93
C LEU F 3412 28.29 119.86 -10.66
N ILE F 3413 29.09 118.80 -10.75
CA ILE F 3413 29.41 118.00 -9.57
C ILE F 3413 30.05 118.86 -8.50
N ARG F 3414 31.20 119.47 -8.82
CA ARG F 3414 31.89 120.29 -7.83
C ARG F 3414 30.99 121.40 -7.31
N TYR F 3415 30.23 122.04 -8.20
CA TYR F 3415 29.51 123.24 -7.82
C TYR F 3415 28.30 122.89 -6.97
N VAL F 3416 27.74 121.70 -7.16
CA VAL F 3416 26.64 121.21 -6.34
C VAL F 3416 27.15 120.78 -4.97
N ASP F 3417 28.36 120.21 -4.92
CA ASP F 3417 28.91 119.77 -3.63
C ASP F 3417 28.86 120.88 -2.59
N ASN F 3418 29.19 122.11 -2.99
CA ASN F 3418 29.02 123.25 -2.10
C ASN F 3418 27.54 123.49 -1.82
N ASN F 3419 26.69 123.36 -2.84
CA ASN F 3419 25.28 123.64 -2.67
C ASN F 3419 24.54 122.45 -2.07
N ARG F 3420 25.23 121.34 -1.89
CA ARG F 3420 24.58 120.11 -1.40
C ARG F 3420 23.99 120.31 -0.01
N ALA F 3421 24.71 120.99 0.87
CA ALA F 3421 24.27 121.11 2.26
C ALA F 3421 22.93 121.82 2.38
N HIS F 3422 22.74 122.92 1.64
CA HIS F 3422 21.49 123.66 1.73
CA HIS F 3422 21.50 123.68 1.70
C HIS F 3422 20.35 122.93 1.03
N TRP F 3423 20.64 122.25 -0.08
CA TRP F 3423 19.62 121.47 -0.75
C TRP F 3423 19.14 120.31 0.11
N LEU F 3424 20.08 119.67 0.81
CA LEU F 3424 19.70 118.68 1.83
C LEU F 3424 18.95 119.35 2.97
N THR F 3425 19.35 120.58 3.32
CA THR F 3425 18.66 121.30 4.39
C THR F 3425 17.25 121.69 3.99
N GLU F 3426 17.09 122.26 2.79
CA GLU F 3426 15.79 122.73 2.32
C GLU F 3426 15.60 122.36 0.85
N PRO F 3427 14.52 121.66 0.51
CA PRO F 3427 14.24 121.36 -0.90
C PRO F 3427 14.01 122.64 -1.70
N ASN F 3428 14.75 122.78 -2.80
CA ASN F 3428 14.68 123.95 -3.66
C ASN F 3428 14.11 123.54 -5.02
N ALA F 3429 12.96 124.13 -5.38
CA ALA F 3429 12.21 123.67 -6.55
C ALA F 3429 13.09 123.61 -7.80
N ASN F 3430 13.99 124.58 -7.95
CA ASN F 3430 14.95 124.51 -9.04
C ASN F 3430 15.83 123.28 -8.92
N ALA F 3431 16.24 122.93 -7.69
CA ALA F 3431 17.06 121.75 -7.49
C ALA F 3431 16.31 120.48 -7.90
N GLU F 3432 15.04 120.37 -7.54
CA GLU F 3432 14.33 119.16 -7.96
C GLU F 3432 14.05 119.15 -9.46
N GLU F 3433 13.83 120.31 -10.08
CA GLU F 3433 13.67 120.31 -11.53
C GLU F 3433 14.94 119.80 -12.20
N LEU F 3434 16.08 120.33 -11.77
CA LEU F 3434 17.37 119.82 -12.22
C LEU F 3434 17.46 118.32 -11.99
N PHE F 3435 17.03 117.85 -10.81
CA PHE F 3435 17.04 116.42 -10.51
C PHE F 3435 16.27 115.61 -11.53
N ARG F 3436 14.99 115.93 -11.74
CA ARG F 3436 14.17 115.12 -12.65
C ARG F 3436 14.78 115.06 -14.03
N MET F 3437 15.25 116.21 -14.53
CA MET F 3437 15.70 116.28 -15.91
C MET F 3437 17.09 115.67 -16.12
N VAL F 3438 18.00 115.82 -15.15
CA VAL F 3438 19.29 115.14 -15.27
C VAL F 3438 19.12 113.64 -15.04
N GLY F 3439 18.11 113.25 -14.25
CA GLY F 3439 17.77 111.84 -14.16
C GLY F 3439 17.22 111.30 -15.47
N GLU F 3440 16.45 112.11 -16.18
CA GLU F 3440 16.01 111.72 -17.52
C GLU F 3440 17.21 111.56 -18.45
N ILE F 3441 18.19 112.45 -18.34
CA ILE F 3441 19.41 112.32 -19.15
C ILE F 3441 20.13 111.01 -18.83
N PHE F 3442 20.24 110.68 -17.53
CA PHE F 3442 20.89 109.42 -17.16
C PHE F 3442 20.09 108.21 -17.64
N ILE F 3443 18.77 108.31 -17.63
CA ILE F 3443 17.92 107.24 -18.16
C ILE F 3443 18.18 107.04 -19.64
N TYR F 3444 18.32 108.15 -20.38
CA TYR F 3444 18.66 108.07 -21.80
C TYR F 3444 20.03 107.44 -21.98
N TRP F 3445 21.00 107.79 -21.14
CA TRP F 3445 22.30 107.13 -21.16
C TRP F 3445 22.18 105.63 -21.00
N SER F 3446 21.41 105.20 -19.99
CA SER F 3446 21.27 103.76 -19.75
C SER F 3446 20.56 103.07 -20.91
N LYS F 3447 19.56 103.73 -21.49
CA LYS F 3447 18.88 103.15 -22.65
C LYS F 3447 19.80 102.99 -23.84
N SER F 3448 20.49 104.07 -24.23
CA SER F 3448 21.30 104.08 -25.44
C SER F 3448 22.65 103.44 -25.15
N HIS F 3449 22.78 102.15 -25.45
CA HIS F 3449 24.08 101.50 -25.38
C HIS F 3449 25.05 102.12 -26.38
N ASN F 3450 24.51 102.63 -27.50
CA ASN F 3450 25.32 103.39 -28.46
C ASN F 3450 26.10 104.50 -27.77
N PHE F 3451 25.43 105.27 -26.91
CA PHE F 3451 26.07 106.41 -26.28
C PHE F 3451 27.18 105.96 -25.35
N LYS F 3452 27.01 104.84 -24.66
CA LYS F 3452 28.01 104.39 -23.70
C LYS F 3452 29.33 104.04 -24.38
N ARG F 3453 29.29 103.18 -25.40
CA ARG F 3453 30.56 102.78 -26.01
C ARG F 3453 31.06 103.85 -26.97
N GLU F 3454 30.19 104.77 -27.39
CA GLU F 3454 30.70 105.94 -28.10
C GLU F 3454 31.44 106.88 -27.14
N GLU F 3455 30.95 106.97 -25.90
CA GLU F 3455 31.69 107.65 -24.85
C GLU F 3455 33.06 107.02 -24.68
N GLN F 3456 33.10 105.69 -24.58
CA GLN F 3456 34.37 104.98 -24.52
C GLN F 3456 35.24 105.35 -25.71
N ASN F 3457 34.64 105.43 -26.91
CA ASN F 3457 35.39 105.73 -28.11
C ASN F 3457 36.05 107.10 -28.03
N PHE F 3458 35.30 108.15 -27.67
CA PHE F 3458 35.94 109.46 -27.74
C PHE F 3458 36.93 109.62 -26.60
N VAL F 3459 36.65 108.99 -25.45
CA VAL F 3459 37.62 109.03 -24.35
C VAL F 3459 38.93 108.38 -24.75
N VAL F 3460 38.86 107.20 -25.38
CA VAL F 3460 40.10 106.51 -25.73
C VAL F 3460 40.83 107.23 -26.86
N GLN F 3461 40.09 107.80 -27.80
CA GLN F 3461 40.77 108.48 -28.91
C GLN F 3461 41.37 109.80 -28.44
N ASN F 3462 40.79 110.42 -27.42
CA ASN F 3462 41.40 111.61 -26.85
C ASN F 3462 42.51 111.24 -25.87
N GLU F 3463 42.54 109.97 -25.46
CA GLU F 3463 43.48 109.42 -24.48
C GLU F 3463 43.38 110.15 -23.14
N ILE F 3464 42.26 110.82 -22.88
CA ILE F 3464 42.09 111.50 -21.60
C ILE F 3464 42.01 110.48 -20.48
N ASN F 3465 42.89 110.64 -19.49
CA ASN F 3465 42.96 109.67 -18.40
C ASN F 3465 41.76 109.79 -17.49
N ASN F 3466 41.24 111.02 -17.30
CA ASN F 3466 40.01 111.31 -16.56
C ASN F 3466 40.23 111.09 -15.06
N MET F 3467 41.38 110.52 -14.70
CA MET F 3467 41.72 110.37 -13.28
C MET F 3467 41.95 111.73 -12.64
N SER F 3468 42.44 112.71 -13.42
CA SER F 3468 42.59 114.06 -12.89
C SER F 3468 41.24 114.66 -12.53
N PHE F 3469 40.25 114.52 -13.41
CA PHE F 3469 38.92 115.05 -13.12
C PHE F 3469 38.28 114.29 -11.96
N LEU F 3470 38.49 112.97 -11.88
CA LEU F 3470 37.94 112.20 -10.78
C LEU F 3470 38.55 112.62 -9.45
N THR F 3471 39.88 112.81 -9.41
CA THR F 3471 40.53 113.17 -8.16
C THR F 3471 40.38 114.66 -7.86
N ALA F 3472 39.85 115.43 -8.82
CA ALA F 3472 39.50 116.82 -8.52
C ALA F 3472 38.52 116.90 -7.36
N ASP F 3473 37.76 115.82 -7.13
CA ASP F 3473 36.97 115.73 -5.91
C ASP F 3473 37.87 115.69 -4.68
N SER F 3474 39.10 115.20 -4.83
CA SER F 3474 40.00 115.10 -3.69
C SER F 3474 40.87 116.35 -3.56
N LYS F 3475 41.07 117.09 -4.64
CA LYS F 3475 41.80 118.35 -4.56
C LYS F 3475 40.97 119.43 -3.86
N SER F 3476 39.67 119.48 -4.14
CA SER F 3476 38.82 120.49 -3.52
C SER F 3476 38.73 120.30 -2.01
N LYS F 3477 38.56 119.04 -1.58
CA LYS F 3477 38.45 118.77 -0.15
C LYS F 3477 39.81 118.78 0.53
N MET F 3478 40.87 118.61 -0.26
CA MET F 3478 42.22 118.35 0.28
C MET F 3478 42.17 117.14 1.22
N ALA F 3479 41.97 115.97 0.63
CA ALA F 3479 41.77 114.75 1.41
C ALA F 3479 42.51 113.58 0.77
N ARG F 3498 46.62 102.07 -19.51
CA ARG F 3498 45.72 101.18 -18.79
C ARG F 3498 44.27 101.62 -18.96
N ARG F 3499 43.50 100.82 -19.70
CA ARG F 3499 42.11 101.16 -19.95
C ARG F 3499 41.29 101.16 -18.67
N GLY F 3500 41.57 100.22 -17.77
CA GLY F 3500 40.85 100.20 -16.50
C GLY F 3500 41.10 101.44 -15.67
N ASP F 3501 42.36 101.89 -15.62
CA ASP F 3501 42.67 103.13 -14.90
C ASP F 3501 42.04 104.34 -15.58
N ARG F 3502 42.07 104.37 -16.92
CA ARG F 3502 41.49 105.50 -17.64
C ARG F 3502 39.98 105.60 -17.39
N TYR F 3503 39.24 104.52 -17.68
CA TYR F 3503 37.81 104.51 -17.42
C TYR F 3503 37.41 103.17 -16.83
N SER F 3504 36.50 103.22 -15.85
CA SER F 3504 35.74 102.07 -15.42
C SER F 3504 34.30 102.51 -15.23
N VAL F 3505 33.41 101.55 -15.03
CA VAL F 3505 31.99 101.87 -14.83
C VAL F 3505 31.81 102.70 -13.58
N GLN F 3506 32.63 102.47 -12.55
CA GLN F 3506 32.59 103.31 -11.35
C GLN F 3506 33.26 104.65 -11.58
N THR F 3507 34.24 104.71 -12.49
CA THR F 3507 34.98 105.95 -12.70
C THR F 3507 34.26 106.90 -13.65
N SER F 3508 33.10 106.49 -14.16
CA SER F 3508 32.35 107.34 -15.09
C SER F 3508 31.94 108.65 -14.44
N LEU F 3509 32.15 109.75 -15.16
CA LEU F 3509 31.61 111.03 -14.71
C LEU F 3509 30.09 110.97 -14.62
N ILE F 3510 29.48 110.15 -15.46
CA ILE F 3510 28.03 109.99 -15.45
C ILE F 3510 27.58 109.30 -14.17
N VAL F 3511 28.32 108.28 -13.73
CA VAL F 3511 27.92 107.60 -12.49
C VAL F 3511 28.29 108.45 -11.28
N ALA F 3512 29.28 109.34 -11.41
CA ALA F 3512 29.48 110.34 -10.37
C ALA F 3512 28.30 111.29 -10.28
N THR F 3513 27.79 111.73 -11.43
CA THR F 3513 26.55 112.51 -11.47
C THR F 3513 25.41 111.73 -10.82
N LEU F 3514 25.35 110.43 -11.06
CA LEU F 3514 24.36 109.57 -10.40
C LEU F 3514 24.54 109.58 -8.88
N LYS F 3515 25.79 109.47 -8.42
CA LYS F 3515 26.06 109.40 -6.99
C LYS F 3515 25.75 110.72 -6.30
N LYS F 3516 25.79 111.83 -7.05
CA LYS F 3516 25.42 113.09 -6.42
C LYS F 3516 23.92 113.35 -6.54
N MET F 3517 23.27 112.84 -7.60
CA MET F 3517 21.84 113.09 -7.77
C MET F 3517 21.02 112.23 -6.84
N LEU F 3518 21.54 111.06 -6.47
CA LEU F 3518 20.79 110.17 -5.58
C LEU F 3518 20.42 110.81 -4.25
N PRO F 3519 21.28 111.59 -3.57
CA PRO F 3519 20.80 112.31 -2.37
C PRO F 3519 19.65 113.26 -2.67
N ILE F 3520 19.61 113.89 -3.84
CA ILE F 3520 18.51 114.79 -4.16
C ILE F 3520 17.19 114.03 -4.16
N GLY F 3521 17.14 112.90 -4.86
CA GLY F 3521 15.92 112.10 -4.86
C GLY F 3521 15.60 111.53 -3.49
N LEU F 3522 16.63 111.19 -2.72
CA LEU F 3522 16.39 110.52 -1.45
C LEU F 3522 15.86 111.48 -0.40
N ASN F 3523 16.31 112.74 -0.42
CA ASN F 3523 15.68 113.72 0.45
C ASN F 3523 14.38 114.23 -0.14
N MET F 3524 14.20 114.05 -1.45
CA MET F 3524 12.93 114.36 -2.08
C MET F 3524 11.82 113.46 -1.55
N CYS F 3525 12.08 112.15 -1.54
CA CYS F 3525 11.05 111.18 -1.18
C CYS F 3525 10.71 111.23 0.30
N ALA F 3526 9.49 110.81 0.63
CA ALA F 3526 9.06 110.63 2.00
C ALA F 3526 9.27 109.17 2.43
N PRO F 3527 9.58 108.95 3.71
CA PRO F 3527 9.82 107.56 4.17
C PRO F 3527 8.61 106.64 4.01
N THR F 3528 7.39 107.16 4.17
CA THR F 3528 6.21 106.33 3.99
C THR F 3528 6.04 105.93 2.53
N ASP F 3529 6.53 106.75 1.61
CA ASP F 3529 6.41 106.43 0.19
C ASP F 3529 7.40 105.37 -0.24
N GLN F 3530 8.29 104.96 0.66
CA GLN F 3530 9.37 104.06 0.28
C GLN F 3530 8.86 102.69 -0.15
N ASP F 3531 7.84 102.17 0.52
CA ASP F 3531 7.27 100.88 0.14
C ASP F 3531 6.70 100.94 -1.28
N LEU F 3532 5.98 102.01 -1.60
CA LEU F 3532 5.48 102.16 -2.96
C LEU F 3532 6.63 102.40 -3.92
N ILE F 3533 7.76 102.91 -3.42
CA ILE F 3533 8.94 103.07 -4.27
C ILE F 3533 9.51 101.72 -4.67
N MET F 3534 9.64 100.79 -3.72
CA MET F 3534 10.09 99.45 -4.11
C MET F 3534 9.04 98.74 -4.97
N LEU F 3535 7.76 99.04 -4.74
CA LEU F 3535 6.73 98.50 -5.60
C LEU F 3535 6.92 98.99 -7.04
N ALA F 3536 7.23 100.27 -7.20
CA ALA F 3536 7.50 100.81 -8.54
C ALA F 3536 8.83 100.29 -9.08
N LYS F 3537 9.74 99.89 -8.19
CA LYS F 3537 10.94 99.18 -8.64
C LYS F 3537 10.59 97.86 -9.31
N THR F 3538 9.78 97.05 -8.62
CA THR F 3538 9.28 95.81 -9.24
C THR F 3538 8.47 96.11 -10.50
N ARG F 3539 7.82 97.27 -10.52
CA ARG F 3539 7.06 97.69 -11.70
C ARG F 3539 7.97 97.94 -12.90
N TYR F 3540 9.01 98.75 -12.72
CA TYR F 3540 9.96 98.99 -13.80
C TYR F 3540 10.69 97.71 -14.17
N ALA F 3541 10.80 96.76 -13.24
CA ALA F 3541 11.27 95.43 -13.60
C ALA F 3541 10.26 94.72 -14.51
N LEU F 3542 8.98 94.95 -14.25
CA LEU F 3542 7.94 94.43 -15.16
C LEU F 3542 7.94 95.18 -16.48
N LYS F 3543 8.67 96.30 -16.55
CA LYS F 3543 8.83 97.12 -17.75
C LYS F 3543 7.57 97.86 -18.13
N ASP F 3544 6.77 98.30 -17.16
CA ASP F 3544 5.57 99.06 -17.47
C ASP F 3544 5.92 100.39 -18.11
N THR F 3545 5.13 100.79 -19.11
CA THR F 3545 5.35 102.06 -19.79
C THR F 3545 5.11 103.23 -18.84
N ASP F 3546 5.55 104.42 -19.26
CA ASP F 3546 5.42 105.59 -18.41
C ASP F 3546 3.96 105.94 -18.13
N GLU F 3547 3.09 105.87 -19.15
CA GLU F 3547 1.69 106.19 -18.92
C GLU F 3547 1.01 105.11 -18.10
N GLU F 3548 1.41 103.85 -18.29
CA GLU F 3548 0.88 102.78 -17.47
C GLU F 3548 1.26 102.96 -16.01
N VAL F 3549 2.50 103.36 -15.74
CA VAL F 3549 2.88 103.59 -14.35
C VAL F 3549 2.14 104.80 -13.80
N ARG F 3550 1.91 105.82 -14.64
CA ARG F 3550 1.03 106.91 -14.23
C ARG F 3550 -0.30 106.41 -13.72
N GLU F 3551 -1.03 105.65 -14.53
CA GLU F 3551 -2.38 105.27 -14.14
C GLU F 3551 -2.38 104.30 -12.96
N PHE F 3552 -1.45 103.35 -12.93
CA PHE F 3552 -1.49 102.38 -11.83
C PHE F 3552 -1.03 103.02 -10.53
N LEU F 3553 -0.21 104.07 -10.61
CA LEU F 3553 0.06 104.85 -9.40
C LEU F 3553 -1.16 105.67 -8.99
N GLN F 3554 -1.91 106.16 -9.97
CA GLN F 3554 -3.18 106.83 -9.67
C GLN F 3554 -4.09 105.92 -8.86
N ASN F 3555 -4.13 104.62 -9.19
CA ASN F 3555 -4.90 103.71 -8.36
C ASN F 3555 -4.10 103.26 -7.14
N ASN F 3556 -2.79 103.53 -7.12
CA ASN F 3556 -1.96 103.20 -5.96
C ASN F 3556 -2.04 104.27 -4.88
N LEU F 3557 -2.73 105.39 -5.17
CA LEU F 3557 -2.98 106.37 -4.12
C LEU F 3557 -3.60 105.73 -2.88
N HIS F 3558 -4.52 104.79 -3.06
CA HIS F 3558 -5.14 104.12 -1.91
C HIS F 3558 -4.20 103.07 -1.32
N LEU F 3559 -3.13 102.73 -2.03
CA LEU F 3559 -2.20 101.71 -1.55
C LEU F 3559 -0.99 102.32 -0.86
N GLN F 3560 -0.99 103.63 -0.65
CA GLN F 3560 0.17 104.28 -0.05
C GLN F 3560 0.37 103.81 1.39
N GLY F 3561 1.63 103.83 1.82
CA GLY F 3561 1.96 103.30 3.13
C GLY F 3561 1.53 104.21 4.27
N LYS F 3562 1.76 103.72 5.48
CA LYS F 3562 1.34 104.41 6.70
C LYS F 3562 2.54 104.66 7.61
N VAL F 3563 2.26 105.21 8.77
CA VAL F 3563 3.33 105.68 9.65
C VAL F 3563 3.56 104.71 10.80
N GLU F 3564 2.52 104.01 11.24
CA GLU F 3564 2.64 103.22 12.46
C GLU F 3564 3.18 101.82 12.17
N GLY F 3565 3.47 101.52 10.90
CA GLY F 3565 3.97 100.20 10.57
C GLY F 3565 5.29 99.87 11.25
N SER F 3566 6.21 100.83 11.29
CA SER F 3566 7.49 100.63 11.94
C SER F 3566 7.81 101.81 12.84
N PRO F 3567 8.29 101.58 14.06
CA PRO F 3567 8.74 102.71 14.90
C PRO F 3567 9.87 103.49 14.26
N SER F 3568 10.71 102.83 13.46
CA SER F 3568 11.71 103.55 12.68
C SER F 3568 11.05 104.54 11.73
N LEU F 3569 10.02 104.08 11.01
CA LEU F 3569 9.24 104.97 10.17
C LEU F 3569 8.61 106.08 11.01
N ARG F 3570 8.37 105.83 12.29
CA ARG F 3570 7.72 106.83 13.12
C ARG F 3570 8.67 108.00 13.42
N TRP F 3571 9.93 107.71 13.75
CA TRP F 3571 10.86 108.81 13.95
C TRP F 3571 11.20 109.45 12.61
N GLN F 3572 11.18 108.67 11.52
CA GLN F 3572 11.33 109.27 10.20
C GLN F 3572 10.22 110.29 9.93
N MET F 3573 8.98 109.96 10.27
CA MET F 3573 7.89 110.91 10.06
C MET F 3573 7.96 112.05 11.06
N ALA F 3574 8.48 111.81 12.27
CA ALA F 3574 8.69 112.92 13.19
C ALA F 3574 9.65 113.95 12.60
N LEU F 3575 10.76 113.47 12.03
CA LEU F 3575 11.69 114.36 11.32
C LEU F 3575 11.01 115.01 10.12
N TYR F 3576 10.17 114.26 9.41
CA TYR F 3576 9.48 114.79 8.24
C TYR F 3576 8.54 115.93 8.63
N ARG F 3577 7.81 115.76 9.72
CA ARG F 3577 6.96 116.83 10.24
C ARG F 3577 7.80 118.03 10.66
N GLY F 3578 8.91 117.78 11.35
CA GLY F 3578 9.71 118.87 11.88
C GLY F 3578 10.40 119.69 10.81
N LEU F 3579 10.80 119.05 9.71
CA LEU F 3579 11.55 119.74 8.69
C LEU F 3579 10.64 120.69 7.92
N PRO F 3580 11.02 121.96 7.76
CA PRO F 3580 10.13 122.92 7.08
C PRO F 3580 9.99 122.66 5.59
N GLY F 3581 10.85 121.82 5.01
CA GLY F 3581 10.84 121.63 3.57
C GLY F 3581 9.53 121.07 3.03
N ARG F 3582 8.95 120.13 3.75
CA ARG F 3582 7.75 119.43 3.31
C ARG F 3582 6.58 119.83 4.19
N GLU F 3583 5.47 120.23 3.57
CA GLU F 3583 4.23 120.53 4.26
C GLU F 3583 3.17 119.53 3.83
N GLU F 3584 2.41 119.02 4.80
CA GLU F 3584 1.39 118.02 4.49
C GLU F 3584 0.31 118.58 3.57
N ASP F 3585 -0.12 119.82 3.83
CA ASP F 3585 -1.13 120.44 2.97
C ASP F 3585 -0.55 120.72 1.58
N ALA F 3586 0.72 121.10 1.51
CA ALA F 3586 1.36 121.35 0.22
C ALA F 3586 1.50 120.06 -0.58
N ASP F 3587 1.65 118.93 0.11
CA ASP F 3587 1.81 117.66 -0.58
C ASP F 3587 0.57 117.34 -1.43
N ASP F 3588 0.82 116.99 -2.69
CA ASP F 3588 -0.23 116.66 -3.64
C ASP F 3588 -0.02 115.26 -4.19
N PRO F 3589 -1.08 114.48 -4.38
CA PRO F 3589 -0.90 113.10 -4.85
C PRO F 3589 -0.19 113.00 -6.19
N GLU F 3590 -0.45 113.92 -7.12
CA GLU F 3590 0.19 113.85 -8.44
C GLU F 3590 1.70 114.07 -8.34
N LYS F 3591 2.12 115.04 -7.54
CA LYS F 3591 3.55 115.26 -7.40
C LYS F 3591 4.19 114.08 -6.67
N ILE F 3592 3.48 113.52 -5.70
CA ILE F 3592 3.94 112.30 -5.03
C ILE F 3592 4.18 111.20 -6.05
N VAL F 3593 3.23 110.98 -6.95
CA VAL F 3593 3.32 109.82 -7.83
C VAL F 3593 4.43 109.99 -8.86
N ARG F 3594 4.57 111.19 -9.46
CA ARG F 3594 5.63 111.26 -10.47
C ARG F 3594 6.99 111.32 -9.79
N ARG F 3595 7.06 111.89 -8.58
CA ARG F 3595 8.28 111.80 -7.80
C ARG F 3595 8.69 110.34 -7.58
N VAL F 3596 7.77 109.52 -7.11
CA VAL F 3596 8.12 108.15 -6.77
C VAL F 3596 8.46 107.35 -8.01
N GLN F 3597 7.76 107.58 -9.12
CA GLN F 3597 8.07 106.83 -10.33
C GLN F 3597 9.43 107.25 -10.89
N GLU F 3598 9.75 108.55 -10.83
CA GLU F 3598 11.07 108.99 -11.30
C GLU F 3598 12.18 108.44 -10.43
N VAL F 3599 12.02 108.45 -9.11
CA VAL F 3599 13.09 107.96 -8.25
C VAL F 3599 13.21 106.45 -8.38
N SER F 3600 12.10 105.75 -8.62
CA SER F 3600 12.17 104.31 -8.87
C SER F 3600 12.90 104.02 -10.17
N ALA F 3601 12.66 104.84 -11.20
CA ALA F 3601 13.43 104.69 -12.43
C ALA F 3601 14.93 104.87 -12.18
N VAL F 3602 15.29 105.94 -11.49
CA VAL F 3602 16.70 106.19 -11.18
C VAL F 3602 17.26 105.04 -10.36
N LEU F 3603 16.47 104.50 -9.43
CA LEU F 3603 16.96 103.45 -8.56
C LEU F 3603 17.16 102.14 -9.30
N TYR F 3604 16.28 101.78 -10.23
CA TYR F 3604 16.50 100.52 -10.93
C TYR F 3604 17.65 100.65 -11.92
N HIS F 3605 17.82 101.84 -12.51
CA HIS F 3605 19.01 102.06 -13.32
C HIS F 3605 20.27 101.94 -12.47
N LEU F 3606 20.24 102.49 -11.26
CA LEU F 3606 21.30 102.24 -10.29
C LEU F 3606 21.49 100.74 -10.04
N GLU F 3607 20.38 99.99 -10.04
CA GLU F 3607 20.49 98.55 -9.84
C GLU F 3607 21.27 97.88 -10.96
N GLN F 3608 20.95 98.21 -12.22
CA GLN F 3608 21.72 97.61 -13.31
C GLN F 3608 23.18 98.07 -13.28
N THR F 3609 23.43 99.32 -12.87
CA THR F 3609 24.82 99.74 -12.72
C THR F 3609 25.54 98.94 -11.64
N GLU F 3610 24.86 98.67 -10.52
CA GLU F 3610 25.46 97.91 -9.44
C GLU F 3610 25.74 96.47 -9.86
N HIS F 3611 24.81 95.85 -10.60
CA HIS F 3611 24.93 94.46 -11.03
C HIS F 3611 24.79 94.39 -12.55
N PRO F 3612 25.86 94.70 -13.28
CA PRO F 3612 25.79 94.59 -14.74
C PRO F 3612 25.86 93.16 -15.26
N TYR F 3613 26.33 92.23 -14.43
CA TYR F 3613 26.56 90.83 -14.83
C TYR F 3613 27.42 90.74 -16.09
N LYS F 3614 28.54 91.47 -16.11
CA LYS F 3614 29.45 91.38 -17.26
C LYS F 3614 30.33 90.15 -17.17
N SER F 3615 30.66 89.71 -15.96
CA SER F 3615 31.63 88.65 -15.78
C SER F 3615 30.95 87.28 -15.75
N LYS F 3616 31.69 86.26 -16.21
CA LYS F 3616 31.36 84.84 -16.19
C LYS F 3616 30.27 84.44 -17.19
N LYS F 3617 29.67 85.39 -17.90
CA LYS F 3617 28.79 85.01 -19.01
C LYS F 3617 29.60 84.73 -20.27
N ALA F 3618 30.82 85.29 -20.36
CA ALA F 3618 31.71 85.08 -21.50
C ALA F 3618 33.09 84.73 -20.97
N VAL F 3619 33.37 83.43 -20.86
CA VAL F 3619 34.67 82.99 -20.38
C VAL F 3619 35.44 82.33 -21.52
N TRP F 3620 36.77 82.35 -21.41
CA TRP F 3620 37.65 81.82 -22.45
C TRP F 3620 38.80 81.05 -21.78
N HIS F 3621 38.96 79.79 -22.17
CA HIS F 3621 40.03 78.97 -21.61
C HIS F 3621 41.09 78.66 -22.66
N LYS F 3622 40.69 78.62 -23.93
CA LYS F 3622 41.59 78.45 -25.09
C LYS F 3622 42.59 77.31 -24.88
N LEU F 3623 42.17 76.27 -24.16
CA LEU F 3623 43.06 75.16 -23.87
C LEU F 3623 43.43 74.38 -25.13
N LEU F 3624 42.48 74.19 -26.04
CA LEU F 3624 42.79 73.50 -27.29
C LEU F 3624 43.65 74.38 -28.19
N SER F 3625 43.44 75.70 -28.15
CA SER F 3625 44.30 76.59 -28.91
C SER F 3625 45.71 76.59 -28.36
N LYS F 3626 45.87 76.29 -27.06
CA LYS F 3626 47.20 76.15 -26.50
C LYS F 3626 47.97 75.04 -27.20
N GLN F 3627 47.29 73.93 -27.53
CA GLN F 3627 47.93 72.86 -28.29
C GLN F 3627 48.11 73.26 -29.75
N ARG F 3628 47.10 73.92 -30.33
CA ARG F 3628 47.10 74.17 -31.77
C ARG F 3628 47.62 75.55 -32.16
N ARG F 3629 48.36 76.23 -31.28
CA ARG F 3629 49.05 77.44 -31.70
C ARG F 3629 49.99 77.17 -32.86
N ARG F 3630 50.74 76.07 -32.79
CA ARG F 3630 51.63 75.72 -33.89
C ARG F 3630 50.85 75.45 -35.16
N ALA F 3631 49.62 74.93 -35.04
CA ALA F 3631 48.80 74.71 -36.23
C ALA F 3631 48.30 76.03 -36.82
N VAL F 3632 47.88 76.96 -35.96
CA VAL F 3632 47.37 78.24 -36.47
C VAL F 3632 48.51 79.11 -36.98
N VAL F 3633 49.76 78.74 -36.66
CA VAL F 3633 50.88 79.36 -37.35
C VAL F 3633 51.21 78.59 -38.63
N ALA F 3634 51.05 77.27 -38.59
CA ALA F 3634 51.31 76.47 -39.78
C ALA F 3634 50.37 76.83 -40.92
N CYS F 3635 49.20 77.36 -40.59
CA CYS F 3635 48.24 77.75 -41.62
C CYS F 3635 48.87 78.72 -42.60
N PHE F 3636 49.69 79.67 -42.12
CA PHE F 3636 50.49 80.49 -43.02
C PHE F 3636 51.82 79.83 -43.36
N ARG F 3637 52.35 79.02 -42.44
CA ARG F 3637 53.70 78.46 -42.61
C ARG F 3637 53.81 77.54 -43.82
N MET F 3638 52.76 76.80 -44.14
CA MET F 3638 52.84 75.72 -45.13
C MET F 3638 53.45 76.20 -46.43
N THR F 3639 54.31 75.34 -47.01
CA THR F 3639 54.80 75.58 -48.34
C THR F 3639 53.66 75.34 -49.33
N PRO F 3640 53.26 76.35 -50.11
CA PRO F 3640 52.17 76.16 -51.08
C PRO F 3640 52.54 75.07 -52.07
N LEU F 3641 51.51 74.33 -52.52
CA LEU F 3641 51.75 73.08 -53.24
C LEU F 3641 52.65 73.29 -54.47
N TYR F 3642 52.58 74.47 -55.08
CA TYR F 3642 53.46 74.75 -56.22
C TYR F 3642 54.91 74.91 -55.80
N ASN F 3643 55.15 75.49 -54.62
CA ASN F 3643 56.51 75.58 -54.10
C ASN F 3643 56.94 74.28 -53.44
N LEU F 3644 55.98 73.40 -53.18
CA LEU F 3644 56.25 72.16 -52.46
C LEU F 3644 57.07 71.22 -53.34
N PRO F 3645 57.98 70.42 -52.77
CA PRO F 3645 58.76 69.50 -53.59
C PRO F 3645 57.87 68.55 -54.38
N THR F 3646 58.30 68.25 -55.61
CA THR F 3646 57.41 67.59 -56.56
C THR F 3646 57.24 66.11 -56.23
N HIS F 3647 58.28 65.45 -55.75
CA HIS F 3647 58.18 64.00 -55.49
C HIS F 3647 57.25 63.71 -54.32
N ARG F 3648 57.39 64.46 -53.22
CA ARG F 3648 56.50 64.26 -52.08
C ARG F 3648 55.07 64.67 -52.43
N ALA F 3649 54.92 65.70 -53.24
CA ALA F 3649 53.59 66.09 -53.72
C ALA F 3649 52.97 64.99 -54.58
N CYS F 3650 53.78 64.33 -55.41
CA CYS F 3650 53.26 63.24 -56.24
C CYS F 3650 52.89 62.04 -55.40
N ASN F 3651 53.65 61.76 -54.33
CA ASN F 3651 53.23 60.71 -53.40
C ASN F 3651 51.89 61.07 -52.76
N MET F 3652 51.77 62.31 -52.27
CA MET F 3652 50.53 62.82 -51.73
C MET F 3652 49.37 62.59 -52.70
N PHE F 3653 49.56 63.00 -53.96
CA PHE F 3653 48.49 62.92 -54.94
C PHE F 3653 48.18 61.48 -55.31
N LEU F 3654 49.19 60.61 -55.34
CA LEU F 3654 48.94 59.20 -55.62
C LEU F 3654 48.06 58.59 -54.54
N GLU F 3655 48.38 58.86 -53.27
CA GLU F 3655 47.51 58.36 -52.19
C GLU F 3655 46.11 58.94 -52.30
N SER F 3656 46.02 60.24 -52.59
CA SER F 3656 44.71 60.88 -52.69
C SER F 3656 43.88 60.28 -53.82
N TYR F 3657 44.48 60.11 -55.00
CA TYR F 3657 43.75 59.54 -56.13
C TYR F 3657 43.35 58.10 -55.85
N LYS F 3658 44.26 57.32 -55.26
CA LYS F 3658 43.89 55.99 -54.79
C LYS F 3658 42.61 56.03 -53.99
N ALA F 3659 42.63 56.75 -52.87
CA ALA F 3659 41.50 56.75 -51.95
C ALA F 3659 40.23 57.28 -52.60
N ALA F 3660 40.34 58.29 -53.47
CA ALA F 3660 39.15 58.98 -53.94
C ALA F 3660 38.57 58.32 -55.19
N TRP F 3661 39.36 57.52 -55.91
CA TRP F 3661 38.90 56.96 -57.17
C TRP F 3661 38.89 55.44 -57.19
N ILE F 3662 39.97 54.77 -56.77
CA ILE F 3662 40.03 53.33 -56.94
C ILE F 3662 39.04 52.64 -56.01
N LEU F 3663 38.92 53.13 -54.77
CA LEU F 3663 37.92 52.60 -53.85
C LEU F 3663 36.51 52.89 -54.34
N THR F 3664 36.28 54.11 -54.84
CA THR F 3664 34.92 54.51 -55.20
C THR F 3664 34.47 53.83 -56.50
N GLU F 3665 35.43 53.35 -57.29
CA GLU F 3665 35.06 52.63 -58.51
C GLU F 3665 34.55 51.24 -58.16
N ASP F 3666 33.34 50.95 -58.60
CA ASP F 3666 32.66 49.69 -58.28
C ASP F 3666 32.85 48.71 -59.43
N HIS F 3667 33.37 47.53 -59.11
CA HIS F 3667 33.70 46.52 -60.12
C HIS F 3667 33.00 45.22 -59.73
N SER F 3668 32.03 44.81 -60.55
CA SER F 3668 31.22 43.61 -60.29
C SER F 3668 31.67 42.52 -61.25
N PHE F 3669 32.32 41.49 -60.71
CA PHE F 3669 32.90 40.42 -61.51
C PHE F 3669 32.64 39.03 -60.96
N GLU F 3670 32.17 38.90 -59.72
CA GLU F 3670 32.07 37.60 -59.09
C GLU F 3670 31.02 36.72 -59.75
N ASP F 3671 29.85 37.29 -60.06
CA ASP F 3671 28.80 36.52 -60.72
C ASP F 3671 29.27 35.95 -62.05
N ARG F 3672 29.90 36.79 -62.87
CA ARG F 3672 30.33 36.33 -64.19
C ARG F 3672 31.49 35.33 -64.07
N MET F 3673 32.43 35.58 -63.15
CA MET F 3673 33.46 34.58 -62.88
C MET F 3673 32.84 33.23 -62.55
N ILE F 3674 31.88 33.22 -61.63
CA ILE F 3674 31.35 31.96 -61.12
C ILE F 3674 30.53 31.25 -62.20
N ASP F 3675 29.75 32.00 -62.99
CA ASP F 3675 28.94 31.33 -64.00
C ASP F 3675 29.81 30.80 -65.13
N ASP F 3676 30.86 31.54 -65.52
CA ASP F 3676 31.80 31.02 -66.50
C ASP F 3676 32.50 29.76 -65.98
N LEU F 3677 32.90 29.76 -64.72
CA LEU F 3677 33.54 28.57 -64.16
C LEU F 3677 32.58 27.39 -64.12
N SER F 3678 31.31 27.64 -63.75
CA SER F 3678 30.34 26.57 -63.63
C SER F 3678 30.00 25.97 -64.98
N LYS F 3679 29.88 26.81 -66.01
CA LYS F 3679 29.58 26.29 -67.34
C LYS F 3679 30.69 25.36 -67.82
N ALA F 3680 30.29 24.16 -68.26
CA ALA F 3680 31.22 23.15 -68.72
C ALA F 3680 31.06 22.98 -70.23
N GLY F 3681 32.00 23.51 -70.98
CA GLY F 3681 31.96 23.42 -72.43
C GLY F 3681 32.33 22.04 -72.94
N GLU F 3682 31.63 21.57 -73.96
CA GLU F 3682 31.85 20.33 -74.74
C GLU F 3682 31.91 19.10 -73.83
N GLN F 3683 31.61 19.21 -72.54
CA GLN F 3683 31.54 18.03 -71.68
C GLN F 3683 30.47 17.07 -72.16
N GLU F 3684 29.25 17.57 -72.39
CA GLU F 3684 28.19 16.74 -72.95
C GLU F 3684 28.50 16.35 -74.39
N GLU F 3685 29.29 17.16 -75.09
CA GLU F 3685 29.67 16.82 -76.46
C GLU F 3685 30.53 15.55 -76.49
N GLU F 3686 31.52 15.46 -75.60
CA GLU F 3686 32.25 14.21 -75.46
C GLU F 3686 31.35 13.10 -74.93
N GLU F 3687 30.66 13.36 -73.83
CA GLU F 3687 29.63 12.49 -73.25
C GLU F 3687 30.24 11.25 -72.59
N GLU F 3688 31.54 11.03 -72.75
CA GLU F 3688 32.18 9.99 -71.96
C GLU F 3688 32.74 10.56 -70.67
N GLU F 3689 33.13 11.84 -70.69
CA GLU F 3689 33.73 12.45 -69.52
C GLU F 3689 32.66 12.78 -68.48
N VAL F 3690 31.46 13.10 -68.92
CA VAL F 3690 30.33 13.25 -68.00
C VAL F 3690 29.99 11.93 -67.35
N GLU F 3691 30.06 10.83 -68.12
CA GLU F 3691 29.86 9.51 -67.54
C GLU F 3691 30.96 9.18 -66.53
N GLU F 3692 32.17 9.68 -66.77
CA GLU F 3692 33.23 9.52 -65.77
C GLU F 3692 33.01 10.47 -64.60
N LYS F 3693 32.15 11.48 -64.79
CA LYS F 3693 31.87 12.51 -63.78
C LYS F 3693 33.12 13.34 -63.47
N LYS F 3694 33.70 13.93 -64.50
CA LYS F 3694 34.81 14.84 -64.30
C LYS F 3694 34.31 16.17 -63.72
N PRO F 3695 34.93 16.69 -62.68
CA PRO F 3695 34.49 17.98 -62.12
C PRO F 3695 34.63 19.11 -63.14
N ASP F 3696 33.64 20.00 -63.13
CA ASP F 3696 33.76 21.25 -63.85
C ASP F 3696 34.68 22.19 -63.07
N PRO F 3697 35.17 23.27 -63.70
CA PRO F 3697 36.23 24.08 -63.05
C PRO F 3697 35.90 24.52 -61.63
N LEU F 3698 34.65 24.90 -61.37
CA LEU F 3698 34.27 25.29 -60.02
C LEU F 3698 34.40 24.13 -59.04
N HIS F 3699 33.95 22.94 -59.46
CA HIS F 3699 34.10 21.76 -58.61
C HIS F 3699 35.57 21.43 -58.38
N GLN F 3700 36.40 21.59 -59.42
CA GLN F 3700 37.83 21.35 -59.27
C GLN F 3700 38.46 22.29 -58.26
N LEU F 3701 38.09 23.58 -58.33
CA LEU F 3701 38.61 24.54 -57.37
C LEU F 3701 38.15 24.22 -55.95
N VAL F 3702 36.89 23.84 -55.80
CA VAL F 3702 36.37 23.49 -54.47
C VAL F 3702 37.09 22.27 -53.93
N LEU F 3703 37.35 21.27 -54.79
CA LEU F 3703 38.08 20.08 -54.34
C LEU F 3703 39.53 20.42 -53.99
N HIS F 3704 40.13 21.38 -54.69
CA HIS F 3704 41.47 21.82 -54.32
C HIS F 3704 41.47 22.46 -52.94
N PHE F 3705 40.49 23.32 -52.67
CA PHE F 3705 40.38 23.90 -51.33
C PHE F 3705 40.13 22.82 -50.28
N SER F 3706 39.32 21.81 -50.63
CA SER F 3706 39.08 20.71 -49.71
C SER F 3706 40.36 19.93 -49.43
N ARG F 3707 41.18 19.70 -50.45
CA ARG F 3707 42.46 19.03 -50.27
C ARG F 3707 43.37 19.83 -49.35
N THR F 3708 43.42 21.15 -49.56
CA THR F 3708 44.23 22.00 -48.70
C THR F 3708 43.75 21.95 -47.25
N ALA F 3709 42.43 21.97 -47.06
CA ALA F 3709 41.88 21.88 -45.71
C ALA F 3709 42.21 20.54 -45.06
N LEU F 3710 42.05 19.45 -45.80
CA LEU F 3710 42.29 18.13 -45.23
C LEU F 3710 43.77 17.90 -44.96
N THR F 3711 44.64 18.60 -45.69
CA THR F 3711 46.07 18.56 -45.38
C THR F 3711 46.30 19.08 -43.96
N GLU F 3712 47.10 18.34 -43.19
CA GLU F 3712 47.27 18.61 -41.77
C GLU F 3712 48.53 19.43 -41.52
N LYS F 3713 48.35 20.56 -40.85
CA LYS F 3713 49.46 21.36 -40.35
C LYS F 3713 49.18 21.72 -38.89
N SER F 3714 50.23 21.77 -38.09
CA SER F 3714 50.07 22.19 -36.69
C SER F 3714 49.58 23.62 -36.62
N LYS F 3715 49.92 24.45 -37.60
CA LYS F 3715 49.51 25.84 -37.67
C LYS F 3715 48.78 26.09 -38.98
N LEU F 3716 47.61 26.72 -38.90
CA LEU F 3716 46.82 26.99 -40.09
C LEU F 3716 47.52 27.97 -41.01
N ASP F 3717 47.43 27.72 -42.32
CA ASP F 3717 48.17 28.48 -43.32
C ASP F 3717 47.26 29.52 -43.97
N GLU F 3718 47.75 30.76 -44.03
CA GLU F 3718 47.02 31.85 -44.67
C GLU F 3718 46.94 31.62 -46.18
N ASP F 3719 45.76 31.82 -46.76
CA ASP F 3719 45.56 31.59 -48.19
C ASP F 3719 44.81 32.77 -48.79
N TYR F 3720 45.57 33.70 -49.38
CA TYR F 3720 44.98 34.81 -50.10
C TYR F 3720 44.05 34.34 -51.21
N LEU F 3721 44.43 33.27 -51.90
CA LEU F 3721 43.58 32.73 -52.94
C LEU F 3721 42.24 32.28 -52.38
N TYR F 3722 42.25 31.64 -51.21
CA TYR F 3722 40.98 31.20 -50.62
C TYR F 3722 40.13 32.39 -50.18
N MET F 3723 40.75 33.43 -49.62
CA MET F 3723 39.97 34.65 -49.33
C MET F 3723 39.33 35.21 -50.60
N ALA F 3724 40.12 35.37 -51.67
CA ALA F 3724 39.57 35.93 -52.89
C ALA F 3724 38.41 35.08 -53.40
N TYR F 3725 38.60 33.76 -53.46
CA TYR F 3725 37.57 32.90 -54.04
C TYR F 3725 36.35 32.79 -53.12
N ALA F 3726 36.55 32.77 -51.81
CA ALA F 3726 35.41 32.74 -50.90
C ALA F 3726 34.57 34.01 -51.03
N ASP F 3727 35.24 35.16 -51.18
CA ASP F 3727 34.51 36.40 -51.42
C ASP F 3727 33.74 36.31 -52.74
N ILE F 3728 34.36 35.75 -53.77
CA ILE F 3728 33.69 35.63 -55.07
C ILE F 3728 32.45 34.75 -54.95
N MET F 3729 32.57 33.60 -54.28
CA MET F 3729 31.42 32.71 -54.13
C MET F 3729 30.32 33.35 -53.28
N ALA F 3730 30.71 34.10 -52.24
CA ALA F 3730 29.70 34.77 -51.41
C ALA F 3730 28.90 35.78 -52.23
N LYS F 3731 29.60 36.59 -53.03
CA LYS F 3731 28.89 37.51 -53.92
C LYS F 3731 28.02 36.75 -54.91
N SER F 3732 28.55 35.69 -55.51
CA SER F 3732 27.81 34.94 -56.51
C SER F 3732 26.51 34.39 -55.94
N CYS F 3733 26.53 33.93 -54.69
CA CYS F 3733 25.28 33.48 -54.07
C CYS F 3733 24.36 34.66 -53.76
N HIS F 3734 24.77 35.56 -52.87
CA HIS F 3734 23.77 36.49 -52.34
C HIS F 3734 23.32 37.49 -53.39
N LEU F 3735 24.25 38.08 -54.14
CA LEU F 3735 23.91 39.03 -55.20
C LEU F 3735 23.02 40.16 -54.67
N GLU F 3736 23.25 40.55 -53.42
CA GLU F 3736 22.38 41.52 -52.77
C GLU F 3736 23.07 42.14 -51.56
N VAL F 3749 8.99 50.19 -53.24
CA VAL F 3749 9.60 49.08 -52.53
C VAL F 3749 8.57 48.00 -52.23
N GLU F 3750 7.51 47.96 -53.03
CA GLU F 3750 6.44 46.98 -52.88
C GLU F 3750 6.71 45.82 -53.84
N VAL F 3751 6.80 44.62 -53.28
CA VAL F 3751 7.16 43.42 -54.04
C VAL F 3751 6.02 42.43 -53.94
N SER F 3752 5.60 41.88 -55.09
CA SER F 3752 4.47 40.97 -55.10
C SER F 3752 4.90 39.53 -54.83
N PHE F 3753 3.90 38.65 -54.71
CA PHE F 3753 4.16 37.26 -54.34
C PHE F 3753 5.03 36.57 -55.37
N GLU F 3754 4.72 36.75 -56.67
CA GLU F 3754 5.49 36.11 -57.72
C GLU F 3754 6.94 36.59 -57.71
N GLU F 3755 7.16 37.89 -57.53
CA GLU F 3755 8.51 38.41 -57.50
C GLU F 3755 9.29 37.89 -56.31
N LYS F 3756 8.66 37.83 -55.13
CA LYS F 3756 9.36 37.28 -53.96
C LYS F 3756 9.72 35.82 -54.19
N GLU F 3757 8.79 35.04 -54.75
CA GLU F 3757 9.06 33.62 -55.00
C GLU F 3757 10.18 33.45 -56.02
N MET F 3758 10.19 34.29 -57.06
CA MET F 3758 11.25 34.22 -58.07
C MET F 3758 12.60 34.58 -57.47
N GLU F 3759 12.65 35.60 -56.62
CA GLU F 3759 13.90 35.94 -55.94
C GLU F 3759 14.38 34.77 -55.07
N LYS F 3760 13.45 34.14 -54.36
CA LYS F 3760 13.82 32.99 -53.53
C LYS F 3760 14.38 31.85 -54.39
N GLN F 3761 13.74 31.57 -55.53
CA GLN F 3761 14.21 30.51 -56.41
C GLN F 3761 15.59 30.84 -56.99
N ARG F 3762 15.80 32.10 -57.38
CA ARG F 3762 17.12 32.49 -57.89
C ARG F 3762 18.20 32.34 -56.82
N LEU F 3763 17.89 32.75 -55.59
CA LEU F 3763 18.84 32.56 -54.49
C LEU F 3763 19.13 31.09 -54.27
N LEU F 3764 18.10 30.24 -54.33
CA LEU F 3764 18.30 28.81 -54.16
C LEU F 3764 19.19 28.24 -55.26
N TYR F 3765 18.99 28.67 -56.51
CA TYR F 3765 19.82 28.16 -57.59
C TYR F 3765 21.26 28.63 -57.46
N GLN F 3766 21.46 29.89 -57.06
CA GLN F 3766 22.82 30.39 -56.87
C GLN F 3766 23.52 29.64 -55.75
N GLN F 3767 22.79 29.30 -54.68
CA GLN F 3767 23.35 28.46 -53.63
C GLN F 3767 23.63 27.05 -54.16
N SER F 3768 22.76 26.56 -55.06
CA SER F 3768 22.90 25.21 -55.60
C SER F 3768 24.19 25.08 -56.39
N ARG F 3769 24.53 26.09 -57.19
CA ARG F 3769 25.72 25.99 -58.03
C ARG F 3769 26.96 25.69 -57.20
N LEU F 3770 26.99 26.13 -55.94
CA LEU F 3770 28.16 25.86 -55.12
C LEU F 3770 27.98 24.63 -54.25
N HIS F 3771 26.84 24.50 -53.56
CA HIS F 3771 26.71 23.41 -52.60
C HIS F 3771 26.65 22.06 -53.31
N THR F 3772 26.15 22.04 -54.56
CA THR F 3772 26.23 20.82 -55.34
C THR F 3772 27.67 20.48 -55.69
N ARG F 3773 28.60 21.42 -55.50
CA ARG F 3773 30.00 21.22 -55.80
C ARG F 3773 30.85 20.96 -54.57
N GLY F 3774 30.24 20.70 -53.41
CA GLY F 3774 31.00 20.42 -52.19
C GLY F 3774 31.29 21.63 -51.32
N ALA F 3775 30.61 22.75 -51.55
CA ALA F 3775 30.94 23.98 -50.84
C ALA F 3775 30.71 23.84 -49.34
N ALA F 3776 29.59 23.24 -48.94
CA ALA F 3776 29.28 23.15 -47.51
C ALA F 3776 30.28 22.26 -46.78
N GLU F 3777 30.62 21.11 -47.37
CA GLU F 3777 31.61 20.25 -46.76
C GLU F 3777 32.96 20.94 -46.68
N MET F 3778 33.33 21.68 -47.73
CA MET F 3778 34.60 22.40 -47.73
C MET F 3778 34.61 23.48 -46.65
N VAL F 3779 33.48 24.16 -46.44
CA VAL F 3779 33.38 25.16 -45.37
C VAL F 3779 33.57 24.51 -44.00
N LEU F 3780 32.92 23.36 -43.78
CA LEU F 3780 33.09 22.66 -42.51
C LEU F 3780 34.53 22.23 -42.32
N GLN F 3781 35.16 21.70 -43.38
CA GLN F 3781 36.57 21.32 -43.30
C GLN F 3781 37.44 22.51 -42.96
N MET F 3782 37.15 23.69 -43.54
CA MET F 3782 38.02 24.84 -43.34
C MET F 3782 37.85 25.40 -41.93
N ILE F 3783 36.65 25.33 -41.36
CA ILE F 3783 36.49 25.67 -39.95
C ILE F 3783 37.30 24.70 -39.09
N SER F 3784 37.21 23.40 -39.40
CA SER F 3784 37.96 22.40 -38.65
C SER F 3784 39.45 22.66 -38.73
N ALA F 3785 39.93 23.11 -39.88
CA ALA F 3785 41.34 23.47 -40.04
C ALA F 3785 41.67 24.76 -39.31
N CYS F 3786 40.69 25.67 -39.21
CA CYS F 3786 40.88 26.89 -38.41
C CYS F 3786 41.15 26.55 -36.96
N LYS F 3787 40.45 25.54 -36.43
CA LYS F 3787 40.79 24.98 -35.12
C LYS F 3787 40.54 25.98 -33.98
N GLY F 3788 39.85 27.07 -34.30
CA GLY F 3788 39.53 28.07 -33.29
C GLY F 3788 40.51 29.21 -33.15
N GLU F 3789 41.22 29.60 -34.21
CA GLU F 3789 42.07 30.77 -34.20
C GLU F 3789 41.41 31.86 -35.03
N THR F 3790 41.17 33.02 -34.41
CA THR F 3790 40.49 34.11 -35.09
C THR F 3790 41.36 34.67 -36.21
N GLY F 3791 40.79 34.76 -37.41
CA GLY F 3791 41.55 35.25 -38.54
C GLY F 3791 40.69 35.40 -39.78
N ALA F 3792 41.30 35.96 -40.82
CA ALA F 3792 40.60 36.12 -42.09
C ALA F 3792 40.18 34.77 -42.65
N MET F 3793 40.95 33.72 -42.35
CA MET F 3793 40.56 32.36 -42.75
C MET F 3793 39.11 32.08 -42.37
N VAL F 3794 38.83 32.09 -41.06
CA VAL F 3794 37.51 31.73 -40.57
C VAL F 3794 36.51 32.84 -40.85
N SER F 3795 36.98 34.08 -40.97
CA SER F 3795 36.06 35.15 -41.34
C SER F 3795 35.45 34.90 -42.71
N SER F 3796 36.30 34.65 -43.72
CA SER F 3796 35.80 34.35 -45.06
C SER F 3796 35.02 33.05 -45.08
N THR F 3797 35.49 32.05 -44.33
CA THR F 3797 34.78 30.76 -44.29
C THR F 3797 33.36 30.94 -43.77
N LEU F 3798 33.20 31.69 -42.67
CA LEU F 3798 31.88 31.91 -42.09
C LEU F 3798 31.02 32.77 -42.99
N LYS F 3799 31.63 33.76 -43.67
CA LYS F 3799 30.85 34.57 -44.61
C LYS F 3799 30.32 33.72 -45.76
N LEU F 3800 31.15 32.80 -46.27
CA LEU F 3800 30.67 31.89 -47.31
C LEU F 3800 29.56 30.98 -46.78
N GLY F 3801 29.72 30.50 -45.55
CA GLY F 3801 28.66 29.70 -44.94
C GLY F 3801 27.35 30.47 -44.84
N ILE F 3802 27.42 31.73 -44.42
CA ILE F 3802 26.23 32.58 -44.39
C ILE F 3802 25.64 32.71 -45.79
N SER F 3803 26.49 32.98 -46.77
CA SER F 3803 26.00 33.25 -48.12
C SER F 3803 25.34 32.02 -48.74
N ILE F 3804 25.76 30.82 -48.32
CA ILE F 3804 25.16 29.62 -48.88
C ILE F 3804 23.97 29.17 -48.05
N LEU F 3805 23.91 29.55 -46.77
CA LEU F 3805 22.83 29.12 -45.90
C LEU F 3805 21.73 30.15 -45.73
N ASN F 3806 21.82 31.31 -46.38
CA ASN F 3806 20.77 32.32 -46.24
C ASN F 3806 19.41 31.77 -46.65
N GLY F 3807 18.40 32.09 -45.85
CA GLY F 3807 17.07 31.60 -46.12
C GLY F 3807 16.79 30.20 -45.60
N GLY F 3808 17.74 29.61 -44.88
CA GLY F 3808 17.56 28.26 -44.37
C GLY F 3808 17.53 27.21 -45.46
N ASN F 3809 18.65 27.04 -46.16
CA ASN F 3809 18.72 26.05 -47.22
C ASN F 3809 18.67 24.65 -46.63
N ALA F 3810 17.53 23.98 -46.81
CA ALA F 3810 17.33 22.66 -46.20
C ALA F 3810 18.31 21.63 -46.74
N GLU F 3811 18.57 21.65 -48.04
CA GLU F 3811 19.50 20.68 -48.62
C GLU F 3811 20.93 20.92 -48.16
N VAL F 3812 21.33 22.18 -48.03
CA VAL F 3812 22.65 22.49 -47.49
C VAL F 3812 22.75 22.04 -46.05
N GLN F 3813 21.70 22.28 -45.26
CA GLN F 3813 21.70 21.82 -43.87
C GLN F 3813 21.81 20.31 -43.79
N GLN F 3814 21.08 19.60 -44.66
CA GLN F 3814 21.14 18.15 -44.67
C GLN F 3814 22.54 17.65 -45.03
N LYS F 3815 23.15 18.27 -46.04
CA LYS F 3815 24.49 17.87 -46.43
C LYS F 3815 25.49 18.13 -45.31
N MET F 3816 25.39 19.28 -44.64
CA MET F 3816 26.29 19.57 -43.52
C MET F 3816 26.12 18.57 -42.39
N LEU F 3817 24.86 18.27 -42.04
CA LEU F 3817 24.61 17.31 -40.96
C LEU F 3817 25.13 15.92 -41.32
N ASP F 3818 24.90 15.48 -42.57
CA ASP F 3818 25.41 14.18 -42.98
C ASP F 3818 26.93 14.14 -42.98
N TYR F 3819 27.57 15.22 -43.44
CA TYR F 3819 29.03 15.27 -43.44
C TYR F 3819 29.57 15.19 -42.02
N LEU F 3820 28.95 15.93 -41.10
CA LEU F 3820 29.36 15.87 -39.70
C LEU F 3820 29.16 14.48 -39.13
N LYS F 3821 28.06 13.82 -39.50
CA LYS F 3821 27.76 12.51 -38.94
C LYS F 3821 28.69 11.44 -39.51
N ASP F 3822 29.20 11.64 -40.73
CA ASP F 3822 30.05 10.61 -41.32
C ASP F 3822 31.52 10.81 -40.94
N LYS F 3823 32.06 12.02 -41.13
CA LYS F 3823 33.42 12.27 -40.67
C LYS F 3823 33.51 12.13 -39.15
N LYS F 3824 32.58 12.75 -38.43
CA LYS F 3824 32.34 12.45 -37.02
C LYS F 3824 33.54 12.88 -36.18
N GLU F 3825 34.01 14.10 -36.45
CA GLU F 3825 35.24 14.62 -35.88
C GLU F 3825 34.93 15.80 -34.96
N VAL F 3826 35.40 15.73 -33.72
CA VAL F 3826 34.99 16.69 -32.71
C VAL F 3826 35.70 18.03 -32.92
N GLY F 3827 36.73 18.05 -33.76
CA GLY F 3827 37.53 19.25 -33.91
C GLY F 3827 36.75 20.44 -34.43
N PHE F 3828 35.74 20.20 -35.26
CA PHE F 3828 34.91 21.29 -35.75
C PHE F 3828 34.20 22.00 -34.61
N PHE F 3829 33.56 21.23 -33.72
CA PHE F 3829 32.86 21.83 -32.61
C PHE F 3829 33.83 22.44 -31.60
N GLN F 3830 35.00 21.82 -31.44
CA GLN F 3830 36.02 22.42 -30.57
C GLN F 3830 36.46 23.78 -31.11
N SER F 3831 36.64 23.89 -32.43
CA SER F 3831 36.98 25.17 -33.03
C SER F 3831 35.87 26.19 -32.84
N ILE F 3832 34.60 25.75 -33.00
CA ILE F 3832 33.48 26.66 -32.78
C ILE F 3832 33.50 27.18 -31.35
N GLN F 3833 33.68 26.29 -30.38
CA GLN F 3833 33.71 26.69 -28.98
C GLN F 3833 34.87 27.64 -28.71
N ALA F 3834 36.05 27.36 -29.27
CA ALA F 3834 37.19 28.24 -29.05
C ALA F 3834 36.96 29.63 -29.64
N LEU F 3835 36.43 29.70 -30.85
CA LEU F 3835 36.14 30.99 -31.48
C LEU F 3835 35.12 31.77 -30.67
N MET F 3836 34.07 31.08 -30.19
CA MET F 3836 33.01 31.77 -29.48
C MET F 3836 33.46 32.18 -28.09
N GLN F 3837 34.41 31.45 -27.50
CA GLN F 3837 35.04 31.91 -26.26
C GLN F 3837 35.92 33.14 -26.50
N THR F 3838 36.68 33.15 -27.60
CA THR F 3838 37.59 34.27 -27.83
C THR F 3838 36.85 35.47 -28.41
N CYS F 3839 35.56 35.32 -28.70
CA CYS F 3839 34.74 36.48 -28.99
C CYS F 3839 34.80 37.48 -27.83
N SER F 3840 35.01 38.75 -28.16
CA SER F 3840 35.31 39.74 -27.15
C SER F 3840 34.03 40.27 -26.50
N VAL F 3841 34.21 40.94 -25.37
CA VAL F 3841 33.12 41.58 -24.63
C VAL F 3841 33.51 43.02 -24.32
N LEU F 3842 32.49 43.82 -23.99
CA LEU F 3842 32.68 45.25 -23.80
C LEU F 3842 33.61 45.51 -22.63
N ASP F 3843 34.52 46.47 -22.80
CA ASP F 3843 35.54 46.74 -21.79
C ASP F 3843 35.54 48.22 -21.42
N LEU F 3844 35.23 48.52 -20.16
CA LEU F 3844 35.32 49.88 -19.65
C LEU F 3844 36.75 50.39 -19.72
N ASN F 3845 37.72 49.54 -19.40
CA ASN F 3845 39.11 49.97 -19.41
C ASN F 3845 39.55 50.40 -20.80
N ALA F 3846 39.27 49.56 -21.80
CA ALA F 3846 39.61 49.93 -23.18
C ALA F 3846 38.84 51.16 -23.64
N PHE F 3847 37.57 51.25 -23.24
CA PHE F 3847 36.78 52.42 -23.63
C PHE F 3847 37.37 53.70 -23.06
N GLU F 3848 37.79 53.68 -21.79
CA GLU F 3848 38.37 54.87 -21.18
C GLU F 3848 39.74 55.19 -21.76
N ARG F 3849 40.53 54.16 -22.08
CA ARG F 3849 41.81 54.39 -22.74
C ARG F 3849 41.59 55.08 -24.08
N GLN F 3850 40.59 54.62 -24.84
CA GLN F 3850 40.24 55.27 -26.10
C GLN F 3850 39.79 56.71 -25.86
N ASN F 3851 38.98 56.93 -24.81
CA ASN F 3851 38.50 58.27 -24.51
C ASN F 3851 39.65 59.23 -24.28
N LYS F 3852 40.60 58.85 -23.42
CA LYS F 3852 41.80 59.67 -23.25
C LYS F 3852 42.58 59.77 -24.55
N ALA F 3853 42.47 58.77 -25.43
CA ALA F 3853 43.14 58.85 -26.72
C ALA F 3853 42.61 60.01 -27.56
N GLU F 3854 41.29 60.14 -27.71
CA GLU F 3854 40.82 61.28 -28.51
C GLU F 3854 40.98 62.58 -27.73
N GLY F 3855 40.93 62.51 -26.40
CA GLY F 3855 41.14 63.71 -25.60
C GLY F 3855 42.52 64.29 -25.80
N LEU F 3856 43.54 63.43 -25.88
CA LEU F 3856 44.89 63.92 -26.11
C LEU F 3856 45.12 64.21 -27.60
N GLY F 3857 45.07 63.19 -28.44
CA GLY F 3857 45.01 63.37 -29.88
C GLY F 3857 46.12 64.20 -30.50
N MET F 3858 47.37 63.94 -30.12
CA MET F 3858 48.47 64.73 -30.67
C MET F 3858 48.77 64.32 -32.11
N VAL F 3859 49.47 65.19 -32.83
CA VAL F 3859 49.58 65.09 -34.28
C VAL F 3859 50.46 63.91 -34.68
N ASN F 3860 50.13 63.29 -35.80
CA ASN F 3860 50.96 62.24 -36.38
C ASN F 3860 52.12 62.85 -37.15
N GLU F 3861 53.24 62.11 -37.20
CA GLU F 3861 54.47 62.65 -37.78
C GLU F 3861 54.33 62.90 -39.28
N ASP F 3862 53.64 62.01 -40.01
CA ASP F 3862 53.48 62.16 -41.44
C ASP F 3862 52.59 63.37 -41.75
N GLY F 3863 53.19 64.39 -42.37
CA GLY F 3863 52.45 65.60 -42.65
C GLY F 3863 51.93 66.25 -41.38
N THR F 3864 50.64 66.56 -41.38
CA THR F 3864 49.96 67.09 -40.21
C THR F 3864 48.63 66.34 -40.06
N VAL F 3865 48.62 65.34 -39.19
CA VAL F 3865 47.42 64.54 -38.95
C VAL F 3865 47.14 64.52 -37.46
N ILE F 3866 46.25 65.41 -37.01
CA ILE F 3866 45.96 65.53 -35.59
C ILE F 3866 44.84 64.58 -35.20
N ASN F 3867 45.10 63.74 -34.21
CA ASN F 3867 44.11 62.80 -33.65
C ASN F 3867 43.53 61.90 -34.73
N ARG F 3868 44.40 61.14 -35.39
CA ARG F 3868 43.93 60.18 -36.39
C ARG F 3868 43.17 59.06 -35.71
N GLN F 3869 41.96 58.80 -36.18
CA GLN F 3869 41.03 57.90 -35.53
C GLN F 3869 41.10 56.51 -36.15
N ASN F 3870 41.39 55.51 -35.32
CA ASN F 3870 41.42 54.13 -35.76
C ASN F 3870 40.09 53.44 -35.48
N GLY F 3871 39.98 52.20 -35.96
CA GLY F 3871 38.85 51.38 -35.57
C GLY F 3871 38.81 51.21 -34.06
N GLU F 3872 37.61 51.33 -33.50
CA GLU F 3872 37.46 51.31 -32.05
C GLU F 3872 37.97 50.00 -31.47
N LYS F 3873 38.80 50.11 -30.42
CA LYS F 3873 39.30 48.92 -29.76
C LYS F 3873 38.15 48.14 -29.12
N VAL F 3874 37.13 48.84 -28.63
CA VAL F 3874 35.95 48.19 -28.10
C VAL F 3874 35.15 47.57 -29.24
N MET F 3875 34.78 46.30 -29.07
CA MET F 3875 34.08 45.54 -30.12
C MET F 3875 34.87 45.52 -31.43
N ALA F 3876 36.13 45.06 -31.34
CA ALA F 3876 36.93 44.88 -32.53
C ALA F 3876 36.38 43.76 -33.40
N ASP F 3877 35.93 42.67 -32.78
CA ASP F 3877 35.43 41.50 -33.48
C ASP F 3877 33.90 41.40 -33.43
N ASP F 3878 33.20 42.54 -33.40
CA ASP F 3878 31.74 42.48 -33.34
C ASP F 3878 31.16 41.84 -34.60
N GLU F 3879 31.73 42.14 -35.76
CA GLU F 3879 31.24 41.53 -37.00
C GLU F 3879 31.47 40.03 -36.99
N PHE F 3880 32.61 39.59 -36.44
CA PHE F 3880 32.88 38.16 -36.36
C PHE F 3880 31.92 37.45 -35.41
N THR F 3881 31.65 38.05 -34.25
CA THR F 3881 30.66 37.46 -33.36
C THR F 3881 29.29 37.42 -34.03
N GLN F 3882 28.92 38.49 -34.72
CA GLN F 3882 27.63 38.55 -35.37
C GLN F 3882 27.49 37.48 -36.45
N ASP F 3883 28.49 37.33 -37.31
CA ASP F 3883 28.31 36.38 -38.42
C ASP F 3883 28.52 34.94 -37.95
N LEU F 3884 29.25 34.74 -36.85
CA LEU F 3884 29.31 33.40 -36.26
C LEU F 3884 27.95 32.99 -35.69
N PHE F 3885 27.32 33.88 -34.92
CA PHE F 3885 26.01 33.55 -34.38
C PHE F 3885 24.96 33.49 -35.48
N ARG F 3886 25.13 34.28 -36.54
CA ARG F 3886 24.25 34.17 -37.69
C ARG F 3886 24.45 32.84 -38.42
N PHE F 3887 25.68 32.33 -38.43
CA PHE F 3887 25.93 31.00 -38.98
C PHE F 3887 25.22 29.93 -38.17
N LEU F 3888 25.30 30.02 -36.86
CA LEU F 3888 24.56 29.07 -36.01
C LEU F 3888 23.07 29.20 -36.22
N GLN F 3889 22.57 30.43 -36.32
CA GLN F 3889 21.16 30.68 -36.59
C GLN F 3889 20.73 30.07 -37.92
N LEU F 3890 21.54 30.24 -38.96
CA LEU F 3890 21.20 29.70 -40.27
C LEU F 3890 21.27 28.18 -40.27
N LEU F 3891 22.19 27.62 -39.51
CA LEU F 3891 22.27 26.17 -39.36
C LEU F 3891 21.01 25.62 -38.71
N CYS F 3892 20.51 26.31 -37.69
CA CYS F 3892 19.28 25.89 -37.03
C CYS F 3892 18.02 26.43 -37.70
N GLU F 3893 18.15 27.17 -38.80
CA GLU F 3893 17.01 27.80 -39.43
C GLU F 3893 16.08 26.76 -40.04
N GLY F 3894 14.79 27.10 -40.08
CA GLY F 3894 13.79 26.17 -40.58
C GLY F 3894 13.33 25.13 -39.59
N HIS F 3895 13.68 25.28 -38.31
CA HIS F 3895 13.30 24.34 -37.26
C HIS F 3895 13.79 22.93 -37.58
N ASN F 3896 15.08 22.83 -37.92
CA ASN F 3896 15.67 21.54 -38.26
C ASN F 3896 16.01 20.81 -36.97
N ASN F 3897 15.07 19.97 -36.51
CA ASN F 3897 15.17 19.37 -35.18
C ASN F 3897 16.38 18.47 -35.05
N ASP F 3898 16.72 17.73 -36.11
CA ASP F 3898 17.87 16.83 -36.05
C ASP F 3898 19.15 17.61 -35.80
N PHE F 3899 19.35 18.71 -36.52
CA PHE F 3899 20.58 19.47 -36.36
C PHE F 3899 20.57 20.25 -35.04
N GLN F 3900 19.39 20.68 -34.58
CA GLN F 3900 19.32 21.32 -33.27
C GLN F 3900 19.72 20.35 -32.17
N ASN F 3901 19.21 19.12 -32.23
CA ASN F 3901 19.61 18.10 -31.26
C ASN F 3901 21.09 17.78 -31.38
N TYR F 3902 21.61 17.75 -32.60
CA TYR F 3902 23.04 17.49 -32.79
C TYR F 3902 23.89 18.59 -32.17
N LEU F 3903 23.48 19.85 -32.34
CA LEU F 3903 24.20 20.95 -31.70
C LEU F 3903 24.13 20.85 -30.18
N ARG F 3904 22.96 20.48 -29.65
CA ARG F 3904 22.86 20.26 -28.21
C ARG F 3904 23.83 19.19 -27.75
N THR F 3905 23.61 17.94 -28.19
CA THR F 3905 24.50 16.85 -27.89
C THR F 3905 24.74 16.04 -29.16
N GLN F 3906 25.97 15.57 -29.32
CA GLN F 3906 26.32 14.65 -30.41
C GLN F 3906 26.50 13.27 -29.80
N THR F 3907 25.62 12.34 -30.20
CA THR F 3907 25.51 11.07 -29.50
C THR F 3907 26.80 10.25 -29.62
N GLY F 3908 27.30 10.06 -30.84
CA GLY F 3908 28.36 9.08 -31.04
C GLY F 3908 29.75 9.64 -30.85
N ASN F 3909 29.90 10.96 -30.94
CA ASN F 3909 31.22 11.56 -30.79
C ASN F 3909 31.82 11.22 -29.42
N THR F 3910 33.12 10.91 -29.41
CA THR F 3910 33.77 10.45 -28.20
C THR F 3910 33.69 11.49 -27.09
N THR F 3911 33.64 12.77 -27.45
CA THR F 3911 33.46 13.85 -26.50
C THR F 3911 32.41 14.82 -27.06
N THR F 3912 31.48 15.24 -26.22
CA THR F 3912 30.37 16.09 -26.62
C THR F 3912 30.42 17.40 -25.84
N ILE F 3913 30.28 18.52 -26.54
CA ILE F 3913 30.24 19.84 -25.94
C ILE F 3913 28.90 20.48 -26.29
N ASN F 3914 28.43 21.39 -25.43
CA ASN F 3914 27.09 21.95 -25.58
C ASN F 3914 27.18 23.38 -26.08
N ILE F 3915 26.93 23.53 -27.39
CA ILE F 3915 26.95 24.85 -28.00
C ILE F 3915 25.89 25.75 -27.37
N ILE F 3916 24.76 25.15 -26.98
CA ILE F 3916 23.70 25.93 -26.34
C ILE F 3916 24.20 26.55 -25.04
N ILE F 3917 24.83 25.76 -24.18
CA ILE F 3917 25.29 26.26 -22.89
C ILE F 3917 26.40 27.28 -23.08
N CYS F 3918 27.32 27.02 -24.01
CA CYS F 3918 28.40 27.98 -24.24
C CYS F 3918 27.89 29.29 -24.82
N THR F 3919 26.88 29.23 -25.68
CA THR F 3919 26.26 30.45 -26.17
C THR F 3919 25.58 31.22 -25.04
N VAL F 3920 24.94 30.50 -24.12
CA VAL F 3920 24.38 31.15 -22.94
C VAL F 3920 25.48 31.83 -22.13
N ASP F 3921 26.64 31.18 -22.01
CA ASP F 3921 27.76 31.78 -21.29
C ASP F 3921 28.21 33.07 -21.95
N TYR F 3922 28.32 33.08 -23.28
CA TYR F 3922 28.71 34.30 -23.97
C TYR F 3922 27.67 35.40 -23.77
N LEU F 3923 26.38 35.03 -23.83
CA LEU F 3923 25.32 36.02 -23.61
C LEU F 3923 25.41 36.61 -22.21
N LEU F 3924 25.70 35.77 -21.21
CA LEU F 3924 25.82 36.26 -19.85
C LEU F 3924 27.01 37.21 -19.71
N ARG F 3925 28.13 36.88 -20.35
CA ARG F 3925 29.28 37.77 -20.32
C ARG F 3925 28.94 39.11 -20.98
N LEU F 3926 28.25 39.07 -22.12
CA LEU F 3926 27.84 40.30 -22.79
C LEU F 3926 26.88 41.10 -21.91
N GLN F 3927 26.01 40.42 -21.17
CA GLN F 3927 25.12 41.11 -20.25
C GLN F 3927 25.90 41.84 -19.15
N GLU F 3928 26.90 41.16 -18.58
CA GLU F 3928 27.72 41.84 -17.57
C GLU F 3928 28.43 43.05 -18.16
N SER F 3929 28.92 42.93 -19.38
CA SER F 3929 29.58 44.07 -20.03
C SER F 3929 28.60 45.23 -20.24
N ILE F 3930 27.37 44.92 -20.66
CA ILE F 3930 26.37 45.96 -20.85
C ILE F 3930 26.00 46.60 -19.51
N SER F 3931 25.99 45.80 -18.44
CA SER F 3931 25.74 46.35 -17.11
C SER F 3931 26.86 47.30 -16.70
N ASP F 3932 28.11 46.96 -17.04
CA ASP F 3932 29.23 47.87 -16.77
C ASP F 3932 29.07 49.18 -17.50
N PHE F 3933 28.67 49.13 -18.78
CA PHE F 3933 28.39 50.38 -19.48
C PHE F 3933 27.22 51.13 -18.86
N TYR F 3934 26.20 50.42 -18.37
CA TYR F 3934 25.13 51.09 -17.64
C TYR F 3934 25.67 51.86 -16.44
N TRP F 3935 26.50 51.22 -15.63
CA TRP F 3935 27.00 51.91 -14.44
C TRP F 3935 27.85 53.12 -14.82
N TYR F 3936 28.72 52.96 -15.82
CA TYR F 3936 29.55 54.08 -16.24
C TYR F 3936 28.71 55.22 -16.81
N TYR F 3937 27.66 54.88 -17.55
CA TYR F 3937 26.83 55.91 -18.18
C TYR F 3937 25.96 56.61 -17.15
N SER F 3938 25.50 55.88 -16.14
CA SER F 3938 24.75 56.51 -15.06
C SER F 3938 25.67 57.32 -14.16
N GLY F 3939 26.98 57.07 -14.25
CA GLY F 3939 27.93 57.91 -13.55
C GLY F 3939 27.81 59.37 -13.93
N LYS F 3940 27.67 59.66 -15.22
CA LYS F 3940 27.47 61.03 -15.67
C LYS F 3940 26.02 61.26 -16.11
N ASP F 3941 25.70 62.51 -16.40
CA ASP F 3941 24.31 62.88 -16.68
C ASP F 3941 23.85 62.39 -18.06
N VAL F 3942 24.68 62.58 -19.09
CA VAL F 3942 24.25 62.37 -20.47
C VAL F 3942 25.23 61.43 -21.16
N ILE F 3943 24.76 60.78 -22.22
CA ILE F 3943 25.59 59.82 -22.95
C ILE F 3943 26.34 60.54 -24.05
N GLU F 3944 27.64 60.28 -24.15
CA GLU F 3944 28.45 60.84 -25.22
C GLU F 3944 28.42 59.94 -26.45
N GLU F 3945 28.73 60.54 -27.61
CA GLU F 3945 28.44 59.91 -28.90
C GLU F 3945 29.26 58.65 -29.13
N GLN F 3946 30.55 58.67 -28.76
CA GLN F 3946 31.40 57.50 -28.98
C GLN F 3946 30.87 56.31 -28.19
N GLY F 3947 30.49 56.54 -26.93
CA GLY F 3947 29.86 55.49 -26.15
C GLY F 3947 28.51 55.08 -26.70
N LYS F 3948 27.77 56.03 -27.27
CA LYS F 3948 26.53 55.69 -27.95
C LYS F 3948 26.76 54.65 -29.03
N ARG F 3949 27.77 54.89 -29.88
CA ARG F 3949 28.03 53.97 -30.99
C ARG F 3949 28.52 52.62 -30.46
N ASN F 3950 29.40 52.64 -29.45
CA ASN F 3950 29.82 51.38 -28.83
C ASN F 3950 28.64 50.58 -28.31
N PHE F 3951 27.75 51.25 -27.58
CA PHE F 3951 26.59 50.57 -27.01
C PHE F 3951 25.69 50.03 -28.12
N SER F 3952 25.50 50.80 -29.19
CA SER F 3952 24.66 50.36 -30.29
C SER F 3952 25.22 49.10 -30.96
N LYS F 3953 26.53 49.07 -31.19
CA LYS F 3953 27.12 47.89 -31.83
C LYS F 3953 27.03 46.68 -30.91
N ALA F 3954 27.23 46.88 -29.60
CA ALA F 3954 27.07 45.78 -28.66
C ALA F 3954 25.62 45.29 -28.65
N MET F 3955 24.67 46.20 -28.79
CA MET F 3955 23.26 45.83 -28.84
C MET F 3955 22.96 45.02 -30.09
N SER F 3956 23.58 45.37 -31.22
CA SER F 3956 23.41 44.57 -32.43
C SER F 3956 23.94 43.15 -32.21
N VAL F 3957 25.08 43.03 -31.56
CA VAL F 3957 25.62 41.71 -31.24
C VAL F 3957 24.64 40.93 -30.36
N ALA F 3958 24.10 41.60 -29.34
CA ALA F 3958 23.16 40.93 -28.44
C ALA F 3958 21.89 40.49 -29.19
N LYS F 3959 21.42 41.33 -30.11
CA LYS F 3959 20.29 40.96 -30.94
C LYS F 3959 20.57 39.69 -31.73
N GLN F 3960 21.77 39.61 -32.32
CA GLN F 3960 22.13 38.41 -33.06
C GLN F 3960 22.13 37.19 -32.14
N VAL F 3961 22.65 37.36 -30.92
CA VAL F 3961 22.67 36.24 -29.96
C VAL F 3961 21.25 35.78 -29.63
N PHE F 3962 20.35 36.73 -29.38
CA PHE F 3962 18.97 36.35 -29.02
C PHE F 3962 18.26 35.68 -30.19
N ASN F 3963 18.48 36.16 -31.42
CA ASN F 3963 17.90 35.48 -32.58
C ASN F 3963 18.43 34.06 -32.71
N SER F 3964 19.73 33.88 -32.47
CA SER F 3964 20.30 32.52 -32.51
C SER F 3964 19.65 31.62 -31.47
N LEU F 3965 19.47 32.13 -30.24
CA LEU F 3965 18.84 31.33 -29.19
C LEU F 3965 17.40 30.98 -29.56
N THR F 3966 16.67 31.94 -30.13
CA THR F 3966 15.30 31.66 -30.55
C THR F 3966 15.27 30.56 -31.60
N GLU F 3967 16.18 30.62 -32.57
CA GLU F 3967 16.24 29.56 -33.57
C GLU F 3967 16.61 28.22 -32.95
N TYR F 3968 17.44 28.23 -31.90
CA TYR F 3968 17.73 26.98 -31.20
C TYR F 3968 16.47 26.40 -30.57
N ILE F 3969 15.68 27.24 -29.90
CA ILE F 3969 14.63 26.70 -29.02
C ILE F 3969 13.32 26.47 -29.77
N GLN F 3970 13.19 27.05 -30.96
CA GLN F 3970 11.96 26.87 -31.72
C GLN F 3970 11.83 25.43 -32.21
N GLY F 3971 10.63 25.09 -32.68
CA GLY F 3971 10.35 23.79 -33.27
C GLY F 3971 9.11 23.10 -32.73
N PRO F 3972 8.88 23.13 -31.40
CA PRO F 3972 9.78 23.42 -30.29
C PRO F 3972 10.63 22.21 -29.90
N CYS F 3973 11.95 22.38 -29.88
CA CYS F 3973 12.85 21.30 -29.52
C CYS F 3973 12.84 21.15 -28.00
N THR F 3974 12.23 20.05 -27.53
CA THR F 3974 12.05 19.87 -26.09
C THR F 3974 13.37 19.75 -25.35
N GLY F 3975 14.33 19.02 -25.92
CA GLY F 3975 15.63 18.89 -25.27
C GLY F 3975 16.36 20.21 -25.17
N ASN F 3976 16.35 21.00 -26.24
CA ASN F 3976 16.95 22.33 -26.18
C ASN F 3976 16.24 23.22 -25.18
N GLN F 3977 14.91 23.14 -25.13
CA GLN F 3977 14.16 23.93 -24.16
C GLN F 3977 14.55 23.58 -22.74
N GLN F 3978 14.64 22.29 -22.42
CA GLN F 3978 14.98 21.88 -21.06
C GLN F 3978 16.42 22.24 -20.72
N SER F 3979 17.34 22.05 -21.66
CA SER F 3979 18.74 22.42 -21.42
C SER F 3979 18.88 23.92 -21.18
N LEU F 3980 18.19 24.73 -21.98
CA LEU F 3980 18.22 26.18 -21.78
C LEU F 3980 17.59 26.55 -20.45
N ALA F 3981 16.52 25.87 -20.06
CA ALA F 3981 15.87 26.15 -18.79
C ALA F 3981 16.80 25.86 -17.63
N HIS F 3982 17.54 24.75 -17.69
CA HIS F 3982 18.45 24.42 -16.60
C HIS F 3982 19.75 25.21 -16.69
N SER F 3983 19.99 25.85 -17.83
CA SER F 3983 21.22 26.62 -18.00
C SER F 3983 21.17 27.93 -17.21
N ARG F 3984 22.23 28.72 -17.37
CA ARG F 3984 22.36 30.01 -16.71
C ARG F 3984 21.64 31.14 -17.45
N LEU F 3985 20.69 30.82 -18.33
CA LEU F 3985 20.01 31.87 -19.09
C LEU F 3985 19.28 32.84 -18.17
N TRP F 3986 18.67 32.32 -17.10
CA TRP F 3986 17.75 33.13 -16.30
C TRP F 3986 18.46 34.33 -15.68
N ASP F 3987 19.67 34.12 -15.16
CA ASP F 3987 20.41 35.22 -14.55
C ASP F 3987 20.72 36.31 -15.57
N ALA F 3988 21.19 35.91 -16.76
CA ALA F 3988 21.48 36.89 -17.80
C ALA F 3988 20.22 37.63 -18.23
N VAL F 3989 19.09 36.93 -18.28
CA VAL F 3989 17.83 37.55 -18.67
C VAL F 3989 17.39 38.59 -17.63
N VAL F 3990 17.51 38.25 -16.34
CA VAL F 3990 17.21 39.23 -15.30
C VAL F 3990 18.14 40.43 -15.42
N GLY F 3991 19.42 40.18 -15.72
CA GLY F 3991 20.35 41.27 -15.91
C GLY F 3991 19.95 42.20 -17.05
N PHE F 3992 19.63 41.62 -18.21
CA PHE F 3992 19.12 42.43 -19.31
C PHE F 3992 17.86 43.17 -18.93
N LEU F 3993 17.01 42.56 -18.09
CA LEU F 3993 15.78 43.22 -17.68
C LEU F 3993 16.07 44.51 -16.90
N HIS F 3994 16.91 44.43 -15.86
CA HIS F 3994 17.15 45.64 -15.08
C HIS F 3994 17.92 46.66 -15.92
N VAL F 3995 18.87 46.18 -16.73
CA VAL F 3995 19.62 47.08 -17.59
C VAL F 3995 18.69 47.82 -18.54
N PHE F 3996 17.76 47.09 -19.17
CA PHE F 3996 16.84 47.71 -20.11
C PHE F 3996 15.94 48.72 -19.42
N ALA F 3997 15.47 48.39 -18.22
CA ALA F 3997 14.63 49.32 -17.48
C ALA F 3997 15.33 50.65 -17.26
N HIS F 3998 16.54 50.59 -16.71
CA HIS F 3998 17.27 51.81 -16.46
C HIS F 3998 17.68 52.49 -17.77
N MET F 3999 17.93 51.70 -18.82
CA MET F 3999 18.11 52.28 -20.15
C MET F 3999 16.95 53.18 -20.52
N MET F 4000 15.73 52.63 -20.69
CA MET F 4000 14.72 53.49 -21.29
C MET F 4000 14.36 54.63 -20.35
N MET F 4001 14.56 54.44 -19.02
CA MET F 4001 14.51 55.60 -18.13
C MET F 4001 15.44 56.71 -18.59
N LYS F 4002 16.76 56.44 -18.60
CA LYS F 4002 17.71 57.50 -18.90
C LYS F 4002 17.62 57.97 -20.34
N LEU F 4003 17.16 57.09 -21.24
CA LEU F 4003 17.09 57.42 -22.65
C LEU F 4003 15.89 58.32 -22.94
N ALA F 4004 14.77 58.09 -22.24
CA ALA F 4004 13.61 58.96 -22.39
C ALA F 4004 13.81 60.25 -21.61
N GLN F 4005 14.79 60.28 -20.69
CA GLN F 4005 15.14 61.53 -20.02
C GLN F 4005 15.42 62.65 -21.03
N ASP F 4006 16.10 62.34 -22.12
CA ASP F 4006 16.51 63.35 -23.10
C ASP F 4006 16.05 62.95 -24.50
N SER F 4007 15.93 63.94 -25.38
CA SER F 4007 15.39 63.70 -26.72
C SER F 4007 16.43 63.10 -27.64
N SER F 4008 17.70 63.46 -27.47
CA SER F 4008 18.74 63.09 -28.44
C SER F 4008 18.94 61.58 -28.49
N GLN F 4009 18.59 60.88 -27.41
CA GLN F 4009 18.81 59.44 -27.34
C GLN F 4009 17.69 58.61 -27.97
N ILE F 4010 16.87 59.22 -28.84
CA ILE F 4010 15.67 58.55 -29.32
C ILE F 4010 15.99 57.35 -30.21
N GLU F 4011 17.05 57.46 -31.02
CA GLU F 4011 17.40 56.34 -31.90
C GLU F 4011 17.95 55.17 -31.11
N LEU F 4012 18.81 55.45 -30.13
CA LEU F 4012 19.29 54.39 -29.25
C LEU F 4012 18.14 53.78 -28.47
N LEU F 4013 17.12 54.59 -28.13
CA LEU F 4013 15.93 54.04 -27.49
C LEU F 4013 15.16 53.12 -28.42
N LYS F 4014 15.09 53.47 -29.71
CA LYS F 4014 14.45 52.58 -30.68
C LYS F 4014 15.18 51.25 -30.75
N GLU F 4015 16.52 51.30 -30.82
CA GLU F 4015 17.30 50.06 -30.84
C GLU F 4015 17.10 49.28 -29.54
N LEU F 4016 16.95 50.00 -28.42
CA LEU F 4016 16.67 49.35 -27.15
C LEU F 4016 15.37 48.57 -27.20
N LEU F 4017 14.32 49.20 -27.72
CA LEU F 4017 13.03 48.54 -27.82
C LEU F 4017 13.11 47.32 -28.74
N ASP F 4018 13.88 47.44 -29.83
CA ASP F 4018 14.08 46.30 -30.73
C ASP F 4018 14.74 45.13 -30.00
N LEU F 4019 15.80 45.43 -29.24
CA LEU F 4019 16.48 44.37 -28.50
C LEU F 4019 15.55 43.73 -27.47
N GLN F 4020 14.76 44.55 -26.77
CA GLN F 4020 13.84 44.02 -25.78
C GLN F 4020 12.78 43.14 -26.42
N LYS F 4021 12.30 43.50 -27.61
CA LYS F 4021 11.26 42.67 -28.23
C LYS F 4021 11.84 41.37 -28.77
N ASP F 4022 13.10 41.39 -29.21
CA ASP F 4022 13.77 40.13 -29.52
C ASP F 4022 13.89 39.25 -28.26
N MET F 4023 14.24 39.88 -27.14
CA MET F 4023 14.24 39.19 -25.85
C MET F 4023 12.90 38.53 -25.56
N VAL F 4024 11.81 39.29 -25.72
CA VAL F 4024 10.48 38.78 -25.36
C VAL F 4024 10.05 37.67 -26.31
N VAL F 4025 10.40 37.78 -27.60
CA VAL F 4025 10.01 36.72 -28.53
C VAL F 4025 10.80 35.45 -28.23
N MET F 4026 12.06 35.59 -27.77
CA MET F 4026 12.78 34.40 -27.32
C MET F 4026 12.10 33.77 -26.10
N LEU F 4027 11.64 34.61 -25.16
CA LEU F 4027 10.94 34.08 -24.00
C LEU F 4027 9.65 33.36 -24.41
N LEU F 4028 8.93 33.91 -25.40
CA LEU F 4028 7.72 33.26 -25.89
C LEU F 4028 8.05 31.94 -26.57
N SER F 4029 9.16 31.89 -27.31
CA SER F 4029 9.59 30.63 -27.90
C SER F 4029 9.89 29.60 -26.81
N LEU F 4030 10.42 30.06 -25.67
CA LEU F 4030 10.57 29.17 -24.52
C LEU F 4030 9.21 28.71 -23.99
N LEU F 4031 8.24 29.62 -23.94
CA LEU F 4031 6.89 29.26 -23.52
C LEU F 4031 6.24 28.24 -24.46
N GLU F 4032 6.70 28.18 -25.70
CA GLU F 4032 6.10 27.27 -26.68
C GLU F 4032 6.04 25.85 -26.16
N GLY F 4033 4.87 25.23 -26.28
CA GLY F 4033 4.67 23.86 -25.85
C GLY F 4033 4.47 23.66 -24.37
N ASN F 4034 4.39 24.73 -23.59
CA ASN F 4034 4.27 24.58 -22.14
C ASN F 4034 2.85 24.18 -21.75
N VAL F 4035 2.75 23.25 -20.81
CA VAL F 4035 1.47 22.81 -20.28
C VAL F 4035 0.99 23.78 -19.21
N VAL F 4036 -0.28 23.65 -18.83
CA VAL F 4036 -0.78 24.42 -17.70
C VAL F 4036 -0.01 24.01 -16.45
N ASN F 4037 0.44 25.02 -15.69
CA ASN F 4037 1.36 24.82 -14.57
C ASN F 4037 2.62 24.07 -15.00
N GLY F 4038 3.22 24.52 -16.10
CA GLY F 4038 4.44 23.89 -16.57
C GLY F 4038 5.67 24.40 -15.85
N MET F 4039 6.72 23.59 -15.90
CA MET F 4039 7.94 23.94 -15.18
C MET F 4039 8.59 25.20 -15.74
N ILE F 4040 8.65 25.33 -17.07
CA ILE F 4040 9.28 26.50 -17.69
C ILE F 4040 8.48 27.76 -17.38
N ALA F 4041 7.15 27.68 -17.46
CA ALA F 4041 6.31 28.82 -17.12
C ALA F 4041 6.49 29.20 -15.65
N ARG F 4042 6.56 28.21 -14.76
CA ARG F 4042 6.79 28.51 -13.35
C ARG F 4042 8.15 29.18 -13.14
N GLN F 4043 9.17 28.72 -13.86
CA GLN F 4043 10.50 29.32 -13.72
C GLN F 4043 10.50 30.77 -14.21
N MET F 4044 9.81 31.06 -15.30
CA MET F 4044 9.73 32.45 -15.76
C MET F 4044 8.89 33.32 -14.83
N VAL F 4045 7.84 32.75 -14.22
CA VAL F 4045 7.11 33.50 -13.19
C VAL F 4045 8.03 33.81 -12.02
N ASP F 4046 8.85 32.84 -11.61
CA ASP F 4046 9.84 33.09 -10.57
C ASP F 4046 10.81 34.19 -10.99
N MET F 4047 11.24 34.16 -12.26
CA MET F 4047 12.07 35.24 -12.81
C MET F 4047 11.43 36.60 -12.62
N LEU F 4048 10.18 36.73 -13.02
CA LEU F 4048 9.49 38.01 -12.84
C LEU F 4048 9.41 38.36 -11.36
N VAL F 4049 9.32 37.36 -10.49
CA VAL F 4049 9.32 37.64 -9.06
C VAL F 4049 10.64 38.24 -8.61
N GLU F 4050 11.76 37.61 -8.98
CA GLU F 4050 13.05 38.14 -8.54
C GLU F 4050 13.35 39.50 -9.17
N SER F 4051 13.01 39.67 -10.44
CA SER F 4051 13.20 40.93 -11.14
C SER F 4051 11.96 41.81 -11.09
N SER F 4052 11.16 41.68 -10.02
CA SER F 4052 9.89 42.39 -9.94
C SER F 4052 10.06 43.89 -10.15
N SER F 4053 10.79 44.56 -9.25
CA SER F 4053 10.85 46.02 -9.29
C SER F 4053 11.22 46.52 -10.68
N ASN F 4054 12.13 45.82 -11.35
CA ASN F 4054 12.45 46.15 -12.74
C ASN F 4054 11.25 45.92 -13.65
N VAL F 4055 10.51 44.85 -13.41
CA VAL F 4055 9.38 44.52 -14.27
C VAL F 4055 8.27 45.56 -14.14
N GLU F 4056 7.87 45.88 -12.91
CA GLU F 4056 6.87 46.94 -12.75
C GLU F 4056 7.42 48.29 -13.18
N MET F 4057 8.74 48.47 -13.16
CA MET F 4057 9.31 49.73 -13.66
C MET F 4057 9.11 49.86 -15.16
N ILE F 4058 9.41 48.81 -15.91
CA ILE F 4058 9.18 48.82 -17.36
C ILE F 4058 7.69 48.96 -17.66
N LEU F 4059 6.85 48.22 -16.93
CA LEU F 4059 5.42 48.32 -17.13
C LEU F 4059 4.92 49.73 -16.83
N LYS F 4060 5.50 50.38 -15.81
CA LYS F 4060 5.12 51.75 -15.50
C LYS F 4060 5.52 52.69 -16.63
N PHE F 4061 6.73 52.52 -17.17
CA PHE F 4061 7.10 53.24 -18.39
C PHE F 4061 5.99 53.16 -19.43
N PHE F 4062 5.64 51.94 -19.84
CA PHE F 4062 4.68 51.78 -20.93
C PHE F 4062 3.31 52.34 -20.57
N ASP F 4063 2.83 52.06 -19.34
CA ASP F 4063 1.49 52.47 -18.99
C ASP F 4063 1.36 53.97 -18.84
N MET F 4064 2.40 54.62 -18.29
CA MET F 4064 2.32 56.07 -18.14
C MET F 4064 2.38 56.75 -19.50
N PHE F 4065 3.15 56.19 -20.45
CA PHE F 4065 3.17 56.80 -21.78
C PHE F 4065 1.85 56.59 -22.51
N LEU F 4066 1.23 55.41 -22.35
CA LEU F 4066 -0.10 55.21 -22.93
C LEU F 4066 -1.11 56.17 -22.32
N LYS F 4067 -1.07 56.35 -20.99
CA LYS F 4067 -1.98 57.27 -20.33
C LYS F 4067 -1.76 58.71 -20.79
N LEU F 4068 -0.49 59.10 -20.96
CA LEU F 4068 -0.18 60.43 -21.47
C LEU F 4068 -0.75 60.62 -22.88
N LYS F 4069 -0.58 59.62 -23.74
CA LYS F 4069 -1.17 59.70 -25.08
C LYS F 4069 -2.68 59.85 -25.00
N ASP F 4070 -3.30 59.18 -24.03
CA ASP F 4070 -4.74 59.35 -23.83
C ASP F 4070 -5.08 60.78 -23.41
N ILE F 4071 -4.28 61.36 -22.51
CA ILE F 4071 -4.69 62.59 -21.85
C ILE F 4071 -4.36 63.82 -22.68
N VAL F 4072 -3.37 63.72 -23.59
CA VAL F 4072 -3.10 64.86 -24.47
C VAL F 4072 -4.31 65.20 -25.32
N GLY F 4073 -5.22 64.24 -25.50
CA GLY F 4073 -6.46 64.52 -26.19
C GLY F 4073 -7.62 64.76 -25.24
N SER F 4074 -7.36 64.74 -23.94
CA SER F 4074 -8.43 64.84 -22.95
C SER F 4074 -9.02 66.24 -22.90
N GLU F 4075 -10.30 66.31 -22.54
CA GLU F 4075 -10.99 67.60 -22.51
C GLU F 4075 -10.44 68.50 -21.41
N ALA F 4076 -10.02 67.91 -20.28
CA ALA F 4076 -9.38 68.71 -19.23
C ALA F 4076 -8.08 69.31 -19.73
N PHE F 4077 -7.29 68.53 -20.47
CA PHE F 4077 -6.06 69.04 -21.04
C PHE F 4077 -6.35 70.17 -22.04
N GLN F 4078 -7.40 70.00 -22.85
CA GLN F 4078 -7.77 71.05 -23.79
C GLN F 4078 -8.20 72.33 -23.07
N ASP F 4079 -8.97 72.18 -21.98
CA ASP F 4079 -9.36 73.35 -21.21
C ASP F 4079 -8.15 74.05 -20.60
N TYR F 4080 -7.18 73.28 -20.11
CA TYR F 4080 -5.97 73.88 -19.56
C TYR F 4080 -5.18 74.61 -20.64
N VAL F 4081 -5.14 74.06 -21.85
CA VAL F 4081 -4.50 74.76 -22.96
C VAL F 4081 -5.18 76.11 -23.17
N THR F 4082 -4.38 77.17 -23.28
CA THR F 4082 -4.89 78.53 -23.30
C THR F 4082 -4.30 79.40 -24.41
N ASP F 4083 -3.64 78.81 -25.40
CA ASP F 4083 -3.06 79.62 -26.47
C ASP F 4083 -3.51 79.12 -27.83
N PRO F 4084 -3.51 80.00 -28.84
CA PRO F 4084 -3.79 79.54 -30.22
C PRO F 4084 -2.73 78.60 -30.77
N ARG F 4085 -1.48 78.72 -30.32
CA ARG F 4085 -0.40 77.93 -30.90
C ARG F 4085 -0.58 76.44 -30.64
N GLY F 4086 -1.36 76.08 -29.64
CA GLY F 4086 -1.52 74.69 -29.27
C GLY F 4086 -0.44 74.17 -28.34
N LEU F 4087 0.55 74.98 -27.98
CA LEU F 4087 1.55 74.58 -27.02
C LEU F 4087 0.98 74.65 -25.61
N ILE F 4088 1.64 73.96 -24.66
CA ILE F 4088 1.26 74.00 -23.26
C ILE F 4088 2.48 74.36 -22.43
N SER F 4089 2.29 75.24 -21.45
CA SER F 4089 3.40 75.61 -20.58
C SER F 4089 3.63 74.55 -19.52
N LYS F 4090 4.79 74.64 -18.86
CA LYS F 4090 5.18 73.63 -17.88
C LYS F 4090 4.23 73.63 -16.70
N LYS F 4091 3.90 74.80 -16.16
CA LYS F 4091 2.98 74.86 -15.02
C LYS F 4091 1.56 74.52 -15.44
N ASP F 4092 1.18 74.87 -16.67
CA ASP F 4092 -0.12 74.45 -17.19
C ASP F 4092 -0.23 72.93 -17.22
N PHE F 4093 0.81 72.26 -17.72
CA PHE F 4093 0.83 70.80 -17.75
C PHE F 4093 0.80 70.24 -16.34
N GLN F 4094 1.55 70.85 -15.41
CA GLN F 4094 1.55 70.39 -14.03
C GLN F 4094 0.15 70.48 -13.41
N LYS F 4095 -0.51 71.62 -13.61
CA LYS F 4095 -1.86 71.80 -13.05
C LYS F 4095 -2.84 70.83 -13.69
N ALA F 4096 -2.73 70.61 -14.99
CA ALA F 4096 -3.62 69.65 -15.65
C ALA F 4096 -3.43 68.25 -15.08
N MET F 4097 -2.17 67.83 -14.88
CA MET F 4097 -1.93 66.50 -14.35
C MET F 4097 -2.43 66.37 -12.92
N ASP F 4098 -2.19 67.37 -12.07
CA ASP F 4098 -2.61 67.23 -10.69
C ASP F 4098 -4.13 67.34 -10.54
N SER F 4099 -4.77 68.05 -11.47
CA SER F 4099 -6.24 68.04 -11.50
C SER F 4099 -6.77 66.70 -12.00
N GLN F 4100 -6.02 66.04 -12.88
CA GLN F 4100 -6.43 64.72 -13.34
C GLN F 4100 -6.28 63.67 -12.24
N LYS F 4101 -5.28 63.85 -11.37
CA LYS F 4101 -4.94 62.94 -10.26
C LYS F 4101 -4.47 61.58 -10.74
N GLN F 4102 -4.30 61.38 -12.05
CA GLN F 4102 -3.97 60.05 -12.56
C GLN F 4102 -2.54 59.66 -12.23
N PHE F 4103 -1.63 60.64 -12.21
CA PHE F 4103 -0.23 60.40 -11.95
C PHE F 4103 0.14 60.98 -10.57
N THR F 4104 0.89 60.22 -9.80
CA THR F 4104 1.39 60.70 -8.52
C THR F 4104 2.46 61.78 -8.75
N GLY F 4105 2.93 62.36 -7.64
CA GLY F 4105 3.92 63.41 -7.70
C GLY F 4105 5.24 63.03 -8.36
N PRO F 4106 5.91 61.96 -7.91
CA PRO F 4106 7.13 61.53 -8.61
C PRO F 4106 6.87 61.15 -10.07
N GLU F 4107 5.70 60.58 -10.36
CA GLU F 4107 5.36 60.25 -11.73
C GLU F 4107 5.26 61.50 -12.60
N ILE F 4108 4.63 62.54 -12.07
CA ILE F 4108 4.53 63.81 -12.79
C ILE F 4108 5.91 64.44 -12.94
N GLN F 4109 6.77 64.30 -11.93
CA GLN F 4109 8.13 64.81 -12.04
C GLN F 4109 8.89 64.10 -13.15
N PHE F 4110 8.75 62.78 -13.24
CA PHE F 4110 9.45 62.04 -14.29
C PHE F 4110 8.88 62.39 -15.66
N LEU F 4111 7.57 62.60 -15.75
CA LEU F 4111 6.97 63.06 -17.01
C LEU F 4111 7.51 64.44 -17.40
N LEU F 4112 7.66 65.33 -16.42
CA LEU F 4112 8.24 66.64 -16.70
C LEU F 4112 9.67 66.53 -17.19
N SER F 4113 10.46 65.65 -16.57
CA SER F 4113 11.84 65.45 -16.99
C SER F 4113 11.91 64.88 -18.41
N CYS F 4114 11.02 63.93 -18.73
CA CYS F 4114 10.98 63.39 -20.08
C CYS F 4114 10.57 64.43 -21.09
N SER F 4115 9.62 65.30 -20.71
CA SER F 4115 9.15 66.34 -21.63
C SER F 4115 10.29 67.30 -21.98
N GLU F 4116 10.38 67.64 -23.26
CA GLU F 4116 11.41 68.58 -23.70
C GLU F 4116 11.09 69.96 -23.17
N ALA F 4117 11.77 70.35 -22.10
CA ALA F 4117 11.52 71.60 -21.40
C ALA F 4117 12.22 72.74 -22.14
N ASP F 4118 11.44 73.54 -22.85
CA ASP F 4118 11.99 74.69 -23.55
C ASP F 4118 12.45 75.75 -22.54
N GLU F 4119 13.25 76.70 -23.03
CA GLU F 4119 13.71 77.78 -22.16
C GLU F 4119 12.54 78.61 -21.65
N ASN F 4120 11.53 78.83 -22.49
CA ASN F 4120 10.32 79.49 -22.03
C ASN F 4120 9.39 78.50 -21.32
N GLU F 4121 9.82 77.24 -21.19
CA GLU F 4121 9.06 76.19 -20.53
C GLU F 4121 7.73 75.96 -21.24
N MET F 4122 7.74 76.01 -22.58
CA MET F 4122 6.52 75.86 -23.35
C MET F 4122 6.62 74.61 -24.23
N ILE F 4123 5.62 73.75 -24.16
CA ILE F 4123 5.74 72.37 -24.62
C ILE F 4123 4.66 72.04 -25.65
N ASN F 4124 5.05 71.32 -26.70
CA ASN F 4124 4.11 70.76 -27.67
C ASN F 4124 3.75 69.33 -27.24
N PHE F 4125 2.63 69.21 -26.51
CA PHE F 4125 2.23 67.91 -25.98
C PHE F 4125 1.91 66.93 -27.10
N GLU F 4126 1.45 67.43 -28.25
CA GLU F 4126 1.16 66.56 -29.37
C GLU F 4126 2.37 65.73 -29.77
N GLU F 4127 3.44 66.40 -30.19
CA GLU F 4127 4.64 65.67 -30.61
C GLU F 4127 5.28 64.95 -29.43
N PHE F 4128 5.23 65.55 -28.23
CA PHE F 4128 5.84 64.89 -27.07
C PHE F 4128 5.20 63.54 -26.81
N ALA F 4129 3.87 63.46 -26.87
CA ALA F 4129 3.20 62.17 -26.66
C ALA F 4129 3.39 61.26 -27.87
N ASN F 4130 3.37 61.81 -29.09
CA ASN F 4130 3.36 60.97 -30.27
C ASN F 4130 4.72 60.35 -30.55
N ARG F 4131 5.80 60.96 -30.07
CA ARG F 4131 7.13 60.46 -30.42
C ARG F 4131 7.39 59.08 -29.83
N PHE F 4132 6.89 58.81 -28.62
CA PHE F 4132 7.24 57.56 -27.95
C PHE F 4132 6.33 56.42 -28.38
N GLN F 4133 5.11 56.73 -28.83
CA GLN F 4133 4.09 55.70 -28.99
C GLN F 4133 4.45 54.72 -30.10
N GLU F 4134 4.88 55.22 -31.26
CA GLU F 4134 5.16 54.31 -32.38
C GLU F 4134 6.28 53.32 -32.08
N PRO F 4135 7.45 53.71 -31.56
CA PRO F 4135 8.46 52.69 -31.22
C PRO F 4135 8.00 51.72 -30.15
N ALA F 4136 7.16 52.17 -29.22
CA ALA F 4136 6.84 51.36 -28.05
C ALA F 4136 5.68 50.41 -28.31
N ARG F 4137 5.16 50.40 -29.54
CA ARG F 4137 3.99 49.59 -29.84
C ARG F 4137 4.26 48.10 -29.69
N ASP F 4138 5.12 47.53 -30.54
CA ASP F 4138 5.19 46.08 -30.64
C ASP F 4138 5.99 45.48 -29.49
N ILE F 4139 6.84 46.27 -28.85
CA ILE F 4139 7.37 45.86 -27.54
C ILE F 4139 6.25 45.77 -26.51
N GLY F 4140 5.35 46.76 -26.48
CA GLY F 4140 4.20 46.66 -25.61
C GLY F 4140 3.34 45.46 -25.96
N PHE F 4141 3.17 45.19 -27.25
CA PHE F 4141 2.38 44.04 -27.67
C PHE F 4141 3.03 42.73 -27.21
N ASN F 4142 4.35 42.61 -27.36
CA ASN F 4142 5.02 41.38 -26.96
C ASN F 4142 4.96 41.20 -25.44
N VAL F 4143 5.12 42.28 -24.68
CA VAL F 4143 4.99 42.19 -23.23
C VAL F 4143 3.58 41.75 -22.86
N ALA F 4144 2.57 42.33 -23.52
CA ALA F 4144 1.19 41.94 -23.24
C ALA F 4144 0.94 40.48 -23.58
N VAL F 4145 1.48 40.01 -24.70
CA VAL F 4145 1.32 38.60 -25.08
C VAL F 4145 1.96 37.68 -24.06
N LEU F 4146 3.19 38.01 -23.62
CA LEU F 4146 3.85 37.20 -22.62
C LEU F 4146 3.06 37.15 -21.32
N LEU F 4147 2.59 38.31 -20.85
CA LEU F 4147 1.83 38.36 -19.60
C LEU F 4147 0.53 37.60 -19.73
N THR F 4148 -0.16 37.72 -20.86
CA THR F 4148 -1.44 37.04 -21.04
C THR F 4148 -1.25 35.53 -21.13
N ASN F 4149 -0.22 35.09 -21.85
CA ASN F 4149 0.10 33.67 -21.92
C ASN F 4149 0.40 33.10 -20.53
N LEU F 4150 1.21 33.82 -19.75
CA LEU F 4150 1.49 33.36 -18.40
C LEU F 4150 0.23 33.36 -17.54
N SER F 4151 -0.62 34.37 -17.72
CA SER F 4151 -1.85 34.46 -16.93
C SER F 4151 -2.75 33.25 -17.18
N GLU F 4152 -2.88 32.84 -18.45
CA GLU F 4152 -3.73 31.69 -18.72
C GLU F 4152 -3.06 30.39 -18.32
N HIS F 4153 -1.75 30.26 -18.54
CA HIS F 4153 -1.09 28.97 -18.34
C HIS F 4153 -0.84 28.69 -16.85
N VAL F 4154 -0.61 29.72 -16.05
CA VAL F 4154 -0.46 29.56 -14.60
C VAL F 4154 -1.64 30.27 -13.96
N PRO F 4155 -2.70 29.56 -13.60
CA PRO F 4155 -3.94 30.26 -13.17
C PRO F 4155 -3.85 30.88 -11.80
N HIS F 4156 -3.05 30.33 -10.89
CA HIS F 4156 -3.04 30.75 -9.48
C HIS F 4156 -1.64 31.25 -9.10
N ASP F 4157 -1.46 32.57 -9.18
CA ASP F 4157 -0.23 33.23 -8.77
C ASP F 4157 -0.51 34.69 -8.44
N PRO F 4158 -0.62 35.07 -7.17
CA PRO F 4158 -0.91 36.48 -6.86
C PRO F 4158 0.18 37.45 -7.31
N ARG F 4159 1.42 36.99 -7.42
CA ARG F 4159 2.45 37.83 -8.01
C ARG F 4159 2.13 38.13 -9.47
N LEU F 4160 1.70 37.12 -10.21
CA LEU F 4160 1.23 37.35 -11.58
C LEU F 4160 0.02 38.26 -11.59
N ARG F 4161 -0.84 38.14 -10.58
CA ARG F 4161 -1.95 39.09 -10.42
C ARG F 4161 -1.45 40.52 -10.35
N ASN F 4162 -0.45 40.78 -9.51
CA ASN F 4162 0.00 42.17 -9.35
C ASN F 4162 0.67 42.67 -10.62
N PHE F 4163 1.42 41.80 -11.30
CA PHE F 4163 1.99 42.17 -12.60
C PHE F 4163 0.89 42.57 -13.57
N LEU F 4164 -0.17 41.75 -13.69
CA LEU F 4164 -1.25 42.07 -14.60
C LEU F 4164 -1.97 43.35 -14.19
N GLU F 4165 -2.18 43.55 -12.89
CA GLU F 4165 -2.88 44.74 -12.43
C GLU F 4165 -2.10 46.01 -12.77
N LEU F 4166 -0.76 45.98 -12.60
CA LEU F 4166 0.02 47.15 -12.95
C LEU F 4166 0.18 47.29 -14.46
N ALA F 4167 -0.02 46.20 -15.20
CA ALA F 4167 0.07 46.25 -16.65
C ALA F 4167 -1.29 46.24 -17.35
N GLU F 4168 -2.37 46.58 -16.64
CA GLU F 4168 -3.71 46.50 -17.23
C GLU F 4168 -3.84 47.42 -18.44
N SER F 4169 -3.33 48.65 -18.35
CA SER F 4169 -3.55 49.61 -19.42
C SER F 4169 -2.91 49.17 -20.73
N ILE F 4170 -1.73 48.54 -20.65
CA ILE F 4170 -1.13 47.96 -21.85
C ILE F 4170 -2.01 46.85 -22.39
N LEU F 4171 -2.46 45.95 -21.51
CA LEU F 4171 -3.34 44.87 -21.93
C LEU F 4171 -4.66 45.40 -22.43
N GLU F 4172 -5.16 46.48 -21.81
CA GLU F 4172 -6.44 47.06 -22.25
C GLU F 4172 -6.30 47.73 -23.60
N TYR F 4173 -5.14 48.35 -23.87
CA TYR F 4173 -4.96 49.03 -25.15
C TYR F 4173 -4.73 48.03 -26.27
N PHE F 4174 -3.97 46.97 -26.01
CA PHE F 4174 -3.75 45.93 -27.00
C PHE F 4174 -4.84 44.86 -26.97
N ARG F 4175 -5.87 45.08 -26.16
CA ARG F 4175 -7.02 44.16 -26.12
C ARG F 4175 -7.59 43.90 -27.52
N PRO F 4176 -7.86 44.91 -28.36
CA PRO F 4176 -8.41 44.60 -29.69
C PRO F 4176 -7.43 43.89 -30.61
N TYR F 4177 -6.15 44.28 -30.58
CA TYR F 4177 -5.22 43.78 -31.59
C TYR F 4177 -4.67 42.40 -31.23
N LEU F 4178 -4.84 41.97 -29.99
CA LEU F 4178 -4.42 40.64 -29.62
C LEU F 4178 -5.39 39.62 -30.20
N GLY F 4179 -4.85 38.60 -30.86
CA GLY F 4179 -5.67 37.54 -31.41
C GLY F 4179 -5.24 36.19 -30.88
N ARG F 4180 -6.19 35.42 -30.35
CA ARG F 4180 -5.91 34.15 -29.71
C ARG F 4180 -6.74 33.06 -30.36
N ILE F 4181 -6.07 31.98 -30.77
CA ILE F 4181 -6.74 30.83 -31.36
C ILE F 4181 -6.28 29.58 -30.63
N GLU F 4182 -6.96 28.47 -30.89
CA GLU F 4182 -6.61 27.18 -30.31
C GLU F 4182 -6.41 26.17 -31.44
N ILE F 4183 -5.31 25.42 -31.39
CA ILE F 4183 -4.95 24.51 -32.47
C ILE F 4183 -4.62 23.14 -31.91
N MET F 4184 -4.61 22.17 -32.82
CA MET F 4184 -4.36 20.77 -32.53
C MET F 4184 -2.87 20.49 -32.66
N GLY F 4185 -2.18 20.38 -31.53
CA GLY F 4185 -0.74 20.38 -31.53
C GLY F 4185 -0.10 19.08 -32.02
N ALA F 4186 1.21 19.14 -32.21
CA ALA F 4186 1.98 17.95 -32.53
C ALA F 4186 1.92 16.94 -31.41
N SER F 4187 1.80 17.41 -30.17
CA SER F 4187 1.61 16.50 -29.03
C SER F 4187 0.16 16.04 -28.96
N ARG F 4188 -0.64 16.39 -29.96
CA ARG F 4188 -2.04 16.03 -30.07
C ARG F 4188 -2.87 16.59 -28.91
N ARG F 4189 -2.46 17.72 -28.37
CA ARG F 4189 -3.19 18.42 -27.33
C ARG F 4189 -3.38 19.89 -27.68
N ILE F 4190 -4.43 20.49 -27.15
CA ILE F 4190 -4.83 21.83 -27.54
C ILE F 4190 -3.77 22.84 -27.12
N GLU F 4191 -3.40 23.73 -28.05
CA GLU F 4191 -2.45 24.79 -27.75
C GLU F 4191 -3.01 26.13 -28.19
N ARG F 4192 -2.82 27.15 -27.37
CA ARG F 4192 -3.27 28.51 -27.68
C ARG F 4192 -2.15 29.30 -28.34
N ILE F 4193 -2.49 29.95 -29.45
CA ILE F 4193 -1.57 30.76 -30.23
C ILE F 4193 -2.03 32.22 -30.15
N TYR F 4194 -1.08 33.11 -29.90
CA TYR F 4194 -1.34 34.54 -29.83
C TYR F 4194 -0.61 35.23 -30.97
N PHE F 4195 -1.26 36.22 -31.57
CA PHE F 4195 -0.70 36.93 -32.72
C PHE F 4195 -1.27 38.34 -32.78
N GLU F 4196 -0.71 39.14 -33.69
CA GLU F 4196 -1.14 40.52 -33.83
C GLU F 4196 -2.12 40.68 -34.98
N ILE F 4197 -3.13 41.53 -34.79
CA ILE F 4197 -4.13 41.83 -35.78
C ILE F 4197 -4.05 43.31 -36.11
N SER F 4198 -3.86 43.64 -37.38
CA SER F 4198 -3.67 45.03 -37.76
C SER F 4198 -5.01 45.75 -37.86
N GLU F 4199 -4.97 47.07 -37.61
CA GLU F 4199 -6.16 47.89 -37.68
C GLU F 4199 -6.76 47.86 -39.08
N THR F 4200 -5.90 47.88 -40.10
CA THR F 4200 -6.41 47.80 -41.47
C THR F 4200 -7.13 46.49 -41.71
N ASN F 4201 -6.55 45.37 -41.24
CA ASN F 4201 -7.21 44.08 -41.41
C ASN F 4201 -8.57 44.05 -40.71
N ARG F 4202 -8.64 44.59 -39.49
CA ARG F 4202 -9.93 44.59 -38.79
C ARG F 4202 -10.94 45.49 -39.50
N ALA F 4203 -10.49 46.63 -40.01
CA ALA F 4203 -11.40 47.50 -40.76
C ALA F 4203 -11.93 46.79 -42.00
N GLN F 4204 -11.07 46.08 -42.71
CA GLN F 4204 -11.52 45.32 -43.88
C GLN F 4204 -12.48 44.22 -43.48
N TRP F 4205 -12.24 43.56 -42.35
CA TRP F 4205 -13.12 42.47 -41.92
C TRP F 4205 -14.51 42.98 -41.54
N GLU F 4206 -14.59 44.06 -40.77
CA GLU F 4206 -15.90 44.62 -40.45
C GLU F 4206 -16.36 45.64 -41.49
N MET F 4207 -15.76 45.63 -42.68
CA MET F 4207 -16.39 46.26 -43.82
C MET F 4207 -17.70 45.52 -44.12
N PRO F 4208 -18.84 46.24 -44.26
CA PRO F 4208 -20.14 45.57 -44.16
C PRO F 4208 -20.41 44.46 -45.16
N GLN F 4209 -19.97 44.59 -46.42
CA GLN F 4209 -20.30 43.53 -47.38
C GLN F 4209 -19.49 42.27 -47.10
N VAL F 4210 -18.33 42.42 -46.48
CA VAL F 4210 -17.60 41.25 -45.99
C VAL F 4210 -18.44 40.52 -44.94
N LYS F 4211 -19.08 41.29 -44.05
CA LYS F 4211 -19.99 40.68 -43.08
C LYS F 4211 -21.18 40.01 -43.77
N GLU F 4212 -21.67 40.62 -44.84
CA GLU F 4212 -22.76 40.01 -45.61
C GLU F 4212 -22.34 38.66 -46.17
N SER F 4213 -21.15 38.61 -46.79
CA SER F 4213 -20.64 37.36 -47.33
C SER F 4213 -20.42 36.33 -46.21
N LYS F 4214 -19.96 36.80 -45.06
CA LYS F 4214 -19.79 35.90 -43.91
C LYS F 4214 -21.12 35.28 -43.49
N ARG F 4215 -22.18 36.11 -43.42
CA ARG F 4215 -23.48 35.57 -43.04
C ARG F 4215 -24.02 34.60 -44.07
N GLN F 4216 -23.84 34.92 -45.36
CA GLN F 4216 -24.28 33.98 -46.41
C GLN F 4216 -23.54 32.65 -46.30
N PHE F 4217 -22.22 32.71 -46.09
CA PHE F 4217 -21.44 31.48 -45.95
C PHE F 4217 -21.89 30.69 -44.73
N ILE F 4218 -22.13 31.37 -43.61
CA ILE F 4218 -22.58 30.67 -42.41
C ILE F 4218 -23.91 29.98 -42.67
N PHE F 4219 -24.84 30.69 -43.30
CA PHE F 4219 -26.13 30.10 -43.64
C PHE F 4219 -25.94 28.83 -44.47
N ASP F 4220 -25.17 28.91 -45.55
CA ASP F 4220 -25.00 27.76 -46.43
C ASP F 4220 -24.32 26.60 -45.72
N VAL F 4221 -23.26 26.88 -44.94
CA VAL F 4221 -22.48 25.81 -44.34
C VAL F 4221 -23.25 25.13 -43.23
N VAL F 4222 -24.05 25.88 -42.47
CA VAL F 4222 -24.91 25.26 -41.47
C VAL F 4222 -26.03 24.47 -42.14
N ASN F 4223 -26.50 24.95 -43.30
CA ASN F 4223 -27.62 24.28 -43.95
C ASN F 4223 -27.21 22.94 -44.57
N GLU F 4224 -26.07 22.90 -45.27
CA GLU F 4224 -25.69 21.67 -45.97
C GLU F 4224 -24.20 21.34 -45.79
N GLY F 4225 -23.69 21.44 -44.57
CA GLY F 4225 -22.27 21.26 -44.31
C GLY F 4225 -22.00 20.07 -43.41
N GLY F 4226 -21.16 19.16 -43.93
CA GLY F 4226 -20.55 18.15 -43.07
C GLY F 4226 -19.28 18.69 -42.45
N GLU F 4227 -18.91 18.13 -41.28
CA GLU F 4227 -17.93 18.79 -40.43
C GLU F 4227 -16.58 18.96 -41.12
N ALA F 4228 -16.05 17.92 -41.75
CA ALA F 4228 -14.81 18.08 -42.49
C ALA F 4228 -15.01 18.98 -43.71
N GLU F 4229 -16.11 18.76 -44.43
CA GLU F 4229 -16.49 19.67 -45.50
C GLU F 4229 -16.75 21.06 -44.96
N LYS F 4230 -17.23 21.14 -43.71
CA LYS F 4230 -17.42 22.44 -43.06
C LYS F 4230 -16.11 23.19 -42.90
N MET F 4231 -15.05 22.52 -42.42
CA MET F 4231 -13.75 23.16 -42.30
C MET F 4231 -13.18 23.51 -43.67
N GLU F 4232 -13.36 22.62 -44.64
CA GLU F 4232 -12.85 22.89 -45.99
C GLU F 4232 -13.52 24.12 -46.60
N LEU F 4233 -14.85 24.21 -46.47
CA LEU F 4233 -15.57 25.37 -46.98
C LEU F 4233 -15.21 26.62 -46.20
N PHE F 4234 -14.90 26.46 -44.91
CA PHE F 4234 -14.44 27.62 -44.13
C PHE F 4234 -13.12 28.16 -44.67
N VAL F 4235 -12.17 27.27 -44.98
CA VAL F 4235 -10.89 27.72 -45.52
C VAL F 4235 -11.10 28.37 -46.89
N SER F 4236 -11.94 27.76 -47.73
CA SER F 4236 -12.22 28.35 -49.03
C SER F 4236 -12.87 29.73 -48.88
N PHE F 4237 -13.81 29.86 -47.95
CA PHE F 4237 -14.45 31.14 -47.69
C PHE F 4237 -13.45 32.17 -47.20
N CYS F 4238 -12.50 31.74 -46.36
CA CYS F 4238 -11.44 32.64 -45.93
C CYS F 4238 -10.64 33.16 -47.11
N GLU F 4239 -10.27 32.27 -48.02
CA GLU F 4239 -9.52 32.70 -49.20
C GLU F 4239 -10.33 33.66 -50.06
N ASP F 4240 -11.61 33.37 -50.26
CA ASP F 4240 -12.47 34.27 -51.03
C ASP F 4240 -12.56 35.64 -50.37
N THR F 4241 -12.68 35.67 -49.05
CA THR F 4241 -12.74 36.95 -48.34
C THR F 4241 -11.44 37.72 -48.49
N ILE F 4242 -10.30 37.04 -48.44
CA ILE F 4242 -9.03 37.74 -48.65
C ILE F 4242 -8.99 38.36 -50.04
N PHE F 4243 -9.44 37.61 -51.06
CA PHE F 4243 -9.47 38.18 -52.40
C PHE F 4243 -10.42 39.38 -52.47
N GLU F 4244 -11.55 39.30 -51.77
CA GLU F 4244 -12.46 40.44 -51.72
C GLU F 4244 -11.83 41.64 -51.02
N MET F 4245 -11.01 41.40 -49.99
CA MET F 4245 -10.29 42.50 -49.37
C MET F 4245 -9.32 43.15 -50.34
N GLN F 4246 -8.61 42.34 -51.15
CA GLN F 4246 -7.77 42.93 -52.19
C GLN F 4246 -8.60 43.78 -53.15
N ILE F 4247 -9.74 43.26 -53.60
CA ILE F 4247 -10.59 43.98 -54.55
C ILE F 4247 -11.06 45.30 -53.95
N ALA F 4248 -11.49 45.26 -52.69
CA ALA F 4248 -11.91 46.48 -52.01
C ALA F 4248 -10.75 47.46 -51.87
N ALA F 4249 -9.54 46.93 -51.66
CA ALA F 4249 -8.38 47.81 -51.59
C ALA F 4249 -8.15 48.54 -52.91
N GLN F 4250 -8.27 47.84 -54.03
CA GLN F 4250 -8.11 48.53 -55.32
C GLN F 4250 -9.24 49.53 -55.56
N ILE F 4251 -10.48 49.16 -55.22
CA ILE F 4251 -11.60 50.04 -55.55
C ILE F 4251 -11.69 51.21 -54.59
N SER F 4252 -10.97 51.14 -53.46
CA SER F 4252 -11.05 52.19 -52.46
C SER F 4252 -10.54 53.52 -53.00
N GLU F 4253 -11.22 54.60 -52.64
CA GLU F 4253 -10.83 55.92 -53.10
C GLU F 4253 -9.53 56.35 -52.43
N PRO F 4254 -8.60 56.96 -53.18
CA PRO F 4254 -7.36 57.50 -52.62
C PRO F 4254 -7.54 58.89 -52.01
N PHE F 4540 -1.01 61.34 -72.95
CA PHE F 4540 -2.38 61.84 -73.02
C PHE F 4540 -3.36 60.67 -72.85
N TRP F 4541 -3.07 59.56 -73.52
CA TRP F 4541 -3.86 58.36 -73.30
C TRP F 4541 -3.73 57.88 -71.87
N GLY F 4542 -2.60 58.14 -71.22
CA GLY F 4542 -2.46 57.81 -69.81
C GLY F 4542 -3.36 58.65 -68.92
N GLU F 4543 -3.47 59.95 -69.22
CA GLU F 4543 -4.32 60.81 -68.41
C GLU F 4543 -5.80 60.60 -68.74
N LEU F 4544 -6.08 59.97 -69.88
CA LEU F 4544 -7.44 59.47 -70.11
C LEU F 4544 -7.67 58.17 -69.35
N GLU F 4545 -6.63 57.32 -69.27
CA GLU F 4545 -6.76 56.05 -68.58
C GLU F 4545 -6.99 56.23 -67.09
N VAL F 4546 -6.33 57.22 -66.48
CA VAL F 4546 -6.54 57.47 -65.06
C VAL F 4546 -8.00 57.90 -64.82
N GLN F 4547 -8.55 58.70 -65.72
CA GLN F 4547 -9.97 59.07 -65.61
C GLN F 4547 -10.86 57.85 -65.78
N ARG F 4548 -10.52 56.96 -66.71
CA ARG F 4548 -11.37 55.79 -66.93
C ARG F 4548 -11.36 54.87 -65.71
N VAL F 4549 -10.19 54.65 -65.11
CA VAL F 4549 -10.13 53.79 -63.94
C VAL F 4549 -10.81 54.46 -62.74
N LYS F 4550 -10.72 55.79 -62.65
CA LYS F 4550 -11.47 56.49 -61.62
C LYS F 4550 -12.96 56.29 -61.79
N PHE F 4551 -13.45 56.37 -63.03
CA PHE F 4551 -14.86 56.16 -63.32
C PHE F 4551 -15.29 54.73 -62.97
N LEU F 4552 -14.44 53.75 -63.31
CA LEU F 4552 -14.74 52.37 -62.98
C LEU F 4552 -14.78 52.15 -61.47
N ASN F 4553 -13.84 52.77 -60.74
CA ASN F 4553 -13.85 52.68 -59.28
C ASN F 4553 -15.11 53.32 -58.70
N TYR F 4554 -15.53 54.46 -59.28
CA TYR F 4554 -16.77 55.09 -58.87
C TYR F 4554 -17.95 54.13 -59.01
N LEU F 4555 -18.07 53.48 -60.17
CA LEU F 4555 -19.15 52.53 -60.38
C LEU F 4555 -19.06 51.36 -59.41
N SER F 4556 -17.85 50.83 -59.20
CA SER F 4556 -17.67 49.69 -58.32
C SER F 4556 -18.08 50.03 -56.89
N ARG F 4557 -17.72 51.23 -56.42
CA ARG F 4557 -18.09 51.60 -55.06
C ARG F 4557 -19.58 51.88 -54.93
N ASN F 4558 -20.17 52.58 -55.91
CA ASN F 4558 -21.56 52.99 -55.84
C ASN F 4558 -22.49 52.06 -56.60
N PHE F 4559 -22.11 50.79 -56.78
CA PHE F 4559 -22.96 49.84 -57.50
C PHE F 4559 -24.31 49.65 -56.81
N TYR F 4560 -24.32 49.47 -55.49
CA TYR F 4560 -25.56 49.13 -54.80
C TYR F 4560 -26.55 50.29 -54.83
N THR F 4561 -26.09 51.50 -54.52
CA THR F 4561 -26.97 52.66 -54.60
C THR F 4561 -27.45 52.89 -56.03
N LEU F 4562 -26.62 52.55 -57.01
CA LEU F 4562 -27.03 52.64 -58.40
C LEU F 4562 -28.19 51.68 -58.69
N ARG F 4563 -28.12 50.46 -58.15
CA ARG F 4563 -29.22 49.51 -58.31
C ARG F 4563 -30.48 50.01 -57.64
N PHE F 4564 -30.35 50.60 -56.45
CA PHE F 4564 -31.50 51.16 -55.76
C PHE F 4564 -32.14 52.28 -56.58
N LEU F 4565 -31.31 53.15 -57.16
CA LEU F 4565 -31.82 54.23 -57.99
C LEU F 4565 -32.51 53.68 -59.24
N ALA F 4566 -31.96 52.61 -59.81
CA ALA F 4566 -32.61 51.97 -60.96
C ALA F 4566 -33.99 51.46 -60.59
N LEU F 4567 -34.11 50.80 -59.44
CA LEU F 4567 -35.40 50.28 -59.01
C LEU F 4567 -36.40 51.42 -58.76
N PHE F 4568 -35.95 52.49 -58.10
CA PHE F 4568 -36.80 53.65 -57.87
C PHE F 4568 -37.27 54.26 -59.18
N LEU F 4569 -36.36 54.40 -60.14
CA LEU F 4569 -36.72 54.99 -61.43
C LEU F 4569 -37.70 54.10 -62.18
N ALA F 4570 -37.54 52.78 -62.06
CA ALA F 4570 -38.51 51.86 -62.65
C ALA F 4570 -39.89 52.04 -62.02
N PHE F 4571 -39.94 52.20 -60.70
CA PHE F 4571 -41.23 52.45 -60.05
C PHE F 4571 -41.86 53.74 -60.54
N ALA F 4572 -41.07 54.81 -60.66
CA ALA F 4572 -41.62 56.08 -61.13
C ALA F 4572 -42.11 55.98 -62.57
N ILE F 4573 -41.35 55.30 -63.43
CA ILE F 4573 -41.77 55.11 -64.81
C ILE F 4573 -43.07 54.31 -64.85
N ASN F 4574 -43.20 53.31 -63.98
CA ASN F 4574 -44.40 52.50 -63.97
C ASN F 4574 -45.60 53.31 -63.49
N PHE F 4575 -45.37 54.24 -62.57
CA PHE F 4575 -46.45 55.12 -62.10
C PHE F 4575 -46.94 56.04 -63.23
N ILE F 4576 -45.99 56.65 -63.95
CA ILE F 4576 -46.35 57.46 -65.11
C ILE F 4576 -47.09 56.63 -66.14
N LEU F 4577 -46.65 55.38 -66.35
CA LEU F 4577 -47.36 54.47 -67.24
C LEU F 4577 -48.77 54.18 -66.73
N LEU F 4578 -48.92 54.03 -65.42
CA LEU F 4578 -50.21 53.78 -64.79
C LEU F 4578 -51.21 54.88 -65.07
N PHE F 4579 -50.75 56.10 -65.26
CA PHE F 4579 -51.67 57.19 -65.62
C PHE F 4579 -52.02 57.27 -67.11
N TYR F 4580 -52.02 56.15 -67.85
CA TYR F 4580 -52.46 56.19 -69.24
C TYR F 4580 -53.98 56.18 -69.40
N LYS F 4581 -54.42 56.28 -70.65
CA LYS F 4581 -55.82 56.30 -71.06
C LYS F 4581 -55.88 55.94 -72.55
N VAL F 4582 -57.00 55.40 -73.00
CA VAL F 4582 -57.19 55.05 -74.41
C VAL F 4582 -58.54 55.56 -74.89
N SER F 4583 -58.58 56.04 -76.13
CA SER F 4583 -59.82 56.39 -76.79
C SER F 4583 -59.67 56.11 -78.28
N ASP F 4584 -60.81 55.95 -78.96
CA ASP F 4584 -60.77 55.67 -80.39
C ASP F 4584 -60.37 56.91 -81.18
N SER F 4585 -60.63 58.10 -80.63
CA SER F 4585 -60.29 59.33 -81.33
C SER F 4585 -58.79 59.62 -81.20
N PRO F 4586 -58.22 60.31 -82.20
CA PRO F 4586 -56.82 60.71 -82.07
C PRO F 4586 -56.64 61.72 -80.95
N PRO F 4587 -55.46 61.77 -80.33
CA PRO F 4587 -55.20 62.69 -79.21
C PRO F 4587 -55.35 64.16 -79.59
N ASN F 4626 -62.16 50.59 -86.28
CA ASN F 4626 -61.36 51.80 -86.11
C ASN F 4626 -60.08 51.48 -85.33
N MET F 4627 -59.17 52.43 -85.29
CA MET F 4627 -57.84 52.26 -84.72
C MET F 4627 -57.75 53.11 -83.46
N VAL F 4628 -57.40 52.48 -82.34
CA VAL F 4628 -57.43 53.15 -81.04
C VAL F 4628 -56.04 53.70 -80.69
N TYR F 4629 -56.04 54.81 -79.95
CA TYR F 4629 -54.83 55.56 -79.66
C TYR F 4629 -54.50 55.47 -78.17
N TYR F 4630 -53.27 55.09 -77.86
CA TYR F 4630 -52.79 55.04 -76.49
C TYR F 4630 -52.07 56.34 -76.18
N PHE F 4631 -52.68 57.18 -75.34
CA PHE F 4631 -52.13 58.48 -75.00
C PHE F 4631 -52.41 58.81 -73.54
N LEU F 4632 -51.40 59.28 -72.84
CA LEU F 4632 -51.56 59.70 -71.46
C LEU F 4632 -52.39 60.97 -71.38
N GLU F 4633 -53.22 61.08 -70.34
CA GLU F 4633 -54.02 62.27 -70.10
C GLU F 4633 -53.62 62.86 -68.74
N GLU F 4634 -53.23 64.13 -68.74
CA GLU F 4634 -52.92 64.84 -67.52
C GLU F 4634 -53.35 66.30 -67.66
N SER F 4635 -53.33 67.01 -66.53
CA SER F 4635 -53.57 68.45 -66.57
C SER F 4635 -52.26 69.22 -66.76
N THR F 4636 -51.17 68.70 -66.21
CA THR F 4636 -49.90 69.41 -66.26
C THR F 4636 -49.29 69.40 -67.67
N GLY F 4637 -49.31 68.25 -68.33
CA GLY F 4637 -48.63 68.09 -69.60
C GLY F 4637 -47.15 67.78 -69.51
N TYR F 4638 -46.66 67.37 -68.33
CA TYR F 4638 -45.23 67.18 -68.16
C TYR F 4638 -44.83 65.71 -68.34
N MET F 4639 -45.76 64.78 -68.12
CA MET F 4639 -45.38 63.38 -68.01
C MET F 4639 -44.87 62.81 -69.34
N GLU F 4640 -45.46 63.23 -70.47
CA GLU F 4640 -44.98 62.73 -71.75
C GLU F 4640 -43.51 63.06 -71.98
N PRO F 4641 -43.01 64.27 -71.75
CA PRO F 4641 -41.55 64.44 -71.71
C PRO F 4641 -40.89 63.75 -70.53
N ALA F 4642 -41.57 63.76 -69.37
CA ALA F 4642 -40.98 63.19 -68.17
C ALA F 4642 -40.77 61.68 -68.31
N LEU F 4643 -41.74 60.99 -68.90
CA LEU F 4643 -41.57 59.55 -69.11
C LEU F 4643 -40.39 59.26 -70.02
N TRP F 4644 -40.22 60.05 -71.09
CA TRP F 4644 -39.08 59.89 -71.97
C TRP F 4644 -37.77 60.07 -71.22
N CYS F 4645 -37.64 61.17 -70.47
CA CYS F 4645 -36.41 61.42 -69.74
C CYS F 4645 -36.13 60.32 -68.72
N LEU F 4646 -37.16 59.88 -68.00
CA LEU F 4646 -36.98 58.84 -66.99
C LEU F 4646 -36.59 57.52 -67.62
N SER F 4647 -37.16 57.19 -68.78
CA SER F 4647 -36.79 55.96 -69.46
C SER F 4647 -35.34 56.00 -69.93
N LEU F 4648 -34.91 57.13 -70.50
CA LEU F 4648 -33.52 57.26 -70.90
C LEU F 4648 -32.57 57.14 -69.70
N LEU F 4649 -32.91 57.80 -68.59
CA LEU F 4649 -32.08 57.70 -67.40
C LEU F 4649 -32.06 56.28 -66.86
N HIS F 4650 -33.20 55.59 -66.92
CA HIS F 4650 -33.26 54.21 -66.44
C HIS F 4650 -32.36 53.30 -67.27
N THR F 4651 -32.37 53.46 -68.59
CA THR F 4651 -31.51 52.65 -69.44
C THR F 4651 -30.03 52.95 -69.17
N LEU F 4652 -29.68 54.24 -69.03
CA LEU F 4652 -28.30 54.58 -68.74
C LEU F 4652 -27.85 54.03 -67.39
N VAL F 4653 -28.72 54.12 -66.38
CA VAL F 4653 -28.40 53.59 -65.06
C VAL F 4653 -28.23 52.08 -65.11
N ALA F 4654 -29.07 51.41 -65.90
CA ALA F 4654 -28.94 49.96 -66.03
C ALA F 4654 -27.63 49.58 -66.70
N PHE F 4655 -27.21 50.34 -67.72
CA PHE F 4655 -25.92 50.05 -68.36
C PHE F 4655 -24.77 50.27 -67.38
N LEU F 4656 -24.85 51.35 -66.60
CA LEU F 4656 -23.85 51.57 -65.55
C LEU F 4656 -23.87 50.42 -64.55
N CYS F 4657 -25.05 49.88 -64.26
CA CYS F 4657 -25.16 48.72 -63.38
C CYS F 4657 -24.45 47.51 -63.97
N ILE F 4658 -24.61 47.29 -65.28
CA ILE F 4658 -23.89 46.20 -65.95
C ILE F 4658 -22.39 46.34 -65.75
N ILE F 4659 -21.86 47.52 -66.04
CA ILE F 4659 -20.42 47.73 -65.95
C ILE F 4659 -19.95 47.59 -64.50
N GLY F 4660 -20.71 48.16 -63.57
CA GLY F 4660 -20.32 48.08 -62.17
C GLY F 4660 -20.33 46.67 -61.63
N TYR F 4661 -21.39 45.91 -61.93
CA TYR F 4661 -21.44 44.51 -61.51
C TYR F 4661 -20.26 43.73 -62.09
N ASN F 4662 -19.97 43.93 -63.38
CA ASN F 4662 -18.82 43.26 -63.96
C ASN F 4662 -17.57 43.57 -63.16
N CYS F 4663 -17.18 44.85 -63.13
CA CYS F 4663 -15.91 45.25 -62.53
C CYS F 4663 -15.84 44.90 -61.05
N LEU F 4664 -16.98 44.74 -60.40
CA LEU F 4664 -16.97 44.49 -58.96
C LEU F 4664 -16.90 43.00 -58.65
N LYS F 4665 -17.74 42.19 -59.30
CA LYS F 4665 -17.93 40.81 -58.86
C LYS F 4665 -17.46 39.75 -59.85
N VAL F 4666 -17.32 40.06 -61.15
CA VAL F 4666 -16.79 39.07 -62.09
C VAL F 4666 -15.42 38.57 -61.67
N PRO F 4667 -14.49 39.42 -61.21
CA PRO F 4667 -13.21 38.88 -60.72
C PRO F 4667 -13.37 37.83 -59.64
N LEU F 4668 -14.37 37.95 -58.76
CA LEU F 4668 -14.58 36.93 -57.74
C LEU F 4668 -14.96 35.59 -58.35
N VAL F 4669 -15.84 35.60 -59.36
CA VAL F 4669 -16.24 34.35 -60.01
C VAL F 4669 -15.05 33.73 -60.74
N ILE F 4670 -14.28 34.55 -61.45
CA ILE F 4670 -13.09 34.04 -62.12
C ILE F 4670 -12.11 33.46 -61.11
N PHE F 4671 -11.98 34.12 -59.96
CA PHE F 4671 -11.08 33.64 -58.91
C PHE F 4671 -11.53 32.29 -58.38
N LYS F 4672 -12.83 32.13 -58.13
CA LYS F 4672 -13.34 30.84 -57.65
C LYS F 4672 -13.10 29.75 -58.68
N ARG F 4673 -13.37 30.02 -59.96
CA ARG F 4673 -13.19 28.99 -60.98
C ARG F 4673 -11.72 28.61 -61.12
N GLU F 4674 -10.84 29.61 -61.15
CA GLU F 4674 -9.41 29.32 -61.24
C GLU F 4674 -8.92 28.55 -60.03
N LYS F 4675 -9.40 28.93 -58.83
CA LYS F 4675 -9.00 28.21 -57.62
C LYS F 4675 -9.42 26.75 -57.67
N GLU F 4676 -10.69 26.48 -58.00
CA GLU F 4676 -11.16 25.10 -58.01
C GLU F 4676 -10.45 24.29 -59.10
N LEU F 4677 -10.21 24.90 -60.26
CA LEU F 4677 -9.49 24.19 -61.32
C LEU F 4677 -8.07 23.87 -60.91
N ALA F 4678 -7.38 24.83 -60.28
CA ALA F 4678 -6.01 24.60 -59.83
C ALA F 4678 -5.95 23.52 -58.77
N ARG F 4679 -6.90 23.52 -57.83
CA ARG F 4679 -6.94 22.47 -56.82
C ARG F 4679 -7.20 21.11 -57.43
N LYS F 4680 -8.11 21.05 -58.40
CA LYS F 4680 -8.40 19.78 -59.07
C LYS F 4680 -7.17 19.26 -59.80
N LEU F 4681 -6.44 20.14 -60.48
CA LEU F 4681 -5.23 19.70 -61.17
C LEU F 4681 -4.15 19.27 -60.18
N GLU F 4682 -3.98 20.02 -59.09
CA GLU F 4682 -2.88 19.76 -58.17
C GLU F 4682 -3.10 18.48 -57.37
N PHE F 4683 -4.30 18.30 -56.81
CA PHE F 4683 -4.58 17.17 -55.94
C PHE F 4683 -5.40 16.08 -56.61
N ASP F 4684 -6.56 16.43 -57.19
CA ASP F 4684 -7.35 15.44 -57.88
C ASP F 4684 -6.66 14.97 -59.16
N GLY F 4685 -6.00 15.89 -59.86
CA GLY F 4685 -5.33 15.54 -61.10
C GLY F 4685 -6.27 15.05 -62.17
N LEU F 4686 -7.41 15.72 -62.34
CA LEU F 4686 -8.44 15.23 -63.25
C LEU F 4686 -7.96 15.20 -64.69
N TYR F 4687 -7.67 16.37 -65.26
CA TYR F 4687 -7.39 16.46 -66.69
C TYR F 4687 -6.18 15.63 -67.09
N ILE F 4688 -5.22 15.45 -66.18
CA ILE F 4688 -4.07 14.60 -66.48
C ILE F 4688 -4.50 13.15 -66.62
N THR F 4689 -5.34 12.67 -65.70
CA THR F 4689 -5.71 11.26 -65.64
C THR F 4689 -7.18 10.99 -65.88
N GLU F 4690 -8.07 11.60 -65.09
CA GLU F 4690 -9.46 11.16 -65.06
C GLU F 4690 -10.24 11.65 -66.28
N GLN F 4691 -9.92 12.85 -66.78
CA GLN F 4691 -10.59 13.52 -67.89
C GLN F 4691 -11.96 13.96 -67.38
N PRO F 4692 -12.65 14.91 -68.02
CA PRO F 4692 -14.03 15.20 -67.60
C PRO F 4692 -14.94 14.00 -67.79
N GLY F 4693 -15.93 13.89 -66.91
CA GLY F 4693 -16.82 12.74 -66.93
C GLY F 4693 -17.84 12.80 -68.05
N ASP F 4694 -17.79 13.86 -68.86
CA ASP F 4694 -18.65 14.16 -70.01
C ASP F 4694 -20.05 14.54 -69.56
N ASP F 4695 -20.34 14.57 -68.27
CA ASP F 4695 -21.61 15.01 -67.74
C ASP F 4695 -21.56 16.47 -67.27
N ASP F 4696 -20.37 16.99 -67.01
CA ASP F 4696 -20.17 18.34 -66.51
C ASP F 4696 -19.61 19.21 -67.63
N VAL F 4697 -20.46 20.08 -68.19
CA VAL F 4697 -20.05 20.92 -69.32
C VAL F 4697 -18.96 21.90 -68.89
N LYS F 4698 -18.95 22.28 -67.61
CA LYS F 4698 -17.93 23.20 -67.12
C LYS F 4698 -16.53 22.61 -67.28
N GLY F 4699 -16.41 21.28 -67.20
CA GLY F 4699 -15.11 20.66 -67.42
C GLY F 4699 -14.58 20.85 -68.82
N GLN F 4700 -15.41 20.54 -69.83
CA GLN F 4700 -14.99 20.75 -71.21
C GLN F 4700 -14.75 22.23 -71.49
N TRP F 4701 -15.51 23.11 -70.84
CA TRP F 4701 -15.25 24.54 -71.03
C TRP F 4701 -13.91 24.94 -70.41
N ASP F 4702 -13.59 24.38 -69.25
CA ASP F 4702 -12.33 24.72 -68.57
C ASP F 4702 -11.13 24.10 -69.30
N ARG F 4703 -11.38 23.10 -70.14
CA ARG F 4703 -10.28 22.51 -70.93
C ARG F 4703 -9.56 23.57 -71.75
N LEU F 4704 -10.27 24.63 -72.17
CA LEU F 4704 -9.67 25.63 -73.05
C LEU F 4704 -8.61 26.45 -72.34
N VAL F 4705 -8.84 26.79 -71.07
CA VAL F 4705 -7.99 27.78 -70.40
C VAL F 4705 -6.64 27.16 -70.03
N LEU F 4706 -6.54 25.83 -70.09
CA LEU F 4706 -5.31 25.16 -69.65
C LEU F 4706 -4.11 25.58 -70.49
N ASN F 4707 -4.29 25.68 -71.80
CA ASN F 4707 -3.18 26.02 -72.69
C ASN F 4707 -2.82 27.49 -72.57
N THR F 4708 -3.77 28.32 -72.14
CA THR F 4708 -3.58 29.77 -72.20
C THR F 4708 -2.39 30.20 -71.36
N PRO F 4709 -1.54 31.11 -71.88
CA PRO F 4709 -0.41 31.59 -71.08
C PRO F 4709 -0.82 32.31 -69.81
N SER F 4710 -1.98 32.97 -69.81
CA SER F 4710 -2.40 33.73 -68.64
C SER F 4710 -2.75 32.81 -67.48
N PHE F 4711 -3.76 31.94 -67.67
CA PHE F 4711 -4.31 30.99 -66.72
C PHE F 4711 -4.56 31.64 -65.35
N PRO F 4712 -3.75 31.41 -64.27
CA PRO F 4712 -4.34 31.87 -63.00
C PRO F 4712 -4.12 33.36 -62.77
N SER F 4713 -4.76 34.18 -63.62
CA SER F 4713 -4.61 35.63 -63.51
C SER F 4713 -5.21 36.15 -62.21
N ASN F 4714 -6.46 35.77 -61.93
CA ASN F 4714 -7.11 36.20 -60.69
C ASN F 4714 -6.57 35.43 -59.49
N TYR F 4715 -6.30 34.14 -59.67
CA TYR F 4715 -5.80 33.30 -58.60
C TYR F 4715 -4.42 33.77 -58.15
N TRP F 4716 -4.22 33.78 -56.83
CA TRP F 4716 -2.98 34.32 -56.28
C TRP F 4716 -1.78 33.50 -56.72
N ASP F 4717 -1.91 32.18 -56.75
CA ASP F 4717 -0.81 31.32 -57.18
C ASP F 4717 -0.52 31.54 -58.66
N LYS F 4718 0.76 31.69 -58.99
CA LYS F 4718 1.21 31.81 -60.36
C LYS F 4718 2.12 30.67 -60.80
N PHE F 4719 2.44 29.74 -59.90
CA PHE F 4719 3.36 28.65 -60.17
C PHE F 4719 2.67 27.29 -60.14
N VAL F 4720 1.34 27.26 -60.24
CA VAL F 4720 0.61 25.99 -60.12
C VAL F 4720 0.98 25.05 -61.26
N LYS F 4721 1.25 25.60 -62.45
CA LYS F 4721 1.61 24.76 -63.59
C LYS F 4721 2.89 23.99 -63.32
N ARG F 4722 3.90 24.66 -62.77
CA ARG F 4722 5.17 24.01 -62.49
C ARG F 4722 5.02 22.89 -61.46
N LYS F 4723 4.24 23.15 -60.41
CA LYS F 4723 4.05 22.13 -59.38
C LYS F 4723 3.26 20.94 -59.91
N VAL F 4724 2.24 21.19 -60.73
CA VAL F 4724 1.48 20.10 -61.35
C VAL F 4724 2.40 19.26 -62.24
N LEU F 4725 3.25 19.92 -63.03
CA LEU F 4725 4.20 19.21 -63.86
C LEU F 4725 5.15 18.36 -63.01
N ASP F 4726 5.68 18.94 -61.94
CA ASP F 4726 6.61 18.19 -61.09
C ASP F 4726 5.92 17.01 -60.43
N LYS F 4727 4.63 17.15 -60.11
CA LYS F 4727 3.90 16.06 -59.47
C LYS F 4727 3.62 14.92 -60.44
N HIS F 4728 3.15 15.25 -61.66
CA HIS F 4728 2.64 14.23 -62.57
C HIS F 4728 3.56 13.93 -63.74
N GLY F 4729 4.82 14.40 -63.72
CA GLY F 4729 5.72 14.11 -64.82
C GLY F 4729 6.02 12.63 -64.98
N ASP F 4730 6.27 11.94 -63.87
CA ASP F 4730 6.63 10.53 -63.94
C ASP F 4730 5.52 9.70 -64.57
N ILE F 4731 4.28 10.17 -64.47
CA ILE F 4731 3.15 9.36 -64.93
C ILE F 4731 2.68 9.81 -66.32
N PHE F 4732 2.85 11.10 -66.64
CA PHE F 4732 2.21 11.61 -67.86
C PHE F 4732 3.24 11.97 -68.93
N GLY F 4733 4.46 12.29 -68.53
CA GLY F 4733 5.46 12.77 -69.46
C GLY F 4733 5.66 14.26 -69.37
N ARG F 4734 6.92 14.70 -69.26
CA ARG F 4734 7.19 16.12 -69.14
C ARG F 4734 6.71 16.90 -70.35
N GLU F 4735 7.02 16.41 -71.55
CA GLU F 4735 6.59 17.09 -72.77
C GLU F 4735 5.08 17.03 -72.93
N ARG F 4736 4.46 15.96 -72.44
CA ARG F 4736 3.01 15.83 -72.57
C ARG F 4736 2.29 16.84 -71.68
N ILE F 4737 2.72 16.97 -70.42
CA ILE F 4737 2.17 18.01 -69.56
C ILE F 4737 2.48 19.40 -70.13
N ALA F 4738 3.66 19.55 -70.72
CA ALA F 4738 4.04 20.83 -71.31
C ALA F 4738 3.09 21.23 -72.43
N GLU F 4739 2.78 20.29 -73.32
CA GLU F 4739 1.88 20.61 -74.43
C GLU F 4739 0.44 20.73 -73.96
N LEU F 4740 0.09 20.05 -72.87
CA LEU F 4740 -1.25 20.19 -72.32
C LEU F 4740 -1.46 21.58 -71.72
N LEU F 4741 -0.48 22.07 -70.97
CA LEU F 4741 -0.61 23.33 -70.25
C LEU F 4741 -0.06 24.54 -71.01
N GLY F 4742 0.50 24.33 -72.20
CA GLY F 4742 1.08 25.45 -72.93
C GLY F 4742 2.28 26.06 -72.22
N MET F 4743 3.13 25.23 -71.65
CA MET F 4743 4.27 25.65 -70.85
C MET F 4743 5.55 25.08 -71.47
N ASP F 4744 6.57 25.91 -71.60
CA ASP F 4744 7.80 25.51 -72.30
C ASP F 4744 8.87 25.17 -71.28
N LEU F 4745 9.31 23.90 -71.29
CA LEU F 4745 10.25 23.43 -70.28
C LEU F 4745 11.56 24.20 -70.34
N ALA F 4746 12.10 24.41 -71.54
CA ALA F 4746 13.40 25.06 -71.67
C ALA F 4746 13.36 26.51 -71.18
N SER F 4747 12.34 27.27 -71.61
CA SER F 4747 12.23 28.65 -71.17
C SER F 4747 12.02 28.73 -69.66
N LEU F 4748 11.18 27.84 -69.13
CA LEU F 4748 10.89 27.88 -67.70
C LEU F 4748 12.12 27.52 -66.86
N GLU F 4749 12.96 26.61 -67.36
CA GLU F 4749 14.16 26.26 -66.60
C GLU F 4749 15.23 27.33 -66.73
N ILE F 4750 15.39 27.94 -67.91
CA ILE F 4750 16.39 29.00 -68.04
C ILE F 4750 15.98 30.23 -67.23
N THR F 4751 14.68 30.52 -67.15
CA THR F 4751 14.23 31.65 -66.35
C THR F 4751 14.52 31.42 -64.87
N ALA F 4752 14.33 30.19 -64.40
CA ALA F 4752 14.67 29.87 -63.02
C ALA F 4752 16.19 29.96 -62.80
N HIS F 4753 16.97 29.54 -63.79
CA HIS F 4753 18.42 29.61 -63.64
C HIS F 4753 18.89 31.05 -63.52
N ASN F 4754 18.50 31.90 -64.47
CA ASN F 4754 19.00 33.26 -64.49
C ASN F 4754 17.89 34.23 -64.89
N GLU F 4755 18.05 35.48 -64.46
CA GLU F 4755 17.06 36.51 -64.74
C GLU F 4755 17.21 37.04 -66.16
N ARG F 4756 16.06 37.32 -66.79
CA ARG F 4756 16.00 37.98 -68.08
C ARG F 4756 15.03 39.15 -67.97
N LYS F 4757 15.27 40.21 -68.73
CA LYS F 4757 14.49 41.43 -68.63
C LYS F 4757 13.92 41.81 -70.00
N PRO F 4758 12.84 41.16 -70.44
CA PRO F 4758 12.19 41.59 -71.69
C PRO F 4758 11.10 42.63 -71.47
N ASP F 4759 11.49 43.86 -71.15
CA ASP F 4759 10.51 44.89 -70.89
C ASP F 4759 9.80 45.30 -72.18
N PRO F 4760 8.47 45.41 -72.16
CA PRO F 4760 7.72 45.72 -73.37
C PRO F 4760 7.47 47.21 -73.52
N PRO F 4761 7.60 47.74 -74.73
CA PRO F 4761 7.16 49.12 -74.98
C PRO F 4761 5.70 49.14 -75.41
N PRO F 4762 4.95 50.19 -75.05
CA PRO F 4762 3.54 50.26 -75.43
C PRO F 4762 3.36 50.47 -76.93
N GLY F 4763 2.27 49.92 -77.46
CA GLY F 4763 1.93 50.09 -78.85
C GLY F 4763 0.65 49.36 -79.18
N LEU F 4764 0.08 49.71 -80.35
CA LEU F 4764 -1.19 49.10 -80.76
C LEU F 4764 -1.02 47.62 -81.03
N LEU F 4765 -0.02 47.25 -81.85
CA LEU F 4765 0.21 45.84 -82.16
C LEU F 4765 0.68 45.08 -80.93
N THR F 4766 1.46 45.73 -80.06
CA THR F 4766 1.88 45.09 -78.82
C THR F 4766 0.68 44.78 -77.94
N TRP F 4767 -0.26 45.71 -77.82
CA TRP F 4767 -1.48 45.47 -77.05
C TRP F 4767 -2.32 44.37 -77.69
N LEU F 4768 -2.42 44.37 -79.02
CA LEU F 4768 -3.17 43.31 -79.70
C LEU F 4768 -2.56 41.94 -79.44
N MET F 4769 -1.23 41.83 -79.49
CA MET F 4769 -0.59 40.56 -79.20
C MET F 4769 -0.71 40.20 -77.72
N SER F 4770 -0.73 41.20 -76.85
CA SER F 4770 -0.91 40.94 -75.42
C SER F 4770 -2.28 40.35 -75.14
N ILE F 4771 -3.31 40.80 -75.88
CA ILE F 4771 -4.63 40.19 -75.75
C ILE F 4771 -4.55 38.72 -76.13
N ASP F 4772 -4.97 37.86 -75.21
CA ASP F 4772 -5.00 36.41 -75.43
C ASP F 4772 -6.44 36.02 -75.74
N VAL F 4773 -6.65 35.46 -76.94
CA VAL F 4773 -8.01 35.20 -77.39
C VAL F 4773 -8.65 34.07 -76.60
N LYS F 4774 -7.89 33.00 -76.32
CA LYS F 4774 -8.48 31.83 -75.67
C LYS F 4774 -8.91 32.14 -74.24
N TYR F 4775 -8.04 32.83 -73.48
CA TYR F 4775 -8.38 33.16 -72.10
C TYR F 4775 -9.58 34.09 -72.04
N GLN F 4776 -9.64 35.08 -72.94
CA GLN F 4776 -10.78 35.99 -72.96
C GLN F 4776 -12.07 35.25 -73.34
N ILE F 4777 -11.99 34.32 -74.28
CA ILE F 4777 -13.17 33.54 -74.66
C ILE F 4777 -13.67 32.73 -73.47
N TRP F 4778 -12.75 32.06 -72.76
CA TRP F 4778 -13.14 31.28 -71.59
C TRP F 4778 -13.73 32.17 -70.51
N LYS F 4779 -13.12 33.35 -70.29
CA LYS F 4779 -13.62 34.29 -69.29
C LYS F 4779 -15.03 34.74 -69.63
N PHE F 4780 -15.28 35.07 -70.90
CA PHE F 4780 -16.63 35.49 -71.31
C PHE F 4780 -17.63 34.35 -71.17
N GLY F 4781 -17.18 33.11 -71.45
CA GLY F 4781 -18.06 31.97 -71.22
C GLY F 4781 -18.46 31.83 -69.76
N VAL F 4782 -17.50 31.97 -68.85
CA VAL F 4782 -17.81 31.91 -67.43
C VAL F 4782 -18.75 33.07 -67.05
N ILE F 4783 -18.51 34.25 -67.61
CA ILE F 4783 -19.36 35.40 -67.34
C ILE F 4783 -20.81 35.11 -67.74
N PHE F 4784 -21.00 34.54 -68.93
CA PHE F 4784 -22.35 34.22 -69.39
C PHE F 4784 -22.98 33.12 -68.54
N THR F 4785 -22.18 32.12 -68.13
CA THR F 4785 -22.73 31.06 -67.30
C THR F 4785 -23.13 31.59 -65.92
N ASP F 4786 -22.51 32.67 -65.47
CA ASP F 4786 -22.89 33.25 -64.18
C ASP F 4786 -24.36 33.67 -64.18
N ASN F 4787 -25.06 33.32 -63.10
CA ASN F 4787 -26.51 33.53 -63.06
C ASN F 4787 -26.87 35.00 -62.90
N SER F 4788 -26.21 35.71 -61.98
CA SER F 4788 -26.56 37.10 -61.72
C SER F 4788 -26.32 37.98 -62.95
N PHE F 4789 -25.19 37.76 -63.63
CA PHE F 4789 -24.93 38.50 -64.87
C PHE F 4789 -26.04 38.28 -65.88
N LEU F 4790 -26.61 37.08 -65.91
CA LEU F 4790 -27.76 36.83 -66.78
C LEU F 4790 -28.95 37.68 -66.38
N TYR F 4791 -29.19 37.84 -65.08
CA TYR F 4791 -30.28 38.70 -64.63
C TYR F 4791 -30.07 40.15 -65.06
N LEU F 4792 -28.85 40.66 -64.89
CA LEU F 4792 -28.62 42.06 -65.26
C LEU F 4792 -28.64 42.25 -66.77
N GLY F 4793 -28.21 41.24 -67.54
CA GLY F 4793 -28.39 41.30 -68.99
C GLY F 4793 -29.85 41.26 -69.39
N TRP F 4794 -30.66 40.51 -68.64
CA TRP F 4794 -32.10 40.56 -68.83
C TRP F 4794 -32.64 41.96 -68.57
N TYR F 4795 -32.11 42.62 -67.53
CA TYR F 4795 -32.54 43.99 -67.24
C TYR F 4795 -32.17 44.92 -68.38
N MET F 4796 -30.95 44.77 -68.92
CA MET F 4796 -30.57 45.39 -70.19
C MET F 4796 -31.64 45.21 -71.26
N VAL F 4797 -31.95 43.95 -71.58
CA VAL F 4797 -32.85 43.67 -72.70
C VAL F 4797 -34.22 44.26 -72.44
N MET F 4798 -34.69 44.19 -71.20
CA MET F 4798 -36.03 44.69 -70.90
C MET F 4798 -36.09 46.21 -70.97
N SER F 4799 -35.03 46.91 -70.53
CA SER F 4799 -35.01 48.35 -70.69
C SER F 4799 -34.97 48.76 -72.15
N LEU F 4800 -34.14 48.08 -72.95
CA LEU F 4800 -34.07 48.41 -74.37
C LEU F 4800 -35.39 48.15 -75.07
N LEU F 4801 -36.08 47.07 -74.69
CA LEU F 4801 -37.37 46.77 -75.29
C LEU F 4801 -38.45 47.72 -74.76
N GLY F 4802 -38.27 48.23 -73.54
CA GLY F 4802 -39.18 49.23 -73.02
C GLY F 4802 -39.06 50.54 -73.77
N HIS F 4803 -37.87 50.85 -74.28
CA HIS F 4803 -37.75 51.96 -75.21
C HIS F 4803 -38.57 51.72 -76.47
N TYR F 4804 -38.60 50.48 -76.95
CA TYR F 4804 -39.44 50.15 -78.10
C TYR F 4804 -40.92 50.32 -77.79
N ASN F 4805 -41.37 49.77 -76.67
CA ASN F 4805 -42.74 49.91 -76.22
C ASN F 4805 -42.70 50.21 -74.73
N ASN F 4806 -43.30 51.34 -74.35
CA ASN F 4806 -43.13 51.85 -72.98
C ASN F 4806 -43.71 50.91 -71.93
N PHE F 4807 -44.70 50.09 -72.31
CA PHE F 4807 -45.29 49.16 -71.35
C PHE F 4807 -44.31 48.08 -70.90
N PHE F 4808 -43.25 47.83 -71.66
CA PHE F 4808 -42.31 46.79 -71.30
C PHE F 4808 -41.52 47.13 -70.04
N PHE F 4809 -41.57 48.39 -69.60
CA PHE F 4809 -40.93 48.76 -68.34
C PHE F 4809 -41.62 48.13 -67.14
N ALA F 4810 -42.81 47.54 -67.34
CA ALA F 4810 -43.52 46.91 -66.24
C ALA F 4810 -42.76 45.71 -65.70
N ALA F 4811 -41.98 45.04 -66.55
CA ALA F 4811 -41.23 43.87 -66.12
C ALA F 4811 -40.15 44.23 -65.10
N HIS F 4812 -39.73 45.49 -65.07
CA HIS F 4812 -38.68 45.90 -64.13
C HIS F 4812 -39.18 45.95 -62.69
N LEU F 4813 -40.50 45.88 -62.47
CA LEU F 4813 -41.02 45.98 -61.11
C LEU F 4813 -40.80 44.71 -60.31
N LEU F 4814 -40.58 43.58 -60.98
CA LEU F 4814 -40.38 42.32 -60.25
C LEU F 4814 -39.02 42.25 -59.58
N ASP F 4815 -38.17 43.25 -59.81
CA ASP F 4815 -36.84 43.25 -59.20
C ASP F 4815 -36.91 43.28 -57.68
N ILE F 4816 -37.98 43.81 -57.11
CA ILE F 4816 -38.12 43.85 -55.66
C ILE F 4816 -38.15 42.42 -55.10
N ALA F 4817 -38.65 41.47 -55.89
CA ALA F 4817 -38.77 40.09 -55.42
C ALA F 4817 -37.42 39.49 -55.08
N MET F 4818 -36.41 39.72 -55.93
CA MET F 4818 -35.08 39.22 -55.61
C MET F 4818 -34.34 40.19 -54.71
N GLY F 4819 -34.71 41.47 -54.76
CA GLY F 4819 -34.07 42.44 -53.88
C GLY F 4819 -34.37 42.18 -52.41
N VAL F 4820 -35.56 41.66 -52.11
CA VAL F 4820 -36.02 41.44 -50.74
C VAL F 4820 -35.89 39.96 -50.42
N LYS F 4821 -35.38 39.66 -49.22
CA LYS F 4821 -35.22 38.27 -48.80
C LYS F 4821 -36.56 37.56 -48.67
N THR F 4822 -37.54 38.21 -48.05
CA THR F 4822 -38.84 37.56 -47.86
C THR F 4822 -39.51 37.25 -49.20
N LEU F 4823 -39.49 38.21 -50.12
CA LEU F 4823 -40.00 37.95 -51.46
C LEU F 4823 -39.16 36.90 -52.17
N ARG F 4824 -37.86 36.85 -51.86
CA ARG F 4824 -37.02 35.80 -52.42
C ARG F 4824 -37.45 34.43 -51.91
N THR F 4825 -37.79 34.33 -50.62
CA THR F 4825 -38.30 33.07 -50.09
C THR F 4825 -39.62 32.70 -50.73
N ILE F 4826 -40.51 33.68 -50.94
CA ILE F 4826 -41.78 33.40 -51.61
C ILE F 4826 -41.54 32.89 -53.03
N LEU F 4827 -40.62 33.54 -53.75
CA LEU F 4827 -40.26 33.13 -55.11
C LEU F 4827 -39.69 31.71 -55.15
N SER F 4828 -38.80 31.39 -54.22
CA SER F 4828 -38.16 30.08 -54.27
C SER F 4828 -39.07 28.98 -53.73
N SER F 4829 -40.13 29.36 -53.02
CA SER F 4829 -41.03 28.36 -52.46
C SER F 4829 -41.67 27.50 -53.55
N VAL F 4830 -42.10 28.11 -54.65
CA VAL F 4830 -42.76 27.34 -55.71
C VAL F 4830 -41.78 26.39 -56.39
N THR F 4831 -40.51 26.79 -56.51
CA THR F 4831 -39.52 25.93 -57.16
C THR F 4831 -39.00 24.87 -56.20
N HIS F 4832 -39.19 25.08 -54.89
CA HIS F 4832 -38.63 24.16 -53.91
C HIS F 4832 -39.23 22.76 -54.03
N ASN F 4833 -40.56 22.69 -54.18
CA ASN F 4833 -41.25 21.42 -54.40
C ASN F 4833 -41.72 21.26 -55.84
N GLY F 4834 -40.91 21.72 -56.80
CA GLY F 4834 -41.37 21.80 -58.18
C GLY F 4834 -41.76 20.47 -58.78
N LYS F 4835 -40.97 19.43 -58.51
CA LYS F 4835 -41.26 18.12 -59.10
C LYS F 4835 -42.61 17.58 -58.61
N GLN F 4836 -42.81 17.62 -57.30
CA GLN F 4836 -44.08 17.15 -56.73
C GLN F 4836 -45.24 18.00 -57.23
N LEU F 4837 -45.05 19.32 -57.31
CA LEU F 4837 -46.12 20.18 -57.79
C LEU F 4837 -46.49 19.86 -59.24
N VAL F 4838 -45.48 19.68 -60.10
CA VAL F 4838 -45.74 19.38 -61.50
C VAL F 4838 -46.48 18.05 -61.63
N MET F 4839 -46.05 17.03 -60.88
CA MET F 4839 -46.66 15.72 -61.05
C MET F 4839 -48.06 15.69 -60.44
N THR F 4840 -48.30 16.46 -59.37
CA THR F 4840 -49.64 16.57 -58.83
C THR F 4840 -50.57 17.29 -59.80
N VAL F 4841 -50.07 18.34 -60.45
CA VAL F 4841 -50.85 19.00 -61.50
C VAL F 4841 -51.15 18.04 -62.63
N GLY F 4842 -50.19 17.17 -62.96
CA GLY F 4842 -50.45 16.17 -63.98
C GLY F 4842 -51.54 15.19 -63.59
N LEU F 4843 -51.53 14.74 -62.33
CA LEU F 4843 -52.60 13.86 -61.86
C LEU F 4843 -53.94 14.58 -61.87
N LEU F 4844 -53.95 15.87 -61.54
CA LEU F 4844 -55.18 16.65 -61.62
C LEU F 4844 -55.68 16.70 -63.06
N ALA F 4845 -54.78 16.92 -64.02
CA ALA F 4845 -55.18 16.91 -65.42
C ALA F 4845 -55.74 15.56 -65.82
N VAL F 4846 -55.15 14.48 -65.31
CA VAL F 4846 -55.62 13.14 -65.64
C VAL F 4846 -57.03 12.91 -65.12
N VAL F 4847 -57.30 13.30 -63.87
CA VAL F 4847 -58.63 13.07 -63.31
C VAL F 4847 -59.66 13.96 -64.01
N VAL F 4848 -59.28 15.19 -64.37
CA VAL F 4848 -60.18 16.04 -65.14
C VAL F 4848 -60.47 15.41 -66.49
N TYR F 4849 -59.46 14.79 -67.10
CA TYR F 4849 -59.66 14.08 -68.36
C TYR F 4849 -60.64 12.92 -68.20
N LEU F 4850 -60.51 12.17 -67.11
CA LEU F 4850 -61.43 11.04 -66.89
C LEU F 4850 -62.86 11.53 -66.72
N TYR F 4851 -63.05 12.60 -65.95
CA TYR F 4851 -64.39 13.17 -65.80
C TYR F 4851 -64.92 13.67 -67.15
N THR F 4852 -64.03 14.24 -67.97
CA THR F 4852 -64.43 14.66 -69.31
C THR F 4852 -64.87 13.49 -70.16
N VAL F 4853 -64.14 12.36 -70.07
CA VAL F 4853 -64.52 11.17 -70.82
C VAL F 4853 -65.92 10.71 -70.40
N VAL F 4854 -66.17 10.66 -69.09
CA VAL F 4854 -67.48 10.23 -68.61
C VAL F 4854 -68.57 11.17 -69.10
N ALA F 4855 -68.34 12.48 -69.00
CA ALA F 4855 -69.36 13.44 -69.42
C ALA F 4855 -69.62 13.34 -70.92
N PHE F 4856 -68.57 13.21 -71.73
CA PHE F 4856 -68.74 13.10 -73.17
C PHE F 4856 -69.45 11.81 -73.54
N ASN F 4857 -69.24 10.74 -72.75
CA ASN F 4857 -69.89 9.48 -73.07
C ASN F 4857 -71.37 9.50 -72.70
N PHE F 4858 -71.73 10.13 -71.58
CA PHE F 4858 -73.08 9.97 -71.06
C PHE F 4858 -73.83 11.27 -70.77
N PHE F 4859 -73.14 12.37 -70.47
CA PHE F 4859 -73.81 13.56 -69.96
C PHE F 4859 -73.70 14.77 -70.87
N ARG F 4860 -73.76 14.58 -72.19
CA ARG F 4860 -73.61 15.70 -73.12
C ARG F 4860 -74.83 16.62 -73.07
N LYS F 4861 -75.97 16.12 -72.59
CA LYS F 4861 -77.22 16.87 -72.71
C LYS F 4861 -77.19 18.14 -71.87
N PHE F 4862 -76.60 18.09 -70.69
CA PHE F 4862 -76.68 19.24 -69.77
C PHE F 4862 -75.75 20.38 -70.20
N TYR F 4863 -74.79 20.09 -71.07
CA TYR F 4863 -73.71 21.05 -71.30
C TYR F 4863 -74.09 22.19 -72.22
N ASN F 4864 -75.39 22.41 -72.44
CA ASN F 4864 -75.82 23.61 -73.16
C ASN F 4864 -75.47 24.85 -72.35
N LYS F 4865 -74.94 25.86 -73.03
CA LYS F 4865 -74.46 27.07 -72.37
C LYS F 4865 -75.31 28.29 -72.68
N SER F 4866 -76.19 28.19 -73.67
CA SER F 4866 -76.94 29.34 -74.19
C SER F 4866 -78.42 29.17 -73.86
N GLU F 4867 -79.05 30.27 -73.45
CA GLU F 4867 -80.46 30.22 -73.06
C GLU F 4867 -81.36 30.20 -74.29
N ASP F 4868 -80.96 30.86 -75.38
CA ASP F 4868 -81.81 30.95 -76.56
C ASP F 4868 -81.76 29.66 -77.35
N GLU F 4869 -82.95 29.16 -77.72
CA GLU F 4869 -83.03 27.88 -78.42
C GLU F 4869 -82.57 28.00 -79.87
N ASP F 4870 -82.77 29.16 -80.48
CA ASP F 4870 -82.44 29.34 -81.89
C ASP F 4870 -80.94 29.17 -82.13
N GLU F 4871 -80.12 29.70 -81.24
CA GLU F 4871 -78.67 29.54 -81.32
C GLU F 4871 -78.15 28.97 -80.01
N PRO F 4872 -78.18 27.65 -79.82
CA PRO F 4872 -77.66 27.07 -78.57
C PRO F 4872 -76.18 26.75 -78.66
N ASP F 4873 -75.47 26.86 -77.54
CA ASP F 4873 -74.04 26.62 -77.51
C ASP F 4873 -73.77 25.33 -76.74
N MET F 4874 -73.16 24.37 -77.41
CA MET F 4874 -72.93 23.02 -76.86
C MET F 4874 -71.45 22.89 -76.53
N LYS F 4875 -71.13 22.88 -75.24
CA LYS F 4875 -69.72 22.83 -74.83
C LYS F 4875 -69.11 21.46 -75.07
N CYS F 4876 -69.79 20.40 -74.67
CA CYS F 4876 -69.16 19.09 -74.62
C CYS F 4876 -69.42 18.25 -75.86
N ASP F 4877 -70.00 18.83 -76.91
CA ASP F 4877 -70.10 18.10 -78.17
C ASP F 4877 -68.72 17.73 -78.70
N ASP F 4878 -67.80 18.68 -78.71
CA ASP F 4878 -66.41 18.41 -79.05
C ASP F 4878 -65.69 18.00 -77.78
N MET F 4879 -65.04 16.84 -77.82
CA MET F 4879 -64.23 16.40 -76.69
C MET F 4879 -63.18 17.43 -76.30
N MET F 4880 -62.56 18.08 -77.30
CA MET F 4880 -61.55 19.09 -77.02
C MET F 4880 -62.12 20.22 -76.17
N THR F 4881 -63.25 20.78 -76.59
CA THR F 4881 -63.85 21.87 -75.84
C THR F 4881 -64.41 21.39 -74.51
N CYS F 4882 -64.83 20.13 -74.44
CA CYS F 4882 -65.32 19.57 -73.19
C CYS F 4882 -64.19 19.50 -72.16
N TYR F 4883 -63.01 19.06 -72.59
CA TYR F 4883 -61.86 19.02 -71.69
C TYR F 4883 -61.44 20.43 -71.27
N LEU F 4884 -61.38 21.37 -72.23
CA LEU F 4884 -60.99 22.73 -71.88
C LEU F 4884 -61.99 23.35 -70.92
N PHE F 4885 -63.28 23.13 -71.16
CA PHE F 4885 -64.31 23.60 -70.25
C PHE F 4885 -64.14 23.01 -68.85
N HIS F 4886 -64.00 21.68 -68.76
CA HIS F 4886 -63.84 21.04 -67.46
C HIS F 4886 -62.67 21.66 -66.71
N MET F 4887 -61.51 21.75 -67.35
CA MET F 4887 -60.38 22.41 -66.71
C MET F 4887 -60.77 23.81 -66.23
N TYR F 4888 -61.08 24.71 -67.18
CA TYR F 4888 -61.13 26.14 -66.89
C TYR F 4888 -62.22 26.47 -65.87
N VAL F 4889 -63.40 25.85 -65.98
CA VAL F 4889 -64.47 26.21 -65.07
C VAL F 4889 -64.48 25.32 -63.83
N GLY F 4890 -64.34 24.00 -64.00
CA GLY F 4890 -64.44 23.11 -62.86
C GLY F 4890 -63.33 23.32 -61.85
N VAL F 4891 -62.08 23.42 -62.31
CA VAL F 4891 -60.98 23.58 -61.37
C VAL F 4891 -61.11 24.89 -60.62
N ARG F 4892 -61.53 25.96 -61.31
CA ARG F 4892 -61.58 27.28 -60.69
C ARG F 4892 -62.77 27.41 -59.75
N ALA F 4893 -63.90 26.80 -60.10
CA ALA F 4893 -65.11 26.95 -59.30
C ALA F 4893 -64.92 26.28 -57.93
N GLY F 4894 -65.35 26.99 -56.88
CA GLY F 4894 -65.21 26.46 -55.54
C GLY F 4894 -66.20 25.35 -55.24
N GLY F 4895 -67.42 25.46 -55.77
CA GLY F 4895 -68.44 24.47 -55.48
C GLY F 4895 -68.34 23.25 -56.37
N GLY F 4896 -67.54 23.34 -57.43
CA GLY F 4896 -67.34 22.23 -58.35
C GLY F 4896 -67.92 22.52 -59.71
N ILE F 4897 -67.99 21.47 -60.52
CA ILE F 4897 -68.51 21.59 -61.88
C ILE F 4897 -70.00 21.92 -61.86
N GLY F 4898 -70.73 21.36 -60.88
CA GLY F 4898 -72.18 21.45 -60.91
C GLY F 4898 -72.71 22.87 -60.83
N ASP F 4899 -71.89 23.80 -60.36
CA ASP F 4899 -72.31 25.20 -60.35
C ASP F 4899 -72.55 25.72 -61.76
N GLU F 4900 -71.64 25.40 -62.69
CA GLU F 4900 -71.80 25.90 -64.05
C GLU F 4900 -72.60 24.93 -64.91
N ILE F 4901 -72.46 23.63 -64.69
CA ILE F 4901 -73.17 22.67 -65.52
C ILE F 4901 -74.60 22.50 -65.01
N GLU F 4902 -75.51 22.23 -65.94
CA GLU F 4902 -76.95 22.44 -65.73
C GLU F 4902 -77.53 21.54 -64.65
N ASP F 4903 -78.62 22.00 -64.05
CA ASP F 4903 -79.33 21.27 -63.00
C ASP F 4903 -79.88 19.95 -63.55
N PRO F 4904 -79.60 18.82 -62.88
CA PRO F 4904 -80.08 17.52 -63.38
C PRO F 4904 -81.44 17.11 -62.85
N ALA F 4905 -82.18 18.04 -62.23
CA ALA F 4905 -83.46 17.70 -61.61
C ALA F 4905 -84.41 17.08 -62.64
N GLY F 4906 -84.87 15.87 -62.34
CA GLY F 4906 -85.78 15.15 -63.20
C GLY F 4906 -85.14 14.31 -64.28
N ASP F 4907 -83.81 14.31 -64.38
CA ASP F 4907 -83.14 13.54 -65.42
C ASP F 4907 -83.15 12.05 -65.08
N GLU F 4908 -83.09 11.22 -66.12
CA GLU F 4908 -83.06 9.77 -65.92
C GLU F 4908 -81.72 9.33 -65.33
N TYR F 4909 -80.65 10.09 -65.60
CA TYR F 4909 -79.35 9.84 -65.01
C TYR F 4909 -79.03 10.80 -63.88
N GLU F 4910 -80.06 11.25 -63.15
CA GLU F 4910 -79.86 12.27 -62.12
C GLU F 4910 -78.95 11.77 -61.01
N LEU F 4911 -79.16 10.53 -60.56
CA LEU F 4911 -78.32 9.99 -59.49
C LEU F 4911 -76.88 9.83 -59.94
N TYR F 4912 -76.67 9.33 -61.17
CA TYR F 4912 -75.32 9.19 -61.68
C TYR F 4912 -74.62 10.54 -61.78
N ARG F 4913 -75.33 11.56 -62.26
CA ARG F 4913 -74.72 12.88 -62.38
C ARG F 4913 -74.47 13.50 -61.01
N VAL F 4914 -75.34 13.23 -60.04
CA VAL F 4914 -75.11 13.72 -58.68
C VAL F 4914 -73.83 13.11 -58.12
N VAL F 4915 -73.65 11.80 -58.31
CA VAL F 4915 -72.42 11.15 -57.88
C VAL F 4915 -71.22 11.75 -58.61
N PHE F 4916 -71.38 12.00 -59.92
CA PHE F 4916 -70.34 12.64 -60.72
C PHE F 4916 -69.90 13.96 -60.12
N ASP F 4917 -70.87 14.85 -59.85
CA ASP F 4917 -70.55 16.18 -59.33
C ASP F 4917 -69.96 16.11 -57.93
N ILE F 4918 -70.52 15.26 -57.06
CA ILE F 4918 -69.99 15.16 -55.70
C ILE F 4918 -68.56 14.64 -55.71
N THR F 4919 -68.28 13.63 -56.53
CA THR F 4919 -66.93 13.10 -56.62
C THR F 4919 -65.96 14.13 -57.20
N PHE F 4920 -66.40 14.87 -58.22
CA PHE F 4920 -65.55 15.94 -58.76
C PHE F 4920 -65.23 16.96 -57.70
N PHE F 4921 -66.23 17.39 -56.93
CA PHE F 4921 -65.98 18.35 -55.85
C PHE F 4921 -65.04 17.78 -54.80
N PHE F 4922 -65.20 16.50 -54.46
CA PHE F 4922 -64.45 15.92 -53.35
C PHE F 4922 -62.98 15.70 -53.73
N PHE F 4923 -62.72 15.24 -54.95
CA PHE F 4923 -61.34 15.01 -55.38
C PHE F 4923 -60.68 16.25 -55.98
N VAL F 4924 -61.25 16.82 -57.04
CA VAL F 4924 -60.58 17.88 -57.76
C VAL F 4924 -60.46 19.13 -56.90
N ILE F 4925 -61.55 19.52 -56.23
CA ILE F 4925 -61.56 20.80 -55.53
C ILE F 4925 -61.04 20.64 -54.11
N VAL F 4926 -61.55 19.65 -53.38
CA VAL F 4926 -61.24 19.50 -51.96
C VAL F 4926 -59.85 18.91 -51.74
N ILE F 4927 -59.50 17.84 -52.48
CA ILE F 4927 -58.24 17.15 -52.23
C ILE F 4927 -57.10 17.82 -52.96
N LEU F 4928 -57.18 17.88 -54.30
CA LEU F 4928 -55.99 18.18 -55.10
C LEU F 4928 -55.53 19.62 -54.92
N LEU F 4929 -56.37 20.59 -55.26
CA LEU F 4929 -55.97 22.00 -55.16
C LEU F 4929 -55.46 22.32 -53.76
N ALA F 4930 -56.07 21.73 -52.74
CA ALA F 4930 -55.55 21.87 -51.38
C ALA F 4930 -54.15 21.28 -51.28
N ILE F 4931 -53.88 20.18 -52.00
CA ILE F 4931 -52.54 19.59 -51.95
C ILE F 4931 -51.52 20.51 -52.57
N ILE F 4932 -51.83 21.10 -53.74
CA ILE F 4932 -50.90 22.05 -54.35
C ILE F 4932 -50.66 23.24 -53.42
N GLN F 4933 -51.74 23.78 -52.86
CA GLN F 4933 -51.62 24.92 -51.96
C GLN F 4933 -50.77 24.58 -50.75
N GLY F 4934 -50.98 23.39 -50.18
CA GLY F 4934 -50.19 22.97 -49.04
C GLY F 4934 -48.73 22.77 -49.38
N LEU F 4935 -48.45 22.21 -50.56
CA LEU F 4935 -47.06 22.05 -50.98
C LEU F 4935 -46.36 23.40 -51.04
N ILE F 4936 -46.98 24.37 -51.71
CA ILE F 4936 -46.34 25.69 -51.81
C ILE F 4936 -46.18 26.33 -50.43
N ILE F 4937 -47.25 26.29 -49.62
CA ILE F 4937 -47.22 26.97 -48.33
C ILE F 4937 -46.21 26.34 -47.39
N ASP F 4938 -46.17 25.01 -47.32
CA ASP F 4938 -45.26 24.36 -46.38
C ASP F 4938 -43.84 24.37 -46.90
N ALA F 4939 -43.65 24.51 -48.22
CA ALA F 4939 -42.30 24.79 -48.72
C ALA F 4939 -41.82 26.16 -48.25
N PHE F 4940 -42.70 27.16 -48.33
CA PHE F 4940 -42.36 28.48 -47.79
C PHE F 4940 -42.04 28.41 -46.30
N GLY F 4941 -42.89 27.73 -45.53
CA GLY F 4941 -42.63 27.59 -44.11
C GLY F 4941 -41.36 26.81 -43.82
N GLU F 4942 -41.07 25.81 -44.65
CA GLU F 4942 -39.85 25.03 -44.49
C GLU F 4942 -38.61 25.87 -44.71
N LEU F 4943 -38.63 26.71 -45.74
CA LEU F 4943 -37.52 27.66 -45.92
C LEU F 4943 -37.40 28.57 -44.71
N ARG F 4944 -38.52 29.06 -44.19
CA ARG F 4944 -38.44 29.97 -43.05
C ARG F 4944 -37.84 29.30 -41.82
N ASP F 4945 -38.29 28.10 -41.46
CA ASP F 4945 -37.78 27.54 -40.21
C ASP F 4945 -36.41 26.93 -40.43
N GLN F 4946 -36.02 26.64 -41.68
CA GLN F 4946 -34.62 26.37 -41.96
C GLN F 4946 -33.76 27.59 -41.64
N GLN F 4947 -34.22 28.77 -42.04
CA GLN F 4947 -33.49 29.99 -41.67
C GLN F 4947 -33.44 30.16 -40.15
N GLU F 4948 -34.57 29.95 -39.48
CA GLU F 4948 -34.61 30.07 -38.02
C GLU F 4948 -33.65 29.09 -37.37
N GLN F 4949 -33.61 27.84 -37.84
CA GLN F 4949 -32.69 26.86 -37.29
C GLN F 4949 -31.24 27.24 -37.58
N VAL F 4950 -30.98 27.86 -38.72
CA VAL F 4950 -29.62 28.28 -39.03
C VAL F 4950 -29.15 29.33 -38.03
N LYS F 4951 -29.99 30.34 -37.75
CA LYS F 4951 -29.61 31.30 -36.72
C LYS F 4951 -29.54 30.67 -35.33
N GLU F 4952 -30.49 29.80 -35.00
CA GLU F 4952 -30.57 29.31 -33.63
C GLU F 4952 -29.44 28.33 -33.31
N ASP F 4953 -29.14 27.40 -34.21
CA ASP F 4953 -28.10 26.42 -33.96
C ASP F 4953 -26.74 27.10 -33.79
N MET F 4954 -26.55 28.25 -34.44
CA MET F 4954 -25.29 28.98 -34.31
C MET F 4954 -25.04 29.37 -32.86
N GLU F 4955 -26.10 29.69 -32.12
CA GLU F 4955 -25.97 30.06 -30.72
C GLU F 4955 -25.75 28.83 -29.83
N THR F 4956 -26.31 27.68 -30.23
CA THR F 4956 -26.37 26.54 -29.33
C THR F 4956 -25.08 25.72 -29.38
N LYS F 4957 -24.33 25.81 -30.47
CA LYS F 4957 -23.15 24.97 -30.64
C LYS F 4957 -21.94 25.79 -31.06
N CYS F 4958 -20.78 25.31 -30.67
CA CYS F 4958 -19.50 25.90 -31.08
C CYS F 4958 -19.24 25.55 -32.54
N PHE F 4959 -18.90 26.56 -33.33
CA PHE F 4959 -18.77 26.35 -34.78
C PHE F 4959 -17.54 25.51 -35.10
N ILE F 4960 -16.39 25.84 -34.49
CA ILE F 4960 -15.17 25.10 -34.77
C ILE F 4960 -15.07 23.87 -33.87
N CYS F 4961 -15.37 24.04 -32.58
CA CYS F 4961 -15.24 22.94 -31.63
C CYS F 4961 -16.17 21.78 -31.98
N GLY F 4962 -17.42 22.09 -32.31
CA GLY F 4962 -18.46 21.09 -32.32
C GLY F 4962 -19.00 20.75 -30.94
N ILE F 4963 -18.75 21.61 -29.95
CA ILE F 4963 -19.12 21.38 -28.56
C ILE F 4963 -20.34 22.25 -28.25
N GLY F 4964 -21.31 21.67 -27.55
CA GLY F 4964 -22.54 22.39 -27.27
C GLY F 4964 -22.33 23.55 -26.33
N SER F 4965 -23.34 24.43 -26.29
CA SER F 4965 -23.24 25.64 -25.48
C SER F 4965 -23.25 25.34 -23.99
N ASP F 4966 -23.97 24.29 -23.58
CA ASP F 4966 -24.22 24.05 -22.16
C ASP F 4966 -22.93 23.80 -21.39
N TYR F 4967 -21.99 23.05 -21.98
CA TYR F 4967 -20.74 22.75 -21.29
C TYR F 4967 -19.99 24.03 -20.92
N PHE F 4968 -19.88 24.96 -21.88
CA PHE F 4968 -19.27 26.24 -21.57
C PHE F 4968 -20.14 27.05 -20.61
N ASP F 4969 -21.46 26.98 -20.78
CA ASP F 4969 -22.36 27.80 -19.98
C ASP F 4969 -22.43 27.32 -18.53
N THR F 4970 -21.82 26.17 -18.23
CA THR F 4970 -21.67 25.77 -16.84
C THR F 4970 -21.06 26.89 -16.02
N THR F 4971 -19.98 27.50 -16.51
CA THR F 4971 -19.54 28.77 -15.97
C THR F 4971 -20.31 29.91 -16.64
N PRO F 4972 -20.62 30.98 -15.92
CA PRO F 4972 -21.41 32.06 -16.52
C PRO F 4972 -20.72 32.68 -17.72
N HIS F 4973 -21.52 33.02 -18.73
CA HIS F 4973 -21.03 33.59 -19.99
C HIS F 4973 -20.00 32.71 -20.67
N GLY F 4974 -20.08 31.40 -20.43
CA GLY F 4974 -19.08 30.50 -20.95
C GLY F 4974 -19.04 30.44 -22.47
N PHE F 4975 -20.21 30.36 -23.10
CA PHE F 4975 -20.25 30.32 -24.55
C PHE F 4975 -19.76 31.64 -25.14
N GLU F 4976 -20.10 32.75 -24.51
CA GLU F 4976 -19.60 34.05 -24.97
C GLU F 4976 -18.09 34.11 -24.89
N THR F 4977 -17.51 33.65 -23.78
CA THR F 4977 -16.06 33.63 -23.65
C THR F 4977 -15.42 32.71 -24.69
N HIS F 4978 -16.05 31.56 -24.95
CA HIS F 4978 -15.57 30.70 -26.03
C HIS F 4978 -15.53 31.43 -27.36
N THR F 4979 -16.65 32.03 -27.76
CA THR F 4979 -16.79 32.52 -29.12
C THR F 4979 -15.98 33.80 -29.33
N LEU F 4980 -16.00 34.72 -28.37
CA LEU F 4980 -15.35 36.01 -28.58
C LEU F 4980 -13.84 35.89 -28.53
N GLU F 4981 -13.30 35.03 -27.67
CA GLU F 4981 -11.86 34.97 -27.43
C GLU F 4981 -11.23 33.68 -27.90
N GLU F 4982 -11.71 32.52 -27.44
CA GLU F 4982 -10.95 31.28 -27.62
C GLU F 4982 -11.00 30.79 -29.06
N HIS F 4983 -12.19 30.79 -29.69
CA HIS F 4983 -12.37 30.13 -30.96
C HIS F 4983 -13.09 30.99 -31.99
N ASN F 4984 -12.62 32.24 -32.18
CA ASN F 4984 -13.35 33.17 -33.03
C ASN F 4984 -13.04 32.95 -34.51
N LEU F 4985 -14.09 32.99 -35.33
CA LEU F 4985 -13.91 32.94 -36.78
C LEU F 4985 -13.05 34.08 -37.28
N ALA F 4986 -13.27 35.28 -36.73
CA ALA F 4986 -12.40 36.40 -37.06
C ALA F 4986 -10.96 36.12 -36.64
N ASN F 4987 -10.77 35.42 -35.52
CA ASN F 4987 -9.42 35.08 -35.09
C ASN F 4987 -8.74 34.15 -36.09
N TYR F 4988 -9.45 33.15 -36.60
CA TYR F 4988 -8.85 32.29 -37.62
C TYR F 4988 -8.58 33.04 -38.92
N MET F 4989 -9.52 33.89 -39.33
CA MET F 4989 -9.30 34.84 -40.44
C MET F 4989 -7.98 35.58 -40.29
N PHE F 4990 -7.81 36.26 -39.16
CA PHE F 4990 -6.64 37.10 -38.95
C PHE F 4990 -5.38 36.28 -38.77
N PHE F 4991 -5.49 35.06 -38.24
CA PHE F 4991 -4.34 34.18 -38.19
C PHE F 4991 -3.86 33.79 -39.57
N LEU F 4992 -4.79 33.40 -40.45
CA LEU F 4992 -4.39 33.03 -41.80
C LEU F 4992 -3.78 34.22 -42.53
N MET F 4993 -4.41 35.40 -42.40
CA MET F 4993 -3.88 36.59 -43.06
C MET F 4993 -2.51 36.97 -42.50
N TYR F 4994 -2.35 36.87 -41.17
CA TYR F 4994 -1.07 37.17 -40.55
C TYR F 4994 0.01 36.20 -40.99
N LEU F 4995 -0.33 34.92 -41.12
CA LEU F 4995 0.62 33.94 -41.64
C LEU F 4995 1.02 34.27 -43.07
N ILE F 4996 0.06 34.67 -43.90
CA ILE F 4996 0.38 35.05 -45.27
C ILE F 4996 1.31 36.25 -45.29
N ASN F 4997 1.01 37.26 -44.46
CA ASN F 4997 1.81 38.49 -44.47
C ASN F 4997 3.21 38.26 -43.91
N LYS F 4998 3.32 37.44 -42.87
CA LYS F 4998 4.60 37.26 -42.19
C LYS F 4998 5.59 36.50 -43.08
N ASP F 4999 6.87 36.81 -42.89
CA ASP F 4999 7.92 36.08 -43.58
C ASP F 4999 8.01 34.66 -43.04
N GLU F 5000 8.35 33.72 -43.93
CA GLU F 5000 8.44 32.32 -43.54
C GLU F 5000 9.59 32.10 -42.54
N THR F 5001 10.67 32.87 -42.68
CA THR F 5001 11.79 32.71 -41.76
C THR F 5001 11.41 33.18 -40.35
N GLU F 5002 10.52 34.16 -40.25
CA GLU F 5002 10.14 34.67 -38.93
C GLU F 5002 9.07 33.81 -38.28
N HIS F 5003 8.55 32.81 -38.99
CA HIS F 5003 7.52 31.95 -38.44
C HIS F 5003 8.03 31.19 -37.24
N THR F 5004 7.24 31.16 -36.17
CA THR F 5004 7.55 30.34 -35.02
C THR F 5004 7.29 28.88 -35.34
N GLY F 5005 7.50 28.01 -34.35
CA GLY F 5005 7.23 26.60 -34.56
C GLY F 5005 5.76 26.32 -34.82
N GLN F 5006 4.88 26.92 -34.00
CA GLN F 5006 3.44 26.76 -34.19
C GLN F 5006 2.99 27.33 -35.53
N GLU F 5007 3.48 28.53 -35.87
CA GLU F 5007 3.12 29.15 -37.14
C GLU F 5007 3.59 28.31 -38.32
N SER F 5008 4.81 27.77 -38.24
CA SER F 5008 5.32 26.93 -39.32
C SER F 5008 4.51 25.65 -39.46
N TYR F 5009 4.13 25.04 -38.33
CA TYR F 5009 3.31 23.84 -38.37
C TYR F 5009 1.96 24.13 -39.03
N VAL F 5010 1.30 25.22 -38.63
CA VAL F 5010 0.01 25.57 -39.21
C VAL F 5010 0.16 25.89 -40.70
N TRP F 5011 1.23 26.60 -41.06
CA TRP F 5011 1.47 26.96 -42.45
C TRP F 5011 1.72 25.73 -43.31
N LYS F 5012 2.47 24.76 -42.78
CA LYS F 5012 2.71 23.53 -43.51
C LYS F 5012 1.42 22.76 -43.73
N MET F 5013 0.56 22.71 -42.72
CA MET F 5013 -0.73 22.04 -42.92
C MET F 5013 -1.59 22.79 -43.92
N TYR F 5014 -1.49 24.12 -43.94
CA TYR F 5014 -2.19 24.89 -44.95
C TYR F 5014 -1.68 24.59 -46.36
N GLN F 5015 -0.35 24.49 -46.51
CA GLN F 5015 0.20 24.18 -47.83
C GLN F 5015 -0.20 22.78 -48.29
N GLU F 5016 -0.22 21.82 -47.37
CA GLU F 5016 -0.61 20.46 -47.73
C GLU F 5016 -2.12 20.23 -47.65
N ARG F 5017 -2.90 21.26 -47.37
CA ARG F 5017 -4.37 21.17 -47.37
C ARG F 5017 -4.85 20.13 -46.36
N CYS F 5018 -4.19 20.05 -45.21
CA CYS F 5018 -4.62 19.20 -44.12
C CYS F 5018 -5.20 20.09 -43.01
N TRP F 5019 -6.45 19.82 -42.64
CA TRP F 5019 -7.17 20.65 -41.68
C TRP F 5019 -7.23 20.03 -40.29
N ASP F 5020 -6.33 19.10 -39.98
CA ASP F 5020 -6.36 18.45 -38.67
C ASP F 5020 -6.01 19.40 -37.55
N PHE F 5021 -5.32 20.51 -37.84
CA PHE F 5021 -4.92 21.43 -36.78
C PHE F 5021 -6.12 22.14 -36.19
N PHE F 5022 -7.24 22.18 -36.92
CA PHE F 5022 -8.45 22.76 -36.37
C PHE F 5022 -8.95 21.91 -35.21
N PRO F 5023 -9.26 22.51 -34.05
CA PRO F 5023 -9.75 21.72 -32.92
C PRO F 5023 -11.14 21.16 -33.21
N ALA F 5024 -11.26 19.84 -33.08
CA ALA F 5024 -12.51 19.15 -33.33
C ALA F 5024 -12.87 18.34 -32.09
N GLY F 5025 -14.00 18.68 -31.47
CA GLY F 5025 -14.45 17.98 -30.29
C GLY F 5025 -13.57 18.15 -29.06
N ASP F 5026 -12.71 19.15 -29.04
CA ASP F 5026 -11.83 19.40 -27.91
C ASP F 5026 -11.58 20.89 -27.76
N CYS F 5027 -11.30 21.31 -26.54
CA CYS F 5027 -11.01 22.71 -26.24
C CYS F 5027 -10.03 22.77 -25.08
N PHE F 5028 -9.51 23.98 -24.84
CA PHE F 5028 -8.52 24.17 -23.79
C PHE F 5028 -9.11 23.82 -22.42
N ARG F 5029 -10.34 24.27 -22.16
CA ARG F 5029 -11.00 23.95 -20.90
C ARG F 5029 -11.18 22.45 -20.73
N LYS F 5030 -11.67 21.78 -21.77
CA LYS F 5030 -11.94 20.34 -21.66
C LYS F 5030 -10.66 19.56 -21.46
N GLN F 5031 -9.57 20.00 -22.10
CA GLN F 5031 -8.28 19.34 -21.86
C GLN F 5031 -7.79 19.57 -20.43
N TYR F 5032 -7.79 20.82 -19.98
CA TYR F 5032 -7.20 21.15 -18.69
C TYR F 5032 -8.25 21.37 -17.61
N GLU F 5033 -9.32 20.56 -17.62
CA GLU F 5033 -10.36 20.66 -16.59
C GLU F 5033 -9.78 20.67 -15.19
N ASP F 5034 -8.99 19.65 -14.83
CA ASP F 5034 -8.50 19.54 -13.47
C ASP F 5034 -7.53 20.66 -13.12
N GLN F 5035 -6.67 21.05 -14.06
CA GLN F 5035 -5.71 22.12 -13.79
C GLN F 5035 -6.41 23.47 -13.71
N LEU F 5036 -7.29 23.78 -14.66
CA LEU F 5036 -7.99 25.06 -14.64
C LEU F 5036 -8.97 25.14 -13.46
N SER F 5037 -9.71 24.08 -13.21
CA SER F 5037 -10.67 24.06 -12.11
C SER F 5037 -10.11 23.33 -10.90
N GLU G 10 -5.65 14.78 24.15
CA GLU G 10 -6.78 15.00 25.05
C GLU G 10 -6.35 14.86 26.51
N VAL G 11 -7.18 15.36 27.42
CA VAL G 11 -6.97 15.24 28.85
C VAL G 11 -8.12 14.43 29.43
N GLN G 12 -7.81 13.24 29.95
CA GLN G 12 -8.84 12.41 30.54
C GLN G 12 -9.41 13.06 31.79
N PHE G 13 -10.74 13.02 31.91
CA PHE G 13 -11.45 13.77 32.94
C PHE G 13 -12.27 12.82 33.81
N LEU G 14 -12.31 13.12 35.11
CA LEU G 14 -13.15 12.36 36.02
C LEU G 14 -14.62 12.69 35.79
N ARG G 15 -15.48 11.70 35.98
CA ARG G 15 -16.90 11.84 35.68
C ARG G 15 -17.72 11.05 36.71
N THR G 16 -18.97 11.49 36.90
CA THR G 16 -19.85 10.82 37.85
C THR G 16 -20.10 9.37 37.44
N ASP G 17 -20.34 8.52 38.44
CA ASP G 17 -20.64 7.09 38.35
C ASP G 17 -19.39 6.28 37.99
N ASP G 18 -18.26 6.91 37.73
CA ASP G 18 -17.01 6.18 37.53
C ASP G 18 -16.49 5.67 38.87
N GLU G 19 -15.85 4.50 38.84
CA GLU G 19 -15.34 3.85 40.04
C GLU G 19 -13.83 4.08 40.13
N VAL G 20 -13.40 4.68 41.23
CA VAL G 20 -12.05 5.23 41.37
C VAL G 20 -11.50 4.90 42.75
N VAL G 21 -10.17 4.81 42.84
CA VAL G 21 -9.46 4.46 44.07
C VAL G 21 -8.47 5.56 44.40
N LEU G 22 -8.37 5.92 45.68
CA LEU G 22 -7.57 7.06 46.08
C LEU G 22 -6.16 6.64 46.50
N GLN G 23 -5.19 7.53 46.26
CA GLN G 23 -3.78 7.21 46.42
C GLN G 23 -3.09 8.35 47.16
N CYS G 24 -2.16 8.00 48.05
CA CYS G 24 -1.33 8.98 48.73
C CYS G 24 0.11 8.48 48.77
N SER G 25 1.05 9.36 48.43
CA SER G 25 2.47 9.02 48.40
C SER G 25 3.18 9.76 49.51
N ALA G 26 3.83 9.00 50.39
CA ALA G 26 4.57 9.58 51.51
C ALA G 26 5.95 8.93 51.59
N THR G 27 6.95 9.72 51.99
CA THR G 27 8.32 9.25 52.07
C THR G 27 8.49 8.39 53.32
N VAL G 28 8.66 7.10 53.13
CA VAL G 28 8.90 6.14 54.22
C VAL G 28 10.16 5.36 53.88
N LEU G 29 11.11 5.32 54.82
CA LEU G 29 12.43 4.71 54.60
C LEU G 29 13.09 5.33 53.37
N LYS G 30 12.95 6.66 53.26
CA LYS G 30 13.58 7.45 52.19
C LYS G 30 13.14 6.99 50.80
N GLU G 31 11.95 6.39 50.71
CA GLU G 31 11.36 6.02 49.43
C GLU G 31 9.88 6.37 49.45
N GLN G 32 9.34 6.79 48.31
CA GLN G 32 7.95 7.19 48.24
C GLN G 32 7.03 5.97 48.23
N LEU G 33 6.50 5.64 49.39
CA LEU G 33 5.53 4.56 49.55
C LEU G 33 4.15 5.12 49.21
N LYS G 34 3.45 4.44 48.31
CA LYS G 34 2.09 4.83 47.94
C LYS G 34 1.10 3.89 48.62
N LEU G 35 0.02 4.47 49.14
CA LEU G 35 -0.94 3.76 49.96
C LEU G 35 -2.35 4.19 49.57
N CYS G 36 -3.32 3.30 49.73
CA CYS G 36 -4.70 3.54 49.37
C CYS G 36 -5.60 3.34 50.57
N LEU G 37 -6.54 4.27 50.78
CA LEU G 37 -7.52 4.12 51.84
C LEU G 37 -8.51 3.03 51.50
N ALA G 38 -8.95 2.27 52.50
CA ALA G 38 -9.86 1.17 52.29
C ALA G 38 -10.62 0.87 53.57
N ALA G 39 -11.89 0.52 53.43
CA ALA G 39 -12.74 0.22 54.58
C ALA G 39 -13.30 -1.19 54.43
N GLU G 40 -13.12 -2.00 55.48
CA GLU G 40 -13.69 -3.34 55.47
C GLU G 40 -15.21 -3.31 55.50
N GLY G 41 -15.77 -2.32 56.20
CA GLY G 41 -17.21 -2.24 56.34
C GLY G 41 -17.71 -3.00 57.55
N PHE G 42 -18.16 -4.23 57.34
CA PHE G 42 -18.61 -5.06 58.45
C PHE G 42 -17.47 -5.28 59.44
N GLY G 43 -17.78 -5.11 60.72
CA GLY G 43 -16.80 -5.30 61.77
C GLY G 43 -16.05 -4.04 62.15
N ASN G 44 -15.49 -3.35 61.16
CA ASN G 44 -14.71 -2.14 61.40
C ASN G 44 -15.29 -0.99 60.59
N ARG G 45 -15.86 -0.01 61.29
CA ARG G 45 -16.37 1.17 60.61
C ARG G 45 -15.25 2.11 60.19
N LEU G 46 -14.21 2.21 61.03
CA LEU G 46 -13.08 3.08 60.70
C LEU G 46 -12.35 2.57 59.47
N CYS G 47 -12.00 3.50 58.58
CA CYS G 47 -11.27 3.11 57.38
C CYS G 47 -9.77 3.03 57.67
N PHE G 48 -9.16 1.95 57.21
CA PHE G 48 -7.73 1.72 57.35
C PHE G 48 -7.04 2.12 56.05
N LEU G 49 -5.74 1.92 56.00
CA LEU G 49 -4.92 2.35 54.86
C LEU G 49 -3.94 1.24 54.51
N GLU G 50 -4.02 0.74 53.27
CA GLU G 50 -3.22 -0.38 52.81
C GLU G 50 -2.10 0.10 51.90
N PRO G 51 -0.86 -0.33 52.11
CA PRO G 51 0.22 0.07 51.20
C PRO G 51 0.20 -0.72 49.91
N THR G 52 0.22 -0.01 48.77
CA THR G 52 0.11 -0.64 47.45
C THR G 52 1.36 -0.44 46.62
N SER G 53 2.49 -0.10 47.24
CA SER G 53 3.66 0.33 46.48
C SER G 53 4.37 -0.84 45.83
N ASN G 54 4.77 -1.83 46.63
CA ASN G 54 5.62 -2.90 46.11
C ASN G 54 4.92 -3.68 45.00
N ALA G 55 3.82 -4.36 45.34
CA ALA G 55 3.02 -5.12 44.39
C ALA G 55 3.82 -6.25 43.74
N GLN G 56 5.06 -6.42 44.17
CA GLN G 56 5.87 -7.52 43.66
C GLN G 56 6.21 -8.50 44.79
N ASN G 57 6.51 -7.98 45.98
CA ASN G 57 6.67 -8.83 47.15
C ASN G 57 5.33 -9.30 47.69
N VAL G 58 4.31 -8.44 47.60
CA VAL G 58 2.99 -8.74 48.14
C VAL G 58 1.93 -7.95 47.39
N PRO G 59 0.84 -8.57 46.96
CA PRO G 59 -0.23 -7.83 46.30
C PRO G 59 -1.23 -7.30 47.31
N PRO G 60 -1.51 -6.00 47.27
CA PRO G 60 -2.56 -5.45 48.14
C PRO G 60 -3.94 -5.85 47.64
N ASP G 61 -4.92 -5.80 48.54
CA ASP G 61 -6.29 -6.09 48.15
C ASP G 61 -6.92 -4.85 47.52
N LEU G 62 -7.57 -5.04 46.37
CA LEU G 62 -8.06 -3.89 45.62
C LEU G 62 -9.53 -3.61 45.92
N ALA G 63 -10.32 -4.66 46.15
CA ALA G 63 -11.76 -4.49 46.34
C ALA G 63 -12.06 -3.59 47.53
N ILE G 64 -11.27 -3.71 48.60
CA ILE G 64 -11.44 -2.84 49.75
C ILE G 64 -11.13 -1.39 49.39
N CYS G 65 -10.17 -1.18 48.49
CA CYS G 65 -9.81 0.19 48.11
C CYS G 65 -10.80 0.76 47.10
N CYS G 66 -11.59 -0.10 46.46
CA CYS G 66 -12.51 0.37 45.43
C CYS G 66 -13.57 1.31 46.00
N PHE G 67 -13.74 2.45 45.35
CA PHE G 67 -14.77 3.41 45.70
C PHE G 67 -15.44 3.92 44.43
N THR G 68 -16.70 4.31 44.55
CA THR G 68 -17.48 4.85 43.45
C THR G 68 -18.06 6.21 43.86
N LEU G 69 -17.84 7.23 43.05
CA LEU G 69 -18.35 8.56 43.33
C LEU G 69 -19.67 8.74 42.59
N GLU G 70 -20.67 9.27 43.29
CA GLU G 70 -22.02 9.28 42.74
C GLU G 70 -22.35 10.61 42.07
N GLN G 71 -22.31 11.71 42.81
CA GLN G 71 -22.70 13.00 42.26
C GLN G 71 -21.67 14.06 42.63
N SER G 72 -21.53 15.05 41.75
CA SER G 72 -20.75 16.25 42.02
C SER G 72 -21.70 17.44 42.03
N LEU G 73 -21.70 18.20 43.11
CA LEU G 73 -22.62 19.31 43.29
C LEU G 73 -21.89 20.52 43.84
N SER G 74 -22.28 21.70 43.39
CA SER G 74 -21.77 22.93 43.96
C SER G 74 -22.25 23.06 45.41
N VAL G 75 -21.66 24.00 46.14
CA VAL G 75 -22.03 24.20 47.53
C VAL G 75 -23.49 24.63 47.66
N ARG G 76 -23.95 25.47 46.73
CA ARG G 76 -25.33 25.95 46.79
C ARG G 76 -26.32 24.83 46.51
N ALA G 77 -26.07 24.05 45.46
CA ALA G 77 -26.94 22.92 45.15
C ALA G 77 -26.91 21.90 46.29
N LEU G 78 -25.75 21.68 46.89
CA LEU G 78 -25.65 20.79 48.04
C LEU G 78 -26.49 21.28 49.20
N GLN G 79 -26.42 22.58 49.50
CA GLN G 79 -27.24 23.14 50.56
C GLN G 79 -28.73 22.96 50.26
N GLU G 80 -29.13 23.22 49.01
CA GLU G 80 -30.53 23.07 48.64
C GLU G 80 -31.01 21.63 48.80
N MET G 81 -30.20 20.67 48.33
CA MET G 81 -30.65 19.28 48.36
C MET G 81 -30.59 18.71 49.78
N LEU G 82 -29.70 19.24 50.61
CA LEU G 82 -29.68 18.83 52.01
C LEU G 82 -30.86 19.42 52.77
N ALA G 83 -31.25 20.66 52.44
CA ALA G 83 -32.36 21.30 53.13
C ALA G 83 -33.69 20.67 52.73
N ASN G 84 -33.91 20.43 51.44
CA ASN G 84 -35.19 19.90 50.99
C ASN G 84 -35.30 18.39 51.19
N HIS G 98 -25.35 11.25 35.22
CA HIS G 98 -24.03 10.98 34.64
C HIS G 98 -23.44 12.25 34.02
N ARG G 99 -22.70 13.01 34.83
CA ARG G 99 -22.08 14.25 34.39
C ARG G 99 -20.59 14.21 34.69
N THR G 100 -19.81 14.89 33.86
CA THR G 100 -18.37 15.01 34.11
C THR G 100 -18.14 15.87 35.35
N LEU G 101 -17.11 15.53 36.12
CA LEU G 101 -16.85 16.23 37.36
C LEU G 101 -16.27 17.61 37.10
N LEU G 102 -16.49 18.52 38.06
CA LEU G 102 -15.95 19.87 38.02
C LEU G 102 -15.22 20.14 39.33
N TYR G 103 -14.08 20.82 39.23
CA TYR G 103 -13.34 21.18 40.44
C TYR G 103 -14.17 22.12 41.31
N GLY G 104 -14.09 21.93 42.62
CA GLY G 104 -14.85 22.73 43.55
C GLY G 104 -16.21 22.17 43.92
N HIS G 105 -16.62 21.05 43.32
CA HIS G 105 -17.93 20.49 43.59
C HIS G 105 -17.89 19.58 44.81
N ALA G 106 -19.00 19.54 45.55
CA ALA G 106 -19.13 18.57 46.63
C ALA G 106 -19.23 17.16 46.06
N ILE G 107 -18.54 16.23 46.70
CA ILE G 107 -18.39 14.87 46.20
C ILE G 107 -18.94 13.89 47.23
N LEU G 108 -19.70 12.91 46.77
CA LEU G 108 -20.21 11.83 47.60
C LEU G 108 -19.70 10.51 47.04
N LEU G 109 -19.23 9.63 47.92
CA LEU G 109 -18.54 8.41 47.52
C LEU G 109 -19.02 7.22 48.35
N ARG G 110 -18.99 6.05 47.73
CA ARG G 110 -19.35 4.78 48.37
C ARG G 110 -18.17 3.83 48.30
N HIS G 111 -17.92 3.11 49.39
CA HIS G 111 -17.01 1.97 49.33
C HIS G 111 -17.72 0.80 48.65
N ALA G 112 -17.03 0.19 47.68
CA ALA G 112 -17.68 -0.82 46.83
C ALA G 112 -18.18 -2.01 47.64
N HIS G 113 -17.35 -2.54 48.54
CA HIS G 113 -17.78 -3.65 49.38
C HIS G 113 -18.90 -3.25 50.32
N SER G 114 -18.81 -2.04 50.88
CA SER G 114 -19.70 -1.67 51.98
C SER G 114 -21.08 -1.26 51.47
N ARG G 115 -21.16 -0.68 50.27
CA ARG G 115 -22.36 0.03 49.82
C ARG G 115 -22.74 1.14 50.80
N MET G 116 -21.72 1.86 51.29
CA MET G 116 -21.86 2.75 52.43
C MET G 116 -21.11 4.04 52.12
N TYR G 117 -21.57 5.15 52.69
CA TYR G 117 -21.00 6.47 52.40
C TYR G 117 -19.80 6.73 53.30
N LEU G 118 -18.73 7.26 52.72
CA LEU G 118 -17.62 7.75 53.55
C LEU G 118 -17.99 9.12 54.11
N SER G 119 -17.68 9.33 55.39
CA SER G 119 -18.04 10.57 56.07
C SER G 119 -17.05 10.82 57.19
N CYS G 120 -17.11 12.02 57.75
CA CYS G 120 -16.24 12.43 58.84
C CYS G 120 -16.98 12.29 60.16
N LEU G 121 -16.62 11.27 60.94
CA LEU G 121 -17.22 11.08 62.25
C LEU G 121 -16.80 12.19 63.20
N THR G 122 -17.73 12.57 64.09
CA THR G 122 -17.41 13.60 65.07
C THR G 122 -16.34 13.14 66.05
N THR G 123 -16.34 11.85 66.39
CA THR G 123 -15.38 11.33 67.36
C THR G 123 -13.97 11.31 66.77
N SER G 124 -12.99 11.11 67.64
CA SER G 124 -11.59 11.10 67.27
C SER G 124 -10.90 9.92 67.94
N ARG G 125 -10.07 9.19 67.17
CA ARG G 125 -9.32 8.10 67.76
C ARG G 125 -7.93 8.57 68.20
N SER G 126 -7.39 9.56 67.52
CA SER G 126 -6.06 10.10 67.86
C SER G 126 -6.15 10.86 69.18
N MET G 127 -5.46 10.36 70.21
CA MET G 127 -5.53 10.98 71.52
C MET G 127 -4.94 12.38 71.51
N THR G 128 -3.78 12.54 70.87
CA THR G 128 -3.04 13.80 70.95
C THR G 128 -3.79 14.95 70.26
N ASP G 129 -4.34 14.70 69.08
CA ASP G 129 -4.85 15.75 68.21
C ASP G 129 -6.32 16.00 68.48
N LYS G 130 -6.64 17.22 68.93
CA LYS G 130 -8.03 17.66 68.92
C LYS G 130 -8.49 17.96 67.50
N LEU G 131 -7.55 18.38 66.64
CA LEU G 131 -7.87 18.67 65.25
C LEU G 131 -8.31 17.42 64.50
N ALA G 132 -7.76 16.26 64.86
CA ALA G 132 -8.11 15.03 64.15
C ALA G 132 -9.52 14.58 64.51
N PHE G 133 -10.29 14.25 63.47
CA PHE G 133 -11.56 13.54 63.62
C PHE G 133 -11.47 12.20 62.90
N ASP G 134 -12.20 11.23 63.42
CA ASP G 134 -12.30 9.93 62.76
C ASP G 134 -13.10 10.06 61.48
N VAL G 135 -12.65 9.36 60.44
CA VAL G 135 -13.37 9.26 59.17
C VAL G 135 -13.84 7.82 59.03
N GLY G 136 -15.16 7.64 58.89
CA GLY G 136 -15.74 6.32 58.91
C GLY G 136 -16.94 6.22 57.98
N LEU G 137 -17.59 5.07 58.01
CA LEU G 137 -18.69 4.81 57.09
C LEU G 137 -20.04 5.06 57.76
N GLN G 138 -20.96 5.62 56.98
CA GLN G 138 -22.32 5.90 57.42
C GLN G 138 -23.29 5.25 56.45
N GLU G 139 -24.51 4.97 56.93
CA GLU G 139 -25.48 4.26 56.11
C GLU G 139 -26.18 5.19 55.13
N ASP G 140 -26.88 6.19 55.65
CA ASP G 140 -27.79 7.01 54.86
C ASP G 140 -27.11 8.28 54.35
N ALA G 141 -27.79 8.98 53.44
CA ALA G 141 -27.22 10.19 52.84
C ALA G 141 -27.30 11.39 53.77
N THR G 142 -28.31 11.42 54.64
CA THR G 142 -28.55 12.60 55.45
C THR G 142 -27.36 12.92 56.34
N GLY G 143 -27.02 14.20 56.41
CA GLY G 143 -25.89 14.67 57.18
C GLY G 143 -24.87 15.37 56.30
N GLU G 144 -24.24 16.40 56.86
CA GLU G 144 -23.24 17.16 56.12
C GLU G 144 -21.95 16.35 55.98
N ALA G 145 -21.67 15.49 56.95
CA ALA G 145 -20.42 14.72 56.93
C ALA G 145 -20.38 13.75 55.76
N CYS G 146 -21.54 13.24 55.34
CA CYS G 146 -21.58 12.30 54.23
C CYS G 146 -21.04 12.94 52.95
N TRP G 147 -21.42 14.18 52.68
CA TRP G 147 -20.93 14.88 51.50
C TRP G 147 -19.59 15.55 51.79
N TRP G 148 -18.72 15.54 50.79
CA TRP G 148 -17.38 16.10 50.92
C TRP G 148 -17.10 17.03 49.74
N THR G 149 -16.53 18.19 50.04
CA THR G 149 -16.14 19.14 49.02
C THR G 149 -14.67 18.97 48.69
N MET G 150 -14.31 19.31 47.46
CA MET G 150 -12.94 19.18 46.96
C MET G 150 -12.50 20.52 46.39
N HIS G 151 -11.26 20.91 46.68
CA HIS G 151 -10.84 22.30 46.55
C HIS G 151 -9.56 22.41 45.72
N PRO G 152 -9.28 23.59 45.17
CA PRO G 152 -8.05 23.73 44.37
C PRO G 152 -6.80 23.54 45.21
N ALA G 153 -5.81 22.85 44.63
CA ALA G 153 -4.61 22.50 45.38
C ALA G 153 -3.39 23.29 44.91
N SER G 154 -3.09 23.27 43.61
CA SER G 154 -1.83 23.78 43.10
C SER G 154 -2.06 24.96 42.17
N LYS G 155 -0.96 25.45 41.60
CA LYS G 155 -1.01 26.55 40.64
C LYS G 155 -1.80 26.18 39.39
N GLN G 156 -1.48 25.05 38.77
CA GLN G 156 -2.15 24.67 37.53
C GLN G 156 -3.61 24.32 37.79
N ARG G 157 -3.87 23.69 38.93
CA ARG G 157 -5.23 23.55 39.43
C ARG G 157 -5.88 24.92 39.58
N SER G 158 -7.12 25.03 39.10
CA SER G 158 -7.88 26.27 39.15
C SER G 158 -9.29 25.97 39.65
N GLU G 159 -9.79 26.81 40.55
CA GLU G 159 -11.17 26.68 41.00
C GLU G 159 -12.13 27.05 39.87
N GLY G 160 -13.24 26.33 39.80
CA GLY G 160 -14.19 26.50 38.72
C GLY G 160 -13.85 25.75 37.45
N GLU G 161 -12.79 24.95 37.46
CA GLU G 161 -12.37 24.15 36.32
C GLU G 161 -13.03 22.78 36.43
N LYS G 162 -12.95 21.98 35.36
CA LYS G 162 -13.47 20.63 35.42
C LYS G 162 -12.36 19.66 35.82
N VAL G 163 -12.74 18.59 36.52
CA VAL G 163 -11.76 17.71 37.13
C VAL G 163 -10.94 16.98 36.06
N ARG G 164 -9.64 16.98 36.23
CA ARG G 164 -8.71 16.29 35.35
C ARG G 164 -8.13 15.09 36.08
N VAL G 165 -8.14 13.93 35.43
CA VAL G 165 -7.63 12.72 36.05
C VAL G 165 -6.11 12.82 36.20
N GLY G 166 -5.61 12.43 37.38
CA GLY G 166 -4.19 12.44 37.64
C GLY G 166 -3.68 13.62 38.43
N ASP G 167 -4.45 14.69 38.54
CA ASP G 167 -4.03 15.84 39.34
C ASP G 167 -4.10 15.50 40.83
N ASP G 168 -3.23 16.16 41.60
CA ASP G 168 -3.32 16.07 43.04
C ASP G 168 -4.61 16.73 43.51
N LEU G 169 -5.40 16.00 44.28
CA LEU G 169 -6.70 16.46 44.72
C LEU G 169 -6.76 16.50 46.24
N ILE G 170 -7.52 17.47 46.75
CA ILE G 170 -7.66 17.66 48.19
C ILE G 170 -9.15 17.71 48.51
N LEU G 171 -9.53 17.07 49.61
CA LEU G 171 -10.94 16.87 49.96
C LEU G 171 -11.16 17.32 51.41
N VAL G 172 -12.22 18.10 51.62
CA VAL G 172 -12.58 18.62 52.93
C VAL G 172 -14.05 18.30 53.20
N SER G 173 -14.34 17.78 54.38
CA SER G 173 -15.71 17.65 54.81
C SER G 173 -16.23 19.00 55.28
N VAL G 174 -17.40 19.40 54.76
CA VAL G 174 -17.92 20.73 55.04
C VAL G 174 -18.22 20.89 56.52
N SER G 175 -18.86 19.90 57.13
CA SER G 175 -19.17 19.97 58.56
C SER G 175 -17.89 19.99 59.38
N SER G 176 -16.92 19.16 59.04
CA SER G 176 -15.69 19.08 59.83
C SER G 176 -14.77 20.26 59.55
N GLU G 177 -14.75 20.76 58.32
CA GLU G 177 -13.79 21.75 57.85
C GLU G 177 -12.35 21.27 57.99
N ARG G 178 -12.13 19.96 57.94
CA ARG G 178 -10.79 19.38 58.06
C ARG G 178 -10.44 18.63 56.79
N TYR G 179 -9.17 18.74 56.39
CA TYR G 179 -8.69 18.08 55.19
C TYR G 179 -8.51 16.59 55.43
N LEU G 180 -8.60 15.82 54.35
CA LEU G 180 -8.12 14.44 54.41
C LEU G 180 -6.60 14.45 54.59
N HIS G 181 -6.13 13.68 55.57
CA HIS G 181 -4.75 13.81 56.02
C HIS G 181 -4.16 12.45 56.33
N LEU G 182 -2.86 12.33 56.08
CA LEU G 182 -2.07 11.17 56.48
C LEU G 182 -1.19 11.56 57.66
N SER G 183 -1.72 11.38 58.86
CA SER G 183 -1.03 11.78 60.09
C SER G 183 0.13 10.84 60.34
N THR G 184 1.29 11.43 60.67
CA THR G 184 2.51 10.70 60.99
C THR G 184 2.75 10.60 62.49
N ALA G 185 1.80 11.06 63.32
CA ALA G 185 2.01 11.04 64.77
C ALA G 185 2.18 9.61 65.27
N SER G 186 1.33 8.69 64.80
CA SER G 186 1.52 7.29 65.13
C SER G 186 2.69 6.72 64.35
N GLY G 187 3.19 5.57 64.82
CA GLY G 187 4.25 4.89 64.09
C GLY G 187 3.84 4.55 62.67
N GLU G 188 2.63 4.04 62.50
CA GLU G 188 2.07 3.83 61.18
C GLU G 188 1.36 5.10 60.70
N LEU G 189 1.43 5.36 59.41
CA LEU G 189 0.77 6.53 58.84
C LEU G 189 -0.74 6.30 58.81
N GLN G 190 -1.48 7.14 59.55
CA GLN G 190 -2.89 6.91 59.78
C GLN G 190 -3.74 7.90 59.00
N VAL G 191 -4.86 7.44 58.45
CA VAL G 191 -5.76 8.34 57.74
C VAL G 191 -6.67 9.05 58.76
N ASP G 192 -6.86 10.35 58.55
CA ASP G 192 -7.70 11.12 59.46
C ASP G 192 -8.13 12.41 58.77
N ALA G 193 -8.77 13.28 59.55
CA ALA G 193 -9.20 14.60 59.08
C ALA G 193 -8.50 15.67 59.93
N SER G 194 -7.82 16.60 59.26
CA SER G 194 -7.04 17.61 59.96
C SER G 194 -7.29 18.97 59.32
N PHE G 195 -7.11 20.03 60.13
CA PHE G 195 -7.19 21.38 59.59
C PHE G 195 -6.09 21.64 58.57
N MET G 196 -4.98 20.91 58.69
CA MET G 196 -3.93 21.01 57.69
C MET G 196 -4.17 20.00 56.57
N GLN G 197 -3.61 20.29 55.40
CA GLN G 197 -3.92 19.57 54.17
C GLN G 197 -2.86 18.54 53.86
N THR G 198 -3.28 17.42 53.27
CA THR G 198 -2.38 16.40 52.74
C THR G 198 -2.90 15.95 51.39
N LEU G 199 -2.07 16.07 50.36
CA LEU G 199 -2.52 15.86 49.00
C LEU G 199 -2.87 14.40 48.74
N TRP G 200 -3.86 14.20 47.87
CA TRP G 200 -4.30 12.88 47.44
C TRP G 200 -4.46 12.88 45.93
N ASN G 201 -4.32 11.72 45.32
CA ASN G 201 -4.45 11.55 43.88
C ASN G 201 -5.60 10.58 43.62
N MET G 202 -6.30 10.79 42.51
CA MET G 202 -7.58 10.10 42.29
C MET G 202 -7.47 9.40 40.95
N ASN G 203 -7.45 8.06 40.94
CA ASN G 203 -7.30 7.37 39.66
C ASN G 203 -8.36 6.30 39.47
N PRO G 204 -8.89 6.14 38.25
CA PRO G 204 -10.01 5.21 38.03
C PRO G 204 -9.60 3.77 37.78
N ILE G 205 -10.13 2.84 38.58
CA ILE G 205 -10.04 1.43 38.23
C ILE G 205 -10.94 1.12 37.04
N CYS G 206 -12.16 1.64 37.05
CA CYS G 206 -13.12 1.40 35.98
C CYS G 206 -14.04 2.60 35.86
N SER G 207 -14.50 2.86 34.64
CA SER G 207 -15.40 3.98 34.36
C SER G 207 -16.79 3.51 33.95
N CYS G 208 -16.88 2.71 32.89
CA CYS G 208 -18.15 2.16 32.45
C CYS G 208 -17.86 0.95 31.57
N CYS G 209 -18.77 -0.03 31.63
CA CYS G 209 -18.57 -1.32 30.98
C CYS G 209 -19.77 -1.65 30.11
N GLU G 210 -19.50 -2.06 28.88
CA GLU G 210 -20.55 -2.55 28.00
C GLU G 210 -21.02 -3.93 28.46
N GLU G 211 -22.11 -4.40 27.87
CA GLU G 211 -22.67 -5.69 28.27
C GLU G 211 -21.65 -6.80 28.10
N GLY G 212 -21.27 -7.41 29.22
CA GLY G 212 -20.25 -8.44 29.22
C GLY G 212 -18.85 -7.87 29.07
N TYR G 213 -18.01 -8.63 28.36
CA TYR G 213 -16.64 -8.21 28.06
C TYR G 213 -15.80 -7.96 29.30
N VAL G 214 -15.28 -9.06 29.87
CA VAL G 214 -14.75 -9.11 31.23
C VAL G 214 -13.97 -7.86 31.61
N THR G 215 -14.22 -7.37 32.82
CA THR G 215 -13.47 -6.29 33.44
C THR G 215 -12.73 -6.83 34.66
N GLY G 216 -11.54 -6.30 34.91
CA GLY G 216 -10.72 -6.83 35.98
C GLY G 216 -11.26 -6.50 37.35
N GLY G 217 -10.86 -7.30 38.33
CA GLY G 217 -11.34 -7.13 39.69
C GLY G 217 -12.73 -7.65 39.94
N HIS G 218 -13.30 -8.41 39.01
CA HIS G 218 -14.66 -8.91 39.12
C HIS G 218 -14.64 -10.43 39.27
N VAL G 219 -15.40 -10.93 40.24
CA VAL G 219 -15.42 -12.36 40.52
C VAL G 219 -16.23 -13.08 39.45
N LEU G 220 -15.89 -14.35 39.21
CA LEU G 220 -16.54 -15.15 38.19
C LEU G 220 -16.36 -16.63 38.48
N ARG G 221 -16.94 -17.44 37.58
CA ARG G 221 -16.83 -18.90 37.60
C ARG G 221 -16.12 -19.35 36.33
N LEU G 222 -15.33 -20.41 36.43
CA LEU G 222 -14.53 -20.92 35.31
C LEU G 222 -14.80 -22.41 35.11
N PHE G 223 -15.54 -22.74 34.06
CA PHE G 223 -15.97 -24.11 33.80
C PHE G 223 -15.16 -24.70 32.66
N HIS G 224 -14.49 -25.82 32.90
CA HIS G 224 -14.03 -26.65 31.79
C HIS G 224 -15.20 -27.35 31.12
N GLY G 225 -16.14 -27.85 31.92
CA GLY G 225 -17.33 -28.47 31.38
C GLY G 225 -18.28 -27.46 30.77
N HIS G 226 -19.20 -27.98 29.96
CA HIS G 226 -20.27 -27.15 29.38
C HIS G 226 -21.33 -26.93 30.45
N MET G 227 -20.95 -26.16 31.46
CA MET G 227 -21.75 -25.73 32.61
C MET G 227 -22.07 -26.87 33.57
N ASP G 228 -21.35 -27.99 33.51
CA ASP G 228 -21.61 -29.08 34.44
C ASP G 228 -20.58 -29.12 35.57
N GLU G 229 -19.35 -28.68 35.30
CA GLU G 229 -18.26 -28.83 36.23
C GLU G 229 -17.35 -27.61 36.18
N CYS G 230 -16.93 -27.14 37.36
CA CYS G 230 -16.16 -25.91 37.52
C CYS G 230 -14.91 -26.18 38.33
N LEU G 231 -13.87 -25.38 38.10
CA LEU G 231 -12.69 -25.42 38.95
C LEU G 231 -13.00 -24.71 40.28
N THR G 232 -12.55 -25.30 41.38
CA THR G 232 -12.97 -24.84 42.69
C THR G 232 -11.96 -25.30 43.74
N ILE G 233 -11.73 -24.44 44.75
CA ILE G 233 -10.89 -24.82 45.87
C ILE G 233 -11.55 -25.95 46.65
N SER G 234 -10.74 -26.66 47.44
CA SER G 234 -11.26 -27.81 48.18
C SER G 234 -12.32 -27.39 49.19
N ALA G 235 -13.05 -28.38 49.68
CA ALA G 235 -14.16 -28.13 50.60
C ALA G 235 -13.65 -27.54 51.92
N ALA G 236 -14.50 -26.74 52.56
CA ALA G 236 -14.20 -26.22 53.88
C ALA G 236 -14.10 -27.37 54.89
N ASP G 237 -13.21 -27.20 55.86
CA ASP G 237 -12.90 -28.13 56.96
C ASP G 237 -12.19 -29.38 56.44
N SER G 238 -11.83 -29.44 55.16
CA SER G 238 -11.08 -30.58 54.66
C SER G 238 -9.69 -30.62 55.27
N ASP G 239 -9.14 -31.82 55.41
CA ASP G 239 -7.85 -31.98 56.08
C ASP G 239 -6.72 -31.33 55.29
N ASP G 240 -6.91 -31.14 53.98
CA ASP G 240 -5.85 -30.58 53.16
C ASP G 240 -5.66 -29.08 53.41
N GLN G 241 -6.59 -28.46 54.14
CA GLN G 241 -6.53 -27.03 54.45
C GLN G 241 -6.44 -26.18 53.18
N ARG G 242 -7.20 -26.57 52.16
CA ARG G 242 -7.33 -25.82 50.92
C ARG G 242 -6.00 -25.61 50.20
N ARG G 243 -5.03 -26.50 50.39
CA ARG G 243 -3.76 -26.34 49.70
C ARG G 243 -3.91 -26.61 48.21
N LEU G 244 -4.82 -27.50 47.83
CA LEU G 244 -4.96 -27.91 46.44
C LEU G 244 -6.34 -27.54 45.92
N VAL G 245 -6.36 -27.09 44.67
CA VAL G 245 -7.59 -26.70 43.97
C VAL G 245 -7.91 -27.79 42.95
N TYR G 246 -9.18 -28.19 42.89
CA TYR G 246 -9.58 -29.33 42.09
C TYR G 246 -10.73 -28.97 41.17
N TYR G 247 -10.99 -29.83 40.19
CA TYR G 247 -12.12 -29.64 39.29
C TYR G 247 -13.32 -30.46 39.79
N GLU G 248 -14.38 -29.77 40.21
CA GLU G 248 -15.51 -30.44 40.85
C GLU G 248 -16.81 -29.96 40.21
N GLY G 249 -17.83 -30.80 40.31
CA GLY G 249 -19.14 -30.46 39.78
C GLY G 249 -20.30 -30.80 40.69
N GLY G 250 -21.12 -29.82 41.02
CA GLY G 250 -22.25 -30.04 41.90
C GLY G 250 -22.67 -28.76 42.58
N ALA G 251 -23.23 -28.92 43.79
CA ALA G 251 -23.63 -27.76 44.57
C ALA G 251 -22.40 -26.94 44.99
N VAL G 252 -21.23 -27.56 45.02
CA VAL G 252 -20.01 -26.84 45.33
C VAL G 252 -19.74 -25.77 44.28
N CYS G 253 -20.18 -26.02 43.04
CA CYS G 253 -20.07 -24.99 42.01
C CYS G 253 -20.91 -23.78 42.35
N THR G 254 -22.13 -24.00 42.85
CA THR G 254 -22.98 -22.89 43.27
C THR G 254 -22.40 -22.19 44.49
N HIS G 255 -21.72 -22.94 45.37
CA HIS G 255 -21.18 -22.37 46.60
C HIS G 255 -20.08 -21.36 46.29
N ALA G 256 -19.79 -20.51 47.27
CA ALA G 256 -18.85 -19.42 47.08
C ALA G 256 -17.42 -19.91 46.89
N ARG G 257 -17.17 -21.19 47.20
CA ARG G 257 -15.82 -21.73 47.02
C ARG G 257 -15.44 -21.78 45.55
N SER G 258 -16.44 -21.74 44.65
CA SER G 258 -16.15 -21.78 43.23
C SER G 258 -15.86 -20.39 42.67
N LEU G 259 -16.14 -19.35 43.45
CA LEU G 259 -15.85 -17.99 43.02
C LEU G 259 -14.34 -17.78 42.89
N TRP G 260 -13.93 -17.07 41.84
CA TRP G 260 -12.53 -16.71 41.69
C TRP G 260 -12.44 -15.29 41.15
N ARG G 261 -11.33 -14.61 41.44
CA ARG G 261 -11.18 -13.19 41.12
C ARG G 261 -9.86 -12.97 40.39
N LEU G 262 -9.85 -11.98 39.51
CA LEU G 262 -8.70 -11.64 38.68
C LEU G 262 -8.22 -10.24 39.04
N GLU G 263 -6.90 -10.09 39.19
CA GLU G 263 -6.30 -8.81 39.51
C GLU G 263 -5.20 -8.49 38.50
N PRO G 264 -5.35 -7.43 37.70
CA PRO G 264 -4.24 -7.02 36.83
C PRO G 264 -3.05 -6.53 37.64
N LEU G 265 -1.86 -6.75 37.08
CA LEU G 265 -0.63 -6.31 37.75
C LEU G 265 -0.59 -4.80 37.90
N ARG G 266 -1.01 -4.07 36.87
CA ARG G 266 -1.11 -2.63 36.96
C ARG G 266 -2.15 -2.23 38.01
N ILE G 267 -1.77 -1.32 38.90
CA ILE G 267 -2.65 -0.96 40.01
C ILE G 267 -3.86 -0.16 39.51
N SER G 268 -3.63 0.75 38.58
CA SER G 268 -4.72 1.60 38.11
C SER G 268 -5.37 1.00 36.86
N TRP G 269 -6.64 1.37 36.66
CA TRP G 269 -7.43 0.89 35.52
C TRP G 269 -7.47 -0.63 35.46
N SER G 270 -7.59 -1.25 36.64
CA SER G 270 -7.75 -2.70 36.69
C SER G 270 -9.07 -3.13 36.06
N GLY G 271 -10.12 -2.33 36.26
CA GLY G 271 -11.43 -2.63 35.71
C GLY G 271 -11.56 -2.38 34.24
N SER G 272 -10.49 -2.00 33.56
CA SER G 272 -10.49 -1.89 32.11
C SER G 272 -10.77 -3.25 31.49
N HIS G 273 -11.20 -3.24 30.23
CA HIS G 273 -11.48 -4.48 29.53
C HIS G 273 -10.25 -5.38 29.50
N LEU G 274 -10.46 -6.66 29.80
CA LEU G 274 -9.38 -7.63 29.71
C LEU G 274 -8.90 -7.75 28.27
N ARG G 275 -7.59 -7.96 28.10
CA ARG G 275 -6.98 -8.14 26.80
C ARG G 275 -6.33 -9.51 26.74
N TRP G 276 -6.37 -10.11 25.55
CA TRP G 276 -5.85 -11.47 25.38
C TRP G 276 -4.36 -11.52 25.73
N GLY G 277 -4.03 -12.41 26.67
CA GLY G 277 -2.65 -12.57 27.10
C GLY G 277 -2.14 -11.52 28.08
N GLN G 278 -3.01 -10.76 28.70
CA GLN G 278 -2.57 -9.71 29.61
C GLN G 278 -2.04 -10.33 30.90
N PRO G 279 -0.89 -9.89 31.40
CA PRO G 279 -0.39 -10.41 32.67
C PRO G 279 -1.35 -10.08 33.81
N LEU G 280 -1.57 -11.05 34.70
CA LEU G 280 -2.58 -10.93 35.73
C LEU G 280 -2.34 -11.97 36.82
N ARG G 281 -3.06 -11.82 37.93
CA ARG G 281 -2.97 -12.70 39.08
C ARG G 281 -4.36 -13.24 39.39
N ILE G 282 -4.42 -14.45 39.96
CA ILE G 282 -5.67 -15.10 40.28
C ILE G 282 -5.74 -15.28 41.79
N ARG G 283 -6.86 -14.89 42.38
CA ARG G 283 -7.06 -14.95 43.83
C ARG G 283 -8.42 -15.58 44.13
N HIS G 284 -8.46 -16.47 45.12
CA HIS G 284 -9.73 -16.99 45.56
C HIS G 284 -10.31 -16.05 46.62
N VAL G 285 -11.55 -15.63 46.41
CA VAL G 285 -12.12 -14.54 47.19
C VAL G 285 -12.30 -14.93 48.66
N THR G 286 -12.79 -16.14 48.92
CA THR G 286 -13.04 -16.53 50.31
C THR G 286 -11.74 -16.86 51.03
N THR G 287 -10.83 -17.57 50.35
CA THR G 287 -9.56 -17.90 50.98
C THR G 287 -8.68 -16.67 51.12
N GLY G 288 -8.68 -15.79 50.13
CA GLY G 288 -7.78 -14.67 50.09
C GLY G 288 -6.40 -14.99 49.56
N ARG G 289 -6.15 -16.24 49.19
CA ARG G 289 -4.84 -16.65 48.70
C ARG G 289 -4.76 -16.50 47.19
N TYR G 290 -3.54 -16.29 46.70
CA TYR G 290 -3.28 -16.11 45.28
C TYR G 290 -2.81 -17.43 44.69
N LEU G 291 -3.52 -17.92 43.68
CA LEU G 291 -3.15 -19.16 43.04
C LEU G 291 -1.93 -18.96 42.14
N ALA G 292 -0.94 -19.84 42.29
CA ALA G 292 0.29 -19.75 41.52
C ALA G 292 0.99 -21.10 41.49
N LEU G 293 1.89 -21.24 40.51
CA LEU G 293 2.78 -22.40 40.49
C LEU G 293 3.97 -22.16 41.40
N THR G 294 4.20 -23.10 42.31
CA THR G 294 5.30 -23.02 43.27
C THR G 294 6.33 -24.08 42.93
N GLU G 295 7.61 -23.70 42.94
CA GLU G 295 8.66 -24.60 42.50
C GLU G 295 8.75 -25.82 43.42
N ASP G 296 8.50 -25.64 44.71
CA ASP G 296 8.65 -26.74 45.67
C ASP G 296 7.66 -27.86 45.39
N GLN G 297 6.39 -27.52 45.11
CA GLN G 297 5.35 -28.51 44.92
C GLN G 297 4.67 -28.41 43.56
N GLY G 298 4.36 -27.21 43.11
CA GLY G 298 3.54 -27.07 41.91
C GLY G 298 2.49 -25.99 42.10
N LEU G 299 1.27 -26.27 41.68
CA LEU G 299 0.22 -25.27 41.76
C LEU G 299 -0.56 -25.40 43.06
N VAL G 300 -0.46 -24.37 43.91
CA VAL G 300 -1.25 -24.26 45.12
C VAL G 300 -1.65 -22.80 45.28
N VAL G 301 -2.59 -22.53 46.18
CA VAL G 301 -2.95 -21.16 46.54
C VAL G 301 -2.11 -20.77 47.75
N VAL G 302 -1.45 -19.61 47.65
CA VAL G 302 -0.53 -19.14 48.67
C VAL G 302 -0.93 -17.75 49.11
N ASP G 303 -0.46 -17.37 50.29
CA ASP G 303 -0.79 -16.06 50.85
C ASP G 303 -0.12 -14.95 50.07
N ALA G 304 -0.64 -13.74 50.25
CA ALA G 304 -0.09 -12.58 49.55
C ALA G 304 1.37 -12.35 49.91
N CYS G 305 1.73 -12.57 51.18
CA CYS G 305 3.13 -12.45 51.58
C CYS G 305 4.00 -13.51 50.91
N LYS G 306 3.47 -14.72 50.75
CA LYS G 306 4.26 -15.79 50.17
C LYS G 306 4.43 -15.61 48.67
N ALA G 307 3.46 -14.97 48.02
CA ALA G 307 3.52 -14.81 46.57
C ALA G 307 4.65 -13.87 46.17
N HIS G 308 5.31 -14.19 45.05
CA HIS G 308 6.40 -13.38 44.52
C HIS G 308 5.99 -12.52 43.32
N THR G 309 4.72 -12.63 42.87
CA THR G 309 4.17 -11.86 41.76
C THR G 309 4.77 -12.34 40.44
N LYS G 310 5.79 -13.20 40.51
CA LYS G 310 6.33 -13.81 39.31
C LYS G 310 5.64 -15.14 39.03
N ALA G 311 5.16 -15.80 40.08
CA ALA G 311 4.44 -17.05 39.91
C ALA G 311 2.94 -16.80 39.75
N THR G 312 2.42 -15.80 40.46
CA THR G 312 1.00 -15.47 40.33
C THR G 312 0.71 -14.83 38.98
N SER G 313 1.75 -14.33 38.30
CA SER G 313 1.56 -13.69 37.01
C SER G 313 1.10 -14.70 35.98
N PHE G 314 -0.10 -14.48 35.44
CA PHE G 314 -0.69 -15.35 34.43
C PHE G 314 -1.17 -14.49 33.28
N CYS G 315 -1.32 -15.12 32.11
CA CYS G 315 -1.90 -14.46 30.95
C CYS G 315 -3.14 -15.22 30.50
N PHE G 316 -3.97 -14.57 29.70
CA PHE G 316 -5.35 -14.96 29.47
C PHE G 316 -5.63 -14.89 27.98
N ARG G 317 -5.59 -16.05 27.31
CA ARG G 317 -5.51 -16.08 25.86
C ARG G 317 -6.69 -16.89 25.31
N VAL G 318 -6.87 -16.88 23.98
CA VAL G 318 -7.95 -17.63 23.36
C VAL G 318 -7.40 -18.75 22.49
N SER G 319 -6.16 -18.61 22.04
CA SER G 319 -5.54 -19.53 21.09
C SER G 319 -4.56 -20.44 21.83
N LYS G 320 -4.57 -21.72 21.47
CA LYS G 320 -3.62 -22.66 22.03
C LYS G 320 -2.19 -22.29 21.64
N GLU G 321 -2.00 -21.82 20.41
CA GLU G 321 -0.69 -21.39 19.96
C GLU G 321 -0.27 -20.11 20.66
N LYS G 322 1.04 -19.98 20.92
CA LYS G 322 1.61 -18.81 21.56
C LYS G 322 2.43 -18.05 20.52
N LEU G 323 2.16 -16.75 20.38
CA LEU G 323 2.89 -15.95 19.39
C LEU G 323 3.93 -15.06 20.06
N ASP G 324 3.54 -14.29 21.08
CA ASP G 324 4.38 -13.38 21.86
C ASP G 324 5.11 -12.38 20.96
N THR G 325 4.65 -12.14 19.74
CA THR G 325 5.40 -11.29 18.81
C THR G 325 5.41 -9.84 19.23
N ALA G 326 4.23 -9.29 19.55
CA ALA G 326 4.10 -7.86 19.82
C ALA G 326 3.47 -7.65 21.19
N PRO G 327 4.17 -7.01 22.12
CA PRO G 327 3.55 -6.67 23.41
C PRO G 327 2.44 -5.65 23.22
N LYS G 328 1.41 -5.76 24.06
CA LYS G 328 0.29 -4.84 23.99
C LYS G 328 0.63 -3.53 24.69
N ARG G 329 0.25 -2.42 24.05
CA ARG G 329 0.49 -1.11 24.63
C ARG G 329 -0.46 -0.88 25.80
N ASP G 330 0.09 -0.42 26.93
CA ASP G 330 -0.75 -0.09 28.08
C ASP G 330 -1.28 1.33 27.93
N VAL G 331 -2.61 1.46 28.05
CA VAL G 331 -3.27 2.74 27.90
C VAL G 331 -4.28 2.91 29.04
N GLU G 332 -4.31 4.12 29.60
CA GLU G 332 -5.31 4.44 30.60
C GLU G 332 -6.69 4.52 29.95
N GLY G 333 -7.71 4.22 30.75
CA GLY G 333 -9.07 4.18 30.25
C GLY G 333 -9.61 2.77 30.16
N MET G 334 -10.83 2.69 29.61
CA MET G 334 -11.48 1.39 29.47
C MET G 334 -10.71 0.48 28.51
N GLY G 335 -10.22 1.04 27.41
CA GLY G 335 -9.43 0.29 26.46
C GLY G 335 -10.28 -0.58 25.55
N PRO G 336 -9.66 -1.12 24.50
CA PRO G 336 -10.41 -2.00 23.61
C PRO G 336 -10.86 -3.25 24.32
N PRO G 337 -12.05 -3.75 24.02
CA PRO G 337 -12.54 -4.97 24.69
C PRO G 337 -12.16 -6.25 23.95
N GLU G 338 -11.55 -7.22 24.64
CA GLU G 338 -11.16 -8.46 23.98
C GLU G 338 -12.04 -9.63 24.42
N ILE G 339 -12.08 -9.92 25.72
CA ILE G 339 -12.67 -11.15 26.25
C ILE G 339 -14.09 -10.87 26.70
N LYS G 340 -15.05 -11.64 26.19
CA LYS G 340 -16.46 -11.52 26.51
C LYS G 340 -16.71 -12.08 27.91
N TYR G 341 -17.58 -11.40 28.66
CA TYR G 341 -17.89 -11.81 30.02
C TYR G 341 -19.20 -12.57 30.06
N GLY G 342 -19.12 -13.89 29.91
CA GLY G 342 -20.29 -14.75 29.91
C GLY G 342 -20.53 -15.51 28.63
N GLU G 343 -19.82 -15.20 27.55
CA GLU G 343 -19.95 -15.92 26.29
C GLU G 343 -18.62 -16.38 25.70
N SER G 344 -17.50 -15.88 26.19
CA SER G 344 -16.21 -16.22 25.61
C SER G 344 -15.70 -17.55 26.13
N LEU G 345 -14.94 -18.25 25.28
CA LEU G 345 -14.25 -19.48 25.64
C LEU G 345 -12.76 -19.17 25.70
N CYS G 346 -12.14 -19.44 26.85
CA CYS G 346 -10.83 -18.85 27.18
C CYS G 346 -9.85 -19.92 27.64
N PHE G 347 -8.61 -19.83 27.14
CA PHE G 347 -7.49 -20.55 27.70
C PHE G 347 -6.76 -19.69 28.73
N VAL G 348 -6.25 -20.35 29.77
CA VAL G 348 -5.47 -19.68 30.81
C VAL G 348 -4.04 -20.21 30.74
N GLN G 349 -3.07 -19.30 30.72
CA GLN G 349 -1.67 -19.64 30.53
C GLN G 349 -0.86 -19.04 31.67
N HIS G 350 0.25 -19.70 32.04
CA HIS G 350 1.08 -19.19 33.12
C HIS G 350 2.33 -18.54 32.56
N VAL G 351 2.62 -17.32 33.02
CA VAL G 351 3.75 -16.56 32.47
C VAL G 351 5.08 -17.21 32.84
N ALA G 352 5.26 -17.53 34.12
CA ALA G 352 6.57 -17.99 34.58
C ALA G 352 6.90 -19.38 34.03
N SER G 353 5.98 -20.33 34.14
CA SER G 353 6.27 -21.68 33.68
C SER G 353 6.25 -21.77 32.16
N GLY G 354 5.31 -21.10 31.52
CA GLY G 354 5.10 -21.27 30.10
C GLY G 354 4.36 -22.54 29.74
N LEU G 355 3.81 -23.26 30.72
CA LEU G 355 3.09 -24.48 30.46
C LEU G 355 1.59 -24.21 30.37
N TRP G 356 0.83 -25.24 30.03
CA TRP G 356 -0.60 -25.12 29.81
C TRP G 356 -1.37 -25.60 31.04
N LEU G 357 -2.28 -24.76 31.53
CA LEU G 357 -3.12 -25.17 32.65
C LEU G 357 -4.17 -26.17 32.17
N THR G 358 -4.01 -27.42 32.61
CA THR G 358 -4.86 -28.50 32.13
C THR G 358 -5.43 -29.27 33.31
N TYR G 359 -6.37 -30.16 33.02
CA TYR G 359 -6.89 -31.05 34.04
C TYR G 359 -6.11 -32.36 34.04
N ALA G 360 -5.90 -32.91 35.24
CA ALA G 360 -5.01 -34.05 35.39
C ALA G 360 -5.64 -35.33 34.84
N ALA G 361 -6.93 -35.27 34.50
CA ALA G 361 -7.74 -36.40 34.02
C ALA G 361 -7.97 -37.38 35.15
N PRO G 362 -8.95 -38.29 35.05
CA PRO G 362 -9.17 -39.24 36.13
C PRO G 362 -8.03 -40.25 36.21
N ASP G 363 -7.22 -40.14 37.25
CA ASP G 363 -6.14 -41.08 37.46
C ASP G 363 -6.69 -42.45 37.90
N PRO G 364 -5.90 -43.51 37.77
CA PRO G 364 -6.39 -44.84 38.17
C PRO G 364 -6.78 -44.87 39.64
N LYS G 365 -7.81 -45.67 39.94
CA LYS G 365 -8.38 -45.92 41.27
C LYS G 365 -9.24 -44.75 41.74
N ALA G 366 -9.21 -43.62 41.03
CA ALA G 366 -10.16 -42.55 41.32
C ALA G 366 -11.58 -42.98 40.97
N LEU G 367 -11.72 -43.81 39.94
CA LEU G 367 -13.02 -44.39 39.63
C LEU G 367 -13.53 -45.25 40.78
N ARG G 368 -12.64 -46.03 41.39
CA ARG G 368 -13.03 -46.85 42.54
C ARG G 368 -13.41 -45.98 43.72
N LEU G 369 -12.67 -44.89 43.95
CA LEU G 369 -13.04 -43.96 45.02
C LEU G 369 -14.40 -43.32 44.72
N GLY G 370 -14.71 -43.09 43.46
CA GLY G 370 -15.96 -42.47 43.09
C GLY G 370 -16.00 -40.97 43.25
N VAL G 371 -14.89 -40.35 43.63
CA VAL G 371 -14.87 -38.90 43.80
C VAL G 371 -14.79 -38.22 42.44
N LEU G 372 -15.74 -37.34 42.17
CA LEU G 372 -15.77 -36.54 40.95
C LEU G 372 -14.91 -35.29 41.05
N LYS G 373 -14.28 -35.06 42.20
CA LYS G 373 -13.39 -33.93 42.42
C LYS G 373 -11.99 -34.33 41.97
N LYS G 374 -11.48 -33.66 40.93
CA LYS G 374 -10.27 -34.07 40.25
C LYS G 374 -9.28 -32.92 40.17
N LYS G 375 -7.99 -33.23 40.26
CA LYS G 375 -6.94 -32.23 40.37
C LYS G 375 -6.64 -31.57 39.03
N ALA G 376 -6.24 -30.30 39.10
CA ALA G 376 -5.68 -29.61 37.95
C ALA G 376 -4.15 -29.64 38.00
N ILE G 377 -3.53 -29.75 36.83
CA ILE G 377 -2.07 -29.75 36.72
C ILE G 377 -1.64 -28.73 35.67
N LEU G 378 -0.32 -28.57 35.54
CA LEU G 378 0.27 -27.59 34.64
C LEU G 378 1.28 -28.30 33.76
N HIS G 379 0.97 -28.42 32.47
CA HIS G 379 1.79 -29.14 31.51
C HIS G 379 1.61 -28.50 30.14
N GLN G 380 2.72 -28.40 29.39
CA GLN G 380 2.67 -27.68 28.12
C GLN G 380 1.81 -28.42 27.09
N GLU G 381 1.78 -29.75 27.15
CA GLU G 381 0.96 -30.50 26.21
C GLU G 381 -0.52 -30.22 26.42
N GLY G 382 -0.97 -30.20 27.67
CA GLY G 382 -2.35 -29.89 27.96
C GLY G 382 -3.30 -30.98 27.48
N HIS G 383 -4.58 -30.62 27.46
CA HIS G 383 -5.63 -31.53 27.04
C HIS G 383 -6.58 -30.82 26.08
N MET G 384 -7.49 -31.61 25.50
CA MET G 384 -8.37 -31.08 24.45
C MET G 384 -9.29 -30.01 25.00
N ASP G 385 -9.84 -30.21 26.20
CA ASP G 385 -10.81 -29.30 26.78
C ASP G 385 -10.17 -28.28 27.71
N ASP G 386 -8.94 -27.85 27.42
CA ASP G 386 -8.25 -26.91 28.29
C ASP G 386 -8.88 -25.53 28.25
N ALA G 387 -9.72 -25.28 27.26
CA ALA G 387 -10.39 -23.98 27.17
C ALA G 387 -11.47 -23.88 28.25
N LEU G 388 -11.56 -22.70 28.86
CA LEU G 388 -12.48 -22.47 29.96
C LEU G 388 -13.59 -21.52 29.51
N PHE G 389 -14.78 -21.74 30.04
CA PHE G 389 -15.88 -20.81 29.83
C PHE G 389 -16.14 -20.07 31.14
N LEU G 390 -16.15 -18.74 31.07
CA LEU G 390 -16.29 -17.92 32.26
C LEU G 390 -17.72 -17.40 32.36
N THR G 391 -18.27 -17.44 33.57
CA THR G 391 -19.67 -17.11 33.81
C THR G 391 -19.80 -16.16 34.99
N ARG G 392 -20.91 -15.43 35.01
CA ARG G 392 -21.13 -14.35 35.96
C ARG G 392 -21.41 -14.88 37.36
N CYS G 393 -21.24 -14.00 38.34
CA CYS G 393 -21.68 -14.23 39.71
C CYS G 393 -22.40 -12.98 40.20
N GLN G 394 -23.34 -13.17 41.12
CA GLN G 394 -24.11 -12.03 41.62
C GLN G 394 -23.28 -11.21 42.61
N GLN G 395 -23.51 -9.90 42.61
CA GLN G 395 -22.81 -9.02 43.54
C GLN G 395 -23.14 -9.37 44.98
N GLU G 396 -24.35 -9.86 45.23
CA GLU G 396 -24.69 -10.35 46.57
C GLU G 396 -23.77 -11.50 46.97
N GLU G 397 -23.55 -12.45 46.06
CA GLU G 397 -22.65 -13.55 46.34
C GLU G 397 -21.21 -13.07 46.55
N SER G 398 -20.77 -12.09 45.74
CA SER G 398 -19.42 -11.57 45.90
C SER G 398 -19.24 -10.90 47.25
N GLN G 399 -20.20 -10.08 47.66
CA GLN G 399 -20.14 -9.43 48.97
C GLN G 399 -20.18 -10.47 50.08
N ALA G 400 -20.99 -11.51 49.93
CA ALA G 400 -21.03 -12.57 50.92
C ALA G 400 -19.68 -13.25 51.03
N ALA G 401 -19.03 -13.53 49.90
CA ALA G 401 -17.71 -14.16 49.93
C ALA G 401 -16.68 -13.27 50.62
N ARG G 402 -16.71 -11.97 50.31
CA ARG G 402 -15.74 -11.07 50.93
C ARG G 402 -15.94 -10.97 52.43
N MET G 403 -17.20 -10.87 52.87
CA MET G 403 -17.45 -10.81 54.31
C MET G 403 -17.09 -12.13 55.00
N ILE G 404 -17.29 -13.25 54.31
CA ILE G 404 -16.83 -14.54 54.85
C ILE G 404 -15.32 -14.50 55.04
N HIS G 405 -14.59 -14.01 54.03
CA HIS G 405 -13.15 -14.03 54.08
C HIS G 405 -12.62 -13.18 55.23
N SER G 406 -13.24 -12.02 55.46
CA SER G 406 -12.80 -11.17 56.58
C SER G 406 -13.23 -11.75 57.93
N THR G 407 -14.47 -12.24 58.01
CA THR G 407 -15.03 -12.72 59.27
C THR G 407 -14.27 -13.94 59.77
N ALA G 408 -13.92 -14.86 58.86
CA ALA G 408 -13.18 -16.05 59.27
C ALA G 408 -11.88 -15.68 59.95
N GLY G 409 -11.11 -14.77 59.34
CA GLY G 409 -9.86 -14.35 59.95
C GLY G 409 -10.06 -13.64 61.28
N LEU G 410 -11.06 -12.76 61.35
CA LEU G 410 -11.28 -12.03 62.60
C LEU G 410 -11.62 -12.97 63.75
N TYR G 411 -12.59 -13.86 63.54
CA TYR G 411 -12.97 -14.77 64.63
C TYR G 411 -11.90 -15.83 64.87
N ASN G 412 -11.08 -16.13 63.87
CA ASN G 412 -9.94 -17.01 64.11
C ASN G 412 -8.95 -16.34 65.06
N GLN G 413 -8.65 -15.06 64.84
CA GLN G 413 -7.81 -14.33 65.78
C GLN G 413 -8.43 -14.34 67.18
N PHE G 414 -9.75 -14.16 67.25
CA PHE G 414 -10.43 -14.17 68.54
C PHE G 414 -10.29 -15.53 69.24
N ILE G 415 -10.40 -16.62 68.48
CA ILE G 415 -10.29 -17.95 69.08
C ILE G 415 -8.85 -18.22 69.52
N LYS G 416 -7.87 -17.81 68.73
CA LYS G 416 -6.48 -17.98 69.14
C LYS G 416 -6.17 -17.17 70.40
N GLY G 417 -6.74 -15.97 70.53
CA GLY G 417 -6.60 -15.25 71.78
C GLY G 417 -7.26 -15.97 72.96
N LEU G 418 -8.44 -16.55 72.71
CA LEU G 418 -9.08 -17.37 73.73
C LEU G 418 -8.16 -18.48 74.20
N ASP G 419 -7.56 -19.20 73.25
CA ASP G 419 -6.62 -20.27 73.61
C ASP G 419 -5.41 -19.71 74.35
N SER G 420 -4.94 -18.52 73.95
CA SER G 420 -3.77 -17.93 74.58
C SER G 420 -4.01 -17.65 76.05
N PHE G 421 -5.16 -17.09 76.40
CA PHE G 421 -5.39 -16.80 77.81
C PHE G 421 -6.16 -17.90 78.54
N SER G 422 -6.51 -19.00 77.87
CA SER G 422 -7.20 -20.09 78.54
C SER G 422 -6.29 -20.83 79.51
N GLY G 423 -5.02 -21.00 79.15
CA GLY G 423 -4.15 -21.88 79.92
C GLY G 423 -3.91 -21.40 81.35
N LYS G 424 -3.60 -20.12 81.51
CA LYS G 424 -3.22 -19.58 82.80
C LYS G 424 -4.12 -18.40 83.18
N PRO G 425 -4.66 -18.38 84.39
CA PRO G 425 -5.35 -17.18 84.86
C PRO G 425 -4.39 -16.00 84.97
N ARG G 426 -4.82 -14.85 84.46
CA ARG G 426 -3.98 -13.66 84.55
C ARG G 426 -3.97 -13.11 85.98
N GLY G 427 -5.04 -13.35 86.73
CA GLY G 427 -5.08 -12.93 88.12
C GLY G 427 -4.99 -11.42 88.26
N SER G 428 -4.12 -10.97 89.15
CA SER G 428 -3.85 -9.55 89.33
C SER G 428 -2.68 -9.11 88.45
N GLY G 429 -2.78 -9.45 87.17
CA GLY G 429 -1.75 -9.14 86.22
C GLY G 429 -2.31 -8.95 84.82
N PRO G 430 -1.71 -8.04 84.05
CA PRO G 430 -2.18 -7.83 82.68
C PRO G 430 -1.96 -9.07 81.83
N PRO G 431 -2.76 -9.26 80.78
CA PRO G 431 -2.58 -10.46 79.93
C PRO G 431 -1.22 -10.53 79.28
N ALA G 432 -0.52 -9.40 79.16
CA ALA G 432 0.82 -9.35 78.57
C ALA G 432 0.82 -9.81 77.12
N GLY G 433 -0.33 -9.67 76.46
CA GLY G 433 -0.47 -10.03 75.07
C GLY G 433 -1.44 -9.11 74.36
N PRO G 434 -1.46 -9.18 73.03
CA PRO G 434 -2.42 -8.36 72.27
C PRO G 434 -3.86 -8.69 72.65
N ALA G 435 -4.53 -7.71 73.21
CA ALA G 435 -5.91 -7.89 73.65
C ALA G 435 -6.80 -8.17 72.45
N LEU G 436 -7.76 -9.08 72.63
CA LEU G 436 -8.67 -9.43 71.55
C LEU G 436 -9.54 -8.21 71.20
N PRO G 437 -9.81 -7.99 69.92
CA PRO G 437 -10.60 -6.81 69.52
C PRO G 437 -12.07 -6.96 69.88
N ILE G 438 -12.39 -6.71 71.15
CA ILE G 438 -13.75 -6.92 71.64
C ILE G 438 -14.74 -6.02 70.92
N GLU G 439 -14.38 -4.76 70.71
CA GLU G 439 -15.30 -3.82 70.05
C GLU G 439 -15.48 -4.19 68.57
N ALA G 440 -14.41 -4.61 67.90
CA ALA G 440 -14.54 -5.06 66.52
C ALA G 440 -15.42 -6.30 66.43
N VAL G 441 -15.28 -7.22 67.38
CA VAL G 441 -16.14 -8.39 67.43
C VAL G 441 -17.59 -7.98 67.62
N ILE G 442 -17.85 -7.09 68.57
CA ILE G 442 -19.21 -6.57 68.80
C ILE G 442 -19.80 -6.03 67.51
N LEU G 443 -19.11 -5.08 66.88
CA LEU G 443 -19.60 -4.47 65.65
C LEU G 443 -19.83 -5.52 64.58
N SER G 444 -18.94 -6.51 64.47
CA SER G 444 -19.12 -7.56 63.48
C SER G 444 -20.39 -8.35 63.73
N LEU G 445 -20.69 -8.67 64.99
CA LEU G 445 -21.95 -9.36 65.26
C LEU G 445 -23.16 -8.55 64.83
N GLN G 446 -23.34 -7.32 65.35
CA GLN G 446 -24.56 -6.62 64.93
C GLN G 446 -24.57 -6.33 63.43
N ASP G 447 -23.39 -6.24 62.81
CA ASP G 447 -23.36 -6.19 61.35
C ASP G 447 -23.93 -7.46 60.73
N LEU G 448 -23.62 -8.62 61.32
CA LEU G 448 -24.12 -9.87 60.76
C LEU G 448 -25.63 -10.00 60.93
N ILE G 449 -26.15 -9.66 62.12
CA ILE G 449 -27.61 -9.70 62.27
C ILE G 449 -28.28 -8.66 61.36
N GLY G 450 -27.65 -7.50 61.20
CA GLY G 450 -28.15 -6.52 60.24
C GLY G 450 -28.06 -7.01 58.80
N TYR G 451 -27.21 -8.00 58.57
CA TYR G 451 -27.24 -8.71 57.29
C TYR G 451 -28.33 -9.79 57.30
N PHE G 452 -28.74 -10.21 58.50
CA PHE G 452 -29.66 -11.32 58.68
C PHE G 452 -31.03 -10.94 59.25
N GLU G 453 -31.59 -9.78 58.92
CA GLU G 453 -33.00 -9.56 59.25
C GLU G 453 -33.86 -10.77 58.86
N PRO G 454 -34.90 -11.08 59.64
CA PRO G 454 -36.04 -11.78 59.07
C PRO G 454 -36.90 -10.80 58.29
N PRO G 455 -37.51 -11.23 57.19
CA PRO G 455 -38.32 -10.30 56.39
C PRO G 455 -39.48 -9.74 57.20
N SER G 456 -39.77 -8.46 56.98
CA SER G 456 -40.91 -7.84 57.63
C SER G 456 -42.20 -8.37 57.03
N GLU G 457 -43.15 -8.71 57.91
CA GLU G 457 -44.36 -9.40 57.47
C GLU G 457 -45.25 -8.48 56.63
N GLU G 458 -45.08 -7.17 56.77
CA GLU G 458 -45.93 -6.23 56.05
C GLU G 458 -45.63 -6.25 54.55
N LEU G 459 -44.43 -6.68 54.17
CA LEU G 459 -44.05 -6.70 52.76
C LEU G 459 -44.93 -7.66 51.97
N GLN G 460 -45.15 -7.31 50.71
CA GLN G 460 -45.97 -8.15 49.84
C GLN G 460 -45.29 -9.49 49.58
N HIS G 461 -46.07 -10.44 49.06
CA HIS G 461 -45.59 -11.81 48.94
C HIS G 461 -44.40 -11.92 48.01
N GLU G 462 -44.37 -11.12 46.93
CA GLU G 462 -43.29 -11.21 45.97
C GLU G 462 -41.95 -10.88 46.59
N GLU G 463 -41.79 -9.65 47.12
CA GLU G 463 -40.51 -9.28 47.71
C GLU G 463 -40.23 -10.08 48.97
N LYS G 464 -41.29 -10.50 49.69
CA LYS G 464 -41.10 -11.40 50.82
C LYS G 464 -40.40 -12.67 50.39
N GLN G 465 -40.91 -13.34 49.36
CA GLN G 465 -40.28 -14.56 48.86
C GLN G 465 -38.88 -14.27 48.33
N SER G 466 -38.70 -13.14 47.68
CA SER G 466 -37.37 -12.81 47.14
C SER G 466 -36.34 -12.74 48.25
N LYS G 467 -36.61 -11.94 49.29
CA LYS G 467 -35.66 -11.83 50.37
C LYS G 467 -35.56 -13.14 51.14
N LEU G 468 -36.64 -13.94 51.13
CA LEU G 468 -36.59 -15.24 51.79
C LEU G 468 -35.58 -16.17 51.13
N ARG G 469 -35.66 -16.36 49.81
CA ARG G 469 -34.70 -17.31 49.23
C ARG G 469 -33.32 -16.67 49.13
N SER G 470 -33.23 -15.34 49.09
CA SER G 470 -31.91 -14.73 49.20
C SER G 470 -31.27 -15.05 50.55
N LEU G 471 -32.03 -14.91 51.63
CA LEU G 471 -31.52 -15.22 52.96
C LEU G 471 -31.16 -16.70 53.09
N ARG G 472 -32.01 -17.57 52.54
CA ARG G 472 -31.68 -19.00 52.54
C ARG G 472 -30.38 -19.26 51.79
N ASN G 473 -30.18 -18.57 50.66
CA ASN G 473 -28.95 -18.75 49.88
C ASN G 473 -27.73 -18.31 50.68
N ARG G 474 -27.81 -17.14 51.32
CA ARG G 474 -26.69 -16.68 52.14
C ARG G 474 -26.41 -17.65 53.29
N GLN G 475 -27.46 -18.14 53.94
CA GLN G 475 -27.26 -19.10 55.02
C GLN G 475 -26.60 -20.38 54.51
N SER G 476 -27.01 -20.85 53.33
CA SER G 476 -26.40 -22.05 52.77
C SER G 476 -24.92 -21.85 52.50
N LEU G 477 -24.54 -20.73 51.88
CA LEU G 477 -23.11 -20.48 51.69
C LEU G 477 -22.37 -20.37 53.01
N PHE G 478 -22.98 -19.70 54.00
CA PHE G 478 -22.25 -19.45 55.25
C PHE G 478 -22.05 -20.74 56.02
N GLN G 479 -23.00 -21.67 55.96
CA GLN G 479 -22.76 -22.98 56.56
C GLN G 479 -21.85 -23.83 55.69
N GLU G 480 -21.79 -23.55 54.38
CA GLU G 480 -20.92 -24.30 53.50
C GLU G 480 -19.45 -24.02 53.81
N GLU G 481 -19.07 -22.75 53.88
CA GLU G 481 -17.74 -22.42 54.38
C GLU G 481 -17.66 -22.59 55.90
N GLY G 482 -18.80 -22.81 56.55
CA GLY G 482 -18.79 -23.32 57.91
C GLY G 482 -18.37 -22.34 58.98
N MET G 483 -18.67 -21.05 58.83
CA MET G 483 -18.45 -20.12 59.94
C MET G 483 -19.39 -20.43 61.10
N LEU G 484 -20.44 -21.22 60.86
CA LEU G 484 -21.26 -21.71 61.96
C LEU G 484 -20.43 -22.55 62.91
N SER G 485 -19.57 -23.43 62.37
CA SER G 485 -18.68 -24.21 63.22
C SER G 485 -17.74 -23.30 63.99
N LEU G 486 -17.28 -22.22 63.37
CA LEU G 486 -16.44 -21.25 64.06
C LEU G 486 -17.21 -20.60 65.21
N VAL G 487 -18.49 -20.29 64.99
CA VAL G 487 -19.32 -19.75 66.06
C VAL G 487 -19.48 -20.77 67.18
N LEU G 488 -19.64 -22.05 66.83
CA LEU G 488 -19.72 -23.08 67.86
C LEU G 488 -18.44 -23.13 68.69
N ASN G 489 -17.29 -23.03 68.04
CA ASN G 489 -16.03 -23.01 68.77
C ASN G 489 -15.96 -21.80 69.70
N CYS G 490 -16.34 -20.63 69.21
CA CYS G 490 -16.33 -19.42 70.06
C CYS G 490 -17.26 -19.60 71.25
N ILE G 491 -18.47 -20.13 71.01
CA ILE G 491 -19.44 -20.32 72.09
C ILE G 491 -18.89 -21.27 73.14
N ASP G 492 -18.30 -22.39 72.71
CA ASP G 492 -17.75 -23.34 73.66
C ASP G 492 -16.61 -22.72 74.47
N ARG G 493 -15.70 -22.02 73.80
CA ARG G 493 -14.54 -21.47 74.49
C ARG G 493 -14.93 -20.32 75.41
N LEU G 494 -16.08 -19.69 75.15
CA LEU G 494 -16.57 -18.67 76.08
C LEU G 494 -17.31 -19.31 77.25
N ASN G 495 -18.07 -20.37 77.01
CA ASN G 495 -18.91 -20.93 78.07
C ASN G 495 -18.15 -21.92 78.94
N VAL G 496 -16.91 -22.25 78.59
CA VAL G 496 -16.08 -22.95 79.56
C VAL G 496 -15.89 -22.10 80.81
N TYR G 497 -15.99 -20.78 80.66
CA TYR G 497 -15.99 -19.89 81.81
C TYR G 497 -17.42 -19.56 82.20
N THR G 498 -17.80 -19.93 83.43
CA THR G 498 -19.21 -19.83 83.83
C THR G 498 -19.66 -18.38 83.95
N THR G 499 -18.83 -17.53 84.54
CA THR G 499 -19.24 -16.17 84.89
C THR G 499 -18.30 -15.18 84.20
N ALA G 500 -18.79 -13.94 84.04
CA ALA G 500 -17.95 -12.90 83.46
C ALA G 500 -16.69 -12.67 84.29
N ALA G 501 -16.82 -12.66 85.62
CA ALA G 501 -15.65 -12.53 86.47
C ALA G 501 -14.72 -13.73 86.34
N HIS G 502 -15.29 -14.93 86.22
CA HIS G 502 -14.49 -16.13 86.06
C HIS G 502 -13.69 -16.08 84.76
N PHE G 503 -14.31 -15.58 83.69
CA PHE G 503 -13.58 -15.29 82.46
C PHE G 503 -12.53 -14.20 82.69
N ALA G 504 -12.84 -13.23 83.56
CA ALA G 504 -11.96 -12.10 83.78
C ALA G 504 -10.64 -12.53 84.42
N GLU G 505 -10.70 -13.42 85.41
CA GLU G 505 -9.44 -13.81 86.07
C GLU G 505 -8.49 -14.49 85.10
N TYR G 506 -9.00 -14.93 83.94
CA TYR G 506 -8.13 -15.57 82.96
C TYR G 506 -7.76 -14.63 81.82
N ALA G 507 -8.66 -13.74 81.44
CA ALA G 507 -8.48 -12.96 80.21
C ALA G 507 -8.29 -11.47 80.43
N GLY G 508 -8.85 -10.91 81.49
CA GLY G 508 -8.80 -9.48 81.70
C GLY G 508 -10.12 -8.91 82.20
N GLU G 509 -10.03 -7.83 82.98
CA GLU G 509 -11.21 -7.26 83.60
C GLU G 509 -12.05 -6.48 82.59
N GLU G 510 -11.41 -5.87 81.59
CA GLU G 510 -12.15 -5.03 80.64
C GLU G 510 -13.08 -5.88 79.78
N ALA G 511 -12.76 -7.15 79.58
CA ALA G 511 -13.62 -8.01 78.78
C ALA G 511 -14.82 -8.50 79.59
N ALA G 512 -14.72 -8.43 80.91
CA ALA G 512 -15.78 -8.97 81.77
C ALA G 512 -17.10 -8.23 81.56
N GLU G 513 -17.05 -6.90 81.50
CA GLU G 513 -18.27 -6.12 81.28
C GLU G 513 -18.85 -6.42 79.91
N SER G 514 -17.99 -6.59 78.90
CA SER G 514 -18.48 -6.87 77.56
C SER G 514 -18.97 -8.32 77.43
N TRP G 515 -18.45 -9.21 78.28
CA TRP G 515 -18.62 -10.64 78.10
C TRP G 515 -20.08 -11.07 78.03
N LYS G 516 -20.93 -10.48 78.87
CA LYS G 516 -22.34 -10.87 78.90
C LYS G 516 -23.02 -10.60 77.55
N GLU G 517 -22.90 -9.37 77.05
CA GLU G 517 -23.54 -9.07 75.78
C GLU G 517 -22.82 -9.75 74.63
N ILE G 518 -21.53 -10.05 74.80
CA ILE G 518 -20.82 -10.80 73.76
C ILE G 518 -21.46 -12.17 73.58
N VAL G 519 -21.64 -12.92 74.68
CA VAL G 519 -22.21 -14.26 74.54
C VAL G 519 -23.67 -14.17 74.12
N ASN G 520 -24.42 -13.20 74.65
CA ASN G 520 -25.82 -13.07 74.28
C ASN G 520 -25.96 -12.78 72.78
N LEU G 521 -25.17 -11.85 72.26
CA LEU G 521 -25.25 -11.50 70.85
C LEU G 521 -24.73 -12.63 69.97
N LEU G 522 -23.77 -13.42 70.47
CA LEU G 522 -23.30 -14.57 69.71
C LEU G 522 -24.39 -15.63 69.58
N TYR G 523 -25.12 -15.92 70.66
CA TYR G 523 -26.25 -16.83 70.57
C TYR G 523 -27.33 -16.26 69.65
N GLU G 524 -27.58 -14.95 69.73
CA GLU G 524 -28.56 -14.34 68.82
C GLU G 524 -28.14 -14.49 67.36
N LEU G 525 -26.84 -14.31 67.09
CA LEU G 525 -26.33 -14.48 65.74
C LEU G 525 -26.49 -15.92 65.26
N LEU G 526 -26.21 -16.88 66.13
CA LEU G 526 -26.40 -18.27 65.75
C LEU G 526 -27.86 -18.57 65.45
N ALA G 527 -28.77 -18.05 66.28
CA ALA G 527 -30.19 -18.22 66.02
C ALA G 527 -30.59 -17.61 64.69
N SER G 528 -30.08 -16.41 64.39
CA SER G 528 -30.39 -15.76 63.13
C SER G 528 -29.87 -16.56 61.95
N LEU G 529 -28.70 -17.18 62.10
CA LEU G 529 -28.14 -17.97 61.01
C LEU G 529 -28.92 -19.26 60.79
N ILE G 530 -29.35 -19.92 61.87
CA ILE G 530 -29.90 -21.26 61.75
C ILE G 530 -31.39 -21.22 61.47
N ARG G 531 -32.07 -20.12 61.83
CA ARG G 531 -33.51 -20.04 61.62
C ARG G 531 -33.85 -20.19 60.15
N GLY G 532 -34.74 -21.14 59.85
CA GLY G 532 -35.13 -21.46 58.50
C GLY G 532 -34.03 -22.01 57.63
N ASN G 533 -33.07 -22.75 58.18
CA ASN G 533 -31.97 -23.31 57.41
C ASN G 533 -31.93 -24.83 57.57
N ARG G 534 -32.25 -25.54 56.49
CA ARG G 534 -32.24 -27.00 56.50
C ARG G 534 -30.88 -27.55 56.90
N ALA G 535 -29.80 -26.99 56.35
CA ALA G 535 -28.47 -27.50 56.65
C ALA G 535 -28.10 -27.31 58.11
N ASN G 536 -28.37 -26.12 58.67
CA ASN G 536 -28.04 -25.86 60.07
C ASN G 536 -28.85 -26.76 61.00
N CYS G 537 -30.15 -26.91 60.72
CA CYS G 537 -30.96 -27.78 61.57
C CYS G 537 -30.54 -29.23 61.44
N ALA G 538 -30.06 -29.63 60.25
CA ALA G 538 -29.49 -30.96 60.11
C ALA G 538 -28.22 -31.10 60.94
N LEU G 539 -27.40 -30.05 60.99
CA LEU G 539 -26.20 -30.09 61.83
C LEU G 539 -26.56 -30.26 63.29
N PHE G 540 -27.58 -29.54 63.77
CA PHE G 540 -28.01 -29.74 65.15
C PHE G 540 -28.65 -31.11 65.35
N SER G 541 -29.25 -31.67 64.30
CA SER G 541 -29.72 -33.06 64.37
C SER G 541 -28.55 -34.01 64.57
N THR G 542 -27.42 -33.73 63.93
CA THR G 542 -26.21 -34.51 64.19
C THR G 542 -25.74 -34.33 65.63
N ASN G 543 -25.65 -33.09 66.11
CA ASN G 543 -25.16 -32.80 67.47
C ASN G 543 -26.15 -31.91 68.23
N LEU G 544 -27.17 -32.54 68.81
CA LEU G 544 -28.11 -31.82 69.67
C LEU G 544 -27.55 -31.62 71.08
N ASP G 545 -26.69 -32.54 71.53
CA ASP G 545 -26.28 -32.55 72.94
C ASP G 545 -25.58 -31.25 73.32
N TRP G 546 -25.07 -30.51 72.33
CA TRP G 546 -24.49 -29.19 72.60
C TRP G 546 -25.52 -28.25 73.21
N VAL G 547 -26.67 -28.09 72.54
CA VAL G 547 -27.72 -27.22 73.05
C VAL G 547 -28.30 -27.78 74.33
N VAL G 548 -28.43 -29.11 74.41
CA VAL G 548 -28.97 -29.74 75.62
C VAL G 548 -28.09 -29.43 76.82
N SER G 549 -26.78 -29.44 76.63
CA SER G 549 -25.87 -29.16 77.73
C SER G 549 -25.89 -27.68 78.11
N LYS G 550 -25.89 -26.78 77.11
CA LYS G 550 -25.77 -25.36 77.44
C LYS G 550 -27.12 -24.69 77.68
N LEU G 551 -28.21 -25.44 77.60
CA LEU G 551 -29.51 -24.82 77.89
C LEU G 551 -29.62 -24.41 79.36
N ASP G 552 -29.02 -25.17 80.27
CA ASP G 552 -29.18 -24.88 81.69
C ASP G 552 -28.45 -23.60 82.09
N ARG G 553 -27.53 -23.13 81.25
CA ARG G 553 -26.75 -21.94 81.58
C ARG G 553 -27.65 -20.71 81.65
N LEU G 554 -27.44 -19.89 82.69
CA LEU G 554 -28.33 -18.76 82.95
C LEU G 554 -28.01 -17.57 82.06
N GLU G 555 -26.74 -17.39 81.68
CA GLU G 555 -26.29 -16.11 81.13
C GLU G 555 -27.03 -15.77 79.84
N ALA G 556 -27.39 -16.78 79.04
CA ALA G 556 -28.06 -16.57 77.76
C ALA G 556 -29.21 -17.57 77.62
N SER G 557 -30.02 -17.68 78.67
CA SER G 557 -31.13 -18.63 78.67
C SER G 557 -32.09 -18.34 77.52
N SER G 558 -32.46 -17.07 77.34
CA SER G 558 -33.40 -16.71 76.29
C SER G 558 -32.84 -17.03 74.91
N GLY G 559 -31.57 -16.69 74.67
CA GLY G 559 -30.96 -16.95 73.38
C GLY G 559 -30.86 -18.43 73.07
N ILE G 560 -30.39 -19.22 74.04
CA ILE G 560 -30.26 -20.66 73.82
C ILE G 560 -31.63 -21.30 73.63
N LEU G 561 -32.62 -20.85 74.39
CA LEU G 561 -33.97 -21.37 74.24
C LEU G 561 -34.54 -21.04 72.88
N GLU G 562 -34.30 -19.83 72.37
CA GLU G 562 -34.78 -19.49 71.04
C GLU G 562 -34.07 -20.30 69.97
N VAL G 563 -32.77 -20.54 70.16
CA VAL G 563 -32.04 -21.42 69.25
C VAL G 563 -32.69 -22.80 69.19
N LEU G 564 -32.96 -23.39 70.36
CA LEU G 564 -33.58 -24.70 70.41
C LEU G 564 -34.97 -24.66 69.80
N TYR G 565 -35.71 -23.57 70.02
CA TYR G 565 -37.05 -23.42 69.46
C TYR G 565 -37.01 -23.44 67.94
N CYS G 566 -36.10 -22.67 67.35
CA CYS G 566 -35.98 -22.66 65.88
C CYS G 566 -35.56 -24.03 65.35
N VAL G 567 -34.59 -24.67 66.02
CA VAL G 567 -34.15 -25.99 65.56
C VAL G 567 -35.28 -26.99 65.61
N LEU G 568 -36.05 -27.00 66.71
CA LEU G 568 -37.15 -27.95 66.84
C LEU G 568 -38.23 -27.69 65.80
N ILE G 569 -38.54 -26.42 65.53
CA ILE G 569 -39.56 -26.12 64.54
C ILE G 569 -39.12 -26.56 63.15
N GLU G 570 -37.90 -26.20 62.74
CA GLU G 570 -37.51 -26.44 61.36
C GLU G 570 -37.15 -27.91 61.11
N SER G 571 -36.59 -28.58 62.12
CA SER G 571 -36.06 -29.92 61.93
C SER G 571 -36.94 -30.97 62.59
N PRO G 572 -37.49 -31.92 61.83
CA PRO G 572 -38.16 -33.06 62.48
C PRO G 572 -37.19 -34.11 62.98
N GLU G 573 -35.97 -34.15 62.41
CA GLU G 573 -35.00 -35.19 62.79
C GLU G 573 -34.56 -35.05 64.24
N VAL G 574 -34.45 -33.82 64.72
CA VAL G 574 -34.09 -33.60 66.11
C VAL G 574 -35.12 -34.22 67.04
N LEU G 575 -36.40 -34.14 66.68
CA LEU G 575 -37.43 -34.75 67.51
C LEU G 575 -37.29 -36.26 67.54
N ASN G 576 -36.87 -36.86 66.41
CA ASN G 576 -36.61 -38.30 66.40
C ASN G 576 -35.43 -38.65 67.30
N ILE G 577 -34.38 -37.83 67.28
CA ILE G 577 -33.17 -38.18 68.03
C ILE G 577 -33.36 -37.91 69.52
N ILE G 578 -34.33 -37.06 69.88
CA ILE G 578 -34.54 -36.74 71.28
C ILE G 578 -34.93 -37.99 72.06
N GLN G 579 -34.30 -38.16 73.24
CA GLN G 579 -34.63 -39.24 74.16
C GLN G 579 -35.28 -38.65 75.40
N GLU G 580 -35.51 -39.52 76.39
CA GLU G 580 -36.18 -39.12 77.63
C GLU G 580 -35.37 -38.07 78.39
N ASN G 581 -34.04 -38.23 78.41
CA ASN G 581 -33.20 -37.33 79.19
C ASN G 581 -33.33 -35.89 78.69
N HIS G 582 -33.42 -35.70 77.38
CA HIS G 582 -33.56 -34.35 76.84
C HIS G 582 -34.87 -33.71 77.26
N ILE G 583 -35.97 -34.47 77.21
CA ILE G 583 -37.27 -33.94 77.63
C ILE G 583 -37.24 -33.58 79.11
N LYS G 584 -36.65 -34.45 79.94
CA LYS G 584 -36.53 -34.15 81.36
C LYS G 584 -35.68 -32.90 81.58
N SER G 585 -34.64 -32.72 80.76
CA SER G 585 -33.81 -31.52 80.85
C SER G 585 -34.61 -30.27 80.53
N ILE G 586 -35.45 -30.32 79.50
CA ILE G 586 -36.26 -29.15 79.16
C ILE G 586 -37.27 -28.85 80.27
N ILE G 587 -37.87 -29.89 80.85
CA ILE G 587 -38.80 -29.67 81.95
C ILE G 587 -38.09 -29.08 83.15
N SER G 588 -36.88 -29.56 83.44
CA SER G 588 -36.08 -28.98 84.51
C SER G 588 -35.72 -27.53 84.21
N LEU G 589 -35.47 -27.21 82.94
CA LEU G 589 -35.23 -25.83 82.55
C LEU G 589 -36.44 -24.96 82.84
N LEU G 590 -37.64 -25.44 82.51
CA LEU G 590 -38.84 -24.66 82.80
C LEU G 590 -38.98 -24.48 84.30
N ASP G 591 -38.69 -25.53 85.07
CA ASP G 591 -38.74 -25.44 86.53
C ASP G 591 -37.78 -24.37 87.04
N LYS G 592 -36.53 -24.38 86.57
CA LYS G 592 -35.51 -23.52 87.16
C LYS G 592 -35.66 -22.07 86.71
N HIS G 593 -36.14 -21.84 85.48
CA HIS G 593 -36.32 -20.49 84.98
C HIS G 593 -37.76 -19.99 85.11
N GLY G 594 -38.64 -20.76 85.73
CA GLY G 594 -40.01 -20.31 85.92
C GLY G 594 -40.86 -20.51 84.68
N ARG G 595 -42.11 -20.09 84.81
CA ARG G 595 -43.06 -20.21 83.71
C ARG G 595 -42.66 -19.31 82.56
N ASN G 596 -42.72 -19.85 81.34
CA ASN G 596 -42.32 -19.11 80.14
C ASN G 596 -43.13 -19.57 78.95
N HIS G 597 -43.73 -18.59 78.26
CA HIS G 597 -44.46 -18.90 77.03
C HIS G 597 -43.53 -19.49 75.97
N LYS G 598 -42.29 -18.99 75.89
CA LYS G 598 -41.34 -19.53 74.93
C LYS G 598 -41.03 -20.99 75.22
N VAL G 599 -40.80 -21.33 76.50
CA VAL G 599 -40.49 -22.71 76.84
C VAL G 599 -41.68 -23.62 76.57
N LEU G 600 -42.88 -23.16 76.92
CA LEU G 600 -44.07 -23.97 76.67
C LEU G 600 -44.29 -24.18 75.18
N ASP G 601 -44.01 -23.14 74.38
CA ASP G 601 -44.11 -23.28 72.92
C ASP G 601 -43.04 -24.25 72.39
N VAL G 602 -41.86 -24.24 73.00
CA VAL G 602 -40.83 -25.23 72.64
C VAL G 602 -41.35 -26.63 72.87
N LEU G 603 -41.98 -26.86 74.02
CA LEU G 603 -42.54 -28.18 74.31
C LEU G 603 -43.65 -28.53 73.32
N CYS G 604 -44.51 -27.56 72.99
CA CYS G 604 -45.55 -27.79 72.00
C CYS G 604 -44.98 -28.20 70.65
N SER G 605 -43.92 -27.50 70.21
CA SER G 605 -43.28 -27.84 68.94
C SER G 605 -42.63 -29.21 69.02
N LEU G 606 -42.07 -29.57 70.18
CA LEU G 606 -41.49 -30.89 70.35
C LEU G 606 -42.55 -31.97 70.22
N CYS G 607 -43.78 -31.67 70.64
CA CYS G 607 -44.83 -32.69 70.61
C CYS G 607 -45.11 -33.21 69.20
N VAL G 608 -45.37 -32.31 68.25
CA VAL G 608 -45.81 -32.69 66.91
C VAL G 608 -44.99 -31.90 65.89
N CYS G 609 -44.79 -32.47 64.71
CA CYS G 609 -44.00 -31.84 63.65
C CYS G 609 -44.42 -32.40 62.29
N ASN G 610 -44.67 -31.51 61.33
CA ASN G 610 -45.07 -31.87 59.97
C ASN G 610 -46.25 -32.84 59.94
N GLY G 611 -47.21 -32.63 60.84
CA GLY G 611 -48.42 -33.43 60.82
C GLY G 611 -48.24 -34.89 61.15
N VAL G 612 -47.05 -35.30 61.59
CA VAL G 612 -46.77 -36.66 62.01
C VAL G 612 -46.28 -36.62 63.45
N ALA G 613 -46.81 -37.51 64.29
CA ALA G 613 -46.57 -37.46 65.72
C ALA G 613 -45.68 -38.62 66.14
N VAL G 614 -44.84 -38.38 67.13
CA VAL G 614 -44.03 -39.43 67.74
C VAL G 614 -44.69 -39.83 69.05
N ARG G 615 -45.34 -41.00 69.05
CA ARG G 615 -46.09 -41.42 70.22
C ARG G 615 -45.18 -41.63 71.42
N SER G 616 -43.95 -42.11 71.19
CA SER G 616 -43.01 -42.26 72.29
C SER G 616 -42.68 -40.91 72.92
N ASN G 617 -42.43 -39.89 72.09
CA ASN G 617 -42.15 -38.56 72.63
C ASN G 617 -43.35 -38.01 73.38
N GLN G 618 -44.56 -38.17 72.83
CA GLN G 618 -45.75 -37.70 73.50
C GLN G 618 -45.93 -38.39 74.85
N ASP G 619 -45.70 -39.71 74.89
CA ASP G 619 -45.85 -40.45 76.13
C ASP G 619 -44.82 -40.01 77.17
N LEU G 620 -43.57 -39.79 76.73
CA LEU G 620 -42.56 -39.30 77.67
C LEU G 620 -42.93 -37.93 78.21
N ILE G 621 -43.38 -37.02 77.35
CA ILE G 621 -43.80 -35.70 77.79
C ILE G 621 -44.92 -35.83 78.82
N THR G 622 -45.92 -36.65 78.52
CA THR G 622 -47.03 -36.85 79.45
C THR G 622 -46.54 -37.37 80.79
N GLU G 623 -45.80 -38.48 80.78
CA GLU G 623 -45.40 -39.15 82.01
C GLU G 623 -44.50 -38.25 82.86
N ASN G 624 -43.66 -37.44 82.22
CA ASN G 624 -42.74 -36.58 82.95
C ASN G 624 -43.41 -35.32 83.49
N LEU G 625 -44.31 -34.70 82.73
CA LEU G 625 -44.85 -33.41 83.15
C LEU G 625 -46.19 -33.55 83.85
N LEU G 626 -47.17 -34.16 83.19
CA LEU G 626 -48.56 -34.01 83.62
C LEU G 626 -48.89 -34.58 85.00
N PRO G 627 -48.46 -35.79 85.38
CA PRO G 627 -49.02 -36.40 86.61
C PRO G 627 -48.75 -35.60 87.86
N GLY G 628 -47.73 -34.75 87.88
CA GLY G 628 -47.44 -33.98 89.08
C GLY G 628 -48.49 -32.92 89.37
N ARG G 629 -48.89 -32.15 88.36
CA ARG G 629 -49.82 -31.02 88.38
C ARG G 629 -49.26 -29.81 89.11
N GLU G 630 -48.08 -29.89 89.73
CA GLU G 630 -47.58 -28.75 90.50
C GLU G 630 -47.16 -27.62 89.58
N LEU G 631 -46.54 -27.95 88.46
CA LEU G 631 -45.92 -26.93 87.61
C LEU G 631 -46.96 -26.06 86.91
N LEU G 632 -48.04 -26.68 86.43
CA LEU G 632 -49.03 -26.01 85.60
C LEU G 632 -50.34 -25.89 86.36
N LEU G 633 -51.05 -24.77 86.17
CA LEU G 633 -52.27 -24.52 86.92
C LEU G 633 -53.33 -25.57 86.57
N GLN G 634 -54.04 -26.03 87.60
CA GLN G 634 -55.10 -27.01 87.44
C GLN G 634 -56.41 -26.42 87.94
N THR G 635 -57.51 -26.86 87.34
CA THR G 635 -58.84 -26.34 87.62
C THR G 635 -59.66 -27.36 88.39
N ASN G 636 -60.67 -26.89 89.10
CA ASN G 636 -61.67 -27.76 89.73
C ASN G 636 -62.96 -26.98 89.92
N LEU G 637 -64.07 -27.56 89.46
CA LEU G 637 -65.38 -26.95 89.68
C LEU G 637 -65.72 -27.00 91.16
N ILE G 638 -65.88 -25.82 91.77
CA ILE G 638 -66.12 -25.70 93.20
C ILE G 638 -67.40 -24.91 93.43
N ASN G 639 -68.25 -25.41 94.32
CA ASN G 639 -69.46 -24.69 94.67
C ASN G 639 -69.14 -23.50 95.55
N TYR G 640 -69.91 -22.42 95.39
CA TYR G 640 -69.72 -21.25 96.22
C TYR G 640 -70.08 -21.54 97.67
N VAL G 641 -69.35 -20.93 98.60
CA VAL G 641 -69.52 -21.13 100.03
C VAL G 641 -69.88 -19.79 100.66
N THR G 642 -70.97 -19.76 101.43
CA THR G 642 -71.45 -18.52 101.99
C THR G 642 -71.66 -18.67 103.49
N SER G 643 -71.21 -17.67 104.24
CA SER G 643 -71.24 -17.70 105.70
C SER G 643 -72.22 -16.65 106.22
N ILE G 644 -72.81 -16.94 107.38
CA ILE G 644 -73.70 -16.02 108.06
C ILE G 644 -73.48 -16.13 109.57
N ARG G 645 -73.60 -15.00 110.26
CA ARG G 645 -73.42 -14.89 111.69
C ARG G 645 -74.62 -14.20 112.31
N PRO G 646 -74.91 -14.43 113.60
CA PRO G 646 -75.70 -13.45 114.35
C PRO G 646 -74.80 -12.31 114.83
N ASN G 647 -75.43 -11.17 115.13
CA ASN G 647 -74.66 -9.99 115.56
C ASN G 647 -74.44 -10.04 117.07
N ILE G 648 -73.75 -11.10 117.50
CA ILE G 648 -73.42 -11.32 118.90
C ILE G 648 -71.92 -11.57 119.00
N PHE G 649 -71.24 -10.80 119.84
CA PHE G 649 -69.79 -10.78 119.93
C PHE G 649 -69.36 -11.01 121.37
N VAL G 650 -68.39 -11.90 121.57
CA VAL G 650 -67.84 -12.18 122.89
C VAL G 650 -66.33 -12.04 122.82
N GLY G 651 -65.76 -11.33 123.77
CA GLY G 651 -64.31 -11.20 123.87
C GLY G 651 -63.90 -10.99 125.31
N ARG G 652 -62.91 -11.77 125.74
CA ARG G 652 -62.48 -11.77 127.14
C ARG G 652 -61.10 -11.12 127.25
N ALA G 653 -60.99 -10.18 128.16
CA ALA G 653 -59.74 -9.52 128.49
C ALA G 653 -59.95 -8.76 129.78
N GLU G 654 -58.88 -8.13 130.26
CA GLU G 654 -59.04 -7.15 131.32
C GLU G 654 -60.03 -6.07 130.88
N GLY G 655 -61.02 -5.81 131.72
CA GLY G 655 -62.07 -4.86 131.42
C GLY G 655 -63.19 -5.38 130.53
N SER G 656 -63.18 -6.66 130.16
CA SER G 656 -64.22 -7.20 129.30
C SER G 656 -65.53 -7.32 130.07
N THR G 657 -66.63 -6.95 129.41
CA THR G 657 -67.94 -6.97 130.08
C THR G 657 -68.61 -8.33 129.93
N GLN G 658 -68.19 -9.12 128.95
CA GLN G 658 -68.87 -10.37 128.63
C GLN G 658 -68.70 -11.38 129.77
N TYR G 659 -69.64 -12.32 129.85
CA TYR G 659 -69.48 -13.44 130.78
C TYR G 659 -68.54 -14.47 130.16
N GLY G 660 -67.82 -15.19 131.03
CA GLY G 660 -66.73 -16.02 130.56
C GLY G 660 -67.17 -17.13 129.63
N LYS G 661 -68.25 -17.83 129.96
CA LYS G 661 -68.67 -19.02 129.25
C LYS G 661 -69.91 -18.74 128.41
N TRP G 662 -69.91 -19.22 127.17
CA TRP G 662 -71.04 -19.07 126.28
C TRP G 662 -71.30 -20.37 125.54
N TYR G 663 -72.56 -20.59 125.17
CA TYR G 663 -73.01 -21.86 124.62
C TYR G 663 -74.20 -21.63 123.69
N PHE G 664 -74.14 -22.19 122.49
CA PHE G 664 -75.19 -22.05 121.48
C PHE G 664 -75.38 -23.36 120.74
N GLU G 665 -76.52 -23.49 120.06
CA GLU G 665 -76.94 -24.76 119.47
C GLU G 665 -77.35 -24.55 118.02
N VAL G 666 -77.12 -25.56 117.19
CA VAL G 666 -77.49 -25.55 115.78
C VAL G 666 -78.12 -26.89 115.45
N MET G 667 -79.06 -26.90 114.51
CA MET G 667 -79.69 -28.13 114.06
C MET G 667 -79.87 -28.07 112.56
N VAL G 668 -79.79 -29.22 111.90
CA VAL G 668 -79.79 -29.29 110.45
C VAL G 668 -81.13 -29.86 110.00
N ASP G 669 -81.90 -29.09 109.23
CA ASP G 669 -83.25 -29.51 108.87
C ASP G 669 -83.22 -30.58 107.78
N GLU G 670 -82.53 -30.32 106.67
CA GLU G 670 -82.40 -31.31 105.60
C GLU G 670 -81.10 -31.06 104.84
N VAL G 671 -80.60 -32.13 104.22
CA VAL G 671 -79.36 -32.07 103.45
C VAL G 671 -79.55 -32.81 102.14
N VAL G 672 -79.15 -32.17 101.04
CA VAL G 672 -78.96 -32.82 99.76
C VAL G 672 -77.51 -33.23 99.67
N PRO G 673 -77.19 -34.53 99.56
CA PRO G 673 -75.78 -34.95 99.60
C PRO G 673 -74.92 -34.30 98.54
N PHE G 674 -75.30 -34.44 97.26
CA PHE G 674 -74.56 -33.85 96.15
C PHE G 674 -75.54 -33.12 95.24
N LEU G 675 -75.83 -31.86 95.58
CA LEU G 675 -76.61 -31.01 94.68
C LEU G 675 -75.80 -30.66 93.44
N THR G 676 -74.49 -30.47 93.60
CA THR G 676 -73.57 -30.27 92.51
C THR G 676 -72.47 -31.32 92.64
N ALA G 677 -71.48 -31.25 91.75
CA ALA G 677 -70.39 -32.22 91.79
C ALA G 677 -69.63 -32.17 93.12
N GLN G 678 -69.33 -30.97 93.60
CA GLN G 678 -68.64 -30.83 94.87
C GLN G 678 -69.57 -31.21 96.02
N ALA G 679 -69.00 -31.80 97.07
CA ALA G 679 -69.78 -32.25 98.21
C ALA G 679 -70.41 -31.08 98.94
N THR G 680 -71.70 -31.22 99.25
CA THR G 680 -72.40 -30.24 100.07
C THR G 680 -71.87 -30.29 101.50
N HIS G 681 -71.66 -29.10 102.08
CA HIS G 681 -71.07 -29.01 103.41
C HIS G 681 -71.83 -27.99 104.26
N LEU G 682 -71.85 -28.24 105.57
CA LEU G 682 -72.33 -27.29 106.56
C LEU G 682 -71.21 -27.08 107.57
N ARG G 683 -71.01 -25.82 107.98
CA ARG G 683 -69.94 -25.44 108.87
C ARG G 683 -70.54 -24.72 110.07
N VAL G 684 -70.27 -25.19 111.26
CA VAL G 684 -70.73 -24.54 112.50
C VAL G 684 -69.50 -24.29 113.37
N GLY G 685 -69.27 -23.04 113.75
CA GLY G 685 -68.08 -22.79 114.54
C GLY G 685 -68.02 -21.40 115.14
N TRP G 686 -66.89 -21.14 115.79
CA TRP G 686 -66.60 -19.86 116.41
C TRP G 686 -65.48 -19.19 115.61
N ALA G 687 -65.63 -17.89 115.36
CA ALA G 687 -64.67 -17.15 114.54
C ALA G 687 -64.36 -15.81 115.21
N LEU G 688 -63.11 -15.38 115.09
CA LEU G 688 -62.69 -14.11 115.66
C LEU G 688 -63.11 -12.98 114.72
N THR G 689 -63.55 -11.86 115.30
CA THR G 689 -64.11 -10.77 114.51
C THR G 689 -63.08 -10.19 113.53
N GLU G 690 -61.92 -9.81 114.05
CA GLU G 690 -60.91 -9.16 113.22
C GLU G 690 -60.08 -10.18 112.47
N GLY G 691 -59.95 -9.99 111.17
CA GLY G 691 -59.11 -10.86 110.36
C GLY G 691 -59.82 -12.05 109.72
N TYR G 692 -61.05 -12.35 110.13
CA TYR G 692 -61.85 -13.40 109.50
C TYR G 692 -62.76 -12.76 108.46
N SER G 693 -62.37 -12.85 107.20
CA SER G 693 -63.11 -12.25 106.09
C SER G 693 -63.37 -13.32 105.04
N PRO G 694 -64.37 -14.17 105.25
CA PRO G 694 -64.70 -15.17 104.23
C PRO G 694 -65.19 -14.49 102.96
N TYR G 695 -64.38 -14.59 101.91
CA TYR G 695 -64.62 -13.93 100.65
C TYR G 695 -65.19 -14.93 99.65
N PRO G 696 -66.35 -14.67 99.07
CA PRO G 696 -66.99 -15.65 98.19
C PRO G 696 -66.10 -16.00 97.00
N GLY G 697 -66.13 -17.28 96.65
CA GLY G 697 -65.38 -17.77 95.51
C GLY G 697 -63.91 -18.00 95.79
N GLY G 698 -63.06 -17.13 95.24
CA GLY G 698 -61.62 -17.31 95.41
C GLY G 698 -61.22 -17.26 96.87
N GLY G 699 -60.41 -18.25 97.27
CA GLY G 699 -59.95 -18.33 98.64
C GLY G 699 -58.67 -19.13 98.72
N GLU G 700 -58.24 -19.36 99.96
CA GLU G 700 -57.02 -20.12 100.20
C GLU G 700 -57.19 -21.57 99.74
N GLY G 701 -56.14 -22.12 99.16
CA GLY G 701 -56.20 -23.49 98.66
C GLY G 701 -57.21 -23.62 97.54
N TRP G 702 -58.10 -24.61 97.66
CA TRP G 702 -59.12 -24.82 96.65
C TRP G 702 -60.21 -23.75 96.74
N GLY G 703 -60.14 -22.89 97.74
CA GLY G 703 -61.12 -21.82 97.88
C GLY G 703 -62.37 -22.27 98.61
N GLY G 704 -63.38 -21.40 98.55
CA GLY G 704 -64.60 -21.64 99.29
C GLY G 704 -64.36 -21.72 100.78
N ASN G 705 -63.51 -20.84 101.31
CA ASN G 705 -63.14 -20.90 102.71
C ASN G 705 -64.28 -20.50 103.61
N GLY G 706 -64.70 -21.43 104.47
CA GLY G 706 -65.68 -21.15 105.50
C GLY G 706 -65.02 -21.09 106.86
N VAL G 707 -65.84 -21.21 107.90
CA VAL G 707 -65.30 -21.29 109.25
C VAL G 707 -64.56 -22.61 109.40
N GLY G 708 -63.38 -22.56 110.01
CA GLY G 708 -62.50 -23.69 110.06
C GLY G 708 -61.60 -23.86 108.86
N ASP G 709 -61.76 -23.03 107.83
CA ASP G 709 -60.92 -23.06 106.65
C ASP G 709 -59.82 -22.01 106.67
N ASP G 710 -59.71 -21.23 107.75
CA ASP G 710 -58.63 -20.27 107.91
C ASP G 710 -58.18 -20.31 109.36
N LEU G 711 -56.97 -19.78 109.60
CA LEU G 711 -56.40 -19.83 110.95
C LEU G 711 -57.28 -19.07 111.94
N TYR G 712 -57.93 -18.00 111.50
CA TYR G 712 -58.75 -17.21 112.41
C TYR G 712 -60.04 -17.93 112.77
N SER G 713 -60.46 -18.89 111.95
CA SER G 713 -61.73 -19.56 112.13
C SER G 713 -61.53 -21.00 112.59
N TYR G 714 -62.52 -21.55 113.27
CA TYR G 714 -62.49 -22.92 113.77
C TYR G 714 -63.84 -23.57 113.52
N GLY G 715 -63.84 -24.80 113.02
CA GLY G 715 -65.08 -25.45 112.64
C GLY G 715 -65.10 -26.91 113.04
N PHE G 716 -66.31 -27.43 113.21
CA PHE G 716 -66.55 -28.83 113.52
C PHE G 716 -67.34 -29.46 112.38
N ASP G 717 -66.70 -30.38 111.66
CA ASP G 717 -67.29 -30.94 110.44
C ASP G 717 -68.48 -31.84 110.76
N GLY G 718 -68.42 -32.56 111.88
CA GLY G 718 -69.28 -33.69 112.14
C GLY G 718 -68.58 -35.02 111.98
N LEU G 719 -67.52 -35.04 111.18
CA LEU G 719 -66.57 -36.15 111.14
C LEU G 719 -65.16 -35.75 111.51
N HIS G 720 -64.83 -34.45 111.43
CA HIS G 720 -63.47 -34.00 111.66
C HIS G 720 -63.51 -32.62 112.34
N LEU G 721 -62.32 -32.05 112.50
CA LEU G 721 -62.16 -30.73 113.10
C LEU G 721 -61.30 -29.90 112.15
N TRP G 722 -61.73 -28.67 111.90
CA TRP G 722 -61.17 -27.83 110.84
C TRP G 722 -60.57 -26.57 111.42
N THR G 723 -59.32 -26.29 111.03
CA THR G 723 -58.70 -25.00 111.30
C THR G 723 -57.59 -24.77 110.27
N GLY G 724 -57.47 -23.53 109.81
CA GLY G 724 -56.44 -23.18 108.84
C GLY G 724 -56.50 -23.97 107.55
N HIS G 725 -57.72 -24.25 107.07
CA HIS G 725 -57.98 -25.07 105.90
C HIS G 725 -57.43 -26.49 106.06
N VAL G 726 -57.24 -26.95 107.30
CA VAL G 726 -56.71 -28.28 107.58
C VAL G 726 -57.73 -29.02 108.42
N ALA G 727 -58.00 -30.26 108.04
CA ALA G 727 -58.99 -31.10 108.71
C ALA G 727 -58.30 -32.30 109.36
N ARG G 728 -58.55 -32.50 110.64
CA ARG G 728 -58.07 -33.67 111.36
C ARG G 728 -59.27 -34.44 111.91
N PRO G 729 -59.42 -35.73 111.62
CA PRO G 729 -60.59 -36.47 112.08
C PRO G 729 -60.71 -36.46 113.59
N VAL G 730 -61.93 -36.26 114.07
CA VAL G 730 -62.24 -36.22 115.50
C VAL G 730 -63.12 -37.41 115.84
N THR G 731 -62.75 -38.14 116.89
CA THR G 731 -63.52 -39.30 117.30
C THR G 731 -64.82 -38.88 117.97
N SER G 732 -65.90 -39.58 117.67
CA SER G 732 -67.20 -39.33 118.27
C SER G 732 -67.95 -40.65 118.37
N PRO G 733 -68.70 -40.86 119.46
CA PRO G 733 -69.48 -42.09 119.59
C PRO G 733 -70.60 -42.14 118.55
N GLY G 734 -70.66 -43.26 117.84
CA GLY G 734 -71.63 -43.37 116.74
C GLY G 734 -71.44 -42.31 115.70
N GLN G 735 -70.20 -42.09 115.27
CA GLN G 735 -69.86 -40.92 114.46
C GLN G 735 -70.52 -40.98 113.09
N HIS G 736 -71.06 -39.84 112.67
CA HIS G 736 -71.61 -39.68 111.33
C HIS G 736 -71.60 -38.19 110.98
N LEU G 737 -71.59 -37.89 109.69
CA LEU G 737 -71.58 -36.51 109.24
C LEU G 737 -72.91 -35.85 109.54
N LEU G 738 -72.93 -34.51 109.43
CA LEU G 738 -74.15 -33.76 109.63
C LEU G 738 -75.23 -34.24 108.67
N ALA G 739 -76.35 -34.67 109.24
CA ALA G 739 -77.49 -35.22 108.52
C ALA G 739 -78.73 -34.49 108.99
N PRO G 740 -79.84 -34.60 108.24
CA PRO G 740 -81.08 -33.95 108.68
C PRO G 740 -81.47 -34.40 110.08
N GLU G 741 -81.93 -33.44 110.88
CA GLU G 741 -82.38 -33.56 112.27
C GLU G 741 -81.21 -33.69 113.25
N ASP G 742 -79.96 -33.59 112.79
CA ASP G 742 -78.84 -33.63 113.71
C ASP G 742 -78.68 -32.29 114.43
N VAL G 743 -78.20 -32.35 115.67
CA VAL G 743 -78.04 -31.18 116.53
C VAL G 743 -76.60 -31.13 117.02
N VAL G 744 -75.95 -29.99 116.82
CA VAL G 744 -74.58 -29.75 117.24
C VAL G 744 -74.55 -28.55 118.17
N SER G 745 -73.92 -28.73 119.32
CA SER G 745 -73.83 -27.68 120.33
C SER G 745 -72.37 -27.30 120.54
N CYS G 746 -72.09 -26.00 120.63
CA CYS G 746 -70.73 -25.49 120.73
C CYS G 746 -70.50 -24.87 122.09
N CYS G 747 -69.30 -25.02 122.62
CA CYS G 747 -68.92 -24.50 123.93
C CYS G 747 -67.56 -23.83 123.80
N LEU G 748 -67.44 -22.62 124.34
CA LEU G 748 -66.18 -21.89 124.31
C LEU G 748 -65.98 -21.19 125.65
N ASP G 749 -64.90 -21.55 126.34
CA ASP G 749 -64.52 -20.91 127.60
C ASP G 749 -63.25 -20.11 127.37
N LEU G 750 -63.37 -18.78 127.41
CA LEU G 750 -62.24 -17.94 127.06
C LEU G 750 -61.17 -17.95 128.15
N SER G 751 -61.53 -18.43 129.35
CA SER G 751 -60.58 -18.40 130.46
C SER G 751 -59.41 -19.34 130.24
N VAL G 752 -59.67 -20.55 129.72
CA VAL G 752 -58.61 -21.55 129.60
C VAL G 752 -57.50 -21.11 128.67
N PRO G 753 -57.75 -20.69 127.41
CA PRO G 753 -58.97 -20.72 126.59
C PRO G 753 -59.19 -22.11 125.97
N SER G 754 -60.45 -22.50 125.78
CA SER G 754 -60.77 -23.83 125.29
C SER G 754 -62.07 -23.81 124.50
N ILE G 755 -62.19 -24.74 123.56
CA ILE G 755 -63.40 -24.97 122.78
C ILE G 755 -63.73 -26.45 122.80
N SER G 756 -65.02 -26.77 122.87
CA SER G 756 -65.50 -28.14 122.85
C SER G 756 -66.84 -28.18 122.12
N PHE G 757 -67.26 -29.40 121.77
CA PHE G 757 -68.47 -29.58 120.99
C PHE G 757 -69.21 -30.83 121.47
N ARG G 758 -70.52 -30.87 121.21
CA ARG G 758 -71.33 -32.04 121.48
C ARG G 758 -72.30 -32.26 120.32
N ILE G 759 -72.64 -33.52 120.08
CA ILE G 759 -73.48 -33.91 118.95
C ILE G 759 -74.73 -34.61 119.48
N ASN G 760 -75.89 -34.06 119.14
CA ASN G 760 -77.19 -34.65 119.52
C ASN G 760 -77.26 -34.95 121.01
N GLY G 761 -76.62 -34.11 121.82
CA GLY G 761 -76.53 -34.35 123.24
C GLY G 761 -75.42 -35.28 123.66
N CYS G 762 -74.67 -35.86 122.72
CA CYS G 762 -73.54 -36.71 123.03
C CYS G 762 -72.26 -35.91 122.91
N PRO G 763 -71.38 -35.96 123.90
CA PRO G 763 -70.17 -35.13 123.87
C PRO G 763 -69.23 -35.52 122.75
N VAL G 764 -68.56 -34.52 122.19
CA VAL G 764 -67.49 -34.72 121.22
C VAL G 764 -66.17 -34.39 121.92
N GLN G 765 -65.25 -35.35 121.92
CA GLN G 765 -63.98 -35.23 122.62
C GLN G 765 -62.92 -34.57 121.71
N GLY G 766 -63.20 -33.31 121.40
CA GLY G 766 -62.25 -32.49 120.65
C GLY G 766 -62.10 -31.13 121.30
N VAL G 767 -60.85 -30.73 121.52
CA VAL G 767 -60.53 -29.53 122.29
C VAL G 767 -59.57 -28.65 121.51
N PHE G 768 -59.92 -27.37 121.38
CA PHE G 768 -58.98 -26.31 121.03
C PHE G 768 -58.46 -25.70 122.32
N GLU G 769 -57.19 -25.30 122.33
CA GLU G 769 -56.63 -24.62 123.48
C GLU G 769 -55.56 -23.63 123.03
N ALA G 770 -55.26 -22.68 123.91
CA ALA G 770 -54.18 -21.72 123.71
C ALA G 770 -54.37 -20.88 122.45
N PHE G 771 -55.60 -20.79 121.96
CA PHE G 771 -55.86 -19.94 120.81
C PHE G 771 -55.87 -18.48 121.23
N ASN G 772 -55.36 -17.62 120.35
CA ASN G 772 -55.17 -16.22 120.67
C ASN G 772 -56.50 -15.52 120.90
N LEU G 773 -56.49 -14.52 121.78
CA LEU G 773 -57.65 -13.72 122.11
C LEU G 773 -57.60 -12.34 121.48
N ASP G 774 -57.17 -12.25 120.21
CA ASP G 774 -56.92 -10.94 119.60
C ASP G 774 -58.17 -10.08 119.57
N GLY G 775 -59.33 -10.66 119.25
CA GLY G 775 -60.55 -9.89 119.11
C GLY G 775 -61.76 -10.67 119.58
N LEU G 776 -62.92 -10.08 119.31
CA LEU G 776 -64.19 -10.66 119.74
C LEU G 776 -64.47 -11.95 118.97
N PHE G 777 -65.26 -12.82 119.58
CA PHE G 777 -65.68 -14.08 118.97
C PHE G 777 -67.16 -14.04 118.68
N PHE G 778 -67.56 -14.63 117.57
CA PHE G 778 -68.97 -14.74 117.20
C PHE G 778 -69.27 -16.12 116.66
N PRO G 779 -70.45 -16.67 116.92
CA PRO G 779 -70.85 -17.90 116.24
C PRO G 779 -71.09 -17.63 114.77
N VAL G 780 -70.79 -18.61 113.92
CA VAL G 780 -70.92 -18.46 112.49
C VAL G 780 -71.12 -19.81 111.83
N VAL G 781 -71.96 -19.83 110.79
CA VAL G 781 -72.20 -21.03 110.01
C VAL G 781 -71.88 -20.73 108.55
N SER G 782 -71.05 -21.59 107.96
CA SER G 782 -70.63 -21.48 106.55
C SER G 782 -71.19 -22.66 105.78
N PHE G 783 -72.13 -22.38 104.88
CA PHE G 783 -72.87 -23.44 104.21
C PHE G 783 -72.58 -23.40 102.71
N SER G 784 -72.67 -24.57 102.08
CA SER G 784 -72.85 -24.62 100.64
C SER G 784 -74.35 -24.68 100.32
N ALA G 785 -74.66 -24.67 99.03
CA ALA G 785 -76.04 -24.59 98.60
C ALA G 785 -76.80 -25.88 98.90
N GLY G 786 -78.12 -25.78 98.95
CA GLY G 786 -78.99 -26.93 99.12
C GLY G 786 -79.24 -27.36 100.54
N VAL G 787 -79.12 -26.46 101.52
CA VAL G 787 -79.26 -26.80 102.92
C VAL G 787 -80.19 -25.81 103.63
N LYS G 788 -80.86 -26.29 104.67
CA LYS G 788 -81.65 -25.47 105.58
C LYS G 788 -81.19 -25.78 107.01
N VAL G 789 -80.95 -24.73 107.78
CA VAL G 789 -80.35 -24.86 109.10
C VAL G 789 -81.13 -23.99 110.10
N ARG G 790 -81.38 -24.53 111.29
CA ARG G 790 -82.08 -23.79 112.33
C ARG G 790 -81.11 -23.51 113.48
N PHE G 791 -80.98 -22.24 113.83
CA PHE G 791 -79.99 -21.74 114.77
C PHE G 791 -80.71 -21.35 116.06
N LEU G 792 -80.16 -21.78 117.20
CA LEU G 792 -80.79 -21.64 118.49
C LEU G 792 -79.81 -21.03 119.49
N LEU G 793 -80.24 -19.94 120.13
CA LEU G 793 -79.50 -19.34 121.24
C LEU G 793 -80.18 -19.54 122.58
N GLY G 794 -81.37 -20.14 122.60
CA GLY G 794 -82.09 -20.37 123.84
C GLY G 794 -82.84 -19.14 124.31
N GLY G 795 -83.70 -19.36 125.30
CA GLY G 795 -84.44 -18.25 125.87
C GLY G 795 -85.36 -17.60 124.87
N ARG G 796 -85.13 -16.32 124.61
CA ARG G 796 -85.95 -15.58 123.66
C ARG G 796 -85.86 -16.18 122.26
N HIS G 797 -84.67 -16.62 121.86
CA HIS G 797 -84.42 -17.12 120.51
C HIS G 797 -84.11 -18.61 120.59
N GLY G 798 -85.12 -19.44 120.34
CA GLY G 798 -84.95 -20.87 120.34
C GLY G 798 -84.82 -21.45 121.74
N GLU G 799 -84.36 -22.70 121.78
CA GLU G 799 -84.16 -23.40 123.04
C GLU G 799 -82.87 -24.20 122.97
N PHE G 800 -82.62 -24.98 124.02
CA PHE G 800 -81.52 -25.92 124.09
C PHE G 800 -82.11 -27.29 124.35
N LYS G 801 -82.17 -28.13 123.30
CA LYS G 801 -82.96 -29.35 123.40
C LYS G 801 -82.32 -30.36 124.34
N PHE G 802 -81.09 -30.09 124.77
CA PHE G 802 -80.49 -30.74 125.94
C PHE G 802 -79.96 -29.65 126.86
N LEU G 803 -79.82 -29.97 128.14
CA LEU G 803 -79.44 -28.99 129.13
C LEU G 803 -78.06 -28.41 128.83
N PRO G 804 -77.88 -27.10 128.97
CA PRO G 804 -76.59 -26.50 128.60
C PRO G 804 -75.50 -26.97 129.52
N PRO G 805 -74.25 -26.89 129.09
CA PRO G 805 -73.13 -27.32 129.95
C PRO G 805 -73.11 -26.54 131.24
N PRO G 806 -72.75 -27.18 132.35
CA PRO G 806 -72.73 -26.47 133.63
C PRO G 806 -71.78 -25.28 133.60
N GLY G 807 -72.21 -24.18 134.19
CA GLY G 807 -71.42 -22.97 134.21
C GLY G 807 -71.43 -22.17 132.92
N TYR G 808 -72.23 -22.57 131.94
CA TYR G 808 -72.29 -21.90 130.64
C TYR G 808 -73.62 -21.18 130.52
N ALA G 809 -73.56 -19.86 130.34
CA ALA G 809 -74.77 -19.06 130.20
C ALA G 809 -75.34 -19.19 128.80
N PRO G 810 -76.64 -18.99 128.62
CA PRO G 810 -77.22 -18.96 127.27
C PRO G 810 -76.59 -17.84 126.44
N CYS G 811 -76.40 -18.14 125.16
CA CYS G 811 -75.56 -17.28 124.32
C CYS G 811 -76.27 -15.98 123.97
N HIS G 812 -77.60 -16.00 123.85
CA HIS G 812 -78.33 -14.80 123.46
C HIS G 812 -78.29 -13.74 124.54
N GLU G 813 -77.86 -14.12 125.75
CA GLU G 813 -77.76 -13.15 126.84
C GLU G 813 -76.62 -12.16 126.59
N ALA G 814 -75.78 -12.45 125.59
CA ALA G 814 -74.65 -11.57 125.29
C ALA G 814 -75.06 -10.37 124.46
N VAL G 815 -76.33 -10.34 124.03
CA VAL G 815 -76.78 -9.28 123.13
C VAL G 815 -76.69 -7.92 123.84
N LEU G 816 -76.24 -6.91 123.09
CA LEU G 816 -76.09 -5.58 123.64
C LEU G 816 -77.44 -4.86 123.67
N PRO G 817 -77.61 -3.88 124.56
CA PRO G 817 -78.92 -3.21 124.66
C PRO G 817 -79.25 -2.34 123.47
N ARG G 818 -78.24 -1.69 122.87
CA ARG G 818 -78.50 -0.76 121.78
C ARG G 818 -79.07 -1.46 120.56
N GLU G 819 -78.45 -2.56 120.13
CA GLU G 819 -78.74 -3.18 118.84
C GLU G 819 -79.71 -4.33 119.01
N ARG G 820 -80.73 -4.37 118.15
CA ARG G 820 -81.66 -5.49 118.10
C ARG G 820 -81.01 -6.65 117.36
N LEU G 821 -81.43 -7.87 117.71
CA LEU G 821 -80.78 -9.06 117.18
C LEU G 821 -81.01 -9.19 115.68
N ARG G 822 -79.92 -9.40 114.95
CA ARG G 822 -79.94 -9.53 113.50
C ARG G 822 -78.99 -10.65 113.11
N LEU G 823 -79.32 -11.35 112.03
CA LEU G 823 -78.44 -12.35 111.43
C LEU G 823 -77.95 -11.81 110.10
N GLU G 824 -76.64 -11.63 109.99
CA GLU G 824 -76.07 -10.89 108.87
C GLU G 824 -74.97 -11.71 108.19
N PRO G 825 -74.77 -11.54 106.89
CA PRO G 825 -73.57 -12.10 106.26
C PRO G 825 -72.33 -11.38 106.74
N ILE G 826 -71.20 -12.08 106.68
CA ILE G 826 -69.94 -11.54 107.19
C ILE G 826 -69.29 -10.65 106.14
N LYS G 827 -69.16 -9.37 106.46
CA LYS G 827 -68.36 -8.41 105.68
C LYS G 827 -68.78 -8.40 104.22
N GLU G 828 -70.07 -8.61 103.97
CA GLU G 828 -70.57 -8.60 102.61
C GLU G 828 -70.56 -7.18 102.07
N TYR G 829 -70.03 -7.01 100.85
CA TYR G 829 -69.87 -5.68 100.30
C TYR G 829 -70.98 -5.34 99.31
N ARG G 830 -71.57 -6.36 98.69
CA ARG G 830 -72.64 -6.18 97.71
C ARG G 830 -73.90 -6.83 98.26
N ARG G 831 -74.90 -6.00 98.55
CA ARG G 831 -76.15 -6.45 99.18
C ARG G 831 -77.30 -6.23 98.20
N GLU G 832 -78.12 -7.27 98.02
CA GLU G 832 -79.29 -7.12 97.16
C GLU G 832 -80.47 -6.61 97.98
N GLY G 833 -81.33 -5.82 97.33
CA GLY G 833 -82.57 -5.40 97.92
C GLY G 833 -83.58 -5.03 96.86
N PRO G 834 -84.84 -4.87 97.26
CA PRO G 834 -85.86 -4.45 96.27
C PRO G 834 -85.53 -3.12 95.63
N ARG G 835 -84.86 -2.23 96.36
CA ARG G 835 -84.50 -0.93 95.81
C ARG G 835 -83.23 -1.02 94.97
N GLY G 836 -82.57 -2.18 94.94
CA GLY G 836 -81.50 -2.41 94.01
C GLY G 836 -80.35 -3.25 94.54
N PRO G 837 -79.42 -3.61 93.65
CA PRO G 837 -78.13 -4.15 94.11
C PRO G 837 -77.21 -3.01 94.54
N HIS G 838 -76.91 -2.98 95.84
CA HIS G 838 -76.23 -1.84 96.45
C HIS G 838 -74.85 -2.25 96.94
N LEU G 839 -73.85 -1.44 96.60
CA LEU G 839 -72.51 -1.62 97.13
C LEU G 839 -72.43 -1.03 98.54
N VAL G 840 -71.71 -1.72 99.42
CA VAL G 840 -71.57 -1.33 100.82
C VAL G 840 -70.09 -1.20 101.14
N GLY G 841 -69.73 -0.12 101.83
CA GLY G 841 -68.37 0.11 102.23
C GLY G 841 -67.98 -0.77 103.41
N PRO G 842 -66.74 -0.63 103.88
CA PRO G 842 -66.28 -1.44 104.99
C PRO G 842 -67.10 -1.19 106.25
N SER G 843 -67.57 -2.28 106.87
CA SER G 843 -68.31 -2.17 108.11
C SER G 843 -67.36 -1.88 109.27
N ARG G 844 -67.89 -1.20 110.28
CA ARG G 844 -67.15 -0.88 111.50
C ARG G 844 -67.66 -1.78 112.62
N CYS G 845 -66.72 -2.44 113.30
CA CYS G 845 -67.05 -3.40 114.35
C CYS G 845 -66.45 -2.94 115.67
N LEU G 846 -67.08 -3.38 116.76
CA LEU G 846 -66.60 -3.03 118.09
C LEU G 846 -65.33 -3.82 118.42
N SER G 847 -64.72 -3.48 119.55
CA SER G 847 -63.48 -4.09 119.98
C SER G 847 -63.54 -4.44 121.46
N HIS G 848 -62.71 -5.40 121.85
CA HIS G 848 -62.59 -5.75 123.26
C HIS G 848 -62.12 -4.54 124.07
N THR G 849 -61.17 -3.78 123.53
CA THR G 849 -60.75 -2.55 124.18
C THR G 849 -61.90 -1.56 124.27
N ASP G 850 -62.79 -1.57 123.29
CA ASP G 850 -63.98 -0.72 123.36
C ASP G 850 -64.88 -1.14 124.53
N PHE G 851 -65.08 -2.45 124.70
CA PHE G 851 -65.86 -2.92 125.85
C PHE G 851 -65.15 -2.62 127.17
N VAL G 852 -63.82 -2.50 127.13
CA VAL G 852 -63.10 -2.14 128.36
C VAL G 852 -63.51 -0.75 128.81
N PRO G 853 -63.89 -0.55 130.07
CA PRO G 853 -64.17 0.81 130.54
C PRO G 853 -62.89 1.61 130.70
N CYS G 854 -63.02 2.93 130.68
CA CYS G 854 -61.89 3.85 130.75
C CYS G 854 -62.14 4.90 131.82
N PRO G 855 -61.96 4.54 133.10
CA PRO G 855 -62.02 5.56 134.15
C PRO G 855 -60.81 6.48 134.09
N VAL G 856 -61.01 7.71 134.60
CA VAL G 856 -59.91 8.67 134.62
C VAL G 856 -58.88 8.22 135.66
N ASP G 857 -57.63 8.61 135.44
CA ASP G 857 -56.59 8.32 136.42
C ASP G 857 -56.87 9.01 137.74
N THR G 858 -56.54 8.33 138.84
CA THR G 858 -56.72 8.86 140.19
C THR G 858 -55.48 8.65 141.05
N VAL G 859 -54.30 8.54 140.44
CA VAL G 859 -53.08 8.34 141.23
C VAL G 859 -52.81 9.56 142.09
N GLN G 860 -53.14 10.75 141.60
CA GLN G 860 -53.04 11.98 142.37
C GLN G 860 -54.45 12.49 142.62
N ILE G 861 -54.76 12.80 143.88
CA ILE G 861 -56.04 13.37 144.27
C ILE G 861 -55.76 14.58 145.16
N VAL G 862 -56.23 15.75 144.75
CA VAL G 862 -55.99 16.99 145.45
C VAL G 862 -57.33 17.53 145.93
N LEU G 863 -57.42 17.83 147.23
CA LEU G 863 -58.64 18.36 147.83
C LEU G 863 -58.33 19.70 148.49
N PRO G 864 -58.41 20.81 147.75
CA PRO G 864 -58.24 22.13 148.37
C PRO G 864 -59.33 22.39 149.39
N PRO G 865 -59.17 23.40 150.26
CA PRO G 865 -60.16 23.60 151.33
C PRO G 865 -61.55 23.97 150.81
N HIS G 866 -61.65 24.93 149.90
CA HIS G 866 -62.95 25.28 149.36
C HIS G 866 -63.53 24.15 148.51
N LEU G 867 -62.66 23.38 147.86
CA LEU G 867 -63.13 22.15 147.20
C LEU G 867 -63.75 21.19 148.21
N GLU G 868 -63.15 21.07 149.40
CA GLU G 868 -63.72 20.16 150.41
C GLU G 868 -65.04 20.69 150.96
N ARG G 869 -65.14 22.00 151.15
CA ARG G 869 -66.39 22.58 151.63
C ARG G 869 -67.52 22.36 150.61
N ILE G 870 -67.27 22.72 149.35
CA ILE G 870 -68.28 22.48 148.32
C ILE G 870 -68.49 20.99 148.15
N ARG G 871 -67.46 20.18 148.44
CA ARG G 871 -67.60 18.73 148.39
C ARG G 871 -68.67 18.24 149.35
N GLU G 872 -68.55 18.57 150.63
CA GLU G 872 -69.56 18.11 151.58
C GLU G 872 -70.92 18.74 151.30
N LYS G 873 -70.95 20.03 151.01
CA LYS G 873 -72.24 20.71 150.87
C LYS G 873 -72.97 20.27 149.60
N LEU G 874 -72.25 20.21 148.47
CA LEU G 874 -72.83 19.75 147.22
C LEU G 874 -73.18 18.28 147.28
N ALA G 875 -72.43 17.48 148.04
CA ALA G 875 -72.82 16.09 148.21
C ALA G 875 -74.16 15.99 148.93
N GLU G 876 -74.34 16.76 150.00
CA GLU G 876 -75.64 16.77 150.68
C GLU G 876 -76.74 17.27 149.75
N ASN G 877 -76.43 18.28 148.93
CA ASN G 877 -77.46 18.87 148.07
C ASN G 877 -77.84 17.92 146.93
N ILE G 878 -76.87 17.23 146.34
CA ILE G 878 -77.21 16.28 145.29
C ILE G 878 -77.89 15.05 145.89
N HIS G 879 -77.65 14.79 147.18
CA HIS G 879 -78.37 13.69 147.82
C HIS G 879 -79.83 14.08 148.07
N GLU G 880 -80.08 15.35 148.40
CA GLU G 880 -81.48 15.76 148.52
C GLU G 880 -82.13 15.92 147.15
N LEU G 881 -81.32 16.16 146.11
CA LEU G 881 -81.84 16.05 144.74
C LEU G 881 -82.21 14.61 144.42
N TRP G 882 -81.43 13.65 144.92
CA TRP G 882 -81.84 12.24 144.82
C TRP G 882 -83.13 12.01 145.59
N ALA G 883 -83.32 12.72 146.69
CA ALA G 883 -84.61 12.67 147.38
C ALA G 883 -85.73 13.18 146.49
N LEU G 884 -85.48 14.27 145.77
CA LEU G 884 -86.43 14.71 144.75
C LEU G 884 -86.71 13.61 143.74
N THR G 885 -85.66 12.91 143.29
CA THR G 885 -85.87 11.85 142.31
C THR G 885 -86.73 10.72 142.87
N ARG G 886 -86.49 10.32 144.12
CA ARG G 886 -87.24 9.19 144.67
C ARG G 886 -88.69 9.59 144.94
N ILE G 887 -88.94 10.85 145.32
CA ILE G 887 -90.33 11.26 145.46
C ILE G 887 -90.99 11.41 144.09
N GLU G 888 -90.19 11.65 143.05
CA GLU G 888 -90.73 11.58 141.70
C GLU G 888 -91.16 10.17 141.33
N GLN G 889 -90.30 9.18 141.58
CA GLN G 889 -90.72 7.79 141.34
C GLN G 889 -91.85 7.39 142.29
N GLY G 890 -92.03 8.14 143.37
CA GLY G 890 -93.15 7.92 144.26
C GLY G 890 -92.98 6.82 145.28
N TRP G 891 -91.77 6.29 145.43
CA TRP G 891 -91.53 5.29 146.47
C TRP G 891 -91.81 5.89 147.84
N THR G 892 -92.30 5.05 148.75
CA THR G 892 -92.73 5.52 150.06
C THR G 892 -91.87 4.89 151.15
N TYR G 893 -92.13 5.31 152.38
CA TYR G 893 -91.41 4.75 153.53
C TYR G 893 -91.95 3.37 153.86
N GLY G 894 -91.10 2.36 153.73
CA GLY G 894 -91.52 0.99 153.93
C GLY G 894 -90.42 0.08 154.44
N PRO G 895 -90.80 -1.11 154.89
CA PRO G 895 -89.79 -2.03 155.45
C PRO G 895 -88.69 -2.44 154.47
N VAL G 896 -89.03 -2.60 153.19
CA VAL G 896 -88.11 -3.13 152.19
C VAL G 896 -88.12 -2.23 150.97
N ARG G 897 -86.94 -1.95 150.43
CA ARG G 897 -86.79 -1.15 149.22
C ARG G 897 -86.88 -2.07 148.01
N ASP G 898 -87.82 -1.76 147.11
CA ASP G 898 -88.01 -2.53 145.89
C ASP G 898 -88.73 -1.67 144.86
N ASP G 899 -88.45 -1.94 143.59
CA ASP G 899 -89.06 -1.16 142.52
C ASP G 899 -90.58 -1.37 142.47
N ASN G 900 -91.02 -2.63 142.54
CA ASN G 900 -92.44 -2.92 142.37
C ASN G 900 -93.26 -2.51 143.59
N LYS G 901 -92.76 -2.81 144.79
CA LYS G 901 -93.54 -2.52 145.99
C LYS G 901 -93.69 -1.01 146.22
N ARG G 902 -92.76 -0.22 145.68
CA ARG G 902 -92.83 1.25 145.74
C ARG G 902 -92.70 1.72 147.19
N LEU G 903 -91.96 0.95 147.99
CA LEU G 903 -91.64 1.30 149.37
C LEU G 903 -90.13 1.33 149.52
N HIS G 904 -89.63 2.17 150.42
CA HIS G 904 -88.19 2.43 150.53
C HIS G 904 -87.89 2.88 151.95
N PRO G 905 -87.07 2.14 152.71
CA PRO G 905 -86.93 2.46 154.14
C PRO G 905 -86.17 3.75 154.42
N CYS G 906 -85.00 3.93 153.81
CA CYS G 906 -84.21 5.13 154.09
C CYS G 906 -84.87 6.36 153.50
N LEU G 907 -85.84 6.17 152.62
CA LEU G 907 -86.58 7.27 152.01
C LEU G 907 -87.34 8.05 153.07
N VAL G 908 -86.92 9.31 153.26
CA VAL G 908 -87.51 10.25 154.22
C VAL G 908 -86.64 11.51 154.28
N ASN G 909 -85.33 11.35 154.44
CA ASN G 909 -84.42 12.46 154.56
C ASN G 909 -83.04 12.03 154.11
N PHE G 910 -82.30 12.97 153.48
CA PHE G 910 -80.97 12.65 153.00
C PHE G 910 -80.01 12.40 154.16
N HIS G 911 -80.17 13.14 155.27
CA HIS G 911 -79.42 12.83 156.48
C HIS G 911 -79.88 11.51 157.09
N SER G 912 -81.19 11.26 157.11
CA SER G 912 -81.71 10.06 157.74
C SER G 912 -81.29 8.80 156.99
N LEU G 913 -80.97 8.94 155.71
CA LEU G 913 -80.46 7.81 154.95
C LEU G 913 -79.15 7.33 155.56
N PRO G 914 -78.92 6.01 155.65
CA PRO G 914 -77.76 5.52 156.40
C PRO G 914 -76.44 6.02 155.84
N GLU G 915 -75.50 6.29 156.76
CA GLU G 915 -74.22 6.86 156.38
C GLU G 915 -73.40 6.01 155.41
N PRO G 916 -73.31 4.68 155.52
CA PRO G 916 -72.53 3.94 154.49
C PRO G 916 -73.03 4.18 153.07
N GLU G 917 -74.35 4.20 152.87
CA GLU G 917 -74.88 4.63 151.58
C GLU G 917 -74.55 6.10 151.33
N ARG G 918 -74.68 6.93 152.36
CA ARG G 918 -74.19 8.29 152.26
C ARG G 918 -72.68 8.32 152.02
N ASN G 919 -71.96 7.31 152.53
CA ASN G 919 -70.52 7.25 152.26
C ASN G 919 -70.24 7.03 150.77
N TYR G 920 -71.00 6.12 150.15
CA TYR G 920 -70.86 5.94 148.70
C TYR G 920 -71.25 7.21 147.95
N ASN G 921 -72.32 7.88 148.39
CA ASN G 921 -72.71 9.13 147.75
C ASN G 921 -71.64 10.20 147.90
N LEU G 922 -71.03 10.29 149.08
CA LEU G 922 -69.95 11.25 149.31
C LEU G 922 -68.76 10.95 148.42
N GLN G 923 -68.39 9.68 148.30
CA GLN G 923 -67.21 9.35 147.52
C GLN G 923 -67.46 9.55 146.02
N MET G 924 -68.70 9.32 145.55
CA MET G 924 -69.04 9.67 144.18
C MET G 924 -69.01 11.18 143.95
N SER G 925 -69.49 11.95 144.93
CA SER G 925 -69.45 13.40 144.76
C SER G 925 -68.02 13.91 144.70
N GLY G 926 -67.16 13.35 145.55
CA GLY G 926 -65.75 13.67 145.47
C GLY G 926 -65.14 13.27 144.14
N GLU G 927 -65.56 12.13 143.61
CA GLU G 927 -65.07 11.70 142.31
C GLU G 927 -65.56 12.64 141.20
N THR G 928 -66.79 13.13 141.30
CA THR G 928 -67.29 14.10 140.32
C THR G 928 -66.47 15.39 140.36
N LEU G 929 -66.17 15.88 141.56
CA LEU G 929 -65.35 17.10 141.64
C LEU G 929 -63.93 16.86 141.15
N LYS G 930 -63.36 15.69 141.50
CA LYS G 930 -62.01 15.38 141.03
C LYS G 930 -61.99 15.22 139.51
N THR G 931 -63.07 14.73 138.93
CA THR G 931 -63.15 14.63 137.47
C THR G 931 -63.33 16.01 136.85
N LEU G 932 -64.02 16.92 137.54
CA LEU G 932 -64.01 18.32 137.14
C LEU G 932 -62.58 18.84 137.03
N LEU G 933 -61.79 18.63 138.09
CA LEU G 933 -60.40 19.09 138.07
C LEU G 933 -59.60 18.41 136.97
N ALA G 934 -59.81 17.10 136.78
CA ALA G 934 -59.07 16.36 135.76
C ALA G 934 -59.41 16.85 134.35
N LEU G 935 -60.69 17.06 134.07
CA LEU G 935 -61.09 17.65 132.80
C LEU G 935 -60.48 19.03 132.62
N GLY G 936 -60.37 19.79 133.70
CA GLY G 936 -59.71 21.07 133.63
C GLY G 936 -60.59 22.28 133.85
N CYS G 937 -61.90 22.08 134.02
CA CYS G 937 -62.74 23.20 134.39
C CYS G 937 -62.41 23.64 135.80
N HIS G 938 -61.66 24.74 135.88
CA HIS G 938 -61.15 25.27 137.14
C HIS G 938 -62.34 25.79 137.95
N VAL G 939 -62.25 25.74 139.27
CA VAL G 939 -63.38 26.11 140.11
C VAL G 939 -62.96 27.23 141.05
N GLY G 940 -63.69 28.35 140.98
CA GLY G 940 -63.30 29.51 141.76
C GLY G 940 -64.49 30.33 142.24
N MET G 941 -64.26 31.06 143.32
CA MET G 941 -65.31 31.88 143.92
C MET G 941 -65.80 32.94 142.96
N ALA G 942 -67.13 33.09 142.87
CA ALA G 942 -67.71 34.24 142.19
C ALA G 942 -68.25 35.25 143.18
N ASP G 943 -69.10 34.81 144.10
CA ASP G 943 -69.63 35.68 145.15
C ASP G 943 -69.67 34.92 146.48
N GLU G 944 -68.97 35.47 147.47
CA GLU G 944 -68.97 34.87 148.80
C GLU G 944 -70.38 34.86 149.39
N LYS G 945 -71.14 35.93 149.16
CA LYS G 945 -72.53 35.96 149.62
C LYS G 945 -73.34 34.87 148.95
N ALA G 946 -73.12 34.64 147.65
CA ALA G 946 -73.81 33.58 146.94
C ALA G 946 -73.47 32.21 147.52
N GLU G 947 -72.20 32.00 147.86
CA GLU G 947 -71.82 30.74 148.50
C GLU G 947 -72.47 30.58 149.88
N ASP G 948 -72.51 31.66 150.67
CA ASP G 948 -73.04 31.55 152.01
C ASP G 948 -74.55 31.34 152.02
N ASN G 949 -75.27 32.09 151.20
CA ASN G 949 -76.73 32.07 151.22
C ASN G 949 -77.26 31.62 149.87
N LEU G 950 -78.19 30.65 149.89
CA LEU G 950 -78.86 30.16 148.71
C LEU G 950 -80.35 30.04 149.00
N LYS G 951 -81.18 30.51 148.05
CA LYS G 951 -82.62 30.39 148.20
C LYS G 951 -83.03 28.92 148.16
N LYS G 952 -84.02 28.56 148.97
CA LYS G 952 -84.42 27.17 149.16
C LYS G 952 -85.87 26.99 148.75
N THR G 953 -86.10 26.21 147.70
CA THR G 953 -87.45 25.81 147.33
C THR G 953 -87.97 24.75 148.30
N LYS G 954 -89.29 24.65 148.40
CA LYS G 954 -89.94 23.62 149.19
C LYS G 954 -90.59 22.62 148.25
N LEU G 955 -90.48 21.33 148.56
CA LEU G 955 -91.06 20.31 147.71
C LEU G 955 -92.58 20.46 147.66
N PRO G 956 -93.17 20.37 146.47
CA PRO G 956 -94.62 20.60 146.36
C PRO G 956 -95.43 19.56 147.12
N LYS G 957 -96.59 19.97 147.61
CA LYS G 957 -97.50 19.03 148.27
C LYS G 957 -98.05 18.02 147.27
N THR G 958 -98.11 18.39 145.98
CA THR G 958 -98.58 17.46 144.96
C THR G 958 -97.67 16.25 144.86
N TYR G 959 -96.36 16.45 144.91
CA TYR G 959 -95.42 15.34 144.96
C TYR G 959 -95.60 14.61 146.29
N MET G 960 -95.73 13.28 146.20
CA MET G 960 -96.27 12.49 147.29
C MET G 960 -95.20 11.57 147.89
N MET G 961 -95.23 11.45 149.22
CA MET G 961 -94.41 10.52 149.96
C MET G 961 -95.09 10.24 151.29
N SER G 962 -95.03 8.99 151.74
CA SER G 962 -95.80 8.58 152.92
C SER G 962 -95.37 9.33 154.17
N ASN G 963 -94.09 9.70 154.26
CA ASN G 963 -93.60 10.39 155.45
C ASN G 963 -94.18 11.79 155.57
N GLY G 964 -94.12 12.57 154.49
CA GLY G 964 -94.50 13.97 154.52
C GLY G 964 -93.39 14.92 154.90
N TYR G 965 -92.24 14.41 155.33
CA TYR G 965 -91.08 15.22 155.68
C TYR G 965 -90.20 15.34 154.45
N LYS G 966 -90.44 16.39 153.65
CA LYS G 966 -89.80 16.56 152.36
C LYS G 966 -88.63 17.52 152.48
N PRO G 967 -87.41 17.11 152.12
CA PRO G 967 -86.27 18.03 152.18
C PRO G 967 -86.44 19.16 151.17
N ALA G 968 -85.89 20.32 151.52
CA ALA G 968 -86.07 21.51 150.69
C ALA G 968 -85.10 21.51 149.52
N PRO G 969 -85.59 21.52 148.28
CA PRO G 969 -84.69 21.62 147.13
C PRO G 969 -84.17 23.03 146.92
N LEU G 970 -83.14 23.13 146.09
CA LEU G 970 -82.65 24.44 145.64
C LEU G 970 -83.51 24.94 144.49
N ASP G 971 -83.48 26.25 144.24
CA ASP G 971 -84.30 26.84 143.18
C ASP G 971 -83.48 26.88 141.89
N LEU G 972 -83.40 25.71 141.24
CA LEU G 972 -82.68 25.61 139.97
C LEU G 972 -83.31 26.52 138.93
N SER G 973 -84.56 26.92 139.15
CA SER G 973 -85.19 27.92 138.29
C SER G 973 -84.49 29.27 138.43
N HIS G 974 -84.17 29.68 139.66
CA HIS G 974 -83.44 30.94 139.81
C HIS G 974 -82.00 30.78 139.37
N VAL G 975 -81.51 29.54 139.30
CA VAL G 975 -80.18 29.32 138.77
C VAL G 975 -80.21 29.24 137.25
N ARG G 976 -79.06 29.49 136.61
CA ARG G 976 -78.91 29.44 135.17
C ARG G 976 -77.82 28.45 134.76
N LEU G 977 -77.54 28.38 133.46
CA LEU G 977 -76.74 27.30 132.87
C LEU G 977 -75.85 27.84 131.76
N THR G 978 -74.78 27.10 131.46
CA THR G 978 -73.95 27.42 130.31
C THR G 978 -73.62 26.13 129.53
N PRO G 979 -73.57 26.20 128.19
CA PRO G 979 -73.56 24.94 127.40
C PRO G 979 -72.25 24.17 127.42
N ALA G 980 -71.11 24.86 127.37
CA ALA G 980 -69.82 24.16 127.35
C ALA G 980 -69.65 23.30 128.59
N GLN G 981 -70.09 23.79 129.74
CA GLN G 981 -70.09 22.98 130.94
C GLN G 981 -71.02 21.79 130.81
N THR G 982 -72.16 21.96 130.12
CA THR G 982 -73.04 20.82 129.89
C THR G 982 -72.32 19.73 129.12
N THR G 983 -71.61 20.09 128.04
CA THR G 983 -70.88 19.08 127.27
C THR G 983 -69.79 18.43 128.12
N LEU G 984 -69.04 19.25 128.87
CA LEU G 984 -67.96 18.71 129.70
C LEU G 984 -68.49 17.75 130.74
N VAL G 985 -69.63 18.06 131.36
CA VAL G 985 -70.17 17.19 132.41
C VAL G 985 -70.91 16.01 131.79
N ASP G 986 -71.29 16.11 130.51
CA ASP G 986 -71.73 14.92 129.80
C ASP G 986 -70.59 13.92 129.67
N ARG G 987 -69.42 14.40 129.23
CA ARG G 987 -68.26 13.52 129.20
C ARG G 987 -67.91 13.04 130.61
N LEU G 988 -68.16 13.89 131.61
CA LEU G 988 -67.89 13.51 133.00
C LEU G 988 -68.80 12.38 133.44
N ALA G 989 -70.07 12.39 133.03
CA ALA G 989 -70.95 11.27 133.35
C ALA G 989 -70.52 10.01 132.63
N GLU G 990 -70.06 10.15 131.38
CA GLU G 990 -69.45 9.00 130.71
C GLU G 990 -68.33 8.43 131.56
N ASN G 991 -67.45 9.30 132.05
CA ASN G 991 -66.33 8.89 132.90
C ASN G 991 -66.81 8.26 134.20
N GLY G 992 -67.83 8.84 134.82
CA GLY G 992 -68.32 8.32 136.09
C GLY G 992 -68.99 6.96 135.95
N HIS G 993 -69.75 6.78 134.87
CA HIS G 993 -70.32 5.46 134.60
C HIS G 993 -69.23 4.45 134.29
N ASN G 994 -68.16 4.89 133.64
CA ASN G 994 -67.01 4.01 133.44
C ASN G 994 -66.37 3.64 134.78
N VAL G 995 -66.31 4.60 135.72
CA VAL G 995 -65.79 4.32 137.05
C VAL G 995 -66.68 3.31 137.77
N TRP G 996 -68.00 3.47 137.66
CA TRP G 996 -68.92 2.54 138.28
C TRP G 996 -68.77 1.14 137.67
N ALA G 997 -68.58 1.06 136.36
CA ALA G 997 -68.32 -0.23 135.72
C ALA G 997 -67.00 -0.82 136.18
N ARG G 998 -65.99 0.03 136.37
CA ARG G 998 -64.71 -0.39 136.92
C ARG G 998 -64.94 -1.06 138.28
N ASP G 999 -65.73 -0.40 139.12
CA ASP G 999 -66.07 -0.94 140.44
C ASP G 999 -66.83 -2.25 140.35
N ARG G 1000 -67.80 -2.33 139.42
CA ARG G 1000 -68.57 -3.55 139.28
C ARG G 1000 -67.70 -4.71 138.82
N VAL G 1001 -66.78 -4.46 137.90
CA VAL G 1001 -65.83 -5.49 137.49
C VAL G 1001 -64.95 -5.90 138.66
N ALA G 1002 -64.58 -4.94 139.51
CA ALA G 1002 -63.84 -5.28 140.72
C ALA G 1002 -64.66 -6.21 141.62
N GLN G 1003 -65.96 -5.95 141.75
CA GLN G 1003 -66.83 -6.86 142.49
C GLN G 1003 -66.98 -8.19 141.77
N GLY G 1004 -66.67 -8.22 140.47
CA GLY G 1004 -66.85 -9.40 139.66
C GLY G 1004 -68.11 -9.41 138.83
N TRP G 1005 -68.85 -8.31 138.79
CA TRP G 1005 -70.08 -8.24 138.01
C TRP G 1005 -69.77 -8.33 136.52
N SER G 1006 -70.73 -8.82 135.74
CA SER G 1006 -70.55 -8.99 134.31
C SER G 1006 -71.82 -8.56 133.58
N TYR G 1007 -71.69 -8.34 132.28
CA TYR G 1007 -72.83 -7.93 131.47
C TYR G 1007 -73.75 -9.12 131.19
N SER G 1008 -75.03 -8.81 130.99
CA SER G 1008 -76.04 -9.80 130.63
C SER G 1008 -77.22 -9.11 129.97
N ALA G 1009 -78.10 -9.91 129.38
CA ALA G 1009 -79.35 -9.37 128.85
C ALA G 1009 -80.37 -9.15 129.97
N VAL G 1010 -80.30 -9.96 131.03
CA VAL G 1010 -81.23 -9.88 132.14
C VAL G 1010 -80.44 -9.74 133.44
N GLN G 1011 -80.94 -8.89 134.32
CA GLN G 1011 -80.27 -8.54 135.57
C GLN G 1011 -80.60 -9.57 136.64
N ASP G 1012 -79.57 -10.27 137.13
CA ASP G 1012 -79.66 -11.12 138.30
C ASP G 1012 -78.55 -10.78 139.26
N ILE G 1013 -78.90 -10.56 140.53
CA ILE G 1013 -77.92 -10.12 141.52
C ILE G 1013 -76.98 -11.24 141.93
N PRO G 1014 -77.45 -12.40 142.41
CA PRO G 1014 -76.49 -13.43 142.87
C PRO G 1014 -75.56 -13.93 141.78
N ALA G 1015 -76.04 -14.05 140.55
CA ALA G 1015 -75.15 -14.41 139.44
C ALA G 1015 -74.28 -13.24 139.04
N ARG G 1016 -74.58 -12.04 139.56
CA ARG G 1016 -73.82 -10.83 139.26
C ARG G 1016 -73.79 -10.55 137.76
N ARG G 1017 -74.97 -10.54 137.14
CA ARG G 1017 -75.09 -10.29 135.71
C ARG G 1017 -76.09 -9.14 135.53
N ASN G 1018 -75.74 -8.18 134.67
CA ASN G 1018 -76.52 -6.95 134.60
C ASN G 1018 -76.51 -6.38 133.18
N PRO G 1019 -77.64 -5.93 132.65
CA PRO G 1019 -77.58 -5.07 131.45
C PRO G 1019 -76.93 -3.73 131.72
N ARG G 1020 -76.95 -3.28 132.98
CA ARG G 1020 -76.33 -2.01 133.33
C ARG G 1020 -74.83 -2.00 133.04
N LEU G 1021 -74.16 -3.14 133.24
CA LEU G 1021 -72.71 -3.20 133.11
C LEU G 1021 -72.38 -3.13 131.61
N VAL G 1022 -72.38 -1.91 131.10
CA VAL G 1022 -72.10 -1.63 129.69
C VAL G 1022 -71.49 -0.24 129.59
N PRO G 1023 -70.55 -0.06 128.66
CA PRO G 1023 -69.95 1.27 128.48
C PRO G 1023 -70.99 2.33 128.16
N TYR G 1024 -70.72 3.56 128.59
CA TYR G 1024 -71.69 4.64 128.47
C TYR G 1024 -72.07 4.89 127.01
N ARG G 1025 -71.09 4.96 126.10
CA ARG G 1025 -71.42 5.10 124.70
C ARG G 1025 -72.11 3.85 124.17
N LEU G 1026 -71.84 2.70 124.78
CA LEU G 1026 -72.56 1.48 124.43
C LEU G 1026 -73.89 1.40 125.17
N LEU G 1027 -74.06 2.21 126.21
CA LEU G 1027 -75.30 2.23 126.97
C LEU G 1027 -76.45 2.75 126.12
N ASP G 1028 -77.66 2.30 126.44
CA ASP G 1028 -78.83 2.67 125.64
C ASP G 1028 -79.08 4.18 125.71
N GLU G 1029 -79.60 4.71 124.61
CA GLU G 1029 -79.73 6.16 124.46
C GLU G 1029 -80.73 6.74 125.44
N ALA G 1030 -81.78 5.98 125.79
CA ALA G 1030 -82.75 6.49 126.76
C ALA G 1030 -82.12 6.68 128.13
N THR G 1031 -81.36 5.69 128.59
CA THR G 1031 -80.66 5.82 129.86
C THR G 1031 -79.62 6.93 129.79
N LYS G 1032 -78.94 7.05 128.65
CA LYS G 1032 -78.00 8.16 128.48
C LYS G 1032 -78.71 9.51 128.62
N ARG G 1033 -79.88 9.65 128.01
CA ARG G 1033 -80.62 10.90 128.11
C ARG G 1033 -81.04 11.18 129.54
N SER G 1034 -81.45 10.14 130.27
CA SER G 1034 -81.79 10.33 131.68
C SER G 1034 -80.58 10.79 132.48
N ASN G 1035 -79.40 10.20 132.21
CA ASN G 1035 -78.20 10.63 132.91
C ASN G 1035 -77.83 12.07 132.56
N ARG G 1036 -77.98 12.47 131.30
CA ARG G 1036 -77.72 13.87 130.95
C ARG G 1036 -78.73 14.82 131.59
N ASP G 1037 -79.97 14.36 131.79
CA ASP G 1037 -80.91 15.19 132.56
C ASP G 1037 -80.43 15.38 133.99
N SER G 1038 -79.99 14.28 134.62
CA SER G 1038 -79.40 14.40 135.96
C SER G 1038 -78.19 15.32 135.95
N LEU G 1039 -77.41 15.27 134.86
CA LEU G 1039 -76.25 16.15 134.71
C LEU G 1039 -76.65 17.61 134.64
N CYS G 1040 -77.71 17.91 133.87
CA CYS G 1040 -78.20 19.27 133.80
C CYS G 1040 -78.62 19.76 135.17
N GLN G 1041 -79.32 18.90 135.93
CA GLN G 1041 -79.70 19.27 137.29
C GLN G 1041 -78.47 19.53 138.16
N ALA G 1042 -77.46 18.66 138.06
CA ALA G 1042 -76.27 18.80 138.89
C ALA G 1042 -75.47 20.06 138.54
N VAL G 1043 -75.34 20.36 137.25
CA VAL G 1043 -74.61 21.55 136.84
C VAL G 1043 -75.37 22.81 137.23
N ARG G 1044 -76.70 22.76 137.14
CA ARG G 1044 -77.50 23.87 137.61
C ARG G 1044 -77.30 24.07 139.11
N THR G 1045 -77.21 22.96 139.86
CA THR G 1045 -76.91 23.04 141.28
C THR G 1045 -75.53 23.65 141.52
N LEU G 1046 -74.55 23.31 140.69
CA LEU G 1046 -73.22 23.90 140.81
C LEU G 1046 -73.28 25.41 140.62
N LEU G 1047 -73.96 25.86 139.57
CA LEU G 1047 -74.10 27.30 139.34
C LEU G 1047 -74.89 27.96 140.47
N GLY G 1048 -75.80 27.21 141.10
CA GLY G 1048 -76.51 27.74 142.25
C GLY G 1048 -75.60 27.95 143.44
N TYR G 1049 -74.70 26.99 143.68
CA TYR G 1049 -73.65 27.22 144.68
C TYR G 1049 -72.70 28.33 144.25
N GLY G 1050 -72.70 28.66 142.96
CA GLY G 1050 -72.10 29.89 142.50
C GLY G 1050 -70.62 29.83 142.20
N TYR G 1051 -69.97 28.70 142.41
CA TYR G 1051 -68.58 28.58 141.98
C TYR G 1051 -68.49 28.71 140.47
N ASN G 1052 -67.89 29.81 140.04
CA ASN G 1052 -67.56 29.93 138.62
C ASN G 1052 -66.74 28.71 138.21
N ILE G 1053 -67.33 27.92 137.31
CA ILE G 1053 -66.71 26.74 136.75
C ILE G 1053 -66.15 27.11 135.38
N GLU G 1054 -64.80 27.17 135.31
CA GLU G 1054 -63.92 27.78 134.33
C GLU G 1054 -63.54 26.75 133.27
N PRO G 1055 -64.14 26.81 132.07
CA PRO G 1055 -64.00 25.69 131.11
C PRO G 1055 -62.64 25.68 130.42
N PRO G 1056 -61.94 24.55 130.40
CA PRO G 1056 -60.62 24.52 129.77
C PRO G 1056 -60.71 24.67 128.27
N ASP G 1057 -59.60 25.13 127.68
CA ASP G 1057 -59.53 25.23 126.23
C ASP G 1057 -59.77 23.87 125.58
N GLN G 1058 -60.49 23.89 124.47
CA GLN G 1058 -60.89 22.65 123.82
C GLN G 1058 -59.69 21.97 123.16
N GLU G 1059 -59.74 20.65 123.08
CA GLU G 1059 -58.68 19.86 122.48
C GLU G 1059 -59.27 18.87 121.49
N PRO G 1060 -58.77 18.82 120.26
CA PRO G 1060 -59.34 17.90 119.27
C PRO G 1060 -58.89 16.47 119.53
N SER G 1061 -59.63 15.52 118.93
CA SER G 1061 -59.31 14.11 119.02
C SER G 1061 -59.77 13.42 117.74
N GLN G 1062 -59.16 12.28 117.43
CA GLN G 1062 -59.48 11.50 116.24
C GLN G 1062 -59.44 10.03 116.60
N VAL G 1063 -60.08 9.19 115.78
CA VAL G 1063 -60.30 7.80 116.17
C VAL G 1063 -59.19 6.89 115.63
N GLU G 1064 -58.72 7.16 114.41
CA GLU G 1064 -57.74 6.33 113.71
C GLU G 1064 -58.00 4.83 113.90
N ASN G 1065 -59.28 4.44 113.85
CA ASN G 1065 -59.64 3.04 114.09
C ASN G 1065 -59.14 2.14 112.96
N GLN G 1066 -59.19 2.62 111.73
CA GLN G 1066 -58.89 1.81 110.55
C GLN G 1066 -57.91 2.54 109.63
N SER G 1067 -57.02 1.77 109.00
CA SER G 1067 -56.16 2.29 107.95
C SER G 1067 -56.91 2.32 106.62
N ARG G 1068 -56.36 3.09 105.67
CA ARG G 1068 -57.07 3.36 104.42
C ARG G 1068 -57.52 2.08 103.73
N TRP G 1069 -56.72 1.01 103.86
CA TRP G 1069 -57.04 -0.25 103.18
C TRP G 1069 -58.33 -0.87 103.73
N ASP G 1070 -58.42 -1.02 105.05
CA ASP G 1070 -59.62 -1.57 105.67
C ASP G 1070 -60.74 -0.53 105.67
N ARG G 1071 -60.40 0.70 105.27
CA ARG G 1071 -61.10 1.88 105.74
C ARG G 1071 -61.92 2.47 104.58
N VAL G 1072 -61.45 2.23 103.34
CA VAL G 1072 -62.18 2.50 102.11
C VAL G 1072 -61.97 1.32 101.16
N ARG G 1073 -62.98 1.02 100.34
CA ARG G 1073 -62.85 0.00 99.29
C ARG G 1073 -63.25 0.59 97.94
N ILE G 1074 -62.42 0.34 96.93
CA ILE G 1074 -62.53 0.99 95.62
C ILE G 1074 -63.18 0.01 94.64
N PHE G 1075 -64.13 0.52 93.86
CA PHE G 1075 -64.83 -0.27 92.85
C PHE G 1075 -64.69 0.40 91.49
N ARG G 1076 -64.17 -0.32 90.51
CA ARG G 1076 -63.91 0.21 89.18
C ARG G 1076 -64.51 -0.70 88.12
N ALA G 1077 -64.45 -0.25 86.86
CA ALA G 1077 -64.97 -1.06 85.77
C ALA G 1077 -63.93 -2.09 85.32
N GLU G 1078 -64.37 -3.05 84.51
CA GLU G 1078 -63.45 -4.03 83.95
C GLU G 1078 -62.53 -3.38 82.92
N LYS G 1079 -61.34 -3.97 82.76
CA LYS G 1079 -60.39 -3.51 81.76
C LYS G 1079 -60.95 -3.66 80.35
N SER G 1080 -61.75 -4.70 80.13
CA SER G 1080 -62.35 -4.93 78.81
C SER G 1080 -63.31 -3.81 78.44
N TYR G 1081 -64.04 -3.27 79.42
CA TYR G 1081 -64.99 -2.21 79.15
C TYR G 1081 -64.33 -0.84 79.03
N THR G 1082 -63.00 -0.79 78.92
CA THR G 1082 -62.30 0.47 78.81
C THR G 1082 -62.71 1.20 77.53
N VAL G 1083 -62.92 2.51 77.65
CA VAL G 1083 -63.34 3.35 76.53
C VAL G 1083 -62.24 4.38 76.28
N GLN G 1084 -61.96 4.64 75.01
CA GLN G 1084 -60.88 5.54 74.63
C GLN G 1084 -61.37 6.88 74.10
N SER G 1085 -62.60 6.94 73.58
CA SER G 1085 -63.15 8.17 73.03
C SER G 1085 -64.66 8.10 73.04
N GLY G 1086 -65.30 9.26 72.89
CA GLY G 1086 -66.73 9.31 72.75
C GLY G 1086 -67.45 9.89 73.96
N ARG G 1087 -68.74 9.62 73.99
CA ARG G 1087 -69.68 10.19 74.95
C ARG G 1087 -70.24 9.09 75.85
N TRP G 1088 -70.24 9.32 77.16
CA TRP G 1088 -70.55 8.28 78.11
C TRP G 1088 -71.24 8.85 79.35
N TYR G 1089 -72.19 8.07 79.86
CA TYR G 1089 -73.03 8.42 81.01
C TYR G 1089 -72.85 7.33 82.08
N PHE G 1090 -72.98 7.72 83.35
CA PHE G 1090 -73.36 6.74 84.36
C PHE G 1090 -73.99 7.41 85.57
N GLU G 1091 -75.05 6.79 86.11
CA GLU G 1091 -75.83 7.33 87.21
C GLU G 1091 -75.45 6.61 88.49
N PHE G 1092 -75.62 7.27 89.62
CA PHE G 1092 -75.26 6.67 90.89
C PHE G 1092 -76.00 7.38 92.02
N GLU G 1093 -76.74 6.61 92.81
CA GLU G 1093 -77.51 7.12 93.93
C GLU G 1093 -76.78 6.82 95.24
N ALA G 1094 -76.69 7.82 96.11
CA ALA G 1094 -76.03 7.63 97.39
C ALA G 1094 -77.07 7.45 98.48
N VAL G 1095 -77.09 6.28 99.12
CA VAL G 1095 -78.07 6.00 100.16
C VAL G 1095 -77.81 6.87 101.39
N THR G 1096 -76.54 7.09 101.70
CA THR G 1096 -76.15 7.90 102.85
C THR G 1096 -75.42 9.15 102.37
N THR G 1097 -75.19 10.06 103.31
CA THR G 1097 -74.50 11.31 102.98
C THR G 1097 -72.99 11.15 103.14
N GLY G 1098 -72.52 9.95 103.49
CA GLY G 1098 -71.12 9.76 103.78
C GLY G 1098 -70.25 9.84 102.54
N GLU G 1099 -68.93 9.76 102.76
CA GLU G 1099 -67.97 9.94 101.69
C GLU G 1099 -68.10 8.82 100.66
N MET G 1100 -68.20 9.22 99.39
CA MET G 1100 -68.48 8.26 98.34
C MET G 1100 -68.17 8.93 97.00
N ARG G 1101 -67.25 8.33 96.25
CA ARG G 1101 -66.63 8.95 95.09
C ARG G 1101 -67.18 8.36 93.81
N VAL G 1102 -67.47 9.22 92.84
CA VAL G 1102 -67.82 8.82 91.48
C VAL G 1102 -66.88 9.53 90.51
N GLY G 1103 -66.39 8.80 89.51
CA GLY G 1103 -65.49 9.43 88.56
C GLY G 1103 -65.15 8.56 87.38
N TRP G 1104 -64.27 9.10 86.53
CA TRP G 1104 -63.71 8.38 85.39
C TRP G 1104 -62.22 8.23 85.63
N ALA G 1105 -61.71 6.99 85.55
CA ALA G 1105 -60.40 6.67 86.06
C ALA G 1105 -59.56 5.93 85.03
N ARG G 1106 -58.24 6.07 85.18
CA ARG G 1106 -57.30 5.37 84.32
C ARG G 1106 -57.25 3.88 84.66
N PRO G 1107 -57.06 3.02 83.65
CA PRO G 1107 -56.97 1.58 83.92
C PRO G 1107 -55.78 1.18 84.79
N GLU G 1108 -54.71 1.98 84.79
CA GLU G 1108 -53.47 1.55 85.43
C GLU G 1108 -53.40 1.94 86.91
N LEU G 1109 -54.48 2.46 87.49
CA LEU G 1109 -54.42 2.97 88.85
C LEU G 1109 -54.08 1.86 89.83
N ARG G 1110 -53.25 2.19 90.82
CA ARG G 1110 -52.97 1.23 91.88
C ARG G 1110 -54.15 1.17 92.84
N PRO G 1111 -54.67 -0.03 93.13
CA PRO G 1111 -55.80 -0.11 94.07
C PRO G 1111 -55.46 0.42 95.45
N ASP G 1112 -54.21 0.29 95.89
CA ASP G 1112 -53.85 0.73 97.23
C ASP G 1112 -53.94 2.24 97.36
N VAL G 1113 -53.59 2.96 96.30
CA VAL G 1113 -53.63 4.42 96.36
C VAL G 1113 -55.06 4.89 96.58
N GLU G 1114 -55.25 5.70 97.62
CA GLU G 1114 -56.56 6.25 97.91
C GLU G 1114 -57.03 7.11 96.74
N LEU G 1115 -58.30 6.95 96.38
CA LEU G 1115 -58.82 7.46 95.12
C LEU G 1115 -58.77 8.98 95.08
N GLY G 1116 -58.24 9.52 93.97
CA GLY G 1116 -58.17 10.96 93.77
C GLY G 1116 -56.83 11.59 94.05
N ALA G 1117 -55.94 10.93 94.81
CA ALA G 1117 -54.66 11.52 95.13
C ALA G 1117 -53.70 11.46 93.96
N ASP G 1118 -53.93 10.56 93.02
CA ASP G 1118 -53.00 10.33 91.93
C ASP G 1118 -53.49 10.96 90.63
N GLU G 1119 -52.57 11.06 89.66
CA GLU G 1119 -52.91 11.55 88.33
C GLU G 1119 -53.76 10.56 87.56
N LEU G 1120 -54.13 9.44 88.18
CA LEU G 1120 -54.78 8.36 87.44
C LEU G 1120 -56.30 8.42 87.59
N ALA G 1121 -56.81 9.21 88.53
CA ALA G 1121 -58.23 9.25 88.84
C ALA G 1121 -58.79 10.66 88.72
N TYR G 1122 -59.93 10.79 88.05
CA TYR G 1122 -60.73 12.01 88.05
C TYR G 1122 -62.05 11.70 88.74
N VAL G 1123 -62.15 12.07 90.02
CA VAL G 1123 -63.28 11.65 90.84
C VAL G 1123 -63.80 12.83 91.66
N PHE G 1124 -65.03 12.66 92.15
CA PHE G 1124 -65.70 13.64 93.01
C PHE G 1124 -66.38 12.91 94.16
N ASN G 1125 -66.30 13.49 95.36
CA ASN G 1125 -66.83 12.90 96.58
C ASN G 1125 -67.84 13.88 97.19
N GLY G 1126 -68.98 13.36 97.62
CA GLY G 1126 -70.08 14.23 98.00
C GLY G 1126 -69.99 14.74 99.43
N HIS G 1127 -69.65 13.85 100.37
CA HIS G 1127 -69.74 14.22 101.79
C HIS G 1127 -68.98 15.50 102.08
N ARG G 1128 -67.85 15.70 101.42
CA ARG G 1128 -67.16 16.98 101.50
C ARG G 1128 -67.84 18.02 100.62
N GLY G 1129 -68.34 17.61 99.46
CA GLY G 1129 -68.84 18.53 98.46
C GLY G 1129 -67.81 19.46 97.90
N GLN G 1130 -66.56 19.03 97.78
CA GLN G 1130 -65.42 19.88 97.48
C GLN G 1130 -64.38 19.07 96.73
N ARG G 1131 -64.41 19.10 95.40
CA ARG G 1131 -63.78 18.07 94.59
C ARG G 1131 -62.27 18.20 94.74
N TRP G 1132 -61.53 17.15 94.42
CA TRP G 1132 -60.07 17.19 94.53
C TRP G 1132 -59.43 16.16 93.61
N HIS G 1133 -58.44 16.61 92.86
CA HIS G 1133 -57.49 15.76 92.16
C HIS G 1133 -56.10 16.20 92.58
N LEU G 1134 -55.40 15.36 93.34
CA LEU G 1134 -54.11 15.76 93.89
C LEU G 1134 -54.15 17.24 94.22
N GLY G 1135 -55.08 17.62 95.10
CA GLY G 1135 -55.35 19.00 95.43
C GLY G 1135 -56.83 19.32 95.28
N SER G 1136 -57.30 20.14 96.21
CA SER G 1136 -58.73 20.31 96.43
C SER G 1136 -59.19 21.69 95.96
N GLU G 1137 -60.36 21.72 95.34
CA GLU G 1137 -61.06 22.90 94.88
C GLU G 1137 -62.55 22.71 95.06
N PRO G 1138 -63.25 23.69 95.61
CA PRO G 1138 -64.68 23.51 95.89
C PRO G 1138 -65.50 23.27 94.63
N PHE G 1139 -66.51 22.42 94.75
CA PHE G 1139 -67.35 22.04 93.63
C PHE G 1139 -68.75 21.68 94.11
N GLY G 1140 -69.72 22.48 93.68
CA GLY G 1140 -71.12 22.13 93.92
C GLY G 1140 -71.46 22.09 95.40
N ARG G 1141 -72.36 21.17 95.75
CA ARG G 1141 -72.87 21.01 97.10
C ARG G 1141 -72.70 19.56 97.54
N PRO G 1142 -72.41 19.32 98.81
CA PRO G 1142 -72.51 17.96 99.34
C PRO G 1142 -73.93 17.46 99.24
N TRP G 1143 -74.09 16.21 98.80
CA TRP G 1143 -75.43 15.66 98.77
C TRP G 1143 -75.90 15.25 100.16
N GLN G 1144 -77.14 14.75 100.20
CA GLN G 1144 -77.74 14.20 101.40
C GLN G 1144 -78.28 12.82 101.07
N SER G 1145 -78.96 12.21 102.04
CA SER G 1145 -79.51 10.88 101.85
C SER G 1145 -80.57 10.90 100.75
N GLY G 1146 -80.54 9.87 99.89
CA GLY G 1146 -81.48 9.75 98.80
C GLY G 1146 -81.13 10.53 97.55
N ASP G 1147 -79.99 11.20 97.51
CA ASP G 1147 -79.62 11.98 96.35
C ASP G 1147 -79.02 11.09 95.26
N VAL G 1148 -79.09 11.58 94.02
CA VAL G 1148 -78.60 10.86 92.85
C VAL G 1148 -77.72 11.80 92.05
N VAL G 1149 -76.58 11.29 91.57
CA VAL G 1149 -75.61 12.05 90.81
C VAL G 1149 -75.36 11.35 89.48
N GLY G 1150 -75.41 12.11 88.40
CA GLY G 1150 -75.06 11.64 87.07
C GLY G 1150 -73.69 12.16 86.67
N CYS G 1151 -72.92 11.32 85.99
CA CYS G 1151 -71.57 11.66 85.59
C CYS G 1151 -71.44 11.55 84.07
N MET G 1152 -70.88 12.60 83.46
CA MET G 1152 -70.77 12.78 82.03
C MET G 1152 -69.29 12.73 81.68
N ILE G 1153 -68.94 12.02 80.60
CA ILE G 1153 -67.62 12.19 80.01
C ILE G 1153 -67.77 12.28 78.49
N ASP G 1154 -67.10 13.25 77.89
CA ASP G 1154 -67.08 13.41 76.44
C ASP G 1154 -65.64 13.66 76.02
N LEU G 1155 -64.97 12.59 75.57
CA LEU G 1155 -63.57 12.68 75.20
C LEU G 1155 -63.36 13.66 74.06
N THR G 1156 -64.32 13.72 73.13
CA THR G 1156 -64.25 14.72 72.07
C THR G 1156 -64.34 16.13 72.64
N GLU G 1157 -65.29 16.36 73.54
CA GLU G 1157 -65.32 17.63 74.28
C GLU G 1157 -64.16 17.69 75.27
N ASN G 1158 -63.69 16.52 75.72
CA ASN G 1158 -62.48 16.39 76.53
C ASN G 1158 -62.66 17.02 77.91
N THR G 1159 -63.84 16.84 78.49
CA THR G 1159 -64.13 17.30 79.84
C THR G 1159 -64.95 16.25 80.57
N ILE G 1160 -65.16 16.47 81.86
CA ILE G 1160 -65.98 15.62 82.72
C ILE G 1160 -66.98 16.49 83.44
N ILE G 1161 -68.25 16.10 83.42
CA ILE G 1161 -69.34 16.90 83.96
C ILE G 1161 -70.03 16.09 85.06
N PHE G 1162 -70.54 16.78 86.08
CA PHE G 1162 -71.23 16.13 87.19
C PHE G 1162 -72.53 16.87 87.47
N THR G 1163 -73.61 16.10 87.67
CA THR G 1163 -74.93 16.66 87.97
C THR G 1163 -75.44 16.02 89.26
N LEU G 1164 -76.03 16.85 90.13
CA LEU G 1164 -76.60 16.39 91.38
C LEU G 1164 -78.11 16.55 91.34
N ASN G 1165 -78.83 15.47 91.60
CA ASN G 1165 -80.30 15.44 91.56
C ASN G 1165 -80.84 15.94 90.21
N GLY G 1166 -80.14 15.59 89.13
CA GLY G 1166 -80.51 16.05 87.82
C GLY G 1166 -80.06 17.45 87.46
N GLU G 1167 -79.35 18.13 88.35
CA GLU G 1167 -78.89 19.49 88.13
C GLU G 1167 -77.37 19.54 88.21
N VAL G 1168 -76.75 20.21 87.24
CA VAL G 1168 -75.29 20.26 87.17
C VAL G 1168 -74.72 21.01 88.37
N LEU G 1169 -73.73 20.41 89.02
CA LEU G 1169 -73.02 21.10 90.09
C LEU G 1169 -72.28 22.31 89.52
N MET G 1170 -72.43 23.44 90.18
CA MET G 1170 -71.84 24.70 89.73
C MET G 1170 -70.54 24.95 90.49
N SER G 1171 -69.45 25.09 89.76
CA SER G 1171 -68.18 25.44 90.37
C SER G 1171 -68.21 26.89 90.83
N ASP G 1172 -67.31 27.21 91.78
CA ASP G 1172 -67.20 28.57 92.31
C ASP G 1172 -66.35 29.42 91.34
N SER G 1173 -66.77 29.39 90.08
CA SER G 1173 -66.10 30.10 89.01
C SER G 1173 -67.03 30.15 87.82
N GLY G 1174 -66.52 30.69 86.70
CA GLY G 1174 -67.32 30.76 85.50
C GLY G 1174 -67.56 29.41 84.86
N SER G 1175 -66.70 28.44 85.16
CA SER G 1175 -66.79 27.12 84.54
C SER G 1175 -68.02 26.37 85.01
N GLU G 1176 -68.65 25.64 84.10
CA GLU G 1176 -69.79 24.78 84.40
C GLU G 1176 -69.39 23.36 84.73
N THR G 1177 -68.31 22.85 84.13
CA THR G 1177 -67.88 21.47 84.30
C THR G 1177 -66.77 21.39 85.33
N ALA G 1178 -66.66 20.24 86.00
CA ALA G 1178 -65.67 20.08 87.06
C ALA G 1178 -64.25 20.09 86.50
N PHE G 1179 -64.02 19.41 85.39
CA PHE G 1179 -62.68 19.20 84.86
C PHE G 1179 -62.60 19.79 83.46
N ARG G 1180 -61.50 20.48 83.17
CA ARG G 1180 -61.32 21.18 81.92
C ARG G 1180 -59.92 20.94 81.35
N GLU G 1181 -59.83 20.92 80.02
CA GLU G 1181 -58.58 20.69 79.30
C GLU G 1181 -57.83 19.47 79.83
N ILE G 1182 -58.57 18.40 80.14
CA ILE G 1182 -57.91 17.14 80.50
C ILE G 1182 -57.36 16.46 79.25
N GLU G 1183 -56.57 15.42 79.47
CA GLU G 1183 -55.95 14.67 78.38
C GLU G 1183 -56.76 13.42 78.10
N ILE G 1184 -56.77 12.98 76.84
CA ILE G 1184 -57.47 11.75 76.47
C ILE G 1184 -56.80 10.55 77.13
N GLY G 1185 -55.47 10.48 77.03
CA GLY G 1185 -54.76 9.35 77.61
C GLY G 1185 -55.08 8.06 76.89
N ASP G 1186 -54.86 6.94 77.59
CA ASP G 1186 -55.19 5.64 77.02
C ASP G 1186 -56.69 5.36 77.13
N GLY G 1187 -57.39 6.13 77.95
CA GLY G 1187 -58.81 5.95 78.12
C GLY G 1187 -59.22 6.23 79.54
N PHE G 1188 -60.51 5.99 79.81
CA PHE G 1188 -61.11 6.22 81.11
C PHE G 1188 -61.99 5.05 81.49
N LEU G 1189 -62.11 4.81 82.80
CA LEU G 1189 -62.96 3.78 83.35
C LEU G 1189 -63.88 4.38 84.41
N PRO G 1190 -65.18 4.12 84.35
CA PRO G 1190 -66.06 4.54 85.45
C PRO G 1190 -65.64 3.86 86.74
N VAL G 1191 -65.53 4.65 87.81
CA VAL G 1191 -65.03 4.18 89.09
C VAL G 1191 -65.91 4.76 90.20
N CYS G 1192 -66.17 3.93 91.20
CA CYS G 1192 -66.97 4.29 92.36
C CYS G 1192 -66.29 3.79 93.63
N SER G 1193 -66.10 4.69 94.58
CA SER G 1193 -65.47 4.38 95.86
C SER G 1193 -66.46 4.65 96.97
N LEU G 1194 -66.36 3.91 98.07
CA LEU G 1194 -67.28 4.03 99.19
C LEU G 1194 -66.49 4.11 100.48
N GLY G 1195 -66.89 5.02 101.37
CA GLY G 1195 -66.27 5.13 102.67
C GLY G 1195 -66.73 4.01 103.57
N PRO G 1196 -66.24 4.03 104.82
CA PRO G 1196 -66.57 2.94 105.74
C PRO G 1196 -68.01 3.05 106.22
N GLY G 1197 -68.82 2.05 105.86
CA GLY G 1197 -70.21 2.03 106.30
C GLY G 1197 -71.16 2.89 105.49
N GLN G 1198 -70.90 3.11 104.21
CA GLN G 1198 -71.76 3.90 103.34
C GLN G 1198 -72.26 3.03 102.20
N VAL G 1199 -73.48 3.33 101.73
CA VAL G 1199 -74.18 2.49 100.75
C VAL G 1199 -74.40 3.29 99.47
N GLY G 1200 -74.09 2.66 98.33
CA GLY G 1200 -74.31 3.29 97.04
C GLY G 1200 -75.01 2.38 96.04
N HIS G 1201 -75.64 2.98 95.04
CA HIS G 1201 -76.27 2.26 93.94
C HIS G 1201 -75.69 2.78 92.63
N LEU G 1202 -75.18 1.87 91.80
CA LEU G 1202 -74.52 2.24 90.56
C LEU G 1202 -75.32 1.72 89.38
N ASN G 1203 -75.55 2.58 88.40
CA ASN G 1203 -76.24 2.22 87.18
C ASN G 1203 -75.43 2.69 85.98
N LEU G 1204 -75.16 1.76 85.06
CA LEU G 1204 -74.42 2.05 83.85
C LEU G 1204 -75.31 2.08 82.61
N GLY G 1205 -76.50 1.50 82.67
CA GLY G 1205 -77.40 1.52 81.54
C GLY G 1205 -78.03 0.19 81.17
N GLN G 1206 -77.95 -0.82 82.04
CA GLN G 1206 -78.57 -2.10 81.73
C GLN G 1206 -80.07 -1.95 81.46
N ASP G 1207 -80.77 -1.21 82.32
CA ASP G 1207 -82.19 -0.96 82.16
C ASP G 1207 -82.40 0.49 81.75
N VAL G 1208 -83.15 0.70 80.67
CA VAL G 1208 -83.34 2.06 80.14
C VAL G 1208 -84.11 2.92 81.12
N SER G 1209 -85.06 2.32 81.85
CA SER G 1209 -85.90 3.11 82.75
C SER G 1209 -85.14 3.50 84.01
N SER G 1210 -84.10 2.76 84.37
CA SER G 1210 -83.35 3.05 85.59
C SER G 1210 -82.69 4.42 85.52
N LEU G 1211 -82.28 4.84 84.33
CA LEU G 1211 -81.63 6.14 84.12
C LEU G 1211 -82.68 7.25 84.20
N ARG G 1212 -83.20 7.46 85.41
CA ARG G 1212 -84.28 8.42 85.60
C ARG G 1212 -83.78 9.86 85.40
N PHE G 1213 -82.64 10.21 86.01
CA PHE G 1213 -82.15 11.57 85.90
C PHE G 1213 -81.39 11.78 84.60
N PHE G 1214 -81.09 10.69 83.88
CA PHE G 1214 -80.58 10.83 82.52
C PHE G 1214 -81.63 11.44 81.61
N ALA G 1215 -82.91 11.22 81.91
CA ALA G 1215 -83.97 11.89 81.17
C ALA G 1215 -83.90 13.40 81.35
N ILE G 1216 -83.64 13.85 82.58
CA ILE G 1216 -83.54 15.29 82.84
C ILE G 1216 -82.27 15.86 82.21
N CYS G 1217 -81.14 15.21 82.45
CA CYS G 1217 -79.85 15.69 81.97
C CYS G 1217 -79.14 14.57 81.20
N GLY G 1218 -78.64 14.89 80.02
CA GLY G 1218 -77.92 13.92 79.22
C GLY G 1218 -78.60 13.52 77.92
N LEU G 1219 -79.93 13.59 77.85
CA LEU G 1219 -80.59 13.37 76.56
C LEU G 1219 -80.35 14.53 75.62
N GLN G 1220 -80.44 15.76 76.14
CA GLN G 1220 -80.19 16.93 75.30
C GLN G 1220 -78.72 17.00 74.91
N GLU G 1221 -77.82 16.86 75.87
CA GLU G 1221 -76.40 16.69 75.53
C GLU G 1221 -76.20 15.47 74.66
N GLY G 1222 -77.10 14.49 74.76
CA GLY G 1222 -77.02 13.30 73.92
C GLY G 1222 -75.80 12.47 74.19
N PHE G 1223 -75.54 12.14 75.45
CA PHE G 1223 -74.35 11.37 75.78
C PHE G 1223 -74.71 9.90 76.01
N GLU G 1224 -73.91 9.03 75.41
CA GLU G 1224 -74.29 7.64 75.25
C GLU G 1224 -74.21 6.89 76.58
N PRO G 1225 -75.31 6.27 77.02
CA PRO G 1225 -75.27 5.53 78.29
C PRO G 1225 -74.27 4.38 78.24
N PHE G 1226 -73.46 4.27 79.28
CA PHE G 1226 -72.30 3.39 79.25
C PHE G 1226 -72.69 1.94 78.98
N ALA G 1227 -73.90 1.55 79.38
CA ALA G 1227 -74.35 0.17 79.24
C ALA G 1227 -75.68 0.06 78.51
N ILE G 1228 -76.00 1.00 77.61
CA ILE G 1228 -77.31 0.99 76.96
C ILE G 1228 -77.47 -0.27 76.11
N ASN G 1229 -76.39 -0.74 75.48
CA ASN G 1229 -76.42 -1.99 74.72
C ASN G 1229 -75.38 -2.95 75.30
N MET G 1230 -75.75 -3.61 76.39
CA MET G 1230 -75.01 -4.71 76.99
C MET G 1230 -75.92 -5.93 77.06
N GLN G 1231 -75.45 -7.05 76.53
CA GLN G 1231 -76.21 -8.29 76.66
CA GLN G 1231 -76.19 -8.30 76.65
C GLN G 1231 -76.18 -8.80 78.09
N ARG G 1232 -75.10 -8.56 78.80
CA ARG G 1232 -74.85 -9.01 80.15
C ARG G 1232 -74.48 -7.83 81.03
N PRO G 1233 -74.68 -7.93 82.35
CA PRO G 1233 -74.28 -6.84 83.24
C PRO G 1233 -72.78 -6.57 83.16
N VAL G 1234 -72.42 -5.29 83.24
CA VAL G 1234 -71.03 -4.89 83.09
C VAL G 1234 -70.24 -5.34 84.32
N THR G 1235 -69.09 -5.97 84.07
CA THR G 1235 -68.25 -6.44 85.16
C THR G 1235 -67.51 -5.30 85.83
N THR G 1236 -67.60 -5.25 87.15
CA THR G 1236 -66.80 -4.34 87.95
C THR G 1236 -65.84 -5.14 88.83
N TRP G 1237 -64.86 -4.45 89.40
CA TRP G 1237 -63.81 -5.04 90.21
C TRP G 1237 -63.67 -4.26 91.51
N PHE G 1238 -63.50 -5.00 92.60
CA PHE G 1238 -63.40 -4.44 93.94
C PHE G 1238 -61.98 -4.62 94.47
N SER G 1239 -61.55 -3.68 95.29
CA SER G 1239 -60.28 -3.80 95.99
C SER G 1239 -60.39 -4.87 97.07
N LYS G 1240 -59.31 -5.61 97.26
CA LYS G 1240 -59.23 -6.74 98.18
C LYS G 1240 -58.35 -6.32 99.34
N SER G 1241 -58.97 -6.16 100.52
CA SER G 1241 -58.24 -5.72 101.70
C SER G 1241 -57.38 -6.86 102.26
N LEU G 1242 -57.72 -8.10 101.95
CA LEU G 1242 -56.92 -9.22 102.42
C LEU G 1242 -55.53 -9.13 101.80
N PRO G 1243 -54.48 -9.09 102.62
CA PRO G 1243 -53.12 -8.96 102.07
C PRO G 1243 -52.72 -10.20 101.30
N GLN G 1244 -52.29 -9.99 100.05
CA GLN G 1244 -51.91 -11.08 99.16
C GLN G 1244 -50.42 -10.99 98.87
N PHE G 1245 -49.81 -12.14 98.60
CA PHE G 1245 -48.38 -12.20 98.39
C PHE G 1245 -48.03 -11.85 96.94
N GLU G 1246 -47.22 -10.80 96.77
CA GLU G 1246 -46.89 -10.30 95.44
C GLU G 1246 -45.38 -10.14 95.29
N PRO G 1247 -44.86 -10.30 94.08
CA PRO G 1247 -43.42 -10.07 93.86
C PRO G 1247 -43.06 -8.60 94.05
N VAL G 1248 -41.82 -8.36 94.45
CA VAL G 1248 -41.35 -7.00 94.66
C VAL G 1248 -41.21 -6.28 93.32
N PRO G 1249 -41.80 -5.11 93.13
CA PRO G 1249 -41.59 -4.36 91.89
C PRO G 1249 -40.15 -3.92 91.75
N PRO G 1250 -39.52 -4.17 90.60
CA PRO G 1250 -38.09 -3.82 90.45
C PRO G 1250 -37.80 -2.34 90.64
N GLU G 1251 -38.68 -1.45 90.18
CA GLU G 1251 -38.46 -0.02 90.31
C GLU G 1251 -39.27 0.61 91.43
N HIS G 1252 -39.56 -0.12 92.50
CA HIS G 1252 -40.27 0.45 93.62
C HIS G 1252 -39.39 1.51 94.30
N PRO G 1253 -39.86 2.75 94.42
CA PRO G 1253 -38.93 3.84 94.78
C PRO G 1253 -38.31 3.73 96.16
N HIS G 1254 -38.97 3.08 97.11
CA HIS G 1254 -38.50 3.13 98.49
C HIS G 1254 -37.52 2.01 98.79
N TYR G 1255 -37.78 0.80 98.28
CA TYR G 1255 -36.94 -0.35 98.54
C TYR G 1255 -36.28 -0.81 97.25
N GLU G 1256 -35.02 -1.23 97.35
CA GLU G 1256 -34.25 -1.71 96.21
C GLU G 1256 -33.83 -3.15 96.45
N VAL G 1257 -34.04 -4.01 95.46
CA VAL G 1257 -33.69 -5.42 95.55
C VAL G 1257 -32.71 -5.74 94.42
N ALA G 1258 -31.60 -6.37 94.77
CA ALA G 1258 -30.57 -6.73 93.82
C ALA G 1258 -30.06 -8.14 94.10
N ARG G 1259 -29.81 -8.90 93.03
CA ARG G 1259 -29.20 -10.21 93.16
C ARG G 1259 -27.68 -10.11 93.08
N MET G 1260 -27.01 -10.89 93.90
CA MET G 1260 -25.56 -11.04 93.81
C MET G 1260 -25.25 -12.54 93.74
N ASP G 1261 -24.37 -12.89 92.82
CA ASP G 1261 -24.08 -14.28 92.56
C ASP G 1261 -23.07 -14.83 93.56
N GLY G 1262 -23.21 -16.12 93.84
CA GLY G 1262 -22.29 -16.76 94.78
C GLY G 1262 -20.89 -16.85 94.19
N THR G 1263 -19.91 -16.84 95.10
CA THR G 1263 -18.51 -16.90 94.73
C THR G 1263 -17.82 -18.01 95.50
N VAL G 1264 -16.49 -18.01 95.43
CA VAL G 1264 -15.70 -19.02 96.13
C VAL G 1264 -15.84 -18.85 97.63
N ASP G 1265 -15.99 -17.61 98.10
CA ASP G 1265 -16.03 -17.36 99.54
C ASP G 1265 -17.45 -17.33 100.06
N THR G 1266 -18.40 -16.87 99.25
CA THR G 1266 -19.76 -16.64 99.72
C THR G 1266 -20.75 -17.40 98.86
N PRO G 1267 -21.87 -17.84 99.45
CA PRO G 1267 -22.91 -18.49 98.66
C PRO G 1267 -23.73 -17.46 97.90
N PRO G 1268 -24.60 -17.90 96.99
CA PRO G 1268 -25.51 -16.94 96.33
C PRO G 1268 -26.41 -16.25 97.34
N CYS G 1269 -26.73 -14.99 97.05
CA CYS G 1269 -27.49 -14.15 97.97
C CYS G 1269 -28.39 -13.21 97.18
N LEU G 1270 -29.45 -12.76 97.86
CA LEU G 1270 -30.33 -11.72 97.37
C LEU G 1270 -30.18 -10.49 98.27
N ARG G 1271 -29.81 -9.37 97.67
CA ARG G 1271 -29.39 -8.18 98.40
C ARG G 1271 -30.51 -7.14 98.35
N LEU G 1272 -30.90 -6.61 99.51
CA LEU G 1272 -31.92 -5.56 99.55
C LEU G 1272 -31.36 -4.32 100.20
N ALA G 1273 -31.69 -3.16 99.63
CA ALA G 1273 -31.31 -1.86 100.17
C ALA G 1273 -32.53 -0.94 100.15
N HIS G 1274 -32.47 0.12 100.94
CA HIS G 1274 -33.54 1.10 101.04
C HIS G 1274 -33.04 2.41 100.47
N ARG G 1275 -33.54 2.77 99.27
CA ARG G 1275 -32.97 3.90 98.55
C ARG G 1275 -33.21 5.23 99.27
N THR G 1276 -34.45 5.47 99.71
CA THR G 1276 -34.76 6.79 100.28
C THR G 1276 -34.18 6.95 101.67
N TRP G 1277 -33.65 5.88 102.25
CA TRP G 1277 -33.02 5.97 103.57
C TRP G 1277 -31.81 6.89 103.51
N GLY G 1278 -31.65 7.71 104.54
CA GLY G 1278 -30.62 8.72 104.56
C GLY G 1278 -31.03 10.05 103.97
N SER G 1279 -32.25 10.16 103.45
CA SER G 1279 -32.75 11.40 102.85
C SER G 1279 -34.11 11.70 103.47
N GLN G 1280 -34.53 12.96 103.37
CA GLN G 1280 -35.82 13.36 103.90
C GLN G 1280 -36.95 12.70 103.12
N ASN G 1281 -38.16 12.79 103.68
CA ASN G 1281 -39.43 12.20 103.21
C ASN G 1281 -39.32 10.69 103.01
N SER G 1282 -38.30 10.05 103.58
CA SER G 1282 -38.14 8.61 103.45
C SER G 1282 -39.28 7.87 104.14
N LEU G 1283 -39.66 6.73 103.56
CA LEU G 1283 -40.72 5.89 104.09
C LEU G 1283 -40.12 4.62 104.68
N VAL G 1284 -40.37 4.41 105.97
CA VAL G 1284 -39.94 3.20 106.67
C VAL G 1284 -41.17 2.58 107.33
N GLU G 1285 -41.32 1.27 107.16
CA GLU G 1285 -42.47 0.56 107.71
C GLU G 1285 -42.08 -0.89 107.97
N MET G 1286 -42.86 -1.55 108.80
CA MET G 1286 -42.64 -2.96 109.08
C MET G 1286 -42.88 -3.78 107.82
N LEU G 1287 -41.80 -4.27 107.22
CA LEU G 1287 -41.85 -4.92 105.92
C LEU G 1287 -41.68 -6.42 106.07
N PHE G 1288 -42.50 -7.17 105.35
CA PHE G 1288 -42.49 -8.63 105.38
C PHE G 1288 -41.96 -9.14 104.04
N LEU G 1289 -40.93 -9.98 104.09
CA LEU G 1289 -40.24 -10.46 102.90
C LEU G 1289 -40.24 -11.98 102.92
N ARG G 1290 -40.18 -12.59 101.74
CA ARG G 1290 -40.13 -14.03 101.63
C ARG G 1290 -39.40 -14.43 100.36
N LEU G 1291 -38.99 -15.69 100.31
CA LEU G 1291 -38.51 -16.28 99.07
C LEU G 1291 -39.69 -16.67 98.19
N SER G 1292 -39.48 -16.64 96.88
CA SER G 1292 -40.57 -16.88 95.94
C SER G 1292 -41.01 -18.33 95.95
N LEU G 1293 -40.09 -19.25 96.19
CA LEU G 1293 -40.35 -20.66 95.98
C LEU G 1293 -40.72 -21.36 97.27
N PRO G 1294 -41.60 -22.35 97.24
CA PRO G 1294 -42.00 -23.04 98.47
C PRO G 1294 -41.12 -24.25 98.76
N VAL G 1295 -41.24 -24.74 99.99
CA VAL G 1295 -40.64 -26.00 100.40
C VAL G 1295 -41.73 -26.83 101.08
N GLN G 1296 -41.95 -28.04 100.57
CA GLN G 1296 -42.99 -28.92 101.08
C GLN G 1296 -42.37 -30.13 101.75
N PHE G 1297 -42.80 -30.40 102.98
CA PHE G 1297 -42.29 -31.54 103.72
C PHE G 1297 -42.84 -32.85 103.16
N HIS G 1298 -42.15 -33.95 103.47
CA HIS G 1298 -42.55 -35.25 102.95
C HIS G 1298 -43.93 -35.64 103.48
N GLN G 1299 -44.68 -36.34 102.63
CA GLN G 1299 -46.03 -36.76 103.01
C GLN G 1299 -46.00 -37.69 104.21
N HIS G 1300 -45.06 -38.63 104.22
CA HIS G 1300 -44.88 -39.56 105.34
C HIS G 1300 -43.54 -39.28 106.00
N PHE G 1301 -43.59 -38.73 107.22
CA PHE G 1301 -42.38 -38.56 108.02
C PHE G 1301 -41.78 -39.92 108.34
N ARG G 1302 -40.45 -39.98 108.35
CA ARG G 1302 -39.79 -41.23 108.72
C ARG G 1302 -40.04 -41.52 110.19
N CYS G 1303 -40.11 -42.81 110.53
CA CYS G 1303 -40.43 -43.22 111.89
C CYS G 1303 -39.32 -42.84 112.85
N THR G 1304 -39.69 -42.14 113.93
CA THR G 1304 -38.75 -41.70 114.96
C THR G 1304 -37.58 -40.92 114.37
N ASP G 1419 -9.31 -30.26 106.42
CA ASP G 1419 -10.46 -31.09 106.10
C ASP G 1419 -11.75 -30.28 106.08
N ASN G 1420 -12.66 -30.60 107.01
CA ASN G 1420 -13.95 -29.92 107.14
C ASN G 1420 -14.76 -30.03 105.85
N ARG G 1421 -14.53 -31.10 105.10
CA ARG G 1421 -15.23 -31.35 103.84
C ARG G 1421 -16.30 -32.41 104.07
N ASP G 1422 -17.53 -32.10 103.68
CA ASP G 1422 -18.62 -33.05 103.84
C ASP G 1422 -18.39 -34.31 103.02
N ASP G 1423 -18.59 -35.46 103.66
CA ASP G 1423 -18.42 -36.73 102.96
C ASP G 1423 -19.57 -36.93 101.97
N PRO G 1424 -19.27 -37.42 100.76
CA PRO G 1424 -20.35 -37.65 99.79
C PRO G 1424 -21.45 -38.56 100.31
N GLU G 1425 -21.09 -39.64 101.03
CA GLU G 1425 -22.11 -40.57 101.51
C GLU G 1425 -23.04 -39.90 102.51
N ILE G 1426 -22.48 -39.18 103.48
CA ILE G 1426 -23.31 -38.57 104.51
C ILE G 1426 -24.13 -37.42 103.92
N ILE G 1427 -23.57 -36.68 102.96
CA ILE G 1427 -24.30 -35.55 102.38
C ILE G 1427 -25.42 -36.05 101.48
N LEU G 1428 -25.24 -37.22 100.83
CA LEU G 1428 -26.33 -37.76 100.05
C LEU G 1428 -27.39 -38.40 100.93
N ASN G 1429 -26.98 -39.02 102.04
CA ASN G 1429 -27.94 -39.71 102.89
C ASN G 1429 -28.77 -38.75 103.73
N THR G 1430 -28.18 -37.63 104.15
CA THR G 1430 -28.90 -36.67 104.98
C THR G 1430 -29.95 -35.92 104.17
N THR G 1431 -30.89 -35.30 104.87
CA THR G 1431 -31.98 -34.56 104.25
C THR G 1431 -32.33 -33.28 104.99
N THR G 1432 -31.36 -32.62 105.61
CA THR G 1432 -31.59 -31.37 106.33
C THR G 1432 -31.00 -30.21 105.54
N TYR G 1433 -31.76 -29.12 105.43
CA TYR G 1433 -31.46 -28.01 104.54
C TYR G 1433 -31.21 -26.77 105.36
N TYR G 1434 -30.31 -25.91 104.88
CA TYR G 1434 -29.85 -24.73 105.61
C TYR G 1434 -30.21 -23.48 104.83
N TYR G 1435 -30.57 -22.42 105.55
CA TYR G 1435 -31.02 -21.16 104.98
C TYR G 1435 -30.46 -20.00 105.79
N SER G 1436 -29.59 -19.20 105.19
CA SER G 1436 -28.89 -18.13 105.91
C SER G 1436 -29.54 -16.78 105.60
N VAL G 1437 -29.48 -15.88 106.57
CA VAL G 1437 -29.87 -14.49 106.38
C VAL G 1437 -28.84 -13.61 107.08
N ARG G 1438 -28.34 -12.62 106.36
CA ARG G 1438 -27.35 -11.68 106.88
C ARG G 1438 -28.02 -10.35 107.19
N VAL G 1439 -27.95 -9.95 108.46
CA VAL G 1439 -28.43 -8.65 108.93
C VAL G 1439 -27.21 -7.76 109.12
N PHE G 1440 -27.15 -6.68 108.33
CA PHE G 1440 -26.01 -5.79 108.38
C PHE G 1440 -25.97 -5.00 109.68
N ALA G 1441 -24.87 -4.27 109.88
CA ALA G 1441 -24.82 -3.30 110.96
C ALA G 1441 -25.77 -2.15 110.67
N GLY G 1442 -26.47 -1.71 111.70
CA GLY G 1442 -27.48 -0.69 111.56
C GLY G 1442 -28.91 -1.18 111.58
N GLN G 1443 -29.14 -2.48 111.47
CA GLN G 1443 -30.45 -3.08 111.67
C GLN G 1443 -30.46 -3.80 113.00
N GLU G 1444 -31.35 -3.37 113.89
CA GLU G 1444 -31.38 -3.94 115.23
C GLU G 1444 -31.96 -5.35 115.19
N PRO G 1445 -31.41 -6.27 115.99
CA PRO G 1445 -32.07 -7.57 116.14
C PRO G 1445 -33.48 -7.44 116.68
N SER G 1446 -33.75 -6.37 117.43
CA SER G 1446 -35.12 -6.04 117.79
C SER G 1446 -35.95 -5.72 116.56
N CYS G 1447 -35.35 -5.12 115.54
CA CYS G 1447 -36.08 -4.79 114.33
C CYS G 1447 -36.21 -5.99 113.40
N VAL G 1448 -35.35 -6.99 113.57
CA VAL G 1448 -35.26 -8.12 112.64
C VAL G 1448 -36.01 -9.32 113.22
N TRP G 1449 -36.89 -9.90 112.42
CA TRP G 1449 -37.51 -11.19 112.69
C TRP G 1449 -37.27 -12.11 111.50
N VAL G 1450 -36.79 -13.32 111.76
CA VAL G 1450 -36.43 -14.27 110.72
C VAL G 1450 -37.09 -15.61 111.01
N GLY G 1451 -37.68 -16.22 109.99
CA GLY G 1451 -38.28 -17.53 110.14
C GLY G 1451 -39.08 -17.91 108.91
N TRP G 1452 -39.69 -19.09 108.97
CA TRP G 1452 -40.50 -19.58 107.87
C TRP G 1452 -41.96 -19.23 108.06
N VAL G 1453 -42.67 -19.00 106.96
CA VAL G 1453 -44.08 -18.60 106.97
C VAL G 1453 -44.88 -19.58 106.14
N THR G 1454 -46.08 -19.91 106.61
CA THR G 1454 -46.99 -20.74 105.84
C THR G 1454 -47.75 -19.89 104.83
N PRO G 1455 -48.21 -20.49 103.72
CA PRO G 1455 -48.98 -19.70 102.74
C PRO G 1455 -50.25 -19.10 103.31
N ASP G 1456 -50.84 -19.72 104.33
CA ASP G 1456 -52.09 -19.20 104.89
C ASP G 1456 -51.88 -17.89 105.63
N TYR G 1457 -50.63 -17.58 105.98
CA TYR G 1457 -50.32 -16.34 106.68
C TYR G 1457 -50.74 -15.12 105.88
N HIS G 1458 -51.43 -14.19 106.52
CA HIS G 1458 -51.84 -12.94 105.89
C HIS G 1458 -51.77 -11.74 106.82
N GLN G 1459 -51.18 -11.90 108.00
CA GLN G 1459 -51.14 -10.80 108.96
C GLN G 1459 -50.21 -9.69 108.50
N HIS G 1460 -50.68 -8.45 108.62
CA HIS G 1460 -49.90 -7.28 108.24
C HIS G 1460 -50.06 -6.21 109.33
N ASP G 1461 -48.95 -5.83 109.95
CA ASP G 1461 -48.96 -4.86 111.04
C ASP G 1461 -47.63 -4.14 111.10
N MET G 1462 -47.67 -2.81 111.27
CA MET G 1462 -46.48 -2.06 111.61
C MET G 1462 -46.01 -2.42 113.02
N ASN G 1463 -46.95 -2.67 113.92
CA ASN G 1463 -46.65 -3.12 115.28
C ASN G 1463 -46.72 -4.65 115.33
N PHE G 1464 -45.81 -5.26 114.57
CA PHE G 1464 -45.69 -6.72 114.57
C PHE G 1464 -45.17 -7.21 115.92
N ASP G 1465 -45.60 -8.40 116.32
CA ASP G 1465 -45.13 -9.01 117.55
C ASP G 1465 -45.15 -10.53 117.43
N LEU G 1466 -44.09 -11.14 117.96
CA LEU G 1466 -44.01 -12.60 118.00
C LEU G 1466 -45.16 -13.20 118.79
N SER G 1467 -45.61 -12.48 119.82
CA SER G 1467 -46.82 -12.91 120.52
C SER G 1467 -48.06 -12.61 119.70
N LYS G 1468 -48.00 -11.56 118.87
CA LYS G 1468 -49.17 -11.18 118.07
C LYS G 1468 -49.43 -12.18 116.95
N VAL G 1469 -48.41 -12.97 116.58
CA VAL G 1469 -48.58 -13.91 115.47
C VAL G 1469 -49.73 -14.86 115.75
N ARG G 1470 -50.36 -15.33 114.68
CA ARG G 1470 -51.49 -16.25 114.79
C ARG G 1470 -51.02 -17.66 115.10
N ALA G 1471 -51.60 -18.27 116.12
CA ALA G 1471 -51.23 -19.61 116.55
C ALA G 1471 -52.36 -20.23 117.35
N VAL G 1472 -52.53 -21.55 117.20
CA VAL G 1472 -53.55 -22.31 117.89
C VAL G 1472 -52.98 -23.68 118.23
N THR G 1473 -53.52 -24.29 119.29
CA THR G 1473 -53.09 -25.61 119.74
C THR G 1473 -54.31 -26.49 119.91
N VAL G 1474 -54.24 -27.71 119.38
CA VAL G 1474 -55.35 -28.66 119.41
C VAL G 1474 -54.91 -29.89 120.19
N THR G 1475 -55.84 -30.48 120.92
CA THR G 1475 -55.60 -31.74 121.62
C THR G 1475 -56.72 -32.71 121.30
N MET G 1476 -56.37 -33.87 120.79
CA MET G 1476 -57.30 -34.94 120.53
C MET G 1476 -57.21 -35.91 121.70
N GLY G 1477 -58.31 -36.10 122.42
CA GLY G 1477 -58.30 -36.85 123.65
C GLY G 1477 -59.50 -37.75 123.76
N ASP G 1478 -59.40 -38.72 124.66
CA ASP G 1478 -60.50 -39.63 124.95
C ASP G 1478 -61.39 -39.05 126.05
N GLU G 1479 -62.40 -39.82 126.46
CA GLU G 1479 -63.25 -39.41 127.57
C GLU G 1479 -62.43 -39.27 128.86
N GLN G 1480 -61.66 -40.29 129.19
CA GLN G 1480 -60.62 -40.14 130.21
C GLN G 1480 -59.49 -39.29 129.63
N GLY G 1481 -58.56 -38.88 130.48
CA GLY G 1481 -57.49 -37.97 130.07
C GLY G 1481 -56.86 -38.36 128.75
N ASN G 1482 -56.13 -39.48 128.74
CA ASN G 1482 -55.86 -40.29 127.55
C ASN G 1482 -55.69 -39.44 126.29
N VAL G 1483 -54.69 -38.56 126.32
CA VAL G 1483 -54.46 -37.68 125.17
C VAL G 1483 -54.10 -38.52 123.96
N HIS G 1484 -55.00 -38.54 122.98
CA HIS G 1484 -54.77 -39.34 121.77
C HIS G 1484 -53.67 -38.72 120.93
N SER G 1485 -53.62 -37.39 120.86
CA SER G 1485 -52.62 -36.67 120.09
C SER G 1485 -52.61 -35.21 120.51
N SER G 1486 -51.47 -34.56 120.30
CA SER G 1486 -51.31 -33.13 120.54
C SER G 1486 -50.78 -32.48 119.28
N LEU G 1487 -51.40 -31.38 118.86
CA LEU G 1487 -51.10 -30.76 117.58
C LEU G 1487 -50.93 -29.25 117.79
N LYS G 1488 -50.03 -28.65 117.00
CA LYS G 1488 -49.75 -27.22 117.09
C LYS G 1488 -49.80 -26.64 115.69
N CYS G 1489 -50.54 -25.55 115.50
CA CYS G 1489 -50.67 -24.89 114.21
C CYS G 1489 -50.29 -23.43 114.36
N SER G 1490 -49.47 -22.94 113.42
CA SER G 1490 -49.06 -21.55 113.40
C SER G 1490 -49.19 -21.00 111.99
N ASN G 1491 -49.69 -19.77 111.88
CA ASN G 1491 -49.72 -19.12 110.57
C ASN G 1491 -48.32 -18.92 110.01
N CYS G 1492 -47.37 -18.63 110.89
CA CYS G 1492 -45.98 -18.43 110.51
C CYS G 1492 -45.11 -18.74 111.72
N TYR G 1493 -43.88 -19.16 111.46
CA TYR G 1493 -42.92 -19.49 112.50
C TYR G 1493 -41.87 -18.40 112.56
N MET G 1494 -42.14 -17.37 113.37
CA MET G 1494 -41.19 -16.30 113.65
C MET G 1494 -40.56 -16.55 115.00
N VAL G 1495 -39.25 -16.40 115.08
CA VAL G 1495 -38.55 -16.36 116.36
C VAL G 1495 -37.60 -15.17 116.33
N TRP G 1496 -37.52 -14.45 117.44
CA TRP G 1496 -37.04 -13.08 117.41
C TRP G 1496 -35.52 -13.01 117.45
N GLY G 1497 -34.95 -12.25 116.51
CA GLY G 1497 -33.51 -12.05 116.49
C GLY G 1497 -33.02 -11.32 117.74
N GLY G 1498 -33.89 -10.51 118.35
CA GLY G 1498 -33.53 -9.86 119.59
C GLY G 1498 -33.18 -10.84 120.69
N ASP G 1499 -33.97 -11.91 120.83
CA ASP G 1499 -33.66 -12.92 121.83
C ASP G 1499 -32.59 -13.88 121.32
N PHE G 1500 -32.43 -13.99 119.99
CA PHE G 1500 -31.29 -14.73 119.44
C PHE G 1500 -29.96 -14.12 119.86
N VAL G 1501 -29.77 -12.83 119.63
CA VAL G 1501 -28.43 -12.26 119.70
C VAL G 1501 -27.93 -12.23 121.13
N SER G 1502 -26.62 -12.05 121.27
CA SER G 1502 -25.99 -11.93 122.57
C SER G 1502 -26.51 -10.68 123.28
N PRO G 1503 -26.45 -10.64 124.62
CA PRO G 1503 -27.11 -9.53 125.34
C PRO G 1503 -26.60 -8.17 124.88
N GLY G 1504 -27.52 -7.39 124.34
CA GLY G 1504 -27.22 -6.07 123.82
C GLY G 1504 -27.90 -5.01 124.65
N GLN G 1505 -27.84 -5.18 125.98
CA GLN G 1505 -28.41 -4.22 126.92
C GLN G 1505 -28.11 -2.79 126.51
N GLN G 1506 -26.89 -2.54 126.04
CA GLN G 1506 -26.50 -1.22 125.56
C GLN G 1506 -25.24 -1.33 124.72
N GLY G 1507 -25.14 -0.47 123.71
CA GLY G 1507 -23.96 -0.43 122.87
C GLY G 1507 -23.86 -1.54 121.86
N ARG G 1508 -25.00 -2.01 121.35
CA ARG G 1508 -24.98 -3.07 120.35
C ARG G 1508 -24.47 -2.55 119.01
N ILE G 1509 -24.43 -1.23 118.84
CA ILE G 1509 -23.89 -0.65 117.61
C ILE G 1509 -22.41 -1.00 117.49
N SER G 1510 -22.09 -1.84 116.51
CA SER G 1510 -20.73 -2.33 116.36
C SER G 1510 -20.53 -2.83 114.93
N HIS G 1511 -19.28 -3.21 114.64
CA HIS G 1511 -18.95 -3.71 113.31
C HIS G 1511 -19.59 -5.08 113.06
N THR G 1512 -20.02 -5.76 114.12
CA THR G 1512 -20.55 -7.10 113.98
C THR G 1512 -21.86 -7.10 113.19
N ASP G 1513 -21.97 -8.04 112.25
CA ASP G 1513 -23.18 -8.26 111.48
C ASP G 1513 -23.75 -9.62 111.85
N LEU G 1514 -25.07 -9.67 112.00
CA LEU G 1514 -25.72 -10.92 112.41
C LEU G 1514 -25.83 -11.86 111.21
N VAL G 1515 -25.56 -13.15 111.45
CA VAL G 1515 -25.78 -14.19 110.46
C VAL G 1515 -26.62 -15.27 111.11
N ILE G 1516 -27.85 -15.44 110.61
CA ILE G 1516 -28.81 -16.35 111.20
C ILE G 1516 -29.01 -17.54 110.25
N GLY G 1517 -29.08 -18.74 110.81
CA GLY G 1517 -29.31 -19.93 110.01
C GLY G 1517 -30.53 -20.71 110.44
N CYS G 1518 -31.32 -21.17 109.48
CA CYS G 1518 -32.46 -22.02 109.73
C CYS G 1518 -32.20 -23.38 109.13
N LEU G 1519 -32.31 -24.44 109.95
CA LEU G 1519 -32.10 -25.80 109.50
C LEU G 1519 -33.42 -26.56 109.58
N VAL G 1520 -33.94 -26.96 108.42
CA VAL G 1520 -35.21 -27.66 108.34
C VAL G 1520 -34.98 -29.00 107.64
N ASP G 1521 -35.47 -30.07 108.25
CA ASP G 1521 -35.34 -31.41 107.68
C ASP G 1521 -36.74 -31.90 107.34
N LEU G 1522 -36.98 -32.14 106.05
CA LEU G 1522 -38.31 -32.50 105.60
C LEU G 1522 -38.74 -33.86 106.12
N ALA G 1523 -37.80 -34.79 106.26
CA ALA G 1523 -38.13 -36.10 106.79
C ALA G 1523 -38.51 -36.04 108.26
N THR G 1524 -37.78 -35.27 109.06
CA THR G 1524 -38.09 -35.18 110.48
C THR G 1524 -39.37 -34.38 110.72
N GLY G 1525 -39.53 -33.27 110.01
CA GLY G 1525 -40.51 -32.28 110.42
C GLY G 1525 -40.06 -31.39 111.54
N LEU G 1526 -38.82 -31.52 112.00
CA LEU G 1526 -38.26 -30.72 113.08
C LEU G 1526 -37.39 -29.62 112.51
N MET G 1527 -37.59 -28.39 112.98
CA MET G 1527 -36.85 -27.24 112.50
C MET G 1527 -36.08 -26.63 113.66
N THR G 1528 -34.78 -26.38 113.45
CA THR G 1528 -33.91 -25.79 114.45
C THR G 1528 -33.30 -24.52 113.87
N PHE G 1529 -32.68 -23.72 114.75
CA PHE G 1529 -32.12 -22.45 114.34
C PHE G 1529 -30.77 -22.23 115.00
N THR G 1530 -29.90 -21.48 114.31
CA THR G 1530 -28.62 -21.04 114.82
C THR G 1530 -28.59 -19.51 114.77
N ALA G 1531 -28.51 -18.88 115.94
CA ALA G 1531 -28.64 -17.43 116.02
C ALA G 1531 -27.51 -16.74 115.28
N ASN G 1532 -26.26 -17.08 115.60
CA ASN G 1532 -25.09 -16.54 114.93
C ASN G 1532 -24.08 -17.67 114.76
N GLY G 1533 -24.58 -18.84 114.34
CA GLY G 1533 -23.79 -20.06 114.38
C GLY G 1533 -23.91 -20.81 115.68
N LYS G 1534 -24.59 -20.25 116.68
CA LYS G 1534 -24.86 -20.92 117.94
C LYS G 1534 -26.30 -21.44 117.91
N GLU G 1535 -26.46 -22.73 118.20
CA GLU G 1535 -27.78 -23.35 118.07
C GLU G 1535 -28.78 -22.72 119.02
N SER G 1536 -29.93 -22.35 118.48
CA SER G 1536 -30.97 -21.72 119.29
C SER G 1536 -31.64 -22.75 120.19
N ASN G 1537 -32.03 -22.31 121.39
CA ASN G 1537 -32.80 -23.18 122.28
C ASN G 1537 -34.19 -23.45 121.69
N THR G 1538 -34.70 -22.51 120.89
CA THR G 1538 -36.02 -22.69 120.28
C THR G 1538 -35.94 -23.65 119.11
N PHE G 1539 -36.95 -24.52 119.02
CA PHE G 1539 -37.10 -25.43 117.90
C PHE G 1539 -38.59 -25.74 117.76
N PHE G 1540 -38.98 -26.14 116.54
CA PHE G 1540 -40.39 -26.37 116.26
C PHE G 1540 -40.59 -27.68 115.52
N GLN G 1541 -41.84 -28.15 115.52
CA GLN G 1541 -42.24 -29.35 114.81
C GLN G 1541 -43.45 -29.02 113.95
N VAL G 1542 -43.47 -29.54 112.72
CA VAL G 1542 -44.50 -29.23 111.74
C VAL G 1542 -45.19 -30.51 111.31
N GLU G 1543 -46.38 -30.36 110.72
CA GLU G 1543 -47.13 -31.52 110.26
C GLU G 1543 -46.56 -32.03 108.93
N PRO G 1544 -46.80 -33.30 108.62
CA PRO G 1544 -46.38 -33.82 107.29
C PRO G 1544 -47.12 -33.13 106.17
N ASN G 1545 -46.46 -33.02 105.02
CA ASN G 1545 -46.94 -32.43 103.78
C ASN G 1545 -47.14 -30.92 103.93
N THR G 1546 -46.68 -30.31 105.03
CA THR G 1546 -46.83 -28.88 105.22
C THR G 1546 -45.89 -28.12 104.28
N LYS G 1547 -46.37 -26.99 103.77
CA LYS G 1547 -45.61 -26.16 102.85
C LYS G 1547 -45.24 -24.86 103.55
N LEU G 1548 -44.02 -24.40 103.32
CA LEU G 1548 -43.48 -23.21 103.99
C LEU G 1548 -42.69 -22.35 103.01
N PHE G 1549 -42.62 -21.06 103.32
CA PHE G 1549 -41.78 -20.11 102.62
C PHE G 1549 -40.69 -19.62 103.55
N PRO G 1550 -39.43 -19.53 103.10
CA PRO G 1550 -38.45 -18.75 103.86
C PRO G 1550 -38.87 -17.31 103.91
N ALA G 1551 -38.65 -16.65 105.05
CA ALA G 1551 -39.15 -15.29 105.21
C ALA G 1551 -38.34 -14.53 106.25
N VAL G 1552 -38.46 -13.21 106.18
CA VAL G 1552 -37.87 -12.29 107.15
C VAL G 1552 -38.82 -11.12 107.36
N PHE G 1553 -39.14 -10.82 108.61
CA PHE G 1553 -39.92 -9.64 108.95
C PHE G 1553 -38.98 -8.62 109.58
N VAL G 1554 -38.90 -7.43 108.98
CA VAL G 1554 -37.84 -6.48 109.32
C VAL G 1554 -38.41 -5.07 109.38
N LEU G 1555 -37.64 -4.16 109.95
CA LEU G 1555 -37.88 -2.73 109.94
C LEU G 1555 -36.62 -2.01 109.48
N PRO G 1556 -36.67 -1.24 108.40
CA PRO G 1556 -35.45 -0.62 107.87
C PRO G 1556 -34.90 0.48 108.79
N THR G 1557 -33.63 0.34 109.18
CA THR G 1557 -32.96 1.32 110.03
C THR G 1557 -31.55 1.65 109.55
N HIS G 1558 -31.17 1.19 108.36
CA HIS G 1558 -29.86 1.48 107.81
C HIS G 1558 -29.91 1.31 106.29
N GLN G 1559 -28.94 1.92 105.61
CA GLN G 1559 -28.90 1.86 104.15
C GLN G 1559 -28.75 0.43 103.65
N ASN G 1560 -27.85 -0.33 104.27
CA ASN G 1560 -27.58 -1.72 103.89
C ASN G 1560 -28.53 -2.61 104.68
N VAL G 1561 -29.57 -3.12 104.02
CA VAL G 1561 -30.69 -3.68 104.77
C VAL G 1561 -30.43 -5.14 105.15
N ILE G 1562 -30.37 -6.03 104.17
CA ILE G 1562 -30.39 -7.46 104.47
C ILE G 1562 -29.95 -8.27 103.25
N GLN G 1563 -29.43 -9.47 103.50
CA GLN G 1563 -29.09 -10.45 102.48
C GLN G 1563 -29.81 -11.76 102.76
N PHE G 1564 -30.40 -12.34 101.72
CA PHE G 1564 -31.02 -13.65 101.77
C PHE G 1564 -30.03 -14.65 101.16
N GLU G 1565 -29.34 -15.41 102.01
CA GLU G 1565 -28.24 -16.26 101.57
C GLU G 1565 -28.72 -17.71 101.44
N LEU G 1566 -28.50 -18.28 100.27
CA LEU G 1566 -28.77 -19.70 100.02
C LEU G 1566 -27.43 -20.41 99.94
N GLY G 1567 -27.09 -21.15 100.99
CA GLY G 1567 -25.82 -21.84 101.05
C GLY G 1567 -25.93 -23.12 101.84
N LYS G 1568 -24.82 -23.84 101.90
CA LYS G 1568 -24.76 -25.11 102.60
C LYS G 1568 -23.76 -25.03 103.75
N GLN G 1569 -24.20 -25.45 104.93
CA GLN G 1569 -23.27 -25.73 106.02
C GLN G 1569 -22.67 -27.12 105.80
N LYS G 1570 -21.48 -27.34 106.36
CA LYS G 1570 -20.83 -28.63 106.20
C LYS G 1570 -21.69 -29.74 106.80
N ASN G 1571 -22.06 -30.71 105.96
CA ASN G 1571 -22.98 -31.83 106.19
C ASN G 1571 -24.44 -31.40 106.18
N ILE G 1572 -24.77 -30.16 105.83
CA ILE G 1572 -26.14 -29.68 105.74
C ILE G 1572 -26.36 -29.19 104.31
N MET G 1573 -27.56 -29.41 103.77
CA MET G 1573 -27.80 -29.39 102.33
C MET G 1573 -28.06 -27.96 101.81
N PRO G 1574 -27.91 -27.73 100.49
CA PRO G 1574 -28.42 -26.47 99.92
C PRO G 1574 -29.93 -26.45 99.79
N LEU G 1575 -30.49 -25.27 100.01
CA LEU G 1575 -31.94 -25.13 100.06
C LEU G 1575 -32.55 -25.19 98.66
N SER G 1576 -31.75 -24.89 97.62
CA SER G 1576 -32.23 -25.06 96.26
C SER G 1576 -32.59 -26.51 96.00
N ALA G 1577 -31.87 -27.44 96.62
CA ALA G 1577 -32.25 -28.85 96.55
C ALA G 1577 -33.63 -29.06 97.15
N ALA G 1578 -33.93 -28.37 98.25
CA ALA G 1578 -35.25 -28.49 98.86
C ALA G 1578 -36.34 -27.95 97.93
N MET G 1579 -36.11 -26.78 97.32
CA MET G 1579 -37.13 -26.24 96.42
C MET G 1579 -37.34 -27.11 95.19
N PHE G 1580 -36.26 -27.47 94.49
CA PHE G 1580 -36.37 -28.11 93.19
C PHE G 1580 -35.91 -29.56 93.25
N LEU G 1581 -36.70 -30.45 92.65
CA LEU G 1581 -36.38 -31.88 92.63
C LEU G 1581 -35.28 -32.20 91.63
N SER G 1582 -35.25 -31.49 90.50
CA SER G 1582 -34.37 -31.88 89.39
C SER G 1582 -32.91 -31.85 89.80
N GLU G 1583 -32.49 -30.82 90.51
CA GLU G 1583 -31.10 -30.69 90.96
C GLU G 1583 -30.93 -30.96 92.45
N ARG G 1584 -31.88 -31.64 93.08
CA ARG G 1584 -31.79 -31.83 94.54
C ARG G 1584 -30.64 -32.75 94.91
N LYS G 1585 -30.14 -33.53 93.96
CA LYS G 1585 -29.00 -34.40 94.24
C LYS G 1585 -27.72 -33.59 94.37
N ASN G 1586 -27.59 -32.50 93.62
CA ASN G 1586 -26.36 -31.72 93.63
C ASN G 1586 -26.20 -30.99 94.96
N PRO G 1587 -25.12 -31.22 95.70
CA PRO G 1587 -24.94 -30.51 96.98
C PRO G 1587 -24.45 -29.09 96.80
N ALA G 1588 -24.10 -28.69 95.58
CA ALA G 1588 -23.55 -27.36 95.36
C ALA G 1588 -24.66 -26.31 95.49
N PRO G 1589 -24.44 -25.26 96.28
CA PRO G 1589 -25.47 -24.21 96.40
C PRO G 1589 -25.68 -23.51 95.07
N GLN G 1590 -26.92 -23.11 94.81
CA GLN G 1590 -27.29 -22.42 93.60
C GLN G 1590 -28.58 -21.63 93.84
N CYS G 1591 -28.66 -20.45 93.23
CA CYS G 1591 -29.84 -19.61 93.36
C CYS G 1591 -30.55 -19.53 92.01
N PRO G 1592 -31.66 -20.24 91.82
CA PRO G 1592 -32.32 -20.22 90.52
C PRO G 1592 -32.86 -18.83 90.22
N PRO G 1593 -32.89 -18.43 88.94
CA PRO G 1593 -33.49 -17.13 88.60
C PRO G 1593 -34.95 -17.04 88.95
N ARG G 1594 -35.66 -18.17 88.98
CA ARG G 1594 -37.08 -18.16 89.32
C ARG G 1594 -37.29 -17.70 90.76
N LEU G 1595 -36.30 -17.89 91.62
CA LEU G 1595 -36.38 -17.41 92.99
C LEU G 1595 -36.13 -15.91 93.06
N GLU G 1596 -37.08 -15.16 93.63
CA GLU G 1596 -36.88 -13.74 93.84
C GLU G 1596 -37.45 -13.36 95.19
N VAL G 1597 -37.03 -12.19 95.70
CA VAL G 1597 -37.63 -11.64 96.91
C VAL G 1597 -39.04 -11.17 96.60
N GLN G 1598 -39.97 -11.46 97.49
CA GLN G 1598 -41.37 -11.10 97.33
C GLN G 1598 -41.91 -10.61 98.66
N MET G 1599 -42.92 -9.73 98.60
CA MET G 1599 -43.43 -9.02 99.77
C MET G 1599 -44.95 -9.11 99.82
N LEU G 1600 -45.53 -8.73 100.96
CA LEU G 1600 -46.98 -8.82 101.12
C LEU G 1600 -47.65 -7.50 100.78
N MET G 1601 -48.55 -7.52 99.80
CA MET G 1601 -49.21 -6.34 99.28
C MET G 1601 -50.65 -6.35 99.79
N PRO G 1602 -51.07 -5.33 100.56
CA PRO G 1602 -52.39 -5.43 101.22
C PRO G 1602 -53.60 -5.48 100.29
N VAL G 1603 -53.66 -4.62 99.27
CA VAL G 1603 -54.84 -4.49 98.43
C VAL G 1603 -54.60 -5.19 97.10
N SER G 1604 -55.56 -5.99 96.68
CA SER G 1604 -55.48 -6.74 95.42
C SER G 1604 -56.81 -6.66 94.67
N TRP G 1605 -56.75 -6.31 93.39
CA TRP G 1605 -57.97 -6.23 92.59
C TRP G 1605 -58.61 -7.61 92.45
N SER G 1606 -59.94 -7.65 92.47
CA SER G 1606 -60.66 -8.90 92.27
C SER G 1606 -62.01 -8.63 91.62
N ARG G 1607 -62.59 -9.67 91.02
CA ARG G 1607 -63.87 -9.54 90.33
C ARG G 1607 -65.01 -9.95 91.27
N MET G 1608 -66.23 -9.51 90.94
CA MET G 1608 -67.41 -10.05 91.59
C MET G 1608 -67.56 -11.54 91.25
N PRO G 1609 -68.28 -12.28 92.09
CA PRO G 1609 -69.02 -13.43 91.55
C PRO G 1609 -70.19 -12.90 90.72
N ASN G 1610 -70.10 -13.09 89.40
CA ASN G 1610 -71.06 -12.45 88.50
C ASN G 1610 -72.50 -12.80 88.88
N HIS G 1611 -72.70 -13.99 89.41
CA HIS G 1611 -73.96 -14.38 90.05
C HIS G 1611 -73.65 -14.74 91.50
N PHE G 1612 -74.52 -14.33 92.41
CA PHE G 1612 -74.28 -14.47 93.84
C PHE G 1612 -75.19 -15.53 94.42
N LEU G 1613 -74.72 -16.19 95.48
CA LEU G 1613 -75.56 -17.12 96.23
C LEU G 1613 -76.67 -16.36 96.93
N GLN G 1614 -77.88 -16.87 96.83
CA GLN G 1614 -79.06 -16.24 97.43
C GLN G 1614 -79.51 -17.05 98.63
N VAL G 1615 -79.62 -16.38 99.78
CA VAL G 1615 -79.91 -17.04 101.05
C VAL G 1615 -81.06 -16.30 101.73
N GLU G 1616 -81.97 -17.06 102.32
CA GLU G 1616 -83.10 -16.50 103.05
C GLU G 1616 -82.93 -16.81 104.53
N THR G 1617 -82.88 -15.76 105.35
CA THR G 1617 -82.79 -15.89 106.80
C THR G 1617 -84.01 -15.23 107.43
N ARG G 1618 -84.71 -16.00 108.28
CA ARG G 1618 -85.94 -15.53 108.89
C ARG G 1618 -86.14 -16.28 110.20
N ARG G 1619 -86.59 -15.54 111.23
CA ARG G 1619 -86.84 -16.13 112.52
C ARG G 1619 -88.20 -16.83 112.47
N ALA G 1620 -88.19 -18.16 112.44
CA ALA G 1620 -89.43 -18.91 112.28
C ALA G 1620 -90.38 -18.68 113.45
N GLY G 1621 -89.83 -18.59 114.66
CA GLY G 1621 -90.66 -18.31 115.82
C GLY G 1621 -89.83 -18.18 117.07
N GLU G 1622 -90.51 -17.79 118.17
CA GLU G 1622 -89.86 -17.74 119.46
C GLU G 1622 -89.30 -19.10 119.85
N ARG G 1623 -90.12 -20.14 119.76
CA ARG G 1623 -89.67 -21.49 120.07
C ARG G 1623 -88.82 -22.06 118.93
N LEU G 1624 -89.08 -21.63 117.70
CA LEU G 1624 -88.47 -22.29 116.55
C LEU G 1624 -87.01 -21.89 116.36
N GLY G 1625 -86.68 -20.62 116.60
CA GLY G 1625 -85.34 -20.14 116.32
C GLY G 1625 -85.22 -19.58 114.92
N TRP G 1626 -83.97 -19.37 114.48
CA TRP G 1626 -83.76 -18.69 113.21
C TRP G 1626 -83.44 -19.69 112.10
N ALA G 1627 -84.22 -19.66 111.02
CA ALA G 1627 -84.02 -20.55 109.89
C ALA G 1627 -83.25 -19.82 108.79
N VAL G 1628 -82.14 -20.42 108.37
CA VAL G 1628 -81.32 -19.93 107.28
C VAL G 1628 -81.31 -21.00 106.19
N GLN G 1629 -81.74 -20.64 104.99
CA GLN G 1629 -81.99 -21.60 103.94
C GLN G 1629 -81.39 -21.12 102.63
N CYS G 1630 -80.77 -22.05 101.88
CA CYS G 1630 -80.14 -21.74 100.61
C CYS G 1630 -80.14 -22.99 99.76
N GLN G 1631 -80.85 -22.97 98.63
CA GLN G 1631 -81.07 -24.16 97.81
C GLN G 1631 -80.60 -24.00 96.38
N ASP G 1632 -80.08 -22.84 96.01
CA ASP G 1632 -79.67 -22.59 94.63
C ASP G 1632 -78.19 -22.91 94.43
N PRO G 1633 -77.85 -23.92 93.63
CA PRO G 1633 -76.45 -24.29 93.46
C PRO G 1633 -75.73 -23.41 92.44
N LEU G 1634 -74.50 -23.01 92.75
CA LEU G 1634 -73.69 -22.21 91.85
C LEU G 1634 -72.24 -22.63 92.00
N THR G 1635 -71.57 -22.85 90.87
CA THR G 1635 -70.19 -23.31 90.86
C THR G 1635 -69.36 -22.47 89.90
N MET G 1636 -68.05 -22.48 90.13
CA MET G 1636 -67.10 -21.72 89.33
C MET G 1636 -65.90 -22.60 89.00
N MET G 1637 -65.21 -22.27 87.90
CA MET G 1637 -63.89 -22.82 87.68
C MET G 1637 -62.85 -21.98 88.40
N ALA G 1638 -61.89 -22.66 89.03
CA ALA G 1638 -60.83 -21.99 89.77
C ALA G 1638 -59.49 -22.54 89.33
N LEU G 1639 -58.64 -21.65 88.83
CA LEU G 1639 -57.27 -21.98 88.46
C LEU G 1639 -56.43 -21.99 89.73
N HIS G 1640 -55.99 -23.17 90.15
CA HIS G 1640 -55.28 -23.34 91.41
C HIS G 1640 -53.78 -23.25 91.16
N ILE G 1641 -53.13 -22.35 91.88
CA ILE G 1641 -51.68 -22.22 91.90
C ILE G 1641 -51.18 -22.96 93.15
N PRO G 1642 -50.40 -24.04 93.00
CA PRO G 1642 -49.89 -24.74 94.19
C PRO G 1642 -48.80 -23.96 94.91
N GLU G 1643 -47.92 -23.27 94.17
CA GLU G 1643 -46.90 -22.45 94.81
C GLU G 1643 -47.55 -21.35 95.65
N GLU G 1644 -48.50 -20.62 95.07
CA GLU G 1644 -49.27 -19.67 95.86
C GLU G 1644 -50.29 -20.41 96.74
N ASN G 1645 -50.57 -21.66 96.40
CA ASN G 1645 -51.46 -22.54 97.17
C ASN G 1645 -52.84 -21.92 97.35
N ARG G 1646 -53.39 -21.38 96.27
CA ARG G 1646 -54.76 -20.88 96.29
C ARG G 1646 -55.28 -20.73 94.87
N CYS G 1647 -56.59 -20.48 94.76
CA CYS G 1647 -57.29 -20.55 93.48
C CYS G 1647 -57.75 -19.17 93.05
N MET G 1648 -57.56 -18.87 91.76
CA MET G 1648 -58.03 -17.64 91.14
C MET G 1648 -59.26 -17.94 90.30
N ASP G 1649 -60.11 -16.93 90.10
CA ASP G 1649 -61.19 -17.07 89.15
C ASP G 1649 -60.67 -16.88 87.73
N ILE G 1650 -61.14 -17.71 86.81
CA ILE G 1650 -60.75 -17.56 85.41
C ILE G 1650 -61.27 -16.25 84.85
N LEU G 1651 -62.35 -15.73 85.43
CA LEU G 1651 -62.85 -14.42 85.02
C LEU G 1651 -61.91 -13.31 85.45
N GLU G 1652 -61.18 -13.50 86.56
CA GLU G 1652 -60.10 -12.59 86.91
C GLU G 1652 -58.88 -12.83 86.04
N LEU G 1653 -58.66 -14.09 85.67
CA LEU G 1653 -57.61 -14.42 84.72
C LEU G 1653 -57.82 -13.71 83.39
N SER G 1654 -59.09 -13.42 83.06
CA SER G 1654 -59.39 -12.65 81.87
C SER G 1654 -58.71 -11.29 81.90
N GLU G 1655 -58.78 -10.59 83.03
CA GLU G 1655 -58.07 -9.32 83.16
C GLU G 1655 -56.56 -9.53 83.24
N ARG G 1656 -56.13 -10.58 83.94
CA ARG G 1656 -54.70 -10.86 84.08
C ARG G 1656 -54.24 -11.67 82.87
N LEU G 1657 -53.86 -10.96 81.80
CA LEU G 1657 -53.58 -11.61 80.52
C LEU G 1657 -52.36 -12.52 80.58
N ASP G 1658 -51.31 -12.09 81.31
CA ASP G 1658 -50.07 -12.86 81.31
C ASP G 1658 -50.29 -14.29 81.80
N LEU G 1659 -50.92 -14.44 82.97
CA LEU G 1659 -51.26 -15.77 83.44
C LEU G 1659 -52.31 -16.41 82.54
N GLN G 1660 -53.19 -15.59 81.96
CA GLN G 1660 -54.14 -16.09 80.97
C GLN G 1660 -53.40 -16.58 79.72
N ARG G 1661 -52.35 -15.85 79.31
CA ARG G 1661 -51.55 -16.30 78.19
C ARG G 1661 -50.86 -17.63 78.50
N PHE G 1662 -50.37 -17.79 79.73
CA PHE G 1662 -49.77 -19.07 80.10
C PHE G 1662 -50.82 -20.19 80.11
N HIS G 1663 -52.04 -19.89 80.55
CA HIS G 1663 -53.09 -20.90 80.50
C HIS G 1663 -53.43 -21.28 79.06
N SER G 1664 -53.44 -20.30 78.15
CA SER G 1664 -53.69 -20.60 76.75
C SER G 1664 -52.58 -21.47 76.17
N HIS G 1665 -51.32 -21.18 76.53
CA HIS G 1665 -50.22 -22.01 76.06
C HIS G 1665 -50.30 -23.41 76.68
N THR G 1666 -50.77 -23.51 77.91
CA THR G 1666 -51.05 -24.82 78.52
C THR G 1666 -52.10 -25.57 77.72
N LEU G 1667 -53.15 -24.89 77.31
CA LEU G 1667 -54.19 -25.51 76.50
C LEU G 1667 -53.63 -26.01 75.17
N ARG G 1668 -52.76 -25.19 74.55
CA ARG G 1668 -52.12 -25.61 73.31
C ARG G 1668 -51.24 -26.84 73.52
N LEU G 1669 -50.49 -26.87 74.61
CA LEU G 1669 -49.66 -28.04 74.91
C LEU G 1669 -50.52 -29.29 75.13
N TYR G 1670 -51.64 -29.13 75.82
CA TYR G 1670 -52.55 -30.24 76.04
C TYR G 1670 -53.09 -30.76 74.72
N ARG G 1671 -53.47 -29.84 73.82
CA ARG G 1671 -53.88 -30.23 72.48
C ARG G 1671 -52.78 -31.00 71.77
N ALA G 1672 -51.54 -30.51 71.86
CA ALA G 1672 -50.43 -31.15 71.15
C ALA G 1672 -50.19 -32.55 71.68
N VAL G 1673 -50.24 -32.73 73.00
CA VAL G 1673 -49.94 -34.05 73.56
C VAL G 1673 -51.07 -35.04 73.26
N CYS G 1674 -52.32 -34.57 73.24
CA CYS G 1674 -53.43 -35.46 72.94
C CYS G 1674 -53.73 -35.55 71.45
N ALA G 1675 -52.96 -34.85 70.61
CA ALA G 1675 -53.29 -34.74 69.19
C ALA G 1675 -52.94 -36.02 68.42
N LEU G 1676 -53.54 -36.13 67.24
CA LEU G 1676 -53.26 -37.20 66.28
C LEU G 1676 -53.51 -38.58 66.88
N GLY G 1677 -54.62 -38.72 67.58
CA GLY G 1677 -55.11 -40.04 67.99
C GLY G 1677 -54.22 -40.79 68.95
N ASN G 1678 -53.53 -40.07 69.84
CA ASN G 1678 -52.80 -40.72 70.93
C ASN G 1678 -53.79 -40.95 72.06
N ASN G 1679 -54.51 -42.08 71.97
CA ASN G 1679 -55.66 -42.31 72.83
C ASN G 1679 -55.28 -42.42 74.30
N ARG G 1680 -54.12 -43.02 74.59
CA ARG G 1680 -53.69 -43.15 75.98
C ARG G 1680 -53.49 -41.78 76.61
N VAL G 1681 -52.79 -40.88 75.91
CA VAL G 1681 -52.61 -39.52 76.40
C VAL G 1681 -53.94 -38.78 76.43
N ALA G 1682 -54.84 -39.12 75.50
CA ALA G 1682 -56.16 -38.49 75.49
C ALA G 1682 -56.94 -38.83 76.75
N HIS G 1683 -56.93 -40.11 77.15
CA HIS G 1683 -57.60 -40.51 78.39
C HIS G 1683 -56.90 -39.92 79.61
N ALA G 1684 -55.56 -39.86 79.58
CA ALA G 1684 -54.85 -39.22 80.67
C ALA G 1684 -55.27 -37.76 80.83
N LEU G 1685 -55.34 -37.02 79.71
CA LEU G 1685 -55.75 -35.63 79.75
C LEU G 1685 -57.22 -35.49 80.14
N CYS G 1686 -58.04 -36.46 79.73
CA CYS G 1686 -59.44 -36.48 80.16
C CYS G 1686 -59.54 -36.60 81.68
N SER G 1687 -58.64 -37.38 82.28
CA SER G 1687 -58.59 -37.44 83.73
C SER G 1687 -58.08 -36.13 84.32
N HIS G 1688 -57.01 -35.56 83.73
CA HIS G 1688 -56.44 -34.33 84.29
C HIS G 1688 -57.43 -33.18 84.29
N VAL G 1689 -58.14 -32.98 83.18
CA VAL G 1689 -59.09 -31.90 83.02
C VAL G 1689 -60.49 -32.48 83.06
N ASP G 1690 -61.29 -32.04 84.04
CA ASP G 1690 -62.64 -32.57 84.21
C ASP G 1690 -63.52 -32.27 83.01
N GLN G 1691 -64.41 -33.22 82.70
CA GLN G 1691 -65.29 -33.07 81.54
C GLN G 1691 -66.37 -32.04 81.81
N ALA G 1692 -66.96 -32.06 83.01
CA ALA G 1692 -67.95 -31.05 83.36
C ALA G 1692 -67.33 -29.66 83.35
N GLN G 1693 -66.02 -29.58 83.61
CA GLN G 1693 -65.30 -28.32 83.42
C GLN G 1693 -65.41 -27.85 81.97
N LEU G 1694 -65.16 -28.75 81.02
CA LEU G 1694 -65.27 -28.38 79.61
C LEU G 1694 -66.68 -27.96 79.26
N LEU G 1695 -67.68 -28.70 79.77
CA LEU G 1695 -69.07 -28.35 79.47
C LEU G 1695 -69.43 -26.97 80.03
N HIS G 1696 -69.12 -26.72 81.30
CA HIS G 1696 -69.46 -25.43 81.90
C HIS G 1696 -68.65 -24.30 81.27
N ALA G 1697 -67.44 -24.62 80.80
CA ALA G 1697 -66.66 -23.64 80.04
C ALA G 1697 -67.37 -23.29 78.74
N LEU G 1698 -67.92 -24.29 78.05
CA LEU G 1698 -68.70 -24.03 76.85
C LEU G 1698 -69.89 -23.14 77.17
N GLU G 1699 -70.53 -23.39 78.33
CA GLU G 1699 -71.67 -22.57 78.73
C GLU G 1699 -71.26 -21.13 79.00
N ASP G 1700 -70.15 -20.94 79.72
CA ASP G 1700 -69.80 -19.64 80.27
C ASP G 1700 -69.40 -18.66 79.18
N ALA G 1701 -69.93 -17.44 79.26
CA ALA G 1701 -69.58 -16.41 78.30
C ALA G 1701 -68.65 -15.36 78.90
N HIS G 1702 -68.62 -15.28 80.24
CA HIS G 1702 -67.70 -14.35 80.90
C HIS G 1702 -66.25 -14.73 80.69
N LEU G 1703 -66.00 -15.96 80.29
CA LEU G 1703 -64.63 -16.45 80.15
C LEU G 1703 -63.97 -15.74 78.97
N PRO G 1704 -62.69 -15.39 79.08
CA PRO G 1704 -62.03 -14.63 78.00
C PRO G 1704 -61.96 -15.44 76.71
N GLY G 1705 -61.99 -14.72 75.58
CA GLY G 1705 -62.06 -15.33 74.27
C GLY G 1705 -60.94 -16.29 73.90
N PRO G 1706 -59.67 -15.92 74.12
CA PRO G 1706 -58.61 -16.89 73.80
C PRO G 1706 -58.71 -18.18 74.60
N LEU G 1707 -59.00 -18.10 75.90
CA LEU G 1707 -59.17 -19.32 76.69
C LEU G 1707 -60.43 -20.06 76.28
N ARG G 1708 -61.45 -19.34 75.80
CA ARG G 1708 -62.64 -19.99 75.30
C ARG G 1708 -62.33 -20.83 74.07
N ALA G 1709 -61.64 -20.23 73.09
CA ALA G 1709 -61.22 -20.99 71.92
C ALA G 1709 -60.32 -22.14 72.33
N GLY G 1710 -59.45 -21.93 73.32
CA GLY G 1710 -58.60 -23.01 73.79
C GLY G 1710 -59.37 -24.17 74.36
N TYR G 1711 -60.38 -23.89 75.20
CA TYR G 1711 -61.21 -24.96 75.75
C TYR G 1711 -61.98 -25.69 74.66
N TYR G 1712 -62.53 -24.94 73.70
CA TYR G 1712 -63.25 -25.59 72.60
C TYR G 1712 -62.33 -26.53 71.81
N ASP G 1713 -61.15 -26.03 71.43
CA ASP G 1713 -60.23 -26.85 70.65
C ASP G 1713 -59.70 -28.02 71.47
N LEU G 1714 -59.53 -27.83 72.78
CA LEU G 1714 -59.11 -28.95 73.62
C LEU G 1714 -60.17 -30.03 73.69
N LEU G 1715 -61.44 -29.64 73.79
CA LEU G 1715 -62.51 -30.64 73.74
C LEU G 1715 -62.49 -31.38 72.41
N ILE G 1716 -62.28 -30.65 71.32
CA ILE G 1716 -62.19 -31.30 70.01
C ILE G 1716 -61.03 -32.29 69.98
N SER G 1717 -59.87 -31.89 70.52
CA SER G 1717 -58.67 -32.73 70.42
C SER G 1717 -58.66 -33.84 71.46
N ILE G 1718 -59.61 -33.80 72.40
CA ILE G 1718 -59.73 -34.91 73.35
C ILE G 1718 -60.73 -35.94 72.86
N HIS G 1719 -61.89 -35.48 72.37
CA HIS G 1719 -62.95 -36.42 72.01
C HIS G 1719 -63.22 -36.51 70.52
N LEU G 1720 -63.15 -35.39 69.80
CA LEU G 1720 -63.73 -35.36 68.46
C LEU G 1720 -62.71 -35.71 67.38
N GLU G 1721 -61.41 -35.58 67.68
CA GLU G 1721 -60.41 -35.56 66.63
C GLU G 1721 -60.31 -36.90 65.89
N SER G 1722 -60.23 -38.00 66.63
CA SER G 1722 -59.96 -39.30 65.99
C SER G 1722 -61.17 -39.78 65.20
N ALA G 1723 -62.36 -39.69 65.80
CA ALA G 1723 -63.57 -40.08 65.10
C ALA G 1723 -63.82 -39.20 63.89
N CYS G 1724 -63.55 -37.89 64.02
CA CYS G 1724 -63.69 -37.00 62.88
C CYS G 1724 -62.74 -37.39 61.75
N ARG G 1725 -61.48 -37.69 62.07
CA ARG G 1725 -60.53 -38.07 61.03
C ARG G 1725 -60.95 -39.37 60.34
N SER G 1726 -61.31 -40.38 61.13
CA SER G 1726 -61.73 -41.66 60.53
C SER G 1726 -63.00 -41.49 59.70
N ARG G 1727 -63.95 -40.71 60.20
CA ARG G 1727 -65.20 -40.49 59.47
C ARG G 1727 -64.94 -39.76 58.17
N ARG G 1728 -64.07 -38.75 58.18
CA ARG G 1728 -63.73 -38.04 56.95
C ARG G 1728 -63.06 -38.98 55.95
N SER G 1729 -62.12 -39.79 56.43
CA SER G 1729 -61.41 -40.72 55.54
C SER G 1729 -62.37 -41.71 54.89
N MET G 1730 -63.34 -42.21 55.66
CA MET G 1730 -64.30 -43.14 55.09
C MET G 1730 -65.35 -42.41 54.25
N LEU G 1731 -65.62 -41.14 54.56
CA LEU G 1731 -66.65 -40.38 53.85
C LEU G 1731 -66.18 -39.97 52.47
N SER G 1732 -64.86 -39.80 52.30
CA SER G 1732 -64.32 -39.47 50.98
C SER G 1732 -64.71 -40.54 49.96
N GLU G 1733 -64.77 -41.80 50.39
CA GLU G 1733 -65.12 -42.88 49.47
C GLU G 1733 -66.59 -43.24 49.59
N TYR G 1734 -67.20 -43.64 48.47
CA TYR G 1734 -68.63 -43.94 48.39
C TYR G 1734 -68.81 -45.43 48.09
N ILE G 1735 -69.42 -46.15 49.02
CA ILE G 1735 -69.81 -47.55 48.84
C ILE G 1735 -71.31 -47.65 49.14
N VAL G 1736 -72.03 -48.36 48.28
CA VAL G 1736 -73.48 -48.45 48.37
C VAL G 1736 -73.87 -49.92 48.46
N PRO G 1737 -74.56 -50.34 49.52
CA PRO G 1737 -75.06 -51.72 49.57
C PRO G 1737 -76.43 -51.84 48.94
N LEU G 1738 -76.86 -53.08 48.75
CA LEU G 1738 -78.19 -53.33 48.20
C LEU G 1738 -79.19 -53.56 49.34
N THR G 1739 -80.24 -52.77 49.36
CA THR G 1739 -81.20 -52.76 50.46
C THR G 1739 -82.59 -52.46 49.90
N PRO G 1740 -83.64 -53.00 50.51
CA PRO G 1740 -84.99 -52.50 50.19
C PRO G 1740 -85.14 -51.01 50.45
N GLU G 1741 -84.52 -50.50 51.51
CA GLU G 1741 -84.50 -49.06 51.73
C GLU G 1741 -83.77 -48.35 50.59
N THR G 1742 -82.65 -48.93 50.14
CA THR G 1742 -81.96 -48.39 48.97
C THR G 1742 -82.91 -48.30 47.78
N ARG G 1743 -83.63 -49.38 47.50
CA ARG G 1743 -84.63 -49.35 46.43
CA ARG G 1743 -84.63 -49.35 46.43
C ARG G 1743 -85.63 -48.22 46.63
N ALA G 1744 -86.02 -48.00 47.89
CA ALA G 1744 -87.02 -46.97 48.18
C ALA G 1744 -86.50 -45.56 47.87
N ILE G 1745 -85.25 -45.27 48.24
CA ILE G 1745 -84.76 -43.90 48.14
C ILE G 1745 -84.66 -43.45 46.69
N THR G 1746 -84.96 -42.17 46.46
CA THR G 1746 -84.89 -41.54 45.15
C THR G 1746 -84.20 -40.19 45.25
N LEU G 1747 -83.95 -39.56 44.10
CA LEU G 1747 -83.40 -38.21 44.08
C LEU G 1747 -84.34 -37.21 44.75
N PHE G 1748 -85.60 -37.20 44.31
CA PHE G 1748 -86.54 -36.16 44.72
C PHE G 1748 -87.69 -36.76 45.49
N PRO G 1749 -88.11 -36.15 46.60
CA PRO G 1749 -89.31 -36.63 47.30
C PRO G 1749 -90.56 -36.33 46.49
N PRO G 1750 -91.46 -37.29 46.36
CA PRO G 1750 -92.72 -37.03 45.65
C PRO G 1750 -93.57 -36.01 46.41
N GLY G 1751 -94.35 -35.24 45.65
CA GLY G 1751 -95.19 -34.22 46.25
C GLY G 1751 -96.19 -33.68 45.24
N ARG G 1752 -97.05 -32.79 45.74
CA ARG G 1752 -98.03 -32.15 44.87
C ARG G 1752 -97.36 -31.33 43.78
N LYS G 1753 -96.18 -30.79 44.05
CA LYS G 1753 -95.43 -30.05 43.06
C LYS G 1753 -95.00 -30.98 41.92
N GLY G 1754 -94.93 -30.41 40.71
CA GLY G 1754 -94.63 -31.23 39.55
C GLY G 1754 -93.29 -31.93 39.69
N GLY G 1755 -93.22 -33.17 39.18
CA GLY G 1755 -92.05 -34.00 39.39
C GLY G 1755 -90.78 -33.40 38.83
N ASN G 1756 -90.86 -32.85 37.61
CA ASN G 1756 -89.68 -32.22 37.02
C ASN G 1756 -89.32 -30.92 37.74
N ALA G 1757 -90.33 -30.23 38.29
CA ALA G 1757 -90.13 -28.94 38.93
C ALA G 1757 -90.03 -29.03 40.45
N ARG G 1758 -89.84 -30.23 41.01
CA ARG G 1758 -89.84 -30.39 42.46
C ARG G 1758 -88.78 -29.52 43.13
N ARG G 1759 -89.17 -28.91 44.25
CA ARG G 1759 -88.23 -28.24 45.12
C ARG G 1759 -87.12 -29.20 45.54
N HIS G 1760 -85.88 -28.75 45.40
CA HIS G 1760 -84.75 -29.54 45.87
C HIS G 1760 -84.87 -29.78 47.37
N GLY G 1761 -84.70 -31.04 47.76
CA GLY G 1761 -84.80 -31.38 49.17
C GLY G 1761 -83.68 -30.75 49.97
N LEU G 1762 -83.96 -30.49 51.24
CA LEU G 1762 -82.95 -29.93 52.11
C LEU G 1762 -81.79 -30.90 52.24
N PRO G 1763 -80.54 -30.44 52.11
CA PRO G 1763 -79.40 -31.36 52.13
C PRO G 1763 -79.31 -32.09 53.46
N GLY G 1764 -78.94 -33.37 53.39
CA GLY G 1764 -78.68 -34.16 54.57
C GLY G 1764 -79.87 -34.87 55.17
N VAL G 1765 -81.06 -34.76 54.58
CA VAL G 1765 -82.25 -35.45 55.08
C VAL G 1765 -82.49 -36.67 54.21
N GLY G 1766 -83.02 -37.72 54.82
CA GLY G 1766 -83.26 -38.97 54.12
C GLY G 1766 -82.42 -40.07 54.74
N VAL G 1767 -82.20 -41.11 53.96
CA VAL G 1767 -81.40 -42.26 54.38
C VAL G 1767 -80.18 -42.36 53.47
N THR G 1768 -79.00 -42.39 54.07
CA THR G 1768 -77.76 -42.63 53.36
C THR G 1768 -77.26 -44.03 53.68
N THR G 1769 -77.45 -44.96 52.75
CA THR G 1769 -77.13 -46.36 52.96
C THR G 1769 -75.64 -46.64 52.94
N SER G 1770 -74.82 -45.65 52.59
CA SER G 1770 -73.38 -45.88 52.52
C SER G 1770 -72.85 -46.36 53.86
N LEU G 1771 -72.08 -47.44 53.82
CA LEU G 1771 -71.59 -48.07 55.04
C LEU G 1771 -70.53 -47.19 55.69
N ARG G 1772 -70.84 -46.67 56.86
CA ARG G 1772 -69.95 -45.75 57.56
C ARG G 1772 -69.57 -46.39 58.89
N PRO G 1773 -68.31 -46.31 59.30
CA PRO G 1773 -67.86 -47.02 60.50
C PRO G 1773 -68.53 -46.45 61.74
N PRO G 1774 -69.21 -47.29 62.52
CA PRO G 1774 -69.76 -46.82 63.79
C PRO G 1774 -68.65 -46.33 64.70
N HIS G 1775 -68.78 -45.08 65.16
CA HIS G 1775 -67.76 -44.49 66.00
C HIS G 1775 -67.58 -45.29 67.28
N HIS G 1776 -66.35 -45.73 67.52
CA HIS G 1776 -66.02 -46.55 68.68
C HIS G 1776 -65.49 -45.67 69.79
N PHE G 1777 -66.21 -45.64 70.91
CA PHE G 1777 -65.86 -44.81 72.05
C PHE G 1777 -65.65 -45.68 73.28
N SER G 1778 -64.70 -45.28 74.11
CA SER G 1778 -64.40 -45.98 75.34
C SER G 1778 -64.96 -45.21 76.53
N PRO G 1779 -65.79 -45.83 77.37
CA PRO G 1779 -66.21 -45.18 78.61
C PRO G 1779 -65.01 -44.89 79.48
N PRO G 1780 -64.71 -43.62 79.74
CA PRO G 1780 -63.48 -43.29 80.46
C PRO G 1780 -63.59 -43.59 81.95
N CYS G 1781 -62.92 -44.65 82.39
CA CYS G 1781 -62.88 -45.05 83.79
C CYS G 1781 -61.46 -45.47 84.13
N PHE G 1782 -60.76 -44.64 84.89
CA PHE G 1782 -59.35 -44.82 85.18
C PHE G 1782 -59.08 -45.49 86.52
N VAL G 1783 -60.13 -45.98 87.20
CA VAL G 1783 -59.95 -46.68 88.46
C VAL G 1783 -60.00 -48.19 88.31
N ALA G 1784 -60.17 -48.69 87.09
CA ALA G 1784 -60.21 -50.13 86.87
C ALA G 1784 -58.84 -50.75 87.05
N ALA G 1785 -58.81 -52.09 87.13
CA ALA G 1785 -57.56 -52.81 87.33
C ALA G 1785 -56.65 -52.63 86.12
N LEU G 1786 -55.34 -52.57 86.39
CA LEU G 1786 -54.37 -52.40 85.33
C LEU G 1786 -54.36 -53.63 84.43
N PRO G 1787 -54.30 -53.45 83.11
CA PRO G 1787 -54.26 -54.61 82.21
C PRO G 1787 -53.04 -55.47 82.46
N ALA G 1788 -53.24 -56.79 82.38
CA ALA G 1788 -52.13 -57.73 82.59
C ALA G 1788 -51.24 -57.79 81.35
N ALA G 1789 -51.80 -57.49 80.17
CA ALA G 1789 -51.02 -57.55 78.94
C ALA G 1789 -49.93 -56.48 78.94
N GLY G 1790 -48.84 -56.78 78.24
CA GLY G 1790 -47.72 -55.86 78.20
C GLY G 1790 -48.07 -54.59 77.45
N VAL G 1791 -47.33 -53.52 77.75
CA VAL G 1791 -47.57 -52.24 77.09
C VAL G 1791 -47.00 -52.29 75.67
N ALA G 1792 -47.66 -51.55 74.77
CA ALA G 1792 -47.26 -51.39 73.37
C ALA G 1792 -47.44 -52.68 72.58
N GLU G 1793 -47.87 -53.76 73.24
CA GLU G 1793 -48.23 -54.97 72.51
C GLU G 1793 -49.72 -55.24 72.62
N ALA G 1794 -50.34 -54.81 73.71
CA ALA G 1794 -51.78 -54.87 73.82
C ALA G 1794 -52.42 -53.89 72.85
N PRO G 1795 -53.63 -54.16 72.35
CA PRO G 1795 -54.26 -53.25 71.40
C PRO G 1795 -54.49 -51.87 72.02
N ALA G 1796 -54.32 -50.84 71.19
CA ALA G 1796 -54.59 -49.48 71.64
C ALA G 1796 -56.07 -49.32 71.96
N ARG G 1797 -56.37 -48.62 73.04
CA ARG G 1797 -57.74 -48.54 73.52
C ARG G 1797 -58.44 -47.29 72.97
N LEU G 1798 -59.76 -47.30 73.04
CA LEU G 1798 -60.56 -46.36 72.27
C LEU G 1798 -60.50 -44.95 72.87
N SER G 1799 -61.17 -44.03 72.19
CA SER G 1799 -61.23 -42.64 72.64
C SER G 1799 -62.25 -42.49 73.77
N PRO G 1800 -62.10 -41.46 74.61
CA PRO G 1800 -63.04 -41.31 75.74
C PRO G 1800 -64.46 -41.04 75.28
N ALA G 1801 -65.42 -41.53 76.06
CA ALA G 1801 -66.82 -41.38 75.73
C ALA G 1801 -67.35 -40.00 76.15
N ILE G 1802 -68.38 -39.55 75.45
CA ILE G 1802 -68.96 -38.23 75.67
C ILE G 1802 -70.48 -38.37 75.55
N PRO G 1803 -71.25 -37.58 76.32
CA PRO G 1803 -72.71 -37.60 76.12
C PRO G 1803 -73.12 -36.91 74.84
N LEU G 1804 -73.10 -37.69 73.74
CA LEU G 1804 -73.23 -37.13 72.40
C LEU G 1804 -74.56 -36.42 72.20
N GLU G 1805 -75.66 -36.99 72.67
CA GLU G 1805 -76.97 -36.39 72.42
C GLU G 1805 -77.13 -35.08 73.18
N ALA G 1806 -76.74 -35.06 74.46
CA ALA G 1806 -76.80 -33.83 75.24
C ALA G 1806 -75.89 -32.76 74.64
N LEU G 1807 -74.70 -33.16 74.20
CA LEU G 1807 -73.79 -32.22 73.55
C LEU G 1807 -74.39 -31.69 72.26
N ARG G 1808 -75.10 -32.55 71.51
CA ARG G 1808 -75.76 -32.12 70.28
C ARG G 1808 -76.79 -31.05 70.56
N ASP G 1809 -77.69 -31.30 71.51
CA ASP G 1809 -78.72 -30.33 71.85
C ASP G 1809 -78.11 -29.04 72.38
N LYS G 1810 -77.07 -29.17 73.21
CA LYS G 1810 -76.39 -28.00 73.76
C LYS G 1810 -75.75 -27.17 72.67
N ALA G 1811 -75.10 -27.81 71.70
CA ALA G 1811 -74.50 -27.08 70.59
C ALA G 1811 -75.57 -26.41 69.72
N LEU G 1812 -76.70 -27.09 69.52
CA LEU G 1812 -77.78 -26.48 68.74
C LEU G 1812 -78.32 -25.23 69.42
N ARG G 1813 -78.53 -25.30 70.74
CA ARG G 1813 -79.05 -24.12 71.43
C ARG G 1813 -77.98 -23.04 71.57
N MET G 1814 -76.70 -23.43 71.58
CA MET G 1814 -75.64 -22.44 71.51
C MET G 1814 -75.66 -21.70 70.18
N LEU G 1815 -75.88 -22.43 69.09
CA LEU G 1815 -76.02 -21.79 67.78
C LEU G 1815 -77.23 -20.89 67.75
N GLY G 1816 -78.32 -21.31 68.41
CA GLY G 1816 -79.48 -20.42 68.54
C GLY G 1816 -79.14 -19.14 69.30
N GLU G 1817 -78.35 -19.27 70.36
CA GLU G 1817 -77.88 -18.08 71.07
C GLU G 1817 -77.04 -17.19 70.17
N ALA G 1818 -76.20 -17.80 69.33
CA ALA G 1818 -75.40 -17.03 68.39
C ALA G 1818 -76.28 -16.27 67.41
N VAL G 1819 -77.34 -16.92 66.92
CA VAL G 1819 -78.28 -16.22 66.03
C VAL G 1819 -78.96 -15.07 66.77
N ARG G 1820 -79.34 -15.30 68.03
CA ARG G 1820 -79.95 -14.23 68.81
C ARG G 1820 -79.01 -13.04 68.97
N ASP G 1821 -77.74 -13.32 69.27
CA ASP G 1821 -76.77 -12.24 69.44
C ASP G 1821 -76.51 -11.52 68.13
N GLY G 1822 -76.45 -12.27 67.02
CA GLY G 1822 -76.28 -11.64 65.72
C GLY G 1822 -77.44 -10.73 65.37
N GLY G 1823 -78.66 -11.14 65.72
CA GLY G 1823 -79.79 -10.25 65.55
C GLY G 1823 -79.73 -9.03 66.44
N GLN G 1824 -79.26 -9.21 67.68
CA GLN G 1824 -79.17 -8.10 68.63
C GLN G 1824 -78.14 -7.06 68.18
N HIS G 1825 -77.02 -7.52 67.63
CA HIS G 1825 -75.89 -6.63 67.30
C HIS G 1825 -75.42 -5.86 68.53
N ALA G 1826 -75.27 -6.58 69.64
CA ALA G 1826 -74.84 -5.95 70.89
C ALA G 1826 -73.43 -5.42 70.78
N ARG G 1827 -73.16 -4.34 71.53
CA ARG G 1827 -71.84 -3.73 71.49
C ARG G 1827 -70.75 -4.66 72.02
N ASP G 1828 -71.04 -5.39 73.08
CA ASP G 1828 -70.05 -6.26 73.70
C ASP G 1828 -70.15 -7.67 73.11
N PRO G 1829 -69.15 -8.13 72.36
CA PRO G 1829 -69.22 -9.49 71.84
C PRO G 1829 -68.84 -10.52 72.89
N VAL G 1830 -69.31 -11.75 72.69
CA VAL G 1830 -68.95 -12.83 73.59
C VAL G 1830 -67.49 -13.21 73.35
N GLY G 1831 -66.72 -13.25 74.44
CA GLY G 1831 -65.30 -13.51 74.34
C GLY G 1831 -64.47 -12.33 73.89
N GLY G 1832 -65.06 -11.14 73.78
CA GLY G 1832 -64.34 -9.96 73.36
C GLY G 1832 -64.32 -9.72 71.87
N SER G 1833 -64.80 -10.65 71.06
CA SER G 1833 -64.83 -10.48 69.62
C SER G 1833 -65.87 -11.40 68.99
N VAL G 1834 -66.42 -10.95 67.86
CA VAL G 1834 -67.37 -11.76 67.11
C VAL G 1834 -66.71 -13.04 66.64
N GLU G 1835 -65.43 -12.96 66.27
CA GLU G 1835 -64.68 -14.16 65.88
C GLU G 1835 -64.61 -15.15 67.03
N PHE G 1836 -64.24 -14.69 68.23
CA PHE G 1836 -64.17 -15.58 69.37
C PHE G 1836 -65.54 -16.14 69.74
N GLN G 1837 -66.60 -15.38 69.43
CA GLN G 1837 -67.95 -15.86 69.70
C GLN G 1837 -68.35 -16.98 68.74
N PHE G 1838 -68.01 -16.82 67.46
CA PHE G 1838 -68.59 -17.69 66.44
C PHE G 1838 -67.69 -18.87 66.08
N VAL G 1839 -66.39 -18.63 65.88
CA VAL G 1839 -65.51 -19.67 65.35
C VAL G 1839 -65.52 -20.94 66.20
N PRO G 1840 -65.39 -20.90 67.53
CA PRO G 1840 -65.41 -22.17 68.29
C PRO G 1840 -66.73 -22.93 68.17
N VAL G 1841 -67.86 -22.21 68.25
CA VAL G 1841 -69.16 -22.87 68.14
C VAL G 1841 -69.32 -23.49 66.77
N LEU G 1842 -68.91 -22.77 65.72
CA LEU G 1842 -69.00 -23.32 64.37
C LEU G 1842 -68.09 -24.52 64.19
N LYS G 1843 -66.91 -24.51 64.81
CA LYS G 1843 -66.04 -25.67 64.73
C LYS G 1843 -66.66 -26.88 65.40
N LEU G 1844 -67.27 -26.69 66.57
CA LEU G 1844 -67.97 -27.80 67.23
C LEU G 1844 -69.13 -28.30 66.39
N VAL G 1845 -69.88 -27.38 65.76
CA VAL G 1845 -70.97 -27.79 64.88
C VAL G 1845 -70.43 -28.60 63.71
N SER G 1846 -69.31 -28.16 63.13
CA SER G 1846 -68.68 -28.90 62.04
C SER G 1846 -68.28 -30.30 62.48
N THR G 1847 -67.66 -30.41 63.66
CA THR G 1847 -67.25 -31.71 64.16
C THR G 1847 -68.44 -32.63 64.40
N LEU G 1848 -69.52 -32.09 64.99
CA LEU G 1848 -70.70 -32.91 65.24
C LEU G 1848 -71.35 -33.35 63.93
N LEU G 1849 -71.42 -32.46 62.94
CA LEU G 1849 -71.96 -32.84 61.64
C LEU G 1849 -71.10 -33.92 61.00
N VAL G 1850 -69.76 -33.78 61.11
CA VAL G 1850 -68.87 -34.82 60.60
C VAL G 1850 -69.15 -36.14 61.29
N MET G 1851 -69.36 -36.10 62.60
CA MET G 1851 -69.79 -37.30 63.32
C MET G 1851 -71.07 -37.87 62.71
N GLY G 1852 -71.98 -37.01 62.29
CA GLY G 1852 -73.29 -37.45 61.86
C GLY G 1852 -74.27 -37.64 63.00
N ILE G 1853 -73.89 -37.26 64.22
CA ILE G 1853 -74.79 -37.38 65.37
C ILE G 1853 -76.01 -36.49 65.18
N PHE G 1854 -75.83 -35.36 64.51
CA PHE G 1854 -76.93 -34.45 64.23
C PHE G 1854 -78.03 -35.18 63.46
N GLY G 1855 -79.23 -35.18 64.01
CA GLY G 1855 -80.34 -35.87 63.36
C GLY G 1855 -80.88 -35.08 62.18
N ASP G 1856 -81.92 -35.63 61.56
CA ASP G 1856 -82.50 -34.97 60.39
C ASP G 1856 -83.18 -33.66 60.77
N GLU G 1857 -84.00 -33.67 61.82
CA GLU G 1857 -84.63 -32.43 62.28
C GLU G 1857 -83.57 -31.46 62.80
N ASP G 1858 -82.50 -31.98 63.39
CA ASP G 1858 -81.38 -31.13 63.78
C ASP G 1858 -80.76 -30.46 62.58
N VAL G 1859 -80.62 -31.19 61.47
CA VAL G 1859 -80.11 -30.61 60.23
C VAL G 1859 -81.06 -29.53 59.73
N LYS G 1860 -82.37 -29.76 59.87
CA LYS G 1860 -83.33 -28.72 59.50
C LYS G 1860 -83.13 -27.45 60.31
N GLN G 1861 -82.97 -27.58 61.63
CA GLN G 1861 -82.73 -26.38 62.44
C GLN G 1861 -81.40 -25.72 62.10
N ILE G 1862 -80.38 -26.53 61.79
CA ILE G 1862 -79.09 -25.96 61.40
C ILE G 1862 -79.23 -25.15 60.12
N LEU G 1863 -79.94 -25.69 59.13
CA LEU G 1863 -80.17 -24.94 57.90
C LEU G 1863 -81.00 -23.70 58.16
N LYS G 1864 -81.98 -23.79 59.08
CA LYS G 1864 -82.80 -22.64 59.40
C LYS G 1864 -81.97 -21.52 60.01
N MET G 1865 -81.04 -21.86 60.91
CA MET G 1865 -80.18 -20.83 61.49
C MET G 1865 -79.20 -20.29 60.47
N ILE G 1866 -78.62 -21.17 59.63
CA ILE G 1866 -77.66 -20.71 58.62
C ILE G 1866 -78.33 -19.74 57.66
N GLU G 1867 -79.49 -20.11 57.14
CA GLU G 1867 -80.24 -19.21 56.26
C GLU G 1867 -81.72 -19.59 56.28
N PRO G 1868 -82.54 -18.85 57.04
CA PRO G 1868 -83.95 -19.26 57.17
C PRO G 1868 -84.73 -19.22 55.85
N GLU G 1869 -84.76 -18.08 55.16
CA GLU G 1869 -85.65 -17.92 54.02
C GLU G 1869 -85.26 -18.84 52.86
N VAL G 1870 -83.95 -19.09 52.67
CA VAL G 1870 -83.52 -19.99 51.61
C VAL G 1870 -84.02 -21.40 51.87
N PHE G 1871 -84.00 -21.83 53.13
CA PHE G 1871 -84.39 -23.18 53.49
C PHE G 1871 -85.75 -23.25 54.17
N THR G 1872 -86.63 -22.27 53.94
CA THR G 1872 -87.98 -22.35 54.48
C THR G 1872 -88.75 -23.53 53.87
N GLU G 1873 -89.60 -24.13 54.68
CA GLU G 1873 -90.44 -25.25 54.25
C GLU G 1873 -91.90 -24.78 54.25
N GLU G 1874 -92.57 -24.98 53.12
CA GLU G 1874 -93.97 -24.57 52.99
C GLU G 1874 -94.66 -25.38 51.90
N LEU G 1922 -88.00 -9.01 60.36
CA LEU G 1922 -88.41 -10.40 60.52
C LEU G 1922 -87.19 -11.21 60.97
N GLU G 1923 -86.93 -12.35 60.32
CA GLU G 1923 -85.77 -13.16 60.64
C GLU G 1923 -84.59 -12.76 59.76
N GLU G 1924 -83.38 -13.00 60.27
CA GLU G 1924 -82.16 -12.61 59.58
C GLU G 1924 -81.30 -13.85 59.35
N GLY G 1925 -80.41 -13.76 58.36
CA GLY G 1925 -79.58 -14.90 58.03
C GLY G 1925 -78.13 -14.70 58.44
N LEU G 1926 -77.50 -15.82 58.82
CA LEU G 1926 -76.08 -15.79 59.15
C LEU G 1926 -75.25 -15.34 57.95
N LEU G 1927 -75.74 -15.61 56.74
CA LEU G 1927 -75.04 -15.17 55.54
C LEU G 1927 -75.10 -13.65 55.39
N GLN G 1928 -76.28 -13.07 55.59
CA GLN G 1928 -76.45 -11.64 55.34
C GLN G 1928 -75.86 -10.79 56.47
N MET G 1929 -75.86 -11.30 57.70
CA MET G 1929 -75.44 -10.46 58.81
C MET G 1929 -73.93 -10.25 58.81
N LYS G 1930 -73.22 -10.95 57.92
CA LYS G 1930 -71.84 -10.75 57.47
C LYS G 1930 -70.85 -11.11 58.58
N LEU G 1931 -69.68 -11.63 58.21
CA LEU G 1931 -68.74 -12.13 59.20
C LEU G 1931 -67.34 -11.70 58.79
N PRO G 1932 -66.38 -11.74 59.71
CA PRO G 1932 -64.97 -11.60 59.32
C PRO G 1932 -64.51 -12.82 58.53
N GLU G 1933 -63.25 -12.76 58.08
CA GLU G 1933 -62.75 -13.75 57.13
C GLU G 1933 -62.74 -15.16 57.71
N SER G 1934 -62.17 -15.34 58.91
CA SER G 1934 -62.03 -16.67 59.47
C SER G 1934 -63.38 -17.32 59.72
N VAL G 1935 -64.34 -16.55 60.24
CA VAL G 1935 -65.66 -17.10 60.48
C VAL G 1935 -66.32 -17.49 59.16
N LYS G 1936 -66.09 -16.68 58.13
CA LYS G 1936 -66.54 -17.05 56.78
C LYS G 1936 -65.89 -18.36 56.33
N LEU G 1937 -64.64 -18.59 56.73
CA LEU G 1937 -63.98 -19.86 56.41
C LEU G 1937 -64.66 -21.03 57.09
N GLN G 1938 -64.98 -20.90 58.38
CA GLN G 1938 -65.71 -21.98 59.05
C GLN G 1938 -67.08 -22.19 58.42
N MET G 1939 -67.70 -21.10 57.96
CA MET G 1939 -69.00 -21.17 57.30
C MET G 1939 -68.91 -21.95 56.00
N CYS G 1940 -67.86 -21.67 55.22
CA CYS G 1940 -67.60 -22.41 53.98
C CYS G 1940 -67.31 -23.88 54.25
N ASN G 1941 -66.60 -24.18 55.35
CA ASN G 1941 -66.38 -25.59 55.70
C ASN G 1941 -67.71 -26.28 55.99
N LEU G 1942 -68.58 -25.63 56.78
CA LEU G 1942 -69.89 -26.22 57.05
C LEU G 1942 -70.67 -26.48 55.77
N LEU G 1943 -70.74 -25.48 54.89
CA LEU G 1943 -71.54 -25.66 53.67
C LEU G 1943 -70.88 -26.65 52.72
N GLU G 1944 -69.55 -26.74 52.73
CA GLU G 1944 -68.87 -27.75 51.94
C GLU G 1944 -69.24 -29.15 52.42
N TYR G 1945 -69.33 -29.33 53.74
CA TYR G 1945 -69.78 -30.61 54.28
C TYR G 1945 -71.20 -30.92 53.83
N PHE G 1946 -72.10 -29.93 53.90
CA PHE G 1946 -73.47 -30.14 53.45
C PHE G 1946 -73.53 -30.52 51.98
N CYS G 1947 -72.70 -29.89 51.15
CA CYS G 1947 -72.67 -30.23 49.73
C CYS G 1947 -72.06 -31.61 49.51
N ASP G 1948 -71.17 -32.03 50.41
CA ASP G 1948 -70.70 -33.41 50.36
C ASP G 1948 -71.84 -34.39 50.56
N GLN G 1949 -72.71 -34.13 51.53
CA GLN G 1949 -73.91 -34.97 51.67
C GLN G 1949 -74.85 -34.82 50.48
N GLU G 1950 -74.87 -33.65 49.83
CA GLU G 1950 -75.68 -33.52 48.62
C GLU G 1950 -75.18 -34.45 47.52
N LEU G 1951 -73.86 -34.49 47.31
CA LEU G 1951 -73.28 -35.39 46.34
C LEU G 1951 -73.50 -36.85 46.74
N GLN G 1952 -73.41 -37.14 48.03
CA GLN G 1952 -73.71 -38.49 48.52
C GLN G 1952 -75.14 -38.89 48.20
N HIS G 1953 -76.09 -37.97 48.38
CA HIS G 1953 -77.48 -38.24 48.04
C HIS G 1953 -77.62 -38.52 46.55
N ARG G 1954 -76.97 -37.71 45.71
CA ARG G 1954 -77.00 -37.98 44.27
C ARG G 1954 -76.49 -39.38 43.96
N VAL G 1955 -75.34 -39.75 44.54
CA VAL G 1955 -74.72 -41.05 44.24
C VAL G 1955 -75.63 -42.18 44.68
N GLU G 1956 -76.19 -42.09 45.89
CA GLU G 1956 -76.99 -43.19 46.41
C GLU G 1956 -78.31 -43.33 45.65
N SER G 1957 -78.92 -42.20 45.27
CA SER G 1957 -80.14 -42.28 44.47
C SER G 1957 -79.86 -42.86 43.09
N LEU G 1958 -78.71 -42.49 42.50
CA LEU G 1958 -78.32 -43.09 41.23
C LEU G 1958 -78.11 -44.59 41.36
N ALA G 1959 -77.50 -45.02 42.47
CA ALA G 1959 -77.31 -46.46 42.70
C ALA G 1959 -78.65 -47.17 42.86
N ALA G 1960 -79.60 -46.55 43.56
CA ALA G 1960 -80.94 -47.13 43.68
C ALA G 1960 -81.61 -47.28 42.32
N PHE G 1961 -81.57 -46.21 41.52
CA PHE G 1961 -82.13 -46.29 40.18
C PHE G 1961 -81.43 -47.37 39.36
N ALA G 1962 -80.11 -47.51 39.55
CA ALA G 1962 -79.37 -48.55 38.87
C ALA G 1962 -79.87 -49.93 39.26
N GLU G 1963 -80.14 -50.14 40.55
CA GLU G 1963 -80.70 -51.42 40.99
C GLU G 1963 -82.03 -51.71 40.29
N ARG G 1964 -82.95 -50.74 40.31
CA ARG G 1964 -84.25 -50.96 39.69
C ARG G 1964 -84.11 -51.22 38.19
N TYR G 1965 -83.26 -50.45 37.51
CA TYR G 1965 -83.15 -50.56 36.07
C TYR G 1965 -82.45 -51.86 35.67
N VAL G 1966 -81.50 -52.31 36.49
CA VAL G 1966 -80.85 -53.60 36.23
C VAL G 1966 -81.85 -54.73 36.39
N ASP G 1967 -82.72 -54.65 37.41
CA ASP G 1967 -83.76 -55.67 37.53
C ASP G 1967 -84.69 -55.65 36.33
N LYS G 1968 -85.08 -54.46 35.87
CA LYS G 1968 -85.94 -54.38 34.69
C LYS G 1968 -85.25 -54.96 33.46
N LEU G 1969 -83.96 -54.66 33.29
CA LEU G 1969 -83.21 -55.20 32.15
C LEU G 1969 -83.13 -56.72 32.24
N GLN G 1970 -82.90 -57.26 33.43
CA GLN G 1970 -82.81 -58.70 33.60
C GLN G 1970 -84.14 -59.38 33.28
N ALA G 1971 -85.24 -58.80 33.76
CA ALA G 1971 -86.55 -59.35 33.43
C ALA G 1971 -86.82 -59.29 31.93
N ASN G 1972 -86.46 -58.17 31.30
CA ASN G 1972 -86.65 -58.04 29.86
C ASN G 1972 -85.84 -59.06 29.08
N GLN G 1973 -84.60 -59.32 29.51
CA GLN G 1973 -83.77 -60.29 28.81
C GLN G 1973 -84.25 -61.71 29.06
N ARG G 1974 -84.77 -61.98 30.26
CA ARG G 1974 -85.38 -63.30 30.50
C ARG G 1974 -86.57 -63.51 29.58
N SER G 1975 -87.39 -62.48 29.40
CA SER G 1975 -88.51 -62.58 28.45
C SER G 1975 -88.00 -62.72 27.02
N ARG G 1976 -86.96 -61.96 26.66
CA ARG G 1976 -86.46 -61.95 25.28
C ARG G 1976 -85.85 -63.30 24.91
N TYR G 1977 -85.00 -63.84 25.77
CA TYR G 1977 -84.38 -65.14 25.49
C TYR G 1977 -85.44 -66.23 25.45
N ALA G 1978 -86.50 -66.08 26.24
CA ALA G 1978 -87.65 -66.98 26.13
C ALA G 1978 -88.28 -66.87 24.76
N LEU G 1979 -88.32 -65.66 24.20
CA LEU G 1979 -88.76 -65.50 22.83
C LEU G 1979 -87.63 -65.82 21.85
N LEU G 1980 -86.41 -66.06 22.36
CA LEU G 1980 -85.29 -66.31 21.47
C LEU G 1980 -85.11 -67.80 21.19
N MET G 1981 -85.21 -68.65 22.22
CA MET G 1981 -85.21 -70.08 21.97
C MET G 1981 -86.43 -70.48 21.15
N ARG G 1982 -87.45 -69.61 21.10
CA ARG G 1982 -88.55 -69.84 20.18
C ARG G 1982 -88.28 -69.18 18.85
N ALA G 1983 -87.53 -68.07 18.84
CA ALA G 1983 -87.30 -67.35 17.59
C ALA G 1983 -86.23 -68.05 16.76
N PHE G 1984 -85.56 -69.06 17.32
CA PHE G 1984 -84.67 -69.88 16.52
C PHE G 1984 -85.40 -70.53 15.37
N THR G 1985 -86.71 -70.75 15.52
CA THR G 1985 -87.45 -71.51 14.52
C THR G 1985 -88.06 -70.61 13.46
N MET G 1986 -88.68 -69.48 13.86
CA MET G 1986 -89.38 -68.65 12.89
C MET G 1986 -88.41 -67.97 11.92
N SER G 1987 -87.35 -67.36 12.44
CA SER G 1987 -86.47 -66.53 11.63
C SER G 1987 -85.03 -66.99 11.81
N ALA G 1988 -84.25 -66.93 10.73
CA ALA G 1988 -82.85 -67.31 10.81
C ALA G 1988 -81.94 -66.09 10.97
N ALA G 1989 -82.20 -65.04 10.20
CA ALA G 1989 -81.36 -63.83 10.30
C ALA G 1989 -81.55 -63.14 11.64
N GLU G 1990 -82.81 -63.02 12.09
CA GLU G 1990 -83.08 -62.46 13.42
C GLU G 1990 -82.36 -63.26 14.50
N THR G 1991 -82.46 -64.59 14.43
CA THR G 1991 -81.81 -65.43 15.42
C THR G 1991 -80.29 -65.26 15.37
N ALA G 1992 -79.73 -65.18 14.16
CA ALA G 1992 -78.29 -65.05 14.03
C ALA G 1992 -77.79 -63.72 14.60
N ARG G 1993 -78.49 -62.62 14.33
CA ARG G 1993 -78.05 -61.33 14.84
C ARG G 1993 -78.28 -61.21 16.34
N ARG G 1994 -79.33 -61.87 16.85
CA ARG G 1994 -79.51 -61.95 18.30
C ARG G 1994 -78.37 -62.75 18.93
N THR G 1995 -78.00 -63.86 18.32
CA THR G 1995 -76.90 -64.67 18.84
C THR G 1995 -75.62 -63.86 18.89
N ARG G 1996 -75.14 -63.36 17.75
CA ARG G 1996 -73.84 -62.68 17.75
C ARG G 1996 -73.86 -61.49 18.70
N GLU G 1997 -75.03 -60.94 18.99
CA GLU G 1997 -75.12 -59.90 20.01
C GLU G 1997 -74.87 -60.49 21.40
N PHE G 1998 -75.51 -61.62 21.71
CA PHE G 1998 -75.32 -62.22 23.03
C PHE G 1998 -73.91 -62.78 23.20
N ARG G 1999 -73.29 -63.21 22.10
CA ARG G 1999 -71.95 -63.81 22.19
C ARG G 1999 -70.92 -62.81 22.66
N SER G 2000 -71.23 -61.52 22.58
CA SER G 2000 -70.38 -60.51 23.17
C SER G 2000 -70.38 -60.66 24.69
N PRO G 2001 -69.31 -60.28 25.37
CA PRO G 2001 -69.25 -60.46 26.81
C PRO G 2001 -70.31 -59.63 27.50
N PRO G 2002 -70.69 -59.99 28.73
CA PRO G 2002 -71.81 -59.28 29.39
C PRO G 2002 -71.62 -57.79 29.51
N GLN G 2003 -70.37 -57.33 29.73
CA GLN G 2003 -70.10 -55.90 29.75
C GLN G 2003 -70.48 -55.25 28.43
N GLU G 2004 -70.10 -55.86 27.31
CA GLU G 2004 -70.44 -55.31 26.01
C GLU G 2004 -71.93 -55.41 25.73
N GLN G 2005 -72.58 -56.46 26.22
CA GLN G 2005 -74.03 -56.59 26.05
C GLN G 2005 -74.74 -55.45 26.75
N ILE G 2006 -74.36 -55.15 28.00
CA ILE G 2006 -74.98 -54.03 28.70
C ILE G 2006 -74.60 -52.71 28.04
N ASN G 2007 -73.38 -52.62 27.50
CA ASN G 2007 -73.00 -51.42 26.76
C ASN G 2007 -73.94 -51.17 25.60
N MET G 2008 -74.17 -52.17 24.76
CA MET G 2008 -75.02 -51.95 23.59
C MET G 2008 -76.48 -51.76 24.00
N LEU G 2009 -76.91 -52.44 25.06
CA LEU G 2009 -78.27 -52.25 25.55
C LEU G 2009 -78.48 -50.81 26.02
N LEU G 2010 -77.51 -50.25 26.72
CA LEU G 2010 -77.63 -48.88 27.20
C LEU G 2010 -77.46 -47.87 26.08
N HIS G 2011 -76.72 -48.24 25.03
CA HIS G 2011 -76.37 -47.29 23.97
C HIS G 2011 -77.60 -47.03 23.08
N PHE G 2012 -78.48 -46.17 23.59
CA PHE G 2012 -79.52 -45.56 22.77
C PHE G 2012 -79.79 -44.11 23.13
N LYS G 2013 -78.88 -43.46 23.85
CA LYS G 2013 -79.04 -42.04 24.16
C LYS G 2013 -78.87 -41.18 22.91
N ASP G 2014 -77.91 -41.55 22.05
CA ASP G 2014 -77.51 -40.68 20.95
C ASP G 2014 -78.60 -40.58 19.87
N GLU G 2015 -79.59 -41.48 19.92
CA GLU G 2015 -80.73 -41.58 19.00
C GLU G 2015 -80.29 -42.13 17.64
N ALA G 2016 -78.99 -42.24 17.39
CA ALA G 2016 -78.54 -42.83 16.12
C ALA G 2016 -78.93 -44.30 16.04
N ASP G 2017 -78.85 -45.03 17.16
CA ASP G 2017 -79.29 -46.41 17.22
C ASP G 2017 -80.33 -46.64 18.33
N GLU G 2018 -81.04 -45.59 18.74
CA GLU G 2018 -82.14 -45.77 19.67
C GLU G 2018 -83.28 -46.55 19.03
N GLU G 2019 -83.47 -46.38 17.72
CA GLU G 2019 -84.40 -47.23 17.00
C GLU G 2019 -83.83 -48.64 16.82
N ASP G 2020 -82.50 -48.76 16.81
CA ASP G 2020 -81.87 -50.06 16.59
C ASP G 2020 -81.92 -50.94 17.83
N CYS G 2021 -81.83 -50.33 19.01
CA CYS G 2021 -81.71 -51.12 20.23
C CYS G 2021 -82.97 -51.96 20.44
N PRO G 2022 -82.82 -53.22 20.87
CA PRO G 2022 -84.01 -54.08 21.01
C PRO G 2022 -84.80 -53.81 22.28
N LEU G 2023 -84.30 -52.97 23.17
CA LEU G 2023 -84.96 -52.76 24.46
C LEU G 2023 -86.31 -52.09 24.25
N PRO G 2024 -87.30 -52.40 25.09
CA PRO G 2024 -88.63 -51.81 24.91
C PRO G 2024 -88.64 -50.30 25.12
N GLU G 2025 -89.57 -49.64 24.41
CA GLU G 2025 -89.60 -48.19 24.40
C GLU G 2025 -89.88 -47.63 25.79
N ASP G 2026 -90.62 -48.37 26.63
CA ASP G 2026 -90.88 -47.88 27.98
C ASP G 2026 -89.63 -47.93 28.85
N ILE G 2027 -88.83 -49.00 28.72
CA ILE G 2027 -87.60 -49.10 29.48
C ILE G 2027 -86.57 -48.11 28.95
N ARG G 2028 -86.75 -47.65 27.71
CA ARG G 2028 -85.98 -46.51 27.24
C ARG G 2028 -86.49 -45.21 27.86
N GLN G 2029 -87.82 -45.03 27.87
CA GLN G 2029 -88.42 -43.76 28.25
C GLN G 2029 -88.17 -43.43 29.71
N ASP G 2030 -88.31 -44.42 30.60
CA ASP G 2030 -88.04 -44.14 32.01
C ASP G 2030 -86.57 -43.79 32.22
N LEU G 2031 -85.68 -44.39 31.43
CA LEU G 2031 -84.27 -44.03 31.50
C LEU G 2031 -84.03 -42.59 31.07
N GLN G 2032 -84.63 -42.16 29.97
CA GLN G 2032 -84.47 -40.75 29.57
C GLN G 2032 -85.09 -39.82 30.61
N ASP G 2033 -86.24 -40.20 31.18
CA ASP G 2033 -86.86 -39.36 32.20
C ASP G 2033 -85.95 -39.19 33.40
N PHE G 2034 -85.34 -40.29 33.87
CA PHE G 2034 -84.41 -40.18 34.98
C PHE G 2034 -83.18 -39.37 34.58
N HIS G 2035 -82.76 -39.46 33.33
CA HIS G 2035 -81.60 -38.69 32.88
C HIS G 2035 -81.89 -37.20 32.92
N GLN G 2036 -83.09 -36.78 32.46
CA GLN G 2036 -83.45 -35.37 32.56
C GLN G 2036 -83.62 -34.95 34.03
N ASP G 2037 -84.13 -35.86 34.86
CA ASP G 2037 -84.21 -35.55 36.29
C ASP G 2037 -82.83 -35.30 36.88
N LEU G 2038 -81.85 -36.12 36.51
CA LEU G 2038 -80.48 -35.93 36.97
C LEU G 2038 -79.90 -34.63 36.45
N LEU G 2039 -80.18 -34.30 35.19
CA LEU G 2039 -79.72 -33.03 34.64
C LEU G 2039 -80.28 -31.86 35.43
N ALA G 2040 -81.57 -31.87 35.72
CA ALA G 2040 -82.18 -30.81 36.50
C ALA G 2040 -81.60 -30.74 37.91
N HIS G 2041 -81.39 -31.90 38.53
CA HIS G 2041 -80.87 -31.93 39.89
C HIS G 2041 -79.45 -31.40 39.94
N CYS G 2042 -78.62 -31.75 38.96
CA CYS G 2042 -77.27 -31.20 38.91
C CYS G 2042 -77.28 -29.75 38.49
N GLY G 2043 -78.40 -29.28 37.92
CA GLY G 2043 -78.52 -27.91 37.51
C GLY G 2043 -78.07 -27.61 36.09
N ILE G 2044 -77.81 -28.65 35.29
CA ILE G 2044 -77.42 -28.43 33.90
C ILE G 2044 -78.55 -27.74 33.14
N GLN G 2045 -79.78 -28.15 33.38
CA GLN G 2045 -80.93 -27.43 32.84
C GLN G 2045 -80.98 -26.03 33.43
N LEU G 2046 -81.20 -25.05 32.57
CA LEU G 2046 -81.21 -23.65 32.99
C LEU G 2046 -82.63 -23.09 33.00
N GLU G 2088 -88.81 -17.25 43.51
CA GLU G 2088 -88.68 -15.84 43.15
C GLU G 2088 -87.22 -15.39 43.17
N LYS G 2089 -86.99 -14.10 43.46
CA LYS G 2089 -85.64 -13.55 43.36
C LYS G 2089 -84.67 -14.26 44.29
N LYS G 2090 -85.12 -14.64 45.48
CA LYS G 2090 -84.28 -15.45 46.34
C LYS G 2090 -84.01 -16.79 45.67
N PRO G 2091 -82.78 -17.30 45.72
CA PRO G 2091 -82.42 -18.46 44.88
C PRO G 2091 -83.31 -19.67 45.05
N GLN G 2092 -83.73 -19.99 46.27
CA GLN G 2092 -84.48 -21.20 46.61
C GLN G 2092 -83.72 -22.46 46.19
N SER G 2093 -82.41 -22.39 46.03
CA SER G 2093 -81.60 -23.53 45.65
C SER G 2093 -80.22 -23.39 46.26
N LEU G 2094 -79.64 -24.51 46.70
CA LEU G 2094 -78.30 -24.48 47.27
C LEU G 2094 -77.28 -24.00 46.24
N GLN G 2095 -77.42 -24.46 44.99
CA GLN G 2095 -76.54 -24.02 43.92
C GLN G 2095 -76.42 -22.49 43.86
N GLU G 2096 -77.54 -21.82 43.57
CA GLU G 2096 -77.52 -20.38 43.41
C GLU G 2096 -77.24 -19.68 44.73
N LEU G 2097 -77.63 -20.31 45.86
CA LEU G 2097 -77.34 -19.70 47.15
C LEU G 2097 -75.83 -19.58 47.38
N VAL G 2098 -75.10 -20.67 47.16
CA VAL G 2098 -73.65 -20.64 47.35
C VAL G 2098 -72.99 -19.71 46.34
N SER G 2099 -73.41 -19.80 45.08
CA SER G 2099 -72.83 -18.92 44.06
C SER G 2099 -73.03 -17.45 44.44
N HIS G 2100 -74.25 -17.10 44.83
CA HIS G 2100 -74.57 -15.72 45.17
CA HIS G 2100 -74.57 -15.72 45.17
C HIS G 2100 -73.80 -15.25 46.39
N MET G 2101 -73.68 -16.11 47.41
CA MET G 2101 -72.99 -15.66 48.62
C MET G 2101 -71.52 -15.44 48.34
N VAL G 2102 -70.90 -16.34 47.55
CA VAL G 2102 -69.50 -16.17 47.21
C VAL G 2102 -69.29 -14.88 46.41
N VAL G 2103 -70.16 -14.65 45.42
CA VAL G 2103 -70.03 -13.46 44.57
C VAL G 2103 -70.23 -12.19 45.41
N ARG G 2104 -71.23 -12.20 46.30
CA ARG G 2104 -71.49 -11.04 47.14
C ARG G 2104 -70.33 -10.76 48.08
N TRP G 2105 -69.76 -11.81 48.69
CA TRP G 2105 -68.59 -11.61 49.53
C TRP G 2105 -67.43 -11.03 48.73
N ALA G 2106 -67.27 -11.50 47.49
CA ALA G 2106 -66.20 -10.98 46.65
C ALA G 2106 -66.38 -9.49 46.38
N GLN G 2107 -67.61 -9.05 46.10
CA GLN G 2107 -67.83 -7.61 45.94
C GLN G 2107 -67.63 -6.87 47.25
N GLU G 2108 -68.04 -7.45 48.37
CA GLU G 2108 -67.92 -6.77 49.65
C GLU G 2108 -66.46 -6.50 50.01
N ASP G 2109 -65.59 -7.49 49.83
CA ASP G 2109 -64.20 -7.31 50.24
C ASP G 2109 -63.27 -8.15 49.38
N TYR G 2110 -62.02 -7.73 49.34
CA TYR G 2110 -60.95 -8.51 48.74
C TYR G 2110 -60.28 -9.36 49.81
N VAL G 2111 -60.42 -10.68 49.68
CA VAL G 2111 -59.99 -11.57 50.76
C VAL G 2111 -58.47 -11.56 50.87
N GLN G 2112 -57.98 -11.33 52.09
CA GLN G 2112 -56.55 -11.29 52.37
C GLN G 2112 -55.97 -12.65 52.73
N SER G 2113 -56.82 -13.67 52.94
CA SER G 2113 -56.36 -14.95 53.44
C SER G 2113 -56.39 -16.00 52.33
N PRO G 2114 -55.23 -16.49 51.91
CA PRO G 2114 -55.22 -17.45 50.78
C PRO G 2114 -55.98 -18.74 51.05
N GLU G 2115 -55.98 -19.23 52.29
CA GLU G 2115 -56.72 -20.44 52.60
C GLU G 2115 -58.22 -20.24 52.39
N LEU G 2116 -58.75 -19.11 52.85
CA LEU G 2116 -60.16 -18.81 52.62
C LEU G 2116 -60.43 -18.60 51.14
N VAL G 2117 -59.49 -17.97 50.41
CA VAL G 2117 -59.68 -17.80 48.97
C VAL G 2117 -59.78 -19.15 48.28
N ARG G 2118 -58.89 -20.08 48.63
CA ARG G 2118 -58.91 -21.40 48.01
C ARG G 2118 -60.19 -22.16 48.36
N ALA G 2119 -60.60 -22.11 49.63
CA ALA G 2119 -61.86 -22.75 50.00
C ALA G 2119 -63.03 -22.14 49.24
N MET G 2120 -63.05 -20.81 49.14
CA MET G 2120 -64.10 -20.10 48.40
C MET G 2120 -64.18 -20.58 46.97
N PHE G 2121 -63.05 -20.63 46.27
CA PHE G 2121 -63.09 -20.91 44.84
C PHE G 2121 -63.31 -22.40 44.58
N SER G 2122 -62.79 -23.26 45.46
CA SER G 2122 -63.08 -24.68 45.34
C SER G 2122 -64.57 -24.94 45.51
N LEU G 2123 -65.19 -24.32 46.52
CA LEU G 2123 -66.63 -24.47 46.71
C LEU G 2123 -67.40 -23.92 45.51
N LEU G 2124 -66.96 -22.78 44.98
CA LEU G 2124 -67.62 -22.20 43.82
C LEU G 2124 -67.59 -23.14 42.63
N HIS G 2125 -66.42 -23.74 42.36
CA HIS G 2125 -66.31 -24.68 41.25
C HIS G 2125 -67.17 -25.91 41.51
N ARG G 2126 -67.19 -26.42 42.75
CA ARG G 2126 -68.04 -27.55 43.08
C ARG G 2126 -69.49 -27.25 42.74
N GLN G 2127 -69.98 -26.08 43.15
CA GLN G 2127 -71.37 -25.73 42.88
C GLN G 2127 -71.62 -25.61 41.39
N TYR G 2128 -70.80 -24.81 40.69
CA TYR G 2128 -71.10 -24.54 39.30
C TYR G 2128 -71.01 -25.80 38.44
N ASP G 2129 -70.06 -26.69 38.72
CA ASP G 2129 -69.98 -27.98 38.05
C ASP G 2129 -69.83 -29.08 39.10
N GLY G 2130 -70.96 -29.49 39.67
CA GLY G 2130 -70.97 -30.72 40.47
C GLY G 2130 -71.15 -31.96 39.62
N LEU G 2131 -71.72 -31.80 38.42
CA LEU G 2131 -71.93 -32.94 37.54
C LEU G 2131 -70.60 -33.57 37.13
N GLY G 2132 -69.60 -32.74 36.80
CA GLY G 2132 -68.28 -33.27 36.50
C GLY G 2132 -67.66 -33.95 37.71
N GLU G 2133 -67.89 -33.39 38.90
CA GLU G 2133 -67.40 -34.03 40.11
C GLU G 2133 -68.13 -35.34 40.37
N LEU G 2134 -69.42 -35.40 40.03
CA LEU G 2134 -70.13 -36.68 40.06
C LEU G 2134 -69.50 -37.67 39.10
N LEU G 2135 -69.12 -37.21 37.91
CA LEU G 2135 -68.42 -38.07 36.96
C LEU G 2135 -67.12 -38.61 37.54
N ARG G 2136 -66.37 -37.75 38.22
CA ARG G 2136 -65.14 -38.21 38.87
C ARG G 2136 -65.42 -39.20 39.97
N ALA G 2137 -66.50 -38.98 40.74
CA ALA G 2137 -66.77 -39.81 41.91
C ALA G 2137 -67.32 -41.17 41.52
N LEU G 2138 -67.98 -41.27 40.37
CA LEU G 2138 -68.59 -42.54 39.98
C LEU G 2138 -67.60 -43.70 39.88
N PRO G 2139 -66.40 -43.55 39.31
CA PRO G 2139 -65.45 -44.68 39.36
C PRO G 2139 -65.14 -45.12 40.78
N ARG G 2140 -65.15 -44.20 41.74
CA ARG G 2140 -64.93 -44.59 43.13
C ARG G 2140 -66.15 -45.32 43.68
N ALA G 2141 -67.34 -45.01 43.17
CA ALA G 2141 -68.56 -45.65 43.66
C ALA G 2141 -68.57 -47.13 43.28
N TYR G 2142 -69.17 -47.94 44.16
CA TYR G 2142 -69.23 -49.38 43.97
C TYR G 2142 -70.44 -49.91 44.76
N THR G 2143 -70.94 -51.07 44.33
CA THR G 2143 -72.13 -51.66 44.92
C THR G 2143 -71.77 -53.00 45.55
N ILE G 2144 -72.33 -53.27 46.73
CA ILE G 2144 -72.05 -54.50 47.47
C ILE G 2144 -73.37 -55.16 47.85
N SER G 2145 -73.32 -56.48 48.04
CA SER G 2145 -74.52 -57.23 48.37
C SER G 2145 -74.81 -57.15 49.87
N PRO G 2146 -76.09 -57.26 50.25
CA PRO G 2146 -76.40 -57.27 51.70
C PRO G 2146 -75.92 -58.52 52.41
N SER G 2147 -75.61 -59.58 51.66
CA SER G 2147 -75.13 -60.81 52.30
C SER G 2147 -73.70 -60.65 52.79
N SER G 2148 -72.89 -59.84 52.11
CA SER G 2148 -71.50 -59.66 52.50
C SER G 2148 -71.28 -58.33 53.21
N VAL G 2149 -72.37 -57.68 53.62
CA VAL G 2149 -72.26 -56.35 54.23
C VAL G 2149 -71.55 -56.43 55.57
N GLU G 2150 -71.78 -57.49 56.34
CA GLU G 2150 -71.14 -57.62 57.64
C GLU G 2150 -69.65 -57.83 57.49
N ASP G 2151 -69.23 -58.57 56.47
CA ASP G 2151 -67.80 -58.77 56.22
C ASP G 2151 -67.15 -57.50 55.69
N THR G 2152 -67.87 -56.77 54.83
CA THR G 2152 -67.39 -55.47 54.37
C THR G 2152 -67.27 -54.49 55.53
N MET G 2153 -68.11 -54.65 56.57
CA MET G 2153 -68.01 -53.82 57.75
C MET G 2153 -66.64 -53.98 58.41
N SER G 2154 -66.23 -55.23 58.66
CA SER G 2154 -64.93 -55.49 59.27
C SER G 2154 -63.79 -55.04 58.36
N LEU G 2155 -63.92 -55.29 57.06
CA LEU G 2155 -62.90 -54.81 56.12
C LEU G 2155 -62.74 -53.30 56.22
N LEU G 2156 -63.85 -52.57 56.24
CA LEU G 2156 -63.80 -51.11 56.32
C LEU G 2156 -63.24 -50.64 57.65
N GLU G 2157 -63.55 -51.36 58.74
CA GLU G 2157 -62.97 -51.00 60.03
C GLU G 2157 -61.45 -51.12 60.00
N CYS G 2158 -60.95 -52.24 59.48
CA CYS G 2158 -59.49 -52.41 59.38
C CYS G 2158 -58.88 -51.36 58.47
N LEU G 2159 -59.58 -51.01 57.39
CA LEU G 2159 -59.12 -49.92 56.53
C LEU G 2159 -59.02 -48.62 57.32
N GLY G 2160 -60.03 -48.32 58.14
CA GLY G 2160 -59.98 -47.11 58.94
C GLY G 2160 -58.79 -47.11 59.89
N GLN G 2161 -58.51 -48.25 60.52
CA GLN G 2161 -57.32 -48.33 61.37
C GLN G 2161 -56.06 -48.05 60.56
N ILE G 2162 -55.95 -48.62 59.36
CA ILE G 2162 -54.76 -48.39 58.54
C ILE G 2162 -54.62 -46.91 58.18
N ARG G 2163 -55.70 -46.29 57.71
CA ARG G 2163 -55.62 -44.89 57.29
C ARG G 2163 -55.31 -43.98 58.46
N SER G 2164 -55.84 -44.28 59.65
CA SER G 2164 -55.46 -43.52 60.83
C SER G 2164 -54.00 -43.73 61.18
N LEU G 2165 -53.48 -44.94 60.96
CA LEU G 2165 -52.10 -45.24 61.31
C LEU G 2165 -51.12 -44.53 60.38
N LEU G 2166 -51.50 -44.33 59.12
CA LEU G 2166 -50.63 -43.62 58.18
C LEU G 2166 -50.18 -42.27 58.72
N ILE G 2167 -51.07 -41.56 59.42
CA ILE G 2167 -50.72 -40.22 59.88
C ILE G 2167 -49.60 -40.24 60.90
N VAL G 2168 -49.67 -41.16 61.87
CA VAL G 2168 -48.69 -41.19 62.95
C VAL G 2168 -47.41 -41.87 62.47
N GLN G 2169 -46.29 -41.48 63.06
CA GLN G 2169 -45.01 -42.09 62.72
C GLN G 2169 -44.93 -43.52 63.23
N MET G 2170 -43.76 -44.13 63.01
CA MET G 2170 -43.55 -45.53 63.36
C MET G 2170 -43.57 -45.72 64.87
N GLY G 2171 -44.14 -46.83 65.31
CA GLY G 2171 -44.09 -47.26 66.69
C GLY G 2171 -44.29 -48.76 66.79
N PRO G 2172 -43.88 -49.37 67.90
CA PRO G 2172 -44.12 -50.81 68.06
C PRO G 2172 -45.60 -51.16 68.15
N GLN G 2173 -46.37 -50.39 68.90
CA GLN G 2173 -47.81 -50.61 68.96
C GLN G 2173 -48.44 -50.44 67.58
N GLU G 2174 -47.99 -49.42 66.83
CA GLU G 2174 -48.51 -49.21 65.50
C GLU G 2174 -48.17 -50.38 64.57
N GLU G 2175 -46.95 -50.90 64.67
CA GLU G 2175 -46.57 -52.02 63.80
C GLU G 2175 -47.40 -53.26 64.13
N ASN G 2176 -47.60 -53.54 65.41
CA ASN G 2176 -48.44 -54.68 65.78
C ASN G 2176 -49.88 -54.48 65.31
N LEU G 2177 -50.40 -53.26 65.46
CA LEU G 2177 -51.77 -52.98 65.06
C LEU G 2177 -51.96 -53.16 63.56
N MET G 2178 -51.06 -52.60 62.75
CA MET G 2178 -51.24 -52.74 61.31
C MET G 2178 -51.02 -54.17 60.87
N ILE G 2179 -50.10 -54.89 61.52
CA ILE G 2179 -49.87 -56.29 61.16
C ILE G 2179 -51.14 -57.11 61.40
N GLN G 2180 -51.74 -56.96 62.58
CA GLN G 2180 -52.97 -57.69 62.86
C GLN G 2180 -54.11 -57.23 61.96
N SER G 2181 -54.16 -55.93 61.64
CA SER G 2181 -55.23 -55.42 60.79
C SER G 2181 -55.13 -55.99 59.38
N ILE G 2182 -53.94 -55.98 58.79
CA ILE G 2182 -53.78 -56.51 57.43
C ILE G 2182 -53.93 -58.02 57.44
N GLY G 2183 -53.60 -58.68 58.57
CA GLY G 2183 -53.91 -60.10 58.69
C GLY G 2183 -55.41 -60.36 58.65
N ASN G 2184 -56.18 -59.54 59.37
CA ASN G 2184 -57.64 -59.67 59.31
C ASN G 2184 -58.16 -59.40 57.91
N ILE G 2185 -57.59 -58.40 57.22
CA ILE G 2185 -58.01 -58.12 55.85
C ILE G 2185 -57.71 -59.30 54.93
N MET G 2186 -56.54 -59.90 55.07
CA MET G 2186 -56.18 -61.05 54.24
C MET G 2186 -57.11 -62.22 54.53
N ASN G 2187 -57.46 -62.44 55.80
CA ASN G 2187 -58.40 -63.49 56.13
C ASN G 2187 -59.81 -63.15 55.66
N ASN G 2188 -60.10 -61.87 55.47
CA ASN G 2188 -61.44 -61.41 55.16
C ASN G 2188 -61.93 -61.99 53.84
N LYS G 2189 -63.19 -62.46 53.83
CA LYS G 2189 -63.69 -63.21 52.69
C LYS G 2189 -63.98 -62.29 51.50
N VAL G 2190 -64.51 -61.10 51.76
CA VAL G 2190 -64.81 -60.16 50.68
C VAL G 2190 -63.56 -59.81 49.90
N PHE G 2191 -62.41 -59.82 50.58
CA PHE G 2191 -61.14 -59.54 49.91
C PHE G 2191 -60.90 -60.52 48.77
N TYR G 2192 -61.33 -61.78 48.93
CA TYR G 2192 -61.27 -62.71 47.81
C TYR G 2192 -62.45 -62.53 46.86
N GLN G 2193 -63.61 -62.15 47.39
CA GLN G 2193 -64.84 -62.24 46.61
C GLN G 2193 -64.94 -61.12 45.58
N HIS G 2194 -64.51 -59.90 45.94
CA HIS G 2194 -64.71 -58.72 45.10
C HIS G 2194 -63.37 -58.11 44.72
N PRO G 2195 -62.76 -58.59 43.64
CA PRO G 2195 -61.46 -58.04 43.24
C PRO G 2195 -61.48 -56.57 42.86
N ASN G 2196 -62.62 -56.05 42.39
CA ASN G 2196 -62.66 -54.64 42.00
C ASN G 2196 -62.82 -53.73 43.22
N LEU G 2197 -63.29 -54.29 44.34
CA LEU G 2197 -63.63 -53.47 45.48
C LEU G 2197 -62.39 -52.83 46.11
N MET G 2198 -61.33 -53.63 46.34
CA MET G 2198 -60.12 -53.04 46.87
C MET G 2198 -59.33 -52.29 45.80
N ARG G 2199 -59.67 -52.51 44.53
CA ARG G 2199 -59.14 -51.62 43.49
C ARG G 2199 -59.70 -50.21 43.68
N ALA G 2200 -61.02 -50.10 43.87
CA ALA G 2200 -61.62 -48.81 44.14
C ALA G 2200 -61.12 -48.23 45.46
N LEU G 2201 -60.94 -49.09 46.46
CA LEU G 2201 -60.40 -48.62 47.74
C LEU G 2201 -58.99 -48.06 47.58
N GLY G 2202 -58.15 -48.73 46.80
CA GLY G 2202 -56.77 -48.29 46.64
C GLY G 2202 -55.94 -48.43 47.89
N MET G 2203 -56.13 -49.53 48.64
CA MET G 2203 -55.37 -49.71 49.87
C MET G 2203 -53.90 -49.99 49.60
N HIS G 2204 -53.59 -50.55 48.43
CA HIS G 2204 -52.20 -50.87 48.11
C HIS G 2204 -51.34 -49.61 48.05
N GLU G 2205 -51.91 -48.52 47.55
CA GLU G 2205 -51.18 -47.26 47.53
C GLU G 2205 -50.82 -46.81 48.94
N THR G 2206 -51.78 -46.86 49.86
CA THR G 2206 -51.50 -46.45 51.24
C THR G 2206 -50.53 -47.39 51.93
N VAL G 2207 -50.59 -48.68 51.60
CA VAL G 2207 -49.63 -49.63 52.15
C VAL G 2207 -48.23 -49.31 51.65
N MET G 2208 -48.09 -48.98 50.37
CA MET G 2208 -46.78 -48.56 49.87
C MET G 2208 -46.33 -47.26 50.51
N GLU G 2209 -47.27 -46.37 50.82
CA GLU G 2209 -46.91 -45.13 51.52
C GLU G 2209 -46.34 -45.43 52.90
N VAL G 2210 -46.98 -46.31 53.67
CA VAL G 2210 -46.44 -46.63 54.98
C VAL G 2210 -45.10 -47.36 54.84
N MET G 2211 -44.98 -48.20 53.80
CA MET G 2211 -43.70 -48.81 53.49
C MET G 2211 -42.60 -47.76 53.35
N VAL G 2212 -42.83 -46.74 52.52
CA VAL G 2212 -41.78 -45.78 52.23
C VAL G 2212 -41.52 -44.88 53.43
N ASN G 2213 -42.55 -44.56 54.23
CA ASN G 2213 -42.31 -43.79 55.44
C ASN G 2213 -41.45 -44.58 56.43
N VAL G 2214 -41.67 -45.89 56.54
CA VAL G 2214 -40.81 -46.70 57.39
C VAL G 2214 -39.40 -46.78 56.80
N LEU G 2215 -39.30 -46.84 55.47
CA LEU G 2215 -38.01 -47.03 54.83
C LEU G 2215 -37.17 -45.77 54.88
N GLY G 2216 -37.80 -44.60 54.97
CA GLY G 2216 -37.07 -43.34 54.80
C GLY G 2216 -35.94 -43.15 55.79
N GLY G 2217 -36.18 -43.48 57.07
CA GLY G 2217 -35.24 -43.18 58.12
C GLY G 2217 -34.15 -44.23 58.26
N GLY G 2218 -32.91 -43.80 58.02
CA GLY G 2218 -31.75 -44.65 58.24
C GLY G 2218 -31.76 -45.94 57.46
N GLU G 2219 -32.07 -45.88 56.17
CA GLU G 2219 -32.29 -47.11 55.40
C GLU G 2219 -30.99 -47.82 55.08
N THR G 2220 -29.92 -47.07 54.83
CA THR G 2220 -28.68 -47.67 54.34
C THR G 2220 -28.04 -48.58 55.38
N LYS G 2221 -27.94 -48.11 56.62
CA LYS G 2221 -27.26 -48.90 57.65
C LYS G 2221 -28.05 -50.14 58.04
N GLU G 2222 -29.35 -49.99 58.26
CA GLU G 2222 -30.16 -51.09 58.75
C GLU G 2222 -31.63 -50.79 58.45
N ILE G 2223 -32.41 -51.85 58.25
CA ILE G 2223 -33.83 -51.73 57.96
C ILE G 2223 -34.61 -52.09 59.21
N ARG G 2224 -35.43 -51.16 59.68
CA ARG G 2224 -36.24 -51.43 60.86
C ARG G 2224 -37.39 -52.37 60.49
N PHE G 2225 -37.52 -53.44 61.26
CA PHE G 2225 -38.62 -54.40 61.15
C PHE G 2225 -38.72 -55.09 59.79
N PRO G 2226 -37.78 -55.98 59.48
CA PRO G 2226 -38.01 -56.90 58.35
C PRO G 2226 -39.26 -57.76 58.58
N LYS G 2227 -39.69 -57.92 59.83
CA LYS G 2227 -41.03 -58.44 60.09
C LYS G 2227 -42.09 -57.57 59.43
N MET G 2228 -41.96 -56.25 59.58
CA MET G 2228 -42.86 -55.31 58.92
C MET G 2228 -42.84 -55.48 57.41
N VAL G 2229 -41.65 -55.58 56.81
CA VAL G 2229 -41.58 -55.66 55.35
C VAL G 2229 -42.09 -57.03 54.85
N THR G 2230 -41.84 -58.09 55.64
CA THR G 2230 -42.40 -59.39 55.31
C THR G 2230 -43.93 -59.35 55.34
N SER G 2231 -44.50 -58.65 56.32
CA SER G 2231 -45.94 -58.41 56.30
C SER G 2231 -46.34 -57.60 55.07
N CYS G 2232 -45.50 -56.63 54.70
CA CYS G 2232 -45.77 -55.77 53.55
C CYS G 2232 -45.99 -56.59 52.30
N CYS G 2233 -45.07 -57.51 51.98
CA CYS G 2233 -45.51 -58.52 51.02
C CYS G 2233 -46.72 -59.28 51.46
N ARG G 2234 -46.65 -60.14 52.48
CA ARG G 2234 -47.68 -61.17 52.55
C ARG G 2234 -49.04 -60.59 52.19
N PHE G 2235 -49.32 -59.37 52.68
CA PHE G 2235 -50.50 -58.63 52.23
C PHE G 2235 -50.43 -58.27 50.73
N LEU G 2236 -49.50 -57.39 50.31
CA LEU G 2236 -49.55 -56.86 48.94
C LEU G 2236 -48.97 -57.83 47.91
N CYS G 2237 -47.91 -58.54 48.28
CA CYS G 2237 -47.42 -59.65 47.48
C CYS G 2237 -48.52 -60.72 47.28
N TYR G 2238 -49.41 -60.90 48.27
CA TYR G 2238 -50.56 -61.78 48.06
C TYR G 2238 -51.61 -61.11 47.17
N PHE G 2239 -51.71 -59.78 47.24
CA PHE G 2239 -52.61 -59.03 46.36
C PHE G 2239 -52.18 -59.20 44.90
N CYS G 2240 -50.86 -59.20 44.67
CA CYS G 2240 -50.27 -59.68 43.42
C CYS G 2240 -50.76 -61.08 43.07
N ARG G 2241 -50.55 -62.04 43.97
CA ARG G 2241 -50.95 -63.41 43.68
C ARG G 2241 -52.42 -63.50 43.32
N ILE G 2242 -53.24 -62.64 43.93
CA ILE G 2242 -54.68 -62.66 43.69
C ILE G 2242 -54.99 -62.20 42.27
N SER G 2243 -54.45 -61.05 41.86
CA SER G 2243 -54.91 -60.50 40.58
C SER G 2243 -53.76 -60.02 39.71
N ARG G 2244 -53.99 -60.04 38.38
CA ARG G 2244 -53.01 -59.55 37.42
C ARG G 2244 -53.22 -58.08 37.11
N GLN G 2245 -54.47 -57.60 37.17
CA GLN G 2245 -54.71 -56.15 37.15
C GLN G 2245 -54.05 -55.52 38.37
N ASN G 2246 -53.99 -56.27 39.48
CA ASN G 2246 -53.17 -55.87 40.62
C ASN G 2246 -51.70 -55.81 40.22
N GLN G 2247 -51.24 -56.83 39.49
CA GLN G 2247 -49.89 -56.80 38.94
C GLN G 2247 -49.70 -55.61 38.01
N ARG G 2248 -50.75 -55.25 37.27
CA ARG G 2248 -50.69 -54.07 36.41
C ARG G 2248 -50.49 -52.80 37.23
N SER G 2249 -51.22 -52.66 38.35
CA SER G 2249 -51.06 -51.48 39.18
C SER G 2249 -49.66 -51.41 39.78
N MET G 2250 -49.14 -52.53 40.28
CA MET G 2250 -47.79 -52.49 40.84
C MET G 2250 -46.73 -52.33 39.76
N PHE G 2251 -47.04 -52.73 38.52
CA PHE G 2251 -46.12 -52.39 37.43
C PHE G 2251 -46.16 -50.90 37.14
N ASP G 2252 -47.32 -50.27 37.29
CA ASP G 2252 -47.40 -48.82 37.17
C ASP G 2252 -46.55 -48.16 38.24
N HIS G 2253 -46.57 -48.71 39.46
CA HIS G 2253 -45.73 -48.23 40.55
C HIS G 2253 -44.42 -49.00 40.67
N LEU G 2254 -43.93 -49.61 39.59
CA LEU G 2254 -42.79 -50.52 39.69
C LEU G 2254 -41.49 -49.78 40.01
N SER G 2255 -41.19 -48.71 39.27
CA SER G 2255 -39.94 -47.99 39.51
C SER G 2255 -39.90 -47.39 40.90
N TYR G 2256 -41.06 -46.93 41.38
CA TYR G 2256 -41.15 -46.38 42.72
C TYR G 2256 -40.74 -47.42 43.76
N LEU G 2257 -41.15 -48.68 43.55
CA LEU G 2257 -40.64 -49.76 44.39
C LEU G 2257 -39.16 -50.02 44.11
N LEU G 2258 -38.72 -49.74 42.88
CA LEU G 2258 -37.36 -50.08 42.50
C LEU G 2258 -36.32 -49.23 43.22
N GLU G 2259 -36.57 -47.92 43.34
CA GLU G 2259 -35.57 -47.09 44.03
C GLU G 2259 -35.49 -47.46 45.51
N ASN G 2260 -36.58 -47.99 46.07
CA ASN G 2260 -36.58 -48.47 47.45
C ASN G 2260 -36.17 -49.92 47.57
N SER G 2261 -35.92 -50.61 46.45
CA SER G 2261 -35.47 -51.99 46.50
C SER G 2261 -34.02 -52.08 46.99
N GLY G 2262 -33.35 -50.93 47.16
CA GLY G 2262 -31.97 -50.94 47.60
C GLY G 2262 -31.82 -51.35 49.05
N ILE G 2263 -32.93 -51.56 49.75
CA ILE G 2263 -32.87 -52.02 51.14
C ILE G 2263 -33.56 -53.37 51.26
N GLY G 2264 -34.43 -53.69 50.30
CA GLY G 2264 -35.13 -54.96 50.33
C GLY G 2264 -34.19 -56.15 50.14
N LEU G 2265 -33.16 -55.99 49.31
CA LEU G 2265 -32.17 -57.06 49.20
C LEU G 2265 -31.43 -57.25 50.51
N GLY G 2266 -31.11 -56.14 51.18
CA GLY G 2266 -30.42 -56.22 52.46
C GLY G 2266 -31.23 -56.94 53.51
N MET G 2267 -32.54 -56.67 53.55
CA MET G 2267 -33.38 -57.38 54.50
C MET G 2267 -33.67 -58.79 54.01
N GLN G 2268 -33.76 -59.73 54.94
CA GLN G 2268 -34.05 -61.11 54.58
CA GLN G 2268 -34.05 -61.11 54.58
C GLN G 2268 -35.54 -61.32 54.34
N GLY G 2269 -35.86 -62.26 53.46
CA GLY G 2269 -37.24 -62.62 53.20
C GLY G 2269 -37.87 -61.82 52.07
N SER G 2270 -39.18 -61.64 52.19
CA SER G 2270 -39.96 -60.97 51.15
C SER G 2270 -39.53 -59.51 51.01
N THR G 2271 -39.40 -59.06 49.77
CA THR G 2271 -38.78 -57.79 49.44
C THR G 2271 -39.56 -57.02 48.40
N PRO G 2272 -39.44 -55.69 48.34
CA PRO G 2272 -40.01 -54.95 47.21
C PRO G 2272 -39.49 -55.46 45.87
N LEU G 2273 -38.26 -55.97 45.84
CA LEU G 2273 -37.76 -56.62 44.64
C LEU G 2273 -38.68 -57.77 44.23
N ASP G 2274 -39.09 -58.61 45.19
CA ASP G 2274 -39.89 -59.77 44.81
C ASP G 2274 -41.35 -59.39 44.60
N VAL G 2275 -41.81 -58.26 45.16
CA VAL G 2275 -43.16 -57.81 44.81
C VAL G 2275 -43.17 -57.32 43.37
N ALA G 2276 -42.11 -56.63 42.94
CA ALA G 2276 -42.00 -56.26 41.53
C ALA G 2276 -41.90 -57.50 40.65
N ALA G 2277 -41.15 -58.51 41.10
CA ALA G 2277 -41.03 -59.75 40.34
C ALA G 2277 -42.38 -60.44 40.21
N ALA G 2278 -43.15 -60.51 41.30
CA ALA G 2278 -44.46 -61.15 41.26
C ALA G 2278 -45.42 -60.34 40.39
N SER G 2279 -45.24 -59.03 40.34
CA SER G 2279 -46.07 -58.21 39.44
C SER G 2279 -45.74 -58.50 37.99
N VAL G 2280 -44.45 -58.52 37.64
CA VAL G 2280 -44.07 -58.68 36.23
C VAL G 2280 -44.31 -60.10 35.75
N ILE G 2281 -44.24 -61.08 36.66
CA ILE G 2281 -44.31 -62.48 36.25
C ILE G 2281 -45.70 -62.80 35.73
N ASP G 2282 -45.75 -63.72 34.77
CA ASP G 2282 -46.94 -64.33 34.18
C ASP G 2282 -47.77 -63.37 33.33
N ASN G 2283 -47.29 -62.16 33.06
CA ASN G 2283 -48.02 -61.23 32.18
C ASN G 2283 -47.07 -60.71 31.11
N ASN G 2284 -47.25 -61.20 29.89
CA ASN G 2284 -46.33 -60.85 28.81
C ASN G 2284 -46.51 -59.39 28.40
N GLU G 2285 -47.71 -58.82 28.60
CA GLU G 2285 -47.88 -57.40 28.36
C GLU G 2285 -47.00 -56.57 29.30
N LEU G 2286 -46.97 -56.95 30.58
CA LEU G 2286 -46.09 -56.26 31.52
C LEU G 2286 -44.63 -56.49 31.18
N ALA G 2287 -44.28 -57.71 30.75
CA ALA G 2287 -42.91 -57.99 30.35
C ALA G 2287 -42.50 -57.11 29.18
N LEU G 2288 -43.38 -56.94 28.20
CA LEU G 2288 -43.10 -56.05 27.08
C LEU G 2288 -42.99 -54.60 27.53
N ALA G 2289 -43.85 -54.18 28.46
CA ALA G 2289 -43.86 -52.78 28.87
C ALA G 2289 -42.76 -52.48 29.87
N LEU G 2290 -42.00 -53.50 30.28
CA LEU G 2290 -40.86 -53.29 31.17
C LEU G 2290 -39.90 -52.28 30.55
N GLN G 2291 -39.30 -51.45 31.41
CA GLN G 2291 -38.54 -50.29 30.97
C GLN G 2291 -37.03 -50.53 31.04
N GLU G 2292 -36.34 -50.08 29.99
CA GLU G 2292 -34.91 -50.30 29.89
C GLU G 2292 -34.15 -49.55 30.97
N GLN G 2293 -34.59 -48.33 31.31
CA GLN G 2293 -33.91 -47.58 32.36
C GLN G 2293 -34.12 -48.20 33.73
N ASP G 2294 -35.31 -48.76 33.98
CA ASP G 2294 -35.53 -49.47 35.23
C ASP G 2294 -34.65 -50.71 35.31
N LEU G 2295 -34.58 -51.47 34.23
CA LEU G 2295 -33.65 -52.60 34.21
C LEU G 2295 -32.21 -52.14 34.37
N GLU G 2296 -31.90 -50.95 33.85
CA GLU G 2296 -30.54 -50.41 33.97
C GLU G 2296 -30.19 -50.10 35.42
N LYS G 2297 -31.12 -49.51 36.17
CA LYS G 2297 -30.80 -49.23 37.57
C LYS G 2297 -30.82 -50.51 38.41
N VAL G 2298 -31.64 -51.49 38.02
CA VAL G 2298 -31.58 -52.80 38.68
C VAL G 2298 -30.22 -53.45 38.47
N VAL G 2299 -29.71 -53.42 37.23
CA VAL G 2299 -28.42 -54.03 36.96
C VAL G 2299 -27.30 -53.18 37.53
N SER G 2300 -27.57 -51.90 37.80
CA SER G 2300 -26.62 -51.08 38.53
C SER G 2300 -26.52 -51.53 39.98
N TYR G 2301 -27.66 -51.86 40.60
CA TYR G 2301 -27.65 -52.47 41.92
C TYR G 2301 -26.88 -53.79 41.88
N LEU G 2302 -27.12 -54.60 40.84
CA LEU G 2302 -26.40 -55.84 40.66
C LEU G 2302 -24.90 -55.61 40.52
N ALA G 2303 -24.51 -54.57 39.78
CA ALA G 2303 -23.11 -54.23 39.63
C ALA G 2303 -22.50 -53.84 40.97
N GLY G 2304 -23.24 -53.07 41.78
CA GLY G 2304 -22.72 -52.70 43.09
C GLY G 2304 -22.49 -53.90 43.99
N CYS G 2305 -23.48 -54.81 44.05
CA CYS G 2305 -23.31 -55.98 44.91
C CYS G 2305 -22.24 -56.92 44.38
N GLY G 2306 -22.01 -56.89 43.05
CA GLY G 2306 -20.88 -57.64 42.51
C GLY G 2306 -19.56 -56.94 42.73
N LEU G 2307 -19.61 -55.62 42.96
CA LEU G 2307 -18.39 -54.88 43.29
C LEU G 2307 -17.95 -55.18 44.73
N GLN G 2308 -18.89 -55.21 45.67
CA GLN G 2308 -18.46 -55.38 47.05
C GLN G 2308 -19.49 -56.23 47.81
N SER G 2309 -18.99 -56.93 48.83
CA SER G 2309 -19.85 -57.68 49.74
C SER G 2309 -20.67 -56.72 50.60
N CYS G 2310 -21.60 -57.28 51.36
CA CYS G 2310 -22.58 -56.45 52.04
C CYS G 2310 -22.06 -56.00 53.41
N PRO G 2311 -22.32 -54.74 53.78
CA PRO G 2311 -21.84 -54.23 55.06
C PRO G 2311 -22.42 -54.97 56.26
N MET G 2312 -23.60 -55.59 56.12
CA MET G 2312 -24.10 -56.41 57.22
C MET G 2312 -23.22 -57.64 57.42
N LEU G 2313 -22.76 -58.25 56.32
CA LEU G 2313 -21.75 -59.30 56.42
C LEU G 2313 -20.50 -58.78 57.12
N LEU G 2314 -20.00 -57.62 56.69
CA LEU G 2314 -18.78 -57.10 57.28
C LEU G 2314 -18.94 -56.83 58.78
N ALA G 2315 -20.09 -56.28 59.18
CA ALA G 2315 -20.32 -55.96 60.59
C ALA G 2315 -20.51 -57.22 61.42
N LYS G 2316 -21.22 -58.21 60.88
CA LYS G 2316 -21.44 -59.44 61.64
C LYS G 2316 -20.16 -60.27 61.71
N GLY G 2317 -19.20 -59.99 60.85
CA GLY G 2317 -17.87 -60.56 60.99
C GLY G 2317 -17.64 -61.86 60.25
N TYR G 2318 -18.51 -62.22 59.31
CA TYR G 2318 -18.30 -63.42 58.54
C TYR G 2318 -17.07 -63.24 57.65
N PRO G 2319 -16.42 -64.33 57.22
CA PRO G 2319 -15.21 -64.17 56.40
C PRO G 2319 -15.46 -63.30 55.17
N ASP G 2320 -14.51 -62.43 54.89
CA ASP G 2320 -14.72 -61.38 53.89
C ASP G 2320 -14.67 -61.94 52.48
N ILE G 2321 -15.49 -61.37 51.61
CA ILE G 2321 -15.48 -61.68 50.18
C ILE G 2321 -15.40 -60.35 49.44
N GLY G 2322 -14.73 -60.36 48.29
CA GLY G 2322 -14.60 -59.13 47.52
C GLY G 2322 -15.92 -58.65 46.94
N TRP G 2323 -16.92 -59.53 46.89
CA TRP G 2323 -18.22 -59.22 46.32
C TRP G 2323 -19.33 -59.87 47.14
N ASN G 2324 -20.57 -59.48 46.83
CA ASN G 2324 -21.74 -59.99 47.53
C ASN G 2324 -22.44 -61.03 46.67
N PRO G 2325 -22.44 -62.31 47.06
CA PRO G 2325 -23.11 -63.32 46.22
C PRO G 2325 -24.63 -63.32 46.35
N CYS G 2326 -25.16 -63.09 47.55
CA CYS G 2326 -26.59 -63.28 47.79
C CYS G 2326 -27.43 -62.20 47.11
N GLY G 2327 -27.03 -60.95 47.24
CA GLY G 2327 -27.73 -59.88 46.55
C GLY G 2327 -27.69 -60.04 45.04
N GLY G 2328 -26.54 -60.44 44.52
CA GLY G 2328 -26.44 -60.74 43.11
C GLY G 2328 -27.39 -61.85 42.70
N GLU G 2329 -27.45 -62.93 43.49
CA GLU G 2329 -28.32 -64.06 43.18
C GLU G 2329 -29.78 -63.64 43.16
N ARG G 2330 -30.21 -62.84 44.13
CA ARG G 2330 -31.61 -62.43 44.17
C ARG G 2330 -31.94 -61.47 43.04
N TYR G 2331 -31.02 -60.58 42.68
CA TYR G 2331 -31.23 -59.77 41.49
C TYR G 2331 -31.31 -60.63 40.23
N LEU G 2332 -30.50 -61.69 40.17
CA LEU G 2332 -30.50 -62.57 39.01
C LEU G 2332 -31.83 -63.32 38.89
N ASP G 2333 -32.39 -63.79 40.01
CA ASP G 2333 -33.68 -64.46 39.91
C ASP G 2333 -34.80 -63.48 39.57
N PHE G 2334 -34.69 -62.24 40.05
CA PHE G 2334 -35.62 -61.20 39.60
C PHE G 2334 -35.53 -61.01 38.09
N LEU G 2335 -34.31 -60.93 37.56
CA LEU G 2335 -34.15 -60.77 36.11
C LEU G 2335 -34.66 -61.99 35.38
N ARG G 2336 -34.56 -63.17 35.99
CA ARG G 2336 -35.13 -64.38 35.38
C ARG G 2336 -36.64 -64.28 35.27
N PHE G 2337 -37.30 -63.88 36.36
CA PHE G 2337 -38.75 -63.69 36.29
C PHE G 2337 -39.12 -62.61 35.28
N ALA G 2338 -38.26 -61.62 35.11
CA ALA G 2338 -38.51 -60.57 34.13
C ALA G 2338 -38.41 -61.10 32.70
N VAL G 2339 -37.37 -61.89 32.42
CA VAL G 2339 -37.09 -62.26 31.03
C VAL G 2339 -37.94 -63.44 30.59
N PHE G 2340 -38.28 -64.35 31.50
CA PHE G 2340 -38.99 -65.57 31.15
C PHE G 2340 -40.41 -65.50 31.72
N VAL G 2341 -41.40 -65.44 30.84
CA VAL G 2341 -42.79 -65.29 31.21
C VAL G 2341 -43.62 -66.31 30.45
N ASN G 2342 -44.48 -67.03 31.17
CA ASN G 2342 -45.42 -68.01 30.59
C ASN G 2342 -44.68 -69.14 29.86
N GLY G 2343 -43.41 -69.34 30.19
CA GLY G 2343 -42.65 -70.40 29.56
C GLY G 2343 -41.94 -70.02 28.29
N GLU G 2344 -41.94 -68.75 27.91
CA GLU G 2344 -41.20 -68.28 26.75
C GLU G 2344 -40.39 -67.04 27.14
N SER G 2345 -39.26 -66.85 26.47
CA SER G 2345 -38.44 -65.67 26.71
C SER G 2345 -38.95 -64.50 25.87
N VAL G 2346 -38.71 -63.30 26.39
CA VAL G 2346 -39.09 -62.07 25.69
C VAL G 2346 -37.83 -61.48 25.04
N GLU G 2347 -37.91 -61.23 23.73
CA GLU G 2347 -36.72 -61.00 22.94
C GLU G 2347 -36.07 -59.65 23.26
N GLU G 2348 -36.86 -58.58 23.31
CA GLU G 2348 -36.29 -57.26 23.55
C GLU G 2348 -35.64 -57.18 24.93
N ASN G 2349 -36.33 -57.68 25.96
CA ASN G 2349 -35.77 -57.66 27.29
C ASN G 2349 -34.55 -58.55 27.39
N ALA G 2350 -34.58 -59.72 26.73
CA ALA G 2350 -33.40 -60.58 26.74
C ALA G 2350 -32.20 -59.89 26.11
N ASN G 2351 -32.40 -59.25 24.96
CA ASN G 2351 -31.29 -58.58 24.28
C ASN G 2351 -30.76 -57.41 25.11
N VAL G 2352 -31.66 -56.63 25.72
CA VAL G 2352 -31.19 -55.47 26.49
C VAL G 2352 -30.51 -55.94 27.77
N VAL G 2353 -30.94 -57.07 28.32
CA VAL G 2353 -30.25 -57.63 29.48
C VAL G 2353 -28.85 -58.10 29.10
N VAL G 2354 -28.71 -58.69 27.92
CA VAL G 2354 -27.37 -59.05 27.43
C VAL G 2354 -26.52 -57.79 27.27
N ARG G 2355 -27.11 -56.73 26.73
CA ARG G 2355 -26.40 -55.46 26.60
C ARG G 2355 -25.93 -54.95 27.96
N LEU G 2356 -26.82 -54.98 28.96
CA LEU G 2356 -26.45 -54.52 30.30
C LEU G 2356 -25.36 -55.40 30.90
N LEU G 2357 -25.44 -56.71 30.67
CA LEU G 2357 -24.43 -57.64 31.16
C LEU G 2357 -23.06 -57.33 30.56
N ILE G 2358 -23.00 -57.05 29.25
CA ILE G 2358 -21.72 -56.76 28.64
C ILE G 2358 -21.24 -55.36 29.03
N ARG G 2359 -22.18 -54.47 29.34
CA ARG G 2359 -21.79 -53.16 29.88
C ARG G 2359 -21.13 -53.29 31.24
N LYS G 2360 -21.61 -54.22 32.05
CA LYS G 2360 -21.12 -54.34 33.42
C LYS G 2360 -20.36 -55.64 33.61
N PRO G 2361 -19.04 -55.66 33.40
CA PRO G 2361 -18.28 -56.89 33.64
C PRO G 2361 -18.13 -57.22 35.12
N GLU G 2362 -18.38 -56.25 36.01
CA GLU G 2362 -18.26 -56.50 37.43
C GLU G 2362 -19.31 -57.49 37.92
N CYS G 2363 -20.37 -57.69 37.12
CA CYS G 2363 -21.45 -58.57 37.54
C CYS G 2363 -21.02 -60.03 37.50
N PHE G 2364 -19.96 -60.34 36.76
CA PHE G 2364 -19.51 -61.73 36.66
C PHE G 2364 -18.82 -62.19 37.94
N GLY G 2365 -18.49 -61.26 38.83
CA GLY G 2365 -17.79 -61.57 40.05
C GLY G 2365 -16.40 -62.10 39.76
N PRO G 2366 -15.81 -62.83 40.70
CA PRO G 2366 -14.48 -63.41 40.45
C PRO G 2366 -14.47 -64.43 39.34
N ALA G 2367 -15.49 -65.30 39.27
CA ALA G 2367 -15.53 -66.31 38.23
C ALA G 2367 -15.62 -65.66 36.85
N LEU G 2368 -14.90 -66.25 35.89
CA LEU G 2368 -14.72 -65.64 34.58
C LEU G 2368 -14.22 -64.20 34.72
N ARG G 2369 -13.12 -64.00 35.45
CA ARG G 2369 -12.58 -62.65 35.61
CA ARG G 2369 -12.61 -62.65 35.61
C ARG G 2369 -12.24 -62.03 34.26
N GLY G 2370 -11.66 -62.82 33.37
CA GLY G 2370 -11.17 -62.28 32.12
C GLY G 2370 -9.66 -62.39 32.08
N GLU G 2371 -8.96 -61.25 32.06
CA GLU G 2371 -7.52 -61.28 32.26
C GLU G 2371 -7.20 -61.77 33.67
N GLY G 2372 -6.25 -62.67 33.77
CA GLY G 2372 -6.06 -63.38 35.04
C GLY G 2372 -7.30 -64.12 35.46
N GLY G 2373 -7.95 -64.80 34.52
CA GLY G 2373 -9.29 -65.32 34.74
C GLY G 2373 -9.29 -66.78 35.13
N SER G 2374 -9.58 -67.03 36.41
CA SER G 2374 -9.90 -68.37 36.85
C SER G 2374 -11.32 -68.71 36.41
N GLY G 2375 -11.47 -69.83 35.70
CA GLY G 2375 -12.72 -70.11 35.01
C GLY G 2375 -13.85 -70.38 35.99
N LEU G 2376 -15.06 -70.51 35.44
CA LEU G 2376 -16.22 -70.79 36.28
C LEU G 2376 -16.11 -72.16 36.92
N LEU G 2377 -15.56 -73.13 36.21
CA LEU G 2377 -15.32 -74.46 36.79
C LEU G 2377 -14.35 -74.38 37.96
N ALA G 2378 -13.26 -73.60 37.81
CA ALA G 2378 -12.31 -73.46 38.89
C ALA G 2378 -12.92 -72.71 40.07
N ALA G 2379 -13.78 -71.73 39.80
CA ALA G 2379 -14.46 -71.02 40.87
C ALA G 2379 -15.42 -71.95 41.62
N ILE G 2380 -16.11 -72.83 40.89
CA ILE G 2380 -16.97 -73.82 41.55
C ILE G 2380 -16.13 -74.78 42.38
N GLU G 2381 -14.95 -75.16 41.86
CA GLU G 2381 -14.06 -76.02 42.63
C GLU G 2381 -13.65 -75.34 43.93
N GLU G 2382 -13.28 -74.06 43.87
CA GLU G 2382 -12.88 -73.34 45.07
C GLU G 2382 -14.08 -73.13 45.99
N ALA G 2383 -15.28 -73.01 45.44
CA ALA G 2383 -16.48 -72.88 46.27
C ALA G 2383 -16.75 -74.16 47.04
N ILE G 2384 -16.58 -75.32 46.39
CA ILE G 2384 -16.72 -76.59 47.09
C ILE G 2384 -15.62 -76.75 48.13
N ARG G 2385 -14.42 -76.28 47.81
CA ARG G 2385 -13.33 -76.27 48.78
C ARG G 2385 -13.70 -75.45 50.01
N ILE G 2386 -14.27 -74.27 49.79
CA ILE G 2386 -14.68 -73.39 50.89
C ILE G 2386 -15.79 -74.05 51.70
N SER G 2387 -16.73 -74.70 51.01
CA SER G 2387 -17.83 -75.38 51.71
C SER G 2387 -17.30 -76.50 52.59
N GLU G 2388 -16.31 -77.26 52.11
CA GLU G 2388 -15.67 -78.25 52.97
C GLU G 2388 -14.92 -77.58 54.11
N ASP G 2389 -14.33 -76.42 53.86
CA ASP G 2389 -13.59 -75.71 54.90
C ASP G 2389 -14.56 -75.22 55.98
N PRO G 2390 -14.33 -75.57 57.24
CA PRO G 2390 -15.22 -75.08 58.31
C PRO G 2390 -14.97 -73.63 58.65
N ALA G 2391 -16.02 -72.93 59.05
CA ALA G 2391 -16.05 -71.54 59.50
C ALA G 2391 -15.76 -70.55 58.37
N ARG G 2392 -15.44 -71.00 57.16
CA ARG G 2392 -15.29 -70.07 56.04
C ARG G 2392 -16.65 -69.59 55.55
N ASP G 2393 -17.68 -70.41 55.72
CA ASP G 2393 -19.03 -69.99 55.33
C ASP G 2393 -19.76 -69.36 56.52
N GLY G 2394 -19.43 -69.79 57.73
CA GLY G 2394 -20.17 -69.39 58.91
C GLY G 2394 -19.47 -68.33 59.73
N PRO G 2395 -20.12 -67.90 60.82
CA PRO G 2395 -19.51 -66.86 61.67
C PRO G 2395 -18.17 -67.26 62.27
N GLY G 2396 -18.09 -68.46 62.85
CA GLY G 2396 -16.86 -68.87 63.50
C GLY G 2396 -16.68 -68.27 64.88
N VAL G 2397 -17.76 -67.78 65.48
CA VAL G 2397 -17.69 -67.18 66.81
C VAL G 2397 -17.75 -68.26 67.89
N PRO G 2410 -25.26 -71.34 61.53
CA PRO G 2410 -26.33 -70.36 61.36
C PRO G 2410 -27.38 -70.44 62.46
N PRO G 2411 -27.12 -69.80 63.61
CA PRO G 2411 -28.10 -69.84 64.71
C PRO G 2411 -29.46 -69.30 64.32
N GLU G 2412 -29.51 -68.23 63.52
CA GLU G 2412 -30.79 -67.72 63.05
C GLU G 2412 -31.26 -68.49 61.82
N GLU G 2413 -30.33 -69.11 61.09
CA GLU G 2413 -30.50 -69.87 59.86
C GLU G 2413 -30.81 -68.93 58.69
N ASN G 2414 -31.06 -67.64 58.95
CA ASN G 2414 -31.29 -66.70 57.87
C ASN G 2414 -29.99 -66.37 57.15
N ARG G 2415 -28.87 -66.38 57.88
CA ARG G 2415 -27.58 -66.11 57.26
C ARG G 2415 -27.20 -67.25 56.32
N VAL G 2416 -26.66 -66.89 55.16
CA VAL G 2416 -26.35 -67.89 54.15
C VAL G 2416 -24.89 -68.30 54.26
N HIS G 2417 -24.64 -69.59 54.03
CA HIS G 2417 -23.26 -70.06 53.92
C HIS G 2417 -22.63 -69.47 52.66
N LEU G 2418 -21.42 -68.95 52.80
CA LEU G 2418 -20.83 -68.12 51.74
C LEU G 2418 -20.56 -68.92 50.47
N GLY G 2419 -20.06 -70.15 50.61
CA GLY G 2419 -19.81 -70.98 49.44
C GLY G 2419 -21.07 -71.28 48.66
N HIS G 2420 -22.14 -71.65 49.37
CA HIS G 2420 -23.40 -71.93 48.67
C HIS G 2420 -24.04 -70.67 48.15
N ALA G 2421 -23.76 -69.52 48.77
CA ALA G 2421 -24.21 -68.25 48.22
C ALA G 2421 -23.54 -67.97 46.88
N ILE G 2422 -22.23 -68.23 46.79
CA ILE G 2422 -21.53 -68.07 45.52
C ILE G 2422 -22.08 -69.04 44.48
N MET G 2423 -22.28 -70.30 44.88
CA MET G 2423 -22.79 -71.29 43.93
C MET G 2423 -24.19 -70.94 43.46
N SER G 2424 -25.05 -70.45 44.37
CA SER G 2424 -26.38 -70.02 43.99
C SER G 2424 -26.33 -68.83 43.05
N PHE G 2425 -25.44 -67.86 43.33
CA PHE G 2425 -25.29 -66.73 42.42
C PHE G 2425 -24.95 -67.20 41.01
N TYR G 2426 -23.94 -68.06 40.88
CA TYR G 2426 -23.53 -68.43 39.54
C TYR G 2426 -24.51 -69.39 38.88
N ALA G 2427 -25.22 -70.21 39.66
CA ALA G 2427 -26.28 -71.02 39.09
C ALA G 2427 -27.40 -70.13 38.54
N ALA G 2428 -27.78 -69.09 39.29
CA ALA G 2428 -28.79 -68.16 38.81
C ALA G 2428 -28.29 -67.40 37.60
N LEU G 2429 -26.99 -67.09 37.55
CA LEU G 2429 -26.44 -66.40 36.40
C LEU G 2429 -26.49 -67.28 35.15
N ILE G 2430 -26.09 -68.54 35.29
CA ILE G 2430 -26.13 -69.48 34.16
C ILE G 2430 -27.57 -69.70 33.71
N ASP G 2431 -28.50 -69.79 34.66
CA ASP G 2431 -29.91 -69.90 34.31
C ASP G 2431 -30.40 -68.65 33.60
N LEU G 2432 -29.93 -67.48 34.03
CA LEU G 2432 -30.29 -66.23 33.36
C LEU G 2432 -29.83 -66.23 31.91
N LEU G 2433 -28.57 -66.55 31.67
CA LEU G 2433 -28.08 -66.61 30.28
C LEU G 2433 -28.84 -67.65 29.47
N GLY G 2434 -29.12 -68.81 30.07
CA GLY G 2434 -29.92 -69.81 29.37
C GLY G 2434 -31.27 -69.30 28.95
N ARG G 2435 -32.11 -68.93 29.92
CA ARG G 2435 -33.47 -68.50 29.61
C ARG G 2435 -33.48 -67.19 28.82
N CYS G 2436 -32.34 -66.49 28.79
CA CYS G 2436 -32.25 -65.26 28.02
C CYS G 2436 -31.88 -65.53 26.57
N ALA G 2437 -31.21 -66.66 26.32
CA ALA G 2437 -30.87 -67.01 24.95
C ALA G 2437 -32.14 -67.16 24.11
N PRO G 2438 -32.10 -66.77 22.83
CA PRO G 2438 -33.30 -66.87 22.00
C PRO G 2438 -33.69 -68.32 21.72
N GLU G 2439 -34.86 -68.50 21.12
CA GLU G 2439 -35.42 -69.82 20.95
C GLU G 2439 -34.97 -70.46 19.64
N MET G 2440 -35.20 -71.77 19.54
CA MET G 2440 -34.76 -72.53 18.38
C MET G 2440 -35.46 -72.07 17.11
N HIS G 2441 -36.75 -71.70 17.21
CA HIS G 2441 -37.46 -71.23 16.03
C HIS G 2441 -36.83 -69.94 15.50
N LEU G 2442 -36.42 -69.05 16.41
CA LEU G 2442 -35.69 -67.87 15.99
C LEU G 2442 -34.33 -68.25 15.40
N ILE G 2443 -33.70 -69.29 15.93
CA ILE G 2443 -32.43 -69.75 15.37
C ILE G 2443 -32.59 -70.17 13.91
N GLN G 2444 -33.63 -70.97 13.62
CA GLN G 2444 -33.87 -71.34 12.23
C GLN G 2444 -34.34 -70.15 11.40
N ALA G 2445 -35.00 -69.18 12.04
CA ALA G 2445 -35.31 -67.93 11.35
C ALA G 2445 -34.03 -67.21 10.95
N GLY G 2446 -32.95 -67.44 11.70
CA GLY G 2446 -31.65 -66.94 11.32
C GLY G 2446 -31.42 -65.47 11.56
N LYS G 2447 -32.10 -64.88 12.55
CA LYS G 2447 -31.91 -63.47 12.83
C LYS G 2447 -30.52 -63.25 13.41
N GLY G 2448 -29.78 -62.30 12.80
CA GLY G 2448 -28.37 -62.17 13.10
C GLY G 2448 -28.10 -61.81 14.55
N GLU G 2449 -28.90 -60.91 15.11
CA GLU G 2449 -28.71 -60.53 16.51
C GLU G 2449 -28.90 -61.72 17.44
N ALA G 2450 -29.95 -62.52 17.20
CA ALA G 2450 -30.18 -63.69 18.04
C ALA G 2450 -29.03 -64.69 17.91
N LEU G 2451 -28.57 -64.94 16.68
CA LEU G 2451 -27.48 -65.88 16.48
C LEU G 2451 -26.21 -65.41 17.16
N ARG G 2452 -25.89 -64.12 17.06
CA ARG G 2452 -24.66 -63.62 17.67
C ARG G 2452 -24.78 -63.58 19.19
N ILE G 2453 -25.99 -63.35 19.72
CA ILE G 2453 -26.17 -63.42 21.16
C ILE G 2453 -25.94 -64.85 21.66
N ARG G 2454 -26.48 -65.83 20.94
CA ARG G 2454 -26.25 -67.23 21.34
C ARG G 2454 -24.77 -67.59 21.27
N ALA G 2455 -24.09 -67.15 20.20
CA ALA G 2455 -22.67 -67.43 20.06
C ALA G 2455 -21.86 -66.74 21.17
N ILE G 2456 -22.25 -65.51 21.52
CA ILE G 2456 -21.56 -64.78 22.59
C ILE G 2456 -21.74 -65.48 23.92
N LEU G 2457 -22.95 -65.98 24.20
CA LEU G 2457 -23.17 -66.72 25.43
C LEU G 2457 -22.32 -67.99 25.46
N ARG G 2458 -22.26 -68.71 24.34
CA ARG G 2458 -21.43 -69.92 24.29
C ARG G 2458 -19.95 -69.59 24.50
N SER G 2459 -19.47 -68.49 23.91
CA SER G 2459 -18.08 -68.12 24.07
C SER G 2459 -17.77 -67.67 25.49
N LEU G 2460 -18.71 -66.95 26.12
CA LEU G 2460 -18.48 -66.44 27.47
C LEU G 2460 -18.51 -67.56 28.49
N VAL G 2461 -19.40 -68.54 28.31
CA VAL G 2461 -19.52 -69.68 29.21
C VAL G 2461 -19.14 -70.92 28.42
N PRO G 2462 -17.91 -71.43 28.53
CA PRO G 2462 -17.53 -72.60 27.74
C PRO G 2462 -18.27 -73.85 28.19
N LEU G 2463 -18.55 -74.73 27.23
CA LEU G 2463 -19.33 -75.93 27.50
C LEU G 2463 -18.57 -76.89 28.41
N ASP G 2464 -17.24 -76.83 28.39
CA ASP G 2464 -16.46 -77.74 29.22
C ASP G 2464 -16.69 -77.50 30.70
N ASP G 2465 -16.93 -76.24 31.08
CA ASP G 2465 -17.27 -75.95 32.48
C ASP G 2465 -18.60 -76.59 32.86
N LEU G 2466 -19.58 -76.51 31.96
CA LEU G 2466 -20.85 -77.18 32.19
C LEU G 2466 -20.66 -78.68 32.35
N VAL G 2467 -19.88 -79.29 31.46
CA VAL G 2467 -19.65 -80.72 31.52
C VAL G 2467 -18.97 -81.10 32.83
N GLY G 2468 -17.98 -80.30 33.26
CA GLY G 2468 -17.32 -80.57 34.52
C GLY G 2468 -18.24 -80.47 35.72
N ILE G 2469 -19.09 -79.43 35.74
CA ILE G 2469 -20.03 -79.28 36.86
C ILE G 2469 -21.01 -80.45 36.90
N ILE G 2470 -21.51 -80.87 35.73
CA ILE G 2470 -22.37 -82.05 35.68
C ILE G 2470 -21.61 -83.28 36.16
N SER G 2471 -20.32 -83.37 35.82
CA SER G 2471 -19.53 -84.53 36.19
C SER G 2471 -19.21 -84.56 37.68
N LEU G 2472 -19.27 -83.40 38.34
CA LEU G 2472 -18.81 -83.30 39.72
C LEU G 2472 -19.63 -84.22 40.63
N PRO G 2473 -18.97 -85.04 41.43
CA PRO G 2473 -19.70 -85.80 42.44
C PRO G 2473 -20.29 -84.88 43.49
N LEU G 2474 -21.45 -85.26 44.01
CA LEU G 2474 -22.18 -84.45 44.97
C LEU G 2474 -22.52 -85.29 46.20
N GLN G 2475 -22.38 -84.69 47.37
CA GLN G 2475 -22.72 -85.39 48.60
C GLN G 2475 -24.21 -85.68 48.66
N ILE G 2476 -24.55 -86.94 48.92
CA ILE G 2476 -25.93 -87.40 48.97
C ILE G 2476 -26.23 -87.77 50.41
N PRO G 2477 -27.40 -87.41 50.94
CA PRO G 2477 -27.71 -87.79 52.33
C PRO G 2477 -27.66 -89.30 52.51
N THR G 2478 -26.69 -89.75 53.30
CA THR G 2478 -26.38 -91.16 53.42
C THR G 2478 -26.54 -91.59 54.87
N LEU G 2479 -26.65 -92.90 55.07
CA LEU G 2479 -26.83 -93.45 56.40
C LEU G 2479 -25.49 -93.57 57.12
N GLY G 2480 -25.36 -92.87 58.24
CA GLY G 2480 -24.11 -92.87 58.98
C GLY G 2480 -24.37 -92.82 60.47
N LYS G 2481 -23.28 -92.86 61.23
CA LYS G 2481 -23.34 -92.86 62.69
C LYS G 2481 -24.28 -93.96 63.20
N ASP G 2482 -23.89 -95.21 62.95
CA ASP G 2482 -24.64 -96.40 63.34
C ASP G 2482 -25.95 -96.52 62.58
N GLY G 2483 -26.02 -95.90 61.40
CA GLY G 2483 -27.19 -96.03 60.55
C GLY G 2483 -28.19 -94.91 60.60
N ALA G 2484 -27.77 -93.70 60.98
CA ALA G 2484 -28.67 -92.55 60.91
C ALA G 2484 -28.42 -91.79 59.62
N LEU G 2485 -29.50 -91.36 58.97
CA LEU G 2485 -29.37 -90.66 57.70
C LEU G 2485 -28.72 -89.30 57.92
N VAL G 2486 -27.44 -89.22 57.56
CA VAL G 2486 -26.66 -87.99 57.68
C VAL G 2486 -27.04 -87.09 56.53
N GLN G 2487 -27.66 -85.95 56.85
CA GLN G 2487 -28.22 -85.07 55.84
C GLN G 2487 -27.40 -83.80 55.72
N PRO G 2488 -26.58 -83.66 54.67
CA PRO G 2488 -25.96 -82.36 54.40
C PRO G 2488 -26.99 -81.38 53.86
N LYS G 2489 -27.25 -80.35 54.65
CA LYS G 2489 -28.27 -79.37 54.31
C LYS G 2489 -27.91 -78.62 53.03
N MET G 2490 -28.95 -78.17 52.30
CA MET G 2490 -28.71 -77.48 51.03
C MET G 2490 -27.86 -76.23 51.20
N SER G 2491 -28.03 -75.51 52.31
CA SER G 2491 -27.27 -74.28 52.50
C SER G 2491 -25.78 -74.55 52.65
N ALA G 2492 -25.41 -75.80 52.97
CA ALA G 2492 -24.00 -76.11 53.18
C ALA G 2492 -23.41 -76.89 52.02
N SER G 2493 -24.25 -77.39 51.12
CA SER G 2493 -23.83 -78.31 50.07
C SER G 2493 -24.23 -77.80 48.69
N PHE G 2494 -23.44 -78.20 47.69
CA PHE G 2494 -23.77 -77.92 46.30
C PHE G 2494 -25.04 -78.69 45.94
N VAL G 2495 -25.81 -78.17 44.98
CA VAL G 2495 -27.16 -78.71 44.80
C VAL G 2495 -27.52 -79.07 43.37
N PRO G 2496 -28.33 -80.13 43.21
CA PRO G 2496 -28.73 -80.55 41.86
C PRO G 2496 -29.67 -79.57 41.19
N ASP G 2497 -30.28 -78.63 41.91
CA ASP G 2497 -31.01 -77.57 41.21
C ASP G 2497 -30.06 -76.61 40.53
N HIS G 2498 -28.89 -76.37 41.12
CA HIS G 2498 -27.83 -75.69 40.39
C HIS G 2498 -27.40 -76.51 39.19
N LYS G 2499 -27.28 -77.83 39.36
CA LYS G 2499 -27.00 -78.70 38.21
C LYS G 2499 -28.10 -78.59 37.15
N ALA G 2500 -29.35 -78.38 37.58
CA ALA G 2500 -30.46 -78.23 36.65
C ALA G 2500 -30.37 -76.94 35.87
N SER G 2501 -29.99 -75.85 36.53
CA SER G 2501 -29.69 -74.61 35.81
C SER G 2501 -28.57 -74.84 34.80
N MET G 2502 -27.57 -75.64 35.19
CA MET G 2502 -26.45 -75.94 34.31
C MET G 2502 -26.92 -76.62 33.03
N VAL G 2503 -27.72 -77.68 33.16
CA VAL G 2503 -28.18 -78.42 31.98
C VAL G 2503 -29.21 -77.61 31.20
N LEU G 2504 -29.94 -76.72 31.89
CA LEU G 2504 -30.87 -75.86 31.19
C LEU G 2504 -30.15 -74.89 30.27
N PHE G 2505 -29.09 -74.26 30.78
CA PHE G 2505 -28.25 -73.46 29.89
C PHE G 2505 -27.66 -74.31 28.78
N LEU G 2506 -27.28 -75.55 29.10
CA LEU G 2506 -26.69 -76.41 28.08
C LEU G 2506 -27.67 -76.67 26.92
N ASP G 2507 -28.88 -77.11 27.23
CA ASP G 2507 -29.81 -77.50 26.16
C ASP G 2507 -30.49 -76.27 25.55
N ARG G 2508 -30.41 -75.12 26.21
CA ARG G 2508 -30.98 -73.90 25.63
C ARG G 2508 -30.00 -73.22 24.71
N VAL G 2509 -28.71 -73.22 25.06
CA VAL G 2509 -27.73 -72.41 24.34
C VAL G 2509 -26.80 -73.31 23.55
N TYR G 2510 -26.05 -74.18 24.25
CA TYR G 2510 -25.15 -75.09 23.56
C TYR G 2510 -25.92 -76.19 22.84
N GLY G 2511 -27.02 -76.63 23.43
CA GLY G 2511 -27.81 -77.71 22.85
C GLY G 2511 -27.09 -79.03 22.97
N ILE G 2512 -27.76 -80.07 22.48
CA ILE G 2512 -27.21 -81.42 22.44
C ILE G 2512 -27.42 -81.96 21.03
N GLU G 2513 -26.31 -82.30 20.36
CA GLU G 2513 -26.33 -82.56 18.93
C GLU G 2513 -25.74 -83.90 18.52
N ASN G 2514 -24.78 -84.43 19.26
CA ASN G 2514 -24.06 -85.63 18.86
C ASN G 2514 -24.43 -86.78 19.78
N GLN G 2515 -24.56 -87.98 19.20
CA GLN G 2515 -24.87 -89.16 19.99
C GLN G 2515 -23.76 -89.47 20.98
N ASP G 2516 -22.50 -89.41 20.52
CA ASP G 2516 -21.38 -89.66 21.43
C ASP G 2516 -21.25 -88.56 22.47
N PHE G 2517 -21.56 -87.32 22.09
CA PHE G 2517 -21.56 -86.23 23.07
C PHE G 2517 -22.58 -86.49 24.16
N LEU G 2518 -23.81 -86.89 23.76
CA LEU G 2518 -24.82 -87.25 24.73
C LEU G 2518 -24.35 -88.40 25.62
N LEU G 2519 -23.75 -89.42 25.00
CA LEU G 2519 -23.34 -90.60 25.76
C LEU G 2519 -22.30 -90.26 26.81
N HIS G 2520 -21.31 -89.43 26.44
CA HIS G 2520 -20.27 -89.13 27.41
C HIS G 2520 -20.79 -88.18 28.49
N VAL G 2521 -21.66 -87.23 28.11
CA VAL G 2521 -22.29 -86.38 29.12
C VAL G 2521 -23.04 -87.24 30.12
N LEU G 2522 -23.77 -88.24 29.63
CA LEU G 2522 -24.47 -89.17 30.50
C LEU G 2522 -23.50 -89.89 31.43
N ASP G 2523 -22.48 -90.55 30.87
CA ASP G 2523 -21.73 -91.50 31.67
C ASP G 2523 -20.70 -90.80 32.56
N VAL G 2524 -20.48 -89.50 32.36
CA VAL G 2524 -19.59 -88.78 33.27
C VAL G 2524 -20.39 -87.95 34.27
N GLY G 2525 -21.48 -87.31 33.83
CA GLY G 2525 -22.23 -86.46 34.73
C GLY G 2525 -23.62 -86.90 35.09
N PHE G 2526 -24.35 -87.47 34.12
CA PHE G 2526 -25.72 -87.90 34.40
C PHE G 2526 -25.75 -89.25 35.09
N LEU G 2527 -24.72 -90.07 34.88
CA LEU G 2527 -24.63 -91.33 35.60
C LEU G 2527 -24.29 -91.15 37.08
N PRO G 2528 -23.50 -90.16 37.51
CA PRO G 2528 -23.47 -89.85 38.95
C PRO G 2528 -24.84 -89.50 39.50
N ASP G 2529 -25.63 -88.71 38.77
CA ASP G 2529 -27.02 -88.46 39.16
C ASP G 2529 -27.79 -89.76 39.27
N MET G 2530 -27.49 -90.71 38.38
CA MET G 2530 -28.36 -91.86 38.27
C MET G 2530 -28.00 -92.89 39.34
N ARG G 2531 -26.71 -93.00 39.67
CA ARG G 2531 -26.31 -93.70 40.89
C ARG G 2531 -26.90 -93.04 42.12
N ALA G 2532 -27.02 -91.70 42.11
CA ALA G 2532 -27.70 -91.04 43.21
C ALA G 2532 -29.14 -91.50 43.31
N ALA G 2533 -29.83 -91.63 42.18
CA ALA G 2533 -31.20 -92.16 42.19
C ALA G 2533 -31.22 -93.61 42.68
N ALA G 2534 -30.18 -94.38 42.32
CA ALA G 2534 -30.06 -95.75 42.83
C ALA G 2534 -29.99 -95.75 44.35
N SER G 2535 -29.23 -94.82 44.92
CA SER G 2535 -29.24 -94.64 46.37
C SER G 2535 -30.62 -94.19 46.85
N LEU G 2536 -31.30 -93.37 46.04
CA LEU G 2536 -32.60 -92.83 46.43
C LEU G 2536 -33.63 -93.94 46.57
N ASP G 2537 -33.47 -95.03 45.82
CA ASP G 2537 -34.44 -96.13 45.87
C ASP G 2537 -34.27 -96.90 47.18
N THR G 2538 -34.47 -96.17 48.28
CA THR G 2538 -34.36 -96.69 49.63
C THR G 2538 -35.48 -96.07 50.45
N ALA G 2539 -35.92 -96.78 51.51
CA ALA G 2539 -36.99 -96.25 52.34
C ALA G 2539 -36.57 -94.95 53.03
N THR G 2540 -35.38 -94.95 53.65
CA THR G 2540 -34.91 -93.75 54.32
C THR G 2540 -34.70 -92.61 53.33
N PHE G 2541 -34.16 -92.92 52.15
CA PHE G 2541 -33.98 -91.88 51.14
C PHE G 2541 -35.32 -91.31 50.69
N SER G 2542 -36.31 -92.16 50.48
CA SER G 2542 -37.63 -91.69 50.09
C SER G 2542 -38.25 -90.81 51.18
N THR G 2543 -37.96 -91.13 52.44
CA THR G 2543 -38.45 -90.29 53.53
C THR G 2543 -37.83 -88.89 53.48
N THR G 2544 -36.53 -88.79 53.23
CA THR G 2544 -35.88 -87.48 53.25
C THR G 2544 -36.27 -86.69 52.02
N GLU G 2545 -36.16 -85.35 52.11
CA GLU G 2545 -36.74 -84.48 51.10
C GLU G 2545 -35.77 -84.22 49.95
N MET G 2546 -34.49 -84.54 50.13
CA MET G 2546 -33.54 -84.33 49.04
C MET G 2546 -33.77 -85.35 47.92
N ALA G 2547 -34.31 -86.52 48.25
CA ALA G 2547 -34.74 -87.44 47.20
C ALA G 2547 -35.84 -86.81 46.37
N LEU G 2548 -36.80 -86.15 47.03
CA LEU G 2548 -37.85 -85.45 46.32
C LEU G 2548 -37.30 -84.28 45.52
N ALA G 2549 -36.29 -83.60 46.06
CA ALA G 2549 -35.62 -82.53 45.32
C ALA G 2549 -34.97 -83.08 44.05
N LEU G 2550 -34.33 -84.24 44.15
CA LEU G 2550 -33.77 -84.90 42.98
C LEU G 2550 -34.86 -85.33 42.01
N ASN G 2551 -36.02 -85.72 42.51
CA ASN G 2551 -37.12 -86.07 41.63
C ASN G 2551 -37.58 -84.87 40.81
N ARG G 2552 -37.81 -83.73 41.46
CA ARG G 2552 -38.10 -82.52 40.70
C ARG G 2552 -36.96 -82.15 39.76
N TYR G 2553 -35.71 -82.24 40.22
CA TYR G 2553 -34.56 -81.94 39.37
C TYR G 2553 -34.59 -82.76 38.09
N LEU G 2554 -34.73 -84.07 38.21
CA LEU G 2554 -34.79 -84.92 37.04
C LEU G 2554 -35.97 -84.55 36.15
N CYS G 2555 -37.17 -84.46 36.72
CA CYS G 2555 -38.37 -84.28 35.90
C CYS G 2555 -38.39 -82.91 35.23
N LEU G 2556 -37.63 -81.94 35.74
CA LEU G 2556 -37.65 -80.62 35.12
C LEU G 2556 -36.49 -80.43 34.15
N ALA G 2557 -35.36 -81.09 34.41
CA ALA G 2557 -34.15 -80.82 33.66
C ALA G 2557 -33.72 -82.01 32.79
N VAL G 2558 -33.58 -83.20 33.38
CA VAL G 2558 -32.98 -84.30 32.66
C VAL G 2558 -34.03 -85.02 31.82
N LEU G 2559 -35.22 -85.23 32.38
CA LEU G 2559 -36.24 -86.00 31.68
C LEU G 2559 -36.67 -85.36 30.36
N PRO G 2560 -37.00 -84.07 30.27
CA PRO G 2560 -37.27 -83.49 28.94
C PRO G 2560 -36.07 -83.58 28.00
N LEU G 2561 -34.87 -83.35 28.54
CA LEU G 2561 -33.66 -83.50 27.74
C LEU G 2561 -33.53 -84.92 27.20
N ILE G 2562 -33.78 -85.92 28.06
CA ILE G 2562 -33.68 -87.30 27.62
C ILE G 2562 -34.75 -87.62 26.57
N THR G 2563 -35.97 -87.11 26.77
CA THR G 2563 -37.04 -87.36 25.81
C THR G 2563 -36.69 -86.80 24.44
N LYS G 2564 -36.14 -85.59 24.38
CA LYS G 2564 -35.77 -85.03 23.09
C LYS G 2564 -34.47 -85.65 22.58
N CYS G 2565 -33.72 -86.31 23.46
CA CYS G 2565 -32.52 -87.04 23.04
C CYS G 2565 -32.82 -88.47 22.63
N ALA G 2566 -34.08 -88.90 22.76
CA ALA G 2566 -34.43 -90.28 22.40
C ALA G 2566 -33.98 -90.69 21.01
N PRO G 2567 -34.12 -89.88 19.95
CA PRO G 2567 -33.62 -90.33 18.64
C PRO G 2567 -32.13 -90.61 18.62
N LEU G 2568 -31.35 -89.97 19.49
CA LEU G 2568 -29.91 -90.17 19.50
C LEU G 2568 -29.54 -91.55 20.03
N PHE G 2569 -30.34 -92.08 20.95
CA PHE G 2569 -29.99 -93.34 21.62
C PHE G 2569 -29.95 -94.51 20.64
N ALA G 2570 -30.68 -94.40 19.53
CA ALA G 2570 -30.71 -95.50 18.56
C ALA G 2570 -29.38 -95.66 17.83
N GLY G 2571 -28.55 -94.61 17.84
CA GLY G 2571 -27.34 -94.62 17.04
C GLY G 2571 -26.31 -95.64 17.50
N THR G 2572 -26.09 -95.73 18.81
CA THR G 2572 -24.96 -96.47 19.37
C THR G 2572 -25.31 -97.93 19.56
N GLU G 2573 -24.30 -98.80 19.42
CA GLU G 2573 -24.48 -100.22 19.68
C GLU G 2573 -23.55 -100.72 20.77
N HIS G 2574 -22.31 -100.20 20.81
CA HIS G 2574 -21.36 -100.62 21.83
C HIS G 2574 -21.79 -100.16 23.22
N ARG G 2575 -22.29 -98.93 23.32
CA ARG G 2575 -22.69 -98.35 24.60
C ARG G 2575 -24.01 -98.93 25.11
N ALA G 2576 -24.46 -100.06 24.56
CA ALA G 2576 -25.82 -100.55 24.84
C ALA G 2576 -25.93 -101.16 26.22
N ILE G 2577 -24.86 -101.74 26.73
CA ILE G 2577 -24.87 -102.34 28.05
C ILE G 2577 -25.03 -101.28 29.14
N MET G 2578 -24.22 -100.21 29.06
CA MET G 2578 -24.42 -99.00 29.87
C MET G 2578 -25.80 -98.38 29.66
N VAL G 2579 -26.34 -98.45 28.44
CA VAL G 2579 -27.70 -97.95 28.27
C VAL G 2579 -28.71 -98.88 28.94
N ASP G 2580 -28.40 -100.16 29.00
CA ASP G 2580 -29.30 -101.07 29.70
C ASP G 2580 -29.28 -100.81 31.20
N SER G 2581 -28.11 -100.47 31.73
CA SER G 2581 -28.03 -100.02 33.12
C SER G 2581 -28.83 -98.74 33.31
N MET G 2582 -28.76 -97.83 32.32
CA MET G 2582 -29.69 -96.71 32.26
C MET G 2582 -31.12 -97.19 32.48
N LEU G 2583 -31.54 -98.16 31.66
CA LEU G 2583 -32.93 -98.59 31.68
C LEU G 2583 -33.31 -99.19 33.01
N HIS G 2584 -32.42 -99.97 33.62
CA HIS G 2584 -32.71 -100.54 34.93
CA HIS G 2584 -32.73 -100.54 34.91
C HIS G 2584 -32.92 -99.46 35.96
N THR G 2585 -32.06 -98.45 35.96
CA THR G 2585 -32.21 -97.38 36.92
C THR G 2585 -33.52 -96.62 36.74
N VAL G 2586 -33.88 -96.30 35.49
CA VAL G 2586 -35.13 -95.57 35.27
C VAL G 2586 -36.34 -96.44 35.57
N TYR G 2587 -36.21 -97.75 35.39
CA TYR G 2587 -37.29 -98.65 35.78
C TYR G 2587 -37.44 -98.71 37.30
N ARG G 2588 -36.32 -98.65 38.02
CA ARG G 2588 -36.41 -98.58 39.48
C ARG G 2588 -37.04 -97.28 39.92
N LEU G 2589 -36.78 -96.19 39.19
CA LEU G 2589 -37.49 -94.95 39.47
C LEU G 2589 -38.98 -95.11 39.25
N SER G 2590 -39.37 -95.80 38.18
CA SER G 2590 -40.78 -96.14 37.99
C SER G 2590 -41.31 -96.93 39.17
N ARG G 2591 -40.49 -97.84 39.71
CA ARG G 2591 -40.80 -98.52 40.97
C ARG G 2591 -40.53 -97.55 42.13
N GLY G 2592 -41.26 -96.44 42.10
CA GLY G 2592 -40.95 -95.31 42.95
C GLY G 2592 -41.77 -95.21 44.22
N ARG G 2593 -41.08 -95.22 45.36
CA ARG G 2593 -41.72 -94.94 46.64
C ARG G 2593 -41.47 -93.48 47.02
N SER G 2594 -42.51 -92.84 47.57
CA SER G 2594 -42.52 -91.40 47.81
C SER G 2594 -42.31 -90.63 46.52
N LEU G 2595 -43.09 -90.98 45.49
CA LEU G 2595 -43.04 -90.34 44.19
C LEU G 2595 -44.43 -89.85 43.81
N THR G 2596 -44.51 -88.60 43.39
CA THR G 2596 -45.80 -88.02 43.04
C THR G 2596 -46.31 -88.57 41.72
N LYS G 2597 -47.63 -88.52 41.54
CA LYS G 2597 -48.25 -89.10 40.35
C LYS G 2597 -47.79 -88.41 39.07
N ALA G 2598 -47.75 -87.07 39.07
CA ALA G 2598 -47.37 -86.35 37.87
C ALA G 2598 -45.91 -86.61 37.50
N GLN G 2599 -45.02 -86.54 38.49
CA GLN G 2599 -43.61 -86.79 38.22
C GLN G 2599 -43.39 -88.22 37.76
N ARG G 2600 -44.08 -89.18 38.37
CA ARG G 2600 -43.95 -90.57 37.96
C ARG G 2600 -44.47 -90.78 36.54
N ASP G 2601 -45.55 -90.09 36.18
CA ASP G 2601 -46.05 -90.16 34.80
C ASP G 2601 -45.04 -89.56 33.82
N VAL G 2602 -44.37 -88.48 34.23
CA VAL G 2602 -43.31 -87.92 33.39
C VAL G 2602 -42.19 -88.93 33.20
N ILE G 2603 -41.81 -89.63 34.27
CA ILE G 2603 -40.78 -90.68 34.15
C ILE G 2603 -41.26 -91.79 33.22
N GLU G 2604 -42.54 -92.17 33.30
CA GLU G 2604 -43.06 -93.21 32.42
C GLU G 2604 -42.98 -92.78 30.96
N ASP G 2605 -43.39 -91.55 30.67
CA ASP G 2605 -43.34 -91.06 29.30
C ASP G 2605 -41.90 -90.97 28.80
N CYS G 2606 -40.98 -90.53 29.67
CA CYS G 2606 -39.57 -90.47 29.28
C CYS G 2606 -39.02 -91.85 28.99
N LEU G 2607 -39.36 -92.83 29.83
CA LEU G 2607 -38.88 -94.19 29.62
C LEU G 2607 -39.40 -94.74 28.31
N MET G 2608 -40.68 -94.48 28.00
CA MET G 2608 -41.25 -94.92 26.72
C MET G 2608 -40.55 -94.29 25.54
N ALA G 2609 -40.34 -92.97 25.59
CA ALA G 2609 -39.74 -92.27 24.47
C ALA G 2609 -38.31 -92.74 24.23
N LEU G 2610 -37.55 -92.95 25.30
CA LEU G 2610 -36.19 -93.47 25.12
C LEU G 2610 -36.23 -94.93 24.65
N CYS G 2611 -37.23 -95.70 25.09
CA CYS G 2611 -37.25 -97.12 24.80
C CYS G 2611 -37.62 -97.40 23.35
N ARG G 2612 -38.42 -96.52 22.73
CA ARG G 2612 -38.82 -96.77 21.34
CA ARG G 2612 -38.82 -96.76 21.34
C ARG G 2612 -37.61 -96.87 20.43
N TYR G 2613 -36.64 -95.96 20.59
CA TYR G 2613 -35.51 -95.93 19.66
C TYR G 2613 -34.53 -97.07 19.91
N ILE G 2614 -34.58 -97.70 21.09
CA ILE G 2614 -33.63 -98.77 21.37
C ILE G 2614 -33.95 -99.98 20.51
N ARG G 2615 -32.90 -100.65 20.05
CA ARG G 2615 -33.05 -101.94 19.39
C ARG G 2615 -33.65 -102.95 20.36
N PRO G 2616 -34.56 -103.81 19.89
CA PRO G 2616 -35.19 -104.78 20.79
C PRO G 2616 -34.23 -105.81 21.36
N SER G 2617 -33.08 -106.03 20.73
CA SER G 2617 -32.20 -107.12 21.13
C SER G 2617 -31.60 -106.91 22.52
N MET G 2618 -31.12 -105.70 22.80
CA MET G 2618 -30.56 -105.40 24.12
C MET G 2618 -31.66 -105.10 25.14
N LEU G 2619 -32.88 -104.85 24.67
CA LEU G 2619 -33.96 -104.51 25.59
C LEU G 2619 -34.37 -105.69 26.46
N GLN G 2620 -34.04 -106.91 26.01
CA GLN G 2620 -34.43 -108.10 26.78
C GLN G 2620 -33.78 -108.10 28.15
N HIS G 2621 -32.65 -107.40 28.30
CA HIS G 2621 -31.96 -107.35 29.59
C HIS G 2621 -32.84 -106.72 30.65
N LEU G 2622 -33.52 -105.62 30.32
CA LEU G 2622 -34.51 -105.06 31.24
C LEU G 2622 -35.81 -105.83 31.20
N LEU G 2623 -36.14 -106.39 30.04
CA LEU G 2623 -37.40 -107.11 29.89
C LEU G 2623 -37.48 -108.30 30.82
N ARG G 2624 -36.35 -108.96 31.10
CA ARG G 2624 -36.38 -110.08 32.03
C ARG G 2624 -36.68 -109.61 33.45
N ARG G 2625 -36.12 -108.45 33.84
CA ARG G 2625 -36.44 -107.90 35.15
C ARG G 2625 -37.91 -107.54 35.24
N LEU G 2626 -38.50 -107.04 34.15
CA LEU G 2626 -39.95 -106.90 34.11
C LEU G 2626 -40.65 -108.25 34.26
N VAL G 2627 -40.15 -109.28 33.55
CA VAL G 2627 -40.74 -110.61 33.63
C VAL G 2627 -40.80 -111.07 35.08
N PHE G 2628 -39.81 -110.68 35.88
CA PHE G 2628 -39.91 -110.90 37.32
C PHE G 2628 -41.05 -110.10 37.92
N ASP G 2629 -41.25 -108.85 37.46
CA ASP G 2629 -42.22 -107.98 38.11
C ASP G 2629 -43.60 -108.09 37.49
N VAL G 2630 -43.68 -108.62 36.26
CA VAL G 2630 -44.97 -108.68 35.55
C VAL G 2630 -46.03 -109.49 36.30
N PRO G 2631 -45.74 -110.69 36.81
CA PRO G 2631 -46.84 -111.49 37.39
C PRO G 2631 -47.54 -110.85 38.57
N ILE G 2632 -46.91 -109.86 39.21
CA ILE G 2632 -47.51 -109.22 40.38
C ILE G 2632 -48.80 -108.50 40.00
N LEU G 2633 -48.77 -107.75 38.89
CA LEU G 2633 -49.93 -106.95 38.45
C LEU G 2633 -50.41 -105.99 39.52
N ASN G 2634 -49.49 -105.44 40.31
CA ASN G 2634 -49.88 -104.37 41.21
C ASN G 2634 -50.03 -103.07 40.44
N GLU G 2635 -50.56 -102.05 41.11
CA GLU G 2635 -50.75 -100.76 40.45
C GLU G 2635 -49.42 -100.15 40.03
N PHE G 2636 -48.32 -100.63 40.63
CA PHE G 2636 -47.00 -100.27 40.10
C PHE G 2636 -46.74 -100.97 38.77
N ALA G 2637 -47.05 -102.26 38.66
CA ALA G 2637 -46.75 -103.00 37.44
C ALA G 2637 -47.79 -102.76 36.37
N LYS G 2638 -48.83 -101.99 36.69
CA LYS G 2638 -49.86 -101.69 35.70
C LYS G 2638 -49.29 -100.86 34.55
N MET G 2639 -48.42 -99.89 34.85
CA MET G 2639 -47.87 -99.04 33.81
C MET G 2639 -46.77 -99.72 32.99
N PRO G 2640 -45.94 -100.61 33.54
CA PRO G 2640 -45.10 -101.44 32.65
C PRO G 2640 -45.92 -102.35 31.76
N LEU G 2641 -47.17 -102.64 32.12
CA LEU G 2641 -48.02 -103.42 31.22
C LEU G 2641 -48.36 -102.62 29.97
N LYS G 2642 -48.76 -101.36 30.15
CA LYS G 2642 -48.92 -100.45 29.01
C LYS G 2642 -47.62 -100.32 28.22
N LEU G 2643 -46.50 -100.21 28.94
CA LEU G 2643 -45.20 -100.09 28.28
C LEU G 2643 -44.90 -101.32 27.43
N LEU G 2644 -45.17 -102.50 27.97
CA LEU G 2644 -44.94 -103.73 27.23
C LEU G 2644 -45.87 -103.85 26.03
N THR G 2645 -47.13 -103.42 26.18
CA THR G 2645 -48.04 -103.44 25.06
C THR G 2645 -47.54 -102.56 23.92
N ASN G 2646 -47.10 -101.34 24.25
CA ASN G 2646 -46.55 -100.47 23.21
C ASN G 2646 -45.27 -101.04 22.61
N HIS G 2647 -44.41 -101.63 23.44
CA HIS G 2647 -43.18 -102.23 22.92
C HIS G 2647 -43.48 -103.37 21.95
N TYR G 2648 -44.43 -104.23 22.30
CA TYR G 2648 -44.79 -105.33 21.42
C TYR G 2648 -45.42 -104.82 20.13
N GLU G 2649 -46.28 -103.80 20.22
CA GLU G 2649 -46.85 -103.22 19.01
C GLU G 2649 -45.76 -102.64 18.12
N ARG G 2650 -44.73 -102.05 18.73
CA ARG G 2650 -43.67 -101.42 17.94
C ARG G 2650 -42.75 -102.47 17.30
N CYS G 2651 -42.46 -103.55 18.02
CA CYS G 2651 -41.47 -104.52 17.57
C CYS G 2651 -42.07 -105.83 17.06
N TRP G 2652 -43.38 -105.88 16.82
CA TRP G 2652 -43.99 -107.12 16.35
C TRP G 2652 -43.42 -107.56 15.01
N LYS G 2653 -43.21 -106.62 14.08
CA LYS G 2653 -42.70 -107.00 12.76
C LYS G 2653 -41.27 -107.51 12.86
N TYR G 2654 -40.44 -106.85 13.67
CA TYR G 2654 -39.07 -107.32 13.87
C TYR G 2654 -39.05 -108.71 14.48
N TYR G 2655 -39.91 -108.96 15.47
CA TYR G 2655 -39.95 -110.28 16.10
C TYR G 2655 -40.46 -111.34 15.14
N CYS G 2656 -41.45 -111.00 14.31
CA CYS G 2656 -42.07 -112.00 13.44
C CYS G 2656 -41.18 -112.34 12.25
N LEU G 2657 -40.46 -111.36 11.70
CA LEU G 2657 -39.64 -111.63 10.54
C LEU G 2657 -38.48 -112.55 10.91
N PRO G 2658 -38.34 -113.71 10.26
CA PRO G 2658 -37.19 -114.57 10.55
C PRO G 2658 -35.87 -113.94 10.18
N THR G 2659 -35.80 -113.26 9.03
CA THR G 2659 -34.61 -112.51 8.68
C THR G 2659 -34.51 -111.23 9.50
N GLY G 2660 -35.64 -110.72 9.98
CA GLY G 2660 -35.67 -109.52 10.78
C GLY G 2660 -35.58 -108.26 9.96
N TRP G 2661 -35.74 -107.13 10.65
CA TRP G 2661 -35.60 -105.83 10.01
C TRP G 2661 -34.18 -105.64 9.51
N ALA G 2662 -34.04 -104.92 8.40
CA ALA G 2662 -32.73 -104.69 7.82
C ALA G 2662 -31.80 -104.02 8.81
N ASN G 2663 -30.54 -104.46 8.83
CA ASN G 2663 -29.46 -103.92 9.65
C ASN G 2663 -29.69 -104.11 11.14
N PHE G 2664 -30.75 -104.86 11.47
CA PHE G 2664 -31.05 -105.08 12.88
C PHE G 2664 -30.67 -106.48 13.32
N GLY G 2665 -31.05 -107.49 12.53
CA GLY G 2665 -30.70 -108.86 12.87
C GLY G 2665 -31.91 -109.74 13.08
N VAL G 2666 -31.72 -110.77 13.91
CA VAL G 2666 -32.74 -111.77 14.17
C VAL G 2666 -32.97 -111.86 15.67
N THR G 2667 -34.22 -112.15 16.05
CA THR G 2667 -34.54 -112.37 17.45
C THR G 2667 -33.71 -113.53 18.00
N SER G 2668 -33.23 -113.35 19.24
CA SER G 2668 -32.29 -114.30 19.82
C SER G 2668 -33.01 -115.51 20.40
N GLU G 2669 -34.34 -115.44 20.50
CA GLU G 2669 -35.24 -116.52 20.91
C GLU G 2669 -35.22 -116.79 22.41
N GLU G 2670 -34.23 -116.26 23.14
CA GLU G 2670 -34.40 -116.23 24.60
C GLU G 2670 -35.35 -115.12 24.99
N GLU G 2671 -35.33 -114.01 24.25
CA GLU G 2671 -36.37 -113.00 24.41
C GLU G 2671 -37.72 -113.55 23.96
N LEU G 2672 -37.72 -114.50 23.02
CA LEU G 2672 -38.97 -115.13 22.63
C LEU G 2672 -39.51 -116.01 23.76
N HIS G 2673 -38.60 -116.72 24.44
CA HIS G 2673 -39.02 -117.47 25.63
C HIS G 2673 -39.49 -116.53 26.74
N LEU G 2674 -38.87 -115.34 26.83
CA LEU G 2674 -39.36 -114.30 27.72
C LEU G 2674 -40.79 -113.91 27.37
N THR G 2675 -41.06 -113.74 26.08
CA THR G 2675 -42.41 -113.41 25.63
C THR G 2675 -43.38 -114.54 25.98
N ARG G 2676 -42.95 -115.79 25.83
CA ARG G 2676 -43.79 -116.91 26.23
C ARG G 2676 -44.10 -116.88 27.72
N LYS G 2677 -43.10 -116.61 28.56
CA LYS G 2677 -43.34 -116.55 29.99
C LYS G 2677 -44.23 -115.36 30.34
N LEU G 2678 -44.10 -114.25 29.62
CA LEU G 2678 -45.00 -113.13 29.83
C LEU G 2678 -46.43 -113.50 29.48
N PHE G 2679 -46.62 -114.22 28.36
CA PHE G 2679 -47.94 -114.74 28.03
C PHE G 2679 -48.50 -115.58 29.15
N TRP G 2680 -47.73 -116.57 29.61
CA TRP G 2680 -48.21 -117.45 30.67
C TRP G 2680 -48.52 -116.68 31.95
N GLY G 2681 -47.64 -115.77 32.34
CA GLY G 2681 -47.85 -115.03 33.58
C GLY G 2681 -49.07 -114.14 33.54
N ILE G 2682 -49.18 -113.30 32.51
CA ILE G 2682 -50.33 -112.40 32.41
C ILE G 2682 -51.61 -113.20 32.22
N PHE G 2683 -51.53 -114.32 31.50
CA PHE G 2683 -52.71 -115.12 31.22
C PHE G 2683 -53.24 -115.80 32.48
N ASP G 2684 -52.35 -116.45 33.24
CA ASP G 2684 -52.76 -117.03 34.52
C ASP G 2684 -53.19 -115.96 35.50
N SER G 2685 -52.57 -114.77 35.42
CA SER G 2685 -52.96 -113.67 36.30
C SER G 2685 -54.40 -113.25 36.03
N LEU G 2686 -54.72 -112.98 34.77
CA LEU G 2686 -56.09 -112.60 34.43
C LEU G 2686 -57.06 -113.75 34.66
N ALA G 2687 -56.55 -114.99 34.62
CA ALA G 2687 -57.40 -116.14 34.92
C ALA G 2687 -57.80 -116.17 36.39
N HIS G 2688 -56.83 -116.00 37.30
CA HIS G 2688 -57.13 -116.23 38.70
C HIS G 2688 -57.48 -114.93 39.44
N LYS G 2689 -57.40 -113.79 38.75
CA LYS G 2689 -57.78 -112.54 39.40
C LYS G 2689 -59.25 -112.21 39.15
N LYS G 2690 -59.82 -111.44 40.06
CA LYS G 2690 -61.24 -111.10 40.02
C LYS G 2690 -61.47 -110.00 38.98
N TYR G 2691 -62.75 -109.81 38.64
CA TYR G 2691 -63.16 -108.78 37.69
C TYR G 2691 -62.63 -107.42 38.11
N ASP G 2692 -62.06 -106.68 37.15
CA ASP G 2692 -61.56 -105.33 37.38
C ASP G 2692 -61.74 -104.51 36.11
N GLN G 2693 -62.51 -103.42 36.21
CA GLN G 2693 -62.74 -102.57 35.05
C GLN G 2693 -61.46 -101.88 34.60
N GLU G 2694 -60.60 -101.49 35.56
CA GLU G 2694 -59.31 -100.92 35.18
C GLU G 2694 -58.45 -101.95 34.47
N LEU G 2695 -58.44 -103.19 34.97
CA LEU G 2695 -57.67 -104.24 34.31
C LEU G 2695 -58.21 -104.50 32.91
N TYR G 2696 -59.53 -104.40 32.72
CA TYR G 2696 -60.09 -104.65 31.40
C TYR G 2696 -59.85 -103.48 30.45
N ARG G 2697 -59.81 -102.24 30.96
CA ARG G 2697 -59.48 -101.14 30.08
C ARG G 2697 -57.98 -101.15 29.74
N MET G 2698 -57.18 -101.85 30.56
CA MET G 2698 -55.81 -102.15 30.14
C MET G 2698 -55.76 -103.37 29.24
N ALA G 2699 -56.79 -104.22 29.30
CA ALA G 2699 -56.77 -105.46 28.55
C ALA G 2699 -57.38 -105.28 27.16
N MET G 2700 -58.05 -104.16 26.93
CA MET G 2700 -58.37 -103.78 25.56
C MET G 2700 -57.11 -103.51 24.74
N PRO G 2701 -56.09 -102.78 25.22
CA PRO G 2701 -54.81 -102.78 24.49
C PRO G 2701 -54.22 -104.17 24.34
N CYS G 2702 -54.44 -105.05 25.32
CA CYS G 2702 -54.31 -106.50 25.20
C CYS G 2702 -52.92 -107.06 24.94
N LEU G 2703 -52.67 -108.26 25.48
CA LEU G 2703 -51.53 -109.09 25.14
C LEU G 2703 -51.67 -109.70 23.76
N CYS G 2704 -52.68 -109.27 23.02
CA CYS G 2704 -52.76 -109.51 21.59
C CYS G 2704 -51.48 -109.09 20.88
N ALA G 2705 -50.90 -107.94 21.27
CA ALA G 2705 -49.63 -107.52 20.69
C ALA G 2705 -48.52 -108.50 21.03
N ILE G 2706 -48.51 -108.99 22.27
CA ILE G 2706 -47.52 -109.99 22.70
C ILE G 2706 -47.65 -111.24 21.85
N ALA G 2707 -48.87 -111.71 21.65
CA ALA G 2707 -49.10 -112.94 20.88
C ALA G 2707 -48.76 -112.73 19.41
N GLY G 2708 -49.05 -111.56 18.86
CA GLY G 2708 -48.70 -111.29 17.48
C GLY G 2708 -47.20 -111.22 17.26
N ALA G 2709 -46.48 -110.59 18.20
CA ALA G 2709 -45.03 -110.55 18.10
C ALA G 2709 -44.43 -111.94 18.23
N LEU G 2710 -44.95 -112.74 19.16
CA LEU G 2710 -44.47 -114.10 19.31
C LEU G 2710 -44.92 -114.96 18.12
N PRO G 2711 -43.97 -115.60 17.43
CA PRO G 2711 -44.34 -116.49 16.33
C PRO G 2711 -44.81 -117.83 16.86
N PRO G 2712 -45.61 -118.56 16.09
CA PRO G 2712 -46.02 -119.89 16.55
C PRO G 2712 -44.91 -120.93 16.48
N ASP G 2713 -44.09 -120.88 15.42
CA ASP G 2713 -43.29 -122.04 15.03
C ASP G 2713 -42.21 -122.40 16.05
N TYR G 2714 -41.75 -121.43 16.83
CA TYR G 2714 -40.53 -121.65 17.62
C TYR G 2714 -40.74 -122.74 18.66
N VAL G 2715 -39.65 -123.40 19.02
CA VAL G 2715 -39.65 -124.51 19.98
C VAL G 2715 -39.03 -124.03 21.27
N ASP G 2716 -39.75 -124.21 22.38
CA ASP G 2716 -39.22 -123.82 23.68
C ASP G 2716 -38.17 -124.81 24.15
N ALA G 2717 -37.42 -124.42 25.18
CA ALA G 2717 -36.36 -125.29 25.69
C ALA G 2717 -36.93 -126.58 26.28
N SER G 2718 -37.94 -126.47 27.14
CA SER G 2718 -38.51 -127.62 27.82
C SER G 2718 -39.88 -127.28 28.37
N TYR G 2719 -40.59 -128.31 28.85
CA TYR G 2719 -41.86 -128.17 29.56
C TYR G 2719 -41.68 -128.76 30.95
N SER G 2720 -41.17 -127.95 31.88
CA SER G 2720 -40.92 -128.39 33.25
C SER G 2720 -41.22 -127.25 34.20
N SER G 2721 -41.60 -127.62 35.43
CA SER G 2721 -41.91 -126.61 36.44
C SER G 2721 -40.64 -125.95 36.93
N LYS G 2722 -40.68 -124.63 37.10
CA LYS G 2722 -39.52 -123.90 37.61
C LYS G 2722 -39.23 -124.25 39.06
N ALA G 2723 -40.29 -124.44 39.86
CA ALA G 2723 -40.17 -124.77 41.29
C ALA G 2723 -39.31 -123.73 42.02
N GLU G 2724 -39.51 -122.46 41.68
CA GLU G 2724 -38.77 -121.37 42.29
C GLU G 2724 -39.61 -120.11 42.23
N LYS G 2725 -39.65 -119.39 43.34
CA LYS G 2725 -40.41 -118.14 43.42
C LYS G 2725 -39.76 -117.05 42.56
N ASN G 2734 -37.81 -108.78 47.71
CA ASN G 2734 -37.98 -108.77 46.26
C ASN G 2734 -37.94 -110.19 45.71
N PHE G 2735 -36.74 -110.77 45.67
CA PHE G 2735 -36.53 -112.14 45.20
C PHE G 2735 -35.83 -112.93 46.29
N ASP G 2736 -36.50 -113.96 46.80
CA ASP G 2736 -35.92 -114.85 47.80
C ASP G 2736 -36.00 -116.29 47.30
N PRO G 2737 -34.87 -116.95 47.10
CA PRO G 2737 -34.92 -118.36 46.69
C PRO G 2737 -34.85 -119.30 47.89
N ARG G 2738 -35.52 -120.45 47.80
CA ARG G 2738 -35.56 -121.42 48.89
C ARG G 2738 -35.00 -122.74 48.40
N PRO G 2739 -33.88 -123.23 48.95
CA PRO G 2739 -33.27 -124.44 48.42
C PRO G 2739 -33.78 -125.68 49.14
N VAL G 2740 -33.31 -126.84 48.65
CA VAL G 2740 -33.55 -128.13 49.28
C VAL G 2740 -32.22 -128.83 49.45
N GLU G 2741 -31.80 -129.02 50.70
CA GLU G 2741 -30.52 -129.62 51.03
C GLU G 2741 -30.71 -130.69 52.08
N THR G 2742 -29.87 -131.73 52.03
CA THR G 2742 -29.95 -132.85 52.95
C THR G 2742 -28.69 -133.04 53.79
N LEU G 2743 -27.89 -131.98 53.98
CA LEU G 2743 -26.69 -132.09 54.79
C LEU G 2743 -27.01 -132.53 56.22
N ASN G 2744 -28.14 -132.09 56.75
CA ASN G 2744 -28.49 -132.44 58.12
C ASN G 2744 -28.66 -133.95 58.27
N VAL G 2745 -29.07 -134.62 57.20
CA VAL G 2745 -29.09 -136.08 57.20
C VAL G 2745 -27.67 -136.61 57.17
N ILE G 2746 -27.45 -137.77 57.80
CA ILE G 2746 -26.11 -138.35 57.90
C ILE G 2746 -25.54 -138.58 56.50
N ILE G 2747 -24.21 -138.63 56.43
CA ILE G 2747 -23.49 -138.69 55.17
C ILE G 2747 -22.69 -139.98 55.14
N PRO G 2748 -22.51 -140.60 53.97
CA PRO G 2748 -21.67 -141.80 53.90
C PRO G 2748 -20.20 -141.43 53.83
N GLU G 2749 -19.38 -142.18 54.57
CA GLU G 2749 -17.93 -141.93 54.56
C GLU G 2749 -17.33 -142.19 53.18
N LYS G 2750 -17.75 -143.27 52.53
CA LYS G 2750 -17.19 -143.58 51.21
C LYS G 2750 -17.69 -142.60 50.16
N LEU G 2751 -18.93 -142.14 50.30
CA LEU G 2751 -19.43 -141.10 49.40
C LEU G 2751 -18.66 -139.79 49.61
N ASP G 2752 -18.32 -139.48 50.86
CA ASP G 2752 -17.50 -138.31 51.13
C ASP G 2752 -16.10 -138.46 50.55
N SER G 2753 -15.55 -139.67 50.61
CA SER G 2753 -14.26 -139.93 49.96
C SER G 2753 -14.35 -139.75 48.46
N PHE G 2754 -15.45 -140.19 47.86
CA PHE G 2754 -15.68 -139.94 46.44
C PHE G 2754 -15.78 -138.45 46.14
N ILE G 2755 -16.43 -137.70 47.03
CA ILE G 2755 -16.53 -136.25 46.84
C ILE G 2755 -15.14 -135.62 46.88
N ASN G 2756 -14.32 -136.04 47.83
CA ASN G 2756 -12.95 -135.53 47.92
C ASN G 2756 -12.14 -135.89 46.68
N LYS G 2757 -12.30 -137.11 46.17
CA LYS G 2757 -11.60 -137.52 44.96
C LYS G 2757 -12.09 -136.73 43.75
N PHE G 2758 -13.39 -136.42 43.72
CA PHE G 2758 -13.90 -135.57 42.65
C PHE G 2758 -13.32 -134.17 42.74
N ALA G 2759 -13.12 -133.66 43.96
CA ALA G 2759 -12.42 -132.39 44.11
C ALA G 2759 -10.99 -132.49 43.60
N GLU G 2760 -10.32 -133.60 43.89
CA GLU G 2760 -8.97 -133.82 43.40
C GLU G 2760 -8.93 -133.78 41.88
N TYR G 2761 -9.85 -134.47 41.22
CA TYR G 2761 -9.83 -134.49 39.76
C TYR G 2761 -10.43 -133.22 39.16
N THR G 2762 -11.17 -132.44 39.95
CA THR G 2762 -11.55 -131.12 39.49
C THR G 2762 -10.35 -130.19 39.45
N HIS G 2763 -9.51 -130.23 40.49
CA HIS G 2763 -8.26 -129.49 40.43
C HIS G 2763 -7.33 -130.07 39.36
N GLU G 2764 -7.49 -131.35 39.03
CA GLU G 2764 -6.67 -131.92 37.96
C GLU G 2764 -7.21 -131.56 36.57
N LYS G 2765 -8.50 -131.26 36.46
CA LYS G 2765 -8.99 -130.64 35.24
C LYS G 2765 -8.54 -129.18 35.15
N TRP G 2766 -8.43 -128.52 36.30
CA TRP G 2766 -7.72 -127.25 36.34
C TRP G 2766 -6.26 -127.43 35.90
N ALA G 2767 -5.68 -128.60 36.19
CA ALA G 2767 -4.34 -128.90 35.73
C ALA G 2767 -4.31 -129.10 34.21
N PHE G 2768 -5.35 -129.72 33.65
CA PHE G 2768 -5.56 -129.66 32.21
C PHE G 2768 -5.51 -128.22 31.71
N ASP G 2769 -6.23 -127.33 32.40
CA ASP G 2769 -6.31 -125.93 31.97
C ASP G 2769 -4.95 -125.22 32.11
N LYS G 2770 -4.14 -125.65 33.07
CA LYS G 2770 -2.84 -124.99 33.27
C LYS G 2770 -1.77 -125.58 32.36
N ILE G 2771 -1.94 -126.83 31.92
CA ILE G 2771 -1.15 -127.31 30.79
C ILE G 2771 -1.59 -126.59 29.52
N GLN G 2772 -2.87 -126.24 29.45
CA GLN G 2772 -3.39 -125.45 28.35
C GLN G 2772 -2.77 -124.05 28.31
N ASN G 2773 -2.68 -123.39 29.46
CA ASN G 2773 -2.04 -122.07 29.48
C ASN G 2773 -0.53 -122.21 29.49
N ASN G 2774 -0.01 -123.43 29.66
CA ASN G 2774 1.40 -123.79 29.54
C ASN G 2774 2.28 -123.13 30.58
N TRP G 2775 1.84 -123.04 31.84
CA TRP G 2775 2.63 -122.46 32.90
C TRP G 2775 2.67 -123.40 34.09
N SER G 2776 3.77 -123.36 34.84
CA SER G 2776 3.98 -124.33 35.91
C SER G 2776 3.02 -124.08 37.07
N TYR G 2777 2.84 -125.10 37.90
CA TYR G 2777 1.87 -125.01 39.00
C TYR G 2777 2.49 -124.32 40.20
N GLY G 2778 1.73 -123.39 40.78
CA GLY G 2778 2.24 -122.62 41.91
C GLY G 2778 1.55 -122.92 43.22
N GLU G 2779 2.35 -123.10 44.28
CA GLU G 2779 1.78 -123.34 45.62
C GLU G 2779 1.00 -122.13 46.11
N ASN G 2780 1.53 -120.93 45.89
CA ASN G 2780 0.86 -119.72 46.35
C ASN G 2780 0.14 -119.04 45.20
N VAL G 2781 -0.72 -118.08 45.55
CA VAL G 2781 -1.46 -117.30 44.57
C VAL G 2781 -0.56 -116.17 44.05
N ASP G 2782 -0.15 -116.28 42.79
CA ASP G 2782 0.69 -115.28 42.15
C ASP G 2782 0.07 -114.88 40.83
N GLU G 2783 -0.05 -113.57 40.60
CA GLU G 2783 -0.61 -113.08 39.34
C GLU G 2783 0.31 -113.43 38.17
N GLU G 2784 1.63 -113.35 38.37
CA GLU G 2784 2.56 -113.62 37.29
C GLU G 2784 2.49 -115.08 36.85
N LEU G 2785 2.35 -116.00 37.80
CA LEU G 2785 2.33 -117.42 37.44
C LEU G 2785 0.96 -117.83 36.90
N LYS G 2786 -0.05 -116.99 37.12
CA LYS G 2786 -1.43 -117.18 36.63
C LYS G 2786 -1.93 -118.62 36.79
N THR G 2787 -1.56 -119.26 37.91
CA THR G 2787 -2.08 -120.58 38.27
C THR G 2787 -2.65 -120.51 39.67
N HIS G 2788 -3.71 -121.27 39.91
CA HIS G 2788 -4.43 -121.17 41.18
C HIS G 2788 -3.55 -121.74 42.30
N PRO G 2789 -3.58 -121.15 43.50
CA PRO G 2789 -2.72 -121.65 44.59
C PRO G 2789 -3.05 -123.05 45.05
N MET G 2790 -4.29 -123.52 44.87
CA MET G 2790 -4.62 -124.86 45.38
C MET G 2790 -4.10 -125.94 44.45
N LEU G 2791 -3.54 -125.56 43.30
CA LEU G 2791 -2.89 -126.54 42.44
C LEU G 2791 -1.38 -126.54 42.69
N ARG G 2792 -0.86 -127.72 43.05
CA ARG G 2792 0.54 -127.87 43.40
C ARG G 2792 1.09 -129.08 42.65
N PRO G 2793 2.41 -129.16 42.48
CA PRO G 2793 3.00 -130.41 41.98
C PRO G 2793 2.67 -131.56 42.93
N TYR G 2794 2.48 -132.74 42.35
CA TYR G 2794 1.82 -133.83 43.08
C TYR G 2794 2.60 -134.24 44.33
N LYS G 2795 3.92 -134.01 44.33
CA LYS G 2795 4.72 -134.34 45.52
C LYS G 2795 4.35 -133.45 46.71
N THR G 2796 4.30 -132.13 46.50
CA THR G 2796 3.95 -131.22 47.59
C THR G 2796 2.45 -131.01 47.65
N PHE G 2797 1.70 -131.77 46.86
CA PHE G 2797 0.29 -131.50 46.62
C PHE G 2797 -0.52 -131.90 47.85
N SER G 2798 -1.35 -130.98 48.35
CA SER G 2798 -1.90 -131.12 49.68
C SER G 2798 -3.33 -131.68 49.64
N GLU G 2799 -3.80 -132.14 50.80
CA GLU G 2799 -5.15 -132.72 50.88
C GLU G 2799 -6.07 -131.85 51.73
N LYS G 2800 -5.52 -130.86 52.44
CA LYS G 2800 -6.38 -129.97 53.21
C LYS G 2800 -7.17 -129.03 52.30
N ASP G 2801 -6.52 -128.49 51.26
CA ASP G 2801 -7.26 -127.74 50.25
C ASP G 2801 -8.27 -128.64 49.55
N LYS G 2802 -7.99 -129.95 49.51
CA LYS G 2802 -8.97 -130.91 49.02
C LYS G 2802 -10.20 -130.93 49.90
N GLU G 2803 -10.04 -130.83 51.21
CA GLU G 2803 -11.21 -130.77 52.08
C GLU G 2803 -11.94 -129.45 51.91
N ILE G 2804 -11.18 -128.36 51.72
CA ILE G 2804 -11.79 -127.04 51.56
C ILE G 2804 -12.62 -126.98 50.28
N TYR G 2805 -12.14 -127.63 49.21
CA TYR G 2805 -12.94 -127.69 47.98
C TYR G 2805 -14.00 -128.79 48.07
N ARG G 2806 -13.77 -129.77 48.94
CA ARG G 2806 -14.74 -130.83 49.19
C ARG G 2806 -16.03 -130.24 49.74
N TRP G 2807 -15.91 -129.29 50.66
CA TRP G 2807 -17.11 -128.76 51.30
C TRP G 2807 -18.14 -128.23 50.30
N PRO G 2808 -17.79 -127.36 49.34
CA PRO G 2808 -18.79 -127.02 48.31
C PRO G 2808 -19.27 -128.22 47.52
N ILE G 2809 -18.38 -129.17 47.22
CA ILE G 2809 -18.78 -130.33 46.43
C ILE G 2809 -19.72 -131.23 47.23
N LYS G 2810 -19.47 -131.39 48.52
CA LYS G 2810 -20.37 -132.21 49.33
C LYS G 2810 -21.74 -131.54 49.45
N GLU G 2811 -21.76 -130.20 49.65
CA GLU G 2811 -23.03 -129.49 49.63
C GLU G 2811 -23.76 -129.71 48.30
N SER G 2812 -23.03 -129.61 47.19
CA SER G 2812 -23.63 -129.77 45.87
C SER G 2812 -24.19 -131.17 45.69
N LEU G 2813 -23.44 -132.19 46.09
CA LEU G 2813 -23.88 -133.56 45.88
C LEU G 2813 -25.10 -133.88 46.75
N LYS G 2814 -25.13 -133.34 47.98
CA LYS G 2814 -26.29 -133.58 48.83
C LYS G 2814 -27.52 -132.84 48.31
N ALA G 2815 -27.35 -131.63 47.78
CA ALA G 2815 -28.46 -130.95 47.13
C ALA G 2815 -28.94 -131.73 45.91
N MET G 2816 -28.00 -132.33 45.17
CA MET G 2816 -28.33 -133.18 44.04
C MET G 2816 -29.19 -134.35 44.46
N ILE G 2817 -28.79 -135.04 45.54
CA ILE G 2817 -29.59 -136.17 46.03
C ILE G 2817 -30.95 -135.69 46.51
N ALA G 2818 -31.00 -134.51 47.13
CA ALA G 2818 -32.27 -133.99 47.63
C ALA G 2818 -33.24 -133.69 46.48
N TRP G 2819 -32.74 -133.13 45.39
CA TRP G 2819 -33.59 -132.72 44.28
C TRP G 2819 -33.99 -133.92 43.41
N GLU G 2820 -34.69 -134.87 44.05
CA GLU G 2820 -35.33 -136.03 43.41
C GLU G 2820 -34.45 -136.70 42.36
N TRP G 2821 -33.14 -136.71 42.61
CA TRP G 2821 -32.19 -137.45 41.77
C TRP G 2821 -31.51 -138.51 42.62
N THR G 2822 -31.91 -139.76 42.42
CA THR G 2822 -31.25 -140.87 43.12
C THR G 2822 -29.89 -141.14 42.51
N ILE G 2823 -28.88 -141.28 43.37
CA ILE G 2823 -27.51 -141.56 42.96
C ILE G 2823 -27.21 -143.02 43.30
N GLU G 2824 -26.61 -143.73 42.36
CA GLU G 2824 -26.26 -145.13 42.54
C GLU G 2824 -24.85 -145.37 42.03
N LYS G 2825 -24.19 -146.39 42.56
CA LYS G 2825 -22.81 -146.68 42.25
C LYS G 2825 -22.72 -147.87 41.30
N ALA G 2826 -22.34 -147.59 40.05
CA ALA G 2826 -22.09 -148.66 39.09
C ALA G 2826 -20.59 -148.89 38.90
N ARG G 2827 -19.80 -147.82 38.97
CA ARG G 2827 -18.35 -147.90 38.86
C ARG G 2827 -17.73 -147.37 40.15
N GLU G 2828 -16.62 -147.97 40.56
CA GLU G 2828 -15.99 -147.58 41.81
C GLU G 2828 -15.30 -146.22 41.68
N GLY G 2829 -15.64 -145.31 42.59
CA GLY G 2829 -15.01 -144.01 42.65
C GLY G 2829 -14.29 -143.84 43.99
N GLU G 2830 -12.96 -143.79 43.92
CA GLU G 2830 -12.13 -143.68 45.11
C GLU G 2830 -12.25 -142.28 45.72
N TYR G 2855 1.05 -134.63 36.40
CA TYR G 2855 0.04 -135.58 36.86
C TYR G 2855 -1.29 -135.35 36.13
N ASN G 2856 -1.36 -135.85 34.91
CA ASN G 2856 -2.58 -135.68 34.13
C ASN G 2856 -3.48 -136.90 34.33
N PRO G 2857 -4.68 -136.71 34.88
CA PRO G 2857 -5.57 -137.86 35.10
C PRO G 2857 -6.09 -138.40 33.77
N GLN G 2858 -6.52 -139.66 33.80
CA GLN G 2858 -7.06 -140.29 32.61
C GLN G 2858 -8.31 -139.63 32.02
N PRO G 2859 -9.29 -139.17 32.79
CA PRO G 2859 -10.61 -138.91 32.22
C PRO G 2859 -10.74 -137.53 31.61
N PRO G 2860 -11.23 -137.46 30.37
CA PRO G 2860 -11.60 -136.16 29.79
C PRO G 2860 -13.09 -135.85 29.96
N ASP G 2861 -13.48 -134.61 29.71
CA ASP G 2861 -14.89 -134.26 29.66
C ASP G 2861 -15.27 -133.80 28.26
N LEU G 2862 -16.48 -134.16 27.83
CA LEU G 2862 -16.94 -133.84 26.49
C LEU G 2862 -18.47 -133.83 26.47
N SER G 2863 -19.02 -133.78 25.26
CA SER G 2863 -20.48 -133.82 25.12
C SER G 2863 -20.93 -135.09 24.41
N GLY G 2864 -19.98 -135.91 23.98
CA GLY G 2864 -20.34 -137.10 23.20
C GLY G 2864 -21.12 -138.12 24.01
N VAL G 2865 -20.84 -138.21 25.31
CA VAL G 2865 -21.48 -139.22 26.15
C VAL G 2865 -22.98 -139.02 26.13
N THR G 2866 -23.72 -140.13 26.17
CA THR G 2866 -25.18 -140.09 26.06
C THR G 2866 -25.78 -139.28 27.20
N LEU G 2867 -26.71 -138.40 26.85
CA LEU G 2867 -27.43 -137.59 27.82
C LEU G 2867 -28.92 -137.64 27.49
N SER G 2868 -29.72 -138.09 28.46
CA SER G 2868 -31.15 -138.19 28.26
C SER G 2868 -31.77 -136.81 28.13
N ARG G 2869 -32.90 -136.75 27.40
CA ARG G 2869 -33.57 -135.48 27.14
C ARG G 2869 -33.91 -134.74 28.43
N GLU G 2870 -34.27 -135.45 29.49
CA GLU G 2870 -34.61 -134.70 30.70
CA GLU G 2870 -34.62 -134.74 30.72
C GLU G 2870 -33.39 -134.37 31.55
N LEU G 2871 -32.27 -135.07 31.34
CA LEU G 2871 -31.13 -134.77 32.19
C LEU G 2871 -30.42 -133.49 31.76
N GLN G 2872 -30.68 -133.02 30.54
CA GLN G 2872 -30.19 -131.69 30.19
C GLN G 2872 -30.82 -130.62 31.09
N ALA G 2873 -32.15 -130.62 31.20
CA ALA G 2873 -32.81 -129.63 32.04
C ALA G 2873 -32.57 -129.92 33.53
N MET G 2874 -32.43 -131.19 33.89
CA MET G 2874 -32.13 -131.50 35.28
C MET G 2874 -30.73 -131.02 35.66
N ALA G 2875 -29.79 -131.10 34.73
CA ALA G 2875 -28.46 -130.59 34.98
C ALA G 2875 -28.47 -129.06 34.96
N GLU G 2876 -29.39 -128.46 34.19
CA GLU G 2876 -29.64 -127.03 34.34
C GLU G 2876 -30.08 -126.71 35.76
N GLN G 2877 -30.91 -127.57 36.35
CA GLN G 2877 -31.35 -127.31 37.73
C GLN G 2877 -30.24 -127.58 38.74
N LEU G 2878 -29.32 -128.49 38.41
CA LEU G 2878 -28.16 -128.71 39.27
C LEU G 2878 -27.21 -127.52 39.22
N ALA G 2879 -27.00 -126.94 38.03
CA ALA G 2879 -26.26 -125.70 37.93
C ALA G 2879 -26.98 -124.58 38.69
N GLU G 2880 -28.31 -124.60 38.63
CA GLU G 2880 -29.11 -123.69 39.44
C GLU G 2880 -28.85 -123.92 40.93
N ASN G 2881 -28.56 -125.16 41.32
CA ASN G 2881 -28.26 -125.45 42.72
C ASN G 2881 -26.88 -124.93 43.12
N TYR G 2882 -25.90 -125.05 42.22
CA TYR G 2882 -24.60 -124.43 42.49
C TYR G 2882 -24.74 -122.92 42.63
N HIS G 2883 -25.47 -122.30 41.70
CA HIS G 2883 -25.72 -120.87 41.76
C HIS G 2883 -26.56 -120.53 42.99
N ASN G 2884 -27.37 -121.48 43.46
CA ASN G 2884 -28.09 -121.31 44.72
C ASN G 2884 -27.13 -121.26 45.89
N THR G 2885 -26.14 -122.16 45.93
CA THR G 2885 -25.15 -122.09 47.00
C THR G 2885 -24.45 -120.74 46.98
N TRP G 2886 -24.10 -120.26 45.78
CA TRP G 2886 -23.51 -118.93 45.65
C TRP G 2886 -24.47 -117.86 46.18
N GLY G 2887 -25.75 -117.95 45.85
CA GLY G 2887 -26.70 -116.93 46.25
C GLY G 2887 -27.03 -116.99 47.73
N ARG G 2888 -26.90 -118.15 48.35
CA ARG G 2888 -27.11 -118.24 49.79
C ARG G 2888 -25.91 -117.70 50.55
N LYS G 2889 -24.70 -117.87 50.01
CA LYS G 2889 -23.58 -117.13 50.57
C LYS G 2889 -23.78 -115.62 50.42
N LYS G 2890 -24.27 -115.20 49.25
CA LYS G 2890 -24.61 -113.80 49.03
C LYS G 2890 -25.65 -113.32 50.04
N LYS G 2891 -26.65 -114.16 50.33
CA LYS G 2891 -27.71 -113.77 51.25
C LYS G 2891 -27.20 -113.72 52.69
N GLN G 2892 -26.29 -114.63 53.05
CA GLN G 2892 -25.69 -114.58 54.38
C GLN G 2892 -24.87 -113.32 54.57
N GLU G 2893 -24.15 -112.88 53.54
CA GLU G 2893 -23.33 -111.68 53.70
C GLU G 2893 -24.17 -110.41 53.57
N LEU G 2894 -25.28 -110.46 52.82
CA LEU G 2894 -26.08 -109.27 52.59
C LEU G 2894 -27.26 -109.19 53.57
N GLU G 2895 -27.40 -110.18 54.44
CA GLU G 2895 -28.59 -110.28 55.27
C GLU G 2895 -28.67 -109.15 56.29
N ALA G 2896 -27.55 -108.49 56.57
CA ALA G 2896 -27.56 -107.36 57.50
C ALA G 2896 -28.44 -106.23 57.00
N LYS G 2897 -28.33 -105.89 55.71
CA LYS G 2897 -29.17 -104.85 55.15
C LYS G 2897 -30.61 -105.33 54.98
N GLY G 2898 -30.80 -106.58 54.55
CA GLY G 2898 -32.13 -107.08 54.28
C GLY G 2898 -32.75 -106.52 53.02
N GLY G 2899 -31.94 -105.89 52.18
CA GLY G 2899 -32.44 -105.30 50.95
C GLY G 2899 -31.33 -105.21 49.92
N GLY G 2900 -31.65 -104.61 48.79
CA GLY G 2900 -30.69 -104.51 47.71
C GLY G 2900 -30.29 -105.86 47.14
N THR G 2901 -31.27 -106.72 46.86
CA THR G 2901 -30.99 -108.05 46.34
C THR G 2901 -30.20 -107.96 45.04
N HIS G 2902 -29.27 -108.89 44.87
CA HIS G 2902 -28.36 -108.84 43.73
C HIS G 2902 -29.14 -109.06 42.44
N PRO G 2903 -29.05 -108.15 41.47
CA PRO G 2903 -29.85 -108.32 40.24
C PRO G 2903 -29.50 -109.56 39.44
N LEU G 2904 -28.36 -110.19 39.72
CA LEU G 2904 -28.00 -111.42 39.01
C LEU G 2904 -28.97 -112.54 39.32
N LEU G 2905 -29.64 -112.48 40.48
CA LEU G 2905 -30.57 -113.54 40.85
C LEU G 2905 -31.86 -113.41 40.06
N VAL G 2906 -31.85 -113.96 38.85
CA VAL G 2906 -33.00 -113.96 37.95
C VAL G 2906 -33.07 -115.33 37.28
N PRO G 2907 -34.20 -115.72 36.70
CA PRO G 2907 -34.24 -117.00 35.98
C PRO G 2907 -33.21 -117.03 34.86
N TYR G 2908 -32.61 -118.20 34.65
CA TYR G 2908 -31.46 -118.29 33.78
C TYR G 2908 -31.86 -118.21 32.32
N ASP G 2909 -33.01 -118.81 31.98
CA ASP G 2909 -33.55 -118.65 30.63
C ASP G 2909 -33.89 -117.19 30.36
N THR G 2910 -34.07 -116.39 31.41
CA THR G 2910 -34.37 -114.98 31.22
C THR G 2910 -33.10 -114.15 31.11
N LEU G 2911 -32.07 -114.47 31.90
CA LEU G 2911 -30.87 -113.64 31.92
C LEU G 2911 -30.10 -113.78 30.61
N THR G 2912 -28.92 -113.18 30.58
CA THR G 2912 -28.14 -113.09 29.35
C THR G 2912 -27.88 -114.47 28.78
N ALA G 2913 -28.10 -114.63 27.48
CA ALA G 2913 -27.99 -115.95 26.84
C ALA G 2913 -26.58 -116.50 26.92
N LYS G 2914 -25.60 -115.61 27.11
CA LYS G 2914 -24.20 -116.03 27.07
C LYS G 2914 -23.80 -116.64 28.43
N GLU G 2915 -24.22 -115.97 29.51
CA GLU G 2915 -24.05 -116.50 30.85
C GLU G 2915 -24.78 -117.82 31.01
N LYS G 2916 -25.87 -118.01 30.24
CA LYS G 2916 -26.49 -119.32 30.15
C LYS G 2916 -25.47 -120.37 29.72
N ALA G 2917 -24.74 -120.08 28.64
CA ALA G 2917 -23.86 -121.08 28.05
C ALA G 2917 -22.69 -121.39 28.97
N ARG G 2918 -22.19 -120.39 29.71
CA ARG G 2918 -21.08 -120.68 30.62
C ARG G 2918 -21.46 -121.70 31.69
N ASP G 2919 -22.55 -121.45 32.40
CA ASP G 2919 -22.99 -122.39 33.44
C ASP G 2919 -23.43 -123.70 32.81
N ARG G 2920 -24.04 -123.64 31.63
CA ARG G 2920 -24.43 -124.85 30.91
C ARG G 2920 -23.25 -125.77 30.64
N GLU G 2921 -22.16 -125.21 30.10
CA GLU G 2921 -21.01 -126.05 29.78
C GLU G 2921 -20.32 -126.56 31.04
N LYS G 2922 -20.30 -125.75 32.11
CA LYS G 2922 -19.64 -126.24 33.32
C LYS G 2922 -20.44 -127.37 33.97
N ALA G 2923 -21.78 -127.26 33.96
CA ALA G 2923 -22.62 -128.35 34.46
C ALA G 2923 -22.50 -129.58 33.57
N GLN G 2924 -22.40 -129.39 32.26
CA GLN G 2924 -22.11 -130.49 31.35
C GLN G 2924 -20.84 -131.22 31.75
N GLU G 2925 -19.76 -130.46 32.01
CA GLU G 2925 -18.51 -131.08 32.45
C GLU G 2925 -18.71 -131.86 33.74
N LEU G 2926 -19.42 -131.26 34.69
CA LEU G 2926 -19.71 -131.93 35.97
C LEU G 2926 -20.37 -133.29 35.74
N LEU G 2927 -21.46 -133.32 34.98
CA LEU G 2927 -22.20 -134.57 34.86
C LEU G 2927 -21.47 -135.59 34.01
N LYS G 2928 -20.71 -135.15 33.00
CA LYS G 2928 -19.96 -136.11 32.19
C LYS G 2928 -18.83 -136.73 33.00
N PHE G 2929 -18.19 -135.94 33.87
CA PHE G 2929 -17.14 -136.50 34.70
C PHE G 2929 -17.75 -137.49 35.69
N LEU G 2930 -18.95 -137.19 36.17
CA LEU G 2930 -19.69 -138.13 36.99
C LEU G 2930 -19.99 -139.41 36.22
N GLN G 2931 -20.37 -139.27 34.94
CA GLN G 2931 -20.67 -140.43 34.10
C GLN G 2931 -19.46 -141.31 33.91
N MET G 2932 -18.27 -140.71 33.82
CA MET G 2932 -17.07 -141.51 34.09
C MET G 2932 -17.23 -142.27 35.39
N ASN G 2933 -17.31 -141.51 36.49
CA ASN G 2933 -17.10 -142.10 37.81
C ASN G 2933 -18.14 -143.17 38.10
N GLY G 2934 -19.10 -143.34 37.21
CA GLY G 2934 -20.06 -144.42 37.30
C GLY G 2934 -21.20 -144.15 38.23
N TYR G 2935 -21.23 -142.97 38.84
CA TYR G 2935 -22.29 -142.60 39.77
C TYR G 2935 -23.49 -142.19 38.92
N ALA G 2936 -24.41 -143.13 38.75
CA ALA G 2936 -25.56 -142.90 37.88
C ALA G 2936 -26.62 -142.09 38.61
N VAL G 2937 -27.21 -141.15 37.88
CA VAL G 2937 -28.26 -140.28 38.39
C VAL G 2937 -29.55 -140.65 37.69
N THR G 2938 -30.59 -140.94 38.48
CA THR G 2938 -31.91 -141.23 37.92
C THR G 2938 -32.92 -140.29 38.56
N ARG G 2939 -33.67 -139.58 37.72
CA ARG G 2939 -34.68 -138.64 38.19
C ARG G 2939 -36.03 -139.34 38.40
N LEU G 2946 -41.55 -132.12 25.38
CA LEU G 2946 -40.44 -133.02 25.63
C LEU G 2946 -40.68 -134.39 25.01
N ASP G 2947 -39.78 -134.78 24.10
CA ASP G 2947 -39.87 -136.06 23.39
C ASP G 2947 -41.09 -136.12 22.48
N THR G 2948 -41.83 -135.02 22.40
CA THR G 2948 -43.00 -134.97 21.55
C THR G 2948 -42.79 -133.88 20.50
N SER G 2949 -43.72 -133.74 19.56
CA SER G 2949 -43.47 -132.98 18.34
C SER G 2949 -43.08 -131.53 18.62
N SER G 2950 -42.23 -131.00 17.74
CA SER G 2950 -41.94 -129.57 17.78
C SER G 2950 -43.22 -128.76 17.61
N ILE G 2951 -44.21 -129.32 16.91
CA ILE G 2951 -45.48 -128.63 16.76
C ILE G 2951 -46.15 -128.42 18.11
N GLU G 2952 -46.13 -129.43 18.98
CA GLU G 2952 -46.73 -129.23 20.29
C GLU G 2952 -45.83 -128.40 21.19
N LYS G 2953 -44.52 -128.46 20.96
CA LYS G 2953 -43.62 -127.54 21.66
C LYS G 2953 -43.90 -126.09 21.28
N ARG G 2954 -44.47 -125.87 20.11
CA ARG G 2954 -44.85 -124.52 19.68
C ARG G 2954 -45.77 -123.87 20.69
N PHE G 2955 -45.58 -122.56 20.90
CA PHE G 2955 -46.46 -121.80 21.78
C PHE G 2955 -47.90 -121.87 21.30
N ALA G 2956 -48.11 -121.88 19.99
CA ALA G 2956 -49.47 -121.94 19.45
C ALA G 2956 -50.20 -123.18 19.94
N PHE G 2957 -49.49 -124.29 20.12
CA PHE G 2957 -50.11 -125.48 20.67
C PHE G 2957 -50.45 -125.32 22.14
N GLY G 2958 -49.60 -124.61 22.88
CA GLY G 2958 -49.95 -124.31 24.27
C GLY G 2958 -51.21 -123.47 24.38
N PHE G 2959 -51.31 -122.42 23.57
CA PHE G 2959 -52.53 -121.63 23.53
C PHE G 2959 -53.70 -122.46 23.01
N LEU G 2960 -53.41 -123.47 22.19
CA LEU G 2960 -54.45 -124.37 21.69
C LEU G 2960 -55.03 -125.22 22.81
N GLN G 2961 -54.17 -125.81 23.64
CA GLN G 2961 -54.63 -126.54 24.81
C GLN G 2961 -55.37 -125.61 25.78
N GLN G 2962 -54.88 -124.38 25.93
CA GLN G 2962 -55.58 -123.46 26.81
C GLN G 2962 -56.94 -123.07 26.25
N LEU G 2963 -57.08 -123.04 24.92
CA LEU G 2963 -58.40 -122.81 24.33
C LEU G 2963 -59.31 -124.00 24.57
N LEU G 2964 -58.77 -125.22 24.46
CA LEU G 2964 -59.54 -126.41 24.81
C LEU G 2964 -60.06 -126.30 26.24
N ARG G 2965 -59.24 -125.79 27.15
CA ARG G 2965 -59.67 -125.66 28.55
C ARG G 2965 -60.66 -124.51 28.71
N TRP G 2966 -60.45 -123.40 27.99
CA TRP G 2966 -61.41 -122.30 28.02
C TRP G 2966 -62.78 -122.74 27.55
N MET G 2967 -62.85 -123.70 26.63
CA MET G 2967 -64.19 -124.10 26.24
C MET G 2967 -64.68 -125.31 27.01
N ASP G 2968 -63.79 -126.03 27.70
CA ASP G 2968 -64.28 -126.80 28.84
C ASP G 2968 -65.05 -125.90 29.78
N ILE G 2969 -64.46 -124.75 30.11
CA ILE G 2969 -65.13 -123.73 30.91
C ILE G 2969 -66.38 -123.22 30.21
N SER G 2970 -66.31 -123.04 28.88
CA SER G 2970 -67.44 -122.47 28.18
C SER G 2970 -68.65 -123.40 28.22
N GLN G 2971 -68.44 -124.69 27.94
CA GLN G 2971 -69.55 -125.63 28.05
C GLN G 2971 -70.10 -125.68 29.47
N GLU G 2972 -69.23 -125.69 30.49
CA GLU G 2972 -69.78 -125.73 31.84
C GLU G 2972 -70.57 -124.47 32.18
N PHE G 2973 -70.08 -123.28 31.80
CA PHE G 2973 -70.81 -122.09 32.22
C PHE G 2973 -72.04 -121.84 31.35
N ILE G 2974 -72.04 -122.28 30.09
CA ILE G 2974 -73.27 -122.17 29.31
C ILE G 2974 -74.30 -123.14 29.84
N ALA G 2975 -73.88 -124.36 30.21
CA ALA G 2975 -74.80 -125.26 30.87
C ALA G 2975 -75.43 -124.59 32.08
N HIS G 2976 -74.61 -124.03 32.96
CA HIS G 2976 -75.15 -123.37 34.15
C HIS G 2976 -76.06 -122.20 33.80
N LEU G 2977 -75.60 -121.31 32.91
CA LEU G 2977 -76.30 -120.06 32.64
C LEU G 2977 -77.63 -120.31 31.95
N GLU G 2978 -77.65 -121.08 30.86
CA GLU G 2978 -78.91 -121.31 30.19
C GLU G 2978 -79.76 -122.36 30.91
N ALA G 2979 -79.17 -123.10 31.85
CA ALA G 2979 -79.99 -123.94 32.73
C ALA G 2979 -80.78 -123.07 33.70
N VAL G 2980 -80.13 -122.08 34.32
CA VAL G 2980 -80.86 -121.19 35.21
C VAL G 2980 -81.79 -120.26 34.43
N VAL G 2981 -81.40 -119.89 33.20
CA VAL G 2981 -82.26 -119.06 32.37
C VAL G 2981 -83.51 -119.82 31.96
N SER G 2982 -83.37 -121.09 31.58
CA SER G 2982 -84.52 -121.89 31.22
C SER G 2982 -85.48 -122.03 32.39
N SER G 2983 -84.95 -122.25 33.59
CA SER G 2983 -85.76 -122.35 34.80
C SER G 2983 -84.89 -122.05 36.00
N GLY G 2984 -85.47 -121.31 36.95
CA GLY G 2984 -84.75 -120.95 38.16
C GLY G 2984 -83.61 -119.99 37.94
N ARG G 2985 -83.92 -118.76 37.52
CA ARG G 2985 -82.89 -117.76 37.29
C ARG G 2985 -82.15 -117.44 38.59
N VAL G 2986 -80.83 -117.36 38.49
CA VAL G 2986 -79.97 -117.00 39.62
C VAL G 2986 -79.29 -115.68 39.29
N GLU G 2987 -79.33 -114.74 40.25
CA GLU G 2987 -78.72 -113.44 40.02
C GLU G 2987 -77.22 -113.47 40.31
N LYS G 2988 -76.74 -114.56 40.90
CA LYS G 2988 -75.32 -114.63 41.24
C LYS G 2988 -74.43 -114.60 40.00
N SER G 2989 -74.70 -115.47 39.04
CA SER G 2989 -73.86 -115.63 37.85
C SER G 2989 -72.38 -115.66 38.21
N PRO G 2990 -71.91 -116.68 38.91
CA PRO G 2990 -70.53 -116.66 39.41
C PRO G 2990 -69.48 -116.66 38.32
N HIS G 2991 -69.86 -117.03 37.09
CA HIS G 2991 -68.90 -117.04 35.99
C HIS G 2991 -68.91 -115.73 35.23
N GLU G 2992 -69.51 -114.68 35.82
CA GLU G 2992 -69.66 -113.38 35.16
C GLU G 2992 -68.32 -112.80 34.75
N GLN G 2993 -67.35 -112.80 35.66
CA GLN G 2993 -66.04 -112.27 35.33
C GLN G 2993 -65.37 -113.10 34.24
N GLU G 2994 -65.62 -114.42 34.23
CA GLU G 2994 -65.00 -115.27 33.22
C GLU G 2994 -65.62 -115.05 31.84
N ILE G 2995 -66.94 -114.88 31.77
CA ILE G 2995 -67.58 -114.65 30.47
C ILE G 2995 -67.21 -113.27 29.95
N LYS G 2996 -67.07 -112.28 30.84
CA LYS G 2996 -66.62 -110.97 30.38
C LYS G 2996 -65.16 -111.03 29.95
N PHE G 2997 -64.33 -111.81 30.64
CA PHE G 2997 -62.98 -112.07 30.16
C PHE G 2997 -63.00 -112.66 28.75
N PHE G 2998 -63.84 -113.67 28.53
CA PHE G 2998 -63.95 -114.27 27.20
C PHE G 2998 -64.31 -113.21 26.16
N ALA G 2999 -65.39 -112.48 26.38
CA ALA G 2999 -65.88 -111.53 25.38
C ALA G 2999 -64.89 -110.40 25.14
N LYS G 3000 -64.16 -109.99 26.18
CA LYS G 3000 -63.31 -108.81 26.06
C LYS G 3000 -61.91 -109.15 25.59
N ILE G 3001 -61.48 -110.40 25.76
CA ILE G 3001 -60.12 -110.82 25.46
C ILE G 3001 -60.06 -111.79 24.29
N LEU G 3002 -60.77 -112.92 24.41
CA LEU G 3002 -60.56 -114.01 23.45
C LEU G 3002 -60.89 -113.57 22.04
N LEU G 3003 -62.02 -112.90 21.85
CA LEU G 3003 -62.42 -112.49 20.51
C LEU G 3003 -61.39 -111.56 19.87
N PRO G 3004 -60.98 -110.45 20.48
CA PRO G 3004 -59.90 -109.66 19.87
C PRO G 3004 -58.61 -110.44 19.72
N LEU G 3005 -58.25 -111.22 20.74
CA LEU G 3005 -56.98 -111.95 20.70
C LEU G 3005 -56.95 -112.95 19.56
N ILE G 3006 -57.95 -113.83 19.49
CA ILE G 3006 -57.95 -114.84 18.44
C ILE G 3006 -58.12 -114.18 17.08
N ASN G 3007 -58.95 -113.13 17.00
CA ASN G 3007 -59.16 -112.47 15.73
C ASN G 3007 -57.86 -111.89 15.17
N GLN G 3008 -57.16 -111.09 15.96
CA GLN G 3008 -55.95 -110.45 15.45
C GLN G 3008 -54.81 -111.45 15.29
N TYR G 3009 -54.72 -112.45 16.17
CA TYR G 3009 -53.65 -113.42 16.07
C TYR G 3009 -53.80 -114.27 14.80
N PHE G 3010 -55.02 -114.77 14.55
CA PHE G 3010 -55.25 -115.55 13.35
C PHE G 3010 -55.19 -114.68 12.10
N THR G 3011 -55.55 -113.40 12.22
CA THR G 3011 -55.43 -112.50 11.08
C THR G 3011 -53.96 -112.30 10.70
N ASN G 3012 -53.09 -112.11 11.69
CA ASN G 3012 -51.66 -111.98 11.40
C ASN G 3012 -51.08 -113.27 10.87
N HIS G 3013 -51.55 -114.41 11.38
CA HIS G 3013 -50.99 -115.70 10.98
C HIS G 3013 -51.93 -116.50 10.08
N CYS G 3014 -52.69 -115.83 9.20
CA CYS G 3014 -53.51 -116.57 8.24
C CYS G 3014 -52.66 -117.46 7.35
N LEU G 3015 -51.61 -116.90 6.74
CA LEU G 3015 -50.79 -117.68 5.81
C LEU G 3015 -50.08 -118.82 6.53
N TYR G 3016 -49.57 -118.57 7.73
CA TYR G 3016 -48.91 -119.64 8.48
C TYR G 3016 -49.87 -120.77 8.81
N PHE G 3017 -51.08 -120.44 9.28
CA PHE G 3017 -52.05 -121.48 9.60
C PHE G 3017 -52.56 -122.17 8.35
N LEU G 3018 -52.79 -121.42 7.28
CA LEU G 3018 -53.32 -122.01 6.05
C LEU G 3018 -52.27 -122.89 5.37
N SER G 3019 -50.99 -122.62 5.61
CA SER G 3019 -49.93 -123.35 4.93
C SER G 3019 -49.84 -124.78 5.43
N THR G 3020 -49.40 -125.68 4.55
CA THR G 3020 -49.17 -127.09 4.83
C THR G 3020 -47.77 -127.46 4.36
N PRO G 3021 -47.15 -128.46 4.99
CA PRO G 3021 -45.77 -128.81 4.58
C PRO G 3021 -45.65 -129.32 3.16
N ALA G 3022 -46.59 -130.18 2.73
CA ALA G 3022 -46.54 -130.69 1.37
C ALA G 3022 -46.75 -129.59 0.34
N LYS G 3023 -47.71 -128.70 0.59
CA LYS G 3023 -48.00 -127.59 -0.30
C LYS G 3023 -48.24 -126.35 0.55
N VAL G 3024 -47.36 -125.36 0.42
CA VAL G 3024 -47.36 -124.17 1.26
C VAL G 3024 -48.21 -123.09 0.59
N LEU G 3025 -49.14 -122.53 1.36
CA LEU G 3025 -49.85 -121.33 0.90
C LEU G 3025 -49.07 -120.07 1.21
N GLY G 3026 -48.68 -119.91 2.48
CA GLY G 3026 -47.81 -118.80 2.83
C GLY G 3026 -46.37 -119.06 2.44
N SER G 3027 -45.58 -117.99 2.41
CA SER G 3027 -44.18 -118.11 2.02
C SER G 3027 -43.38 -118.91 3.05
N GLY G 3028 -43.56 -118.61 4.34
CA GLY G 3028 -42.79 -119.26 5.37
C GLY G 3028 -43.63 -119.95 6.43
N GLY G 3029 -43.18 -121.12 6.87
CA GLY G 3029 -43.84 -121.85 7.92
C GLY G 3029 -45.11 -122.54 7.45
N HIS G 3030 -45.71 -123.30 8.36
CA HIS G 3030 -46.95 -124.02 8.11
C HIS G 3030 -47.53 -124.51 9.42
N ALA G 3031 -48.86 -124.56 9.47
CA ALA G 3031 -49.53 -125.20 10.60
C ALA G 3031 -49.64 -126.69 10.33
N SER G 3032 -49.38 -127.49 11.36
CA SER G 3032 -49.43 -128.94 11.20
C SER G 3032 -50.86 -129.40 10.98
N ASN G 3033 -51.00 -130.61 10.44
CA ASN G 3033 -52.33 -131.18 10.28
C ASN G 3033 -53.05 -131.23 11.62
N LYS G 3034 -52.43 -131.86 12.63
CA LYS G 3034 -53.11 -132.08 13.89
C LYS G 3034 -53.57 -130.77 14.52
N GLU G 3035 -52.74 -129.73 14.46
CA GLU G 3035 -53.17 -128.43 14.92
C GLU G 3035 -54.32 -127.90 14.07
N LYS G 3036 -54.33 -128.25 12.77
CA LYS G 3036 -55.44 -127.80 11.93
C LYS G 3036 -56.77 -128.44 12.35
N GLU G 3037 -56.78 -129.75 12.62
CA GLU G 3037 -58.05 -130.33 13.05
C GLU G 3037 -58.41 -129.91 14.48
N MET G 3038 -57.41 -129.55 15.29
CA MET G 3038 -57.76 -129.05 16.63
C MET G 3038 -58.37 -127.65 16.56
N ILE G 3039 -57.86 -126.77 15.68
CA ILE G 3039 -58.50 -125.48 15.52
C ILE G 3039 -59.85 -125.64 14.83
N THR G 3040 -59.98 -126.66 13.96
CA THR G 3040 -61.28 -126.98 13.39
C THR G 3040 -62.27 -127.41 14.47
N SER G 3041 -61.80 -128.19 15.45
CA SER G 3041 -62.65 -128.56 16.57
C SER G 3041 -63.04 -127.33 17.39
N LEU G 3042 -62.11 -126.41 17.59
CA LEU G 3042 -62.46 -125.14 18.23
C LEU G 3042 -63.57 -124.43 17.47
N PHE G 3043 -63.44 -124.35 16.14
CA PHE G 3043 -64.45 -123.67 15.32
C PHE G 3043 -65.80 -124.37 15.44
N CYS G 3044 -65.80 -125.70 15.39
CA CYS G 3044 -67.05 -126.45 15.50
C CYS G 3044 -67.72 -126.24 16.85
N LYS G 3045 -66.93 -126.27 17.92
CA LYS G 3045 -67.48 -126.02 19.25
C LYS G 3045 -68.04 -124.61 19.37
N LEU G 3046 -67.31 -123.62 18.84
CA LEU G 3046 -67.81 -122.25 18.87
C LEU G 3046 -69.11 -122.11 18.08
N ALA G 3047 -69.20 -122.77 16.93
CA ALA G 3047 -70.45 -122.73 16.16
C ALA G 3047 -71.60 -123.35 16.95
N ALA G 3048 -71.34 -124.51 17.58
CA ALA G 3048 -72.39 -125.17 18.36
C ALA G 3048 -72.83 -124.31 19.53
N LEU G 3049 -71.89 -123.57 20.13
CA LEU G 3049 -72.24 -122.71 21.26
C LEU G 3049 -72.98 -121.46 20.81
N VAL G 3050 -72.61 -120.93 19.64
CA VAL G 3050 -73.28 -119.75 19.12
C VAL G 3050 -74.70 -120.11 18.69
N ARG G 3051 -74.91 -121.37 18.31
CA ARG G 3051 -76.23 -121.84 17.93
C ARG G 3051 -77.23 -121.65 19.07
N HIS G 3052 -78.17 -120.73 18.87
CA HIS G 3052 -79.32 -120.48 19.74
C HIS G 3052 -78.93 -120.02 21.14
N ARG G 3053 -77.67 -119.68 21.38
CA ARG G 3053 -77.22 -119.17 22.66
C ARG G 3053 -76.28 -117.98 22.51
N VAL G 3054 -76.27 -117.34 21.35
CA VAL G 3054 -75.46 -116.14 21.15
C VAL G 3054 -76.23 -114.90 21.59
N SER G 3055 -77.53 -115.05 21.84
CA SER G 3055 -78.36 -113.90 22.17
C SER G 3055 -77.94 -113.25 23.49
N LEU G 3056 -77.47 -114.06 24.44
CA LEU G 3056 -77.04 -113.51 25.73
C LEU G 3056 -75.84 -112.58 25.55
N PHE G 3057 -74.97 -112.87 24.59
CA PHE G 3057 -73.84 -111.99 24.33
C PHE G 3057 -74.30 -110.62 23.83
N GLY G 3058 -75.41 -110.60 23.07
CA GLY G 3058 -75.98 -109.32 22.66
C GLY G 3058 -75.09 -108.59 21.68
N THR G 3059 -74.60 -107.43 22.11
CA THR G 3059 -73.72 -106.62 21.26
C THR G 3059 -72.38 -107.32 21.04
N ASP G 3060 -72.07 -108.33 21.85
CA ASP G 3060 -70.84 -109.10 21.65
C ASP G 3060 -70.96 -110.01 20.44
N ALA G 3061 -72.19 -110.29 20.00
CA ALA G 3061 -72.38 -111.23 18.90
C ALA G 3061 -71.68 -110.84 17.60
N PRO G 3062 -71.70 -109.57 17.15
CA PRO G 3062 -70.92 -109.24 15.94
C PRO G 3062 -69.45 -109.60 16.04
N ALA G 3063 -68.83 -109.33 17.20
CA ALA G 3063 -67.43 -109.73 17.37
C ALA G 3063 -67.28 -111.24 17.24
N VAL G 3064 -68.22 -111.98 17.82
CA VAL G 3064 -68.16 -113.44 17.77
C VAL G 3064 -68.27 -113.93 16.32
N VAL G 3065 -69.18 -113.34 15.54
CA VAL G 3065 -69.38 -113.82 14.19
C VAL G 3065 -68.19 -113.45 13.30
N ASN G 3066 -67.59 -112.29 13.53
CA ASN G 3066 -66.35 -111.97 12.79
C ASN G 3066 -65.21 -112.91 13.17
N CYS G 3067 -65.14 -113.30 14.45
CA CYS G 3067 -64.18 -114.33 14.82
C CYS G 3067 -64.47 -115.64 14.10
N LEU G 3068 -65.75 -115.98 13.95
CA LEU G 3068 -66.11 -117.15 13.17
C LEU G 3068 -65.65 -117.01 11.71
N HIS G 3069 -65.78 -115.81 11.16
CA HIS G 3069 -65.30 -115.55 9.80
C HIS G 3069 -63.80 -115.81 9.70
N ILE G 3070 -63.03 -115.30 10.68
CA ILE G 3070 -61.57 -115.46 10.61
C ILE G 3070 -61.19 -116.92 10.82
N LEU G 3071 -61.95 -117.66 11.63
CA LEU G 3071 -61.72 -119.10 11.74
C LEU G 3071 -61.98 -119.80 10.41
N ALA G 3072 -63.04 -119.39 9.72
CA ALA G 3072 -63.32 -119.98 8.40
C ALA G 3072 -62.18 -119.69 7.44
N ARG G 3073 -61.62 -118.48 7.49
CA ARG G 3073 -60.44 -118.18 6.68
C ARG G 3073 -59.26 -119.07 7.07
N SER G 3074 -59.08 -119.31 8.38
CA SER G 3074 -57.86 -119.98 8.84
C SER G 3074 -57.88 -121.48 8.57
N LEU G 3075 -59.06 -122.10 8.65
CA LEU G 3075 -59.12 -123.57 8.65
C LEU G 3075 -58.74 -124.14 7.28
N ASP G 3076 -58.39 -125.44 7.29
CA ASP G 3076 -57.96 -126.16 6.09
C ASP G 3076 -58.79 -127.43 5.97
N ALA G 3077 -59.95 -127.30 5.32
CA ALA G 3077 -60.96 -128.35 5.37
C ALA G 3077 -60.56 -129.57 4.54
N ARG G 3078 -59.84 -129.36 3.44
CA ARG G 3078 -59.43 -130.51 2.64
C ARG G 3078 -58.45 -131.40 3.41
N THR G 3079 -57.49 -130.80 4.10
CA THR G 3079 -56.60 -131.59 4.95
C THR G 3079 -57.37 -132.22 6.11
N VAL G 3080 -58.35 -131.50 6.66
CA VAL G 3080 -59.17 -132.07 7.72
C VAL G 3080 -59.88 -133.33 7.24
N MET G 3081 -60.46 -133.29 6.03
CA MET G 3081 -61.17 -134.48 5.54
C MET G 3081 -60.20 -135.58 5.15
N LYS G 3082 -59.01 -135.23 4.63
CA LYS G 3082 -58.04 -136.26 4.30
C LYS G 3082 -57.60 -137.03 5.54
N SER G 3083 -57.15 -136.31 6.59
CA SER G 3083 -56.74 -136.95 7.84
C SER G 3083 -57.38 -136.23 9.01
N GLY G 3084 -58.64 -136.58 9.31
CA GLY G 3084 -59.34 -135.99 10.43
C GLY G 3084 -59.78 -137.01 11.46
N PRO G 3085 -59.63 -136.66 12.74
CA PRO G 3085 -60.16 -137.51 13.80
C PRO G 3085 -61.68 -137.59 13.72
N GLU G 3086 -62.23 -138.70 14.23
CA GLU G 3086 -63.66 -138.91 14.14
C GLU G 3086 -64.43 -137.85 14.94
N ILE G 3087 -63.84 -137.35 16.03
CA ILE G 3087 -64.51 -136.32 16.82
C ILE G 3087 -64.64 -135.03 16.01
N VAL G 3088 -63.56 -134.61 15.32
CA VAL G 3088 -63.62 -133.42 14.49
C VAL G 3088 -64.56 -133.63 13.31
N LYS G 3089 -64.52 -134.83 12.73
CA LYS G 3089 -65.45 -135.17 11.67
C LYS G 3089 -66.90 -134.99 12.12
N ALA G 3090 -67.25 -135.58 13.28
CA ALA G 3090 -68.60 -135.48 13.79
C ALA G 3090 -68.98 -134.04 14.09
N GLY G 3091 -68.06 -133.26 14.67
CA GLY G 3091 -68.36 -131.87 14.94
C GLY G 3091 -68.64 -131.07 13.69
N LEU G 3092 -67.77 -131.20 12.68
CA LEU G 3092 -67.96 -130.44 11.45
C LEU G 3092 -69.22 -130.87 10.71
N ARG G 3093 -69.46 -132.17 10.62
CA ARG G 3093 -70.67 -132.65 9.96
C ARG G 3093 -71.92 -132.18 10.70
N SER G 3094 -71.97 -132.39 12.01
CA SER G 3094 -73.11 -131.92 12.80
C SER G 3094 -73.30 -130.41 12.65
N PHE G 3095 -72.21 -129.67 12.44
CA PHE G 3095 -72.36 -128.25 12.11
C PHE G 3095 -73.09 -128.07 10.78
N PHE G 3096 -72.75 -128.89 9.78
CA PHE G 3096 -73.45 -128.79 8.51
C PHE G 3096 -74.94 -129.10 8.67
N GLU G 3097 -75.28 -130.23 9.31
CA GLU G 3097 -76.69 -130.53 9.51
C GLU G 3097 -77.38 -129.53 10.43
N SER G 3098 -76.62 -128.88 11.32
CA SER G 3098 -77.21 -127.82 12.14
C SER G 3098 -77.59 -126.63 11.27
N ALA G 3099 -76.68 -126.21 10.38
CA ALA G 3099 -76.99 -125.12 9.47
C ALA G 3099 -78.21 -125.47 8.61
N SER G 3100 -78.27 -126.70 8.12
CA SER G 3100 -79.44 -127.11 7.34
C SER G 3100 -80.71 -127.02 8.19
N GLU G 3101 -80.77 -127.75 9.30
CA GLU G 3101 -82.00 -127.76 10.09
C GLU G 3101 -82.40 -126.34 10.49
N ASP G 3102 -81.43 -125.44 10.66
CA ASP G 3102 -81.77 -124.03 10.79
C ASP G 3102 -82.44 -123.49 9.54
N ILE G 3103 -81.97 -123.88 8.35
CA ILE G 3103 -82.57 -123.33 7.14
C ILE G 3103 -83.99 -123.86 6.95
N GLU G 3104 -84.24 -125.13 7.32
CA GLU G 3104 -85.61 -125.63 7.26
C GLU G 3104 -86.51 -124.98 8.31
N LYS G 3105 -86.01 -124.77 9.53
CA LYS G 3105 -86.79 -124.01 10.50
C LYS G 3105 -87.07 -122.60 9.99
N MET G 3106 -86.11 -122.02 9.25
CA MET G 3106 -86.27 -120.67 8.74
C MET G 3106 -87.32 -120.62 7.64
N VAL G 3107 -87.30 -121.60 6.73
CA VAL G 3107 -88.30 -121.62 5.67
C VAL G 3107 -89.67 -121.94 6.25
N GLU G 3108 -89.71 -122.69 7.36
CA GLU G 3108 -90.97 -122.86 8.08
C GLU G 3108 -91.45 -121.53 8.66
N ASN G 3109 -90.53 -120.75 9.24
CA ASN G 3109 -90.89 -119.44 9.77
C ASN G 3109 -91.42 -118.54 8.66
N LEU G 3110 -90.93 -118.74 7.44
CA LEU G 3110 -91.48 -117.99 6.31
C LEU G 3110 -92.81 -118.60 5.84
N ARG G 3111 -93.02 -119.89 6.10
CA ARG G 3111 -94.35 -120.47 5.90
C ARG G 3111 -95.35 -119.86 6.87
N LEU G 3112 -94.84 -119.32 7.99
CA LEU G 3112 -95.62 -118.65 9.04
C LEU G 3112 -96.44 -119.61 9.88
N GLY G 3113 -96.05 -120.88 9.95
CA GLY G 3113 -96.67 -121.76 10.94
C GLY G 3113 -96.40 -121.28 12.36
N LYS G 3114 -95.19 -120.81 12.62
CA LYS G 3114 -94.88 -120.16 13.88
C LYS G 3114 -95.53 -118.77 13.91
N VAL G 3115 -95.80 -118.28 15.12
CA VAL G 3115 -96.56 -117.05 15.27
C VAL G 3115 -95.82 -115.86 14.65
N SER G 3116 -94.49 -115.82 14.82
CA SER G 3116 -93.64 -114.76 14.26
C SER G 3116 -94.11 -113.37 14.68
N LYS G 3123 -88.65 -115.77 23.22
CA LYS G 3123 -88.96 -117.18 22.99
C LYS G 3123 -87.80 -117.89 22.29
N GLY G 3124 -87.64 -119.18 22.59
CA GLY G 3124 -86.51 -119.93 22.06
C GLY G 3124 -86.46 -119.92 20.55
N VAL G 3125 -87.63 -120.04 19.90
CA VAL G 3125 -87.68 -119.91 18.45
C VAL G 3125 -87.26 -118.50 18.04
N GLY G 3126 -87.52 -117.51 18.90
CA GLY G 3126 -87.08 -116.15 18.61
C GLY G 3126 -85.57 -116.01 18.63
N GLN G 3127 -84.91 -116.59 19.64
CA GLN G 3127 -83.45 -116.56 19.66
C GLN G 3127 -82.87 -117.35 18.50
N ASN G 3128 -83.52 -118.47 18.14
CA ASN G 3128 -83.07 -119.20 16.95
C ASN G 3128 -83.21 -118.36 15.70
N LEU G 3129 -84.32 -117.61 15.59
CA LEU G 3129 -84.54 -116.74 14.45
C LEU G 3129 -83.45 -115.68 14.33
N THR G 3130 -83.19 -114.96 15.43
CA THR G 3130 -82.19 -113.90 15.36
C THR G 3130 -80.78 -114.48 15.16
N TYR G 3131 -80.48 -115.61 15.80
CA TYR G 3131 -79.20 -116.27 15.57
C TYR G 3131 -79.01 -116.62 14.10
N THR G 3132 -80.01 -117.25 13.49
CA THR G 3132 -79.90 -117.60 12.08
C THR G 3132 -79.69 -116.36 11.24
N THR G 3133 -80.57 -115.37 11.38
CA THR G 3133 -80.54 -114.19 10.52
C THR G 3133 -79.25 -113.40 10.68
N VAL G 3134 -78.64 -113.44 11.86
CA VAL G 3134 -77.46 -112.62 12.10
C VAL G 3134 -76.18 -113.36 11.73
N ALA G 3135 -76.11 -114.66 12.03
CA ALA G 3135 -74.86 -115.39 11.91
C ALA G 3135 -74.84 -116.41 10.78
N LEU G 3136 -75.91 -117.18 10.60
CA LEU G 3136 -75.83 -118.37 9.74
C LEU G 3136 -75.48 -117.99 8.31
N LEU G 3137 -76.21 -117.02 7.73
CA LEU G 3137 -75.91 -116.60 6.37
C LEU G 3137 -74.53 -115.97 6.23
N PRO G 3138 -74.09 -115.06 7.11
CA PRO G 3138 -72.70 -114.58 6.99
C PRO G 3138 -71.66 -115.67 7.20
N VAL G 3139 -71.84 -116.53 8.20
CA VAL G 3139 -70.85 -117.57 8.46
C VAL G 3139 -70.80 -118.57 7.31
N LEU G 3140 -71.96 -119.04 6.86
CA LEU G 3140 -71.99 -119.93 5.70
C LEU G 3140 -71.42 -119.24 4.47
N THR G 3141 -71.67 -117.94 4.32
CA THR G 3141 -71.12 -117.17 3.22
C THR G 3141 -69.60 -117.20 3.22
N THR G 3142 -68.99 -116.88 4.37
CA THR G 3142 -67.53 -116.90 4.47
C THR G 3142 -66.99 -118.31 4.26
N LEU G 3143 -67.67 -119.31 4.82
CA LEU G 3143 -67.34 -120.69 4.47
C LEU G 3143 -67.28 -120.86 2.96
N PHE G 3144 -68.31 -120.41 2.24
CA PHE G 3144 -68.35 -120.59 0.80
C PHE G 3144 -67.16 -119.94 0.12
N GLN G 3145 -66.91 -118.66 0.41
CA GLN G 3145 -65.80 -117.99 -0.28
C GLN G 3145 -64.47 -118.68 -0.01
N HIS G 3146 -64.13 -118.90 1.26
CA HIS G 3146 -62.82 -119.46 1.54
C HIS G 3146 -62.70 -120.87 0.99
N ILE G 3147 -63.76 -121.68 1.13
CA ILE G 3147 -63.69 -123.09 0.80
C ILE G 3147 -63.59 -123.25 -0.71
N ALA G 3148 -64.27 -122.38 -1.47
CA ALA G 3148 -64.21 -122.44 -2.92
C ALA G 3148 -62.90 -121.88 -3.45
N GLN G 3149 -62.42 -120.78 -2.86
CA GLN G 3149 -61.13 -120.23 -3.29
C GLN G 3149 -60.01 -121.22 -3.03
N HIS G 3150 -60.09 -121.97 -1.94
CA HIS G 3150 -59.06 -122.97 -1.66
C HIS G 3150 -59.37 -124.29 -2.37
N GLN G 3151 -60.56 -124.42 -2.95
CA GLN G 3151 -61.09 -125.63 -3.58
C GLN G 3151 -61.16 -126.78 -2.58
N PHE G 3152 -61.12 -126.51 -1.28
CA PHE G 3152 -61.17 -127.59 -0.30
C PHE G 3152 -62.52 -128.28 -0.34
N GLY G 3153 -63.57 -127.54 -0.70
CA GLY G 3153 -64.92 -128.11 -0.71
C GLY G 3153 -65.08 -129.24 -1.70
N ASP G 3154 -64.37 -129.17 -2.83
CA ASP G 3154 -64.48 -130.21 -3.85
C ASP G 3154 -64.22 -131.60 -3.26
N ASP G 3155 -63.35 -131.68 -2.25
CA ASP G 3155 -63.11 -132.94 -1.59
C ASP G 3155 -63.96 -133.08 -0.33
N VAL G 3156 -64.18 -131.97 0.39
CA VAL G 3156 -64.87 -132.05 1.68
C VAL G 3156 -66.31 -132.51 1.49
N ILE G 3157 -67.02 -131.92 0.54
CA ILE G 3157 -68.45 -132.14 0.35
C ILE G 3157 -68.64 -133.46 -0.39
N LEU G 3158 -68.93 -134.54 0.35
CA LEU G 3158 -69.02 -135.87 -0.24
C LEU G 3158 -70.42 -136.48 -0.22
N ASP G 3159 -71.02 -136.71 0.95
CA ASP G 3159 -72.38 -137.25 0.97
C ASP G 3159 -73.36 -136.43 1.80
N ASP G 3160 -73.05 -136.24 3.08
CA ASP G 3160 -74.02 -135.63 3.99
C ASP G 3160 -74.12 -134.13 3.75
N VAL G 3161 -73.00 -133.50 3.38
CA VAL G 3161 -73.07 -132.10 3.01
C VAL G 3161 -73.86 -131.94 1.72
N GLN G 3162 -73.75 -132.93 0.82
CA GLN G 3162 -74.64 -132.96 -0.35
C GLN G 3162 -76.09 -132.98 0.07
N VAL G 3163 -76.46 -133.87 0.99
CA VAL G 3163 -77.86 -133.98 1.39
C VAL G 3163 -78.35 -132.67 2.01
N SER G 3164 -77.56 -132.12 2.94
CA SER G 3164 -77.97 -130.88 3.61
C SER G 3164 -78.07 -129.72 2.63
N CYS G 3165 -77.08 -129.57 1.74
CA CYS G 3165 -77.09 -128.46 0.81
C CYS G 3165 -78.18 -128.62 -0.25
N TYR G 3166 -78.53 -129.87 -0.58
CA TYR G 3166 -79.63 -130.08 -1.52
C TYR G 3166 -80.96 -129.71 -0.88
N ARG G 3167 -81.18 -130.15 0.36
CA ARG G 3167 -82.38 -129.72 1.09
C ARG G 3167 -82.44 -128.19 1.17
N THR G 3168 -81.31 -127.56 1.49
CA THR G 3168 -81.25 -126.11 1.57
C THR G 3168 -81.59 -125.45 0.23
N LEU G 3169 -80.98 -125.94 -0.85
CA LEU G 3169 -81.21 -125.36 -2.17
C LEU G 3169 -82.67 -125.49 -2.58
N CYS G 3170 -83.27 -126.66 -2.30
CA CYS G 3170 -84.68 -126.82 -2.60
C CYS G 3170 -85.52 -125.84 -1.80
N SER G 3171 -85.15 -125.63 -0.54
CA SER G 3171 -85.93 -124.73 0.32
C SER G 3171 -85.88 -123.29 -0.20
N ILE G 3172 -84.69 -122.78 -0.51
CA ILE G 3172 -84.62 -121.40 -1.04
C ILE G 3172 -85.22 -121.32 -2.43
N TYR G 3173 -85.20 -122.40 -3.22
CA TYR G 3173 -85.92 -122.35 -4.49
C TYR G 3173 -87.42 -122.23 -4.28
N SER G 3174 -87.96 -122.99 -3.32
CA SER G 3174 -89.38 -122.87 -2.99
C SER G 3174 -89.72 -121.48 -2.47
N LEU G 3175 -88.82 -120.90 -1.66
CA LEU G 3175 -89.02 -119.54 -1.17
C LEU G 3175 -88.94 -118.52 -2.29
N GLY G 3176 -88.11 -118.78 -3.30
CA GLY G 3176 -88.10 -117.91 -4.47
C GLY G 3176 -89.41 -117.99 -5.23
N THR G 3177 -89.94 -119.19 -5.41
CA THR G 3177 -91.26 -119.33 -6.03
C THR G 3177 -92.32 -118.61 -5.19
N THR G 3178 -92.18 -118.66 -3.86
CA THR G 3178 -93.11 -117.98 -2.97
C THR G 3178 -92.80 -116.49 -2.92
N LYS G 3179 -93.81 -115.69 -2.58
CA LYS G 3179 -93.65 -114.25 -2.37
C LYS G 3179 -94.18 -113.89 -1.00
N ASN G 3180 -93.51 -112.96 -0.34
CA ASN G 3180 -93.87 -112.58 1.03
C ASN G 3180 -93.26 -111.23 1.35
N THR G 3181 -93.68 -110.66 2.47
CA THR G 3181 -93.12 -109.39 2.92
C THR G 3181 -91.82 -109.59 3.68
N TYR G 3182 -91.76 -110.61 4.54
CA TYR G 3182 -90.54 -110.89 5.28
C TYR G 3182 -89.40 -111.28 4.34
N VAL G 3183 -89.71 -112.07 3.31
CA VAL G 3183 -88.67 -112.56 2.41
C VAL G 3183 -88.00 -111.41 1.67
N GLU G 3184 -88.69 -110.27 1.57
CA GLU G 3184 -88.15 -109.12 0.86
C GLU G 3184 -86.80 -108.69 1.44
N LYS G 3185 -86.61 -108.85 2.76
CA LYS G 3185 -85.31 -108.60 3.33
C LYS G 3185 -84.43 -109.85 3.28
N LEU G 3186 -85.05 -111.02 3.19
CA LEU G 3186 -84.29 -112.26 3.10
C LEU G 3186 -83.72 -112.46 1.70
N ARG G 3187 -84.46 -112.05 0.67
CA ARG G 3187 -84.03 -112.31 -0.70
C ARG G 3187 -82.64 -111.79 -1.03
N PRO G 3188 -82.23 -110.58 -0.63
CA PRO G 3188 -80.82 -110.20 -0.89
C PRO G 3188 -79.83 -111.13 -0.24
N ALA G 3189 -79.93 -111.31 1.09
CA ALA G 3189 -78.97 -112.14 1.81
C ALA G 3189 -79.06 -113.60 1.38
N LEU G 3190 -80.28 -114.13 1.26
CA LEU G 3190 -80.43 -115.52 0.85
C LEU G 3190 -79.89 -115.74 -0.57
N GLY G 3191 -80.16 -114.80 -1.47
CA GLY G 3191 -79.68 -114.94 -2.83
C GLY G 3191 -78.17 -114.90 -2.91
N GLU G 3192 -77.53 -113.96 -2.21
CA GLU G 3192 -76.07 -113.91 -2.23
C GLU G 3192 -75.47 -115.14 -1.57
N CYS G 3193 -76.09 -115.62 -0.49
CA CYS G 3193 -75.58 -116.81 0.19
C CYS G 3193 -75.66 -118.03 -0.73
N LEU G 3194 -76.79 -118.21 -1.42
CA LEU G 3194 -76.92 -119.35 -2.33
C LEU G 3194 -75.95 -119.22 -3.51
N ALA G 3195 -75.80 -118.01 -4.05
CA ALA G 3195 -74.87 -117.80 -5.14
C ALA G 3195 -73.45 -118.17 -4.74
N ARG G 3196 -73.03 -117.72 -3.55
CA ARG G 3196 -71.67 -118.06 -3.11
C ARG G 3196 -71.57 -119.54 -2.74
N LEU G 3197 -72.69 -120.16 -2.36
CA LEU G 3197 -72.72 -121.60 -2.17
C LEU G 3197 -72.43 -122.33 -3.48
N ALA G 3198 -72.91 -121.77 -4.60
CA ALA G 3198 -72.73 -122.43 -5.89
C ALA G 3198 -71.26 -122.58 -6.26
N ALA G 3199 -70.40 -121.66 -5.77
CA ALA G 3199 -68.99 -121.71 -6.14
C ALA G 3199 -68.24 -122.80 -5.36
N ALA G 3200 -68.75 -123.17 -4.19
CA ALA G 3200 -68.09 -124.19 -3.39
C ALA G 3200 -68.68 -125.56 -3.65
N MET G 3201 -70.00 -125.66 -3.55
CA MET G 3201 -70.74 -126.90 -3.81
C MET G 3201 -70.20 -127.61 -5.04
N PRO G 3202 -69.65 -128.83 -4.91
CA PRO G 3202 -68.90 -129.42 -6.04
C PRO G 3202 -69.71 -130.33 -6.95
N VAL G 3203 -70.94 -130.72 -6.58
CA VAL G 3203 -71.67 -131.70 -7.38
C VAL G 3203 -72.84 -131.06 -8.13
N ALA G 3204 -72.79 -131.10 -9.46
CA ALA G 3204 -73.73 -130.37 -10.30
C ALA G 3204 -75.12 -130.99 -10.19
N PHE G 3205 -76.06 -130.22 -9.64
CA PHE G 3205 -77.44 -130.68 -9.55
C PHE G 3205 -78.20 -130.37 -10.84
N LEU G 3206 -77.55 -129.66 -11.77
CA LEU G 3206 -78.26 -129.13 -12.92
C LEU G 3206 -78.23 -130.11 -14.10
N GLU G 3207 -77.08 -130.75 -14.32
CA GLU G 3207 -76.94 -131.69 -15.41
C GLU G 3207 -77.09 -133.11 -14.89
N PRO G 3208 -78.25 -133.76 -15.09
CA PRO G 3208 -78.42 -135.11 -14.51
C PRO G 3208 -77.54 -136.18 -15.13
N GLN G 3209 -77.56 -136.31 -16.46
CA GLN G 3209 -76.81 -137.38 -17.11
C GLN G 3209 -75.32 -137.22 -16.87
N LEU G 3210 -74.80 -135.99 -17.00
CA LEU G 3210 -73.41 -135.74 -16.68
C LEU G 3210 -73.16 -135.91 -15.18
N ASN G 3211 -74.21 -135.79 -14.37
CA ASN G 3211 -74.05 -136.04 -12.94
C ASN G 3211 -73.77 -137.51 -12.65
N GLU G 3212 -74.52 -138.43 -13.25
CA GLU G 3212 -74.18 -139.84 -12.98
C GLU G 3212 -72.91 -140.23 -13.71
N TYR G 3213 -72.60 -139.58 -14.83
CA TYR G 3213 -71.31 -139.82 -15.48
C TYR G 3213 -70.15 -139.36 -14.61
N ASN G 3214 -70.35 -138.30 -13.82
CA ASN G 3214 -69.31 -137.82 -12.92
C ASN G 3214 -69.06 -138.83 -11.82
N ALA G 3215 -67.79 -139.05 -11.51
CA ALA G 3215 -67.43 -140.00 -10.45
C ALA G 3215 -67.53 -139.34 -9.08
N CYS G 3216 -67.61 -138.01 -9.04
CA CYS G 3216 -67.71 -137.27 -7.77
C CYS G 3216 -69.17 -136.97 -7.46
N SER G 3217 -69.93 -138.05 -7.27
CA SER G 3217 -71.33 -137.97 -6.89
C SER G 3217 -71.60 -138.96 -5.76
N VAL G 3218 -72.66 -138.70 -5.00
CA VAL G 3218 -73.01 -139.57 -3.88
C VAL G 3218 -73.29 -141.00 -4.37
N TYR G 3219 -73.83 -141.12 -5.58
CA TYR G 3219 -74.20 -142.44 -6.09
C TYR G 3219 -72.97 -143.25 -6.47
N THR G 3220 -71.95 -142.59 -7.02
CA THR G 3220 -70.71 -143.29 -7.34
C THR G 3220 -69.90 -143.58 -6.08
N THR G 3221 -69.87 -142.64 -5.14
CA THR G 3221 -69.14 -142.89 -3.89
C THR G 3221 -69.77 -144.04 -3.12
N LYS G 3222 -71.10 -144.07 -3.02
CA LYS G 3222 -71.80 -145.18 -2.39
C LYS G 3222 -72.99 -145.56 -3.24
N SER G 3223 -73.09 -146.84 -3.56
CA SER G 3223 -74.24 -147.35 -4.28
C SER G 3223 -75.47 -147.30 -3.37
N PRO G 3224 -76.68 -147.36 -3.95
CA PRO G 3224 -77.88 -147.18 -3.12
C PRO G 3224 -78.00 -148.16 -1.95
N ARG G 3225 -77.39 -149.34 -2.04
CA ARG G 3225 -77.45 -150.27 -0.91
C ARG G 3225 -76.64 -149.74 0.26
N GLU G 3226 -75.49 -149.12 -0.01
CA GLU G 3226 -74.82 -148.33 1.00
C GLU G 3226 -75.67 -147.11 1.32
N ARG G 3227 -75.60 -146.65 2.57
CA ARG G 3227 -76.33 -145.50 3.11
C ARG G 3227 -77.83 -145.61 2.85
N ALA G 3228 -78.34 -146.81 2.54
CA ALA G 3228 -79.78 -147.00 2.38
C ALA G 3228 -80.53 -146.72 3.68
N ILE G 3229 -79.81 -146.75 4.81
CA ILE G 3229 -80.40 -146.31 6.07
C ILE G 3229 -80.82 -144.85 5.99
N LEU G 3230 -80.18 -144.09 5.11
CA LEU G 3230 -80.60 -142.73 4.77
C LEU G 3230 -81.36 -142.77 3.46
N GLY G 3231 -82.22 -141.79 3.22
CA GLY G 3231 -83.04 -141.77 2.03
C GLY G 3231 -82.26 -141.73 0.73
N LEU G 3232 -82.55 -142.66 -0.17
CA LEU G 3232 -81.93 -142.72 -1.49
C LEU G 3232 -82.88 -142.18 -2.55
N PRO G 3233 -82.55 -141.05 -3.19
CA PRO G 3233 -83.43 -140.52 -4.23
C PRO G 3233 -83.41 -141.32 -5.52
N ASN G 3234 -82.26 -141.87 -5.89
CA ASN G 3234 -81.97 -142.59 -7.13
C ASN G 3234 -82.01 -141.65 -8.34
N SER G 3235 -82.25 -140.35 -8.15
CA SER G 3235 -82.27 -139.37 -9.23
C SER G 3235 -82.15 -137.97 -8.64
N VAL G 3236 -81.43 -137.09 -9.34
CA VAL G 3236 -81.36 -135.70 -8.92
C VAL G 3236 -82.72 -135.03 -9.04
N GLU G 3237 -83.48 -135.40 -10.07
CA GLU G 3237 -84.86 -134.93 -10.19
C GLU G 3237 -85.68 -135.38 -8.99
N GLU G 3238 -85.48 -136.61 -8.53
CA GLU G 3238 -86.24 -137.09 -7.38
C GLU G 3238 -85.82 -136.36 -6.12
N MET G 3239 -84.52 -136.14 -5.92
CA MET G 3239 -84.09 -135.51 -4.68
C MET G 3239 -84.55 -134.06 -4.60
N CYS G 3240 -84.55 -133.33 -5.72
CA CYS G 3240 -84.94 -131.93 -5.67
C CYS G 3240 -85.62 -131.59 -6.99
N PRO G 3241 -86.92 -131.84 -7.10
CA PRO G 3241 -87.58 -131.72 -8.42
C PRO G 3241 -87.86 -130.28 -8.85
N ASP G 3242 -87.97 -129.35 -7.90
CA ASP G 3242 -88.40 -128.00 -8.25
C ASP G 3242 -87.39 -127.31 -9.17
N ILE G 3243 -86.10 -127.55 -8.96
CA ILE G 3243 -85.10 -126.88 -9.78
C ILE G 3243 -85.11 -127.46 -11.20
N PRO G 3244 -85.14 -126.64 -12.24
CA PRO G 3244 -85.03 -127.17 -13.60
C PRO G 3244 -83.59 -127.41 -14.01
N VAL G 3245 -83.43 -128.18 -15.09
CA VAL G 3245 -82.10 -128.41 -15.66
C VAL G 3245 -81.49 -127.08 -16.09
N LEU G 3246 -80.16 -127.01 -16.10
CA LEU G 3246 -79.47 -125.76 -16.42
C LEU G 3246 -79.86 -125.23 -17.80
N ASP G 3247 -80.06 -126.11 -18.77
CA ASP G 3247 -80.48 -125.66 -20.09
C ASP G 3247 -81.84 -124.98 -20.02
N ARG G 3248 -82.76 -125.55 -19.24
CA ARG G 3248 -84.09 -124.95 -19.13
C ARG G 3248 -84.04 -123.65 -18.32
N LEU G 3249 -83.15 -123.58 -17.33
CA LEU G 3249 -82.96 -122.32 -16.62
C LEU G 3249 -82.44 -121.24 -17.55
N MET G 3250 -81.48 -121.59 -18.41
CA MET G 3250 -80.99 -120.63 -19.40
C MET G 3250 -82.11 -120.20 -20.34
N ALA G 3251 -82.94 -121.15 -20.78
CA ALA G 3251 -84.06 -120.81 -21.66
C ALA G 3251 -85.04 -119.88 -20.97
N ASP G 3252 -85.37 -120.16 -19.70
CA ASP G 3252 -86.31 -119.33 -18.97
C ASP G 3252 -85.74 -117.93 -18.73
N ILE G 3253 -84.45 -117.84 -18.40
CA ILE G 3253 -83.84 -116.53 -18.18
C ILE G 3253 -83.80 -115.73 -19.48
N GLY G 3254 -83.47 -116.39 -20.59
CA GLY G 3254 -83.52 -115.70 -21.87
C GLY G 3254 -84.92 -115.23 -22.22
N GLY G 3255 -85.93 -116.05 -21.94
CA GLY G 3255 -87.29 -115.66 -22.19
C GLY G 3255 -87.72 -114.47 -21.35
N LEU G 3256 -87.38 -114.48 -20.06
CA LEU G 3256 -87.70 -113.35 -19.20
C LEU G 3256 -86.97 -112.10 -19.66
N ALA G 3257 -85.72 -112.25 -20.10
CA ALA G 3257 -84.96 -111.10 -20.61
C ALA G 3257 -85.64 -110.50 -21.83
N GLU G 3258 -85.94 -111.33 -22.84
CA GLU G 3258 -86.55 -110.80 -24.06
C GLU G 3258 -87.95 -110.27 -23.78
N SER G 3259 -88.61 -110.79 -22.74
CA SER G 3259 -89.90 -110.23 -22.35
C SER G 3259 -89.72 -108.88 -21.67
N GLY G 3260 -88.59 -108.67 -21.01
CA GLY G 3260 -88.36 -107.42 -20.30
C GLY G 3260 -89.27 -107.24 -19.10
N ALA G 3261 -89.51 -108.30 -18.35
CA ALA G 3261 -90.38 -108.23 -17.17
C ALA G 3261 -89.79 -107.29 -16.12
N ARG G 3262 -90.68 -106.58 -15.43
CA ARG G 3262 -90.25 -105.63 -14.41
C ARG G 3262 -89.64 -106.36 -13.22
N TYR G 3263 -88.89 -105.62 -12.41
CA TYR G 3263 -88.45 -106.14 -11.13
C TYR G 3263 -89.63 -106.48 -10.23
N THR G 3264 -90.70 -105.69 -10.29
CA THR G 3264 -91.91 -106.05 -9.54
C THR G 3264 -92.47 -107.37 -10.04
N GLU G 3265 -92.30 -107.67 -11.33
CA GLU G 3265 -92.77 -108.94 -11.86
C GLU G 3265 -91.89 -110.10 -11.43
N MET G 3266 -90.57 -109.91 -11.46
CA MET G 3266 -89.59 -110.97 -11.21
C MET G 3266 -88.53 -110.54 -10.20
N PRO G 3267 -88.97 -110.13 -8.99
CA PRO G 3267 -87.97 -109.69 -7.99
C PRO G 3267 -87.13 -110.82 -7.45
N HIS G 3268 -87.79 -111.90 -6.99
CA HIS G 3268 -87.08 -113.03 -6.40
C HIS G 3268 -86.08 -113.63 -7.37
N VAL G 3269 -86.40 -113.63 -8.67
CA VAL G 3269 -85.49 -114.22 -9.63
C VAL G 3269 -84.17 -113.46 -9.67
N ILE G 3270 -84.24 -112.13 -9.83
CA ILE G 3270 -83.02 -111.34 -9.83
C ILE G 3270 -82.36 -111.34 -8.46
N GLU G 3271 -83.13 -111.59 -7.41
CA GLU G 3271 -82.57 -111.61 -6.06
C GLU G 3271 -81.72 -112.85 -5.83
N ILE G 3272 -82.19 -114.02 -6.29
CA ILE G 3272 -81.58 -115.30 -5.94
C ILE G 3272 -81.11 -116.05 -7.19
N THR G 3273 -82.02 -116.31 -8.13
CA THR G 3273 -81.71 -117.21 -9.24
C THR G 3273 -80.67 -116.62 -10.16
N LEU G 3274 -80.78 -115.33 -10.48
CA LEU G 3274 -79.76 -114.71 -11.33
C LEU G 3274 -78.37 -114.70 -10.68
N PRO G 3275 -78.20 -114.31 -9.41
CA PRO G 3275 -76.88 -114.53 -8.78
C PRO G 3275 -76.50 -116.00 -8.72
N MET G 3276 -77.47 -116.88 -8.48
CA MET G 3276 -77.21 -118.31 -8.48
C MET G 3276 -76.60 -118.75 -9.82
N LEU G 3277 -77.24 -118.39 -10.93
CA LEU G 3277 -76.74 -118.79 -12.25
C LEU G 3277 -75.40 -118.12 -12.54
N CYS G 3278 -75.26 -116.84 -12.18
CA CYS G 3278 -74.04 -116.10 -12.46
C CYS G 3278 -72.85 -116.72 -11.73
N SER G 3279 -73.04 -117.10 -10.47
CA SER G 3279 -71.95 -117.74 -9.73
C SER G 3279 -71.76 -119.18 -10.17
N TYR G 3280 -72.82 -119.82 -10.66
CA TYR G 3280 -72.71 -121.22 -11.09
C TYR G 3280 -71.87 -121.34 -12.37
N LEU G 3281 -72.31 -120.71 -13.45
CA LEU G 3281 -71.81 -121.08 -14.77
C LEU G 3281 -70.28 -121.01 -14.90
N PRO G 3282 -69.59 -119.93 -14.53
CA PRO G 3282 -68.12 -119.95 -14.65
C PRO G 3282 -67.45 -120.97 -13.75
N ARG G 3283 -67.99 -121.19 -12.54
CA ARG G 3283 -67.38 -122.13 -11.62
C ARG G 3283 -67.50 -123.56 -12.12
N TRP G 3284 -68.43 -123.81 -13.04
CA TRP G 3284 -68.66 -125.16 -13.52
C TRP G 3284 -68.19 -125.33 -14.95
N TRP G 3285 -67.83 -124.22 -15.62
CA TRP G 3285 -67.46 -124.28 -17.02
C TRP G 3285 -66.15 -125.04 -17.23
N GLU G 3286 -65.19 -124.88 -16.32
CA GLU G 3286 -63.83 -125.30 -16.61
C GLU G 3286 -63.70 -126.81 -16.77
N ARG G 3287 -64.58 -127.58 -16.11
CA ARG G 3287 -64.64 -129.01 -16.42
C ARG G 3287 -65.78 -129.31 -17.38
N GLY G 3288 -66.56 -128.30 -17.75
CA GLY G 3288 -67.64 -128.49 -18.69
C GLY G 3288 -67.18 -128.42 -20.13
N PRO G 3289 -68.11 -128.49 -21.07
CA PRO G 3289 -67.74 -128.41 -22.48
C PRO G 3289 -67.29 -127.00 -22.85
N GLU G 3290 -66.53 -126.92 -23.96
CA GLU G 3290 -65.95 -125.72 -24.54
C GLU G 3290 -64.84 -125.14 -23.68
N ALA G 3291 -64.54 -125.74 -22.53
CA ALA G 3291 -63.40 -125.34 -21.73
C ALA G 3291 -62.16 -126.10 -22.14
N PRO G 3292 -60.98 -125.52 -21.95
CA PRO G 3292 -59.74 -126.24 -22.29
C PRO G 3292 -59.49 -127.39 -21.32
N PRO G 3293 -59.63 -128.63 -21.78
CA PRO G 3293 -59.50 -129.77 -20.88
C PRO G 3293 -58.09 -130.33 -20.89
N PRO G 3294 -57.57 -130.74 -19.74
CA PRO G 3294 -56.32 -131.52 -19.74
C PRO G 3294 -56.56 -132.87 -20.39
N ALA G 3295 -55.52 -133.41 -21.05
CA ALA G 3295 -55.69 -134.59 -21.88
C ALA G 3295 -56.11 -135.80 -21.06
N LEU G 3296 -55.36 -136.12 -20.01
CA LEU G 3296 -55.68 -137.31 -19.22
C LEU G 3296 -57.02 -137.21 -18.49
N PRO G 3297 -57.34 -136.13 -17.76
CA PRO G 3297 -58.70 -136.03 -17.19
C PRO G 3297 -59.79 -136.00 -18.23
N ALA G 3298 -59.52 -135.44 -19.41
CA ALA G 3298 -60.54 -135.32 -20.44
C ALA G 3298 -60.86 -136.68 -21.06
N GLY G 3299 -59.85 -137.51 -21.28
CA GLY G 3299 -60.08 -138.76 -21.97
C GLY G 3299 -60.50 -139.90 -21.08
N ALA G 3300 -61.82 -140.10 -20.95
CA ALA G 3300 -62.58 -141.19 -20.32
C ALA G 3300 -63.94 -140.67 -19.86
N PRO G 3301 -64.02 -139.69 -18.96
CA PRO G 3301 -65.33 -139.26 -18.46
C PRO G 3301 -65.87 -138.08 -19.24
N PRO G 3302 -67.18 -138.06 -19.48
CA PRO G 3302 -67.80 -136.86 -20.08
C PRO G 3302 -67.78 -135.71 -19.10
N PRO G 3303 -67.88 -134.46 -19.59
CA PRO G 3303 -67.82 -133.31 -18.68
C PRO G 3303 -68.94 -133.35 -17.64
N CYS G 3304 -68.62 -132.85 -16.45
CA CYS G 3304 -69.57 -132.92 -15.34
C CYS G 3304 -70.75 -131.99 -15.55
N THR G 3305 -70.54 -130.88 -16.27
CA THR G 3305 -71.63 -129.94 -16.54
C THR G 3305 -71.80 -129.75 -18.04
N ALA G 3306 -72.80 -128.95 -18.40
CA ALA G 3306 -73.03 -128.54 -19.77
C ALA G 3306 -72.75 -127.06 -20.00
N VAL G 3307 -72.03 -126.42 -19.07
CA VAL G 3307 -71.75 -124.99 -19.20
C VAL G 3307 -70.77 -124.76 -20.34
N THR G 3308 -71.10 -123.81 -21.22
CA THR G 3308 -70.28 -123.51 -22.38
C THR G 3308 -69.97 -122.02 -22.43
N SER G 3309 -69.01 -121.69 -23.30
CA SER G 3309 -68.64 -120.29 -23.50
C SER G 3309 -69.81 -119.50 -24.07
N ASP G 3310 -70.52 -120.06 -25.05
CA ASP G 3310 -71.69 -119.36 -25.58
C ASP G 3310 -72.84 -119.41 -24.59
N HIS G 3311 -72.83 -120.35 -23.65
CA HIS G 3311 -73.78 -120.31 -22.54
C HIS G 3311 -73.52 -119.09 -21.66
N LEU G 3312 -72.26 -118.84 -21.33
CA LEU G 3312 -71.92 -117.61 -20.61
C LEU G 3312 -72.29 -116.39 -21.43
N ASN G 3313 -72.06 -116.44 -22.74
CA ASN G 3313 -72.42 -115.31 -23.60
C ASN G 3313 -73.91 -115.04 -23.57
N SER G 3314 -74.73 -116.09 -23.62
CA SER G 3314 -76.18 -115.93 -23.59
C SER G 3314 -76.64 -115.40 -22.23
N LEU G 3315 -76.06 -115.91 -21.14
CA LEU G 3315 -76.40 -115.39 -19.81
C LEU G 3315 -76.01 -113.92 -19.70
N LEU G 3316 -74.86 -113.55 -20.26
CA LEU G 3316 -74.44 -112.15 -20.23
C LEU G 3316 -75.40 -111.28 -21.04
N GLY G 3317 -75.83 -111.77 -22.20
CA GLY G 3317 -76.80 -111.01 -22.99
C GLY G 3317 -78.12 -110.82 -22.26
N ASN G 3318 -78.59 -111.88 -21.59
CA ASN G 3318 -79.82 -111.75 -20.80
C ASN G 3318 -79.63 -110.75 -19.66
N ILE G 3319 -78.48 -110.78 -18.99
CA ILE G 3319 -78.21 -109.83 -17.92
C ILE G 3319 -78.19 -108.40 -18.45
N LEU G 3320 -77.53 -108.19 -19.59
CA LEU G 3320 -77.47 -106.87 -20.19
C LEU G 3320 -78.86 -106.36 -20.58
N ARG G 3321 -79.69 -107.23 -21.15
CA ARG G 3321 -81.00 -106.75 -21.57
C ARG G 3321 -81.91 -106.54 -20.35
N ILE G 3322 -81.72 -107.33 -19.30
CA ILE G 3322 -82.39 -107.04 -18.04
C ILE G 3322 -81.98 -105.66 -17.54
N ILE G 3323 -80.71 -105.33 -17.67
CA ILE G 3323 -80.22 -104.00 -17.27
C ILE G 3323 -80.92 -102.91 -18.07
N VAL G 3324 -81.03 -103.08 -19.39
CA VAL G 3324 -81.64 -102.02 -20.19
C VAL G 3324 -83.14 -101.91 -19.90
N ASN G 3325 -83.79 -103.04 -19.61
CA ASN G 3325 -85.19 -102.99 -19.23
C ASN G 3325 -85.39 -102.25 -17.91
N ASN G 3326 -84.50 -102.48 -16.94
CA ASN G 3326 -84.62 -101.84 -15.64
C ASN G 3326 -83.94 -100.48 -15.57
N LEU G 3327 -83.38 -99.99 -16.68
CA LEU G 3327 -82.89 -98.62 -16.70
C LEU G 3327 -83.98 -97.62 -16.32
N GLY G 3328 -85.24 -97.96 -16.62
CA GLY G 3328 -86.34 -97.05 -16.32
C GLY G 3328 -86.53 -96.84 -14.83
N ILE G 3329 -86.36 -97.89 -14.04
CA ILE G 3329 -86.48 -97.77 -12.58
C ILE G 3329 -85.38 -96.85 -12.07
N ASP G 3330 -85.74 -96.00 -11.10
CA ASP G 3330 -84.82 -94.97 -10.65
C ASP G 3330 -83.72 -95.53 -9.75
N GLU G 3331 -84.09 -96.10 -8.61
CA GLU G 3331 -83.13 -96.56 -7.61
C GLU G 3331 -83.28 -98.07 -7.45
N ALA G 3332 -82.14 -98.77 -7.46
CA ALA G 3332 -82.12 -100.23 -7.33
C ALA G 3332 -80.85 -100.64 -6.57
N THR G 3333 -81.00 -100.88 -5.28
CA THR G 3333 -79.91 -101.49 -4.51
C THR G 3333 -79.68 -102.93 -4.97
N TRP G 3334 -80.71 -103.58 -5.51
CA TRP G 3334 -80.52 -104.92 -6.05
C TRP G 3334 -79.64 -104.91 -7.29
N MET G 3335 -79.69 -103.84 -8.10
CA MET G 3335 -78.68 -103.64 -9.13
C MET G 3335 -77.29 -103.58 -8.52
N LYS G 3336 -77.16 -102.87 -7.41
CA LYS G 3336 -75.85 -102.71 -6.77
C LYS G 3336 -75.32 -104.06 -6.30
N ARG G 3337 -76.20 -104.89 -5.73
CA ARG G 3337 -75.76 -106.20 -5.27
C ARG G 3337 -75.51 -107.15 -6.44
N LEU G 3338 -76.27 -107.01 -7.52
CA LEU G 3338 -76.08 -107.91 -8.66
C LEU G 3338 -74.81 -107.57 -9.42
N ALA G 3339 -74.36 -106.31 -9.34
CA ALA G 3339 -73.14 -105.92 -10.06
C ALA G 3339 -71.92 -106.71 -9.59
N VAL G 3340 -71.76 -106.87 -8.26
CA VAL G 3340 -70.58 -107.57 -7.76
C VAL G 3340 -70.61 -109.04 -8.15
N PHE G 3341 -71.81 -109.65 -8.19
CA PHE G 3341 -71.92 -111.03 -8.65
C PHE G 3341 -71.60 -111.13 -10.14
N ALA G 3342 -71.99 -110.12 -10.92
CA ALA G 3342 -71.70 -110.15 -12.35
C ALA G 3342 -70.23 -109.84 -12.62
N GLN G 3343 -69.53 -109.29 -11.63
CA GLN G 3343 -68.14 -108.91 -11.83
C GLN G 3343 -67.25 -110.04 -12.38
N PRO G 3344 -67.26 -111.27 -11.84
CA PRO G 3344 -66.31 -112.26 -12.36
C PRO G 3344 -66.69 -112.85 -13.71
N ILE G 3345 -67.94 -112.71 -14.13
CA ILE G 3345 -68.46 -113.59 -15.18
C ILE G 3345 -68.37 -112.92 -16.55
N VAL G 3346 -68.34 -111.58 -16.58
CA VAL G 3346 -68.56 -110.85 -17.83
C VAL G 3346 -67.41 -111.06 -18.80
N SER G 3347 -66.18 -111.18 -18.28
CA SER G 3347 -65.00 -111.10 -19.14
C SER G 3347 -64.92 -112.28 -20.11
N ARG G 3348 -65.74 -113.31 -19.90
CA ARG G 3348 -65.57 -114.54 -20.66
C ARG G 3348 -66.11 -114.43 -22.08
N ALA G 3349 -67.01 -113.48 -22.33
CA ALA G 3349 -67.70 -113.43 -23.61
C ALA G 3349 -66.88 -112.69 -24.66
N ARG G 3350 -67.52 -112.39 -25.80
CA ARG G 3350 -66.80 -111.96 -27.00
C ARG G 3350 -67.19 -110.54 -27.41
N PRO G 3351 -66.28 -109.82 -28.09
CA PRO G 3351 -66.59 -108.42 -28.46
C PRO G 3351 -67.71 -108.28 -29.47
N GLU G 3352 -68.08 -109.35 -30.17
CA GLU G 3352 -69.26 -109.29 -31.01
C GLU G 3352 -70.50 -109.00 -30.18
N LEU G 3353 -70.62 -109.66 -29.01
CA LEU G 3353 -71.69 -109.31 -28.08
C LEU G 3353 -71.54 -107.88 -27.58
N LEU G 3354 -70.30 -107.45 -27.30
CA LEU G 3354 -70.06 -106.06 -26.90
C LEU G 3354 -70.72 -105.10 -27.87
N HIS G 3355 -70.33 -105.16 -29.15
CA HIS G 3355 -70.98 -104.32 -30.13
C HIS G 3355 -72.49 -104.52 -30.11
N SER G 3356 -72.94 -105.75 -30.45
CA SER G 3356 -74.33 -105.99 -30.79
C SER G 3356 -75.27 -105.56 -29.67
N HIS G 3357 -74.83 -105.60 -28.42
CA HIS G 3357 -75.76 -105.21 -27.37
C HIS G 3357 -75.34 -103.92 -26.67
N PHE G 3358 -74.08 -103.80 -26.21
CA PHE G 3358 -73.68 -102.58 -25.53
C PHE G 3358 -73.89 -101.34 -26.39
N ILE G 3359 -73.61 -101.42 -27.70
CA ILE G 3359 -73.76 -100.23 -28.54
C ILE G 3359 -75.17 -99.65 -28.42
N PRO G 3360 -76.24 -100.44 -28.51
CA PRO G 3360 -77.56 -99.90 -28.10
C PRO G 3360 -77.62 -99.43 -26.66
N THR G 3361 -77.06 -100.20 -25.70
CA THR G 3361 -77.16 -99.81 -24.30
C THR G 3361 -76.37 -98.55 -24.02
N ILE G 3362 -75.13 -98.53 -24.49
CA ILE G 3362 -74.29 -97.34 -24.31
C ILE G 3362 -74.92 -96.17 -25.06
N GLY G 3363 -75.61 -96.44 -26.16
CA GLY G 3363 -76.24 -95.37 -26.92
C GLY G 3363 -77.42 -94.72 -26.20
N ARG G 3364 -78.30 -95.54 -25.63
CA ARG G 3364 -79.41 -94.98 -24.86
C ARG G 3364 -78.90 -94.30 -23.60
N LEU G 3365 -77.81 -94.83 -23.02
CA LEU G 3365 -77.14 -94.13 -21.94
C LEU G 3365 -76.66 -92.76 -22.38
N ARG G 3366 -76.04 -92.67 -23.57
CA ARG G 3366 -75.51 -91.40 -24.05
C ARG G 3366 -76.62 -90.41 -24.34
N LYS G 3367 -77.75 -90.88 -24.89
CA LYS G 3367 -78.84 -89.95 -25.19
C LYS G 3367 -79.53 -89.48 -23.92
N ARG G 3368 -79.64 -90.35 -22.91
CA ARG G 3368 -80.18 -89.93 -21.63
C ARG G 3368 -79.26 -88.93 -20.95
N ALA G 3369 -77.95 -89.16 -21.05
CA ALA G 3369 -76.97 -88.19 -20.56
C ALA G 3369 -77.10 -86.87 -21.32
N GLY G 3370 -77.34 -86.95 -22.63
CA GLY G 3370 -77.56 -85.74 -23.40
C GLY G 3370 -78.76 -84.96 -22.94
N LYS G 3371 -79.85 -85.65 -22.60
CA LYS G 3371 -81.04 -84.94 -22.16
C LYS G 3371 -80.82 -84.32 -20.77
N VAL G 3372 -80.11 -85.02 -19.88
CA VAL G 3372 -79.91 -84.46 -18.56
C VAL G 3372 -78.93 -83.29 -18.62
N VAL G 3373 -77.94 -83.34 -19.51
CA VAL G 3373 -77.04 -82.20 -19.63
C VAL G 3373 -77.71 -81.08 -20.41
N ALA G 3374 -78.74 -81.40 -21.20
CA ALA G 3374 -79.59 -80.35 -21.76
C ALA G 3374 -80.36 -79.63 -20.66
N GLU G 3375 -80.85 -80.39 -19.68
CA GLU G 3375 -81.47 -79.76 -18.51
C GLU G 3375 -80.45 -78.93 -17.75
N GLU G 3376 -79.21 -79.41 -17.65
CA GLU G 3376 -78.15 -78.63 -17.00
C GLU G 3376 -77.86 -77.34 -17.76
N GLU G 3377 -77.88 -77.40 -19.09
CA GLU G 3377 -77.71 -76.20 -19.91
C GLU G 3377 -78.89 -75.27 -19.75
N GLN G 3378 -80.08 -75.82 -19.52
CA GLN G 3378 -81.23 -75.02 -19.11
C GLN G 3378 -80.93 -74.26 -17.83
N LEU G 3379 -80.33 -74.95 -16.86
CA LEU G 3379 -79.94 -74.30 -15.61
C LEU G 3379 -78.92 -73.19 -15.84
N ARG G 3380 -77.93 -73.42 -16.71
CA ARG G 3380 -77.01 -72.33 -17.04
C ARG G 3380 -77.71 -71.17 -17.74
N LEU G 3381 -78.59 -71.45 -18.70
CA LEU G 3381 -79.17 -70.35 -19.47
C LEU G 3381 -80.08 -69.50 -18.59
N GLU G 3382 -80.79 -70.12 -17.65
CA GLU G 3382 -81.49 -69.36 -16.62
C GLU G 3382 -81.24 -70.01 -15.27
N ALA G 3383 -80.68 -69.24 -14.34
CA ALA G 3383 -80.39 -69.70 -13.00
C ALA G 3383 -81.11 -68.80 -12.00
N LYS G 3384 -82.32 -69.20 -11.61
CA LYS G 3384 -83.15 -68.38 -10.75
C LYS G 3384 -83.66 -69.24 -9.60
N ALA G 3385 -84.52 -68.65 -8.78
CA ALA G 3385 -85.04 -69.34 -7.60
C ALA G 3385 -85.85 -70.58 -7.99
N GLU G 3386 -86.71 -70.46 -8.99
CA GLU G 3386 -87.54 -71.60 -9.39
C GLU G 3386 -86.72 -72.65 -10.12
N ALA G 3387 -85.60 -72.25 -10.71
CA ALA G 3387 -84.70 -73.24 -11.30
C ALA G 3387 -83.93 -73.98 -10.23
N GLU G 3388 -83.50 -73.27 -9.18
CA GLU G 3388 -82.83 -73.92 -8.06
C GLU G 3388 -83.76 -74.87 -7.33
N GLU G 3389 -85.00 -74.45 -7.10
CA GLU G 3389 -85.99 -75.33 -6.51
C GLU G 3389 -86.40 -76.40 -7.51
N GLY G 3390 -86.58 -77.63 -7.02
CA GLY G 3390 -86.85 -78.75 -7.90
C GLY G 3390 -85.64 -79.29 -8.63
N GLU G 3391 -84.44 -78.79 -8.32
CA GLU G 3391 -83.23 -79.32 -8.94
C GLU G 3391 -83.03 -80.79 -8.58
N LEU G 3392 -83.45 -81.19 -7.38
CA LEU G 3392 -83.32 -82.60 -7.00
C LEU G 3392 -84.07 -83.51 -7.96
N LEU G 3393 -85.13 -82.99 -8.60
CA LEU G 3393 -85.88 -83.78 -9.56
C LEU G 3393 -85.02 -84.14 -10.78
N VAL G 3394 -84.24 -83.18 -11.28
CA VAL G 3394 -83.33 -83.50 -12.38
C VAL G 3394 -82.08 -84.18 -11.86
N ARG G 3395 -81.74 -83.94 -10.58
CA ARG G 3395 -80.75 -84.79 -9.92
C ARG G 3395 -81.24 -86.22 -9.84
N ASP G 3396 -82.54 -86.43 -9.63
CA ASP G 3396 -83.08 -87.78 -9.67
C ASP G 3396 -82.85 -88.42 -11.03
N GLU G 3397 -82.94 -87.64 -12.10
CA GLU G 3397 -82.53 -88.13 -13.42
C GLU G 3397 -81.04 -88.43 -13.45
N PHE G 3398 -80.23 -87.59 -12.80
CA PHE G 3398 -78.82 -87.93 -12.61
C PHE G 3398 -78.67 -89.13 -11.68
N SER G 3399 -79.52 -89.21 -10.64
CA SER G 3399 -79.38 -90.28 -9.65
C SER G 3399 -79.58 -91.65 -10.28
N VAL G 3400 -80.61 -91.78 -11.13
CA VAL G 3400 -80.76 -93.03 -11.89
C VAL G 3400 -79.62 -93.17 -12.90
N LEU G 3401 -79.17 -92.06 -13.47
CA LEU G 3401 -78.00 -92.09 -14.32
C LEU G 3401 -76.77 -92.48 -13.51
N CYS G 3402 -76.66 -91.99 -12.28
CA CYS G 3402 -75.57 -92.40 -11.40
C CYS G 3402 -75.59 -93.90 -11.17
N ARG G 3403 -76.74 -94.42 -10.74
CA ARG G 3403 -76.96 -95.87 -10.68
C ARG G 3403 -76.43 -96.58 -11.91
N ASP G 3404 -76.99 -96.27 -13.07
CA ASP G 3404 -76.71 -97.04 -14.28
C ASP G 3404 -75.23 -96.93 -14.67
N LEU G 3405 -74.68 -95.72 -14.58
CA LEU G 3405 -73.32 -95.47 -15.04
C LEU G 3405 -72.30 -96.15 -14.13
N TYR G 3406 -72.48 -96.00 -12.82
CA TYR G 3406 -71.58 -96.64 -11.86
C TYR G 3406 -71.66 -98.17 -11.97
N ALA G 3407 -72.87 -98.71 -12.16
CA ALA G 3407 -73.00 -100.16 -12.26
C ALA G 3407 -72.48 -100.67 -13.60
N LEU G 3408 -72.41 -99.79 -14.61
CA LEU G 3408 -72.10 -100.24 -15.95
C LEU G 3408 -70.62 -100.12 -16.28
N TYR G 3409 -69.92 -99.17 -15.66
CA TYR G 3409 -68.47 -99.09 -15.92
C TYR G 3409 -67.66 -100.34 -15.59
N PRO G 3410 -67.79 -101.00 -14.44
CA PRO G 3410 -66.96 -102.20 -14.24
C PRO G 3410 -67.18 -103.25 -15.32
N LEU G 3411 -68.43 -103.43 -15.74
CA LEU G 3411 -68.75 -104.31 -16.85
C LEU G 3411 -67.92 -103.99 -18.08
N LEU G 3412 -68.07 -102.76 -18.59
CA LEU G 3412 -67.41 -102.37 -19.84
C LEU G 3412 -65.90 -102.38 -19.69
N ILE G 3413 -65.38 -101.91 -18.55
CA ILE G 3413 -63.94 -101.91 -18.32
C ILE G 3413 -63.38 -103.33 -18.46
N ARG G 3414 -63.86 -104.24 -17.61
CA ARG G 3414 -63.35 -105.61 -17.65
C ARG G 3414 -63.52 -106.23 -19.03
N TYR G 3415 -64.68 -105.99 -19.66
CA TYR G 3415 -65.01 -106.70 -20.88
C TYR G 3415 -64.19 -106.16 -22.05
N VAL G 3416 -63.82 -104.88 -21.99
CA VAL G 3416 -62.97 -104.28 -23.01
C VAL G 3416 -61.52 -104.73 -22.82
N ASP G 3417 -61.10 -104.91 -21.56
CA ASP G 3417 -59.72 -105.35 -21.32
C ASP G 3417 -59.37 -106.60 -22.13
N ASN G 3418 -60.29 -107.56 -22.22
CA ASN G 3418 -60.09 -108.69 -23.10
C ASN G 3418 -60.10 -108.26 -24.56
N ASN G 3419 -60.99 -107.33 -24.91
CA ASN G 3419 -61.11 -106.91 -26.31
C ASN G 3419 -60.07 -105.86 -26.66
N ARG G 3420 -59.30 -105.41 -25.67
CA ARG G 3420 -58.34 -104.33 -25.90
C ARG G 3420 -57.28 -104.73 -26.92
N ALA G 3421 -56.79 -105.96 -26.85
CA ALA G 3421 -55.68 -106.36 -27.71
C ALA G 3421 -56.05 -106.29 -29.19
N HIS G 3422 -57.25 -106.76 -29.55
CA HIS G 3422 -57.64 -106.75 -30.95
CA HIS G 3422 -57.67 -106.76 -30.95
C HIS G 3422 -57.99 -105.34 -31.42
N TRP G 3423 -58.58 -104.53 -30.55
CA TRP G 3423 -58.88 -103.14 -30.92
C TRP G 3423 -57.59 -102.36 -31.13
N LEU G 3424 -56.59 -102.59 -30.29
CA LEU G 3424 -55.27 -102.04 -30.55
C LEU G 3424 -54.68 -102.64 -31.82
N THR G 3425 -54.93 -103.92 -32.07
CA THR G 3425 -54.43 -104.56 -33.29
C THR G 3425 -55.09 -103.98 -34.53
N GLU G 3426 -56.41 -103.88 -34.53
CA GLU G 3426 -57.16 -103.41 -35.69
C GLU G 3426 -58.28 -102.45 -35.24
N PRO G 3427 -58.32 -101.24 -35.79
CA PRO G 3427 -59.42 -100.33 -35.46
C PRO G 3427 -60.76 -100.88 -35.92
N ASN G 3428 -61.71 -100.93 -34.99
CA ASN G 3428 -63.05 -101.47 -35.24
C ASN G 3428 -64.07 -100.33 -35.14
N ALA G 3429 -64.77 -100.07 -36.25
CA ALA G 3429 -65.62 -98.89 -36.36
C ALA G 3429 -66.59 -98.80 -35.19
N ASN G 3430 -67.13 -99.94 -34.74
CA ASN G 3430 -67.96 -99.94 -33.55
C ASN G 3430 -67.17 -99.47 -32.33
N ALA G 3431 -65.90 -99.89 -32.24
CA ALA G 3431 -65.07 -99.46 -31.12
C ALA G 3431 -64.86 -97.96 -31.12
N GLU G 3432 -64.61 -97.36 -32.29
CA GLU G 3432 -64.45 -95.90 -32.29
C GLU G 3432 -65.76 -95.17 -32.05
N GLU G 3433 -66.88 -95.72 -32.52
CA GLU G 3433 -68.15 -95.07 -32.20
C GLU G 3433 -68.37 -95.06 -30.69
N LEU G 3434 -68.17 -96.20 -30.05
CA LEU G 3434 -68.19 -96.28 -28.60
C LEU G 3434 -67.24 -95.25 -28.00
N PHE G 3435 -66.03 -95.13 -28.55
CA PHE G 3435 -65.06 -94.16 -28.07
C PHE G 3435 -65.61 -92.74 -28.08
N ARG G 3436 -66.06 -92.27 -29.25
CA ARG G 3436 -66.51 -90.87 -29.35
C ARG G 3436 -67.64 -90.60 -28.37
N MET G 3437 -68.59 -91.53 -28.26
CA MET G 3437 -69.78 -91.27 -27.46
C MET G 3437 -69.54 -91.41 -25.96
N VAL G 3438 -68.69 -92.36 -25.54
CA VAL G 3438 -68.34 -92.43 -24.12
C VAL G 3438 -67.43 -91.28 -23.74
N GLY G 3439 -66.65 -90.77 -24.69
CA GLY G 3439 -65.90 -89.55 -24.47
C GLY G 3439 -66.81 -88.35 -24.31
N GLU G 3440 -67.89 -88.30 -25.09
CA GLU G 3440 -68.90 -87.27 -24.88
C GLU G 3440 -69.52 -87.38 -23.49
N ILE G 3441 -69.77 -88.60 -23.03
CA ILE G 3441 -70.31 -88.79 -21.68
C ILE G 3441 -69.32 -88.27 -20.63
N PHE G 3442 -68.02 -88.57 -20.81
CA PHE G 3442 -67.02 -88.07 -19.87
C PHE G 3442 -66.92 -86.54 -19.92
N ILE G 3443 -67.07 -85.96 -21.11
CA ILE G 3443 -67.07 -84.51 -21.24
C ILE G 3443 -68.24 -83.91 -20.48
N TYR G 3444 -69.41 -84.55 -20.57
CA TYR G 3444 -70.56 -84.10 -19.80
C TYR G 3444 -70.30 -84.22 -18.30
N TRP G 3445 -69.66 -85.30 -17.88
CA TRP G 3445 -69.24 -85.44 -16.48
C TRP G 3445 -68.37 -84.28 -16.04
N SER G 3446 -67.35 -83.95 -16.85
CA SER G 3446 -66.45 -82.87 -16.48
C SER G 3446 -67.17 -81.53 -16.44
N LYS G 3447 -68.09 -81.31 -17.38
CA LYS G 3447 -68.87 -80.07 -17.39
C LYS G 3447 -69.73 -79.94 -16.15
N SER G 3448 -70.54 -80.97 -15.85
CA SER G 3448 -71.53 -80.92 -14.79
C SER G 3448 -70.84 -81.20 -13.46
N HIS G 3449 -70.45 -80.15 -12.75
CA HIS G 3449 -69.96 -80.33 -11.38
C HIS G 3449 -71.05 -80.90 -10.49
N ASN G 3450 -72.31 -80.60 -10.80
CA ASN G 3450 -73.44 -81.21 -10.10
C ASN G 3450 -73.33 -82.72 -10.09
N PHE G 3451 -73.03 -83.32 -11.25
CA PHE G 3451 -72.99 -84.77 -11.35
C PHE G 3451 -71.87 -85.35 -10.50
N LYS G 3452 -70.73 -84.65 -10.42
CA LYS G 3452 -69.58 -85.18 -9.68
C LYS G 3452 -69.89 -85.30 -8.19
N ARG G 3453 -70.35 -84.23 -7.55
CA ARG G 3453 -70.56 -84.30 -6.11
C ARG G 3453 -71.88 -85.02 -5.80
N GLU G 3454 -72.78 -85.12 -6.78
CA GLU G 3454 -73.92 -86.01 -6.59
C GLU G 3454 -73.49 -87.48 -6.64
N GLU G 3455 -72.50 -87.79 -7.48
CA GLU G 3455 -71.87 -89.10 -7.44
C GLU G 3455 -71.29 -89.36 -6.07
N GLN G 3456 -70.55 -88.39 -5.54
CA GLN G 3456 -70.03 -88.49 -4.18
C GLN G 3456 -71.17 -88.75 -3.19
N ASN G 3457 -72.29 -88.05 -3.37
CA ASN G 3457 -73.43 -88.19 -2.46
C ASN G 3457 -73.98 -89.60 -2.47
N PHE G 3458 -74.23 -90.19 -3.64
CA PHE G 3458 -74.89 -91.50 -3.60
C PHE G 3458 -73.89 -92.55 -3.16
N VAL G 3459 -72.61 -92.38 -3.51
CA VAL G 3459 -71.60 -93.32 -3.05
C VAL G 3459 -71.50 -93.31 -1.53
N VAL G 3460 -71.47 -92.13 -0.91
CA VAL G 3460 -71.32 -92.07 0.54
C VAL G 3460 -72.59 -92.56 1.23
N GLN G 3461 -73.77 -92.25 0.67
CA GLN G 3461 -75.00 -92.69 1.32
C GLN G 3461 -75.19 -94.20 1.18
N ASN G 3462 -74.67 -94.79 0.11
CA ASN G 3462 -74.70 -96.24 -0.03
C ASN G 3462 -73.57 -96.87 0.77
N GLU G 3463 -72.58 -96.07 1.19
CA GLU G 3463 -71.38 -96.50 1.90
C GLU G 3463 -70.61 -97.53 1.10
N ILE G 3464 -70.80 -97.59 -0.21
CA ILE G 3464 -70.04 -98.54 -1.03
C ILE G 3464 -68.58 -98.15 -1.05
N ASN G 3465 -67.72 -99.10 -0.66
CA ASN G 3465 -66.30 -98.80 -0.55
C ASN G 3465 -65.66 -98.65 -1.94
N ASN G 3466 -66.15 -99.42 -2.92
CA ASN G 3466 -65.76 -99.32 -4.33
C ASN G 3466 -64.34 -99.84 -4.53
N MET G 3467 -63.65 -100.12 -3.42
CA MET G 3467 -62.33 -100.73 -3.51
C MET G 3467 -62.41 -102.14 -4.06
N SER G 3468 -63.52 -102.84 -3.78
CA SER G 3468 -63.72 -104.16 -4.36
C SER G 3468 -63.82 -104.10 -5.87
N PHE G 3469 -64.60 -103.15 -6.39
CA PHE G 3469 -64.72 -103.00 -7.84
C PHE G 3469 -63.41 -102.54 -8.46
N LEU G 3470 -62.68 -101.66 -7.77
CA LEU G 3470 -61.38 -101.22 -8.28
C LEU G 3470 -60.38 -102.38 -8.34
N THR G 3471 -60.32 -103.19 -7.29
CA THR G 3471 -59.36 -104.30 -7.26
C THR G 3471 -59.86 -105.48 -8.08
N ALA G 3472 -61.11 -105.44 -8.55
CA ALA G 3472 -61.57 -106.45 -9.48
C ALA G 3472 -60.69 -106.49 -10.73
N ASP G 3473 -60.03 -105.37 -11.04
CA ASP G 3473 -58.99 -105.36 -12.05
C ASP G 3473 -57.82 -106.26 -11.65
N SER G 3474 -57.62 -106.45 -10.35
CA SER G 3474 -56.50 -107.27 -9.89
C SER G 3474 -56.91 -108.72 -9.68
N LYS G 3475 -58.21 -108.96 -9.47
CA LYS G 3475 -58.69 -110.33 -9.36
C LYS G 3475 -58.69 -111.03 -10.72
N SER G 3476 -59.07 -110.30 -11.78
CA SER G 3476 -59.11 -110.90 -13.11
C SER G 3476 -57.72 -111.30 -13.58
N LYS G 3477 -56.74 -110.41 -13.37
CA LYS G 3477 -55.38 -110.70 -13.81
C LYS G 3477 -54.68 -111.66 -12.84
N MET G 3478 -55.17 -111.75 -11.61
CA MET G 3478 -54.47 -112.43 -10.52
C MET G 3478 -53.06 -111.84 -10.37
N ALA G 3479 -53.01 -110.60 -9.90
CA ALA G 3479 -51.75 -109.86 -9.83
C ALA G 3479 -51.67 -109.08 -8.52
N ARG G 3498 -63.19 -94.32 5.98
CA ARG G 3498 -62.20 -93.47 5.33
C ARG G 3498 -62.70 -93.01 3.95
N ARG G 3499 -63.01 -91.72 3.85
CA ARG G 3499 -63.52 -91.18 2.58
C ARG G 3499 -62.48 -91.27 1.47
N GLY G 3500 -61.21 -91.05 1.80
CA GLY G 3500 -60.16 -91.17 0.80
C GLY G 3500 -60.04 -92.57 0.26
N ASP G 3501 -60.10 -93.58 1.14
CA ASP G 3501 -60.06 -94.96 0.69
C ASP G 3501 -61.31 -95.32 -0.11
N ARG G 3502 -62.48 -94.84 0.32
CA ARG G 3502 -63.71 -95.13 -0.40
C ARG G 3502 -63.67 -94.56 -1.82
N TYR G 3503 -63.45 -93.25 -1.95
CA TYR G 3503 -63.36 -92.62 -3.25
C TYR G 3503 -62.21 -91.62 -3.25
N SER G 3504 -61.47 -91.59 -4.36
CA SER G 3504 -60.59 -90.47 -4.69
C SER G 3504 -60.78 -90.17 -6.18
N VAL G 3505 -60.20 -89.06 -6.61
CA VAL G 3505 -60.32 -88.69 -8.02
C VAL G 3505 -59.66 -89.72 -8.91
N GLN G 3506 -58.58 -90.36 -8.43
CA GLN G 3506 -57.97 -91.45 -9.18
C GLN G 3506 -58.77 -92.74 -9.06
N THR G 3507 -59.50 -92.92 -7.95
CA THR G 3507 -60.23 -94.16 -7.74
C THR G 3507 -61.58 -94.16 -8.44
N SER G 3508 -61.92 -93.07 -9.12
CA SER G 3508 -63.21 -92.99 -9.80
C SER G 3508 -63.32 -94.05 -10.90
N LEU G 3509 -64.47 -94.73 -10.93
CA LEU G 3509 -64.76 -95.63 -12.04
C LEU G 3509 -64.80 -94.85 -13.35
N ILE G 3510 -65.17 -93.58 -13.29
CA ILE G 3510 -65.20 -92.74 -14.48
C ILE G 3510 -63.79 -92.48 -14.99
N VAL G 3511 -62.84 -92.23 -14.09
CA VAL G 3511 -61.48 -92.00 -14.55
C VAL G 3511 -60.81 -93.30 -14.95
N ALA G 3512 -61.28 -94.43 -14.41
CA ALA G 3512 -60.85 -95.72 -14.96
C ALA G 3512 -61.34 -95.90 -16.39
N THR G 3513 -62.60 -95.54 -16.64
CA THR G 3513 -63.13 -95.50 -18.00
C THR G 3513 -62.27 -94.59 -18.89
N LEU G 3514 -61.85 -93.45 -18.34
CA LEU G 3514 -60.95 -92.55 -19.06
C LEU G 3514 -59.61 -93.24 -19.38
N LYS G 3515 -59.06 -93.96 -18.41
CA LYS G 3515 -57.76 -94.60 -18.60
C LYS G 3515 -57.84 -95.74 -19.61
N LYS G 3516 -59.02 -96.32 -19.78
CA LYS G 3516 -59.14 -97.35 -20.79
C LYS G 3516 -59.51 -96.77 -22.16
N MET G 3517 -60.22 -95.63 -22.18
CA MET G 3517 -60.62 -95.05 -23.46
C MET G 3517 -59.46 -94.33 -24.12
N LEU G 3518 -58.53 -93.83 -23.32
CA LEU G 3518 -57.38 -93.11 -23.88
C LEU G 3518 -56.58 -93.95 -24.88
N PRO G 3519 -56.29 -95.24 -24.65
CA PRO G 3519 -55.66 -96.02 -25.74
C PRO G 3519 -56.48 -96.07 -27.03
N ILE G 3520 -57.82 -96.08 -26.93
CA ILE G 3520 -58.63 -96.10 -28.14
C ILE G 3520 -58.37 -94.86 -28.98
N GLY G 3521 -58.43 -93.68 -28.35
CA GLY G 3521 -58.13 -92.45 -29.08
C GLY G 3521 -56.69 -92.39 -29.56
N LEU G 3522 -55.78 -92.94 -28.77
CA LEU G 3522 -54.36 -92.79 -29.11
C LEU G 3522 -53.97 -93.68 -30.28
N ASN G 3523 -54.57 -94.87 -30.40
CA ASN G 3523 -54.35 -95.66 -31.60
C ASN G 3523 -55.24 -95.17 -32.74
N MET G 3524 -56.30 -94.44 -32.41
CA MET G 3524 -57.10 -93.79 -33.43
C MET G 3524 -56.30 -92.75 -34.19
N CYS G 3525 -55.61 -91.87 -33.46
CA CYS G 3525 -54.93 -90.75 -34.07
C CYS G 3525 -53.69 -91.19 -34.85
N ALA G 3526 -53.31 -90.38 -35.84
CA ALA G 3526 -52.06 -90.56 -36.55
C ALA G 3526 -50.97 -89.71 -35.93
N PRO G 3527 -49.71 -90.19 -35.97
CA PRO G 3527 -48.62 -89.41 -35.36
C PRO G 3527 -48.41 -88.04 -35.99
N THR G 3528 -48.63 -87.90 -37.30
CA THR G 3528 -48.48 -86.59 -37.93
C THR G 3528 -49.55 -85.63 -37.47
N ASP G 3529 -50.72 -86.15 -37.07
CA ASP G 3529 -51.80 -85.29 -36.62
C ASP G 3529 -51.56 -84.79 -35.19
N GLN G 3530 -50.50 -85.28 -34.54
CA GLN G 3530 -50.29 -84.97 -33.13
C GLN G 3530 -50.04 -83.48 -32.89
N ASP G 3531 -49.28 -82.83 -33.79
CA ASP G 3531 -49.04 -81.40 -33.63
C ASP G 3531 -50.34 -80.61 -33.70
N LEU G 3532 -51.20 -80.95 -34.66
CA LEU G 3532 -52.50 -80.28 -34.72
C LEU G 3532 -53.36 -80.67 -33.51
N ILE G 3533 -53.08 -81.83 -32.91
CA ILE G 3533 -53.78 -82.21 -31.69
C ILE G 3533 -53.42 -81.30 -30.53
N MET G 3534 -52.12 -81.01 -30.34
CA MET G 3534 -51.76 -80.05 -29.29
C MET G 3534 -52.24 -78.64 -29.65
N LEU G 3535 -52.31 -78.33 -30.95
CA LEU G 3535 -52.88 -77.05 -31.35
C LEU G 3535 -54.34 -76.96 -30.94
N ALA G 3536 -55.10 -78.06 -31.13
CA ALA G 3536 -56.49 -78.08 -30.68
C ALA G 3536 -56.59 -78.13 -29.17
N LYS G 3537 -55.55 -78.62 -28.49
CA LYS G 3537 -55.48 -78.50 -27.04
C LYS G 3537 -55.44 -77.03 -26.61
N THR G 3538 -54.52 -76.27 -27.20
CA THR G 3538 -54.48 -74.83 -26.94
C THR G 3538 -55.79 -74.18 -27.36
N ARG G 3539 -56.44 -74.72 -28.38
CA ARG G 3539 -57.72 -74.22 -28.83
C ARG G 3539 -58.80 -74.38 -27.77
N TYR G 3540 -58.96 -75.61 -27.25
CA TYR G 3540 -59.92 -75.84 -26.19
C TYR G 3540 -59.56 -75.08 -24.93
N ALA G 3541 -58.28 -74.76 -24.76
CA ALA G 3541 -57.89 -73.83 -23.70
C ALA G 3541 -58.41 -72.42 -24.00
N LEU G 3542 -58.43 -72.05 -25.29
CA LEU G 3542 -59.03 -70.78 -25.69
C LEU G 3542 -60.55 -70.85 -25.58
N LYS G 3543 -61.10 -72.05 -25.37
CA LYS G 3543 -62.53 -72.30 -25.17
C LYS G 3543 -63.34 -72.09 -26.44
N ASP G 3544 -62.79 -72.41 -27.60
CA ASP G 3544 -63.53 -72.27 -28.84
C ASP G 3544 -64.71 -73.23 -28.88
N THR G 3545 -65.83 -72.75 -29.41
CA THR G 3545 -67.03 -73.59 -29.50
C THR G 3545 -66.81 -74.74 -30.48
N ASP G 3546 -67.73 -75.71 -30.44
CA ASP G 3546 -67.58 -76.89 -31.29
C ASP G 3546 -67.63 -76.53 -32.77
N GLU G 3547 -68.55 -75.65 -33.16
CA GLU G 3547 -68.64 -75.29 -34.57
C GLU G 3547 -67.45 -74.43 -35.00
N GLU G 3548 -66.97 -73.59 -34.09
CA GLU G 3548 -65.77 -72.81 -34.37
C GLU G 3548 -64.56 -73.71 -34.58
N VAL G 3549 -64.42 -74.75 -33.75
CA VAL G 3549 -63.30 -75.66 -33.95
C VAL G 3549 -63.48 -76.44 -35.25
N ARG G 3550 -64.73 -76.78 -35.59
CA ARG G 3550 -64.99 -77.36 -36.90
C ARG G 3550 -64.41 -76.49 -38.01
N GLU G 3551 -64.81 -75.22 -38.08
CA GLU G 3551 -64.40 -74.40 -39.22
C GLU G 3551 -62.89 -74.12 -39.21
N PHE G 3552 -62.33 -73.86 -38.03
CA PHE G 3552 -60.90 -73.52 -38.02
C PHE G 3552 -60.05 -74.76 -38.29
N LEU G 3553 -60.57 -75.95 -37.98
CA LEU G 3553 -59.87 -77.15 -38.43
C LEU G 3553 -60.03 -77.33 -39.94
N GLN G 3554 -61.20 -76.96 -40.48
CA GLN G 3554 -61.37 -76.96 -41.93
C GLN G 3554 -60.30 -76.11 -42.61
N ASN G 3555 -59.95 -74.97 -42.02
CA ASN G 3555 -58.85 -74.20 -42.59
C ASN G 3555 -57.50 -74.74 -42.10
N ASN G 3556 -57.51 -75.60 -41.08
CA ASN G 3556 -56.26 -76.20 -40.60
C ASN G 3556 -55.87 -77.41 -41.44
N LEU G 3557 -56.73 -77.82 -42.39
CA LEU G 3557 -56.32 -78.87 -43.32
C LEU G 3557 -54.99 -78.55 -43.98
N HIS G 3558 -54.76 -77.29 -44.35
CA HIS G 3558 -53.49 -76.92 -44.98
C HIS G 3558 -52.38 -76.79 -43.93
N LEU G 3559 -52.74 -76.80 -42.65
CA LEU G 3559 -51.73 -76.65 -41.60
C LEU G 3559 -51.32 -78.00 -41.01
N GLN G 3560 -51.80 -79.09 -41.60
CA GLN G 3560 -51.50 -80.42 -41.06
C GLN G 3560 -50.00 -80.71 -41.14
N GLY G 3561 -49.52 -81.52 -40.21
CA GLY G 3561 -48.10 -81.78 -40.11
C GLY G 3561 -47.60 -82.71 -41.21
N LYS G 3562 -46.29 -82.93 -41.20
CA LYS G 3562 -45.61 -83.72 -42.21
C LYS G 3562 -44.84 -84.87 -41.56
N VAL G 3563 -44.13 -85.62 -42.39
CA VAL G 3563 -43.51 -86.85 -41.94
C VAL G 3563 -42.02 -86.67 -41.70
N GLU G 3564 -41.38 -85.77 -42.46
CA GLU G 3564 -39.92 -85.69 -42.43
C GLU G 3564 -39.44 -84.78 -41.32
N GLY G 3565 -40.35 -84.20 -40.55
CA GLY G 3565 -39.95 -83.30 -39.48
C GLY G 3565 -39.09 -83.97 -38.42
N SER G 3566 -39.45 -85.18 -38.03
CA SER G 3566 -38.67 -85.92 -37.05
C SER G 3566 -38.45 -87.34 -37.53
N PRO G 3567 -37.23 -87.88 -37.41
CA PRO G 3567 -37.02 -89.31 -37.73
C PRO G 3567 -37.87 -90.23 -36.87
N SER G 3568 -38.16 -89.83 -35.63
CA SER G 3568 -39.10 -90.59 -34.81
C SER G 3568 -40.47 -90.64 -35.48
N LEU G 3569 -40.95 -89.49 -35.95
CA LEU G 3569 -42.19 -89.47 -36.71
C LEU G 3569 -42.08 -90.33 -37.96
N ARG G 3570 -40.86 -90.51 -38.47
CA ARG G 3570 -40.70 -91.30 -39.69
C ARG G 3570 -40.91 -92.78 -39.44
N TRP G 3571 -40.38 -93.33 -38.34
CA TRP G 3571 -40.68 -94.72 -38.04
C TRP G 3571 -42.13 -94.87 -37.57
N GLN G 3572 -42.68 -93.83 -36.94
CA GLN G 3572 -44.11 -93.84 -36.64
C GLN G 3572 -44.93 -93.99 -37.91
N MET G 3573 -44.59 -93.23 -38.95
CA MET G 3573 -45.34 -93.34 -40.20
C MET G 3573 -45.03 -94.65 -40.92
N ALA G 3574 -43.82 -95.19 -40.76
CA ALA G 3574 -43.54 -96.52 -41.30
C ALA G 3574 -44.47 -97.56 -40.69
N LEU G 3575 -44.64 -97.52 -39.37
CA LEU G 3575 -45.60 -98.40 -38.71
C LEU G 3575 -47.02 -98.09 -39.17
N TYR G 3576 -47.35 -96.81 -39.38
CA TYR G 3576 -48.68 -96.42 -39.81
C TYR G 3576 -49.00 -96.98 -41.20
N ARG G 3577 -48.02 -96.92 -42.11
CA ARG G 3577 -48.18 -97.52 -43.43
C ARG G 3577 -48.34 -99.03 -43.32
N GLY G 3578 -47.51 -99.66 -42.47
CA GLY G 3578 -47.53 -101.12 -42.40
C GLY G 3578 -48.79 -101.68 -41.78
N LEU G 3579 -49.38 -100.95 -40.83
CA LEU G 3579 -50.55 -101.47 -40.14
C LEU G 3579 -51.76 -101.45 -41.06
N PRO G 3580 -52.49 -102.56 -41.20
CA PRO G 3580 -53.64 -102.58 -42.12
C PRO G 3580 -54.81 -101.73 -41.68
N GLY G 3581 -54.82 -101.29 -40.42
CA GLY G 3581 -55.99 -100.58 -39.90
C GLY G 3581 -56.28 -99.29 -40.64
N ARG G 3582 -55.24 -98.53 -40.98
CA ARG G 3582 -55.39 -97.22 -41.61
C ARG G 3582 -54.92 -97.29 -43.05
N GLU G 3583 -55.76 -96.81 -43.96
CA GLU G 3583 -55.42 -96.70 -45.38
C GLU G 3583 -55.40 -95.22 -45.76
N GLU G 3584 -54.36 -94.83 -46.51
CA GLU G 3584 -54.23 -93.42 -46.90
C GLU G 3584 -55.39 -92.97 -47.77
N ASP G 3585 -55.82 -93.80 -48.71
CA ASP G 3585 -56.96 -93.45 -49.55
C ASP G 3585 -58.24 -93.40 -48.73
N ALA G 3586 -58.39 -94.32 -47.76
CA ALA G 3586 -59.57 -94.32 -46.92
C ALA G 3586 -59.61 -93.08 -46.02
N ASP G 3587 -58.45 -92.54 -45.66
CA ASP G 3587 -58.41 -91.37 -44.80
C ASP G 3587 -59.08 -90.18 -45.47
N ASP G 3588 -59.98 -89.53 -44.73
CA ASP G 3588 -60.74 -88.39 -45.20
C ASP G 3588 -60.51 -87.20 -44.29
N PRO G 3589 -60.38 -85.98 -44.84
CA PRO G 3589 -60.09 -84.83 -43.97
C PRO G 3589 -61.14 -84.58 -42.90
N GLU G 3590 -62.42 -84.81 -43.19
CA GLU G 3590 -63.47 -84.55 -42.21
C GLU G 3590 -63.37 -85.52 -41.04
N LYS G 3591 -63.12 -86.80 -41.30
CA LYS G 3591 -62.98 -87.73 -40.19
C LYS G 3591 -61.70 -87.43 -39.42
N ILE G 3592 -60.64 -87.01 -40.11
CA ILE G 3592 -59.43 -86.56 -39.44
C ILE G 3592 -59.76 -85.44 -38.46
N VAL G 3593 -60.50 -84.43 -38.92
CA VAL G 3593 -60.68 -83.24 -38.09
C VAL G 3593 -61.57 -83.52 -36.89
N ARG G 3594 -62.67 -84.28 -37.06
CA ARG G 3594 -63.47 -84.47 -35.85
C ARG G 3594 -62.80 -85.47 -34.92
N ARG G 3595 -62.03 -86.42 -35.47
CA ARG G 3595 -61.20 -87.26 -34.62
C ARG G 3595 -60.26 -86.43 -33.76
N VAL G 3596 -59.52 -85.50 -34.38
CA VAL G 3596 -58.51 -84.76 -33.63
C VAL G 3596 -59.17 -83.83 -32.63
N GLN G 3597 -60.31 -83.21 -32.99
CA GLN G 3597 -60.96 -82.33 -32.03
C GLN G 3597 -61.53 -83.10 -30.85
N GLU G 3598 -62.09 -84.30 -31.11
CA GLU G 3598 -62.60 -85.11 -30.00
C GLU G 3598 -61.48 -85.58 -29.09
N VAL G 3599 -60.36 -86.03 -29.66
CA VAL G 3599 -59.28 -86.52 -28.82
C VAL G 3599 -58.63 -85.36 -28.06
N SER G 3600 -58.60 -84.17 -28.66
CA SER G 3600 -58.09 -83.00 -27.96
C SER G 3600 -59.01 -82.62 -26.80
N ALA G 3601 -60.33 -82.74 -27.01
CA ALA G 3601 -61.25 -82.52 -25.90
C ALA G 3601 -60.99 -83.51 -24.77
N VAL G 3602 -60.90 -84.79 -25.09
CA VAL G 3602 -60.63 -85.81 -24.08
C VAL G 3602 -59.30 -85.52 -23.39
N LEU G 3603 -58.30 -85.07 -24.14
CA LEU G 3603 -56.98 -84.84 -23.58
C LEU G 3603 -56.95 -83.64 -22.65
N TYR G 3604 -57.67 -82.56 -22.97
CA TYR G 3604 -57.63 -81.42 -22.07
C TYR G 3604 -58.45 -81.72 -20.81
N HIS G 3605 -59.54 -82.49 -20.96
CA HIS G 3605 -60.24 -82.94 -19.76
C HIS G 3605 -59.34 -83.80 -18.89
N LEU G 3606 -58.56 -84.68 -19.52
CA LEU G 3606 -57.49 -85.39 -18.82
C LEU G 3606 -56.53 -84.43 -18.14
N GLU G 3607 -56.26 -83.30 -18.78
CA GLU G 3607 -55.36 -82.31 -18.18
C GLU G 3607 -55.94 -81.74 -16.89
N GLN G 3608 -57.22 -81.36 -16.90
CA GLN G 3608 -57.80 -80.85 -15.66
C GLN G 3608 -57.87 -81.94 -14.59
N THR G 3609 -58.11 -83.19 -14.99
CA THR G 3609 -58.07 -84.27 -14.02
C THR G 3609 -56.67 -84.43 -13.42
N GLU G 3610 -55.63 -84.33 -14.25
CA GLU G 3610 -54.27 -84.46 -13.77
C GLU G 3610 -53.91 -83.32 -12.82
N HIS G 3611 -54.31 -82.09 -13.15
CA HIS G 3611 -53.99 -80.91 -12.35
C HIS G 3611 -55.28 -80.19 -11.97
N PRO G 3612 -55.98 -80.68 -10.94
CA PRO G 3612 -57.20 -79.99 -10.50
C PRO G 3612 -56.92 -78.71 -9.72
N TYR G 3613 -55.71 -78.55 -9.19
CA TYR G 3613 -55.36 -77.43 -8.31
C TYR G 3613 -56.31 -77.30 -7.13
N LYS G 3614 -56.61 -78.41 -6.45
CA LYS G 3614 -57.48 -78.35 -5.28
C LYS G 3614 -56.71 -77.88 -4.05
N SER G 3615 -55.42 -78.18 -3.98
CA SER G 3615 -54.65 -77.90 -2.76
C SER G 3615 -54.02 -76.52 -2.82
N LYS G 3616 -53.83 -75.92 -1.64
CA LYS G 3616 -53.16 -74.66 -1.36
C LYS G 3616 -53.92 -73.43 -1.83
N LYS G 3617 -55.06 -73.57 -2.50
CA LYS G 3617 -55.91 -72.41 -2.75
C LYS G 3617 -56.79 -72.11 -1.55
N ALA G 3618 -57.04 -73.11 -0.70
CA ALA G 3618 -57.84 -72.95 0.50
C ALA G 3618 -57.08 -73.59 1.67
N VAL G 3619 -56.34 -72.75 2.40
CA VAL G 3619 -55.58 -73.25 3.55
C VAL G 3619 -56.18 -72.68 4.83
N TRP G 3620 -55.98 -73.40 5.94
CA TRP G 3620 -56.54 -73.03 7.24
C TRP G 3620 -55.48 -73.26 8.32
N HIS G 3621 -55.17 -72.21 9.08
CA HIS G 3621 -54.20 -72.34 10.16
C HIS G 3621 -54.87 -72.22 11.52
N LYS G 3622 -55.97 -71.49 11.59
CA LYS G 3622 -56.82 -71.37 12.80
C LYS G 3622 -55.99 -71.07 14.05
N LEU G 3623 -54.89 -70.32 13.87
CA LEU G 3623 -54.00 -70.02 14.99
C LEU G 3623 -54.68 -69.12 16.02
N LEU G 3624 -55.46 -68.14 15.55
CA LEU G 3624 -56.18 -67.28 16.48
C LEU G 3624 -57.32 -68.03 17.17
N SER G 3625 -57.95 -68.97 16.45
CA SER G 3625 -58.97 -69.79 17.08
C SER G 3625 -58.36 -70.70 18.12
N LYS G 3626 -57.08 -71.06 17.96
CA LYS G 3626 -56.42 -71.84 19.00
C LYS G 3626 -56.40 -71.08 20.32
N GLN G 3627 -56.21 -69.77 20.28
CA GLN G 3627 -56.28 -68.96 21.49
C GLN G 3627 -57.72 -68.78 21.95
N ARG G 3628 -58.64 -68.56 21.00
CA ARG G 3628 -60.01 -68.20 21.35
C ARG G 3628 -60.98 -69.36 21.36
N ARG G 3629 -60.49 -70.61 21.47
CA ARG G 3629 -61.39 -71.73 21.70
C ARG G 3629 -62.18 -71.54 22.99
N ARG G 3630 -61.51 -71.08 24.05
CA ARG G 3630 -62.20 -70.83 25.30
C ARG G 3630 -63.24 -69.74 25.14
N ALA G 3631 -63.00 -68.77 24.24
CA ALA G 3631 -63.99 -67.72 23.99
C ALA G 3631 -65.19 -68.27 23.22
N VAL G 3632 -64.95 -69.12 22.23
CA VAL G 3632 -66.06 -69.64 21.43
C VAL G 3632 -66.83 -70.70 22.23
N VAL G 3633 -66.26 -71.16 23.34
CA VAL G 3633 -67.06 -71.93 24.30
C VAL G 3633 -67.76 -71.00 25.28
N ALA G 3634 -67.11 -69.90 25.66
CA ALA G 3634 -67.71 -68.96 26.58
C ALA G 3634 -68.95 -68.32 25.98
N CYS G 3635 -69.02 -68.28 24.65
CA CYS G 3635 -70.20 -67.70 24.00
C CYS G 3635 -71.48 -68.38 24.47
N PHE G 3636 -71.45 -69.71 24.64
CA PHE G 3636 -72.57 -70.39 25.29
C PHE G 3636 -72.43 -70.42 26.80
N ARG G 3637 -71.18 -70.41 27.30
CA ARG G 3637 -70.94 -70.58 28.72
C ARG G 3637 -71.52 -69.47 29.57
N MET G 3638 -71.51 -68.22 29.06
CA MET G 3638 -71.83 -67.05 29.87
C MET G 3638 -73.15 -67.22 30.63
N THR G 3639 -73.14 -66.77 31.87
CA THR G 3639 -74.38 -66.67 32.62
C THR G 3639 -75.22 -65.53 32.04
N PRO G 3640 -76.42 -65.81 31.55
CA PRO G 3640 -77.26 -64.74 30.99
C PRO G 3640 -77.55 -63.69 32.05
N LEU G 3641 -77.67 -62.43 31.60
CA LEU G 3641 -77.66 -61.30 32.53
C LEU G 3641 -78.74 -61.44 33.60
N TYR G 3642 -79.87 -62.09 33.27
CA TYR G 3642 -80.90 -62.29 34.27
C TYR G 3642 -80.49 -63.30 35.32
N ASN G 3643 -79.74 -64.33 34.93
CA ASN G 3643 -79.22 -65.28 35.91
C ASN G 3643 -77.96 -64.75 36.58
N LEU G 3644 -77.38 -63.69 36.03
CA LEU G 3644 -76.13 -63.16 36.53
C LEU G 3644 -76.35 -62.49 37.88
N PRO G 3645 -75.39 -62.55 38.80
CA PRO G 3645 -75.58 -61.91 40.11
C PRO G 3645 -75.87 -60.41 39.97
N THR G 3646 -76.75 -59.93 40.84
CA THR G 3646 -77.32 -58.60 40.65
C THR G 3646 -76.33 -57.49 40.97
N HIS G 3647 -75.48 -57.69 41.99
CA HIS G 3647 -74.56 -56.62 42.39
C HIS G 3647 -73.49 -56.39 41.33
N ARG G 3648 -72.89 -57.46 40.82
CA ARG G 3648 -71.88 -57.31 39.78
C ARG G 3648 -72.50 -56.77 38.49
N ALA G 3649 -73.74 -57.18 38.20
CA ALA G 3649 -74.46 -56.62 37.05
C ALA G 3649 -74.72 -55.13 37.23
N CYS G 3650 -75.04 -54.70 38.45
CA CYS G 3650 -75.26 -53.28 38.69
C CYS G 3650 -73.97 -52.49 38.58
N ASN G 3651 -72.85 -53.08 39.01
CA ASN G 3651 -71.56 -52.41 38.78
C ASN G 3651 -71.30 -52.27 37.28
N MET G 3652 -71.51 -53.36 36.54
CA MET G 3652 -71.39 -53.34 35.09
C MET G 3652 -72.22 -52.22 34.49
N PHE G 3653 -73.50 -52.14 34.88
CA PHE G 3653 -74.41 -51.15 34.30
C PHE G 3653 -74.04 -49.74 34.72
N LEU G 3654 -73.54 -49.57 35.95
CA LEU G 3654 -73.11 -48.24 36.38
C LEU G 3654 -71.96 -47.74 35.54
N GLU G 3655 -70.96 -48.60 35.30
CA GLU G 3655 -69.86 -48.22 34.42
C GLU G 3655 -70.36 -47.92 33.01
N SER G 3656 -71.27 -48.76 32.50
CA SER G 3656 -71.78 -48.57 31.14
C SER G 3656 -72.53 -47.25 31.02
N TYR G 3657 -73.42 -46.95 31.98
CA TYR G 3657 -74.18 -45.71 31.93
C TYR G 3657 -73.26 -44.51 32.08
N LYS G 3658 -72.29 -44.58 32.99
CA LYS G 3658 -71.26 -43.55 33.06
C LYS G 3658 -70.69 -43.26 31.67
N ALA G 3659 -70.08 -44.27 31.06
CA ALA G 3659 -69.38 -44.06 29.79
C ALA G 3659 -70.32 -43.57 28.69
N ALA G 3660 -71.55 -44.08 28.66
CA ALA G 3660 -72.41 -43.83 27.52
C ALA G 3660 -73.22 -42.55 27.66
N TRP G 3661 -73.38 -42.04 28.89
CA TRP G 3661 -74.24 -40.88 29.12
C TRP G 3661 -73.51 -39.69 29.71
N ILE G 3662 -72.72 -39.89 30.77
CA ILE G 3662 -72.14 -38.73 31.46
C ILE G 3662 -71.09 -38.07 30.58
N LEU G 3663 -70.26 -38.87 29.91
CA LEU G 3663 -69.29 -38.32 28.97
C LEU G 3663 -69.98 -37.65 27.78
N THR G 3664 -71.03 -38.28 27.25
CA THR G 3664 -71.68 -37.77 26.04
C THR G 3664 -72.50 -36.52 26.34
N GLU G 3665 -72.86 -36.31 27.60
CA GLU G 3665 -73.60 -35.10 27.95
C GLU G 3665 -72.65 -33.90 27.95
N ASP G 3666 -72.99 -32.89 27.16
CA ASP G 3666 -72.15 -31.71 26.98
C ASP G 3666 -72.66 -30.61 27.89
N HIS G 3667 -71.76 -30.07 28.72
CA HIS G 3667 -72.09 -29.06 29.70
C HIS G 3667 -71.18 -27.86 29.50
N SER G 3668 -71.77 -26.73 29.09
CA SER G 3668 -71.03 -25.51 28.79
C SER G 3668 -71.29 -24.51 29.91
N PHE G 3669 -70.25 -24.25 30.71
CA PHE G 3669 -70.37 -23.40 31.90
C PHE G 3669 -69.23 -22.40 32.04
N GLU G 3670 -68.13 -22.56 31.31
CA GLU G 3670 -66.95 -21.75 31.54
C GLU G 3670 -67.18 -20.28 31.19
N ASP G 3671 -67.84 -20.02 30.06
CA ASP G 3671 -68.12 -18.64 29.66
C ASP G 3671 -68.94 -17.92 30.71
N ARG G 3672 -70.02 -18.56 31.19
CA ARG G 3672 -70.89 -17.91 32.16
C ARG G 3672 -70.20 -17.76 33.50
N MET G 3673 -69.43 -18.77 33.92
CA MET G 3673 -68.62 -18.63 35.12
C MET G 3673 -67.72 -17.40 35.03
N ILE G 3674 -67.00 -17.27 33.92
CA ILE G 3674 -65.99 -16.23 33.80
C ILE G 3674 -66.64 -14.85 33.72
N ASP G 3675 -67.76 -14.74 33.00
CA ASP G 3675 -68.39 -13.42 32.88
C ASP G 3675 -69.03 -13.00 34.20
N ASP G 3676 -69.63 -13.95 34.93
CA ASP G 3676 -70.14 -13.63 36.25
C ASP G 3676 -69.02 -13.21 37.20
N LEU G 3677 -67.89 -13.90 37.15
CA LEU G 3677 -66.76 -13.52 38.00
C LEU G 3677 -66.21 -12.15 37.62
N SER G 3678 -66.14 -11.85 36.32
CA SER G 3678 -65.59 -10.58 35.87
C SER G 3678 -66.49 -9.42 36.24
N LYS G 3679 -67.81 -9.61 36.12
CA LYS G 3679 -68.74 -8.53 36.48
C LYS G 3679 -68.59 -8.18 37.97
N ALA G 3680 -68.42 -6.89 38.24
CA ALA G 3680 -68.23 -6.38 39.59
C ALA G 3680 -69.47 -5.59 39.98
N GLY G 3681 -70.32 -6.18 40.83
CA GLY G 3681 -71.51 -5.52 41.28
C GLY G 3681 -71.24 -4.45 42.31
N GLU G 3682 -71.96 -3.33 42.22
CA GLU G 3682 -71.99 -2.18 43.14
C GLU G 3682 -70.61 -1.61 43.41
N GLN G 3683 -69.57 -2.05 42.68
CA GLN G 3683 -68.25 -1.44 42.82
C GLN G 3683 -68.30 0.04 42.44
N GLU G 3684 -68.84 0.33 41.26
CA GLU G 3684 -69.01 1.73 40.86
C GLU G 3684 -70.03 2.44 41.73
N GLU G 3685 -70.98 1.70 42.31
CA GLU G 3685 -71.95 2.30 43.21
C GLU G 3685 -71.28 2.87 44.45
N GLU G 3686 -70.38 2.10 45.06
CA GLU G 3686 -69.58 2.64 46.16
C GLU G 3686 -68.65 3.74 45.65
N GLU G 3687 -67.88 3.45 44.60
CA GLU G 3687 -67.05 4.42 43.88
C GLU G 3687 -65.81 4.82 44.69
N GLU G 3688 -65.73 4.40 45.95
CA GLU G 3688 -64.48 4.58 46.68
C GLU G 3688 -63.58 3.35 46.51
N GLU G 3689 -64.20 2.18 46.35
CA GLU G 3689 -63.43 0.94 46.26
C GLU G 3689 -62.79 0.80 44.89
N VAL G 3690 -63.44 1.35 43.86
CA VAL G 3690 -62.82 1.43 42.54
C VAL G 3690 -61.62 2.36 42.57
N GLU G 3691 -61.75 3.48 43.30
CA GLU G 3691 -60.62 4.38 43.49
C GLU G 3691 -59.48 3.69 44.24
N GLU G 3692 -59.83 2.80 45.17
CA GLU G 3692 -58.79 1.99 45.83
C GLU G 3692 -58.26 0.92 44.89
N LYS G 3693 -59.00 0.64 43.80
CA LYS G 3693 -58.66 -0.41 42.84
C LYS G 3693 -58.69 -1.80 43.48
N LYS G 3694 -59.82 -2.15 44.08
CA LYS G 3694 -60.00 -3.48 44.60
C LYS G 3694 -60.20 -4.47 43.46
N PRO G 3695 -59.50 -5.61 43.46
CA PRO G 3695 -59.69 -6.59 42.40
C PRO G 3695 -61.11 -7.15 42.38
N ASP G 3696 -61.63 -7.34 41.17
CA ASP G 3696 -62.86 -8.09 41.00
C ASP G 3696 -62.57 -9.59 41.19
N PRO G 3697 -63.61 -10.41 41.37
CA PRO G 3697 -63.35 -11.82 41.76
C PRO G 3697 -62.37 -12.55 40.85
N LEU G 3698 -62.43 -12.32 39.54
CA LEU G 3698 -61.50 -12.96 38.63
C LEU G 3698 -60.07 -12.51 38.91
N HIS G 3699 -59.87 -11.20 39.12
CA HIS G 3699 -58.55 -10.70 39.45
C HIS G 3699 -58.06 -11.27 40.78
N GLN G 3700 -58.96 -11.40 41.75
CA GLN G 3700 -58.59 -11.97 43.04
C GLN G 3700 -58.13 -13.42 42.88
N LEU G 3701 -58.85 -14.20 42.07
CA LEU G 3701 -58.46 -15.59 41.84
C LEU G 3701 -57.11 -15.66 41.13
N VAL G 3702 -56.89 -14.79 40.15
CA VAL G 3702 -55.62 -14.78 39.42
C VAL G 3702 -54.49 -14.41 40.35
N LEU G 3703 -54.71 -13.43 41.25
CA LEU G 3703 -53.68 -13.06 42.21
C LEU G 3703 -53.42 -14.18 43.21
N HIS G 3704 -54.45 -14.94 43.56
CA HIS G 3704 -54.23 -16.10 44.43
C HIS G 3704 -53.34 -17.14 43.75
N PHE G 3705 -53.61 -17.42 42.47
CA PHE G 3705 -52.75 -18.33 41.73
C PHE G 3705 -51.34 -17.77 41.61
N SER G 3706 -51.21 -16.47 41.43
CA SER G 3706 -49.89 -15.85 41.37
C SER G 3706 -49.15 -15.99 42.69
N ARG G 3707 -49.86 -15.82 43.81
CA ARG G 3707 -49.25 -16.01 45.12
C ARG G 3707 -48.78 -17.45 45.30
N THR G 3708 -49.60 -18.41 44.89
CA THR G 3708 -49.20 -19.81 44.97
C THR G 3708 -47.97 -20.08 44.12
N ALA G 3709 -47.92 -19.53 42.92
CA ALA G 3709 -46.76 -19.70 42.06
C ALA G 3709 -45.50 -19.09 42.66
N LEU G 3710 -45.62 -17.87 43.21
CA LEU G 3710 -44.47 -17.19 43.76
C LEU G 3710 -43.99 -17.87 45.04
N THR G 3711 -44.88 -18.56 45.74
CA THR G 3711 -44.47 -19.36 46.88
C THR G 3711 -43.48 -20.43 46.43
N GLU G 3712 -42.38 -20.56 47.17
CA GLU G 3712 -41.26 -21.41 46.77
C GLU G 3712 -41.34 -22.76 47.44
N LYS G 3713 -41.33 -23.82 46.63
CA LYS G 3713 -41.20 -25.18 47.11
C LYS G 3713 -40.15 -25.88 46.27
N SER G 3714 -39.38 -26.77 46.91
CA SER G 3714 -38.40 -27.55 46.16
C SER G 3714 -39.07 -28.44 45.14
N LYS G 3715 -40.31 -28.87 45.42
CA LYS G 3715 -41.08 -29.72 44.53
C LYS G 3715 -42.40 -29.03 44.22
N LEU G 3716 -42.75 -28.98 42.93
CA LEU G 3716 -43.98 -28.31 42.51
C LEU G 3716 -45.20 -29.06 43.02
N ASP G 3717 -46.22 -28.31 43.45
CA ASP G 3717 -47.39 -28.88 44.09
C ASP G 3717 -48.55 -28.98 43.11
N GLU G 3718 -49.17 -30.16 43.05
CA GLU G 3718 -50.32 -30.39 42.18
C GLU G 3718 -51.52 -29.59 42.69
N ASP G 3719 -52.22 -28.92 41.77
CA ASP G 3719 -53.36 -28.10 42.13
C ASP G 3719 -54.53 -28.39 41.21
N TYR G 3720 -55.44 -29.26 41.68
CA TYR G 3720 -56.66 -29.55 40.94
C TYR G 3720 -57.47 -28.29 40.68
N LEU G 3721 -57.51 -27.38 41.66
CA LEU G 3721 -58.22 -26.12 41.47
C LEU G 3721 -57.64 -25.32 40.32
N TYR G 3722 -56.30 -25.30 40.21
CA TYR G 3722 -55.69 -24.56 39.11
C TYR G 3722 -55.95 -25.22 37.77
N MET G 3723 -55.93 -26.55 37.70
CA MET G 3723 -56.35 -27.21 36.47
C MET G 3723 -57.78 -26.84 36.09
N ALA G 3724 -58.72 -26.94 37.03
CA ALA G 3724 -60.10 -26.61 36.73
C ALA G 3724 -60.22 -25.18 36.22
N TYR G 3725 -59.61 -24.24 36.93
CA TYR G 3725 -59.77 -22.83 36.57
C TYR G 3725 -59.05 -22.49 35.27
N ALA G 3726 -57.87 -23.09 35.04
CA ALA G 3726 -57.17 -22.85 33.78
C ALA G 3726 -57.99 -23.36 32.60
N ASP G 3727 -58.62 -24.53 32.76
CA ASP G 3727 -59.50 -25.02 31.72
C ASP G 3727 -60.66 -24.07 31.49
N ILE G 3728 -61.24 -23.54 32.58
CA ILE G 3728 -62.36 -22.60 32.47
C ILE G 3728 -61.94 -21.35 31.71
N MET G 3729 -60.77 -20.78 32.06
CA MET G 3729 -60.30 -19.58 31.37
C MET G 3729 -59.97 -19.86 29.91
N ALA G 3730 -59.41 -21.03 29.61
CA ALA G 3730 -59.11 -21.37 28.22
C ALA G 3730 -60.39 -21.43 27.38
N LYS G 3731 -61.42 -22.10 27.91
CA LYS G 3731 -62.70 -22.10 27.22
C LYS G 3731 -63.27 -20.69 27.07
N SER G 3732 -63.22 -19.90 28.15
CA SER G 3732 -63.78 -18.56 28.12
C SER G 3732 -63.13 -17.72 27.04
N CYS G 3733 -61.81 -17.86 26.85
CA CYS G 3733 -61.18 -17.13 25.75
C CYS G 3733 -61.56 -17.69 24.39
N HIS G 3734 -61.20 -18.95 24.12
CA HIS G 3734 -61.27 -19.37 22.72
C HIS G 3734 -62.72 -19.51 22.26
N LEU G 3735 -63.58 -20.14 23.06
CA LEU G 3735 -64.99 -20.30 22.72
C LEU G 3735 -65.17 -20.92 21.33
N GLU G 3736 -64.27 -21.83 20.99
CA GLU G 3736 -64.25 -22.41 19.64
C GLU G 3736 -63.45 -23.70 19.61
N VAL G 3749 -70.12 -22.23 4.80
CA VAL G 3749 -68.89 -21.96 5.54
C VAL G 3749 -68.19 -20.73 4.99
N GLU G 3750 -68.95 -19.86 4.34
CA GLU G 3750 -68.44 -18.62 3.77
C GLU G 3750 -68.68 -17.48 4.76
N VAL G 3751 -67.60 -16.81 5.15
CA VAL G 3751 -67.63 -15.77 6.17
C VAL G 3751 -67.15 -14.47 5.54
N SER G 3752 -67.90 -13.39 5.77
CA SER G 3752 -67.57 -12.12 5.15
C SER G 3752 -66.59 -11.33 6.02
N PHE G 3753 -66.13 -10.20 5.47
CA PHE G 3753 -65.11 -9.40 6.13
C PHE G 3753 -65.59 -8.88 7.49
N GLU G 3754 -66.82 -8.38 7.54
CA GLU G 3754 -67.35 -7.85 8.80
C GLU G 3754 -67.46 -8.95 9.85
N GLU G 3755 -67.92 -10.14 9.46
CA GLU G 3755 -68.04 -11.23 10.41
C GLU G 3755 -66.68 -11.67 10.92
N LYS G 3756 -65.68 -11.78 10.03
CA LYS G 3756 -64.34 -12.15 10.49
C LYS G 3756 -63.78 -11.10 11.44
N GLU G 3757 -63.97 -9.82 11.13
CA GLU G 3757 -63.46 -8.77 12.02
C GLU G 3757 -64.16 -8.80 13.36
N MET G 3758 -65.48 -9.05 13.36
CA MET G 3758 -66.22 -9.13 14.62
C MET G 3758 -65.77 -10.31 15.46
N GLU G 3759 -65.52 -11.47 14.82
CA GLU G 3759 -65.00 -12.61 15.56
C GLU G 3759 -63.63 -12.29 16.15
N LYS G 3760 -62.77 -11.61 15.39
CA LYS G 3760 -61.46 -11.23 15.91
C LYS G 3760 -61.60 -10.30 17.10
N GLN G 3761 -62.50 -9.31 17.03
CA GLN G 3761 -62.69 -8.39 18.14
C GLN G 3761 -63.24 -9.11 19.37
N ARG G 3762 -64.18 -10.03 19.18
CA ARG G 3762 -64.69 -10.79 20.31
C ARG G 3762 -63.60 -11.63 20.97
N LEU G 3763 -62.76 -12.27 20.15
CA LEU G 3763 -61.64 -13.04 20.70
C LEU G 3763 -60.70 -12.12 21.47
N LEU G 3764 -60.43 -10.93 20.94
CA LEU G 3764 -59.55 -9.99 21.62
C LEU G 3764 -60.15 -9.56 22.97
N TYR G 3765 -61.45 -9.32 23.01
CA TYR G 3765 -62.08 -8.91 24.27
C TYR G 3765 -62.07 -10.05 25.30
N GLN G 3766 -62.33 -11.28 24.83
CA GLN G 3766 -62.28 -12.42 25.74
C GLN G 3766 -60.88 -12.61 26.29
N GLN G 3767 -59.86 -12.41 25.46
CA GLN G 3767 -58.48 -12.44 25.96
C GLN G 3767 -58.22 -11.29 26.91
N SER G 3768 -58.83 -10.13 26.65
CA SER G 3768 -58.62 -8.94 27.48
C SER G 3768 -59.12 -9.18 28.89
N ARG G 3769 -60.29 -9.81 29.03
CA ARG G 3769 -60.87 -10.01 30.36
C ARG G 3769 -59.89 -10.71 31.29
N LEU G 3770 -59.02 -11.56 30.74
CA LEU G 3770 -58.07 -12.27 31.59
C LEU G 3770 -56.72 -11.55 31.66
N HIS G 3771 -56.16 -11.16 30.52
CA HIS G 3771 -54.81 -10.62 30.54
C HIS G 3771 -54.76 -9.28 31.23
N THR G 3772 -55.87 -8.52 31.22
CA THR G 3772 -55.94 -7.31 32.01
C THR G 3772 -55.95 -7.63 33.51
N ARG G 3773 -56.17 -8.89 33.85
CA ARG G 3773 -56.21 -9.31 35.25
C ARG G 3773 -54.94 -10.03 35.70
N GLY G 3774 -53.86 -9.98 34.92
CA GLY G 3774 -52.61 -10.61 35.29
C GLY G 3774 -52.43 -12.03 34.79
N ALA G 3775 -53.23 -12.47 33.83
CA ALA G 3775 -53.20 -13.86 33.40
C ALA G 3775 -51.85 -14.23 32.78
N ALA G 3776 -51.30 -13.36 31.94
CA ALA G 3776 -50.04 -13.68 31.26
C ALA G 3776 -48.90 -13.79 32.25
N GLU G 3777 -48.80 -12.84 33.17
CA GLU G 3777 -47.76 -12.90 34.18
C GLU G 3777 -47.92 -14.14 35.06
N MET G 3778 -49.16 -14.49 35.40
CA MET G 3778 -49.39 -15.68 36.20
C MET G 3778 -49.00 -16.95 35.44
N VAL G 3779 -49.24 -17.00 34.14
CA VAL G 3779 -48.82 -18.13 33.31
C VAL G 3779 -47.30 -18.25 33.31
N LEU G 3780 -46.60 -17.13 33.13
CA LEU G 3780 -45.15 -17.16 33.17
C LEU G 3780 -44.63 -17.63 34.53
N GLN G 3781 -45.25 -17.12 35.61
CA GLN G 3781 -44.87 -17.55 36.95
C GLN G 3781 -45.08 -19.05 37.12
N MET G 3782 -46.18 -19.58 36.58
CA MET G 3782 -46.50 -20.99 36.80
C MET G 3782 -45.58 -21.90 36.00
N ILE G 3783 -45.16 -21.46 34.80
CA ILE G 3783 -44.11 -22.20 34.10
C ILE G 3783 -42.81 -22.18 34.90
N SER G 3784 -42.46 -21.00 35.44
CA SER G 3784 -41.25 -20.90 36.26
C SER G 3784 -41.31 -21.82 37.46
N ALA G 3785 -42.50 -21.96 38.06
CA ALA G 3785 -42.68 -22.88 39.18
C ALA G 3785 -42.66 -24.33 38.72
N CYS G 3786 -43.10 -24.58 37.49
CA CYS G 3786 -42.99 -25.93 36.91
C CYS G 3786 -41.55 -26.37 36.82
N LYS G 3787 -40.66 -25.45 36.46
CA LYS G 3787 -39.21 -25.69 36.55
C LYS G 3787 -38.75 -26.78 35.60
N GLY G 3788 -39.61 -27.17 34.66
CA GLY G 3788 -39.26 -28.17 33.67
C GLY G 3788 -39.62 -29.59 34.01
N GLU G 3789 -40.66 -29.83 34.79
CA GLU G 3789 -41.17 -31.17 35.06
C GLU G 3789 -42.48 -31.36 34.31
N THR G 3790 -42.53 -32.37 33.45
CA THR G 3790 -43.72 -32.61 32.65
C THR G 3790 -44.88 -33.04 33.54
N GLY G 3791 -46.01 -32.37 33.39
CA GLY G 3791 -47.18 -32.68 34.19
C GLY G 3791 -48.38 -31.88 33.78
N ALA G 3792 -49.52 -32.21 34.42
CA ALA G 3792 -50.75 -31.50 34.15
C ALA G 3792 -50.62 -30.02 34.50
N MET G 3793 -49.77 -29.71 35.49
CA MET G 3793 -49.48 -28.31 35.81
C MET G 3793 -49.14 -27.52 34.57
N VAL G 3794 -48.03 -27.90 33.91
CA VAL G 3794 -47.55 -27.15 32.76
C VAL G 3794 -48.43 -27.39 31.54
N SER G 3795 -49.09 -28.54 31.48
CA SER G 3795 -50.03 -28.76 30.38
C SER G 3795 -51.14 -27.73 30.38
N SER G 3796 -51.81 -27.58 31.53
CA SER G 3796 -52.87 -26.58 31.64
C SER G 3796 -52.32 -25.17 31.50
N THR G 3797 -51.13 -24.91 32.06
CA THR G 3797 -50.53 -23.59 31.95
C THR G 3797 -50.29 -23.22 30.49
N LEU G 3798 -49.72 -24.14 29.71
CA LEU G 3798 -49.44 -23.87 28.30
C LEU G 3798 -50.73 -23.77 27.50
N LYS G 3799 -51.75 -24.57 27.85
CA LYS G 3799 -53.02 -24.44 27.15
C LYS G 3799 -53.64 -23.07 27.39
N LEU G 3800 -53.57 -22.57 28.63
CA LEU G 3800 -54.06 -21.23 28.90
C LEU G 3800 -53.25 -20.17 28.15
N GLY G 3801 -51.93 -20.36 28.09
CA GLY G 3801 -51.11 -19.45 27.30
C GLY G 3801 -51.51 -19.43 25.84
N ILE G 3802 -51.77 -20.60 25.27
CA ILE G 3802 -52.27 -20.68 23.89
C ILE G 3802 -53.58 -19.94 23.77
N SER G 3803 -54.50 -20.18 24.69
CA SER G 3803 -55.84 -19.63 24.60
C SER G 3803 -55.82 -18.11 24.71
N ILE G 3804 -54.84 -17.56 25.42
CA ILE G 3804 -54.78 -16.10 25.56
C ILE G 3804 -53.95 -15.48 24.45
N LEU G 3805 -53.03 -16.25 23.84
CA LEU G 3805 -52.16 -15.71 22.82
C LEU G 3805 -52.61 -16.03 21.39
N ASN G 3806 -53.74 -16.72 21.22
CA ASN G 3806 -54.21 -17.03 19.88
C ASN G 3806 -54.41 -15.76 19.06
N GLY G 3807 -53.97 -15.82 17.80
CA GLY G 3807 -54.07 -14.66 16.93
C GLY G 3807 -52.96 -13.64 17.09
N GLY G 3808 -51.96 -13.95 17.91
CA GLY G 3808 -50.87 -13.02 18.14
C GLY G 3808 -51.29 -11.77 18.86
N ASN G 3809 -51.72 -11.91 20.12
CA ASN G 3809 -52.15 -10.77 20.90
C ASN G 3809 -50.95 -9.90 21.24
N ALA G 3810 -50.89 -8.73 20.58
CA ALA G 3810 -49.72 -7.85 20.73
C ALA G 3810 -49.59 -7.34 22.16
N GLU G 3811 -50.70 -6.97 22.80
CA GLU G 3811 -50.65 -6.46 24.16
C GLU G 3811 -50.25 -7.54 25.15
N VAL G 3812 -50.71 -8.77 24.95
CA VAL G 3812 -50.29 -9.88 25.81
C VAL G 3812 -48.80 -10.15 25.61
N GLN G 3813 -48.33 -10.11 24.36
CA GLN G 3813 -46.91 -10.29 24.10
C GLN G 3813 -46.08 -9.22 24.79
N GLN G 3814 -46.55 -7.96 24.71
CA GLN G 3814 -45.82 -6.86 25.35
C GLN G 3814 -45.79 -7.04 26.85
N LYS G 3815 -46.91 -7.43 27.46
CA LYS G 3815 -46.93 -7.64 28.90
C LYS G 3815 -45.99 -8.78 29.30
N MET G 3816 -45.99 -9.87 28.54
CA MET G 3816 -45.10 -10.98 28.85
C MET G 3816 -43.63 -10.57 28.74
N LEU G 3817 -43.29 -9.84 27.67
CA LEU G 3817 -41.91 -9.39 27.51
C LEU G 3817 -41.49 -8.44 28.62
N ASP G 3818 -42.37 -7.51 28.99
CA ASP G 3818 -42.04 -6.59 30.07
C ASP G 3818 -41.89 -7.31 31.40
N TYR G 3819 -42.76 -8.29 31.67
CA TYR G 3819 -42.65 -9.05 32.90
C TYR G 3819 -41.34 -9.82 32.95
N LEU G 3820 -40.96 -10.45 31.83
CA LEU G 3820 -39.69 -11.15 31.78
C LEU G 3820 -38.53 -10.19 31.97
N LYS G 3821 -38.62 -8.99 31.40
CA LYS G 3821 -37.51 -8.04 31.50
C LYS G 3821 -37.40 -7.45 32.91
N ASP G 3822 -38.51 -7.40 33.65
CA ASP G 3822 -38.43 -6.79 34.98
C ASP G 3822 -38.08 -7.82 36.04
N LYS G 3823 -38.79 -8.95 36.08
CA LYS G 3823 -38.40 -10.02 37.01
C LYS G 3823 -37.01 -10.54 36.67
N LYS G 3824 -36.76 -10.83 35.39
CA LYS G 3824 -35.43 -11.03 34.86
C LYS G 3824 -34.81 -12.29 35.46
N GLU G 3825 -35.59 -13.37 35.46
CA GLU G 3825 -35.25 -14.61 36.14
C GLU G 3825 -35.07 -15.71 35.11
N VAL G 3826 -33.91 -16.38 35.16
CA VAL G 3826 -33.55 -17.33 34.11
C VAL G 3826 -34.33 -18.63 34.24
N GLY G 3827 -34.98 -18.83 35.39
CA GLY G 3827 -35.63 -20.10 35.66
C GLY G 3827 -36.73 -20.44 34.66
N PHE G 3828 -37.43 -19.41 34.16
CA PHE G 3828 -38.47 -19.65 33.17
C PHE G 3828 -37.88 -20.29 31.90
N PHE G 3829 -36.79 -19.72 31.38
CA PHE G 3829 -36.18 -20.27 30.18
C PHE G 3829 -35.52 -21.62 30.47
N GLN G 3830 -34.99 -21.79 31.68
CA GLN G 3830 -34.44 -23.10 32.05
C GLN G 3830 -35.53 -24.16 32.05
N SER G 3831 -36.71 -23.82 32.57
CA SER G 3831 -37.83 -24.74 32.54
C SER G 3831 -38.27 -25.05 31.11
N ILE G 3832 -38.31 -24.03 30.26
CA ILE G 3832 -38.66 -24.25 28.86
C ILE G 3832 -37.68 -25.22 28.21
N GLN G 3833 -36.38 -24.99 28.43
CA GLN G 3833 -35.36 -25.87 27.85
C GLN G 3833 -35.50 -27.29 28.38
N ALA G 3834 -35.75 -27.45 29.69
CA ALA G 3834 -35.89 -28.78 30.26
C ALA G 3834 -37.10 -29.51 29.67
N LEU G 3835 -38.24 -28.82 29.58
CA LEU G 3835 -39.43 -29.44 29.02
C LEU G 3835 -39.20 -29.84 27.56
N MET G 3836 -38.54 -28.98 26.80
CA MET G 3836 -38.37 -29.25 25.38
C MET G 3836 -37.32 -30.34 25.16
N GLN G 3837 -36.37 -30.49 26.09
CA GLN G 3837 -35.46 -31.63 26.06
C GLN G 3837 -36.20 -32.92 26.41
N THR G 3838 -37.09 -32.88 27.40
CA THR G 3838 -37.77 -34.12 27.81
C THR G 3838 -38.92 -34.46 26.88
N CYS G 3839 -39.20 -33.58 25.91
CA CYS G 3839 -40.11 -33.95 24.83
C CYS G 3839 -39.59 -35.20 24.13
N SER G 3840 -40.48 -36.16 23.92
CA SER G 3840 -40.07 -37.48 23.46
C SER G 3840 -39.89 -37.51 21.93
N VAL G 3841 -39.22 -38.56 21.46
CA VAL G 3841 -38.98 -38.79 20.05
C VAL G 3841 -39.39 -40.22 19.71
N LEU G 3842 -39.59 -40.45 18.41
CA LEU G 3842 -40.12 -41.72 17.94
C LEU G 3842 -39.15 -42.85 18.28
N ASP G 3843 -39.69 -43.99 18.72
CA ASP G 3843 -38.86 -45.10 19.18
C ASP G 3843 -39.27 -46.39 18.48
N LEU G 3844 -38.35 -46.95 17.69
CA LEU G 3844 -38.57 -48.24 17.07
C LEU G 3844 -38.76 -49.33 18.11
N ASN G 3845 -37.97 -49.28 19.20
CA ASN G 3845 -38.07 -50.31 20.22
C ASN G 3845 -39.45 -50.31 20.86
N ALA G 3846 -39.94 -49.14 21.27
CA ALA G 3846 -41.27 -49.05 21.86
C ALA G 3846 -42.34 -49.44 20.85
N PHE G 3847 -42.17 -49.04 19.59
CA PHE G 3847 -43.14 -49.39 18.56
C PHE G 3847 -43.24 -50.90 18.39
N GLU G 3848 -42.09 -51.59 18.35
CA GLU G 3848 -42.09 -53.04 18.18
C GLU G 3848 -42.63 -53.74 19.42
N ARG G 3849 -42.33 -53.22 20.61
CA ARG G 3849 -42.91 -53.78 21.83
C ARG G 3849 -44.43 -53.67 21.79
N GLN G 3850 -44.94 -52.52 21.36
CA GLN G 3850 -46.38 -52.37 21.19
C GLN G 3850 -46.93 -53.34 20.15
N ASN G 3851 -46.20 -53.52 19.03
CA ASN G 3851 -46.64 -54.43 17.99
C ASN G 3851 -46.81 -55.84 18.53
N LYS G 3852 -45.80 -56.36 19.23
CA LYS G 3852 -45.95 -57.65 19.89
C LYS G 3852 -47.06 -57.62 20.92
N ALA G 3853 -47.33 -56.45 21.50
CA ALA G 3853 -48.44 -56.34 22.45
C ALA G 3853 -49.77 -56.64 21.80
N GLU G 3854 -50.09 -56.02 20.65
CA GLU G 3854 -51.37 -56.36 20.05
C GLU G 3854 -51.33 -57.75 19.42
N GLY G 3855 -50.15 -58.19 18.98
CA GLY G 3855 -50.03 -59.53 18.44
C GLY G 3855 -50.38 -60.59 19.46
N LEU G 3856 -49.93 -60.41 20.71
CA LEU G 3856 -50.25 -61.37 21.76
C LEU G 3856 -51.66 -61.13 22.30
N GLY G 3857 -51.88 -59.99 22.93
CA GLY G 3857 -53.23 -59.55 23.26
C GLY G 3857 -54.07 -60.50 24.08
N MET G 3858 -53.51 -61.07 25.14
CA MET G 3858 -54.29 -62.01 25.94
C MET G 3858 -55.30 -61.28 26.81
N VAL G 3859 -56.30 -62.03 27.30
CA VAL G 3859 -57.49 -61.43 27.89
C VAL G 3859 -57.17 -60.81 29.24
N ASN G 3860 -57.87 -59.72 29.56
CA ASN G 3860 -57.78 -59.09 30.87
C ASN G 3860 -58.65 -59.86 31.89
N GLU G 3861 -58.24 -59.82 33.15
CA GLU G 3861 -58.89 -60.63 34.18
C GLU G 3861 -60.33 -60.16 34.43
N ASP G 3862 -60.57 -58.85 34.42
CA ASP G 3862 -61.90 -58.34 34.67
C ASP G 3862 -62.84 -58.70 33.52
N GLY G 3863 -63.82 -59.54 33.82
CA GLY G 3863 -64.74 -60.00 32.79
C GLY G 3863 -64.00 -60.73 31.69
N THR G 3864 -64.27 -60.33 30.45
CA THR G 3864 -63.57 -60.86 29.28
C THR G 3864 -63.19 -59.68 28.39
N VAL G 3865 -61.94 -59.24 28.51
CA VAL G 3865 -61.45 -58.11 27.72
C VAL G 3865 -60.17 -58.54 27.01
N ILE G 3866 -60.31 -58.96 25.74
CA ILE G 3866 -59.15 -59.46 25.01
C ILE G 3866 -58.46 -58.31 24.29
N ASN G 3867 -57.15 -58.17 24.55
CA ASN G 3867 -56.30 -57.19 23.89
C ASN G 3867 -56.83 -55.77 24.09
N ARG G 3868 -56.96 -55.36 25.35
CA ARG G 3868 -57.39 -54.00 25.64
C ARG G 3868 -56.31 -53.01 25.22
N GLN G 3869 -56.70 -52.01 24.43
CA GLN G 3869 -55.77 -51.11 23.77
C GLN G 3869 -55.62 -49.83 24.59
N ASN G 3870 -54.39 -49.53 24.98
CA ASN G 3870 -54.08 -48.30 25.69
C ASN G 3870 -53.62 -47.22 24.73
N GLY G 3871 -53.43 -46.02 25.28
CA GLY G 3871 -52.79 -44.97 24.51
C GLY G 3871 -51.40 -45.41 24.06
N GLU G 3872 -51.08 -45.12 22.81
CA GLU G 3872 -49.83 -45.59 22.24
C GLU G 3872 -48.63 -45.06 23.02
N LYS G 3873 -47.71 -45.96 23.36
CA LYS G 3873 -46.49 -45.55 24.05
C LYS G 3873 -45.66 -44.62 23.18
N VAL G 3874 -45.68 -44.85 21.86
CA VAL G 3874 -45.00 -43.96 20.94
C VAL G 3874 -45.75 -42.64 20.86
N MET G 3875 -45.02 -41.53 20.99
CA MET G 3875 -45.61 -40.18 21.01
C MET G 3875 -46.66 -40.05 22.12
N ALA G 3876 -46.25 -40.38 23.34
CA ALA G 3876 -47.13 -40.16 24.49
C ALA G 3876 -47.38 -38.68 24.73
N ASP G 3877 -46.33 -37.86 24.59
CA ASP G 3877 -46.41 -36.43 24.84
C ASP G 3877 -46.45 -35.60 23.56
N ASP G 3878 -47.04 -36.15 22.48
CA ASP G 3878 -47.10 -35.40 21.22
C ASP G 3878 -47.91 -34.12 21.38
N GLU G 3879 -49.02 -34.19 22.12
CA GLU G 3879 -49.84 -32.99 22.32
C GLU G 3879 -49.07 -31.95 23.13
N PHE G 3880 -48.27 -32.39 24.10
CA PHE G 3880 -47.48 -31.45 24.88
C PHE G 3880 -46.39 -30.80 24.03
N THR G 3881 -45.71 -31.58 23.20
CA THR G 3881 -44.72 -30.97 22.31
C THR G 3881 -45.40 -29.98 21.35
N GLN G 3882 -46.56 -30.37 20.82
CA GLN G 3882 -47.27 -29.51 19.89
C GLN G 3882 -47.68 -28.19 20.53
N ASP G 3883 -48.28 -28.24 21.72
CA ASP G 3883 -48.78 -26.98 22.30
C ASP G 3883 -47.66 -26.16 22.90
N LEU G 3884 -46.53 -26.79 23.27
CA LEU G 3884 -45.36 -26.02 23.67
C LEU G 3884 -44.79 -25.25 22.48
N PHE G 3885 -44.61 -25.93 21.35
CA PHE G 3885 -44.09 -25.23 20.18
C PHE G 3885 -45.10 -24.22 19.64
N ARG G 3886 -46.40 -24.50 19.81
CA ARG G 3886 -47.42 -23.53 19.45
C ARG G 3886 -47.37 -22.32 20.38
N PHE G 3887 -47.02 -22.54 21.65
CA PHE G 3887 -46.83 -21.42 22.56
C PHE G 3887 -45.67 -20.55 22.13
N LEU G 3888 -44.55 -21.17 21.75
CA LEU G 3888 -43.42 -20.40 21.23
C LEU G 3888 -43.80 -19.66 19.95
N GLN G 3889 -44.54 -20.33 19.06
CA GLN G 3889 -45.02 -19.71 17.83
C GLN G 3889 -45.91 -18.51 18.12
N LEU G 3890 -46.81 -18.65 19.08
CA LEU G 3890 -47.72 -17.54 19.41
C LEU G 3890 -46.96 -16.40 20.08
N LEU G 3891 -45.94 -16.73 20.87
CA LEU G 3891 -45.10 -15.71 21.45
C LEU G 3891 -44.37 -14.90 20.38
N CYS G 3892 -43.87 -15.58 19.35
CA CYS G 3892 -43.20 -14.90 18.25
C CYS G 3892 -44.16 -14.41 17.17
N GLU G 3893 -45.46 -14.64 17.33
CA GLU G 3893 -46.42 -14.31 16.29
C GLU G 3893 -46.51 -12.81 16.09
N GLY G 3894 -46.82 -12.39 14.87
CA GLY G 3894 -46.89 -11.00 14.53
C GLY G 3894 -45.56 -10.35 14.24
N HIS G 3895 -44.50 -11.14 14.08
CA HIS G 3895 -43.16 -10.63 13.80
C HIS G 3895 -42.70 -9.66 14.88
N ASN G 3896 -42.83 -10.08 16.14
CA ASN G 3896 -42.43 -9.25 17.26
C ASN G 3896 -40.92 -9.36 17.44
N ASN G 3897 -40.20 -8.42 16.82
CA ASN G 3897 -38.74 -8.52 16.72
C ASN G 3897 -38.08 -8.48 18.09
N ASP G 3898 -38.60 -7.66 19.01
CA ASP G 3898 -38.01 -7.57 20.34
C ASP G 3898 -38.07 -8.91 21.06
N PHE G 3899 -39.22 -9.59 21.01
CA PHE G 3899 -39.33 -10.85 21.73
C PHE G 3899 -38.58 -11.96 20.99
N GLN G 3900 -38.50 -11.88 19.66
CA GLN G 3900 -37.69 -12.85 18.93
C GLN G 3900 -36.23 -12.73 19.32
N ASN G 3901 -35.71 -11.50 19.39
CA ASN G 3901 -34.34 -11.29 19.83
C ASN G 3901 -34.15 -11.73 21.27
N TYR G 3902 -35.16 -11.50 22.12
CA TYR G 3902 -35.06 -11.94 23.51
C TYR G 3902 -34.98 -13.45 23.62
N LEU G 3903 -35.79 -14.16 22.82
CA LEU G 3903 -35.72 -15.62 22.79
C LEU G 3903 -34.37 -16.09 22.29
N ARG G 3904 -33.82 -15.43 21.27
CA ARG G 3904 -32.48 -15.78 20.81
C ARG G 3904 -31.46 -15.60 21.93
N THR G 3905 -31.25 -14.37 22.38
CA THR G 3905 -30.37 -14.08 23.50
C THR G 3905 -31.06 -13.08 24.42
N GLN G 3906 -30.86 -13.26 25.72
CA GLN G 3906 -31.30 -12.31 26.72
C GLN G 3906 -30.09 -11.56 27.23
N THR G 3907 -30.05 -10.25 26.98
CA THR G 3907 -28.83 -9.48 27.17
C THR G 3907 -28.41 -9.45 28.64
N GLY G 3908 -29.33 -9.08 29.53
CA GLY G 3908 -28.93 -8.77 30.89
C GLY G 3908 -28.92 -9.97 31.82
N ASN G 3909 -29.64 -11.04 31.45
CA ASN G 3909 -29.68 -12.22 32.30
C ASN G 3909 -28.28 -12.77 32.52
N THR G 3910 -28.01 -13.20 33.76
CA THR G 3910 -26.68 -13.64 34.13
C THR G 3910 -26.24 -14.84 33.29
N THR G 3911 -27.19 -15.67 32.86
CA THR G 3911 -26.91 -16.78 31.96
C THR G 3911 -27.97 -16.79 30.86
N THR G 3912 -27.52 -16.97 29.62
CA THR G 3912 -28.39 -16.92 28.45
C THR G 3912 -28.35 -18.27 27.73
N ILE G 3913 -29.53 -18.79 27.38
CA ILE G 3913 -29.66 -20.03 26.63
C ILE G 3913 -30.40 -19.71 25.34
N ASN G 3914 -30.14 -20.51 24.30
CA ASN G 3914 -30.66 -20.21 22.97
C ASN G 3914 -31.80 -21.17 22.63
N ILE G 3915 -33.02 -20.66 22.77
CA ILE G 3915 -34.21 -21.45 22.44
C ILE G 3915 -34.19 -21.85 20.98
N ILE G 3916 -33.65 -20.99 20.12
CA ILE G 3916 -33.57 -21.31 18.69
C ILE G 3916 -32.72 -22.56 18.47
N ILE G 3917 -31.53 -22.58 19.06
CA ILE G 3917 -30.61 -23.70 18.86
C ILE G 3917 -31.19 -24.97 19.46
N CYS G 3918 -31.78 -24.87 20.65
CA CYS G 3918 -32.35 -26.07 21.27
C CYS G 3918 -33.55 -26.60 20.49
N THR G 3919 -34.36 -25.71 19.91
CA THR G 3919 -35.44 -26.14 19.05
C THR G 3919 -34.90 -26.85 17.82
N VAL G 3920 -33.81 -26.33 17.25
CA VAL G 3920 -33.15 -27.01 16.14
C VAL G 3920 -32.68 -28.41 16.56
N ASP G 3921 -32.16 -28.52 17.79
CA ASP G 3921 -31.74 -29.82 18.28
C ASP G 3921 -32.90 -30.81 18.36
N TYR G 3922 -34.05 -30.34 18.88
CA TYR G 3922 -35.22 -31.21 18.94
C TYR G 3922 -35.67 -31.61 17.54
N LEU G 3923 -35.65 -30.67 16.60
CA LEU G 3923 -36.05 -30.99 15.22
C LEU G 3923 -35.12 -32.03 14.62
N LEU G 3924 -33.82 -31.92 14.88
CA LEU G 3924 -32.86 -32.89 14.37
C LEU G 3924 -33.10 -34.27 14.97
N ARG G 3925 -33.40 -34.33 16.27
CA ARG G 3925 -33.72 -35.61 16.90
C ARG G 3925 -34.98 -36.22 16.28
N LEU G 3926 -36.00 -35.39 16.06
CA LEU G 3926 -37.22 -35.87 15.42
C LEU G 3926 -36.94 -36.37 14.00
N GLN G 3927 -36.04 -35.69 13.29
CA GLN G 3927 -35.66 -36.14 11.96
C GLN G 3927 -35.01 -37.51 12.00
N GLU G 3928 -34.08 -37.72 12.94
CA GLU G 3928 -33.48 -39.05 13.06
C GLU G 3928 -34.52 -40.10 13.37
N SER G 3929 -35.48 -39.77 14.24
CA SER G 3929 -36.55 -40.73 14.55
C SER G 3929 -37.38 -41.06 13.31
N ILE G 3930 -37.70 -40.05 12.51
CA ILE G 3930 -38.47 -40.28 11.29
C ILE G 3930 -37.65 -41.11 10.30
N SER G 3931 -36.33 -40.91 10.27
CA SER G 3931 -35.48 -41.74 9.43
C SER G 3931 -35.48 -43.19 9.88
N ASP G 3932 -35.50 -43.41 11.20
CA ASP G 3932 -35.61 -44.77 11.71
C ASP G 3932 -36.92 -45.42 11.28
N PHE G 3933 -38.03 -44.69 11.36
CA PHE G 3933 -39.28 -45.24 10.84
C PHE G 3933 -39.21 -45.48 9.34
N TYR G 3934 -38.53 -44.61 8.59
CA TYR G 3934 -38.32 -44.88 7.18
C TYR G 3934 -37.63 -46.21 6.96
N TRP G 3935 -36.53 -46.46 7.67
CA TRP G 3935 -35.79 -47.69 7.46
C TRP G 3935 -36.63 -48.90 7.83
N TYR G 3936 -37.35 -48.83 8.96
CA TYR G 3936 -38.19 -49.96 9.35
C TYR G 3936 -39.32 -50.18 8.36
N TYR G 3937 -39.90 -49.11 7.81
CA TYR G 3937 -41.01 -49.25 6.89
C TYR G 3937 -40.56 -49.76 5.53
N SER G 3938 -39.35 -49.36 5.11
CA SER G 3938 -38.79 -49.89 3.88
C SER G 3938 -38.33 -51.32 4.07
N GLY G 3939 -38.17 -51.75 5.33
CA GLY G 3939 -37.90 -53.15 5.58
C GLY G 3939 -38.96 -54.08 5.02
N LYS G 3940 -40.23 -53.71 5.19
CA LYS G 3940 -41.31 -54.50 4.61
C LYS G 3940 -41.93 -53.78 3.42
N ASP G 3941 -42.84 -54.48 2.72
CA ASP G 3941 -43.37 -53.96 1.47
C ASP G 3941 -44.36 -52.82 1.70
N VAL G 3942 -45.28 -52.98 2.66
CA VAL G 3942 -46.40 -52.06 2.81
C VAL G 3942 -46.45 -51.56 4.25
N ILE G 3943 -47.08 -50.40 4.43
CA ILE G 3943 -47.18 -49.79 5.76
C ILE G 3943 -48.42 -50.29 6.47
N GLU G 3944 -48.26 -50.69 7.72
CA GLU G 3944 -49.39 -51.12 8.53
C GLU G 3944 -50.02 -49.94 9.25
N GLU G 3945 -51.29 -50.10 9.65
CA GLU G 3945 -52.13 -48.97 10.04
C GLU G 3945 -51.63 -48.31 11.34
N GLN G 3946 -51.20 -49.11 12.31
CA GLN G 3946 -50.75 -48.55 13.58
C GLN G 3946 -49.53 -47.66 13.35
N GLY G 3947 -48.58 -48.15 12.54
CA GLY G 3947 -47.44 -47.33 12.17
C GLY G 3947 -47.83 -46.12 11.34
N LYS G 3948 -48.86 -46.26 10.51
CA LYS G 3948 -49.39 -45.11 9.78
C LYS G 3948 -49.80 -44.01 10.74
N ARG G 3949 -50.56 -44.36 11.77
CA ARG G 3949 -51.04 -43.35 12.72
C ARG G 3949 -49.88 -42.76 13.52
N ASN G 3950 -48.93 -43.60 13.94
CA ASN G 3950 -47.74 -43.08 14.62
C ASN G 3950 -47.00 -42.07 13.75
N PHE G 3951 -46.77 -42.43 12.49
CA PHE G 3951 -46.06 -41.55 11.58
C PHE G 3951 -46.82 -40.25 11.37
N SER G 3952 -48.15 -40.34 11.24
CA SER G 3952 -48.95 -39.14 11.03
C SER G 3952 -48.87 -38.19 12.22
N LYS G 3953 -48.94 -38.73 13.43
CA LYS G 3953 -48.85 -37.87 14.61
C LYS G 3953 -47.46 -37.24 14.73
N ALA G 3954 -46.41 -38.01 14.42
CA ALA G 3954 -45.07 -37.43 14.41
C ALA G 3954 -44.95 -36.34 13.36
N MET G 3955 -45.60 -36.53 12.22
CA MET G 3955 -45.59 -35.50 11.17
C MET G 3955 -46.31 -34.24 11.63
N SER G 3956 -47.40 -34.39 12.37
CA SER G 3956 -48.06 -33.21 12.93
C SER G 3956 -47.13 -32.46 13.88
N VAL G 3957 -46.40 -33.20 14.72
CA VAL G 3957 -45.43 -32.56 15.60
C VAL G 3957 -44.37 -31.82 14.79
N ALA G 3958 -43.85 -32.46 13.74
CA ALA G 3958 -42.83 -31.82 12.91
C ALA G 3958 -43.38 -30.57 12.23
N LYS G 3959 -44.63 -30.61 11.78
CA LYS G 3959 -45.27 -29.44 11.21
C LYS G 3959 -45.31 -28.30 12.21
N GLN G 3960 -45.67 -28.59 13.46
CA GLN G 3960 -45.68 -27.55 14.48
C GLN G 3960 -44.28 -26.97 14.67
N VAL G 3961 -43.26 -27.84 14.67
CA VAL G 3961 -41.88 -27.35 14.84
C VAL G 3961 -41.50 -26.42 13.69
N PHE G 3962 -41.83 -26.80 12.46
CA PHE G 3962 -41.46 -25.96 11.31
C PHE G 3962 -42.19 -24.63 11.34
N ASN G 3963 -43.47 -24.64 11.72
CA ASN G 3963 -44.19 -23.37 11.85
C ASN G 3963 -43.56 -22.48 12.92
N SER G 3964 -43.14 -23.08 14.04
CA SER G 3964 -42.46 -22.31 15.07
C SER G 3964 -41.18 -21.69 14.55
N LEU G 3965 -40.39 -22.48 13.81
CA LEU G 3965 -39.14 -21.95 13.25
C LEU G 3965 -39.40 -20.81 12.27
N THR G 3966 -40.43 -20.97 11.43
CA THR G 3966 -40.78 -19.91 10.49
C THR G 3966 -41.15 -18.63 11.23
N GLU G 3967 -41.93 -18.75 12.30
CA GLU G 3967 -42.28 -17.56 13.09
C GLU G 3967 -41.05 -16.96 13.74
N TYR G 3968 -40.08 -17.79 14.14
CA TYR G 3968 -38.82 -17.25 14.65
C TYR G 3968 -38.10 -16.41 13.60
N ILE G 3969 -38.00 -16.93 12.38
CA ILE G 3969 -37.07 -16.33 11.42
C ILE G 3969 -37.73 -15.21 10.62
N GLN G 3970 -39.06 -15.13 10.64
CA GLN G 3970 -39.72 -14.07 9.89
C GLN G 3970 -39.46 -12.70 10.51
N GLY G 3971 -39.80 -11.65 9.75
CA GLY G 3971 -39.68 -10.29 10.21
C GLY G 3971 -38.99 -9.34 9.25
N PRO G 3972 -37.88 -9.76 8.63
CA PRO G 3972 -36.99 -10.88 8.94
C PRO G 3972 -35.97 -10.52 10.03
N CYS G 3973 -35.92 -11.32 11.09
CA CYS G 3973 -34.99 -11.07 12.19
C CYS G 3973 -33.61 -11.53 11.76
N THR G 3974 -32.70 -10.57 11.53
CA THR G 3974 -31.39 -10.89 10.99
C THR G 3974 -30.58 -11.76 11.95
N GLY G 3975 -30.63 -11.45 13.24
CA GLY G 3975 -29.89 -12.24 14.21
C GLY G 3975 -30.38 -13.68 14.27
N ASN G 3976 -31.70 -13.86 14.29
CA ASN G 3976 -32.26 -15.21 14.27
C ASN G 3976 -31.88 -15.94 12.99
N GLN G 3977 -31.92 -15.23 11.85
CA GLN G 3977 -31.54 -15.84 10.58
C GLN G 3977 -30.10 -16.33 10.62
N GLN G 3978 -29.17 -15.49 11.10
CA GLN G 3978 -27.77 -15.88 11.14
C GLN G 3978 -27.52 -17.01 12.12
N SER G 3979 -28.18 -16.96 13.29
CA SER G 3979 -28.02 -18.03 14.27
C SER G 3979 -28.54 -19.35 13.72
N LEU G 3980 -29.70 -19.33 13.06
CA LEU G 3980 -30.23 -20.54 12.45
C LEU G 3980 -29.31 -21.04 11.34
N ALA G 3981 -28.74 -20.12 10.56
CA ALA G 3981 -27.83 -20.51 9.49
C ALA G 3981 -26.60 -21.21 10.04
N HIS G 3982 -26.04 -20.69 11.14
CA HIS G 3982 -24.86 -21.32 11.71
C HIS G 3982 -25.21 -22.54 12.55
N SER G 3983 -26.49 -22.72 12.87
CA SER G 3983 -26.91 -23.85 13.67
C SER G 3983 -26.88 -25.15 12.85
N ARG G 3984 -27.32 -26.23 13.50
CA ARG G 3984 -27.38 -27.55 12.89
C ARG G 3984 -28.63 -27.77 12.05
N LEU G 3985 -29.32 -26.71 11.63
CA LEU G 3985 -30.55 -26.89 10.87
C LEU G 3985 -30.30 -27.63 9.57
N TRP G 3986 -29.17 -27.34 8.92
CA TRP G 3986 -28.96 -27.82 7.55
C TRP G 3986 -28.94 -29.34 7.48
N ASP G 3987 -28.30 -29.99 8.45
CA ASP G 3987 -28.24 -31.45 8.45
C ASP G 3987 -29.63 -32.06 8.62
N ALA G 3988 -30.42 -31.51 9.54
CA ALA G 3988 -31.78 -32.01 9.73
C ALA G 3988 -32.63 -31.78 8.49
N VAL G 3989 -32.42 -30.66 7.81
CA VAL G 3989 -33.18 -30.36 6.60
C VAL G 3989 -32.83 -31.34 5.48
N VAL G 3990 -31.54 -31.64 5.32
CA VAL G 3990 -31.14 -32.67 4.33
C VAL G 3990 -31.76 -34.01 4.70
N GLY G 3991 -31.78 -34.34 5.99
CA GLY G 3991 -32.41 -35.57 6.42
C GLY G 3991 -33.88 -35.64 6.06
N PHE G 3992 -34.63 -34.58 6.38
CA PHE G 3992 -36.02 -34.52 5.97
C PHE G 3992 -36.17 -34.62 4.46
N LEU G 3993 -35.21 -34.05 3.72
CA LEU G 3993 -35.29 -34.12 2.27
C LEU G 3993 -35.23 -35.55 1.76
N HIS G 3994 -34.22 -36.31 2.18
CA HIS G 3994 -34.12 -37.68 1.67
C HIS G 3994 -35.28 -38.52 2.19
N VAL G 3995 -35.66 -38.31 3.45
CA VAL G 3995 -36.79 -39.04 4.02
C VAL G 3995 -38.04 -38.78 3.21
N PHE G 3996 -38.32 -37.51 2.90
CA PHE G 3996 -39.51 -37.16 2.15
C PHE G 3996 -39.50 -37.76 0.76
N ALA G 3997 -38.33 -37.74 0.10
CA ALA G 3997 -38.22 -38.32 -1.23
C ALA G 3997 -38.63 -39.79 -1.22
N HIS G 3998 -38.01 -40.56 -0.32
CA HIS G 3998 -38.34 -41.98 -0.26
C HIS G 3998 -39.77 -42.19 0.23
N MET G 3999 -40.27 -41.30 1.10
CA MET G 3999 -41.69 -41.32 1.43
C MET G 3999 -42.56 -41.29 0.19
N MET G 4000 -42.55 -40.19 -0.58
CA MET G 4000 -43.58 -40.11 -1.61
C MET G 4000 -43.34 -41.18 -2.67
N MET G 4001 -42.10 -41.65 -2.83
CA MET G 4001 -41.90 -42.87 -3.62
C MET G 4001 -42.77 -44.01 -3.12
N LYS G 4002 -42.53 -44.46 -1.87
CA LYS G 4002 -43.22 -45.65 -1.38
C LYS G 4002 -44.71 -45.40 -1.18
N LEU G 4003 -45.09 -44.14 -0.95
CA LEU G 4003 -46.48 -43.81 -0.71
C LEU G 4003 -47.28 -43.79 -2.01
N ALA G 4004 -46.66 -43.32 -3.10
CA ALA G 4004 -47.32 -43.37 -4.40
C ALA G 4004 -47.26 -44.77 -4.98
N GLN G 4005 -46.39 -45.63 -4.44
CA GLN G 4005 -46.40 -47.04 -4.86
C GLN G 4005 -47.80 -47.65 -4.74
N ASP G 4006 -48.54 -47.33 -3.68
CA ASP G 4006 -49.84 -47.92 -3.42
C ASP G 4006 -50.89 -46.85 -3.22
N SER G 4007 -52.17 -47.20 -3.45
CA SER G 4007 -53.24 -46.23 -3.39
C SER G 4007 -53.67 -45.92 -1.96
N SER G 4008 -53.58 -46.91 -1.08
CA SER G 4008 -54.14 -46.76 0.28
C SER G 4008 -53.43 -45.66 1.06
N GLN G 4009 -52.17 -45.36 0.70
CA GLN G 4009 -51.38 -44.39 1.44
C GLN G 4009 -51.63 -42.96 1.00
N ILE G 4010 -52.75 -42.67 0.34
CA ILE G 4010 -52.94 -41.37 -0.29
C ILE G 4010 -53.08 -40.26 0.74
N GLU G 4011 -53.74 -40.55 1.87
CA GLU G 4011 -53.94 -39.52 2.89
C GLU G 4011 -52.62 -39.19 3.59
N LEU G 4012 -51.83 -40.22 3.90
CA LEU G 4012 -50.51 -39.98 4.47
C LEU G 4012 -49.63 -39.24 3.48
N LEU G 4013 -49.82 -39.49 2.18
CA LEU G 4013 -49.11 -38.73 1.16
C LEU G 4013 -49.53 -37.26 1.16
N LYS G 4014 -50.82 -37.00 1.35
CA LYS G 4014 -51.28 -35.62 1.47
C LYS G 4014 -50.62 -34.92 2.65
N GLU G 4015 -50.59 -35.60 3.80
CA GLU G 4015 -49.92 -35.02 4.97
C GLU G 4015 -48.43 -34.83 4.70
N LEU G 4016 -47.83 -35.74 3.94
CA LEU G 4016 -46.43 -35.60 3.56
C LEU G 4016 -46.21 -34.32 2.77
N LEU G 4017 -47.07 -34.09 1.77
CA LEU G 4017 -46.94 -32.89 0.96
C LEU G 4017 -47.14 -31.63 1.80
N ASP G 4018 -48.06 -31.68 2.76
CA ASP G 4018 -48.26 -30.55 3.66
C ASP G 4018 -47.00 -30.26 4.48
N LEU G 4019 -46.39 -31.31 5.03
CA LEU G 4019 -45.15 -31.12 5.81
C LEU G 4019 -44.04 -30.57 4.94
N GLN G 4020 -43.91 -31.07 3.71
CA GLN G 4020 -42.87 -30.60 2.81
C GLN G 4020 -43.08 -29.12 2.45
N LYS G 4021 -44.33 -28.70 2.27
CA LYS G 4021 -44.55 -27.30 1.90
C LYS G 4021 -44.32 -26.38 3.09
N ASP G 4022 -44.60 -26.85 4.30
CA ASP G 4022 -44.20 -26.10 5.48
C ASP G 4022 -42.67 -25.96 5.54
N MET G 4023 -41.97 -27.06 5.24
CA MET G 4023 -40.52 -27.04 5.11
C MET G 4023 -40.05 -25.97 4.12
N VAL G 4024 -40.66 -25.94 2.93
CA VAL G 4024 -40.22 -25.03 1.88
C VAL G 4024 -40.53 -23.58 2.25
N VAL G 4025 -41.67 -23.34 2.90
CA VAL G 4025 -41.98 -21.97 3.29
C VAL G 4025 -41.03 -21.49 4.38
N MET G 4026 -40.60 -22.40 5.26
CA MET G 4026 -39.56 -22.03 6.22
C MET G 4026 -38.25 -21.68 5.50
N LEU G 4027 -37.89 -22.45 4.48
CA LEU G 4027 -36.68 -22.15 3.71
C LEU G 4027 -36.80 -20.80 3.02
N LEU G 4028 -37.99 -20.48 2.49
CA LEU G 4028 -38.19 -19.18 1.86
C LEU G 4028 -38.10 -18.05 2.89
N SER G 4029 -38.63 -18.27 4.08
CA SER G 4029 -38.47 -17.28 5.15
C SER G 4029 -37.01 -17.07 5.48
N LEU G 4030 -36.20 -18.12 5.39
CA LEU G 4030 -34.75 -17.96 5.51
C LEU G 4030 -34.19 -17.13 4.36
N LEU G 4031 -34.67 -17.37 3.14
CA LEU G 4031 -34.25 -16.58 1.99
C LEU G 4031 -34.61 -15.12 2.13
N GLU G 4032 -35.62 -14.80 2.95
CA GLU G 4032 -36.07 -13.43 3.09
C GLU G 4032 -34.92 -12.51 3.45
N GLY G 4033 -34.83 -11.39 2.72
CA GLY G 4033 -33.81 -10.40 2.96
C GLY G 4033 -32.43 -10.72 2.41
N ASN G 4034 -32.29 -11.81 1.66
CA ASN G 4034 -30.97 -12.19 1.16
C ASN G 4034 -30.57 -11.33 -0.02
N VAL G 4035 -29.30 -10.93 -0.02
CA VAL G 4035 -28.75 -10.15 -1.12
C VAL G 4035 -28.34 -11.09 -2.26
N VAL G 4036 -28.05 -10.49 -3.42
CA VAL G 4036 -27.49 -11.28 -4.51
C VAL G 4036 -26.14 -11.84 -4.08
N ASN G 4037 -25.94 -13.14 -4.33
CA ASN G 4037 -24.79 -13.87 -3.81
C ASN G 4037 -24.69 -13.76 -2.29
N GLY G 4038 -25.81 -13.97 -1.60
CA GLY G 4038 -25.80 -13.91 -0.16
C GLY G 4038 -25.32 -15.21 0.47
N MET G 4039 -24.87 -15.10 1.71
CA MET G 4039 -24.31 -16.26 2.41
C MET G 4039 -25.37 -17.33 2.64
N ILE G 4040 -26.57 -16.94 3.05
CA ILE G 4040 -27.64 -17.92 3.32
C ILE G 4040 -28.05 -18.62 2.03
N ALA G 4041 -28.20 -17.85 0.94
CA ALA G 4041 -28.53 -18.46 -0.33
C ALA G 4041 -27.45 -19.41 -0.79
N ARG G 4042 -26.17 -19.03 -0.62
CA ARG G 4042 -25.08 -19.92 -0.98
C ARG G 4042 -25.12 -21.20 -0.15
N GLN G 4043 -25.41 -21.08 1.14
CA GLN G 4043 -25.48 -22.26 2.00
C GLN G 4043 -26.61 -23.19 1.59
N MET G 4044 -27.76 -22.64 1.20
CA MET G 4044 -28.85 -23.49 0.74
C MET G 4044 -28.55 -24.11 -0.62
N VAL G 4045 -27.83 -23.39 -1.49
CA VAL G 4045 -27.37 -24.00 -2.74
C VAL G 4045 -26.44 -25.17 -2.44
N ASP G 4046 -25.53 -24.98 -1.48
CA ASP G 4046 -24.66 -26.08 -1.05
C ASP G 4046 -25.48 -27.24 -0.51
N MET G 4047 -26.54 -26.94 0.25
CA MET G 4047 -27.46 -27.98 0.72
C MET G 4047 -28.03 -28.79 -0.43
N LEU G 4048 -28.55 -28.10 -1.44
CA LEU G 4048 -29.08 -28.81 -2.60
C LEU G 4048 -27.99 -29.64 -3.27
N VAL G 4049 -26.75 -29.15 -3.22
CA VAL G 4049 -25.64 -29.92 -3.79
C VAL G 4049 -25.44 -31.22 -3.03
N GLU G 4050 -25.36 -31.15 -1.69
CA GLU G 4050 -25.11 -32.38 -0.93
C GLU G 4050 -26.30 -33.33 -1.02
N SER G 4051 -27.53 -32.80 -0.98
CA SER G 4051 -28.73 -33.60 -1.10
C SER G 4051 -29.23 -33.68 -2.54
N SER G 4052 -28.31 -33.59 -3.51
CA SER G 4052 -28.70 -33.53 -4.92
C SER G 4052 -29.60 -34.70 -5.30
N SER G 4053 -29.10 -35.93 -5.22
CA SER G 4053 -29.85 -37.07 -5.73
C SER G 4053 -31.27 -37.11 -5.18
N ASN G 4054 -31.42 -36.77 -3.90
CA ASN G 4054 -32.75 -36.64 -3.32
C ASN G 4054 -33.54 -35.51 -3.98
N VAL G 4055 -32.86 -34.39 -4.28
CA VAL G 4055 -33.55 -33.24 -4.85
C VAL G 4055 -34.04 -33.54 -6.25
N GLU G 4056 -33.17 -34.07 -7.12
CA GLU G 4056 -33.64 -34.45 -8.45
C GLU G 4056 -34.64 -35.60 -8.37
N MET G 4057 -34.58 -36.41 -7.31
CA MET G 4057 -35.58 -37.47 -7.18
C MET G 4057 -36.97 -36.89 -6.92
N ILE G 4058 -37.08 -35.92 -6.01
CA ILE G 4058 -38.36 -35.27 -5.76
C ILE G 4058 -38.82 -34.51 -7.00
N LEU G 4059 -37.88 -33.80 -7.66
CA LEU G 4059 -38.23 -33.08 -8.87
C LEU G 4059 -38.71 -34.04 -9.96
N LYS G 4060 -38.11 -35.24 -10.03
CA LYS G 4060 -38.55 -36.23 -11.01
C LYS G 4060 -39.96 -36.71 -10.69
N PHE G 4061 -40.23 -36.98 -9.41
CA PHE G 4061 -41.60 -37.24 -8.99
C PHE G 4061 -42.56 -36.22 -9.58
N PHE G 4062 -42.35 -34.93 -9.27
CA PHE G 4062 -43.29 -33.91 -9.70
C PHE G 4062 -43.38 -33.80 -11.22
N ASP G 4063 -42.22 -33.83 -11.90
CA ASP G 4063 -42.23 -33.60 -13.33
C ASP G 4063 -42.86 -34.77 -14.07
N MET G 4064 -42.62 -36.00 -13.62
CA MET G 4064 -43.21 -37.14 -14.32
C MET G 4064 -44.71 -37.16 -14.10
N PHE G 4065 -45.18 -36.75 -12.92
CA PHE G 4065 -46.63 -36.71 -12.73
C PHE G 4065 -47.28 -35.60 -13.55
N LEU G 4066 -46.62 -34.44 -13.67
CA LEU G 4066 -47.14 -33.41 -14.55
C LEU G 4066 -47.17 -33.87 -16.00
N LYS G 4067 -46.11 -34.55 -16.45
CA LYS G 4067 -46.06 -35.06 -17.81
C LYS G 4067 -47.15 -36.11 -18.04
N LEU G 4068 -47.38 -36.98 -17.06
CA LEU G 4068 -48.46 -37.96 -17.16
C LEU G 4068 -49.82 -37.27 -17.29
N LYS G 4069 -50.06 -36.26 -16.47
CA LYS G 4069 -51.31 -35.50 -16.58
C LYS G 4069 -51.44 -34.89 -17.97
N ASP G 4070 -50.33 -34.43 -18.55
CA ASP G 4070 -50.36 -33.94 -19.91
C ASP G 4070 -50.73 -35.04 -20.91
N ILE G 4071 -50.16 -36.23 -20.74
CA ILE G 4071 -50.24 -37.25 -21.79
C ILE G 4071 -51.55 -38.02 -21.73
N VAL G 4072 -52.19 -38.09 -20.56
CA VAL G 4072 -53.48 -38.77 -20.49
C VAL G 4072 -54.50 -38.08 -21.41
N GLY G 4073 -54.25 -36.82 -21.75
CA GLY G 4073 -55.10 -36.15 -22.72
C GLY G 4073 -54.50 -36.12 -24.11
N SER G 4074 -53.33 -36.75 -24.28
CA SER G 4074 -52.62 -36.67 -25.56
C SER G 4074 -53.34 -37.48 -26.64
N GLU G 4075 -53.17 -37.04 -27.89
CA GLU G 4075 -53.83 -37.71 -29.01
C GLU G 4075 -53.28 -39.11 -29.23
N ALA G 4076 -51.97 -39.31 -28.99
CA ALA G 4076 -51.40 -40.64 -29.09
C ALA G 4076 -52.02 -41.57 -28.05
N PHE G 4077 -52.20 -41.07 -26.83
CA PHE G 4077 -52.85 -41.86 -25.79
C PHE G 4077 -54.28 -42.20 -26.17
N GLN G 4078 -55.00 -41.22 -26.76
CA GLN G 4078 -56.36 -41.47 -27.20
C GLN G 4078 -56.40 -42.53 -28.31
N ASP G 4079 -55.46 -42.47 -29.25
CA ASP G 4079 -55.39 -43.47 -30.30
C ASP G 4079 -55.11 -44.86 -29.73
N TYR G 4080 -54.22 -44.93 -28.74
CA TYR G 4080 -53.93 -46.21 -28.11
C TYR G 4080 -55.15 -46.76 -27.38
N VAL G 4081 -55.94 -45.88 -26.74
CA VAL G 4081 -57.19 -46.31 -26.12
C VAL G 4081 -58.09 -46.93 -27.18
N THR G 4082 -58.63 -48.10 -26.88
CA THR G 4082 -59.37 -48.90 -27.85
C THR G 4082 -60.70 -49.44 -27.34
N ASP G 4083 -61.22 -48.92 -26.22
CA ASP G 4083 -62.49 -49.42 -25.72
C ASP G 4083 -63.46 -48.28 -25.47
N PRO G 4084 -64.77 -48.57 -25.51
CA PRO G 4084 -65.76 -47.53 -25.14
C PRO G 4084 -65.69 -47.12 -23.68
N ARG G 4085 -65.24 -48.01 -22.79
CA ARG G 4085 -65.26 -47.72 -21.36
C ARG G 4085 -64.33 -46.57 -21.00
N GLY G 4086 -63.34 -46.30 -21.85
CA GLY G 4086 -62.35 -45.29 -21.54
C GLY G 4086 -61.20 -45.78 -20.70
N LEU G 4087 -61.20 -47.04 -20.29
CA LEU G 4087 -60.08 -47.60 -19.55
C LEU G 4087 -58.94 -47.93 -20.52
N ILE G 4088 -57.73 -48.09 -19.98
CA ILE G 4088 -56.57 -48.48 -20.77
C ILE G 4088 -55.92 -49.69 -20.11
N SER G 4089 -55.51 -50.66 -20.92
CA SER G 4089 -54.86 -51.85 -20.40
C SER G 4089 -53.39 -51.56 -20.10
N LYS G 4090 -52.77 -52.46 -19.35
CA LYS G 4090 -51.39 -52.26 -18.92
C LYS G 4090 -50.44 -52.23 -20.12
N LYS G 4091 -50.58 -53.19 -21.03
CA LYS G 4091 -49.72 -53.22 -22.21
C LYS G 4091 -50.03 -52.09 -23.17
N ASP G 4092 -51.30 -51.68 -23.24
CA ASP G 4092 -51.65 -50.51 -24.04
C ASP G 4092 -50.95 -49.27 -23.51
N PHE G 4093 -50.96 -49.08 -22.20
CA PHE G 4093 -50.26 -47.95 -21.59
C PHE G 4093 -48.75 -48.04 -21.84
N GLN G 4094 -48.20 -49.25 -21.71
CA GLN G 4094 -46.77 -49.43 -21.97
C GLN G 4094 -46.40 -49.04 -23.40
N LYS G 4095 -47.19 -49.53 -24.38
CA LYS G 4095 -46.92 -49.21 -25.77
C LYS G 4095 -47.08 -47.72 -26.05
N ALA G 4096 -48.09 -47.09 -25.45
CA ALA G 4096 -48.26 -45.65 -25.63
C ALA G 4096 -47.06 -44.89 -25.08
N MET G 4097 -46.58 -45.26 -23.90
CA MET G 4097 -45.43 -44.56 -23.32
C MET G 4097 -44.17 -44.76 -24.15
N ASP G 4098 -43.91 -45.99 -24.60
CA ASP G 4098 -42.68 -46.21 -25.35
C ASP G 4098 -42.75 -45.60 -26.74
N SER G 4099 -43.95 -45.45 -27.29
CA SER G 4099 -44.11 -44.71 -28.54
C SER G 4099 -43.92 -43.22 -28.31
N GLN G 4100 -44.29 -42.73 -27.13
CA GLN G 4100 -44.08 -41.33 -26.81
C GLN G 4100 -42.60 -41.03 -26.61
N LYS G 4101 -41.84 -42.00 -26.08
CA LYS G 4101 -40.41 -41.90 -25.78
C LYS G 4101 -40.11 -40.89 -24.68
N GLN G 4102 -41.12 -40.31 -24.05
CA GLN G 4102 -40.88 -39.25 -23.07
C GLN G 4102 -40.28 -39.80 -21.78
N PHE G 4103 -40.67 -41.02 -21.40
CA PHE G 4103 -40.20 -41.64 -20.18
C PHE G 4103 -39.27 -42.80 -20.52
N THR G 4104 -38.15 -42.89 -19.81
CA THR G 4104 -37.25 -44.01 -19.98
C THR G 4104 -37.88 -45.29 -19.42
N GLY G 4105 -37.16 -46.41 -19.58
CA GLY G 4105 -37.65 -47.69 -19.13
C GLY G 4105 -37.91 -47.80 -17.65
N PRO G 4106 -36.93 -47.48 -16.78
CA PRO G 4106 -37.23 -47.48 -15.34
C PRO G 4106 -38.32 -46.50 -14.95
N GLU G 4107 -38.39 -45.35 -15.64
CA GLU G 4107 -39.45 -44.39 -15.36
C GLU G 4107 -40.82 -44.97 -15.68
N ILE G 4108 -40.94 -45.67 -16.80
CA ILE G 4108 -42.19 -46.32 -17.16
C ILE G 4108 -42.51 -47.43 -16.18
N GLN G 4109 -41.49 -48.15 -15.71
CA GLN G 4109 -41.72 -49.18 -14.70
C GLN G 4109 -42.27 -48.58 -13.41
N PHE G 4110 -41.71 -47.45 -12.98
CA PHE G 4110 -42.20 -46.81 -11.76
C PHE G 4110 -43.60 -46.27 -11.95
N LEU G 4111 -43.90 -45.75 -13.15
CA LEU G 4111 -45.27 -45.32 -13.44
C LEU G 4111 -46.24 -46.49 -13.40
N LEU G 4112 -45.82 -47.65 -13.94
CA LEU G 4112 -46.65 -48.84 -13.88
C LEU G 4112 -46.89 -49.27 -12.44
N SER G 4113 -45.85 -49.22 -11.61
CA SER G 4113 -46.00 -49.60 -10.21
C SER G 4113 -46.94 -48.64 -9.48
N CYS G 4114 -46.82 -47.35 -9.76
CA CYS G 4114 -47.73 -46.37 -9.15
C CYS G 4114 -49.16 -46.58 -9.62
N SER G 4115 -49.34 -46.93 -10.89
CA SER G 4115 -50.68 -47.14 -11.42
C SER G 4115 -51.36 -48.30 -10.71
N GLU G 4116 -52.63 -48.12 -10.36
CA GLU G 4116 -53.38 -49.18 -9.72
C GLU G 4116 -53.63 -50.31 -10.72
N ALA G 4117 -52.84 -51.36 -10.61
CA ALA G 4117 -52.88 -52.48 -11.54
C ALA G 4117 -54.01 -53.41 -11.16
N ASP G 4118 -55.10 -53.38 -11.93
CA ASP G 4118 -56.22 -54.26 -11.70
C ASP G 4118 -55.83 -55.71 -12.05
N GLU G 4119 -56.65 -56.65 -11.58
CA GLU G 4119 -56.38 -58.05 -11.88
C GLU G 4119 -56.46 -58.32 -13.38
N ASN G 4120 -57.38 -57.65 -14.07
CA ASN G 4120 -57.41 -57.72 -15.53
C ASN G 4120 -56.39 -56.79 -16.16
N GLU G 4121 -55.62 -56.08 -15.33
CA GLU G 4121 -54.60 -55.14 -15.78
C GLU G 4121 -55.22 -54.01 -16.59
N MET G 4122 -56.40 -53.55 -16.19
CA MET G 4122 -57.09 -52.51 -16.94
C MET G 4122 -57.24 -51.26 -16.08
N ILE G 4123 -56.84 -50.11 -16.63
CA ILE G 4123 -56.55 -48.93 -15.82
C ILE G 4123 -57.37 -47.74 -16.30
N ASN G 4124 -57.90 -46.96 -15.34
CA ASN G 4124 -58.54 -45.68 -15.63
C ASN G 4124 -57.49 -44.56 -15.51
N PHE G 4125 -56.90 -44.20 -16.65
CA PHE G 4125 -55.83 -43.20 -16.64
C PHE G 4125 -56.35 -41.84 -16.17
N GLU G 4126 -57.63 -41.55 -16.42
CA GLU G 4126 -58.20 -40.29 -15.97
C GLU G 4126 -58.02 -40.11 -14.47
N GLU G 4127 -58.62 -40.99 -13.67
CA GLU G 4127 -58.52 -40.87 -12.23
C GLU G 4127 -57.09 -41.09 -11.75
N PHE G 4128 -56.36 -41.99 -12.42
CA PHE G 4128 -54.98 -42.24 -11.99
C PHE G 4128 -54.13 -40.98 -12.08
N ALA G 4129 -54.26 -40.23 -13.18
CA ALA G 4129 -53.52 -38.98 -13.31
C ALA G 4129 -54.09 -37.89 -12.40
N ASN G 4130 -55.42 -37.83 -12.26
CA ASN G 4130 -56.03 -36.71 -11.57
C ASN G 4130 -55.85 -36.80 -10.06
N ARG G 4131 -55.65 -38.01 -9.52
CA ARG G 4131 -55.58 -38.15 -8.07
C ARG G 4131 -54.37 -37.44 -7.48
N PHE G 4132 -53.23 -37.47 -8.17
CA PHE G 4132 -52.00 -36.93 -7.59
C PHE G 4132 -51.89 -35.41 -7.78
N GLN G 4133 -52.54 -34.88 -8.82
CA GLN G 4133 -52.27 -33.50 -9.23
C GLN G 4133 -52.71 -32.49 -8.18
N GLU G 4134 -53.91 -32.65 -7.65
CA GLU G 4134 -54.41 -31.65 -6.70
C GLU G 4134 -53.57 -31.55 -5.44
N PRO G 4135 -53.21 -32.65 -4.74
CA PRO G 4135 -52.32 -32.50 -3.57
C PRO G 4135 -50.96 -31.93 -3.92
N ALA G 4136 -50.45 -32.22 -5.12
CA ALA G 4136 -49.06 -31.89 -5.43
C ALA G 4136 -48.93 -30.47 -5.96
N ARG G 4137 -50.03 -29.73 -6.02
CA ARG G 4137 -50.00 -28.40 -6.62
C ARG G 4137 -49.10 -27.44 -5.83
N ASP G 4138 -49.49 -27.10 -4.60
CA ASP G 4138 -48.85 -25.97 -3.93
C ASP G 4138 -47.49 -26.35 -3.37
N ILE G 4139 -47.25 -27.65 -3.15
CA ILE G 4139 -45.87 -28.10 -2.94
C ILE G 4139 -45.03 -27.87 -4.19
N GLY G 4140 -45.58 -28.20 -5.36
CA GLY G 4140 -44.87 -27.88 -6.60
C GLY G 4140 -44.65 -26.40 -6.76
N PHE G 4141 -45.65 -25.60 -6.39
CA PHE G 4141 -45.52 -24.14 -6.48
C PHE G 4141 -44.43 -23.64 -5.54
N ASN G 4142 -44.38 -24.15 -4.31
CA ASN G 4142 -43.36 -23.69 -3.37
C ASN G 4142 -41.96 -24.11 -3.82
N VAL G 4143 -41.83 -25.32 -4.35
CA VAL G 4143 -40.53 -25.75 -4.88
C VAL G 4143 -40.12 -24.86 -6.05
N ALA G 4144 -41.06 -24.54 -6.93
CA ALA G 4144 -40.76 -23.66 -8.06
C ALA G 4144 -40.34 -22.27 -7.58
N VAL G 4145 -41.04 -21.74 -6.57
CA VAL G 4145 -40.69 -20.43 -6.04
C VAL G 4145 -39.29 -20.44 -5.43
N LEU G 4146 -38.97 -21.47 -4.65
CA LEU G 4146 -37.64 -21.56 -4.07
C LEU G 4146 -36.56 -21.63 -5.15
N LEU G 4147 -36.78 -22.49 -6.15
CA LEU G 4147 -35.79 -22.63 -7.22
C LEU G 4147 -35.63 -21.34 -8.01
N THR G 4148 -36.74 -20.65 -8.29
CA THR G 4148 -36.67 -19.41 -9.07
C THR G 4148 -35.98 -18.30 -8.27
N ASN G 4149 -36.29 -18.20 -6.97
CA ASN G 4149 -35.62 -17.23 -6.11
C ASN G 4149 -34.12 -17.49 -6.06
N LEU G 4150 -33.73 -18.74 -5.90
CA LEU G 4150 -32.31 -19.06 -5.89
C LEU G 4150 -31.67 -18.76 -7.25
N SER G 4151 -32.40 -19.05 -8.34
CA SER G 4151 -31.87 -18.81 -9.67
C SER G 4151 -31.57 -17.34 -9.89
N GLU G 4152 -32.48 -16.45 -9.45
CA GLU G 4152 -32.22 -15.03 -9.64
C GLU G 4152 -31.17 -14.52 -8.66
N HIS G 4153 -31.19 -14.99 -7.40
CA HIS G 4153 -30.31 -14.40 -6.40
C HIS G 4153 -28.88 -14.88 -6.53
N VAL G 4154 -28.66 -16.11 -7.00
CA VAL G 4154 -27.32 -16.62 -7.26
C VAL G 4154 -27.21 -16.84 -8.76
N PRO G 4155 -26.64 -15.90 -9.52
CA PRO G 4155 -26.73 -15.98 -10.97
C PRO G 4155 -25.84 -17.05 -11.59
N HIS G 4156 -24.71 -17.37 -10.96
CA HIS G 4156 -23.70 -18.25 -11.56
C HIS G 4156 -23.49 -19.49 -10.67
N ASP G 4157 -24.19 -20.57 -11.02
CA ASP G 4157 -24.06 -21.85 -10.34
C ASP G 4157 -24.52 -22.97 -11.27
N PRO G 4158 -23.61 -23.70 -11.93
CA PRO G 4158 -24.06 -24.78 -12.84
C PRO G 4158 -24.84 -25.89 -12.13
N ARG G 4159 -24.59 -26.11 -10.85
CA ARG G 4159 -25.43 -27.06 -10.11
C ARG G 4159 -26.87 -26.55 -10.05
N LEU G 4160 -27.05 -25.25 -9.79
CA LEU G 4160 -28.39 -24.68 -9.85
C LEU G 4160 -28.96 -24.76 -11.25
N ARG G 4161 -28.09 -24.63 -12.27
CA ARG G 4161 -28.52 -24.88 -13.64
C ARG G 4161 -29.12 -26.26 -13.81
N ASN G 4162 -28.44 -27.29 -13.32
CA ASN G 4162 -28.94 -28.65 -13.53
C ASN G 4162 -30.24 -28.88 -12.75
N PHE G 4163 -30.32 -28.32 -11.54
CA PHE G 4163 -31.58 -28.37 -10.80
C PHE G 4163 -32.72 -27.77 -11.61
N LEU G 4164 -32.51 -26.56 -12.15
CA LEU G 4164 -33.56 -25.91 -12.93
C LEU G 4164 -33.90 -26.70 -14.18
N GLU G 4165 -32.88 -27.25 -14.85
CA GLU G 4165 -33.13 -28.01 -16.07
C GLU G 4165 -33.98 -29.25 -15.80
N LEU G 4166 -33.71 -29.95 -14.70
CA LEU G 4166 -34.52 -31.12 -14.38
C LEU G 4166 -35.87 -30.72 -13.81
N ALA G 4167 -36.01 -29.49 -13.33
CA ALA G 4167 -37.27 -29.00 -12.81
C ALA G 4167 -38.00 -28.05 -13.75
N GLU G 4168 -37.63 -28.04 -15.05
CA GLU G 4168 -38.23 -27.08 -15.98
C GLU G 4168 -39.73 -27.25 -16.08
N SER G 4169 -40.22 -28.50 -16.16
CA SER G 4169 -41.64 -28.71 -16.40
C SER G 4169 -42.50 -28.18 -15.25
N ILE G 4170 -42.02 -28.31 -14.01
CA ILE G 4170 -42.73 -27.70 -12.89
C ILE G 4170 -42.71 -26.18 -13.03
N LEU G 4171 -41.55 -25.61 -13.33
CA LEU G 4171 -41.46 -24.18 -13.53
C LEU G 4171 -42.27 -23.73 -14.74
N GLU G 4172 -42.31 -24.55 -15.79
CA GLU G 4172 -43.08 -24.19 -16.98
C GLU G 4172 -44.58 -24.25 -16.71
N TYR G 4173 -45.01 -25.20 -15.88
CA TYR G 4173 -46.44 -25.32 -15.58
C TYR G 4173 -46.89 -24.22 -14.64
N PHE G 4174 -46.08 -23.89 -13.64
CA PHE G 4174 -46.40 -22.81 -12.72
C PHE G 4174 -45.95 -21.46 -13.25
N ARG G 4175 -45.44 -21.41 -14.48
CA ARG G 4175 -45.06 -20.15 -15.10
C ARG G 4175 -46.20 -19.12 -15.06
N PRO G 4176 -47.44 -19.44 -15.44
CA PRO G 4176 -48.49 -18.40 -15.36
C PRO G 4176 -48.84 -17.98 -13.95
N TYR G 4177 -48.91 -18.93 -13.01
CA TYR G 4177 -49.45 -18.63 -11.69
C TYR G 4177 -48.41 -17.97 -10.78
N LEU G 4178 -47.13 -18.04 -11.15
CA LEU G 4178 -46.11 -17.35 -10.37
C LEU G 4178 -46.21 -15.86 -10.62
N GLY G 4179 -46.23 -15.09 -9.54
CA GLY G 4179 -46.25 -13.64 -9.66
C GLY G 4179 -45.10 -13.02 -8.91
N ARG G 4180 -44.34 -12.15 -9.59
CA ARG G 4180 -43.14 -11.56 -9.04
C ARG G 4180 -43.24 -10.05 -9.12
N ILE G 4181 -43.01 -9.39 -7.98
CA ILE G 4181 -43.00 -7.93 -7.92
C ILE G 4181 -41.72 -7.49 -7.25
N GLU G 4182 -41.45 -6.19 -7.30
CA GLU G 4182 -40.28 -5.58 -6.68
C GLU G 4182 -40.74 -4.46 -5.75
N ILE G 4183 -40.24 -4.45 -4.52
CA ILE G 4183 -40.69 -3.51 -3.51
C ILE G 4183 -39.50 -2.83 -2.85
N MET G 4184 -39.81 -1.73 -2.18
CA MET G 4184 -38.85 -0.89 -1.49
C MET G 4184 -38.69 -1.37 -0.05
N GLY G 4185 -37.60 -2.06 0.23
CA GLY G 4185 -37.47 -2.79 1.48
C GLY G 4185 -37.20 -1.90 2.69
N ALA G 4186 -37.29 -2.54 3.86
CA ALA G 4186 -36.91 -1.87 5.10
C ALA G 4186 -35.43 -1.49 5.10
N SER G 4187 -34.60 -2.28 4.42
CA SER G 4187 -33.20 -1.93 4.25
C SER G 4187 -33.03 -0.88 3.17
N ARG G 4188 -34.14 -0.36 2.66
CA ARG G 4188 -34.17 0.67 1.62
C ARG G 4188 -33.52 0.18 0.33
N ARG G 4189 -33.57 -1.11 0.06
CA ARG G 4189 -33.08 -1.68 -1.18
C ARG G 4189 -34.13 -2.58 -1.80
N ILE G 4190 -34.07 -2.73 -3.13
CA ILE G 4190 -35.09 -3.42 -3.88
C ILE G 4190 -35.13 -4.89 -3.51
N GLU G 4191 -36.34 -5.41 -3.25
CA GLU G 4191 -36.52 -6.82 -2.94
C GLU G 4191 -37.61 -7.39 -3.83
N ARG G 4192 -37.39 -8.61 -4.32
CA ARG G 4192 -38.36 -9.30 -5.15
C ARG G 4192 -39.23 -10.21 -4.30
N ILE G 4193 -40.54 -10.12 -4.50
CA ILE G 4193 -41.54 -10.91 -3.79
C ILE G 4193 -42.22 -11.83 -4.79
N TYR G 4194 -42.37 -13.09 -4.40
CA TYR G 4194 -43.03 -14.11 -5.22
C TYR G 4194 -44.30 -14.55 -4.51
N PHE G 4195 -45.37 -14.76 -5.27
CA PHE G 4195 -46.66 -15.15 -4.72
C PHE G 4195 -47.46 -15.92 -5.75
N GLU G 4196 -48.59 -16.47 -5.30
CA GLU G 4196 -49.43 -17.27 -6.18
C GLU G 4196 -50.59 -16.44 -6.72
N ILE G 4197 -50.92 -16.68 -7.98
CA ILE G 4197 -52.03 -16.02 -8.66
C ILE G 4197 -53.03 -17.08 -9.07
N SER G 4198 -54.28 -16.93 -8.64
CA SER G 4198 -55.27 -17.95 -8.92
C SER G 4198 -55.83 -17.81 -10.33
N GLU G 4199 -56.26 -18.95 -10.89
CA GLU G 4199 -56.82 -18.96 -12.23
C GLU G 4199 -58.08 -18.10 -12.29
N THR G 4200 -58.90 -18.13 -11.24
CA THR G 4200 -60.10 -17.28 -11.21
C THR G 4200 -59.72 -15.81 -11.24
N ASN G 4201 -58.70 -15.42 -10.45
CA ASN G 4201 -58.27 -14.03 -10.44
C ASN G 4201 -57.76 -13.60 -11.82
N ARG G 4202 -56.99 -14.45 -12.48
CA ARG G 4202 -56.49 -14.09 -13.81
C ARG G 4202 -57.63 -14.00 -14.82
N ALA G 4203 -58.61 -14.91 -14.73
CA ALA G 4203 -59.76 -14.83 -15.62
C ALA G 4203 -60.53 -13.54 -15.42
N GLN G 4204 -60.72 -13.15 -14.15
CA GLN G 4204 -61.40 -11.88 -13.87
C GLN G 4204 -60.59 -10.69 -14.39
N TRP G 4205 -59.27 -10.75 -14.29
CA TRP G 4205 -58.44 -9.63 -14.73
C TRP G 4205 -58.48 -9.48 -16.25
N GLU G 4206 -58.35 -10.58 -16.99
CA GLU G 4206 -58.47 -10.48 -18.44
C GLU G 4206 -59.91 -10.63 -18.92
N MET G 4207 -60.88 -10.46 -18.03
CA MET G 4207 -62.24 -10.18 -18.47
C MET G 4207 -62.25 -8.85 -19.22
N PRO G 4208 -62.82 -8.79 -20.42
CA PRO G 4208 -62.52 -7.65 -21.32
C PRO G 4208 -62.86 -6.27 -20.80
N GLN G 4209 -63.98 -6.09 -20.07
CA GLN G 4209 -64.31 -4.73 -19.64
C GLN G 4209 -63.39 -4.27 -18.52
N VAL G 4210 -62.82 -5.21 -17.77
CA VAL G 4210 -61.75 -4.86 -16.84
C VAL G 4210 -60.56 -4.29 -17.59
N LYS G 4211 -60.22 -4.90 -18.73
CA LYS G 4211 -59.15 -4.36 -19.57
C LYS G 4211 -59.53 -2.99 -20.12
N GLU G 4212 -60.80 -2.79 -20.46
CA GLU G 4212 -61.25 -1.47 -20.91
C GLU G 4212 -61.05 -0.42 -19.83
N SER G 4213 -61.46 -0.73 -18.59
CA SER G 4213 -61.25 0.19 -17.48
C SER G 4213 -59.77 0.44 -17.24
N LYS G 4214 -58.95 -0.60 -17.39
CA LYS G 4214 -57.51 -0.44 -17.24
C LYS G 4214 -56.95 0.53 -18.28
N ARG G 4215 -57.38 0.40 -19.53
CA ARG G 4215 -56.91 1.31 -20.57
C ARG G 4215 -57.37 2.74 -20.32
N GLN G 4216 -58.63 2.91 -19.89
CA GLN G 4216 -59.10 4.25 -19.57
C GLN G 4216 -58.30 4.87 -18.43
N PHE G 4217 -58.04 4.10 -17.38
CA PHE G 4217 -57.24 4.60 -16.27
C PHE G 4217 -55.83 4.96 -16.71
N ILE G 4218 -55.21 4.12 -17.54
CA ILE G 4218 -53.88 4.41 -18.04
C ILE G 4218 -53.88 5.71 -18.83
N PHE G 4219 -54.86 5.88 -19.71
CA PHE G 4219 -54.96 7.12 -20.47
C PHE G 4219 -55.04 8.32 -19.55
N ASP G 4220 -55.95 8.29 -18.58
CA ASP G 4220 -56.13 9.44 -17.70
C ASP G 4220 -54.88 9.72 -16.87
N VAL G 4221 -54.26 8.67 -16.32
CA VAL G 4221 -53.15 8.88 -15.40
C VAL G 4221 -51.91 9.35 -16.15
N VAL G 4222 -51.70 8.87 -17.38
CA VAL G 4222 -50.60 9.39 -18.18
C VAL G 4222 -50.88 10.82 -18.62
N ASN G 4223 -52.16 11.14 -18.85
CA ASN G 4223 -52.50 12.47 -19.34
C ASN G 4223 -52.34 13.54 -18.27
N GLU G 4224 -52.82 13.29 -17.05
CA GLU G 4224 -52.79 14.33 -16.01
C GLU G 4224 -52.34 13.76 -14.66
N GLY G 4225 -51.30 12.94 -14.63
CA GLY G 4225 -50.86 12.27 -13.42
C GLY G 4225 -49.47 12.72 -12.98
N GLY G 4226 -49.38 13.20 -11.75
CA GLY G 4226 -48.10 13.35 -11.10
C GLY G 4226 -47.71 12.04 -10.40
N GLU G 4227 -46.40 11.84 -10.24
CA GLU G 4227 -45.88 10.51 -9.91
C GLU G 4227 -46.46 9.96 -8.61
N ALA G 4228 -46.44 10.75 -7.53
CA ALA G 4228 -47.06 10.31 -6.29
C ALA G 4228 -48.57 10.19 -6.44
N GLU G 4229 -49.18 11.19 -7.08
CA GLU G 4229 -50.60 11.09 -7.43
C GLU G 4229 -50.83 9.92 -8.38
N LYS G 4230 -49.84 9.61 -9.22
CA LYS G 4230 -49.94 8.46 -10.11
C LYS G 4230 -50.06 7.15 -9.32
N MET G 4231 -49.20 6.95 -8.31
CA MET G 4231 -49.31 5.77 -7.46
C MET G 4231 -50.61 5.74 -6.69
N GLU G 4232 -51.03 6.90 -6.18
CA GLU G 4232 -52.29 6.97 -5.43
C GLU G 4232 -53.48 6.59 -6.30
N LEU G 4233 -53.52 7.13 -7.52
CA LEU G 4233 -54.60 6.79 -8.44
C LEU G 4233 -54.50 5.34 -8.88
N PHE G 4234 -53.29 4.80 -8.96
CA PHE G 4234 -53.15 3.38 -9.26
C PHE G 4234 -53.76 2.51 -8.17
N VAL G 4235 -53.51 2.84 -6.91
CA VAL G 4235 -54.09 2.06 -5.81
C VAL G 4235 -55.61 2.20 -5.82
N SER G 4236 -56.11 3.42 -6.03
CA SER G 4236 -57.56 3.61 -6.11
C SER G 4236 -58.16 2.82 -7.26
N PHE G 4237 -57.50 2.82 -8.41
CA PHE G 4237 -57.96 2.05 -9.56
C PHE G 4237 -57.96 0.55 -9.25
N CYS G 4238 -56.94 0.09 -8.54
CA CYS G 4238 -56.91 -1.31 -8.11
C CYS G 4238 -58.12 -1.65 -7.25
N GLU G 4239 -58.45 -0.78 -6.30
CA GLU G 4239 -59.61 -1.03 -5.45
C GLU G 4239 -60.90 -1.04 -6.26
N ASP G 4240 -61.04 -0.09 -7.20
CA ASP G 4240 -62.22 -0.06 -8.05
C ASP G 4240 -62.34 -1.33 -8.89
N THR G 4241 -61.21 -1.81 -9.42
CA THR G 4241 -61.24 -3.05 -10.19
C THR G 4241 -61.65 -4.24 -9.33
N ILE G 4242 -61.16 -4.29 -8.09
CA ILE G 4242 -61.57 -5.39 -7.21
C ILE G 4242 -63.09 -5.34 -6.98
N PHE G 4243 -63.63 -4.15 -6.76
CA PHE G 4243 -65.07 -4.05 -6.59
C PHE G 4243 -65.81 -4.48 -7.86
N GLU G 4244 -65.26 -4.13 -9.02
CA GLU G 4244 -65.86 -4.57 -10.28
C GLU G 4244 -65.79 -6.08 -10.43
N MET G 4245 -64.72 -6.70 -9.96
CA MET G 4245 -64.66 -8.16 -9.98
C MET G 4245 -65.73 -8.77 -9.08
N GLN G 4246 -65.96 -8.18 -7.90
CA GLN G 4246 -67.09 -8.66 -7.09
C GLN G 4246 -68.41 -8.53 -7.84
N ILE G 4247 -68.64 -7.37 -8.47
CA ILE G 4247 -69.89 -7.15 -9.19
C ILE G 4247 -70.06 -8.16 -10.31
N ALA G 4248 -68.99 -8.41 -11.07
CA ALA G 4248 -69.05 -9.41 -12.13
C ALA G 4248 -69.30 -10.79 -11.56
N ALA G 4249 -68.76 -11.08 -10.38
CA ALA G 4249 -69.03 -12.36 -9.73
C ALA G 4249 -70.50 -12.53 -9.42
N GLN G 4250 -71.14 -11.48 -8.89
CA GLN G 4250 -72.58 -11.60 -8.63
C GLN G 4250 -73.38 -11.71 -9.92
N ILE G 4251 -73.01 -10.95 -10.96
CA ILE G 4251 -73.83 -10.93 -12.17
C ILE G 4251 -73.58 -12.17 -13.01
N SER G 4252 -72.52 -12.91 -12.71
CA SER G 4252 -72.17 -14.08 -13.51
C SER G 4252 -73.25 -15.15 -13.44
N GLU G 4253 -73.53 -15.78 -14.56
CA GLU G 4253 -74.54 -16.82 -14.61
C GLU G 4253 -74.06 -18.06 -13.88
N PRO G 4254 -74.93 -18.71 -13.09
CA PRO G 4254 -74.60 -19.96 -12.39
C PRO G 4254 -74.77 -21.19 -13.31
N PHE G 4540 -93.55 -18.18 -2.07
CA PHE G 4540 -93.97 -17.85 -3.44
C PHE G 4540 -93.33 -16.53 -3.88
N TRP G 4541 -93.33 -15.55 -2.96
CA TRP G 4541 -92.62 -14.31 -3.24
C TRP G 4541 -91.13 -14.56 -3.39
N GLY G 4542 -90.60 -15.58 -2.71
CA GLY G 4542 -89.21 -15.95 -2.91
C GLY G 4542 -88.93 -16.50 -4.29
N GLU G 4543 -89.84 -17.33 -4.81
CA GLU G 4543 -89.64 -17.89 -6.14
C GLU G 4543 -89.94 -16.86 -7.22
N LEU G 4544 -90.65 -15.78 -6.87
CA LEU G 4544 -90.72 -14.63 -7.76
C LEU G 4544 -89.44 -13.80 -7.68
N GLU G 4545 -88.87 -13.70 -6.49
CA GLU G 4545 -87.65 -12.91 -6.29
C GLU G 4545 -86.47 -13.53 -7.04
N VAL G 4546 -86.37 -14.86 -7.05
CA VAL G 4546 -85.30 -15.50 -7.78
C VAL G 4546 -85.41 -15.19 -9.27
N GLN G 4547 -86.65 -15.19 -9.79
CA GLN G 4547 -86.85 -14.81 -11.19
C GLN G 4547 -86.47 -13.36 -11.43
N ARG G 4548 -86.81 -12.47 -10.49
CA ARG G 4548 -86.50 -11.06 -10.68
C ARG G 4548 -84.99 -10.82 -10.69
N VAL G 4549 -84.26 -11.47 -9.78
CA VAL G 4549 -82.81 -11.30 -9.76
C VAL G 4549 -82.17 -11.95 -10.98
N LYS G 4550 -82.74 -13.05 -11.47
CA LYS G 4550 -82.25 -13.62 -12.72
C LYS G 4550 -82.44 -12.65 -13.88
N PHE G 4551 -83.60 -11.99 -13.93
CA PHE G 4551 -83.86 -11.01 -14.97
C PHE G 4551 -82.89 -9.83 -14.88
N LEU G 4552 -82.63 -9.36 -13.66
CA LEU G 4552 -81.68 -8.26 -13.46
C LEU G 4552 -80.27 -8.68 -13.88
N ASN G 4553 -79.87 -9.91 -13.55
CA ASN G 4553 -78.57 -10.39 -13.99
C ASN G 4553 -78.48 -10.50 -15.50
N TYR G 4554 -79.58 -10.93 -16.14
CA TYR G 4554 -79.65 -10.96 -17.59
C TYR G 4554 -79.41 -9.57 -18.18
N LEU G 4555 -80.10 -8.56 -17.65
CA LEU G 4555 -79.90 -7.20 -18.14
C LEU G 4555 -78.48 -6.72 -17.90
N SER G 4556 -77.94 -7.00 -16.71
CA SER G 4556 -76.59 -6.55 -16.39
C SER G 4556 -75.55 -7.16 -17.33
N ARG G 4557 -75.70 -8.45 -17.65
CA ARG G 4557 -74.74 -9.10 -18.54
C ARG G 4557 -74.91 -8.60 -19.97
N ASN G 4558 -76.15 -8.48 -20.44
CA ASN G 4558 -76.41 -8.12 -21.84
C ASN G 4558 -76.69 -6.64 -22.03
N PHE G 4559 -76.18 -5.78 -21.14
CA PHE G 4559 -76.42 -4.35 -21.27
C PHE G 4559 -75.85 -3.79 -22.57
N TYR G 4560 -74.61 -4.16 -22.91
CA TYR G 4560 -73.96 -3.56 -24.06
C TYR G 4560 -74.64 -3.94 -25.38
N THR G 4561 -74.92 -5.22 -25.56
CA THR G 4561 -75.66 -5.66 -26.75
C THR G 4561 -77.03 -5.03 -26.81
N LEU G 4562 -77.64 -4.79 -25.65
CA LEU G 4562 -78.93 -4.12 -25.60
C LEU G 4562 -78.82 -2.69 -26.12
N ARG G 4563 -77.74 -1.99 -25.76
CA ARG G 4563 -77.51 -0.64 -26.27
C ARG G 4563 -77.28 -0.66 -27.78
N PHE G 4564 -76.52 -1.65 -28.26
CA PHE G 4564 -76.30 -1.78 -29.70
C PHE G 4564 -77.63 -2.01 -30.43
N LEU G 4565 -78.48 -2.87 -29.89
CA LEU G 4565 -79.78 -3.12 -30.49
C LEU G 4565 -80.65 -1.86 -30.47
N ALA G 4566 -80.57 -1.08 -29.39
CA ALA G 4566 -81.31 0.17 -29.34
C ALA G 4566 -80.86 1.12 -30.44
N LEU G 4567 -79.54 1.23 -30.64
CA LEU G 4567 -79.03 2.12 -31.69
C LEU G 4567 -79.46 1.64 -33.07
N PHE G 4568 -79.38 0.33 -33.32
CA PHE G 4568 -79.82 -0.22 -34.60
C PHE G 4568 -81.30 0.05 -34.84
N LEU G 4569 -82.12 -0.15 -33.79
CA LEU G 4569 -83.56 0.08 -33.94
C LEU G 4569 -83.85 1.56 -34.19
N ALA G 4570 -83.08 2.45 -33.56
CA ALA G 4570 -83.22 3.87 -33.85
C ALA G 4570 -82.90 4.17 -35.31
N PHE G 4571 -81.84 3.56 -35.84
CA PHE G 4571 -81.51 3.76 -37.25
C PHE G 4571 -82.62 3.27 -38.15
N ALA G 4572 -83.19 2.10 -37.86
CA ALA G 4572 -84.27 1.56 -38.68
C ALA G 4572 -85.51 2.46 -38.62
N ILE G 4573 -85.86 2.92 -37.42
CA ILE G 4573 -86.98 3.83 -37.27
C ILE G 4573 -86.75 5.11 -38.06
N ASN G 4574 -85.51 5.62 -38.05
CA ASN G 4574 -85.20 6.84 -38.77
C ASN G 4574 -85.29 6.63 -40.27
N PHE G 4575 -84.94 5.43 -40.75
CA PHE G 4575 -85.06 5.10 -42.16
C PHE G 4575 -86.53 5.08 -42.59
N ILE G 4576 -87.37 4.41 -41.80
CA ILE G 4576 -88.81 4.41 -42.07
C ILE G 4576 -89.35 5.84 -42.05
N LEU G 4577 -88.88 6.67 -41.12
CA LEU G 4577 -89.28 8.07 -41.08
C LEU G 4577 -88.81 8.80 -42.34
N LEU G 4578 -87.61 8.47 -42.82
CA LEU G 4578 -87.05 9.06 -44.02
C LEU G 4578 -87.92 8.83 -45.25
N PHE G 4579 -88.65 7.72 -45.27
CA PHE G 4579 -89.58 7.48 -46.39
C PHE G 4579 -90.94 8.18 -46.26
N TYR G 4580 -91.03 9.33 -45.58
CA TYR G 4580 -92.29 10.06 -45.53
C TYR G 4580 -92.56 10.89 -46.78
N LYS G 4581 -93.73 11.52 -46.82
CA LYS G 4581 -94.21 12.37 -47.90
C LYS G 4581 -95.33 13.25 -47.33
N VAL G 4582 -95.55 14.42 -47.95
CA VAL G 4582 -96.62 15.33 -47.53
C VAL G 4582 -97.39 15.78 -48.75
N SER G 4583 -98.71 15.92 -48.58
CA SER G 4583 -99.57 16.53 -49.59
C SER G 4583 -100.70 17.25 -48.88
N ASP G 4584 -101.31 18.22 -49.57
CA ASP G 4584 -102.42 18.97 -49.00
C ASP G 4584 -103.67 18.10 -48.88
N SER G 4585 -103.81 17.11 -49.76
CA SER G 4585 -104.98 16.26 -49.74
C SER G 4585 -104.89 15.24 -48.60
N PRO G 4586 -106.04 14.81 -48.06
CA PRO G 4586 -106.01 13.74 -47.06
C PRO G 4586 -105.51 12.44 -47.66
N PRO G 4587 -104.90 11.56 -46.85
CA PRO G 4587 -104.37 10.29 -47.35
C PRO G 4587 -105.43 9.38 -47.95
N ASN G 4626 -105.13 25.89 -46.31
CA ASN G 4626 -105.51 24.48 -46.16
C ASN G 4626 -104.56 23.79 -45.17
N MET G 4627 -104.92 22.57 -44.79
CA MET G 4627 -104.22 21.82 -43.75
C MET G 4627 -103.54 20.62 -44.40
N VAL G 4628 -102.22 20.51 -44.20
CA VAL G 4628 -101.44 19.49 -44.90
C VAL G 4628 -101.29 18.24 -44.04
N TYR G 4629 -101.20 17.09 -44.71
CA TYR G 4629 -101.20 15.79 -44.05
C TYR G 4629 -99.85 15.12 -44.21
N TYR G 4630 -99.28 14.68 -43.09
CA TYR G 4630 -98.02 13.94 -43.07
C TYR G 4630 -98.34 12.45 -43.09
N PHE G 4631 -98.07 11.78 -44.21
CA PHE G 4631 -98.38 10.37 -44.35
C PHE G 4631 -97.29 9.69 -45.17
N LEU G 4632 -96.83 8.53 -44.71
CA LEU G 4632 -95.86 7.76 -45.46
C LEU G 4632 -96.49 7.16 -46.71
N GLU G 4633 -95.73 7.09 -47.79
CA GLU G 4633 -96.16 6.47 -49.03
C GLU G 4633 -95.25 5.29 -49.35
N GLU G 4634 -95.84 4.12 -49.52
CA GLU G 4634 -95.10 2.92 -49.91
C GLU G 4634 -95.98 2.07 -50.82
N SER G 4635 -95.35 1.07 -51.44
CA SER G 4635 -96.12 0.09 -52.21
C SER G 4635 -96.55 -1.08 -51.33
N THR G 4636 -95.73 -1.44 -50.34
CA THR G 4636 -96.01 -2.62 -49.52
C THR G 4636 -97.16 -2.36 -48.56
N GLY G 4637 -97.16 -1.20 -47.91
CA GLY G 4637 -98.13 -0.92 -46.87
C GLY G 4637 -97.77 -1.44 -45.49
N TYR G 4638 -96.51 -1.84 -45.27
CA TYR G 4638 -96.14 -2.47 -44.01
C TYR G 4638 -95.53 -1.47 -43.03
N MET G 4639 -94.96 -0.37 -43.53
CA MET G 4639 -94.15 0.49 -42.68
C MET G 4639 -94.98 1.19 -41.60
N GLU G 4640 -96.20 1.60 -41.92
CA GLU G 4640 -97.04 2.24 -40.91
C GLU G 4640 -97.27 1.35 -39.70
N PRO G 4641 -97.61 0.06 -39.83
CA PRO G 4641 -97.55 -0.81 -38.64
C PRO G 4641 -96.12 -1.07 -38.17
N ALA G 4642 -95.18 -1.19 -39.11
CA ALA G 4642 -93.80 -1.51 -38.75
C ALA G 4642 -93.17 -0.39 -37.94
N LEU G 4643 -93.42 0.86 -38.31
CA LEU G 4643 -92.88 1.97 -37.52
C LEU G 4643 -93.42 1.95 -36.10
N TRP G 4644 -94.72 1.68 -35.95
CA TRP G 4644 -95.32 1.58 -34.62
C TRP G 4644 -94.64 0.49 -33.79
N CYS G 4645 -94.52 -0.71 -34.36
CA CYS G 4645 -93.90 -1.81 -33.62
C CYS G 4645 -92.45 -1.49 -33.26
N LEU G 4646 -91.70 -0.92 -34.20
CA LEU G 4646 -90.30 -0.61 -33.95
C LEU G 4646 -90.15 0.47 -32.89
N SER G 4647 -91.05 1.46 -32.89
CA SER G 4647 -91.00 2.50 -31.86
C SER G 4647 -91.29 1.92 -30.48
N LEU G 4648 -92.30 1.05 -30.39
CA LEU G 4648 -92.60 0.41 -29.11
C LEU G 4648 -91.42 -0.42 -28.62
N LEU G 4649 -90.81 -1.20 -29.52
CA LEU G 4649 -89.66 -2.00 -29.15
C LEU G 4649 -88.49 -1.13 -28.73
N HIS G 4650 -88.30 0.00 -29.42
CA HIS G 4650 -87.21 0.91 -29.07
C HIS G 4650 -87.40 1.49 -27.67
N THR G 4651 -88.63 1.88 -27.34
CA THR G 4651 -88.89 2.41 -26.00
C THR G 4651 -88.68 1.34 -24.94
N LEU G 4652 -89.15 0.12 -25.19
CA LEU G 4652 -88.96 -0.97 -24.23
C LEU G 4652 -87.48 -1.28 -24.04
N VAL G 4653 -86.72 -1.31 -25.15
CA VAL G 4653 -85.29 -1.59 -25.07
C VAL G 4653 -84.57 -0.48 -24.32
N ALA G 4654 -85.00 0.77 -24.52
CA ALA G 4654 -84.38 1.88 -23.78
C ALA G 4654 -84.66 1.77 -22.29
N PHE G 4655 -85.88 1.39 -21.92
CA PHE G 4655 -86.17 1.21 -20.48
C PHE G 4655 -85.34 0.08 -19.89
N LEU G 4656 -85.20 -1.02 -20.63
CA LEU G 4656 -84.31 -2.10 -20.20
C LEU G 4656 -82.88 -1.59 -20.07
N CYS G 4657 -82.47 -0.68 -20.96
CA CYS G 4657 -81.15 -0.08 -20.86
C CYS G 4657 -81.00 0.73 -19.59
N ILE G 4658 -82.04 1.48 -19.22
CA ILE G 4658 -82.01 2.23 -17.97
C ILE G 4658 -81.78 1.29 -16.79
N ILE G 4659 -82.58 0.23 -16.71
CA ILE G 4659 -82.47 -0.69 -15.58
C ILE G 4659 -81.11 -1.38 -15.57
N GLY G 4660 -80.64 -1.80 -16.75
CA GLY G 4660 -79.36 -2.48 -16.82
C GLY G 4660 -78.19 -1.59 -16.43
N TYR G 4661 -78.17 -0.36 -16.95
CA TYR G 4661 -77.13 0.59 -16.56
C TYR G 4661 -77.15 0.83 -15.07
N ASN G 4662 -78.33 1.03 -14.49
CA ASN G 4662 -78.41 1.20 -13.04
C ASN G 4662 -77.76 0.01 -12.34
N CYS G 4663 -78.33 -1.18 -12.53
CA CYS G 4663 -77.90 -2.35 -11.78
C CYS G 4663 -76.43 -2.69 -12.04
N LEU G 4664 -75.89 -2.25 -13.18
CA LEU G 4664 -74.52 -2.63 -13.51
C LEU G 4664 -73.51 -1.63 -12.96
N LYS G 4665 -73.74 -0.33 -13.16
CA LYS G 4665 -72.71 0.66 -12.90
C LYS G 4665 -73.00 1.64 -11.77
N VAL G 4666 -74.27 1.82 -11.36
CA VAL G 4666 -74.55 2.70 -10.22
C VAL G 4666 -73.82 2.24 -8.96
N PRO G 4667 -73.74 0.92 -8.65
CA PRO G 4667 -72.94 0.52 -7.49
C PRO G 4667 -71.50 0.99 -7.54
N LEU G 4668 -70.90 1.05 -8.73
CA LEU G 4668 -69.52 1.55 -8.82
C LEU G 4668 -69.43 3.01 -8.42
N VAL G 4669 -70.39 3.84 -8.87
CA VAL G 4669 -70.36 5.26 -8.51
C VAL G 4669 -70.58 5.43 -7.01
N ILE G 4670 -71.54 4.68 -6.45
CA ILE G 4670 -71.76 4.76 -5.01
C ILE G 4670 -70.51 4.31 -4.26
N PHE G 4671 -69.83 3.28 -4.77
CA PHE G 4671 -68.62 2.80 -4.13
C PHE G 4671 -67.53 3.87 -4.15
N LYS G 4672 -67.35 4.54 -5.29
CA LYS G 4672 -66.34 5.60 -5.35
C LYS G 4672 -66.68 6.74 -4.38
N ARG G 4673 -67.94 7.16 -4.34
CA ARG G 4673 -68.30 8.26 -3.45
C ARG G 4673 -68.11 7.88 -1.98
N GLU G 4674 -68.55 6.67 -1.61
CA GLU G 4674 -68.36 6.22 -0.23
C GLU G 4674 -66.88 6.09 0.11
N LYS G 4675 -66.07 5.58 -0.82
CA LYS G 4675 -64.64 5.46 -0.58
C LYS G 4675 -64.01 6.82 -0.34
N GLU G 4676 -64.27 7.79 -1.23
CA GLU G 4676 -63.63 9.10 -1.08
C GLU G 4676 -64.11 9.79 0.19
N LEU G 4677 -65.40 9.66 0.53
CA LEU G 4677 -65.90 10.26 1.76
C LEU G 4677 -65.26 9.62 2.99
N ALA G 4678 -65.13 8.30 3.00
CA ALA G 4678 -64.52 7.62 4.14
C ALA G 4678 -63.06 8.02 4.28
N ARG G 4679 -62.33 8.13 3.16
CA ARG G 4679 -60.94 8.55 3.24
C ARG G 4679 -60.83 9.98 3.75
N LYS G 4680 -61.71 10.87 3.28
CA LYS G 4680 -61.69 12.25 3.75
C LYS G 4680 -61.95 12.32 5.25
N LEU G 4681 -62.91 11.54 5.74
CA LEU G 4681 -63.19 11.54 7.18
C LEU G 4681 -62.02 10.96 7.97
N GLU G 4682 -61.43 9.87 7.48
CA GLU G 4682 -60.41 9.16 8.24
C GLU G 4682 -59.11 9.95 8.31
N PHE G 4683 -58.65 10.46 7.17
CA PHE G 4683 -57.35 11.14 7.10
C PHE G 4683 -57.47 12.65 7.04
N ASP G 4684 -58.24 13.18 6.09
CA ASP G 4684 -58.42 14.62 6.01
C ASP G 4684 -59.25 15.13 7.20
N GLY G 4685 -60.24 14.36 7.62
CA GLY G 4685 -61.09 14.78 8.73
C GLY G 4685 -61.86 16.05 8.45
N LEU G 4686 -62.43 16.17 7.26
CA LEU G 4686 -63.06 17.42 6.84
C LEU G 4686 -64.25 17.76 7.72
N TYR G 4687 -65.30 16.92 7.69
CA TYR G 4687 -66.56 17.27 8.34
C TYR G 4687 -66.39 17.49 9.84
N ILE G 4688 -65.43 16.78 10.45
CA ILE G 4688 -65.17 16.98 11.87
C ILE G 4688 -64.62 18.38 12.12
N THR G 4689 -63.65 18.81 11.31
CA THR G 4689 -62.94 20.06 11.54
C THR G 4689 -63.15 21.09 10.45
N GLU G 4690 -62.83 20.76 9.19
CA GLU G 4690 -62.72 21.78 8.15
C GLU G 4690 -64.08 22.27 7.67
N GLN G 4691 -65.08 21.37 7.62
CA GLN G 4691 -66.44 21.62 7.13
C GLN G 4691 -66.31 21.77 5.61
N PRO G 4692 -67.40 21.62 4.84
CA PRO G 4692 -67.30 21.93 3.41
C PRO G 4692 -66.95 23.39 3.16
N GLY G 4693 -66.22 23.62 2.07
CA GLY G 4693 -65.75 24.97 1.77
C GLY G 4693 -66.84 25.86 1.21
N ASP G 4694 -68.06 25.34 1.08
CA ASP G 4694 -69.28 25.98 0.59
C ASP G 4694 -69.21 26.22 -0.91
N ASP G 4695 -68.12 25.83 -1.57
CA ASP G 4695 -68.00 25.91 -3.02
C ASP G 4695 -68.30 24.59 -3.70
N ASP G 4696 -68.23 23.48 -2.95
CA ASP G 4696 -68.45 22.14 -3.48
C ASP G 4696 -69.80 21.63 -3.00
N VAL G 4697 -70.79 21.59 -3.90
CA VAL G 4697 -72.13 21.18 -3.53
C VAL G 4697 -72.15 19.72 -3.11
N LYS G 4698 -71.23 18.92 -3.66
CA LYS G 4698 -71.17 17.51 -3.30
C LYS G 4698 -70.89 17.33 -1.81
N GLY G 4699 -70.17 18.26 -1.19
CA GLY G 4699 -69.93 18.18 0.24
C GLY G 4699 -71.20 18.31 1.06
N GLN G 4700 -71.98 19.35 0.78
CA GLN G 4700 -73.25 19.53 1.50
C GLN G 4700 -74.20 18.37 1.21
N TRP G 4701 -74.14 17.81 0.00
CA TRP G 4701 -74.98 16.65 -0.29
C TRP G 4701 -74.52 15.44 0.51
N ASP G 4702 -73.21 15.24 0.64
CA ASP G 4702 -72.70 14.10 1.39
C ASP G 4702 -72.91 14.26 2.88
N ARG G 4703 -73.16 15.49 3.35
CA ARG G 4703 -73.46 15.70 4.76
C ARG G 4703 -74.64 14.84 5.22
N LEU G 4704 -75.58 14.54 4.32
CA LEU G 4704 -76.78 13.82 4.72
C LEU G 4704 -76.48 12.37 5.09
N VAL G 4705 -75.57 11.73 4.36
CA VAL G 4705 -75.40 10.28 4.49
C VAL G 4705 -74.66 9.94 5.77
N LEU G 4706 -74.04 10.93 6.41
CA LEU G 4706 -73.23 10.67 7.59
C LEU G 4706 -74.06 10.07 8.72
N ASN G 4707 -75.27 10.60 8.94
CA ASN G 4707 -76.09 10.12 10.05
C ASN G 4707 -76.69 8.76 9.73
N THR G 4708 -76.81 8.42 8.46
CA THR G 4708 -77.55 7.24 8.05
C THR G 4708 -76.94 5.97 8.64
N PRO G 4709 -77.76 5.06 9.17
CA PRO G 4709 -77.21 3.80 9.71
C PRO G 4709 -76.50 2.96 8.67
N SER G 4710 -76.93 3.02 7.41
CA SER G 4710 -76.33 2.18 6.38
C SER G 4710 -74.89 2.63 6.07
N PHE G 4711 -74.72 3.87 5.62
CA PHE G 4711 -73.48 4.52 5.22
C PHE G 4711 -72.64 3.61 4.31
N PRO G 4712 -71.51 2.96 4.76
CA PRO G 4712 -70.69 2.40 3.67
C PRO G 4712 -71.22 1.04 3.20
N SER G 4713 -72.40 1.06 2.58
CA SER G 4713 -73.01 -0.17 2.10
C SER G 4713 -72.20 -0.78 0.96
N ASN G 4714 -71.87 0.03 -0.05
CA ASN G 4714 -71.06 -0.47 -1.16
C ASN G 4714 -69.61 -0.60 -0.77
N TYR G 4715 -69.11 0.33 0.04
CA TYR G 4715 -67.72 0.31 0.46
C TYR G 4715 -67.43 -0.91 1.32
N TRP G 4716 -66.28 -1.55 1.07
CA TRP G 4716 -65.96 -2.79 1.75
C TRP G 4716 -65.84 -2.59 3.27
N ASP G 4717 -65.22 -1.49 3.68
CA ASP G 4717 -65.08 -1.22 5.10
C ASP G 4717 -66.44 -0.95 5.73
N LYS G 4718 -66.68 -1.58 6.88
CA LYS G 4718 -67.89 -1.35 7.65
C LYS G 4718 -67.63 -0.76 9.02
N PHE G 4719 -66.37 -0.55 9.39
CA PHE G 4719 -65.99 -0.05 10.71
C PHE G 4719 -65.36 1.33 10.65
N VAL G 4720 -65.53 2.06 9.54
CA VAL G 4720 -64.87 3.35 9.38
C VAL G 4720 -65.36 4.34 10.43
N LYS G 4721 -66.63 4.24 10.81
CA LYS G 4721 -67.17 5.16 11.82
C LYS G 4721 -66.45 5.01 13.15
N ARG G 4722 -66.22 3.77 13.57
CA ARG G 4722 -65.54 3.53 14.84
C ARG G 4722 -64.11 4.06 14.83
N LYS G 4723 -63.40 3.86 13.72
CA LYS G 4723 -62.02 4.33 13.65
C LYS G 4723 -61.96 5.86 13.60
N VAL G 4724 -62.90 6.49 12.88
CA VAL G 4724 -62.95 7.95 12.86
C VAL G 4724 -63.23 8.49 14.25
N LEU G 4725 -64.17 7.86 14.97
CA LEU G 4725 -64.44 8.26 16.35
C LEU G 4725 -63.21 8.12 17.23
N ASP G 4726 -62.52 6.99 17.13
CA ASP G 4726 -61.34 6.77 17.96
C ASP G 4726 -60.24 7.76 17.62
N LYS G 4727 -60.15 8.18 16.36
CA LYS G 4727 -59.13 9.13 15.96
C LYS G 4727 -59.44 10.53 16.47
N HIS G 4728 -60.68 10.99 16.32
CA HIS G 4728 -61.01 12.39 16.58
C HIS G 4728 -61.81 12.61 17.86
N GLY G 4729 -61.90 11.62 18.75
CA GLY G 4729 -62.64 11.82 19.99
C GLY G 4729 -62.02 12.88 20.88
N ASP G 4730 -60.70 12.85 21.02
CA ASP G 4730 -60.03 13.79 21.92
C ASP G 4730 -60.26 15.23 21.50
N ILE G 4731 -60.53 15.46 20.20
CA ILE G 4731 -60.62 16.82 19.70
C ILE G 4731 -62.08 17.25 19.54
N PHE G 4732 -62.98 16.30 19.28
CA PHE G 4732 -64.33 16.69 18.91
C PHE G 4732 -65.35 16.32 19.98
N GLY G 4733 -65.05 15.30 20.79
CA GLY G 4733 -66.02 14.80 21.76
C GLY G 4733 -66.65 13.51 21.30
N ARG G 4734 -66.67 12.50 22.18
CA ARG G 4734 -67.24 11.20 21.81
C ARG G 4734 -68.71 11.33 21.47
N GLU G 4735 -69.48 12.02 22.32
CA GLU G 4735 -70.91 12.18 22.05
C GLU G 4735 -71.15 13.05 20.82
N ARG G 4736 -70.25 14.00 20.55
CA ARG G 4736 -70.43 14.87 19.39
C ARG G 4736 -70.22 14.10 18.09
N ILE G 4737 -69.17 13.29 18.02
CA ILE G 4737 -68.98 12.43 16.85
C ILE G 4737 -70.12 11.42 16.75
N ALA G 4738 -70.60 10.94 17.90
CA ALA G 4738 -71.71 9.98 17.90
C ALA G 4738 -72.96 10.59 17.27
N GLU G 4739 -73.30 11.83 17.66
CA GLU G 4739 -74.50 12.46 17.11
C GLU G 4739 -74.28 12.90 15.67
N LEU G 4740 -73.02 13.18 15.29
CA LEU G 4740 -72.73 13.52 13.90
C LEU G 4740 -72.92 12.31 12.99
N LEU G 4741 -72.42 11.15 13.41
CA LEU G 4741 -72.43 9.97 12.56
C LEU G 4741 -73.64 9.07 12.80
N GLY G 4742 -74.52 9.40 13.73
CA GLY G 4742 -75.65 8.53 14.02
C GLY G 4742 -75.23 7.19 14.57
N MET G 4743 -74.26 7.18 15.47
CA MET G 4743 -73.68 5.97 16.03
C MET G 4743 -73.81 6.01 17.55
N ASP G 4744 -74.26 4.92 18.15
CA ASP G 4744 -74.54 4.89 19.58
C ASP G 4744 -73.39 4.22 20.32
N LEU G 4745 -72.75 4.98 21.20
CA LEU G 4745 -71.56 4.48 21.89
C LEU G 4745 -71.87 3.25 22.72
N ALA G 4746 -72.97 3.29 23.48
CA ALA G 4746 -73.29 2.18 24.39
C ALA G 4746 -73.58 0.90 23.62
N SER G 4747 -74.42 0.98 22.59
CA SER G 4747 -74.72 -0.20 21.80
C SER G 4747 -73.48 -0.75 21.11
N LEU G 4748 -72.65 0.16 20.57
CA LEU G 4748 -71.47 -0.30 19.86
C LEU G 4748 -70.45 -0.95 20.80
N GLU G 4749 -70.37 -0.47 22.05
CA GLU G 4749 -69.43 -1.10 22.98
C GLU G 4749 -69.97 -2.41 23.52
N ILE G 4750 -71.28 -2.50 23.79
CA ILE G 4750 -71.83 -3.78 24.26
C ILE G 4750 -71.77 -4.84 23.17
N THR G 4751 -71.95 -4.44 21.91
CA THR G 4751 -71.86 -5.40 20.81
C THR G 4751 -70.44 -5.95 20.69
N ALA G 4752 -69.44 -5.09 20.86
CA ALA G 4752 -68.06 -5.54 20.86
C ALA G 4752 -67.78 -6.45 22.06
N HIS G 4753 -68.37 -6.13 23.22
CA HIS G 4753 -68.14 -6.97 24.39
C HIS G 4753 -68.72 -8.37 24.18
N ASN G 4754 -69.98 -8.46 23.79
CA ASN G 4754 -70.63 -9.76 23.70
C ASN G 4754 -71.56 -9.79 22.49
N GLU G 4755 -71.78 -11.01 21.99
CA GLU G 4755 -72.61 -11.20 20.81
C GLU G 4755 -74.09 -11.13 21.17
N ARG G 4756 -74.88 -10.53 20.27
CA ARG G 4756 -76.33 -10.52 20.36
C ARG G 4756 -76.89 -10.96 19.03
N LYS G 4757 -78.05 -11.61 19.04
CA LYS G 4757 -78.63 -12.19 17.85
C LYS G 4757 -80.05 -11.68 17.64
N PRO G 4758 -80.22 -10.47 17.10
CA PRO G 4758 -81.56 -9.99 16.78
C PRO G 4758 -81.97 -10.33 15.35
N ASP G 4759 -82.27 -11.60 15.11
CA ASP G 4759 -82.64 -12.02 13.75
C ASP G 4759 -84.03 -11.47 13.38
N PRO G 4760 -84.17 -10.90 12.19
CA PRO G 4760 -85.45 -10.29 11.80
C PRO G 4760 -86.32 -11.27 11.03
N PRO G 4761 -87.62 -11.27 11.32
CA PRO G 4761 -88.56 -12.02 10.47
C PRO G 4761 -89.08 -11.14 9.33
N PRO G 4762 -89.35 -11.72 8.16
CA PRO G 4762 -89.82 -10.91 7.04
C PRO G 4762 -91.24 -10.40 7.27
N GLY G 4763 -91.52 -9.23 6.71
CA GLY G 4763 -92.85 -8.65 6.79
C GLY G 4763 -92.89 -7.32 6.08
N LEU G 4764 -94.11 -6.85 5.81
CA LEU G 4764 -94.29 -5.59 5.09
C LEU G 4764 -93.77 -4.41 5.92
N LEU G 4765 -94.21 -4.31 7.18
CA LEU G 4765 -93.77 -3.21 8.03
C LEU G 4765 -92.29 -3.34 8.36
N THR G 4766 -91.79 -4.57 8.49
CA THR G 4766 -90.36 -4.76 8.73
C THR G 4766 -89.54 -4.26 7.54
N TRP G 4767 -90.00 -4.56 6.32
CA TRP G 4767 -89.31 -4.07 5.13
C TRP G 4767 -89.39 -2.54 5.04
N LEU G 4768 -90.55 -1.98 5.38
CA LEU G 4768 -90.70 -0.52 5.37
C LEU G 4768 -89.74 0.14 6.35
N MET G 4769 -89.61 -0.43 7.55
CA MET G 4769 -88.67 0.12 8.53
C MET G 4769 -87.23 -0.11 8.10
N SER G 4770 -86.96 -1.22 7.41
CA SER G 4770 -85.62 -1.48 6.91
C SER G 4770 -85.21 -0.45 5.87
N ILE G 4771 -86.15 0.00 5.05
CA ILE G 4771 -85.85 1.08 4.12
C ILE G 4771 -85.45 2.33 4.88
N ASP G 4772 -84.27 2.84 4.58
CA ASP G 4772 -83.74 4.06 5.19
C ASP G 4772 -83.95 5.21 4.21
N VAL G 4773 -84.72 6.21 4.62
CA VAL G 4773 -85.12 7.27 3.70
C VAL G 4773 -83.92 8.16 3.35
N LYS G 4774 -83.09 8.50 4.34
CA LYS G 4774 -82.00 9.44 4.09
C LYS G 4774 -80.95 8.86 3.15
N TYR G 4775 -80.56 7.60 3.39
CA TYR G 4775 -79.56 6.97 2.53
C TYR G 4775 -80.07 6.83 1.10
N GLN G 4776 -81.34 6.45 0.95
CA GLN G 4776 -81.91 6.32 -0.39
C GLN G 4776 -81.98 7.67 -1.09
N ILE G 4777 -82.34 8.73 -0.35
CA ILE G 4777 -82.38 10.06 -0.94
C ILE G 4777 -81.00 10.48 -1.42
N TRP G 4778 -79.98 10.26 -0.58
CA TRP G 4778 -78.61 10.61 -0.99
C TRP G 4778 -78.16 9.78 -2.18
N LYS G 4779 -78.50 8.49 -2.20
CA LYS G 4779 -78.14 7.63 -3.32
C LYS G 4779 -78.79 8.11 -4.61
N PHE G 4780 -80.07 8.47 -4.56
CA PHE G 4780 -80.75 8.97 -5.76
C PHE G 4780 -80.15 10.30 -6.20
N GLY G 4781 -79.74 11.14 -5.25
CA GLY G 4781 -79.06 12.37 -5.61
C GLY G 4781 -77.77 12.12 -6.36
N VAL G 4782 -76.96 11.18 -5.87
CA VAL G 4782 -75.73 10.82 -6.58
C VAL G 4782 -76.04 10.25 -7.96
N ILE G 4783 -77.10 9.44 -8.04
CA ILE G 4783 -77.50 8.86 -9.32
C ILE G 4783 -77.83 9.96 -10.32
N PHE G 4784 -78.60 10.96 -9.89
CA PHE G 4784 -78.95 12.07 -10.78
C PHE G 4784 -77.74 12.90 -11.15
N THR G 4785 -76.82 13.11 -10.20
CA THR G 4785 -75.62 13.89 -10.50
C THR G 4785 -74.72 13.15 -11.50
N ASP G 4786 -74.81 11.83 -11.54
CA ASP G 4786 -74.02 11.06 -12.50
C ASP G 4786 -74.36 11.48 -13.93
N ASN G 4787 -73.31 11.67 -14.74
CA ASN G 4787 -73.49 12.22 -16.08
C ASN G 4787 -74.12 11.20 -17.03
N SER G 4788 -73.62 9.96 -17.02
CA SER G 4788 -74.11 8.96 -17.96
C SER G 4788 -75.58 8.63 -17.72
N PHE G 4789 -75.97 8.51 -16.45
CA PHE G 4789 -77.38 8.29 -16.14
C PHE G 4789 -78.25 9.41 -16.68
N LEU G 4790 -77.73 10.63 -16.69
CA LEU G 4790 -78.45 11.74 -17.29
C LEU G 4790 -78.63 11.52 -18.80
N TYR G 4791 -77.60 11.01 -19.47
CA TYR G 4791 -77.74 10.71 -20.90
C TYR G 4791 -78.80 9.66 -21.15
N LEU G 4792 -78.81 8.58 -20.36
CA LEU G 4792 -79.80 7.53 -20.61
C LEU G 4792 -81.20 7.99 -20.23
N GLY G 4793 -81.33 8.84 -19.21
CA GLY G 4793 -82.62 9.45 -18.93
C GLY G 4793 -83.08 10.37 -20.05
N TRP G 4794 -82.14 11.07 -20.68
CA TRP G 4794 -82.45 11.82 -21.89
C TRP G 4794 -82.96 10.91 -22.99
N TYR G 4795 -82.35 9.73 -23.12
CA TYR G 4795 -82.80 8.76 -24.13
C TYR G 4795 -84.23 8.30 -23.82
N MET G 4796 -84.50 8.02 -22.55
CA MET G 4796 -85.88 7.85 -22.07
C MET G 4796 -86.81 8.95 -22.58
N VAL G 4797 -86.49 10.20 -22.24
CA VAL G 4797 -87.40 11.30 -22.55
C VAL G 4797 -87.59 11.42 -24.05
N MET G 4798 -86.51 11.24 -24.83
CA MET G 4798 -86.62 11.40 -26.27
C MET G 4798 -87.44 10.28 -26.90
N SER G 4799 -87.31 9.04 -26.40
CA SER G 4799 -88.15 7.97 -26.92
C SER G 4799 -89.62 8.21 -26.59
N LEU G 4800 -89.90 8.63 -25.35
CA LEU G 4800 -91.29 8.89 -24.97
C LEU G 4800 -91.88 10.03 -25.78
N LEU G 4801 -91.08 11.06 -26.07
CA LEU G 4801 -91.57 12.17 -26.88
C LEU G 4801 -91.66 11.77 -28.35
N GLY G 4802 -90.84 10.82 -28.78
CA GLY G 4802 -90.97 10.28 -30.13
C GLY G 4802 -92.25 9.51 -30.32
N HIS G 4803 -92.74 8.87 -29.25
CA HIS G 4803 -94.08 8.30 -29.30
C HIS G 4803 -95.13 9.39 -29.51
N TYR G 4804 -94.93 10.57 -28.89
CA TYR G 4804 -95.85 11.68 -29.12
C TYR G 4804 -95.79 12.16 -30.56
N ASN G 4805 -94.58 12.39 -31.08
CA ASN G 4805 -94.38 12.79 -32.47
C ASN G 4805 -93.24 11.96 -33.02
N ASN G 4806 -93.51 11.23 -34.11
CA ASN G 4806 -92.58 10.22 -34.60
C ASN G 4806 -91.26 10.83 -35.04
N PHE G 4807 -91.26 12.10 -35.45
CA PHE G 4807 -90.03 12.74 -35.89
C PHE G 4807 -89.02 12.91 -34.76
N PHE G 4808 -89.46 12.87 -33.51
CA PHE G 4808 -88.55 13.07 -32.39
C PHE G 4808 -87.56 11.91 -32.23
N PHE G 4809 -87.80 10.79 -32.93
CA PHE G 4809 -86.84 9.70 -32.91
C PHE G 4809 -85.54 10.07 -33.64
N ALA G 4810 -85.53 11.18 -34.37
CA ALA G 4810 -84.33 11.60 -35.08
C ALA G 4810 -83.21 11.94 -34.10
N ALA G 4811 -83.55 12.40 -32.90
CA ALA G 4811 -82.53 12.76 -31.93
C ALA G 4811 -81.73 11.56 -31.46
N HIS G 4812 -82.29 10.35 -31.62
CA HIS G 4812 -81.59 9.15 -31.16
C HIS G 4812 -80.41 8.79 -32.06
N LEU G 4813 -80.30 9.42 -33.24
CA LEU G 4813 -79.22 9.06 -34.15
C LEU G 4813 -77.88 9.64 -33.71
N LEU G 4814 -77.88 10.66 -32.86
CA LEU G 4814 -76.62 11.26 -32.42
C LEU G 4814 -75.89 10.36 -31.43
N ASP G 4815 -76.50 9.25 -31.02
CA ASP G 4815 -75.86 8.35 -30.07
C ASP G 4815 -74.56 7.77 -30.61
N ILE G 4816 -74.42 7.67 -31.93
CA ILE G 4816 -73.19 7.15 -32.52
C ILE G 4816 -72.01 8.05 -32.15
N ALA G 4817 -72.27 9.34 -31.96
CA ALA G 4817 -71.19 10.29 -31.66
C ALA G 4817 -70.49 9.94 -30.36
N MET G 4818 -71.24 9.60 -29.32
CA MET G 4818 -70.61 9.20 -28.07
C MET G 4818 -70.24 7.72 -28.10
N GLY G 4819 -70.94 6.93 -28.92
CA GLY G 4819 -70.61 5.52 -29.04
C GLY G 4819 -69.24 5.30 -29.64
N VAL G 4820 -68.83 6.18 -30.55
CA VAL G 4820 -67.58 6.04 -31.29
C VAL G 4820 -66.54 7.00 -30.69
N LYS G 4821 -65.31 6.51 -30.51
CA LYS G 4821 -64.25 7.33 -29.95
C LYS G 4821 -63.90 8.51 -30.86
N THR G 4822 -63.78 8.26 -32.17
CA THR G 4822 -63.41 9.34 -33.09
C THR G 4822 -64.47 10.42 -33.11
N LEU G 4823 -65.74 10.03 -33.19
CA LEU G 4823 -66.82 11.01 -33.11
C LEU G 4823 -66.85 11.68 -31.74
N ARG G 4824 -66.44 10.95 -30.69
CA ARG G 4824 -66.33 11.56 -29.37
C ARG G 4824 -65.24 12.64 -29.37
N THR G 4825 -64.11 12.38 -30.03
CA THR G 4825 -63.08 13.40 -30.13
C THR G 4825 -63.56 14.61 -30.92
N ILE G 4826 -64.30 14.37 -32.00
CA ILE G 4826 -64.86 15.48 -32.78
C ILE G 4826 -65.81 16.31 -31.92
N LEU G 4827 -66.69 15.63 -31.17
CA LEU G 4827 -67.62 16.30 -30.26
C LEU G 4827 -66.90 17.12 -29.20
N SER G 4828 -65.87 16.56 -28.59
CA SER G 4828 -65.22 17.28 -27.50
C SER G 4828 -64.28 18.37 -28.02
N SER G 4829 -63.94 18.34 -29.31
CA SER G 4829 -63.04 19.35 -29.86
C SER G 4829 -63.62 20.75 -29.72
N VAL G 4830 -64.91 20.92 -29.99
CA VAL G 4830 -65.51 22.26 -29.92
C VAL G 4830 -65.54 22.76 -28.49
N THR G 4831 -65.73 21.87 -27.51
CA THR G 4831 -65.79 22.30 -26.13
C THR G 4831 -64.39 22.48 -25.55
N HIS G 4832 -63.37 21.90 -26.20
CA HIS G 4832 -62.01 21.95 -25.66
C HIS G 4832 -61.49 23.38 -25.59
N ASN G 4833 -61.70 24.16 -26.65
CA ASN G 4833 -61.33 25.57 -26.69
C ASN G 4833 -62.54 26.49 -26.57
N GLY G 4834 -63.52 26.11 -25.74
CA GLY G 4834 -64.80 26.80 -25.75
C GLY G 4834 -64.70 28.26 -25.36
N LYS G 4835 -63.88 28.58 -24.36
CA LYS G 4835 -63.77 29.96 -23.90
C LYS G 4835 -63.20 30.86 -24.99
N GLN G 4836 -62.10 30.43 -25.60
CA GLN G 4836 -61.49 31.19 -26.68
C GLN G 4836 -62.43 31.32 -27.86
N LEU G 4837 -63.14 30.23 -28.21
CA LEU G 4837 -64.08 30.28 -29.31
C LEU G 4837 -65.20 31.28 -29.06
N VAL G 4838 -65.77 31.25 -27.84
CA VAL G 4838 -66.86 32.16 -27.51
C VAL G 4838 -66.38 33.61 -27.57
N MET G 4839 -65.19 33.89 -27.03
CA MET G 4839 -64.74 35.27 -26.99
C MET G 4839 -64.32 35.77 -28.37
N THR G 4840 -63.80 34.87 -29.21
CA THR G 4840 -63.50 35.25 -30.58
C THR G 4840 -64.78 35.52 -31.37
N VAL G 4841 -65.82 34.72 -31.15
CA VAL G 4841 -67.12 35.00 -31.76
C VAL G 4841 -67.65 36.34 -31.28
N GLY G 4842 -67.42 36.67 -30.00
CA GLY G 4842 -67.84 37.97 -29.50
C GLY G 4842 -67.11 39.11 -30.19
N LEU G 4843 -65.80 38.97 -30.38
CA LEU G 4843 -65.05 39.99 -31.11
C LEU G 4843 -65.54 40.12 -32.55
N LEU G 4844 -65.88 38.99 -33.17
CA LEU G 4844 -66.45 39.03 -34.52
C LEU G 4844 -67.76 39.80 -34.52
N ALA G 4845 -68.62 39.56 -33.53
CA ALA G 4845 -69.87 40.31 -33.42
C ALA G 4845 -69.59 41.80 -33.24
N VAL G 4846 -68.56 42.14 -32.47
CA VAL G 4846 -68.23 43.54 -32.23
C VAL G 4846 -67.78 44.22 -33.52
N VAL G 4847 -66.92 43.56 -34.29
CA VAL G 4847 -66.44 44.18 -35.53
C VAL G 4847 -67.58 44.29 -36.55
N VAL G 4848 -68.46 43.28 -36.60
CA VAL G 4848 -69.63 43.38 -37.48
C VAL G 4848 -70.51 44.54 -37.05
N TYR G 4849 -70.65 44.75 -35.74
CA TYR G 4849 -71.41 45.89 -35.24
C TYR G 4849 -70.78 47.21 -35.67
N LEU G 4850 -69.45 47.30 -35.59
CA LEU G 4850 -68.78 48.54 -36.01
C LEU G 4850 -69.01 48.82 -37.49
N TYR G 4851 -68.89 47.78 -38.33
CA TYR G 4851 -69.15 47.96 -39.75
C TYR G 4851 -70.61 48.36 -39.98
N THR G 4852 -71.53 47.80 -39.19
CA THR G 4852 -72.93 48.19 -39.28
C THR G 4852 -73.12 49.65 -38.92
N VAL G 4853 -72.43 50.12 -37.88
CA VAL G 4853 -72.52 51.53 -37.50
C VAL G 4853 -72.05 52.42 -38.65
N VAL G 4854 -70.92 52.07 -39.25
CA VAL G 4854 -70.41 52.87 -40.37
C VAL G 4854 -71.38 52.89 -41.53
N ALA G 4855 -71.93 51.71 -41.89
CA ALA G 4855 -72.86 51.64 -43.01
C ALA G 4855 -74.13 52.44 -42.73
N PHE G 4856 -74.67 52.32 -41.51
CA PHE G 4856 -75.87 53.06 -41.16
C PHE G 4856 -75.62 54.56 -41.14
N ASN G 4857 -74.40 54.97 -40.79
CA ASN G 4857 -74.10 56.40 -40.74
C ASN G 4857 -73.93 56.97 -42.14
N PHE G 4858 -73.29 56.23 -43.05
CA PHE G 4858 -72.89 56.83 -44.32
C PHE G 4858 -73.35 56.08 -45.57
N PHE G 4859 -73.57 54.77 -45.52
CA PHE G 4859 -73.77 53.98 -46.73
C PHE G 4859 -75.15 53.34 -46.82
N ARG G 4860 -76.19 54.05 -46.38
CA ARG G 4860 -77.53 53.45 -46.41
C ARG G 4860 -78.06 53.34 -47.84
N LYS G 4861 -77.50 54.11 -48.77
CA LYS G 4861 -78.08 54.19 -50.11
C LYS G 4861 -77.98 52.87 -50.86
N PHE G 4862 -76.87 52.15 -50.70
CA PHE G 4862 -76.65 50.96 -51.51
C PHE G 4862 -77.50 49.78 -51.04
N TYR G 4863 -78.04 49.86 -49.82
CA TYR G 4863 -78.60 48.66 -49.19
C TYR G 4863 -80.01 48.34 -49.69
N ASN G 4864 -80.42 48.90 -50.83
CA ASN G 4864 -81.67 48.47 -51.45
C ASN G 4864 -81.55 47.02 -51.90
N LYS G 4865 -82.59 46.23 -51.64
CA LYS G 4865 -82.57 44.81 -51.91
C LYS G 4865 -83.52 44.40 -53.03
N SER G 4866 -84.41 45.30 -53.44
CA SER G 4866 -85.48 45.00 -54.37
C SER G 4866 -85.24 45.73 -55.69
N GLU G 4867 -85.47 45.03 -56.80
CA GLU G 4867 -85.25 45.64 -58.12
C GLU G 4867 -86.38 46.58 -58.50
N ASP G 4868 -87.61 46.29 -58.07
CA ASP G 4868 -88.76 47.09 -58.48
C ASP G 4868 -88.79 48.39 -57.67
N GLU G 4869 -88.97 49.51 -58.37
CA GLU G 4869 -88.95 50.81 -57.72
C GLU G 4869 -90.23 51.05 -56.91
N ASP G 4870 -91.35 50.49 -57.36
CA ASP G 4870 -92.63 50.74 -56.70
C ASP G 4870 -92.62 50.22 -55.27
N GLU G 4871 -92.05 49.04 -55.04
CA GLU G 4871 -91.90 48.48 -53.70
C GLU G 4871 -90.45 48.16 -53.45
N PRO G 4872 -89.63 49.11 -53.01
CA PRO G 4872 -88.22 48.81 -52.72
C PRO G 4872 -88.01 48.36 -51.29
N ASP G 4873 -87.03 47.49 -51.07
CA ASP G 4873 -86.75 46.94 -49.75
C ASP G 4873 -85.43 47.51 -49.25
N MET G 4874 -85.48 48.20 -48.12
CA MET G 4874 -84.33 48.92 -47.57
C MET G 4874 -83.84 48.16 -46.34
N LYS G 4875 -82.70 47.49 -46.47
CA LYS G 4875 -82.20 46.67 -45.37
C LYS G 4875 -81.68 47.52 -44.22
N CYS G 4876 -80.86 48.52 -44.50
CA CYS G 4876 -80.11 49.20 -43.45
C CYS G 4876 -80.80 50.46 -42.96
N ASP G 4877 -82.05 50.71 -43.35
CA ASP G 4877 -82.78 51.83 -42.76
C ASP G 4877 -82.95 51.63 -41.26
N ASP G 4878 -83.34 50.44 -40.84
CA ASP G 4878 -83.39 50.08 -39.43
C ASP G 4878 -82.02 49.53 -39.04
N MET G 4879 -81.42 50.13 -38.01
CA MET G 4879 -80.14 49.63 -37.49
C MET G 4879 -80.23 48.15 -37.12
N MET G 4880 -81.36 47.74 -36.53
CA MET G 4880 -81.53 46.34 -36.14
C MET G 4880 -81.40 45.41 -37.35
N THR G 4881 -82.14 45.71 -38.41
CA THR G 4881 -82.09 44.87 -39.61
C THR G 4881 -80.74 45.01 -40.31
N CYS G 4882 -80.11 46.17 -40.19
CA CYS G 4882 -78.78 46.35 -40.79
C CYS G 4882 -77.77 45.45 -40.11
N TYR G 4883 -77.81 45.36 -38.78
CA TYR G 4883 -76.92 44.47 -38.05
C TYR G 4883 -77.21 43.01 -38.39
N LEU G 4884 -78.49 42.62 -38.40
CA LEU G 4884 -78.83 41.24 -38.72
C LEU G 4884 -78.39 40.87 -40.14
N PHE G 4885 -78.60 41.79 -41.09
CA PHE G 4885 -78.14 41.59 -42.45
C PHE G 4885 -76.63 41.41 -42.49
N HIS G 4886 -75.88 42.33 -41.88
CA HIS G 4886 -74.42 42.24 -41.89
C HIS G 4886 -73.97 40.89 -41.37
N MET G 4887 -74.47 40.49 -40.20
CA MET G 4887 -74.14 39.16 -39.70
C MET G 4887 -74.46 38.09 -40.74
N TYR G 4888 -75.75 37.92 -41.06
CA TYR G 4888 -76.20 36.73 -41.77
C TYR G 4888 -75.58 36.61 -43.16
N VAL G 4889 -75.47 37.72 -43.89
CA VAL G 4889 -74.95 37.62 -45.25
C VAL G 4889 -73.44 37.84 -45.29
N GLY G 4890 -72.93 38.85 -44.59
CA GLY G 4890 -71.51 39.15 -44.68
C GLY G 4890 -70.64 38.04 -44.12
N VAL G 4891 -70.98 37.51 -42.94
CA VAL G 4891 -70.14 36.47 -42.35
C VAL G 4891 -70.15 35.23 -43.22
N ARG G 4892 -71.32 34.88 -43.78
CA ARG G 4892 -71.44 33.65 -44.55
C ARG G 4892 -70.80 33.77 -45.92
N ALA G 4893 -70.89 34.95 -46.55
CA ALA G 4893 -70.37 35.12 -47.89
C ALA G 4893 -68.84 35.02 -47.91
N GLY G 4894 -68.32 34.27 -48.89
CA GLY G 4894 -66.89 34.09 -48.97
C GLY G 4894 -66.16 35.32 -49.49
N GLY G 4895 -66.79 36.05 -50.41
CA GLY G 4895 -66.15 37.22 -50.98
C GLY G 4895 -66.31 38.45 -50.14
N GLY G 4896 -67.18 38.41 -49.15
CA GLY G 4896 -67.42 39.51 -48.25
C GLY G 4896 -68.80 40.12 -48.44
N ILE G 4897 -68.98 41.28 -47.81
CA ILE G 4897 -70.27 41.97 -47.89
C ILE G 4897 -70.54 42.47 -49.31
N GLY G 4898 -69.49 42.86 -50.02
CA GLY G 4898 -69.67 43.54 -51.30
C GLY G 4898 -70.35 42.68 -52.35
N ASP G 4899 -70.34 41.36 -52.15
CA ASP G 4899 -71.05 40.48 -53.08
C ASP G 4899 -72.55 40.75 -53.04
N GLU G 4900 -73.12 40.91 -51.85
CA GLU G 4900 -74.56 41.13 -51.75
C GLU G 4900 -74.90 42.61 -51.79
N ILE G 4901 -74.04 43.47 -51.22
CA ILE G 4901 -74.36 44.89 -51.20
C ILE G 4901 -73.96 45.54 -52.52
N GLU G 4902 -74.72 46.56 -52.92
CA GLU G 4902 -74.76 47.04 -54.29
C GLU G 4902 -73.42 47.60 -54.77
N ASP G 4903 -73.23 47.55 -56.08
CA ASP G 4903 -72.03 48.07 -56.73
C ASP G 4903 -71.90 49.57 -56.51
N PRO G 4904 -70.74 50.05 -56.02
CA PRO G 4904 -70.58 51.49 -55.78
C PRO G 4904 -70.03 52.27 -56.96
N ALA G 4905 -70.02 51.68 -58.14
CA ALA G 4905 -69.44 52.34 -59.30
C ALA G 4905 -70.09 53.69 -59.55
N GLY G 4906 -69.27 54.74 -59.56
CA GLY G 4906 -69.75 56.10 -59.80
C GLY G 4906 -70.21 56.85 -58.57
N ASP G 4907 -70.19 56.23 -57.39
CA ASP G 4907 -70.64 56.89 -56.19
C ASP G 4907 -69.61 57.91 -55.70
N GLU G 4908 -70.11 58.94 -54.99
CA GLU G 4908 -69.22 59.95 -54.45
C GLU G 4908 -68.37 59.40 -53.32
N TYR G 4909 -68.88 58.39 -52.60
CA TYR G 4909 -68.13 57.70 -51.56
C TYR G 4909 -67.60 56.35 -52.03
N GLU G 4910 -67.28 56.24 -53.33
CA GLU G 4910 -66.88 54.94 -53.88
C GLU G 4910 -65.59 54.45 -53.25
N LEU G 4911 -64.60 55.33 -53.08
CA LEU G 4911 -63.34 54.92 -52.48
C LEU G 4911 -63.52 54.49 -51.03
N TYR G 4912 -64.32 55.25 -50.27
CA TYR G 4912 -64.58 54.88 -48.88
C TYR G 4912 -65.28 53.53 -48.79
N ARG G 4913 -66.26 53.29 -49.66
CA ARG G 4913 -66.96 52.00 -49.61
C ARG G 4913 -66.05 50.87 -50.08
N VAL G 4914 -65.15 51.13 -51.02
CA VAL G 4914 -64.19 50.12 -51.44
C VAL G 4914 -63.29 49.73 -50.27
N VAL G 4915 -62.80 50.72 -49.54
CA VAL G 4915 -62.00 50.44 -48.35
C VAL G 4915 -62.83 49.67 -47.33
N PHE G 4916 -64.09 50.06 -47.17
CA PHE G 4916 -65.01 49.36 -46.26
C PHE G 4916 -65.10 47.89 -46.60
N ASP G 4917 -65.39 47.57 -47.87
CA ASP G 4917 -65.57 46.19 -48.29
C ASP G 4917 -64.27 45.40 -48.19
N ILE G 4918 -63.15 45.99 -48.61
CA ILE G 4918 -61.88 45.28 -48.54
C ILE G 4918 -61.51 44.97 -47.10
N THR G 4919 -61.69 45.93 -46.20
CA THR G 4919 -61.39 45.70 -44.79
C THR G 4919 -62.32 44.64 -44.19
N PHE G 4920 -63.61 44.69 -44.54
CA PHE G 4920 -64.52 43.65 -44.07
C PHE G 4920 -64.08 42.28 -44.52
N PHE G 4921 -63.71 42.15 -45.80
CA PHE G 4921 -63.23 40.87 -46.32
C PHE G 4921 -61.95 40.43 -45.61
N PHE G 4922 -61.04 41.37 -45.34
CA PHE G 4922 -59.73 41.00 -44.81
C PHE G 4922 -59.82 40.59 -43.34
N PHE G 4923 -60.63 41.29 -42.55
CA PHE G 4923 -60.76 40.94 -41.13
C PHE G 4923 -61.84 39.89 -40.86
N VAL G 4924 -63.09 40.15 -41.25
CA VAL G 4924 -64.18 39.26 -40.86
C VAL G 4924 -64.05 37.90 -41.54
N ILE G 4925 -63.75 37.90 -42.84
CA ILE G 4925 -63.77 36.63 -43.59
C ILE G 4925 -62.42 35.95 -43.52
N VAL G 4926 -61.35 36.67 -43.79
CA VAL G 4926 -60.01 36.09 -43.90
C VAL G 4926 -59.42 35.77 -42.53
N ILE G 4927 -59.50 36.71 -41.59
CA ILE G 4927 -58.83 36.52 -40.31
C ILE G 4927 -59.69 35.71 -39.35
N LEU G 4928 -60.88 36.23 -39.03
CA LEU G 4928 -61.63 35.72 -37.87
C LEU G 4928 -62.13 34.30 -38.10
N LEU G 4929 -62.99 34.10 -39.11
CA LEU G 4929 -63.56 32.78 -39.36
C LEU G 4929 -62.46 31.72 -39.48
N ALA G 4930 -61.33 32.09 -40.10
CA ALA G 4930 -60.19 31.19 -40.12
C ALA G 4930 -59.68 30.91 -38.72
N ILE G 4931 -59.74 31.90 -37.82
CA ILE G 4931 -59.28 31.68 -36.45
C ILE G 4931 -60.19 30.68 -35.73
N ILE G 4932 -61.52 30.84 -35.87
CA ILE G 4932 -62.43 29.88 -35.26
C ILE G 4932 -62.20 28.48 -35.82
N GLN G 4933 -62.07 28.38 -37.14
CA GLN G 4933 -61.85 27.08 -37.77
C GLN G 4933 -60.56 26.45 -37.28
N GLY G 4934 -59.49 27.26 -37.17
CA GLY G 4934 -58.24 26.75 -36.68
C GLY G 4934 -58.31 26.31 -35.24
N LEU G 4935 -59.02 27.07 -34.40
CA LEU G 4935 -59.19 26.66 -33.01
C LEU G 4935 -59.84 25.28 -32.92
N ILE G 4936 -60.96 25.09 -33.64
CA ILE G 4936 -61.63 23.81 -33.58
C ILE G 4936 -60.74 22.69 -34.13
N ILE G 4937 -60.11 22.93 -35.28
CA ILE G 4937 -59.34 21.89 -35.94
C ILE G 4937 -58.11 21.51 -35.11
N ASP G 4938 -57.39 22.50 -34.58
CA ASP G 4938 -56.18 22.17 -33.83
C ASP G 4938 -56.51 21.65 -32.43
N ALA G 4939 -57.71 21.97 -31.91
CA ALA G 4939 -58.16 21.27 -30.71
C ALA G 4939 -58.39 19.79 -30.98
N PHE G 4940 -59.03 19.48 -32.12
CA PHE G 4940 -59.18 18.08 -32.51
C PHE G 4940 -57.83 17.40 -32.68
N GLY G 4941 -56.91 18.05 -33.39
CA GLY G 4941 -55.58 17.48 -33.56
C GLY G 4941 -54.83 17.34 -32.24
N GLU G 4942 -55.04 18.28 -31.32
CA GLU G 4942 -54.40 18.21 -30.01
C GLU G 4942 -54.90 17.03 -29.21
N LEU G 4943 -56.22 16.79 -29.24
CA LEU G 4943 -56.74 15.58 -28.61
C LEU G 4943 -56.11 14.33 -29.24
N ARG G 4944 -56.01 14.31 -30.58
CA ARG G 4944 -55.47 13.13 -31.23
C ARG G 4944 -54.02 12.85 -30.83
N ASP G 4945 -53.16 13.87 -30.85
CA ASP G 4945 -51.75 13.57 -30.58
C ASP G 4945 -51.52 13.45 -29.08
N GLN G 4946 -52.43 13.96 -28.25
CA GLN G 4946 -52.41 13.58 -26.84
C GLN G 4946 -52.66 12.08 -26.69
N GLN G 4947 -53.63 11.55 -27.42
CA GLN G 4947 -53.85 10.10 -27.40
C GLN G 4947 -52.62 9.35 -27.90
N GLU G 4948 -52.03 9.81 -29.00
CA GLU G 4948 -50.84 9.17 -29.54
C GLU G 4948 -49.70 9.19 -28.53
N GLN G 4949 -49.50 10.33 -27.85
CA GLN G 4949 -48.44 10.41 -26.84
C GLN G 4949 -48.75 9.51 -25.66
N VAL G 4950 -50.04 9.34 -25.31
CA VAL G 4950 -50.39 8.45 -24.21
C VAL G 4950 -49.99 7.02 -24.54
N LYS G 4951 -50.32 6.55 -25.75
CA LYS G 4951 -49.87 5.21 -26.13
C LYS G 4951 -48.35 5.13 -26.26
N GLU G 4952 -47.72 6.15 -26.83
CA GLU G 4952 -46.29 6.04 -27.14
C GLU G 4952 -45.44 6.09 -25.87
N ASP G 4953 -45.74 7.03 -24.97
CA ASP G 4953 -44.94 7.16 -23.74
C ASP G 4953 -45.01 5.90 -22.90
N MET G 4954 -46.13 5.16 -23.00
CA MET G 4954 -46.27 3.92 -22.24
C MET G 4954 -45.17 2.93 -22.63
N GLU G 4955 -44.79 2.92 -23.91
CA GLU G 4955 -43.74 2.01 -24.38
C GLU G 4955 -42.36 2.51 -23.97
N THR G 4956 -42.19 3.83 -23.89
CA THR G 4956 -40.84 4.40 -23.76
C THR G 4956 -40.37 4.40 -22.31
N LYS G 4957 -41.29 4.39 -21.35
CA LYS G 4957 -40.92 4.52 -19.95
C LYS G 4957 -41.59 3.43 -19.11
N CYS G 4958 -40.90 3.07 -18.02
CA CYS G 4958 -41.43 2.14 -17.04
C CYS G 4958 -42.50 2.85 -16.21
N PHE G 4959 -43.67 2.22 -16.07
CA PHE G 4959 -44.79 2.88 -15.43
C PHE G 4959 -44.56 3.03 -13.93
N ILE G 4960 -44.09 1.97 -13.27
CA ILE G 4960 -43.86 2.04 -11.83
C ILE G 4960 -42.47 2.59 -11.54
N CYS G 4961 -41.46 2.10 -12.27
CA CYS G 4961 -40.09 2.53 -12.01
C CYS G 4961 -39.90 4.02 -12.25
N GLY G 4962 -40.45 4.53 -13.34
CA GLY G 4962 -40.05 5.83 -13.83
C GLY G 4962 -38.75 5.82 -14.60
N ILE G 4963 -38.29 4.64 -15.03
CA ILE G 4963 -37.00 4.48 -15.70
C ILE G 4963 -37.26 4.28 -17.19
N GLY G 4964 -36.47 4.96 -18.02
CA GLY G 4964 -36.68 4.90 -19.45
C GLY G 4964 -36.42 3.52 -20.03
N SER G 4965 -36.90 3.33 -21.26
CA SER G 4965 -36.79 2.04 -21.91
C SER G 4965 -35.35 1.69 -22.27
N ASP G 4966 -34.55 2.71 -22.60
CA ASP G 4966 -33.23 2.45 -23.16
C ASP G 4966 -32.31 1.70 -22.19
N TYR G 4967 -32.38 2.05 -20.91
CA TYR G 4967 -31.52 1.38 -19.93
C TYR G 4967 -31.78 -0.12 -19.90
N PHE G 4968 -33.05 -0.53 -19.88
CA PHE G 4968 -33.36 -1.95 -19.96
C PHE G 4968 -33.01 -2.51 -21.33
N ASP G 4969 -33.23 -1.73 -22.39
CA ASP G 4969 -33.02 -2.22 -23.74
C ASP G 4969 -31.54 -2.39 -24.06
N THR G 4970 -30.66 -1.92 -23.18
CA THR G 4970 -29.24 -2.22 -23.33
C THR G 4970 -29.02 -3.72 -23.50
N THR G 4971 -29.66 -4.53 -22.65
CA THR G 4971 -29.78 -5.95 -22.95
C THR G 4971 -30.99 -6.17 -23.87
N PRO G 4972 -30.92 -7.14 -24.78
CA PRO G 4972 -32.04 -7.35 -25.71
C PRO G 4972 -33.33 -7.70 -24.97
N HIS G 4973 -34.44 -7.17 -25.48
CA HIS G 4973 -35.77 -7.37 -24.90
C HIS G 4973 -35.83 -6.92 -23.44
N GLY G 4974 -34.98 -5.97 -23.07
CA GLY G 4974 -34.90 -5.57 -21.68
C GLY G 4974 -36.18 -4.96 -21.16
N PHE G 4975 -36.80 -4.06 -21.94
CA PHE G 4975 -38.04 -3.44 -21.50
C PHE G 4975 -39.17 -4.47 -21.41
N GLU G 4976 -39.19 -5.42 -22.35
CA GLU G 4976 -40.17 -6.49 -22.30
C GLU G 4976 -40.01 -7.33 -21.03
N THR G 4977 -38.76 -7.69 -20.70
CA THR G 4977 -38.52 -8.45 -19.48
C THR G 4977 -38.90 -7.66 -18.24
N HIS G 4978 -38.63 -6.35 -18.24
CA HIS G 4978 -39.09 -5.51 -17.14
C HIS G 4978 -40.61 -5.57 -16.98
N THR G 4979 -41.34 -5.32 -18.07
CA THR G 4979 -42.78 -5.10 -17.94
C THR G 4979 -43.52 -6.40 -17.69
N LEU G 4980 -43.14 -7.48 -18.39
CA LEU G 4980 -43.90 -8.72 -18.27
C LEU G 4980 -43.67 -9.41 -16.93
N GLU G 4981 -42.44 -9.34 -16.40
CA GLU G 4981 -42.09 -10.11 -15.21
C GLU G 4981 -41.80 -9.25 -14.00
N GLU G 4982 -40.87 -8.30 -14.10
CA GLU G 4982 -40.35 -7.64 -12.91
C GLU G 4982 -41.36 -6.68 -12.30
N HIS G 4983 -42.01 -5.84 -13.11
CA HIS G 4983 -42.80 -4.73 -12.60
C HIS G 4983 -44.19 -4.65 -13.25
N ASN G 4984 -44.92 -5.76 -13.29
CA ASN G 4984 -46.18 -5.79 -14.02
C ASN G 4984 -47.33 -5.20 -13.20
N LEU G 4985 -48.15 -4.39 -13.86
CA LEU G 4985 -49.36 -3.87 -13.23
C LEU G 4985 -50.28 -4.99 -12.79
N ALA G 4986 -50.41 -6.02 -13.62
CA ALA G 4986 -51.17 -7.20 -13.22
C ALA G 4986 -50.55 -7.85 -12.00
N ASN G 4987 -49.22 -7.86 -11.91
CA ASN G 4987 -48.56 -8.43 -10.75
C ASN G 4987 -48.91 -7.66 -9.48
N TYR G 4988 -48.92 -6.33 -9.53
CA TYR G 4988 -49.32 -5.57 -8.35
C TYR G 4988 -50.80 -5.78 -8.01
N MET G 4989 -51.66 -5.81 -9.03
CA MET G 4989 -53.05 -6.21 -8.86
C MET G 4989 -53.18 -7.51 -8.07
N PHE G 4990 -52.52 -8.56 -8.55
CA PHE G 4990 -52.66 -9.87 -7.95
C PHE G 4990 -51.99 -9.94 -6.58
N PHE G 4991 -50.93 -9.15 -6.36
CA PHE G 4991 -50.34 -9.07 -5.03
C PHE G 4991 -51.31 -8.46 -4.04
N LEU G 4992 -51.96 -7.35 -4.40
CA LEU G 4992 -52.92 -6.75 -3.48
C LEU G 4992 -54.09 -7.68 -3.21
N MET G 4993 -54.61 -8.33 -4.26
CA MET G 4993 -55.72 -9.26 -4.08
C MET G 4993 -55.30 -10.46 -3.23
N TYR G 4994 -54.09 -10.97 -3.45
CA TYR G 4994 -53.58 -12.09 -2.67
C TYR G 4994 -53.40 -11.71 -1.22
N LEU G 4995 -52.91 -10.49 -0.96
CA LEU G 4995 -52.78 -10.01 0.41
C LEU G 4995 -54.15 -9.90 1.09
N ILE G 4996 -55.15 -9.41 0.35
CA ILE G 4996 -56.50 -9.33 0.91
C ILE G 4996 -57.03 -10.72 1.23
N ASN G 4997 -56.84 -11.67 0.32
CA ASN G 4997 -57.38 -13.02 0.52
C ASN G 4997 -56.66 -13.76 1.64
N LYS G 4998 -55.34 -13.59 1.74
CA LYS G 4998 -54.55 -14.35 2.70
C LYS G 4998 -54.86 -13.91 4.13
N ASP G 4999 -54.74 -14.86 5.05
CA ASP G 4999 -54.88 -14.55 6.46
C ASP G 4999 -53.71 -13.71 6.95
N GLU G 5000 -53.98 -12.81 7.88
CA GLU G 5000 -52.94 -11.92 8.39
C GLU G 5000 -51.88 -12.71 9.15
N THR G 5001 -52.28 -13.79 9.83
CA THR G 5001 -51.31 -14.59 10.56
C THR G 5001 -50.35 -15.32 9.62
N GLU G 5002 -50.83 -15.67 8.42
CA GLU G 5002 -49.97 -16.38 7.48
C GLU G 5002 -49.08 -15.44 6.69
N HIS G 5003 -49.25 -14.13 6.87
CA HIS G 5003 -48.44 -13.16 6.15
C HIS G 5003 -46.97 -13.31 6.52
N THR G 5004 -46.11 -13.30 5.51
CA THR G 5004 -44.68 -13.27 5.74
C THR G 5004 -44.25 -11.88 6.21
N GLY G 5005 -42.95 -11.71 6.42
CA GLY G 5005 -42.46 -10.39 6.82
C GLY G 5005 -42.68 -9.34 5.73
N GLN G 5006 -42.34 -9.69 4.49
CA GLN G 5006 -42.55 -8.77 3.37
C GLN G 5006 -44.03 -8.47 3.17
N GLU G 5007 -44.88 -9.50 3.23
CA GLU G 5007 -46.31 -9.30 3.06
C GLU G 5007 -46.88 -8.43 4.18
N SER G 5008 -46.44 -8.66 5.43
CA SER G 5008 -46.91 -7.84 6.54
C SER G 5008 -46.47 -6.39 6.39
N TYR G 5009 -45.22 -6.17 5.95
CA TYR G 5009 -44.74 -4.82 5.72
C TYR G 5009 -45.57 -4.10 4.66
N VAL G 5010 -45.82 -4.77 3.53
CA VAL G 5010 -46.62 -4.17 2.47
C VAL G 5010 -48.05 -3.92 2.93
N TRP G 5011 -48.62 -4.86 3.69
CA TRP G 5011 -49.98 -4.72 4.18
C TRP G 5011 -50.09 -3.55 5.16
N LYS G 5012 -49.09 -3.39 6.02
CA LYS G 5012 -49.10 -2.27 6.95
C LYS G 5012 -49.02 -0.94 6.21
N MET G 5013 -48.19 -0.87 5.17
CA MET G 5013 -48.14 0.37 4.39
C MET G 5013 -49.46 0.62 3.67
N TYR G 5014 -50.13 -0.46 3.23
CA TYR G 5014 -51.44 -0.31 2.63
C TYR G 5014 -52.46 0.22 3.64
N GLN G 5015 -52.44 -0.31 4.87
CA GLN G 5015 -53.37 0.16 5.89
C GLN G 5015 -53.12 1.62 6.23
N GLU G 5016 -51.85 2.02 6.32
CA GLU G 5016 -51.53 3.40 6.63
C GLU G 5016 -51.47 4.31 5.41
N ARG G 5017 -51.81 3.79 4.23
CA ARG G 5017 -51.88 4.59 3.01
C ARG G 5017 -50.55 5.25 2.67
N CYS G 5018 -49.46 4.53 2.92
CA CYS G 5018 -48.12 4.96 2.55
C CYS G 5018 -47.66 4.15 1.35
N TRP G 5019 -47.31 4.83 0.26
CA TRP G 5019 -46.95 4.17 -0.99
C TRP G 5019 -45.45 4.15 -1.23
N ASP G 5020 -44.65 4.29 -0.18
CA ASP G 5020 -43.20 4.30 -0.36
C ASP G 5020 -42.66 2.95 -0.79
N PHE G 5021 -43.40 1.87 -0.54
CA PHE G 5021 -42.89 0.55 -0.90
C PHE G 5021 -42.84 0.36 -2.41
N PHE G 5022 -43.58 1.16 -3.16
CA PHE G 5022 -43.51 1.11 -4.60
C PHE G 5022 -42.13 1.57 -5.06
N PRO G 5023 -41.45 0.80 -5.93
CA PRO G 5023 -40.13 1.22 -6.40
C PRO G 5023 -40.22 2.47 -7.28
N ALA G 5024 -39.47 3.50 -6.89
CA ALA G 5024 -39.46 4.76 -7.62
C ALA G 5024 -38.02 5.08 -8.00
N GLY G 5025 -37.74 5.13 -9.30
CA GLY G 5025 -36.41 5.44 -9.77
C GLY G 5025 -35.36 4.39 -9.47
N ASP G 5026 -35.76 3.17 -9.14
CA ASP G 5026 -34.82 2.10 -8.83
C ASP G 5026 -35.41 0.77 -9.25
N CYS G 5027 -34.53 -0.18 -9.58
CA CYS G 5027 -34.93 -1.51 -9.96
C CYS G 5027 -33.87 -2.51 -9.52
N PHE G 5028 -34.22 -3.79 -9.62
CA PHE G 5028 -33.32 -4.85 -9.17
C PHE G 5028 -32.02 -4.83 -9.98
N ARG G 5029 -32.11 -4.65 -11.30
CA ARG G 5029 -30.92 -4.57 -12.13
C ARG G 5029 -30.05 -3.38 -11.74
N LYS G 5030 -30.67 -2.20 -11.57
CA LYS G 5030 -29.90 -1.01 -11.26
C LYS G 5030 -29.21 -1.12 -9.90
N GLN G 5031 -29.88 -1.76 -8.94
CA GLN G 5031 -29.25 -1.98 -7.65
C GLN G 5031 -28.08 -2.95 -7.77
N TYR G 5032 -28.29 -4.11 -8.40
CA TYR G 5032 -27.30 -5.16 -8.43
C TYR G 5032 -26.56 -5.22 -9.77
N GLU G 5033 -26.26 -4.07 -10.37
CA GLU G 5033 -25.52 -4.02 -11.62
C GLU G 5033 -24.26 -4.87 -11.56
N ASP G 5034 -23.38 -4.61 -10.59
CA ASP G 5034 -22.09 -5.30 -10.55
C ASP G 5034 -22.27 -6.78 -10.28
N GLN G 5035 -23.20 -7.14 -9.39
CA GLN G 5035 -23.41 -8.56 -9.08
C GLN G 5035 -24.06 -9.29 -10.24
N LEU G 5036 -25.11 -8.71 -10.83
CA LEU G 5036 -25.79 -9.37 -11.94
C LEU G 5036 -24.90 -9.41 -13.18
N SER G 5037 -24.21 -8.31 -13.48
CA SER G 5037 -23.34 -8.24 -14.64
C SER G 5037 -21.88 -8.43 -14.25
N GLU H 10 20.23 19.07 -5.92
CA GLU H 10 20.38 20.53 -5.92
C GLU H 10 21.69 20.94 -5.27
N VAL H 11 22.10 22.17 -5.50
CA VAL H 11 23.28 22.75 -4.87
C VAL H 11 22.83 23.94 -4.04
N GLN H 12 23.00 23.84 -2.73
CA GLN H 12 22.61 24.93 -1.84
C GLN H 12 23.49 26.16 -2.09
N PHE H 13 22.85 27.32 -2.15
CA PHE H 13 23.51 28.55 -2.57
C PHE H 13 23.41 29.60 -1.47
N LEU H 14 24.49 30.36 -1.30
CA LEU H 14 24.48 31.49 -0.37
C LEU H 14 23.62 32.62 -0.91
N ARG H 15 22.97 33.34 0.01
CA ARG H 15 22.01 34.38 -0.37
C ARG H 15 22.10 35.53 0.62
N THR H 16 21.71 36.71 0.17
CA THR H 16 21.75 37.90 1.03
C THR H 16 20.81 37.72 2.21
N ASP H 17 21.16 38.38 3.32
CA ASP H 17 20.45 38.42 4.60
C ASP H 17 20.57 37.10 5.37
N ASP H 18 21.20 36.08 4.79
CA ASP H 18 21.47 34.86 5.54
C ASP H 18 22.61 35.09 6.52
N GLU H 19 22.55 34.41 7.66
CA GLU H 19 23.53 34.56 8.73
C GLU H 19 24.48 33.39 8.70
N VAL H 20 25.77 33.68 8.56
CA VAL H 20 26.80 32.69 8.22
C VAL H 20 28.05 32.94 9.05
N VAL H 21 28.81 31.87 9.30
CA VAL H 21 30.02 31.91 10.12
C VAL H 21 31.18 31.38 9.29
N LEU H 22 32.34 32.02 9.41
CA LEU H 22 33.47 31.70 8.54
C LEU H 22 34.40 30.70 9.22
N GLN H 23 35.05 29.86 8.41
CA GLN H 23 35.84 28.74 8.90
C GLN H 23 37.16 28.68 8.15
N CYS H 24 38.23 28.35 8.87
CA CYS H 24 39.54 28.13 8.28
C CYS H 24 40.18 26.90 8.90
N SER H 25 40.72 26.02 8.05
CA SER H 25 41.35 24.79 8.50
C SER H 25 42.85 24.87 8.25
N ALA H 26 43.62 24.72 9.33
CA ALA H 26 45.08 24.76 9.24
C ALA H 26 45.67 23.59 10.02
N THR H 27 46.78 23.06 9.52
CA THR H 27 47.43 21.90 10.12
C THR H 27 48.20 22.35 11.35
N VAL H 28 47.70 21.97 12.53
CA VAL H 28 48.36 22.24 13.80
C VAL H 28 48.52 20.93 14.55
N LEU H 29 49.73 20.64 15.00
CA LEU H 29 50.07 19.37 15.63
C LEU H 29 49.71 18.21 14.70
N LYS H 30 49.98 18.40 13.40
CA LYS H 30 49.77 17.39 12.36
C LYS H 30 48.30 16.96 12.27
N GLU H 31 47.39 17.84 12.68
CA GLU H 31 45.95 17.60 12.54
C GLU H 31 45.29 18.89 12.08
N GLN H 32 44.26 18.75 11.25
CA GLN H 32 43.59 19.93 10.71
C GLN H 32 42.67 20.55 11.75
N LEU H 33 43.16 21.59 12.41
CA LEU H 33 42.40 22.38 13.37
C LEU H 33 41.57 23.40 12.60
N LYS H 34 40.27 23.43 12.85
CA LYS H 34 39.38 24.39 12.23
C LYS H 34 39.05 25.49 13.23
N LEU H 35 39.07 26.74 12.77
CA LEU H 35 38.94 27.92 13.62
C LEU H 35 38.03 28.92 12.94
N CYS H 36 37.32 29.72 13.74
CA CYS H 36 36.37 30.70 13.25
C CYS H 36 36.74 32.08 13.75
N LEU H 37 36.71 33.07 12.86
CA LEU H 37 36.95 34.45 13.26
C LEU H 37 35.77 34.97 14.06
N ALA H 38 36.05 35.80 15.06
CA ALA H 38 35.03 36.33 15.95
C ALA H 38 35.51 37.62 16.58
N ALA H 39 34.59 38.57 16.73
CA ALA H 39 34.90 39.87 17.32
C ALA H 39 34.02 40.10 18.54
N GLU H 40 34.65 40.44 19.67
CA GLU H 40 33.87 40.76 20.86
C GLU H 40 33.10 42.05 20.69
N GLY H 41 33.66 43.01 19.95
CA GLY H 41 33.01 44.29 19.78
C GLY H 41 33.43 45.28 20.84
N PHE H 42 32.60 45.41 21.88
CA PHE H 42 32.93 46.29 23.00
C PHE H 42 34.24 45.85 23.64
N GLY H 43 35.11 46.83 23.89
CA GLY H 43 36.39 46.54 24.52
C GLY H 43 37.51 46.27 23.54
N ASN H 44 37.28 45.34 22.61
CA ASN H 44 38.30 44.94 21.65
C ASN H 44 37.75 45.12 20.24
N ARG H 45 38.31 46.08 19.49
CA ARG H 45 37.90 46.27 18.11
C ARG H 45 38.52 45.19 17.20
N LEU H 46 39.75 44.79 17.49
CA LEU H 46 40.40 43.78 16.68
C LEU H 46 39.68 42.44 16.81
N CYS H 47 39.50 41.76 15.69
CA CYS H 47 38.84 40.47 15.71
C CYS H 47 39.85 39.36 16.02
N PHE H 48 39.46 38.49 16.95
CA PHE H 48 40.27 37.34 17.34
C PHE H 48 39.76 36.11 16.61
N LEU H 49 40.37 34.97 16.90
CA LEU H 49 40.09 33.73 16.20
C LEU H 49 39.96 32.60 17.21
N GLU H 50 38.80 31.94 17.24
CA GLU H 50 38.51 30.91 18.23
C GLU H 50 38.57 29.53 17.57
N PRO H 51 39.26 28.57 18.18
CA PRO H 51 39.28 27.21 17.60
C PRO H 51 38.00 26.44 17.89
N THR H 52 37.37 25.89 16.85
CA THR H 52 36.10 25.20 16.98
C THR H 52 36.20 23.73 16.63
N SER H 53 37.41 23.17 16.64
CA SER H 53 37.60 21.82 16.10
C SER H 53 37.09 20.75 17.04
N ASN H 54 37.58 20.74 18.29
CA ASN H 54 37.29 19.63 19.20
C ASN H 54 35.79 19.54 19.47
N ALA H 55 35.22 20.56 20.12
CA ALA H 55 33.80 20.64 20.42
C ALA H 55 33.35 19.50 21.34
N GLN H 56 34.30 18.67 21.77
CA GLN H 56 33.99 17.61 22.72
C GLN H 56 34.69 17.84 24.04
N ASN H 57 35.96 18.28 23.99
CA ASN H 57 36.67 18.68 25.19
C ASN H 57 36.19 20.05 25.68
N VAL H 58 35.85 20.94 24.75
CA VAL H 58 35.46 22.30 25.09
C VAL H 58 34.58 22.86 23.97
N PRO H 59 33.44 23.47 24.31
CA PRO H 59 32.60 24.09 23.29
C PRO H 59 33.01 25.53 23.03
N PRO H 60 33.27 25.88 21.78
CA PRO H 60 33.55 27.29 21.45
C PRO H 60 32.28 28.12 21.51
N ASP H 61 32.47 29.43 21.67
CA ASP H 61 31.33 30.34 21.68
C ASP H 61 30.92 30.66 20.25
N LEU H 62 29.62 30.55 19.96
CA LEU H 62 29.16 30.68 18.59
C LEU H 62 28.69 32.10 18.28
N ALA H 63 28.08 32.77 19.27
CA ALA H 63 27.51 34.09 19.03
C ALA H 63 28.57 35.08 18.56
N ILE H 64 29.78 34.98 19.11
CA ILE H 64 30.87 35.85 18.67
C ILE H 64 31.25 35.54 17.22
N CYS H 65 31.15 34.28 16.81
CA CYS H 65 31.50 33.92 15.44
C CYS H 65 30.38 34.27 14.48
N CYS H 66 29.17 34.49 14.98
CA CYS H 66 28.03 34.75 14.10
C CYS H 66 28.22 36.04 13.31
N PHE H 67 28.01 35.95 12.00
CA PHE H 67 28.04 37.11 11.11
C PHE H 67 26.87 37.03 10.15
N THR H 68 26.42 38.20 9.70
CA THR H 68 25.33 38.31 8.73
C THR H 68 25.79 39.16 7.56
N LEU H 69 25.62 38.64 6.34
CA LEU H 69 26.02 39.36 5.14
C LEU H 69 24.79 40.08 4.59
N GLU H 70 24.97 41.36 4.24
CA GLU H 70 23.81 42.19 3.90
C GLU H 70 23.57 42.24 2.39
N GLN H 71 24.53 42.73 1.62
CA GLN H 71 24.33 42.89 0.19
C GLN H 71 25.52 42.35 -0.57
N SER H 72 25.26 41.86 -1.77
CA SER H 72 26.29 41.49 -2.73
C SER H 72 26.18 42.41 -3.94
N LEU H 73 27.28 43.08 -4.28
CA LEU H 73 27.28 44.06 -5.35
C LEU H 73 28.52 43.87 -6.22
N SER H 74 28.35 44.09 -7.52
CA SER H 74 29.49 44.11 -8.42
C SER H 74 30.38 45.30 -8.11
N VAL H 75 31.58 45.29 -8.68
CA VAL H 75 32.52 46.38 -8.43
C VAL H 75 31.97 47.71 -8.93
N ARG H 76 31.29 47.69 -10.08
CA ARG H 76 30.75 48.92 -10.64
C ARG H 76 29.62 49.47 -9.79
N ALA H 77 28.68 48.61 -9.39
CA ALA H 77 27.60 49.06 -8.51
C ALA H 77 28.14 49.54 -7.18
N LEU H 78 29.17 48.87 -6.66
CA LEU H 78 29.80 49.31 -5.42
C LEU H 78 30.40 50.69 -5.58
N GLN H 79 31.10 50.94 -6.69
CA GLN H 79 31.68 52.26 -6.93
C GLN H 79 30.58 53.31 -7.01
N GLU H 80 29.49 53.00 -7.71
CA GLU H 80 28.39 53.96 -7.85
C GLU H 80 27.77 54.29 -6.49
N MET H 81 27.51 53.26 -5.67
CA MET H 81 26.83 53.50 -4.40
C MET H 81 27.76 54.15 -3.38
N LEU H 82 29.06 53.91 -3.50
CA LEU H 82 30.02 54.62 -2.64
C LEU H 82 30.17 56.08 -3.06
N ALA H 83 30.10 56.35 -4.37
CA ALA H 83 30.25 57.71 -4.85
C ALA H 83 29.02 58.55 -4.52
N ASN H 84 27.83 58.01 -4.75
CA ASN H 84 26.60 58.77 -4.54
C ASN H 84 26.19 58.81 -3.07
N HIS H 98 16.89 41.11 -0.82
CA HIS H 98 17.07 39.67 -0.63
C HIS H 98 17.33 38.98 -1.97
N ARG H 99 18.61 38.87 -2.33
CA ARG H 99 19.02 38.26 -3.58
C ARG H 99 20.05 37.16 -3.30
N THR H 100 20.06 36.14 -4.14
CA THR H 100 21.08 35.10 -4.02
C THR H 100 22.44 35.65 -4.38
N LEU H 101 23.48 35.18 -3.69
CA LEU H 101 24.82 35.71 -3.90
C LEU H 101 25.40 35.24 -5.23
N LEU H 102 26.31 36.04 -5.78
CA LEU H 102 27.04 35.71 -7.00
C LEU H 102 28.52 35.83 -6.74
N TYR H 103 29.31 34.90 -7.29
CA TYR H 103 30.75 34.98 -7.14
C TYR H 103 31.28 36.24 -7.81
N GLY H 104 32.27 36.86 -7.18
CA GLY H 104 32.85 38.08 -7.68
C GLY H 104 32.20 39.35 -7.17
N HIS H 105 31.14 39.25 -6.37
CA HIS H 105 30.46 40.43 -5.89
C HIS H 105 31.11 40.96 -4.62
N ALA H 106 31.06 42.28 -4.44
CA ALA H 106 31.50 42.88 -3.19
C ALA H 106 30.54 42.49 -2.07
N ILE H 107 31.09 42.17 -0.91
CA ILE H 107 30.33 41.63 0.21
C ILE H 107 30.50 42.54 1.42
N LEU H 108 29.40 42.82 2.11
CA LEU H 108 29.39 43.58 3.35
C LEU H 108 28.80 42.70 4.44
N LEU H 109 29.44 42.70 5.61
CA LEU H 109 29.09 41.77 6.69
C LEU H 109 29.07 42.49 8.03
N ARG H 110 28.21 42.01 8.93
CA ARG H 110 28.08 42.52 10.29
C ARG H 110 28.35 41.39 11.27
N HIS H 111 29.07 41.70 12.34
CA HIS H 111 29.14 40.79 13.47
C HIS H 111 27.84 40.88 14.26
N ALA H 112 27.26 39.72 14.58
CA ALA H 112 25.92 39.69 15.17
C ALA H 112 25.87 40.43 16.51
N HIS H 113 26.83 40.15 17.39
CA HIS H 113 26.87 40.84 18.68
C HIS H 113 27.12 42.34 18.50
N SER H 114 28.01 42.69 17.58
CA SER H 114 28.50 44.06 17.50
C SER H 114 27.50 45.00 16.82
N ARG H 115 26.72 44.47 15.86
CA ARG H 115 25.96 45.31 14.93
C ARG H 115 26.89 46.26 14.18
N MET H 116 28.06 45.77 13.77
CA MET H 116 29.16 46.59 13.32
C MET H 116 29.77 45.94 12.08
N TYR H 117 30.33 46.74 11.18
CA TYR H 117 30.87 46.25 9.91
C TYR H 117 32.30 45.77 10.10
N LEU H 118 32.61 44.61 9.51
CA LEU H 118 34.00 44.20 9.44
C LEU H 118 34.70 44.94 8.31
N SER H 119 35.92 45.40 8.58
CA SER H 119 36.66 46.20 7.62
C SER H 119 38.15 46.01 7.86
N CYS H 120 38.95 46.49 6.92
CA CYS H 120 40.40 46.40 6.99
C CYS H 120 40.97 47.72 7.49
N LEU H 121 41.43 47.73 8.74
CA LEU H 121 42.04 48.92 9.31
C LEU H 121 43.38 49.20 8.64
N THR H 122 43.69 50.48 8.50
CA THR H 122 44.97 50.88 7.89
C THR H 122 46.14 50.46 8.76
N THR H 123 45.97 50.50 10.08
CA THR H 123 47.05 50.17 11.00
C THR H 123 47.36 48.68 10.95
N SER H 124 48.51 48.31 11.54
CA SER H 124 48.97 46.93 11.56
C SER H 124 49.47 46.58 12.96
N ARG H 125 49.07 45.41 13.45
CA ARG H 125 49.56 44.97 14.75
C ARG H 125 50.81 44.12 14.60
N SER H 126 50.92 43.38 13.49
CA SER H 126 52.07 42.54 13.25
C SER H 126 53.30 43.41 12.97
N MET H 127 54.29 43.33 13.86
CA MET H 127 55.48 44.17 13.72
C MET H 127 56.26 43.81 12.45
N THR H 128 56.46 42.51 12.20
CA THR H 128 57.34 42.08 11.12
C THR H 128 56.80 42.45 9.75
N ASP H 129 55.50 42.25 9.52
CA ASP H 129 54.90 42.31 8.20
C ASP H 129 54.40 43.71 7.91
N LYS H 130 54.99 44.35 6.89
CA LYS H 130 54.38 45.56 6.33
C LYS H 130 53.13 45.20 5.52
N LEU H 131 53.12 44.00 4.93
CA LEU H 131 51.98 43.55 4.16
C LEU H 131 50.74 43.38 5.03
N ALA H 132 50.92 43.00 6.29
CA ALA H 132 49.78 42.77 7.17
C ALA H 132 49.12 44.08 7.57
N PHE H 133 47.81 44.14 7.44
CA PHE H 133 46.99 45.19 8.04
C PHE H 133 46.04 44.59 9.06
N ASP H 134 45.72 45.38 10.07
CA ASP H 134 44.71 44.96 11.05
C ASP H 134 43.34 44.95 10.42
N VAL H 135 42.55 43.94 10.77
CA VAL H 135 41.15 43.85 10.36
C VAL H 135 40.29 44.02 11.61
N GLY H 136 39.43 45.02 11.60
CA GLY H 136 38.66 45.38 12.79
C GLY H 136 37.28 45.86 12.44
N LEU H 137 36.56 46.29 13.46
CA LEU H 137 35.17 46.68 13.29
C LEU H 137 35.03 48.20 13.14
N GLN H 138 34.12 48.61 12.27
CA GLN H 138 33.81 50.01 12.01
C GLN H 138 32.32 50.22 12.20
N GLU H 139 31.93 51.47 12.51
CA GLU H 139 30.54 51.76 12.80
C GLU H 139 29.73 51.92 11.52
N ASP H 140 30.07 52.89 10.68
CA ASP H 140 29.25 53.31 9.55
C ASP H 140 29.67 52.60 8.27
N ALA H 141 28.83 52.76 7.24
CA ALA H 141 29.07 52.08 5.96
C ALA H 141 30.15 52.78 5.15
N THR H 142 30.29 54.09 5.32
CA THR H 142 31.18 54.87 4.46
C THR H 142 32.62 54.38 4.58
N GLY H 143 33.29 54.27 3.44
CA GLY H 143 34.64 53.80 3.37
C GLY H 143 34.76 52.54 2.52
N GLU H 144 35.88 52.44 1.80
CA GLU H 144 36.10 51.27 0.96
C GLU H 144 36.42 50.04 1.78
N ALA H 145 37.04 50.24 2.95
CA ALA H 145 37.44 49.11 3.78
C ALA H 145 36.23 48.33 4.30
N CYS H 146 35.11 49.02 4.51
CA CYS H 146 33.91 48.35 5.01
C CYS H 146 33.44 47.28 4.04
N TRP H 147 33.45 47.59 2.75
CA TRP H 147 33.04 46.61 1.75
C TRP H 147 34.20 45.73 1.35
N TRP H 148 33.91 44.45 1.11
CA TRP H 148 34.92 43.47 0.76
C TRP H 148 34.47 42.70 -0.48
N THR H 149 35.40 42.51 -1.40
CA THR H 149 35.16 41.73 -2.60
C THR H 149 35.64 40.30 -2.41
N MET H 150 35.01 39.37 -3.12
CA MET H 150 35.32 37.95 -3.02
C MET H 150 35.56 37.42 -4.43
N HIS H 151 36.59 36.59 -4.57
CA HIS H 151 37.19 36.31 -5.87
C HIS H 151 37.28 34.81 -6.13
N PRO H 152 37.40 34.40 -7.38
CA PRO H 152 37.51 32.96 -7.67
C PRO H 152 38.78 32.35 -7.08
N ALA H 153 38.62 31.13 -6.54
CA ALA H 153 39.73 30.50 -5.84
C ALA H 153 40.30 29.32 -6.61
N SER H 154 39.45 28.36 -6.99
CA SER H 154 39.91 27.09 -7.53
C SER H 154 39.46 26.90 -8.97
N LYS H 155 39.80 25.72 -9.52
CA LYS H 155 39.40 25.37 -10.87
C LYS H 155 37.89 25.31 -11.03
N GLN H 156 37.19 24.58 -10.14
CA GLN H 156 35.75 24.43 -10.28
C GLN H 156 35.05 25.76 -10.01
N ARG H 157 35.57 26.53 -9.06
CA ARG H 157 35.17 27.91 -8.90
C ARG H 157 35.38 28.69 -10.19
N SER H 158 34.38 29.47 -10.58
CA SER H 158 34.43 30.27 -11.80
C SER H 158 33.95 31.68 -11.49
N GLU H 159 34.65 32.68 -12.02
CA GLU H 159 34.20 34.06 -11.88
C GLU H 159 32.95 34.29 -12.71
N GLY H 160 32.05 35.10 -12.17
CA GLY H 160 30.76 35.32 -12.79
C GLY H 160 29.71 34.27 -12.48
N GLU H 161 30.02 33.30 -11.63
CA GLU H 161 29.10 32.26 -11.22
C GLU H 161 28.37 32.72 -9.96
N LYS H 162 27.32 32.00 -9.58
CA LYS H 162 26.62 32.32 -8.34
C LYS H 162 27.21 31.50 -7.20
N VAL H 163 27.18 32.08 -5.98
CA VAL H 163 27.89 31.49 -4.86
C VAL H 163 27.26 30.16 -4.46
N ARG H 164 28.11 29.15 -4.27
CA ARG H 164 27.70 27.82 -3.83
C ARG H 164 28.17 27.62 -2.40
N VAL H 165 27.26 27.15 -1.54
CA VAL H 165 27.63 26.93 -0.15
C VAL H 165 28.59 25.75 -0.04
N GLY H 166 29.63 25.93 0.77
CA GLY H 166 30.61 24.89 1.00
C GLY H 166 31.90 25.02 0.21
N ASP H 167 31.92 25.84 -0.83
CA ASP H 167 33.14 26.04 -1.59
C ASP H 167 34.15 26.86 -0.79
N ASP H 168 35.43 26.62 -1.05
CA ASP H 168 36.47 27.47 -0.48
C ASP H 168 36.35 28.87 -1.07
N LEU H 169 36.27 29.87 -0.20
CA LEU H 169 36.05 31.25 -0.62
C LEU H 169 37.20 32.12 -0.15
N ILE H 170 37.52 33.13 -0.94
CA ILE H 170 38.61 34.04 -0.67
C ILE H 170 38.07 35.47 -0.75
N LEU H 171 38.49 36.32 0.19
CA LEU H 171 37.94 37.66 0.35
C LEU H 171 39.07 38.68 0.40
N VAL H 172 38.93 39.75 -0.37
CA VAL H 172 39.93 40.82 -0.44
C VAL H 172 39.23 42.14 -0.19
N SER H 173 39.80 42.98 0.67
CA SER H 173 39.35 44.34 0.80
C SER H 173 39.88 45.17 -0.36
N VAL H 174 38.98 45.91 -1.03
CA VAL H 174 39.36 46.64 -2.23
C VAL H 174 40.39 47.71 -1.91
N SER H 175 40.17 48.47 -0.83
CA SER H 175 41.13 49.50 -0.45
C SER H 175 42.48 48.89 -0.07
N SER H 176 42.46 47.79 0.70
CA SER H 176 43.70 47.19 1.16
C SER H 176 44.39 46.40 0.06
N GLU H 177 43.61 45.78 -0.83
CA GLU H 177 44.11 44.82 -1.82
C GLU H 177 44.83 43.65 -1.18
N ARG H 178 44.47 43.29 0.05
CA ARG H 178 45.10 42.19 0.77
C ARG H 178 44.06 41.12 1.07
N TYR H 179 44.47 39.86 0.96
CA TYR H 179 43.58 38.73 1.21
C TYR H 179 43.37 38.55 2.71
N LEU H 180 42.23 37.96 3.06
CA LEU H 180 42.07 37.44 4.42
C LEU H 180 43.04 36.28 4.62
N HIS H 181 43.78 36.32 5.71
CA HIS H 181 44.92 35.43 5.88
C HIS H 181 45.02 34.97 7.32
N LEU H 182 45.50 33.74 7.49
CA LEU H 182 45.84 33.17 8.78
C LEU H 182 47.36 33.11 8.90
N SER H 183 47.94 34.18 9.42
CA SER H 183 49.38 34.32 9.54
C SER H 183 49.90 33.37 10.62
N THR H 184 50.97 32.65 10.29
CA THR H 184 51.64 31.73 11.21
C THR H 184 52.89 32.33 11.83
N ALA H 185 53.17 33.62 11.59
CA ALA H 185 54.38 34.23 12.12
C ALA H 185 54.38 34.21 13.64
N SER H 186 53.27 34.56 14.26
CA SER H 186 53.14 34.43 15.69
C SER H 186 52.98 32.97 16.09
N GLY H 187 53.23 32.68 17.37
CA GLY H 187 53.01 31.33 17.86
C GLY H 187 51.58 30.87 17.66
N GLU H 188 50.62 31.74 17.97
CA GLU H 188 49.23 31.46 17.65
C GLU H 188 48.91 31.95 16.23
N LEU H 189 48.03 31.21 15.56
CA LEU H 189 47.64 31.58 14.21
C LEU H 189 46.71 32.80 14.26
N GLN H 190 47.17 33.89 13.65
CA GLN H 190 46.49 35.18 13.81
C GLN H 190 45.78 35.57 12.52
N VAL H 191 44.59 36.16 12.66
CA VAL H 191 43.86 36.63 11.48
C VAL H 191 44.38 38.00 11.08
N ASP H 192 44.57 38.19 9.78
CA ASP H 192 45.06 39.46 9.27
C ASP H 192 44.74 39.60 7.79
N ALA H 193 45.28 40.65 7.18
CA ALA H 193 45.13 40.89 5.75
C ALA H 193 46.52 40.88 5.10
N SER H 194 46.69 40.05 4.07
CA SER H 194 47.99 39.89 3.43
C SER H 194 47.83 39.89 1.92
N PHE H 195 48.89 40.30 1.23
CA PHE H 195 48.90 40.22 -0.23
C PHE H 195 48.80 38.78 -0.70
N MET H 196 49.24 37.84 0.12
CA MET H 196 49.08 36.42 -0.19
C MET H 196 47.75 35.91 0.34
N GLN H 197 47.24 34.85 -0.28
CA GLN H 197 45.88 34.37 -0.05
C GLN H 197 45.88 33.20 0.92
N THR H 198 44.82 33.11 1.72
CA THR H 198 44.56 31.97 2.59
C THR H 198 43.08 31.62 2.50
N LEU H 199 42.78 30.38 2.11
CA LEU H 199 41.42 30.00 1.80
C LEU H 199 40.54 30.01 3.05
N TRP H 200 39.26 30.34 2.85
CA TRP H 200 38.25 30.32 3.89
C TRP H 200 37.01 29.64 3.35
N ASN H 201 36.21 29.07 4.26
CA ASN H 201 34.98 28.39 3.91
C ASN H 201 33.83 29.10 4.62
N MET H 202 32.66 29.12 3.98
CA MET H 202 31.57 29.97 4.41
C MET H 202 30.36 29.08 4.63
N ASN H 203 29.91 28.92 5.88
CA ASN H 203 28.78 28.03 6.11
C ASN H 203 27.69 28.70 6.95
N PRO H 204 26.41 28.47 6.62
CA PRO H 204 25.32 29.19 7.31
C PRO H 204 24.87 28.55 8.62
N ILE H 205 24.88 29.32 9.70
CA ILE H 205 24.19 28.91 10.92
C ILE H 205 22.68 28.98 10.71
N CYS H 206 22.21 30.07 10.11
CA CYS H 206 20.78 30.26 9.88
C CYS H 206 20.58 31.09 8.62
N SER H 207 19.48 30.85 7.91
CA SER H 207 19.17 31.57 6.69
C SER H 207 17.93 32.46 6.84
N CYS H 208 16.80 31.88 7.23
CA CYS H 208 15.58 32.64 7.46
C CYS H 208 14.66 31.79 8.33
N CYS H 209 13.88 32.47 9.17
CA CYS H 209 13.07 31.81 10.18
C CYS H 209 11.62 32.31 10.08
N GLU H 210 10.68 31.38 10.06
CA GLU H 210 9.28 31.73 10.13
C GLU H 210 8.91 32.21 11.53
N GLU H 211 7.70 32.76 11.66
CA GLU H 211 7.27 33.30 12.94
C GLU H 211 7.33 32.24 14.03
N GLY H 212 8.19 32.46 15.02
CA GLY H 212 8.39 31.51 16.08
C GLY H 212 9.23 30.32 15.63
N TYR H 213 8.88 29.15 16.18
CA TYR H 213 9.52 27.89 15.83
C TYR H 213 11.03 27.88 16.10
N VAL H 214 11.38 27.64 17.37
CA VAL H 214 12.71 27.92 17.93
C VAL H 214 13.84 27.61 16.96
N THR H 215 14.81 28.54 16.90
CA THR H 215 16.05 28.37 16.17
C THR H 215 17.20 28.34 17.16
N GLY H 216 18.21 27.54 16.87
CA GLY H 216 19.31 27.37 17.81
C GLY H 216 20.18 28.61 17.91
N GLY H 217 20.89 28.71 19.03
CA GLY H 217 21.73 29.86 19.29
C GLY H 217 21.00 31.11 19.72
N HIS H 218 19.71 31.00 20.06
CA HIS H 218 18.89 32.14 20.43
C HIS H 218 18.51 32.04 21.90
N VAL H 219 18.66 33.15 22.62
CA VAL H 219 18.40 33.17 24.06
C VAL H 219 16.89 33.18 24.29
N LEU H 220 16.46 32.63 25.42
CA LEU H 220 15.06 32.54 25.76
C LEU H 220 14.87 32.38 27.26
N ARG H 221 13.60 32.30 27.65
CA ARG H 221 13.19 32.05 29.04
C ARG H 221 12.44 30.73 29.10
N LEU H 222 12.59 30.01 30.21
CA LEU H 222 11.99 28.69 30.38
C LEU H 222 11.19 28.64 31.68
N PHE H 223 9.86 28.65 31.57
CA PHE H 223 8.97 28.73 32.72
C PHE H 223 8.32 27.37 32.96
N HIS H 224 8.50 26.82 34.16
CA HIS H 224 7.61 25.75 34.59
C HIS H 224 6.23 26.29 34.92
N GLY H 225 6.17 27.45 35.55
CA GLY H 225 4.89 28.08 35.84
C GLY H 225 4.25 28.66 34.58
N HIS H 226 2.95 28.94 34.71
CA HIS H 226 2.21 29.60 33.63
C HIS H 226 2.53 31.10 33.68
N MET H 227 3.78 31.41 33.34
CA MET H 227 4.37 32.74 33.25
C MET H 227 4.55 33.39 34.61
N ASP H 228 4.52 32.64 35.71
CA ASP H 228 4.73 33.25 37.02
C ASP H 228 6.14 33.00 37.54
N GLU H 229 6.74 31.86 37.16
CA GLU H 229 8.01 31.45 37.73
C GLU H 229 8.87 30.79 36.66
N CYS H 230 10.17 31.13 36.66
CA CYS H 230 11.11 30.70 35.64
C CYS H 230 12.34 30.07 36.29
N LEU H 231 12.99 29.16 35.57
CA LEU H 231 14.27 28.64 36.01
C LEU H 231 15.36 29.68 35.76
N THR H 232 16.25 29.85 36.73
CA THR H 232 17.20 30.96 36.71
C THR H 232 18.40 30.62 37.59
N ILE H 233 19.58 31.08 37.16
CA ILE H 233 20.78 30.93 37.97
C ILE H 233 20.64 31.79 39.23
N SER H 234 21.44 31.47 40.25
CA SER H 234 21.35 32.16 41.52
C SER H 234 21.69 33.64 41.36
N ALA H 235 21.34 34.42 42.38
CA ALA H 235 21.54 35.86 42.34
C ALA H 235 23.02 36.21 42.30
N ALA H 236 23.32 37.35 41.68
CA ALA H 236 24.68 37.87 41.68
C ALA H 236 25.12 38.21 43.09
N ASP H 237 26.41 38.02 43.36
CA ASP H 237 27.10 38.25 44.63
C ASP H 237 26.67 37.26 45.69
N SER H 238 25.87 36.24 45.35
CA SER H 238 25.50 35.22 46.33
C SER H 238 26.71 34.39 46.69
N ASP H 239 26.72 33.88 47.94
CA ASP H 239 27.87 33.15 48.44
C ASP H 239 28.09 31.85 47.67
N ASP H 240 27.05 31.33 47.03
CA ASP H 240 27.18 30.05 46.33
C ASP H 240 27.98 30.19 45.04
N GLN H 241 28.24 31.43 44.61
CA GLN H 241 29.01 31.70 43.38
C GLN H 241 28.36 31.03 42.17
N ARG H 242 27.03 31.06 42.11
CA ARG H 242 26.25 30.58 40.97
C ARG H 242 26.49 29.11 40.66
N ARG H 243 26.87 28.31 41.67
CA ARG H 243 27.08 26.89 41.40
C ARG H 243 25.75 26.18 41.12
N LEU H 244 24.67 26.64 41.74
CA LEU H 244 23.39 25.96 41.65
C LEU H 244 22.37 26.87 40.99
N VAL H 245 21.55 26.27 40.14
CA VAL H 245 20.47 26.95 39.42
C VAL H 245 19.14 26.55 40.06
N TYR H 246 18.27 27.53 40.28
CA TYR H 246 17.05 27.31 41.05
C TYR H 246 15.85 27.81 40.27
N TYR H 247 14.65 27.42 40.73
CA TYR H 247 13.42 27.89 40.13
C TYR H 247 12.87 29.06 40.93
N GLU H 248 12.86 30.26 40.34
CA GLU H 248 12.51 31.47 41.07
C GLU H 248 11.48 32.27 40.28
N GLY H 249 10.71 33.09 40.99
CA GLY H 249 9.71 33.92 40.35
C GLY H 249 9.68 35.34 40.88
N GLY H 250 9.82 36.32 39.98
CA GLY H 250 9.80 37.71 40.39
C GLY H 250 10.53 38.57 39.37
N ALA H 251 11.10 39.67 39.87
CA ALA H 251 11.88 40.55 39.01
C ALA H 251 13.15 39.85 38.52
N VAL H 252 13.59 38.80 39.22
CA VAL H 252 14.74 38.04 38.77
C VAL H 252 14.43 37.35 37.44
N CYS H 253 13.16 37.02 37.20
CA CYS H 253 12.77 36.48 35.91
C CYS H 253 13.00 37.51 34.81
N THR H 254 12.63 38.77 35.07
CA THR H 254 12.88 39.83 34.08
C THR H 254 14.37 40.08 33.90
N HIS H 255 15.15 39.90 34.97
CA HIS H 255 16.57 40.17 34.90
C HIS H 255 17.28 39.20 33.97
N ALA H 256 18.48 39.59 33.54
CA ALA H 256 19.22 38.81 32.54
C ALA H 256 19.68 37.46 33.08
N ARG H 257 19.63 37.27 34.40
CA ARG H 257 20.02 36.00 34.98
C ARG H 257 19.08 34.89 34.56
N SER H 258 17.87 35.23 34.13
CA SER H 258 16.91 34.21 33.72
C SER H 258 17.11 33.83 32.25
N LEU H 259 17.91 34.60 31.52
CA LEU H 259 18.19 34.26 30.13
C LEU H 259 18.98 32.96 30.03
N TRP H 260 18.63 32.12 29.06
CA TRP H 260 19.39 30.92 28.81
C TRP H 260 19.51 30.70 27.31
N ARG H 261 20.56 30.00 26.87
CA ARG H 261 20.88 29.86 25.46
C ARG H 261 21.11 28.39 25.13
N LEU H 262 20.77 28.01 23.91
CA LEU H 262 20.86 26.63 23.43
C LEU H 262 21.88 26.57 22.29
N GLU H 263 22.75 25.57 22.33
CA GLU H 263 23.76 25.38 21.30
C GLU H 263 23.67 23.95 20.76
N PRO H 264 23.35 23.75 19.49
CA PRO H 264 23.41 22.41 18.91
C PRO H 264 24.85 21.90 18.86
N LEU H 265 24.99 20.58 18.99
CA LEU H 265 26.32 19.97 18.93
C LEU H 265 26.95 20.19 17.57
N ARG H 266 26.18 20.06 16.49
CA ARG H 266 26.68 20.34 15.16
C ARG H 266 27.06 21.81 15.04
N ILE H 267 28.26 22.08 14.54
CA ILE H 267 28.76 23.45 14.48
C ILE H 267 27.99 24.28 13.45
N SER H 268 27.71 23.69 12.29
CA SER H 268 27.04 24.43 11.24
C SER H 268 25.52 24.24 11.31
N TRP H 269 24.80 25.22 10.77
CA TRP H 269 23.33 25.21 10.75
C TRP H 269 22.76 25.05 12.15
N SER H 270 23.39 25.72 13.12
CA SER H 270 22.85 25.73 14.49
C SER H 270 21.52 26.45 14.54
N GLY H 271 21.36 27.50 13.76
CA GLY H 271 20.14 28.27 13.71
C GLY H 271 19.01 27.62 12.96
N SER H 272 19.21 26.39 12.49
CA SER H 272 18.11 25.63 11.90
C SER H 272 17.02 25.38 12.94
N HIS H 273 15.83 25.06 12.46
CA HIS H 273 14.72 24.78 13.35
C HIS H 273 15.07 23.63 14.30
N LEU H 274 14.74 23.84 15.58
CA LEU H 274 14.94 22.78 16.56
C LEU H 274 14.05 21.59 16.24
N ARG H 275 14.56 20.39 16.50
CA ARG H 275 13.82 19.16 16.28
C ARG H 275 13.67 18.43 17.62
N TRP H 276 12.53 17.75 17.77
CA TRP H 276 12.22 17.08 19.03
C TRP H 276 13.28 16.03 19.36
N GLY H 277 13.89 16.16 20.53
CA GLY H 277 14.91 15.23 20.97
C GLY H 277 16.28 15.44 20.38
N GLN H 278 16.55 16.59 19.77
CA GLN H 278 17.85 16.82 19.16
C GLN H 278 18.92 17.01 20.23
N PRO H 279 20.08 16.37 20.09
CA PRO H 279 21.16 16.59 21.07
C PRO H 279 21.63 18.03 21.04
N LEU H 280 21.85 18.60 22.24
CA LEU H 280 22.14 20.01 22.38
C LEU H 280 22.76 20.29 23.73
N ARG H 281 23.28 21.51 23.90
CA ARG H 281 23.91 21.96 25.12
C ARG H 281 23.22 23.23 25.59
N ILE H 282 23.22 23.45 26.90
CA ILE H 282 22.57 24.61 27.51
C ILE H 282 23.63 25.46 28.18
N ARG H 283 23.62 26.76 27.90
CA ARG H 283 24.60 27.69 28.43
C ARG H 283 23.89 28.92 28.98
N HIS H 284 24.33 29.39 30.15
CA HIS H 284 23.80 30.65 30.67
C HIS H 284 24.62 31.80 30.08
N VAL H 285 23.92 32.78 29.49
CA VAL H 285 24.59 33.78 28.68
C VAL H 285 25.49 34.67 29.53
N THR H 286 25.01 35.11 30.70
CA THR H 286 25.81 36.02 31.51
C THR H 286 26.97 35.29 32.19
N THR H 287 26.70 34.08 32.72
CA THR H 287 27.76 33.32 33.37
C THR H 287 28.77 32.80 32.35
N GLY H 288 28.29 32.36 31.19
CA GLY H 288 29.13 31.71 30.21
C GLY H 288 29.36 30.24 30.47
N ARG H 289 28.78 29.69 31.54
CA ARG H 289 28.98 28.29 31.89
C ARG H 289 27.92 27.43 31.24
N TYR H 290 28.27 26.16 31.00
CA TYR H 290 27.38 25.20 30.38
C TYR H 290 26.74 24.35 31.47
N LEU H 291 25.41 24.34 31.50
CA LEU H 291 24.69 23.55 32.49
C LEU H 291 24.73 22.07 32.12
N ALA H 292 25.08 21.23 33.09
CA ALA H 292 25.20 19.80 32.86
C ALA H 292 25.09 19.04 34.18
N LEU H 293 24.78 17.76 34.07
CA LEU H 293 24.86 16.89 35.24
C LEU H 293 26.29 16.41 35.45
N THR H 294 26.79 16.59 36.66
CA THR H 294 28.15 16.20 37.02
C THR H 294 28.09 15.05 38.00
N GLU H 295 28.92 14.04 37.76
CA GLU H 295 28.86 12.82 38.58
C GLU H 295 29.20 13.11 40.04
N ASP H 296 30.11 14.05 40.27
CA ASP H 296 30.56 14.31 41.64
C ASP H 296 29.43 14.87 42.50
N GLN H 297 28.65 15.81 41.95
CA GLN H 297 27.60 16.47 42.72
C GLN H 297 26.21 16.32 42.10
N GLY H 298 26.11 16.46 40.78
CA GLY H 298 24.78 16.52 40.17
C GLY H 298 24.73 17.61 39.12
N LEU H 299 23.64 18.37 39.12
CA LEU H 299 23.48 19.40 38.11
C LEU H 299 24.01 20.74 38.59
N VAL H 300 25.07 21.22 37.93
CA VAL H 300 25.61 22.55 38.16
C VAL H 300 26.00 23.12 36.80
N VAL H 301 26.29 24.42 36.76
CA VAL H 301 26.82 25.06 35.57
C VAL H 301 28.34 25.06 35.69
N VAL H 302 29.01 24.58 34.64
CA VAL H 302 30.46 24.42 34.65
C VAL H 302 31.05 25.13 33.44
N ASP H 303 32.35 25.42 33.54
CA ASP H 303 33.03 26.14 32.48
C ASP H 303 33.17 25.27 31.24
N ALA H 304 33.43 25.93 30.11
CA ALA H 304 33.58 25.23 28.84
C ALA H 304 34.73 24.22 28.90
N CYS H 305 35.82 24.58 29.57
CA CYS H 305 36.93 23.66 29.72
C CYS H 305 36.53 22.45 30.58
N LYS H 306 35.72 22.67 31.61
CA LYS H 306 35.33 21.58 32.50
C LYS H 306 34.33 20.65 31.83
N ALA H 307 33.52 21.18 30.91
CA ALA H 307 32.49 20.36 30.27
C ALA H 307 33.11 19.30 29.38
N HIS H 308 32.50 18.12 29.35
CA HIS H 308 32.95 17.01 28.53
C HIS H 308 32.11 16.80 27.28
N THR H 309 31.03 17.58 27.10
CA THR H 309 30.13 17.53 25.95
C THR H 309 29.27 16.26 26.02
N LYS H 310 29.61 15.36 26.94
CA LYS H 310 28.75 14.20 27.16
C LYS H 310 27.72 14.48 28.24
N ALA H 311 28.05 15.37 29.18
CA ALA H 311 27.11 15.76 30.21
C ALA H 311 26.26 16.95 29.78
N THR H 312 26.86 17.88 29.02
CA THR H 312 26.10 19.02 28.53
C THR H 312 25.13 18.60 27.44
N SER H 313 25.33 17.42 26.85
CA SER H 313 24.45 16.96 25.80
C SER H 313 23.06 16.66 26.34
N PHE H 314 22.07 17.41 25.84
CA PHE H 314 20.69 17.25 26.26
C PHE H 314 19.82 17.13 25.01
N CYS H 315 18.63 16.56 25.19
CA CYS H 315 17.64 16.48 24.12
C CYS H 315 16.37 17.19 24.56
N PHE H 316 15.53 17.51 23.58
CA PHE H 316 14.48 18.51 23.74
C PHE H 316 13.20 17.94 23.15
N ARG H 317 12.31 17.42 24.00
CA ARG H 317 11.22 16.57 23.55
C ARG H 317 9.89 17.16 24.00
N VAL H 318 8.78 16.59 23.52
CA VAL H 318 7.46 17.10 23.91
C VAL H 318 6.72 16.03 24.72
N SER H 319 7.08 14.76 24.55
CA SER H 319 6.38 13.65 25.16
C SER H 319 7.16 13.13 26.35
N LYS H 320 6.44 12.81 27.43
CA LYS H 320 7.09 12.22 28.59
C LYS H 320 7.68 10.85 28.26
N GLU H 321 7.00 10.08 27.42
CA GLU H 321 7.50 8.79 27.00
C GLU H 321 8.71 8.96 26.07
N LYS H 322 9.65 8.02 26.18
CA LYS H 322 10.85 8.00 25.35
C LYS H 322 10.76 6.84 24.36
N LEU H 323 10.94 7.13 23.08
CA LEU H 323 10.84 6.08 22.07
C LEU H 323 12.22 5.66 21.57
N ASP H 324 13.04 6.62 21.16
CA ASP H 324 14.40 6.44 20.64
C ASP H 324 14.46 5.46 19.48
N THR H 325 13.35 5.20 18.79
CA THR H 325 13.32 4.16 17.77
C THR H 325 14.14 4.55 16.55
N ALA H 326 13.93 5.75 16.02
CA ALA H 326 14.55 6.16 14.77
C ALA H 326 15.34 7.46 14.97
N PRO H 327 16.65 7.44 14.76
CA PRO H 327 17.41 8.69 14.82
C PRO H 327 17.01 9.63 13.69
N LYS H 328 17.07 10.93 13.97
CA LYS H 328 16.71 11.92 12.98
C LYS H 328 17.87 12.15 12.02
N ARG H 329 17.55 12.25 10.72
CA ARG H 329 18.57 12.50 9.73
C ARG H 329 19.04 13.96 9.80
N ASP H 330 20.35 14.15 9.81
CA ASP H 330 20.91 15.50 9.82
C ASP H 330 20.97 16.04 8.39
N VAL H 331 20.38 17.20 8.17
CA VAL H 331 20.35 17.83 6.85
C VAL H 331 20.74 19.29 6.98
N GLU H 332 21.56 19.75 6.04
CA GLU H 332 21.90 21.16 5.98
C GLU H 332 20.67 21.97 5.56
N GLY H 333 20.64 23.22 5.99
CA GLY H 333 19.50 24.08 5.73
C GLY H 333 18.67 24.34 6.96
N MET H 334 17.55 25.04 6.74
CA MET H 334 16.65 25.37 7.83
C MET H 334 16.03 24.12 8.44
N GLY H 335 15.63 23.17 7.59
CA GLY H 335 15.07 21.92 8.05
C GLY H 335 13.63 22.04 8.46
N PRO H 336 12.96 20.90 8.68
CA PRO H 336 11.57 20.95 9.12
C PRO H 336 11.46 21.58 10.50
N PRO H 337 10.41 22.35 10.75
CA PRO H 337 10.25 22.99 12.05
C PRO H 337 9.45 22.14 13.05
N GLU H 338 10.00 21.89 14.25
CA GLU H 338 9.28 21.08 15.22
C GLU H 338 8.75 21.93 16.39
N ILE H 339 9.63 22.64 17.09
CA ILE H 339 9.31 23.28 18.36
C ILE H 339 8.98 24.74 18.10
N LYS H 340 7.80 25.17 18.56
CA LYS H 340 7.33 26.54 18.41
C LYS H 340 8.08 27.46 19.39
N TYR H 341 8.42 28.66 18.92
CA TYR H 341 9.17 29.61 19.73
C TYR H 341 8.22 30.64 20.34
N GLY H 342 7.70 30.35 21.52
CA GLY H 342 6.78 31.23 22.21
C GLY H 342 5.41 30.66 22.47
N GLU H 343 5.06 29.51 21.87
CA GLU H 343 3.78 28.86 22.11
C GLU H 343 3.89 27.40 22.47
N SER H 344 5.05 26.77 22.28
CA SER H 344 5.19 25.35 22.52
C SER H 344 5.42 25.06 24.01
N LEU H 345 4.94 23.89 24.45
CA LEU H 345 5.18 23.37 25.79
C LEU H 345 6.14 22.20 25.67
N CYS H 346 7.26 22.27 26.37
CA CYS H 346 8.42 21.43 26.06
C CYS H 346 8.95 20.74 27.32
N PHE H 347 9.26 19.45 27.18
CA PHE H 347 10.06 18.74 28.16
C PHE H 347 11.54 18.78 27.78
N VAL H 348 12.39 18.84 28.78
CA VAL H 348 13.85 18.82 28.60
C VAL H 348 14.39 17.54 29.22
N GLN H 349 15.21 16.81 28.45
CA GLN H 349 15.71 15.51 28.85
C GLN H 349 17.23 15.50 28.75
N HIS H 350 17.89 14.71 29.60
CA HIS H 350 19.35 14.67 29.57
C HIS H 350 19.81 13.38 28.90
N VAL H 351 20.72 13.51 27.95
CA VAL H 351 21.17 12.36 27.16
C VAL H 351 21.96 11.38 28.03
N ALA H 352 22.93 11.89 28.77
CA ALA H 352 23.84 11.00 29.50
C ALA H 352 23.14 10.28 30.63
N SER H 353 22.39 11.00 31.47
CA SER H 353 21.74 10.37 32.61
C SER H 353 20.54 9.55 32.18
N GLY H 354 19.75 10.06 31.24
CA GLY H 354 18.49 9.45 30.89
C GLY H 354 17.39 9.74 31.88
N LEU H 355 17.60 10.64 32.84
CA LEU H 355 16.59 10.97 33.83
C LEU H 355 15.81 12.21 33.39
N TRP H 356 14.79 12.55 34.17
CA TRP H 356 13.88 13.64 33.83
C TRP H 356 14.25 14.89 34.62
N LEU H 357 14.42 16.01 33.91
CA LEU H 357 14.69 17.27 34.58
C LEU H 357 13.42 17.78 35.26
N THR H 358 13.41 17.74 36.60
CA THR H 358 12.22 18.08 37.36
C THR H 358 12.56 19.11 38.42
N TYR H 359 11.53 19.64 39.07
CA TYR H 359 11.74 20.54 40.19
C TYR H 359 11.72 19.75 41.50
N ALA H 360 12.58 20.15 42.43
CA ALA H 360 12.78 19.37 43.64
C ALA H 360 11.59 19.47 44.59
N ALA H 361 10.65 20.38 44.29
CA ALA H 361 9.46 20.66 45.10
C ALA H 361 9.88 21.37 46.38
N PRO H 362 8.96 22.03 47.10
CA PRO H 362 9.35 22.69 48.34
C PRO H 362 9.69 21.67 49.42
N ASP H 363 10.97 21.58 49.75
CA ASP H 363 11.40 20.68 50.81
C ASP H 363 10.98 21.23 52.18
N PRO H 364 10.95 20.39 53.20
CA PRO H 364 10.55 20.87 54.53
C PRO H 364 11.45 21.99 55.02
N LYS H 365 10.86 22.92 55.78
CA LYS H 365 11.48 24.09 56.41
C LYS H 365 11.77 25.19 55.38
N ALA H 366 11.63 24.89 54.09
CA ALA H 366 11.70 25.96 53.09
C ALA H 366 10.52 26.91 53.23
N LEU H 367 9.37 26.39 53.65
CA LEU H 367 8.23 27.24 53.95
C LEU H 367 8.54 28.20 55.10
N ARG H 368 9.23 27.70 56.13
CA ARG H 368 9.63 28.56 57.23
C ARG H 368 10.63 29.61 56.79
N LEU H 369 11.58 29.23 55.93
CA LEU H 369 12.51 30.22 55.37
C LEU H 369 11.77 31.26 54.55
N GLY H 370 10.69 30.86 53.86
CA GLY H 370 9.94 31.77 53.04
C GLY H 370 10.54 32.05 51.68
N VAL H 371 11.66 31.40 51.33
CA VAL H 371 12.28 31.63 50.05
C VAL H 371 11.50 30.90 48.96
N LEU H 372 11.08 31.65 47.95
CA LEU H 372 10.40 31.09 46.79
C LEU H 372 11.36 30.56 45.73
N LYS H 373 12.67 30.68 45.97
CA LYS H 373 13.70 30.18 45.08
C LYS H 373 13.97 28.72 45.44
N LYS H 374 13.67 27.82 44.51
CA LYS H 374 13.67 26.38 44.79
C LYS H 374 14.53 25.64 43.77
N LYS H 375 15.20 24.59 44.24
CA LYS H 375 16.18 23.88 43.43
C LYS H 375 15.54 22.96 42.39
N ALA H 376 16.24 22.80 41.26
CA ALA H 376 15.89 21.79 40.28
C ALA H 376 16.73 20.54 40.49
N ILE H 377 16.14 19.37 40.26
CA ILE H 377 16.84 18.11 40.36
C ILE H 377 16.62 17.28 39.09
N LEU H 378 17.28 16.13 39.03
CA LEU H 378 17.24 15.27 37.87
C LEU H 378 16.87 13.86 38.34
N HIS H 379 15.67 13.41 37.97
CA HIS H 379 15.14 12.14 38.40
C HIS H 379 14.20 11.60 37.33
N GLN H 380 14.25 10.29 37.09
CA GLN H 380 13.49 9.71 35.98
C GLN H 380 11.99 9.80 36.23
N GLU H 381 11.57 9.71 37.49
CA GLU H 381 10.14 9.81 37.81
C GLU H 381 9.60 11.19 37.46
N GLY H 382 10.33 12.24 37.82
CA GLY H 382 9.90 13.58 37.49
C GLY H 382 8.66 14.01 38.26
N HIS H 383 8.07 15.09 37.78
CA HIS H 383 6.86 15.65 38.39
C HIS H 383 5.85 16.00 37.31
N MET H 384 4.65 16.35 37.76
CA MET H 384 3.54 16.59 36.82
C MET H 384 3.82 17.77 35.90
N ASP H 385 4.38 18.85 36.45
CA ASP H 385 4.61 20.08 35.70
C ASP H 385 6.01 20.15 35.12
N ASP H 386 6.59 19.01 34.74
CA ASP H 386 7.97 19.01 34.24
C ASP H 386 8.06 19.67 32.87
N ALA H 387 6.92 19.85 32.21
CA ALA H 387 6.92 20.50 30.90
C ALA H 387 7.20 21.99 31.06
N LEU H 388 8.03 22.53 30.17
CA LEU H 388 8.46 23.91 30.22
C LEU H 388 7.83 24.70 29.08
N PHE H 389 7.51 25.96 29.34
CA PHE H 389 7.07 26.86 28.28
C PHE H 389 8.18 27.86 28.02
N LEU H 390 8.57 27.98 26.75
CA LEU H 390 9.70 28.83 26.36
C LEU H 390 9.17 30.13 25.78
N THR H 391 9.78 31.24 26.17
CA THR H 391 9.32 32.57 25.80
C THR H 391 10.48 33.42 25.30
N ARG H 392 10.14 34.44 24.51
CA ARG H 392 11.12 35.24 23.80
C ARG H 392 11.86 36.18 24.74
N CYS H 393 13.02 36.66 24.26
CA CYS H 393 13.74 37.75 24.90
C CYS H 393 14.15 38.75 23.83
N GLN H 394 14.29 40.01 24.22
CA GLN H 394 14.65 41.04 23.25
C GLN H 394 16.13 40.98 22.91
N GLN H 395 16.45 41.31 21.66
CA GLN H 395 17.84 41.31 21.21
C GLN H 395 18.66 42.33 22.00
N GLU H 396 18.02 43.43 22.43
CA GLU H 396 18.70 44.38 23.30
C GLU H 396 19.12 43.71 24.60
N GLU H 397 18.23 42.92 25.20
CA GLU H 397 18.56 42.21 26.42
C GLU H 397 19.66 41.17 26.19
N SER H 398 19.60 40.48 25.05
CA SER H 398 20.63 39.48 24.74
C SER H 398 22.00 40.13 24.59
N GLN H 399 22.06 41.26 23.86
CA GLN H 399 23.32 41.98 23.71
C GLN H 399 23.82 42.50 25.05
N ALA H 400 22.90 42.99 25.89
CA ALA H 400 23.29 43.43 27.23
C ALA H 400 23.88 42.30 28.03
N ALA H 401 23.27 41.12 27.96
CA ALA H 401 23.79 39.97 28.71
C ALA H 401 25.18 39.58 28.21
N ARG H 402 25.37 39.56 26.88
CA ARG H 402 26.68 39.18 26.34
C ARG H 402 27.76 40.19 26.74
N MET H 403 27.45 41.48 26.67
CA MET H 403 28.44 42.47 27.08
C MET H 403 28.71 42.40 28.57
N ILE H 404 27.69 42.08 29.38
CA ILE H 404 27.93 41.85 30.81
C ILE H 404 28.90 40.69 30.99
N HIS H 405 28.68 39.60 30.26
CA HIS H 405 29.51 38.40 30.43
C HIS H 405 30.97 38.68 30.08
N SER H 406 31.20 39.46 29.02
CA SER H 406 32.57 39.78 28.64
C SER H 406 33.18 40.80 29.60
N THR H 407 32.42 41.83 29.96
CA THR H 407 32.92 42.92 30.79
C THR H 407 33.30 42.44 32.18
N ALA H 408 32.50 41.56 32.76
CA ALA H 408 32.80 41.03 34.09
C ALA H 408 34.16 40.35 34.10
N GLY H 409 34.41 39.47 33.12
CA GLY H 409 35.70 38.81 33.06
C GLY H 409 36.85 39.76 32.82
N LEU H 410 36.66 40.74 31.93
CA LEU H 410 37.75 41.67 31.64
C LEU H 410 38.13 42.48 32.88
N TYR H 411 37.15 43.08 33.55
CA TYR H 411 37.48 43.88 34.72
C TYR H 411 37.89 43.01 35.90
N ASN H 412 37.45 41.75 35.93
CA ASN H 412 37.97 40.83 36.95
C ASN H 412 39.45 40.59 36.74
N GLN H 413 39.88 40.37 35.50
CA GLN H 413 41.31 40.25 35.22
C GLN H 413 42.04 41.52 35.64
N PHE H 414 41.44 42.68 35.37
CA PHE H 414 42.06 43.94 35.74
C PHE H 414 42.23 44.05 37.26
N ILE H 415 41.21 43.64 38.02
CA ILE H 415 41.29 43.71 39.48
C ILE H 415 42.31 42.72 40.03
N LYS H 416 42.37 41.52 39.46
CA LYS H 416 43.39 40.57 39.90
C LYS H 416 44.80 41.07 39.61
N GLY H 417 45.00 41.75 38.47
CA GLY H 417 46.27 42.39 38.23
C GLY H 417 46.57 43.49 39.24
N LEU H 418 45.56 44.28 39.58
CA LEU H 418 45.72 45.29 40.63
C LEU H 418 46.20 44.65 41.92
N ASP H 419 45.56 43.55 42.34
CA ASP H 419 45.98 42.86 43.55
C ASP H 419 47.39 42.31 43.40
N SER H 420 47.73 41.83 42.20
CA SER H 420 49.06 41.25 41.98
C SER H 420 50.16 42.28 42.19
N PHE H 421 49.99 43.48 41.65
CA PHE H 421 51.05 44.47 41.85
C PHE H 421 50.82 45.39 43.05
N SER H 422 49.75 45.19 43.81
CA SER H 422 49.53 46.02 44.99
C SER H 422 50.52 45.71 46.11
N GLY H 423 50.87 44.44 46.27
CA GLY H 423 51.64 44.03 47.44
C GLY H 423 53.02 44.65 47.50
N LYS H 424 53.75 44.62 46.38
CA LYS H 424 55.14 45.05 46.35
C LYS H 424 55.34 46.13 45.30
N PRO H 425 55.99 47.25 45.63
CA PRO H 425 56.37 48.21 44.59
C PRO H 425 57.37 47.59 43.63
N ARG H 426 57.14 47.79 42.33
CA ARG H 426 58.07 47.26 41.34
C ARG H 426 59.35 48.09 41.31
N GLY H 427 59.27 49.36 41.68
CA GLY H 427 60.46 50.20 41.76
C GLY H 427 61.12 50.36 40.39
N SER H 428 62.43 50.17 40.37
CA SER H 428 63.19 50.20 39.11
C SER H 428 63.30 48.78 38.53
N GLY H 429 62.15 48.14 38.41
CA GLY H 429 62.07 46.79 37.89
C GLY H 429 60.76 46.53 37.19
N PRO H 430 60.79 45.71 36.14
CA PRO H 430 59.55 45.38 35.42
C PRO H 430 58.61 44.61 36.32
N PRO H 431 57.30 44.69 36.07
CA PRO H 431 56.34 43.95 36.92
C PRO H 431 56.55 42.45 36.90
N ALA H 432 57.21 41.93 35.86
CA ALA H 432 57.52 40.50 35.75
C ALA H 432 56.23 39.66 35.69
N GLY H 433 55.16 40.28 35.21
CA GLY H 433 53.89 39.60 35.07
C GLY H 433 53.12 40.13 33.87
N PRO H 434 52.06 39.42 33.49
CA PRO H 434 51.23 39.89 32.38
C PRO H 434 50.64 41.26 32.67
N ALA H 435 51.04 42.24 31.86
CA ALA H 435 50.56 43.60 32.06
C ALA H 435 49.05 43.68 31.82
N LEU H 436 48.38 44.47 32.63
CA LEU H 436 46.94 44.62 32.50
C LEU H 436 46.61 45.28 31.16
N PRO H 437 45.54 44.84 30.49
CA PRO H 437 45.21 45.40 29.17
C PRO H 437 44.63 46.81 29.28
N ILE H 438 45.53 47.78 29.45
CA ILE H 438 45.09 49.16 29.69
C ILE H 438 44.31 49.70 28.50
N GLU H 439 44.77 49.42 27.28
CA GLU H 439 44.07 49.93 26.09
C GLU H 439 42.71 49.26 25.92
N ALA H 440 42.63 47.94 26.19
CA ALA H 440 41.35 47.26 26.13
C ALA H 440 40.39 47.82 27.16
N VAL H 441 40.89 48.12 28.36
CA VAL H 441 40.06 48.73 29.39
C VAL H 441 39.55 50.09 28.92
N ILE H 442 40.45 50.92 28.38
CA ILE H 442 40.07 52.22 27.85
C ILE H 442 38.93 52.08 26.85
N LEU H 443 39.15 51.26 25.82
CA LEU H 443 38.14 51.08 24.78
C LEU H 443 36.83 50.57 25.37
N SER H 444 36.90 49.67 26.35
CA SER H 444 35.68 49.17 26.98
C SER H 444 34.92 50.29 27.68
N LEU H 445 35.63 51.19 28.38
CA LEU H 445 34.92 52.31 28.99
C LEU H 445 34.20 53.16 27.96
N GLN H 446 34.92 53.72 26.97
CA GLN H 446 34.18 54.60 26.05
C GLN H 446 33.11 53.82 25.27
N ASP H 447 33.29 52.51 25.10
CA ASP H 447 32.20 51.71 24.56
C ASP H 447 31.00 51.71 25.48
N LEU H 448 31.23 51.64 26.79
CA LEU H 448 30.11 51.62 27.72
C LEU H 448 29.38 52.97 27.74
N ILE H 449 30.12 54.08 27.79
CA ILE H 449 29.43 55.38 27.72
C ILE H 449 28.71 55.55 26.38
N GLY H 450 29.32 55.06 25.29
CA GLY H 450 28.65 55.06 24.01
C GLY H 450 27.43 54.17 23.99
N TYR H 451 27.36 53.22 24.93
CA TYR H 451 26.13 52.48 25.15
C TYR H 451 25.19 53.27 26.05
N PHE H 452 25.75 54.23 26.80
CA PHE H 452 25.01 54.97 27.82
C PHE H 452 24.84 56.46 27.53
N GLU H 453 24.66 56.87 26.27
CA GLU H 453 24.23 58.25 26.04
C GLU H 453 23.06 58.63 26.95
N PRO H 454 22.99 59.90 27.39
CA PRO H 454 21.70 60.46 27.75
C PRO H 454 20.96 60.86 26.48
N PRO H 455 19.64 60.74 26.46
CA PRO H 455 18.90 61.07 25.22
C PRO H 455 19.07 62.54 24.86
N SER H 456 19.19 62.79 23.56
CA SER H 456 19.28 64.16 23.09
C SER H 456 17.94 64.86 23.26
N GLU H 457 17.98 66.09 23.77
CA GLU H 457 16.76 66.78 24.15
C GLU H 457 15.94 67.18 22.92
N GLU H 458 16.58 67.25 21.75
CA GLU H 458 15.88 67.66 20.55
C GLU H 458 14.89 66.61 20.09
N LEU H 459 15.10 65.35 20.48
CA LEU H 459 14.22 64.27 20.05
C LEU H 459 12.80 64.47 20.60
N GLN H 460 11.83 64.02 19.83
CA GLN H 460 10.43 64.15 20.24
C GLN H 460 10.16 63.28 21.47
N HIS H 461 9.02 63.55 22.11
CA HIS H 461 8.72 62.95 23.40
C HIS H 461 8.59 61.43 23.30
N GLU H 462 8.05 60.93 22.19
CA GLU H 462 7.88 59.49 22.05
C GLU H 462 9.20 58.74 22.09
N GLU H 463 10.10 59.03 21.14
CA GLU H 463 11.37 58.32 21.11
C GLU H 463 12.23 58.68 22.32
N LYS H 464 12.06 59.90 22.85
CA LYS H 464 12.73 60.26 24.09
C LYS H 464 12.36 59.30 25.21
N GLN H 465 11.06 59.10 25.44
CA GLN H 465 10.60 58.18 26.46
C GLN H 465 11.05 56.76 26.16
N SER H 466 11.03 56.37 24.89
CA SER H 466 11.44 55.01 24.54
C SER H 466 12.89 54.76 24.95
N LYS H 467 13.79 55.63 24.53
CA LYS H 467 15.19 55.43 24.88
C LYS H 467 15.39 55.62 26.38
N LEU H 468 14.54 56.43 27.02
CA LEU H 468 14.63 56.60 28.47
C LEU H 468 14.35 55.30 29.22
N ARG H 469 13.23 54.64 28.93
CA ARG H 469 12.98 53.43 29.71
C ARG H 469 13.87 52.28 29.23
N SER H 470 14.35 52.33 27.98
CA SER H 470 15.35 51.36 27.58
C SER H 470 16.62 51.52 28.39
N LEU H 471 17.09 52.76 28.56
CA LEU H 471 18.29 53.00 29.34
C LEU H 471 18.08 52.63 30.80
N ARG H 472 16.90 52.93 31.35
CA ARG H 472 16.61 52.51 32.73
C ARG H 472 16.64 50.99 32.84
N ASN H 473 16.12 50.29 31.84
CA ASN H 473 16.11 48.83 31.86
C ASN H 473 17.55 48.28 31.84
N ARG H 474 18.38 48.82 30.96
CA ARG H 474 19.78 48.38 30.91
C ARG H 474 20.49 48.66 32.23
N GLN H 475 20.26 49.85 32.82
CA GLN H 475 20.88 50.15 34.11
C GLN H 475 20.41 49.19 35.18
N SER H 476 19.13 48.84 35.18
CA SER H 476 18.61 47.91 36.17
C SER H 476 19.28 46.54 36.05
N LEU H 477 19.38 46.01 34.84
CA LEU H 477 20.10 44.74 34.66
C LEU H 477 21.56 44.86 35.09
N PHE H 478 22.21 45.97 34.73
CA PHE H 478 23.64 46.06 35.00
C PHE H 478 23.92 46.16 36.49
N GLN H 479 23.04 46.83 37.25
CA GLN H 479 23.19 46.82 38.70
C GLN H 479 22.73 45.49 39.29
N GLU H 480 21.85 44.78 38.58
CA GLU H 480 21.39 43.48 39.08
C GLU H 480 22.52 42.45 39.07
N GLU H 481 23.20 42.31 37.94
CA GLU H 481 24.42 41.50 37.94
C GLU H 481 25.58 42.24 38.61
N GLY H 482 25.39 43.52 38.94
CA GLY H 482 26.27 44.20 39.86
C GLY H 482 27.65 44.53 39.36
N MET H 483 27.80 44.84 38.07
CA MET H 483 29.09 45.35 37.59
C MET H 483 29.37 46.73 38.18
N LEU H 484 28.35 47.39 38.73
CA LEU H 484 28.60 48.62 39.49
C LEU H 484 29.49 48.35 40.68
N SER H 485 29.25 47.25 41.40
CA SER H 485 30.12 46.87 42.51
C SER H 485 31.53 46.61 42.01
N LEU H 486 31.66 46.00 40.84
CA LEU H 486 32.98 45.78 40.25
C LEU H 486 33.67 47.11 39.95
N VAL H 487 32.91 48.09 39.46
CA VAL H 487 33.47 49.42 39.23
C VAL H 487 33.90 50.06 40.55
N LEU H 488 33.11 49.86 41.61
CA LEU H 488 33.51 50.38 42.93
C LEU H 488 34.82 49.76 43.38
N ASN H 489 34.98 48.44 43.18
CA ASN H 489 36.24 47.79 43.52
C ASN H 489 37.40 48.37 42.72
N CYS H 490 37.21 48.55 41.41
CA CYS H 490 38.27 49.13 40.60
C CYS H 490 38.62 50.53 41.06
N ILE H 491 37.61 51.35 41.35
CA ILE H 491 37.85 52.72 41.80
C ILE H 491 38.63 52.73 43.11
N ASP H 492 38.25 51.88 44.06
CA ASP H 492 38.96 51.84 45.33
C ASP H 492 40.41 51.40 45.14
N ARG H 493 40.62 50.34 44.34
CA ARG H 493 41.97 49.81 44.18
C ARG H 493 42.85 50.76 43.38
N LEU H 494 42.24 51.64 42.59
CA LEU H 494 43.03 52.66 41.90
C LEU H 494 43.33 53.84 42.82
N ASN H 495 42.37 54.23 43.65
CA ASN H 495 42.53 55.45 44.45
C ASN H 495 43.28 55.19 45.75
N VAL H 496 43.57 53.91 46.07
CA VAL H 496 44.53 53.67 47.14
C VAL H 496 45.89 54.28 46.78
N TYR H 497 46.16 54.43 45.48
CA TYR H 497 47.35 55.15 45.04
C TYR H 497 46.98 56.58 44.72
N THR H 498 47.59 57.52 45.45
CA THR H 498 47.18 58.93 45.35
C THR H 498 47.51 59.52 43.99
N THR H 499 48.70 59.24 43.46
CA THR H 499 49.21 59.91 42.28
C THR H 499 49.51 58.87 41.22
N ALA H 500 49.54 59.32 39.96
CA ALA H 500 49.91 58.42 38.86
C ALA H 500 51.31 57.85 39.06
N ALA H 501 52.26 58.68 39.48
CA ALA H 501 53.60 58.17 39.77
C ALA H 501 53.60 57.19 40.94
N HIS H 502 52.78 57.48 41.96
CA HIS H 502 52.69 56.59 43.12
C HIS H 502 52.15 55.23 42.70
N PHE H 503 51.15 55.22 41.81
CA PHE H 503 50.70 53.98 41.19
C PHE H 503 51.81 53.35 40.36
N ALA H 504 52.64 54.18 39.72
CA ALA H 504 53.67 53.68 38.82
C ALA H 504 54.73 52.88 39.57
N GLU H 505 55.16 53.36 40.74
CA GLU H 505 56.22 52.64 41.44
C GLU H 505 55.76 51.24 41.84
N TYR H 506 54.45 50.99 41.82
CA TYR H 506 53.94 49.67 42.18
C TYR H 506 53.58 48.84 40.95
N ALA H 507 53.11 49.48 39.88
CA ALA H 507 52.52 48.76 38.77
C ALA H 507 53.29 48.88 37.46
N GLY H 508 53.99 49.98 37.24
CA GLY H 508 54.67 50.21 35.98
C GLY H 508 54.52 51.65 35.49
N GLU H 509 55.54 52.09 34.75
CA GLU H 509 55.57 53.48 34.30
C GLU H 509 54.59 53.72 33.15
N GLU H 510 54.38 52.71 32.31
CA GLU H 510 53.53 52.89 31.13
C GLU H 510 52.08 53.12 31.53
N ALA H 511 51.66 52.60 32.69
CA ALA H 511 50.29 52.80 33.13
C ALA H 511 50.11 54.18 33.75
N ALA H 512 51.20 54.83 34.14
CA ALA H 512 51.10 56.11 34.83
C ALA H 512 50.48 57.19 33.94
N GLU H 513 50.91 57.25 32.67
CA GLU H 513 50.33 58.24 31.76
C GLU H 513 48.86 57.95 31.50
N SER H 514 48.50 56.67 31.42
CA SER H 514 47.11 56.32 31.17
C SER H 514 46.25 56.50 32.43
N TRP H 515 46.89 56.44 33.61
CA TRP H 515 46.17 56.33 34.88
C TRP H 515 45.18 57.46 35.09
N LYS H 516 45.57 58.69 34.75
CA LYS H 516 44.70 59.83 34.99
C LYS H 516 43.38 59.70 34.21
N GLU H 517 43.47 59.48 32.90
CA GLU H 517 42.25 59.35 32.12
C GLU H 517 41.53 58.05 32.44
N ILE H 518 42.25 57.03 32.91
CA ILE H 518 41.59 55.80 33.33
C ILE H 518 40.64 56.08 34.49
N VAL H 519 41.13 56.75 35.53
CA VAL H 519 40.27 57.01 36.69
C VAL H 519 39.18 58.01 36.33
N ASN H 520 39.52 59.03 35.52
CA ASN H 520 38.52 60.01 35.12
C ASN H 520 37.38 59.34 34.34
N LEU H 521 37.73 58.50 33.36
CA LEU H 521 36.72 57.84 32.55
C LEU H 521 35.94 56.81 33.37
N LEU H 522 36.58 56.20 34.37
CA LEU H 522 35.86 55.27 35.24
C LEU H 522 34.80 56.00 36.08
N TYR H 523 35.16 57.16 36.64
CA TYR H 523 34.16 57.95 37.34
C TYR H 523 33.06 58.44 36.39
N GLU H 524 33.42 58.82 35.17
CA GLU H 524 32.40 59.21 34.19
C GLU H 524 31.46 58.05 33.88
N LEU H 525 32.01 56.84 33.74
CA LEU H 525 31.19 55.66 33.50
C LEU H 525 30.25 55.39 34.67
N LEU H 526 30.74 55.52 35.89
CA LEU H 526 29.87 55.32 37.05
C LEU H 526 28.76 56.36 37.08
N ALA H 527 29.08 57.61 36.78
CA ALA H 527 28.05 58.65 36.72
C ALA H 527 27.01 58.32 35.66
N SER H 528 27.47 57.87 34.48
CA SER H 528 26.55 57.51 33.41
C SER H 528 25.65 56.35 33.81
N LEU H 529 26.19 55.39 34.55
CA LEU H 529 25.39 54.25 34.98
C LEU H 529 24.36 54.64 36.04
N ILE H 530 24.76 55.51 36.97
CA ILE H 530 23.90 55.77 38.13
C ILE H 530 22.88 56.87 37.86
N ARG H 531 23.17 57.74 36.88
CA ARG H 531 22.26 58.83 36.59
C ARG H 531 20.88 58.31 36.20
N GLY H 532 19.86 58.79 36.91
CA GLY H 532 18.50 58.34 36.71
C GLY H 532 18.24 56.89 37.03
N ASN H 533 18.93 56.32 38.01
CA ASN H 533 18.74 54.92 38.38
C ASN H 533 18.38 54.82 39.85
N ARG H 534 17.13 54.42 40.12
CA ARG H 534 16.66 54.27 41.50
C ARG H 534 17.52 53.29 42.28
N ALA H 535 17.87 52.15 41.67
CA ALA H 535 18.64 51.14 42.38
C ALA H 535 20.04 51.64 42.74
N ASN H 536 20.71 52.30 41.79
CA ASN H 536 22.06 52.81 42.06
C ASN H 536 22.04 53.90 43.12
N CYS H 537 21.07 54.81 43.06
CA CYS H 537 20.99 55.85 44.06
C CYS H 537 20.63 55.27 45.43
N ALA H 538 19.83 54.19 45.45
CA ALA H 538 19.59 53.49 46.70
C ALA H 538 20.87 52.86 47.24
N LEU H 539 21.71 52.32 46.35
CA LEU H 539 22.99 51.77 46.79
C LEU H 539 23.86 52.85 47.42
N PHE H 540 23.93 54.03 46.80
CA PHE H 540 24.69 55.12 47.41
C PHE H 540 24.04 55.60 48.70
N SER H 541 22.70 55.48 48.80
CA SER H 541 22.05 55.76 50.08
C SER H 541 22.51 54.80 51.16
N THR H 542 22.72 53.53 50.78
CA THR H 542 23.32 52.58 51.72
C THR H 542 24.74 52.99 52.10
N ASN H 543 25.58 53.30 51.10
CA ASN H 543 26.98 53.66 51.35
C ASN H 543 27.34 54.99 50.67
N LEU H 544 27.02 56.09 51.36
CA LEU H 544 27.41 57.41 50.88
C LEU H 544 28.87 57.74 51.23
N ASP H 545 29.37 57.17 52.33
CA ASP H 545 30.68 57.57 52.85
C ASP H 545 31.79 57.34 51.83
N TRP H 546 31.55 56.46 50.86
CA TRP H 546 32.51 56.27 49.78
C TRP H 546 32.74 57.55 49.00
N VAL H 547 31.67 58.17 48.51
CA VAL H 547 31.78 59.41 47.76
C VAL H 547 32.26 60.53 48.67
N VAL H 548 31.81 60.54 49.92
CA VAL H 548 32.23 61.58 50.86
C VAL H 548 33.73 61.52 51.07
N SER H 549 34.29 60.31 51.15
CA SER H 549 35.73 60.19 51.35
C SER H 549 36.50 60.57 50.09
N LYS H 550 36.04 60.13 48.91
CA LYS H 550 36.84 60.35 47.71
C LYS H 550 36.52 61.67 47.03
N LEU H 551 35.61 62.48 47.59
CA LEU H 551 35.34 63.78 46.99
C LEU H 551 36.55 64.71 47.08
N ASP H 552 37.32 64.61 48.16
CA ASP H 552 38.43 65.55 48.36
C ASP H 552 39.55 65.30 47.37
N ARG H 553 39.58 64.12 46.73
CA ARG H 553 40.64 63.79 45.81
C ARG H 553 40.63 64.70 44.59
N LEU H 554 41.81 65.17 44.19
CA LEU H 554 41.91 66.17 43.14
C LEU H 554 41.80 65.56 41.76
N GLU H 555 42.27 64.31 41.59
CA GLU H 555 42.51 63.78 40.25
C GLU H 555 41.23 63.73 39.42
N ALA H 556 40.08 63.50 40.06
CA ALA H 556 38.80 63.39 39.36
C ALA H 556 37.74 64.16 40.13
N SER H 557 38.07 65.40 40.52
CA SER H 557 37.14 66.22 41.29
C SER H 557 35.85 66.44 40.54
N SER H 558 35.93 66.78 39.25
CA SER H 558 34.73 67.03 38.46
C SER H 558 33.86 65.77 38.35
N GLY H 559 34.49 64.63 38.07
CA GLY H 559 33.72 63.39 37.95
C GLY H 559 33.04 62.98 39.24
N ILE H 560 33.78 63.02 40.34
CA ILE H 560 33.20 62.65 41.63
C ILE H 560 32.09 63.62 42.02
N LEU H 561 32.30 64.91 41.77
CA LEU H 561 31.28 65.90 42.07
C LEU H 561 30.02 65.67 41.25
N GLU H 562 30.18 65.34 39.96
CA GLU H 562 29.01 65.06 39.14
C GLU H 562 28.29 63.79 39.60
N VAL H 563 29.05 62.78 40.03
CA VAL H 563 28.46 61.59 40.62
C VAL H 563 27.60 61.95 41.82
N LEU H 564 28.16 62.74 42.74
CA LEU H 564 27.42 63.14 43.93
C LEU H 564 26.20 63.99 43.55
N TYR H 565 26.34 64.83 42.53
CA TYR H 565 25.23 65.66 42.07
C TYR H 565 24.07 64.81 41.57
N CYS H 566 24.38 63.81 40.74
CA CYS H 566 23.32 62.92 40.24
C CYS H 566 22.68 62.14 41.38
N VAL H 567 23.50 61.62 42.31
CA VAL H 567 22.94 60.86 43.42
C VAL H 567 22.03 61.73 44.28
N LEU H 568 22.46 62.96 44.58
CA LEU H 568 21.64 63.85 45.40
C LEU H 568 20.34 64.21 44.69
N ILE H 569 20.40 64.46 43.38
CA ILE H 569 19.18 64.81 42.66
C ILE H 569 18.19 63.65 42.66
N GLU H 570 18.67 62.45 42.31
CA GLU H 570 17.73 61.35 42.09
C GLU H 570 17.24 60.76 43.41
N SER H 571 18.09 60.76 44.44
CA SER H 571 17.79 60.07 45.69
C SER H 571 17.46 61.05 46.80
N PRO H 572 16.26 61.00 47.38
CA PRO H 572 16.01 61.78 48.60
C PRO H 572 16.58 61.13 49.85
N GLU H 573 16.79 59.81 49.82
CA GLU H 573 17.23 59.09 51.02
C GLU H 573 18.64 59.53 51.42
N VAL H 574 19.49 59.82 50.43
CA VAL H 574 20.84 60.30 50.73
C VAL H 574 20.78 61.58 51.54
N LEU H 575 19.84 62.48 51.21
CA LEU H 575 19.71 63.72 51.96
C LEU H 575 19.31 63.44 53.40
N ASN H 576 18.46 62.44 53.62
CA ASN H 576 18.11 62.05 54.98
C ASN H 576 19.31 61.51 55.74
N ILE H 577 20.15 60.70 55.07
CA ILE H 577 21.26 60.07 55.77
C ILE H 577 22.40 61.06 55.99
N ILE H 578 22.44 62.16 55.23
CA ILE H 578 23.51 63.14 55.39
C ILE H 578 23.48 63.75 56.79
N GLN H 579 24.66 63.83 57.41
CA GLN H 579 24.84 64.48 58.69
C GLN H 579 25.64 65.77 58.51
N GLU H 580 25.98 66.39 59.63
CA GLU H 580 26.70 67.67 59.60
C GLU H 580 28.08 67.51 58.96
N ASN H 581 28.77 66.41 59.25
CA ASN H 581 30.13 66.22 58.75
C ASN H 581 30.16 66.22 57.22
N HIS H 582 29.16 65.60 56.59
CA HIS H 582 29.12 65.56 55.13
C HIS H 582 28.96 66.96 54.55
N ILE H 583 28.07 67.77 55.13
CA ILE H 583 27.87 69.14 54.64
C ILE H 583 29.14 69.96 54.83
N LYS H 584 29.80 69.81 55.97
CA LYS H 584 31.06 70.52 56.18
C LYS H 584 32.11 70.05 55.18
N SER H 585 32.11 68.76 54.83
CA SER H 585 33.04 68.26 53.83
C SER H 585 32.78 68.88 52.46
N ILE H 586 31.51 69.02 52.08
CA ILE H 586 31.19 69.64 50.79
C ILE H 586 31.60 71.10 50.78
N ILE H 587 31.38 71.81 51.89
CA ILE H 587 31.80 73.21 51.97
C ILE H 587 33.31 73.32 51.90
N SER H 588 34.03 72.42 52.56
CA SER H 588 35.48 72.40 52.46
C SER H 588 35.93 72.08 51.03
N LEU H 589 35.19 71.23 50.33
CA LEU H 589 35.48 70.97 48.93
C LEU H 589 35.35 72.23 48.09
N LEU H 590 34.28 72.99 48.31
CA LEU H 590 34.12 74.23 47.57
C LEU H 590 35.26 75.19 47.89
N ASP H 591 35.65 75.25 49.17
CA ASP H 591 36.79 76.08 49.56
C ASP H 591 38.06 75.68 48.84
N LYS H 592 38.36 74.38 48.81
CA LYS H 592 39.66 73.94 48.31
C LYS H 592 39.72 73.97 46.78
N HIS H 593 38.60 73.74 46.11
CA HIS H 593 38.57 73.77 44.65
C HIS H 593 38.05 75.08 44.09
N GLY H 594 37.80 76.08 44.93
CA GLY H 594 37.35 77.36 44.45
C GLY H 594 35.87 77.38 44.13
N ARG H 595 35.42 78.54 43.65
CA ARG H 595 34.03 78.73 43.30
C ARG H 595 33.66 77.86 42.10
N ASN H 596 32.51 77.20 42.18
CA ASN H 596 32.06 76.31 41.12
C ASN H 596 30.54 76.28 41.07
N HIS H 597 30.00 76.51 39.87
CA HIS H 597 28.57 76.43 39.67
C HIS H 597 28.06 75.01 39.95
N LYS H 598 28.84 74.00 39.57
CA LYS H 598 28.42 72.63 39.85
C LYS H 598 28.34 72.37 41.35
N VAL H 599 29.32 72.83 42.12
CA VAL H 599 29.30 72.60 43.57
C VAL H 599 28.13 73.35 44.20
N LEU H 600 27.90 74.59 43.76
CA LEU H 600 26.80 75.36 44.32
C LEU H 600 25.46 74.72 43.98
N ASP H 601 25.34 74.16 42.77
CA ASP H 601 24.12 73.44 42.41
C ASP H 601 23.97 72.17 43.24
N VAL H 602 25.08 71.51 43.56
CA VAL H 602 25.02 70.35 44.45
C VAL H 602 24.45 70.76 45.80
N LEU H 603 24.91 71.88 46.34
CA LEU H 603 24.39 72.36 47.61
C LEU H 603 22.91 72.71 47.49
N CYS H 604 22.52 73.35 46.39
CA CYS H 604 21.11 73.67 46.16
C CYS H 604 20.25 72.41 46.14
N SER H 605 20.71 71.37 45.45
CA SER H 605 19.97 70.11 45.40
C SER H 605 19.92 69.46 46.78
N LEU H 606 21.00 69.59 47.55
CA LEU H 606 21.00 69.06 48.91
C LEU H 606 19.96 69.75 49.78
N CYS H 607 19.71 71.03 49.51
CA CYS H 607 18.79 71.79 50.36
C CYS H 607 17.38 71.21 50.33
N VAL H 608 16.81 71.01 49.14
CA VAL H 608 15.40 70.60 49.00
C VAL H 608 15.33 69.46 47.99
N CYS H 609 14.33 68.58 48.16
CA CYS H 609 14.16 67.43 47.28
C CYS H 609 12.70 66.97 47.30
N ASN H 610 12.12 66.77 46.11
CA ASN H 610 10.73 66.33 45.95
C ASN H 610 9.74 67.19 46.73
N GLY H 611 9.98 68.50 46.75
CA GLY H 611 9.05 69.41 47.37
C GLY H 611 8.92 69.28 48.87
N VAL H 612 9.75 68.48 49.51
CA VAL H 612 9.76 68.33 50.96
C VAL H 612 11.16 68.71 51.45
N ALA H 613 11.22 69.50 52.51
CA ALA H 613 12.47 70.08 52.98
C ALA H 613 12.88 69.45 54.30
N VAL H 614 14.19 69.30 54.49
CA VAL H 614 14.73 68.84 55.76
C VAL H 614 15.25 70.06 56.51
N ARG H 615 14.51 70.48 57.55
CA ARG H 615 14.85 71.69 58.27
C ARG H 615 16.21 71.55 58.96
N SER H 616 16.54 70.35 59.44
CA SER H 616 17.85 70.15 60.05
C SER H 616 18.96 70.36 59.03
N ASN H 617 18.79 69.81 57.83
CA ASN H 617 19.80 70.00 56.79
C ASN H 617 19.92 71.47 56.40
N GLN H 618 18.79 72.16 56.26
CA GLN H 618 18.84 73.58 55.93
C GLN H 618 19.53 74.38 57.01
N ASP H 619 19.24 74.08 58.28
CA ASP H 619 19.88 74.79 59.38
C ASP H 619 21.37 74.53 59.42
N LEU H 620 21.79 73.28 59.19
CA LEU H 620 23.22 72.99 59.15
C LEU H 620 23.90 73.74 58.02
N ILE H 621 23.29 73.75 56.83
CA ILE H 621 23.86 74.49 55.70
C ILE H 621 24.00 75.96 56.06
N THR H 622 22.95 76.55 56.62
CA THR H 622 23.00 77.95 57.02
C THR H 622 24.12 78.21 58.01
N GLU H 623 24.13 77.47 59.12
CA GLU H 623 25.08 77.74 60.19
C GLU H 623 26.52 77.53 59.74
N ASN H 624 26.75 76.58 58.84
CA ASN H 624 28.10 76.30 58.38
C ASN H 624 28.59 77.28 57.33
N LEU H 625 27.71 77.69 56.39
CA LEU H 625 28.18 78.50 55.27
C LEU H 625 27.96 79.99 55.51
N LEU H 626 26.70 80.38 55.75
CA LEU H 626 26.33 81.79 55.61
C LEU H 626 27.02 82.75 56.59
N PRO H 627 27.14 82.46 57.90
CA PRO H 627 27.58 83.53 58.83
C PRO H 627 28.97 84.08 58.53
N GLY H 628 29.82 83.32 57.84
CA GLY H 628 31.15 83.81 57.55
C GLY H 628 31.16 84.96 56.56
N ARG H 629 30.42 84.82 55.46
CA ARG H 629 30.32 85.74 54.32
C ARG H 629 31.60 85.79 53.48
N GLU H 630 32.68 85.14 53.89
CA GLU H 630 33.93 85.25 53.14
C GLU H 630 33.84 84.53 51.80
N LEU H 631 33.20 83.37 51.79
CA LEU H 631 33.22 82.50 50.62
C LEU H 631 32.40 83.08 49.47
N LEU H 632 31.25 83.67 49.77
CA LEU H 632 30.30 84.11 48.76
C LEU H 632 30.22 85.63 48.78
N LEU H 633 30.07 86.22 47.60
CA LEU H 633 30.05 87.68 47.50
C LEU H 633 28.86 88.26 48.26
N GLN H 634 29.11 89.37 48.96
CA GLN H 634 28.08 90.05 49.73
C GLN H 634 27.96 91.48 49.21
N THR H 635 26.75 92.04 49.31
CA THR H 635 26.43 93.35 48.78
C THR H 635 26.23 94.33 49.92
N ASN H 636 26.38 95.62 49.62
CA ASN H 636 26.04 96.70 50.55
C ASN H 636 25.74 97.97 49.75
N LEU H 637 24.60 98.58 50.02
CA LEU H 637 24.27 99.86 49.40
C LEU H 637 25.20 100.94 49.91
N ILE H 638 25.97 101.53 49.01
CA ILE H 638 26.99 102.51 49.35
C ILE H 638 26.74 103.79 48.55
N ASN H 639 26.79 104.92 49.24
CA ASN H 639 26.65 106.21 48.57
C ASN H 639 27.91 106.54 47.79
N TYR H 640 27.73 107.21 46.65
CA TYR H 640 28.87 107.63 45.85
C TYR H 640 29.69 108.68 46.59
N VAL H 641 31.00 108.63 46.39
CA VAL H 641 31.95 109.52 47.06
C VAL H 641 32.68 110.31 45.97
N THR H 642 32.69 111.64 46.10
CA THR H 642 33.29 112.49 45.08
C THR H 642 34.28 113.45 45.72
N SER H 643 35.44 113.59 45.08
CA SER H 643 36.53 114.40 45.60
C SER H 643 36.76 115.61 44.70
N ILE H 644 37.24 116.70 45.30
CA ILE H 644 37.59 117.92 44.58
C ILE H 644 38.83 118.52 45.22
N ARG H 645 39.69 119.11 44.38
CA ARG H 645 40.92 119.76 44.79
C ARG H 645 40.97 121.17 44.23
N PRO H 646 41.73 122.08 44.84
CA PRO H 646 42.21 123.25 44.10
C PRO H 646 43.45 122.89 43.30
N ASN H 647 43.73 123.69 42.27
CA ASN H 647 44.87 123.41 41.38
C ASN H 647 46.14 124.04 41.97
N ILE H 648 46.48 123.58 43.17
CA ILE H 648 47.68 124.03 43.88
C ILE H 648 48.47 122.80 44.30
N PHE H 649 49.75 122.78 43.94
CA PHE H 649 50.61 121.62 44.09
C PHE H 649 51.88 122.02 44.83
N VAL H 650 52.25 121.22 45.83
CA VAL H 650 53.47 121.45 46.60
C VAL H 650 54.28 120.16 46.60
N GLY H 651 55.57 120.27 46.31
CA GLY H 651 56.47 119.14 46.37
C GLY H 651 57.87 119.59 46.70
N ARG H 652 58.48 118.92 47.67
CA ARG H 652 59.79 119.30 48.19
C ARG H 652 60.83 118.28 47.76
N ALA H 653 61.92 118.79 47.19
CA ALA H 653 63.07 117.99 46.82
C ALA H 653 64.21 118.95 46.52
N GLU H 654 65.38 118.38 46.19
CA GLU H 654 66.43 119.20 45.63
C GLU H 654 65.91 119.90 44.37
N GLY H 655 66.12 121.21 44.32
CA GLY H 655 65.63 122.01 43.21
C GLY H 655 64.16 122.42 43.29
N SER H 656 63.46 122.08 44.36
CA SER H 656 62.04 122.43 44.48
C SER H 656 61.89 123.93 44.71
N THR H 657 60.91 124.53 44.04
CA THR H 657 60.71 125.96 44.16
C THR H 657 59.77 126.31 45.30
N GLN H 658 58.99 125.33 45.76
CA GLN H 658 57.95 125.61 46.75
C GLN H 658 58.57 125.97 48.10
N TYR H 659 57.82 126.69 48.91
CA TYR H 659 58.24 126.94 50.28
C TYR H 659 57.92 125.71 51.14
N GLY H 660 58.74 125.50 52.17
CA GLY H 660 58.69 124.25 52.91
C GLY H 660 57.36 123.99 53.59
N LYS H 661 56.79 125.01 54.23
CA LYS H 661 55.61 124.84 55.08
C LYS H 661 54.40 125.45 54.40
N TRP H 662 53.28 124.73 54.43
CA TRP H 662 52.02 125.21 53.87
C TRP H 662 50.88 124.88 54.82
N TYR H 663 49.84 125.71 54.77
CA TYR H 663 48.74 125.66 55.72
C TYR H 663 47.46 126.17 55.07
N PHE H 664 46.38 125.41 55.20
CA PHE H 664 45.10 125.76 54.62
C PHE H 664 43.97 125.37 55.59
N GLU H 665 42.78 125.94 55.36
CA GLU H 665 41.67 125.83 56.31
C GLU H 665 40.40 125.42 55.57
N VAL H 666 39.55 124.68 56.27
CA VAL H 666 38.27 124.21 55.74
C VAL H 666 37.22 124.42 56.82
N MET H 667 35.99 124.70 56.41
CA MET H 667 34.88 124.86 57.35
C MET H 667 33.65 124.19 56.76
N VAL H 668 32.80 123.65 57.63
CA VAL H 668 31.65 122.85 57.20
C VAL H 668 30.40 123.68 57.45
N ASP H 669 29.64 123.98 56.39
CA ASP H 669 28.50 124.85 56.53
C ASP H 669 27.31 124.13 57.16
N GLU H 670 26.92 122.99 56.60
CA GLU H 670 25.84 122.20 57.17
C GLU H 670 26.03 120.73 56.82
N VAL H 671 25.47 119.86 57.66
CA VAL H 671 25.57 118.41 57.47
C VAL H 671 24.20 117.79 57.70
N VAL H 672 23.80 116.93 56.77
CA VAL H 672 22.68 116.02 56.96
C VAL H 672 23.27 114.70 57.46
N PRO H 673 22.91 114.24 58.67
CA PRO H 673 23.58 113.04 59.21
C PRO H 673 23.44 111.82 58.33
N PHE H 674 22.20 111.43 57.99
CA PHE H 674 21.95 110.27 57.13
C PHE H 674 20.95 110.68 56.05
N LEU H 675 21.49 111.25 54.96
CA LEU H 675 20.67 111.50 53.78
C LEU H 675 20.26 110.19 53.12
N THR H 676 21.16 109.21 53.11
CA THR H 676 20.89 107.86 52.65
C THR H 676 21.23 106.90 53.79
N ALA H 677 21.11 105.60 53.52
CA ALA H 677 21.40 104.62 54.55
C ALA H 677 22.85 104.70 55.02
N GLN H 678 23.78 104.84 54.09
CA GLN H 678 25.19 104.96 54.47
C GLN H 678 25.44 106.33 55.12
N ALA H 679 26.36 106.35 56.08
CA ALA H 679 26.65 107.57 56.82
C ALA H 679 27.28 108.63 55.91
N THR H 680 26.77 109.85 56.02
CA THR H 680 27.35 110.98 55.30
C THR H 680 28.73 111.30 55.88
N HIS H 681 29.69 111.56 54.99
CA HIS H 681 31.06 111.81 55.42
C HIS H 681 31.64 113.01 54.68
N LEU H 682 32.55 113.71 55.35
CA LEU H 682 33.39 114.74 54.75
C LEU H 682 34.84 114.38 55.01
N ARG H 683 35.68 114.57 53.99
CA ARG H 683 37.08 114.20 54.04
C ARG H 683 37.91 115.42 53.70
N VAL H 684 38.83 115.80 54.59
CA VAL H 684 39.74 116.91 54.35
C VAL H 684 41.16 116.38 54.53
N GLY H 685 42.00 116.54 53.52
CA GLY H 685 43.34 115.99 53.66
C GLY H 685 44.30 116.42 52.58
N TRP H 686 45.51 115.85 52.66
CA TRP H 686 46.57 116.08 51.71
C TRP H 686 46.79 114.79 50.92
N ALA H 687 46.94 114.92 49.60
CA ALA H 687 47.09 113.77 48.73
C ALA H 687 48.22 114.00 47.74
N LEU H 688 48.96 112.93 47.43
CA LEU H 688 50.05 113.03 46.46
C LEU H 688 49.48 113.00 45.05
N THR H 689 50.06 113.80 44.15
CA THR H 689 49.51 113.94 42.81
C THR H 689 49.52 112.63 42.04
N GLU H 690 50.67 111.97 41.96
CA GLU H 690 50.81 110.75 41.18
C GLU H 690 50.33 109.55 41.97
N GLY H 691 49.46 108.75 41.37
CA GLY H 691 48.99 107.53 41.98
C GLY H 691 47.72 107.65 42.80
N TYR H 692 47.27 108.86 43.10
CA TYR H 692 46.00 109.07 43.79
C TYR H 692 44.93 109.34 42.76
N SER H 693 44.13 108.33 42.45
CA SER H 693 43.08 108.41 41.44
C SER H 693 41.77 107.94 42.05
N PRO H 694 41.10 108.80 42.83
CA PRO H 694 39.80 108.42 43.38
C PRO H 694 38.78 108.21 42.27
N TYR H 695 38.39 106.95 42.09
CA TYR H 695 37.50 106.55 41.01
C TYR H 695 36.10 106.37 41.55
N PRO H 696 35.11 107.06 40.99
CA PRO H 696 33.75 107.01 41.55
C PRO H 696 33.19 105.59 41.57
N GLY H 697 32.48 105.28 42.65
CA GLY H 697 31.84 103.99 42.79
C GLY H 697 32.77 102.89 43.24
N GLY H 698 33.11 101.98 42.34
CA GLY H 698 33.95 100.85 42.70
C GLY H 698 35.31 101.31 43.19
N GLY H 699 35.72 100.75 44.33
CA GLY H 699 37.00 101.09 44.91
C GLY H 699 37.49 99.98 45.83
N GLU H 700 38.60 100.27 46.50
CA GLU H 700 39.19 99.29 47.41
C GLU H 700 38.26 99.04 48.59
N GLY H 701 38.19 97.78 49.02
CA GLY H 701 37.31 97.43 50.12
C GLY H 701 35.86 97.65 49.76
N TRP H 702 35.15 98.35 50.64
CA TRP H 702 33.74 98.64 50.38
C TRP H 702 33.57 99.70 49.32
N GLY H 703 34.67 100.29 48.85
CA GLY H 703 34.62 101.27 47.81
C GLY H 703 34.34 102.67 48.34
N GLY H 704 34.04 103.57 47.42
CA GLY H 704 33.88 104.97 47.78
C GLY H 704 35.13 105.57 48.37
N ASN H 705 36.28 105.24 47.81
CA ASN H 705 37.55 105.67 48.39
C ASN H 705 37.75 107.16 48.20
N GLY H 706 37.88 107.88 49.33
CA GLY H 706 38.24 109.28 49.31
C GLY H 706 39.66 109.47 49.78
N VAL H 707 39.97 110.71 50.17
CA VAL H 707 41.28 110.97 50.75
C VAL H 707 41.36 110.30 52.11
N GLY H 708 42.49 109.65 52.38
CA GLY H 708 42.63 108.82 53.56
C GLY H 708 42.12 107.40 53.38
N ASP H 709 41.52 107.07 52.24
CA ASP H 709 41.06 105.72 51.96
C ASP H 709 42.02 104.93 51.09
N ASP H 710 43.17 105.51 50.74
CA ASP H 710 44.21 104.80 50.01
C ASP H 710 45.56 105.19 50.58
N LEU H 711 46.57 104.38 50.29
CA LEU H 711 47.90 104.62 50.84
C LEU H 711 48.46 105.97 50.39
N TYR H 712 48.11 106.40 49.17
CA TYR H 712 48.64 107.65 48.66
C TYR H 712 47.97 108.85 49.32
N SER H 713 46.79 108.65 49.91
CA SER H 713 46.01 109.75 50.46
C SER H 713 45.99 109.66 51.99
N TYR H 714 45.78 110.81 52.63
CA TYR H 714 45.74 110.89 54.09
C TYR H 714 44.59 111.82 54.48
N GLY H 715 43.79 111.42 55.46
CA GLY H 715 42.61 112.17 55.81
C GLY H 715 42.41 112.25 57.31
N PHE H 716 41.71 113.30 57.73
CA PHE H 716 41.35 113.52 59.13
C PHE H 716 39.84 113.49 59.25
N ASP H 717 39.31 112.47 59.94
CA ASP H 717 37.88 112.25 59.99
C ASP H 717 37.17 113.31 60.81
N GLY H 718 37.82 113.79 61.87
CA GLY H 718 37.18 114.53 62.93
C GLY H 718 36.99 113.72 64.19
N LEU H 719 36.93 112.39 64.05
CA LEU H 719 37.04 111.47 65.16
C LEU H 719 38.23 110.53 65.05
N HIS H 720 38.78 110.34 63.85
CA HIS H 720 39.85 109.39 63.64
C HIS H 720 40.81 109.93 62.57
N LEU H 721 41.78 109.10 62.21
CA LEU H 721 42.77 109.42 61.20
C LEU H 721 42.79 108.28 60.19
N TRP H 722 42.77 108.64 58.90
CA TRP H 722 42.54 107.68 57.82
C TRP H 722 43.74 107.63 56.89
N THR H 723 44.21 106.42 56.62
CA THR H 723 45.19 106.17 55.56
C THR H 723 45.08 104.72 55.12
N GLY H 724 45.20 104.50 53.82
CA GLY H 724 45.13 103.15 53.27
C GLY H 724 43.84 102.43 53.56
N HIS H 725 42.71 103.15 53.53
CA HIS H 725 41.39 102.64 53.88
C HIS H 725 41.34 102.12 55.32
N VAL H 726 42.24 102.58 56.18
CA VAL H 726 42.30 102.15 57.57
C VAL H 726 42.15 103.39 58.45
N ALA H 727 41.28 103.27 59.46
CA ALA H 727 40.98 104.37 60.38
C ALA H 727 41.44 104.01 61.78
N ARG H 728 42.23 104.90 62.39
CA ARG H 728 42.65 104.75 63.77
C ARG H 728 42.17 105.98 64.56
N PRO H 729 41.43 105.80 65.65
CA PRO H 729 40.89 106.95 66.38
C PRO H 729 42.00 107.87 66.87
N VAL H 730 41.78 109.18 66.72
CA VAL H 730 42.73 110.19 67.14
C VAL H 730 42.11 110.99 68.28
N THR H 731 42.87 111.17 69.35
CA THR H 731 42.37 111.91 70.50
C THR H 731 42.34 113.40 70.21
N SER H 732 41.28 114.06 70.66
CA SER H 732 41.12 115.50 70.50
C SER H 732 40.35 116.04 71.69
N PRO H 733 40.71 117.23 72.18
CA PRO H 733 39.97 117.82 73.29
C PRO H 733 38.56 118.19 72.88
N GLY H 734 37.59 117.73 73.68
CA GLY H 734 36.19 117.95 73.31
C GLY H 734 35.84 117.33 71.99
N GLN H 735 36.25 116.09 71.76
CA GLN H 735 36.21 115.50 70.43
C GLN H 735 34.78 115.29 69.95
N HIS H 736 34.54 115.64 68.69
CA HIS H 736 33.28 115.40 68.03
C HIS H 736 33.51 115.35 66.53
N LEU H 737 32.63 114.68 65.81
CA LEU H 737 32.75 114.57 64.37
C LEU H 737 32.48 115.93 63.71
N LEU H 738 32.84 116.02 62.43
CA LEU H 738 32.58 117.24 61.67
C LEU H 738 31.09 117.56 61.68
N ALA H 739 30.78 118.75 62.16
CA ALA H 739 29.43 119.26 62.32
C ALA H 739 29.35 120.62 61.68
N PRO H 740 28.14 121.13 61.41
CA PRO H 740 28.04 122.48 60.83
C PRO H 740 28.74 123.51 61.68
N GLU H 741 29.43 124.44 61.00
CA GLU H 741 30.22 125.54 61.54
C GLU H 741 31.55 125.08 62.12
N ASP H 742 31.92 123.81 62.00
CA ASP H 742 33.24 123.36 62.45
C ASP H 742 34.31 123.76 61.46
N VAL H 743 35.51 124.03 61.99
CA VAL H 743 36.64 124.49 61.20
C VAL H 743 37.82 123.54 61.47
N VAL H 744 38.41 123.02 60.39
CA VAL H 744 39.55 122.12 60.45
C VAL H 744 40.69 122.73 59.65
N SER H 745 41.86 122.81 60.26
CA SER H 745 43.04 123.40 59.64
C SER H 745 44.11 122.33 59.50
N CYS H 746 44.77 122.30 58.33
CA CYS H 746 45.76 121.26 58.04
C CYS H 746 47.14 121.88 57.93
N CYS H 747 48.15 121.13 58.38
CA CYS H 747 49.54 121.58 58.36
C CYS H 747 50.40 120.45 57.84
N LEU H 748 51.29 120.77 56.90
CA LEU H 748 52.21 119.79 56.33
C LEU H 748 53.57 120.42 56.15
N ASP H 749 54.58 119.85 56.82
CA ASP H 749 55.96 120.29 56.69
C ASP H 749 56.73 119.18 55.99
N LEU H 750 57.15 119.45 54.75
CA LEU H 750 57.79 118.41 53.95
C LEU H 750 59.20 118.11 54.44
N SER H 751 59.77 118.99 55.27
CA SER H 751 61.15 118.81 55.70
C SER H 751 61.30 117.61 56.63
N VAL H 752 60.35 117.43 57.55
CA VAL H 752 60.50 116.37 58.56
C VAL H 752 60.52 114.98 57.94
N PRO H 753 59.56 114.57 57.09
CA PRO H 753 58.26 115.12 56.73
C PRO H 753 57.20 114.83 57.79
N SER H 754 56.22 115.72 57.96
CA SER H 754 55.23 115.59 59.02
C SER H 754 53.92 116.26 58.60
N ILE H 755 52.82 115.74 59.14
CA ILE H 755 51.49 116.31 58.96
C ILE H 755 50.82 116.43 60.33
N SER H 756 50.08 117.52 60.52
CA SER H 756 49.34 117.76 61.75
C SER H 756 48.03 118.47 61.41
N PHE H 757 47.13 118.51 62.38
CA PHE H 757 45.81 119.08 62.17
C PHE H 757 45.36 119.82 63.43
N ARG H 758 44.44 120.76 63.24
CA ARG H 758 43.81 121.46 64.36
C ARG H 758 42.32 121.63 64.07
N ILE H 759 41.52 121.64 65.13
CA ILE H 759 40.07 121.69 65.03
C ILE H 759 39.56 122.95 65.74
N ASN H 760 38.86 123.80 64.99
CA ASN H 760 38.25 125.02 65.54
C ASN H 760 39.25 125.85 66.32
N GLY H 761 40.51 125.84 65.88
CA GLY H 761 41.57 126.51 66.60
C GLY H 761 42.19 125.71 67.72
N CYS H 762 41.67 124.51 68.01
CA CYS H 762 42.23 123.64 69.02
C CYS H 762 43.11 122.59 68.36
N PRO H 763 44.33 122.39 68.84
CA PRO H 763 45.24 121.46 68.17
C PRO H 763 44.76 120.02 68.26
N VAL H 764 45.02 119.27 67.19
CA VAL H 764 44.80 117.83 67.16
C VAL H 764 46.15 117.14 67.21
N GLN H 765 46.33 116.28 68.20
CA GLN H 765 47.60 115.60 68.45
C GLN H 765 47.69 114.31 67.63
N GLY H 766 47.72 114.49 66.32
CA GLY H 766 47.95 113.39 65.40
C GLY H 766 48.98 113.77 64.36
N VAL H 767 49.96 112.88 64.19
CA VAL H 767 51.14 113.15 63.37
C VAL H 767 51.35 112.04 62.36
N PHE H 768 51.49 112.39 61.09
CA PHE H 768 52.08 111.52 60.07
C PHE H 768 53.56 111.86 59.99
N GLU H 769 54.39 110.85 59.74
CA GLU H 769 55.82 111.07 59.56
C GLU H 769 56.38 110.04 58.57
N ALA H 770 57.55 110.37 58.02
CA ALA H 770 58.31 109.46 57.16
C ALA H 770 57.51 109.03 55.93
N PHE H 771 56.50 109.80 55.56
CA PHE H 771 55.75 109.50 54.34
C PHE H 771 56.56 109.89 53.11
N ASN H 772 56.44 109.07 52.07
CA ASN H 772 57.27 109.23 50.89
C ASN H 772 56.96 110.55 50.18
N LEU H 773 57.98 111.12 49.54
CA LEU H 773 57.87 112.35 48.79
C LEU H 773 57.88 112.12 47.28
N ASP H 774 57.17 111.09 46.81
CA ASP H 774 57.27 110.68 45.41
C ASP H 774 56.87 111.80 44.46
N GLY H 775 55.80 112.53 44.79
CA GLY H 775 55.29 113.56 43.91
C GLY H 775 54.73 114.74 44.67
N LEU H 776 54.10 115.63 43.91
CA LEU H 776 53.53 116.85 44.47
C LEU H 776 52.36 116.53 45.39
N PHE H 777 52.11 117.43 46.34
CA PHE H 777 50.99 117.32 47.26
C PHE H 777 49.97 118.40 46.98
N PHE H 778 48.69 118.07 47.11
CA PHE H 778 47.62 119.03 46.95
C PHE H 778 46.57 118.84 48.02
N PRO H 779 45.95 119.92 48.53
CA PRO H 779 44.80 119.74 49.40
C PRO H 779 43.62 119.18 48.62
N VAL H 780 42.81 118.37 49.29
CA VAL H 780 41.68 117.72 48.63
C VAL H 780 40.61 117.38 49.67
N VAL H 781 39.35 117.52 49.25
CA VAL H 781 38.22 117.17 50.08
C VAL H 781 37.36 116.14 49.34
N SER H 782 37.06 115.04 50.01
CA SER H 782 36.26 113.95 49.48
C SER H 782 34.96 113.87 50.26
N PHE H 783 33.84 114.19 49.61
CA PHE H 783 32.57 114.34 50.29
C PHE H 783 31.59 113.29 49.78
N SER H 784 30.67 112.90 50.65
CA SER H 784 29.44 112.27 50.19
C SER H 784 28.36 113.33 50.00
N ALA H 785 27.20 112.89 49.51
CA ALA H 785 26.14 113.84 49.15
C ALA H 785 25.53 114.48 50.39
N GLY H 786 24.88 115.62 50.18
CA GLY H 786 24.17 116.31 51.23
C GLY H 786 24.97 117.26 52.09
N VAL H 787 26.10 117.78 51.59
CA VAL H 787 26.99 118.62 52.37
C VAL H 787 27.35 119.87 51.58
N LYS H 788 27.64 120.94 52.33
CA LYS H 788 28.18 122.19 51.80
C LYS H 788 29.43 122.54 52.60
N VAL H 789 30.51 122.87 51.91
CA VAL H 789 31.81 123.08 52.55
C VAL H 789 32.44 124.35 51.99
N ARG H 790 33.04 125.14 52.87
CA ARG H 790 33.72 126.37 52.46
C ARG H 790 35.21 126.21 52.69
N PHE H 791 35.98 126.43 51.63
CA PHE H 791 37.42 126.17 51.58
C PHE H 791 38.15 127.51 51.58
N LEU H 792 39.19 127.61 52.42
CA LEU H 792 39.89 128.86 52.68
C LEU H 792 41.39 128.64 52.53
N LEU H 793 42.02 129.47 51.70
CA LEU H 793 43.47 129.51 51.57
C LEU H 793 44.07 130.78 52.15
N GLY H 794 43.24 131.72 52.61
CA GLY H 794 43.72 132.96 53.17
C GLY H 794 44.09 133.97 52.09
N GLY H 795 44.31 135.20 52.55
CA GLY H 795 44.73 136.26 51.63
C GLY H 795 43.67 136.56 50.60
N ARG H 796 44.03 136.36 49.33
CA ARG H 796 43.11 136.61 48.24
C ARG H 796 41.88 135.71 48.33
N HIS H 797 42.06 134.46 48.73
CA HIS H 797 41.00 133.47 48.77
C HIS H 797 40.72 133.09 50.21
N GLY H 798 39.69 133.71 50.80
CA GLY H 798 39.31 133.41 52.17
C GLY H 798 40.26 133.99 53.19
N GLU H 799 40.12 133.50 54.42
CA GLU H 799 40.96 133.93 55.53
C GLU H 799 41.35 132.74 56.37
N PHE H 800 42.02 133.02 57.48
CA PHE H 800 42.36 132.03 58.50
C PHE H 800 41.77 132.51 59.82
N LYS H 801 40.66 131.92 60.23
CA LYS H 801 39.89 132.48 61.34
C LYS H 801 40.63 132.37 62.66
N PHE H 802 41.71 131.59 62.68
CA PHE H 802 42.72 131.67 63.74
C PHE H 802 44.08 131.82 63.09
N LEU H 803 45.04 132.37 63.83
CA LEU H 803 46.34 132.70 63.28
C LEU H 803 47.04 131.45 62.78
N PRO H 804 47.69 131.50 61.61
CA PRO H 804 48.30 130.31 61.06
C PRO H 804 49.45 129.84 61.92
N PRO H 805 49.82 128.57 61.83
CA PRO H 805 50.94 128.04 62.63
C PRO H 805 52.22 128.81 62.34
N PRO H 806 53.05 129.05 63.35
CA PRO H 806 54.29 129.80 63.13
C PRO H 806 55.17 129.11 62.10
N GLY H 807 55.77 129.91 61.21
CA GLY H 807 56.62 129.39 60.17
C GLY H 807 55.90 128.79 58.99
N TYR H 808 54.56 128.88 58.95
CA TYR H 808 53.76 128.30 57.88
C TYR H 808 53.19 129.43 57.02
N ALA H 809 53.52 129.42 55.74
CA ALA H 809 53.04 130.44 54.83
C ALA H 809 51.59 130.14 54.42
N PRO H 810 50.83 131.16 54.03
CA PRO H 810 49.49 130.91 53.49
C PRO H 810 49.56 130.06 52.23
N CYS H 811 48.58 129.17 52.09
CA CYS H 811 48.68 128.12 51.09
C CYS H 811 48.45 128.65 49.68
N HIS H 812 47.64 129.70 49.53
CA HIS H 812 47.34 130.22 48.20
C HIS H 812 48.56 130.88 47.58
N GLU H 813 49.60 131.14 48.39
CA GLU H 813 50.81 131.75 47.86
C GLU H 813 51.57 130.77 46.96
N ALA H 814 51.16 129.50 46.98
CA ALA H 814 51.85 128.49 46.17
C ALA H 814 51.38 128.52 44.71
N VAL H 815 50.36 129.34 44.41
CA VAL H 815 49.79 129.35 43.07
C VAL H 815 50.83 129.80 42.06
N LEU H 816 50.84 129.12 40.90
CA LEU H 816 51.80 129.45 39.86
C LEU H 816 51.33 130.66 39.06
N PRO H 817 52.26 131.39 38.43
CA PRO H 817 51.85 132.61 37.71
C PRO H 817 51.04 132.33 36.45
N ARG H 818 51.35 131.24 35.74
CA ARG H 818 50.69 130.96 34.48
C ARG H 818 49.20 130.70 34.66
N GLU H 819 48.84 129.83 35.60
CA GLU H 819 47.48 129.32 35.72
C GLU H 819 46.70 130.10 36.77
N ARG H 820 45.47 130.47 36.41
CA ARG H 820 44.56 131.10 37.34
C ARG H 820 43.94 130.04 38.24
N LEU H 821 43.58 130.45 39.46
CA LEU H 821 43.12 129.49 40.46
C LEU H 821 41.79 128.86 40.05
N ARG H 822 41.75 127.53 40.10
CA ARG H 822 40.58 126.75 39.73
C ARG H 822 40.41 125.63 40.75
N LEU H 823 39.16 125.25 41.00
CA LEU H 823 38.85 124.08 41.82
C LEU H 823 38.28 123.01 40.91
N GLU H 824 38.96 121.87 40.84
CA GLU H 824 38.65 120.87 39.83
C GLU H 824 38.44 119.50 40.47
N PRO H 825 37.62 118.65 39.88
CA PRO H 825 37.58 117.25 40.32
C PRO H 825 38.87 116.54 39.93
N ILE H 826 39.21 115.49 40.68
CA ILE H 826 40.46 114.78 40.47
C ILE H 826 40.30 113.76 39.35
N LYS H 827 41.06 113.97 38.26
CA LYS H 827 41.21 112.98 37.20
C LYS H 827 39.86 112.54 36.64
N GLU H 828 38.90 113.45 36.63
CA GLU H 828 37.57 113.14 36.10
C GLU H 828 37.65 112.99 34.58
N TYR H 829 37.06 111.92 34.07
CA TYR H 829 37.17 111.62 32.65
C TYR H 829 35.92 112.05 31.89
N ARG H 830 34.78 112.10 32.58
CA ARG H 830 33.51 112.47 31.98
C ARG H 830 33.03 113.76 32.63
N ARG H 831 32.98 114.85 31.86
CA ARG H 831 32.64 116.17 32.36
C ARG H 831 31.34 116.63 31.72
N GLU H 832 30.40 117.10 32.55
CA GLU H 832 29.16 117.64 32.01
C GLU H 832 29.32 119.11 31.68
N GLY H 833 28.63 119.56 30.64
CA GLY H 833 28.55 120.97 30.33
C GLY H 833 27.31 121.28 29.52
N PRO H 834 26.98 122.57 29.38
CA PRO H 834 25.82 122.92 28.56
C PRO H 834 25.94 122.44 27.12
N ARG H 835 27.17 122.38 26.60
CA ARG H 835 27.38 121.91 25.24
C ARG H 835 27.38 120.39 25.16
N GLY H 836 27.34 119.71 26.31
CA GLY H 836 27.11 118.27 26.31
C GLY H 836 27.86 117.51 27.39
N PRO H 837 27.57 116.22 27.52
CA PRO H 837 28.45 115.35 28.30
C PRO H 837 29.66 114.93 27.48
N HIS H 838 30.83 115.37 27.92
CA HIS H 838 32.04 115.25 27.12
C HIS H 838 33.03 114.32 27.82
N LEU H 839 33.60 113.40 27.04
CA LEU H 839 34.67 112.56 27.53
C LEU H 839 35.98 113.30 27.46
N VAL H 840 36.83 113.11 28.47
CA VAL H 840 38.10 113.78 28.60
C VAL H 840 39.20 112.74 28.73
N GLY H 841 40.29 112.92 27.99
CA GLY H 841 41.42 112.04 28.05
C GLY H 841 42.24 112.26 29.30
N PRO H 842 43.32 111.49 29.45
CA PRO H 842 44.16 111.62 30.64
C PRO H 842 44.76 113.01 30.75
N SER H 843 44.61 113.62 31.93
CA SER H 843 45.21 114.92 32.17
C SER H 843 46.72 114.79 32.39
N ARG H 844 47.43 115.85 32.04
CA ARG H 844 48.88 115.93 32.24
C ARG H 844 49.16 116.85 33.40
N CYS H 845 49.98 116.38 34.34
CA CYS H 845 50.29 117.11 35.56
C CYS H 845 51.78 117.37 35.64
N LEU H 846 52.13 118.43 36.36
CA LEU H 846 53.53 118.79 36.54
C LEU H 846 54.21 117.83 37.51
N SER H 847 55.53 117.97 37.64
CA SER H 847 56.32 117.10 38.48
C SER H 847 57.31 117.91 39.30
N HIS H 848 57.74 117.32 40.42
CA HIS H 848 58.77 117.95 41.22
C HIS H 848 60.05 118.12 40.43
N THR H 849 60.41 117.12 39.62
CA THR H 849 61.56 117.25 38.73
C THR H 849 61.34 118.38 37.72
N ASP H 850 60.09 118.58 37.30
CA ASP H 850 59.79 119.71 36.43
C ASP H 850 60.05 121.04 37.13
N PHE H 851 59.64 121.15 38.39
CA PHE H 851 59.95 122.38 39.14
C PHE H 851 61.45 122.53 39.38
N VAL H 852 62.17 121.42 39.39
CA VAL H 852 63.64 121.52 39.54
C VAL H 852 64.22 122.25 38.34
N PRO H 853 65.06 123.27 38.54
CA PRO H 853 65.72 123.90 37.40
C PRO H 853 66.82 123.01 36.84
N CYS H 854 67.17 123.25 35.58
CA CYS H 854 68.15 122.44 34.86
C CYS H 854 69.20 123.35 34.21
N PRO H 855 70.16 123.84 35.00
CA PRO H 855 71.27 124.57 34.40
C PRO H 855 72.20 123.64 33.64
N VAL H 856 72.88 124.20 32.64
CA VAL H 856 73.83 123.40 31.86
C VAL H 856 75.02 123.05 32.74
N ASP H 857 75.67 121.94 32.41
CA ASP H 857 76.89 121.56 33.12
C ASP H 857 77.99 122.59 32.90
N THR H 858 78.78 122.83 33.94
CA THR H 858 79.90 123.76 33.88
C THR H 858 81.16 123.18 34.50
N VAL H 859 81.31 121.85 34.52
CA VAL H 859 82.50 121.23 35.09
C VAL H 859 83.72 121.60 34.27
N GLN H 860 83.57 121.74 32.95
CA GLN H 860 84.63 122.21 32.07
C GLN H 860 84.23 123.58 31.53
N ILE H 861 85.14 124.55 31.65
CA ILE H 861 84.94 125.89 31.12
C ILE H 861 86.19 126.27 30.33
N VAL H 862 85.99 126.56 29.05
CA VAL H 862 87.10 126.88 28.13
C VAL H 862 86.92 128.32 27.66
N LEU H 863 87.97 129.11 27.81
CA LEU H 863 87.95 130.50 27.40
C LEU H 863 89.07 130.76 26.40
N PRO H 864 88.84 130.55 25.10
CA PRO H 864 89.84 130.89 24.09
C PRO H 864 90.13 132.38 24.09
N PRO H 865 91.23 132.81 23.46
CA PRO H 865 91.58 134.25 23.54
C PRO H 865 90.56 135.17 22.87
N HIS H 866 90.12 134.85 21.66
CA HIS H 866 89.12 135.69 21.01
C HIS H 866 87.77 135.58 21.73
N LEU H 867 87.48 134.42 22.31
CA LEU H 867 86.31 134.33 23.19
C LEU H 867 86.42 135.29 24.36
N GLU H 868 87.62 135.43 24.95
CA GLU H 868 87.78 136.34 26.08
C GLU H 868 87.67 137.79 25.64
N ARG H 869 88.21 138.12 24.46
CA ARG H 869 88.09 139.49 23.97
C ARG H 869 86.63 139.85 23.71
N ILE H 870 85.91 139.01 22.97
CA ILE H 870 84.49 139.27 22.76
C ILE H 870 83.73 139.19 24.07
N ARG H 871 84.25 138.42 25.03
CA ARG H 871 83.65 138.34 26.35
C ARG H 871 83.64 139.69 27.03
N GLU H 872 84.80 140.33 27.17
CA GLU H 872 84.83 141.63 27.83
C GLU H 872 84.09 142.69 27.01
N LYS H 873 84.28 142.69 25.68
CA LYS H 873 83.70 143.76 24.87
C LYS H 873 82.18 143.64 24.78
N LEU H 874 81.69 142.42 24.53
CA LEU H 874 80.25 142.19 24.47
C LEU H 874 79.62 142.35 25.84
N ALA H 875 80.34 142.04 26.92
CA ALA H 875 79.79 142.32 28.25
C ALA H 875 79.58 143.80 28.44
N GLU H 876 80.57 144.62 28.08
CA GLU H 876 80.39 146.07 28.17
C GLU H 876 79.25 146.54 27.28
N ASN H 877 79.12 145.96 26.07
CA ASN H 877 78.10 146.42 25.14
C ASN H 877 76.70 146.01 25.60
N ILE H 878 76.54 144.80 26.13
CA ILE H 878 75.23 144.42 26.64
C ILE H 878 74.91 145.18 27.92
N HIS H 879 75.94 145.64 28.64
CA HIS H 879 75.67 146.48 29.81
C HIS H 879 75.20 147.87 29.38
N GLU H 880 75.75 148.40 28.29
CA GLU H 880 75.23 149.67 27.79
C GLU H 880 73.87 149.49 27.11
N LEU H 881 73.58 148.28 26.61
CA LEU H 881 72.21 147.97 26.21
C LEU H 881 71.28 147.94 27.42
N TRP H 882 71.76 147.45 28.56
CA TRP H 882 71.00 147.60 29.79
C TRP H 882 70.81 149.06 30.15
N ALA H 883 71.80 149.90 29.83
CA ALA H 883 71.63 151.34 29.99
C ALA H 883 70.49 151.84 29.10
N LEU H 884 70.43 151.37 27.86
CA LEU H 884 69.28 151.66 27.01
C LEU H 884 67.98 151.22 27.66
N THR H 885 67.97 150.03 28.28
CA THR H 885 66.75 149.55 28.92
C THR H 885 66.33 150.46 30.07
N ARG H 886 67.29 150.89 30.90
CA ARG H 886 66.92 151.69 32.06
C ARG H 886 66.49 153.09 31.64
N ILE H 887 67.06 153.63 30.56
CA ILE H 887 66.56 154.93 30.09
C ILE H 887 65.20 154.76 29.42
N GLU H 888 64.91 153.54 28.92
CA GLU H 888 63.55 153.26 28.47
C GLU H 888 62.56 153.26 29.63
N GLN H 889 62.88 152.58 30.73
CA GLN H 889 62.00 152.65 31.89
C GLN H 889 61.98 154.06 32.48
N GLY H 890 62.98 154.88 32.13
CA GLY H 890 62.97 156.28 32.52
C GLY H 890 63.49 156.56 33.91
N TRP H 891 64.09 155.59 34.58
CA TRP H 891 64.68 155.83 35.89
C TRP H 891 65.78 156.86 35.78
N THR H 892 65.93 157.69 36.81
CA THR H 892 66.86 158.80 36.79
C THR H 892 67.96 158.59 37.82
N TYR H 893 68.91 159.52 37.83
CA TYR H 893 69.99 159.50 38.81
C TYR H 893 69.49 159.96 40.15
N GLY H 894 69.51 159.08 41.14
CA GLY H 894 68.98 159.38 42.44
C GLY H 894 69.66 158.65 43.57
N PRO H 895 69.40 159.08 44.81
CA PRO H 895 70.07 158.44 45.96
C PRO H 895 69.77 156.96 46.12
N VAL H 896 68.55 156.53 45.80
CA VAL H 896 68.10 155.16 46.06
C VAL H 896 67.46 154.61 44.80
N ARG H 897 67.77 153.36 44.47
CA ARG H 897 67.19 152.67 43.32
C ARG H 897 65.90 152.00 43.76
N ASP H 898 64.80 152.33 43.08
CA ASP H 898 63.50 151.74 43.37
C ASP H 898 62.61 151.88 42.13
N ASP H 899 61.69 150.93 41.98
CA ASP H 899 60.79 150.94 40.83
C ASP H 899 59.87 152.16 40.86
N ASN H 900 59.25 152.43 42.02
CA ASN H 900 58.25 153.49 42.09
C ASN H 900 58.89 154.87 42.04
N LYS H 901 59.99 155.08 42.77
CA LYS H 901 60.59 156.40 42.83
C LYS H 901 61.19 156.81 41.49
N ARG H 902 61.54 155.83 40.66
CA ARG H 902 62.05 156.08 39.30
C ARG H 902 63.39 156.81 39.35
N LEU H 903 64.14 156.54 40.42
CA LEU H 903 65.50 157.06 40.60
C LEU H 903 66.45 155.88 40.78
N HIS H 904 67.70 156.04 40.35
CA HIS H 904 68.64 154.93 40.28
C HIS H 904 70.06 155.48 40.37
N PRO H 905 70.83 155.15 41.41
CA PRO H 905 72.13 155.83 41.60
C PRO H 905 73.18 155.48 40.56
N CYS H 906 73.42 154.20 40.31
CA CYS H 906 74.46 153.82 39.36
C CYS H 906 74.06 154.18 37.93
N LEU H 907 72.78 154.50 37.73
CA LEU H 907 72.29 154.91 36.42
C LEU H 907 72.96 156.19 35.97
N VAL H 908 73.76 156.09 34.89
CA VAL H 908 74.50 157.19 34.28
C VAL H 908 75.43 156.64 33.21
N ASN H 909 76.21 155.61 33.54
CA ASN H 909 77.17 155.03 32.63
C ASN H 909 77.43 153.58 33.01
N PHE H 910 77.65 152.74 32.01
CA PHE H 910 77.91 151.33 32.28
C PHE H 910 79.23 151.14 33.00
N HIS H 911 80.24 151.94 32.66
CA HIS H 911 81.47 151.93 33.44
C HIS H 911 81.26 152.51 34.83
N SER H 912 80.47 153.59 34.94
CA SER H 912 80.28 154.24 36.23
C SER H 912 79.51 153.35 37.19
N LEU H 913 78.74 152.40 36.66
CA LEU H 913 78.05 151.45 37.51
C LEU H 913 79.07 150.63 38.30
N PRO H 914 78.82 150.34 39.58
CA PRO H 914 79.86 149.73 40.42
C PRO H 914 80.31 148.38 39.89
N GLU H 915 81.62 148.13 40.04
CA GLU H 915 82.21 146.91 39.51
C GLU H 915 81.63 145.60 40.05
N PRO H 916 81.30 145.45 41.34
CA PRO H 916 80.70 144.17 41.76
C PRO H 916 79.41 143.84 41.01
N GLU H 917 78.54 144.83 40.79
CA GLU H 917 77.41 144.62 39.90
C GLU H 917 77.89 144.37 38.47
N ARG H 918 78.90 145.13 38.04
CA ARG H 918 79.55 144.80 36.77
C ARG H 918 80.18 143.43 36.82
N ASN H 919 80.63 142.98 38.00
CA ASN H 919 81.19 141.64 38.11
C ASN H 919 80.11 140.58 37.85
N TYR H 920 78.91 140.77 38.41
CA TYR H 920 77.81 139.86 38.10
C TYR H 920 77.45 139.91 36.62
N ASN H 921 77.44 141.12 36.03
CA ASN H 921 77.15 141.23 34.60
C ASN H 921 78.20 140.53 33.76
N LEU H 922 79.48 140.67 34.14
CA LEU H 922 80.56 140.00 33.43
C LEU H 922 80.42 138.49 33.52
N GLN H 923 80.10 137.97 34.72
CA GLN H 923 80.03 136.53 34.86
C GLN H 923 78.81 135.95 34.15
N MET H 924 77.70 136.71 34.08
CA MET H 924 76.58 136.28 33.25
C MET H 924 76.92 136.30 31.77
N SER H 925 77.68 137.31 31.33
CA SER H 925 78.06 137.36 29.92
C SER H 925 78.96 136.18 29.57
N GLY H 926 79.90 135.86 30.46
CA GLY H 926 80.71 134.67 30.28
C GLY H 926 79.87 133.41 30.26
N GLU H 927 78.85 133.34 31.11
CA GLU H 927 77.96 132.19 31.12
C GLU H 927 77.17 132.09 29.82
N THR H 928 76.75 133.23 29.27
CA THR H 928 76.04 133.21 27.99
C THR H 928 76.94 132.70 26.87
N LEU H 929 78.20 133.14 26.84
CA LEU H 929 79.11 132.64 25.81
C LEU H 929 79.43 131.16 26.01
N LYS H 930 79.61 130.74 27.27
CA LYS H 930 79.88 129.34 27.55
C LYS H 930 78.68 128.48 27.18
N THR H 931 77.46 129.01 27.34
CA THR H 931 76.27 128.28 26.92
C THR H 931 76.16 128.25 25.40
N LEU H 932 76.63 129.29 24.72
CA LEU H 932 76.78 129.22 23.27
C LEU H 932 77.65 128.02 22.89
N LEU H 933 78.83 127.91 23.53
CA LEU H 933 79.72 126.79 23.23
C LEU H 933 79.08 125.45 23.58
N ALA H 934 78.37 125.39 24.71
CA ALA H 934 77.75 124.14 25.13
C ALA H 934 76.65 123.71 24.18
N LEU H 935 75.81 124.66 23.75
CA LEU H 935 74.81 124.37 22.72
C LEU H 935 75.46 123.90 21.43
N GLY H 936 76.61 124.47 21.09
CA GLY H 936 77.34 124.03 19.94
C GLY H 936 77.44 125.00 18.80
N CYS H 937 76.80 126.16 18.91
CA CYS H 937 77.00 127.20 17.90
C CYS H 937 78.42 127.73 18.01
N HIS H 938 79.26 127.26 17.09
CA HIS H 938 80.68 127.59 17.06
C HIS H 938 80.84 129.06 16.73
N VAL H 939 81.88 129.69 17.23
CA VAL H 939 82.04 131.13 17.07
C VAL H 939 83.36 131.41 16.37
N GLY H 940 83.30 132.10 15.24
CA GLY H 940 84.50 132.32 14.45
C GLY H 940 84.50 133.65 13.73
N MET H 941 85.70 134.13 13.43
CA MET H 941 85.87 135.42 12.77
C MET H 941 85.23 135.43 11.39
N ALA H 942 84.49 136.50 11.10
CA ALA H 942 84.03 136.74 9.73
C ALA H 942 84.85 137.83 9.06
N ASP H 943 84.95 139.00 9.70
CA ASP H 943 85.75 140.10 9.21
C ASP H 943 86.50 140.76 10.35
N GLU H 944 87.83 140.78 10.25
CA GLU H 944 88.65 141.44 11.25
C GLU H 944 88.34 142.92 11.32
N LYS H 945 88.11 143.55 10.17
CA LYS H 945 87.72 144.96 10.16
C LYS H 945 86.39 145.16 10.87
N ALA H 946 85.44 144.24 10.66
CA ALA H 946 84.16 144.34 11.35
C ALA H 946 84.33 144.21 12.86
N GLU H 947 85.21 143.32 13.30
CA GLU H 947 85.49 143.21 14.73
C GLU H 947 86.14 144.47 15.28
N ASP H 948 87.08 145.05 14.54
CA ASP H 948 87.81 146.20 15.05
C ASP H 948 86.93 147.45 15.10
N ASN H 949 86.15 147.69 14.04
CA ASN H 949 85.36 148.92 13.91
C ASN H 949 83.88 148.58 13.84
N LEU H 950 83.08 149.26 14.66
CA LEU H 950 81.63 149.14 14.65
C LEU H 950 81.00 150.52 14.70
N LYS H 951 80.00 150.75 13.87
CA LYS H 951 79.28 152.02 13.89
C LYS H 951 78.53 152.18 15.20
N LYS H 952 78.50 153.41 15.72
CA LYS H 952 77.96 153.69 17.04
C LYS H 952 76.81 154.67 16.93
N THR H 953 75.60 154.20 17.29
CA THR H 953 74.45 155.08 17.40
C THR H 953 74.57 155.93 18.66
N LYS H 954 73.89 157.07 18.66
CA LYS H 954 73.80 157.93 19.83
C LYS H 954 72.38 157.86 20.38
N LEU H 955 72.26 157.80 21.70
CA LEU H 955 70.95 157.72 22.31
C LEU H 955 70.13 158.97 22.01
N PRO H 956 68.86 158.82 21.62
CA PRO H 956 68.07 159.99 21.23
C PRO H 956 67.86 160.95 22.38
N LYS H 957 67.75 162.24 22.05
CA LYS H 957 67.44 163.25 23.05
C LYS H 957 66.04 163.07 23.60
N THR H 958 65.14 162.45 22.82
CA THR H 958 63.80 162.20 23.30
C THR H 958 63.80 161.26 24.49
N TYR H 959 64.61 160.20 24.44
CA TYR H 959 64.79 159.34 25.60
C TYR H 959 65.46 160.12 26.71
N MET H 960 64.88 160.05 27.91
CA MET H 960 65.16 161.00 28.97
C MET H 960 65.90 160.34 30.13
N MET H 961 66.86 161.06 30.69
CA MET H 961 67.55 160.68 31.91
C MET H 961 68.12 161.95 32.54
N SER H 962 68.08 162.00 33.88
CA SER H 962 68.44 163.24 34.58
C SER H 962 69.89 163.62 34.34
N ASN H 963 70.77 162.64 34.15
CA ASN H 963 72.19 162.95 33.96
C ASN H 963 72.43 163.65 32.63
N GLY H 964 71.89 163.11 31.54
CA GLY H 964 72.19 163.59 30.22
C GLY H 964 73.40 162.98 29.57
N TYR H 965 74.18 162.19 30.30
CA TYR H 965 75.35 161.50 29.77
C TYR H 965 74.92 160.11 29.33
N LYS H 966 74.53 159.99 28.06
CA LYS H 966 73.95 158.78 27.52
C LYS H 966 75.00 157.97 26.77
N PRO H 967 75.24 156.72 27.17
CA PRO H 967 76.21 155.89 26.43
C PRO H 967 75.73 155.60 25.02
N ALA H 968 76.68 155.46 24.11
CA ALA H 968 76.35 155.30 22.69
C ALA H 968 75.97 153.85 22.40
N PRO H 969 74.75 153.59 21.91
CA PRO H 969 74.39 152.22 21.53
C PRO H 969 74.98 151.83 20.18
N LEU H 970 74.93 150.53 19.91
CA LEU H 970 75.29 150.03 18.59
C LEU H 970 74.10 150.18 17.64
N ASP H 971 74.37 150.15 16.33
CA ASP H 971 73.32 150.32 15.35
C ASP H 971 72.78 148.95 14.95
N LEU H 972 71.93 148.40 15.82
CA LEU H 972 71.31 147.11 15.56
C LEU H 972 70.47 147.16 14.29
N SER H 973 70.09 148.37 13.86
CA SER H 973 69.43 148.55 12.59
C SER H 973 70.37 148.19 11.44
N HIS H 974 71.63 148.62 11.50
CA HIS H 974 72.57 148.23 10.45
C HIS H 974 72.95 146.77 10.58
N VAL H 975 72.74 146.19 11.77
CA VAL H 975 72.99 144.77 11.93
C VAL H 975 71.77 143.97 11.49
N ARG H 976 71.99 142.68 11.16
CA ARG H 976 70.93 141.78 10.73
C ARG H 976 70.90 140.54 11.62
N LEU H 977 70.01 139.60 11.27
CA LEU H 977 69.63 138.50 12.16
C LEU H 977 69.44 137.21 11.37
N THR H 978 69.54 136.08 12.07
CA THR H 978 69.20 134.79 11.47
C THR H 978 68.35 133.96 12.43
N PRO H 979 67.37 133.20 11.92
CA PRO H 979 66.35 132.63 12.83
C PRO H 979 66.81 131.47 13.70
N ALA H 980 67.63 130.57 13.15
CA ALA H 980 68.07 129.40 13.92
C ALA H 980 68.82 129.84 15.16
N GLN H 981 69.64 130.88 15.04
CA GLN H 981 70.31 131.44 16.21
C GLN H 981 69.29 132.02 17.19
N THR H 982 68.20 132.61 16.68
CA THR H 982 67.16 133.10 17.59
C THR H 982 66.57 131.97 18.41
N THR H 983 66.26 130.84 17.78
CA THR H 983 65.73 129.71 18.53
C THR H 983 66.75 129.17 19.53
N LEU H 984 68.01 129.04 19.11
CA LEU H 984 69.06 128.53 19.99
C LEU H 984 69.24 129.44 21.20
N VAL H 985 69.21 130.75 21.00
CA VAL H 985 69.44 131.67 22.12
C VAL H 985 68.16 131.83 22.94
N ASP H 986 67.00 131.48 22.37
CA ASP H 986 65.81 131.33 23.20
C ASP H 986 65.99 130.20 24.20
N ARG H 987 66.44 129.04 23.73
CA ARG H 987 66.76 127.96 24.65
C ARG H 987 67.87 128.38 25.61
N LEU H 988 68.79 129.21 25.13
CA LEU H 988 69.88 129.69 25.98
C LEU H 988 69.35 130.58 27.10
N ALA H 989 68.35 131.41 26.83
CA ALA H 989 67.74 132.20 27.89
C ALA H 989 66.99 131.32 28.87
N GLU H 990 66.32 130.28 28.37
CA GLU H 990 65.75 129.28 29.27
C GLU H 990 66.83 128.74 30.21
N ASN H 991 67.97 128.37 29.64
CA ASN H 991 69.09 127.85 30.43
C ASN H 991 69.62 128.89 31.41
N GLY H 992 69.74 130.13 30.98
CA GLY H 992 70.28 131.17 31.85
C GLY H 992 69.35 131.51 33.00
N HIS H 993 68.05 131.53 32.74
CA HIS H 993 67.09 131.74 33.82
C HIS H 993 67.10 130.55 34.76
N ASN H 994 67.32 129.35 34.24
CA ASN H 994 67.50 128.19 35.11
C ASN H 994 68.76 128.34 35.97
N VAL H 995 69.83 128.90 35.40
CA VAL H 995 71.04 129.15 36.17
C VAL H 995 70.77 130.18 37.27
N TRP H 996 70.03 131.23 36.94
CA TRP H 996 69.69 132.24 37.94
C TRP H 996 68.84 131.64 39.06
N ALA H 997 67.90 130.76 38.70
CA ALA H 997 67.12 130.07 39.72
C ALA H 997 67.99 129.14 40.56
N ARG H 998 68.97 128.49 39.92
CA ARG H 998 69.95 127.67 40.65
C ARG H 998 70.65 128.53 41.70
N ASP H 999 71.08 129.73 41.29
CA ASP H 999 71.74 130.65 42.21
C ASP H 999 70.80 131.10 43.33
N ARG H 1000 69.54 131.39 42.99
CA ARG H 1000 68.60 131.83 44.01
C ARG H 1000 68.33 130.74 45.03
N VAL H 1001 68.21 129.49 44.57
CA VAL H 1001 68.06 128.37 45.48
C VAL H 1001 69.29 128.23 46.36
N ALA H 1002 70.48 128.48 45.78
CA ALA H 1002 71.70 128.49 46.58
C ALA H 1002 71.62 129.55 47.68
N GLN H 1003 71.11 130.74 47.35
CA GLN H 1003 70.90 131.76 48.37
C GLN H 1003 69.81 131.35 49.35
N GLY H 1004 68.98 130.39 48.96
CA GLY H 1004 67.86 129.98 49.78
C GLY H 1004 66.53 130.58 49.39
N TRP H 1005 66.47 131.30 48.26
CA TRP H 1005 65.24 131.91 47.82
C TRP H 1005 64.23 130.83 47.43
N SER H 1006 62.94 131.16 47.53
CA SER H 1006 61.87 130.22 47.22
C SER H 1006 60.77 130.93 46.44
N TYR H 1007 59.91 130.14 45.81
CA TYR H 1007 58.81 130.70 45.04
C TYR H 1007 57.69 131.18 45.96
N SER H 1008 56.94 132.17 45.49
CA SER H 1008 55.79 132.72 46.19
C SER H 1008 54.89 133.42 45.19
N ALA H 1009 53.68 133.75 45.66
CA ALA H 1009 52.78 134.57 44.85
C ALA H 1009 53.15 136.04 44.91
N VAL H 1010 53.74 136.47 46.04
CA VAL H 1010 54.12 137.86 46.26
C VAL H 1010 55.59 137.92 46.64
N GLN H 1011 56.28 138.92 46.10
CA GLN H 1011 57.73 139.06 46.26
C GLN H 1011 58.03 139.80 47.55
N ASP H 1012 58.73 139.13 48.47
CA ASP H 1012 59.29 139.76 49.66
C ASP H 1012 60.75 139.38 49.77
N ILE H 1013 61.60 140.39 49.96
CA ILE H 1013 63.04 140.14 49.98
C ILE H 1013 63.50 139.46 51.27
N PRO H 1014 63.22 139.99 52.48
CA PRO H 1014 63.75 139.33 53.68
C PRO H 1014 63.25 137.90 53.87
N ALA H 1015 61.99 137.63 53.52
CA ALA H 1015 61.50 136.25 53.57
C ALA H 1015 62.06 135.43 52.42
N ARG H 1016 62.70 136.09 51.45
CA ARG H 1016 63.29 135.42 50.29
C ARG H 1016 62.25 134.62 49.53
N ARG H 1017 61.14 135.27 49.18
CA ARG H 1017 60.05 134.63 48.46
C ARG H 1017 59.75 135.48 47.22
N ASN H 1018 59.61 134.83 46.06
CA ASN H 1018 59.54 135.58 44.81
C ASN H 1018 58.65 134.86 43.80
N PRO H 1019 57.78 135.57 43.09
CA PRO H 1019 57.18 134.97 41.88
C PRO H 1019 58.20 134.70 40.78
N ARG H 1020 59.30 135.45 40.78
CA ARG H 1020 60.34 135.26 39.77
C ARG H 1020 60.93 133.86 39.82
N LEU H 1021 61.07 133.28 41.02
CA LEU H 1021 61.72 131.98 41.17
C LEU H 1021 60.78 130.92 40.64
N VAL H 1022 60.79 130.77 39.33
CA VAL H 1022 59.95 129.80 38.62
C VAL H 1022 60.67 129.38 37.34
N PRO H 1023 60.53 128.11 36.94
CA PRO H 1023 61.17 127.67 35.70
C PRO H 1023 60.70 128.48 34.50
N TYR H 1024 61.60 128.60 33.52
CA TYR H 1024 61.34 129.47 32.36
C TYR H 1024 60.10 129.03 31.60
N ARG H 1025 59.96 127.73 31.34
CA ARG H 1025 58.74 127.26 30.69
C ARG H 1025 57.55 127.41 31.61
N LEU H 1026 57.77 127.39 32.93
CA LEU H 1026 56.69 127.68 33.86
C LEU H 1026 56.52 129.18 34.07
N LEU H 1027 57.50 129.97 33.64
CA LEU H 1027 57.43 131.42 33.77
C LEU H 1027 56.33 131.97 32.87
N ASP H 1028 55.76 133.11 33.28
CA ASP H 1028 54.65 133.70 32.55
C ASP H 1028 55.06 134.11 31.13
N GLU H 1029 54.11 134.00 30.20
CA GLU H 1029 54.42 134.18 28.79
C GLU H 1029 54.82 135.62 28.48
N ALA H 1030 54.27 136.59 29.20
CA ALA H 1030 54.66 137.98 28.96
C ALA H 1030 56.13 138.21 29.31
N THR H 1031 56.55 137.72 30.48
CA THR H 1031 57.96 137.83 30.85
C THR H 1031 58.84 137.05 29.89
N LYS H 1032 58.37 135.88 29.45
CA LYS H 1032 59.12 135.12 28.45
C LYS H 1032 59.30 135.93 27.17
N ARG H 1033 58.24 136.59 26.71
CA ARG H 1033 58.34 137.40 25.50
C ARG H 1033 59.31 138.56 25.69
N SER H 1034 59.29 139.19 26.87
CA SER H 1034 60.25 140.24 27.14
C SER H 1034 61.69 139.72 27.09
N ASN H 1035 61.92 138.53 27.67
CA ASN H 1035 63.25 137.95 27.63
C ASN H 1035 63.68 137.61 26.20
N ARG H 1036 62.75 137.09 25.38
CA ARG H 1036 63.10 136.83 23.98
C ARG H 1036 63.36 138.13 23.20
N ASP H 1037 62.69 139.22 23.58
CA ASP H 1037 63.05 140.50 22.97
C ASP H 1037 64.48 140.90 23.33
N SER H 1038 64.83 140.76 24.61
CA SER H 1038 66.22 141.00 25.02
C SER H 1038 67.17 140.07 24.27
N LEU H 1039 66.74 138.84 24.02
CA LEU H 1039 67.56 137.89 23.27
C LEU H 1039 67.77 138.34 21.84
N CYS H 1040 66.71 138.83 21.20
CA CYS H 1040 66.84 139.35 19.84
C CYS H 1040 67.84 140.51 19.81
N GLN H 1041 67.76 141.40 20.80
CA GLN H 1041 68.72 142.49 20.87
C GLN H 1041 70.15 141.97 21.06
N ALA H 1042 70.31 140.98 21.93
CA ALA H 1042 71.66 140.44 22.20
C ALA H 1042 72.24 139.73 20.99
N VAL H 1043 71.42 138.94 20.28
CA VAL H 1043 71.90 138.23 19.10
C VAL H 1043 72.22 139.22 17.99
N ARG H 1044 71.41 140.28 17.87
CA ARG H 1044 71.72 141.33 16.91
C ARG H 1044 73.03 142.00 17.25
N THR H 1045 73.29 142.21 18.55
CA THR H 1045 74.59 142.72 18.99
C THR H 1045 75.72 141.77 18.63
N LEU H 1046 75.49 140.46 18.78
CA LEU H 1046 76.50 139.49 18.38
C LEU H 1046 76.83 139.59 16.90
N LEU H 1047 75.80 139.64 16.06
CA LEU H 1047 76.04 139.79 14.61
C LEU H 1047 76.70 141.13 14.31
N GLY H 1048 76.44 142.15 15.14
CA GLY H 1048 77.12 143.42 14.96
C GLY H 1048 78.61 143.33 15.25
N TYR H 1049 78.96 142.59 16.31
CA TYR H 1049 80.36 142.28 16.56
C TYR H 1049 80.92 141.39 15.46
N GLY H 1050 80.05 140.72 14.71
CA GLY H 1050 80.43 140.10 13.47
C GLY H 1050 80.97 138.70 13.57
N TYR H 1051 81.12 138.15 14.77
CA TYR H 1051 81.49 136.75 14.87
C TYR H 1051 80.43 135.87 14.24
N ASN H 1052 80.78 135.25 13.13
CA ASN H 1052 79.92 134.23 12.57
C ASN H 1052 79.63 133.18 13.64
N ILE H 1053 78.35 133.11 14.02
CA ILE H 1053 77.86 132.17 15.01
C ILE H 1053 77.24 131.00 14.25
N GLU H 1054 77.93 129.85 14.30
CA GLU H 1054 77.87 128.64 13.48
C GLU H 1054 76.90 127.63 14.12
N PRO H 1055 75.67 127.49 13.61
CA PRO H 1055 74.63 126.73 14.34
C PRO H 1055 74.83 125.23 14.25
N PRO H 1056 74.82 124.51 15.37
CA PRO H 1056 75.05 123.07 15.33
C PRO H 1056 73.89 122.35 14.65
N ASP H 1057 74.19 121.15 14.14
CA ASP H 1057 73.15 120.32 13.55
C ASP H 1057 72.06 120.02 14.58
N GLN H 1058 70.82 120.04 14.12
CA GLN H 1058 69.68 119.88 15.02
C GLN H 1058 69.60 118.45 15.55
N GLU H 1059 69.06 118.31 16.76
CA GLU H 1059 68.91 117.01 17.40
C GLU H 1059 67.49 116.87 17.93
N PRO H 1060 66.80 115.77 17.61
CA PRO H 1060 65.42 115.61 18.08
C PRO H 1060 65.37 115.23 19.55
N SER H 1061 64.21 115.42 20.16
CA SER H 1061 63.97 115.04 21.54
C SER H 1061 62.50 114.66 21.70
N GLN H 1062 62.21 113.87 22.73
CA GLN H 1062 60.86 113.42 23.02
C GLN H 1062 60.67 113.41 24.53
N VAL H 1063 59.40 113.41 24.96
CA VAL H 1063 59.11 113.66 26.38
C VAL H 1063 59.00 112.35 27.15
N GLU H 1064 58.40 111.31 26.54
CA GLU H 1064 58.10 110.02 27.17
C GLU H 1064 57.61 110.19 28.62
N ASN H 1065 56.75 111.19 28.83
CA ASN H 1065 56.27 111.47 30.18
C ASN H 1065 55.36 110.36 30.70
N GLN H 1066 54.55 109.77 29.83
CA GLN H 1066 53.53 108.80 30.22
C GLN H 1066 53.60 107.57 29.32
N SER H 1067 53.34 106.41 29.92
CA SER H 1067 53.17 105.17 29.16
C SER H 1067 51.75 105.08 28.61
N ARG H 1068 51.58 104.19 27.62
CA ARG H 1068 50.32 104.14 26.87
C ARG H 1068 49.12 104.01 27.79
N TRP H 1069 49.28 103.29 28.92
CA TRP H 1069 48.17 103.06 29.83
C TRP H 1069 47.68 104.35 30.47
N ASP H 1070 48.60 105.13 31.05
CA ASP H 1070 48.24 106.42 31.65
C ASP H 1070 47.98 107.46 30.57
N ARG H 1071 48.28 107.09 29.31
CA ARG H 1071 48.65 108.06 28.30
C ARG H 1071 47.52 108.17 27.27
N VAL H 1072 46.74 107.09 27.13
CA VAL H 1072 45.48 107.06 26.37
C VAL H 1072 44.47 106.24 27.19
N ARG H 1073 43.19 106.61 27.09
CA ARG H 1073 42.11 105.83 27.69
C ARG H 1073 41.05 105.50 26.65
N ILE H 1074 40.64 104.24 26.62
CA ILE H 1074 39.78 103.69 25.57
C ILE H 1074 38.36 103.59 26.08
N PHE H 1075 37.40 104.02 25.25
CA PHE H 1075 35.98 103.96 25.58
C PHE H 1075 35.25 103.19 24.49
N ARG H 1076 34.52 102.15 24.90
CA ARG H 1076 33.81 101.28 23.97
C ARG H 1076 32.37 101.11 24.40
N ALA H 1077 31.58 100.42 23.56
CA ALA H 1077 30.18 100.18 23.90
C ALA H 1077 30.06 98.95 24.81
N GLU H 1078 28.87 98.78 25.39
CA GLU H 1078 28.62 97.61 26.21
C GLU H 1078 28.53 96.35 25.35
N LYS H 1079 28.86 95.21 25.97
CA LYS H 1079 28.76 93.93 25.28
C LYS H 1079 27.32 93.62 24.89
N SER H 1080 26.36 94.06 25.72
CA SER H 1080 24.95 93.81 25.42
C SER H 1080 24.52 94.54 24.14
N TYR H 1081 25.07 95.73 23.90
CA TYR H 1081 24.69 96.50 22.73
C TYR H 1081 25.42 96.03 21.48
N THR H 1082 26.08 94.86 21.52
CA THR H 1082 26.79 94.36 20.36
C THR H 1082 25.83 94.08 19.21
N VAL H 1083 26.25 94.46 18.01
CA VAL H 1083 25.45 94.29 16.80
C VAL H 1083 26.18 93.36 15.86
N GLN H 1084 25.46 92.46 15.21
CA GLN H 1084 26.05 91.45 14.35
C GLN H 1084 25.83 91.72 12.87
N SER H 1085 24.78 92.47 12.51
CA SER H 1085 24.47 92.76 11.12
C SER H 1085 23.63 94.02 11.05
N GLY H 1086 23.58 94.59 9.85
CA GLY H 1086 22.71 95.73 9.60
C GLY H 1086 23.44 97.04 9.41
N ARG H 1087 22.67 98.11 9.54
CA ARG H 1087 23.09 99.46 9.23
C ARG H 1087 23.11 100.30 10.51
N TRP H 1088 24.20 101.03 10.74
CA TRP H 1088 24.41 101.70 12.01
C TRP H 1088 25.19 103.00 11.83
N TYR H 1089 24.81 103.99 12.63
CA TYR H 1089 25.35 105.34 12.62
C TYR H 1089 25.90 105.66 14.01
N PHE H 1090 26.95 106.49 14.06
CA PHE H 1090 27.19 107.26 15.29
C PHE H 1090 28.01 108.51 15.01
N GLU H 1091 27.63 109.61 15.66
CA GLU H 1091 28.23 110.92 15.46
C GLU H 1091 29.18 111.22 16.60
N PHE H 1092 30.19 112.04 16.35
CA PHE H 1092 31.16 112.36 17.38
C PHE H 1092 31.87 113.67 17.03
N GLU H 1093 31.82 114.63 17.93
CA GLU H 1093 32.43 115.94 17.77
C GLU H 1093 33.72 116.00 18.56
N ALA H 1094 34.79 116.49 17.93
CA ALA H 1094 36.07 116.62 18.60
C ALA H 1094 36.29 118.06 19.03
N VAL H 1095 36.36 118.29 20.35
CA VAL H 1095 36.55 119.65 20.86
C VAL H 1095 37.92 120.19 20.49
N THR H 1096 38.93 119.32 20.51
CA THR H 1096 40.29 119.70 20.19
C THR H 1096 40.75 118.97 18.95
N THR H 1097 41.90 119.39 18.42
CA THR H 1097 42.44 118.75 17.22
C THR H 1097 43.33 117.57 17.57
N GLY H 1098 43.44 117.24 18.85
CA GLY H 1098 44.37 116.20 19.27
C GLY H 1098 43.92 114.82 18.86
N GLU H 1099 44.77 113.83 19.14
CA GLU H 1099 44.52 112.46 18.71
C GLU H 1099 43.29 111.89 19.39
N MET H 1100 42.38 111.34 18.57
CA MET H 1100 41.10 110.90 19.09
C MET H 1100 40.47 109.99 18.05
N ARG H 1101 40.18 108.75 18.44
CA ARG H 1101 39.84 107.67 17.53
C ARG H 1101 38.35 107.38 17.60
N VAL H 1102 37.74 107.18 16.43
CA VAL H 1102 36.37 106.69 16.30
C VAL H 1102 36.37 105.46 15.42
N GLY H 1103 35.62 104.44 15.81
CA GLY H 1103 35.59 103.24 14.98
C GLY H 1103 34.57 102.23 15.42
N TRP H 1104 34.57 101.09 14.72
CA TRP H 1104 33.76 99.94 15.06
C TRP H 1104 34.70 98.80 15.43
N ALA H 1105 34.49 98.20 16.61
CA ALA H 1105 35.49 97.35 17.22
C ALA H 1105 34.90 96.01 17.64
N ARG H 1106 35.78 95.00 17.70
CA ARG H 1106 35.40 93.68 18.16
C ARG H 1106 35.18 93.66 19.67
N PRO H 1107 34.22 92.87 20.14
CA PRO H 1107 33.99 92.78 21.59
C PRO H 1107 35.16 92.22 22.38
N GLU H 1108 36.02 91.42 21.74
CA GLU H 1108 37.04 90.68 22.48
C GLU H 1108 38.35 91.46 22.63
N LEU H 1109 38.38 92.73 22.22
CA LEU H 1109 39.63 93.47 22.22
C LEU H 1109 40.20 93.60 23.63
N ARG H 1110 41.52 93.47 23.74
CA ARG H 1110 42.17 93.70 25.01
C ARG H 1110 42.25 95.20 25.28
N PRO H 1111 41.78 95.67 26.45
CA PRO H 1111 41.87 97.11 26.74
C PRO H 1111 43.30 97.64 26.74
N ASP H 1112 44.26 96.81 27.14
CA ASP H 1112 45.64 97.28 27.22
C ASP H 1112 46.20 97.59 25.84
N VAL H 1113 45.81 96.81 24.83
CA VAL H 1113 46.34 97.03 23.49
C VAL H 1113 45.89 98.39 22.99
N GLU H 1114 46.86 99.19 22.55
CA GLU H 1114 46.55 100.51 22.01
C GLU H 1114 45.69 100.36 20.76
N LEU H 1115 44.67 101.21 20.66
CA LEU H 1115 43.59 101.00 19.71
C LEU H 1115 44.10 101.11 18.27
N GLY H 1116 43.72 100.13 17.45
CA GLY H 1116 44.07 100.12 16.05
C GLY H 1116 45.24 99.21 15.68
N ALA H 1117 46.07 98.82 16.65
CA ALA H 1117 47.23 97.98 16.33
C ALA H 1117 46.83 96.54 16.08
N ASP H 1118 45.67 96.13 16.59
CA ASP H 1118 45.25 94.74 16.52
C ASP H 1118 44.20 94.50 15.44
N GLU H 1119 43.99 93.23 15.11
CA GLU H 1119 42.94 92.85 14.16
C GLU H 1119 41.55 93.04 14.74
N LEU H 1120 41.46 93.57 15.96
CA LEU H 1120 40.17 93.59 16.66
C LEU H 1120 39.48 94.94 16.51
N ALA H 1121 40.19 95.95 16.04
CA ALA H 1121 39.67 97.32 15.97
C ALA H 1121 39.76 97.87 14.56
N TYR H 1122 38.67 98.47 14.09
CA TYR H 1122 38.64 99.27 12.87
C TYR H 1122 38.35 100.71 13.26
N VAL H 1123 39.40 101.54 13.33
CA VAL H 1123 39.29 102.88 13.89
C VAL H 1123 40.03 103.88 13.01
N PHE H 1124 39.69 105.15 13.22
CA PHE H 1124 40.32 106.27 12.53
C PHE H 1124 40.59 107.38 13.54
N ASN H 1125 41.76 108.02 13.40
CA ASN H 1125 42.21 109.08 14.31
C ASN H 1125 42.45 110.34 13.50
N GLY H 1126 41.99 111.48 14.03
CA GLY H 1126 41.98 112.69 13.23
C GLY H 1126 43.30 113.44 13.25
N HIS H 1127 43.92 113.58 14.43
CA HIS H 1127 45.09 114.45 14.56
C HIS H 1127 46.15 114.12 13.53
N ARG H 1128 46.33 112.83 13.24
CA ARG H 1128 47.19 112.45 12.13
C ARG H 1128 46.49 112.64 10.79
N GLY H 1129 45.18 112.39 10.74
CA GLY H 1129 44.45 112.36 9.49
C GLY H 1129 44.90 111.29 8.52
N GLN H 1130 45.34 110.15 9.02
CA GLN H 1130 46.01 109.13 8.23
C GLN H 1130 45.73 107.77 8.84
N ARG H 1131 44.69 107.08 8.36
CA ARG H 1131 44.07 106.00 9.12
C ARG H 1131 45.04 104.84 9.19
N TRP H 1132 44.85 103.93 10.14
CA TRP H 1132 45.72 102.78 10.28
C TRP H 1132 45.03 101.64 11.00
N HIS H 1133 45.14 100.45 10.41
CA HIS H 1133 44.83 99.19 11.07
C HIS H 1133 46.05 98.30 10.93
N LEU H 1134 46.73 98.05 12.05
CA LEU H 1134 47.99 97.31 12.00
C LEU H 1134 48.73 97.68 10.72
N GLY H 1135 49.02 98.96 10.57
CA GLY H 1135 49.59 99.52 9.37
C GLY H 1135 48.79 100.71 8.87
N SER H 1136 49.52 101.70 8.37
CA SER H 1136 48.97 103.02 8.13
C SER H 1136 48.83 103.30 6.64
N GLU H 1137 47.72 103.94 6.29
CA GLU H 1137 47.39 104.40 4.96
C GLU H 1137 46.64 105.72 5.05
N PRO H 1138 47.03 106.71 4.24
CA PRO H 1138 46.42 108.04 4.36
C PRO H 1138 44.91 108.01 4.09
N PHE H 1139 44.18 108.83 4.82
CA PHE H 1139 42.72 108.88 4.71
C PHE H 1139 42.22 110.27 5.07
N GLY H 1140 41.62 110.95 4.09
CA GLY H 1140 40.94 112.20 4.35
C GLY H 1140 41.88 113.28 4.87
N ARG H 1141 41.34 114.12 5.74
CA ARG H 1141 42.06 115.26 6.30
C ARG H 1141 42.00 115.19 7.82
N PRO H 1142 43.06 115.61 8.51
CA PRO H 1142 42.96 115.83 9.95
C PRO H 1142 41.94 116.92 10.25
N TRP H 1143 41.09 116.69 11.25
CA TRP H 1143 40.15 117.73 11.62
C TRP H 1143 40.83 118.83 12.43
N GLN H 1144 40.04 119.82 12.79
CA GLN H 1144 40.44 120.92 13.64
C GLN H 1144 39.43 121.05 14.78
N SER H 1145 39.61 122.07 15.60
CA SER H 1145 38.71 122.29 16.72
C SER H 1145 37.29 122.57 16.23
N GLY H 1146 36.31 121.97 16.91
CA GLY H 1146 34.92 122.16 16.56
C GLY H 1146 34.40 121.28 15.44
N ASP H 1147 35.22 120.37 14.91
CA ASP H 1147 34.78 119.52 13.82
C ASP H 1147 33.97 118.34 14.35
N VAL H 1148 33.15 117.78 13.46
CA VAL H 1148 32.27 116.66 13.79
C VAL H 1148 32.45 115.59 12.72
N VAL H 1149 32.51 114.32 13.16
CA VAL H 1149 32.72 113.18 12.28
C VAL H 1149 31.60 112.18 12.51
N GLY H 1150 30.99 111.72 11.42
CA GLY H 1150 30.00 110.65 11.47
C GLY H 1150 30.61 109.36 10.96
N CYS H 1151 30.21 108.26 11.60
CA CYS H 1151 30.75 106.94 11.27
C CYS H 1151 29.62 106.01 10.89
N MET H 1152 29.81 105.32 9.75
CA MET H 1152 28.83 104.47 9.10
C MET H 1152 29.34 103.04 9.18
N ILE H 1153 28.46 102.10 9.51
CA ILE H 1153 28.78 100.69 9.28
C ILE H 1153 27.56 100.01 8.67
N ASP H 1154 27.79 99.22 7.62
CA ASP H 1154 26.73 98.44 6.98
C ASP H 1154 27.27 97.04 6.76
N LEU H 1155 26.93 96.13 7.68
CA LEU H 1155 27.44 94.76 7.60
C LEU H 1155 27.00 94.08 6.32
N THR H 1156 25.78 94.39 5.85
CA THR H 1156 25.34 93.86 4.55
C THR H 1156 26.21 94.39 3.43
N GLU H 1157 26.47 95.70 3.42
CA GLU H 1157 27.45 96.26 2.49
C GLU H 1157 28.86 95.85 2.89
N ASN H 1158 29.06 95.56 4.17
CA ASN H 1158 30.30 94.98 4.69
C ASN H 1158 31.47 95.93 4.54
N THR H 1159 31.22 97.22 4.80
CA THR H 1159 32.26 98.24 4.79
C THR H 1159 32.03 99.21 5.95
N ILE H 1160 32.99 100.10 6.15
CA ILE H 1160 32.91 101.16 7.17
C ILE H 1160 33.22 102.48 6.49
N ILE H 1161 32.38 103.48 6.72
CA ILE H 1161 32.48 104.78 6.05
C ILE H 1161 32.68 105.85 7.11
N PHE H 1162 33.42 106.91 6.76
CA PHE H 1162 33.68 108.01 7.67
C PHE H 1162 33.43 109.33 6.95
N THR H 1163 32.75 110.26 7.62
CA THR H 1163 32.45 111.57 7.08
C THR H 1163 32.95 112.64 8.05
N LEU H 1164 33.58 113.67 7.53
CA LEU H 1164 34.08 114.79 8.32
C LEU H 1164 33.28 116.04 8.00
N ASN H 1165 32.73 116.67 9.04
CA ASN H 1165 31.90 117.87 8.89
C ASN H 1165 30.74 117.64 7.93
N GLY H 1166 30.17 116.43 7.94
CA GLY H 1166 29.10 116.08 7.04
C GLY H 1166 29.54 115.67 5.65
N GLU H 1167 30.84 115.63 5.39
CA GLU H 1167 31.38 115.27 4.08
C GLU H 1167 32.28 114.05 4.23
N VAL H 1168 32.11 113.08 3.32
CA VAL H 1168 32.86 111.83 3.41
C VAL H 1168 34.33 112.09 3.17
N LEU H 1169 35.18 111.54 4.04
CA LEU H 1169 36.61 111.60 3.83
C LEU H 1169 36.98 110.82 2.58
N MET H 1170 37.80 111.42 1.72
CA MET H 1170 38.19 110.81 0.46
C MET H 1170 39.56 110.17 0.61
N SER H 1171 39.63 108.87 0.34
CA SER H 1171 40.91 108.18 0.34
C SER H 1171 41.76 108.61 -0.86
N ASP H 1172 43.07 108.41 -0.74
CA ASP H 1172 43.99 108.75 -1.84
C ASP H 1172 43.99 107.62 -2.86
N SER H 1173 42.78 107.27 -3.31
CA SER H 1173 42.57 106.20 -4.28
C SER H 1173 41.15 106.34 -4.82
N GLY H 1174 40.76 105.37 -5.64
CA GLY H 1174 39.42 105.40 -6.20
C GLY H 1174 38.34 105.11 -5.17
N SER H 1175 38.72 104.45 -4.08
CA SER H 1175 37.75 104.05 -3.07
C SER H 1175 37.19 105.26 -2.32
N GLU H 1176 35.90 105.20 -2.01
CA GLU H 1176 35.22 106.23 -1.23
C GLU H 1176 35.22 105.92 0.26
N THR H 1177 35.17 104.64 0.64
CA THR H 1177 35.06 104.23 2.03
C THR H 1177 36.44 103.85 2.56
N ALA H 1178 36.62 104.00 3.87
CA ALA H 1178 37.92 103.72 4.48
C ALA H 1178 38.27 102.24 4.42
N PHE H 1179 37.31 101.37 4.72
CA PHE H 1179 37.55 99.94 4.86
C PHE H 1179 36.72 99.18 3.85
N ARG H 1180 37.32 98.18 3.21
CA ARG H 1180 36.68 97.43 2.14
C ARG H 1180 36.94 95.94 2.32
N GLU H 1181 35.95 95.14 1.89
CA GLU H 1181 35.98 93.67 1.99
C GLU H 1181 36.39 93.20 3.40
N ILE H 1182 35.88 93.87 4.42
CA ILE H 1182 36.09 93.40 5.78
C ILE H 1182 35.19 92.19 6.05
N GLU H 1183 35.44 91.53 7.17
CA GLU H 1183 34.69 90.34 7.57
C GLU H 1183 33.61 90.73 8.57
N ILE H 1184 32.49 90.01 8.55
CA ILE H 1184 31.41 90.27 9.50
C ILE H 1184 31.87 89.93 10.91
N GLY H 1185 32.49 88.77 11.09
CA GLY H 1185 32.95 88.36 12.41
C GLY H 1185 31.79 88.10 13.35
N ASP H 1186 32.06 88.18 14.65
CA ASP H 1186 31.00 88.01 15.63
C ASP H 1186 30.19 89.29 15.79
N GLY H 1187 30.69 90.39 15.27
CA GLY H 1187 29.99 91.65 15.35
C GLY H 1187 30.96 92.80 15.54
N PHE H 1188 30.38 93.98 15.72
CA PHE H 1188 31.15 95.21 15.89
C PHE H 1188 30.56 96.03 17.04
N LEU H 1189 31.43 96.80 17.68
CA LEU H 1189 31.04 97.71 18.75
C LEU H 1189 31.56 99.11 18.46
N PRO H 1190 30.72 100.14 18.54
CA PRO H 1190 31.24 101.51 18.43
C PRO H 1190 32.23 101.79 19.56
N VAL H 1191 33.38 102.36 19.18
CA VAL H 1191 34.47 102.59 20.11
C VAL H 1191 35.05 103.98 19.85
N CYS H 1192 35.40 104.64 20.96
CA CYS H 1192 35.98 105.98 20.93
C CYS H 1192 37.15 106.05 21.89
N SER H 1193 38.29 106.50 21.39
CA SER H 1193 39.51 106.62 22.18
C SER H 1193 39.93 108.09 22.20
N LEU H 1194 40.58 108.51 23.28
CA LEU H 1194 40.99 109.90 23.45
C LEU H 1194 42.43 109.96 23.90
N GLY H 1195 43.21 110.86 23.30
CA GLY H 1195 44.58 111.06 23.71
C GLY H 1195 44.66 111.81 25.02
N PRO H 1196 45.88 112.08 25.47
CA PRO H 1196 46.05 112.74 26.76
C PRO H 1196 45.67 114.20 26.68
N GLY H 1197 44.62 114.58 27.41
CA GLY H 1197 44.20 115.97 27.44
C GLY H 1197 43.35 116.43 26.28
N GLN H 1198 42.58 115.53 25.66
CA GLN H 1198 41.72 115.86 24.54
C GLN H 1198 40.27 115.58 24.91
N VAL H 1199 39.35 116.37 24.36
CA VAL H 1199 37.93 116.33 24.74
C VAL H 1199 37.10 115.91 23.53
N GLY H 1200 36.17 114.97 23.76
CA GLY H 1200 35.27 114.53 22.72
C GLY H 1200 33.82 114.47 23.16
N HIS H 1201 32.90 114.52 22.20
CA HIS H 1201 31.47 114.38 22.42
C HIS H 1201 30.95 113.24 21.57
N LEU H 1202 30.28 112.27 22.19
CA LEU H 1202 29.81 111.10 21.49
C LEU H 1202 28.29 111.07 21.49
N ASN H 1203 27.71 110.81 20.32
CA ASN H 1203 26.26 110.69 20.18
C ASN H 1203 25.94 109.42 19.43
N LEU H 1204 25.07 108.60 20.01
CA LEU H 1204 24.63 107.36 19.40
C LEU H 1204 23.21 107.42 18.86
N GLY H 1205 22.42 108.40 19.30
CA GLY H 1205 21.06 108.54 18.81
C GLY H 1205 19.99 108.73 19.86
N GLN H 1206 20.36 109.02 21.12
CA GLN H 1206 19.35 109.24 22.16
C GLN H 1206 18.39 110.35 21.77
N ASP H 1207 18.92 111.48 21.30
CA ASP H 1207 18.11 112.61 20.87
C ASP H 1207 18.18 112.72 19.35
N VAL H 1208 17.00 112.78 18.71
CA VAL H 1208 16.95 112.79 17.25
C VAL H 1208 17.58 114.06 16.69
N SER H 1209 17.43 115.18 17.40
CA SER H 1209 17.93 116.46 16.90
C SER H 1209 19.44 116.55 17.02
N SER H 1210 20.03 115.78 17.95
CA SER H 1210 21.48 115.86 18.16
C SER H 1210 22.24 115.41 16.92
N LEU H 1211 21.68 114.47 16.16
CA LEU H 1211 22.31 113.96 14.94
C LEU H 1211 22.18 115.00 13.82
N ARG H 1212 22.90 116.11 14.00
CA ARG H 1212 22.79 117.21 13.04
C ARG H 1212 23.39 116.84 11.69
N PHE H 1213 24.59 116.26 11.68
CA PHE H 1213 25.24 115.94 10.42
C PHE H 1213 24.71 114.62 9.86
N PHE H 1214 23.95 113.87 10.66
CA PHE H 1214 23.23 112.72 10.13
C PHE H 1214 22.16 113.17 9.14
N ALA H 1215 21.63 114.37 9.32
CA ALA H 1215 20.71 114.94 8.33
C ALA H 1215 21.40 115.13 6.99
N ILE H 1216 22.64 115.64 7.02
CA ILE H 1216 23.37 115.84 5.76
C ILE H 1216 23.77 114.50 5.15
N CYS H 1217 24.35 113.62 5.94
CA CYS H 1217 24.83 112.33 5.47
C CYS H 1217 24.26 111.21 6.32
N GLY H 1218 23.72 110.18 5.66
CA GLY H 1218 23.16 109.05 6.37
C GLY H 1218 21.68 108.87 6.24
N LEU H 1219 20.91 109.95 6.01
CA LEU H 1219 19.50 109.78 5.72
C LEU H 1219 19.29 109.20 4.34
N GLN H 1220 20.05 109.69 3.35
CA GLN H 1220 19.94 109.15 2.01
C GLN H 1220 20.44 107.72 1.95
N GLU H 1221 21.63 107.46 2.51
CA GLU H 1221 22.08 106.09 2.68
C GLU H 1221 21.11 105.31 3.56
N GLY H 1222 20.37 106.01 4.41
CA GLY H 1222 19.37 105.37 5.25
C GLY H 1222 19.96 104.40 6.24
N PHE H 1223 20.96 104.83 6.99
CA PHE H 1223 21.60 103.93 7.95
C PHE H 1223 21.09 104.20 9.36
N GLU H 1224 20.76 103.12 10.06
CA GLU H 1224 19.96 103.21 11.27
C GLU H 1224 20.78 103.77 12.42
N PRO H 1225 20.32 104.86 13.04
CA PRO H 1225 21.07 105.44 14.18
C PRO H 1225 21.18 104.45 15.32
N PHE H 1226 22.39 104.32 15.87
CA PHE H 1226 22.70 103.25 16.80
C PHE H 1226 21.78 103.27 18.02
N ALA H 1227 21.32 104.46 18.41
CA ALA H 1227 20.48 104.61 19.60
C ALA H 1227 19.17 105.31 19.32
N ILE H 1228 18.62 105.19 18.12
CA ILE H 1228 17.41 105.92 17.78
C ILE H 1228 16.24 105.47 18.64
N ASN H 1229 16.18 104.18 18.98
CA ASN H 1229 15.16 103.65 19.89
C ASN H 1229 15.84 102.99 21.08
N MET H 1230 16.27 103.84 22.02
CA MET H 1230 16.75 103.42 23.34
C MET H 1230 15.91 104.09 24.41
N GLN H 1231 15.37 103.29 25.33
CA GLN H 1231 14.65 103.85 26.45
CA GLN H 1231 14.65 103.83 26.46
C GLN H 1231 15.59 104.56 27.41
N ARG H 1232 16.81 104.06 27.54
CA ARG H 1232 17.84 104.54 28.45
C ARG H 1232 19.11 104.83 27.68
N PRO H 1233 19.98 105.70 28.20
CA PRO H 1233 21.25 105.96 27.53
C PRO H 1233 22.08 104.69 27.39
N VAL H 1234 22.79 104.57 26.26
CA VAL H 1234 23.56 103.38 25.98
C VAL H 1234 24.79 103.32 26.88
N THR H 1235 25.00 102.17 27.50
CA THR H 1235 26.13 102.01 28.40
C THR H 1235 27.43 101.87 27.63
N THR H 1236 28.42 102.66 28.03
CA THR H 1236 29.78 102.54 27.52
C THR H 1236 30.70 102.12 28.66
N TRP H 1237 31.90 101.68 28.30
CA TRP H 1237 32.90 101.19 29.24
C TRP H 1237 34.23 101.85 28.98
N PHE H 1238 34.92 102.22 30.05
CA PHE H 1238 36.19 102.92 29.99
C PHE H 1238 37.31 102.00 30.48
N SER H 1239 38.50 102.20 29.91
CA SER H 1239 39.68 101.50 30.39
C SER H 1239 40.10 102.06 31.74
N LYS H 1240 40.58 101.17 32.61
CA LYS H 1240 40.95 101.48 33.98
C LYS H 1240 42.45 101.43 34.09
N SER H 1241 43.08 102.60 34.27
CA SER H 1241 44.54 102.67 34.34
C SER H 1241 45.05 102.13 35.66
N LEU H 1242 44.21 102.12 36.69
CA LEU H 1242 44.61 101.58 37.98
C LEU H 1242 44.94 100.10 37.83
N PRO H 1243 46.15 99.66 38.17
CA PRO H 1243 46.50 98.25 37.98
C PRO H 1243 45.70 97.37 38.93
N GLN H 1244 45.05 96.36 38.35
CA GLN H 1244 44.20 95.44 39.11
C GLN H 1244 44.82 94.05 39.09
N PHE H 1245 44.55 93.28 40.12
CA PHE H 1245 45.15 91.96 40.24
C PHE H 1245 44.35 90.93 39.46
N GLU H 1246 45.00 90.27 38.50
CA GLU H 1246 44.32 89.33 37.62
C GLU H 1246 45.08 88.01 37.56
N PRO H 1247 44.38 86.90 37.36
CA PRO H 1247 45.06 85.61 37.21
C PRO H 1247 45.90 85.57 35.94
N VAL H 1248 46.96 84.76 35.97
CA VAL H 1248 47.84 84.63 34.81
C VAL H 1248 47.12 83.87 33.71
N PRO H 1249 47.05 84.38 32.49
CA PRO H 1249 46.45 83.62 31.38
C PRO H 1249 47.29 82.39 31.06
N PRO H 1250 46.65 81.22 30.97
CA PRO H 1250 47.43 79.98 30.74
C PRO H 1250 48.24 80.00 29.45
N GLU H 1251 47.70 80.58 28.38
CA GLU H 1251 48.40 80.63 27.10
C GLU H 1251 49.04 81.97 26.81
N HIS H 1252 49.46 82.70 27.83
CA HIS H 1252 50.13 83.98 27.60
C HIS H 1252 51.48 83.72 26.94
N PRO H 1253 51.75 84.31 25.76
CA PRO H 1253 52.89 83.84 24.95
C PRO H 1253 54.25 84.06 25.59
N HIS H 1254 54.41 85.07 26.45
CA HIS H 1254 55.74 85.42 26.92
C HIS H 1254 56.13 84.64 28.17
N TYR H 1255 55.19 84.46 29.10
CA TYR H 1255 55.46 83.76 30.36
C TYR H 1255 54.66 82.47 30.42
N GLU H 1256 55.28 81.43 30.97
CA GLU H 1256 54.66 80.11 31.09
C GLU H 1256 54.59 79.74 32.57
N VAL H 1257 53.42 79.28 33.01
CA VAL H 1257 53.20 78.89 34.40
C VAL H 1257 52.75 77.44 34.42
N ALA H 1258 53.43 76.62 35.24
CA ALA H 1258 53.12 75.20 35.35
C ALA H 1258 53.13 74.79 36.81
N ARG H 1259 52.19 73.91 37.18
CA ARG H 1259 52.18 73.34 38.52
C ARG H 1259 52.98 72.04 38.54
N MET H 1260 53.71 71.83 39.62
CA MET H 1260 54.37 70.57 39.88
C MET H 1260 53.99 70.10 41.27
N ASP H 1261 53.63 68.84 41.39
CA ASP H 1261 53.12 68.30 42.64
C ASP H 1261 54.26 67.95 43.58
N GLY H 1262 53.97 68.07 44.88
CA GLY H 1262 54.97 67.75 45.88
C GLY H 1262 55.25 66.26 45.91
N THR H 1263 56.48 65.93 46.31
CA THR H 1263 56.93 64.55 46.37
C THR H 1263 57.54 64.28 47.74
N VAL H 1264 58.19 63.12 47.86
CA VAL H 1264 58.82 62.73 49.11
C VAL H 1264 59.96 63.69 49.45
N ASP H 1265 60.66 64.19 48.42
CA ASP H 1265 61.83 65.02 48.68
C ASP H 1265 61.47 66.51 48.69
N THR H 1266 60.48 66.91 47.89
CA THR H 1266 60.19 68.32 47.70
C THR H 1266 58.73 68.60 48.03
N PRO H 1267 58.43 69.81 48.51
CA PRO H 1267 57.04 70.17 48.75
C PRO H 1267 56.36 70.56 47.46
N PRO H 1268 55.04 70.75 47.46
CA PRO H 1268 54.37 71.25 46.26
C PRO H 1268 54.88 72.62 45.86
N CYS H 1269 54.92 72.86 44.55
CA CYS H 1269 55.48 74.09 44.01
C CYS H 1269 54.71 74.52 42.77
N LEU H 1270 54.81 75.81 42.47
CA LEU H 1270 54.30 76.39 41.24
C LEU H 1270 55.49 76.89 40.42
N ARG H 1271 55.62 76.38 39.20
CA ARG H 1271 56.80 76.56 38.38
C ARG H 1271 56.51 77.57 37.28
N LEU H 1272 57.37 78.57 37.13
CA LEU H 1272 57.19 79.56 36.07
C LEU H 1272 58.43 79.58 35.18
N ALA H 1273 58.19 79.66 33.86
CA ALA H 1273 59.25 79.79 32.88
C ALA H 1273 58.88 80.89 31.89
N HIS H 1274 59.89 81.37 31.17
CA HIS H 1274 59.71 82.43 30.18
C HIS H 1274 59.98 81.85 28.80
N ARG H 1275 58.92 81.65 28.02
CA ARG H 1275 59.03 80.92 26.77
C ARG H 1275 59.91 81.65 25.75
N THR H 1276 59.67 82.93 25.55
CA THR H 1276 60.37 83.65 24.48
C THR H 1276 61.82 83.93 24.85
N TRP H 1277 62.19 83.70 26.11
CA TRP H 1277 63.58 83.89 26.52
C TRP H 1277 64.50 82.95 25.77
N GLY H 1278 65.66 83.47 25.37
CA GLY H 1278 66.57 82.72 24.53
C GLY H 1278 66.34 82.88 23.05
N SER H 1279 65.31 83.63 22.65
CA SER H 1279 65.00 83.86 21.24
C SER H 1279 64.83 85.36 21.03
N GLN H 1280 64.96 85.79 19.77
CA GLN H 1280 64.81 87.20 19.45
C GLN H 1280 63.37 87.65 19.68
N ASN H 1281 63.17 88.97 19.67
CA ASN H 1281 61.92 89.71 19.94
C ASN H 1281 61.32 89.35 21.30
N SER H 1282 62.10 88.74 22.19
CA SER H 1282 61.60 88.38 23.52
C SER H 1282 61.26 89.63 24.33
N LEU H 1283 60.24 89.50 25.15
CA LEU H 1283 59.78 90.59 26.01
C LEU H 1283 60.13 90.28 27.47
N VAL H 1284 60.93 91.15 28.08
CA VAL H 1284 61.28 91.05 29.49
C VAL H 1284 60.92 92.35 30.17
N GLU H 1285 60.27 92.25 31.32
CA GLU H 1285 59.82 93.43 32.07
C GLU H 1285 59.76 93.09 33.54
N MET H 1286 59.74 94.13 34.37
CA MET H 1286 59.60 93.94 35.81
C MET H 1286 58.22 93.38 36.11
N LEU H 1287 58.18 92.09 36.47
CA LEU H 1287 56.93 91.37 36.63
C LEU H 1287 56.64 91.14 38.11
N PHE H 1288 55.38 91.34 38.49
CA PHE H 1288 54.92 91.20 39.85
C PHE H 1288 54.01 89.98 39.93
N LEU H 1289 54.32 89.06 40.84
CA LEU H 1289 53.62 87.79 40.96
C LEU H 1289 53.12 87.64 42.38
N ARG H 1290 52.04 86.89 42.56
CA ARG H 1290 51.50 86.63 43.89
C ARG H 1290 50.78 85.29 43.89
N LEU H 1291 50.54 84.79 45.10
CA LEU H 1291 49.65 83.65 45.28
C LEU H 1291 48.19 84.12 45.23
N SER H 1292 47.31 83.24 44.77
CA SER H 1292 45.92 83.63 44.57
C SER H 1292 45.19 83.84 45.89
N LEU H 1293 45.56 83.09 46.92
CA LEU H 1293 44.79 83.05 48.14
C LEU H 1293 45.37 83.98 49.20
N PRO H 1294 44.52 84.59 50.03
CA PRO H 1294 45.01 85.51 51.05
C PRO H 1294 45.32 84.80 52.36
N VAL H 1295 46.03 85.52 53.23
CA VAL H 1295 46.25 85.10 54.61
C VAL H 1295 45.90 86.28 55.51
N GLN H 1296 44.99 86.07 56.45
CA GLN H 1296 44.51 87.12 57.33
C GLN H 1296 44.96 86.84 58.76
N PHE H 1297 45.58 87.83 59.39
CA PHE H 1297 46.04 87.68 60.76
C PHE H 1297 44.87 87.69 61.73
N HIS H 1298 45.11 87.17 62.93
CA HIS H 1298 44.07 87.09 63.94
C HIS H 1298 43.58 88.48 64.34
N GLN H 1299 42.28 88.58 64.63
CA GLN H 1299 41.71 89.86 65.02
C GLN H 1299 42.34 90.38 66.30
N HIS H 1300 42.55 89.50 67.28
CA HIS H 1300 43.18 89.86 68.55
C HIS H 1300 44.52 89.14 68.65
N PHE H 1301 45.61 89.89 68.55
CA PHE H 1301 46.93 89.33 68.76
C PHE H 1301 47.06 88.86 70.21
N ARG H 1302 47.76 87.75 70.40
CA ARG H 1302 47.98 87.27 71.76
C ARG H 1302 48.89 88.24 72.51
N CYS H 1303 48.68 88.33 73.82
CA CYS H 1303 49.41 89.30 74.63
C CYS H 1303 50.88 88.93 74.71
N THR H 1304 51.74 89.90 74.38
CA THR H 1304 53.19 89.72 74.42
C THR H 1304 53.64 88.51 73.60
N ASP H 1419 66.42 61.76 63.74
CA ASP H 1419 65.27 62.45 64.30
C ASP H 1419 64.84 63.61 63.41
N ASN H 1420 64.95 64.83 63.94
CA ASN H 1420 64.58 66.05 63.22
C ASN H 1420 63.11 66.03 62.80
N ARG H 1421 62.29 65.31 63.57
CA ARG H 1421 60.86 65.19 63.31
C ARG H 1421 60.11 66.09 64.27
N ASP H 1422 59.23 66.93 63.72
CA ASP H 1422 58.45 67.84 64.55
C ASP H 1422 57.52 67.06 65.48
N ASP H 1423 57.52 67.45 66.76
CA ASP H 1423 56.65 66.80 67.72
C ASP H 1423 55.19 67.20 67.45
N PRO H 1424 54.26 66.24 67.54
CA PRO H 1424 52.85 66.61 67.32
C PRO H 1424 52.35 67.71 68.24
N GLU H 1425 52.73 67.67 69.52
CA GLU H 1425 52.24 68.68 70.45
C GLU H 1425 52.73 70.06 70.08
N ILE H 1426 54.03 70.21 69.79
CA ILE H 1426 54.57 71.51 69.48
C ILE H 1426 54.05 72.01 68.13
N ILE H 1427 53.87 71.09 67.17
CA ILE H 1427 53.41 71.52 65.84
C ILE H 1427 51.94 71.91 65.89
N LEU H 1428 51.16 71.29 66.77
CA LEU H 1428 49.76 71.72 66.91
C LEU H 1428 49.66 73.01 67.71
N ASN H 1429 50.53 73.20 68.71
CA ASN H 1429 50.43 74.39 69.55
C ASN H 1429 50.95 75.63 68.83
N THR H 1430 51.97 75.49 68.00
CA THR H 1430 52.55 76.64 67.32
C THR H 1430 51.61 77.16 66.23
N THR H 1431 51.84 78.39 65.79
CA THR H 1431 51.02 79.05 64.78
C THR H 1431 51.84 79.88 63.80
N THR H 1432 53.05 79.46 63.48
CA THR H 1432 53.91 80.19 62.55
C THR H 1432 54.01 79.39 61.25
N TYR H 1433 53.88 80.08 60.12
CA TYR H 1433 53.73 79.47 58.81
C TYR H 1433 54.93 79.84 57.94
N TYR H 1434 55.32 78.92 57.07
CA TYR H 1434 56.52 79.06 56.26
C TYR H 1434 56.16 79.06 54.78
N TYR H 1435 56.87 79.87 54.00
CA TYR H 1435 56.61 80.07 52.58
C TYR H 1435 57.93 80.17 51.84
N SER H 1436 58.21 79.20 50.96
CA SER H 1436 59.50 79.13 50.29
C SER H 1436 59.37 79.65 48.85
N VAL H 1437 60.45 80.22 48.35
CA VAL H 1437 60.56 80.59 46.94
C VAL H 1437 61.96 80.20 46.46
N ARG H 1438 62.00 79.49 45.33
CA ARG H 1438 63.26 79.05 44.73
C ARG H 1438 63.58 79.93 43.53
N VAL H 1439 64.73 80.59 43.59
CA VAL H 1439 65.27 81.38 42.48
C VAL H 1439 66.38 80.56 41.82
N PHE H 1440 66.18 80.20 40.56
CA PHE H 1440 67.12 79.37 39.85
C PHE H 1440 68.42 80.13 39.57
N ALA H 1441 69.40 79.40 39.06
CA ALA H 1441 70.59 80.04 38.53
C ALA H 1441 70.24 80.81 37.26
N GLY H 1442 70.81 82.00 37.13
CA GLY H 1442 70.50 82.87 36.02
C GLY H 1442 69.57 84.02 36.34
N GLN H 1443 68.92 84.01 37.50
CA GLN H 1443 68.17 85.15 37.99
C GLN H 1443 68.95 85.80 39.12
N GLU H 1444 69.28 87.08 38.93
CA GLU H 1444 70.10 87.76 39.92
C GLU H 1444 69.28 88.07 41.17
N PRO H 1445 69.89 87.94 42.35
CA PRO H 1445 69.22 88.44 43.56
C PRO H 1445 68.91 89.92 43.47
N SER H 1446 69.70 90.66 42.69
CA SER H 1446 69.35 92.04 42.37
C SER H 1446 68.05 92.11 41.58
N CYS H 1447 67.80 91.11 40.74
CA CYS H 1447 66.58 91.10 39.94
C CYS H 1447 65.40 90.59 40.74
N VAL H 1448 65.65 89.85 41.82
CA VAL H 1448 64.61 89.16 42.56
C VAL H 1448 64.24 89.95 43.81
N TRP H 1449 62.95 90.20 44.00
CA TRP H 1449 62.40 90.73 45.23
C TRP H 1449 61.30 89.79 45.71
N VAL H 1450 61.34 89.39 46.98
CA VAL H 1450 60.42 88.42 47.56
C VAL H 1450 59.84 88.99 48.85
N GLY H 1451 58.52 88.87 49.00
CA GLY H 1451 57.87 89.31 50.22
C GLY H 1451 56.37 89.27 50.08
N TRP H 1452 55.68 89.69 51.14
CA TRP H 1452 54.23 89.71 51.14
C TRP H 1452 53.71 91.09 50.74
N VAL H 1453 52.55 91.11 50.07
CA VAL H 1453 51.94 92.32 49.56
C VAL H 1453 50.53 92.44 50.14
N THR H 1454 50.13 93.66 50.48
CA THR H 1454 48.77 93.90 50.91
C THR H 1454 47.87 94.08 49.68
N PRO H 1455 46.56 93.82 49.83
CA PRO H 1455 45.65 94.01 48.68
C PRO H 1455 45.60 95.44 48.18
N ASP H 1456 45.86 96.42 49.05
CA ASP H 1456 45.78 97.82 48.63
C ASP H 1456 46.91 98.18 47.67
N TYR H 1457 47.96 97.36 47.62
CA TYR H 1457 49.09 97.62 46.74
C TYR H 1457 48.65 97.66 45.28
N HIS H 1458 49.09 98.69 44.56
CA HIS H 1458 48.79 98.83 43.14
C HIS H 1458 49.96 99.40 42.35
N GLN H 1459 51.15 99.52 42.94
CA GLN H 1459 52.27 100.13 42.26
C GLN H 1459 52.78 99.22 41.14
N HIS H 1460 53.04 99.81 39.98
CA HIS H 1460 53.57 99.08 38.82
C HIS H 1460 54.67 99.91 38.19
N ASP H 1461 55.88 99.36 38.15
CA ASP H 1461 57.04 100.07 37.61
C ASP H 1461 58.06 99.06 37.09
N MET H 1462 58.61 99.34 35.90
CA MET H 1462 59.78 98.60 35.43
C MET H 1462 61.00 98.94 36.29
N ASN H 1463 61.10 100.18 36.74
CA ASN H 1463 62.15 100.62 37.66
C ASN H 1463 61.63 100.54 39.10
N PHE H 1464 61.33 99.30 39.50
CA PHE H 1464 60.91 99.04 40.87
C PHE H 1464 62.07 99.28 41.84
N ASP H 1465 61.74 99.74 43.04
CA ASP H 1465 62.73 99.95 44.08
C ASP H 1465 62.12 99.73 45.46
N LEU H 1466 62.90 99.07 46.32
CA LEU H 1466 62.48 98.87 47.70
C LEU H 1466 62.28 100.20 48.41
N SER H 1467 63.06 101.20 48.06
CA SER H 1467 62.80 102.54 48.57
C SER H 1467 61.59 103.17 47.88
N LYS H 1468 61.34 102.79 46.62
CA LYS H 1468 60.22 103.36 45.89
C LYS H 1468 58.88 102.86 46.41
N VAL H 1469 58.89 101.74 47.13
CA VAL H 1469 57.62 101.17 47.61
C VAL H 1469 56.89 102.19 48.49
N ARG H 1470 55.57 102.08 48.50
CA ARG H 1470 54.73 102.98 49.28
C ARG H 1470 54.74 102.60 50.75
N ALA H 1471 55.01 103.58 51.62
CA ALA H 1471 55.09 103.36 53.05
C ALA H 1471 54.89 104.67 53.79
N VAL H 1472 54.23 104.58 54.95
CA VAL H 1472 53.96 105.73 55.80
C VAL H 1472 54.07 105.29 57.26
N THR H 1473 54.39 106.24 58.14
CA THR H 1473 54.52 105.99 59.56
C THR H 1473 53.70 107.01 60.33
N VAL H 1474 52.91 106.54 61.30
CA VAL H 1474 52.01 107.37 62.08
C VAL H 1474 52.43 107.29 63.53
N THR H 1475 52.30 108.40 64.25
CA THR H 1475 52.54 108.44 65.68
C THR H 1475 51.36 109.11 66.37
N MET H 1476 50.77 108.41 67.32
CA MET H 1476 49.70 108.93 68.14
C MET H 1476 50.33 109.38 69.45
N GLY H 1477 50.22 110.67 69.75
CA GLY H 1477 50.93 111.24 70.88
C GLY H 1477 50.05 112.22 71.65
N ASP H 1478 50.48 112.51 72.87
CA ASP H 1478 49.79 113.49 73.71
C ASP H 1478 50.36 114.88 73.45
N GLU H 1479 49.86 115.87 74.20
CA GLU H 1479 50.40 117.23 74.11
C GLU H 1479 51.88 117.25 74.50
N GLN H 1480 52.21 116.68 75.65
CA GLN H 1480 53.61 116.37 75.95
C GLN H 1480 54.06 115.21 75.08
N GLY H 1481 55.36 114.94 75.08
CA GLY H 1481 55.93 113.93 74.19
C GLY H 1481 55.13 112.64 74.17
N ASN H 1482 55.13 111.92 75.29
CA ASN H 1482 54.08 110.95 75.66
C ASN H 1482 53.50 110.22 74.46
N VAL H 1483 54.36 109.50 73.73
CA VAL H 1483 53.90 108.78 72.55
C VAL H 1483 52.88 107.73 72.97
N HIS H 1484 51.62 107.96 72.56
CA HIS H 1484 50.56 107.03 72.92
C HIS H 1484 50.71 105.71 72.16
N SER H 1485 51.13 105.78 70.90
CA SER H 1485 51.31 104.60 70.07
C SER H 1485 52.14 104.98 68.85
N SER H 1486 52.81 103.98 68.28
CA SER H 1486 53.57 104.13 67.05
C SER H 1486 53.11 103.07 66.06
N LEU H 1487 52.82 103.49 64.83
CA LEU H 1487 52.21 102.62 63.84
C LEU H 1487 52.96 102.74 62.52
N LYS H 1488 53.05 101.64 61.79
CA LYS H 1488 53.75 101.60 60.51
C LYS H 1488 52.84 100.93 59.48
N CYS H 1489 52.66 101.59 58.32
CA CYS H 1489 51.82 101.07 57.26
C CYS H 1489 52.64 100.98 55.97
N SER H 1490 52.51 99.85 55.28
CA SER H 1490 53.19 99.64 54.01
C SER H 1490 52.21 99.04 53.01
N ASN H 1491 52.28 99.52 51.77
CA ASN H 1491 51.46 98.92 50.71
C ASN H 1491 51.87 97.47 50.48
N CYS H 1492 53.16 97.19 50.60
CA CYS H 1492 53.69 95.84 50.43
C CYS H 1492 54.99 95.73 51.20
N TYR H 1493 55.31 94.52 51.63
CA TYR H 1493 56.52 94.25 52.39
C TYR H 1493 57.51 93.52 51.49
N MET H 1494 58.33 94.29 50.79
CA MET H 1494 59.41 93.77 49.97
C MET H 1494 60.71 93.95 50.73
N VAL H 1495 61.54 92.90 50.74
CA VAL H 1495 62.91 93.02 51.22
C VAL H 1495 63.80 92.33 50.18
N TRP H 1496 64.95 92.94 49.89
CA TRP H 1496 65.65 92.68 48.65
C TRP H 1496 66.52 91.43 48.75
N GLY H 1497 66.36 90.54 47.77
CA GLY H 1497 67.20 89.35 47.71
C GLY H 1497 68.66 89.70 47.51
N GLY H 1498 68.94 90.84 46.88
CA GLY H 1498 70.31 91.28 46.72
C GLY H 1498 71.02 91.48 48.05
N ASP H 1499 70.33 92.10 49.01
CA ASP H 1499 70.94 92.26 50.33
C ASP H 1499 70.79 90.99 51.16
N PHE H 1500 69.82 90.14 50.84
CA PHE H 1500 69.76 88.81 51.45
C PHE H 1500 71.02 87.99 51.16
N VAL H 1501 71.38 87.84 49.88
CA VAL H 1501 72.35 86.82 49.51
C VAL H 1501 73.74 87.18 50.01
N SER H 1502 74.61 86.18 50.03
CA SER H 1502 76.00 86.38 50.42
C SER H 1502 76.68 87.33 49.43
N PRO H 1503 77.76 88.00 49.85
CA PRO H 1503 78.33 89.05 49.00
C PRO H 1503 78.71 88.53 47.63
N GLY H 1504 78.06 89.09 46.62
CA GLY H 1504 78.26 88.70 45.23
C GLY H 1504 78.89 89.83 44.46
N GLN H 1505 79.89 90.48 45.08
CA GLN H 1505 80.63 91.56 44.44
C GLN H 1505 80.95 91.24 42.99
N GLN H 1506 81.34 90.00 42.71
CA GLN H 1506 81.61 89.57 41.36
C GLN H 1506 81.61 88.04 41.30
N GLY H 1507 81.19 87.51 40.17
CA GLY H 1507 81.19 86.07 39.95
C GLY H 1507 80.09 85.32 40.67
N ARG H 1508 78.93 85.95 40.83
CA ARG H 1508 77.81 85.27 41.47
C ARG H 1508 77.23 84.18 40.58
N ILE H 1509 77.57 84.19 39.29
CA ILE H 1509 77.11 83.15 38.39
C ILE H 1509 77.70 81.82 38.82
N SER H 1510 76.84 80.92 39.31
CA SER H 1510 77.30 79.65 39.85
C SER H 1510 76.13 78.66 39.86
N HIS H 1511 76.46 77.43 40.25
CA HIS H 1511 75.45 76.37 40.30
C HIS H 1511 74.44 76.62 41.42
N THR H 1512 74.80 77.48 42.37
CA THR H 1512 73.95 77.71 43.53
C THR H 1512 72.64 78.37 43.14
N ASP H 1513 71.54 77.85 43.68
CA ASP H 1513 70.21 78.43 43.50
C ASP H 1513 69.72 78.96 44.84
N LEU H 1514 69.11 80.14 44.82
CA LEU H 1514 68.65 80.75 46.06
C LEU H 1514 67.36 80.11 46.52
N VAL H 1515 67.25 79.87 47.83
CA VAL H 1515 66.02 79.40 48.45
C VAL H 1515 65.70 80.35 49.60
N ILE H 1516 64.60 81.08 49.46
CA ILE H 1516 64.21 82.11 50.42
C ILE H 1516 62.98 81.63 51.18
N GLY H 1517 62.97 81.87 52.49
CA GLY H 1517 61.84 81.50 53.31
C GLY H 1517 61.24 82.67 54.07
N CYS H 1518 59.91 82.74 54.09
CA CYS H 1518 59.20 83.76 54.86
C CYS H 1518 58.42 83.06 55.96
N LEU H 1519 58.63 83.49 57.20
CA LEU H 1519 57.95 82.93 58.36
C LEU H 1519 57.04 83.99 58.95
N VAL H 1520 55.73 83.75 58.89
CA VAL H 1520 54.74 84.69 59.39
C VAL H 1520 53.88 83.98 60.43
N ASP H 1521 53.72 84.60 61.59
CA ASP H 1521 52.91 84.04 62.66
C ASP H 1521 51.71 84.96 62.87
N LEU H 1522 50.52 84.44 62.64
CA LEU H 1522 49.31 85.28 62.68
C LEU H 1522 49.03 85.77 64.09
N ALA H 1523 49.34 84.95 65.10
CA ALA H 1523 49.12 85.38 66.48
C ALA H 1523 50.07 86.51 66.87
N THR H 1524 51.34 86.41 66.50
CA THR H 1524 52.29 87.45 66.87
C THR H 1524 52.06 88.73 66.08
N GLY H 1525 51.80 88.60 64.78
CA GLY H 1525 51.91 89.74 63.90
C GLY H 1525 53.33 90.07 63.48
N LEU H 1526 54.31 89.27 63.89
CA LEU H 1526 55.71 89.47 63.56
C LEU H 1526 56.11 88.55 62.42
N MET H 1527 56.77 89.10 61.41
CA MET H 1527 57.20 88.34 60.24
C MET H 1527 58.72 88.40 60.15
N THR H 1528 59.33 87.24 59.97
CA THR H 1528 60.78 87.11 59.83
C THR H 1528 61.10 86.42 58.52
N PHE H 1529 62.37 86.46 58.13
CA PHE H 1529 62.79 85.91 56.86
C PHE H 1529 64.11 85.16 57.00
N THR H 1530 64.29 84.15 56.16
CA THR H 1530 65.53 83.41 56.05
C THR H 1530 66.02 83.52 54.61
N ALA H 1531 67.18 84.15 54.43
CA ALA H 1531 67.66 84.46 53.08
C ALA H 1531 67.94 83.18 52.29
N ASN H 1532 68.75 82.29 52.85
CA ASN H 1532 69.05 81.00 52.24
C ASN H 1532 69.08 79.94 53.33
N GLY H 1533 68.10 80.00 54.23
CA GLY H 1533 68.14 79.24 55.45
C GLY H 1533 68.82 79.95 56.60
N LYS H 1534 69.41 81.13 56.34
CA LYS H 1534 70.01 81.96 57.37
C LYS H 1534 69.03 83.09 57.70
N GLU H 1535 68.74 83.25 58.99
CA GLU H 1535 67.71 84.21 59.40
C GLU H 1535 68.12 85.62 59.03
N SER H 1536 67.20 86.34 58.39
CA SER H 1536 67.48 87.70 57.98
C SER H 1536 67.45 88.65 59.17
N ASN H 1537 68.32 89.67 59.13
CA ASN H 1537 68.28 90.69 60.16
C ASN H 1537 67.00 91.51 60.07
N THR H 1538 66.42 91.60 58.88
CA THR H 1538 65.18 92.35 58.71
C THR H 1538 63.98 91.55 59.22
N PHE H 1539 63.09 92.25 59.90
CA PHE H 1539 61.83 91.68 60.37
C PHE H 1539 60.81 92.80 60.46
N PHE H 1540 59.53 92.43 60.37
CA PHE H 1540 58.47 93.43 60.35
C PHE H 1540 57.35 93.06 61.31
N GLN H 1541 56.52 94.05 61.63
CA GLN H 1541 55.35 93.87 62.47
C GLN H 1541 54.14 94.45 61.75
N VAL H 1542 53.01 93.74 61.82
CA VAL H 1542 51.80 94.11 61.09
C VAL H 1542 50.66 94.31 62.07
N GLU H 1543 49.61 95.01 61.62
CA GLU H 1543 48.46 95.26 62.46
C GLU H 1543 47.58 94.01 62.56
N PRO H 1544 46.76 93.90 63.61
CA PRO H 1544 45.81 92.78 63.69
C PRO H 1544 44.78 92.87 62.58
N ASN H 1545 44.28 91.71 62.17
CA ASN H 1545 43.27 91.49 61.13
C ASN H 1545 43.78 91.92 59.76
N THR H 1546 45.08 92.19 59.62
CA THR H 1546 45.63 92.57 58.32
C THR H 1546 45.67 91.36 57.39
N LYS H 1547 45.40 91.60 56.11
CA LYS H 1547 45.38 90.56 55.09
C LYS H 1547 46.57 90.77 54.15
N LEU H 1548 47.21 89.68 53.76
CA LEU H 1548 48.41 89.72 52.94
C LEU H 1548 48.37 88.62 51.88
N PHE H 1549 49.09 88.87 50.78
CA PHE H 1549 49.32 87.89 49.73
C PHE H 1549 50.80 87.53 49.70
N PRO H 1550 51.16 86.26 49.59
CA PRO H 1550 52.54 85.92 49.22
C PRO H 1550 52.84 86.46 47.84
N ALA H 1551 54.05 86.96 47.64
CA ALA H 1551 54.36 87.62 46.37
C ALA H 1551 55.85 87.58 46.08
N VAL H 1552 56.18 87.79 44.82
CA VAL H 1552 57.57 87.92 44.34
C VAL H 1552 57.59 88.94 43.23
N PHE H 1553 58.50 89.92 43.33
CA PHE H 1553 58.73 90.89 42.27
C PHE H 1553 60.07 90.54 41.63
N VAL H 1554 60.05 90.28 40.32
CA VAL H 1554 61.20 89.68 39.65
C VAL H 1554 61.41 90.34 38.29
N LEU H 1555 62.58 90.10 37.71
CA LEU H 1555 62.92 90.45 36.34
C LEU H 1555 63.49 89.24 35.64
N PRO H 1556 62.90 88.78 34.54
CA PRO H 1556 63.36 87.53 33.91
C PRO H 1556 64.73 87.68 33.25
N THR H 1557 65.67 86.83 33.64
CA THR H 1557 67.02 86.83 33.09
C THR H 1557 67.52 85.44 32.75
N HIS H 1558 66.66 84.42 32.81
CA HIS H 1558 67.04 83.05 32.48
C HIS H 1558 65.79 82.26 32.12
N GLN H 1559 65.99 81.15 31.41
CA GLN H 1559 64.87 80.32 30.98
C GLN H 1559 64.08 79.78 32.17
N ASN H 1560 64.79 79.28 33.18
CA ASN H 1560 64.19 78.70 34.37
C ASN H 1560 63.98 79.82 35.38
N VAL H 1561 62.73 80.27 35.53
CA VAL H 1561 62.52 81.56 36.20
C VAL H 1561 62.45 81.38 37.71
N ILE H 1562 61.43 80.71 38.23
CA ILE H 1562 61.17 80.74 39.66
C ILE H 1562 60.21 79.63 40.04
N GLN H 1563 60.27 79.21 41.31
CA GLN H 1563 59.34 78.26 41.91
C GLN H 1563 58.73 78.86 43.17
N PHE H 1564 57.41 78.75 43.30
CA PHE H 1564 56.67 79.14 44.49
C PHE H 1564 56.40 77.89 45.30
N GLU H 1565 57.18 77.68 46.37
CA GLU H 1565 57.15 76.43 47.13
C GLU H 1565 56.30 76.61 48.38
N LEU H 1566 55.32 75.73 48.55
CA LEU H 1566 54.51 75.68 49.76
C LEU H 1566 54.92 74.43 50.54
N GLY H 1567 55.68 74.64 51.62
CA GLY H 1567 56.18 73.53 52.41
C GLY H 1567 56.30 73.92 53.86
N LYS H 1568 56.70 72.95 54.67
CA LYS H 1568 56.84 73.13 56.10
C LYS H 1568 58.30 72.93 56.51
N GLN H 1569 58.83 73.90 57.26
CA GLN H 1569 60.07 73.67 57.99
C GLN H 1569 59.77 72.92 59.28
N LYS H 1570 60.77 72.19 59.78
CA LYS H 1570 60.56 71.43 61.01
C LYS H 1570 60.19 72.36 62.16
N ASN H 1571 59.01 72.10 62.75
CA ASN H 1571 58.32 72.88 63.78
C ASN H 1571 57.65 74.13 63.23
N ILE H 1572 57.62 74.35 61.92
CA ILE H 1572 56.97 75.50 61.30
C ILE H 1572 55.92 74.96 60.34
N MET H 1573 54.78 75.65 60.24
CA MET H 1573 53.55 75.08 59.71
C MET H 1573 53.48 75.16 58.18
N PRO H 1574 52.64 74.35 57.53
CA PRO H 1574 52.35 74.59 56.11
C PRO H 1574 51.43 75.79 55.89
N LEU H 1575 51.69 76.51 54.80
CA LEU H 1575 50.99 77.76 54.54
C LEU H 1575 49.57 77.51 54.06
N SER H 1576 49.31 76.31 53.51
CA SER H 1576 47.93 75.95 53.16
C SER H 1576 47.04 75.96 54.39
N ALA H 1577 47.60 75.60 55.55
CA ALA H 1577 46.87 75.73 56.79
C ALA H 1577 46.51 77.17 57.08
N ALA H 1578 47.42 78.09 56.77
CA ALA H 1578 47.14 79.51 56.95
C ALA H 1578 46.02 79.97 56.03
N MET H 1579 46.06 79.58 54.75
CA MET H 1579 45.00 80.01 53.83
C MET H 1579 43.65 79.41 54.21
N PHE H 1580 43.58 78.11 54.42
CA PHE H 1580 42.30 77.42 54.57
C PHE H 1580 42.11 76.90 55.99
N LEU H 1581 40.91 77.15 56.54
CA LEU H 1581 40.59 76.72 57.89
C LEU H 1581 40.31 75.23 57.96
N SER H 1582 39.70 74.67 56.93
CA SER H 1582 39.19 73.30 57.00
C SER H 1582 40.30 72.29 57.25
N GLU H 1583 41.43 72.45 56.57
CA GLU H 1583 42.56 71.54 56.75
C GLU H 1583 43.72 72.17 57.51
N ARG H 1584 43.46 73.24 58.27
CA ARG H 1584 44.56 73.93 58.95
C ARG H 1584 45.17 73.07 60.05
N LYS H 1585 44.44 72.06 60.51
CA LYS H 1585 44.98 71.16 61.53
C LYS H 1585 46.06 70.24 60.95
N ASN H 1586 45.91 69.87 59.69
CA ASN H 1586 46.84 68.92 59.09
C ASN H 1586 48.20 69.59 58.87
N PRO H 1587 49.28 69.06 59.44
CA PRO H 1587 50.60 69.68 59.22
C PRO H 1587 51.21 69.31 57.88
N ALA H 1588 50.59 68.40 57.13
CA ALA H 1588 51.17 67.98 55.87
C ALA H 1588 51.02 69.08 54.83
N PRO H 1589 52.09 69.45 54.14
CA PRO H 1589 51.99 70.47 53.09
C PRO H 1589 51.09 70.00 51.94
N GLN H 1590 50.35 70.95 51.38
CA GLN H 1590 49.44 70.68 50.28
C GLN H 1590 49.21 71.96 49.49
N CYS H 1591 49.08 71.83 48.17
CA CYS H 1591 48.82 72.98 47.32
C CYS H 1591 47.44 72.84 46.72
N PRO H 1592 46.44 73.59 47.20
CA PRO H 1592 45.09 73.45 46.67
C PRO H 1592 45.03 73.89 45.22
N PRO H 1593 44.17 73.26 44.41
CA PRO H 1593 44.02 73.72 43.01
C PRO H 1593 43.53 75.14 42.90
N ARG H 1594 42.79 75.62 43.90
CA ARG H 1594 42.28 77.00 43.87
C ARG H 1594 43.43 78.00 43.91
N LEU H 1595 44.57 77.60 44.48
CA LEU H 1595 45.74 78.47 44.48
C LEU H 1595 46.43 78.46 43.13
N GLU H 1596 46.61 79.63 42.53
CA GLU H 1596 47.36 79.74 41.29
C GLU H 1596 48.22 80.99 41.34
N VAL H 1597 49.23 81.04 40.46
CA VAL H 1597 50.02 82.24 40.28
C VAL H 1597 49.18 83.30 39.60
N GLN H 1598 49.26 84.53 40.09
CA GLN H 1598 48.50 85.65 39.56
C GLN H 1598 49.40 86.88 39.49
N MET H 1599 49.10 87.78 38.56
CA MET H 1599 49.96 88.91 38.24
C MET H 1599 49.14 90.20 38.18
N LEU H 1600 49.83 91.34 38.15
CA LEU H 1600 49.14 92.62 38.15
C LEU H 1600 48.96 93.15 36.73
N MET H 1601 47.71 93.37 36.34
CA MET H 1601 47.35 93.76 34.99
C MET H 1601 46.96 95.24 35.02
N PRO H 1602 47.66 96.12 34.29
CA PRO H 1602 47.44 97.57 34.48
C PRO H 1602 46.05 98.06 34.08
N VAL H 1603 45.52 97.65 32.93
CA VAL H 1603 44.28 98.20 32.40
C VAL H 1603 43.15 97.21 32.64
N SER H 1604 42.03 97.69 33.15
CA SER H 1604 40.85 96.87 33.42
C SER H 1604 39.58 97.57 32.96
N TRP H 1605 38.75 96.88 32.21
CA TRP H 1605 37.49 97.47 31.75
C TRP H 1605 36.57 97.77 32.92
N SER H 1606 35.86 98.90 32.83
CA SER H 1606 34.89 99.26 33.87
C SER H 1606 33.74 100.05 33.25
N ARG H 1607 32.62 100.10 33.97
CA ARG H 1607 31.45 100.82 33.49
C ARG H 1607 31.42 102.23 34.07
N MET H 1608 30.64 103.12 33.44
CA MET H 1608 30.32 104.40 34.04
C MET H 1608 29.48 104.18 35.30
N PRO H 1609 29.48 105.15 36.21
CA PRO H 1609 28.28 105.35 37.02
C PRO H 1609 27.20 105.94 36.13
N ASN H 1610 26.16 105.13 35.86
CA ASN H 1610 25.15 105.51 34.87
C ASN H 1610 24.55 106.88 35.18
N HIS H 1611 24.44 107.22 36.47
CA HIS H 1611 24.13 108.56 36.91
C HIS H 1611 25.28 109.05 37.77
N PHE H 1612 25.66 110.31 37.61
CA PHE H 1612 26.84 110.87 38.25
C PHE H 1612 26.44 111.83 39.36
N LEU H 1613 27.29 111.94 40.38
CA LEU H 1613 27.09 112.94 41.41
C LEU H 1613 27.30 114.34 40.82
N GLN H 1614 26.39 115.24 41.16
CA GLN H 1614 26.42 116.61 40.65
C GLN H 1614 26.83 117.56 41.77
N VAL H 1615 27.88 118.34 41.52
CA VAL H 1615 28.48 119.19 42.54
C VAL H 1615 28.62 120.59 41.97
N GLU H 1616 28.33 121.59 42.79
CA GLU H 1616 28.47 122.99 42.41
C GLU H 1616 29.61 123.62 43.20
N THR H 1617 30.61 124.14 42.51
CA THR H 1617 31.74 124.83 43.12
C THR H 1617 31.78 126.25 42.61
N ARG H 1618 31.80 127.21 43.54
CA ARG H 1618 31.75 128.62 43.19
C ARG H 1618 32.40 129.42 44.30
N ARG H 1619 33.20 130.42 43.92
CA ARG H 1619 33.86 131.28 44.90
C ARG H 1619 32.86 132.31 45.40
N ALA H 1620 32.38 132.13 46.63
CA ALA H 1620 31.33 133.00 47.15
C ALA H 1620 31.81 134.45 47.23
N GLY H 1621 33.06 134.66 47.62
CA GLY H 1621 33.60 136.01 47.67
C GLY H 1621 35.06 136.01 48.05
N GLU H 1622 35.66 137.21 47.99
CA GLU H 1622 37.04 137.38 48.44
C GLU H 1622 37.18 136.96 49.91
N ARG H 1623 36.31 137.49 50.77
CA ARG H 1623 36.33 137.13 52.18
C ARG H 1623 35.72 135.76 52.41
N LEU H 1624 34.79 135.35 51.57
CA LEU H 1624 34.01 134.14 51.86
C LEU H 1624 34.79 132.87 51.56
N GLY H 1625 35.58 132.86 50.49
CA GLY H 1625 36.26 131.64 50.07
C GLY H 1625 35.42 130.84 49.09
N TRP H 1626 35.83 129.59 48.86
CA TRP H 1626 35.20 128.79 47.82
C TRP H 1626 34.18 127.82 48.43
N ALA H 1627 32.95 127.89 47.94
CA ALA H 1627 31.87 127.02 48.41
C ALA H 1627 31.69 125.86 47.44
N VAL H 1628 31.77 124.64 47.96
CA VAL H 1628 31.53 123.42 47.21
C VAL H 1628 30.35 122.72 47.85
N GLN H 1629 29.31 122.46 47.07
CA GLN H 1629 28.04 121.99 47.59
C GLN H 1629 27.52 120.83 46.75
N CYS H 1630 26.97 119.82 47.42
CA CYS H 1630 26.43 118.64 46.77
C CYS H 1630 25.35 118.04 47.66
N GLN H 1631 24.11 118.03 47.17
CA GLN H 1631 22.96 117.65 47.98
C GLN H 1631 22.16 116.50 47.40
N ASP H 1632 22.56 115.98 46.24
CA ASP H 1632 21.80 114.92 45.58
C ASP H 1632 22.34 113.55 45.96
N PRO H 1633 21.56 112.73 46.67
CA PRO H 1633 22.07 111.42 47.10
C PRO H 1633 21.96 110.37 46.00
N LEU H 1634 23.00 109.56 45.86
CA LEU H 1634 23.02 108.48 44.88
C LEU H 1634 23.78 107.29 45.46
N THR H 1635 23.21 106.10 45.35
CA THR H 1635 23.78 104.90 45.92
C THR H 1635 23.79 103.78 44.89
N MET H 1636 24.67 102.81 45.11
CA MET H 1636 24.82 101.66 44.22
C MET H 1636 24.92 100.39 45.04
N MET H 1637 24.56 99.26 44.43
CA MET H 1637 24.92 97.98 45.01
C MET H 1637 26.32 97.59 44.57
N ALA H 1638 27.10 97.06 45.51
CA ALA H 1638 28.46 96.65 45.25
C ALA H 1638 28.68 95.22 45.75
N LEU H 1639 29.04 94.35 44.83
CA LEU H 1639 29.39 92.96 45.15
C LEU H 1639 30.83 92.95 45.67
N HIS H 1640 30.98 92.68 46.96
CA HIS H 1640 32.28 92.75 47.62
C HIS H 1640 32.93 91.37 47.60
N ILE H 1641 34.15 91.32 47.05
CA ILE H 1641 34.99 90.13 47.10
C ILE H 1641 35.96 90.31 48.26
N PRO H 1642 35.91 89.47 49.30
CA PRO H 1642 36.88 89.60 50.40
C PRO H 1642 38.28 89.17 50.02
N GLU H 1643 38.41 88.11 49.22
CA GLU H 1643 39.73 87.69 48.77
C GLU H 1643 40.40 88.80 47.97
N GLU H 1644 39.70 89.36 46.99
CA GLU H 1644 40.20 90.53 46.29
C GLU H 1644 40.08 91.77 47.17
N ASN H 1645 39.24 91.69 48.20
CA ASN H 1645 39.06 92.77 49.20
C ASN H 1645 38.66 94.08 48.54
N ARG H 1646 37.71 94.02 47.62
CA ARG H 1646 37.15 95.22 47.02
C ARG H 1646 35.82 94.90 46.35
N CYS H 1647 35.12 95.95 45.95
CA CYS H 1647 33.73 95.84 45.50
C CYS H 1647 33.62 96.14 44.02
N MET H 1648 32.83 95.33 43.32
CA MET H 1648 32.51 95.51 41.92
C MET H 1648 31.09 96.05 41.79
N ASP H 1649 30.82 96.76 40.69
CA ASP H 1649 29.45 97.13 40.39
C ASP H 1649 28.71 95.94 39.79
N ILE H 1650 27.46 95.76 40.20
CA ILE H 1650 26.65 94.68 39.64
C ILE H 1650 26.38 94.97 38.16
N LEU H 1651 26.41 96.24 37.77
CA LEU H 1651 26.26 96.57 36.36
C LEU H 1651 27.48 96.14 35.55
N GLU H 1652 28.66 96.11 36.18
CA GLU H 1652 29.83 95.50 35.55
C GLU H 1652 29.73 93.97 35.60
N LEU H 1653 29.15 93.45 36.68
CA LEU H 1653 28.88 92.02 36.78
C LEU H 1653 27.98 91.58 35.63
N SER H 1654 27.13 92.47 35.13
CA SER H 1654 26.30 92.17 33.97
C SER H 1654 27.16 91.76 32.78
N GLU H 1655 28.23 92.51 32.49
CA GLU H 1655 29.13 92.11 31.42
C GLU H 1655 29.95 90.89 31.79
N ARG H 1656 30.37 90.79 33.06
CA ARG H 1656 31.15 89.65 33.51
C ARG H 1656 30.19 88.53 33.90
N LEU H 1657 29.82 87.70 32.92
CA LEU H 1657 28.76 86.71 33.13
C LEU H 1657 29.17 85.62 34.10
N ASP H 1658 30.43 85.20 34.06
CA ASP H 1658 30.86 84.07 34.90
C ASP H 1658 30.64 84.37 36.39
N LEU H 1659 31.14 85.50 36.86
CA LEU H 1659 30.87 85.90 38.24
C LEU H 1659 29.39 86.21 38.42
N GLN H 1660 28.75 86.74 37.37
CA GLN H 1660 27.30 86.93 37.40
C GLN H 1660 26.58 85.59 37.50
N ARG H 1661 27.07 84.57 36.80
CA ARG H 1661 26.50 83.25 36.93
C ARG H 1661 26.65 82.71 38.34
N PHE H 1662 27.82 82.94 38.96
CA PHE H 1662 28.00 82.50 40.34
C PHE H 1662 27.06 83.25 41.28
N HIS H 1663 26.84 84.54 41.03
CA HIS H 1663 25.89 85.29 41.85
C HIS H 1663 24.47 84.76 41.68
N SER H 1664 24.10 84.38 40.46
CA SER H 1664 22.78 83.79 40.24
C SER H 1664 22.64 82.46 40.97
N HIS H 1665 23.69 81.64 40.94
CA HIS H 1665 23.65 80.37 41.68
C HIS H 1665 23.60 80.62 43.18
N THR H 1666 24.28 81.68 43.65
CA THR H 1666 24.15 82.09 45.05
C THR H 1666 22.72 82.46 45.38
N LEU H 1667 22.06 83.18 44.49
CA LEU H 1667 20.66 83.55 44.70
C LEU H 1667 19.78 82.32 44.76
N ARG H 1668 20.04 81.34 43.89
CA ARG H 1668 19.30 80.09 43.91
C ARG H 1668 19.51 79.34 45.22
N LEU H 1669 20.76 79.30 45.70
CA LEU H 1669 21.03 78.64 46.98
C LEU H 1669 20.33 79.34 48.13
N TYR H 1670 20.32 80.68 48.11
CA TYR H 1670 19.61 81.43 49.14
C TYR H 1670 18.11 81.10 49.11
N ARG H 1671 17.53 81.04 47.91
CA ARG H 1671 16.14 80.61 47.78
C ARG H 1671 15.93 79.22 48.37
N ALA H 1672 16.84 78.29 48.06
CA ALA H 1672 16.69 76.92 48.53
C ALA H 1672 16.75 76.85 50.05
N VAL H 1673 17.67 77.58 50.67
CA VAL H 1673 17.83 77.50 52.12
C VAL H 1673 16.64 78.18 52.82
N CYS H 1674 16.12 79.26 52.25
CA CYS H 1674 14.98 79.92 52.88
C CYS H 1674 13.64 79.35 52.42
N ALA H 1675 13.64 78.33 51.57
CA ALA H 1675 12.42 77.86 50.94
C ALA H 1675 11.59 77.02 51.91
N LEU H 1676 10.31 76.86 51.56
CA LEU H 1676 9.37 75.99 52.26
C LEU H 1676 9.22 76.38 53.74
N GLY H 1677 9.11 77.68 53.99
CA GLY H 1677 8.72 78.16 55.31
C GLY H 1677 9.68 77.86 56.43
N ASN H 1678 10.98 77.84 56.14
CA ASN H 1678 12.01 77.75 57.18
C ASN H 1678 12.26 79.17 57.68
N ASN H 1679 11.43 79.58 58.63
CA ASN H 1679 11.39 81.00 59.02
C ASN H 1679 12.68 81.45 59.67
N ARG H 1680 13.33 80.58 60.44
CA ARG H 1680 14.59 80.97 61.06
C ARG H 1680 15.65 81.29 60.01
N VAL H 1681 15.79 80.42 59.02
CA VAL H 1681 16.73 80.68 57.93
C VAL H 1681 16.27 81.88 57.12
N ALA H 1682 14.97 82.10 57.02
CA ALA H 1682 14.45 83.26 56.30
C ALA H 1682 14.88 84.56 56.97
N HIS H 1683 14.76 84.63 58.30
CA HIS H 1683 15.22 85.81 59.03
C HIS H 1683 16.74 85.95 58.96
N ALA H 1684 17.46 84.82 59.03
CA ALA H 1684 18.91 84.89 58.87
C ALA H 1684 19.28 85.48 57.52
N LEU H 1685 18.64 85.02 56.45
CA LEU H 1685 18.91 85.53 55.11
C LEU H 1685 18.47 86.98 54.97
N CYS H 1686 17.38 87.35 55.66
CA CYS H 1686 16.94 88.73 55.67
C CYS H 1686 18.01 89.63 56.30
N SER H 1687 18.70 89.12 57.32
CA SER H 1687 19.83 89.84 57.88
C SER H 1687 21.00 89.88 56.89
N HIS H 1688 21.32 88.75 56.26
CA HIS H 1688 22.47 88.69 55.37
C HIS H 1688 22.32 89.64 54.19
N VAL H 1689 21.15 89.66 53.56
CA VAL H 1689 20.88 90.49 52.39
C VAL H 1689 19.95 91.62 52.82
N ASP H 1690 20.41 92.85 52.66
CA ASP H 1690 19.65 94.01 53.07
C ASP H 1690 18.34 94.12 52.31
N GLN H 1691 17.29 94.60 52.99
CA GLN H 1691 15.99 94.73 52.38
C GLN H 1691 15.95 95.89 51.39
N ALA H 1692 16.55 97.03 51.77
CA ALA H 1692 16.62 98.14 50.82
C ALA H 1692 17.42 97.76 49.60
N GLN H 1693 18.36 96.83 49.74
CA GLN H 1693 19.01 96.26 48.57
C GLN H 1693 18.01 95.62 47.62
N LEU H 1694 17.11 94.80 48.17
CA LEU H 1694 16.08 94.17 47.34
C LEU H 1694 15.19 95.21 46.69
N LEU H 1695 14.80 96.23 47.44
CA LEU H 1695 13.94 97.27 46.88
C LEU H 1695 14.63 98.02 45.74
N HIS H 1696 15.86 98.48 45.98
CA HIS H 1696 16.57 99.23 44.94
C HIS H 1696 16.91 98.32 43.75
N ALA H 1697 17.09 97.03 44.01
CA ALA H 1697 17.25 96.08 42.91
C ALA H 1697 15.99 96.00 42.07
N LEU H 1698 14.83 95.98 42.72
CA LEU H 1698 13.57 96.01 41.99
C LEU H 1698 13.46 97.27 41.15
N GLU H 1699 13.93 98.40 41.71
CA GLU H 1699 13.90 99.66 40.97
C GLU H 1699 14.82 99.62 39.75
N ASP H 1700 16.03 99.10 39.92
CA ASP H 1700 17.08 99.25 38.93
C ASP H 1700 16.79 98.42 37.68
N ALA H 1701 16.97 99.05 36.51
CA ALA H 1701 16.77 98.34 35.25
C ALA H 1701 18.09 98.00 34.59
N HIS H 1702 19.17 98.71 34.95
CA HIS H 1702 20.49 98.41 34.40
C HIS H 1702 20.97 97.03 34.83
N LEU H 1703 20.40 96.47 35.88
CA LEU H 1703 20.86 95.21 36.42
C LEU H 1703 20.55 94.09 35.43
N PRO H 1704 21.45 93.12 35.27
CA PRO H 1704 21.23 92.07 34.26
C PRO H 1704 20.00 91.23 34.57
N GLY H 1705 19.36 90.72 33.52
CA GLY H 1705 18.10 90.01 33.63
C GLY H 1705 18.11 88.78 34.51
N PRO H 1706 19.08 87.87 34.37
CA PRO H 1706 19.10 86.71 35.28
C PRO H 1706 19.22 87.08 36.75
N LEU H 1707 20.09 88.04 37.08
CA LEU H 1707 20.20 88.48 38.47
C LEU H 1707 18.95 89.22 38.91
N ARG H 1708 18.27 89.89 37.97
CA ARG H 1708 17.01 90.55 38.29
C ARG H 1708 15.95 89.53 38.69
N ALA H 1709 15.78 88.49 37.87
CA ALA H 1709 14.85 87.42 38.22
C ALA H 1709 15.27 86.76 39.52
N GLY H 1710 16.57 86.61 39.75
CA GLY H 1710 17.03 86.03 41.00
C GLY H 1710 16.65 86.86 42.21
N TYR H 1711 16.84 88.18 42.12
CA TYR H 1711 16.47 89.06 43.23
C TYR H 1711 14.97 89.04 43.47
N TYR H 1712 14.18 89.06 42.40
CA TYR H 1712 12.72 89.00 42.56
C TYR H 1712 12.30 87.71 43.25
N ASP H 1713 12.81 86.57 42.78
CA ASP H 1713 12.44 85.29 43.37
C ASP H 1713 12.96 85.17 44.79
N LEU H 1714 14.12 85.75 45.08
CA LEU H 1714 14.62 85.73 46.45
C LEU H 1714 13.73 86.53 47.38
N LEU H 1715 13.25 87.69 46.92
CA LEU H 1715 12.30 88.45 47.73
C LEU H 1715 11.04 87.64 47.98
N ILE H 1716 10.55 86.96 46.95
CA ILE H 1716 9.38 86.09 47.12
C ILE H 1716 9.66 85.01 48.16
N SER H 1717 10.82 84.38 48.08
CA SER H 1717 11.11 83.23 48.94
C SER H 1717 11.56 83.67 50.34
N ILE H 1718 11.77 84.97 50.53
CA ILE H 1718 12.07 85.46 51.87
C ILE H 1718 10.79 85.92 52.57
N HIS H 1719 9.94 86.66 51.86
CA HIS H 1719 8.78 87.26 52.52
C HIS H 1719 7.46 86.67 52.06
N LEU H 1720 7.32 86.35 50.77
CA LEU H 1720 5.99 86.11 50.23
C LEU H 1720 5.59 84.63 50.31
N GLU H 1721 6.57 83.73 50.42
CA GLU H 1721 6.31 82.32 50.13
C GLU H 1721 5.35 81.70 51.15
N SER H 1722 5.58 81.92 52.44
CA SER H 1722 4.80 81.21 53.46
C SER H 1722 3.38 81.74 53.52
N ALA H 1723 3.22 83.07 53.52
CA ALA H 1723 1.90 83.65 53.54
C ALA H 1723 1.13 83.31 52.27
N CYS H 1724 1.82 83.28 51.12
CA CYS H 1724 1.16 82.89 49.88
C CYS H 1724 0.67 81.44 49.96
N ARG H 1725 1.50 80.53 50.47
CA ARG H 1725 1.08 79.14 50.58
C ARG H 1725 -0.11 78.98 51.51
N SER H 1726 -0.05 79.59 52.69
CA SER H 1726 -1.15 79.48 53.64
C SER H 1726 -2.42 80.11 53.07
N ARG H 1727 -2.29 81.26 52.43
CA ARG H 1727 -3.45 81.93 51.84
C ARG H 1727 -4.07 81.09 50.74
N ARG H 1728 -3.25 80.47 49.89
CA ARG H 1728 -3.79 79.60 48.84
C ARG H 1728 -4.51 78.40 49.45
N SER H 1729 -3.90 77.79 50.47
CA SER H 1729 -4.51 76.62 51.09
C SER H 1729 -5.86 76.96 51.71
N MET H 1730 -5.96 78.13 52.34
CA MET H 1730 -7.24 78.54 52.93
C MET H 1730 -8.21 79.03 51.85
N LEU H 1731 -7.69 79.56 50.75
CA LEU H 1731 -8.53 80.11 49.70
C LEU H 1731 -9.20 79.01 48.88
N SER H 1732 -8.56 77.84 48.80
CA SER H 1732 -9.18 76.72 48.11
C SER H 1732 -10.54 76.37 48.72
N GLU H 1733 -10.66 76.51 50.04
CA GLU H 1733 -11.92 76.20 50.70
C GLU H 1733 -12.74 77.46 50.93
N TYR H 1734 -14.07 77.32 50.86
CA TYR H 1734 -15.01 78.43 50.97
C TYR H 1734 -15.85 78.25 52.25
N ILE H 1735 -15.70 79.20 53.18
CA ILE H 1735 -16.52 79.27 54.38
C ILE H 1735 -17.14 80.67 54.44
N VAL H 1736 -18.43 80.74 54.74
CA VAL H 1736 -19.18 81.99 54.70
C VAL H 1736 -19.81 82.21 56.07
N PRO H 1737 -19.50 83.31 56.76
CA PRO H 1737 -20.20 83.60 58.01
C PRO H 1737 -21.49 84.39 57.77
N LEU H 1738 -22.28 84.51 58.83
CA LEU H 1738 -23.50 85.31 58.75
C LEU H 1738 -23.25 86.72 59.26
N THR H 1739 -23.54 87.70 58.41
CA THR H 1739 -23.21 89.10 58.68
C THR H 1739 -24.28 89.99 58.06
N PRO H 1740 -24.57 91.13 58.68
CA PRO H 1740 -25.38 92.14 57.96
C PRO H 1740 -24.76 92.56 56.64
N GLU H 1741 -23.43 92.68 56.59
CA GLU H 1741 -22.78 92.94 55.31
C GLU H 1741 -23.01 91.78 54.34
N THR H 1742 -22.94 90.54 54.84
CA THR H 1742 -23.29 89.40 54.01
C THR H 1742 -24.69 89.55 53.43
N ARG H 1743 -25.66 89.89 54.27
CA ARG H 1743 -27.02 90.14 53.78
CA ARG H 1743 -27.02 90.15 53.79
C ARG H 1743 -27.02 91.21 52.70
N ALA H 1744 -26.20 92.24 52.87
CA ALA H 1744 -26.16 93.34 51.91
C ALA H 1744 -25.65 92.90 50.55
N ILE H 1745 -24.59 92.08 50.52
CA ILE H 1745 -23.93 91.77 49.25
C ILE H 1745 -24.84 90.95 48.35
N THR H 1746 -24.75 91.21 47.04
CA THR H 1746 -25.52 90.50 46.02
C THR H 1746 -24.60 90.14 44.85
N LEU H 1747 -25.15 89.36 43.91
CA LEU H 1747 -24.41 89.04 42.69
C LEU H 1747 -24.08 90.29 41.89
N PHE H 1748 -25.08 91.12 41.60
CA PHE H 1748 -24.94 92.22 40.67
C PHE H 1748 -25.17 93.55 41.38
N PRO H 1749 -24.33 94.55 41.15
CA PRO H 1749 -24.60 95.88 41.70
C PRO H 1749 -25.79 96.51 41.03
N PRO H 1750 -26.71 97.10 41.80
CA PRO H 1750 -27.85 97.80 41.19
C PRO H 1750 -27.38 99.02 40.40
N GLY H 1751 -28.14 99.35 39.35
CA GLY H 1751 -27.78 100.48 38.52
C GLY H 1751 -28.92 100.82 37.57
N ARG H 1752 -28.70 101.91 36.82
CA ARG H 1752 -29.68 102.34 35.83
C ARG H 1752 -29.89 101.27 34.76
N LYS H 1753 -28.85 100.49 34.46
CA LYS H 1753 -28.97 99.40 33.51
C LYS H 1753 -29.93 98.33 34.03
N GLY H 1754 -30.62 97.68 33.11
CA GLY H 1754 -31.63 96.71 33.50
C GLY H 1754 -31.03 95.59 34.34
N GLY H 1755 -31.81 95.14 35.33
CA GLY H 1755 -31.29 94.18 36.30
C GLY H 1755 -30.83 92.88 35.66
N ASN H 1756 -31.62 92.34 34.73
CA ASN H 1756 -31.23 91.11 34.06
C ASN H 1756 -30.05 91.34 33.13
N ALA H 1757 -29.94 92.54 32.57
CA ALA H 1757 -28.90 92.87 31.60
C ALA H 1757 -27.70 93.60 32.21
N ARG H 1758 -27.57 93.61 33.53
CA ARG H 1758 -26.51 94.38 34.18
C ARG H 1758 -25.13 93.96 33.70
N ARG H 1759 -24.28 94.95 33.47
CA ARG H 1759 -22.86 94.71 33.23
C ARG H 1759 -22.27 93.91 34.38
N HIS H 1760 -21.55 92.84 34.03
CA HIS H 1760 -20.84 92.07 35.05
C HIS H 1760 -19.83 92.95 35.77
N GLY H 1761 -19.87 92.89 37.10
CA GLY H 1761 -18.95 93.69 37.88
C GLY H 1761 -17.51 93.25 37.68
N LEU H 1762 -16.60 94.21 37.83
CA LEU H 1762 -15.19 93.90 37.71
C LEU H 1762 -14.79 92.89 38.78
N PRO H 1763 -14.06 91.83 38.41
CA PRO H 1763 -13.73 90.80 39.40
C PRO H 1763 -12.91 91.36 40.55
N GLY H 1764 -13.20 90.87 41.75
CA GLY H 1764 -12.41 91.21 42.92
C GLY H 1764 -12.83 92.45 43.66
N VAL H 1765 -13.89 93.13 43.24
CA VAL H 1765 -14.38 94.32 43.94
C VAL H 1765 -15.59 93.93 44.76
N GLY H 1766 -15.77 94.58 45.91
CA GLY H 1766 -16.85 94.28 46.82
C GLY H 1766 -16.30 93.79 48.13
N VAL H 1767 -17.13 93.07 48.87
CA VAL H 1767 -16.75 92.51 50.17
C VAL H 1767 -16.83 90.98 50.08
N THR H 1768 -15.74 90.32 50.42
CA THR H 1768 -15.69 88.87 50.52
C THR H 1768 -15.65 88.49 51.99
N THR H 1769 -16.78 88.04 52.53
CA THR H 1769 -16.92 87.74 53.94
C THR H 1769 -16.22 86.45 54.34
N SER H 1770 -15.71 85.67 53.39
CA SER H 1770 -15.06 84.42 53.71
C SER H 1770 -13.90 84.64 54.67
N LEU H 1771 -13.88 83.87 55.75
CA LEU H 1771 -12.89 84.06 56.79
C LEU H 1771 -11.52 83.61 56.30
N ARG H 1772 -10.61 84.57 56.18
CA ARG H 1772 -9.28 84.29 55.65
C ARG H 1772 -8.27 84.63 56.73
N PRO H 1773 -7.24 83.80 56.91
CA PRO H 1773 -6.31 84.00 58.04
C PRO H 1773 -5.53 85.29 57.86
N PRO H 1774 -5.58 86.20 58.84
CA PRO H 1774 -4.74 87.40 58.78
C PRO H 1774 -3.27 87.02 58.74
N HIS H 1775 -2.57 87.51 57.72
CA HIS H 1775 -1.17 87.16 57.55
C HIS H 1775 -0.36 87.62 58.75
N HIS H 1776 0.36 86.68 59.36
CA HIS H 1776 1.14 86.94 60.55
C HIS H 1776 2.58 87.19 60.16
N PHE H 1777 3.07 88.40 60.44
CA PHE H 1777 4.42 88.82 60.08
C PHE H 1777 5.17 89.21 61.34
N SER H 1778 6.47 88.92 61.34
CA SER H 1778 7.35 89.26 62.45
C SER H 1778 8.22 90.44 62.06
N PRO H 1779 8.20 91.52 62.84
CA PRO H 1779 9.15 92.62 62.62
C PRO H 1779 10.57 92.12 62.76
N PRO H 1780 11.36 92.14 61.69
CA PRO H 1780 12.69 91.54 61.75
C PRO H 1780 13.68 92.40 62.53
N CYS H 1781 14.02 91.97 63.74
CA CYS H 1781 14.99 92.65 64.59
C CYS H 1781 15.88 91.60 65.24
N PHE H 1782 17.12 91.52 64.79
CA PHE H 1782 18.04 90.47 65.20
C PHE H 1782 18.99 90.91 66.30
N VAL H 1783 18.79 92.10 66.89
CA VAL H 1783 19.63 92.55 67.98
C VAL H 1783 18.98 92.34 69.34
N ALA H 1784 17.77 91.78 69.39
CA ALA H 1784 17.09 91.54 70.65
C ALA H 1784 17.77 90.42 71.43
N ALA H 1785 17.39 90.31 72.70
CA ALA H 1785 17.98 89.29 73.57
C ALA H 1785 17.61 87.90 73.08
N LEU H 1786 18.55 86.96 73.25
CA LEU H 1786 18.31 85.59 72.83
C LEU H 1786 17.20 84.96 73.68
N PRO H 1787 16.29 84.22 73.07
CA PRO H 1787 15.23 83.58 73.85
C PRO H 1787 15.79 82.60 74.87
N ALA H 1788 15.18 82.58 76.05
CA ALA H 1788 15.63 81.67 77.10
C ALA H 1788 15.14 80.25 76.83
N ALA H 1789 14.03 80.11 76.10
CA ALA H 1789 13.47 78.80 75.81
C ALA H 1789 14.42 78.00 74.93
N GLY H 1790 14.36 76.68 75.08
CA GLY H 1790 15.26 75.81 74.32
C GLY H 1790 14.92 75.84 72.83
N VAL H 1791 15.92 75.50 72.01
CA VAL H 1791 15.70 75.47 70.57
C VAL H 1791 14.90 74.23 70.19
N ALA H 1792 14.11 74.39 69.12
CA ALA H 1792 13.30 73.31 68.54
C ALA H 1792 12.15 72.88 69.46
N GLU H 1793 12.07 73.49 70.65
CA GLU H 1793 10.90 73.26 71.49
C GLU H 1793 10.08 74.54 71.64
N ALA H 1794 10.74 75.69 71.55
CA ALA H 1794 10.02 76.95 71.51
C ALA H 1794 9.26 77.05 70.19
N PRO H 1795 8.13 77.76 70.16
CA PRO H 1795 7.36 77.87 68.91
C PRO H 1795 8.17 78.55 67.81
N ALA H 1796 7.98 78.07 66.58
CA ALA H 1796 8.63 78.70 65.44
C ALA H 1796 8.12 80.12 65.25
N ARG H 1797 9.04 81.02 64.92
CA ARG H 1797 8.69 82.44 64.88
C ARG H 1797 8.32 82.85 63.46
N LEU H 1798 7.65 84.00 63.35
CA LEU H 1798 6.94 84.35 62.14
C LEU H 1798 7.90 84.77 61.02
N SER H 1799 7.33 85.06 59.87
CA SER H 1799 8.12 85.50 58.71
C SER H 1799 8.47 86.98 58.86
N PRO H 1800 9.54 87.42 58.20
CA PRO H 1800 9.97 88.83 58.35
C PRO H 1800 8.92 89.80 57.79
N ALA H 1801 8.85 90.97 58.42
CA ALA H 1801 7.88 91.98 58.03
C ALA H 1801 8.39 92.79 56.83
N ILE H 1802 7.43 93.32 56.07
CA ILE H 1802 7.74 94.07 54.85
C ILE H 1802 6.77 95.25 54.79
N PRO H 1803 7.21 96.39 54.23
CA PRO H 1803 6.26 97.51 54.04
C PRO H 1803 5.28 97.22 52.92
N LEU H 1804 4.20 96.54 53.28
CA LEU H 1804 3.28 95.97 52.29
C LEU H 1804 2.64 97.05 51.42
N GLU H 1805 2.21 98.17 52.01
CA GLU H 1805 1.51 99.19 51.23
C GLU H 1805 2.45 99.88 50.24
N ALA H 1806 3.65 100.25 50.70
CA ALA H 1806 4.63 100.85 49.81
C ALA H 1806 5.03 99.88 48.70
N LEU H 1807 5.20 98.60 49.05
CA LEU H 1807 5.51 97.59 48.03
C LEU H 1807 4.37 97.45 47.04
N ARG H 1808 3.12 97.55 47.52
CA ARG H 1808 1.96 97.48 46.63
C ARG H 1808 1.97 98.61 45.61
N ASP H 1809 2.14 99.85 46.10
CA ASP H 1809 2.16 100.99 45.19
C ASP H 1809 3.34 100.90 44.23
N LYS H 1810 4.49 100.47 44.74
CA LYS H 1810 5.68 100.34 43.90
C LYS H 1810 5.47 99.30 42.80
N ALA H 1811 4.86 98.16 43.14
CA ALA H 1811 4.57 97.14 42.14
C ALA H 1811 3.56 97.64 41.12
N LEU H 1812 2.55 98.39 41.57
CA LEU H 1812 1.57 98.93 40.64
C LEU H 1812 2.23 99.89 39.64
N ARG H 1813 3.11 100.77 40.13
CA ARG H 1813 3.75 101.70 39.21
C ARG H 1813 4.81 101.01 38.35
N MET H 1814 5.37 99.90 38.85
CA MET H 1814 6.24 99.08 38.00
C MET H 1814 5.44 98.45 36.86
N LEU H 1815 4.23 97.98 37.15
CA LEU H 1815 3.38 97.44 36.10
C LEU H 1815 2.99 98.55 35.12
N GLY H 1816 2.76 99.76 35.62
CA GLY H 1816 2.54 100.90 34.72
C GLY H 1816 3.73 101.16 33.82
N GLU H 1817 4.94 101.06 34.37
CA GLU H 1817 6.15 101.18 33.56
C GLU H 1817 6.21 100.09 32.50
N ALA H 1818 5.80 98.87 32.87
CA ALA H 1818 5.79 97.77 31.91
C ALA H 1818 4.80 98.05 30.78
N VAL H 1819 3.63 98.61 31.11
CA VAL H 1819 2.67 98.99 30.07
C VAL H 1819 3.26 100.08 29.17
N ARG H 1820 3.95 101.06 29.78
CA ARG H 1820 4.57 102.11 28.97
C ARG H 1820 5.60 101.52 28.01
N ASP H 1821 6.44 100.61 28.50
CA ASP H 1821 7.46 100.01 27.64
C ASP H 1821 6.83 99.15 26.55
N GLY H 1822 5.76 98.42 26.88
CA GLY H 1822 5.06 97.64 25.87
C GLY H 1822 4.47 98.52 24.78
N GLY H 1823 3.94 99.69 25.16
CA GLY H 1823 3.49 100.63 24.16
C GLY H 1823 4.62 101.20 23.34
N GLN H 1824 5.78 101.45 23.97
CA GLN H 1824 6.92 102.01 23.25
C GLN H 1824 7.48 101.03 22.24
N HIS H 1825 7.52 99.74 22.58
CA HIS H 1825 8.17 98.72 21.76
C HIS H 1825 9.63 99.07 21.51
N ALA H 1826 10.33 99.46 22.57
CA ALA H 1826 11.73 99.85 22.45
C ALA H 1826 12.59 98.66 22.05
N ARG H 1827 13.69 98.96 21.33
CA ARG H 1827 14.57 97.90 20.86
C ARG H 1827 15.26 97.17 22.02
N ASP H 1828 15.67 97.93 23.05
CA ASP H 1828 16.39 97.33 24.17
C ASP H 1828 15.42 96.96 25.26
N PRO H 1829 15.21 95.67 25.55
CA PRO H 1829 14.32 95.28 26.64
C PRO H 1829 14.99 95.44 28.00
N VAL H 1830 14.17 95.59 29.03
CA VAL H 1830 14.70 95.66 30.39
C VAL H 1830 15.17 94.27 30.81
N GLY H 1831 16.41 94.20 31.28
CA GLY H 1831 17.03 92.94 31.64
C GLY H 1831 17.52 92.13 30.47
N GLY H 1832 17.51 92.69 29.26
CA GLY H 1832 17.98 91.99 28.08
C GLY H 1832 16.93 91.20 27.35
N SER H 1833 15.73 91.05 27.91
CA SER H 1833 14.66 90.32 27.25
C SER H 1833 13.30 90.75 27.79
N VAL H 1834 12.29 90.65 26.93
CA VAL H 1834 10.92 90.95 27.34
C VAL H 1834 10.48 90.00 28.45
N GLU H 1835 10.92 88.74 28.37
CA GLU H 1835 10.61 87.79 29.43
C GLU H 1835 11.21 88.24 30.76
N PHE H 1836 12.49 88.63 30.76
CA PHE H 1836 13.11 89.09 32.01
C PHE H 1836 12.45 90.37 32.50
N GLN H 1837 11.90 91.18 31.59
CA GLN H 1837 11.22 92.39 32.01
C GLN H 1837 9.88 92.08 32.68
N PHE H 1838 9.12 91.12 32.13
CA PHE H 1838 7.74 90.97 32.54
C PHE H 1838 7.56 89.90 33.61
N VAL H 1839 8.20 88.74 33.44
CA VAL H 1839 7.92 87.60 34.34
C VAL H 1839 8.12 87.93 35.81
N PRO H 1840 9.24 88.54 36.24
CA PRO H 1840 9.38 88.83 37.67
C PRO H 1840 8.32 89.79 38.21
N VAL H 1841 8.01 90.85 37.46
CA VAL H 1841 7.01 91.81 37.91
C VAL H 1841 5.65 91.14 38.01
N LEU H 1842 5.31 90.30 37.02
CA LEU H 1842 4.03 89.58 37.06
C LEU H 1842 3.98 88.60 38.21
N LYS H 1843 5.11 87.95 38.53
CA LYS H 1843 5.12 87.05 39.67
C LYS H 1843 4.90 87.81 40.98
N LEU H 1844 5.53 88.98 41.13
CA LEU H 1844 5.28 89.79 42.33
C LEU H 1844 3.84 90.26 42.39
N VAL H 1845 3.26 90.64 41.25
CA VAL H 1845 1.85 91.02 41.22
C VAL H 1845 0.97 89.86 41.64
N SER H 1846 1.29 88.66 41.15
CA SER H 1846 0.54 87.47 41.53
C SER H 1846 0.62 87.22 43.03
N THR H 1847 1.82 87.33 43.59
CA THR H 1847 2.00 87.11 45.02
C THR H 1847 1.23 88.14 45.84
N LEU H 1848 1.28 89.41 45.44
CA LEU H 1848 0.55 90.45 46.16
C LEU H 1848 -0.95 90.24 46.07
N LEU H 1849 -1.45 89.86 44.89
CA LEU H 1849 -2.88 89.56 44.76
C LEU H 1849 -3.27 88.37 45.63
N VAL H 1850 -2.42 87.34 45.67
CA VAL H 1850 -2.68 86.20 46.56
C VAL H 1850 -2.74 86.67 48.00
N MET H 1851 -1.83 87.56 48.39
CA MET H 1851 -1.91 88.18 49.71
C MET H 1851 -3.27 88.86 49.91
N GLY H 1852 -3.80 89.48 48.87
CA GLY H 1852 -4.98 90.30 49.01
C GLY H 1852 -4.70 91.71 49.48
N ILE H 1853 -3.43 92.10 49.58
CA ILE H 1853 -3.07 93.45 49.99
C ILE H 1853 -3.57 94.46 48.97
N PHE H 1854 -3.61 94.07 47.70
CA PHE H 1854 -4.13 94.93 46.65
C PHE H 1854 -5.56 95.36 46.95
N GLY H 1855 -5.79 96.66 47.03
CA GLY H 1855 -7.10 97.17 47.33
C GLY H 1855 -8.04 97.05 46.15
N ASP H 1856 -9.28 97.53 46.34
CA ASP H 1856 -10.27 97.46 45.27
C ASP H 1856 -9.90 98.37 44.10
N GLU H 1857 -9.55 99.62 44.39
CA GLU H 1857 -9.11 100.53 43.32
C GLU H 1857 -7.81 100.03 42.70
N ASP H 1858 -6.95 99.41 43.49
CA ASP H 1858 -5.76 98.77 42.95
C ASP H 1858 -6.12 97.66 41.97
N VAL H 1859 -7.15 96.87 42.29
CA VAL H 1859 -7.63 95.84 41.37
C VAL H 1859 -8.17 96.49 40.10
N LYS H 1860 -8.85 97.63 40.24
CA LYS H 1860 -9.31 98.34 39.04
C LYS H 1860 -8.15 98.74 38.15
N GLN H 1861 -7.08 99.31 38.73
CA GLN H 1861 -5.93 99.67 37.91
C GLN H 1861 -5.24 98.45 37.32
N ILE H 1862 -5.20 97.34 38.06
CA ILE H 1862 -4.61 96.12 37.53
C ILE H 1862 -5.39 95.63 36.32
N LEU H 1863 -6.73 95.63 36.41
CA LEU H 1863 -7.55 95.24 35.28
C LEU H 1863 -7.39 96.21 34.12
N LYS H 1864 -7.24 97.50 34.42
CA LYS H 1864 -7.04 98.50 33.37
C LYS H 1864 -5.75 98.24 32.61
N MET H 1865 -4.67 97.93 33.32
CA MET H 1865 -3.40 97.63 32.65
C MET H 1865 -3.48 96.31 31.89
N ILE H 1866 -4.10 95.29 32.49
CA ILE H 1866 -4.21 93.99 31.81
C ILE H 1866 -4.98 94.13 30.51
N GLU H 1867 -6.14 94.78 30.56
CA GLU H 1867 -6.93 95.03 29.36
C GLU H 1867 -7.83 96.23 29.57
N PRO H 1868 -7.45 97.40 29.05
CA PRO H 1868 -8.26 98.61 29.33
C PRO H 1868 -9.67 98.55 28.78
N GLU H 1869 -9.83 98.32 27.47
CA GLU H 1869 -11.14 98.46 26.85
C GLU H 1869 -12.13 97.41 27.35
N VAL H 1870 -11.65 96.20 27.65
CA VAL H 1870 -12.54 95.17 28.18
C VAL H 1870 -13.09 95.58 29.54
N PHE H 1871 -12.24 96.18 30.37
CA PHE H 1871 -12.63 96.57 31.72
C PHE H 1871 -12.87 98.07 31.87
N THR H 1872 -13.20 98.78 30.79
CA THR H 1872 -13.55 100.19 30.92
C THR H 1872 -14.82 100.37 31.73
N GLU H 1873 -14.87 101.46 32.49
CA GLU H 1873 -16.02 101.81 33.30
C GLU H 1873 -16.66 103.07 32.73
N GLU H 1874 -17.96 103.00 32.46
CA GLU H 1874 -18.69 104.13 31.89
C GLU H 1874 -20.18 104.04 32.21
N LEU H 1922 -4.53 104.81 20.43
CA LEU H 1922 -5.10 105.08 21.75
C LEU H 1922 -4.37 104.22 22.78
N GLU H 1923 -5.12 103.54 23.64
CA GLU H 1923 -4.51 102.66 24.62
C GLU H 1923 -4.40 101.24 24.08
N GLU H 1924 -3.45 100.48 24.59
CA GLU H 1924 -3.18 99.13 24.12
C GLU H 1924 -3.31 98.15 25.28
N GLY H 1925 -3.56 96.88 24.95
CA GLY H 1925 -3.75 95.89 25.99
C GLY H 1925 -2.59 94.92 26.09
N LEU H 1926 -2.32 94.48 27.32
CA LEU H 1926 -1.29 93.48 27.55
C LEU H 1926 -1.61 92.19 26.81
N LEU H 1927 -2.90 91.93 26.59
CA LEU H 1927 -3.29 90.73 25.85
C LEU H 1927 -2.93 90.86 24.37
N GLN H 1928 -3.22 92.02 23.77
CA GLN H 1928 -3.02 92.18 22.34
C GLN H 1928 -1.55 92.39 21.99
N MET H 1929 -0.78 93.01 22.88
CA MET H 1929 0.59 93.34 22.51
C MET H 1929 1.48 92.10 22.46
N LYS H 1930 0.94 90.95 22.89
CA LYS H 1930 1.42 89.57 22.68
C LYS H 1930 2.68 89.31 23.50
N LEU H 1931 2.86 88.08 23.97
CA LEU H 1931 3.96 87.77 24.87
C LEU H 1931 4.54 86.43 24.47
N PRO H 1932 5.77 86.13 24.91
CA PRO H 1932 6.27 84.75 24.79
C PRO H 1932 5.51 83.80 25.71
N GLU H 1933 5.86 82.52 25.62
CA GLU H 1933 5.06 81.48 26.27
C GLU H 1933 5.05 81.63 27.79
N SER H 1934 6.22 81.79 28.42
CA SER H 1934 6.27 81.83 29.88
C SER H 1934 5.51 83.03 30.44
N VAL H 1935 5.66 84.19 29.79
CA VAL H 1935 4.94 85.38 30.25
C VAL H 1935 3.44 85.16 30.11
N LYS H 1936 3.03 84.50 29.02
CA LYS H 1936 1.64 84.10 28.88
C LYS H 1936 1.20 83.19 30.01
N LEU H 1937 2.11 82.33 30.48
CA LEU H 1937 1.79 81.47 31.62
C LEU H 1937 1.55 82.28 32.89
N GLN H 1938 2.41 83.26 33.17
CA GLN H 1938 2.18 84.12 34.33
C GLN H 1938 0.87 84.90 34.18
N MET H 1939 0.55 85.28 32.95
CA MET H 1939 -0.70 86.00 32.66
C MET H 1939 -1.91 85.13 32.95
N CYS H 1940 -1.84 83.87 32.54
CA CYS H 1940 -2.89 82.90 32.83
C CYS H 1940 -3.03 82.65 34.32
N ASN H 1941 -1.91 82.61 35.06
CA ASN H 1941 -1.99 82.48 36.50
C ASN H 1941 -2.72 83.67 37.13
N LEU H 1942 -2.37 84.88 36.70
CA LEU H 1942 -3.06 86.07 37.21
C LEU H 1942 -4.56 86.00 36.94
N LEU H 1943 -4.94 85.69 35.70
CA LEU H 1943 -6.36 85.68 35.38
C LEU H 1943 -7.08 84.51 36.05
N GLU H 1944 -6.38 83.39 36.26
CA GLU H 1944 -6.96 82.29 37.02
C GLU H 1944 -7.26 82.70 38.44
N TYR H 1945 -6.36 83.47 39.05
CA TYR H 1945 -6.62 84.00 40.38
C TYR H 1945 -7.84 84.91 40.38
N PHE H 1946 -7.93 85.81 39.38
CA PHE H 1946 -9.09 86.69 39.30
C PHE H 1946 -10.39 85.90 39.15
N CYS H 1947 -10.36 84.82 38.36
CA CYS H 1947 -11.56 84.00 38.20
C CYS H 1947 -11.86 83.22 39.48
N ASP H 1948 -10.83 82.93 40.27
CA ASP H 1948 -11.07 82.35 41.59
C ASP H 1948 -11.86 83.31 42.45
N GLN H 1949 -11.50 84.59 42.46
CA GLN H 1949 -12.33 85.56 43.17
C GLN H 1949 -13.71 85.72 42.54
N GLU H 1950 -13.82 85.53 41.23
CA GLU H 1950 -15.14 85.56 40.60
C GLU H 1950 -16.04 84.44 41.15
N LEU H 1951 -15.49 83.23 41.24
CA LEU H 1951 -16.24 82.12 41.82
C LEU H 1951 -16.54 82.37 43.29
N GLN H 1952 -15.60 82.96 44.02
CA GLN H 1952 -15.83 83.32 45.41
C GLN H 1952 -17.00 84.30 45.54
N HIS H 1953 -17.06 85.30 44.65
CA HIS H 1953 -18.16 86.23 44.65
C HIS H 1953 -19.48 85.52 44.39
N ARG H 1954 -19.49 84.61 43.42
CA ARG H 1954 -20.71 83.83 43.17
C ARG H 1954 -21.15 83.08 44.42
N VAL H 1955 -20.21 82.40 45.08
CA VAL H 1955 -20.54 81.59 46.25
C VAL H 1955 -21.07 82.46 47.38
N GLU H 1956 -20.41 83.59 47.65
CA GLU H 1956 -20.82 84.43 48.77
C GLU H 1956 -22.17 85.10 48.51
N SER H 1957 -22.41 85.52 47.27
CA SER H 1957 -23.71 86.09 46.95
C SER H 1957 -24.82 85.05 47.05
N LEU H 1958 -24.53 83.82 46.62
CA LEU H 1958 -25.50 82.73 46.79
C LEU H 1958 -25.78 82.48 48.26
N ALA H 1959 -24.75 82.53 49.10
CA ALA H 1959 -24.94 82.34 50.54
C ALA H 1959 -25.79 83.46 51.13
N ALA H 1960 -25.57 84.70 50.68
CA ALA H 1960 -26.39 85.81 51.14
C ALA H 1960 -27.85 85.63 50.76
N PHE H 1961 -28.09 85.27 49.49
CA PHE H 1961 -29.46 85.01 49.05
C PHE H 1961 -30.06 83.86 49.85
N ALA H 1962 -29.24 82.86 50.17
CA ALA H 1962 -29.71 81.75 51.00
C ALA H 1962 -30.16 82.24 52.37
N GLU H 1963 -29.38 83.14 52.98
CA GLU H 1963 -29.77 83.70 54.26
C GLU H 1963 -31.13 84.41 54.16
N ARG H 1964 -31.28 85.28 53.17
CA ARG H 1964 -32.55 86.00 53.04
C ARG H 1964 -33.71 85.06 52.79
N TYR H 1965 -33.51 84.07 51.92
CA TYR H 1965 -34.61 83.18 51.55
C TYR H 1965 -34.96 82.24 52.68
N VAL H 1966 -33.97 81.84 53.49
CA VAL H 1966 -34.25 81.03 54.68
C VAL H 1966 -35.05 81.83 55.68
N ASP H 1967 -34.71 83.11 55.88
CA ASP H 1967 -35.52 83.93 56.76
C ASP H 1967 -36.95 84.07 56.25
N LYS H 1968 -37.11 84.26 54.94
CA LYS H 1968 -38.45 84.35 54.37
C LYS H 1968 -39.23 83.05 54.57
N LEU H 1969 -38.56 81.91 54.36
CA LEU H 1969 -39.21 80.62 54.56
C LEU H 1969 -39.62 80.43 56.02
N GLN H 1970 -38.75 80.83 56.94
CA GLN H 1970 -39.06 80.69 58.36
C GLN H 1970 -40.25 81.56 58.75
N ALA H 1971 -40.29 82.80 58.26
CA ALA H 1971 -41.43 83.65 58.54
C ALA H 1971 -42.72 83.07 57.95
N ASN H 1972 -42.62 82.54 56.73
CA ASN H 1972 -43.80 81.95 56.09
C ASN H 1972 -44.29 80.74 56.87
N GLN H 1973 -43.37 79.91 57.38
CA GLN H 1973 -43.80 78.73 58.12
C GLN H 1973 -44.34 79.11 59.50
N ARG H 1974 -43.81 80.17 60.10
CA ARG H 1974 -44.38 80.67 61.35
C ARG H 1974 -45.81 81.14 61.12
N SER H 1975 -46.05 81.85 60.01
CA SER H 1975 -47.42 82.25 59.67
C SER H 1975 -48.30 81.04 59.37
N ARG H 1976 -47.75 80.06 58.65
CA ARG H 1976 -48.54 78.90 58.22
C ARG H 1976 -48.95 78.04 59.41
N TYR H 1977 -48.01 77.73 60.30
CA TYR H 1977 -48.32 76.93 61.47
C TYR H 1977 -49.29 77.68 62.38
N ALA H 1978 -49.20 79.00 62.40
CA ALA H 1978 -50.21 79.81 63.09
C ALA H 1978 -51.58 79.61 62.46
N LEU H 1979 -51.62 79.47 61.14
CA LEU H 1979 -52.87 79.10 60.48
C LEU H 1979 -53.11 77.61 60.56
N LEU H 1980 -52.15 76.84 61.07
CA LEU H 1980 -52.30 75.38 61.12
C LEU H 1980 -52.93 74.93 62.43
N MET H 1981 -52.48 75.48 63.56
CA MET H 1981 -53.15 75.18 64.83
C MET H 1981 -54.57 75.71 64.79
N ARG H 1982 -54.87 76.64 63.87
CA ARG H 1982 -56.25 77.04 63.66
C ARG H 1982 -56.92 76.15 62.62
N ALA H 1983 -56.14 75.65 61.65
CA ALA H 1983 -56.72 74.86 60.58
C ALA H 1983 -57.02 73.44 61.05
N PHE H 1984 -56.57 73.08 62.25
CA PHE H 1984 -56.97 71.81 62.83
C PHE H 1984 -58.48 71.73 62.99
N THR H 1985 -59.15 72.88 63.11
CA THR H 1985 -60.58 72.88 63.41
C THR H 1985 -61.43 72.91 62.14
N MET H 1986 -61.07 73.76 61.17
CA MET H 1986 -61.91 73.91 60.00
C MET H 1986 -61.90 72.66 59.12
N SER H 1987 -60.72 72.12 58.84
CA SER H 1987 -60.59 71.02 57.88
C SER H 1987 -59.82 69.88 58.51
N ALA H 1988 -60.22 68.64 58.16
CA ALA H 1988 -59.52 67.47 58.68
C ALA H 1988 -58.50 66.95 57.69
N ALA H 1989 -58.87 66.85 56.42
CA ALA H 1989 -57.94 66.34 55.40
C ALA H 1989 -56.78 67.30 55.19
N GLU H 1990 -57.07 68.60 55.11
CA GLU H 1990 -56.01 69.60 55.01
C GLU H 1990 -55.06 69.51 56.19
N THR H 1991 -55.61 69.41 57.41
CA THR H 1991 -54.77 69.30 58.59
C THR H 1991 -53.95 68.03 58.57
N ALA H 1992 -54.53 66.92 58.14
CA ALA H 1992 -53.81 65.65 58.11
C ALA H 1992 -52.65 65.69 57.12
N ARG H 1993 -52.88 66.26 55.93
CA ARG H 1993 -51.81 66.29 54.93
C ARG H 1993 -50.74 67.32 55.31
N ARG H 1994 -51.14 68.39 55.99
CA ARG H 1994 -50.15 69.31 56.54
C ARG H 1994 -49.30 68.63 57.61
N THR H 1995 -49.96 67.86 58.49
CA THR H 1995 -49.23 67.14 59.53
C THR H 1995 -48.21 66.19 58.92
N ARG H 1996 -48.68 65.22 58.11
CA ARG H 1996 -47.74 64.22 57.60
C ARG H 1996 -46.61 64.85 56.81
N GLU H 1997 -46.84 66.07 56.27
CA GLU H 1997 -45.75 66.80 55.64
C GLU H 1997 -44.75 67.28 56.69
N PHE H 1998 -45.25 67.86 57.78
CA PHE H 1998 -44.32 68.35 58.81
C PHE H 1998 -43.62 67.21 59.54
N ARG H 1999 -44.27 66.03 59.63
CA ARG H 1999 -43.68 64.92 60.35
C ARG H 1999 -42.42 64.41 59.68
N SER H 2000 -42.22 64.77 58.41
CA SER H 2000 -40.96 64.48 57.75
C SER H 2000 -39.84 65.29 58.42
N PRO H 2001 -38.61 64.80 58.39
CA PRO H 2001 -37.52 65.51 59.06
C PRO H 2001 -37.30 66.86 58.40
N PRO H 2002 -36.67 67.82 59.11
CA PRO H 2002 -36.53 69.18 58.57
C PRO H 2002 -35.82 69.23 57.23
N GLN H 2003 -34.84 68.36 57.00
CA GLN H 2003 -34.20 68.30 55.70
C GLN H 2003 -35.19 67.99 54.60
N GLU H 2004 -36.05 66.99 54.84
CA GLU H 2004 -37.05 66.62 53.85
C GLU H 2004 -38.11 67.71 53.69
N GLN H 2005 -38.44 68.40 54.79
CA GLN H 2005 -39.39 69.51 54.70
C GLN H 2005 -38.86 70.61 53.80
N ILE H 2006 -37.60 71.00 53.98
CA ILE H 2006 -37.02 72.01 53.11
C ILE H 2006 -36.88 71.48 51.69
N ASN H 2007 -36.59 70.18 51.54
CA ASN H 2007 -36.55 69.59 50.20
C ASN H 2007 -37.87 69.77 49.48
N MET H 2008 -38.99 69.40 50.10
CA MET H 2008 -40.28 69.51 49.43
C MET H 2008 -40.68 70.96 49.24
N LEU H 2009 -40.33 71.83 50.20
CA LEU H 2009 -40.62 73.25 50.05
C LEU H 2009 -39.90 73.83 48.84
N LEU H 2010 -38.63 73.45 48.65
CA LEU H 2010 -37.87 73.97 47.52
C LEU H 2010 -38.30 73.32 46.21
N HIS H 2011 -38.82 72.10 46.28
CA HIS H 2011 -39.14 71.34 45.06
C HIS H 2011 -40.40 71.91 44.40
N PHE H 2012 -40.19 73.01 43.67
CA PHE H 2012 -41.19 73.50 42.73
C PHE H 2012 -40.57 74.08 41.47
N LYS H 2013 -39.30 73.77 41.18
CA LYS H 2013 -38.68 74.23 39.94
C LYS H 2013 -39.25 73.50 38.74
N ASP H 2014 -39.52 72.20 38.88
CA ASP H 2014 -39.86 71.37 37.74
C ASP H 2014 -41.24 71.70 37.18
N GLU H 2015 -42.05 72.45 37.93
CA GLU H 2015 -43.40 72.90 37.60
C GLU H 2015 -44.40 71.74 37.69
N ALA H 2016 -43.93 70.49 37.84
CA ALA H 2016 -44.85 69.38 38.03
C ALA H 2016 -45.64 69.51 39.32
N ASP H 2017 -44.97 69.96 40.39
CA ASP H 2017 -45.62 70.23 41.66
C ASP H 2017 -45.41 71.66 42.14
N GLU H 2018 -45.13 72.59 41.23
CA GLU H 2018 -45.07 73.99 41.61
C GLU H 2018 -46.44 74.51 42.01
N GLU H 2019 -47.50 73.97 41.39
CA GLU H 2019 -48.85 74.28 41.85
C GLU H 2019 -49.15 73.55 43.15
N ASP H 2020 -48.46 72.43 43.41
CA ASP H 2020 -48.74 71.64 44.59
C ASP H 2020 -48.10 72.26 45.83
N CYS H 2021 -46.93 72.89 45.68
CA CYS H 2021 -46.20 73.36 46.84
C CYS H 2021 -47.01 74.43 47.58
N PRO H 2022 -47.02 74.40 48.92
CA PRO H 2022 -47.84 75.38 49.65
C PRO H 2022 -47.21 76.76 49.75
N LEU H 2023 -45.97 76.90 49.31
CA LEU H 2023 -45.26 78.17 49.49
C LEU H 2023 -45.93 79.27 48.66
N PRO H 2024 -45.92 80.51 49.13
CA PRO H 2024 -46.58 81.59 48.39
C PRO H 2024 -45.92 81.87 47.04
N GLU H 2025 -46.74 82.34 46.10
CA GLU H 2025 -46.28 82.51 44.73
C GLU H 2025 -45.17 83.56 44.65
N ASP H 2026 -45.18 84.54 45.54
CA ASP H 2026 -44.12 85.55 45.54
C ASP H 2026 -42.78 84.97 46.00
N ILE H 2027 -42.82 84.12 47.03
CA ILE H 2027 -41.59 83.49 47.50
C ILE H 2027 -41.11 82.45 46.50
N ARG H 2028 -42.01 81.98 45.64
CA ARG H 2028 -41.57 81.20 44.48
C ARG H 2028 -40.93 82.11 43.43
N GLN H 2029 -41.57 83.24 43.13
CA GLN H 2029 -41.18 84.09 42.01
C GLN H 2029 -39.81 84.70 42.22
N ASP H 2030 -39.54 85.18 43.44
CA ASP H 2030 -38.21 85.76 43.68
C ASP H 2030 -37.14 84.68 43.57
N LEU H 2031 -37.46 83.45 43.95
CA LEU H 2031 -36.52 82.34 43.78
C LEU H 2031 -36.23 82.07 42.31
N GLN H 2032 -37.27 82.02 41.47
CA GLN H 2032 -37.01 81.82 40.04
C GLN H 2032 -36.23 83.00 39.46
N ASP H 2033 -36.55 84.22 39.89
CA ASP H 2033 -35.82 85.38 39.39
C ASP H 2033 -34.34 85.29 39.73
N PHE H 2034 -34.02 84.93 40.98
CA PHE H 2034 -32.62 84.76 41.34
C PHE H 2034 -31.99 83.60 40.57
N HIS H 2035 -32.77 82.56 40.27
CA HIS H 2035 -32.22 81.44 39.51
C HIS H 2035 -31.84 81.86 38.10
N GLN H 2036 -32.70 82.65 37.45
CA GLN H 2036 -32.34 83.17 36.12
C GLN H 2036 -31.17 84.14 36.21
N ASP H 2037 -31.11 84.92 37.29
CA ASP H 2037 -29.95 85.79 37.48
C ASP H 2037 -28.67 84.99 37.58
N LEU H 2038 -28.70 83.88 38.32
CA LEU H 2038 -27.53 83.01 38.44
C LEU H 2038 -27.18 82.38 37.10
N LEU H 2039 -28.20 81.97 36.34
CA LEU H 2039 -27.94 81.42 35.00
C LEU H 2039 -27.23 82.44 34.12
N ALA H 2040 -27.72 83.68 34.11
CA ALA H 2040 -27.09 84.72 33.30
C ALA H 2040 -25.68 85.01 33.78
N HIS H 2041 -25.48 85.05 35.11
CA HIS H 2041 -24.15 85.35 35.64
C HIS H 2041 -23.15 84.24 35.30
N CYS H 2042 -23.58 82.98 35.38
CA CYS H 2042 -22.71 81.89 34.99
C CYS H 2042 -22.56 81.83 33.48
N GLY H 2043 -23.43 82.49 32.74
CA GLY H 2043 -23.35 82.52 31.30
C GLY H 2043 -24.10 81.42 30.60
N ILE H 2044 -24.92 80.65 31.31
CA ILE H 2044 -25.71 79.60 30.68
C ILE H 2044 -26.67 80.21 29.66
N GLN H 2045 -27.30 81.32 30.01
CA GLN H 2045 -28.09 82.06 29.04
C GLN H 2045 -27.20 82.57 27.92
N LEU H 2046 -27.65 82.40 26.68
CA LEU H 2046 -26.85 82.78 25.52
C LEU H 2046 -27.43 84.02 24.86
N GLU H 2088 -20.72 95.49 22.34
CA GLU H 2088 -20.46 95.34 20.91
C GLU H 2088 -19.50 94.18 20.63
N LYS H 2089 -18.71 94.29 19.57
CA LYS H 2089 -17.87 93.17 19.15
C LYS H 2089 -16.87 92.77 20.22
N LYS H 2090 -16.32 93.75 20.93
CA LYS H 2090 -15.48 93.44 22.08
C LYS H 2090 -16.31 92.71 23.13
N PRO H 2091 -15.77 91.66 23.74
CA PRO H 2091 -16.61 90.78 24.57
C PRO H 2091 -17.38 91.48 25.68
N GLN H 2092 -16.76 92.46 26.35
CA GLN H 2092 -17.32 93.14 27.53
C GLN H 2092 -17.66 92.14 28.63
N SER H 2093 -17.04 90.97 28.65
CA SER H 2093 -17.29 89.95 29.66
C SER H 2093 -16.01 89.16 29.88
N LEU H 2094 -15.74 88.79 31.13
CA LEU H 2094 -14.56 87.99 31.43
C LEU H 2094 -14.64 86.63 30.73
N GLN H 2095 -15.83 86.02 30.72
CA GLN H 2095 -16.03 84.75 30.03
C GLN H 2095 -15.51 84.78 28.61
N GLU H 2096 -16.11 85.63 27.77
CA GLU H 2096 -15.73 85.69 26.37
C GLU H 2096 -14.33 86.23 26.20
N LEU H 2097 -13.89 87.10 27.11
CA LEU H 2097 -12.53 87.63 27.01
C LEU H 2097 -11.50 86.51 27.13
N VAL H 2098 -11.64 85.66 28.14
CA VAL H 2098 -10.70 84.55 28.32
C VAL H 2098 -10.80 83.57 27.17
N SER H 2099 -12.03 83.22 26.79
CA SER H 2099 -12.19 82.28 25.68
C SER H 2099 -11.53 82.81 24.41
N HIS H 2100 -11.77 84.08 24.10
CA HIS H 2100 -11.21 84.67 22.88
CA HIS H 2100 -11.22 84.66 22.88
C HIS H 2100 -9.70 84.75 22.94
N MET H 2101 -9.14 85.11 24.10
CA MET H 2101 -7.68 85.23 24.17
C MET H 2101 -7.02 83.87 24.02
N VAL H 2102 -7.60 82.84 24.64
CA VAL H 2102 -7.05 81.49 24.50
C VAL H 2102 -7.12 81.03 23.05
N VAL H 2103 -8.27 81.24 22.42
CA VAL H 2103 -8.45 80.81 21.03
C VAL H 2103 -7.49 81.56 20.10
N ARG H 2104 -7.35 82.88 20.32
CA ARG H 2104 -6.45 83.67 19.48
C ARG H 2104 -5.00 83.24 19.66
N TRP H 2105 -4.58 82.98 20.90
CA TRP H 2105 -3.23 82.48 21.12
C TRP H 2105 -3.02 81.15 20.42
N ALA H 2106 -4.04 80.29 20.46
CA ALA H 2106 -3.95 79.00 19.79
C ALA H 2106 -3.75 79.15 18.28
N GLN H 2107 -4.49 80.08 17.66
CA GLN H 2107 -4.24 80.33 16.23
C GLN H 2107 -2.87 80.95 16.00
N GLU H 2108 -2.43 81.84 16.90
CA GLU H 2108 -1.14 82.50 16.70
C GLU H 2108 0.01 81.51 16.72
N ASP H 2109 0.01 80.58 17.67
CA ASP H 2109 1.14 79.66 17.78
C ASP H 2109 0.70 78.34 18.36
N TYR H 2110 1.50 77.31 18.07
CA TYR H 2110 1.34 76.01 18.71
C TYR H 2110 2.25 75.94 19.93
N VAL H 2111 1.63 75.84 21.12
CA VAL H 2111 2.39 75.97 22.35
C VAL H 2111 3.30 74.76 22.54
N GLN H 2112 4.58 75.04 22.78
CA GLN H 2112 5.59 74.00 22.98
C GLN H 2112 5.73 73.57 24.43
N SER H 2113 5.08 74.27 25.36
CA SER H 2113 5.29 74.03 26.79
C SER H 2113 4.06 73.35 27.38
N PRO H 2114 4.19 72.09 27.83
CA PRO H 2114 3.01 71.37 28.34
C PRO H 2114 2.37 72.01 29.56
N GLU H 2115 3.17 72.63 30.43
CA GLU H 2115 2.59 73.29 31.60
C GLU H 2115 1.69 74.43 31.19
N LEU H 2116 2.14 75.26 30.24
CA LEU H 2116 1.30 76.34 29.74
C LEU H 2116 0.08 75.79 29.01
N VAL H 2117 0.24 74.69 28.28
CA VAL H 2117 -0.91 74.07 27.60
C VAL H 2117 -1.96 73.65 28.63
N ARG H 2118 -1.52 72.99 29.71
CA ARG H 2118 -2.45 72.54 30.72
C ARG H 2118 -3.13 73.71 31.43
N ALA H 2119 -2.36 74.75 31.77
CA ALA H 2119 -2.98 75.93 32.37
C ALA H 2119 -3.99 76.56 31.43
N MET H 2120 -3.63 76.67 30.15
CA MET H 2120 -4.52 77.21 29.12
C MET H 2120 -5.84 76.45 29.09
N PHE H 2121 -5.77 75.13 29.00
CA PHE H 2121 -6.99 74.37 28.78
C PHE H 2121 -7.82 74.24 30.06
N SER H 2122 -7.15 74.18 31.21
CA SER H 2122 -7.88 74.22 32.47
C SER H 2122 -8.64 75.53 32.63
N LEU H 2123 -7.98 76.65 32.33
CA LEU H 2123 -8.67 77.94 32.40
C LEU H 2123 -9.82 77.99 31.40
N LEU H 2124 -9.60 77.46 30.19
CA LEU H 2124 -10.66 77.46 29.18
C LEU H 2124 -11.88 76.67 29.67
N HIS H 2125 -11.65 75.49 30.24
CA HIS H 2125 -12.76 74.71 30.78
C HIS H 2125 -13.45 75.43 31.92
N ARG H 2126 -12.67 76.05 32.81
CA ARG H 2126 -13.27 76.82 33.89
C ARG H 2126 -14.22 77.89 33.36
N GLN H 2127 -13.76 78.64 32.36
CA GLN H 2127 -14.62 79.70 31.81
C GLN H 2127 -15.86 79.11 31.15
N TYR H 2128 -15.68 78.14 30.26
CA TYR H 2128 -16.83 77.65 29.49
C TYR H 2128 -17.86 76.98 30.39
N ASP H 2129 -17.42 76.25 31.41
CA ASP H 2129 -18.34 75.68 32.40
C ASP H 2129 -17.82 76.01 33.80
N GLY H 2130 -18.13 77.21 34.27
CA GLY H 2130 -17.94 77.52 35.68
C GLY H 2130 -19.09 77.08 36.54
N LEU H 2131 -20.28 76.92 35.93
CA LEU H 2131 -21.45 76.49 36.68
C LEU H 2131 -21.26 75.10 37.26
N GLY H 2132 -20.70 74.18 36.48
CA GLY H 2132 -20.39 72.86 37.00
C GLY H 2132 -19.35 72.92 38.10
N GLU H 2133 -18.37 73.82 37.97
CA GLU H 2133 -17.39 73.99 39.02
C GLU H 2133 -18.02 74.60 40.26
N LEU H 2134 -19.01 75.48 40.07
CA LEU H 2134 -19.80 75.96 41.20
C LEU H 2134 -20.52 74.81 41.88
N LEU H 2135 -21.08 73.89 41.08
CA LEU H 2135 -21.74 72.71 41.62
C LEU H 2135 -20.76 71.88 42.45
N ARG H 2136 -19.53 71.72 41.97
CA ARG H 2136 -18.53 70.98 42.73
C ARG H 2136 -18.16 71.72 44.01
N ALA H 2137 -18.08 73.05 43.96
CA ALA H 2137 -17.61 73.81 45.10
C ALA H 2137 -18.66 73.93 46.19
N LEU H 2138 -19.94 73.84 45.81
CA LEU H 2138 -21.00 74.00 46.81
C LEU H 2138 -20.92 73.01 47.97
N PRO H 2139 -20.66 71.71 47.76
CA PRO H 2139 -20.49 70.82 48.93
C PRO H 2139 -19.38 71.28 49.85
N ARG H 2140 -18.34 71.91 49.31
CA ARG H 2140 -17.28 72.44 50.16
C ARG H 2140 -17.76 73.67 50.92
N ALA H 2141 -18.70 74.42 50.33
CA ALA H 2141 -19.20 75.63 50.97
C ALA H 2141 -19.98 75.29 52.24
N TYR H 2142 -19.90 76.16 53.23
CA TYR H 2142 -20.57 75.97 54.51
C TYR H 2142 -20.81 77.33 55.14
N THR H 2143 -21.79 77.40 56.03
CA THR H 2143 -22.18 78.65 56.68
C THR H 2143 -21.96 78.55 58.18
N ILE H 2144 -21.44 79.63 58.78
CA ILE H 2144 -21.13 79.66 60.19
C ILE H 2144 -21.78 80.90 60.81
N SER H 2145 -22.05 80.81 62.11
CA SER H 2145 -22.69 81.91 62.82
C SER H 2145 -21.67 82.98 63.22
N PRO H 2146 -22.10 84.24 63.32
CA PRO H 2146 -21.18 85.28 63.80
C PRO H 2146 -20.78 85.12 65.25
N SER H 2147 -21.54 84.35 66.03
CA SER H 2147 -21.20 84.16 67.43
C SER H 2147 -19.99 83.25 67.59
N SER H 2148 -19.82 82.30 66.68
CA SER H 2148 -18.69 81.37 66.79
C SER H 2148 -17.58 81.72 65.81
N VAL H 2149 -17.63 82.92 65.24
CA VAL H 2149 -16.66 83.28 64.20
C VAL H 2149 -15.26 83.41 64.80
N GLU H 2150 -15.16 83.91 66.04
CA GLU H 2150 -13.85 84.07 66.66
C GLU H 2150 -13.23 82.71 66.96
N ASP H 2151 -14.04 81.73 67.33
CA ASP H 2151 -13.52 80.39 67.58
C ASP H 2151 -13.16 79.70 66.28
N THR H 2152 -13.97 79.89 65.24
CA THR H 2152 -13.61 79.39 63.91
C THR H 2152 -12.33 80.03 63.40
N MET H 2153 -12.05 81.27 63.82
CA MET H 2153 -10.79 81.91 63.45
C MET H 2153 -9.60 81.11 63.96
N SER H 2154 -9.60 80.77 65.26
CA SER H 2154 -8.51 79.98 65.83
C SER H 2154 -8.44 78.60 65.21
N LEU H 2155 -9.61 77.97 64.99
CA LEU H 2155 -9.63 76.67 64.33
C LEU H 2155 -8.95 76.74 62.97
N LEU H 2156 -9.28 77.77 62.19
CA LEU H 2156 -8.71 77.92 60.85
C LEU H 2156 -7.22 78.22 60.92
N GLU H 2157 -6.78 78.99 61.93
CA GLU H 2157 -5.36 79.24 62.08
C GLU H 2157 -4.59 77.95 62.35
N CYS H 2158 -5.10 77.12 63.26
CA CYS H 2158 -4.45 75.85 63.54
C CYS H 2158 -4.46 74.94 62.30
N LEU H 2159 -5.56 74.98 61.54
CA LEU H 2159 -5.60 74.26 60.28
C LEU H 2159 -4.50 74.74 59.33
N GLY H 2160 -4.32 76.05 59.23
CA GLY H 2160 -3.26 76.58 58.39
C GLY H 2160 -1.89 76.10 58.81
N GLN H 2161 -1.64 76.08 60.12
CA GLN H 2161 -0.38 75.53 60.61
C GLN H 2161 -0.21 74.08 60.20
N ILE H 2162 -1.27 73.28 60.32
CA ILE H 2162 -1.17 71.87 59.96
C ILE H 2162 -0.87 71.71 58.46
N ARG H 2163 -1.62 72.43 57.61
CA ARG H 2163 -1.43 72.28 56.18
C ARG H 2163 -0.05 72.75 55.75
N SER H 2164 0.47 73.80 56.38
CA SER H 2164 1.84 74.22 56.11
C SER H 2164 2.83 73.16 56.57
N LEU H 2165 2.53 72.48 57.69
CA LEU H 2165 3.45 71.49 58.21
C LEU H 2165 3.51 70.24 57.33
N LEU H 2166 2.39 69.90 56.68
CA LEU H 2166 2.39 68.73 55.79
C LEU H 2166 3.50 68.80 54.74
N ILE H 2167 3.80 69.99 54.24
CA ILE H 2167 4.79 70.10 53.17
C ILE H 2167 6.18 69.70 53.66
N VAL H 2168 6.58 70.20 54.83
CA VAL H 2168 7.93 69.96 55.32
C VAL H 2168 8.02 68.55 55.92
N GLN H 2169 9.23 67.98 55.87
CA GLN H 2169 9.45 66.66 56.45
C GLN H 2169 9.41 66.72 57.97
N MET H 2170 9.65 65.56 58.59
CA MET H 2170 9.56 65.43 60.03
C MET H 2170 10.67 66.23 60.72
N GLY H 2171 10.32 66.83 61.86
CA GLY H 2171 11.25 67.48 62.73
C GLY H 2171 10.71 67.55 64.14
N PRO H 2172 11.60 67.74 65.13
CA PRO H 2172 11.11 67.87 66.51
C PRO H 2172 10.25 69.11 66.73
N GLN H 2173 10.68 70.25 66.18
CA GLN H 2173 9.87 71.46 66.25
C GLN H 2173 8.52 71.25 65.57
N GLU H 2174 8.53 70.60 64.41
CA GLU H 2174 7.28 70.33 63.71
C GLU H 2174 6.36 69.42 64.51
N GLU H 2175 6.92 68.39 65.16
CA GLU H 2175 6.09 67.49 65.95
C GLU H 2175 5.47 68.22 67.14
N ASN H 2176 6.26 69.06 67.82
CA ASN H 2176 5.71 69.83 68.93
C ASN H 2176 4.63 70.79 68.43
N LEU H 2177 4.87 71.44 67.29
CA LEU H 2177 3.91 72.40 66.76
C LEU H 2177 2.60 71.74 66.39
N MET H 2178 2.65 70.60 65.70
CA MET H 2178 1.40 69.96 65.31
C MET H 2178 0.70 69.39 66.53
N ILE H 2179 1.45 68.89 67.52
CA ILE H 2179 0.83 68.36 68.72
C ILE H 2179 0.06 69.46 69.44
N GLN H 2180 0.69 70.62 69.64
CA GLN H 2180 -0.01 71.72 70.30
C GLN H 2180 -1.17 72.23 69.45
N SER H 2181 -1.00 72.24 68.12
CA SER H 2181 -2.07 72.71 67.25
C SER H 2181 -3.29 71.81 67.31
N ILE H 2182 -3.10 70.50 67.22
CA ILE H 2182 -4.23 69.59 67.27
C ILE H 2182 -4.82 69.55 68.68
N GLY H 2183 -4.00 69.81 69.70
CA GLY H 2183 -4.55 69.99 71.04
C GLY H 2183 -5.48 71.18 71.13
N ASN H 2184 -5.07 72.30 70.53
CA ASN H 2184 -5.94 73.47 70.49
C ASN H 2184 -7.21 73.18 69.70
N ILE H 2185 -7.11 72.44 68.60
CA ILE H 2185 -8.29 72.08 67.82
C ILE H 2185 -9.23 71.22 68.64
N MET H 2186 -8.68 70.24 69.37
CA MET H 2186 -9.51 69.37 70.20
C MET H 2186 -10.20 70.17 71.31
N ASN H 2187 -9.47 71.13 71.90
CA ASN H 2187 -10.09 71.98 72.91
C ASN H 2187 -11.10 72.94 72.29
N ASN H 2188 -10.97 73.21 71.00
CA ASN H 2188 -11.78 74.22 70.33
C ASN H 2188 -13.26 73.85 70.38
N LYS H 2189 -14.11 74.85 70.69
CA LYS H 2189 -15.52 74.57 70.95
C LYS H 2189 -16.28 74.26 69.66
N VAL H 2190 -15.96 74.98 68.58
CA VAL H 2190 -16.65 74.75 67.30
C VAL H 2190 -16.44 73.32 66.84
N PHE H 2191 -15.30 72.72 67.19
CA PHE H 2191 -15.03 71.33 66.83
C PHE H 2191 -16.11 70.41 67.38
N TYR H 2192 -16.65 70.72 68.57
CA TYR H 2192 -17.79 69.96 69.07
C TYR H 2192 -19.10 70.45 68.45
N GLN H 2193 -19.19 71.75 68.17
CA GLN H 2193 -20.49 72.35 67.86
C GLN H 2193 -20.96 71.99 66.46
N HIS H 2194 -20.04 71.95 65.49
CA HIS H 2194 -20.40 71.80 64.08
C HIS H 2194 -19.76 70.54 63.51
N PRO H 2195 -20.42 69.40 63.65
CA PRO H 2195 -19.84 68.14 63.14
C PRO H 2195 -19.65 68.12 61.62
N ASN H 2196 -20.44 68.88 60.87
CA ASN H 2196 -20.30 68.85 59.42
C ASN H 2196 -19.15 69.74 58.96
N LEU H 2197 -18.73 70.68 59.81
CA LEU H 2197 -17.74 71.67 59.40
C LEU H 2197 -16.39 71.03 59.15
N MET H 2198 -15.91 70.20 60.06
CA MET H 2198 -14.63 69.54 59.82
C MET H 2198 -14.78 68.38 58.83
N ARG H 2199 -16.01 67.95 58.57
CA ARG H 2199 -16.23 67.05 57.44
C ARG H 2199 -15.91 67.76 56.13
N ALA H 2200 -16.45 68.98 55.97
CA ALA H 2200 -16.13 69.76 54.78
C ALA H 2200 -14.65 70.11 54.74
N LEU H 2201 -14.06 70.42 55.91
CA LEU H 2201 -12.63 70.71 55.96
C LEU H 2201 -11.80 69.51 55.51
N GLY H 2202 -12.18 68.31 55.95
CA GLY H 2202 -11.40 67.12 55.64
C GLY H 2202 -10.03 67.10 56.27
N MET H 2203 -9.93 67.53 57.54
CA MET H 2203 -8.63 67.55 58.20
C MET H 2203 -8.14 66.14 58.50
N HIS H 2204 -9.06 65.19 58.67
CA HIS H 2204 -8.66 63.83 59.00
C HIS H 2204 -7.82 63.21 57.89
N GLU H 2205 -8.14 63.53 56.63
CA GLU H 2205 -7.33 63.04 55.52
C GLU H 2205 -5.90 63.55 55.61
N THR H 2206 -5.73 64.85 55.88
CA THR H 2206 -4.39 65.41 55.98
C THR H 2206 -3.64 64.86 57.19
N VAL H 2207 -4.36 64.60 58.29
CA VAL H 2207 -3.73 64.00 59.46
C VAL H 2207 -3.24 62.60 59.13
N MET H 2208 -4.05 61.82 58.40
CA MET H 2208 -3.59 60.50 57.97
C MET H 2208 -2.41 60.61 57.01
N GLU H 2209 -2.38 61.67 56.20
CA GLU H 2209 -1.24 61.88 55.31
C GLU H 2209 0.04 62.11 56.12
N VAL H 2210 -0.02 62.97 57.14
CA VAL H 2210 1.19 63.19 57.93
C VAL H 2210 1.55 61.93 58.71
N MET H 2211 0.53 61.17 59.14
CA MET H 2211 0.79 59.85 59.74
C MET H 2211 1.62 58.98 58.81
N VAL H 2212 1.20 58.84 57.55
CA VAL H 2212 1.88 57.90 56.66
C VAL H 2212 3.25 58.43 56.25
N ASN H 2213 3.40 59.76 56.13
CA ASN H 2213 4.73 60.29 55.85
C ASN H 2213 5.69 60.02 57.00
N VAL H 2214 5.21 60.14 58.24
CA VAL H 2214 6.07 59.78 59.38
C VAL H 2214 6.35 58.28 59.38
N LEU H 2215 5.36 57.48 59.01
CA LEU H 2215 5.49 56.02 59.09
C LEU H 2215 6.42 55.48 58.01
N GLY H 2216 6.54 56.19 56.88
CA GLY H 2216 7.23 55.63 55.73
C GLY H 2216 8.67 55.24 56.00
N GLY H 2217 9.41 56.09 56.71
CA GLY H 2217 10.83 55.91 56.89
C GLY H 2217 11.18 54.95 58.02
N GLY H 2218 11.81 53.84 57.66
CA GLY H 2218 12.32 52.91 58.65
C GLY H 2218 11.28 52.35 59.59
N GLU H 2219 10.14 51.92 59.07
CA GLU H 2219 9.02 51.56 59.94
C GLU H 2219 9.23 50.22 60.62
N THR H 2220 9.87 49.27 59.92
CA THR H 2220 9.96 47.90 60.45
C THR H 2220 10.80 47.84 61.72
N LYS H 2221 11.97 48.48 61.73
CA LYS H 2221 12.87 48.37 62.87
C LYS H 2221 12.32 49.11 64.07
N GLU H 2222 11.83 50.34 63.89
CA GLU H 2222 11.40 51.17 65.01
C GLU H 2222 10.48 52.25 64.47
N ILE H 2223 9.55 52.69 65.31
CA ILE H 2223 8.59 53.73 64.96
C ILE H 2223 9.01 55.02 65.66
N ARG H 2224 9.25 56.06 64.86
CA ARG H 2224 9.62 57.34 65.44
C ARG H 2224 8.40 58.00 66.07
N PHE H 2225 8.57 58.41 67.32
CA PHE H 2225 7.56 59.16 68.07
C PHE H 2225 6.22 58.44 68.24
N PRO H 2226 6.19 57.38 69.07
CA PRO H 2226 4.88 56.88 69.53
C PRO H 2226 4.09 57.94 70.28
N LYS H 2227 4.78 58.97 70.81
CA LYS H 2227 4.08 60.17 71.25
C LYS H 2227 3.29 60.79 70.10
N MET H 2228 3.91 60.91 68.93
CA MET H 2228 3.24 61.40 67.74
C MET H 2228 2.03 60.55 67.39
N VAL H 2229 2.17 59.22 67.40
CA VAL H 2229 1.06 58.37 66.99
C VAL H 2229 -0.06 58.38 68.05
N THR H 2230 0.33 58.49 69.33
CA THR H 2230 -0.67 58.63 70.38
C THR H 2230 -1.47 59.93 70.20
N SER H 2231 -0.78 61.01 69.83
CA SER H 2231 -1.50 62.23 69.45
C SER H 2231 -2.39 61.98 68.24
N CYS H 2232 -1.89 61.18 67.29
CA CYS H 2232 -2.64 60.88 66.07
C CYS H 2232 -4.00 60.30 66.39
N CYS H 2233 -4.05 59.25 67.22
CA CYS H 2233 -5.37 59.00 67.80
C CYS H 2233 -5.95 60.17 68.54
N ARG H 2234 -5.41 60.57 69.70
CA ARG H 2234 -6.25 61.36 70.59
C ARG H 2234 -7.08 62.35 69.78
N PHE H 2235 -6.44 62.99 68.79
CA PHE H 2235 -7.18 63.80 67.82
C PHE H 2235 -8.17 62.98 66.97
N LEU H 2236 -7.69 62.07 66.11
CA LEU H 2236 -8.59 61.42 65.15
C LEU H 2236 -9.40 60.27 65.76
N CYS H 2237 -8.79 59.51 66.66
CA CYS H 2237 -9.51 58.55 67.47
C CYS H 2237 -10.62 59.25 68.29
N TYR H 2238 -10.39 60.51 68.72
CA TYR H 2238 -11.49 61.25 69.34
C TYR H 2238 -12.51 61.72 68.32
N PHE H 2239 -12.06 61.98 67.09
CA PHE H 2239 -12.97 62.35 66.00
C PHE H 2239 -13.92 61.17 65.71
N CYS H 2240 -13.38 59.96 65.76
CA CYS H 2240 -14.19 58.74 65.84
C CYS H 2240 -15.20 58.81 66.98
N ARG H 2241 -14.71 59.01 68.20
CA ARG H 2241 -15.61 59.04 69.35
C ARG H 2241 -16.72 60.07 69.16
N ILE H 2242 -16.41 61.18 68.49
CA ILE H 2242 -17.39 62.24 68.28
C ILE H 2242 -18.48 61.79 67.34
N SER H 2243 -18.12 61.23 66.17
CA SER H 2243 -19.17 60.98 65.18
C SER H 2243 -19.06 59.60 64.55
N ARG H 2244 -20.21 59.09 64.09
CA ARG H 2244 -20.25 57.80 63.41
C ARG H 2244 -20.10 57.96 61.90
N GLN H 2245 -20.58 59.08 61.35
CA GLN H 2245 -20.23 59.43 59.98
C GLN H 2245 -18.72 59.61 59.87
N ASN H 2246 -18.09 60.08 60.94
CA ASN H 2246 -16.64 60.05 61.04
C ASN H 2246 -16.12 58.62 60.99
N GLN H 2247 -16.78 57.73 61.73
CA GLN H 2247 -16.47 56.31 61.67
C GLN H 2247 -16.68 55.78 60.25
N ARG H 2248 -17.70 56.29 59.56
CA ARG H 2248 -17.92 55.91 58.17
C ARG H 2248 -16.76 56.31 57.28
N SER H 2249 -16.25 57.53 57.46
CA SER H 2249 -15.12 57.99 56.66
C SER H 2249 -13.88 57.15 56.93
N MET H 2250 -13.59 56.87 58.20
CA MET H 2250 -12.41 56.05 58.48
C MET H 2250 -12.61 54.60 58.08
N PHE H 2251 -13.87 54.14 57.99
CA PHE H 2251 -14.10 52.82 57.40
C PHE H 2251 -13.83 52.86 55.90
N ASP H 2252 -14.15 53.97 55.25
CA ASP H 2252 -13.79 54.13 53.85
C ASP H 2252 -12.27 54.07 53.68
N HIS H 2253 -11.54 54.69 54.59
CA HIS H 2253 -10.08 54.63 54.61
C HIS H 2253 -9.54 53.52 55.50
N LEU H 2254 -10.31 52.46 55.75
CA LEU H 2254 -9.93 51.45 56.74
C LEU H 2254 -8.72 50.63 56.29
N SER H 2255 -8.77 50.09 55.06
CA SER H 2255 -7.68 49.25 54.61
C SER H 2255 -6.38 50.04 54.51
N TYR H 2256 -6.48 51.32 54.13
CA TYR H 2256 -5.31 52.18 54.07
C TYR H 2256 -4.63 52.29 55.44
N LEU H 2257 -5.44 52.38 56.50
CA LEU H 2257 -4.89 52.28 57.85
C LEU H 2257 -4.39 50.88 58.15
N LEU H 2258 -4.99 49.87 57.50
CA LEU H 2258 -4.67 48.49 57.83
C LEU H 2258 -3.26 48.11 57.38
N GLU H 2259 -2.87 48.52 56.17
CA GLU H 2259 -1.52 48.15 55.73
C GLU H 2259 -0.46 48.84 56.59
N ASN H 2260 -0.79 49.99 57.16
CA ASN H 2260 0.10 50.70 58.07
C ASN H 2260 -0.07 50.26 59.52
N SER H 2261 -1.03 49.37 59.80
CA SER H 2261 -1.20 48.87 61.16
C SER H 2261 -0.07 47.93 61.56
N GLY H 2262 0.80 47.58 60.61
CA GLY H 2262 1.89 46.66 60.90
C GLY H 2262 2.96 47.27 61.78
N ILE H 2263 2.81 48.56 62.12
CA ILE H 2263 3.76 49.22 63.01
C ILE H 2263 3.02 49.71 64.26
N GLY H 2264 1.71 49.88 64.15
CA GLY H 2264 0.92 50.34 65.28
C GLY H 2264 0.89 49.34 66.41
N LEU H 2265 0.86 48.04 66.09
CA LEU H 2265 0.94 47.04 67.15
C LEU H 2265 2.30 47.10 67.83
N GLY H 2266 3.37 47.32 67.06
CA GLY H 2266 4.69 47.43 67.64
C GLY H 2266 4.82 48.60 68.60
N MET H 2267 4.23 49.74 68.22
CA MET H 2267 4.27 50.88 69.13
C MET H 2267 3.26 50.70 70.25
N GLN H 2268 3.60 51.18 71.44
CA GLN H 2268 2.71 51.08 72.58
CA GLN H 2268 2.71 51.08 72.58
C GLN H 2268 1.65 52.18 72.53
N GLY H 2269 0.49 51.86 73.09
CA GLY H 2269 -0.58 52.83 73.20
C GLY H 2269 -1.53 52.84 72.01
N SER H 2270 -2.08 54.02 71.74
CA SER H 2270 -3.07 54.17 70.69
C SER H 2270 -2.46 53.90 69.32
N THR H 2271 -3.20 53.16 68.50
CA THR H 2271 -2.68 52.60 67.26
C THR H 2271 -3.66 52.77 66.10
N PRO H 2272 -3.18 52.78 64.86
CA PRO H 2272 -4.12 52.72 63.72
C PRO H 2272 -5.04 51.51 63.80
N LEU H 2273 -4.56 50.42 64.39
CA LEU H 2273 -5.44 49.29 64.63
C LEU H 2273 -6.64 49.71 65.49
N ASP H 2274 -6.40 50.47 66.55
CA ASP H 2274 -7.52 50.81 67.42
C ASP H 2274 -8.35 51.97 66.85
N VAL H 2275 -7.78 52.76 65.94
CA VAL H 2275 -8.63 53.75 65.26
C VAL H 2275 -9.59 53.04 64.32
N ALA H 2276 -9.11 52.00 63.63
CA ALA H 2276 -10.01 51.19 62.82
C ALA H 2276 -11.05 50.48 63.69
N ALA H 2277 -10.63 50.00 64.86
CA ALA H 2277 -11.57 49.36 65.78
C ALA H 2277 -12.64 50.34 66.26
N ALA H 2278 -12.23 51.56 66.61
CA ALA H 2278 -13.20 52.57 67.05
C ALA H 2278 -14.12 52.98 65.92
N SER H 2279 -13.62 52.96 64.68
CA SER H 2279 -14.48 53.24 63.54
C SER H 2279 -15.53 52.15 63.35
N VAL H 2280 -15.10 50.88 63.37
CA VAL H 2280 -16.03 49.78 63.08
C VAL H 2280 -17.01 49.58 64.23
N ILE H 2281 -16.60 49.91 65.46
CA ILE H 2281 -17.42 49.60 66.62
C ILE H 2281 -18.69 50.43 66.61
N ASP H 2282 -19.76 49.85 67.14
CA ASP H 2282 -21.06 50.47 67.39
C ASP H 2282 -21.85 50.80 66.12
N ASN H 2283 -21.39 50.39 64.94
CA ASN H 2283 -22.14 50.62 63.71
C ASN H 2283 -22.27 49.30 62.95
N ASN H 2284 -23.48 48.73 62.98
CA ASN H 2284 -23.70 47.44 62.36
C ASN H 2284 -23.62 47.51 60.85
N GLU H 2285 -23.92 48.68 60.27
CA GLU H 2285 -23.72 48.84 58.83
C GLU H 2285 -22.24 48.71 58.48
N LEU H 2286 -21.36 49.33 59.27
CA LEU H 2286 -19.94 49.19 59.03
C LEU H 2286 -19.49 47.75 59.26
N ALA H 2287 -20.04 47.11 60.30
CA ALA H 2287 -19.70 45.71 60.56
C ALA H 2287 -20.08 44.83 59.38
N LEU H 2288 -21.26 45.06 58.80
CA LEU H 2288 -21.66 44.31 57.62
C LEU H 2288 -20.77 44.61 56.43
N ALA H 2289 -20.38 45.88 56.26
CA ALA H 2289 -19.60 46.27 55.09
C ALA H 2289 -18.13 45.91 55.26
N LEU H 2290 -17.75 45.41 56.43
CA LEU H 2290 -16.38 44.95 56.64
C LEU H 2290 -15.98 43.92 55.58
N GLN H 2291 -14.72 43.97 55.16
CA GLN H 2291 -14.26 43.22 54.00
C GLN H 2291 -13.47 41.99 54.40
N GLU H 2292 -13.75 40.89 53.69
CA GLU H 2292 -13.12 39.61 54.01
C GLU H 2292 -11.62 39.64 53.74
N GLN H 2293 -11.20 40.33 52.68
CA GLN H 2293 -9.77 40.40 52.39
C GLN H 2293 -9.03 41.25 53.42
N ASP H 2294 -9.67 42.32 53.90
CA ASP H 2294 -9.07 43.10 54.97
C ASP H 2294 -8.94 42.28 56.25
N LEU H 2295 -10.00 41.54 56.61
CA LEU H 2295 -9.89 40.65 57.76
C LEU H 2295 -8.84 39.58 57.52
N GLU H 2296 -8.65 39.18 56.25
CA GLU H 2296 -7.65 38.16 55.93
C GLU H 2296 -6.24 38.69 56.17
N LYS H 2297 -5.96 39.93 55.78
CA LYS H 2297 -4.62 40.44 56.02
C LYS H 2297 -4.42 40.79 57.50
N VAL H 2298 -5.50 41.15 58.20
CA VAL H 2298 -5.39 41.32 59.65
C VAL H 2298 -5.04 39.99 60.32
N VAL H 2299 -5.71 38.91 59.92
CA VAL H 2299 -5.42 37.61 60.55
C VAL H 2299 -4.08 37.08 60.04
N SER H 2300 -3.60 37.59 58.91
CA SER H 2300 -2.24 37.29 58.49
C SER H 2300 -1.22 37.94 59.42
N TYR H 2301 -1.48 39.19 59.81
CA TYR H 2301 -0.66 39.82 60.84
C TYR H 2301 -0.72 39.02 62.14
N LEU H 2302 -1.92 38.56 62.50
CA LEU H 2302 -2.09 37.73 63.69
C LEU H 2302 -1.30 36.44 63.57
N ALA H 2303 -1.31 35.82 62.39
CA ALA H 2303 -0.55 34.60 62.16
C ALA H 2303 0.94 34.86 62.30
N GLY H 2304 1.42 36.00 61.79
CA GLY H 2304 2.83 36.32 61.94
C GLY H 2304 3.25 36.49 63.39
N CYS H 2305 2.46 37.24 64.17
CA CYS H 2305 2.81 37.45 65.56
C CYS H 2305 2.66 36.16 66.37
N GLY H 2306 1.78 35.26 65.92
CA GLY H 2306 1.72 33.94 66.54
C GLY H 2306 2.84 33.04 66.09
N LEU H 2307 3.44 33.33 64.93
CA LEU H 2307 4.61 32.59 64.49
C LEU H 2307 5.84 32.95 65.29
N GLN H 2308 6.05 34.24 65.54
CA GLN H 2308 7.29 34.63 66.22
C GLN H 2308 7.04 35.79 67.15
N SER H 2309 7.85 35.86 68.21
CA SER H 2309 7.83 36.99 69.14
C SER H 2309 8.38 38.23 68.45
N CYS H 2310 8.27 39.36 69.14
CA CYS H 2310 8.55 40.63 68.50
C CYS H 2310 10.03 40.99 68.58
N PRO H 2311 10.59 41.54 67.50
CA PRO H 2311 12.02 41.89 67.53
C PRO H 2311 12.37 42.95 68.56
N MET H 2312 11.43 43.78 68.98
CA MET H 2312 11.72 44.71 70.06
C MET H 2312 11.94 43.95 71.36
N LEU H 2313 11.14 42.91 71.61
CA LEU H 2313 11.41 42.01 72.73
C LEU H 2313 12.80 41.40 72.61
N LEU H 2314 13.13 40.87 71.42
CA LEU H 2314 14.42 40.23 71.25
C LEU H 2314 15.58 41.20 71.50
N ALA H 2315 15.45 42.43 71.00
CA ALA H 2315 16.51 43.42 71.16
C ALA H 2315 16.63 43.89 72.60
N LYS H 2316 15.49 44.09 73.28
CA LYS H 2316 15.54 44.54 74.66
C LYS H 2316 16.02 43.44 75.59
N GLY H 2317 15.97 42.19 75.12
CA GLY H 2317 16.60 41.10 75.84
C GLY H 2317 15.72 40.38 76.83
N TYR H 2318 14.41 40.55 76.76
CA TYR H 2318 13.52 39.83 77.65
C TYR H 2318 13.57 38.34 77.30
N PRO H 2319 13.21 37.45 78.23
CA PRO H 2319 13.30 36.01 77.93
C PRO H 2319 12.51 35.66 76.68
N ASP H 2320 13.10 34.80 75.85
CA ASP H 2320 12.57 34.56 74.52
C ASP H 2320 11.31 33.68 74.57
N ILE H 2321 10.39 33.96 73.66
CA ILE H 2321 9.20 33.14 73.45
C ILE H 2321 9.12 32.82 71.98
N GLY H 2322 8.60 31.64 71.66
CA GLY H 2322 8.49 31.24 70.27
C GLY H 2322 7.49 32.09 69.49
N TRP H 2323 6.62 32.80 70.20
CA TRP H 2323 5.57 33.60 69.59
C TRP H 2323 5.39 34.90 70.35
N ASN H 2324 4.60 35.81 69.76
CA ASN H 2324 4.34 37.12 70.37
C ASN H 2324 2.94 37.13 70.97
N PRO H 2325 2.81 37.20 72.30
CA PRO H 2325 1.46 37.20 72.89
C PRO H 2325 0.74 38.53 72.79
N CYS H 2326 1.45 39.65 72.92
CA CYS H 2326 0.79 40.94 73.05
C CYS H 2326 0.18 41.40 71.72
N GLY H 2327 0.92 41.27 70.63
CA GLY H 2327 0.37 41.60 69.33
C GLY H 2327 -0.83 40.74 68.98
N GLY H 2328 -0.73 39.44 69.28
CA GLY H 2328 -1.88 38.57 69.10
C GLY H 2328 -3.08 39.03 69.90
N GLU H 2329 -2.85 39.38 71.17
CA GLU H 2329 -3.96 39.82 72.03
C GLU H 2329 -4.62 41.08 71.49
N ARG H 2330 -3.83 42.05 71.03
CA ARG H 2330 -4.43 43.28 70.52
C ARG H 2330 -5.16 43.04 69.21
N TYR H 2331 -4.62 42.17 68.34
CA TYR H 2331 -5.39 41.79 67.15
C TYR H 2331 -6.69 41.08 67.54
N LEU H 2332 -6.65 40.27 68.59
CA LEU H 2332 -7.85 39.56 69.01
C LEU H 2332 -8.91 40.51 69.54
N ASP H 2333 -8.51 41.54 70.29
CA ASP H 2333 -9.52 42.48 70.77
C ASP H 2333 -10.04 43.34 69.62
N PHE H 2334 -9.20 43.65 68.63
CA PHE H 2334 -9.71 44.29 67.42
C PHE H 2334 -10.76 43.41 66.75
N LEU H 2335 -10.47 42.12 66.60
CA LEU H 2335 -11.44 41.22 65.99
C LEU H 2335 -12.71 41.11 66.83
N ARG H 2336 -12.57 41.24 68.15
CA ARG H 2336 -13.75 41.25 69.01
C ARG H 2336 -14.63 42.47 68.73
N PHE H 2337 -14.02 43.65 68.66
CA PHE H 2337 -14.78 44.84 68.33
C PHE H 2337 -15.40 44.72 66.94
N ALA H 2338 -14.72 44.01 66.03
CA ALA H 2338 -15.27 43.82 64.70
C ALA H 2338 -16.49 42.89 64.71
N VAL H 2339 -16.42 41.79 65.46
CA VAL H 2339 -17.45 40.77 65.36
C VAL H 2339 -18.65 41.11 66.23
N PHE H 2340 -18.44 41.79 67.35
CA PHE H 2340 -19.50 42.07 68.31
C PHE H 2340 -19.81 43.56 68.29
N VAL H 2341 -21.01 43.91 67.84
CA VAL H 2341 -21.42 45.30 67.69
C VAL H 2341 -22.81 45.47 68.30
N ASN H 2342 -22.96 46.50 69.15
CA ASN H 2342 -24.24 46.86 69.76
C ASN H 2342 -24.78 45.74 70.64
N GLY H 2343 -23.91 44.83 71.07
CA GLY H 2343 -24.34 43.75 71.92
C GLY H 2343 -24.82 42.51 71.22
N GLU H 2344 -24.67 42.42 69.89
CA GLU H 2344 -25.01 41.23 69.14
C GLU H 2344 -23.86 40.90 68.19
N SER H 2345 -23.69 39.62 67.91
CA SER H 2345 -22.67 39.19 66.96
C SER H 2345 -23.18 39.29 65.53
N VAL H 2346 -22.26 39.50 64.60
CA VAL H 2346 -22.58 39.57 63.18
C VAL H 2346 -22.21 38.23 62.53
N GLU H 2347 -23.18 37.62 61.84
CA GLU H 2347 -23.05 36.22 61.48
C GLU H 2347 -22.01 35.99 60.39
N GLU H 2348 -22.04 36.80 59.33
CA GLU H 2348 -21.09 36.59 58.23
C GLU H 2348 -19.66 36.80 58.70
N ASN H 2349 -19.41 37.89 59.43
CA ASN H 2349 -18.06 38.14 59.93
C ASN H 2349 -17.63 37.07 60.92
N ALA H 2350 -18.55 36.61 61.78
CA ALA H 2350 -18.20 35.55 62.71
C ALA H 2350 -17.79 34.27 61.96
N ASN H 2351 -18.57 33.89 60.95
CA ASN H 2351 -18.27 32.67 60.21
C ASN H 2351 -16.95 32.80 59.45
N VAL H 2352 -16.71 33.96 58.82
CA VAL H 2352 -15.46 34.12 58.06
C VAL H 2352 -14.27 34.19 59.00
N VAL H 2353 -14.47 34.73 60.21
CA VAL H 2353 -13.38 34.72 61.19
C VAL H 2353 -13.08 33.30 61.64
N VAL H 2354 -14.12 32.47 61.81
CA VAL H 2354 -13.88 31.05 62.11
C VAL H 2354 -13.12 30.39 60.96
N ARG H 2355 -13.50 30.72 59.71
CA ARG H 2355 -12.79 30.17 58.56
C ARG H 2355 -11.31 30.58 58.59
N LEU H 2356 -11.03 31.85 58.88
CA LEU H 2356 -9.65 32.32 58.93
C LEU H 2356 -8.89 31.64 60.07
N LEU H 2357 -9.55 31.45 61.21
CA LEU H 2357 -8.94 30.77 62.34
C LEU H 2357 -8.55 29.33 61.98
N ILE H 2358 -9.44 28.61 61.30
CA ILE H 2358 -9.11 27.23 60.94
C ILE H 2358 -8.08 27.20 59.81
N ARG H 2359 -8.04 28.25 58.98
CA ARG H 2359 -6.99 28.35 57.97
C ARG H 2359 -5.63 28.52 58.62
N LYS H 2360 -5.57 29.25 59.73
CA LYS H 2360 -4.30 29.58 60.35
C LYS H 2360 -4.18 28.91 61.71
N PRO H 2361 -3.63 27.69 61.79
CA PRO H 2361 -3.44 27.05 63.10
C PRO H 2361 -2.34 27.69 63.92
N GLU H 2362 -1.47 28.48 63.29
CA GLU H 2362 -0.37 29.13 64.02
C GLU H 2362 -0.91 30.17 65.01
N CYS H 2363 -2.16 30.60 64.81
CA CYS H 2363 -2.73 31.63 65.67
C CYS H 2363 -3.02 31.09 67.07
N PHE H 2364 -3.11 29.77 67.22
CA PHE H 2364 -3.41 29.20 68.52
C PHE H 2364 -2.20 29.25 69.45
N GLY H 2365 -1.03 29.57 68.91
CA GLY H 2365 0.18 29.60 69.70
C GLY H 2365 0.53 28.23 70.22
N PRO H 2366 1.34 28.18 71.30
CA PRO H 2366 1.66 26.87 71.88
C PRO H 2366 0.47 26.15 72.47
N ALA H 2367 -0.42 26.87 73.15
CA ALA H 2367 -1.59 26.23 73.74
C ALA H 2367 -2.48 25.63 72.66
N LEU H 2368 -3.03 24.45 72.94
CA LEU H 2368 -3.74 23.65 71.95
C LEU H 2368 -2.87 23.46 70.70
N ARG H 2369 -1.65 22.96 70.87
CA ARG H 2369 -0.78 22.75 69.72
CA ARG H 2369 -0.79 22.76 69.71
C ARG H 2369 -1.42 21.80 68.71
N GLY H 2370 -2.07 20.75 69.21
CA GLY H 2370 -2.58 19.72 68.32
C GLY H 2370 -1.83 18.42 68.56
N GLU H 2371 -1.08 17.96 67.58
CA GLU H 2371 -0.16 16.86 67.80
C GLU H 2371 0.94 17.30 68.76
N GLY H 2372 1.24 16.46 69.74
CA GLY H 2372 2.07 16.91 70.85
C GLY H 2372 1.48 18.10 71.57
N GLY H 2373 0.17 18.07 71.82
CA GLY H 2373 -0.57 19.24 72.24
C GLY H 2373 -0.76 19.30 73.75
N SER H 2374 -0.01 20.20 74.38
CA SER H 2374 -0.30 20.57 75.75
C SER H 2374 -1.52 21.48 75.78
N GLY H 2375 -2.52 21.09 76.58
CA GLY H 2375 -3.82 21.74 76.48
C GLY H 2375 -3.78 23.18 76.95
N LEU H 2376 -4.90 23.89 76.76
CA LEU H 2376 -4.97 25.28 77.20
C LEU H 2376 -4.88 25.38 78.71
N LEU H 2377 -5.46 24.42 79.44
CA LEU H 2377 -5.32 24.40 80.89
C LEU H 2377 -3.87 24.23 81.30
N ALA H 2378 -3.14 23.34 80.64
CA ALA H 2378 -1.74 23.14 80.97
C ALA H 2378 -0.92 24.37 80.61
N ALA H 2379 -1.26 25.03 79.52
CA ALA H 2379 -0.56 26.27 79.14
C ALA H 2379 -0.81 27.36 80.17
N ILE H 2380 -2.05 27.46 80.68
CA ILE H 2380 -2.34 28.42 81.74
C ILE H 2380 -1.57 28.07 83.01
N GLU H 2381 -1.45 26.78 83.30
CA GLU H 2381 -0.67 26.34 84.46
C GLU H 2381 0.78 26.77 84.31
N GLU H 2382 1.36 26.57 83.12
CA GLU H 2382 2.74 26.97 82.89
C GLU H 2382 2.88 28.49 82.90
N ALA H 2383 1.84 29.20 82.47
CA ALA H 2383 1.88 30.66 82.52
C ALA H 2383 1.89 31.17 83.96
N ILE H 2384 1.09 30.55 84.82
CA ILE H 2384 1.12 30.91 86.24
C ILE H 2384 2.47 30.54 86.85
N ARG H 2385 3.03 29.41 86.43
CA ARG H 2385 4.38 29.03 86.86
C ARG H 2385 5.40 30.09 86.46
N ILE H 2386 5.31 30.58 85.22
CA ILE H 2386 6.23 31.61 84.74
C ILE H 2386 6.03 32.91 85.51
N SER H 2387 4.78 33.25 85.80
CA SER H 2387 4.50 34.46 86.56
C SER H 2387 5.08 34.39 87.96
N GLU H 2388 4.99 33.21 88.61
CA GLU H 2388 5.67 33.03 89.88
C GLU H 2388 7.18 33.10 89.72
N ASP H 2389 7.69 32.59 88.61
CA ASP H 2389 9.13 32.61 88.38
C ASP H 2389 9.60 34.05 88.18
N PRO H 2390 10.58 34.51 88.96
CA PRO H 2390 11.08 35.89 88.78
C PRO H 2390 11.98 36.02 87.56
N ALA H 2391 11.95 37.19 86.94
CA ALA H 2391 12.76 37.60 85.78
C ALA H 2391 12.37 36.85 84.50
N ARG H 2392 11.45 35.88 84.56
CA ARG H 2392 10.99 35.25 83.33
C ARG H 2392 10.05 36.17 82.57
N ASP H 2393 9.33 37.05 83.29
CA ASP H 2393 8.45 38.00 82.63
C ASP H 2393 9.16 39.32 82.38
N GLY H 2394 10.14 39.66 83.22
CA GLY H 2394 10.77 40.95 83.16
C GLY H 2394 12.15 40.92 82.52
N PRO H 2395 12.78 42.10 82.43
CA PRO H 2395 14.11 42.17 81.81
C PRO H 2395 15.16 41.33 82.52
N GLY H 2396 15.26 41.44 83.84
CA GLY H 2396 16.29 40.73 84.58
C GLY H 2396 17.65 41.38 84.49
N VAL H 2397 17.70 42.66 84.14
CA VAL H 2397 18.95 43.39 84.03
C VAL H 2397 19.39 43.90 85.39
N PRO H 2410 9.40 46.40 85.37
CA PRO H 2410 9.01 47.31 84.29
C PRO H 2410 9.26 48.77 84.64
N PRO H 2411 10.50 49.25 84.45
CA PRO H 2411 10.80 50.65 84.77
C PRO H 2411 9.95 51.64 84.00
N GLU H 2412 9.66 51.36 82.73
CA GLU H 2412 8.78 52.22 81.96
C GLU H 2412 7.31 51.87 82.20
N GLU H 2413 7.06 50.64 82.63
CA GLU H 2413 5.75 50.03 82.91
C GLU H 2413 5.01 49.76 81.61
N ASN H 2414 5.51 50.25 80.47
CA ASN H 2414 4.86 49.95 79.19
C ASN H 2414 5.12 48.51 78.77
N ARG H 2415 6.28 47.98 79.14
CA ARG H 2415 6.60 46.59 78.81
C ARG H 2415 5.69 45.65 79.58
N VAL H 2416 5.22 44.61 78.91
CA VAL H 2416 4.27 43.69 79.54
C VAL H 2416 5.01 42.49 80.11
N HIS H 2417 4.54 42.01 81.26
CA HIS H 2417 5.04 40.76 81.79
C HIS H 2417 4.61 39.62 80.88
N LEU H 2418 5.55 38.74 80.55
CA LEU H 2418 5.33 37.76 79.48
C LEU H 2418 4.23 36.77 79.83
N GLY H 2419 4.20 36.30 81.08
CA GLY H 2419 3.16 35.36 81.47
C GLY H 2419 1.76 35.96 81.37
N HIS H 2420 1.60 37.20 81.85
CA HIS H 2420 0.29 37.83 81.76
C HIS H 2420 -0.04 38.22 80.33
N ALA H 2421 0.99 38.45 79.51
CA ALA H 2421 0.75 38.67 78.08
C ALA H 2421 0.17 37.41 77.43
N ILE H 2422 0.73 36.25 77.77
CA ILE H 2422 0.19 35.00 77.26
C ILE H 2422 -1.24 34.79 77.76
N MET H 2423 -1.47 35.03 79.05
CA MET H 2423 -2.80 34.84 79.62
C MET H 2423 -3.81 35.80 78.98
N SER H 2424 -3.41 37.04 78.74
CA SER H 2424 -4.28 38.01 78.08
C SER H 2424 -4.58 37.59 76.65
N PHE H 2425 -3.56 37.09 75.94
CA PHE H 2425 -3.79 36.60 74.58
C PHE H 2425 -4.85 35.51 74.57
N TYR H 2426 -4.70 34.50 75.44
CA TYR H 2426 -5.64 33.38 75.37
C TYR H 2426 -7.00 33.74 75.95
N ALA H 2427 -7.04 34.67 76.90
CA ALA H 2427 -8.34 35.16 77.36
C ALA H 2427 -9.08 35.89 76.24
N ALA H 2428 -8.35 36.74 75.48
CA ALA H 2428 -8.96 37.41 74.35
C ALA H 2428 -9.36 36.42 73.26
N LEU H 2429 -8.59 35.35 73.09
CA LEU H 2429 -8.94 34.33 72.12
C LEU H 2429 -10.23 33.61 72.51
N ILE H 2430 -10.33 33.21 73.79
CA ILE H 2430 -11.53 32.53 74.27
C ILE H 2430 -12.74 33.47 74.18
N ASP H 2431 -12.54 34.75 74.50
CA ASP H 2431 -13.61 35.73 74.34
C ASP H 2431 -14.01 35.89 72.87
N LEU H 2432 -13.03 35.86 71.97
CA LEU H 2432 -13.31 35.92 70.54
C LEU H 2432 -14.18 34.77 70.09
N LEU H 2433 -13.79 33.54 70.45
CA LEU H 2433 -14.61 32.38 70.08
C LEU H 2433 -16.00 32.46 70.70
N GLY H 2434 -16.09 32.89 71.96
CA GLY H 2434 -17.39 33.07 72.58
C GLY H 2434 -18.27 34.03 71.81
N ARG H 2435 -17.85 35.30 71.72
CA ARG H 2435 -18.69 36.31 71.07
C ARG H 2435 -18.86 36.03 69.58
N CYS H 2436 -18.02 35.14 69.03
CA CYS H 2436 -18.16 34.78 67.63
C CYS H 2436 -19.16 33.66 67.43
N ALA H 2437 -19.38 32.85 68.46
CA ALA H 2437 -20.37 31.78 68.37
C ALA H 2437 -21.75 32.36 68.11
N PRO H 2438 -22.58 31.68 67.31
CA PRO H 2438 -23.92 32.22 66.99
C PRO H 2438 -24.81 32.24 68.22
N GLU H 2439 -25.98 32.88 68.05
CA GLU H 2439 -26.86 33.11 69.18
C GLU H 2439 -27.83 31.96 69.38
N MET H 2440 -28.48 31.97 70.56
CA MET H 2440 -29.39 30.88 70.91
C MET H 2440 -30.60 30.83 69.98
N HIS H 2441 -31.09 32.00 69.55
CA HIS H 2441 -32.22 32.00 68.63
C HIS H 2441 -31.85 31.33 67.31
N LEU H 2442 -30.64 31.58 66.83
CA LEU H 2442 -30.16 30.86 65.64
C LEU H 2442 -30.01 29.38 65.94
N ILE H 2443 -29.62 29.02 67.17
CA ILE H 2443 -29.52 27.61 67.53
C ILE H 2443 -30.87 26.91 67.41
N GLN H 2444 -31.92 27.52 67.96
CA GLN H 2444 -33.25 26.94 67.80
C GLN H 2444 -33.73 27.01 66.36
N ALA H 2445 -33.28 28.02 65.60
CA ALA H 2445 -33.55 28.03 64.17
C ALA H 2445 -32.92 26.83 63.49
N GLY H 2446 -31.84 26.30 64.07
CA GLY H 2446 -31.26 25.06 63.59
C GLY H 2446 -30.45 25.17 62.33
N LYS H 2447 -29.87 26.33 62.05
CA LYS H 2447 -29.07 26.47 60.84
C LYS H 2447 -27.80 25.65 60.97
N GLY H 2448 -27.55 24.82 59.95
CA GLY H 2448 -26.51 23.81 60.06
C GLY H 2448 -25.12 24.40 60.25
N GLU H 2449 -24.82 25.47 59.52
CA GLU H 2449 -23.51 26.11 59.66
C GLU H 2449 -23.30 26.65 61.07
N ALA H 2450 -24.31 27.30 61.63
CA ALA H 2450 -24.20 27.82 62.99
C ALA H 2450 -24.01 26.70 63.99
N LEU H 2451 -24.79 25.61 63.85
CA LEU H 2451 -24.68 24.50 64.78
C LEU H 2451 -23.29 23.86 64.69
N ARG H 2452 -22.77 23.67 63.48
CA ARG H 2452 -21.47 23.03 63.34
C ARG H 2452 -20.35 23.95 63.81
N ILE H 2453 -20.52 25.27 63.65
CA ILE H 2453 -19.53 26.19 64.20
C ILE H 2453 -19.50 26.12 65.72
N ARG H 2454 -20.68 26.08 66.35
CA ARG H 2454 -20.73 25.95 67.80
C ARG H 2454 -20.09 24.64 68.26
N ALA H 2455 -20.40 23.54 67.57
CA ALA H 2455 -19.82 22.25 67.92
C ALA H 2455 -18.30 22.25 67.72
N ILE H 2456 -17.83 22.89 66.66
CA ILE H 2456 -16.39 22.97 66.39
C ILE H 2456 -15.70 23.77 67.50
N LEU H 2457 -16.31 24.88 67.93
CA LEU H 2457 -15.72 25.65 69.03
C LEU H 2457 -15.66 24.82 70.30
N ARG H 2458 -16.74 24.08 70.60
CA ARG H 2458 -16.73 23.23 71.80
C ARG H 2458 -15.65 22.16 71.71
N SER H 2459 -15.49 21.55 70.54
CA SER H 2459 -14.48 20.51 70.37
C SER H 2459 -13.07 21.07 70.46
N LEU H 2460 -12.87 22.28 69.92
CA LEU H 2460 -11.52 22.87 69.91
C LEU H 2460 -11.13 23.33 71.31
N VAL H 2461 -12.08 23.87 72.07
CA VAL H 2461 -11.84 24.32 73.43
C VAL H 2461 -12.65 23.46 74.37
N PRO H 2462 -12.07 22.43 75.00
CA PRO H 2462 -12.87 21.55 75.87
C PRO H 2462 -13.36 22.29 77.11
N LEU H 2463 -14.54 21.89 77.59
CA LEU H 2463 -15.16 22.57 78.72
C LEU H 2463 -14.37 22.33 80.01
N ASP H 2464 -13.64 21.21 80.08
CA ASP H 2464 -12.88 20.91 81.29
C ASP H 2464 -11.79 21.93 81.53
N ASP H 2465 -11.19 22.47 80.46
CA ASP H 2465 -10.21 23.55 80.62
C ASP H 2465 -10.84 24.78 81.23
N LEU H 2466 -12.05 25.12 80.76
CA LEU H 2466 -12.78 26.25 81.33
C LEU H 2466 -13.07 26.02 82.80
N VAL H 2467 -13.52 24.81 83.15
CA VAL H 2467 -13.83 24.50 84.54
C VAL H 2467 -12.59 24.59 85.40
N GLY H 2468 -11.45 24.09 84.89
CA GLY H 2468 -10.22 24.19 85.64
C GLY H 2468 -9.76 25.63 85.85
N ILE H 2469 -9.86 26.46 84.82
CA ILE H 2469 -9.45 27.85 84.96
C ILE H 2469 -10.35 28.56 85.96
N ILE H 2470 -11.66 28.31 85.91
CA ILE H 2470 -12.56 28.87 86.91
C ILE H 2470 -12.19 28.37 88.30
N SER H 2471 -11.78 27.10 88.41
CA SER H 2471 -11.46 26.52 89.70
C SER H 2471 -10.15 27.06 90.26
N LEU H 2472 -9.29 27.57 89.39
CA LEU H 2472 -7.95 27.95 89.81
C LEU H 2472 -7.99 29.02 90.89
N PRO H 2473 -7.30 28.83 92.00
CA PRO H 2473 -7.17 29.91 92.99
C PRO H 2473 -6.37 31.06 92.42
N LEU H 2474 -6.73 32.27 92.84
CA LEU H 2474 -6.11 33.49 92.34
C LEU H 2474 -5.64 34.34 93.50
N GLN H 2475 -4.45 34.92 93.36
CA GLN H 2475 -3.91 35.79 94.39
C GLN H 2475 -4.79 37.04 94.53
N ILE H 2476 -5.18 37.32 95.75
CA ILE H 2476 -6.06 38.44 96.08
C ILE H 2476 -5.24 39.44 96.88
N PRO H 2477 -5.34 40.75 96.61
CA PRO H 2477 -4.57 41.72 97.40
C PRO H 2477 -4.91 41.61 98.87
N THR H 2478 -3.93 41.18 99.66
CA THR H 2478 -4.14 40.84 101.06
C THR H 2478 -3.25 41.71 101.94
N LEU H 2479 -3.60 41.76 103.22
CA LEU H 2479 -2.86 42.58 104.16
C LEU H 2479 -1.63 41.83 104.65
N GLY H 2480 -0.46 42.41 104.39
CA GLY H 2480 0.79 41.77 104.77
C GLY H 2480 1.82 42.79 105.19
N LYS H 2481 2.98 42.29 105.61
CA LYS H 2481 4.08 43.13 106.09
C LYS H 2481 3.59 44.06 107.19
N ASP H 2482 3.19 43.47 108.33
CA ASP H 2482 2.68 44.18 109.50
C ASP H 2482 1.34 44.85 109.22
N GLY H 2483 0.60 44.35 108.23
CA GLY H 2483 -0.73 44.84 107.96
C GLY H 2483 -0.86 45.82 106.81
N ALA H 2484 0.07 45.81 105.86
CA ALA H 2484 -0.07 46.63 104.67
C ALA H 2484 -0.69 45.81 103.54
N LEU H 2485 -1.63 46.42 102.82
CA LEU H 2485 -2.30 45.70 101.75
C LEU H 2485 -1.31 45.41 100.62
N VAL H 2486 -0.87 44.16 100.54
CA VAL H 2486 0.06 43.71 99.51
C VAL H 2486 -0.73 43.50 98.23
N GLN H 2487 -0.44 44.31 97.22
CA GLN H 2487 -1.22 44.33 96.00
C GLN H 2487 -0.45 43.71 94.85
N PRO H 2488 -0.76 42.48 94.45
CA PRO H 2488 -0.19 41.95 93.20
C PRO H 2488 -0.84 42.63 92.00
N LYS H 2489 -0.03 43.39 91.27
CA LYS H 2489 -0.51 44.16 90.14
C LYS H 2489 -1.05 43.24 89.03
N MET H 2490 -2.02 43.76 88.27
CA MET H 2490 -2.64 42.95 87.21
C MET H 2490 -1.63 42.46 86.19
N SER H 2491 -0.63 43.28 85.87
CA SER H 2491 0.35 42.88 84.86
C SER H 2491 1.18 41.69 85.32
N ALA H 2492 1.21 41.43 86.63
CA ALA H 2492 2.03 40.33 87.13
C ALA H 2492 1.19 39.12 87.52
N SER H 2493 -0.13 39.29 87.61
CA SER H 2493 -1.00 38.27 88.15
C SER H 2493 -2.12 37.92 87.17
N PHE H 2494 -2.59 36.67 87.28
CA PHE H 2494 -3.75 36.23 86.52
C PHE H 2494 -4.97 37.01 86.98
N VAL H 2495 -5.95 37.19 86.10
CA VAL H 2495 -7.01 38.15 86.41
C VAL H 2495 -8.44 37.64 86.23
N PRO H 2496 -9.34 38.11 87.09
CA PRO H 2496 -10.74 37.68 86.97
C PRO H 2496 -11.45 38.21 85.74
N ASP H 2497 -10.90 39.21 85.04
CA ASP H 2497 -11.47 39.56 83.74
C ASP H 2497 -11.16 38.49 82.70
N HIS H 2498 -9.98 37.86 82.81
CA HIS H 2498 -9.74 36.65 82.03
C HIS H 2498 -10.72 35.56 82.42
N LYS H 2499 -10.97 35.42 83.73
CA LYS H 2499 -11.99 34.47 84.18
C LYS H 2499 -13.37 34.82 83.60
N ALA H 2500 -13.64 36.11 83.44
CA ALA H 2500 -14.91 36.56 82.87
C ALA H 2500 -15.03 36.20 81.40
N SER H 2501 -13.94 36.36 80.64
CA SER H 2501 -13.92 35.85 79.28
C SER H 2501 -14.16 34.34 79.26
N MET H 2502 -13.59 33.63 80.23
CA MET H 2502 -13.78 32.19 80.34
C MET H 2502 -15.25 31.81 80.49
N VAL H 2503 -15.92 32.44 81.44
CA VAL H 2503 -17.33 32.11 81.69
C VAL H 2503 -18.22 32.65 80.57
N LEU H 2504 -17.79 33.71 79.89
CA LEU H 2504 -18.54 34.21 78.76
C LEU H 2504 -18.53 33.21 77.61
N PHE H 2505 -17.35 32.66 77.29
CA PHE H 2505 -17.30 31.57 76.34
C PHE H 2505 -18.12 30.38 76.81
N LEU H 2506 -18.11 30.11 78.11
CA LEU H 2506 -18.87 28.98 78.64
C LEU H 2506 -20.36 29.14 78.39
N ASP H 2507 -20.94 30.28 78.79
CA ASP H 2507 -22.38 30.43 78.69
C ASP H 2507 -22.83 30.79 77.28
N ARG H 2508 -21.88 31.21 76.43
CA ARG H 2508 -22.22 31.50 75.05
C ARG H 2508 -22.17 30.25 74.18
N VAL H 2509 -21.21 29.37 74.42
CA VAL H 2509 -20.95 28.25 73.52
C VAL H 2509 -21.37 26.94 74.19
N TYR H 2510 -20.71 26.61 75.31
CA TYR H 2510 -21.06 25.40 76.02
C TYR H 2510 -22.39 25.53 76.72
N GLY H 2511 -22.70 26.73 77.23
CA GLY H 2511 -23.92 26.94 77.96
C GLY H 2511 -23.89 26.26 79.31
N ILE H 2512 -24.99 26.45 80.05
CA ILE H 2512 -25.17 25.83 81.36
C ILE H 2512 -26.54 25.18 81.37
N GLU H 2513 -26.58 23.86 81.55
CA GLU H 2513 -27.78 23.08 81.32
C GLU H 2513 -28.23 22.22 82.49
N ASN H 2514 -27.31 21.76 83.34
CA ASN H 2514 -27.63 20.81 84.39
C ASN H 2514 -27.51 21.50 85.75
N GLN H 2515 -28.43 21.15 86.66
CA GLN H 2515 -28.39 21.72 88.00
C GLN H 2515 -27.14 21.29 88.74
N ASP H 2516 -26.78 20.01 88.65
CA ASP H 2516 -25.56 19.54 89.31
C ASP H 2516 -24.32 20.11 88.65
N PHE H 2517 -24.36 20.29 87.32
CA PHE H 2517 -23.24 20.94 86.64
C PHE H 2517 -23.05 22.36 87.16
N LEU H 2518 -24.15 23.11 87.26
CA LEU H 2518 -24.06 24.45 87.83
C LEU H 2518 -23.52 24.41 89.25
N LEU H 2519 -24.01 23.47 90.05
CA LEU H 2519 -23.61 23.41 91.45
C LEU H 2519 -22.11 23.14 91.60
N HIS H 2520 -21.58 22.20 90.80
CA HIS H 2520 -20.16 21.89 90.94
C HIS H 2520 -19.31 23.01 90.37
N VAL H 2521 -19.75 23.64 89.27
CA VAL H 2521 -19.03 24.79 88.75
C VAL H 2521 -18.96 25.88 89.83
N LEU H 2522 -20.07 26.10 90.52
CA LEU H 2522 -20.08 27.07 91.61
C LEU H 2522 -19.09 26.68 92.70
N ASP H 2523 -19.19 25.46 93.23
CA ASP H 2523 -18.47 25.16 94.47
C ASP H 2523 -17.00 24.86 94.20
N VAL H 2524 -16.60 24.69 92.94
CA VAL H 2524 -15.18 24.53 92.67
C VAL H 2524 -14.56 25.82 92.15
N GLY H 2525 -15.27 26.56 91.30
CA GLY H 2525 -14.69 27.76 90.73
C GLY H 2525 -15.33 29.09 91.13
N PHE H 2526 -16.65 29.10 91.27
CA PHE H 2526 -17.33 30.35 91.62
C PHE H 2526 -17.26 30.61 93.12
N LEU H 2527 -17.16 29.55 93.92
CA LEU H 2527 -16.97 29.73 95.35
C LEU H 2527 -15.59 30.26 95.72
N PRO H 2528 -14.50 29.94 95.01
CA PRO H 2528 -13.27 30.73 95.21
C PRO H 2528 -13.46 32.21 94.93
N ASP H 2529 -14.18 32.55 93.87
CA ASP H 2529 -14.55 33.95 93.63
C ASP H 2529 -15.33 34.51 94.81
N MET H 2530 -16.17 33.68 95.43
CA MET H 2530 -17.11 34.22 96.38
C MET H 2530 -16.44 34.40 97.74
N ARG H 2531 -15.54 33.48 98.08
CA ARG H 2531 -14.61 33.72 99.18
C ARG H 2531 -13.76 34.96 98.93
N ALA H 2532 -13.38 35.19 97.67
CA ALA H 2532 -12.67 36.43 97.35
C ALA H 2532 -13.54 37.64 97.66
N ALA H 2533 -14.82 37.59 97.33
CA ALA H 2533 -15.74 38.67 97.71
C ALA H 2533 -15.85 38.80 99.22
N ALA H 2534 -15.83 37.66 99.92
CA ALA H 2534 -15.83 37.68 101.39
C ALA H 2534 -14.63 38.45 101.92
N SER H 2535 -13.47 38.23 101.32
CA SER H 2535 -12.29 39.04 101.64
C SER H 2535 -12.52 40.49 101.23
N LEU H 2536 -13.22 40.71 100.13
CA LEU H 2536 -13.45 42.06 99.63
C LEU H 2536 -14.28 42.88 100.60
N ASP H 2537 -15.13 42.23 101.39
CA ASP H 2537 -16.00 42.94 102.34
C ASP H 2537 -15.15 43.42 103.52
N THR H 2538 -14.18 44.28 103.20
CA THR H 2538 -13.24 44.85 104.15
C THR H 2538 -13.01 46.30 103.74
N ALA H 2539 -12.68 47.16 104.72
CA ALA H 2539 -12.43 48.56 104.40
C ALA H 2539 -11.24 48.72 103.46
N THR H 2540 -10.12 48.07 103.78
CA THR H 2540 -8.94 48.16 102.94
C THR H 2540 -9.20 47.57 101.55
N PHE H 2541 -9.93 46.46 101.49
CA PHE H 2541 -10.25 45.87 100.20
C PHE H 2541 -11.13 46.80 99.38
N SER H 2542 -12.12 47.42 100.02
CA SER H 2542 -12.98 48.37 99.30
C SER H 2542 -12.18 49.56 98.80
N THR H 2543 -11.15 49.97 99.55
CA THR H 2543 -10.30 51.06 99.07
C THR H 2543 -9.54 50.67 97.81
N THR H 2544 -8.98 49.45 97.77
CA THR H 2544 -8.19 49.07 96.61
C THR H 2544 -9.08 48.81 95.41
N GLU H 2545 -8.49 48.91 94.21
CA GLU H 2545 -9.30 48.94 92.99
C GLU H 2545 -9.57 47.55 92.45
N MET H 2546 -8.83 46.53 92.94
CA MET H 2546 -9.10 45.17 92.47
C MET H 2546 -10.43 44.65 93.01
N ALA H 2547 -10.86 45.14 94.18
CA ALA H 2547 -12.21 44.84 94.63
C ALA H 2547 -13.24 45.38 93.65
N LEU H 2548 -13.02 46.60 93.17
CA LEU H 2548 -13.90 47.19 92.16
C LEU H 2548 -13.83 46.41 90.85
N ALA H 2549 -12.63 45.94 90.50
CA ALA H 2549 -12.49 45.10 89.31
C ALA H 2549 -13.29 43.81 89.46
N LEU H 2550 -13.26 43.21 90.65
CA LEU H 2550 -14.07 42.02 90.91
C LEU H 2550 -15.56 42.36 90.88
N ASN H 2551 -15.92 43.57 91.31
CA ASN H 2551 -17.33 43.98 91.24
C ASN H 2551 -17.81 44.03 89.78
N ARG H 2552 -17.04 44.70 88.91
CA ARG H 2552 -17.38 44.66 87.49
C ARG H 2552 -17.37 43.24 86.95
N TYR H 2553 -16.36 42.44 87.30
CA TYR H 2553 -16.29 41.05 86.85
C TYR H 2553 -17.57 40.31 87.18
N LEU H 2554 -17.99 40.34 88.44
CA LEU H 2554 -19.22 39.67 88.84
C LEU H 2554 -20.41 40.21 88.06
N CYS H 2555 -20.60 41.53 88.06
CA CYS H 2555 -21.81 42.10 87.48
C CYS H 2555 -21.89 41.91 85.97
N LEU H 2556 -20.75 41.65 85.31
CA LEU H 2556 -20.80 41.48 83.86
C LEU H 2556 -20.84 40.01 83.47
N ALA H 2557 -20.26 39.13 84.29
CA ALA H 2557 -20.09 37.74 83.92
C ALA H 2557 -20.93 36.79 84.77
N VAL H 2558 -20.80 36.87 86.08
CA VAL H 2558 -21.41 35.85 86.95
C VAL H 2558 -22.85 36.20 87.23
N LEU H 2559 -23.13 37.47 87.50
CA LEU H 2559 -24.49 37.87 87.87
C LEU H 2559 -25.52 37.58 86.79
N PRO H 2560 -25.34 37.94 85.52
CA PRO H 2560 -26.31 37.51 84.51
C PRO H 2560 -26.41 36.00 84.38
N LEU H 2561 -25.28 35.30 84.48
CA LEU H 2561 -25.28 33.84 84.47
C LEU H 2561 -26.09 33.30 85.62
N ILE H 2562 -25.92 33.86 86.81
CA ILE H 2562 -26.66 33.40 87.98
C ILE H 2562 -28.16 33.69 87.81
N THR H 2563 -28.49 34.87 87.27
CA THR H 2563 -29.90 35.21 87.08
C THR H 2563 -30.58 34.23 86.13
N LYS H 2564 -29.92 33.88 85.03
CA LYS H 2564 -30.53 32.92 84.11
C LYS H 2564 -30.41 31.50 84.63
N CYS H 2565 -29.56 31.28 85.63
CA CYS H 2565 -29.48 29.98 86.29
C CYS H 2565 -30.43 29.86 87.47
N ALA H 2566 -31.16 30.93 87.78
CA ALA H 2566 -32.09 30.88 88.91
C ALA H 2566 -33.06 29.70 88.88
N PRO H 2567 -33.68 29.34 87.74
CA PRO H 2567 -34.57 28.16 87.77
C PRO H 2567 -33.87 26.87 88.18
N LEU H 2568 -32.56 26.77 87.94
CA LEU H 2568 -31.84 25.55 88.28
C LEU H 2568 -31.70 25.38 89.79
N PHE H 2569 -31.60 26.49 90.52
CA PHE H 2569 -31.32 26.41 91.95
C PHE H 2569 -32.44 25.74 92.72
N ALA H 2570 -33.66 25.75 92.17
CA ALA H 2570 -34.79 25.15 92.87
C ALA H 2570 -34.68 23.63 92.90
N GLY H 2571 -33.88 23.05 92.00
CA GLY H 2571 -33.83 21.60 91.86
C GLY H 2571 -33.27 20.89 93.08
N THR H 2572 -32.18 21.40 93.62
CA THR H 2572 -31.38 20.68 94.62
C THR H 2572 -31.92 20.92 96.02
N GLU H 2573 -31.76 19.90 96.88
CA GLU H 2573 -32.15 20.04 98.29
C GLU H 2573 -30.96 19.80 99.21
N HIS H 2574 -30.09 18.84 98.86
CA HIS H 2574 -28.93 18.55 99.70
C HIS H 2574 -27.95 19.71 99.69
N ARG H 2575 -27.72 20.32 98.52
CA ARG H 2575 -26.76 21.41 98.38
C ARG H 2575 -27.27 22.73 98.96
N ALA H 2576 -28.32 22.69 99.78
CA ALA H 2576 -29.01 23.91 100.21
C ALA H 2576 -28.21 24.69 101.24
N ILE H 2577 -27.43 24.00 102.05
CA ILE H 2577 -26.62 24.66 103.07
C ILE H 2577 -25.51 25.51 102.42
N MET H 2578 -24.78 24.90 101.48
CA MET H 2578 -23.86 25.63 100.61
C MET H 2578 -24.55 26.74 99.81
N VAL H 2579 -25.81 26.52 99.41
CA VAL H 2579 -26.51 27.61 98.75
C VAL H 2579 -26.85 28.72 99.74
N ASP H 2580 -27.06 28.36 101.00
CA ASP H 2580 -27.32 29.39 101.99
C ASP H 2580 -26.06 30.21 102.25
N SER H 2581 -24.91 29.55 102.25
CA SER H 2581 -23.64 30.28 102.30
C SER H 2581 -23.51 31.19 101.08
N MET H 2582 -23.92 30.70 99.91
CA MET H 2582 -24.09 31.56 98.75
C MET H 2582 -24.86 32.82 99.13
N LEU H 2583 -26.04 32.63 99.71
CA LEU H 2583 -26.94 33.76 99.98
C LEU H 2583 -26.32 34.73 100.97
N HIS H 2584 -25.62 34.22 101.98
CA HIS H 2584 -24.97 35.11 102.93
CA HIS H 2584 -24.98 35.13 102.92
C HIS H 2584 -23.92 35.96 102.25
N THR H 2585 -23.12 35.35 101.39
CA THR H 2585 -22.09 36.11 100.70
C THR H 2585 -22.69 37.19 99.80
N VAL H 2586 -23.73 36.85 99.05
CA VAL H 2586 -24.34 37.84 98.16
C VAL H 2586 -25.05 38.94 98.95
N TYR H 2587 -25.57 38.59 100.13
CA TYR H 2587 -26.16 39.61 100.99
C TYR H 2587 -25.09 40.54 101.55
N ARG H 2588 -23.91 40.00 101.85
CA ARG H 2588 -22.82 40.87 102.28
C ARG H 2588 -22.36 41.78 101.14
N LEU H 2589 -22.42 41.28 99.89
CA LEU H 2589 -22.18 42.16 98.76
C LEU H 2589 -23.21 43.27 98.70
N SER H 2590 -24.48 42.94 98.93
CA SER H 2590 -25.50 43.97 99.05
C SER H 2590 -25.15 44.98 100.14
N ARG H 2591 -24.60 44.49 101.25
CA ARG H 2591 -24.02 45.35 102.29
C ARG H 2591 -22.66 45.86 101.79
N GLY H 2592 -22.71 46.57 100.67
CA GLY H 2592 -21.49 46.89 99.94
C GLY H 2592 -20.93 48.27 100.19
N ARG H 2593 -19.69 48.31 100.67
CA ARG H 2593 -18.95 49.56 100.76
C ARG H 2593 -18.03 49.71 99.56
N SER H 2594 -17.95 50.95 99.05
CA SER H 2594 -17.29 51.25 97.78
C SER H 2594 -17.92 50.45 96.64
N LEU H 2595 -19.24 50.52 96.54
CA LEU H 2595 -20.00 49.83 95.50
C LEU H 2595 -20.88 50.84 94.78
N THR H 2596 -20.83 50.82 93.45
CA THR H 2596 -21.60 51.77 92.66
C THR H 2596 -23.08 51.42 92.69
N LYS H 2597 -23.92 52.43 92.44
CA LYS H 2597 -25.37 52.24 92.53
C LYS H 2597 -25.87 51.24 91.49
N ALA H 2598 -25.39 51.35 90.24
CA ALA H 2598 -25.87 50.46 89.19
C ALA H 2598 -25.45 49.02 89.46
N GLN H 2599 -24.18 48.81 89.82
CA GLN H 2599 -23.71 47.46 90.11
C GLN H 2599 -24.44 46.87 91.31
N ARG H 2600 -24.66 47.69 92.34
CA ARG H 2600 -25.37 47.19 93.52
C ARG H 2600 -26.81 46.84 93.19
N ASP H 2601 -27.45 47.63 92.30
CA ASP H 2601 -28.79 47.28 91.85
C ASP H 2601 -28.80 45.98 91.07
N VAL H 2602 -27.77 45.75 90.25
CA VAL H 2602 -27.65 44.48 89.55
C VAL H 2602 -27.53 43.33 90.54
N ILE H 2603 -26.74 43.52 91.60
CA ILE H 2603 -26.63 42.49 92.63
C ILE H 2603 -27.97 42.26 93.31
N GLU H 2604 -28.72 43.34 93.57
CA GLU H 2604 -30.04 43.18 94.19
C GLU H 2604 -30.97 42.37 93.32
N ASP H 2605 -31.01 42.69 92.01
CA ASP H 2605 -31.87 41.96 91.09
C ASP H 2605 -31.45 40.49 91.00
N CYS H 2606 -30.13 40.24 90.96
CA CYS H 2606 -29.65 38.88 90.91
C CYS H 2606 -30.04 38.10 92.17
N LEU H 2607 -29.91 38.74 93.33
CA LEU H 2607 -30.26 38.08 94.58
C LEU H 2607 -31.75 37.74 94.59
N MET H 2608 -32.58 38.67 94.13
CA MET H 2608 -34.02 38.41 94.05
C MET H 2608 -34.34 37.25 93.12
N ALA H 2609 -33.74 37.25 91.92
CA ALA H 2609 -34.05 36.22 90.95
C ALA H 2609 -33.62 34.85 91.45
N LEU H 2610 -32.46 34.76 92.09
CA LEU H 2610 -32.03 33.48 92.65
C LEU H 2610 -32.90 33.10 93.84
N CYS H 2611 -33.36 34.09 94.61
CA CYS H 2611 -34.08 33.80 95.85
C CYS H 2611 -35.49 33.29 95.58
N ARG H 2612 -36.10 33.72 94.48
CA ARG H 2612 -37.46 33.27 94.19
CA ARG H 2612 -37.46 33.28 94.18
C ARG H 2612 -37.55 31.76 94.09
N TYR H 2613 -36.60 31.13 93.40
CA TYR H 2613 -36.69 29.69 93.17
C TYR H 2613 -36.36 28.88 94.41
N ILE H 2614 -35.68 29.49 95.40
CA ILE H 2614 -35.31 28.75 96.59
C ILE H 2614 -36.55 28.42 97.39
N ARG H 2615 -36.56 27.23 97.98
CA ARG H 2615 -37.59 26.86 98.94
C ARG H 2615 -37.51 27.77 100.16
N PRO H 2616 -38.65 28.18 100.70
CA PRO H 2616 -38.62 29.10 101.86
C PRO H 2616 -38.02 28.48 103.12
N SER H 2617 -37.95 27.16 103.21
CA SER H 2617 -37.54 26.52 104.46
C SER H 2617 -36.07 26.81 104.79
N MET H 2618 -35.18 26.67 103.80
CA MET H 2618 -33.77 26.96 104.03
C MET H 2618 -33.47 28.45 103.98
N LEU H 2619 -34.41 29.25 103.47
CA LEU H 2619 -34.16 30.69 103.35
C LEU H 2619 -34.12 31.36 104.71
N GLN H 2620 -34.70 30.73 105.74
CA GLN H 2620 -34.72 31.34 107.06
C GLN H 2620 -33.31 31.53 107.61
N HIS H 2621 -32.35 30.74 107.11
CA HIS H 2621 -30.97 30.88 107.57
C HIS H 2621 -30.41 32.25 107.25
N LEU H 2622 -30.67 32.76 106.04
CA LEU H 2622 -30.29 34.14 105.73
C LEU H 2622 -31.30 35.12 106.31
N LEU H 2623 -32.57 34.70 106.41
CA LEU H 2623 -33.61 35.60 106.90
C LEU H 2623 -33.32 36.04 108.33
N ARG H 2624 -32.72 35.18 109.14
CA ARG H 2624 -32.40 35.58 110.51
C ARG H 2624 -31.31 36.66 110.52
N ARG H 2625 -30.33 36.53 109.63
CA ARG H 2625 -29.29 37.56 109.52
C ARG H 2625 -29.90 38.88 109.07
N LEU H 2626 -30.89 38.83 108.18
CA LEU H 2626 -31.66 40.04 107.89
C LEU H 2626 -32.39 40.55 109.13
N VAL H 2627 -33.00 39.64 109.90
CA VAL H 2627 -33.71 40.03 111.12
C VAL H 2627 -32.78 40.81 112.03
N PHE H 2628 -31.49 40.46 112.03
CA PHE H 2628 -30.51 41.30 112.72
C PHE H 2628 -30.41 42.67 112.06
N ASP H 2629 -30.44 42.72 110.72
CA ASP H 2629 -30.18 43.98 110.02
C ASP H 2629 -31.45 44.78 109.77
N VAL H 2630 -32.62 44.12 109.85
CA VAL H 2630 -33.87 44.82 109.54
C VAL H 2630 -34.14 46.00 110.45
N PRO H 2631 -34.00 45.92 111.78
CA PRO H 2631 -34.42 47.06 112.62
C PRO H 2631 -33.67 48.35 112.33
N ILE H 2632 -32.50 48.28 111.69
CA ILE H 2632 -31.71 49.49 111.43
C ILE H 2632 -32.46 50.43 110.50
N LEU H 2633 -33.04 49.89 109.42
CA LEU H 2633 -33.75 50.69 108.41
C LEU H 2633 -32.86 51.78 107.83
N ASN H 2634 -31.57 51.50 107.67
CA ASN H 2634 -30.72 52.43 106.94
C ASN H 2634 -30.97 52.28 105.44
N GLU H 2635 -30.39 53.19 104.67
CA GLU H 2635 -30.57 53.14 103.22
C GLU H 2635 -29.96 51.85 102.64
N PHE H 2636 -29.06 51.21 103.39
CA PHE H 2636 -28.64 49.86 103.02
C PHE H 2636 -29.76 48.85 103.23
N ALA H 2637 -30.44 48.92 104.38
CA ALA H 2637 -31.47 47.92 104.69
C ALA H 2637 -32.78 48.24 103.98
N LYS H 2638 -32.84 49.37 103.27
CA LYS H 2638 -34.06 49.72 102.55
C LYS H 2638 -34.36 48.71 101.46
N MET H 2639 -33.32 48.26 100.74
CA MET H 2639 -33.54 47.32 99.64
C MET H 2639 -33.81 45.90 100.11
N PRO H 2640 -33.22 45.40 101.21
CA PRO H 2640 -33.74 44.13 101.76
C PRO H 2640 -35.17 44.23 102.24
N LEU H 2641 -35.67 45.44 102.50
CA LEU H 2641 -37.09 45.59 102.85
C LEU H 2641 -37.97 45.28 101.64
N LYS H 2642 -37.62 45.84 100.47
CA LYS H 2642 -38.28 45.46 99.23
C LYS H 2642 -38.14 43.96 98.98
N LEU H 2643 -36.94 43.42 99.22
CA LEU H 2643 -36.71 42.00 99.00
C LEU H 2643 -37.61 41.15 99.91
N LEU H 2644 -37.74 41.54 101.17
CA LEU H 2644 -38.60 40.81 102.09
C LEU H 2644 -40.07 40.93 101.70
N THR H 2645 -40.48 42.11 101.23
CA THR H 2645 -41.86 42.27 100.78
C THR H 2645 -42.16 41.33 99.62
N ASN H 2646 -41.26 41.26 98.63
CA ASN H 2646 -41.47 40.35 97.52
C ASN H 2646 -41.43 38.89 97.97
N HIS H 2647 -40.52 38.55 98.89
CA HIS H 2647 -40.46 37.19 99.41
C HIS H 2647 -41.75 36.78 100.11
N TYR H 2648 -42.29 37.68 100.93
CA TYR H 2648 -43.53 37.38 101.63
C TYR H 2648 -44.69 37.26 100.66
N GLU H 2649 -44.75 38.14 99.65
CA GLU H 2649 -45.79 38.02 98.64
C GLU H 2649 -45.70 36.70 97.90
N ARG H 2650 -44.46 36.22 97.66
CA ARG H 2650 -44.28 34.98 96.91
C ARG H 2650 -44.63 33.76 97.76
N CYS H 2651 -44.28 33.79 99.04
CA CYS H 2651 -44.42 32.62 99.89
C CYS H 2651 -45.57 32.70 100.89
N TRP H 2652 -46.49 33.66 100.72
CA TRP H 2652 -47.61 33.78 101.67
C TRP H 2652 -48.48 32.53 101.68
N LYS H 2653 -48.76 31.96 100.51
CA LYS H 2653 -49.62 30.79 100.47
C LYS H 2653 -48.95 29.59 101.12
N TYR H 2654 -47.64 29.40 100.86
CA TYR H 2654 -46.91 28.31 101.50
C TYR H 2654 -46.90 28.48 103.02
N TYR H 2655 -46.69 29.71 103.49
CA TYR H 2655 -46.67 29.94 104.94
C TYR H 2655 -48.05 29.74 105.55
N CYS H 2656 -49.11 30.14 104.85
CA CYS H 2656 -50.44 30.08 105.43
C CYS H 2656 -51.00 28.66 105.44
N LEU H 2657 -50.70 27.88 104.41
CA LEU H 2657 -51.24 26.53 104.35
C LEU H 2657 -50.63 25.67 105.45
N PRO H 2658 -51.45 25.08 106.33
CA PRO H 2658 -50.88 24.18 107.35
C PRO H 2658 -50.24 22.94 106.76
N THR H 2659 -50.87 22.34 105.74
CA THR H 2659 -50.24 21.23 105.04
C THR H 2659 -49.12 21.72 104.14
N GLY H 2660 -49.20 22.98 103.70
CA GLY H 2660 -48.19 23.56 102.86
C GLY H 2660 -48.35 23.19 101.40
N TRP H 2661 -47.52 23.82 100.56
CA TRP H 2661 -47.50 23.50 99.15
C TRP H 2661 -47.04 22.06 98.93
N ALA H 2662 -47.59 21.42 97.90
CA ALA H 2662 -47.26 20.04 97.62
C ALA H 2662 -45.75 19.86 97.42
N ASN H 2663 -45.21 18.78 97.96
CA ASN H 2663 -43.81 18.38 97.83
C ASN H 2663 -42.86 19.35 98.51
N PHE H 2664 -43.42 20.33 99.21
CA PHE H 2664 -42.58 21.32 99.86
C PHE H 2664 -42.51 21.09 101.36
N GLY H 2665 -43.65 20.88 102.01
CA GLY H 2665 -43.65 20.62 103.44
C GLY H 2665 -44.46 21.66 104.21
N VAL H 2666 -44.06 21.84 105.47
CA VAL H 2666 -44.75 22.72 106.39
C VAL H 2666 -43.74 23.71 106.96
N THR H 2667 -44.23 24.93 107.24
CA THR H 2667 -43.40 25.92 107.89
C THR H 2667 -42.92 25.41 109.25
N SER H 2668 -41.65 25.70 109.54
CA SER H 2668 -41.01 25.13 110.73
C SER H 2668 -41.37 25.91 111.99
N GLU H 2669 -41.98 27.08 111.82
CA GLU H 2669 -42.51 27.95 112.88
C GLU H 2669 -41.44 28.71 113.64
N GLU H 2670 -40.16 28.33 113.49
CA GLU H 2670 -39.12 29.26 113.94
C GLU H 2670 -38.96 30.38 112.94
N GLU H 2671 -39.15 30.09 111.65
CA GLU H 2671 -39.25 31.15 110.66
C GLU H 2671 -40.51 31.97 110.88
N LEU H 2672 -41.55 31.37 111.45
CA LEU H 2672 -42.75 32.13 111.79
C LEU H 2672 -42.47 33.09 112.94
N HIS H 2673 -41.68 32.64 113.93
CA HIS H 2673 -41.24 33.54 114.99
C HIS H 2673 -40.33 34.62 114.44
N LEU H 2674 -39.52 34.29 113.42
CA LEU H 2674 -38.75 35.30 112.71
C LEU H 2674 -39.66 36.34 112.07
N THR H 2675 -40.75 35.88 111.45
CA THR H 2675 -41.72 36.80 110.86
C THR H 2675 -42.36 37.69 111.93
N ARG H 2676 -42.65 37.11 113.10
CA ARG H 2676 -43.18 37.90 114.20
C ARG H 2676 -42.19 38.97 114.64
N LYS H 2677 -40.91 38.62 114.78
CA LYS H 2677 -39.93 39.61 115.18
C LYS H 2677 -39.73 40.66 114.10
N LEU H 2678 -39.84 40.27 112.83
CA LEU H 2678 -39.80 41.26 111.75
C LEU H 2678 -40.97 42.23 111.85
N PHE H 2679 -42.16 41.71 112.12
CA PHE H 2679 -43.31 42.57 112.35
C PHE H 2679 -43.04 43.56 113.48
N TRP H 2680 -42.60 43.05 114.63
CA TRP H 2680 -42.35 43.93 115.77
C TRP H 2680 -41.27 44.97 115.46
N GLY H 2681 -40.17 44.54 114.81
CA GLY H 2681 -39.09 45.46 114.53
C GLY H 2681 -39.49 46.56 113.56
N ILE H 2682 -40.05 46.18 112.41
CA ILE H 2682 -40.45 47.18 111.42
C ILE H 2682 -41.56 48.07 111.98
N PHE H 2683 -42.45 47.49 112.79
CA PHE H 2683 -43.57 48.24 113.32
C PHE H 2683 -43.11 49.28 114.34
N ASP H 2684 -42.26 48.88 115.29
CA ASP H 2684 -41.70 49.85 116.22
C ASP H 2684 -40.82 50.86 115.51
N SER H 2685 -40.14 50.44 114.44
CA SER H 2685 -39.31 51.35 113.67
C SER H 2685 -40.15 52.45 113.03
N LEU H 2686 -41.21 52.07 112.33
CA LEU H 2686 -42.09 53.06 111.72
C LEU H 2686 -42.81 53.87 112.78
N ALA H 2687 -42.99 53.30 113.97
CA ALA H 2687 -43.61 54.04 115.06
C ALA H 2687 -42.70 55.17 115.55
N HIS H 2688 -41.42 54.87 115.80
CA HIS H 2688 -40.58 55.85 116.46
C HIS H 2688 -39.77 56.68 115.46
N LYS H 2689 -39.88 56.36 114.17
CA LYS H 2689 -39.16 57.17 113.18
C LYS H 2689 -40.03 58.29 112.65
N LYS H 2690 -39.38 59.34 112.17
CA LYS H 2690 -40.06 60.53 111.69
C LYS H 2690 -40.62 60.30 110.30
N TYR H 2691 -41.52 61.20 109.87
CA TYR H 2691 -42.12 61.13 108.54
C TYR H 2691 -41.05 61.06 107.46
N ASP H 2692 -41.23 60.15 106.51
CA ASP H 2692 -40.32 60.00 105.38
C ASP H 2692 -41.13 59.56 104.17
N GLN H 2693 -41.09 60.36 103.10
CA GLN H 2693 -41.83 60.02 101.89
C GLN H 2693 -41.25 58.79 101.22
N GLU H 2694 -39.92 58.63 101.26
CA GLU H 2694 -39.31 57.41 100.74
C GLU H 2694 -39.75 56.19 101.54
N LEU H 2695 -39.78 56.32 102.86
CA LEU H 2695 -40.22 55.21 103.69
C LEU H 2695 -41.68 54.88 103.42
N TYR H 2696 -42.50 55.89 103.13
CA TYR H 2696 -43.91 55.62 102.86
C TYR H 2696 -44.11 55.04 101.47
N ARG H 2697 -43.29 55.41 100.49
CA ARG H 2697 -43.41 54.76 99.19
C ARG H 2697 -42.85 53.34 99.23
N MET H 2698 -42.04 53.03 100.23
CA MET H 2698 -41.71 51.63 100.51
C MET H 2698 -42.79 50.97 101.36
N ALA H 2699 -43.59 51.78 102.07
CA ALA H 2699 -44.58 51.22 102.98
C ALA H 2699 -45.91 50.99 102.29
N MET H 2700 -46.07 51.55 101.09
CA MET H 2700 -47.18 51.12 100.23
C MET H 2700 -47.04 49.65 99.83
N PRO H 2701 -45.88 49.14 99.41
CA PRO H 2701 -45.73 47.68 99.29
C PRO H 2701 -46.00 46.95 100.60
N CYS H 2702 -45.66 47.57 101.73
CA CYS H 2702 -46.17 47.25 103.06
C CYS H 2702 -45.81 45.88 103.64
N LEU H 2703 -45.66 45.84 104.96
CA LEU H 2703 -45.58 44.61 105.74
C LEU H 2703 -46.93 43.92 105.83
N CYS H 2704 -47.91 44.41 105.08
CA CYS H 2704 -49.13 43.68 104.81
C CYS H 2704 -48.83 42.27 104.31
N ALA H 2705 -47.84 42.12 103.42
CA ALA H 2705 -47.45 40.79 102.95
C ALA H 2705 -46.91 39.94 104.10
N ILE H 2706 -46.12 40.56 104.98
CA ILE H 2706 -45.60 39.85 106.15
C ILE H 2706 -46.74 39.35 107.02
N ALA H 2707 -47.72 40.24 107.28
CA ALA H 2707 -48.84 39.87 108.14
C ALA H 2707 -49.72 38.82 107.49
N GLY H 2708 -49.91 38.89 106.17
CA GLY H 2708 -50.69 37.88 105.48
C GLY H 2708 -50.02 36.52 105.49
N ALA H 2709 -48.70 36.49 105.29
CA ALA H 2709 -47.97 35.24 105.36
C ALA H 2709 -48.01 34.65 106.77
N LEU H 2710 -47.85 35.50 107.79
CA LEU H 2710 -47.94 35.04 109.15
C LEU H 2710 -49.38 34.67 109.51
N PRO H 2711 -49.62 33.44 109.97
CA PRO H 2711 -50.96 33.06 110.39
C PRO H 2711 -51.26 33.59 111.78
N PRO H 2712 -52.53 33.76 112.12
CA PRO H 2712 -52.85 34.21 113.47
C PRO H 2712 -52.66 33.14 114.53
N ASP H 2713 -53.01 31.89 114.22
CA ASP H 2713 -53.26 30.89 115.24
C ASP H 2713 -52.02 30.50 116.03
N TYR H 2714 -50.83 30.64 115.44
CA TYR H 2714 -49.64 30.03 116.03
C TYR H 2714 -49.33 30.65 117.39
N VAL H 2715 -48.67 29.86 118.24
CA VAL H 2715 -48.32 30.26 119.60
C VAL H 2715 -46.82 30.49 119.65
N ASP H 2716 -46.41 31.67 120.12
CA ASP H 2716 -45.00 31.98 120.25
C ASP H 2716 -44.40 31.24 121.44
N ALA H 2717 -43.07 31.22 121.51
CA ALA H 2717 -42.39 30.52 122.60
C ALA H 2717 -42.67 31.17 123.94
N SER H 2718 -42.54 32.49 124.03
CA SER H 2718 -42.71 33.21 125.27
C SER H 2718 -42.91 34.69 125.01
N TYR H 2719 -43.27 35.42 126.06
CA TYR H 2719 -43.36 36.89 126.05
C TYR H 2719 -42.39 37.43 127.10
N SER H 2720 -41.13 37.59 126.70
CA SER H 2720 -40.08 38.07 127.60
C SER H 2720 -39.13 38.96 126.82
N SER H 2721 -38.53 39.90 127.54
CA SER H 2721 -37.57 40.81 126.92
C SER H 2721 -36.27 40.08 126.59
N LYS H 2722 -35.73 40.37 125.41
CA LYS H 2722 -34.46 39.74 125.02
C LYS H 2722 -33.30 40.25 125.86
N ALA H 2723 -33.32 41.54 126.21
CA ALA H 2723 -32.27 42.18 127.02
C ALA H 2723 -30.89 41.98 126.38
N GLU H 2724 -30.83 42.09 125.05
CA GLU H 2724 -29.59 41.92 124.32
C GLU H 2724 -29.66 42.72 123.02
N LYS H 2725 -28.59 43.44 122.72
CA LYS H 2725 -28.52 44.25 121.51
C LYS H 2725 -28.46 43.35 120.27
N ASN H 2734 -20.66 45.39 114.47
CA ASN H 2734 -21.87 44.75 113.95
C ASN H 2734 -22.75 44.27 115.10
N PHE H 2735 -22.32 43.19 115.75
CA PHE H 2735 -23.03 42.61 116.88
C PHE H 2735 -22.08 42.53 118.07
N ASP H 2736 -22.40 43.25 119.14
CA ASP H 2736 -21.62 43.21 120.36
C ASP H 2736 -22.53 42.87 121.53
N PRO H 2737 -22.30 41.73 122.20
CA PRO H 2737 -23.10 41.41 123.38
C PRO H 2737 -22.46 41.89 124.67
N ARG H 2738 -23.27 42.29 125.64
CA ARG H 2738 -22.79 42.79 126.92
C ARG H 2738 -23.31 41.93 128.05
N PRO H 2739 -22.44 41.24 128.79
CA PRO H 2739 -22.93 40.31 129.82
C PRO H 2739 -23.07 40.98 131.17
N VAL H 2740 -23.57 40.21 132.13
CA VAL H 2740 -23.66 40.62 133.52
C VAL H 2740 -23.04 39.52 134.37
N GLU H 2741 -21.91 39.83 135.00
CA GLU H 2741 -21.18 38.87 135.81
C GLU H 2741 -20.83 39.49 137.16
N THR H 2742 -20.76 38.64 138.19
CA THR H 2742 -20.48 39.09 139.55
C THR H 2742 -19.20 38.47 140.13
N LEU H 2743 -18.28 38.03 139.28
CA LEU H 2743 -17.03 37.45 139.78
C LEU H 2743 -16.25 38.43 140.64
N ASN H 2744 -16.31 39.72 140.29
CA ASN H 2744 -15.56 40.72 141.05
C ASN H 2744 -16.04 40.77 142.51
N VAL H 2745 -17.31 40.46 142.73
CA VAL H 2745 -17.83 40.33 144.09
C VAL H 2745 -17.25 39.06 144.72
N ILE H 2746 -17.04 39.10 146.04
CA ILE H 2746 -16.43 37.98 146.74
C ILE H 2746 -17.27 36.71 146.54
N ILE H 2747 -16.63 35.56 146.70
CA ILE H 2747 -17.23 34.28 146.39
C ILE H 2747 -17.26 33.44 147.67
N PRO H 2748 -18.27 32.60 147.88
CA PRO H 2748 -18.26 31.73 149.07
C PRO H 2748 -17.39 30.51 148.84
N GLU H 2749 -16.63 30.14 149.88
CA GLU H 2749 -15.78 28.96 149.78
C GLU H 2749 -16.60 27.68 149.62
N LYS H 2750 -17.69 27.56 150.36
CA LYS H 2750 -18.51 26.35 150.26
C LYS H 2750 -19.26 26.30 148.94
N LEU H 2751 -19.67 27.47 148.43
CA LEU H 2751 -20.28 27.50 147.10
C LEU H 2751 -19.26 27.12 146.03
N ASP H 2752 -18.01 27.54 146.19
CA ASP H 2752 -16.96 27.13 145.27
C ASP H 2752 -16.71 25.63 145.35
N SER H 2753 -16.77 25.07 146.56
CA SER H 2753 -16.65 23.62 146.71
C SER H 2753 -17.79 22.91 146.02
N PHE H 2754 -19.01 23.46 146.12
CA PHE H 2754 -20.14 22.91 145.39
C PHE H 2754 -19.92 22.99 143.89
N ILE H 2755 -19.34 24.08 143.41
CA ILE H 2755 -19.05 24.23 141.98
C ILE H 2755 -18.05 23.16 141.54
N ASN H 2756 -17.02 22.93 142.36
CA ASN H 2756 -16.03 21.90 142.04
C ASN H 2756 -16.67 20.51 142.03
N LYS H 2757 -17.56 20.24 142.99
CA LYS H 2757 -18.24 18.96 143.02
C LYS H 2757 -19.18 18.80 141.83
N PHE H 2758 -19.81 19.89 141.40
CA PHE H 2758 -20.62 19.84 140.19
C PHE H 2758 -19.77 19.55 138.97
N ALA H 2759 -18.55 20.10 138.93
CA ALA H 2759 -17.62 19.74 137.86
C ALA H 2759 -17.27 18.25 137.92
N GLU H 2760 -17.06 17.73 139.13
CA GLU H 2760 -16.79 16.31 139.30
C GLU H 2760 -17.92 15.47 138.74
N TYR H 2761 -19.16 15.81 139.08
CA TYR H 2761 -20.27 14.99 138.61
C TYR H 2761 -20.63 15.31 137.16
N THR H 2762 -20.17 16.43 136.63
CA THR H 2762 -20.27 16.66 135.19
C THR H 2762 -19.35 15.73 134.42
N HIS H 2763 -18.11 15.58 134.90
CA HIS H 2763 -17.22 14.58 134.31
C HIS H 2763 -17.74 13.17 134.58
N GLU H 2764 -18.52 12.99 135.65
CA GLU H 2764 -19.09 11.67 135.91
C GLU H 2764 -20.32 11.40 135.04
N LYS H 2765 -21.02 12.45 134.60
CA LYS H 2765 -22.01 12.26 133.55
C LYS H 2765 -21.33 11.99 132.21
N TRP H 2766 -20.17 12.60 131.99
CA TRP H 2766 -19.32 12.15 130.88
C TRP H 2766 -18.94 10.69 131.05
N ALA H 2767 -18.80 10.24 132.30
CA ALA H 2767 -18.53 8.83 132.55
C ALA H 2767 -19.74 7.96 132.24
N PHE H 2768 -20.95 8.47 132.52
CA PHE H 2768 -22.15 7.86 131.95
C PHE H 2768 -22.02 7.72 130.44
N ASP H 2769 -21.57 8.78 129.77
CA ASP H 2769 -21.48 8.75 128.30
C ASP H 2769 -20.40 7.79 127.83
N LYS H 2770 -19.37 7.57 128.64
CA LYS H 2770 -18.29 6.67 128.22
C LYS H 2770 -18.61 5.22 128.56
N ILE H 2771 -19.46 4.99 129.57
CA ILE H 2771 -20.07 3.68 129.71
C ILE H 2771 -21.04 3.43 128.57
N GLN H 2772 -21.66 4.51 128.09
CA GLN H 2772 -22.54 4.42 126.92
C GLN H 2772 -21.76 4.03 125.66
N ASN H 2773 -20.60 4.65 125.44
CA ASN H 2773 -19.79 4.27 124.28
C ASN H 2773 -19.00 2.99 124.56
N ASN H 2774 -19.01 2.54 125.82
CA ASN H 2774 -18.46 1.25 126.25
C ASN H 2774 -16.95 1.15 126.07
N TRP H 2775 -16.20 2.19 126.37
CA TRP H 2775 -14.75 2.17 126.26
C TRP H 2775 -14.14 2.69 127.56
N SER H 2776 -12.95 2.18 127.88
CA SER H 2776 -12.33 2.48 129.17
C SER H 2776 -11.88 3.94 129.23
N TYR H 2777 -11.69 4.43 130.45
CA TYR H 2777 -11.34 5.84 130.64
C TYR H 2777 -9.84 6.04 130.46
N GLY H 2778 -9.48 7.09 129.72
CA GLY H 2778 -8.08 7.36 129.43
C GLY H 2778 -7.54 8.61 130.09
N GLU H 2779 -6.36 8.50 130.69
CA GLU H 2779 -5.73 9.67 131.31
C GLU H 2779 -5.35 10.71 130.27
N ASN H 2780 -4.83 10.28 129.13
CA ASN H 2780 -4.43 11.21 128.08
C ASN H 2780 -5.49 11.27 126.98
N VAL H 2781 -5.36 12.28 126.12
CA VAL H 2781 -6.26 12.45 124.99
C VAL H 2781 -5.78 11.55 123.85
N ASP H 2782 -6.57 10.52 123.55
CA ASP H 2782 -6.27 9.57 122.49
C ASP H 2782 -7.50 9.42 121.60
N GLU H 2783 -7.29 9.54 120.29
CA GLU H 2783 -8.39 9.36 119.35
C GLU H 2783 -8.92 7.94 119.37
N GLU H 2784 -8.01 6.96 119.49
CA GLU H 2784 -8.43 5.56 119.48
C GLU H 2784 -9.30 5.22 120.69
N LEU H 2785 -8.95 5.75 121.87
CA LEU H 2785 -9.73 5.43 123.06
C LEU H 2785 -11.01 6.23 123.12
N LYS H 2786 -11.12 7.28 122.31
CA LYS H 2786 -12.31 8.15 122.19
C LYS H 2786 -12.93 8.50 123.54
N THR H 2787 -12.10 8.72 124.55
CA THR H 2787 -12.54 9.21 125.85
C THR H 2787 -11.74 10.46 126.21
N HIS H 2788 -12.39 11.40 126.89
CA HIS H 2788 -11.77 12.68 127.17
C HIS H 2788 -10.62 12.50 128.17
N PRO H 2789 -9.52 13.24 128.01
CA PRO H 2789 -8.39 13.05 128.93
C PRO H 2789 -8.69 13.42 130.37
N MET H 2790 -9.65 14.31 130.63
CA MET H 2790 -9.89 14.72 132.01
C MET H 2790 -10.69 13.66 132.76
N LEU H 2791 -11.13 12.61 132.08
CA LEU H 2791 -11.77 11.50 132.76
C LEU H 2791 -10.77 10.38 133.01
N ARG H 2792 -10.60 10.01 134.27
CA ARG H 2792 -9.62 9.02 134.68
C ARG H 2792 -10.31 8.03 135.61
N PRO H 2793 -9.76 6.82 135.76
CA PRO H 2793 -10.23 5.92 136.81
C PRO H 2793 -10.08 6.59 138.18
N TYR H 2794 -11.02 6.30 139.08
CA TYR H 2794 -11.18 7.14 140.27
C TYR H 2794 -9.94 7.12 141.15
N LYS H 2795 -9.14 6.05 141.07
CA LYS H 2795 -7.91 5.99 141.86
C LYS H 2795 -6.89 7.03 141.40
N THR H 2796 -6.63 7.10 140.08
CA THR H 2796 -5.68 8.07 139.58
C THR H 2796 -6.37 9.38 139.24
N PHE H 2797 -7.64 9.50 139.61
CA PHE H 2797 -8.50 10.58 139.14
C PHE H 2797 -8.12 11.88 139.85
N SER H 2798 -7.88 12.93 139.07
CA SER H 2798 -7.21 14.11 139.60
C SER H 2798 -8.20 15.21 139.98
N GLU H 2799 -7.72 16.18 140.75
CA GLU H 2799 -8.57 17.28 141.19
C GLU H 2799 -8.14 18.60 140.56
N LYS H 2800 -6.96 18.64 139.94
CA LYS H 2800 -6.53 19.87 139.28
C LYS H 2800 -7.34 20.14 138.01
N ASP H 2801 -7.61 19.09 137.22
CA ASP H 2801 -8.53 19.25 136.11
C ASP H 2801 -9.92 19.61 136.61
N LYS H 2802 -10.24 19.22 137.85
CA LYS H 2802 -11.48 19.66 138.48
C LYS H 2802 -11.48 21.17 138.68
N GLU H 2803 -10.34 21.75 139.05
CA GLU H 2803 -10.27 23.21 139.17
C GLU H 2803 -10.36 23.87 137.80
N ILE H 2804 -9.73 23.24 136.80
CA ILE H 2804 -9.75 23.80 135.44
C ILE H 2804 -11.15 23.80 134.87
N TYR H 2805 -11.94 22.77 135.16
CA TYR H 2805 -13.34 22.76 134.71
C TYR H 2805 -14.21 23.57 135.66
N ARG H 2806 -13.76 23.74 136.92
CA ARG H 2806 -14.45 24.58 137.88
C ARG H 2806 -14.53 26.02 137.39
N TRP H 2807 -13.42 26.52 136.84
CA TRP H 2807 -13.40 27.93 136.43
C TRP H 2807 -14.54 28.30 135.50
N PRO H 2808 -14.82 27.59 134.39
CA PRO H 2808 -16.03 27.89 133.62
C PRO H 2808 -17.30 27.74 134.43
N ILE H 2809 -17.37 26.73 135.31
CA ILE H 2809 -18.59 26.51 136.08
C ILE H 2809 -18.79 27.63 137.10
N LYS H 2810 -17.71 28.10 137.72
CA LYS H 2810 -17.86 29.21 138.66
C LYS H 2810 -18.26 30.49 137.95
N GLU H 2811 -17.68 30.74 136.77
CA GLU H 2811 -18.15 31.88 135.96
C GLU H 2811 -19.64 31.75 135.66
N SER H 2812 -20.06 30.54 135.24
CA SER H 2812 -21.46 30.33 134.88
C SER H 2812 -22.38 30.54 136.08
N LEU H 2813 -22.00 30.02 137.24
CA LEU H 2813 -22.86 30.14 138.41
C LEU H 2813 -22.97 31.58 138.87
N LYS H 2814 -21.85 32.32 138.80
CA LYS H 2814 -21.91 33.74 139.19
C LYS H 2814 -22.73 34.55 138.20
N ALA H 2815 -22.63 34.25 136.90
CA ALA H 2815 -23.51 34.91 135.94
C ALA H 2815 -24.97 34.56 136.21
N MET H 2816 -25.22 33.31 136.61
CA MET H 2816 -26.57 32.88 136.99
C MET H 2816 -27.10 33.71 138.15
N ILE H 2817 -26.29 33.89 139.20
CA ILE H 2817 -26.72 34.69 140.34
C ILE H 2817 -26.93 36.14 139.92
N ALA H 2818 -26.08 36.65 139.02
CA ALA H 2818 -26.22 38.03 138.57
C ALA H 2818 -27.51 38.25 137.80
N TRP H 2819 -27.90 37.30 136.96
CA TRP H 2819 -29.09 37.45 136.12
C TRP H 2819 -30.37 37.19 136.91
N GLU H 2820 -30.57 38.02 137.94
CA GLU H 2820 -31.81 38.08 138.74
C GLU H 2820 -32.36 36.71 139.11
N TRP H 2821 -31.46 35.74 139.33
CA TRP H 2821 -31.84 34.44 139.83
C TRP H 2821 -31.18 34.19 141.18
N THR H 2822 -31.96 34.29 142.24
CA THR H 2822 -31.45 34.00 143.57
C THR H 2822 -31.27 32.50 143.76
N ILE H 2823 -30.11 32.12 144.29
CA ILE H 2823 -29.78 30.72 144.55
C ILE H 2823 -29.84 30.51 146.06
N GLU H 2824 -30.48 29.41 146.46
CA GLU H 2824 -30.62 29.07 147.87
C GLU H 2824 -30.33 27.59 148.05
N LYS H 2825 -29.91 27.22 149.27
CA LYS H 2825 -29.49 25.86 149.56
C LYS H 2825 -30.58 25.15 150.35
N ALA H 2826 -31.24 24.18 149.71
CA ALA H 2826 -32.21 23.34 150.42
C ALA H 2826 -31.63 21.97 150.72
N ARG H 2827 -30.77 21.46 149.83
CA ARG H 2827 -30.10 20.18 150.00
C ARG H 2827 -28.60 20.42 150.00
N GLU H 2828 -27.87 19.65 150.81
CA GLU H 2828 -26.44 19.85 150.93
C GLU H 2828 -25.71 19.34 149.69
N GLY H 2829 -24.89 20.21 149.10
CA GLY H 2829 -24.06 19.86 147.97
C GLY H 2829 -22.58 20.00 148.34
N GLU H 2830 -21.90 18.86 148.41
CA GLU H 2830 -20.49 18.83 148.78
C GLU H 2830 -19.62 19.40 147.68
N TYR H 2855 -17.01 4.09 138.69
CA TYR H 2855 -17.52 5.07 139.62
C TYR H 2855 -18.72 5.80 139.03
N ASN H 2856 -19.88 5.15 139.08
CA ASN H 2856 -21.08 5.77 138.53
C ASN H 2856 -21.83 6.51 139.64
N PRO H 2857 -21.99 7.82 139.54
CA PRO H 2857 -22.69 8.55 140.60
C PRO H 2857 -24.17 8.21 140.61
N GLN H 2858 -24.81 8.47 141.75
CA GLN H 2858 -26.24 8.19 141.89
C GLN H 2858 -27.14 8.99 140.93
N PRO H 2859 -26.93 10.28 140.67
CA PRO H 2859 -27.99 11.10 140.11
C PRO H 2859 -28.07 11.02 138.60
N PRO H 2860 -29.26 10.77 138.05
CA PRO H 2860 -29.48 10.91 136.61
C PRO H 2860 -30.05 12.27 136.23
N ASP H 2861 -30.02 12.60 134.94
CA ASP H 2861 -30.71 13.78 134.46
C ASP H 2861 -31.85 13.39 133.51
N LEU H 2862 -32.95 14.12 133.60
CA LEU H 2862 -34.13 13.82 132.79
C LEU H 2862 -34.96 15.08 132.63
N SER H 2863 -36.19 14.90 132.11
CA SER H 2863 -37.09 16.03 131.95
C SER H 2863 -38.31 15.90 132.86
N GLY H 2864 -38.41 14.78 133.57
CA GLY H 2864 -39.60 14.54 134.39
C GLY H 2864 -39.75 15.51 135.55
N VAL H 2865 -38.62 15.97 136.09
CA VAL H 2865 -38.66 16.86 137.26
C VAL H 2865 -39.43 18.12 136.92
N THR H 2866 -40.17 18.64 137.90
CA THR H 2866 -41.03 19.80 137.68
C THR H 2866 -40.20 21.01 137.24
N LEU H 2867 -40.68 21.69 136.21
CA LEU H 2867 -40.06 22.90 135.70
C LEU H 2867 -41.13 23.96 135.49
N SER H 2868 -40.96 25.10 136.17
CA SER H 2868 -41.93 26.17 136.05
C SER H 2868 -41.90 26.78 134.65
N ARG H 2869 -43.05 27.32 134.24
CA ARG H 2869 -43.19 27.88 132.89
C ARG H 2869 -42.13 28.93 132.61
N GLU H 2870 -41.75 29.74 133.59
CA GLU H 2870 -40.76 30.76 133.27
CA GLU H 2870 -40.76 30.78 133.30
C GLU H 2870 -39.33 30.23 133.37
N LEU H 2871 -39.11 29.11 134.07
CA LEU H 2871 -37.74 28.64 134.18
C LEU H 2871 -37.26 27.97 132.92
N GLN H 2872 -38.18 27.57 132.02
CA GLN H 2872 -37.74 27.12 130.70
C GLN H 2872 -37.02 28.24 129.96
N ALA H 2873 -37.66 29.41 129.86
CA ALA H 2873 -37.04 30.52 129.15
C ALA H 2873 -35.87 31.10 129.96
N MET H 2874 -35.93 31.03 131.29
CA MET H 2874 -34.81 31.50 132.08
C MET H 2874 -33.59 30.59 131.89
N ALA H 2875 -33.83 29.30 131.74
CA ALA H 2875 -32.74 28.37 131.48
C ALA H 2875 -32.25 28.54 130.04
N GLU H 2876 -33.14 28.95 129.13
CA GLU H 2876 -32.67 29.39 127.82
C GLU H 2876 -31.71 30.56 127.95
N GLN H 2877 -32.00 31.49 128.88
CA GLN H 2877 -31.10 32.63 129.07
C GLN H 2877 -29.80 32.21 129.77
N LEU H 2878 -29.86 31.18 130.60
CA LEU H 2878 -28.64 30.65 131.20
C LEU H 2878 -27.76 29.95 130.17
N ALA H 2879 -28.37 29.21 129.26
CA ALA H 2879 -27.63 28.66 128.13
C ALA H 2879 -27.06 29.79 127.27
N GLU H 2880 -27.83 30.86 127.13
CA GLU H 2880 -27.34 32.07 126.49
C GLU H 2880 -26.12 32.63 127.22
N ASN H 2881 -26.09 32.47 128.54
CA ASN H 2881 -24.94 32.95 129.32
C ASN H 2881 -23.72 32.06 129.11
N TYR H 2882 -23.91 30.75 129.01
CA TYR H 2882 -22.80 29.87 128.65
C TYR H 2882 -22.26 30.23 127.27
N HIS H 2883 -23.16 30.40 126.30
CA HIS H 2883 -22.76 30.80 124.97
C HIS H 2883 -22.16 32.20 124.97
N ASN H 2884 -22.55 33.02 125.96
CA ASN H 2884 -21.92 34.33 126.15
C ASN H 2884 -20.47 34.16 126.59
N THR H 2885 -20.21 33.26 127.53
CA THR H 2885 -18.83 33.02 127.93
C THR H 2885 -18.00 32.57 126.73
N TRP H 2886 -18.58 31.68 125.91
CA TRP H 2886 -17.92 31.27 124.68
C TRP H 2886 -17.66 32.46 123.77
N GLY H 2887 -18.65 33.34 123.62
CA GLY H 2887 -18.51 34.46 122.71
C GLY H 2887 -17.57 35.53 123.21
N ARG H 2888 -17.42 35.63 124.53
CA ARG H 2888 -16.46 36.58 125.09
C ARG H 2888 -15.04 36.05 124.96
N LYS H 2889 -14.85 34.73 125.05
CA LYS H 2889 -13.56 34.17 124.67
C LYS H 2889 -13.28 34.42 123.18
N LYS H 2890 -14.30 34.24 122.35
CA LYS H 2890 -14.19 34.57 120.92
C LYS H 2890 -13.80 36.02 120.73
N LYS H 2891 -14.41 36.93 121.50
CA LYS H 2891 -14.14 38.35 121.34
C LYS H 2891 -12.74 38.70 121.83
N GLN H 2892 -12.27 38.04 122.89
CA GLN H 2892 -10.92 38.27 123.37
C GLN H 2892 -9.89 37.82 122.32
N GLU H 2893 -10.16 36.71 121.63
CA GLU H 2893 -9.18 36.24 120.65
C GLU H 2893 -9.31 37.01 119.33
N LEU H 2894 -10.50 37.52 119.02
CA LEU H 2894 -10.71 38.20 117.74
C LEU H 2894 -10.57 39.71 117.89
N GLU H 2895 -10.31 40.19 119.10
CA GLU H 2895 -10.34 41.64 119.35
C GLU H 2895 -9.23 42.36 118.62
N ALA H 2896 -8.18 41.64 118.22
CA ALA H 2896 -7.09 42.28 117.48
C ALA H 2896 -7.58 42.87 116.17
N LYS H 2897 -8.39 42.11 115.43
CA LYS H 2897 -8.94 42.62 114.17
C LYS H 2897 -10.00 43.69 114.42
N GLY H 2898 -10.85 43.47 115.43
CA GLY H 2898 -11.95 44.39 115.67
C GLY H 2898 -13.07 44.29 114.66
N GLY H 2899 -13.08 43.22 113.85
CA GLY H 2899 -14.08 43.04 112.84
C GLY H 2899 -14.24 41.57 112.53
N GLY H 2900 -15.09 41.29 111.55
CA GLY H 2900 -15.37 39.91 111.19
C GLY H 2900 -16.04 39.13 112.30
N THR H 2901 -17.08 39.70 112.89
CA THR H 2901 -17.78 39.04 114.00
C THR H 2901 -18.32 37.69 113.55
N HIS H 2902 -18.25 36.72 114.46
CA HIS H 2902 -18.62 35.35 114.12
C HIS H 2902 -20.12 35.28 113.81
N PRO H 2903 -20.51 34.78 112.63
CA PRO H 2903 -21.95 34.77 112.29
C PRO H 2903 -22.79 33.91 113.22
N LEU H 2904 -22.16 33.03 114.01
CA LEU H 2904 -22.93 32.22 114.96
C LEU H 2904 -23.60 33.08 116.02
N LEU H 2905 -23.05 34.26 116.29
CA LEU H 2905 -23.62 35.14 117.31
C LEU H 2905 -24.89 35.80 116.79
N VAL H 2906 -26.00 35.08 116.91
CA VAL H 2906 -27.32 35.55 116.48
C VAL H 2906 -28.33 35.10 117.53
N PRO H 2907 -29.52 35.69 117.59
CA PRO H 2907 -30.53 35.20 118.54
C PRO H 2907 -30.84 33.73 118.28
N TYR H 2908 -31.08 33.00 119.37
CA TYR H 2908 -31.15 31.53 119.27
C TYR H 2908 -32.47 31.09 118.67
N ASP H 2909 -33.55 31.81 118.99
CA ASP H 2909 -34.82 31.56 118.33
C ASP H 2909 -34.74 31.85 116.84
N THR H 2910 -33.75 32.65 116.43
CA THR H 2910 -33.59 32.94 115.01
C THR H 2910 -32.69 31.92 114.32
N LEU H 2911 -31.65 31.44 115.00
CA LEU H 2911 -30.70 30.54 114.36
C LEU H 2911 -31.34 29.19 114.12
N THR H 2912 -30.52 28.24 113.66
CA THR H 2912 -31.02 26.94 113.23
C THR H 2912 -31.77 26.26 114.37
N ALA H 2913 -32.95 25.72 114.05
CA ALA H 2913 -33.83 25.17 115.07
C ALA H 2913 -33.18 23.96 115.76
N LYS H 2914 -32.21 23.34 115.09
CA LYS H 2914 -31.62 22.10 115.61
C LYS H 2914 -30.57 22.44 116.67
N GLU H 2915 -29.74 23.45 116.37
CA GLU H 2915 -28.79 23.97 117.34
C GLU H 2915 -29.51 24.53 118.56
N LYS H 2916 -30.75 25.00 118.37
CA LYS H 2916 -31.60 25.33 119.51
C LYS H 2916 -31.74 24.14 120.43
N ALA H 2917 -32.08 22.97 119.87
CA ALA H 2917 -32.38 21.81 120.70
C ALA H 2917 -31.14 21.30 121.42
N ARG H 2918 -29.97 21.39 120.78
CA ARG H 2918 -28.76 20.91 121.46
C ARG H 2918 -28.50 21.70 122.74
N ASP H 2919 -28.44 23.03 122.65
CA ASP H 2919 -28.19 23.86 123.83
C ASP H 2919 -29.36 23.74 124.81
N ARG H 2920 -30.59 23.62 124.29
CA ARG H 2920 -31.75 23.43 125.14
C ARG H 2920 -31.63 22.21 126.02
N GLU H 2921 -31.27 21.06 125.42
CA GLU H 2921 -31.18 19.84 126.21
C GLU H 2921 -30.00 19.89 127.18
N LYS H 2922 -28.90 20.54 126.80
CA LYS H 2922 -27.78 20.59 127.73
C LYS H 2922 -28.09 21.48 128.93
N ALA H 2923 -28.79 22.60 128.69
CA ALA H 2923 -29.22 23.45 129.79
C ALA H 2923 -30.26 22.75 130.66
N GLN H 2924 -31.14 21.97 130.03
CA GLN H 2924 -32.06 21.12 130.79
C GLN H 2924 -31.30 20.21 131.73
N GLU H 2925 -30.28 19.52 131.22
CA GLU H 2925 -29.46 18.65 132.07
C GLU H 2925 -28.84 19.43 133.22
N LEU H 2926 -28.28 20.61 132.90
CA LEU H 2926 -27.69 21.46 133.94
C LEU H 2926 -28.68 21.74 135.07
N LEU H 2927 -29.87 22.24 134.73
CA LEU H 2927 -30.78 22.66 135.79
C LEU H 2927 -31.39 21.48 136.52
N LYS H 2928 -31.60 20.35 135.84
CA LYS H 2928 -32.14 19.19 136.55
C LYS H 2928 -31.11 18.60 137.52
N PHE H 2929 -29.84 18.63 137.13
CA PHE H 2929 -28.81 18.13 138.05
C PHE H 2929 -28.71 19.07 139.25
N LEU H 2930 -28.90 20.38 139.00
CA LEU H 2930 -28.98 21.33 140.10
C LEU H 2930 -30.17 21.04 141.00
N GLN H 2931 -31.31 20.68 140.40
CA GLN H 2931 -32.51 20.35 141.17
C GLN H 2931 -32.29 19.13 142.05
N MET H 2932 -31.52 18.15 141.57
CA MET H 2932 -30.93 17.22 142.53
C MET H 2932 -30.27 17.97 143.66
N ASN H 2933 -29.22 18.72 143.32
CA ASN H 2933 -28.28 19.19 144.34
C ASN H 2933 -28.97 20.11 145.34
N GLY H 2934 -30.24 20.41 145.10
CA GLY H 2934 -31.07 21.14 146.04
C GLY H 2934 -30.87 22.62 145.99
N TYR H 2935 -30.01 23.10 145.09
CA TYR H 2935 -29.75 24.52 144.96
C TYR H 2935 -30.92 25.12 144.17
N ALA H 2936 -31.87 25.68 144.89
CA ALA H 2936 -33.07 26.20 144.27
C ALA H 2936 -32.83 27.57 143.66
N VAL H 2937 -33.38 27.77 142.47
CA VAL H 2937 -33.26 29.01 141.73
C VAL H 2937 -34.63 29.67 141.71
N THR H 2938 -34.69 30.93 142.14
CA THR H 2938 -35.92 31.70 142.09
C THR H 2938 -35.67 32.99 141.32
N ARG H 2939 -36.48 33.24 140.30
CA ARG H 2939 -36.36 34.44 139.48
C ARG H 2939 -37.15 35.60 140.07
N LEU H 2946 -47.75 33.95 128.36
CA LEU H 2946 -47.25 33.06 129.39
C LEU H 2946 -48.32 32.78 130.44
N ASP H 2947 -48.67 31.50 130.59
CA ASP H 2947 -49.69 31.04 131.53
C ASP H 2947 -51.08 31.57 131.16
N THR H 2948 -51.17 32.26 130.03
CA THR H 2948 -52.44 32.79 129.58
C THR H 2948 -52.75 32.15 128.23
N SER H 2949 -53.95 32.43 127.69
CA SER H 2949 -54.50 31.65 126.58
C SER H 2949 -53.59 31.63 125.36
N SER H 2950 -53.61 30.51 124.66
CA SER H 2950 -52.95 30.43 123.35
C SER H 2950 -53.49 31.49 122.42
N ILE H 2951 -54.76 31.89 122.61
CA ILE H 2951 -55.34 32.94 121.78
C ILE H 2951 -54.59 34.25 121.97
N GLU H 2952 -54.25 34.60 123.21
CA GLU H 2952 -53.50 35.84 123.41
C GLU H 2952 -52.03 35.65 123.03
N LYS H 2953 -51.52 34.42 123.13
CA LYS H 2953 -50.19 34.15 122.61
C LYS H 2953 -50.14 34.34 121.09
N ARG H 2954 -51.28 34.20 120.43
CA ARG H 2954 -51.36 34.43 118.99
C ARG H 2954 -50.87 35.83 118.63
N PHE H 2955 -50.15 35.91 117.50
CA PHE H 2955 -49.70 37.20 117.00
C PHE H 2955 -50.88 38.14 116.76
N ALA H 2956 -52.01 37.61 116.30
CA ALA H 2956 -53.18 38.44 116.04
C ALA H 2956 -53.61 39.18 117.29
N PHE H 2957 -53.45 38.57 118.46
CA PHE H 2957 -53.79 39.25 119.70
C PHE H 2957 -52.77 40.35 120.01
N GLY H 2958 -51.50 40.13 119.68
CA GLY H 2958 -50.52 41.19 119.84
C GLY H 2958 -50.84 42.40 118.98
N PHE H 2959 -51.16 42.15 117.71
CA PHE H 2959 -51.60 43.24 116.83
C PHE H 2959 -52.91 43.83 117.31
N LEU H 2960 -53.72 43.05 118.01
CA LEU H 2960 -54.97 43.55 118.57
C LEU H 2960 -54.71 44.55 119.70
N GLN H 2961 -53.80 44.20 120.61
CA GLN H 2961 -53.39 45.16 121.64
C GLN H 2961 -52.75 46.39 121.04
N GLN H 2962 -51.95 46.20 119.99
CA GLN H 2962 -51.32 47.36 119.34
C GLN H 2962 -52.37 48.23 118.66
N LEU H 2963 -53.46 47.63 118.16
CA LEU H 2963 -54.55 48.43 117.62
C LEU H 2963 -55.26 49.20 118.73
N LEU H 2964 -55.46 48.55 119.88
CA LEU H 2964 -56.00 49.26 121.04
C LEU H 2964 -55.16 50.49 121.36
N ARG H 2965 -53.83 50.35 121.28
CA ARG H 2965 -52.95 51.47 121.59
C ARG H 2965 -52.97 52.51 120.47
N TRP H 2966 -53.04 52.06 119.21
CA TRP H 2966 -53.17 53.00 118.10
C TRP H 2966 -54.42 53.84 118.20
N MET H 2967 -55.49 53.30 118.78
CA MET H 2967 -56.65 54.17 118.90
C MET H 2967 -56.73 54.86 120.25
N ASP H 2968 -55.95 54.41 121.23
CA ASP H 2968 -55.61 55.35 122.29
C ASP H 2968 -55.00 56.61 121.69
N ILE H 2969 -54.03 56.41 120.80
CA ILE H 2969 -53.44 57.52 120.05
C ILE H 2969 -54.49 58.23 119.20
N SER H 2970 -55.40 57.48 118.59
CA SER H 2970 -56.38 58.10 117.70
C SER H 2970 -57.30 59.03 118.47
N GLN H 2971 -57.84 58.57 119.60
CA GLN H 2971 -58.67 59.45 120.41
C GLN H 2971 -57.89 60.67 120.88
N GLU H 2972 -56.64 60.50 121.32
CA GLU H 2972 -55.92 61.68 121.76
C GLU H 2972 -55.66 62.66 120.62
N PHE H 2973 -55.29 62.17 119.43
CA PHE H 2973 -54.95 63.14 118.39
C PHE H 2973 -56.21 63.72 117.74
N ILE H 2974 -57.33 62.99 117.72
CA ILE H 2974 -58.56 63.60 117.23
C ILE H 2974 -59.04 64.66 118.21
N ALA H 2975 -58.93 64.37 119.52
CA ALA H 2975 -59.23 65.40 120.50
C ALA H 2975 -58.41 66.66 120.22
N HIS H 2976 -57.10 66.50 120.08
CA HIS H 2976 -56.25 67.66 119.80
C HIS H 2976 -56.62 68.36 118.50
N LEU H 2977 -56.76 67.58 117.41
CA LEU H 2977 -56.93 68.17 116.09
C LEU H 2977 -58.27 68.87 115.94
N GLU H 2978 -59.37 68.21 116.30
CA GLU H 2978 -60.65 68.89 116.16
C GLU H 2978 -60.91 69.86 117.31
N ALA H 2979 -60.11 69.80 118.37
CA ALA H 2979 -60.16 70.87 119.36
C ALA H 2979 -59.55 72.15 118.82
N VAL H 2980 -58.39 72.05 118.15
CA VAL H 2980 -57.80 73.24 117.57
C VAL H 2980 -58.59 73.68 116.34
N VAL H 2981 -59.20 72.74 115.62
CA VAL H 2981 -60.03 73.09 114.46
C VAL H 2981 -61.28 73.83 114.91
N SER H 2982 -61.92 73.37 115.99
CA SER H 2982 -63.10 74.06 116.49
C SER H 2982 -62.75 75.47 116.94
N SER H 2983 -61.61 75.65 117.60
CA SER H 2983 -61.16 76.98 118.01
C SER H 2983 -59.66 76.94 118.23
N GLY H 2984 -58.99 78.00 117.80
CA GLY H 2984 -57.56 78.11 117.95
C GLY H 2984 -56.78 77.13 117.09
N ARG H 2985 -56.86 77.30 115.77
CA ARG H 2985 -56.14 76.42 114.86
C ARG H 2985 -54.64 76.54 115.07
N VAL H 2986 -53.96 75.39 115.09
CA VAL H 2986 -52.51 75.32 115.22
C VAL H 2986 -51.94 74.72 113.95
N GLU H 2987 -50.92 75.37 113.39
CA GLU H 2987 -50.32 74.88 112.15
C GLU H 2987 -49.31 73.79 112.43
N LYS H 2988 -48.95 73.57 113.70
CA LYS H 2988 -47.94 72.57 114.02
C LYS H 2988 -48.41 71.17 113.65
N SER H 2989 -49.59 70.77 114.13
CA SER H 2989 -50.11 69.42 113.94
C SER H 2989 -49.03 68.37 114.24
N PRO H 2990 -48.58 68.25 115.49
CA PRO H 2990 -47.44 67.37 115.77
C PRO H 2990 -47.71 65.91 115.50
N HIS H 2991 -48.99 65.52 115.39
CA HIS H 2991 -49.32 64.12 115.14
C HIS H 2991 -49.46 63.86 113.63
N GLU H 2992 -48.99 64.79 112.81
CA GLU H 2992 -49.14 64.70 111.35
C GLU H 2992 -48.53 63.42 110.81
N GLN H 2993 -47.29 63.11 111.20
CA GLN H 2993 -46.66 61.88 110.73
C GLN H 2993 -47.42 60.65 111.21
N GLU H 2994 -48.01 60.71 112.41
CA GLU H 2994 -48.74 59.56 112.92
C GLU H 2994 -50.06 59.35 112.18
N ILE H 2995 -50.78 60.43 111.87
CA ILE H 2995 -52.05 60.29 111.15
C ILE H 2995 -51.78 59.85 109.72
N LYS H 2996 -50.69 60.32 109.11
CA LYS H 2996 -50.35 59.84 107.77
C LYS H 2996 -49.92 58.38 107.82
N PHE H 2997 -49.20 57.97 108.87
CA PHE H 2997 -48.93 56.56 109.09
C PHE H 2997 -50.22 55.75 109.16
N PHE H 2998 -51.19 56.23 109.95
CA PHE H 2998 -52.47 55.54 110.04
C PHE H 2998 -53.11 55.39 108.67
N ALA H 2999 -53.27 56.50 107.95
CA ALA H 2999 -54.00 56.46 106.68
C ALA H 2999 -53.27 55.62 105.64
N LYS H 3000 -51.93 55.62 105.69
CA LYS H 3000 -51.16 54.97 104.62
C LYS H 3000 -50.88 53.51 104.93
N ILE H 3001 -50.94 53.11 106.20
CA ILE H 3001 -50.57 51.77 106.61
C ILE H 3001 -51.77 50.98 107.12
N LEU H 3002 -52.44 51.50 108.16
CA LEU H 3002 -53.43 50.70 108.87
C LEU H 3002 -54.55 50.26 107.95
N LEU H 3003 -55.08 51.19 107.15
CA LEU H 3003 -56.19 50.83 106.26
C LEU H 3003 -55.82 49.73 105.29
N PRO H 3004 -54.75 49.84 104.49
CA PRO H 3004 -54.37 48.69 103.65
C PRO H 3004 -54.05 47.45 104.46
N LEU H 3005 -53.33 47.61 105.58
CA LEU H 3005 -52.91 46.45 106.37
C LEU H 3005 -54.12 45.71 106.93
N ILE H 3006 -55.01 46.41 107.63
CA ILE H 3006 -56.17 45.73 108.21
C ILE H 3006 -57.07 45.21 107.11
N ASN H 3007 -57.23 45.97 106.03
CA ASN H 3007 -58.11 45.54 104.95
C ASN H 3007 -57.64 44.21 104.36
N GLN H 3008 -56.37 44.14 103.94
CA GLN H 3008 -55.90 42.92 103.29
C GLN H 3008 -55.75 41.78 104.29
N TYR H 3009 -55.35 42.07 105.52
CA TYR H 3009 -55.18 41.00 106.51
C TYR H 3009 -56.52 40.37 106.85
N PHE H 3010 -57.54 41.19 107.12
CA PHE H 3010 -58.86 40.65 107.42
C PHE H 3010 -59.48 40.02 106.19
N THR H 3011 -59.17 40.52 104.99
CA THR H 3011 -59.67 39.90 103.78
C THR H 3011 -59.10 38.49 103.60
N ASN H 3012 -57.80 38.33 103.85
CA ASN H 3012 -57.21 37.00 103.76
C ASN H 3012 -57.74 36.08 104.85
N HIS H 3013 -57.98 36.62 106.06
CA HIS H 3013 -58.42 35.81 107.18
C HIS H 3013 -59.90 36.00 107.53
N CYS H 3014 -60.76 36.24 106.53
CA CYS H 3014 -62.19 36.33 106.81
C CYS H 3014 -62.72 35.05 107.43
N LEU H 3015 -62.42 33.90 106.81
CA LEU H 3015 -62.95 32.64 107.30
C LEU H 3015 -62.41 32.30 108.68
N TYR H 3016 -61.12 32.55 108.91
CA TYR H 3016 -60.54 32.29 110.22
C TYR H 3016 -61.19 33.15 111.30
N PHE H 3017 -61.37 34.44 111.02
CA PHE H 3017 -62.00 35.32 112.00
C PHE H 3017 -63.47 35.00 112.19
N LEU H 3018 -64.17 34.69 111.09
CA LEU H 3018 -65.60 34.40 111.18
C LEU H 3018 -65.86 33.06 111.86
N SER H 3019 -64.87 32.16 111.83
CA SER H 3019 -65.07 30.82 112.39
C SER H 3019 -65.12 30.86 113.91
N THR H 3020 -65.87 29.93 114.48
CA THR H 3020 -66.00 29.74 115.92
C THR H 3020 -65.73 28.27 116.25
N PRO H 3021 -65.26 27.98 117.46
CA PRO H 3021 -64.93 26.58 117.79
C PRO H 3021 -66.14 25.67 117.79
N ALA H 3022 -67.27 26.12 118.36
CA ALA H 3022 -68.46 25.29 118.39
C ALA H 3022 -68.99 25.02 116.98
N LYS H 3023 -69.01 26.06 116.14
CA LYS H 3023 -69.48 25.95 114.77
C LYS H 3023 -68.54 26.73 113.87
N VAL H 3024 -67.84 26.02 112.99
CA VAL H 3024 -66.78 26.61 112.17
C VAL H 3024 -67.40 27.08 110.85
N LEU H 3025 -67.12 28.33 110.48
CA LEU H 3025 -67.47 28.80 109.15
C LEU H 3025 -66.37 28.46 108.15
N GLY H 3026 -65.13 28.83 108.46
CA GLY H 3026 -64.01 28.42 107.63
C GLY H 3026 -63.62 26.97 107.89
N SER H 3027 -62.85 26.41 106.95
CA SER H 3027 -62.44 25.02 107.08
C SER H 3027 -61.49 24.82 108.25
N GLY H 3028 -60.49 25.70 108.39
CA GLY H 3028 -59.50 25.54 109.42
C GLY H 3028 -59.36 26.74 110.34
N GLY H 3029 -59.18 26.48 111.63
CA GLY H 3029 -58.97 27.53 112.61
C GLY H 3029 -60.25 28.26 112.96
N HIS H 3030 -60.13 29.16 113.92
CA HIS H 3030 -61.24 29.97 114.39
C HIS H 3030 -60.72 31.12 115.24
N ALA H 3031 -61.40 32.26 115.16
CA ALA H 3031 -61.12 33.35 116.08
C ALA H 3031 -61.90 33.15 117.37
N SER H 3032 -61.23 33.40 118.50
CA SER H 3032 -61.86 33.19 119.79
C SER H 3032 -62.97 34.23 120.00
N ASN H 3033 -63.86 33.92 120.95
CA ASN H 3033 -64.90 34.88 121.28
C ASN H 3033 -64.27 36.20 121.73
N LYS H 3034 -63.37 36.16 122.71
CA LYS H 3034 -62.85 37.39 123.28
C LYS H 3034 -62.17 38.26 122.23
N GLU H 3035 -61.41 37.64 121.31
CA GLU H 3035 -60.85 38.39 120.20
C GLU H 3035 -61.95 38.94 119.31
N LYS H 3036 -63.07 38.22 119.19
CA LYS H 3036 -64.18 38.73 118.38
C LYS H 3036 -64.79 39.99 118.99
N GLU H 3037 -65.02 40.01 120.30
CA GLU H 3037 -65.57 41.25 120.86
C GLU H 3037 -64.53 42.36 120.92
N MET H 3038 -63.24 42.01 120.96
CA MET H 3038 -62.23 43.07 120.91
C MET H 3038 -62.14 43.69 119.51
N ILE H 3039 -62.24 42.89 118.45
CA ILE H 3039 -62.29 43.47 117.12
C ILE H 3039 -63.61 44.21 116.90
N THR H 3040 -64.68 43.75 117.55
CA THR H 3040 -65.94 44.49 117.52
C THR H 3040 -65.79 45.85 118.19
N SER H 3041 -65.05 45.90 119.30
CA SER H 3041 -64.76 47.17 119.95
C SER H 3041 -63.94 48.08 119.04
N LEU H 3042 -62.96 47.50 118.33
CA LEU H 3042 -62.23 48.27 117.32
C LEU H 3042 -63.18 48.87 116.29
N PHE H 3043 -64.10 48.05 115.78
CA PHE H 3043 -65.05 48.53 114.77
C PHE H 3043 -65.94 49.63 115.32
N CYS H 3044 -66.41 49.48 116.57
CA CYS H 3044 -67.27 50.49 117.16
C CYS H 3044 -66.51 51.81 117.36
N LYS H 3045 -65.26 51.73 117.83
CA LYS H 3045 -64.46 52.92 118.00
C LYS H 3045 -64.20 53.61 116.66
N LEU H 3046 -63.89 52.82 115.63
CA LEU H 3046 -63.67 53.40 114.31
C LEU H 3046 -64.93 54.07 113.79
N ALA H 3047 -66.09 53.46 113.99
CA ALA H 3047 -67.34 54.08 113.58
C ALA H 3047 -67.57 55.40 114.31
N ALA H 3048 -67.33 55.41 115.63
CA ALA H 3048 -67.52 56.63 116.41
C ALA H 3048 -66.57 57.73 115.96
N LEU H 3049 -65.35 57.35 115.56
CA LEU H 3049 -64.38 58.34 115.11
C LEU H 3049 -64.71 58.85 113.72
N VAL H 3050 -65.22 57.97 112.85
CA VAL H 3050 -65.60 58.37 111.51
C VAL H 3050 -66.81 59.29 111.57
N ARG H 3051 -67.65 59.12 112.59
CA ARG H 3051 -68.81 59.97 112.76
C ARG H 3051 -68.42 61.43 112.88
N HIS H 3052 -68.76 62.21 111.85
CA HIS H 3052 -68.63 63.66 111.80
C HIS H 3052 -67.19 64.15 111.89
N ARG H 3053 -66.21 63.26 111.78
CA ARG H 3053 -64.80 63.63 111.77
C ARG H 3053 -64.01 62.89 110.71
N VAL H 3054 -64.69 62.33 109.71
CA VAL H 3054 -64.00 61.67 108.61
C VAL H 3054 -63.65 62.68 107.52
N SER H 3055 -64.22 63.89 107.61
CA SER H 3055 -64.03 64.88 106.56
C SER H 3055 -62.57 65.30 106.45
N LEU H 3056 -61.85 65.35 107.57
CA LEU H 3056 -60.44 65.75 107.54
C LEU H 3056 -59.61 64.75 106.73
N PHE H 3057 -59.98 63.48 106.76
CA PHE H 3057 -59.28 62.48 105.96
C PHE H 3057 -59.45 62.75 104.47
N GLY H 3058 -60.62 63.26 104.08
CA GLY H 3058 -60.81 63.65 102.70
C GLY H 3058 -60.84 62.45 101.76
N THR H 3059 -59.85 62.41 100.85
CA THR H 3059 -59.77 61.30 99.91
C THR H 3059 -59.45 59.99 100.62
N ASP H 3060 -58.99 60.06 101.87
CA ASP H 3060 -58.74 58.84 102.64
C ASP H 3060 -60.04 58.19 103.06
N ALA H 3061 -61.14 58.94 103.07
CA ALA H 3061 -62.41 58.42 103.55
C ALA H 3061 -62.90 57.17 102.81
N PRO H 3062 -62.83 57.07 101.48
CA PRO H 3062 -63.23 55.81 100.84
C PRO H 3062 -62.46 54.59 101.34
N ALA H 3063 -61.15 54.73 101.56
CA ALA H 3063 -60.40 53.61 102.12
C ALA H 3063 -60.92 53.26 103.50
N VAL H 3064 -61.24 54.27 104.31
CA VAL H 3064 -61.74 54.04 105.66
C VAL H 3064 -63.07 53.30 105.61
N VAL H 3065 -63.97 53.71 104.71
CA VAL H 3065 -65.29 53.08 104.68
C VAL H 3065 -65.20 51.65 104.15
N ASN H 3066 -64.31 51.39 103.20
CA ASN H 3066 -64.09 50.00 102.78
C ASN H 3066 -63.50 49.16 103.90
N CYS H 3067 -62.61 49.74 104.70
CA CYS H 3067 -62.15 49.03 105.89
C CYS H 3067 -63.30 48.75 106.85
N LEU H 3068 -64.23 49.70 106.97
CA LEU H 3068 -65.42 49.45 107.78
C LEU H 3068 -66.24 48.29 107.20
N HIS H 3069 -66.33 48.22 105.87
CA HIS H 3069 -67.03 47.12 105.22
C HIS H 3069 -66.38 45.78 105.57
N ILE H 3070 -65.05 45.73 105.51
CA ILE H 3070 -64.36 44.46 105.78
C ILE H 3070 -64.48 44.10 107.25
N LEU H 3071 -64.52 45.09 108.14
CA LEU H 3071 -64.79 44.81 109.55
C LEU H 3071 -66.20 44.22 109.72
N ALA H 3072 -67.17 44.78 109.01
CA ALA H 3072 -68.53 44.25 109.07
C ALA H 3072 -68.55 42.80 108.60
N ARG H 3073 -67.81 42.49 107.53
CA ARG H 3073 -67.68 41.10 107.11
C ARG H 3073 -67.05 40.24 108.19
N SER H 3074 -66.02 40.75 108.87
CA SER H 3074 -65.23 39.92 109.77
C SER H 3074 -65.96 39.63 111.08
N LEU H 3075 -66.75 40.59 111.58
CA LEU H 3075 -67.27 40.49 112.94
C LEU H 3075 -68.31 39.37 113.05
N ASP H 3076 -68.55 38.94 114.30
CA ASP H 3076 -69.48 37.85 114.62
C ASP H 3076 -70.45 38.35 115.68
N ALA H 3077 -71.53 38.97 115.22
CA ALA H 3077 -72.39 39.73 116.12
C ALA H 3077 -73.23 38.82 117.02
N ARG H 3078 -73.63 37.64 116.52
CA ARG H 3078 -74.40 36.74 117.37
C ARG H 3078 -73.58 36.27 118.55
N THR H 3079 -72.32 35.89 118.32
CA THR H 3079 -71.46 35.52 119.45
C THR H 3079 -71.20 36.72 120.35
N VAL H 3080 -71.05 37.92 119.76
CA VAL H 3080 -70.88 39.12 120.57
C VAL H 3080 -72.06 39.31 121.52
N MET H 3081 -73.28 39.14 121.02
CA MET H 3081 -74.45 39.34 121.88
C MET H 3081 -74.60 38.21 122.89
N LYS H 3082 -74.22 36.98 122.50
CA LYS H 3082 -74.31 35.87 123.45
C LYS H 3082 -73.37 36.09 124.63
N SER H 3083 -72.08 36.36 124.36
CA SER H 3083 -71.11 36.62 125.42
C SER H 3083 -70.31 37.88 125.08
N GLY H 3084 -70.87 39.04 125.38
CA GLY H 3084 -70.20 40.29 125.15
C GLY H 3084 -69.99 41.11 126.40
N PRO H 3085 -68.80 41.71 126.52
CA PRO H 3085 -68.56 42.64 127.62
C PRO H 3085 -69.47 43.85 127.52
N GLU H 3086 -69.75 44.47 128.68
CA GLU H 3086 -70.67 45.61 128.69
C GLU H 3086 -70.11 46.79 127.90
N ILE H 3087 -68.79 46.93 127.86
CA ILE H 3087 -68.20 48.02 127.09
C ILE H 3087 -68.45 47.84 125.60
N VAL H 3088 -68.26 46.61 125.10
CA VAL H 3088 -68.52 46.34 123.69
C VAL H 3088 -70.01 46.46 123.39
N LYS H 3089 -70.85 45.99 124.33
CA LYS H 3089 -72.29 46.16 124.18
C LYS H 3089 -72.66 47.63 124.03
N ALA H 3090 -72.15 48.47 124.93
CA ALA H 3090 -72.46 49.90 124.88
C ALA H 3090 -71.95 50.52 123.59
N GLY H 3091 -70.75 50.16 123.16
CA GLY H 3091 -70.22 50.70 121.92
C GLY H 3091 -71.07 50.35 120.71
N LEU H 3092 -71.43 49.07 120.58
CA LEU H 3092 -72.22 48.63 119.43
C LEU H 3092 -73.62 49.24 119.46
N ARG H 3093 -74.25 49.26 120.63
CA ARG H 3093 -75.57 49.86 120.74
C ARG H 3093 -75.52 51.34 120.41
N SER H 3094 -74.61 52.08 121.06
CA SER H 3094 -74.47 53.51 120.77
C SER H 3094 -74.17 53.74 119.29
N PHE H 3095 -73.50 52.80 118.63
CA PHE H 3095 -73.35 52.90 117.18
C PHE H 3095 -74.71 52.81 116.49
N PHE H 3096 -75.56 51.89 116.94
CA PHE H 3096 -76.91 51.80 116.35
C PHE H 3096 -77.70 53.10 116.55
N GLU H 3097 -77.75 53.62 117.78
CA GLU H 3097 -78.48 54.87 118.00
C GLU H 3097 -77.80 56.05 117.30
N SER H 3098 -76.49 55.97 117.08
CA SER H 3098 -75.82 57.00 116.31
C SER H 3098 -76.29 56.98 114.85
N ALA H 3099 -76.34 55.80 114.25
CA ALA H 3099 -76.85 55.67 112.89
C ALA H 3099 -78.28 56.18 112.80
N SER H 3100 -79.11 55.83 113.79
CA SER H 3100 -80.48 56.35 113.79
C SER H 3100 -80.49 57.87 113.86
N GLU H 3101 -79.90 58.45 114.92
CA GLU H 3101 -79.96 59.91 115.07
C GLU H 3101 -79.40 60.62 113.84
N ASP H 3102 -78.44 59.99 113.15
CA ASP H 3102 -78.04 60.49 111.84
C ASP H 3102 -79.19 60.44 110.86
N ILE H 3103 -79.99 59.36 110.86
CA ILE H 3103 -81.06 59.27 109.86
C ILE H 3103 -82.15 60.30 110.17
N GLU H 3104 -82.43 60.56 111.45
CA GLU H 3104 -83.40 61.62 111.76
C GLU H 3104 -82.85 63.01 111.42
N LYS H 3105 -81.57 63.27 111.68
CA LYS H 3105 -80.99 64.53 111.23
C LYS H 3105 -81.06 64.63 109.71
N MET H 3106 -80.92 63.50 109.01
CA MET H 3106 -80.94 63.49 107.56
C MET H 3106 -82.33 63.78 107.03
N VAL H 3107 -83.36 63.17 107.64
CA VAL H 3107 -84.73 63.43 107.22
C VAL H 3107 -85.12 64.86 107.57
N GLU H 3108 -84.55 65.42 108.64
CA GLU H 3108 -84.73 66.84 108.92
C GLU H 3108 -84.10 67.69 107.82
N ASN H 3109 -82.89 67.32 107.39
CA ASN H 3109 -82.23 68.04 106.31
C ASN H 3109 -83.07 67.98 105.03
N LEU H 3110 -83.82 66.90 104.85
CA LEU H 3110 -84.73 66.83 103.71
C LEU H 3110 -86.01 67.61 103.98
N ARG H 3111 -86.37 67.79 105.26
CA ARG H 3111 -87.43 68.72 105.61
C ARG H 3111 -87.02 70.15 105.27
N LEU H 3112 -85.71 70.39 105.19
CA LEU H 3112 -85.09 71.68 104.84
C LEU H 3112 -85.22 72.71 105.95
N GLY H 3113 -85.37 72.30 107.20
CA GLY H 3113 -85.24 73.25 108.29
C GLY H 3113 -83.85 73.85 108.36
N LYS H 3114 -82.83 73.02 108.13
CA LYS H 3114 -81.48 73.51 107.96
C LYS H 3114 -81.34 74.22 106.62
N VAL H 3115 -80.39 75.16 106.54
CA VAL H 3115 -80.27 76.00 105.36
C VAL H 3115 -79.95 75.18 104.12
N SER H 3116 -79.08 74.17 104.26
CA SER H 3116 -78.69 73.27 103.18
C SER H 3116 -78.16 74.03 101.97
N LYS H 3123 -69.43 73.85 107.65
CA LYS H 3123 -70.24 73.82 108.86
C LYS H 3123 -70.39 72.40 109.40
N GLY H 3124 -70.51 72.29 110.73
CA GLY H 3124 -70.57 70.98 111.36
C GLY H 3124 -71.70 70.12 110.84
N VAL H 3125 -72.87 70.73 110.62
CA VAL H 3125 -73.97 70.00 110.00
C VAL H 3125 -73.58 69.59 108.58
N GLY H 3126 -72.73 70.38 107.93
CA GLY H 3126 -72.25 69.99 106.61
C GLY H 3126 -71.38 68.76 106.62
N GLN H 3127 -70.43 68.70 107.57
CA GLN H 3127 -69.62 67.50 107.70
C GLN H 3127 -70.46 66.29 108.11
N ASN H 3128 -71.47 66.51 108.96
CA ASN H 3128 -72.39 65.42 109.29
C ASN H 3128 -73.15 64.95 108.05
N LEU H 3129 -73.57 65.90 107.21
CA LEU H 3129 -74.28 65.57 105.98
C LEU H 3129 -73.42 64.71 105.07
N THR H 3130 -72.20 65.15 104.79
CA THR H 3130 -71.34 64.39 103.88
C THR H 3130 -70.94 63.06 104.49
N TYR H 3131 -70.66 63.02 105.80
CA TYR H 3131 -70.37 61.76 106.47
C TYR H 3131 -71.52 60.77 106.31
N THR H 3132 -72.74 61.21 106.60
CA THR H 3132 -73.88 60.32 106.45
C THR H 3132 -74.00 59.82 105.03
N THR H 3133 -74.03 60.74 104.06
CA THR H 3133 -74.28 60.38 102.67
C THR H 3133 -73.20 59.47 102.11
N VAL H 3134 -71.96 59.59 102.61
CA VAL H 3134 -70.87 58.83 102.04
C VAL H 3134 -70.71 57.48 102.74
N ALA H 3135 -70.88 57.43 104.06
CA ALA H 3135 -70.53 56.25 104.84
C ALA H 3135 -71.74 55.52 105.40
N LEU H 3136 -72.72 56.24 105.97
CA LEU H 3136 -73.73 55.58 106.78
C LEU H 3136 -74.52 54.55 105.97
N LEU H 3137 -75.04 54.95 104.81
CA LEU H 3137 -75.78 54.01 103.98
C LEU H 3137 -74.92 52.86 103.48
N PRO H 3138 -73.70 53.06 102.97
CA PRO H 3138 -72.88 51.88 102.62
C PRO H 3138 -72.52 51.01 103.80
N VAL H 3139 -72.14 51.61 104.94
CA VAL H 3139 -71.75 50.81 106.10
C VAL H 3139 -72.94 50.04 106.65
N LEU H 3140 -74.09 50.72 106.82
CA LEU H 3140 -75.30 50.02 107.26
C LEU H 3140 -75.70 48.95 106.25
N THR H 3141 -75.50 49.22 104.97
CA THR H 3141 -75.81 48.25 103.92
C THR H 3141 -74.98 46.97 104.09
N THR H 3142 -73.66 47.12 104.25
CA THR H 3142 -72.80 45.96 104.45
C THR H 3142 -73.14 45.24 105.75
N LEU H 3143 -73.43 46.01 106.81
CA LEU H 3143 -73.97 45.40 108.01
C LEU H 3143 -75.16 44.51 107.67
N PHE H 3144 -76.11 45.04 106.90
CA PHE H 3144 -77.31 44.27 106.57
C PHE H 3144 -76.98 42.97 105.85
N GLN H 3145 -76.18 43.05 104.78
CA GLN H 3145 -75.89 41.83 104.03
C GLN H 3145 -75.19 40.79 104.90
N HIS H 3146 -74.10 41.18 105.57
CA HIS H 3146 -73.35 40.17 106.32
C HIS H 3146 -74.20 39.62 107.46
N ILE H 3147 -74.93 40.49 108.16
CA ILE H 3147 -75.63 40.10 109.37
C ILE H 3147 -76.80 39.19 109.02
N ALA H 3148 -77.45 39.44 107.88
CA ALA H 3148 -78.56 38.60 107.46
C ALA H 3148 -78.07 37.28 106.88
N GLN H 3149 -76.98 37.31 106.11
CA GLN H 3149 -76.42 36.07 105.57
C GLN H 3149 -75.96 35.16 106.69
N HIS H 3150 -75.42 35.74 107.76
CA HIS H 3150 -74.99 34.93 108.89
C HIS H 3150 -76.13 34.66 109.86
N GLN H 3151 -77.27 35.32 109.67
CA GLN H 3151 -78.45 35.29 110.52
C GLN H 3151 -78.11 35.77 111.93
N PHE H 3152 -76.99 36.48 112.13
CA PHE H 3152 -76.63 36.93 113.46
C PHE H 3152 -77.63 37.96 113.96
N GLY H 3153 -78.22 38.71 113.05
CA GLY H 3153 -79.14 39.78 113.43
C GLY H 3153 -80.38 39.26 114.15
N ASP H 3154 -80.84 38.06 113.77
CA ASP H 3154 -82.03 37.50 114.38
C ASP H 3154 -81.90 37.44 115.90
N ASP H 3155 -80.69 37.25 116.40
CA ASP H 3155 -80.47 37.28 117.84
C ASP H 3155 -80.01 38.65 118.31
N VAL H 3156 -79.19 39.34 117.50
CA VAL H 3156 -78.61 40.60 117.93
C VAL H 3156 -79.69 41.65 118.17
N ILE H 3157 -80.61 41.80 117.21
CA ILE H 3157 -81.60 42.86 117.22
C ILE H 3157 -82.72 42.48 118.19
N LEU H 3158 -82.68 43.01 119.41
CA LEU H 3158 -83.62 42.61 120.45
C LEU H 3158 -84.57 43.73 120.87
N ASP H 3159 -84.07 44.84 121.43
CA ASP H 3159 -84.97 45.93 121.81
C ASP H 3159 -84.60 47.29 121.23
N ASP H 3160 -83.37 47.74 121.52
CA ASP H 3160 -82.99 49.10 121.16
C ASP H 3160 -82.73 49.22 119.66
N VAL H 3161 -82.19 48.16 119.07
CA VAL H 3161 -82.04 48.16 117.61
C VAL H 3161 -83.41 48.14 116.96
N GLN H 3162 -84.39 47.46 117.59
CA GLN H 3162 -85.77 47.56 117.13
C GLN H 3162 -86.24 49.01 117.14
N VAL H 3163 -86.03 49.71 118.25
CA VAL H 3163 -86.52 51.09 118.36
C VAL H 3163 -85.87 51.97 117.29
N SER H 3164 -84.54 51.87 117.17
CA SER H 3164 -83.83 52.71 116.21
C SER H 3164 -84.25 52.39 114.77
N CYS H 3165 -84.34 51.09 114.43
CA CYS H 3165 -84.70 50.71 113.07
C CYS H 3165 -86.15 51.04 112.76
N TYR H 3166 -87.02 51.03 113.78
CA TYR H 3166 -88.40 51.41 113.54
C TYR H 3166 -88.51 52.90 113.28
N ARG H 3167 -87.82 53.71 114.09
CA ARG H 3167 -87.77 55.14 113.81
C ARG H 3167 -87.22 55.41 112.42
N THR H 3168 -86.15 54.70 112.04
CA THR H 3168 -85.57 54.85 110.72
C THR H 3168 -86.56 54.48 109.62
N LEU H 3169 -87.23 53.33 109.76
CA LEU H 3169 -88.17 52.88 108.75
C LEU H 3169 -89.32 53.86 108.58
N CYS H 3170 -89.83 54.38 109.71
CA CYS H 3170 -90.89 55.39 109.63
C CYS H 3170 -90.39 56.62 108.89
N SER H 3171 -89.15 57.03 109.16
CA SER H 3171 -88.60 58.22 108.53
C SER H 3171 -88.49 58.07 107.02
N ILE H 3172 -87.91 56.95 106.55
CA ILE H 3172 -87.82 56.76 105.10
C ILE H 3172 -89.19 56.52 104.48
N TYR H 3173 -90.14 55.96 105.24
CA TYR H 3173 -91.49 55.88 104.68
C TYR H 3173 -92.11 57.26 104.49
N SER H 3174 -91.91 58.15 105.47
CA SER H 3174 -92.39 59.52 105.32
C SER H 3174 -91.71 60.23 104.17
N LEU H 3175 -90.41 59.99 104.00
CA LEU H 3175 -89.68 60.57 102.87
C LEU H 3175 -90.15 60.00 101.53
N GLY H 3176 -90.57 58.74 101.53
CA GLY H 3176 -91.18 58.19 100.32
C GLY H 3176 -92.50 58.86 99.99
N THR H 3177 -93.33 59.07 101.01
CA THR H 3177 -94.57 59.83 100.80
C THR H 3177 -94.25 61.24 100.31
N THR H 3178 -93.17 61.84 100.82
CA THR H 3178 -92.76 63.16 100.40
C THR H 3178 -92.04 63.10 99.05
N LYS H 3179 -92.06 64.20 98.31
CA LYS H 3179 -91.33 64.34 97.06
C LYS H 3179 -90.45 65.57 97.13
N ASN H 3180 -89.25 65.46 96.55
CA ASN H 3180 -88.27 66.55 96.62
C ASN H 3180 -87.24 66.35 95.52
N THR H 3181 -86.41 67.38 95.34
CA THR H 3181 -85.33 67.29 94.35
C THR H 3181 -84.11 66.58 94.93
N TYR H 3182 -83.76 66.89 96.18
CA TYR H 3182 -82.62 66.24 96.81
C TYR H 3182 -82.86 64.74 96.97
N VAL H 3183 -84.09 64.36 97.33
CA VAL H 3183 -84.39 62.95 97.59
C VAL H 3183 -84.20 62.12 96.32
N GLU H 3184 -84.27 62.77 95.15
CA GLU H 3184 -84.13 62.04 93.89
C GLU H 3184 -82.82 61.28 93.82
N LYS H 3185 -81.75 61.82 94.43
CA LYS H 3185 -80.51 61.06 94.53
C LYS H 3185 -80.51 60.17 95.76
N LEU H 3186 -81.30 60.53 96.77
CA LEU H 3186 -81.37 59.70 97.98
C LEU H 3186 -82.20 58.44 97.74
N ARG H 3187 -83.27 58.55 96.94
CA ARG H 3187 -84.18 57.42 96.76
C ARG H 3187 -83.51 56.14 96.30
N PRO H 3188 -82.57 56.14 95.34
CA PRO H 3188 -81.87 54.87 95.04
C PRO H 3188 -81.15 54.29 96.24
N ALA H 3189 -80.24 55.07 96.84
CA ALA H 3189 -79.45 54.57 97.96
C ALA H 3189 -80.32 54.27 99.17
N LEU H 3190 -81.25 55.16 99.50
CA LEU H 3190 -82.12 54.92 100.65
C LEU H 3190 -82.98 53.68 100.43
N GLY H 3191 -83.51 53.52 99.21
CA GLY H 3191 -84.34 52.36 98.93
C GLY H 3191 -83.57 51.06 99.02
N GLU H 3192 -82.37 51.00 98.44
CA GLU H 3192 -81.59 49.78 98.52
C GLU H 3192 -81.16 49.51 99.97
N CYS H 3193 -80.82 50.56 100.72
CA CYS H 3193 -80.44 50.38 102.11
C CYS H 3193 -81.59 49.82 102.94
N LEU H 3194 -82.80 50.36 102.76
CA LEU H 3194 -83.95 49.85 103.50
C LEU H 3194 -84.29 48.43 103.08
N ALA H 3195 -84.21 48.14 101.77
CA ALA H 3195 -84.49 46.80 101.30
C ALA H 3195 -83.53 45.79 101.93
N ARG H 3196 -82.23 46.11 101.96
CA ARG H 3196 -81.27 45.20 102.55
C ARG H 3196 -81.43 45.15 104.07
N LEU H 3197 -81.94 46.22 104.66
CA LEU H 3197 -82.31 46.20 106.08
C LEU H 3197 -83.40 45.17 106.33
N ALA H 3198 -84.34 45.03 105.39
CA ALA H 3198 -85.46 44.11 105.59
C ALA H 3198 -84.98 42.67 105.75
N ALA H 3199 -83.84 42.31 105.15
CA ALA H 3199 -83.38 40.93 105.21
C ALA H 3199 -82.75 40.61 106.56
N ALA H 3200 -82.24 41.63 107.25
CA ALA H 3200 -81.61 41.39 108.55
C ALA H 3200 -82.59 41.60 109.69
N MET H 3201 -83.27 42.74 109.68
CA MET H 3201 -84.27 43.09 110.68
C MET H 3201 -85.18 41.89 110.97
N PRO H 3202 -85.19 41.38 112.22
CA PRO H 3202 -85.85 40.08 112.46
C PRO H 3202 -87.30 40.17 112.93
N VAL H 3203 -87.81 41.34 113.30
CA VAL H 3203 -89.15 41.42 113.86
C VAL H 3203 -90.14 42.06 112.90
N ALA H 3204 -91.15 41.30 112.48
CA ALA H 3204 -92.07 41.70 111.43
C ALA H 3204 -92.94 42.85 111.91
N PHE H 3205 -92.77 44.03 111.28
CA PHE H 3205 -93.60 45.17 111.60
C PHE H 3205 -94.90 45.14 110.79
N LEU H 3206 -95.03 44.18 109.89
CA LEU H 3206 -96.13 44.20 108.93
C LEU H 3206 -97.34 43.43 109.45
N GLU H 3207 -97.10 42.28 110.08
CA GLU H 3207 -98.20 41.48 110.61
C GLU H 3207 -98.35 41.73 112.10
N PRO H 3208 -99.35 42.52 112.53
CA PRO H 3208 -99.44 42.84 113.96
C PRO H 3208 -99.81 41.65 114.83
N GLN H 3209 -100.88 40.93 114.51
CA GLN H 3209 -101.34 39.83 115.36
C GLN H 3209 -100.29 38.74 115.45
N LEU H 3210 -99.70 38.38 114.31
CA LEU H 3210 -98.61 37.42 114.32
C LEU H 3210 -97.39 38.00 115.01
N ASN H 3211 -97.29 39.33 115.07
CA ASN H 3211 -96.18 39.94 115.81
C ASN H 3211 -96.30 39.70 117.30
N GLU H 3212 -97.49 39.91 117.89
CA GLU H 3212 -97.57 39.62 119.33
C GLU H 3212 -97.57 38.12 119.58
N TYR H 3213 -98.04 37.33 118.61
CA TYR H 3213 -97.93 35.88 118.76
C TYR H 3213 -96.47 35.43 118.72
N ASN H 3214 -95.62 36.13 117.98
CA ASN H 3214 -94.21 35.80 117.95
C ASN H 3214 -93.56 36.09 119.29
N ALA H 3215 -92.70 35.16 119.73
CA ALA H 3215 -92.01 35.34 121.01
C ALA H 3215 -90.79 36.23 120.85
N CYS H 3216 -90.35 36.46 119.61
CA CYS H 3216 -89.18 37.30 119.34
C CYS H 3216 -89.63 38.72 119.02
N SER H 3217 -90.26 39.35 120.02
CA SER H 3217 -90.69 40.74 119.93
C SER H 3217 -90.31 41.46 121.22
N VAL H 3218 -90.22 42.78 121.12
CA VAL H 3218 -89.83 43.58 122.29
C VAL H 3218 -90.84 43.40 123.42
N TYR H 3219 -92.11 43.19 123.07
CA TYR H 3219 -93.14 43.08 124.10
C TYR H 3219 -93.04 41.76 124.85
N THR H 3220 -92.70 40.68 124.15
CA THR H 3220 -92.50 39.40 124.82
C THR H 3220 -91.19 39.37 125.60
N THR H 3221 -90.13 39.96 125.04
CA THR H 3221 -88.86 40.01 125.76
C THR H 3221 -88.98 40.82 127.04
N LYS H 3222 -89.64 41.97 126.98
CA LYS H 3222 -89.91 42.78 128.15
C LYS H 3222 -91.35 43.28 128.10
N SER H 3223 -92.08 43.05 129.19
CA SER H 3223 -93.42 43.57 129.30
C SER H 3223 -93.38 45.09 129.44
N PRO H 3224 -94.49 45.78 129.18
CA PRO H 3224 -94.45 47.25 129.18
C PRO H 3224 -93.93 47.87 130.46
N ARG H 3225 -94.08 47.19 131.61
CA ARG H 3225 -93.55 47.75 132.85
C ARG H 3225 -92.03 47.77 132.84
N GLU H 3226 -91.41 46.72 132.28
CA GLU H 3226 -89.99 46.80 131.95
C GLU H 3226 -89.80 47.81 130.83
N ARG H 3227 -88.65 48.48 130.84
CA ARG H 3227 -88.25 49.50 129.87
C ARG H 3227 -89.30 50.60 129.73
N ALA H 3228 -90.22 50.73 130.70
CA ALA H 3228 -91.19 51.83 130.67
C ALA H 3228 -90.48 53.18 130.79
N ILE H 3229 -89.24 53.19 131.26
CA ILE H 3229 -88.43 54.41 131.23
C ILE H 3229 -88.25 54.87 129.79
N LEU H 3230 -88.32 53.94 128.84
CA LEU H 3230 -88.33 54.26 127.42
C LEU H 3230 -89.78 54.18 126.94
N GLY H 3231 -90.10 54.87 125.84
CA GLY H 3231 -91.46 54.91 125.34
C GLY H 3231 -92.02 53.57 124.94
N LEU H 3232 -93.19 53.22 125.48
CA LEU H 3232 -93.88 51.98 125.14
C LEU H 3232 -95.03 52.26 124.19
N PRO H 3233 -94.96 51.76 122.95
CA PRO H 3233 -96.08 52.01 122.02
C PRO H 3233 -97.32 51.19 122.33
N ASN H 3234 -97.16 49.97 122.83
CA ASN H 3234 -98.21 48.99 123.11
C ASN H 3234 -98.84 48.46 121.81
N SER H 3235 -98.39 48.91 120.65
CA SER H 3235 -98.90 48.44 119.37
C SER H 3235 -97.92 48.82 118.26
N VAL H 3236 -97.77 47.93 117.28
CA VAL H 3236 -96.93 48.25 116.12
C VAL H 3236 -97.54 49.39 115.31
N GLU H 3237 -98.87 49.42 115.23
CA GLU H 3237 -99.55 50.56 114.63
C GLU H 3237 -99.21 51.85 115.36
N GLU H 3238 -99.18 51.80 116.70
CA GLU H 3238 -98.86 53.00 117.46
C GLU H 3238 -97.41 53.42 117.24
N MET H 3239 -96.48 52.46 117.24
CA MET H 3239 -95.08 52.84 117.11
C MET H 3239 -94.78 53.41 115.74
N CYS H 3240 -95.40 52.88 114.67
CA CYS H 3240 -95.11 53.40 113.34
C CYS H 3240 -96.38 53.28 112.50
N PRO H 3241 -97.26 54.28 112.57
CA PRO H 3241 -98.58 54.14 111.94
C PRO H 3241 -98.58 54.29 110.44
N ASP H 3242 -97.59 54.99 109.87
CA ASP H 3242 -97.64 55.31 108.44
C ASP H 3242 -97.57 54.05 107.59
N ILE H 3243 -96.80 53.05 108.02
CA ILE H 3243 -96.66 51.85 107.20
C ILE H 3243 -97.94 51.03 107.27
N PRO H 3244 -98.48 50.57 106.14
CA PRO H 3244 -99.66 49.70 106.19
C PRO H 3244 -99.27 48.25 106.42
N VAL H 3245 -100.28 47.44 106.79
CA VAL H 3245 -100.07 46.01 106.95
C VAL H 3245 -99.63 45.41 105.61
N LEU H 3246 -98.89 44.29 105.68
CA LEU H 3246 -98.34 43.68 104.47
C LEU H 3246 -99.43 43.33 103.46
N ASP H 3247 -100.59 42.86 103.95
CA ASP H 3247 -101.68 42.55 103.03
C ASP H 3247 -102.14 43.79 102.29
N ARG H 3248 -102.23 44.93 102.98
CA ARG H 3248 -102.65 46.16 102.33
C ARG H 3248 -101.57 46.69 101.40
N LEU H 3249 -100.30 46.49 101.75
CA LEU H 3249 -99.22 46.85 100.84
C LEU H 3249 -99.29 46.03 99.56
N MET H 3250 -99.56 44.73 99.69
CA MET H 3250 -99.73 43.89 98.51
C MET H 3250 -100.91 44.36 97.67
N ALA H 3251 -102.03 44.70 98.33
CA ALA H 3251 -103.19 45.21 97.61
C ALA H 3251 -102.88 46.51 96.87
N ASP H 3252 -102.19 47.43 97.53
CA ASP H 3252 -101.84 48.70 96.91
C ASP H 3252 -100.88 48.50 95.74
N ILE H 3253 -99.90 47.61 95.89
CA ILE H 3253 -98.95 47.37 94.80
C ILE H 3253 -99.66 46.73 93.62
N GLY H 3254 -100.56 45.77 93.89
CA GLY H 3254 -101.35 45.19 92.81
C GLY H 3254 -102.22 46.22 92.11
N GLY H 3255 -102.82 47.13 92.87
CA GLY H 3255 -103.62 48.17 92.28
C GLY H 3255 -102.82 49.11 91.41
N LEU H 3256 -101.65 49.52 91.90
CA LEU H 3256 -100.77 50.38 91.09
C LEU H 3256 -100.30 49.65 89.83
N ALA H 3257 -100.01 48.35 89.95
CA ALA H 3257 -99.60 47.58 88.79
C ALA H 3257 -100.72 47.54 87.75
N GLU H 3258 -101.93 47.15 88.15
CA GLU H 3258 -103.02 47.06 87.18
C GLU H 3258 -103.39 48.44 86.64
N SER H 3259 -103.13 49.50 87.41
CA SER H 3259 -103.32 50.85 86.90
C SER H 3259 -102.26 51.21 85.87
N GLY H 3260 -101.06 50.64 86.02
CA GLY H 3260 -99.98 50.97 85.11
C GLY H 3260 -99.48 52.40 85.26
N ALA H 3261 -99.39 52.90 86.49
CA ALA H 3261 -98.93 54.26 86.72
C ALA H 3261 -97.49 54.43 86.25
N ARG H 3262 -97.19 55.63 85.75
CA ARG H 3262 -95.86 55.92 85.26
C ARG H 3262 -94.85 55.98 86.40
N TYR H 3263 -93.58 55.87 86.04
CA TYR H 3263 -92.52 56.13 87.01
C TYR H 3263 -92.59 57.58 87.51
N THR H 3264 -92.95 58.52 86.65
CA THR H 3264 -93.15 59.89 87.12
C THR H 3264 -94.28 59.95 88.14
N GLU H 3265 -95.29 59.07 88.00
CA GLU H 3265 -96.39 59.04 88.96
C GLU H 3265 -95.95 58.41 90.28
N MET H 3266 -95.20 57.32 90.21
CA MET H 3266 -94.84 56.53 91.39
C MET H 3266 -93.34 56.25 91.44
N PRO H 3267 -92.50 57.29 91.42
CA PRO H 3267 -91.05 57.05 91.44
C PRO H 3267 -90.56 56.53 92.77
N HIS H 3268 -90.92 57.20 93.87
CA HIS H 3268 -90.47 56.82 95.19
C HIS H 3268 -90.87 55.39 95.54
N VAL H 3269 -92.05 54.95 95.06
CA VAL H 3269 -92.50 53.60 95.38
C VAL H 3269 -91.56 52.57 94.78
N ILE H 3270 -91.26 52.69 93.49
CA ILE H 3270 -90.34 51.75 92.85
C ILE H 3270 -88.92 51.93 93.39
N GLU H 3271 -88.61 53.13 93.91
CA GLU H 3271 -87.28 53.39 94.44
C GLU H 3271 -87.06 52.67 95.76
N ILE H 3272 -88.05 52.68 96.65
CA ILE H 3272 -87.90 52.22 98.03
C ILE H 3272 -88.85 51.07 98.35
N THR H 3273 -90.15 51.30 98.18
CA THR H 3273 -91.15 50.36 98.68
C THR H 3273 -91.09 49.04 97.92
N LEU H 3274 -90.97 49.10 96.59
CA LEU H 3274 -90.85 47.86 95.82
C LEU H 3274 -89.60 47.06 96.18
N PRO H 3275 -88.39 47.64 96.25
CA PRO H 3275 -87.28 46.86 96.81
C PRO H 3275 -87.52 46.41 98.24
N MET H 3276 -88.16 47.26 99.05
CA MET H 3276 -88.49 46.88 100.41
C MET H 3276 -89.34 45.61 100.43
N LEU H 3277 -90.43 45.58 99.65
CA LEU H 3277 -91.30 44.41 99.63
C LEU H 3277 -90.58 43.20 99.04
N CYS H 3278 -89.80 43.42 97.98
CA CYS H 3278 -89.09 42.32 97.32
C CYS H 3278 -88.09 41.66 98.26
N SER H 3279 -87.36 42.45 99.03
CA SER H 3279 -86.42 41.89 99.98
C SER H 3279 -87.13 41.33 101.20
N TYR H 3280 -88.31 41.87 101.53
CA TYR H 3280 -89.04 41.40 102.69
C TYR H 3280 -89.60 40.00 102.46
N LEU H 3281 -90.47 39.86 101.46
CA LEU H 3281 -91.34 38.68 101.40
C LEU H 3281 -90.59 37.35 101.47
N PRO H 3282 -89.56 37.09 100.64
CA PRO H 3282 -88.87 35.78 100.76
C PRO H 3282 -88.16 35.60 102.08
N ARG H 3283 -87.59 36.68 102.64
CA ARG H 3283 -86.87 36.57 103.90
C ARG H 3283 -87.80 36.25 105.06
N TRP H 3284 -89.10 36.51 104.88
CA TRP H 3284 -90.05 36.30 105.96
C TRP H 3284 -90.95 35.10 105.69
N TRP H 3285 -90.89 34.57 104.46
CA TRP H 3285 -91.79 33.50 104.07
C TRP H 3285 -91.51 32.22 104.86
N GLU H 3286 -90.22 31.92 105.10
CA GLU H 3286 -89.85 30.57 105.53
C GLU H 3286 -90.42 30.22 106.90
N ARG H 3287 -90.64 31.23 107.76
CA ARG H 3287 -91.40 30.96 108.98
C ARG H 3287 -92.85 31.36 108.83
N GLY H 3288 -93.23 31.92 107.69
CA GLY H 3288 -94.59 32.30 107.43
C GLY H 3288 -95.42 31.13 106.92
N PRO H 3289 -96.68 31.39 106.57
CA PRO H 3289 -97.54 30.33 106.06
C PRO H 3289 -97.11 29.90 104.66
N GLU H 3290 -97.52 28.69 104.29
CA GLU H 3290 -97.25 28.01 103.02
C GLU H 3290 -95.79 27.61 102.88
N ALA H 3291 -94.95 27.92 103.86
CA ALA H 3291 -93.57 27.45 103.87
C ALA H 3291 -93.48 26.11 104.57
N PRO H 3292 -92.50 25.29 104.22
CA PRO H 3292 -92.33 23.99 104.89
C PRO H 3292 -91.83 24.19 106.32
N PRO H 3293 -92.67 23.92 107.31
CA PRO H 3293 -92.30 24.17 108.69
C PRO H 3293 -91.74 22.93 109.35
N PRO H 3294 -90.71 23.07 110.18
CA PRO H 3294 -90.29 21.95 111.03
C PRO H 3294 -91.37 21.66 112.05
N ALA H 3295 -91.50 20.38 112.43
CA ALA H 3295 -92.63 19.95 113.24
C ALA H 3295 -92.64 20.61 114.61
N LEU H 3296 -91.52 20.51 115.34
CA LEU H 3296 -91.49 21.09 116.69
C LEU H 3296 -91.62 22.61 116.70
N PRO H 3297 -90.86 23.39 115.91
CA PRO H 3297 -91.13 24.83 115.88
C PRO H 3297 -92.52 25.19 115.39
N ALA H 3298 -93.09 24.37 114.50
CA ALA H 3298 -94.39 24.69 113.94
C ALA H 3298 -95.51 24.47 114.95
N GLY H 3299 -95.40 23.42 115.77
CA GLY H 3299 -96.49 23.11 116.67
C GLY H 3299 -96.41 23.81 118.01
N ALA H 3300 -97.09 24.97 118.10
CA ALA H 3300 -97.39 25.83 119.26
C ALA H 3300 -97.59 27.27 118.79
N PRO H 3301 -96.61 27.92 118.17
CA PRO H 3301 -96.79 29.33 117.81
C PRO H 3301 -97.30 29.49 116.40
N PRO H 3302 -98.18 30.45 116.16
CA PRO H 3302 -98.57 30.78 114.78
C PRO H 3302 -97.41 31.41 114.02
N PRO H 3303 -97.43 31.37 112.69
CA PRO H 3303 -96.31 31.92 111.92
C PRO H 3303 -96.13 33.41 112.19
N CYS H 3304 -94.87 33.85 112.17
CA CYS H 3304 -94.56 35.24 112.52
C CYS H 3304 -95.04 36.21 111.45
N THR H 3305 -95.11 35.76 110.20
CA THR H 3305 -95.59 36.62 109.13
C THR H 3305 -96.78 35.99 108.42
N ALA H 3306 -97.32 36.70 107.45
CA ALA H 3306 -98.37 36.20 106.57
C ALA H 3306 -97.88 36.00 105.14
N VAL H 3307 -96.57 35.97 104.93
CA VAL H 3307 -96.04 35.82 103.57
C VAL H 3307 -96.31 34.41 103.07
N THR H 3308 -96.83 34.32 101.85
CA THR H 3308 -97.20 33.04 101.25
C THR H 3308 -96.57 32.90 99.88
N SER H 3309 -96.60 31.67 99.36
CA SER H 3309 -96.08 31.41 98.02
C SER H 3309 -96.89 32.16 96.97
N ASP H 3310 -98.22 32.16 97.10
CA ASP H 3310 -99.03 32.92 96.16
C ASP H 3310 -98.90 34.42 96.41
N HIS H 3311 -98.49 34.80 97.63
CA HIS H 3311 -98.14 36.21 97.86
C HIS H 3311 -96.91 36.61 97.05
N LEU H 3312 -95.88 35.75 97.04
CA LEU H 3312 -94.73 35.98 96.17
C LEU H 3312 -95.15 35.99 94.72
N ASN H 3313 -96.05 35.08 94.33
CA ASN H 3313 -96.53 35.03 92.96
C ASN H 3313 -97.23 36.33 92.56
N SER H 3314 -98.07 36.87 93.46
CA SER H 3314 -98.77 38.12 93.17
C SER H 3314 -97.79 39.28 93.09
N LEU H 3315 -96.81 39.33 93.99
CA LEU H 3315 -95.80 40.39 93.92
C LEU H 3315 -95.00 40.30 92.62
N LEU H 3316 -94.68 39.06 92.20
CA LEU H 3316 -93.97 38.88 90.94
C LEU H 3316 -94.82 39.34 89.76
N GLY H 3317 -96.11 39.03 89.78
CA GLY H 3317 -96.98 39.48 88.71
C GLY H 3317 -97.07 40.99 88.64
N ASN H 3318 -97.17 41.65 89.81
CA ASN H 3318 -97.18 43.10 89.84
C ASN H 3318 -95.87 43.67 89.31
N ILE H 3319 -94.74 43.06 89.68
CA ILE H 3319 -93.45 43.53 89.19
C ILE H 3319 -93.36 43.38 87.67
N LEU H 3320 -93.81 42.24 87.15
CA LEU H 3320 -93.79 42.01 85.71
C LEU H 3320 -94.67 43.00 84.97
N ARG H 3321 -95.86 43.30 85.50
CA ARG H 3321 -96.73 44.22 84.79
C ARG H 3321 -96.22 45.65 84.91
N ILE H 3322 -95.57 45.97 86.03
CA ILE H 3322 -94.86 47.25 86.12
C ILE H 3322 -93.80 47.34 85.04
N ILE H 3323 -93.09 46.22 84.80
CA ILE H 3323 -92.08 46.19 83.75
C ILE H 3323 -92.70 46.45 82.38
N VAL H 3324 -93.83 45.81 82.09
CA VAL H 3324 -94.43 46.00 80.77
C VAL H 3324 -94.98 47.41 80.61
N ASN H 3325 -95.49 48.00 81.71
CA ASN H 3325 -95.94 49.38 81.65
C ASN H 3325 -94.78 50.33 81.38
N ASN H 3326 -93.63 50.09 82.02
CA ASN H 3326 -92.47 50.96 81.84
C ASN H 3326 -91.59 50.58 80.66
N LEU H 3327 -91.98 49.56 79.88
CA LEU H 3327 -91.26 49.29 78.64
C LEU H 3327 -91.24 50.52 77.74
N GLY H 3328 -92.27 51.37 77.81
CA GLY H 3328 -92.32 52.54 76.96
C GLY H 3328 -91.22 53.54 77.25
N ILE H 3329 -90.86 53.71 78.52
CA ILE H 3329 -89.77 54.60 78.88
C ILE H 3329 -88.46 54.07 78.31
N ASP H 3330 -87.63 54.98 77.81
CA ASP H 3330 -86.43 54.56 77.08
C ASP H 3330 -85.33 54.07 78.02
N GLU H 3331 -84.85 54.94 78.91
CA GLU H 3331 -83.71 54.62 79.78
C GLU H 3331 -84.17 54.68 81.22
N ALA H 3332 -83.81 53.64 81.99
CA ALA H 3332 -84.18 53.54 83.40
C ALA H 3332 -83.05 52.85 84.17
N THR H 3333 -82.21 53.65 84.82
CA THR H 3333 -81.24 53.08 85.76
C THR H 3333 -81.94 52.48 86.97
N TRP H 3334 -83.14 52.99 87.28
CA TRP H 3334 -83.91 52.40 88.38
C TRP H 3334 -84.38 50.99 88.04
N MET H 3335 -84.67 50.72 86.75
CA MET H 3335 -84.86 49.33 86.33
C MET H 3335 -83.61 48.50 86.62
N LYS H 3336 -82.43 49.08 86.34
CA LYS H 3336 -81.19 48.35 86.53
C LYS H 3336 -80.99 48.02 88.00
N ARG H 3337 -81.30 48.96 88.89
CA ARG H 3337 -81.16 48.71 90.32
C ARG H 3337 -82.24 47.76 90.84
N LEU H 3338 -83.44 47.82 90.27
CA LEU H 3338 -84.52 46.96 90.74
C LEU H 3338 -84.30 45.52 90.29
N ALA H 3339 -83.57 45.33 89.19
CA ALA H 3339 -83.33 43.98 88.69
C ALA H 3339 -82.57 43.12 89.71
N VAL H 3340 -81.53 43.69 90.33
CA VAL H 3340 -80.73 42.90 91.27
C VAL H 3340 -81.55 42.55 92.51
N PHE H 3341 -82.42 43.47 92.94
CA PHE H 3341 -83.31 43.16 94.06
C PHE H 3341 -84.32 42.08 93.69
N ALA H 3342 -84.80 42.09 92.44
CA ALA H 3342 -85.74 41.07 92.01
C ALA H 3342 -85.05 39.73 91.78
N GLN H 3343 -83.72 39.75 91.67
CA GLN H 3343 -82.99 38.51 91.40
C GLN H 3343 -83.31 37.36 92.35
N PRO H 3344 -83.31 37.52 93.67
CA PRO H 3344 -83.54 36.34 94.52
C PRO H 3344 -84.97 35.87 94.59
N ILE H 3345 -85.94 36.69 94.19
CA ILE H 3345 -87.33 36.47 94.59
C ILE H 3345 -88.11 35.73 93.51
N VAL H 3346 -87.66 35.84 92.26
CA VAL H 3346 -88.48 35.41 91.13
C VAL H 3346 -88.69 33.91 91.11
N SER H 3347 -87.66 33.15 91.51
CA SER H 3347 -87.66 31.71 91.27
C SER H 3347 -88.75 30.99 92.06
N ARG H 3348 -89.39 31.68 93.01
CA ARG H 3348 -90.29 31.00 93.92
C ARG H 3348 -91.64 30.69 93.28
N ALA H 3349 -91.99 31.41 92.21
CA ALA H 3349 -93.35 31.30 91.66
C ALA H 3349 -93.46 30.12 90.69
N ARG H 3350 -94.58 30.07 89.98
CA ARG H 3350 -94.97 28.87 89.24
C ARG H 3350 -95.03 29.12 87.72
N PRO H 3351 -94.82 28.08 86.91
CA PRO H 3351 -94.79 28.29 85.45
C PRO H 3351 -96.13 28.69 84.86
N GLU H 3352 -97.23 28.51 85.58
CA GLU H 3352 -98.50 29.04 85.14
C GLU H 3352 -98.43 30.56 85.03
N LEU H 3353 -97.82 31.21 86.01
CA LEU H 3353 -97.56 32.65 85.90
C LEU H 3353 -96.62 32.94 84.74
N LEU H 3354 -95.58 32.11 84.57
CA LEU H 3354 -94.68 32.28 83.43
C LEU H 3354 -95.46 32.41 82.13
N HIS H 3355 -96.24 31.39 81.79
CA HIS H 3355 -97.08 31.49 80.60
C HIS H 3355 -97.95 32.73 80.66
N SER H 3356 -98.87 32.79 81.63
CA SER H 3356 -99.96 33.75 81.62
C SER H 3356 -99.47 35.19 81.50
N HIS H 3357 -98.29 35.49 82.01
CA HIS H 3357 -97.84 36.87 81.91
C HIS H 3357 -96.65 37.04 80.97
N PHE H 3358 -95.57 36.26 81.14
CA PHE H 3358 -94.41 36.41 80.26
C PHE H 3358 -94.78 36.25 78.79
N ILE H 3359 -95.66 35.30 78.45
CA ILE H 3359 -95.99 35.10 77.03
C ILE H 3359 -96.46 36.40 76.41
N PRO H 3360 -97.38 37.17 77.00
CA PRO H 3360 -97.59 38.54 76.50
C PRO H 3360 -96.36 39.43 76.56
N THR H 3361 -95.58 39.40 77.65
CA THR H 3361 -94.42 40.28 77.76
C THR H 3361 -93.36 39.90 76.75
N ILE H 3362 -93.02 38.61 76.70
CA ILE H 3362 -92.04 38.15 75.72
C ILE H 3362 -92.55 38.39 74.30
N GLY H 3363 -93.88 38.34 74.12
CA GLY H 3363 -94.44 38.57 72.79
C GLY H 3363 -94.31 40.01 72.32
N ARG H 3364 -94.62 40.97 73.20
CA ARG H 3364 -94.45 42.36 72.82
C ARG H 3364 -92.96 42.70 72.66
N LEU H 3365 -92.12 42.04 73.46
CA LEU H 3365 -90.68 42.14 73.24
C LEU H 3365 -90.29 41.64 71.85
N ARG H 3366 -90.86 40.50 71.43
CA ARG H 3366 -90.50 39.93 70.13
C ARG H 3366 -91.00 40.81 68.99
N LYS H 3367 -92.19 41.40 69.14
CA LYS H 3367 -92.69 42.25 68.06
C LYS H 3367 -91.94 43.57 67.98
N ARG H 3368 -91.52 44.11 69.13
CA ARG H 3368 -90.68 45.31 69.11
C ARG H 3368 -89.31 45.01 68.50
N ALA H 3369 -88.75 43.83 68.81
CA ALA H 3369 -87.53 43.39 68.17
C ALA H 3369 -87.74 43.22 66.66
N GLY H 3370 -88.90 42.71 66.27
CA GLY H 3370 -89.20 42.60 64.85
C GLY H 3370 -89.24 43.94 64.15
N LYS H 3371 -89.81 44.95 64.81
CA LYS H 3371 -89.87 46.27 64.17
C LYS H 3371 -88.48 46.89 64.10
N VAL H 3372 -87.64 46.71 65.12
CA VAL H 3372 -86.32 47.32 65.07
C VAL H 3372 -85.44 46.59 64.04
N VAL H 3373 -85.60 45.29 63.89
CA VAL H 3373 -84.83 44.59 62.86
C VAL H 3373 -85.42 44.86 61.49
N ALA H 3374 -86.69 45.25 61.42
CA ALA H 3374 -87.23 45.76 60.17
C ALA H 3374 -86.56 47.07 59.79
N GLU H 3375 -86.33 47.94 60.78
CA GLU H 3375 -85.54 49.14 60.53
C GLU H 3375 -84.12 48.80 60.10
N GLU H 3376 -83.54 47.77 60.71
CA GLU H 3376 -82.21 47.32 60.31
C GLU H 3376 -82.20 46.79 58.88
N GLU H 3377 -83.26 46.10 58.48
CA GLU H 3377 -83.38 45.63 57.10
C GLU H 3377 -83.60 46.81 56.16
N GLN H 3378 -84.24 47.87 56.64
CA GLN H 3378 -84.29 49.13 55.91
C GLN H 3378 -82.87 49.66 55.67
N LEU H 3379 -82.04 49.61 56.70
CA LEU H 3379 -80.64 50.03 56.56
C LEU H 3379 -79.89 49.17 55.54
N ARG H 3380 -80.11 47.85 55.56
CA ARG H 3380 -79.50 47.01 54.51
C ARG H 3380 -80.02 47.35 53.13
N LEU H 3381 -81.33 47.53 52.97
CA LEU H 3381 -81.88 47.72 51.63
C LEU H 3381 -81.41 49.05 51.03
N GLU H 3382 -81.26 50.08 51.87
CA GLU H 3382 -80.60 51.30 51.44
C GLU H 3382 -79.65 51.75 52.53
N ALA H 3383 -78.36 51.87 52.18
CA ALA H 3383 -77.32 52.31 53.10
C ALA H 3383 -76.65 53.54 52.52
N LYS H 3384 -77.15 54.72 52.91
CA LYS H 3384 -76.65 55.97 52.35
C LYS H 3384 -76.32 56.92 53.49
N ALA H 3385 -75.97 58.15 53.13
CA ALA H 3385 -75.57 59.14 54.13
C ALA H 3385 -76.73 59.48 55.07
N GLU H 3386 -77.94 59.66 54.53
CA GLU H 3386 -79.07 60.03 55.38
C GLU H 3386 -79.53 58.84 56.21
N ALA H 3387 -79.26 57.62 55.74
CA ALA H 3387 -79.56 56.43 56.55
C ALA H 3387 -78.55 56.29 57.69
N GLU H 3388 -77.28 56.59 57.42
CA GLU H 3388 -76.27 56.56 58.47
C GLU H 3388 -76.53 57.62 59.52
N GLU H 3389 -76.89 58.83 59.07
CA GLU H 3389 -77.26 59.89 60.01
C GLU H 3389 -78.62 59.57 60.62
N GLY H 3390 -78.75 59.84 61.92
CA GLY H 3390 -79.95 59.48 62.64
C GLY H 3390 -80.04 58.02 63.02
N GLU H 3391 -78.98 57.24 62.78
CA GLU H 3391 -78.98 55.84 63.19
C GLU H 3391 -79.10 55.71 64.70
N LEU H 3392 -78.54 56.66 65.45
CA LEU H 3392 -78.65 56.61 66.90
C LEU H 3392 -80.10 56.62 67.35
N LEU H 3393 -80.98 57.22 66.55
CA LEU H 3393 -82.40 57.23 66.89
C LEU H 3393 -82.99 55.83 66.89
N VAL H 3394 -82.63 55.00 65.91
CA VAL H 3394 -83.10 53.62 65.92
C VAL H 3394 -82.24 52.78 66.86
N ARG H 3395 -81.00 53.21 67.10
CA ARG H 3395 -80.23 52.65 68.21
C ARG H 3395 -80.92 52.95 69.54
N ASP H 3396 -81.53 54.13 69.67
CA ASP H 3396 -82.31 54.42 70.87
C ASP H 3396 -83.45 53.42 71.03
N GLU H 3397 -84.06 53.00 69.92
CA GLU H 3397 -85.02 51.90 69.98
C GLU H 3397 -84.34 50.60 70.40
N PHE H 3398 -83.12 50.36 69.91
CA PHE H 3398 -82.32 49.25 70.43
C PHE H 3398 -81.92 49.51 71.88
N SER H 3399 -81.61 50.76 72.23
CA SER H 3399 -81.13 51.07 73.58
C SER H 3399 -82.19 50.75 74.62
N VAL H 3400 -83.45 51.12 74.37
CA VAL H 3400 -84.53 50.71 75.26
C VAL H 3400 -84.73 49.21 75.17
N LEU H 3401 -84.57 48.64 73.96
CA LEU H 3401 -84.59 47.19 73.83
C LEU H 3401 -83.43 46.56 74.59
N CYS H 3402 -82.26 47.20 74.55
CA CYS H 3402 -81.13 46.71 75.34
C CYS H 3402 -81.46 46.70 76.83
N ARG H 3403 -81.95 47.83 77.35
CA ARG H 3403 -82.49 47.89 78.70
C ARG H 3403 -83.39 46.70 79.01
N ASP H 3404 -84.49 46.58 78.25
CA ASP H 3404 -85.52 45.60 78.60
C ASP H 3404 -84.98 44.19 78.51
N LEU H 3405 -84.22 43.90 77.46
CA LEU H 3405 -83.75 42.54 77.21
C LEU H 3405 -82.73 42.11 78.25
N TYR H 3406 -81.76 42.99 78.54
CA TYR H 3406 -80.75 42.69 79.56
C TYR H 3406 -81.39 42.53 80.94
N ALA H 3407 -82.37 43.37 81.25
CA ALA H 3407 -83.01 43.27 82.56
C ALA H 3407 -83.94 42.06 82.64
N LEU H 3408 -84.37 41.56 81.49
CA LEU H 3408 -85.40 40.51 81.48
C LEU H 3408 -84.80 39.11 81.42
N TYR H 3409 -83.63 38.97 80.80
CA TYR H 3409 -83.01 37.63 80.78
C TYR H 3409 -82.74 37.00 82.13
N PRO H 3410 -82.16 37.66 83.14
CA PRO H 3410 -81.95 36.95 84.42
C PRO H 3410 -83.25 36.43 85.00
N LEU H 3411 -84.31 37.23 84.90
CA LEU H 3411 -85.64 36.81 85.32
C LEU H 3411 -86.02 35.47 84.69
N LEU H 3412 -86.09 35.46 83.35
CA LEU H 3412 -86.56 34.28 82.64
C LEU H 3412 -85.63 33.09 82.83
N ILE H 3413 -84.32 33.33 82.83
CA ILE H 3413 -83.36 32.25 83.06
C ILE H 3413 -83.64 31.56 84.39
N ARG H 3414 -83.55 32.31 85.50
CA ARG H 3414 -83.76 31.72 86.81
C ARG H 3414 -85.13 31.05 86.90
N TYR H 3415 -86.16 31.70 86.35
CA TYR H 3415 -87.52 31.24 86.57
C TYR H 3415 -87.80 29.99 85.74
N VAL H 3416 -87.13 29.85 84.60
CA VAL H 3416 -87.24 28.65 83.78
C VAL H 3416 -86.46 27.49 84.41
N ASP H 3417 -85.33 27.80 85.05
CA ASP H 3417 -84.54 26.74 85.68
C ASP H 3417 -85.39 25.88 86.61
N ASN H 3418 -86.28 26.50 87.38
CA ASN H 3418 -87.24 25.72 88.17
C ASN H 3418 -88.22 24.99 87.27
N ASN H 3419 -88.67 25.64 86.19
CA ASN H 3419 -89.66 25.04 85.30
C ASN H 3419 -89.02 24.09 84.31
N ARG H 3420 -87.68 24.03 84.29
CA ARG H 3420 -86.97 23.22 83.31
C ARG H 3420 -87.31 21.74 83.43
N ALA H 3421 -87.41 21.24 84.67
CA ALA H 3421 -87.61 19.80 84.86
C ALA H 3421 -88.92 19.32 84.25
N HIS H 3422 -90.00 20.08 84.45
CA HIS H 3422 -91.30 19.64 83.93
CA HIS H 3422 -91.31 19.68 83.93
C HIS H 3422 -91.38 19.83 82.42
N TRP H 3423 -90.76 20.89 81.89
CA TRP H 3423 -90.73 21.09 80.45
C TRP H 3423 -89.93 19.98 79.76
N LEU H 3424 -88.82 19.57 80.37
CA LEU H 3424 -88.12 18.39 79.90
C LEU H 3424 -88.98 17.14 80.08
N THR H 3425 -89.74 17.08 81.17
CA THR H 3425 -90.61 15.94 81.39
C THR H 3425 -91.74 15.88 80.37
N GLU H 3426 -92.42 17.01 80.15
CA GLU H 3426 -93.56 17.05 79.24
C GLU H 3426 -93.50 18.32 78.39
N PRO H 3427 -93.54 18.20 77.07
CA PRO H 3427 -93.58 19.38 76.21
C PRO H 3427 -94.84 20.20 76.44
N ASN H 3428 -94.66 21.49 76.71
CA ASN H 3428 -95.76 22.41 76.99
C ASN H 3428 -95.85 23.43 75.86
N ALA H 3429 -96.99 23.44 75.17
CA ALA H 3429 -97.14 24.23 73.94
C ALA H 3429 -96.74 25.69 74.16
N ASN H 3430 -97.07 26.24 75.32
CA ASN H 3430 -96.60 27.58 75.65
C ASN H 3430 -95.08 27.63 75.71
N ALA H 3431 -94.45 26.59 76.25
CA ALA H 3431 -93.00 26.54 76.32
C ALA H 3431 -92.38 26.53 74.92
N GLU H 3432 -92.95 25.74 73.99
CA GLU H 3432 -92.36 25.76 72.65
C GLU H 3432 -92.65 27.07 71.92
N GLU H 3433 -93.79 27.69 72.16
CA GLU H 3433 -94.03 29.00 71.53
C GLU H 3433 -92.98 30.00 72.00
N LEU H 3434 -92.76 30.05 73.32
CA LEU H 3434 -91.67 30.85 73.88
C LEU H 3434 -90.35 30.48 73.22
N PHE H 3435 -90.08 29.19 73.05
CA PHE H 3435 -88.85 28.75 72.38
C PHE H 3435 -88.69 29.36 70.99
N ARG H 3436 -89.67 29.15 70.11
CA ARG H 3436 -89.54 29.62 68.75
C ARG H 3436 -89.29 31.11 68.70
N MET H 3437 -90.04 31.87 69.51
CA MET H 3437 -89.98 33.33 69.42
C MET H 3437 -88.74 33.92 70.09
N VAL H 3438 -88.28 33.34 71.20
CA VAL H 3438 -87.02 33.81 71.78
C VAL H 3438 -85.84 33.37 70.92
N GLY H 3439 -85.99 32.26 70.21
CA GLY H 3439 -85.00 31.89 69.21
C GLY H 3439 -84.96 32.86 68.06
N GLU H 3440 -86.13 33.36 67.64
CA GLU H 3440 -86.17 34.41 66.64
C GLU H 3440 -85.46 35.67 67.15
N ILE H 3441 -85.66 36.00 68.43
CA ILE H 3441 -84.97 37.16 69.01
C ILE H 3441 -83.46 36.95 68.98
N PHE H 3442 -83.00 35.75 69.32
CA PHE H 3442 -81.56 35.47 69.28
C PHE H 3442 -81.03 35.52 67.84
N ILE H 3443 -81.83 35.06 66.88
CA ILE H 3443 -81.44 35.15 65.48
C ILE H 3443 -81.29 36.60 65.05
N TYR H 3444 -82.21 37.46 65.51
CA TYR H 3444 -82.09 38.89 65.24
C TYR H 3444 -80.83 39.47 65.88
N TRP H 3445 -80.53 39.04 67.10
CA TRP H 3445 -79.27 39.43 67.75
C TRP H 3445 -78.07 39.06 66.90
N SER H 3446 -78.02 37.82 66.42
CA SER H 3446 -76.89 37.38 65.62
C SER H 3446 -76.81 38.16 64.30
N LYS H 3447 -77.95 38.43 63.69
CA LYS H 3447 -77.96 39.21 62.45
C LYS H 3447 -77.43 40.61 62.67
N SER H 3448 -77.99 41.33 63.64
CA SER H 3448 -77.68 42.74 63.86
C SER H 3448 -76.38 42.85 64.65
N HIS H 3449 -75.27 43.04 63.94
CA HIS H 3449 -74.01 43.34 64.61
C HIS H 3449 -74.11 44.67 65.36
N ASN H 3450 -74.93 45.59 64.84
CA ASN H 3450 -75.22 46.85 65.52
C ASN H 3450 -75.65 46.59 66.97
N PHE H 3451 -76.57 45.65 67.16
CA PHE H 3451 -77.12 45.42 68.49
C PHE H 3451 -76.05 44.87 69.43
N LYS H 3452 -75.14 44.03 68.92
CA LYS H 3452 -74.13 43.42 69.77
C LYS H 3452 -73.18 44.47 70.37
N ARG H 3453 -72.58 45.31 69.52
CA ARG H 3453 -71.62 46.26 70.06
C ARG H 3453 -72.33 47.45 70.70
N GLU H 3454 -73.61 47.67 70.39
CA GLU H 3454 -74.39 48.63 71.17
C GLU H 3454 -74.68 48.08 72.56
N GLU H 3455 -74.90 46.76 72.67
CA GLU H 3455 -74.96 46.12 73.97
C GLU H 3455 -73.68 46.35 74.74
N GLN H 3456 -72.55 46.12 74.08
CA GLN H 3456 -71.25 46.42 74.70
C GLN H 3456 -71.20 47.87 75.15
N ASN H 3457 -71.71 48.78 74.32
CA ASN H 3457 -71.67 50.20 74.65
C ASN H 3457 -72.45 50.51 75.92
N PHE H 3458 -73.69 50.03 76.04
CA PHE H 3458 -74.45 50.46 77.20
C PHE H 3458 -73.92 49.76 78.45
N VAL H 3459 -73.44 48.51 78.30
CA VAL H 3459 -72.86 47.82 79.44
C VAL H 3459 -71.63 48.56 79.95
N VAL H 3460 -70.74 48.99 79.06
CA VAL H 3460 -69.53 49.66 79.51
C VAL H 3460 -69.84 51.04 80.07
N GLN H 3461 -70.82 51.75 79.48
CA GLN H 3461 -71.12 53.09 79.99
C GLN H 3461 -71.85 53.01 81.33
N ASN H 3462 -72.59 51.92 81.57
CA ASN H 3462 -73.19 51.73 82.88
C ASN H 3462 -72.18 51.15 83.87
N GLU H 3463 -71.05 50.63 83.35
CA GLU H 3463 -70.00 49.98 84.11
C GLU H 3463 -70.53 48.78 84.88
N ILE H 3464 -71.67 48.22 84.48
CA ILE H 3464 -72.22 47.05 85.16
C ILE H 3464 -71.31 45.86 84.93
N ASN H 3465 -70.86 45.26 86.04
CA ASN H 3465 -69.91 44.15 85.93
C ASN H 3465 -70.58 42.90 85.39
N ASN H 3466 -71.86 42.68 85.73
CA ASN H 3466 -72.70 41.61 85.19
C ASN H 3466 -72.26 40.26 85.75
N MET H 3467 -71.13 40.26 86.46
CA MET H 3467 -70.68 39.03 87.13
C MET H 3467 -71.63 38.67 88.26
N SER H 3468 -72.24 39.66 88.89
CA SER H 3468 -73.24 39.38 89.91
C SER H 3468 -74.44 38.64 89.33
N PHE H 3469 -74.95 39.12 88.19
CA PHE H 3469 -76.08 38.45 87.55
C PHE H 3469 -75.69 37.07 87.05
N LEU H 3470 -74.46 36.92 86.53
CA LEU H 3470 -74.01 35.61 86.07
C LEU H 3470 -73.90 34.62 87.23
N THR H 3471 -73.33 35.05 88.36
CA THR H 3471 -73.17 34.16 89.50
C THR H 3471 -74.46 34.00 90.28
N ALA H 3472 -75.48 34.80 89.96
CA ALA H 3472 -76.80 34.56 90.54
C ALA H 3472 -77.29 33.15 90.23
N ASP H 3473 -76.79 32.56 89.15
CA ASP H 3473 -77.01 31.13 88.90
C ASP H 3473 -76.37 30.29 90.00
N SER H 3474 -75.32 30.79 90.63
CA SER H 3474 -74.64 30.02 91.66
C SER H 3474 -75.19 30.33 93.05
N LYS H 3475 -75.80 31.50 93.22
CA LYS H 3475 -76.45 31.81 94.50
C LYS H 3475 -77.73 31.00 94.68
N SER H 3476 -78.51 30.83 93.60
CA SER H 3476 -79.75 30.08 93.72
C SER H 3476 -79.49 28.61 94.06
N LYS H 3477 -78.51 28.00 93.40
CA LYS H 3477 -78.20 26.60 93.66
C LYS H 3477 -77.40 26.43 94.95
N MET H 3478 -76.76 27.51 95.41
CA MET H 3478 -75.76 27.43 96.48
C MET H 3478 -74.68 26.42 96.11
N ALA H 3479 -73.87 26.75 95.12
CA ALA H 3479 -72.88 25.82 94.58
C ALA H 3479 -71.57 26.53 94.31
N ARG H 3498 -61.69 45.57 84.27
CA ARG H 3498 -61.36 44.48 83.34
C ARG H 3498 -62.54 44.21 82.40
N ARG H 3499 -62.36 44.55 81.12
CA ARG H 3499 -63.42 44.35 80.15
C ARG H 3499 -63.75 42.87 79.97
N GLY H 3500 -62.72 42.02 79.98
CA GLY H 3500 -62.97 40.58 79.86
C GLY H 3500 -63.79 40.04 81.01
N ASP H 3501 -63.49 40.46 82.24
CA ASP H 3501 -64.28 40.04 83.38
C ASP H 3501 -65.69 40.61 83.32
N ARG H 3502 -65.83 41.87 82.90
CA ARG H 3502 -67.16 42.46 82.81
C ARG H 3502 -68.03 41.74 81.80
N TYR H 3503 -67.56 41.62 80.56
CA TYR H 3503 -68.31 40.90 79.54
C TYR H 3503 -67.35 40.06 78.71
N SER H 3504 -67.80 38.84 78.37
CA SER H 3504 -67.20 38.06 77.31
C SER H 3504 -68.34 37.44 76.51
N VAL H 3505 -67.99 36.84 75.38
CA VAL H 3505 -69.02 36.21 74.53
C VAL H 3505 -69.69 35.07 75.27
N GLN H 3506 -68.95 34.36 76.13
CA GLN H 3506 -69.55 33.33 76.97
C GLN H 3506 -70.34 33.92 78.12
N THR H 3507 -69.94 35.10 78.59
CA THR H 3507 -70.59 35.69 79.76
C THR H 3507 -71.86 36.45 79.39
N SER H 3508 -72.21 36.48 78.11
CA SER H 3508 -73.40 37.19 77.68
C SER H 3508 -74.66 36.60 78.28
N LEU H 3509 -75.53 37.46 78.79
CA LEU H 3509 -76.85 37.00 79.23
C LEU H 3509 -77.62 36.40 78.06
N ILE H 3510 -77.35 36.89 76.85
CA ILE H 3510 -78.00 36.37 75.66
C ILE H 3510 -77.54 34.93 75.38
N VAL H 3511 -76.24 34.66 75.55
CA VAL H 3511 -75.77 33.30 75.30
C VAL H 3511 -76.17 32.38 76.46
N ALA H 3512 -76.39 32.94 77.65
CA ALA H 3512 -77.01 32.15 78.71
C ALA H 3512 -78.44 31.77 78.35
N THR H 3513 -79.19 32.73 77.80
CA THR H 3513 -80.52 32.42 77.25
C THR H 3513 -80.42 31.34 76.18
N LEU H 3514 -79.39 31.40 75.34
CA LEU H 3514 -79.15 30.35 74.36
C LEU H 3514 -78.91 29.00 75.02
N LYS H 3515 -78.11 28.98 76.08
CA LYS H 3515 -77.76 27.73 76.73
C LYS H 3515 -78.96 27.13 77.45
N LYS H 3516 -79.94 27.96 77.82
CA LYS H 3516 -81.13 27.40 78.43
C LYS H 3516 -82.18 27.03 77.39
N MET H 3517 -82.20 27.73 76.24
CA MET H 3517 -83.21 27.44 75.22
C MET H 3517 -82.85 26.20 74.44
N LEU H 3518 -81.55 25.90 74.34
CA LEU H 3518 -81.13 24.71 73.59
C LEU H 3518 -81.75 23.42 74.11
N PRO H 3519 -81.84 23.16 75.43
CA PRO H 3519 -82.60 21.96 75.85
C PRO H 3519 -84.05 21.94 75.39
N ILE H 3520 -84.70 23.11 75.30
CA ILE H 3520 -86.09 23.13 74.82
C ILE H 3520 -86.17 22.60 73.39
N GLY H 3521 -85.32 23.11 72.50
CA GLY H 3521 -85.32 22.60 71.14
C GLY H 3521 -84.88 21.15 71.06
N LEU H 3522 -83.96 20.75 71.93
CA LEU H 3522 -83.41 19.40 71.82
C LEU H 3522 -84.40 18.34 72.29
N ASN H 3523 -85.21 18.66 73.30
CA ASN H 3523 -86.28 17.74 73.66
C ASN H 3523 -87.48 17.92 72.73
N MET H 3524 -87.55 19.06 72.05
CA MET H 3524 -88.55 19.25 71.01
C MET H 3524 -88.35 18.28 69.86
N CYS H 3525 -87.11 18.19 69.36
CA CYS H 3525 -86.83 17.42 68.17
C CYS H 3525 -86.92 15.92 68.44
N ALA H 3526 -87.21 15.15 67.39
CA ALA H 3526 -87.14 13.70 67.43
C ALA H 3526 -85.78 13.21 66.96
N PRO H 3527 -85.30 12.09 67.52
CA PRO H 3527 -83.98 11.59 67.11
C PRO H 3527 -83.88 11.23 65.64
N THR H 3528 -84.96 10.73 65.04
CA THR H 3528 -84.92 10.38 63.62
C THR H 3528 -84.82 11.64 62.76
N ASP H 3529 -85.32 12.77 63.27
CA ASP H 3529 -85.27 14.02 62.51
C ASP H 3529 -83.87 14.63 62.55
N GLN H 3530 -82.97 14.05 63.32
CA GLN H 3530 -81.66 14.67 63.55
C GLN H 3530 -80.84 14.75 62.26
N ASP H 3531 -80.91 13.71 61.42
CA ASP H 3531 -80.16 13.74 60.16
C ASP H 3531 -80.66 14.86 59.27
N LEU H 3532 -81.98 15.04 59.17
CA LEU H 3532 -82.51 16.16 58.41
C LEU H 3532 -82.17 17.48 59.08
N ILE H 3533 -81.95 17.45 60.40
CA ILE H 3533 -81.52 18.66 61.11
C ILE H 3533 -80.12 19.07 60.67
N MET H 3534 -79.18 18.13 60.60
CA MET H 3534 -77.85 18.50 60.10
C MET H 3534 -77.91 18.86 58.60
N LEU H 3535 -78.84 18.24 57.87
CA LEU H 3535 -79.03 18.64 56.48
C LEU H 3535 -79.47 20.10 56.40
N ALA H 3536 -80.39 20.51 57.28
CA ALA H 3536 -80.81 21.91 57.31
C ALA H 3536 -79.71 22.80 57.86
N LYS H 3537 -78.80 22.24 58.65
CA LYS H 3537 -77.60 22.99 59.04
C LYS H 3537 -76.76 23.34 57.82
N THR H 3538 -76.45 22.33 57.00
CA THR H 3538 -75.75 22.60 55.74
C THR H 3538 -76.56 23.53 54.86
N ARG H 3539 -77.88 23.47 54.96
CA ARG H 3539 -78.76 24.35 54.20
C ARG H 3539 -78.59 25.81 54.62
N TYR H 3540 -78.68 26.09 55.92
CA TYR H 3540 -78.47 27.44 56.41
C TYR H 3540 -77.04 27.90 56.15
N ALA H 3541 -76.11 26.95 56.04
CA ALA H 3541 -74.77 27.30 55.56
C ALA H 3541 -74.81 27.72 54.09
N LEU H 3542 -75.68 27.08 53.31
CA LEU H 3542 -75.90 27.51 51.93
C LEU H 3542 -76.65 28.83 51.87
N LYS H 3543 -77.19 29.28 53.02
CA LYS H 3543 -77.90 30.54 53.17
C LYS H 3543 -79.25 30.56 52.47
N ASP H 3544 -79.95 29.43 52.43
CA ASP H 3544 -81.27 29.39 51.80
C ASP H 3544 -82.25 30.26 52.57
N THR H 3545 -83.10 30.96 51.83
CA THR H 3545 -84.11 31.82 52.46
C THR H 3545 -85.12 30.98 53.23
N ASP H 3546 -85.92 31.66 54.05
CA ASP H 3546 -86.89 30.95 54.89
C ASP H 3546 -87.94 30.25 54.04
N GLU H 3547 -88.44 30.89 53.00
CA GLU H 3547 -89.46 30.24 52.18
C GLU H 3547 -88.85 29.11 51.35
N GLU H 3548 -87.61 29.29 50.92
CA GLU H 3548 -86.91 28.22 50.20
C GLU H 3548 -86.72 27.01 51.10
N VAL H 3549 -86.35 27.22 52.37
CA VAL H 3549 -86.21 26.08 53.27
C VAL H 3549 -87.56 25.45 53.53
N ARG H 3550 -88.62 26.28 53.62
CA ARG H 3550 -89.97 25.73 53.67
C ARG H 3550 -90.22 24.72 52.56
N GLU H 3551 -90.06 25.16 51.31
CA GLU H 3551 -90.44 24.29 50.19
C GLU H 3551 -89.51 23.07 50.07
N PHE H 3552 -88.22 23.26 50.29
CA PHE H 3552 -87.33 22.11 50.12
C PHE H 3552 -87.48 21.13 51.27
N LEU H 3553 -87.93 21.59 52.44
CA LEU H 3553 -88.31 20.65 53.48
C LEU H 3553 -89.61 19.94 53.13
N GLN H 3554 -90.54 20.66 52.47
CA GLN H 3554 -91.75 20.02 51.97
C GLN H 3554 -91.40 18.85 51.04
N ASN H 3555 -90.38 19.01 50.21
CA ASN H 3555 -89.95 17.85 49.41
C ASN H 3555 -89.03 16.94 50.20
N ASN H 3556 -88.53 17.40 51.36
CA ASN H 3556 -87.70 16.56 52.21
C ASN H 3556 -88.54 15.65 53.11
N LEU H 3557 -89.86 15.80 53.08
CA LEU H 3557 -90.73 14.85 53.79
C LEU H 3557 -90.40 13.41 53.39
N HIS H 3558 -90.13 13.16 52.11
CA HIS H 3558 -89.80 11.80 51.68
C HIS H 3558 -88.36 11.45 52.02
N LEU H 3559 -87.56 12.44 52.43
CA LEU H 3559 -86.17 12.18 52.75
C LEU H 3559 -85.95 12.03 54.24
N GLN H 3560 -87.02 11.98 55.02
CA GLN H 3560 -86.88 11.88 56.48
C GLN H 3560 -86.24 10.56 56.87
N GLY H 3561 -85.54 10.58 58.00
CA GLY H 3561 -84.78 9.41 58.41
C GLY H 3561 -85.66 8.31 58.96
N LYS H 3562 -85.02 7.19 59.30
CA LYS H 3562 -85.69 5.99 59.76
C LYS H 3562 -85.17 5.59 61.13
N VAL H 3563 -85.67 4.45 61.62
CA VAL H 3563 -85.40 4.05 63.00
C VAL H 3563 -84.34 2.96 63.05
N GLU H 3564 -84.28 2.11 62.02
CA GLU H 3564 -83.44 0.91 62.10
C GLU H 3564 -82.01 1.20 61.66
N GLY H 3565 -81.73 2.45 61.30
CA GLY H 3565 -80.38 2.80 60.85
C GLY H 3565 -79.33 2.56 61.92
N SER H 3566 -79.63 2.95 63.16
CA SER H 3566 -78.71 2.76 64.26
C SER H 3566 -79.43 2.15 65.45
N PRO H 3567 -78.85 1.15 66.12
CA PRO H 3567 -79.47 0.65 67.36
C PRO H 3567 -79.58 1.72 68.43
N SER H 3568 -78.64 2.68 68.45
CA SER H 3568 -78.78 3.82 69.34
C SER H 3568 -80.06 4.61 69.03
N LEU H 3569 -80.30 4.87 67.74
CA LEU H 3569 -81.55 5.50 67.34
C LEU H 3569 -82.73 4.63 67.73
N ARG H 3570 -82.53 3.32 67.85
CA ARG H 3570 -83.64 2.44 68.19
C ARG H 3570 -84.07 2.61 69.65
N TRP H 3571 -83.11 2.70 70.58
CA TRP H 3571 -83.51 2.96 71.95
C TRP H 3571 -83.98 4.40 72.11
N GLN H 3572 -83.45 5.31 71.30
CA GLN H 3572 -84.01 6.66 71.27
C GLN H 3572 -85.47 6.65 70.89
N MET H 3573 -85.84 5.88 69.86
CA MET H 3573 -87.24 5.82 69.46
C MET H 3573 -88.07 5.02 70.48
N ALA H 3574 -87.47 4.05 71.16
CA ALA H 3574 -88.18 3.39 72.25
C ALA H 3574 -88.57 4.38 73.33
N LEU H 3575 -87.63 5.24 73.73
CA LEU H 3575 -87.94 6.31 74.68
C LEU H 3575 -88.96 7.28 74.10
N TYR H 3576 -88.86 7.57 72.80
CA TYR H 3576 -89.79 8.50 72.16
C TYR H 3576 -91.22 7.94 72.17
N ARG H 3577 -91.37 6.65 71.90
CA ARG H 3577 -92.67 6.00 72.01
C ARG H 3577 -93.18 6.03 73.44
N GLY H 3578 -92.30 5.73 74.40
CA GLY H 3578 -92.73 5.62 75.78
C GLY H 3578 -93.13 6.96 76.40
N LEU H 3579 -92.48 8.03 75.97
CA LEU H 3579 -92.75 9.34 76.57
C LEU H 3579 -94.12 9.84 76.12
N PRO H 3580 -94.98 10.27 77.05
CA PRO H 3580 -96.33 10.71 76.64
C PRO H 3580 -96.33 12.03 75.88
N GLY H 3581 -95.22 12.77 75.89
CA GLY H 3581 -95.21 14.09 75.29
C GLY H 3581 -95.51 14.08 73.80
N ARG H 3582 -94.96 13.10 73.08
CA ARG H 3582 -95.07 13.04 71.63
C ARG H 3582 -95.96 11.85 71.24
N GLU H 3583 -96.95 12.10 70.40
CA GLU H 3583 -97.82 11.08 69.85
C GLU H 3583 -97.61 11.00 68.34
N GLU H 3584 -97.49 9.78 67.82
CA GLU H 3584 -97.24 9.61 66.39
C GLU H 3584 -98.39 10.16 65.55
N ASP H 3585 -99.63 9.92 65.97
CA ASP H 3585 -100.78 10.45 65.24
C ASP H 3585 -100.82 11.98 65.35
N ALA H 3586 -100.46 12.51 66.52
CA ALA H 3586 -100.45 13.96 66.69
C ALA H 3586 -99.37 14.61 65.84
N ASP H 3587 -98.29 13.89 65.57
CA ASP H 3587 -97.20 14.44 64.77
C ASP H 3587 -97.69 14.78 63.36
N ASP H 3588 -97.38 16.00 62.92
CA ASP H 3588 -97.77 16.49 61.61
C ASP H 3588 -96.54 16.94 60.83
N PRO H 3589 -96.47 16.66 59.53
CA PRO H 3589 -95.27 17.01 58.76
C PRO H 3589 -94.93 18.49 58.79
N GLU H 3590 -95.93 19.37 58.78
CA GLU H 3590 -95.65 20.80 58.77
C GLU H 3590 -95.02 21.26 60.07
N LYS H 3591 -95.52 20.76 61.20
CA LYS H 3591 -94.90 21.14 62.47
C LYS H 3591 -93.51 20.54 62.58
N ILE H 3592 -93.34 19.32 62.06
CA ILE H 3592 -92.01 18.73 61.99
C ILE H 3592 -91.05 19.63 61.23
N VAL H 3593 -91.47 20.12 60.07
CA VAL H 3593 -90.53 20.84 59.21
C VAL H 3593 -90.18 22.21 59.79
N ARG H 3594 -91.16 22.95 60.33
CA ARG H 3594 -90.73 24.25 60.84
C ARG H 3594 -89.98 24.09 62.16
N ARG H 3595 -90.31 23.05 62.94
CA ARG H 3595 -89.49 22.72 64.10
C ARG H 3595 -88.04 22.49 63.70
N VAL H 3596 -87.80 21.64 62.71
CA VAL H 3596 -86.43 21.29 62.36
C VAL H 3596 -85.70 22.48 61.76
N GLN H 3597 -86.40 23.30 60.96
CA GLN H 3597 -85.71 24.45 60.38
C GLN H 3597 -85.37 25.48 61.46
N GLU H 3598 -86.27 25.68 62.43
CA GLU H 3598 -85.98 26.62 63.51
C GLU H 3598 -84.82 26.13 64.38
N VAL H 3599 -84.80 24.84 64.70
CA VAL H 3599 -83.72 24.34 65.56
C VAL H 3599 -82.40 24.33 64.80
N SER H 3600 -82.45 24.10 63.48
CA SER H 3600 -81.24 24.19 62.68
C SER H 3600 -80.72 25.62 62.62
N ALA H 3601 -81.63 26.60 62.53
CA ALA H 3601 -81.21 27.99 62.62
C ALA H 3601 -80.53 28.28 63.95
N VAL H 3602 -81.16 27.89 65.05
CA VAL H 3602 -80.57 28.10 66.37
C VAL H 3602 -79.22 27.40 66.46
N LEU H 3603 -79.12 26.20 65.88
CA LEU H 3603 -77.89 25.43 65.99
C LEU H 3603 -76.75 26.05 65.19
N TYR H 3604 -77.03 26.58 64.00
CA TYR H 3604 -75.92 27.16 63.24
C TYR H 3604 -75.50 28.49 63.86
N HIS H 3605 -76.46 29.24 64.43
CA HIS H 3605 -76.07 30.42 65.18
C HIS H 3605 -75.20 30.04 66.38
N LEU H 3606 -75.56 28.95 67.06
CA LEU H 3606 -74.68 28.37 68.08
C LEU H 3606 -73.32 28.04 67.50
N GLU H 3607 -73.29 27.58 66.24
CA GLU H 3607 -72.00 27.27 65.62
C GLU H 3607 -71.13 28.51 65.48
N GLN H 3608 -71.71 29.61 64.97
CA GLN H 3608 -70.89 30.83 64.86
C GLN H 3608 -70.47 31.34 66.24
N THR H 3609 -71.34 31.19 67.25
CA THR H 3609 -70.92 31.57 68.60
C THR H 3609 -69.76 30.71 69.10
N GLU H 3610 -69.81 29.41 68.81
CA GLU H 3610 -68.73 28.51 69.24
C GLU H 3610 -67.42 28.84 68.53
N HIS H 3611 -67.49 29.14 67.22
CA HIS H 3611 -66.30 29.42 66.42
C HIS H 3611 -66.46 30.78 65.75
N PRO H 3612 -66.20 31.87 66.49
CA PRO H 3612 -66.30 33.20 65.87
C PRO H 3612 -65.12 33.53 64.97
N TYR H 3613 -64.00 32.82 65.12
CA TYR H 3613 -62.75 33.13 64.41
C TYR H 3613 -62.33 34.58 64.59
N LYS H 3614 -62.34 35.07 65.83
CA LYS H 3614 -61.88 36.44 66.08
C LYS H 3614 -60.36 36.51 66.13
N SER H 3615 -59.70 35.44 66.56
CA SER H 3615 -58.27 35.48 66.80
C SER H 3615 -57.49 35.07 65.54
N LYS H 3616 -56.30 35.62 65.40
CA LYS H 3616 -55.27 35.34 64.38
C LYS H 3616 -55.63 35.85 63.00
N LYS H 3617 -56.82 36.43 62.80
CA LYS H 3617 -57.08 37.13 61.54
C LYS H 3617 -56.53 38.54 61.57
N ALA H 3618 -56.35 39.10 62.78
CA ALA H 3618 -55.80 40.45 62.96
C ALA H 3618 -54.71 40.38 64.01
N VAL H 3619 -53.46 40.22 63.57
CA VAL H 3619 -52.33 40.17 64.49
C VAL H 3619 -51.49 41.42 64.33
N TRP H 3620 -50.77 41.78 65.40
CA TRP H 3620 -49.93 42.98 65.44
C TRP H 3620 -48.62 42.65 66.14
N HIS H 3621 -47.50 42.93 65.44
CA HIS H 3621 -46.19 42.68 66.01
C HIS H 3621 -45.46 43.99 66.31
N LYS H 3622 -45.77 45.03 65.53
CA LYS H 3622 -45.25 46.40 65.73
C LYS H 3622 -43.74 46.41 65.97
N LEU H 3623 -43.03 45.49 65.32
CA LEU H 3623 -41.59 45.38 65.51
C LEU H 3623 -40.86 46.59 64.94
N LEU H 3624 -41.31 47.11 63.79
CA LEU H 3624 -40.69 48.30 63.23
C LEU H 3624 -41.04 49.54 64.05
N SER H 3625 -42.24 49.57 64.62
CA SER H 3625 -42.60 50.68 65.49
C SER H 3625 -41.77 50.64 66.77
N LYS H 3626 -41.32 49.45 67.17
CA LYS H 3626 -40.42 49.36 68.32
C LYS H 3626 -39.14 50.15 68.07
N GLN H 3627 -38.62 50.09 66.84
CA GLN H 3627 -37.46 50.91 66.50
C GLN H 3627 -37.83 52.37 66.34
N ARG H 3628 -38.97 52.65 65.71
CA ARG H 3628 -39.32 54.03 65.35
C ARG H 3628 -40.24 54.72 66.36
N ARG H 3629 -40.32 54.23 67.61
CA ARG H 3629 -41.00 54.99 68.65
C ARG H 3629 -40.37 56.37 68.83
N ARG H 3630 -39.04 56.42 68.82
CA ARG H 3630 -38.36 57.71 68.95
C ARG H 3630 -38.68 58.61 67.75
N ALA H 3631 -38.91 58.02 66.58
CA ALA H 3631 -39.29 58.83 65.42
C ALA H 3631 -40.72 59.35 65.54
N VAL H 3632 -41.65 58.52 66.02
CA VAL H 3632 -43.03 58.96 66.14
C VAL H 3632 -43.19 59.92 67.32
N VAL H 3633 -42.18 60.00 68.19
CA VAL H 3633 -42.15 61.10 69.15
C VAL H 3633 -41.45 62.32 68.54
N ALA H 3634 -40.43 62.09 67.71
CA ALA H 3634 -39.73 63.20 67.07
C ALA H 3634 -40.65 63.98 66.15
N CYS H 3635 -41.70 63.32 65.65
CA CYS H 3635 -42.65 64.01 64.78
C CYS H 3635 -43.21 65.26 65.45
N PHE H 3636 -43.51 65.19 66.75
CA PHE H 3636 -43.85 66.40 67.49
C PHE H 3636 -42.60 67.10 68.04
N ARG H 3637 -41.55 66.32 68.33
CA ARG H 3637 -40.38 66.88 69.01
C ARG H 3637 -39.67 67.94 68.17
N MET H 3638 -39.63 67.79 66.85
CA MET H 3638 -38.79 68.63 66.00
C MET H 3638 -38.98 70.10 66.27
N THR H 3639 -37.87 70.82 66.28
CA THR H 3639 -37.93 72.27 66.32
C THR H 3639 -38.44 72.79 64.97
N PRO H 3640 -39.57 73.49 64.95
CA PRO H 3640 -40.09 73.99 63.67
C PRO H 3640 -39.09 74.92 63.02
N LEU H 3641 -39.06 74.91 61.68
CA LEU H 3641 -37.97 75.54 60.95
C LEU H 3641 -37.77 77.00 61.32
N TYR H 3642 -38.86 77.68 61.71
CA TYR H 3642 -38.72 79.08 62.13
C TYR H 3642 -38.02 79.19 63.48
N ASN H 3643 -38.26 78.23 64.38
CA ASN H 3643 -37.55 78.24 65.66
C ASN H 3643 -36.16 77.60 65.51
N LEU H 3644 -35.92 76.94 64.39
CA LEU H 3644 -34.68 76.22 64.18
C LEU H 3644 -33.53 77.22 63.99
N PRO H 3645 -32.32 76.90 64.45
CA PRO H 3645 -31.20 77.83 64.28
C PRO H 3645 -30.97 78.16 62.81
N THR H 3646 -30.61 79.42 62.56
CA THR H 3646 -30.63 79.93 61.20
C THR H 3646 -29.46 79.40 60.37
N HIS H 3647 -28.29 79.22 60.98
CA HIS H 3647 -27.12 78.79 60.22
C HIS H 3647 -27.26 77.34 59.74
N ARG H 3648 -27.71 76.44 60.63
CA ARG H 3648 -27.91 75.06 60.24
C ARG H 3648 -29.05 74.95 59.24
N ALA H 3649 -30.09 75.78 59.40
CA ALA H 3649 -31.17 75.81 58.43
C ALA H 3649 -30.68 76.28 57.06
N CYS H 3650 -29.77 77.26 57.03
CA CYS H 3650 -29.23 77.73 55.77
C CYS H 3650 -28.34 76.67 55.11
N ASN H 3651 -27.59 75.91 55.92
CA ASN H 3651 -26.85 74.77 55.35
C ASN H 3651 -27.81 73.76 54.73
N MET H 3652 -28.87 73.42 55.49
CA MET H 3652 -29.93 72.54 54.99
C MET H 3652 -30.45 73.03 53.65
N PHE H 3653 -30.82 74.32 53.58
CA PHE H 3653 -31.42 74.86 52.37
C PHE H 3653 -30.42 74.94 51.23
N LEU H 3654 -29.15 75.21 51.52
CA LEU H 3654 -28.14 75.22 50.48
C LEU H 3654 -28.00 73.85 49.84
N GLU H 3655 -27.93 72.80 50.66
CA GLU H 3655 -27.88 71.45 50.12
C GLU H 3655 -29.13 71.14 49.31
N SER H 3656 -30.30 71.52 49.83
CA SER H 3656 -31.56 71.25 49.14
C SER H 3656 -31.62 71.95 47.79
N TYR H 3657 -31.26 73.24 47.75
CA TYR H 3657 -31.29 73.98 46.50
C TYR H 3657 -30.28 73.42 45.51
N LYS H 3658 -29.07 73.09 45.99
CA LYS H 3658 -28.12 72.38 45.15
C LYS H 3658 -28.77 71.20 44.46
N ALA H 3659 -29.26 70.24 45.25
CA ALA H 3659 -29.78 68.99 44.71
C ALA H 3659 -30.97 69.24 43.78
N ALA H 3660 -31.84 70.20 44.13
CA ALA H 3660 -33.11 70.32 43.42
C ALA H 3660 -33.00 71.21 42.19
N TRP H 3661 -31.97 72.06 42.11
CA TRP H 3661 -31.86 73.02 41.03
C TRP H 3661 -30.61 72.87 40.19
N ILE H 3662 -29.43 72.75 40.80
CA ILE H 3662 -28.20 72.77 40.02
C ILE H 3662 -28.08 71.49 39.20
N LEU H 3663 -28.43 70.35 39.81
CA LEU H 3663 -28.44 69.09 39.06
C LEU H 3663 -29.50 69.10 37.96
N THR H 3664 -30.69 69.62 38.27
CA THR H 3664 -31.79 69.55 37.32
C THR H 3664 -31.60 70.54 36.17
N GLU H 3665 -30.75 71.55 36.36
CA GLU H 3665 -30.47 72.48 35.28
C GLU H 3665 -29.54 71.82 34.25
N ASP H 3666 -30.01 71.78 33.01
CA ASP H 3666 -29.30 71.11 31.93
C ASP H 3666 -28.49 72.14 31.14
N HIS H 3667 -27.18 71.90 31.02
CA HIS H 3667 -26.26 72.82 30.37
C HIS H 3667 -25.52 72.07 29.27
N SER H 3668 -25.78 72.46 28.02
CA SER H 3668 -25.20 71.82 26.85
C SER H 3668 -24.14 72.74 26.26
N PHE H 3669 -22.88 72.35 26.41
CA PHE H 3669 -21.74 73.16 25.99
C PHE H 3669 -20.67 72.41 25.24
N GLU H 3670 -20.71 71.07 25.23
CA GLU H 3670 -19.60 70.30 24.68
C GLU H 3670 -19.50 70.46 23.16
N ASP H 3671 -20.65 70.42 22.46
CA ASP H 3671 -20.63 70.60 21.01
C ASP H 3671 -20.03 71.93 20.61
N ARG H 3672 -20.47 73.01 21.26
CA ARG H 3672 -19.98 74.33 20.89
C ARG H 3672 -18.51 74.50 21.28
N MET H 3673 -18.12 73.98 22.45
CA MET H 3673 -16.71 73.97 22.80
C MET H 3673 -15.88 73.30 21.71
N ILE H 3674 -16.30 72.11 21.28
CA ILE H 3674 -15.48 71.32 20.37
C ILE H 3674 -15.44 71.96 18.99
N ASP H 3675 -16.56 72.52 18.52
CA ASP H 3675 -16.55 73.11 17.19
C ASP H 3675 -15.75 74.41 17.18
N ASP H 3676 -15.82 75.20 18.26
CA ASP H 3676 -14.97 76.39 18.36
C ASP H 3676 -13.50 76.01 18.39
N LEU H 3677 -13.15 74.95 19.14
CA LEU H 3677 -11.76 74.51 19.19
C LEU H 3677 -11.30 74.01 17.82
N SER H 3678 -12.16 73.27 17.12
CA SER H 3678 -11.78 72.71 15.82
C SER H 3678 -11.59 73.79 14.77
N LYS H 3679 -12.46 74.80 14.77
CA LYS H 3679 -12.31 75.89 13.81
C LYS H 3679 -10.98 76.60 13.99
N ALA H 3680 -10.24 76.74 12.89
CA ALA H 3680 -8.94 77.38 12.89
C ALA H 3680 -9.03 78.70 12.16
N GLY H 3681 -9.04 79.79 12.92
CA GLY H 3681 -9.12 81.11 12.33
C GLY H 3681 -7.81 81.56 11.71
N GLU H 3682 -7.90 82.23 10.56
CA GLU H 3682 -6.82 82.88 9.79
C GLU H 3682 -5.67 81.92 9.49
N GLN H 3683 -5.82 80.63 9.75
CA GLN H 3683 -4.78 79.67 9.37
C GLN H 3683 -4.60 79.65 7.85
N GLU H 3684 -5.71 79.51 7.12
CA GLU H 3684 -5.64 79.58 5.66
C GLU H 3684 -5.28 80.98 5.19
N GLU H 3685 -5.61 82.00 5.99
CA GLU H 3685 -5.24 83.37 5.63
C GLU H 3685 -3.72 83.53 5.59
N GLU H 3686 -3.02 83.03 6.61
CA GLU H 3686 -1.56 83.01 6.55
C GLU H 3686 -1.08 82.08 5.44
N GLU H 3687 -1.57 80.84 5.43
CA GLU H 3687 -1.34 79.86 4.37
C GLU H 3687 0.08 79.31 4.40
N GLU H 3688 0.95 79.88 5.22
CA GLU H 3688 2.25 79.24 5.42
C GLU H 3688 2.20 78.28 6.60
N GLU H 3689 1.35 78.58 7.59
CA GLU H 3689 1.27 77.76 8.78
C GLU H 3689 0.52 76.46 8.50
N VAL H 3690 -0.45 76.51 7.58
CA VAL H 3690 -1.10 75.28 7.13
C VAL H 3690 -0.11 74.40 6.38
N GLU H 3691 0.76 75.02 5.57
CA GLU H 3691 1.82 74.26 4.91
C GLU H 3691 2.78 73.66 5.92
N GLU H 3692 3.01 74.35 7.04
CA GLU H 3692 3.81 73.77 8.11
C GLU H 3692 3.01 72.70 8.85
N LYS H 3693 1.68 72.70 8.68
CA LYS H 3693 0.77 71.78 9.36
C LYS H 3693 0.79 72.00 10.87
N LYS H 3694 0.51 73.24 11.28
CA LYS H 3694 0.37 73.52 12.70
C LYS H 3694 -0.95 72.96 13.22
N PRO H 3695 -0.95 72.27 14.35
CA PRO H 3695 -2.21 71.74 14.90
C PRO H 3695 -3.18 72.85 15.27
N ASP H 3696 -4.46 72.61 14.98
CA ASP H 3696 -5.51 73.47 15.50
C ASP H 3696 -5.71 73.16 16.99
N PRO H 3697 -6.41 74.04 17.73
CA PRO H 3697 -6.44 73.88 19.20
C PRO H 3697 -6.86 72.49 19.67
N LEU H 3698 -7.83 71.87 19.01
CA LEU H 3698 -8.24 70.52 19.40
C LEU H 3698 -7.10 69.53 19.21
N HIS H 3699 -6.39 69.62 18.07
CA HIS H 3699 -5.24 68.75 17.85
C HIS H 3699 -4.15 69.00 18.88
N GLN H 3700 -3.93 70.26 19.24
CA GLN H 3700 -2.93 70.58 20.26
C GLN H 3700 -3.29 69.96 21.60
N LEU H 3701 -4.56 70.04 21.98
CA LEU H 3701 -4.99 69.44 23.24
C LEU H 3701 -4.84 67.92 23.20
N VAL H 3702 -5.20 67.31 22.07
CA VAL H 3702 -5.06 65.86 21.95
C VAL H 3702 -3.59 65.45 22.03
N LEU H 3703 -2.70 66.23 21.40
CA LEU H 3703 -1.27 65.92 21.48
C LEU H 3703 -0.74 66.13 22.89
N HIS H 3704 -1.27 67.10 23.62
CA HIS H 3704 -0.88 67.25 25.02
C HIS H 3704 -1.29 66.03 25.84
N PHE H 3705 -2.51 65.55 25.65
CA PHE H 3705 -2.92 64.33 26.34
C PHE H 3705 -2.05 63.14 25.92
N SER H 3706 -1.68 63.08 24.63
CA SER H 3706 -0.80 62.00 24.17
C SER H 3706 0.57 62.09 24.83
N ARG H 3707 1.10 63.30 24.98
CA ARG H 3707 2.37 63.49 25.67
C ARG H 3707 2.28 63.03 27.12
N THR H 3708 1.19 63.40 27.80
CA THR H 3708 1.01 62.96 29.18
C THR H 3708 0.92 61.44 29.27
N ALA H 3709 0.22 60.81 28.33
CA ALA H 3709 0.12 59.35 28.33
C ALA H 3709 1.47 58.70 28.09
N LEU H 3710 2.23 59.22 27.12
CA LEU H 3710 3.52 58.62 26.79
C LEU H 3710 4.54 58.85 27.90
N THR H 3711 4.36 59.91 28.70
CA THR H 3711 5.20 60.09 29.87
C THR H 3711 5.03 58.91 30.81
N GLU H 3712 6.15 58.38 31.30
CA GLU H 3712 6.15 57.14 32.07
C GLU H 3712 6.17 57.43 33.56
N LYS H 3713 5.20 56.87 34.27
CA LYS H 3713 5.19 56.86 35.72
C LYS H 3713 4.87 55.45 36.20
N SER H 3714 5.48 55.06 37.32
CA SER H 3714 5.18 53.76 37.90
C SER H 3714 3.72 53.67 38.31
N LYS H 3715 3.13 54.81 38.68
CA LYS H 3715 1.74 54.89 39.10
C LYS H 3715 1.01 55.89 38.22
N LEU H 3716 -0.16 55.49 37.70
CA LEU H 3716 -0.92 56.35 36.81
C LEU H 3716 -1.44 57.57 37.57
N ASP H 3717 -1.42 58.73 36.91
CA ASP H 3717 -1.74 60.00 37.55
C ASP H 3717 -3.16 60.42 37.19
N GLU H 3718 -3.94 60.79 38.20
CA GLU H 3718 -5.30 61.25 38.01
C GLU H 3718 -5.30 62.60 37.32
N ASP H 3719 -6.17 62.78 36.33
CA ASP H 3719 -6.22 64.01 35.55
C ASP H 3719 -7.67 64.46 35.40
N TYR H 3720 -8.09 65.38 36.28
CA TYR H 3720 -9.42 65.97 36.17
C TYR H 3720 -9.63 66.63 34.83
N LEU H 3721 -8.58 67.29 34.30
CA LEU H 3721 -8.70 67.91 32.99
C LEU H 3721 -9.00 66.88 31.92
N TYR H 3722 -8.36 65.72 31.99
CA TYR H 3722 -8.62 64.69 30.98
C TYR H 3722 -10.03 64.13 31.12
N MET H 3723 -10.51 63.93 32.35
CA MET H 3723 -11.92 63.54 32.50
C MET H 3723 -12.85 64.56 31.89
N ALA H 3724 -12.66 65.85 32.20
CA ALA H 3724 -13.54 66.87 31.65
C ALA H 3724 -13.51 66.85 30.13
N TYR H 3725 -12.32 66.82 29.55
CA TYR H 3725 -12.21 66.91 28.10
C TYR H 3725 -12.69 65.64 27.41
N ALA H 3726 -12.45 64.47 28.01
CA ALA H 3726 -12.95 63.23 27.43
C ALA H 3726 -14.47 63.22 27.43
N ASP H 3727 -15.09 63.71 28.52
CA ASP H 3727 -16.54 63.83 28.53
C ASP H 3727 -17.02 64.78 27.43
N ILE H 3728 -16.31 65.90 27.27
CA ILE H 3728 -16.69 66.88 26.24
C ILE H 3728 -16.62 66.25 24.85
N MET H 3729 -15.53 65.53 24.55
CA MET H 3729 -15.41 64.89 23.25
C MET H 3729 -16.44 63.79 23.04
N ALA H 3730 -16.77 63.04 24.09
CA ALA H 3730 -17.79 62.00 23.96
C ALA H 3730 -19.15 62.62 23.62
N LYS H 3731 -19.53 63.69 24.31
CA LYS H 3731 -20.75 64.39 23.96
C LYS H 3731 -20.69 64.93 22.53
N SER H 3732 -19.58 65.55 22.17
CA SER H 3732 -19.44 66.15 20.84
C SER H 3732 -19.64 65.12 19.75
N CYS H 3733 -19.13 63.89 19.94
CA CYS H 3733 -19.38 62.86 18.96
C CYS H 3733 -20.82 62.38 18.98
N HIS H 3734 -21.27 61.79 20.11
CA HIS H 3734 -22.53 61.05 20.01
C HIS H 3734 -23.72 61.99 19.85
N LEU H 3735 -23.77 63.08 20.62
CA LEU H 3735 -24.85 64.06 20.52
C LEU H 3735 -26.23 63.39 20.61
N GLU H 3736 -26.31 62.35 21.44
CA GLU H 3736 -27.53 61.55 21.53
C GLU H 3736 -27.56 60.72 22.80
N VAL H 3749 -42.07 58.44 15.74
CA VAL H 3749 -40.74 57.85 15.87
C VAL H 3749 -40.38 57.09 14.59
N GLU H 3750 -41.00 57.47 13.48
CA GLU H 3750 -40.75 56.87 12.18
C GLU H 3750 -39.73 57.72 11.43
N VAL H 3751 -38.62 57.11 11.04
CA VAL H 3751 -37.50 57.79 10.42
C VAL H 3751 -37.28 57.20 9.02
N SER H 3752 -37.16 58.06 8.03
CA SER H 3752 -37.02 57.59 6.66
C SER H 3752 -35.56 57.32 6.31
N PHE H 3753 -35.36 56.78 5.11
CA PHE H 3753 -34.02 56.36 4.69
C PHE H 3753 -33.07 57.54 4.62
N GLU H 3754 -33.51 58.66 4.04
CA GLU H 3754 -32.65 59.83 3.92
C GLU H 3754 -32.27 60.37 5.29
N GLU H 3755 -33.23 60.42 6.23
CA GLU H 3755 -32.92 60.93 7.56
C GLU H 3755 -31.94 60.01 8.28
N LYS H 3756 -32.12 58.69 8.17
CA LYS H 3756 -31.17 57.78 8.81
C LYS H 3756 -29.78 57.94 8.22
N GLU H 3757 -29.69 58.06 6.89
CA GLU H 3757 -28.38 58.22 6.26
C GLU H 3757 -27.74 59.55 6.67
N MET H 3758 -28.53 60.61 6.77
CA MET H 3758 -28.00 61.90 7.20
C MET H 3758 -27.50 61.85 8.64
N GLU H 3759 -28.25 61.17 9.52
CA GLU H 3759 -27.78 61.01 10.90
C GLU H 3759 -26.47 60.22 10.93
N LYS H 3760 -26.37 59.17 10.12
CA LYS H 3760 -25.12 58.40 10.07
C LYS H 3760 -23.97 59.27 9.59
N GLN H 3761 -24.19 60.08 8.56
CA GLN H 3761 -23.12 60.94 8.05
C GLN H 3761 -22.71 61.98 9.08
N ARG H 3762 -23.68 62.56 9.80
CA ARG H 3762 -23.34 63.53 10.83
C ARG H 3762 -22.53 62.88 11.95
N LEU H 3763 -22.92 61.67 12.37
CA LEU H 3763 -22.15 60.95 13.37
C LEU H 3763 -20.73 60.68 12.87
N LEU H 3764 -20.60 60.29 11.60
CA LEU H 3764 -19.28 60.03 11.04
C LEU H 3764 -18.42 61.30 11.04
N TYR H 3765 -19.01 62.44 10.70
CA TYR H 3765 -18.24 63.68 10.68
C TYR H 3765 -17.83 64.10 12.09
N GLN H 3766 -18.74 63.94 13.06
CA GLN H 3766 -18.41 64.27 14.44
C GLN H 3766 -17.28 63.38 14.95
N GLN H 3767 -17.30 62.10 14.58
CA GLN H 3767 -16.18 61.21 14.90
C GLN H 3767 -14.92 61.64 14.19
N SER H 3768 -15.05 62.13 12.95
CA SER H 3768 -13.91 62.53 12.15
C SER H 3768 -13.17 63.69 12.79
N ARG H 3769 -13.91 64.67 13.31
CA ARG H 3769 -13.27 65.85 13.90
C ARG H 3769 -12.26 65.45 14.97
N LEU H 3770 -12.50 64.34 15.65
CA LEU H 3770 -11.56 63.93 16.70
C LEU H 3770 -10.54 62.92 16.19
N HIS H 3771 -10.99 61.88 15.49
CA HIS H 3771 -10.05 60.81 15.13
C HIS H 3771 -9.04 61.30 14.10
N THR H 3772 -9.40 62.30 13.29
CA THR H 3772 -8.41 62.92 12.41
C THR H 3772 -7.38 63.70 13.22
N ARG H 3773 -7.65 63.94 14.50
CA ARG H 3773 -6.74 64.67 15.36
C ARG H 3773 -5.95 63.78 16.31
N GLY H 3774 -5.95 62.47 16.11
CA GLY H 3774 -5.20 61.55 16.95
C GLY H 3774 -5.96 60.98 18.13
N ALA H 3775 -7.29 61.09 18.12
CA ALA H 3775 -8.06 60.67 19.29
C ALA H 3775 -7.93 59.18 19.55
N ALA H 3776 -8.00 58.35 18.51
CA ALA H 3776 -7.95 56.91 18.71
C ALA H 3776 -6.60 56.47 19.26
N GLU H 3777 -5.51 56.99 18.70
CA GLU H 3777 -4.19 56.67 19.20
C GLU H 3777 -4.02 57.13 20.64
N MET H 3778 -4.54 58.32 20.95
CA MET H 3778 -4.47 58.82 22.32
C MET H 3778 -5.25 57.95 23.29
N VAL H 3779 -6.42 57.44 22.86
CA VAL H 3779 -7.19 56.52 23.69
C VAL H 3779 -6.41 55.23 23.94
N LEU H 3780 -5.80 54.68 22.90
CA LEU H 3780 -5.00 53.48 23.10
C LEU H 3780 -3.82 53.74 24.04
N GLN H 3781 -3.15 54.88 23.87
CA GLN H 3781 -2.06 55.25 24.78
C GLN H 3781 -2.55 55.36 26.22
N MET H 3782 -3.74 55.93 26.42
CA MET H 3782 -4.21 56.16 27.78
C MET H 3782 -4.64 54.86 28.44
N ILE H 3783 -5.18 53.91 27.67
CA ILE H 3783 -5.41 52.58 28.23
C ILE H 3783 -4.09 51.93 28.61
N SER H 3784 -3.08 52.05 27.73
CA SER H 3784 -1.76 51.49 28.02
C SER H 3784 -1.18 52.10 29.30
N ALA H 3785 -1.41 53.40 29.51
CA ALA H 3785 -0.95 54.05 30.73
C ALA H 3785 -1.79 53.63 31.92
N CYS H 3786 -3.06 53.31 31.71
CA CYS H 3786 -3.89 52.77 32.77
C CYS H 3786 -3.33 51.46 33.30
N LYS H 3787 -2.82 50.62 32.41
CA LYS H 3787 -2.04 49.44 32.81
C LYS H 3787 -2.90 48.42 33.55
N GLY H 3788 -4.22 48.60 33.52
CA GLY H 3788 -5.11 47.66 34.14
C GLY H 3788 -5.53 47.99 35.56
N GLU H 3789 -5.57 49.26 35.94
CA GLU H 3789 -6.09 49.68 37.23
C GLU H 3789 -7.44 50.35 37.03
N THR H 3790 -8.47 49.82 37.68
CA THR H 3790 -9.82 50.35 37.51
C THR H 3790 -9.92 51.75 38.10
N GLY H 3791 -10.42 52.69 37.31
CA GLY H 3791 -10.53 54.06 37.77
C GLY H 3791 -11.24 54.94 36.75
N ALA H 3792 -11.48 56.19 37.17
CA ALA H 3792 -12.10 57.16 36.28
C ALA H 3792 -11.26 57.39 35.03
N MET H 3793 -9.94 57.24 35.16
CA MET H 3793 -9.05 57.33 33.99
C MET H 3793 -9.57 56.45 32.86
N VAL H 3794 -9.60 55.14 33.10
CA VAL H 3794 -9.97 54.19 32.06
C VAL H 3794 -11.47 54.23 31.80
N SER H 3795 -12.26 54.64 32.78
CA SER H 3795 -13.69 54.80 32.53
C SER H 3795 -13.94 55.85 31.44
N SER H 3796 -13.37 57.05 31.62
CA SER H 3796 -13.53 58.09 30.62
C SER H 3796 -12.86 57.71 29.31
N THR H 3797 -11.70 57.05 29.37
CA THR H 3797 -11.01 56.63 28.16
C THR H 3797 -11.87 55.67 27.34
N LEU H 3798 -12.48 54.68 28.00
CA LEU H 3798 -13.32 53.72 27.30
C LEU H 3798 -14.61 54.37 26.81
N LYS H 3799 -15.16 55.31 27.57
CA LYS H 3799 -16.35 56.02 27.08
C LYS H 3799 -16.03 56.82 25.83
N LEU H 3800 -14.87 57.48 25.78
CA LEU H 3800 -14.48 58.18 24.57
C LEU H 3800 -14.26 57.21 23.41
N GLY H 3801 -13.66 56.04 23.69
CA GLY H 3801 -13.51 55.04 22.66
C GLY H 3801 -14.85 54.58 22.10
N ILE H 3802 -15.82 54.36 22.98
CA ILE H 3802 -17.18 54.03 22.53
C ILE H 3802 -17.74 55.14 21.67
N SER H 3803 -17.60 56.38 22.12
CA SER H 3803 -18.22 57.50 21.43
C SER H 3803 -17.61 57.72 20.05
N ILE H 3804 -16.34 57.34 19.88
CA ILE H 3804 -15.72 57.52 18.57
C ILE H 3804 -15.91 56.28 17.69
N LEU H 3805 -16.14 55.12 18.30
CA LEU H 3805 -16.28 53.89 17.53
C LEU H 3805 -17.72 53.47 17.30
N ASN H 3806 -18.70 54.24 17.77
CA ASN H 3806 -20.10 53.88 17.57
C ASN H 3806 -20.42 53.73 16.08
N GLY H 3807 -21.16 52.68 15.75
CA GLY H 3807 -21.50 52.42 14.37
C GLY H 3807 -20.43 51.69 13.58
N GLY H 3808 -19.35 51.27 14.24
CA GLY H 3808 -18.27 50.58 13.56
C GLY H 3808 -17.52 51.46 12.59
N ASN H 3809 -16.84 52.48 13.12
CA ASN H 3809 -16.08 53.38 12.26
C ASN H 3809 -14.88 52.66 11.67
N ALA H 3810 -14.95 52.36 10.37
CA ALA H 3810 -13.91 51.57 9.72
C ALA H 3810 -12.57 52.29 9.73
N GLU H 3811 -12.57 53.60 9.49
CA GLU H 3811 -11.31 54.35 9.48
C GLU H 3811 -10.69 54.43 10.87
N VAL H 3812 -11.52 54.58 11.91
CA VAL H 3812 -11.00 54.57 13.28
C VAL H 3812 -10.43 53.19 13.61
N GLN H 3813 -11.12 52.13 13.20
CA GLN H 3813 -10.62 50.78 13.42
C GLN H 3813 -9.28 50.58 12.72
N GLN H 3814 -9.17 51.05 11.48
CA GLN H 3814 -7.92 50.92 10.75
C GLN H 3814 -6.79 51.69 11.42
N LYS H 3815 -7.07 52.91 11.88
CA LYS H 3815 -6.04 53.68 12.57
C LYS H 3815 -5.60 53.00 13.86
N MET H 3816 -6.56 52.46 14.62
CA MET H 3816 -6.20 51.77 15.86
C MET H 3816 -5.36 50.54 15.58
N LEU H 3817 -5.75 49.75 14.57
CA LEU H 3817 -4.98 48.55 14.24
C LEU H 3817 -3.58 48.90 13.77
N ASP H 3818 -3.45 49.94 12.93
CA ASP H 3818 -2.13 50.35 12.47
C ASP H 3818 -1.28 50.86 13.61
N TYR H 3819 -1.87 51.63 14.53
CA TYR H 3819 -1.12 52.12 15.67
C TYR H 3819 -0.63 50.97 16.54
N LEU H 3820 -1.49 49.99 16.78
CA LEU H 3820 -1.08 48.81 17.55
C LEU H 3820 0.02 48.06 16.82
N LYS H 3821 -0.06 47.95 15.50
CA LYS H 3821 0.93 47.18 14.75
C LYS H 3821 2.27 47.92 14.69
N ASP H 3822 2.27 49.25 14.78
CA ASP H 3822 3.53 49.97 14.68
C ASP H 3822 4.19 50.14 16.04
N LYS H 3823 3.46 50.63 17.04
CA LYS H 3823 4.03 50.69 18.39
C LYS H 3823 4.34 49.29 18.90
N LYS H 3824 3.40 48.36 18.76
CA LYS H 3824 3.64 46.93 18.91
C LYS H 3824 4.02 46.61 20.35
N GLU H 3825 3.23 47.15 21.28
CA GLU H 3825 3.51 47.11 22.70
C GLU H 3825 2.46 46.28 23.41
N VAL H 3826 2.89 45.27 24.16
CA VAL H 3826 1.95 44.29 24.72
C VAL H 3826 1.21 44.88 25.91
N GLY H 3827 1.67 46.02 26.43
CA GLY H 3827 1.09 46.57 27.64
C GLY H 3827 -0.38 46.92 27.50
N PHE H 3828 -0.80 47.33 26.31
CA PHE H 3828 -2.21 47.63 26.09
C PHE H 3828 -3.08 46.39 26.32
N PHE H 3829 -2.70 45.27 25.72
CA PHE H 3829 -3.48 44.05 25.89
C PHE H 3829 -3.36 43.51 27.31
N GLN H 3830 -2.20 43.69 27.93
CA GLN H 3830 -2.05 43.30 29.33
C GLN H 3830 -3.01 44.10 30.22
N SER H 3831 -3.12 45.40 29.97
CA SER H 3831 -4.06 46.23 30.71
C SER H 3831 -5.50 45.78 30.47
N ILE H 3832 -5.84 45.46 29.21
CA ILE H 3832 -7.18 44.97 28.91
C ILE H 3832 -7.47 43.71 29.70
N GLN H 3833 -6.53 42.76 29.70
CA GLN H 3833 -6.71 41.51 30.42
C GLN H 3833 -6.87 41.75 31.91
N ALA H 3834 -6.05 42.65 32.47
CA ALA H 3834 -6.14 42.93 33.90
C ALA H 3834 -7.48 43.55 34.27
N LEU H 3835 -7.94 44.52 33.48
CA LEU H 3835 -9.23 45.14 33.74
C LEU H 3835 -10.36 44.13 33.65
N MET H 3836 -10.30 43.25 32.65
CA MET H 3836 -11.39 42.31 32.44
C MET H 3836 -11.35 41.20 33.49
N GLN H 3837 -10.17 40.90 34.03
CA GLN H 3837 -10.09 40.01 35.19
C GLN H 3837 -10.66 40.67 36.44
N THR H 3838 -10.36 41.95 36.65
CA THR H 3838 -10.83 42.61 37.88
C THR H 3838 -12.28 43.02 37.76
N CYS H 3839 -12.88 42.84 36.59
CA CYS H 3839 -14.34 42.97 36.48
C CYS H 3839 -15.02 42.03 37.46
N SER H 3840 -16.00 42.55 38.21
CA SER H 3840 -16.57 41.81 39.32
C SER H 3840 -17.64 40.83 38.85
N VAL H 3841 -17.99 39.91 39.73
CA VAL H 3841 -19.04 38.93 39.50
C VAL H 3841 -20.00 38.93 40.67
N LEU H 3842 -21.19 38.37 40.44
CA LEU H 3842 -22.27 38.42 41.41
C LEU H 3842 -21.86 37.68 42.68
N ASP H 3843 -22.18 38.24 43.84
CA ASP H 3843 -21.76 37.67 45.12
C ASP H 3843 -22.96 37.50 46.04
N LEU H 3844 -23.26 36.25 46.38
CA LEU H 3844 -24.30 35.96 47.37
C LEU H 3844 -23.95 36.57 48.73
N ASN H 3845 -22.68 36.50 49.12
CA ASN H 3845 -22.29 37.03 50.43
C ASN H 3845 -22.54 38.53 50.50
N ALA H 3846 -22.09 39.28 49.50
CA ALA H 3846 -22.34 40.72 49.49
C ALA H 3846 -23.83 41.02 49.40
N PHE H 3847 -24.57 40.24 48.61
CA PHE H 3847 -26.01 40.46 48.50
C PHE H 3847 -26.69 40.27 49.85
N GLU H 3848 -26.33 39.23 50.59
CA GLU H 3848 -26.95 38.99 51.89
C GLU H 3848 -26.53 40.03 52.91
N ARG H 3849 -25.27 40.48 52.85
CA ARG H 3849 -24.84 41.56 53.73
C ARG H 3849 -25.66 42.82 53.46
N GLN H 3850 -25.89 43.13 52.19
CA GLN H 3850 -26.74 44.26 51.85
C GLN H 3850 -28.17 44.05 52.35
N ASN H 3851 -28.69 42.82 52.21
CA ASN H 3851 -30.04 42.53 52.67
C ASN H 3851 -30.19 42.81 54.16
N LYS H 3852 -29.27 42.29 54.97
CA LYS H 3852 -29.29 42.63 56.39
C LYS H 3852 -29.08 44.12 56.60
N ALA H 3853 -28.39 44.78 55.67
CA ALA H 3853 -28.22 46.23 55.79
C ALA H 3853 -29.55 46.97 55.72
N GLU H 3854 -30.39 46.67 54.72
CA GLU H 3854 -31.67 47.39 54.70
C GLU H 3854 -32.58 46.86 55.80
N GLY H 3855 -32.43 45.59 56.17
CA GLY H 3855 -33.24 45.05 57.26
C GLY H 3855 -33.00 45.78 58.57
N LEU H 3856 -31.74 46.10 58.85
CA LEU H 3856 -31.43 46.83 60.08
C LEU H 3856 -31.70 48.33 59.90
N GLY H 3857 -30.94 48.98 59.02
CA GLY H 3857 -31.28 50.33 58.58
C GLY H 3857 -31.41 51.37 59.67
N MET H 3858 -30.49 51.42 60.62
CA MET H 3858 -30.61 52.40 61.70
C MET H 3858 -30.23 53.80 61.21
N VAL H 3859 -30.66 54.80 61.98
CA VAL H 3859 -30.65 56.18 61.50
C VAL H 3859 -29.22 56.72 61.40
N ASN H 3860 -29.00 57.59 60.42
CA ASN H 3860 -27.72 58.29 60.30
C ASN H 3860 -27.68 59.47 61.26
N GLU H 3861 -26.46 59.81 61.69
CA GLU H 3861 -26.30 60.84 62.74
C GLU H 3861 -26.73 62.21 62.24
N ASP H 3862 -26.42 62.56 60.99
CA ASP H 3862 -26.78 63.86 60.45
C ASP H 3862 -28.29 63.98 60.32
N GLY H 3863 -28.89 64.87 61.11
CA GLY H 3863 -30.33 65.04 61.10
C GLY H 3863 -31.03 63.74 61.49
N THR H 3864 -31.99 63.34 60.66
CA THR H 3864 -32.68 62.07 60.82
C THR H 3864 -32.77 61.40 59.46
N VAL H 3865 -31.85 60.46 59.21
CA VAL H 3865 -31.81 59.75 57.93
C VAL H 3865 -31.81 58.26 58.22
N ILE H 3866 -32.99 57.64 58.18
CA ILE H 3866 -33.11 56.22 58.50
C ILE H 3866 -32.89 55.37 57.26
N ASN H 3867 -31.93 54.44 57.35
CA ASN H 3867 -31.65 53.48 56.28
C ASN H 3867 -31.31 54.19 54.97
N ARG H 3868 -30.27 55.02 55.01
CA ARG H 3868 -29.82 55.68 53.79
C ARG H 3868 -29.22 54.66 52.83
N GLN H 3869 -29.72 54.67 51.59
CA GLN H 3869 -29.42 53.63 50.62
C GLN H 3869 -28.28 54.08 49.72
N ASN H 3870 -27.20 53.29 49.69
CA ASN H 3870 -26.08 53.56 48.81
C ASN H 3870 -26.20 52.77 47.51
N GLY H 3871 -25.27 53.03 46.60
CA GLY H 3871 -25.17 52.19 45.42
C GLY H 3871 -24.90 50.75 45.81
N GLU H 3872 -25.60 49.84 45.15
CA GLU H 3872 -25.52 48.43 45.52
C GLU H 3872 -24.09 47.92 45.40
N LYS H 3873 -23.63 47.23 46.46
CA LYS H 3873 -22.30 46.63 46.43
C LYS H 3873 -22.21 45.57 45.35
N VAL H 3874 -23.30 44.85 45.11
CA VAL H 3874 -23.35 43.87 44.03
C VAL H 3874 -23.38 44.60 42.70
N MET H 3875 -22.50 44.18 41.78
CA MET H 3875 -22.36 44.83 40.47
C MET H 3875 -22.02 46.31 40.62
N ALA H 3876 -20.97 46.60 41.37
CA ALA H 3876 -20.49 47.98 41.47
C ALA H 3876 -19.94 48.47 40.15
N ASP H 3877 -19.21 47.62 39.43
CA ASP H 3877 -18.58 47.97 38.16
C ASP H 3877 -19.32 47.40 36.97
N ASP H 3878 -20.64 47.25 37.05
CA ASP H 3878 -21.38 46.69 35.92
C ASP H 3878 -21.28 47.60 34.69
N GLU H 3879 -21.33 48.91 34.90
CA GLU H 3879 -21.22 49.83 33.76
C GLU H 3879 -19.83 49.74 33.14
N PHE H 3880 -18.80 49.55 33.96
CA PHE H 3880 -17.45 49.41 33.42
C PHE H 3880 -17.29 48.13 32.63
N THR H 3881 -17.82 47.02 33.15
CA THR H 3881 -17.78 45.78 32.37
C THR H 3881 -18.55 45.94 31.07
N GLN H 3882 -19.71 46.58 31.13
CA GLN H 3882 -20.53 46.75 29.94
C GLN H 3882 -19.81 47.59 28.88
N ASP H 3883 -19.23 48.72 29.27
CA ASP H 3883 -18.64 49.58 28.24
C ASP H 3883 -17.29 49.05 27.79
N LEU H 3884 -16.60 48.25 28.62
CA LEU H 3884 -15.40 47.58 28.14
C LEU H 3884 -15.75 46.53 27.08
N PHE H 3885 -16.75 45.70 27.34
CA PHE H 3885 -17.14 44.71 26.33
C PHE H 3885 -17.77 45.37 25.12
N ARG H 3886 -18.42 46.51 25.31
CA ARG H 3886 -18.94 47.28 24.17
C ARG H 3886 -17.79 47.88 23.36
N PHE H 3887 -16.69 48.24 24.03
CA PHE H 3887 -15.50 48.70 23.32
C PHE H 3887 -14.91 47.58 22.47
N LEU H 3888 -14.82 46.38 23.03
CA LEU H 3888 -14.34 45.24 22.25
C LEU H 3888 -15.28 44.94 21.09
N GLN H 3889 -16.60 45.01 21.35
CA GLN H 3889 -17.59 44.80 20.30
C GLN H 3889 -17.45 45.83 19.18
N LEU H 3890 -17.24 47.10 19.53
CA LEU H 3890 -17.11 48.15 18.54
C LEU H 3890 -15.81 48.00 17.77
N LEU H 3891 -14.76 47.54 18.45
CA LEU H 3891 -13.50 47.27 17.77
C LEU H 3891 -13.65 46.17 16.74
N CYS H 3892 -14.41 45.12 17.06
CA CYS H 3892 -14.66 44.03 16.12
C CYS H 3892 -15.85 44.30 15.20
N GLU H 3893 -16.50 45.45 15.34
CA GLU H 3893 -17.72 45.72 14.59
C GLU H 3893 -17.41 45.86 13.10
N GLY H 3894 -18.39 45.50 12.28
CA GLY H 3894 -18.21 45.53 10.84
C GLY H 3894 -17.50 44.32 10.26
N HIS H 3895 -17.32 43.27 11.06
CA HIS H 3895 -16.63 42.04 10.62
C HIS H 3895 -15.22 42.36 10.13
N ASN H 3896 -14.47 43.10 10.93
CA ASN H 3896 -13.10 43.47 10.58
C ASN H 3896 -12.19 42.29 10.88
N ASN H 3897 -11.95 41.46 9.87
CA ASN H 3897 -11.28 40.17 10.08
C ASN H 3897 -9.85 40.37 10.58
N ASP H 3898 -9.15 41.38 10.06
CA ASP H 3898 -7.77 41.61 10.48
C ASP H 3898 -7.70 41.91 11.98
N PHE H 3899 -8.59 42.78 12.48
CA PHE H 3899 -8.53 43.13 13.90
C PHE H 3899 -9.06 41.98 14.75
N GLN H 3900 -10.02 41.21 14.24
CA GLN H 3900 -10.47 40.02 14.98
C GLN H 3900 -9.34 39.01 15.14
N ASN H 3901 -8.58 38.77 14.07
CA ASN H 3901 -7.43 37.88 14.15
C ASN H 3901 -6.37 38.45 15.08
N TYR H 3902 -6.18 39.77 15.05
CA TYR H 3902 -5.20 40.40 15.94
C TYR H 3902 -5.59 40.24 17.40
N LEU H 3903 -6.88 40.40 17.71
CA LEU H 3903 -7.36 40.17 19.07
C LEU H 3903 -7.17 38.72 19.48
N ARG H 3904 -7.44 37.78 18.57
CA ARG H 3904 -7.18 36.38 18.87
C ARG H 3904 -5.70 36.16 19.19
N THR H 3905 -4.83 36.35 18.21
CA THR H 3905 -3.40 36.25 18.40
C THR H 3905 -2.72 37.42 17.72
N GLN H 3906 -1.67 37.94 18.35
CA GLN H 3906 -0.82 38.97 17.75
C GLN H 3906 0.49 38.30 17.34
N THR H 3907 0.74 38.28 16.03
CA THR H 3907 1.82 37.44 15.51
C THR H 3907 3.19 37.89 16.01
N GLY H 3908 3.50 39.18 15.87
CA GLY H 3908 4.87 39.62 16.08
C GLY H 3908 5.18 39.98 17.53
N ASN H 3909 4.15 40.26 18.32
CA ASN H 3909 4.39 40.63 19.72
C ASN H 3909 5.12 39.52 20.45
N THR H 3910 6.09 39.93 21.29
CA THR H 3910 6.94 38.96 21.97
C THR H 3910 6.13 38.01 22.85
N THR H 3911 5.00 38.48 23.38
CA THR H 3911 4.09 37.65 24.14
C THR H 3911 2.67 37.93 23.68
N THR H 3912 1.90 36.87 23.46
CA THR H 3912 0.54 36.97 22.95
C THR H 3912 -0.44 36.41 23.96
N ILE H 3913 -1.53 37.14 24.21
CA ILE H 3913 -2.60 36.71 25.11
C ILE H 3913 -3.89 36.67 24.29
N ASN H 3914 -4.82 35.81 24.72
CA ASN H 3914 -6.03 35.54 23.94
C ASN H 3914 -7.22 36.22 24.60
N ILE H 3915 -7.61 37.37 24.06
CA ILE H 3915 -8.76 38.10 24.56
C ILE H 3915 -10.02 37.24 24.44
N ILE H 3916 -10.11 36.42 23.40
CA ILE H 3916 -11.27 35.56 23.22
C ILE H 3916 -11.39 34.59 24.39
N ILE H 3917 -10.29 33.90 24.73
CA ILE H 3917 -10.34 32.91 25.81
C ILE H 3917 -10.61 33.58 27.15
N CYS H 3918 -9.99 34.74 27.39
CA CYS H 3918 -10.21 35.41 28.67
C CYS H 3918 -11.65 35.93 28.78
N THR H 3919 -12.23 36.40 27.68
CA THR H 3919 -13.64 36.79 27.67
C THR H 3919 -14.53 35.59 27.97
N VAL H 3920 -14.19 34.43 27.41
CA VAL H 3920 -14.92 33.20 27.73
C VAL H 3920 -14.81 32.89 29.23
N ASP H 3921 -13.63 33.11 29.81
CA ASP H 3921 -13.46 32.88 31.23
C ASP H 3921 -14.34 33.79 32.05
N TYR H 3922 -14.42 35.08 31.69
CA TYR H 3922 -15.30 35.99 32.40
C TYR H 3922 -16.76 35.58 32.26
N LEU H 3923 -17.15 35.15 31.06
CA LEU H 3923 -18.52 34.70 30.86
C LEU H 3923 -18.84 33.48 31.72
N LEU H 3924 -17.90 32.56 31.83
CA LEU H 3924 -18.11 31.38 32.66
C LEU H 3924 -18.24 31.75 34.13
N ARG H 3925 -17.42 32.70 34.60
CA ARG H 3925 -17.54 33.17 35.97
C ARG H 3925 -18.90 33.83 36.21
N LEU H 3926 -19.35 34.65 35.26
CA LEU H 3926 -20.67 35.26 35.37
C LEU H 3926 -21.77 34.22 35.39
N GLN H 3927 -21.60 33.14 34.59
CA GLN H 3927 -22.58 32.07 34.60
C GLN H 3927 -22.64 31.39 35.97
N GLU H 3928 -21.49 31.11 36.57
CA GLU H 3928 -21.52 30.53 37.91
C GLU H 3928 -22.20 31.46 38.91
N SER H 3929 -21.95 32.76 38.81
CA SER H 3929 -22.61 33.72 39.69
C SER H 3929 -24.12 33.70 39.50
N ILE H 3930 -24.57 33.66 38.24
CA ILE H 3930 -26.01 33.60 37.97
C ILE H 3930 -26.60 32.30 38.50
N SER H 3931 -25.84 31.21 38.43
CA SER H 3931 -26.31 29.94 39.00
C SER H 3931 -26.45 30.04 40.51
N ASP H 3932 -25.52 30.75 41.16
CA ASP H 3932 -25.65 30.96 42.60
C ASP H 3932 -26.91 31.76 42.94
N PHE H 3933 -27.20 32.81 42.17
CA PHE H 3933 -28.46 33.51 42.38
C PHE H 3933 -29.65 32.61 42.10
N TYR H 3934 -29.57 31.74 41.10
CA TYR H 3934 -30.64 30.77 40.89
C TYR H 3934 -30.87 29.92 42.14
N TRP H 3935 -29.82 29.37 42.71
CA TRP H 3935 -30.00 28.50 43.87
C TRP H 3935 -30.58 29.28 45.05
N TYR H 3936 -30.08 30.49 45.29
CA TYR H 3936 -30.60 31.29 46.39
C TYR H 3936 -32.06 31.67 46.16
N TYR H 3937 -32.43 31.97 44.92
CA TYR H 3937 -33.79 32.39 44.61
C TYR H 3937 -34.75 31.22 44.67
N SER H 3938 -34.30 30.03 44.27
CA SER H 3938 -35.12 28.83 44.41
C SER H 3938 -35.21 28.40 45.87
N GLY H 3939 -34.30 28.90 46.71
CA GLY H 3939 -34.42 28.66 48.14
C GLY H 3939 -35.74 29.15 48.71
N LYS H 3940 -36.18 30.34 48.29
CA LYS H 3940 -37.48 30.83 48.73
C LYS H 3940 -38.49 30.79 47.59
N ASP H 3941 -39.75 31.09 47.92
CA ASP H 3941 -40.82 30.93 46.95
C ASP H 3941 -40.80 32.00 45.87
N VAL H 3942 -40.61 33.26 46.25
CA VAL H 3942 -40.79 34.38 45.33
C VAL H 3942 -39.55 35.25 45.33
N ILE H 3943 -39.36 36.01 44.25
CA ILE H 3943 -38.19 36.86 44.12
C ILE H 3943 -38.48 38.24 44.71
N GLU H 3944 -37.56 38.73 45.53
CA GLU H 3944 -37.71 40.06 46.10
C GLU H 3944 -37.09 41.12 45.17
N GLU H 3945 -37.52 42.36 45.32
CA GLU H 3945 -37.28 43.40 44.32
C GLU H 3945 -35.81 43.75 44.19
N GLN H 3946 -35.09 43.84 45.31
CA GLN H 3946 -33.68 44.20 45.26
C GLN H 3946 -32.89 43.16 44.48
N GLY H 3947 -33.16 41.88 44.75
CA GLY H 3947 -32.56 40.81 43.96
C GLY H 3947 -33.01 40.82 42.52
N LYS H 3948 -34.26 41.22 42.27
CA LYS H 3948 -34.71 41.39 40.89
C LYS H 3948 -33.82 42.37 40.14
N ARG H 3949 -33.56 43.52 40.76
CA ARG H 3949 -32.75 44.53 40.08
C ARG H 3949 -31.31 44.07 39.91
N ASN H 3950 -30.75 43.41 40.93
CA ASN H 3950 -29.41 42.85 40.80
C ASN H 3950 -29.34 41.87 39.64
N PHE H 3951 -30.31 40.95 39.56
CA PHE H 3951 -30.32 39.96 38.50
C PHE H 3951 -30.46 40.62 37.15
N SER H 3952 -31.31 41.64 37.04
CA SER H 3952 -31.50 42.33 35.77
C SER H 3952 -30.22 43.01 35.29
N LYS H 3953 -29.51 43.67 36.21
CA LYS H 3953 -28.27 44.33 35.81
C LYS H 3953 -27.20 43.29 35.40
N ALA H 3954 -27.13 42.17 36.12
CA ALA H 3954 -26.22 41.11 35.71
C ALA H 3954 -26.59 40.56 34.34
N MET H 3955 -27.89 40.46 34.06
CA MET H 3955 -28.34 40.00 32.76
C MET H 3955 -27.96 40.97 31.65
N SER H 3956 -28.02 42.27 31.94
CA SER H 3956 -27.56 43.25 30.96
C SER H 3956 -26.07 43.07 30.67
N VAL H 3957 -25.27 42.84 31.72
CA VAL H 3957 -23.86 42.57 31.52
C VAL H 3957 -23.65 41.33 30.66
N ALA H 3958 -24.40 40.26 30.95
CA ALA H 3958 -24.27 39.03 30.17
C ALA H 3958 -24.67 39.25 28.72
N LYS H 3959 -25.71 40.04 28.48
CA LYS H 3959 -26.10 40.39 27.12
C LYS H 3959 -24.96 41.09 26.39
N GLN H 3960 -24.30 42.04 27.06
CA GLN H 3960 -23.17 42.71 26.43
C GLN H 3960 -22.07 41.71 26.09
N VAL H 3961 -21.81 40.77 27.00
CA VAL H 3961 -20.78 39.76 26.74
C VAL H 3961 -21.13 38.92 25.51
N PHE H 3962 -22.39 38.48 25.43
CA PHE H 3962 -22.79 37.64 24.29
C PHE H 3962 -22.72 38.41 22.98
N ASN H 3963 -23.11 39.69 22.99
CA ASN H 3963 -22.98 40.49 21.77
C ASN H 3963 -21.52 40.64 21.37
N SER H 3964 -20.63 40.84 22.35
CA SER H 3964 -19.21 40.91 22.05
C SER H 3964 -18.71 39.61 21.42
N LEU H 3965 -19.11 38.47 21.98
CA LEU H 3965 -18.69 37.19 21.42
C LEU H 3965 -19.20 37.00 20.01
N THR H 3966 -20.46 37.39 19.76
CA THR H 3966 -21.01 37.29 18.41
C THR H 3966 -20.21 38.13 17.43
N GLU H 3967 -19.86 39.36 17.83
CA GLU H 3967 -19.04 40.19 16.95
C GLU H 3967 -17.66 39.58 16.73
N TYR H 3968 -17.11 38.89 17.74
CA TYR H 3968 -15.85 38.18 17.53
C TYR H 3968 -15.99 37.11 16.47
N ILE H 3969 -17.06 36.30 16.53
CA ILE H 3969 -17.07 35.07 15.75
C ILE H 3969 -17.69 35.31 14.37
N GLN H 3970 -18.35 36.44 14.16
CA GLN H 3970 -18.94 36.71 12.85
C GLN H 3970 -17.85 36.97 11.81
N GLY H 3971 -18.27 36.95 10.55
CA GLY H 3971 -17.39 37.25 9.43
C GLY H 3971 -17.44 36.25 8.28
N PRO H 3972 -17.45 34.94 8.57
CA PRO H 3972 -17.10 34.25 9.82
C PRO H 3972 -15.59 34.03 9.95
N CYS H 3973 -15.02 34.47 11.06
CA CYS H 3973 -13.58 34.32 11.30
C CYS H 3973 -13.32 32.88 11.72
N THR H 3974 -12.70 32.11 10.83
CA THR H 3974 -12.50 30.68 11.08
C THR H 3974 -11.62 30.43 12.30
N GLY H 3975 -10.54 31.21 12.43
CA GLY H 3975 -9.67 31.03 13.59
C GLY H 3975 -10.37 31.32 14.90
N ASN H 3976 -11.13 32.41 14.95
CA ASN H 3976 -11.90 32.71 16.15
C ASN H 3976 -12.93 31.63 16.43
N GLN H 3977 -13.59 31.13 15.38
CA GLN H 3977 -14.57 30.06 15.56
C GLN H 3977 -13.92 28.82 16.17
N GLN H 3978 -12.77 28.41 15.64
CA GLN H 3978 -12.11 27.21 16.15
C GLN H 3978 -11.60 27.42 17.58
N SER H 3979 -11.03 28.60 17.86
CA SER H 3979 -10.56 28.88 19.21
C SER H 3979 -11.71 28.87 20.20
N LEU H 3980 -12.84 29.49 19.85
CA LEU H 3980 -14.00 29.46 20.71
C LEU H 3980 -14.53 28.06 20.90
N ALA H 3981 -14.51 27.25 19.83
CA ALA H 3981 -14.97 25.87 19.93
C ALA H 3981 -14.10 25.07 20.89
N HIS H 3982 -12.78 25.25 20.83
CA HIS H 3982 -11.92 24.50 21.73
C HIS H 3982 -11.87 25.12 23.13
N SER H 3983 -12.39 26.35 23.26
CA SER H 3983 -12.38 27.01 24.56
C SER H 3983 -13.42 26.40 25.50
N ARG H 3984 -13.52 27.00 26.69
CA ARG H 3984 -14.47 26.58 27.71
C ARG H 3984 -15.88 27.14 27.51
N LEU H 3985 -16.21 27.61 26.31
CA LEU H 3985 -17.52 28.20 26.10
C LEU H 3985 -18.64 27.21 26.37
N TRP H 3986 -18.44 25.94 25.99
CA TRP H 3986 -19.53 24.98 25.99
C TRP H 3986 -20.09 24.77 27.39
N ASP H 3987 -19.22 24.67 28.39
CA ASP H 3987 -19.67 24.48 29.77
C ASP H 3987 -20.50 25.66 30.25
N ALA H 3988 -20.04 26.88 29.98
CA ALA H 3988 -20.80 28.06 30.38
C ALA H 3988 -22.14 28.12 29.66
N VAL H 3989 -22.16 27.70 28.39
CA VAL H 3989 -23.41 27.71 27.63
C VAL H 3989 -24.41 26.71 28.21
N VAL H 3990 -23.95 25.51 28.56
CA VAL H 3990 -24.82 24.55 29.23
C VAL H 3990 -25.33 25.11 30.55
N GLY H 3991 -24.45 25.80 31.27
CA GLY H 3991 -24.88 26.41 32.51
C GLY H 3991 -25.98 27.45 32.31
N PHE H 3992 -25.78 28.36 31.36
CA PHE H 3992 -26.84 29.32 31.03
C PHE H 3992 -28.10 28.60 30.59
N LEU H 3993 -27.98 27.47 29.90
CA LEU H 3993 -29.16 26.74 29.45
C LEU H 3993 -30.00 26.27 30.64
N HIS H 3994 -29.37 25.56 31.59
CA HIS H 3994 -30.18 25.06 32.71
C HIS H 3994 -30.69 26.21 33.55
N VAL H 3995 -29.85 27.24 33.75
CA VAL H 3995 -30.28 28.40 34.51
C VAL H 3995 -31.50 29.05 33.87
N PHE H 3996 -31.46 29.24 32.55
CA PHE H 3996 -32.56 29.88 31.84
C PHE H 3996 -33.83 29.04 31.94
N ALA H 3997 -33.69 27.72 31.81
CA ALA H 3997 -34.85 26.85 31.92
C ALA H 3997 -35.56 27.04 33.26
N HIS H 3998 -34.80 26.92 34.35
CA HIS H 3998 -35.40 27.08 35.66
C HIS H 3998 -35.87 28.51 35.88
N MET H 3999 -35.18 29.49 35.29
CA MET H 3999 -35.69 30.85 35.28
C MET H 3999 -37.10 30.91 34.74
N MET H 4000 -37.32 30.60 33.45
CA MET H 4000 -38.65 30.91 32.93
C MET H 4000 -39.70 30.03 33.60
N MET H 4001 -39.31 28.85 34.10
CA MET H 4001 -40.21 28.13 35.00
C MET H 4001 -40.68 29.00 36.16
N LYS H 4002 -39.75 29.43 37.01
CA LYS H 4002 -40.14 30.14 38.22
C LYS H 4002 -40.72 31.51 37.91
N LEU H 4003 -40.32 32.10 36.77
CA LEU H 4003 -40.78 33.43 36.40
C LEU H 4003 -42.20 33.39 35.87
N ALA H 4004 -42.55 32.34 35.12
CA ALA H 4004 -43.92 32.18 34.66
C ALA H 4004 -44.81 31.67 35.78
N GLN H 4005 -44.21 31.14 36.86
CA GLN H 4005 -45.01 30.78 38.03
C GLN H 4005 -45.89 31.93 38.50
N ASP H 4006 -45.36 33.16 38.48
CA ASP H 4006 -46.07 34.33 39.00
C ASP H 4006 -46.13 35.43 37.95
N SER H 4007 -47.11 36.32 38.10
CA SER H 4007 -47.32 37.36 37.09
C SER H 4007 -46.35 38.52 37.25
N SER H 4008 -45.94 38.82 38.48
CA SER H 4008 -45.16 40.03 38.73
C SER H 4008 -43.79 39.97 38.06
N GLN H 4009 -43.30 38.78 37.77
CA GLN H 4009 -41.97 38.62 37.19
C GLN H 4009 -41.96 38.73 35.68
N ILE H 4010 -42.98 39.34 35.08
CA ILE H 4010 -43.13 39.29 33.63
C ILE H 4010 -42.04 40.10 32.92
N GLU H 4011 -41.63 41.24 33.50
CA GLU H 4011 -40.60 42.06 32.87
C GLU H 4011 -39.23 41.37 32.93
N LEU H 4012 -38.92 40.77 34.09
CA LEU H 4012 -37.68 39.99 34.19
C LEU H 4012 -37.72 38.80 33.24
N LEU H 4013 -38.91 38.24 33.02
CA LEU H 4013 -39.05 37.18 32.03
C LEU H 4013 -38.77 37.68 30.62
N LYS H 4014 -39.25 38.89 30.31
CA LYS H 4014 -38.94 39.49 29.00
C LYS H 4014 -37.44 39.65 28.82
N GLU H 4015 -36.76 40.18 29.84
CA GLU H 4015 -35.31 40.31 29.77
C GLU H 4015 -34.64 38.94 29.65
N LEU H 4016 -35.21 37.93 30.30
CA LEU H 4016 -34.70 36.57 30.18
C LEU H 4016 -34.76 36.10 28.74
N LEU H 4017 -35.90 36.30 28.09
CA LEU H 4017 -36.06 35.88 26.71
C LEU H 4017 -35.10 36.63 25.80
N ASP H 4018 -34.88 37.92 26.08
CA ASP H 4018 -33.90 38.69 25.31
C ASP H 4018 -32.50 38.11 25.45
N LEU H 4019 -32.09 37.78 26.67
CA LEU H 4019 -30.77 37.21 26.88
C LEU H 4019 -30.65 35.86 26.18
N GLN H 4020 -31.69 35.04 26.26
CA GLN H 4020 -31.65 33.73 25.59
C GLN H 4020 -31.55 33.87 24.08
N LYS H 4021 -32.23 34.86 23.50
CA LYS H 4021 -32.16 35.00 22.04
C LYS H 4021 -30.82 35.54 21.60
N ASP H 4022 -30.18 36.39 22.43
CA ASP H 4022 -28.80 36.77 22.17
C ASP H 4022 -27.89 35.53 22.21
N MET H 4023 -28.12 34.67 23.20
CA MET H 4023 -27.41 33.40 23.27
C MET H 4023 -27.57 32.58 21.99
N VAL H 4024 -28.80 32.44 21.51
CA VAL H 4024 -29.07 31.61 20.34
C VAL H 4024 -28.46 32.23 19.08
N VAL H 4025 -28.50 33.55 18.96
CA VAL H 4025 -27.91 34.17 17.78
C VAL H 4025 -26.38 34.02 17.80
N MET H 4026 -25.78 34.03 18.99
CA MET H 4026 -24.35 33.73 19.07
C MET H 4026 -24.08 32.29 18.62
N LEU H 4027 -24.94 31.35 19.04
CA LEU H 4027 -24.76 29.97 18.62
C LEU H 4027 -24.91 29.82 17.10
N LEU H 4028 -25.85 30.56 16.51
CA LEU H 4028 -26.01 30.54 15.06
C LEU H 4028 -24.79 31.14 14.35
N SER H 4029 -24.22 32.20 14.92
CA SER H 4029 -22.99 32.75 14.38
C SER H 4029 -21.86 31.73 14.43
N LEU H 4030 -21.85 30.90 15.48
CA LEU H 4030 -20.92 29.77 15.50
C LEU H 4030 -21.23 28.77 14.39
N LEU H 4031 -22.51 28.49 14.16
CA LEU H 4031 -22.90 27.60 13.06
C LEU H 4031 -22.49 28.13 11.71
N GLU H 4032 -22.30 29.44 11.60
CA GLU H 4032 -21.98 30.06 10.31
C GLU H 4032 -20.76 29.38 9.67
N GLY H 4033 -20.90 29.04 8.40
CA GLY H 4033 -19.83 28.41 7.65
C GLY H 4033 -19.62 26.94 7.90
N ASN H 4034 -20.49 26.29 8.69
CA ASN H 4034 -20.29 24.89 9.01
C ASN H 4034 -20.68 24.00 7.84
N VAL H 4035 -19.86 22.98 7.59
CA VAL H 4035 -20.15 22.01 6.54
C VAL H 4035 -21.11 20.95 7.08
N VAL H 4036 -21.66 20.16 6.16
CA VAL H 4036 -22.46 19.01 6.57
C VAL H 4036 -21.59 18.05 7.37
N ASN H 4037 -22.10 17.62 8.53
CA ASN H 4037 -21.33 16.85 9.51
C ASN H 4037 -20.07 17.60 9.93
N GLY H 4038 -20.22 18.89 10.25
CA GLY H 4038 -19.08 19.67 10.68
C GLY H 4038 -18.77 19.47 12.15
N MET H 4039 -17.53 19.78 12.52
CA MET H 4039 -17.08 19.56 13.89
C MET H 4039 -17.84 20.45 14.88
N ILE H 4040 -18.04 21.73 14.52
CA ILE H 4040 -18.74 22.65 15.42
C ILE H 4040 -20.19 22.23 15.60
N ALA H 4041 -20.84 21.85 14.50
CA ALA H 4041 -22.22 21.37 14.60
C ALA H 4041 -22.31 20.10 15.45
N ARG H 4042 -21.35 19.19 15.28
CA ARG H 4042 -21.35 17.98 16.10
C ARG H 4042 -21.16 18.33 17.57
N GLN H 4043 -20.28 19.28 17.87
CA GLN H 4043 -20.05 19.67 19.26
C GLN H 4043 -21.30 20.30 19.87
N MET H 4044 -22.03 21.12 19.11
CA MET H 4044 -23.27 21.67 19.65
C MET H 4044 -24.36 20.62 19.79
N VAL H 4045 -24.39 19.63 18.90
CA VAL H 4045 -25.32 18.51 19.09
C VAL H 4045 -24.96 17.77 20.37
N ASP H 4046 -23.67 17.54 20.62
CA ASP H 4046 -23.24 16.93 21.87
C ASP H 4046 -23.67 17.79 23.06
N MET H 4047 -23.55 19.11 22.94
CA MET H 4047 -24.03 20.02 23.97
C MET H 4047 -25.50 19.79 24.28
N LEU H 4048 -26.33 19.75 23.25
CA LEU H 4048 -27.75 19.49 23.46
C LEU H 4048 -27.96 18.13 24.12
N VAL H 4049 -27.08 17.17 23.80
CA VAL H 4049 -27.18 15.86 24.44
C VAL H 4049 -26.92 15.96 25.94
N GLU H 4050 -25.82 16.62 26.34
CA GLU H 4050 -25.52 16.70 27.76
C GLU H 4050 -26.55 17.54 28.50
N SER H 4051 -26.99 18.65 27.90
CA SER H 4051 -28.02 19.49 28.50
C SER H 4051 -29.42 19.12 28.03
N SER H 4052 -29.64 17.85 27.70
CA SER H 4052 -30.91 17.42 27.14
C SER H 4052 -32.09 17.84 28.00
N SER H 4053 -32.17 17.32 29.24
CA SER H 4053 -33.36 17.55 30.06
C SER H 4053 -33.72 19.03 30.13
N ASN H 4054 -32.70 19.89 30.23
CA ASN H 4054 -32.93 21.32 30.18
C ASN H 4054 -33.48 21.74 28.82
N VAL H 4055 -32.96 21.15 27.75
CA VAL H 4055 -33.39 21.54 26.40
C VAL H 4055 -34.85 21.15 26.16
N GLU H 4056 -35.21 19.90 26.45
CA GLU H 4056 -36.63 19.53 26.31
C GLU H 4056 -37.50 20.28 27.31
N MET H 4057 -36.92 20.73 28.43
CA MET H 4057 -37.71 21.52 29.37
C MET H 4057 -38.07 22.87 28.78
N ILE H 4058 -37.10 23.56 28.18
CA ILE H 4058 -37.39 24.83 27.51
C ILE H 4058 -38.33 24.63 26.33
N LEU H 4059 -38.10 23.57 25.55
CA LEU H 4059 -38.98 23.28 24.43
C LEU H 4059 -40.40 22.99 24.90
N LYS H 4060 -40.54 22.32 26.05
CA LYS H 4060 -41.84 22.06 26.61
C LYS H 4060 -42.53 23.34 27.03
N PHE H 4061 -41.79 24.24 27.69
CA PHE H 4061 -42.29 25.59 27.94
C PHE H 4061 -42.93 26.17 26.69
N PHE H 4062 -42.14 26.30 25.62
CA PHE H 4062 -42.64 26.97 24.42
C PHE H 4062 -43.81 26.23 23.80
N ASP H 4063 -43.72 24.89 23.70
CA ASP H 4063 -44.75 24.15 23.01
C ASP H 4063 -46.06 24.15 23.78
N MET H 4064 -45.99 24.05 25.11
CA MET H 4064 -47.23 24.05 25.88
C MET H 4064 -47.89 25.42 25.82
N PHE H 4065 -47.10 26.50 25.79
CA PHE H 4065 -47.73 27.82 25.68
C PHE H 4065 -48.34 28.03 24.29
N LEU H 4066 -47.68 27.54 23.24
CA LEU H 4066 -48.29 27.61 21.91
C LEU H 4066 -49.58 26.81 21.86
N LYS H 4067 -49.57 25.61 22.45
CA LYS H 4067 -50.77 24.77 22.47
C LYS H 4067 -51.89 25.45 23.26
N LEU H 4068 -51.55 26.08 24.38
CA LEU H 4068 -52.55 26.81 25.16
C LEU H 4068 -53.15 27.95 24.35
N LYS H 4069 -52.31 28.71 23.64
CA LYS H 4069 -52.82 29.77 22.77
C LYS H 4069 -53.75 29.19 21.72
N ASP H 4070 -53.44 28.00 21.21
CA ASP H 4070 -54.34 27.34 20.28
C ASP H 4070 -55.68 27.00 20.93
N ILE H 4071 -55.64 26.49 22.16
CA ILE H 4071 -56.83 25.88 22.75
C ILE H 4071 -57.76 26.91 23.36
N VAL H 4072 -57.23 28.08 23.75
CA VAL H 4072 -58.11 29.11 24.29
C VAL H 4072 -59.13 29.55 23.24
N GLY H 4073 -58.83 29.29 21.97
CA GLY H 4073 -59.82 29.55 20.93
C GLY H 4073 -60.56 28.29 20.49
N SER H 4074 -60.27 27.16 21.13
CA SER H 4074 -60.84 25.89 20.70
C SER H 4074 -62.32 25.81 21.02
N GLU H 4075 -63.05 25.04 20.19
CA GLU H 4075 -64.50 24.92 20.38
C GLU H 4075 -64.84 24.18 21.66
N ALA H 4076 -64.01 23.21 22.06
CA ALA H 4076 -64.23 22.54 23.33
C ALA H 4076 -64.07 23.51 24.49
N PHE H 4077 -63.07 24.37 24.42
CA PHE H 4077 -62.87 25.39 25.45
C PHE H 4077 -64.07 26.35 25.49
N GLN H 4078 -64.58 26.74 24.31
CA GLN H 4078 -65.75 27.61 24.26
C GLN H 4078 -66.97 26.93 24.87
N ASP H 4079 -67.16 25.64 24.59
CA ASP H 4079 -68.28 24.91 25.18
C ASP H 4079 -68.15 24.83 26.69
N TYR H 4080 -66.93 24.62 27.19
CA TYR H 4080 -66.71 24.58 28.63
C TYR H 4080 -67.00 25.94 29.27
N VAL H 4081 -66.64 27.03 28.58
CA VAL H 4081 -66.98 28.35 29.07
C VAL H 4081 -68.50 28.47 29.20
N THR H 4082 -68.96 28.97 30.35
CA THR H 4082 -70.37 28.97 30.69
C THR H 4082 -70.88 30.30 31.23
N ASP H 4083 -70.13 31.39 31.07
CA ASP H 4083 -70.60 32.66 31.58
C ASP H 4083 -70.55 33.74 30.50
N PRO H 4084 -71.38 34.78 30.63
CA PRO H 4084 -71.29 35.91 29.70
C PRO H 4084 -69.99 36.69 29.81
N ARG H 4085 -69.36 36.69 30.98
CA ARG H 4085 -68.17 37.52 31.19
C ARG H 4085 -67.00 37.06 30.34
N GLY H 4086 -67.02 35.81 29.89
CA GLY H 4086 -65.92 35.24 29.15
C GLY H 4086 -64.80 34.69 30.01
N LEU H 4087 -64.92 34.78 31.33
CA LEU H 4087 -63.94 34.17 32.22
C LEU H 4087 -64.17 32.67 32.31
N ILE H 4088 -63.16 31.94 32.76
CA ILE H 4088 -63.26 30.50 32.97
C ILE H 4088 -62.80 30.18 34.39
N SER H 4089 -63.54 29.30 35.06
CA SER H 4089 -63.18 28.91 36.42
C SER H 4089 -62.06 27.87 36.39
N LYS H 4090 -61.44 27.67 37.56
CA LYS H 4090 -60.30 26.77 37.65
C LYS H 4090 -60.70 25.34 37.31
N LYS H 4091 -61.81 24.86 37.89
CA LYS H 4091 -62.25 23.50 37.61
C LYS H 4091 -62.77 23.37 36.19
N ASP H 4092 -63.39 24.43 35.66
CA ASP H 4092 -63.79 24.42 34.25
C ASP H 4092 -62.59 24.24 33.34
N PHE H 4093 -61.51 24.99 33.61
CA PHE H 4093 -60.30 24.85 32.83
C PHE H 4093 -59.70 23.45 32.98
N GLN H 4094 -59.71 22.92 34.21
CA GLN H 4094 -59.20 21.57 34.43
C GLN H 4094 -59.97 20.54 33.62
N LYS H 4095 -61.30 20.61 33.65
CA LYS H 4095 -62.13 19.67 32.92
C LYS H 4095 -61.92 19.81 31.42
N ALA H 4096 -61.80 21.04 30.92
CA ALA H 4096 -61.54 21.25 29.50
C ALA H 4096 -60.21 20.62 29.09
N MET H 4097 -59.17 20.83 29.89
CA MET H 4097 -57.87 20.25 29.55
C MET H 4097 -57.89 18.73 29.58
N ASP H 4098 -58.51 18.14 30.60
CA ASP H 4098 -58.50 16.68 30.69
C ASP H 4098 -59.40 16.05 29.63
N SER H 4099 -60.43 16.77 29.19
CA SER H 4099 -61.22 16.30 28.06
C SER H 4099 -60.45 16.44 26.75
N GLN H 4100 -59.57 17.44 26.67
CA GLN H 4100 -58.74 17.58 25.48
C GLN H 4100 -57.67 16.50 25.41
N LYS H 4101 -57.19 16.04 26.57
CA LYS H 4101 -56.14 15.01 26.73
C LYS H 4101 -54.80 15.47 26.19
N GLN H 4102 -54.66 16.72 25.76
CA GLN H 4102 -53.42 17.15 25.12
C GLN H 4102 -52.29 17.30 26.13
N PHE H 4103 -52.61 17.69 27.36
CA PHE H 4103 -51.63 17.90 28.41
C PHE H 4103 -51.78 16.81 29.46
N THR H 4104 -50.65 16.25 29.90
CA THR H 4104 -50.68 15.29 30.98
C THR H 4104 -51.02 15.98 32.30
N GLY H 4105 -51.13 15.17 33.36
CA GLY H 4105 -51.48 15.68 34.67
C GLY H 4105 -50.52 16.69 35.25
N PRO H 4106 -49.21 16.38 35.35
CA PRO H 4106 -48.26 17.40 35.80
C PRO H 4106 -48.22 18.63 34.91
N GLU H 4107 -48.41 18.44 33.60
CA GLU H 4107 -48.44 19.58 32.67
C GLU H 4107 -49.63 20.49 32.98
N ILE H 4108 -50.80 19.90 33.24
CA ILE H 4108 -51.97 20.69 33.60
C ILE H 4108 -51.75 21.37 34.95
N GLN H 4109 -51.08 20.69 35.88
CA GLN H 4109 -50.78 21.31 37.16
C GLN H 4109 -49.88 22.53 36.99
N PHE H 4110 -48.87 22.42 36.13
CA PHE H 4110 -47.97 23.56 35.90
C PHE H 4110 -48.70 24.68 35.18
N LEU H 4111 -49.60 24.35 34.26
CA LEU H 4111 -50.43 25.37 33.63
C LEU H 4111 -51.32 26.08 34.64
N LEU H 4112 -51.89 25.31 35.57
CA LEU H 4112 -52.71 25.91 36.64
C LEU H 4112 -51.87 26.85 37.50
N SER H 4113 -50.65 26.43 37.85
CA SER H 4113 -49.77 27.27 38.65
C SER H 4113 -49.40 28.54 37.91
N CYS H 4114 -49.12 28.45 36.61
CA CYS H 4114 -48.81 29.63 35.82
C CYS H 4114 -50.01 30.56 35.72
N SER H 4115 -51.21 29.98 35.58
CA SER H 4115 -52.42 30.78 35.48
C SER H 4115 -52.64 31.61 36.74
N GLU H 4116 -53.00 32.87 36.55
CA GLU H 4116 -53.26 33.75 37.69
C GLU H 4116 -54.55 33.29 38.38
N ALA H 4117 -54.39 32.57 39.49
CA ALA H 4117 -55.51 31.98 40.21
C ALA H 4117 -56.14 33.03 41.10
N ASP H 4118 -57.30 33.52 40.70
CA ASP H 4118 -58.04 34.49 41.50
C ASP H 4118 -58.57 33.82 42.76
N GLU H 4119 -58.99 34.66 43.73
CA GLU H 4119 -59.54 34.13 44.96
C GLU H 4119 -60.83 33.35 44.69
N ASN H 4120 -61.63 33.82 43.74
CA ASN H 4120 -62.80 33.04 43.32
C ASN H 4120 -62.41 31.96 42.32
N GLU H 4121 -61.12 31.84 42.03
CA GLU H 4121 -60.59 30.85 41.10
C GLU H 4121 -61.18 31.04 39.70
N MET H 4122 -61.34 32.29 39.29
CA MET H 4122 -61.96 32.58 37.99
C MET H 4122 -60.95 33.29 37.10
N ILE H 4123 -60.77 32.79 35.87
CA ILE H 4123 -59.59 33.12 35.08
C ILE H 4123 -60.00 33.67 33.72
N ASN H 4124 -59.29 34.71 33.26
CA ASN H 4124 -59.42 35.22 31.90
C ASN H 4124 -58.40 34.54 31.00
N PHE H 4125 -58.82 33.46 30.33
CA PHE H 4125 -57.90 32.68 29.51
C PHE H 4125 -57.37 33.51 28.34
N GLU H 4126 -58.16 34.48 27.86
CA GLU H 4126 -57.69 35.34 26.77
C GLU H 4126 -56.38 36.02 27.13
N GLU H 4127 -56.39 36.86 28.18
CA GLU H 4127 -55.17 37.57 28.55
C GLU H 4127 -54.11 36.60 29.07
N PHE H 4128 -54.53 35.53 29.76
CA PHE H 4128 -53.54 34.59 30.27
C PHE H 4128 -52.73 33.97 29.14
N ALA H 4129 -53.38 33.57 28.05
CA ALA H 4129 -52.66 33.01 26.92
C ALA H 4129 -51.91 34.09 26.15
N ASN H 4130 -52.51 35.28 26.02
CA ASN H 4130 -51.92 36.29 25.14
C ASN H 4130 -50.69 36.94 25.76
N ARG H 4131 -50.57 36.93 27.08
CA ARG H 4131 -49.46 37.65 27.72
C ARG H 4131 -48.11 37.03 27.37
N PHE H 4132 -48.04 35.70 27.27
CA PHE H 4132 -46.75 35.05 27.08
C PHE H 4132 -46.33 35.01 25.62
N GLN H 4133 -47.30 35.06 24.71
CA GLN H 4133 -47.00 34.75 23.31
C GLN H 4133 -46.10 35.80 22.66
N GLU H 4134 -46.38 37.08 22.87
CA GLU H 4134 -45.59 38.11 22.22
C GLU H 4134 -44.12 38.10 22.64
N PRO H 4135 -43.76 38.06 23.92
CA PRO H 4135 -42.33 37.97 24.27
C PRO H 4135 -41.66 36.70 23.76
N ALA H 4136 -42.41 35.60 23.68
CA ALA H 4136 -41.80 34.31 23.40
C ALA H 4136 -41.66 34.06 21.90
N ARG H 4137 -42.04 35.03 21.09
CA ARG H 4137 -42.04 34.81 19.64
C ARG H 4137 -40.63 34.60 19.09
N ASP H 4138 -39.78 35.62 19.15
CA ASP H 4138 -38.53 35.57 18.39
C ASP H 4138 -37.49 34.71 19.07
N ILE H 4139 -37.62 34.48 20.38
CA ILE H 4139 -36.87 33.39 21.01
C ILE H 4139 -37.31 32.04 20.46
N GLY H 4140 -38.62 31.83 20.31
CA GLY H 4140 -39.07 30.61 19.67
C GLY H 4140 -38.57 30.49 18.25
N PHE H 4141 -38.57 31.62 17.53
CA PHE H 4141 -38.07 31.61 16.16
C PHE H 4141 -36.59 31.26 16.10
N ASN H 4142 -35.79 31.84 17.00
CA ASN H 4142 -34.36 31.54 16.99
C ASN H 4142 -34.09 30.08 17.37
N VAL H 4143 -34.83 29.56 18.33
CA VAL H 4143 -34.69 28.14 18.69
C VAL H 4143 -35.05 27.26 17.50
N ALA H 4144 -36.15 27.61 16.80
CA ALA H 4144 -36.55 26.83 15.64
C ALA H 4144 -35.49 26.90 14.54
N VAL H 4145 -34.91 28.07 14.32
CA VAL H 4145 -33.87 28.22 13.29
C VAL H 4145 -32.65 27.37 13.66
N LEU H 4146 -32.23 27.42 14.92
CA LEU H 4146 -31.08 26.62 15.34
C LEU H 4146 -31.36 25.13 15.14
N LEU H 4147 -32.53 24.67 15.58
CA LEU H 4147 -32.86 23.26 15.45
C LEU H 4147 -32.95 22.84 13.99
N THR H 4148 -33.53 23.69 13.14
CA THR H 4148 -33.67 23.34 11.72
C THR H 4148 -32.32 23.31 11.03
N ASN H 4149 -31.46 24.29 11.34
CA ASN H 4149 -30.10 24.29 10.78
C ASN H 4149 -29.34 23.05 11.19
N LEU H 4150 -29.41 22.67 12.47
CA LEU H 4150 -28.75 21.45 12.91
C LEU H 4150 -29.35 20.22 12.24
N SER H 4151 -30.68 20.20 12.06
CA SER H 4151 -31.34 19.07 11.43
C SER H 4151 -30.85 18.86 10.01
N GLU H 4152 -30.71 19.95 9.24
CA GLU H 4152 -30.23 19.79 7.88
C GLU H 4152 -28.74 19.49 7.83
N HIS H 4153 -27.94 20.14 8.70
CA HIS H 4153 -26.49 20.01 8.58
C HIS H 4153 -25.98 18.68 9.12
N VAL H 4154 -26.63 18.13 10.14
CA VAL H 4154 -26.28 16.81 10.66
C VAL H 4154 -27.46 15.89 10.37
N PRO H 4155 -27.40 15.10 9.28
CA PRO H 4155 -28.61 14.38 8.86
C PRO H 4155 -28.96 13.18 9.74
N HIS H 4156 -27.97 12.55 10.36
CA HIS H 4156 -28.18 11.29 11.08
C HIS H 4156 -27.80 11.47 12.56
N ASP H 4157 -28.81 11.75 13.39
CA ASP H 4157 -28.65 11.86 14.83
C ASP H 4157 -30.00 11.62 15.51
N PRO H 4158 -30.25 10.44 16.07
CA PRO H 4158 -31.56 10.20 16.72
C PRO H 4158 -31.81 11.11 17.92
N ARG H 4159 -30.76 11.58 18.59
CA ARG H 4159 -30.97 12.58 19.63
C ARG H 4159 -31.53 13.86 19.05
N LEU H 4160 -30.99 14.30 17.90
CA LEU H 4160 -31.57 15.44 17.22
C LEU H 4160 -32.99 15.15 16.75
N ARG H 4161 -33.26 13.89 16.37
CA ARG H 4161 -34.63 13.47 16.10
C ARG H 4161 -35.55 13.75 17.28
N ASN H 4162 -35.15 13.32 18.48
CA ASN H 4162 -36.04 13.49 19.63
C ASN H 4162 -36.22 14.96 19.98
N PHE H 4163 -35.14 15.75 19.85
CA PHE H 4163 -35.28 17.19 20.03
C PHE H 4163 -36.31 17.77 19.07
N LEU H 4164 -36.20 17.43 17.78
CA LEU H 4164 -37.15 17.96 16.80
C LEU H 4164 -38.56 17.48 17.08
N GLU H 4165 -38.72 16.21 17.47
CA GLU H 4165 -40.05 15.67 17.75
C GLU H 4165 -40.71 16.40 18.91
N LEU H 4166 -39.95 16.69 19.96
CA LEU H 4166 -40.54 17.41 21.09
C LEU H 4166 -40.70 18.89 20.77
N ALA H 4167 -39.99 19.40 19.78
CA ALA H 4167 -40.12 20.79 19.37
C ALA H 4167 -40.91 20.97 18.08
N GLU H 4168 -41.71 19.98 17.68
CA GLU H 4168 -42.43 20.07 16.40
C GLU H 4168 -43.38 21.27 16.37
N SER H 4169 -44.12 21.49 17.47
CA SER H 4169 -45.15 22.53 17.45
C SER H 4169 -44.55 23.91 17.26
N ILE H 4170 -43.38 24.17 17.85
CA ILE H 4170 -42.69 25.44 17.59
C ILE H 4170 -42.29 25.51 16.11
N LEU H 4171 -41.70 24.43 15.59
CA LEU H 4171 -41.31 24.40 14.18
C LEU H 4171 -42.53 24.48 13.29
N GLU H 4172 -43.64 23.86 13.69
CA GLU H 4172 -44.85 23.90 12.88
C GLU H 4172 -45.47 25.29 12.88
N TYR H 4173 -45.40 25.99 14.01
CA TYR H 4173 -45.97 27.33 14.08
C TYR H 4173 -45.13 28.34 13.32
N PHE H 4174 -43.81 28.24 13.43
CA PHE H 4174 -42.91 29.12 12.70
C PHE H 4174 -42.61 28.60 11.30
N ARG H 4175 -43.27 27.52 10.90
CA ARG H 4175 -43.12 26.99 9.54
C ARG H 4175 -43.36 28.08 8.47
N PRO H 4176 -44.43 28.89 8.52
CA PRO H 4176 -44.59 29.91 7.47
C PRO H 4176 -43.55 31.01 7.52
N TYR H 4177 -43.18 31.47 8.72
CA TYR H 4177 -42.36 32.67 8.82
C TYR H 4177 -40.88 32.37 8.63
N LEU H 4178 -40.50 31.09 8.69
CA LEU H 4178 -39.11 30.74 8.43
C LEU H 4178 -38.85 30.84 6.93
N GLY H 4179 -37.77 31.53 6.57
CA GLY H 4179 -37.38 31.63 5.17
C GLY H 4179 -35.97 31.13 4.96
N ARG H 4180 -35.80 30.23 3.99
CA ARG H 4180 -34.52 29.59 3.75
C ARG H 4180 -34.13 29.80 2.30
N ILE H 4181 -32.91 30.29 2.08
CA ILE H 4181 -32.36 30.48 0.75
C ILE H 4181 -31.00 29.81 0.68
N GLU H 4182 -30.47 29.70 -0.52
CA GLU H 4182 -29.14 29.12 -0.76
C GLU H 4182 -28.31 30.13 -1.55
N ILE H 4183 -27.07 30.37 -1.08
CA ILE H 4183 -26.22 31.41 -1.66
C ILE H 4183 -24.85 30.83 -1.96
N MET H 4184 -24.12 31.57 -2.79
CA MET H 4184 -22.79 31.23 -3.25
C MET H 4184 -21.75 31.83 -2.30
N GLY H 4185 -21.19 30.98 -1.45
CA GLY H 4185 -20.40 31.49 -0.34
C GLY H 4185 -19.02 32.01 -0.72
N ALA H 4186 -18.37 32.64 0.26
CA ALA H 4186 -16.99 33.07 0.09
C ALA H 4186 -16.06 31.88 -0.11
N SER H 4187 -16.42 30.74 0.48
CA SER H 4187 -15.65 29.52 0.24
C SER H 4187 -16.05 28.89 -1.10
N ARG H 4188 -16.87 29.60 -1.87
CA ARG H 4188 -17.33 29.18 -3.19
C ARG H 4188 -18.14 27.88 -3.11
N ARG H 4189 -18.81 27.65 -1.99
CA ARG H 4189 -19.68 26.51 -1.83
C ARG H 4189 -21.04 26.94 -1.30
N ILE H 4190 -22.07 26.16 -1.61
CA ILE H 4190 -23.45 26.54 -1.32
C ILE H 4190 -23.67 26.62 0.19
N GLU H 4191 -24.30 27.71 0.63
CA GLU H 4191 -24.64 27.87 2.04
C GLU H 4191 -26.11 28.25 2.17
N ARG H 4192 -26.77 27.66 3.16
CA ARG H 4192 -28.18 27.95 3.43
C ARG H 4192 -28.30 29.03 4.49
N ILE H 4193 -29.13 30.03 4.20
CA ILE H 4193 -29.39 31.17 5.07
C ILE H 4193 -30.83 31.10 5.53
N TYR H 4194 -31.05 31.29 6.84
CA TYR H 4194 -32.38 31.30 7.43
C TYR H 4194 -32.67 32.69 7.97
N PHE H 4195 -33.90 33.14 7.80
CA PHE H 4195 -34.30 34.48 8.21
C PHE H 4195 -35.80 34.51 8.51
N GLU H 4196 -36.25 35.63 9.06
CA GLU H 4196 -37.65 35.78 9.43
C GLU H 4196 -38.42 36.55 8.36
N ILE H 4197 -39.65 36.11 8.12
CA ILE H 4197 -40.55 36.73 7.16
C ILE H 4197 -41.77 37.23 7.92
N SER H 4198 -42.06 38.52 7.80
CA SER H 4198 -43.16 39.10 8.56
C SER H 4198 -44.49 38.82 7.90
N GLU H 4199 -45.54 38.75 8.73
CA GLU H 4199 -46.88 38.50 8.22
C GLU H 4199 -47.32 39.59 7.27
N THR H 4200 -46.98 40.85 7.57
CA THR H 4200 -47.31 41.95 6.68
C THR H 4200 -46.63 41.78 5.33
N ASN H 4201 -45.34 41.40 5.33
CA ASN H 4201 -44.63 41.20 4.08
C ASN H 4201 -45.27 40.08 3.26
N ARG H 4202 -45.65 38.98 3.91
CA ARG H 4202 -46.28 37.89 3.18
C ARG H 4202 -47.65 38.31 2.63
N ALA H 4203 -48.41 39.06 3.41
CA ALA H 4203 -49.70 39.55 2.93
C ALA H 4203 -49.52 40.45 1.71
N GLN H 4204 -48.52 41.33 1.74
CA GLN H 4204 -48.24 42.18 0.59
C GLN H 4204 -47.81 41.36 -0.62
N TRP H 4205 -47.02 40.30 -0.39
CA TRP H 4205 -46.55 39.49 -1.51
C TRP H 4205 -47.68 38.72 -2.18
N GLU H 4206 -48.56 38.10 -1.38
CA GLU H 4206 -49.71 37.42 -1.98
C GLU H 4206 -50.91 38.35 -2.13
N MET H 4207 -50.69 39.65 -2.09
CA MET H 4207 -51.68 40.58 -2.64
C MET H 4207 -51.80 40.33 -4.14
N PRO H 4208 -53.02 40.16 -4.67
CA PRO H 4208 -53.16 39.54 -6.00
C PRO H 4208 -52.48 40.26 -7.15
N GLN H 4209 -52.47 41.60 -7.18
CA GLN H 4209 -51.86 42.26 -8.34
C GLN H 4209 -50.34 42.15 -8.29
N VAL H 4210 -49.77 41.96 -7.10
CA VAL H 4210 -48.36 41.63 -7.01
C VAL H 4210 -48.10 40.29 -7.68
N LYS H 4211 -49.00 39.32 -7.46
CA LYS H 4211 -48.90 38.03 -8.15
C LYS H 4211 -49.05 38.20 -9.65
N GLU H 4212 -49.94 39.11 -10.09
CA GLU H 4212 -50.08 39.38 -11.51
C GLU H 4212 -48.78 39.90 -12.11
N SER H 4213 -48.16 40.87 -11.44
CA SER H 4213 -46.89 41.40 -11.91
C SER H 4213 -45.81 40.32 -11.91
N LYS H 4214 -45.83 39.45 -10.91
CA LYS H 4214 -44.88 38.34 -10.87
C LYS H 4214 -45.05 37.42 -12.08
N ARG H 4215 -46.29 37.08 -12.41
CA ARG H 4215 -46.52 36.23 -13.57
C ARG H 4215 -46.10 36.91 -14.87
N GLN H 4216 -46.40 38.20 -15.01
CA GLN H 4216 -45.95 38.93 -16.21
C GLN H 4216 -44.43 38.93 -16.31
N PHE H 4217 -43.74 39.19 -15.20
CA PHE H 4217 -42.28 39.18 -15.22
C PHE H 4217 -41.75 37.81 -15.57
N ILE H 4218 -42.34 36.75 -15.01
CA ILE H 4218 -41.89 35.40 -15.31
C ILE H 4218 -42.06 35.11 -16.79
N PHE H 4219 -43.22 35.47 -17.35
CA PHE H 4219 -43.45 35.27 -18.77
C PHE H 4219 -42.37 35.97 -19.60
N ASP H 4220 -42.13 37.25 -19.33
CA ASP H 4220 -41.16 38.00 -20.13
C ASP H 4220 -39.75 37.44 -19.98
N VAL H 4221 -39.35 37.11 -18.75
CA VAL H 4221 -37.97 36.70 -18.52
C VAL H 4221 -37.71 35.30 -19.10
N VAL H 4222 -38.71 34.42 -19.05
CA VAL H 4222 -38.55 33.12 -19.69
C VAL H 4222 -38.57 33.28 -21.21
N ASN H 4223 -39.32 34.25 -21.72
CA ASN H 4223 -39.43 34.41 -23.16
C ASN H 4223 -38.16 34.97 -23.77
N GLU H 4224 -37.57 36.01 -23.17
CA GLU H 4224 -36.40 36.64 -23.79
C GLU H 4224 -35.31 36.95 -22.76
N GLY H 4225 -35.00 36.00 -21.89
CA GLY H 4225 -34.06 36.21 -20.81
C GLY H 4225 -32.82 35.34 -20.93
N GLY H 4226 -31.65 35.99 -20.95
CA GLY H 4226 -30.40 35.28 -20.74
C GLY H 4226 -30.09 35.20 -19.25
N GLU H 4227 -29.33 34.18 -18.87
CA GLU H 4227 -29.25 33.77 -17.46
C GLU H 4227 -28.74 34.90 -16.57
N ALA H 4228 -27.63 35.55 -16.95
CA ALA H 4228 -27.17 36.69 -16.16
C ALA H 4228 -28.15 37.85 -16.26
N GLU H 4229 -28.63 38.14 -17.47
CA GLU H 4229 -29.69 39.11 -17.64
C GLU H 4229 -30.95 38.66 -16.90
N LYS H 4230 -31.16 37.36 -16.78
CA LYS H 4230 -32.28 36.83 -16.02
C LYS H 4230 -32.18 37.22 -14.55
N MET H 4231 -31.00 37.03 -13.93
CA MET H 4231 -30.81 37.44 -12.55
C MET H 4231 -30.94 38.95 -12.39
N GLU H 4232 -30.38 39.70 -13.34
CA GLU H 4232 -30.46 41.16 -13.27
C GLU H 4232 -31.91 41.65 -13.33
N LEU H 4233 -32.69 41.08 -14.26
CA LEU H 4233 -34.10 41.44 -14.36
C LEU H 4233 -34.86 40.97 -13.14
N PHE H 4234 -34.45 39.86 -12.54
CA PHE H 4234 -35.08 39.42 -11.30
C PHE H 4234 -34.87 40.43 -10.18
N VAL H 4235 -33.65 40.95 -10.04
CA VAL H 4235 -33.39 41.94 -9.00
C VAL H 4235 -34.17 43.22 -9.27
N SER H 4236 -34.19 43.65 -10.54
CA SER H 4236 -34.97 44.83 -10.89
C SER H 4236 -36.46 44.64 -10.59
N PHE H 4237 -36.98 43.45 -10.92
CA PHE H 4237 -38.37 43.13 -10.63
C PHE H 4237 -38.64 43.14 -9.13
N CYS H 4238 -37.69 42.62 -8.35
CA CYS H 4238 -37.82 42.69 -6.90
C CYS H 4238 -37.93 44.12 -6.41
N GLU H 4239 -37.07 45.00 -6.92
CA GLU H 4239 -37.14 46.40 -6.52
C GLU H 4239 -38.47 47.04 -6.92
N ASP H 4240 -38.94 46.75 -8.13
CA ASP H 4240 -40.23 47.29 -8.57
C ASP H 4240 -41.36 46.79 -7.68
N THR H 4241 -41.32 45.51 -7.29
CA THR H 4241 -42.35 44.98 -6.40
C THR H 4241 -42.31 45.66 -5.04
N ILE H 4242 -41.12 45.93 -4.52
CA ILE H 4242 -41.03 46.62 -3.24
C ILE H 4242 -41.65 48.01 -3.35
N PHE H 4243 -41.37 48.71 -4.44
CA PHE H 4243 -42.00 50.03 -4.63
C PHE H 4243 -43.51 49.91 -4.73
N GLU H 4244 -44.00 48.86 -5.41
CA GLU H 4244 -45.43 48.62 -5.47
C GLU H 4244 -46.02 48.33 -4.10
N MET H 4245 -45.28 47.62 -3.25
CA MET H 4245 -45.76 47.41 -1.89
C MET H 4245 -45.86 48.72 -1.12
N GLN H 4246 -44.89 49.62 -1.29
CA GLN H 4246 -45.03 50.94 -0.69
C GLN H 4246 -46.27 51.65 -1.20
N ILE H 4247 -46.49 51.63 -2.51
CA ILE H 4247 -47.64 52.31 -3.10
C ILE H 4247 -48.94 51.73 -2.54
N ALA H 4248 -49.03 50.41 -2.47
CA ALA H 4248 -50.21 49.77 -1.89
C ALA H 4248 -50.38 50.14 -0.43
N ALA H 4249 -49.27 50.31 0.29
CA ALA H 4249 -49.36 50.73 1.69
C ALA H 4249 -49.97 52.12 1.81
N GLN H 4250 -49.56 53.06 0.94
CA GLN H 4250 -50.17 54.38 1.00
C GLN H 4250 -51.64 54.33 0.59
N ILE H 4251 -51.98 53.55 -0.44
CA ILE H 4251 -53.34 53.59 -0.96
C ILE H 4251 -54.28 52.79 -0.05
N SER H 4252 -53.72 51.98 0.85
CA SER H 4252 -54.54 51.12 1.70
C SER H 4252 -55.43 51.97 2.62
N GLU H 4253 -56.66 51.51 2.80
CA GLU H 4253 -57.60 52.23 3.66
C GLU H 4253 -57.19 52.08 5.12
N PRO H 4254 -57.27 53.17 5.91
CA PRO H 4254 -56.99 53.13 7.34
C PRO H 4254 -58.19 52.65 8.16
N PHE H 4540 -58.70 74.71 7.28
CA PHE H 4540 -59.87 74.37 6.48
C PHE H 4540 -59.42 73.73 5.17
N TRP H 4541 -58.39 74.33 4.56
CA TRP H 4541 -57.80 73.73 3.37
C TRP H 4541 -57.19 72.37 3.70
N GLY H 4542 -56.72 72.19 4.94
CA GLY H 4542 -56.25 70.88 5.35
C GLY H 4542 -57.35 69.84 5.42
N GLU H 4543 -58.53 70.23 5.93
CA GLU H 4543 -59.62 69.28 6.03
C GLU H 4543 -60.27 69.06 4.66
N LEU H 4544 -60.02 69.96 3.71
CA LEU H 4544 -60.36 69.66 2.32
C LEU H 4544 -59.33 68.73 1.69
N GLU H 4545 -58.06 68.91 2.07
CA GLU H 4545 -56.98 68.08 1.52
C GLU H 4545 -57.13 66.62 1.95
N VAL H 4546 -57.52 66.39 3.21
CA VAL H 4546 -57.73 65.03 3.67
C VAL H 4546 -58.83 64.35 2.86
N GLN H 4547 -59.90 65.10 2.56
CA GLN H 4547 -60.96 64.56 1.71
C GLN H 4547 -60.44 64.26 0.31
N ARG H 4548 -59.61 65.16 -0.24
CA ARG H 4548 -59.11 64.94 -1.60
C ARG H 4548 -58.22 63.71 -1.66
N VAL H 4549 -57.35 63.51 -0.67
CA VAL H 4549 -56.49 62.34 -0.69
C VAL H 4549 -57.30 61.07 -0.43
N LYS H 4550 -58.35 61.17 0.39
CA LYS H 4550 -59.25 60.02 0.55
C LYS H 4550 -59.92 59.65 -0.78
N PHE H 4551 -60.36 60.66 -1.52
CA PHE H 4551 -60.97 60.42 -2.84
C PHE H 4551 -59.98 59.79 -3.80
N LEU H 4552 -58.74 60.29 -3.80
CA LEU H 4552 -57.70 59.72 -4.67
C LEU H 4552 -57.40 58.28 -4.29
N ASN H 4553 -57.35 57.98 -2.99
CA ASN H 4553 -57.14 56.61 -2.54
C ASN H 4553 -58.30 55.71 -2.96
N TYR H 4554 -59.52 56.24 -2.87
CA TYR H 4554 -60.69 55.50 -3.35
C TYR H 4554 -60.54 55.12 -4.82
N LEU H 4555 -60.18 56.10 -5.66
CA LEU H 4555 -59.99 55.81 -7.08
C LEU H 4555 -58.86 54.81 -7.30
N SER H 4556 -57.76 54.97 -6.57
CA SER H 4556 -56.62 54.07 -6.75
C SER H 4556 -56.99 52.64 -6.39
N ARG H 4557 -57.75 52.45 -5.31
CA ARG H 4557 -58.13 51.10 -4.92
C ARG H 4557 -59.16 50.51 -5.88
N ASN H 4558 -60.16 51.30 -6.28
CA ASN H 4558 -61.25 50.80 -7.11
C ASN H 4558 -61.04 51.10 -8.59
N PHE H 4559 -59.81 51.24 -9.04
CA PHE H 4559 -59.55 51.53 -10.45
C PHE H 4559 -60.04 50.41 -11.36
N TYR H 4560 -59.77 49.15 -11.00
CA TYR H 4560 -60.10 48.04 -11.90
C TYR H 4560 -61.60 47.87 -12.05
N THR H 4561 -62.34 47.88 -10.94
CA THR H 4561 -63.79 47.78 -11.01
C THR H 4561 -64.38 48.97 -11.76
N LEU H 4562 -63.73 50.13 -11.64
CA LEU H 4562 -64.17 51.31 -12.39
C LEU H 4562 -64.03 51.08 -13.89
N ARG H 4563 -62.92 50.45 -14.31
CA ARG H 4563 -62.73 50.13 -15.72
C ARG H 4563 -63.78 49.12 -16.19
N PHE H 4564 -64.08 48.13 -15.36
CA PHE H 4564 -65.12 47.15 -15.71
C PHE H 4564 -66.47 47.83 -15.87
N LEU H 4565 -66.80 48.75 -14.96
CA LEU H 4565 -68.06 49.48 -15.07
C LEU H 4565 -68.09 50.35 -16.32
N ALA H 4566 -66.96 50.95 -16.68
CA ALA H 4566 -66.89 51.73 -17.91
C ALA H 4566 -67.17 50.86 -19.12
N LEU H 4567 -66.58 49.67 -19.17
CA LEU H 4567 -66.81 48.77 -20.30
C LEU H 4567 -68.26 48.32 -20.36
N PHE H 4568 -68.86 47.99 -19.21
CA PHE H 4568 -70.26 47.61 -19.17
C PHE H 4568 -71.16 48.75 -19.65
N LEU H 4569 -70.87 49.97 -19.21
CA LEU H 4569 -71.67 51.11 -19.61
C LEU H 4569 -71.54 51.37 -21.10
N ALA H 4570 -70.34 51.17 -21.65
CA ALA H 4570 -70.16 51.29 -23.08
C ALA H 4570 -71.00 50.26 -23.83
N PHE H 4571 -71.04 49.02 -23.33
CA PHE H 4571 -71.88 48.01 -23.96
C PHE H 4571 -73.34 48.40 -23.92
N ALA H 4572 -73.82 48.91 -22.78
CA ALA H 4572 -75.22 49.30 -22.67
C ALA H 4572 -75.55 50.46 -23.60
N ILE H 4573 -74.65 51.45 -23.67
CA ILE H 4573 -74.85 52.58 -24.59
C ILE H 4573 -74.89 52.09 -26.02
N ASN H 4574 -74.04 51.11 -26.36
CA ASN H 4574 -74.02 50.60 -27.73
C ASN H 4574 -75.30 49.83 -28.05
N PHE H 4575 -75.87 49.16 -27.05
CA PHE H 4575 -77.14 48.46 -27.24
C PHE H 4575 -78.28 49.45 -27.50
N ILE H 4576 -78.33 50.51 -26.70
CA ILE H 4576 -79.33 51.56 -26.94
C ILE H 4576 -79.13 52.18 -28.31
N LEU H 4577 -77.87 52.38 -28.72
CA LEU H 4577 -77.59 52.87 -30.06
C LEU H 4577 -78.06 51.89 -31.13
N LEU H 4578 -77.89 50.59 -30.87
CA LEU H 4578 -78.31 49.54 -31.77
C LEU H 4578 -79.80 49.58 -32.06
N PHE H 4579 -80.59 50.06 -31.10
CA PHE H 4579 -82.04 50.20 -31.35
C PHE H 4579 -82.44 51.48 -32.09
N TYR H 4580 -81.58 52.04 -32.94
CA TYR H 4580 -81.98 53.20 -33.74
C TYR H 4580 -82.81 52.83 -34.96
N LYS H 4581 -83.25 53.88 -35.68
CA LYS H 4581 -84.06 53.77 -36.90
C LYS H 4581 -83.93 55.10 -37.64
N VAL H 4582 -84.14 55.08 -38.96
CA VAL H 4582 -84.09 56.29 -39.76
C VAL H 4582 -85.30 56.34 -40.69
N SER H 4583 -85.83 57.54 -40.90
CA SER H 4583 -86.87 57.78 -41.89
C SER H 4583 -86.70 59.19 -42.43
N ASP H 4584 -87.24 59.42 -43.64
CA ASP H 4584 -87.13 60.74 -44.24
C ASP H 4584 -88.02 61.75 -43.53
N SER H 4585 -89.10 61.29 -42.90
CA SER H 4585 -90.00 62.19 -42.22
C SER H 4585 -89.43 62.62 -40.88
N PRO H 4586 -89.79 63.82 -40.40
CA PRO H 4586 -89.36 64.22 -39.06
C PRO H 4586 -89.98 63.34 -38.01
N PRO H 4587 -89.33 63.17 -36.84
CA PRO H 4587 -89.84 62.32 -35.76
C PRO H 4587 -91.20 62.79 -35.23
N ASN H 4626 -84.21 65.20 -50.08
CA ASN H 4626 -84.77 65.44 -48.76
C ASN H 4626 -83.73 65.11 -47.69
N MET H 4627 -84.04 65.49 -46.44
CA MET H 4627 -83.11 65.38 -45.33
C MET H 4627 -83.65 64.33 -44.36
N VAL H 4628 -82.83 63.33 -44.05
CA VAL H 4628 -83.27 62.19 -43.26
C VAL H 4628 -82.95 62.39 -41.78
N TYR H 4629 -83.80 61.84 -40.93
CA TYR H 4629 -83.74 62.06 -39.48
C TYR H 4629 -83.35 60.77 -38.78
N TYR H 4630 -82.33 60.85 -37.93
CA TYR H 4630 -81.89 59.73 -37.10
C TYR H 4630 -82.57 59.83 -35.75
N PHE H 4631 -83.50 58.93 -35.48
CA PHE H 4631 -84.27 58.95 -34.23
C PHE H 4631 -84.54 57.53 -33.78
N LEU H 4632 -84.33 57.28 -32.49
CA LEU H 4632 -84.63 55.97 -31.92
C LEU H 4632 -86.14 55.77 -31.84
N GLU H 4633 -86.58 54.53 -32.06
CA GLU H 4633 -87.98 54.15 -31.95
C GLU H 4633 -88.12 53.10 -30.86
N GLU H 4634 -88.98 53.37 -29.88
CA GLU H 4634 -89.29 52.42 -28.82
C GLU H 4634 -90.75 52.56 -28.43
N SER H 4635 -91.22 51.60 -27.63
CA SER H 4635 -92.56 51.72 -27.06
C SER H 4635 -92.51 52.42 -25.70
N THR H 4636 -91.42 52.23 -24.95
CA THR H 4636 -91.34 52.79 -23.61
C THR H 4636 -91.14 54.30 -23.63
N GLY H 4637 -90.24 54.78 -24.50
CA GLY H 4637 -89.87 56.18 -24.50
C GLY H 4637 -88.80 56.57 -23.50
N TYR H 4638 -88.07 55.59 -22.94
CA TYR H 4638 -87.11 55.89 -21.88
C TYR H 4638 -85.70 56.03 -22.42
N MET H 4639 -85.40 55.40 -23.57
CA MET H 4639 -84.01 55.27 -24.01
C MET H 4639 -83.39 56.62 -24.37
N GLU H 4640 -84.17 57.51 -24.99
CA GLU H 4640 -83.62 58.82 -25.33
C GLU H 4640 -83.11 59.58 -24.10
N PRO H 4641 -83.83 59.66 -22.98
CA PRO H 4641 -83.18 60.14 -21.75
C PRO H 4641 -82.13 59.18 -21.22
N ALA H 4642 -82.39 57.88 -21.33
CA ALA H 4642 -81.48 56.89 -20.77
C ALA H 4642 -80.13 56.92 -21.46
N LEU H 4643 -80.13 57.07 -22.80
CA LEU H 4643 -78.86 57.16 -23.52
C LEU H 4643 -78.06 58.38 -23.08
N TRP H 4644 -78.73 59.51 -22.89
CA TRP H 4644 -78.06 60.71 -22.40
C TRP H 4644 -77.43 60.48 -21.04
N CYS H 4645 -78.21 59.94 -20.10
CA CYS H 4645 -77.67 59.71 -18.76
C CYS H 4645 -76.51 58.72 -18.79
N LEU H 4646 -76.63 57.65 -19.57
CA LEU H 4646 -75.57 56.66 -19.63
C LEU H 4646 -74.31 57.22 -20.27
N SER H 4647 -74.47 58.07 -21.29
CA SER H 4647 -73.30 58.71 -21.90
C SER H 4647 -72.59 59.63 -20.93
N LEU H 4648 -73.36 60.43 -20.17
CA LEU H 4648 -72.75 61.30 -19.18
C LEU H 4648 -72.02 60.48 -18.11
N LEU H 4649 -72.64 59.42 -17.63
CA LEU H 4649 -72.00 58.56 -16.64
C LEU H 4649 -70.75 57.91 -17.20
N HIS H 4650 -70.79 57.50 -18.46
CA HIS H 4650 -69.63 56.88 -19.10
C HIS H 4650 -68.46 57.86 -19.17
N THR H 4651 -68.74 59.11 -19.56
CA THR H 4651 -67.67 60.10 -19.62
C THR H 4651 -67.09 60.39 -18.24
N LEU H 4652 -67.96 60.50 -17.23
CA LEU H 4652 -67.48 60.75 -15.87
C LEU H 4652 -66.64 59.58 -15.36
N VAL H 4653 -67.09 58.35 -15.64
CA VAL H 4653 -66.35 57.17 -15.21
C VAL H 4653 -65.00 57.10 -15.92
N ALA H 4654 -64.97 57.47 -17.20
CA ALA H 4654 -63.70 57.48 -17.92
C ALA H 4654 -62.74 58.51 -17.35
N PHE H 4655 -63.24 59.69 -16.97
CA PHE H 4655 -62.36 60.69 -16.36
C PHE H 4655 -61.82 60.19 -15.02
N LEU H 4656 -62.70 59.56 -14.22
CA LEU H 4656 -62.24 58.94 -12.99
C LEU H 4656 -61.19 57.87 -13.27
N CYS H 4657 -61.35 57.14 -14.37
CA CYS H 4657 -60.36 56.15 -14.79
C CYS H 4657 -59.02 56.80 -15.09
N ILE H 4658 -59.05 57.96 -15.77
CA ILE H 4658 -57.82 58.69 -16.05
C ILE H 4658 -57.10 59.02 -14.75
N ILE H 4659 -57.84 59.63 -13.80
CA ILE H 4659 -57.21 60.04 -12.55
C ILE H 4659 -56.70 58.84 -11.77
N GLY H 4660 -57.49 57.77 -11.72
CA GLY H 4660 -57.08 56.58 -10.99
C GLY H 4660 -55.86 55.92 -11.57
N TYR H 4661 -55.83 55.76 -12.90
CA TYR H 4661 -54.65 55.20 -13.55
C TYR H 4661 -53.42 56.04 -13.27
N ASN H 4662 -53.55 57.36 -13.38
CA ASN H 4662 -52.42 58.23 -13.06
C ASN H 4662 -51.93 57.94 -11.64
N CYS H 4663 -52.79 58.18 -10.65
CA CYS H 4663 -52.37 58.11 -9.25
C CYS H 4663 -51.89 56.71 -8.88
N LEU H 4664 -52.32 55.68 -9.62
CA LEU H 4664 -51.96 54.33 -9.25
C LEU H 4664 -50.65 53.88 -9.89
N LYS H 4665 -50.50 54.11 -11.19
CA LYS H 4665 -49.40 53.49 -11.94
C LYS H 4665 -48.36 54.46 -12.49
N VAL H 4666 -48.67 55.75 -12.66
CA VAL H 4666 -47.65 56.69 -13.11
C VAL H 4666 -46.45 56.71 -12.18
N PRO H 4667 -46.60 56.69 -10.85
CA PRO H 4667 -45.40 56.60 -9.99
C PRO H 4667 -44.51 55.41 -10.30
N LEU H 4668 -45.08 54.27 -10.71
CA LEU H 4668 -44.24 53.13 -11.07
C LEU H 4668 -43.38 53.43 -12.29
N VAL H 4669 -43.97 54.07 -13.31
CA VAL H 4669 -43.21 54.40 -14.51
C VAL H 4669 -42.12 55.41 -14.19
N ILE H 4670 -42.44 56.43 -13.40
CA ILE H 4670 -41.44 57.41 -13.00
C ILE H 4670 -40.33 56.73 -12.20
N PHE H 4671 -40.70 55.78 -11.34
CA PHE H 4671 -39.71 55.04 -10.56
C PHE H 4671 -38.78 54.24 -11.45
N LYS H 4672 -39.32 53.55 -12.46
CA LYS H 4672 -38.48 52.79 -13.37
C LYS H 4672 -37.53 53.71 -14.13
N ARG H 4673 -38.04 54.84 -14.64
CA ARG H 4673 -37.18 55.73 -15.40
C ARG H 4673 -36.07 56.32 -14.53
N GLU H 4674 -36.42 56.76 -13.31
CA GLU H 4674 -35.42 57.31 -12.41
C GLU H 4674 -34.40 56.24 -12.03
N LYS H 4675 -34.85 55.02 -11.78
CA LYS H 4675 -33.93 53.93 -11.45
C LYS H 4675 -32.94 53.67 -12.58
N GLU H 4676 -33.44 53.52 -13.80
CA GLU H 4676 -32.55 53.22 -14.91
C GLU H 4676 -31.59 54.38 -15.18
N LEU H 4677 -32.07 55.61 -15.08
CA LEU H 4677 -31.20 56.76 -15.27
C LEU H 4677 -30.11 56.82 -14.20
N ALA H 4678 -30.48 56.59 -12.94
CA ALA H 4678 -29.51 56.60 -11.85
C ALA H 4678 -28.46 55.51 -12.03
N ARG H 4679 -28.90 54.32 -12.44
CA ARG H 4679 -27.94 53.24 -12.68
C ARG H 4679 -27.01 53.57 -13.83
N LYS H 4680 -27.55 54.15 -14.90
CA LYS H 4680 -26.71 54.54 -16.03
C LYS H 4680 -25.67 55.57 -15.62
N LEU H 4681 -26.08 56.56 -14.83
CA LEU H 4681 -25.12 57.57 -14.36
C LEU H 4681 -24.08 56.95 -13.43
N GLU H 4682 -24.51 56.08 -12.52
CA GLU H 4682 -23.60 55.56 -11.50
C GLU H 4682 -22.58 54.59 -12.08
N PHE H 4683 -23.03 53.65 -12.90
CA PHE H 4683 -22.15 52.61 -13.43
C PHE H 4683 -21.76 52.84 -14.88
N ASP H 4684 -22.73 53.02 -15.77
CA ASP H 4684 -22.40 53.29 -17.16
C ASP H 4684 -21.76 54.66 -17.32
N GLY H 4685 -22.23 55.64 -16.55
CA GLY H 4685 -21.69 57.00 -16.66
C GLY H 4685 -21.90 57.63 -18.02
N LEU H 4686 -23.09 57.47 -18.59
CA LEU H 4686 -23.33 57.91 -19.97
C LEU H 4686 -23.19 59.42 -20.10
N TYR H 4687 -24.06 60.17 -19.44
CA TYR H 4687 -24.13 61.62 -19.67
C TYR H 4687 -22.81 62.31 -19.34
N ILE H 4688 -22.06 61.76 -18.37
CA ILE H 4688 -20.75 62.34 -18.05
C ILE H 4688 -19.79 62.15 -19.21
N THR H 4689 -19.75 60.95 -19.80
CA THR H 4689 -18.77 60.62 -20.82
C THR H 4689 -19.37 60.31 -22.19
N GLU H 4690 -20.28 59.34 -22.26
CA GLU H 4690 -20.67 58.80 -23.56
C GLU H 4690 -21.61 59.72 -24.31
N GLN H 4691 -22.49 60.44 -23.60
CA GLN H 4691 -23.52 61.33 -24.13
C GLN H 4691 -24.58 60.42 -24.78
N PRO H 4692 -25.81 60.89 -25.01
CA PRO H 4692 -26.76 60.07 -25.76
C PRO H 4692 -26.28 59.81 -27.18
N GLY H 4693 -26.64 58.63 -27.69
CA GLY H 4693 -26.16 58.22 -29.00
C GLY H 4693 -26.88 58.92 -30.14
N ASP H 4694 -27.81 59.82 -29.82
CA ASP H 4694 -28.63 60.63 -30.71
C ASP H 4694 -29.67 59.79 -31.43
N ASP H 4695 -29.72 58.48 -31.19
CA ASP H 4695 -30.73 57.61 -31.74
C ASP H 4695 -31.87 57.35 -30.75
N ASP H 4696 -31.63 57.58 -29.46
CA ASP H 4696 -32.62 57.34 -28.42
C ASP H 4696 -33.14 58.66 -27.90
N VAL H 4697 -34.39 58.99 -28.28
CA VAL H 4697 -34.97 60.28 -27.90
C VAL H 4697 -35.15 60.36 -26.38
N LYS H 4698 -35.34 59.21 -25.73
CA LYS H 4698 -35.50 59.20 -24.28
C LYS H 4698 -34.27 59.76 -23.58
N GLY H 4699 -33.09 59.59 -24.18
CA GLY H 4699 -31.88 60.15 -23.58
C GLY H 4699 -31.90 61.67 -23.56
N GLN H 4700 -32.18 62.29 -24.71
CA GLN H 4700 -32.26 63.74 -24.75
C GLN H 4700 -33.38 64.26 -23.86
N TRP H 4701 -34.47 63.50 -23.75
CA TRP H 4701 -35.54 63.91 -22.85
C TRP H 4701 -35.09 63.84 -21.39
N ASP H 4702 -34.35 62.79 -21.03
CA ASP H 4702 -33.87 62.64 -19.66
C ASP H 4702 -32.78 63.65 -19.33
N ARG H 4703 -32.15 64.24 -20.34
CA ARG H 4703 -31.15 65.27 -20.09
C ARG H 4703 -31.72 66.42 -19.25
N LEU H 4704 -33.02 66.68 -19.37
CA LEU H 4704 -33.62 67.82 -18.67
C LEU H 4704 -33.66 67.61 -17.16
N VAL H 4705 -33.94 66.39 -16.72
CA VAL H 4705 -34.24 66.16 -15.31
C VAL H 4705 -32.96 66.21 -14.48
N LEU H 4706 -31.79 66.14 -15.13
CA LEU H 4706 -30.54 66.07 -14.40
C LEU H 4706 -30.32 67.31 -13.54
N ASN H 4707 -30.63 68.49 -14.08
CA ASN H 4707 -30.39 69.73 -13.34
C ASN H 4707 -31.42 69.91 -12.24
N THR H 4708 -32.58 69.28 -12.36
CA THR H 4708 -33.69 69.57 -11.47
C THR H 4708 -33.32 69.23 -10.02
N PRO H 4709 -33.67 70.10 -9.06
CA PRO H 4709 -33.38 69.81 -7.66
C PRO H 4709 -34.07 68.55 -7.15
N SER H 4710 -35.26 68.23 -7.68
CA SER H 4710 -36.01 67.08 -7.18
C SER H 4710 -35.32 65.78 -7.56
N PHE H 4711 -35.16 65.52 -8.86
CA PHE H 4711 -34.57 64.33 -9.48
C PHE H 4711 -35.12 63.05 -8.85
N PRO H 4712 -34.38 62.28 -7.98
CA PRO H 4712 -34.96 60.95 -7.74
C PRO H 4712 -36.07 60.98 -6.68
N SER H 4713 -37.18 61.64 -7.04
CA SER H 4713 -38.30 61.76 -6.10
C SER H 4713 -38.93 60.40 -5.84
N ASN H 4714 -39.27 59.66 -6.90
CA ASN H 4714 -39.86 58.35 -6.73
C ASN H 4714 -38.80 57.32 -6.33
N TYR H 4715 -37.60 57.44 -6.89
CA TYR H 4715 -36.53 56.50 -6.59
C TYR H 4715 -36.13 56.61 -5.12
N TRP H 4716 -35.91 55.44 -4.50
CA TRP H 4716 -35.63 55.41 -3.06
C TRP H 4716 -34.34 56.14 -2.73
N ASP H 4717 -33.31 55.97 -3.56
CA ASP H 4717 -32.04 56.65 -3.32
C ASP H 4717 -32.21 58.15 -3.49
N LYS H 4718 -31.66 58.91 -2.53
CA LYS H 4718 -31.65 60.36 -2.60
C LYS H 4718 -30.24 60.94 -2.67
N PHE H 4719 -29.21 60.11 -2.62
CA PHE H 4719 -27.83 60.56 -2.60
C PHE H 4719 -27.06 60.15 -3.84
N VAL H 4720 -27.77 59.78 -4.92
CA VAL H 4720 -27.10 59.28 -6.12
C VAL H 4720 -26.22 60.35 -6.74
N LYS H 4721 -26.64 61.62 -6.64
CA LYS H 4721 -25.86 62.71 -7.21
C LYS H 4721 -24.49 62.81 -6.55
N ARG H 4722 -24.46 62.72 -5.22
CA ARG H 4722 -23.19 62.81 -4.50
C ARG H 4722 -22.25 61.67 -4.86
N LYS H 4723 -22.78 60.46 -4.97
CA LYS H 4723 -21.93 59.32 -5.31
C LYS H 4723 -21.43 59.41 -6.74
N VAL H 4724 -22.28 59.86 -7.67
CA VAL H 4724 -21.83 60.06 -9.05
C VAL H 4724 -20.72 61.09 -9.11
N LEU H 4725 -20.89 62.20 -8.37
CA LEU H 4725 -19.85 63.22 -8.30
C LEU H 4725 -18.55 62.65 -7.74
N ASP H 4726 -18.63 61.90 -6.65
CA ASP H 4726 -17.42 61.34 -6.05
C ASP H 4726 -16.75 60.35 -6.99
N LYS H 4727 -17.54 59.63 -7.80
CA LYS H 4727 -16.96 58.67 -8.72
C LYS H 4727 -16.26 59.35 -9.90
N HIS H 4728 -16.90 60.35 -10.50
CA HIS H 4728 -16.41 60.92 -11.74
C HIS H 4728 -15.78 62.30 -11.61
N GLY H 4729 -15.49 62.75 -10.38
CA GLY H 4729 -14.87 64.06 -10.22
C GLY H 4729 -13.49 64.14 -10.85
N ASP H 4730 -12.67 63.11 -10.64
CA ASP H 4730 -11.30 63.14 -11.16
C ASP H 4730 -11.27 63.26 -12.67
N ILE H 4731 -12.32 62.80 -13.34
CA ILE H 4731 -12.31 62.75 -14.80
C ILE H 4731 -13.08 63.93 -15.39
N PHE H 4732 -14.09 64.44 -14.68
CA PHE H 4732 -14.98 65.41 -15.31
C PHE H 4732 -14.82 66.80 -14.69
N GLY H 4733 -14.39 66.88 -13.44
CA GLY H 4733 -14.33 68.15 -12.75
C GLY H 4733 -15.46 68.30 -11.75
N ARG H 4734 -15.13 68.68 -10.52
CA ARG H 4734 -16.16 68.82 -9.49
C ARG H 4734 -17.19 69.87 -9.87
N GLU H 4735 -16.72 71.05 -10.30
CA GLU H 4735 -17.64 72.12 -10.68
C GLU H 4735 -18.43 71.74 -11.94
N ARG H 4736 -17.83 70.95 -12.82
CA ARG H 4736 -18.52 70.56 -14.05
C ARG H 4736 -19.67 69.60 -13.75
N ILE H 4737 -19.42 68.59 -12.92
CA ILE H 4737 -20.50 67.72 -12.48
C ILE H 4737 -21.55 68.50 -11.69
N ALA H 4738 -21.08 69.48 -10.90
CA ALA H 4738 -22.00 70.30 -10.12
C ALA H 4738 -22.96 71.08 -11.03
N GLU H 4739 -22.44 71.70 -12.08
CA GLU H 4739 -23.29 72.46 -12.98
C GLU H 4739 -24.13 71.55 -13.86
N LEU H 4740 -23.65 70.34 -14.12
CA LEU H 4740 -24.44 69.38 -14.88
C LEU H 4740 -25.65 68.91 -14.09
N LEU H 4741 -25.46 68.59 -12.81
CA LEU H 4741 -26.52 68.02 -11.99
C LEU H 4741 -27.29 69.06 -11.17
N GLY H 4742 -26.93 70.33 -11.26
CA GLY H 4742 -27.62 71.33 -10.46
C GLY H 4742 -27.42 71.15 -8.98
N MET H 4743 -26.20 70.82 -8.57
CA MET H 4743 -25.86 70.51 -7.18
C MET H 4743 -24.75 71.45 -6.74
N ASP H 4744 -24.90 72.02 -5.54
CA ASP H 4744 -23.97 73.03 -5.07
C ASP H 4744 -23.00 72.40 -4.06
N LEU H 4745 -21.71 72.42 -4.42
CA LEU H 4745 -20.70 71.74 -3.60
C LEU H 4745 -20.64 72.32 -2.20
N ALA H 4746 -20.64 73.65 -2.08
CA ALA H 4746 -20.49 74.29 -0.78
C ALA H 4746 -21.67 73.98 0.14
N SER H 4747 -22.90 74.13 -0.38
CA SER H 4747 -24.08 73.84 0.43
C SER H 4747 -24.10 72.37 0.83
N LEU H 4748 -23.77 71.48 -0.11
CA LEU H 4748 -23.83 70.05 0.19
C LEU H 4748 -22.77 69.65 1.22
N GLU H 4749 -21.61 70.30 1.20
CA GLU H 4749 -20.59 69.96 2.20
C GLU H 4749 -20.91 70.57 3.57
N ILE H 4750 -21.44 71.79 3.61
CA ILE H 4750 -21.80 72.37 4.90
C ILE H 4750 -22.97 71.62 5.53
N THR H 4751 -23.91 71.13 4.71
CA THR H 4751 -25.02 70.35 5.25
C THR H 4751 -24.54 69.05 5.86
N ALA H 4752 -23.57 68.40 5.21
CA ALA H 4752 -22.97 67.19 5.78
C ALA H 4752 -22.21 67.51 7.06
N HIS H 4753 -21.52 68.66 7.10
CA HIS H 4753 -20.79 69.02 8.31
C HIS H 4753 -21.72 69.23 9.49
N ASN H 4754 -22.73 70.07 9.31
CA ASN H 4754 -23.61 70.43 10.43
C ASN H 4754 -25.05 70.53 9.96
N GLU H 4755 -25.96 70.32 10.91
CA GLU H 4755 -27.39 70.36 10.60
C GLU H 4755 -27.89 71.79 10.51
N ARG H 4756 -28.81 72.02 9.57
CA ARG H 4756 -29.51 73.29 9.43
C ARG H 4756 -31.01 72.99 9.35
N LYS H 4757 -31.83 73.90 9.85
CA LYS H 4757 -33.26 73.68 9.94
C LYS H 4757 -34.02 74.80 9.22
N PRO H 4758 -34.12 74.78 7.90
CA PRO H 4758 -34.94 75.78 7.21
C PRO H 4758 -36.37 75.32 7.01
N ASP H 4759 -37.16 75.29 8.08
CA ASP H 4759 -38.53 74.83 7.97
C ASP H 4759 -39.38 75.84 7.20
N PRO H 4760 -40.19 75.37 6.25
CA PRO H 4760 -40.97 76.30 5.42
C PRO H 4760 -42.37 76.51 5.99
N PRO H 4761 -42.87 77.75 5.95
CA PRO H 4761 -44.27 77.99 6.26
C PRO H 4761 -45.12 77.90 5.01
N PRO H 4762 -46.37 77.44 5.13
CA PRO H 4762 -47.22 77.31 3.95
C PRO H 4762 -47.64 78.67 3.41
N GLY H 4763 -47.83 78.73 2.10
CA GLY H 4763 -48.29 79.94 1.45
C GLY H 4763 -48.42 79.73 -0.05
N LEU H 4764 -49.12 80.66 -0.70
CA LEU H 4764 -49.34 80.56 -2.14
C LEU H 4764 -48.04 80.70 -2.91
N LEU H 4765 -47.27 81.76 -2.62
CA LEU H 4765 -46.00 81.96 -3.32
C LEU H 4765 -44.99 80.88 -2.93
N THR H 4766 -45.03 80.42 -1.68
CA THR H 4766 -44.15 79.33 -1.28
C THR H 4766 -44.45 78.06 -2.08
N TRP H 4767 -45.73 77.74 -2.25
CA TRP H 4767 -46.11 76.58 -3.05
C TRP H 4767 -45.71 76.77 -4.51
N LEU H 4768 -45.88 77.98 -5.04
CA LEU H 4768 -45.48 78.24 -6.42
C LEU H 4768 -43.98 78.05 -6.61
N MET H 4769 -43.18 78.52 -5.66
CA MET H 4769 -41.74 78.34 -5.76
C MET H 4769 -41.35 76.88 -5.54
N SER H 4770 -42.13 76.16 -4.70
CA SER H 4770 -41.87 74.74 -4.49
C SER H 4770 -42.09 73.95 -5.77
N ILE H 4771 -43.10 74.34 -6.57
CA ILE H 4771 -43.29 73.71 -7.87
C ILE H 4771 -42.06 73.91 -8.72
N ASP H 4772 -41.47 72.82 -9.20
CA ASP H 4772 -40.31 72.85 -10.08
C ASP H 4772 -40.80 72.61 -11.50
N VAL H 4773 -40.56 73.58 -12.38
CA VAL H 4773 -41.12 73.53 -13.73
C VAL H 4773 -40.45 72.43 -14.55
N LYS H 4774 -39.12 72.31 -14.46
CA LYS H 4774 -38.40 71.37 -15.31
C LYS H 4774 -38.75 69.93 -14.97
N TYR H 4775 -38.78 69.58 -13.68
CA TYR H 4775 -39.11 68.22 -13.29
C TYR H 4775 -40.53 67.86 -13.69
N GLN H 4776 -41.47 68.79 -13.51
CA GLN H 4776 -42.85 68.53 -13.91
C GLN H 4776 -42.98 68.37 -15.41
N ILE H 4777 -42.24 69.17 -16.18
CA ILE H 4777 -42.27 69.04 -17.64
C ILE H 4777 -41.74 67.66 -18.05
N TRP H 4778 -40.63 67.24 -17.46
CA TRP H 4778 -40.08 65.92 -17.78
C TRP H 4778 -41.04 64.82 -17.38
N LYS H 4779 -41.66 64.95 -16.21
CA LYS H 4779 -42.62 63.95 -15.75
C LYS H 4779 -43.81 63.84 -16.70
N PHE H 4780 -44.34 64.98 -17.16
CA PHE H 4780 -45.45 64.95 -18.09
C PHE H 4780 -45.03 64.36 -19.42
N GLY H 4781 -43.79 64.62 -19.84
CA GLY H 4781 -43.29 63.99 -21.06
C GLY H 4781 -43.25 62.47 -20.94
N VAL H 4782 -42.76 61.97 -19.81
CA VAL H 4782 -42.75 60.51 -19.60
C VAL H 4782 -44.17 59.98 -19.56
N ILE H 4783 -45.09 60.72 -18.94
CA ILE H 4783 -46.48 60.30 -18.88
C ILE H 4783 -47.07 60.15 -20.28
N PHE H 4784 -46.81 61.14 -21.15
CA PHE H 4784 -47.32 61.07 -22.51
C PHE H 4784 -46.66 59.94 -23.30
N THR H 4785 -45.36 59.71 -23.07
CA THR H 4785 -44.69 58.63 -23.78
C THR H 4785 -45.21 57.27 -23.34
N ASP H 4786 -45.73 57.18 -22.12
CA ASP H 4786 -46.30 55.92 -21.65
C ASP H 4786 -47.45 55.47 -22.57
N ASN H 4787 -47.44 54.18 -22.92
CA ASN H 4787 -48.39 53.67 -23.90
C ASN H 4787 -49.81 53.57 -23.33
N SER H 4788 -49.94 53.02 -22.12
CA SER H 4788 -51.27 52.82 -21.56
C SER H 4788 -51.99 54.13 -21.32
N PHE H 4789 -51.26 55.14 -20.80
CA PHE H 4789 -51.86 56.45 -20.63
C PHE H 4789 -52.38 57.00 -21.95
N LEU H 4790 -51.68 56.70 -23.05
CA LEU H 4790 -52.18 57.10 -24.36
C LEU H 4790 -53.50 56.42 -24.68
N TYR H 4791 -53.63 55.13 -24.33
CA TYR H 4791 -54.90 54.44 -24.55
C TYR H 4791 -56.03 55.08 -23.76
N LEU H 4792 -55.79 55.40 -22.49
CA LEU H 4792 -56.86 55.97 -21.68
C LEU H 4792 -57.19 57.40 -22.12
N GLY H 4793 -56.18 58.15 -22.59
CA GLY H 4793 -56.47 59.45 -23.19
C GLY H 4793 -57.26 59.32 -24.48
N TRP H 4794 -57.00 58.27 -25.25
CA TRP H 4794 -57.85 57.96 -26.39
C TRP H 4794 -59.28 57.68 -25.96
N TYR H 4795 -59.45 56.98 -24.84
CA TYR H 4795 -60.79 56.71 -24.33
C TYR H 4795 -61.48 58.01 -23.93
N MET H 4796 -60.75 58.91 -23.27
CA MET H 4796 -61.18 60.30 -23.08
C MET H 4796 -61.71 60.92 -24.37
N VAL H 4797 -60.86 60.97 -25.39
CA VAL H 4797 -61.21 61.68 -26.62
C VAL H 4797 -62.43 61.04 -27.26
N MET H 4798 -62.51 59.70 -27.25
CA MET H 4798 -63.62 59.02 -27.89
C MET H 4798 -64.93 59.24 -27.14
N SER H 4799 -64.89 59.28 -25.80
CA SER H 4799 -66.11 59.58 -25.05
C SER H 4799 -66.56 61.01 -25.31
N LEU H 4800 -65.63 61.96 -25.32
CA LEU H 4800 -66.00 63.36 -25.57
C LEU H 4800 -66.56 63.52 -26.97
N LEU H 4801 -66.01 62.82 -27.95
CA LEU H 4801 -66.51 62.91 -29.32
C LEU H 4801 -67.83 62.15 -29.45
N GLY H 4802 -68.04 61.13 -28.61
CA GLY H 4802 -69.33 60.45 -28.59
C GLY H 4802 -70.43 61.34 -28.06
N HIS H 4803 -70.08 62.25 -27.15
CA HIS H 4803 -71.04 63.29 -26.78
C HIS H 4803 -71.40 64.16 -27.97
N TYR H 4804 -70.43 64.46 -28.83
CA TYR H 4804 -70.72 65.21 -30.04
C TYR H 4804 -71.64 64.43 -30.98
N ASN H 4805 -71.31 63.17 -31.24
CA ASN H 4805 -72.13 62.30 -32.08
C ASN H 4805 -72.23 60.96 -31.36
N ASN H 4806 -73.45 60.52 -31.08
CA ASN H 4806 -73.66 59.37 -30.21
C ASN H 4806 -73.08 58.09 -30.80
N PHE H 4807 -72.98 58.02 -32.13
CA PHE H 4807 -72.43 56.81 -32.75
C PHE H 4807 -70.95 56.60 -32.42
N PHE H 4808 -70.23 57.64 -32.01
CA PHE H 4808 -68.82 57.50 -31.73
C PHE H 4808 -68.56 56.64 -30.49
N PHE H 4809 -69.60 56.35 -29.70
CA PHE H 4809 -69.43 55.43 -28.58
C PHE H 4809 -69.17 54.01 -29.04
N ALA H 4810 -69.34 53.72 -30.33
CA ALA H 4810 -69.10 52.38 -30.84
C ALA H 4810 -67.62 52.00 -30.72
N ALA H 4811 -66.73 52.99 -30.78
CA ALA H 4811 -65.30 52.70 -30.69
C ALA H 4811 -64.92 52.16 -29.31
N HIS H 4812 -65.74 52.41 -28.29
CA HIS H 4812 -65.42 51.94 -26.95
C HIS H 4812 -65.60 50.43 -26.81
N LEU H 4813 -66.23 49.78 -27.79
CA LEU H 4813 -66.47 48.34 -27.65
C LEU H 4813 -65.21 47.52 -27.89
N LEU H 4814 -64.21 48.10 -28.57
CA LEU H 4814 -62.99 47.34 -28.85
C LEU H 4814 -62.14 47.16 -27.61
N ASP H 4815 -62.52 47.77 -26.49
CA ASP H 4815 -61.74 47.66 -25.26
C ASP H 4815 -61.64 46.23 -24.77
N ILE H 4816 -62.63 45.39 -25.11
CA ILE H 4816 -62.58 43.99 -24.70
C ILE H 4816 -61.37 43.30 -25.31
N ALA H 4817 -60.91 43.76 -26.47
CA ALA H 4817 -59.80 43.12 -27.15
C ALA H 4817 -58.52 43.20 -26.31
N MET H 4818 -58.25 44.35 -25.71
CA MET H 4818 -57.08 44.45 -24.85
C MET H 4818 -57.40 43.97 -23.45
N GLY H 4819 -58.68 44.03 -23.06
CA GLY H 4819 -59.05 43.54 -21.74
C GLY H 4819 -58.85 42.04 -21.60
N VAL H 4820 -59.04 41.30 -22.70
CA VAL H 4820 -58.97 39.85 -22.70
C VAL H 4820 -57.63 39.42 -23.28
N LYS H 4821 -56.99 38.42 -22.64
CA LYS H 4821 -55.71 37.93 -23.12
C LYS H 4821 -55.82 37.28 -24.49
N THR H 4822 -56.84 36.44 -24.69
CA THR H 4822 -56.99 35.75 -25.97
C THR H 4822 -57.21 36.74 -27.11
N LEU H 4823 -58.10 37.71 -26.89
CA LEU H 4823 -58.29 38.76 -27.88
C LEU H 4823 -57.02 39.60 -28.05
N ARG H 4824 -56.25 39.75 -26.97
CA ARG H 4824 -54.96 40.43 -27.09
C ARG H 4824 -54.01 39.65 -27.98
N THR H 4825 -53.98 38.32 -27.85
CA THR H 4825 -53.16 37.51 -28.73
C THR H 4825 -53.63 37.62 -30.18
N ILE H 4826 -54.94 37.62 -30.40
CA ILE H 4826 -55.47 37.78 -31.76
C ILE H 4826 -55.05 39.14 -32.34
N LEU H 4827 -55.16 40.20 -31.53
CA LEU H 4827 -54.76 41.53 -31.94
C LEU H 4827 -53.27 41.60 -32.29
N SER H 4828 -52.43 41.00 -31.46
CA SER H 4828 -50.99 41.12 -31.69
C SER H 4828 -50.51 40.18 -32.79
N SER H 4829 -51.35 39.20 -33.16
CA SER H 4829 -50.94 38.26 -34.20
C SER H 4829 -50.67 38.96 -35.52
N VAL H 4830 -51.52 39.92 -35.90
CA VAL H 4830 -51.34 40.60 -37.19
C VAL H 4830 -50.08 41.46 -37.19
N THR H 4831 -49.74 42.04 -36.03
CA THR H 4831 -48.55 42.89 -35.97
C THR H 4831 -47.29 42.05 -35.80
N HIS H 4832 -47.44 40.79 -35.39
CA HIS H 4832 -46.27 39.95 -35.12
C HIS H 4832 -45.45 39.70 -36.37
N ASN H 4833 -46.12 39.39 -37.49
CA ASN H 4833 -45.47 39.22 -38.78
C ASN H 4833 -45.72 40.38 -39.72
N GLY H 4834 -45.75 41.60 -39.18
CA GLY H 4834 -46.20 42.75 -39.96
C GLY H 4834 -45.36 43.03 -41.18
N LYS H 4835 -44.03 42.92 -41.05
CA LYS H 4835 -43.16 43.23 -42.18
C LYS H 4835 -43.40 42.26 -43.34
N GLN H 4836 -43.41 40.95 -43.03
CA GLN H 4836 -43.65 39.95 -44.05
C GLN H 4836 -45.04 40.11 -44.66
N LEU H 4837 -46.04 40.40 -43.84
CA LEU H 4837 -47.40 40.59 -44.35
C LEU H 4837 -47.47 41.78 -45.30
N VAL H 4838 -46.85 42.90 -44.92
CA VAL H 4838 -46.87 44.09 -45.77
C VAL H 4838 -46.18 43.81 -47.11
N MET H 4839 -45.03 43.14 -47.06
CA MET H 4839 -44.29 42.94 -48.30
C MET H 4839 -44.95 41.89 -49.19
N THR H 4840 -45.62 40.91 -48.58
CA THR H 4840 -46.40 39.95 -49.37
C THR H 4840 -47.59 40.62 -50.02
N VAL H 4841 -48.26 41.53 -49.30
CA VAL H 4841 -49.33 42.31 -49.90
C VAL H 4841 -48.80 43.16 -51.04
N GLY H 4842 -47.59 43.69 -50.89
CA GLY H 4842 -46.98 44.45 -51.98
C GLY H 4842 -46.73 43.60 -53.21
N LEU H 4843 -46.22 42.38 -53.01
CA LEU H 4843 -46.03 41.47 -54.14
C LEU H 4843 -47.36 41.12 -54.80
N LEU H 4844 -48.41 40.95 -53.98
CA LEU H 4844 -49.73 40.69 -54.54
C LEU H 4844 -50.20 41.87 -55.39
N ALA H 4845 -49.97 43.10 -54.91
CA ALA H 4845 -50.32 44.27 -55.70
C ALA H 4845 -49.53 44.30 -57.01
N VAL H 4846 -48.26 43.90 -56.95
CA VAL H 4846 -47.43 43.91 -58.16
C VAL H 4846 -47.95 42.91 -59.18
N VAL H 4847 -48.31 41.70 -58.74
CA VAL H 4847 -48.79 40.70 -59.70
C VAL H 4847 -50.14 41.11 -60.26
N VAL H 4848 -51.01 41.70 -59.43
CA VAL H 4848 -52.28 42.21 -59.93
C VAL H 4848 -52.03 43.31 -60.95
N TYR H 4849 -51.03 44.15 -60.71
CA TYR H 4849 -50.68 45.18 -61.69
C TYR H 4849 -50.22 44.56 -63.01
N LEU H 4850 -49.41 43.50 -62.95
CA LEU H 4850 -48.94 42.86 -64.17
C LEU H 4850 -50.12 42.27 -64.95
N TYR H 4851 -51.05 41.61 -64.26
CA TYR H 4851 -52.23 41.08 -64.93
C TYR H 4851 -53.06 42.22 -65.53
N THR H 4852 -53.15 43.35 -64.83
CA THR H 4852 -53.84 44.51 -65.37
C THR H 4852 -53.17 45.03 -66.63
N VAL H 4853 -51.84 45.06 -66.64
CA VAL H 4853 -51.12 45.49 -67.85
C VAL H 4853 -51.45 44.57 -69.01
N VAL H 4854 -51.43 43.27 -68.78
CA VAL H 4854 -51.73 42.31 -69.85
C VAL H 4854 -53.15 42.52 -70.36
N ALA H 4855 -54.11 42.65 -69.44
CA ALA H 4855 -55.50 42.81 -69.85
C ALA H 4855 -55.71 44.10 -70.62
N PHE H 4856 -55.11 45.20 -70.16
CA PHE H 4856 -55.24 46.48 -70.85
C PHE H 4856 -54.58 46.44 -72.22
N ASN H 4857 -53.52 45.66 -72.36
CA ASN H 4857 -52.84 45.58 -73.65
C ASN H 4857 -53.62 44.73 -74.65
N PHE H 4858 -54.24 43.63 -74.20
CA PHE H 4858 -54.79 42.68 -75.14
C PHE H 4858 -56.25 42.30 -74.92
N PHE H 4859 -56.77 42.39 -73.70
CA PHE H 4859 -58.08 41.80 -73.39
C PHE H 4859 -59.11 42.84 -72.97
N ARG H 4860 -59.10 44.03 -73.57
CA ARG H 4860 -60.05 45.06 -73.17
C ARG H 4860 -61.48 44.72 -73.59
N LYS H 4861 -61.63 43.83 -74.57
CA LYS H 4861 -62.95 43.60 -75.17
C LYS H 4861 -63.92 42.97 -74.17
N PHE H 4862 -63.44 42.05 -73.34
CA PHE H 4862 -64.35 41.30 -72.47
C PHE H 4862 -64.83 42.14 -71.29
N TYR H 4863 -64.15 43.26 -71.00
CA TYR H 4863 -64.39 43.95 -69.73
C TYR H 4863 -65.64 44.81 -69.74
N ASN H 4864 -66.55 44.59 -70.68
CA ASN H 4864 -67.85 45.26 -70.62
C ASN H 4864 -68.62 44.75 -69.40
N LYS H 4865 -69.25 45.68 -68.68
CA LYS H 4865 -69.92 45.36 -67.43
C LYS H 4865 -71.44 45.51 -67.54
N SER H 4866 -71.93 46.13 -68.61
CA SER H 4866 -73.34 46.49 -68.74
C SER H 4866 -73.98 45.66 -69.85
N GLU H 4867 -75.19 45.17 -69.60
CA GLU H 4867 -75.88 44.35 -70.58
C GLU H 4867 -76.47 45.18 -71.71
N ASP H 4868 -76.91 46.40 -71.41
CA ASP H 4868 -77.56 47.23 -72.42
C ASP H 4868 -76.53 47.83 -73.36
N GLU H 4869 -76.79 47.72 -74.67
CA GLU H 4869 -75.83 48.20 -75.66
C GLU H 4869 -75.83 49.72 -75.74
N ASP H 4870 -76.97 50.36 -75.48
CA ASP H 4870 -77.07 51.80 -75.62
C ASP H 4870 -76.14 52.52 -74.64
N GLU H 4871 -76.05 52.03 -73.41
CA GLU H 4871 -75.14 52.58 -72.41
C GLU H 4871 -74.25 51.46 -71.88
N PRO H 4872 -73.15 51.12 -72.55
CA PRO H 4872 -72.26 50.07 -72.02
C PRO H 4872 -71.21 50.62 -71.09
N ASP H 4873 -70.79 49.83 -70.11
CA ASP H 4873 -69.81 50.25 -69.12
C ASP H 4873 -68.52 49.48 -69.34
N MET H 4874 -67.44 50.20 -69.62
CA MET H 4874 -66.16 49.63 -69.98
C MET H 4874 -65.20 49.80 -68.81
N LYS H 4875 -64.90 48.70 -68.12
CA LYS H 4875 -64.06 48.79 -66.93
C LYS H 4875 -62.60 49.07 -67.28
N CYS H 4876 -62.05 48.35 -68.24
CA CYS H 4876 -60.60 48.36 -68.44
C CYS H 4876 -60.16 49.34 -69.52
N ASP H 4877 -61.06 50.19 -70.01
CA ASP H 4877 -60.63 51.25 -70.93
C ASP H 4877 -59.63 52.18 -70.25
N ASP H 4878 -59.92 52.60 -69.03
CA ASP H 4878 -58.98 53.35 -68.22
C ASP H 4878 -58.12 52.37 -67.44
N MET H 4879 -56.80 52.49 -67.59
CA MET H 4879 -55.88 51.66 -66.81
C MET H 4879 -56.14 51.78 -65.32
N MET H 4880 -56.44 52.99 -64.85
CA MET H 4880 -56.70 53.18 -63.43
C MET H 4880 -57.87 52.33 -62.96
N THR H 4881 -59.00 52.39 -63.66
CA THR H 4881 -60.16 51.62 -63.28
C THR H 4881 -59.93 50.14 -63.51
N CYS H 4882 -59.10 49.79 -64.50
CA CYS H 4882 -58.78 48.39 -64.74
C CYS H 4882 -58.02 47.80 -63.55
N TYR H 4883 -57.05 48.55 -63.03
CA TYR H 4883 -56.30 48.10 -61.86
C TYR H 4883 -57.21 48.01 -60.63
N LEU H 4884 -58.05 49.03 -60.41
CA LEU H 4884 -58.94 48.99 -59.26
C LEU H 4884 -59.91 47.82 -59.35
N PHE H 4885 -60.46 47.58 -60.55
CA PHE H 4885 -61.33 46.44 -60.78
C PHE H 4885 -60.60 45.13 -60.47
N HIS H 4886 -59.41 44.94 -61.06
CA HIS H 4886 -58.66 43.71 -60.83
C HIS H 4886 -58.47 43.47 -59.35
N MET H 4887 -57.97 44.48 -58.63
CA MET H 4887 -57.86 44.33 -57.18
C MET H 4887 -59.19 43.91 -56.57
N TYR H 4888 -60.19 44.80 -56.64
CA TYR H 4888 -61.39 44.67 -55.80
C TYR H 4888 -62.16 43.38 -56.12
N VAL H 4889 -62.29 43.02 -57.39
CA VAL H 4889 -63.08 41.83 -57.70
C VAL H 4889 -62.23 40.58 -57.77
N GLY H 4890 -61.06 40.64 -58.43
CA GLY H 4890 -60.27 39.44 -58.59
C GLY H 4890 -59.74 38.89 -57.28
N VAL H 4891 -59.19 39.76 -56.42
CA VAL H 4891 -58.63 39.27 -55.16
C VAL H 4891 -59.73 38.67 -54.30
N ARG H 4892 -60.91 39.31 -54.29
CA ARG H 4892 -61.99 38.87 -53.41
C ARG H 4892 -62.65 37.59 -53.92
N ALA H 4893 -62.79 37.46 -55.24
CA ALA H 4893 -63.48 36.31 -55.81
C ALA H 4893 -62.71 35.03 -55.56
N GLY H 4894 -63.42 33.99 -55.13
CA GLY H 4894 -62.76 32.72 -54.86
C GLY H 4894 -62.36 31.97 -56.11
N GLY H 4895 -63.17 32.07 -57.17
CA GLY H 4895 -62.87 31.35 -58.38
C GLY H 4895 -61.88 32.07 -59.28
N GLY H 4896 -61.61 33.33 -58.98
CA GLY H 4896 -60.68 34.14 -59.74
C GLY H 4896 -61.37 35.25 -60.50
N ILE H 4897 -60.60 35.87 -61.41
CA ILE H 4897 -61.12 36.97 -62.20
C ILE H 4897 -62.19 36.48 -63.16
N GLY H 4898 -62.04 35.26 -63.68
CA GLY H 4898 -62.89 34.80 -64.76
C GLY H 4898 -64.36 34.71 -64.38
N ASP H 4899 -64.65 34.66 -63.08
CA ASP H 4899 -66.04 34.66 -62.65
C ASP H 4899 -66.74 35.96 -63.03
N GLU H 4900 -66.07 37.10 -62.83
CA GLU H 4900 -66.70 38.37 -63.15
C GLU H 4900 -66.41 38.80 -64.58
N ILE H 4901 -65.23 38.48 -65.11
CA ILE H 4901 -64.89 38.91 -66.46
C ILE H 4901 -65.48 37.93 -67.47
N GLU H 4902 -65.85 38.46 -68.64
CA GLU H 4902 -66.78 37.80 -69.55
C GLU H 4902 -66.23 36.49 -70.11
N ASP H 4903 -67.15 35.60 -70.50
CA ASP H 4903 -66.83 34.31 -71.08
C ASP H 4903 -66.08 34.49 -72.40
N PRO H 4904 -64.92 33.83 -72.57
CA PRO H 4904 -64.15 33.99 -73.81
C PRO H 4904 -64.50 32.98 -74.88
N ALA H 4905 -65.61 32.26 -74.74
CA ALA H 4905 -65.96 31.22 -75.69
C ALA H 4905 -66.05 31.78 -77.11
N GLY H 4906 -65.27 31.20 -78.02
CA GLY H 4906 -65.24 31.61 -79.40
C GLY H 4906 -64.29 32.74 -79.73
N ASP H 4907 -63.59 33.30 -78.75
CA ASP H 4907 -62.68 34.40 -79.02
C ASP H 4907 -61.42 33.92 -79.70
N GLU H 4908 -60.79 34.82 -80.46
CA GLU H 4908 -59.54 34.48 -81.14
C GLU H 4908 -58.40 34.31 -80.15
N TYR H 4909 -58.47 35.03 -79.03
CA TYR H 4909 -57.49 34.89 -77.95
C TYR H 4909 -58.02 34.05 -76.80
N GLU H 4910 -58.89 33.07 -77.09
CA GLU H 4910 -59.53 32.30 -76.03
C GLU H 4910 -58.51 31.50 -75.22
N LEU H 4911 -57.54 30.87 -75.89
CA LEU H 4911 -56.53 30.10 -75.18
C LEU H 4911 -55.66 30.99 -74.31
N TYR H 4912 -55.26 32.14 -74.84
CA TYR H 4912 -54.45 33.08 -74.06
C TYR H 4912 -55.20 33.56 -72.83
N ARG H 4913 -56.49 33.88 -72.99
CA ARG H 4913 -57.27 34.35 -71.84
C ARG H 4913 -57.52 33.22 -70.85
N VAL H 4914 -57.67 31.99 -71.32
CA VAL H 4914 -57.82 30.85 -70.42
C VAL H 4914 -56.57 30.69 -69.58
N VAL H 4915 -55.39 30.78 -70.21
CA VAL H 4915 -54.14 30.73 -69.46
C VAL H 4915 -54.07 31.89 -68.47
N PHE H 4916 -54.49 33.08 -68.91
CA PHE H 4916 -54.52 34.25 -68.04
C PHE H 4916 -55.34 33.99 -66.78
N ASP H 4917 -56.56 33.51 -66.95
CA ASP H 4917 -57.46 33.29 -65.82
C ASP H 4917 -56.95 32.17 -64.91
N ILE H 4918 -56.46 31.07 -65.49
CA ILE H 4918 -55.96 29.96 -64.69
C ILE H 4918 -54.75 30.41 -63.87
N THR H 4919 -53.83 31.15 -64.48
CA THR H 4919 -52.66 31.63 -63.76
C THR H 4919 -53.06 32.61 -62.66
N PHE H 4920 -54.01 33.50 -62.94
CA PHE H 4920 -54.50 34.42 -61.91
C PHE H 4920 -55.07 33.66 -60.72
N PHE H 4921 -55.89 32.64 -61.01
CA PHE H 4921 -56.46 31.83 -59.94
C PHE H 4921 -55.37 31.10 -59.15
N PHE H 4922 -54.35 30.59 -59.85
CA PHE H 4922 -53.36 29.74 -59.19
C PHE H 4922 -52.42 30.57 -58.32
N PHE H 4923 -52.01 31.75 -58.79
CA PHE H 4923 -51.12 32.59 -58.00
C PHE H 4923 -51.85 33.51 -57.04
N VAL H 4924 -52.73 34.36 -57.53
CA VAL H 4924 -53.33 35.40 -56.69
C VAL H 4924 -54.22 34.78 -55.62
N ILE H 4925 -55.07 33.82 -56.03
CA ILE H 4925 -56.08 33.31 -55.10
C ILE H 4925 -55.53 32.14 -54.30
N VAL H 4926 -54.90 31.17 -54.97
CA VAL H 4926 -54.47 29.94 -54.33
C VAL H 4926 -53.20 30.14 -53.51
N ILE H 4927 -52.20 30.83 -54.07
CA ILE H 4927 -50.91 30.94 -53.39
C ILE H 4927 -50.92 32.09 -52.39
N LEU H 4928 -51.14 33.31 -52.89
CA LEU H 4928 -50.82 34.50 -52.09
C LEU H 4928 -51.75 34.65 -50.89
N LEU H 4929 -53.06 34.79 -51.14
CA LEU H 4929 -54.01 34.99 -50.04
C LEU H 4929 -53.86 33.91 -48.98
N ALA H 4930 -53.60 32.67 -49.42
CA ALA H 4930 -53.30 31.60 -48.48
C ALA H 4930 -52.04 31.91 -47.69
N ILE H 4931 -51.05 32.55 -48.32
CA ILE H 4931 -49.81 32.88 -47.60
C ILE H 4931 -50.09 33.92 -46.52
N ILE H 4932 -50.87 34.96 -46.84
CA ILE H 4932 -51.22 35.97 -45.83
C ILE H 4932 -51.99 35.32 -44.68
N GLN H 4933 -52.98 34.48 -45.03
CA GLN H 4933 -53.78 33.82 -44.01
C GLN H 4933 -52.91 32.94 -43.13
N GLY H 4934 -51.98 32.20 -43.73
CA GLY H 4934 -51.09 31.36 -42.96
C GLY H 4934 -50.16 32.15 -42.07
N LEU H 4935 -49.65 33.27 -42.56
CA LEU H 4935 -48.81 34.13 -41.72
C LEU H 4935 -49.56 34.57 -40.49
N ILE H 4936 -50.78 35.09 -40.66
CA ILE H 4936 -51.53 35.56 -39.50
C ILE H 4936 -51.85 34.39 -38.55
N ILE H 4937 -52.31 33.27 -39.10
CA ILE H 4937 -52.74 32.15 -38.28
C ILE H 4937 -51.58 31.54 -37.52
N ASP H 4938 -50.43 31.34 -38.18
CA ASP H 4938 -49.32 30.70 -37.51
C ASP H 4938 -48.61 31.67 -36.59
N ALA H 4939 -48.74 32.98 -36.81
CA ALA H 4939 -48.29 33.93 -35.81
C ALA H 4939 -49.12 33.82 -34.54
N PHE H 4940 -50.45 33.71 -34.69
CA PHE H 4940 -51.31 33.46 -33.55
C PHE H 4940 -50.93 32.17 -32.82
N GLY H 4941 -50.76 31.09 -33.57
CA GLY H 4941 -50.36 29.83 -32.96
C GLY H 4941 -49.00 29.90 -32.31
N GLU H 4942 -48.08 30.68 -32.90
CA GLU H 4942 -46.75 30.84 -32.34
C GLU H 4942 -46.81 31.57 -31.01
N LEU H 4943 -47.63 32.61 -30.92
CA LEU H 4943 -47.83 33.26 -29.63
C LEU H 4943 -48.39 32.28 -28.61
N ARG H 4944 -49.37 31.47 -29.04
CA ARG H 4944 -49.98 30.53 -28.10
C ARG H 4944 -48.98 29.52 -27.56
N ASP H 4945 -48.19 28.88 -28.44
CA ASP H 4945 -47.32 27.84 -27.92
C ASP H 4945 -46.07 28.43 -27.27
N GLN H 4946 -45.75 29.70 -27.56
CA GLN H 4946 -44.78 30.40 -26.72
C GLN H 4946 -45.31 30.53 -25.30
N GLN H 4947 -46.58 30.89 -25.15
CA GLN H 4947 -47.17 30.93 -23.81
C GLN H 4947 -47.13 29.55 -23.15
N GLU H 4948 -47.51 28.52 -23.91
CA GLU H 4948 -47.49 27.16 -23.36
C GLU H 4948 -46.10 26.76 -22.92
N GLN H 4949 -45.08 27.07 -23.73
CA GLN H 4949 -43.71 26.76 -23.37
C GLN H 4949 -43.26 27.56 -22.15
N VAL H 4950 -43.74 28.78 -22.01
CA VAL H 4950 -43.39 29.58 -20.84
C VAL H 4950 -43.91 28.92 -19.57
N LYS H 4951 -45.19 28.49 -19.58
CA LYS H 4951 -45.69 27.78 -18.40
C LYS H 4951 -44.99 26.43 -18.21
N GLU H 4952 -44.74 25.70 -19.31
CA GLU H 4952 -44.23 24.33 -19.17
C GLU H 4952 -42.78 24.31 -18.70
N ASP H 4953 -41.93 25.14 -19.30
CA ASP H 4953 -40.52 25.16 -18.93
C ASP H 4953 -40.33 25.53 -17.47
N MET H 4954 -41.26 26.33 -16.92
CA MET H 4954 -41.18 26.72 -15.52
C MET H 4954 -41.22 25.50 -14.61
N GLU H 4955 -41.99 24.48 -15.01
CA GLU H 4955 -42.08 23.26 -14.21
C GLU H 4955 -40.86 22.37 -14.40
N THR H 4956 -40.26 22.42 -15.59
CA THR H 4956 -39.24 21.43 -15.94
C THR H 4956 -37.86 21.82 -15.41
N LYS H 4957 -37.63 23.11 -15.16
CA LYS H 4957 -36.31 23.57 -14.77
C LYS H 4957 -36.39 24.46 -13.54
N CYS H 4958 -35.30 24.44 -12.77
CA CYS H 4958 -35.14 25.32 -11.62
C CYS H 4958 -34.84 26.73 -12.10
N PHE H 4959 -35.59 27.71 -11.58
CA PHE H 4959 -35.47 29.08 -12.09
C PHE H 4959 -34.14 29.70 -11.70
N ILE H 4960 -33.74 29.56 -10.44
CA ILE H 4960 -32.48 30.14 -9.98
C ILE H 4960 -31.32 29.20 -10.26
N CYS H 4961 -31.50 27.91 -9.97
CA CYS H 4961 -30.41 26.95 -10.14
C CYS H 4961 -29.99 26.83 -11.59
N GLY H 4962 -30.96 26.74 -12.50
CA GLY H 4962 -30.68 26.29 -13.84
C GLY H 4962 -30.57 24.78 -13.96
N ILE H 4963 -31.05 24.04 -12.96
CA ILE H 4963 -30.93 22.59 -12.90
C ILE H 4963 -32.28 21.98 -13.25
N GLY H 4964 -32.26 20.94 -14.09
CA GLY H 4964 -33.49 20.34 -14.53
C GLY H 4964 -34.27 19.66 -13.42
N SER H 4965 -35.54 19.38 -13.72
CA SER H 4965 -36.42 18.79 -12.70
C SER H 4965 -36.02 17.36 -12.36
N ASP H 4966 -35.50 16.62 -13.34
CA ASP H 4966 -35.30 15.18 -13.17
C ASP H 4966 -34.32 14.88 -12.04
N TYR H 4967 -33.24 15.65 -11.93
CA TYR H 4967 -32.26 15.40 -10.89
C TYR H 4967 -32.87 15.46 -9.50
N PHE H 4968 -33.68 16.49 -9.25
CA PHE H 4968 -34.39 16.56 -7.98
C PHE H 4968 -35.44 15.45 -7.88
N ASP H 4969 -36.12 15.16 -8.99
CA ASP H 4969 -37.22 14.20 -8.96
C ASP H 4969 -36.72 12.77 -8.78
N THR H 4970 -35.39 12.56 -8.83
CA THR H 4970 -34.84 11.27 -8.45
C THR H 4970 -35.37 10.83 -7.08
N THR H 4971 -35.33 11.73 -6.11
CA THR H 4971 -36.11 11.53 -4.89
C THR H 4971 -37.54 12.01 -5.11
N PRO H 4972 -38.53 11.37 -4.51
CA PRO H 4972 -39.92 11.77 -4.74
C PRO H 4972 -40.18 13.20 -4.29
N HIS H 4973 -40.99 13.91 -5.07
CA HIS H 4973 -41.33 15.32 -4.82
C HIS H 4973 -40.10 16.20 -4.74
N GLY H 4974 -39.02 15.80 -5.43
CA GLY H 4974 -37.77 16.53 -5.32
C GLY H 4974 -37.86 17.95 -5.85
N PHE H 4975 -38.49 18.13 -7.00
CA PHE H 4975 -38.61 19.47 -7.56
C PHE H 4975 -39.50 20.34 -6.68
N GLU H 4976 -40.56 19.76 -6.12
CA GLU H 4976 -41.42 20.50 -5.20
C GLU H 4976 -40.63 20.95 -3.96
N THR H 4977 -39.82 20.06 -3.40
CA THR H 4977 -39.00 20.43 -2.24
C THR H 4977 -38.00 21.50 -2.60
N HIS H 4978 -37.41 21.42 -3.80
CA HIS H 4978 -36.53 22.49 -4.26
C HIS H 4978 -37.24 23.83 -4.30
N THR H 4979 -38.39 23.88 -4.97
CA THR H 4979 -39.02 25.16 -5.28
C THR H 4979 -39.65 25.79 -4.04
N LEU H 4980 -40.35 24.97 -3.24
CA LEU H 4980 -41.09 25.54 -2.12
C LEU H 4980 -40.16 25.99 -1.00
N GLU H 4981 -39.07 25.27 -0.75
CA GLU H 4981 -38.22 25.54 0.40
C GLU H 4981 -36.84 26.05 0.03
N GLU H 4982 -36.09 25.30 -0.79
CA GLU H 4982 -34.66 25.60 -0.95
C GLU H 4982 -34.42 26.88 -1.75
N HIS H 4983 -35.12 27.06 -2.87
CA HIS H 4983 -34.78 28.11 -3.82
C HIS H 4983 -36.01 28.93 -4.25
N ASN H 4984 -36.80 29.41 -3.30
CA ASN H 4984 -38.06 30.06 -3.65
C ASN H 4984 -37.85 31.52 -4.03
N LEU H 4985 -38.53 31.93 -5.10
CA LEU H 4985 -38.53 33.33 -5.49
C LEU H 4985 -39.06 34.22 -4.38
N ALA H 4986 -40.13 33.77 -3.71
CA ALA H 4986 -40.62 34.50 -2.55
C ALA H 4986 -39.57 34.57 -1.46
N ASN H 4987 -38.78 33.51 -1.29
CA ASN H 4987 -37.72 33.53 -0.30
C ASN H 4987 -36.67 34.59 -0.62
N TYR H 4988 -36.27 34.71 -1.89
CA TYR H 4988 -35.32 35.77 -2.24
C TYR H 4988 -35.93 37.16 -2.08
N MET H 4989 -37.20 37.33 -2.48
CA MET H 4989 -37.95 38.54 -2.18
C MET H 4989 -37.86 38.93 -0.71
N PHE H 4990 -38.22 38.00 0.17
CA PHE H 4990 -38.27 38.30 1.60
C PHE H 4990 -36.88 38.47 2.17
N PHE H 4991 -35.87 37.80 1.61
CA PHE H 4991 -34.50 38.03 2.06
C PHE H 4991 -34.05 39.45 1.73
N LEU H 4992 -34.31 39.92 0.51
CA LEU H 4992 -33.91 41.27 0.15
C LEU H 4992 -34.66 42.29 1.01
N MET H 4993 -35.96 42.09 1.20
CA MET H 4993 -36.74 43.01 2.03
C MET H 4993 -36.26 43.00 3.48
N TYR H 4994 -35.95 41.82 4.00
CA TYR H 4994 -35.46 41.68 5.37
C TYR H 4994 -34.10 42.36 5.52
N LEU H 4995 -33.24 42.23 4.52
CA LEU H 4995 -31.95 42.92 4.55
C LEU H 4995 -32.14 44.43 4.53
N ILE H 4996 -33.08 44.92 3.73
CA ILE H 4996 -33.35 46.35 3.70
C ILE H 4996 -33.86 46.83 5.07
N ASN H 4997 -34.78 46.07 5.66
CA ASN H 4997 -35.37 46.49 6.93
C ASN H 4997 -34.36 46.41 8.08
N LYS H 4998 -33.52 45.39 8.09
CA LYS H 4998 -32.61 45.17 9.20
C LYS H 4998 -31.52 46.24 9.25
N ASP H 4999 -31.07 46.53 10.46
CA ASP H 4999 -29.96 47.45 10.64
C ASP H 4999 -28.66 46.82 10.13
N GLU H 5000 -27.79 47.65 9.58
CA GLU H 5000 -26.53 47.16 9.03
C GLU H 5000 -25.63 46.60 10.12
N THR H 5001 -25.69 47.18 11.32
CA THR H 5001 -24.87 46.68 12.43
C THR H 5001 -25.33 45.29 12.87
N GLU H 5002 -26.62 45.00 12.75
CA GLU H 5002 -27.13 43.70 13.18
C GLU H 5002 -26.93 42.63 12.12
N HIS H 5003 -26.45 43.01 10.94
CA HIS H 5003 -26.24 42.06 9.87
C HIS H 5003 -25.20 41.01 10.28
N THR H 5004 -25.51 39.74 10.02
CA THR H 5004 -24.54 38.68 10.20
C THR H 5004 -23.50 38.73 9.10
N GLY H 5005 -22.57 37.78 9.14
CA GLY H 5005 -21.55 37.72 8.09
C GLY H 5005 -22.15 37.43 6.73
N GLN H 5006 -23.04 36.44 6.66
CA GLN H 5006 -23.71 36.11 5.41
C GLN H 5006 -24.55 37.27 4.90
N GLU H 5007 -25.31 37.89 5.80
CA GLU H 5007 -26.15 39.02 5.42
C GLU H 5007 -25.32 40.20 4.93
N SER H 5008 -24.19 40.47 5.60
CA SER H 5008 -23.32 41.56 5.17
C SER H 5008 -22.71 41.26 3.81
N TYR H 5009 -22.30 40.01 3.58
CA TYR H 5009 -21.75 39.63 2.28
C TYR H 5009 -22.78 39.83 1.17
N VAL H 5010 -24.00 39.36 1.40
CA VAL H 5010 -25.06 39.51 0.39
C VAL H 5010 -25.38 40.98 0.17
N TRP H 5011 -25.44 41.76 1.25
CA TRP H 5011 -25.74 43.17 1.14
C TRP H 5011 -24.66 43.92 0.38
N LYS H 5012 -23.40 43.57 0.62
CA LYS H 5012 -22.31 44.21 -0.11
C LYS H 5012 -22.39 43.88 -1.60
N MET H 5013 -22.72 42.63 -1.94
CA MET H 5013 -22.87 42.30 -3.35
C MET H 5013 -24.06 43.05 -3.96
N TYR H 5014 -25.12 43.24 -3.18
CA TYR H 5014 -26.25 44.03 -3.64
C TYR H 5014 -25.84 45.49 -3.90
N GLN H 5015 -25.06 46.08 -2.99
CA GLN H 5015 -24.62 47.45 -3.18
C GLN H 5015 -23.73 47.59 -4.39
N GLU H 5016 -22.84 46.61 -4.61
CA GLU H 5016 -21.96 46.66 -5.77
C GLU H 5016 -22.57 46.05 -7.03
N ARG H 5017 -23.83 45.65 -6.98
CA ARG H 5017 -24.55 45.13 -8.16
C ARG H 5017 -23.85 43.91 -8.74
N CYS H 5018 -23.32 43.05 -7.88
CA CYS H 5018 -22.73 41.78 -8.28
C CYS H 5018 -23.69 40.67 -7.87
N TRP H 5019 -24.10 39.85 -8.84
CA TRP H 5019 -25.09 38.81 -8.62
C TRP H 5019 -24.48 37.42 -8.53
N ASP H 5020 -23.18 37.33 -8.22
CA ASP H 5020 -22.52 36.03 -8.16
C ASP H 5020 -23.02 35.20 -6.98
N PHE H 5021 -23.61 35.85 -5.96
CA PHE H 5021 -24.05 35.09 -4.79
C PHE H 5021 -25.25 34.20 -5.12
N PHE H 5022 -25.94 34.51 -6.21
CA PHE H 5022 -27.04 33.65 -6.64
C PHE H 5022 -26.49 32.30 -7.09
N PRO H 5023 -27.05 31.19 -6.60
CA PRO H 5023 -26.54 29.87 -7.01
C PRO H 5023 -26.85 29.62 -8.48
N ALA H 5024 -25.81 29.31 -9.25
CA ALA H 5024 -25.93 29.03 -10.67
C ALA H 5024 -25.34 27.66 -10.96
N GLY H 5025 -26.18 26.74 -11.42
CA GLY H 5025 -25.71 25.40 -11.73
C GLY H 5025 -25.26 24.58 -10.55
N ASP H 5026 -25.64 24.95 -9.33
CA ASP H 5026 -25.25 24.23 -8.14
C ASP H 5026 -26.34 24.35 -7.09
N CYS H 5027 -26.44 23.34 -6.23
CA CYS H 5027 -27.40 23.33 -5.14
C CYS H 5027 -26.81 22.58 -3.96
N PHE H 5028 -27.52 22.66 -2.83
CA PHE H 5028 -27.03 22.03 -1.60
C PHE H 5028 -26.94 20.53 -1.76
N ARG H 5029 -27.95 19.92 -2.39
CA ARG H 5029 -27.92 18.48 -2.63
C ARG H 5029 -26.76 18.09 -3.52
N LYS H 5030 -26.56 18.81 -4.62
CA LYS H 5030 -25.50 18.47 -5.56
C LYS H 5030 -24.13 18.62 -4.92
N GLN H 5031 -23.96 19.64 -4.08
CA GLN H 5031 -22.71 19.78 -3.36
C GLN H 5031 -22.48 18.63 -2.38
N TYR H 5032 -23.47 18.35 -1.54
CA TYR H 5032 -23.32 17.39 -0.46
C TYR H 5032 -23.96 16.04 -0.78
N GLU H 5033 -23.87 15.60 -2.04
CA GLU H 5033 -24.42 14.30 -2.43
C GLU H 5033 -23.98 13.19 -1.49
N ASP H 5034 -22.66 13.01 -1.32
CA ASP H 5034 -22.17 11.89 -0.53
C ASP H 5034 -22.56 12.03 0.94
N GLN H 5035 -22.49 13.24 1.48
CA GLN H 5035 -22.84 13.44 2.89
C GLN H 5035 -24.34 13.27 3.11
N LEU H 5036 -25.17 13.88 2.27
CA LEU H 5036 -26.61 13.78 2.44
C LEU H 5036 -27.10 12.36 2.14
N SER H 5037 -26.58 11.75 1.08
CA SER H 5037 -27.00 10.40 0.71
C SER H 5037 -25.95 9.37 1.17
PG ATP I . -27.52 4.19 -52.55
O1G ATP I . -28.19 5.47 -52.19
O2G ATP I . -27.99 3.00 -51.71
O3G ATP I . -27.61 3.84 -54.03
PB ATP I . -24.93 4.17 -51.02
O1B ATP I . -24.07 2.98 -51.13
O2B ATP I . -24.19 5.52 -50.94
O3B ATP I . -25.95 4.28 -52.25
PA ATP I . -27.03 5.03 -49.13
O1A ATP I . -28.36 4.40 -49.16
O2A ATP I . -26.94 6.39 -49.82
O3A ATP I . -25.92 4.11 -49.78
O5' ATP I . -26.52 5.21 -47.65
C5' ATP I . -26.79 4.23 -46.63
C4' ATP I . -26.46 4.85 -45.29
O4' ATP I . -26.56 3.86 -44.26
C3' ATP I . -25.04 5.42 -45.17
O3' ATP I . -25.01 6.80 -45.50
C2' ATP I . -24.66 5.17 -43.71
O2' ATP I . -24.49 6.39 -43.00
C1' ATP I . -25.87 4.40 -43.15
N9 ATP I . -25.53 3.31 -42.23
C8 ATP I . -25.63 3.33 -40.87
N7 ATP I . -25.25 2.22 -40.29
C5 ATP I . -24.89 1.41 -41.35
C6 ATP I . -24.39 0.09 -41.41
N6 ATP I . -24.18 -0.68 -40.33
N1 ATP I . -24.12 -0.43 -42.62
C2 ATP I . -24.34 0.33 -43.71
N3 ATP I . -24.79 1.58 -43.78
C4 ATP I . -25.05 2.07 -42.56
CA CA J . -11.75 -27.82 -40.45
ZN ZN K . -21.61 0.67 -35.38
CAA PNX L . -31.94 -18.33 -41.72
CAM PNX L . -31.29 -19.65 -42.10
OAD PNX L . -31.70 -20.66 -41.65
CAJ PNX L . -30.11 -19.67 -43.06
CAH PNX L . -30.41 -18.94 -44.37
CAI PNX L . -30.25 -19.82 -45.61
CAK PNX L . -28.87 -19.66 -46.25
N1 PNX L . -28.62 -20.71 -47.21
C6 PNX L . -28.91 -20.51 -48.49
O6 PNX L . -29.36 -19.47 -48.83
C5 PNX L . -28.67 -21.52 -49.44
N7 PNX L . -28.83 -21.64 -50.79
CAB PNX L . -29.36 -20.63 -51.68
C8 PNX L . -28.43 -22.84 -51.15
N9 PNX L . -28.01 -23.50 -50.09
C4 PNX L . -28.15 -22.69 -49.00
N3 PNX L . -27.87 -22.87 -47.68
CAC PNX L . -27.31 -24.13 -47.23
C2 PNX L . -28.11 -21.89 -46.80
O2 PNX L . -27.86 -22.05 -45.65
PG ATP M . -23.58 40.51 -37.01
O1G ATP M . -24.98 40.11 -36.71
O2G ATP M . -22.77 39.43 -37.73
O3G ATP M . -23.47 41.82 -37.78
PB ATP M . -22.03 39.96 -34.50
O1B ATP M . -20.57 40.20 -34.52
O2B ATP M . -22.73 40.30 -33.18
O3B ATP M . -22.78 40.77 -35.65
PA ATP M . -23.71 37.58 -34.99
O1A ATP M . -23.91 37.09 -36.38
O2A ATP M . -24.86 38.42 -34.43
O3A ATP M . -22.39 38.46 -34.86
O5' ATP M . -23.44 36.40 -33.99
C5' ATP M . -22.69 35.23 -34.37
C4' ATP M . -22.89 34.17 -33.32
O4' ATP M . -22.02 33.06 -33.57
C3' ATP M . -22.58 34.61 -31.89
O3' ATP M . -23.75 35.09 -31.24
C2' ATP M . -22.04 33.34 -31.22
O2' ATP M . -22.90 32.89 -30.19
C1' ATP M . -22.00 32.31 -32.37
N9 ATP M . -20.83 31.46 -32.37
C8 ATP M . -20.76 30.15 -31.97
N7 ATP M . -19.58 29.61 -32.08
C5 ATP M . -18.79 30.62 -32.61
C6 ATP M . -17.44 30.69 -32.96
N6 ATP M . -16.58 29.67 -32.83
N1 ATP M . -16.97 31.86 -33.46
C2 ATP M . -17.82 32.88 -33.58
N3 ATP M . -19.12 32.94 -33.28
C4 ATP M . -19.55 31.77 -32.80
CA CA N . 12.80 30.78 -38.00
ZN ZN O . -15.86 26.06 -28.43
CAA PNX P . -6.23 26.24 -48.79
CAM PNX P . -4.81 26.66 -49.15
OAD PNX P . -4.14 25.98 -49.86
CAJ PNX P . -4.23 27.96 -48.59
CAH PNX P . -5.13 29.16 -48.87
CAI PNX P . -4.42 30.27 -49.65
CAK PNX P . -3.86 31.35 -48.72
N1 PNX P . -2.93 32.21 -49.44
C6 PNX P . -3.38 33.33 -49.99
O6 PNX P . -4.52 33.62 -49.89
C5 PNX P . -2.50 34.18 -50.68
N7 PNX P . -2.60 35.36 -51.34
CAB PNX P . -3.82 36.14 -51.51
C8 PNX P . -1.42 35.71 -51.81
N9 PNX P . -0.54 34.78 -51.47
C4 PNX P . -1.19 33.81 -50.76
N3 PNX P . -0.76 32.65 -50.19
CAC PNX P . 0.63 32.26 -50.29
C2 PNX P . -1.64 31.87 -49.54
O2 PNX P . -1.26 30.85 -49.04
PG ATP Q . -54.13 -4.81 -24.51
O1G ATP Q . -53.80 -3.91 -25.65
O2G ATP Q . -54.16 -4.08 -23.16
O3G ATP Q . -55.44 -5.58 -24.70
PB ATP Q . -51.56 -6.13 -23.75
O1B ATP Q . -51.56 -7.04 -22.57
O2B ATP Q . -50.64 -6.56 -24.89
O3B ATP Q . -53.02 -5.94 -24.35
PA ATP Q . -50.96 -3.27 -24.09
O1A ATP Q . -51.93 -2.25 -23.63
O2A ATP Q . -50.99 -3.56 -25.59
O3A ATP Q . -51.16 -4.65 -23.34
O5' ATP Q . -49.48 -2.87 -23.71
C5' ATP Q . -49.17 -2.20 -22.46
C4' ATP Q . -47.75 -1.68 -22.55
O4' ATP Q . -47.34 -1.16 -21.28
C3' ATP Q . -46.71 -2.74 -22.90
O3' ATP Q . -46.48 -2.78 -24.30
C2' ATP Q . -45.46 -2.29 -22.14
O2' ATP Q . -44.41 -1.91 -23.03
C1' ATP Q . -45.94 -1.07 -21.34
N9 ATP Q . -45.41 -0.99 -19.98
C8 ATP Q . -44.41 -0.17 -19.54
N7 ATP Q . -44.14 -0.29 -18.26
C5 ATP Q . -45.03 -1.27 -17.83
C6 ATP Q . -45.25 -1.86 -16.58
N6 ATP Q . -44.56 -1.54 -15.47
N1 ATP Q . -46.21 -2.80 -16.48
C2 ATP Q . -46.91 -3.12 -17.58
N3 ATP Q . -46.79 -2.63 -18.82
C4 ATP Q . -45.82 -1.70 -18.88
CA CA R . -47.01 -15.07 11.04
ZN ZN S . -38.91 -0.84 -14.79
CAA PNX T . -55.78 2.15 -0.18
CAM PNX T . -56.17 1.25 0.99
OAD PNX T . -56.40 1.73 2.06
CAJ PNX T . -56.28 -0.25 0.79
CAH PNX T . -57.19 -0.62 -0.37
CAI PNX T . -58.35 -1.52 0.05
CAK PNX T . -58.04 -3.01 -0.19
N1 PNX T . -59.00 -3.86 0.49
C6 PNX T . -60.07 -4.29 -0.17
O6 PNX T . -60.22 -3.98 -1.30
C5 PNX T . -61.01 -5.11 0.47
N7 PNX T . -62.17 -5.72 0.12
CAB PNX T . -62.81 -5.65 -1.19
C8 PNX T . -62.65 -6.39 1.15
N9 PNX T . -61.82 -6.24 2.17
C4 PNX T . -60.78 -5.44 1.77
N3 PNX T . -59.67 -4.98 2.42
CAC PNX T . -59.46 -5.34 3.81
C2 PNX T . -58.79 -4.19 1.77
O2 PNX T . -57.84 -3.80 2.35
PG ATP U . -50.12 31.12 -8.92
O1G ATP U . -50.51 30.32 -10.11
O2G ATP U . -48.85 31.95 -9.12
O3G ATP U . -51.24 32.03 -8.39
PB ATP U . -48.58 29.25 -7.15
O1B ATP U . -47.99 29.79 -5.91
O2B ATP U . -49.11 27.82 -7.05
O3B ATP U . -49.77 30.17 -7.68
PA ATP U . -47.55 28.87 -9.90
O1A ATP U . -47.39 30.03 -10.79
O2A ATP U . -48.82 28.06 -10.13
O3A ATP U . -47.55 29.30 -8.36
O5' ATP U . -46.32 27.88 -9.98
C5' ATP U . -44.98 28.38 -10.17
C4' ATP U . -44.11 27.20 -10.54
O4' ATP U . -42.72 27.60 -10.55
C3' ATP U . -44.16 26.02 -9.56
O3' ATP U . -45.13 25.07 -9.97
C2' ATP U . -42.74 25.44 -9.60
O2' ATP U . -42.73 24.13 -10.15
C1' ATP U . -41.98 26.41 -10.52
N9 ATP U . -40.62 26.71 -10.09
C8 ATP U . -39.47 26.20 -10.60
N7 ATP U . -38.37 26.65 -10.02
C5 ATP U . -38.85 27.51 -9.05
C6 ATP U . -38.20 28.32 -8.10
N6 ATP U . -36.87 28.38 -7.95
N1 ATP U . -38.97 29.07 -7.28
C2 ATP U . -40.30 29.02 -7.42
N3 ATP U . -41.02 28.30 -8.28
C4 ATP U . -40.23 27.57 -9.08
CA CA V . -22.34 43.29 13.45
ZN ZN W . -33.04 24.10 -7.81
CAA PNX X . -29.93 46.40 -7.33
CAM PNX X . -29.54 47.27 -6.13
OAD PNX X . -28.68 48.08 -6.24
CAJ PNX X . -30.26 47.09 -4.80
CAH PNX X . -31.78 47.18 -4.94
CAI PNX X . -32.39 48.27 -4.07
CAK PNX X . -32.90 47.72 -2.74
N1 PNX X . -33.19 48.81 -1.81
C6 PNX X . -34.42 49.30 -1.73
O6 PNX X . -35.27 48.84 -2.43
C5 PNX X . -34.71 50.33 -0.84
N7 PNX X . -35.82 51.05 -0.50
CAB PNX X . -37.14 50.88 -1.08
C8 PNX X . -35.50 51.93 0.42
N9 PNX X . -34.22 51.81 0.71
C4 PNX X . -33.70 50.81 -0.07
N3 PNX X . -32.45 50.29 -0.16
CAC PNX X . -31.38 50.82 0.66
C2 PNX X . -32.19 49.29 -1.04
O2 PNX X . -31.10 48.84 -1.12
#